data_8QHD
#
_entry.id   8QHD
#
_entity_poly.entity_id   1
_entity_poly.type   'polypeptide(L)'
_entity_poly.pdbx_seq_one_letter_code
;MGHHHHHHDYDIPTTENLYFQGMDKYREIHNKLKEFSPGTLTAVECIDYLDRLYAVRHDIVDQMIKHDWSDNKDSEEAIG
KVLLFAGVPSNIITALEKKIIPNHPTGKSLKAFFKMTPDNYKISGTTIEFVEVTVTADVDKGIREKKLKYEAGLTYIEQE
LHKFFLKGEIPQPYKITFNVVAVRTDGSNITTQWPSRRNDGVVQYMRLVQAEISYVREHLIKTEERAALEAMFNLKFNIS
THKSQPYYIPDYKGMEPIGANIEDLVDYSKDWLSRARNFSFFEVKGTAVFECFNSNEANHCQRYPMSRKPRNFLLIQCSL
ITSYKPATTLSDQIDSRRACSYILNLIPDTPASYLIHDMAYRYINLTREDMINYYAPRIQFKQTQNVREPGTFKLTSSML
RAESKAMLDLLNNHKSGEKHGAQIESLNIASHIVQSESVSLITKILSDLELNITEPSTQEYSTTKHTYVDTVLDKFFQNE
TQKYLIDVLKKTTAWHIGHLIRDITESLIAHSGLKRSKYWSLHSYNNGNVILFILPSKSLEVAGSFIRFITVFRIGPGLV
DKDNLDTILIDGDSQWGVSKVMSIDLNRLLALNIAFEKALIATATWFQYYTEDQGQFPLQYAIRSVFANHFLLAICQKMK
LCAIFDNLRYLIPAVTSLYSGFPSLIEKLFERPFKSSLEVYIYYNIKSLLVALAQNNKARFYSKVKLLGLTVDQSTVGAS
GVYPSFMSRIVYKHYRSLISEVTTCFFLFEKGLHGNMNEEAKIHLETVEWALKFREKEEKYGESLVENGYMMWELRANAE
LAEQQLYCQDAIELAAIELNKVLATKSSVVANSILSKNWEEPYFSQTRNISLKGMSGQVQEDGHLSSSVTIIEAIRYLSN
SRHNPSLLKLYEETREQKAMARIVRKYQRTEADRGFFITTLPTRCRLEIIEDYYDAIAKNISEEYISYGGEKKILAIQGA
LEKALRWASGESFIELSNHKFIRMKRKLMYVSADATKWSPGDNSAKFRRFTSMLHNGLPNNKLKNCVIDALKQVYKTDFF
MSRKLRNYIDSMESLDPHIKQFLDFFPDGHHGEVKGNWLQGNLNKCSSLFGVAMSLLFKQVWTNLFPELDCFFEFAHHSD
DALFIYGYLEPVDDGTDWFLFVSQQIQAGHLHWFSVNTEMWKSMFNLHEHILLLGSIKISPKKTTVSPTNAEFLSTFFEG
CAVSIPFVKILLGSLSDLPGLGYFDDLAAAQSRCVKALDLGASPQVAQLAVALCTSKVERLYGTAPGMVNHPAAYLQVKH
TDTPIPLGGNGAMSIMELATAGIGMSDKNLLKRALLGYSHKRQKSMLYILGLFKFLMKLSDETFQHERLGQFSFIGKVQW
KIFTPKSEFEFADMYTSKFLELWSSQHVTYDYIIPKGRDNLLIYLVRKLNDPSIVTAMTMQSPLQLRFRMQAKQHMKVCR
LDGEWVTFREVLAAANSFAENYSATSQDMDLFQTLTSCTFSKEYAWKDFLNGIHCDVIPTKQVQRAKVARTFTVREKDQI
IQNSIPAVIGYKFAVTVEEMSDVLDTAKFPDSLSVDLKTMKDGVYRELGLDISLPDVMKRIAPMLYKSSKSRVVIVQGNV
EGTAEAICRYWLKSMSLVKTIRVKPHKEVLQAVSIFNRKEDIGQQKDLAALKLCIEVWRWCKANSAPYRDWFQALWFEDK
TFSEWLDRFCRVGVPPIDPEIQCAALMIADIKGDYSVLQLQANRRAYSGKQYDAYCVQTYNEVTKLYEGDLRVTFNFGLD
CARLEIFWDKKAYILETSITQKHVLKIMMDEVSKELIKCGMRFNTEQVQGVRHMVLFKTESGFEWGKPNIPCIVYKNCVL
RTSLRTTQAINHKFMITIKDDGLRAIAQHDEDSPRFLLAHAFHTIRDIRYQAVDAVSNVWFIHKGVKLYLNPIISSGLLE
NFMKNLPAAIPPAAYSLIMNRAKISVDLFMFNDLLKLINPRNTLDLSGLETTGDEFSTVSSMSSRLWSEEMSLVDDDEEL
DDEFTIDLQDVDFENIDIEADIEHFLQDESSYTGDLLISTEETESKKMRGIVKILEPVRLIKSWVSRGLSIEKVYSPVNI
ILMSRYISKTFNLSTKQVSLLDPYDLTELESIVRGWGECVIDQFESLDREAQNMVVNKGICPEDVIPDSLFSFRHTMVLL
RRLFPQDSISSFY
;
_entity_poly.pdbx_strand_id   D,B,C,F,A,E
#
# COMPACT_ATOMS: atom_id res chain seq x y z
N MET A 23 58.37 108.33 -9.44
CA MET A 23 59.23 107.28 -9.98
C MET A 23 58.45 106.01 -10.28
N ASP A 24 59.17 104.90 -10.45
CA ASP A 24 58.52 103.64 -10.75
C ASP A 24 57.66 103.15 -9.59
N LYS A 25 58.03 103.50 -8.36
CA LYS A 25 57.20 103.12 -7.21
C LYS A 25 55.82 103.75 -7.30
N TYR A 26 55.76 105.03 -7.71
CA TYR A 26 54.47 105.67 -7.90
C TYR A 26 53.68 104.97 -8.99
N ARG A 27 54.35 104.55 -10.06
CA ARG A 27 53.65 103.84 -11.13
C ARG A 27 53.08 102.53 -10.63
N GLU A 28 53.84 101.78 -9.83
CA GLU A 28 53.33 100.53 -9.27
C GLU A 28 52.15 100.78 -8.34
N ILE A 29 52.24 101.82 -7.51
CA ILE A 29 51.14 102.13 -6.61
C ILE A 29 49.88 102.50 -7.39
N HIS A 30 50.04 103.31 -8.43
CA HIS A 30 48.90 103.70 -9.25
C HIS A 30 48.29 102.49 -9.96
N ASN A 31 49.14 101.59 -10.45
CA ASN A 31 48.64 100.37 -11.08
C ASN A 31 47.86 99.52 -10.09
N LYS A 32 48.35 99.42 -8.86
CA LYS A 32 47.66 98.63 -7.85
C LYS A 32 46.34 99.28 -7.43
N LEU A 33 46.27 100.61 -7.45
CA LEU A 33 45.10 101.30 -6.90
C LEU A 33 44.08 101.74 -7.93
N LYS A 34 44.37 101.64 -9.24
CA LYS A 34 43.29 101.93 -10.17
C LYS A 34 42.35 100.76 -10.38
N GLU A 35 42.66 99.59 -9.86
CA GLU A 35 41.81 98.42 -9.99
C GLU A 35 40.95 98.16 -8.76
N PHE A 36 40.96 99.06 -7.79
CA PHE A 36 40.18 98.91 -6.57
C PHE A 36 38.97 99.82 -6.63
N SER A 37 37.77 99.24 -6.52
CA SER A 37 36.56 100.02 -6.54
C SER A 37 36.42 100.83 -5.26
N PRO A 38 35.71 101.95 -5.29
CA PRO A 38 35.57 102.77 -4.08
C PRO A 38 34.90 102.01 -2.94
N GLY A 39 35.38 102.25 -1.74
CA GLY A 39 34.82 101.61 -0.56
C GLY A 39 35.01 100.11 -0.51
N THR A 40 36.19 99.61 -0.88
CA THR A 40 36.44 98.18 -0.83
C THR A 40 37.82 97.85 -0.25
N LEU A 41 38.41 98.73 0.55
CA LEU A 41 39.72 98.50 1.15
C LEU A 41 39.58 98.48 2.66
N THR A 42 40.14 97.44 3.28
CA THR A 42 40.17 97.33 4.73
C THR A 42 41.09 98.41 5.31
N ALA A 43 40.85 98.75 6.57
CA ALA A 43 41.57 99.85 7.20
C ALA A 43 43.09 99.64 7.15
N VAL A 44 43.54 98.42 7.44
CA VAL A 44 44.98 98.15 7.46
C VAL A 44 45.57 98.29 6.06
N GLU A 45 44.83 97.88 5.03
CA GLU A 45 45.30 98.06 3.66
C GLU A 45 45.42 99.54 3.32
N CYS A 46 44.44 100.35 3.75
CA CYS A 46 44.55 101.78 3.52
C CYS A 46 45.77 102.35 4.24
N ILE A 47 46.03 101.89 5.47
CA ILE A 47 47.14 102.42 6.25
C ILE A 47 48.47 102.10 5.56
N ASP A 48 48.64 100.85 5.11
CA ASP A 48 49.95 100.51 4.54
C ASP A 48 50.12 101.12 3.16
N TYR A 49 49.02 101.29 2.40
CA TYR A 49 49.12 102.03 1.15
C TYR A 49 49.50 103.48 1.39
N LEU A 50 48.93 104.11 2.42
CA LEU A 50 49.32 105.46 2.76
C LEU A 50 50.78 105.54 3.18
N ASP A 51 51.25 104.56 3.94
CA ASP A 51 52.66 104.54 4.34
C ASP A 51 53.56 104.44 3.11
N ARG A 52 53.19 103.58 2.16
CA ARG A 52 53.94 103.49 0.91
C ARG A 52 53.94 104.83 0.17
N LEU A 53 52.81 105.52 0.17
CA LEU A 53 52.72 106.80 -0.54
C LEU A 53 53.59 107.87 0.11
N TYR A 54 53.58 107.94 1.45
CA TYR A 54 54.48 108.87 2.13
C TYR A 54 55.94 108.52 1.86
N ALA A 55 56.25 107.23 1.82
CA ALA A 55 57.61 106.81 1.48
C ALA A 55 57.99 107.27 0.09
N VAL A 56 57.05 107.17 -0.86
CA VAL A 56 57.32 107.60 -2.23
C VAL A 56 57.56 109.10 -2.28
N ARG A 57 56.75 109.87 -1.55
CA ARG A 57 56.94 111.32 -1.52
C ARG A 57 58.30 111.70 -0.93
N HIS A 58 58.66 111.05 0.19
CA HIS A 58 59.97 111.30 0.78
C HIS A 58 61.09 110.92 -0.18
N ASP A 59 60.91 109.81 -0.90
CA ASP A 59 61.93 109.37 -1.85
C ASP A 59 62.08 110.35 -3.00
N ILE A 60 60.98 110.89 -3.53
CA ILE A 60 61.10 111.81 -4.66
C ILE A 60 61.73 113.12 -4.21
N VAL A 61 61.45 113.58 -2.99
CA VAL A 61 62.13 114.78 -2.51
C VAL A 61 63.61 114.50 -2.28
N ASP A 62 63.93 113.31 -1.75
CA ASP A 62 65.33 112.94 -1.62
C ASP A 62 66.02 112.91 -2.96
N GLN A 63 65.31 112.49 -4.01
CA GLN A 63 65.90 112.43 -5.34
C GLN A 63 66.09 113.82 -5.94
N MET A 64 65.16 114.75 -5.69
CA MET A 64 65.38 116.10 -6.20
C MET A 64 66.61 116.71 -5.55
N ILE A 65 66.77 116.50 -4.23
CA ILE A 65 67.98 117.02 -3.57
C ILE A 65 69.21 116.29 -4.07
N LYS A 66 69.09 114.99 -4.32
CA LYS A 66 70.18 114.19 -4.87
C LYS A 66 70.70 114.80 -6.17
N HIS A 67 69.79 115.06 -7.11
CA HIS A 67 70.22 115.59 -8.40
C HIS A 67 70.61 117.05 -8.30
N ASP A 68 70.08 117.78 -7.31
CA ASP A 68 70.51 119.15 -7.08
C ASP A 68 71.97 119.21 -6.63
N TRP A 69 72.36 118.33 -5.72
CA TRP A 69 73.75 118.30 -5.26
C TRP A 69 74.65 117.41 -6.13
N SER A 70 74.08 116.66 -7.06
CA SER A 70 74.85 115.80 -7.96
C SER A 70 75.75 114.84 -7.19
N ASP A 71 75.25 114.34 -6.06
CA ASP A 71 75.97 113.38 -5.23
C ASP A 71 75.28 112.02 -5.33
N ASN A 72 75.87 111.14 -6.15
CA ASN A 72 75.27 109.84 -6.45
C ASN A 72 75.55 108.85 -5.33
N LYS A 73 75.03 109.18 -4.15
CA LYS A 73 75.08 108.31 -2.98
C LYS A 73 73.72 107.64 -2.85
N ASP A 74 73.51 106.58 -3.65
CA ASP A 74 72.20 105.96 -3.73
C ASP A 74 71.79 105.34 -2.39
N SER A 75 72.72 104.70 -1.71
CA SER A 75 72.44 104.08 -0.41
C SER A 75 72.90 105.01 0.70
N GLU A 76 72.01 105.24 1.66
CA GLU A 76 72.35 106.09 2.80
C GLU A 76 73.45 105.45 3.62
N GLU A 77 74.38 106.27 4.11
CA GLU A 77 75.53 105.81 4.87
C GLU A 77 75.48 106.34 6.29
N ALA A 78 76.01 105.55 7.22
CA ALA A 78 76.02 105.94 8.63
C ALA A 78 76.97 107.12 8.86
N ILE A 79 76.77 107.79 9.99
CA ILE A 79 77.62 108.93 10.33
C ILE A 79 79.08 108.48 10.48
N GLY A 80 79.29 107.33 11.11
CA GLY A 80 80.64 106.79 11.20
C GLY A 80 81.23 106.50 9.83
N LYS A 81 80.43 105.92 8.93
CA LYS A 81 80.90 105.66 7.57
C LYS A 81 81.20 106.96 6.84
N VAL A 82 80.37 107.99 7.03
CA VAL A 82 80.61 109.28 6.40
C VAL A 82 81.92 109.88 6.90
N LEU A 83 82.17 109.80 8.20
CA LEU A 83 83.44 110.28 8.74
C LEU A 83 84.61 109.46 8.21
N LEU A 84 84.41 108.15 8.03
CA LEU A 84 85.45 107.32 7.44
C LEU A 84 85.78 107.78 6.02
N PHE A 85 84.76 108.13 5.25
CA PHE A 85 84.98 108.71 3.92
C PHE A 85 85.68 110.06 4.00
N ALA A 86 85.64 110.72 5.15
CA ALA A 86 86.27 112.02 5.33
C ALA A 86 87.70 111.90 5.86
N GLY A 87 88.22 110.69 5.98
CA GLY A 87 89.57 110.49 6.47
C GLY A 87 89.72 110.45 7.98
N VAL A 88 88.62 110.42 8.72
CA VAL A 88 88.71 110.36 10.18
C VAL A 88 89.26 108.99 10.60
N PRO A 89 90.29 108.94 11.44
CA PRO A 89 90.81 107.64 11.87
C PRO A 89 89.79 106.86 12.68
N SER A 90 89.86 105.54 12.58
CA SER A 90 88.89 104.68 13.24
C SER A 90 89.12 104.58 14.75
N ASN A 91 90.37 104.75 15.20
CA ASN A 91 90.66 104.57 16.62
C ASN A 91 89.97 105.63 17.47
N ILE A 92 89.98 106.88 17.03
CA ILE A 92 89.34 107.94 17.80
C ILE A 92 87.83 107.76 17.79
N ILE A 93 87.26 107.29 16.68
CA ILE A 93 85.83 107.00 16.63
C ILE A 93 85.48 105.88 17.61
N THR A 94 86.29 104.83 17.65
CA THR A 94 86.05 103.74 18.58
C THR A 94 86.14 104.22 20.03
N ALA A 95 87.13 105.07 20.32
CA ALA A 95 87.26 105.62 21.66
C ALA A 95 86.05 106.48 22.03
N LEU A 96 85.56 107.29 21.09
CA LEU A 96 84.41 108.14 21.35
C LEU A 96 83.12 107.35 21.45
N GLU A 97 83.07 106.14 20.88
CA GLU A 97 81.85 105.34 20.94
C GLU A 97 81.45 105.04 22.38
N LYS A 98 82.42 105.01 23.30
CA LYS A 98 82.11 104.73 24.70
C LYS A 98 81.48 105.91 25.42
N LYS A 99 81.59 107.12 24.87
CA LYS A 99 81.05 108.30 25.53
C LYS A 99 79.53 108.35 25.40
N ILE A 100 78.93 109.22 26.22
CA ILE A 100 77.48 109.37 26.29
C ILE A 100 77.13 110.83 26.05
N ILE A 101 76.04 111.08 25.32
CA ILE A 101 75.58 112.44 25.06
C ILE A 101 74.91 112.98 26.32
N PRO A 102 75.38 114.11 26.87
CA PRO A 102 74.72 114.67 28.05
C PRO A 102 73.41 115.38 27.75
N ASN A 103 73.23 115.88 26.54
CA ASN A 103 72.03 116.64 26.17
C ASN A 103 70.98 115.78 25.47
N HIS A 104 71.21 114.49 25.32
CA HIS A 104 70.24 113.64 24.63
C HIS A 104 68.98 113.50 25.48
N PRO A 105 67.78 113.71 24.91
CA PRO A 105 66.56 113.55 25.71
C PRO A 105 66.37 112.15 26.27
N THR A 106 66.78 111.12 25.54
CA THR A 106 66.63 109.74 25.98
C THR A 106 67.94 109.13 26.47
N GLY A 107 69.02 109.88 26.49
CA GLY A 107 70.31 109.34 26.92
C GLY A 107 70.86 108.26 26.03
N LYS A 108 70.66 108.39 24.72
CA LYS A 108 71.18 107.41 23.78
C LYS A 108 72.70 107.52 23.70
N SER A 109 73.36 106.38 23.47
CA SER A 109 74.81 106.37 23.37
C SER A 109 75.27 106.89 22.01
N LEU A 110 76.55 107.28 21.96
CA LEU A 110 77.12 107.74 20.69
C LEU A 110 77.21 106.62 19.67
N LYS A 111 77.32 105.36 20.11
CA LYS A 111 77.40 104.25 19.18
C LYS A 111 76.13 104.13 18.35
N ALA A 112 74.96 104.23 19.01
CA ALA A 112 73.70 104.18 18.27
C ALA A 112 73.53 105.40 17.38
N PHE A 113 73.97 106.57 17.84
CA PHE A 113 73.90 107.77 17.01
C PHE A 113 74.79 107.65 15.78
N PHE A 114 75.89 106.91 15.89
CA PHE A 114 76.72 106.61 14.72
C PHE A 114 76.08 105.55 13.84
N LYS A 115 75.30 104.64 14.43
CA LYS A 115 74.66 103.58 13.65
C LYS A 115 73.68 104.14 12.63
N MET A 116 72.89 105.15 13.02
CA MET A 116 71.85 105.66 12.15
C MET A 116 72.45 106.33 10.92
N THR A 117 71.67 106.33 9.84
CA THR A 117 72.11 106.85 8.55
C THR A 117 71.29 108.07 8.16
N PRO A 118 71.92 109.23 7.98
CA PRO A 118 71.17 110.40 7.47
C PRO A 118 70.78 110.19 6.01
N ASP A 119 69.76 110.96 5.59
CA ASP A 119 69.24 110.82 4.24
C ASP A 119 70.29 111.16 3.19
N ASN A 120 71.05 112.24 3.41
CA ASN A 120 72.08 112.64 2.48
C ASN A 120 73.25 113.28 3.24
N TYR A 121 74.39 113.35 2.57
CA TYR A 121 75.60 113.93 3.15
C TYR A 121 76.50 114.43 2.03
N LYS A 122 77.46 115.28 2.41
CA LYS A 122 78.43 115.80 1.45
C LYS A 122 79.70 116.16 2.21
N ILE A 123 80.84 115.84 1.61
CA ILE A 123 82.15 116.13 2.18
C ILE A 123 82.87 117.07 1.22
N SER A 124 83.28 118.23 1.73
CA SER A 124 84.02 119.23 0.95
C SER A 124 85.20 119.67 1.82
N GLY A 125 86.36 119.05 1.62
CA GLY A 125 87.52 119.34 2.44
C GLY A 125 87.32 118.95 3.89
N THR A 126 87.44 119.93 4.78
CA THR A 126 87.24 119.71 6.21
C THR A 126 85.81 119.99 6.66
N THR A 127 84.91 120.32 5.74
CA THR A 127 83.53 120.64 6.06
C THR A 127 82.62 119.53 5.59
N ILE A 128 81.74 119.07 6.49
CA ILE A 128 80.76 118.03 6.20
C ILE A 128 79.38 118.59 6.47
N GLU A 129 78.48 118.45 5.51
CA GLU A 129 77.12 118.98 5.60
C GLU A 129 76.13 117.82 5.73
N PHE A 130 75.32 117.87 6.77
CA PHE A 130 74.26 116.88 6.99
C PHE A 130 72.90 117.57 6.89
N VAL A 131 72.00 116.97 6.12
CA VAL A 131 70.68 117.52 5.88
C VAL A 131 69.64 116.44 6.09
N GLU A 132 68.60 116.75 6.86
CA GLU A 132 67.46 115.88 7.04
C GLU A 132 66.23 116.55 6.45
N VAL A 133 65.47 115.81 5.65
CA VAL A 133 64.34 116.35 4.90
C VAL A 133 63.07 115.62 5.31
N THR A 134 62.00 116.39 5.54
CA THR A 134 60.69 115.84 5.83
C THR A 134 59.65 116.61 5.04
N VAL A 135 58.58 115.92 4.67
CA VAL A 135 57.47 116.50 3.93
C VAL A 135 56.24 116.45 4.82
N THR A 136 55.76 117.62 5.24
CA THR A 136 54.62 117.70 6.14
C THR A 136 54.03 119.09 6.06
N ALA A 137 52.78 119.21 6.52
CA ALA A 137 52.11 120.50 6.54
C ALA A 137 52.70 121.42 7.60
N ASP A 138 53.01 120.88 8.77
CA ASP A 138 53.58 121.65 9.87
C ASP A 138 55.10 121.71 9.72
N VAL A 139 55.57 122.76 9.04
CA VAL A 139 57.00 122.91 8.77
C VAL A 139 57.79 123.09 10.06
N ASP A 140 57.29 123.94 10.96
CA ASP A 140 58.03 124.22 12.19
C ASP A 140 58.15 122.98 13.07
N LYS A 141 57.07 122.20 13.18
CA LYS A 141 57.10 121.01 14.03
C LYS A 141 58.10 119.99 13.51
N GLY A 142 58.07 119.74 12.19
CA GLY A 142 59.05 118.83 11.62
C GLY A 142 60.47 119.32 11.75
N ILE A 143 60.68 120.63 11.55
CA ILE A 143 62.00 121.21 11.68
C ILE A 143 62.53 121.02 13.09
N ARG A 144 61.70 121.34 14.10
CA ARG A 144 62.16 121.22 15.48
C ARG A 144 62.35 119.77 15.88
N GLU A 145 61.52 118.85 15.38
CA GLU A 145 61.71 117.44 15.67
C GLU A 145 63.03 116.94 15.11
N LYS A 146 63.32 117.27 13.85
CA LYS A 146 64.58 116.85 13.25
C LYS A 146 65.77 117.50 13.95
N LYS A 147 65.62 118.75 14.38
CA LYS A 147 66.68 119.41 15.13
C LYS A 147 66.97 118.68 16.44
N LEU A 148 65.93 118.43 17.25
CA LEU A 148 66.14 117.75 18.51
C LEU A 148 66.60 116.31 18.31
N LYS A 149 66.39 115.74 17.12
CA LYS A 149 66.87 114.39 16.86
C LYS A 149 68.34 114.37 16.42
N TYR A 150 68.78 115.38 15.67
CA TYR A 150 70.10 115.35 15.03
C TYR A 150 71.12 116.29 15.66
N GLU A 151 70.75 117.56 15.86
CA GLU A 151 71.74 118.59 16.13
C GLU A 151 72.44 118.38 17.46
N ALA A 152 71.78 117.76 18.45
CA ALA A 152 72.44 117.52 19.72
C ALA A 152 73.66 116.61 19.55
N GLY A 153 73.45 115.46 18.91
CA GLY A 153 74.57 114.56 18.65
C GLY A 153 75.59 115.17 17.70
N LEU A 154 75.12 115.91 16.69
CA LEU A 154 76.04 116.53 15.76
C LEU A 154 76.95 117.53 16.46
N THR A 155 76.38 118.37 17.33
CA THR A 155 77.17 119.35 18.06
C THR A 155 78.09 118.68 19.07
N TYR A 156 77.63 117.59 19.71
CA TYR A 156 78.52 116.86 20.61
C TYR A 156 79.72 116.30 19.85
N ILE A 157 79.50 115.74 18.67
CA ILE A 157 80.60 115.25 17.84
C ILE A 157 81.51 116.41 17.45
N GLU A 158 80.91 117.58 17.17
CA GLU A 158 81.71 118.75 16.81
C GLU A 158 82.64 119.16 17.94
N GLN A 159 82.11 119.22 19.17
CA GLN A 159 82.98 119.54 20.32
C GLN A 159 84.03 118.46 20.53
N GLU A 160 83.67 117.19 20.34
CA GLU A 160 84.64 116.12 20.52
C GLU A 160 85.80 116.24 19.54
N LEU A 161 85.48 116.50 18.25
CA LEU A 161 86.54 116.65 17.26
C LEU A 161 87.34 117.93 17.48
N HIS A 162 86.70 119.00 17.96
CA HIS A 162 87.45 120.21 18.29
C HIS A 162 88.43 119.96 19.42
N LYS A 163 88.01 119.23 20.46
CA LYS A 163 88.92 118.89 21.54
C LYS A 163 90.06 118.00 21.05
N PHE A 164 89.75 117.05 20.15
CA PHE A 164 90.79 116.21 19.58
C PHE A 164 91.80 117.04 18.78
N PHE A 165 91.30 118.01 18.01
CA PHE A 165 92.20 118.89 17.26
C PHE A 165 93.07 119.71 18.20
N LEU A 166 92.48 120.22 19.29
CA LEU A 166 93.26 120.97 20.27
C LEU A 166 94.33 120.09 20.91
N LYS A 167 94.00 118.82 21.16
CA LYS A 167 94.98 117.90 21.73
C LYS A 167 95.99 117.42 20.70
N GLY A 168 95.68 117.55 19.41
CA GLY A 168 96.66 117.30 18.37
C GLY A 168 96.56 115.98 17.63
N GLU A 169 95.42 115.29 17.70
CA GLU A 169 95.28 114.02 16.98
C GLU A 169 94.81 114.18 15.55
N ILE A 170 94.45 115.39 15.12
CA ILE A 170 94.07 115.63 13.73
C ILE A 170 94.78 116.89 13.26
N PRO A 171 95.29 116.94 12.02
CA PRO A 171 96.00 118.14 11.58
C PRO A 171 95.08 119.32 11.32
N GLN A 172 93.85 119.04 10.87
CA GLN A 172 92.92 120.11 10.54
C GLN A 172 91.58 119.87 11.23
N PRO A 173 91.01 120.91 11.83
CA PRO A 173 89.69 120.75 12.47
C PRO A 173 88.59 120.57 11.43
N TYR A 174 87.53 119.89 11.85
CA TYR A 174 86.38 119.63 11.00
C TYR A 174 85.25 120.59 11.31
N LYS A 175 84.49 120.96 10.29
CA LYS A 175 83.33 121.82 10.44
C LYS A 175 82.08 121.03 10.05
N ILE A 176 81.08 121.05 10.91
CA ILE A 176 79.82 120.34 10.69
C ILE A 176 78.69 121.35 10.60
N THR A 177 77.78 121.12 9.66
CA THR A 177 76.62 121.99 9.45
C THR A 177 75.39 121.12 9.28
N PHE A 178 74.33 121.46 10.03
CA PHE A 178 73.05 120.77 9.94
C PHE A 178 72.00 121.72 9.40
N ASN A 179 71.32 121.31 8.33
CA ASN A 179 70.27 122.11 7.71
C ASN A 179 69.05 121.22 7.51
N VAL A 180 67.93 121.61 8.10
CA VAL A 180 66.67 120.89 7.97
C VAL A 180 65.69 121.75 7.20
N VAL A 181 65.07 121.16 6.18
CA VAL A 181 64.11 121.85 5.32
C VAL A 181 62.85 121.00 5.23
N ALA A 182 61.71 121.61 5.54
CA ALA A 182 60.42 120.93 5.47
C ALA A 182 59.61 121.57 4.35
N VAL A 183 59.08 120.72 3.46
CA VAL A 183 58.30 121.15 2.32
C VAL A 183 56.84 120.84 2.59
N ARG A 184 55.97 121.85 2.41
CA ARG A 184 54.54 121.65 2.63
C ARG A 184 53.97 120.71 1.58
N THR A 185 52.79 120.16 1.88
CA THR A 185 52.17 119.19 1.00
C THR A 185 51.80 119.76 -0.37
N ASP A 186 51.68 121.07 -0.49
CA ASP A 186 51.38 121.71 -1.77
C ASP A 186 52.60 122.25 -2.49
N GLY A 187 53.76 122.25 -1.84
CA GLY A 187 54.97 122.75 -2.48
C GLY A 187 54.95 124.23 -2.80
N SER A 188 54.31 125.04 -1.97
CA SER A 188 54.29 126.48 -2.20
C SER A 188 55.63 127.12 -1.84
N ASN A 189 56.23 126.70 -0.73
CA ASN A 189 57.47 127.29 -0.23
C ASN A 189 58.69 126.45 -0.56
N ILE A 190 58.56 125.45 -1.44
CA ILE A 190 59.70 124.60 -1.77
C ILE A 190 60.79 125.40 -2.48
N THR A 191 60.38 126.36 -3.33
CA THR A 191 61.36 127.18 -4.02
C THR A 191 62.04 128.17 -3.07
N THR A 192 61.29 128.68 -2.10
CA THR A 192 61.86 129.62 -1.14
C THR A 192 62.97 128.96 -0.32
N GLN A 193 62.73 127.74 0.15
CA GLN A 193 63.74 127.02 0.90
C GLN A 193 64.80 126.42 -0.03
N TRP A 194 64.40 125.99 -1.22
CA TRP A 194 65.30 125.36 -2.18
C TRP A 194 65.15 126.04 -3.53
N PRO A 195 65.90 127.10 -3.78
CA PRO A 195 65.83 127.76 -5.09
C PRO A 195 66.46 126.92 -6.18
N SER A 196 65.83 125.80 -6.51
CA SER A 196 66.33 124.88 -7.52
C SER A 196 65.70 125.17 -8.88
N ARG A 197 66.32 124.61 -9.91
CA ARG A 197 65.80 124.76 -11.27
C ARG A 197 64.67 123.78 -11.55
N ARG A 198 64.50 122.76 -10.70
CA ARG A 198 63.60 121.63 -10.98
C ARG A 198 62.35 121.64 -10.12
N ASN A 199 61.90 122.82 -9.69
CA ASN A 199 60.75 122.88 -8.79
C ASN A 199 59.47 122.41 -9.47
N ASP A 200 59.29 122.76 -10.75
CA ASP A 200 58.01 122.53 -11.42
C ASP A 200 57.67 121.04 -11.50
N GLY A 201 58.59 120.23 -12.00
CA GLY A 201 58.32 118.81 -12.12
C GLY A 201 58.07 118.15 -10.78
N VAL A 202 58.88 118.51 -9.79
CA VAL A 202 58.74 117.90 -8.47
C VAL A 202 57.41 118.28 -7.83
N VAL A 203 57.02 119.56 -7.94
CA VAL A 203 55.75 119.94 -7.33
C VAL A 203 54.58 119.31 -8.06
N GLN A 204 54.70 119.13 -9.37
CA GLN A 204 53.64 118.42 -10.10
C GLN A 204 53.52 116.98 -9.62
N TYR A 205 54.67 116.30 -9.49
CA TYR A 205 54.65 114.91 -9.02
C TYR A 205 54.11 114.81 -7.59
N MET A 206 54.49 115.74 -6.72
CA MET A 206 54.04 115.69 -5.35
C MET A 206 52.57 116.07 -5.22
N ARG A 207 52.09 116.91 -6.13
CA ARG A 207 50.63 117.22 -6.13
C ARG A 207 49.87 115.92 -6.42
N LEU A 208 50.39 115.11 -7.34
CA LEU A 208 49.69 113.84 -7.70
C LEU A 208 49.61 112.92 -6.50
N VAL A 209 50.72 112.77 -5.75
CA VAL A 209 50.72 111.82 -4.60
C VAL A 209 49.65 112.24 -3.61
N GLN A 210 49.46 113.55 -3.42
CA GLN A 210 48.43 114.05 -2.48
C GLN A 210 47.06 113.55 -2.97
N ALA A 211 46.76 113.73 -4.25
CA ALA A 211 45.47 113.26 -4.81
C ALA A 211 45.31 111.77 -4.54
N GLU A 212 46.36 110.98 -4.84
CA GLU A 212 46.28 109.50 -4.66
C GLU A 212 46.02 109.20 -3.18
N ILE A 213 46.82 109.80 -2.28
CA ILE A 213 46.66 109.56 -0.82
C ILE A 213 45.22 109.94 -0.43
N SER A 214 44.80 111.17 -0.76
CA SER A 214 43.44 111.64 -0.40
C SER A 214 42.40 110.68 -1.00
N TYR A 215 42.62 110.26 -2.25
CA TYR A 215 41.66 109.36 -2.94
C TYR A 215 41.41 108.12 -2.09
N VAL A 216 42.42 107.26 -1.95
CA VAL A 216 42.24 105.98 -1.19
C VAL A 216 41.78 106.31 0.23
N ARG A 217 42.31 107.39 0.80
CA ARG A 217 41.99 107.75 2.20
C ARG A 217 40.48 108.06 2.35
N GLU A 218 39.88 108.71 1.35
CA GLU A 218 38.45 109.12 1.51
C GLU A 218 37.56 108.52 0.43
N HIS A 219 38.01 107.44 -0.23
CA HIS A 219 37.21 106.86 -1.33
C HIS A 219 37.25 105.33 -1.29
N LEU A 220 38.41 104.74 -1.57
CA LEU A 220 38.53 103.25 -1.63
C LEU A 220 38.30 102.67 -0.24
N ILE A 221 38.35 103.52 0.80
CA ILE A 221 38.14 103.06 2.20
C ILE A 221 36.67 102.66 2.40
N LYS A 222 36.40 101.71 3.30
CA LYS A 222 35.04 101.28 3.57
C LYS A 222 34.41 102.17 4.63
N THR A 223 33.13 102.51 4.42
CA THR A 223 32.45 103.41 5.33
C THR A 223 32.23 102.80 6.71
N GLU A 224 32.27 101.47 6.82
CA GLU A 224 32.11 100.81 8.11
C GLU A 224 33.39 100.75 8.91
N GLU A 225 34.52 101.15 8.33
CA GLU A 225 35.82 101.09 9.02
C GLU A 225 36.52 102.45 8.99
N ARG A 226 35.79 103.54 8.75
CA ARG A 226 36.41 104.86 8.75
C ARG A 226 36.96 105.21 10.12
N ALA A 227 36.23 104.85 11.18
CA ALA A 227 36.72 105.08 12.53
C ALA A 227 37.99 104.28 12.80
N ALA A 228 38.05 103.05 12.31
CA ALA A 228 39.25 102.25 12.46
C ALA A 228 40.44 102.91 11.76
N LEU A 229 40.21 103.42 10.54
CA LEU A 229 41.27 104.12 9.83
C LEU A 229 41.73 105.35 10.60
N GLU A 230 40.78 106.12 11.14
CA GLU A 230 41.15 107.32 11.88
C GLU A 230 41.97 106.97 13.11
N ALA A 231 41.56 105.93 13.84
CA ALA A 231 42.30 105.54 15.03
C ALA A 231 43.70 105.06 14.68
N MET A 232 43.82 104.22 13.63
CA MET A 232 45.14 103.73 13.25
C MET A 232 46.04 104.87 12.78
N PHE A 233 45.48 105.82 12.01
CA PHE A 233 46.26 106.97 11.57
C PHE A 233 46.73 107.80 12.76
N ASN A 234 45.84 108.02 13.74
CA ASN A 234 46.21 108.81 14.90
C ASN A 234 47.33 108.13 15.69
N LEU A 235 47.22 106.82 15.89
CA LEU A 235 48.26 106.10 16.64
C LEU A 235 49.57 106.08 15.87
N LYS A 236 49.53 105.87 14.55
CA LYS A 236 50.76 105.69 13.80
C LYS A 236 51.49 107.02 13.59
N PHE A 237 50.75 108.08 13.26
CA PHE A 237 51.38 109.34 12.86
C PHE A 237 51.25 110.46 13.88
N ASN A 238 50.28 110.38 14.79
CA ASN A 238 50.12 111.43 15.80
C ASN A 238 50.42 110.89 17.19
N TYR A 248 58.27 111.12 31.71
CA TYR A 248 59.67 111.04 32.10
C TYR A 248 59.77 110.86 33.60
N ILE A 249 60.52 109.85 34.03
CA ILE A 249 60.66 109.57 35.46
C ILE A 249 61.58 110.60 36.10
N PRO A 250 61.16 111.27 37.16
CA PRO A 250 62.02 112.27 37.81
C PRO A 250 63.24 111.62 38.45
N ASP A 251 64.29 112.42 38.59
CA ASP A 251 65.55 111.91 39.11
C ASP A 251 65.40 111.43 40.55
N TYR A 252 64.62 112.15 41.36
CA TYR A 252 64.43 111.85 42.77
C TYR A 252 65.75 111.85 43.52
N LYS A 253 66.22 110.67 43.91
CA LYS A 253 67.47 110.54 44.65
C LYS A 253 67.91 109.08 44.60
N GLY A 254 69.21 108.87 44.83
CA GLY A 254 69.76 107.54 44.85
C GLY A 254 70.56 107.25 46.11
N MET A 255 71.25 106.12 46.14
CA MET A 255 72.06 105.72 47.29
C MET A 255 73.46 105.35 46.84
N GLU A 256 74.46 105.86 47.56
CA GLU A 256 75.84 105.53 47.26
C GLU A 256 76.19 104.16 47.86
N PRO A 257 76.76 103.25 47.07
CA PRO A 257 77.06 101.91 47.61
C PRO A 257 78.29 101.94 48.51
N ILE A 258 78.09 101.53 49.76
CA ILE A 258 79.20 101.38 50.69
C ILE A 258 79.92 100.08 50.38
N GLY A 259 81.25 100.10 50.53
CA GLY A 259 82.04 98.95 50.12
C GLY A 259 81.75 97.71 50.94
N ALA A 260 81.80 97.84 52.27
CA ALA A 260 81.62 96.73 53.20
C ALA A 260 82.63 95.61 52.96
N ASN A 261 82.53 94.53 53.73
CA ASN A 261 83.42 93.39 53.60
C ASN A 261 82.81 92.13 54.19
N ILE A 262 82.89 91.01 53.47
CA ILE A 262 82.45 89.75 54.04
C ILE A 262 83.39 89.29 55.14
N GLU A 263 84.66 89.66 55.09
CA GLU A 263 85.61 89.27 56.13
C GLU A 263 85.27 89.87 57.48
N ASP A 264 84.72 91.09 57.50
CA ASP A 264 84.30 91.68 58.77
C ASP A 264 83.19 90.87 59.42
N LEU A 265 82.21 90.43 58.61
CA LEU A 265 81.12 89.64 59.18
C LEU A 265 81.61 88.26 59.57
N VAL A 266 82.60 87.73 58.84
CA VAL A 266 83.23 86.48 59.25
C VAL A 266 83.91 86.64 60.60
N ASP A 267 84.58 87.77 60.83
CA ASP A 267 85.21 88.03 62.12
C ASP A 267 84.15 88.12 63.22
N TYR A 268 83.04 88.79 62.93
CA TYR A 268 81.95 88.85 63.90
C TYR A 268 81.41 87.46 64.21
N SER A 269 81.27 86.61 63.19
CA SER A 269 80.80 85.25 63.39
C SER A 269 81.76 84.47 64.27
N LYS A 270 83.07 84.65 64.03
CA LYS A 270 84.08 83.99 64.86
C LYS A 270 83.95 84.42 66.31
N ASP A 271 83.79 85.72 66.54
CA ASP A 271 83.67 86.22 67.91
C ASP A 271 82.39 85.73 68.56
N TRP A 272 81.28 85.71 67.81
CA TRP A 272 79.99 85.36 68.38
C TRP A 272 79.91 83.86 68.70
N LEU A 273 80.42 83.02 67.80
CA LEU A 273 80.42 81.59 68.05
C LEU A 273 81.34 81.20 69.19
N SER A 274 82.30 82.05 69.56
CA SER A 274 83.26 81.74 70.61
C SER A 274 82.72 82.01 72.00
N ARG A 275 81.55 81.49 72.33
CA ARG A 275 80.92 81.67 73.64
C ARG A 275 79.81 80.64 73.78
N ALA A 276 78.99 80.79 74.82
CA ALA A 276 77.85 79.92 75.04
C ALA A 276 76.63 80.49 74.34
N ARG A 277 75.93 79.65 73.58
CA ARG A 277 74.77 80.05 72.82
C ARG A 277 73.57 79.22 73.25
N ASN A 278 72.44 79.89 73.47
CA ASN A 278 71.21 79.25 73.91
C ASN A 278 70.30 78.98 72.74
N PHE A 279 69.64 77.83 72.75
CA PHE A 279 68.74 77.42 71.68
C PHE A 279 67.34 77.94 72.00
N SER A 280 66.74 78.65 71.04
CA SER A 280 65.45 79.27 71.28
C SER A 280 64.31 78.26 71.41
N PHE A 281 64.52 77.03 70.95
CA PHE A 281 63.49 76.00 71.00
C PHE A 281 63.71 75.09 72.20
N PHE A 282 62.70 74.26 72.47
CA PHE A 282 62.70 73.37 73.62
C PHE A 282 62.40 71.95 73.17
N GLU A 283 62.93 70.98 73.90
CA GLU A 283 62.71 69.58 73.60
C GLU A 283 61.39 69.11 74.19
N VAL A 284 60.68 68.27 73.45
CA VAL A 284 59.44 67.67 73.92
C VAL A 284 59.76 66.34 74.59
N LYS A 285 59.26 66.18 75.82
CA LYS A 285 59.59 65.01 76.63
C LYS A 285 58.38 64.37 77.30
N GLY A 286 57.19 64.93 77.15
CA GLY A 286 56.04 64.42 77.88
C GLY A 286 55.93 64.96 79.29
N THR A 287 57.02 64.86 80.06
CA THR A 287 57.05 65.54 81.36
C THR A 287 57.14 67.04 81.19
N ALA A 288 57.79 67.51 80.13
CA ALA A 288 57.91 68.95 79.90
C ALA A 288 56.57 69.59 79.65
N VAL A 289 55.73 68.98 78.80
CA VAL A 289 54.43 69.55 78.51
C VAL A 289 53.52 69.49 79.72
N PHE A 290 53.60 68.40 80.49
CA PHE A 290 52.81 68.28 81.71
C PHE A 290 53.20 69.34 82.73
N GLU A 291 54.50 69.55 82.91
CA GLU A 291 54.98 70.57 83.85
C GLU A 291 54.57 71.97 83.38
N CYS A 292 54.66 72.23 82.07
CA CYS A 292 54.23 73.51 81.55
C CYS A 292 52.75 73.73 81.80
N PHE A 293 51.93 72.70 81.58
CA PHE A 293 50.50 72.83 81.83
C PHE A 293 50.23 73.13 83.30
N ASN A 294 50.90 72.41 84.20
CA ASN A 294 50.68 72.65 85.63
C ASN A 294 51.12 74.04 86.05
N SER A 295 52.29 74.49 85.58
CA SER A 295 52.77 75.82 85.93
C SER A 295 51.84 76.90 85.40
N ASN A 296 51.34 76.72 84.16
CA ASN A 296 50.41 77.70 83.62
C ASN A 296 49.07 77.66 84.35
N GLU A 297 48.64 76.49 84.82
CA GLU A 297 47.44 76.43 85.65
C GLU A 297 47.63 77.24 86.92
N ALA A 298 48.77 77.09 87.58
CA ALA A 298 49.05 77.85 88.79
C ALA A 298 49.08 79.35 88.50
N ASN A 299 49.75 79.74 87.41
CA ASN A 299 49.84 81.15 87.07
C ASN A 299 48.47 81.74 86.74
N HIS A 300 47.64 80.99 86.01
CA HIS A 300 46.31 81.48 85.67
C HIS A 300 45.44 81.60 86.91
N CYS A 301 45.55 80.63 87.83
CA CYS A 301 44.80 80.75 89.09
C CYS A 301 45.24 81.96 89.88
N GLN A 302 46.54 82.25 89.88
CA GLN A 302 47.04 83.40 90.62
C GLN A 302 46.62 84.72 89.98
N ARG A 303 46.63 84.79 88.64
CA ARG A 303 46.41 86.06 87.97
C ARG A 303 44.94 86.49 88.00
N TYR A 304 44.01 85.55 87.86
CA TYR A 304 42.60 85.88 87.78
C TYR A 304 41.88 85.55 89.08
N PRO A 305 40.86 86.32 89.45
CA PRO A 305 40.09 86.01 90.65
C PRO A 305 39.35 84.68 90.49
N MET A 306 39.19 83.97 91.61
CA MET A 306 38.51 82.70 91.59
C MET A 306 37.00 82.89 91.42
N SER A 307 36.36 81.88 90.85
CA SER A 307 34.91 81.88 90.69
C SER A 307 34.38 80.48 90.95
N ARG A 308 33.32 80.38 91.74
CA ARG A 308 32.75 79.09 92.10
C ARG A 308 31.53 78.71 91.27
N LYS A 309 30.86 79.69 90.64
CA LYS A 309 29.67 79.42 89.85
C LYS A 309 29.99 79.55 88.37
N PRO A 310 30.06 78.45 87.63
CA PRO A 310 30.31 78.56 86.18
C PRO A 310 29.14 79.24 85.47
N ARG A 311 29.48 79.95 84.40
CA ARG A 311 28.48 80.67 83.62
C ARG A 311 27.78 79.70 82.66
N ASN A 312 27.02 80.25 81.73
CA ASN A 312 26.23 79.45 80.80
C ASN A 312 26.98 79.28 79.48
N PHE A 313 26.82 78.11 78.88
CA PHE A 313 27.42 77.82 77.58
C PHE A 313 26.41 77.51 76.50
N LEU A 314 25.30 76.85 76.86
CA LEU A 314 24.24 76.55 75.90
C LEU A 314 23.38 77.79 75.72
N LEU A 315 23.42 78.36 74.52
CA LEU A 315 22.65 79.57 74.23
C LEU A 315 21.16 79.31 74.19
N ILE A 316 20.76 78.06 73.95
CA ILE A 316 19.36 77.68 73.89
C ILE A 316 19.17 76.40 74.71
N GLN A 317 18.12 76.38 75.53
CA GLN A 317 17.89 75.29 76.47
C GLN A 317 16.62 74.58 76.06
N CYS A 318 16.75 73.35 75.58
CA CYS A 318 15.61 72.58 75.09
C CYS A 318 15.82 71.12 75.43
N SER A 319 14.76 70.33 75.27
CA SER A 319 14.82 68.91 75.57
C SER A 319 13.82 68.17 74.69
N LEU A 320 14.14 66.92 74.38
CA LEU A 320 13.27 66.06 73.59
C LEU A 320 13.39 64.63 74.07
N ILE A 321 12.25 63.96 74.20
CA ILE A 321 12.21 62.54 74.52
C ILE A 321 11.64 61.73 73.36
N THR A 322 10.66 62.26 72.64
CA THR A 322 10.09 61.60 71.49
C THR A 322 10.71 62.16 70.20
N SER A 323 10.16 61.79 69.06
CA SER A 323 10.64 62.29 67.78
C SER A 323 10.08 63.69 67.52
N TYR A 324 10.62 64.33 66.49
CA TYR A 324 10.25 65.69 66.12
C TYR A 324 9.74 65.72 64.69
N LYS A 325 8.81 66.63 64.43
CA LYS A 325 8.20 66.84 63.13
C LYS A 325 8.27 68.31 62.74
N PRO A 326 8.28 68.63 61.45
CA PRO A 326 8.33 70.02 61.03
C PRO A 326 7.15 70.82 61.57
N ALA A 327 7.43 72.06 61.95
CA ALA A 327 6.44 72.92 62.59
C ALA A 327 5.61 73.64 61.54
N THR A 328 4.29 73.62 61.74
CA THR A 328 3.35 74.31 60.88
C THR A 328 2.43 75.17 61.74
N THR A 329 1.59 75.97 61.09
CA THR A 329 0.69 76.85 61.82
C THR A 329 -0.31 76.06 62.65
N LEU A 330 -0.91 75.02 62.07
CA LEU A 330 -1.86 74.19 62.81
C LEU A 330 -1.17 73.52 64.00
N SER A 331 0.03 72.98 63.77
CA SER A 331 0.79 72.40 64.86
C SER A 331 1.14 73.47 65.90
N ASP A 332 1.46 74.68 65.43
CA ASP A 332 1.80 75.76 66.36
C ASP A 332 0.64 76.07 67.28
N GLN A 333 -0.58 76.17 66.75
CA GLN A 333 -1.73 76.46 67.59
C GLN A 333 -2.07 75.30 68.51
N ILE A 334 -2.10 74.09 67.97
CA ILE A 334 -2.46 72.92 68.78
C ILE A 334 -1.41 72.65 69.85
N ASP A 335 -0.19 73.17 69.68
CA ASP A 335 0.82 73.06 70.71
C ASP A 335 0.77 74.22 71.70
N SER A 336 0.48 75.43 71.22
CA SER A 336 0.41 76.58 72.12
C SER A 336 -0.73 76.45 73.10
N ARG A 337 -1.91 76.00 72.64
CA ARG A 337 -3.03 75.82 73.55
C ARG A 337 -2.68 74.84 74.65
N ARG A 338 -2.14 73.67 74.28
CA ARG A 338 -1.83 72.65 75.26
C ARG A 338 -0.69 73.07 76.19
N ALA A 339 0.29 73.80 75.65
CA ALA A 339 1.39 74.30 76.47
C ALA A 339 0.89 75.29 77.51
N CYS A 340 0.02 76.21 77.11
CA CYS A 340 -0.59 77.12 78.08
C CYS A 340 -1.41 76.36 79.11
N SER A 341 -2.10 75.30 78.67
CA SER A 341 -2.85 74.47 79.61
C SER A 341 -1.95 73.86 80.67
N TYR A 342 -0.79 73.34 80.25
CA TYR A 342 0.18 72.83 81.23
C TYR A 342 0.70 73.95 82.13
N ILE A 343 1.02 75.11 81.55
CA ILE A 343 1.65 76.18 82.33
C ILE A 343 0.72 76.70 83.41
N LEU A 344 -0.57 76.83 83.09
CA LEU A 344 -1.49 77.41 84.06
C LEU A 344 -1.74 76.54 85.29
N ASN A 345 -1.18 75.34 85.35
CA ASN A 345 -1.33 74.46 86.50
C ASN A 345 -0.09 74.42 87.39
N LEU A 346 0.87 75.31 87.16
CA LEU A 346 2.13 75.33 87.91
C LEU A 346 2.15 76.53 88.84
N ILE A 347 2.53 76.29 90.09
CA ILE A 347 2.64 77.35 91.08
C ILE A 347 3.95 78.09 90.86
N PRO A 348 3.92 79.38 90.54
CA PRO A 348 5.17 80.13 90.35
C PRO A 348 5.96 80.25 91.64
N ASP A 349 7.29 80.25 91.50
CA ASP A 349 8.19 80.41 92.63
C ASP A 349 9.24 81.49 92.42
N THR A 350 9.55 81.85 91.19
CA THR A 350 10.50 82.90 90.86
C THR A 350 9.85 83.90 89.93
N PRO A 351 10.33 85.15 89.92
CA PRO A 351 9.68 86.18 89.09
C PRO A 351 9.65 85.85 87.60
N ALA A 352 10.65 85.16 87.08
CA ALA A 352 10.59 84.72 85.68
C ALA A 352 9.44 83.74 85.47
N SER A 353 9.24 82.83 86.42
CA SER A 353 8.08 81.94 86.34
C SER A 353 6.77 82.73 86.42
N TYR A 354 6.75 83.80 87.21
CA TYR A 354 5.57 84.65 87.26
C TYR A 354 5.31 85.32 85.91
N LEU A 355 6.36 85.77 85.24
CA LEU A 355 6.19 86.36 83.91
C LEU A 355 5.71 85.33 82.91
N ILE A 356 6.25 84.11 82.99
CA ILE A 356 5.81 83.04 82.09
C ILE A 356 4.33 82.74 82.32
N HIS A 357 3.92 82.65 83.58
CA HIS A 357 2.51 82.41 83.91
C HIS A 357 1.63 83.56 83.41
N ASP A 358 2.12 84.80 83.54
CA ASP A 358 1.37 85.96 83.06
C ASP A 358 1.17 85.91 81.55
N MET A 359 2.23 85.60 80.81
CA MET A 359 2.10 85.49 79.36
C MET A 359 1.16 84.35 78.96
N ALA A 360 1.26 83.20 79.65
CA ALA A 360 0.37 82.10 79.33
C ALA A 360 -1.08 82.47 79.62
N TYR A 361 -1.34 83.16 80.74
CA TYR A 361 -2.69 83.63 81.04
C TYR A 361 -3.19 84.61 80.00
N ARG A 362 -2.32 85.52 79.56
CA ARG A 362 -2.70 86.49 78.53
C ARG A 362 -3.06 85.78 77.22
N TYR A 363 -2.27 84.77 76.85
CA TYR A 363 -2.52 84.07 75.56
C TYR A 363 -3.78 83.23 75.64
N ILE A 364 -3.96 82.49 76.74
CA ILE A 364 -5.09 81.58 76.85
C ILE A 364 -6.42 82.33 76.95
N ASN A 365 -6.39 83.63 77.27
CA ASN A 365 -7.60 84.43 77.37
C ASN A 365 -7.77 85.35 76.16
N LEU A 366 -7.05 85.07 75.08
CA LEU A 366 -7.18 85.86 73.86
C LEU A 366 -8.52 85.58 73.19
N THR A 367 -9.09 86.61 72.57
CA THR A 367 -10.35 86.45 71.88
C THR A 367 -10.17 85.59 70.63
N ARG A 368 -11.27 85.00 70.18
CA ARG A 368 -11.21 84.11 69.02
C ARG A 368 -10.77 84.86 67.77
N GLU A 369 -11.27 86.08 67.58
CA GLU A 369 -10.88 86.88 66.42
C GLU A 369 -9.39 87.21 66.46
N ASP A 370 -8.91 87.68 67.61
CA ASP A 370 -7.49 88.01 67.73
C ASP A 370 -6.62 86.76 67.63
N MET A 371 -7.08 85.65 68.21
CA MET A 371 -6.32 84.40 68.11
C MET A 371 -6.19 83.95 66.66
N ILE A 372 -7.29 84.04 65.90
CA ILE A 372 -7.26 83.67 64.50
C ILE A 372 -6.33 84.61 63.73
N ASN A 373 -6.44 85.91 64.01
CA ASN A 373 -5.61 86.92 63.29
C ASN A 373 -4.14 86.67 63.60
N TYR A 374 -3.82 86.21 64.82
CA TYR A 374 -2.44 85.98 65.22
C TYR A 374 -1.74 84.95 64.35
N TYR A 375 -2.53 84.14 63.64
CA TYR A 375 -1.95 83.08 62.78
C TYR A 375 -2.38 83.33 61.34
N ALA A 376 -2.28 84.57 60.88
CA ALA A 376 -2.72 84.89 59.54
C ALA A 376 -1.57 85.41 58.69
N PRO A 377 -1.51 85.03 57.41
CA PRO A 377 -0.51 85.62 56.52
C PRO A 377 -0.65 87.14 56.46
N ARG A 378 0.50 87.81 56.29
CA ARG A 378 0.57 89.26 56.33
C ARG A 378 -0.28 89.92 55.25
N ILE A 379 -0.55 89.24 54.15
CA ILE A 379 -1.46 89.79 53.14
C ILE A 379 -2.91 89.77 53.62
N GLN A 380 -3.21 89.00 54.67
CA GLN A 380 -4.59 88.72 55.05
C GLN A 380 -4.93 89.25 56.45
N PHE A 381 -3.93 89.55 57.27
CA PHE A 381 -4.16 89.91 58.65
C PHE A 381 -4.87 91.26 58.73
N LYS A 382 -5.56 91.48 59.85
CA LYS A 382 -6.31 92.70 60.08
C LYS A 382 -5.88 93.33 61.40
N GLN A 383 -5.80 94.66 61.42
CA GLN A 383 -5.41 95.36 62.64
C GLN A 383 -6.47 95.19 63.72
N THR A 384 -6.03 94.84 64.93
CA THR A 384 -6.94 94.65 66.06
C THR A 384 -6.49 95.49 67.24
N GLN A 385 -7.10 95.27 68.41
CA GLN A 385 -6.75 96.05 69.59
C GLN A 385 -5.65 95.39 70.42
N ASN A 386 -5.59 94.06 70.43
CA ASN A 386 -4.57 93.34 71.19
C ASN A 386 -3.43 92.84 70.31
N VAL A 387 -3.74 92.38 69.11
CA VAL A 387 -2.75 91.93 68.14
C VAL A 387 -2.65 92.95 67.03
N ARG A 388 -1.44 93.47 66.81
CA ARG A 388 -1.21 94.48 65.78
C ARG A 388 -0.41 93.91 64.61
N GLU A 389 0.76 93.35 64.87
CA GLU A 389 1.55 92.70 63.84
C GLU A 389 1.05 91.27 63.63
N PRO A 390 1.34 90.67 62.48
CA PRO A 390 0.78 89.35 62.18
C PRO A 390 1.09 88.28 63.21
N GLY A 391 2.27 88.31 63.84
CA GLY A 391 2.62 87.27 64.77
C GLY A 391 3.03 87.77 66.15
N THR A 392 2.45 88.88 66.59
CA THR A 392 2.77 89.48 67.88
C THR A 392 1.48 89.78 68.64
N PHE A 393 1.64 90.19 69.90
CA PHE A 393 0.53 90.65 70.71
C PHE A 393 1.06 91.64 71.73
N LYS A 394 0.15 92.38 72.37
CA LYS A 394 0.50 93.42 73.33
C LYS A 394 0.37 92.91 74.75
N LEU A 395 1.12 93.53 75.66
CA LEU A 395 1.05 93.19 77.08
C LEU A 395 1.44 94.44 77.86
N THR A 396 0.44 95.17 78.34
CA THR A 396 0.66 96.44 79.02
C THR A 396 0.89 96.22 80.52
N SER A 397 1.25 97.30 81.20
CA SER A 397 1.63 97.21 82.61
C SER A 397 0.48 96.73 83.49
N SER A 398 -0.76 96.92 83.03
CA SER A 398 -1.91 96.49 83.83
C SER A 398 -1.90 94.98 84.04
N MET A 399 -1.58 94.21 82.99
CA MET A 399 -1.55 92.77 83.11
C MET A 399 -0.31 92.27 83.86
N LEU A 400 0.80 93.01 83.79
CA LEU A 400 1.99 92.60 84.49
C LEU A 400 1.79 92.69 86.00
N ARG A 401 2.34 91.71 86.71
CA ARG A 401 2.29 91.69 88.16
C ARG A 401 3.46 92.50 88.71
N ALA A 402 3.68 92.43 90.03
CA ALA A 402 4.79 93.16 90.63
C ALA A 402 6.14 92.57 90.21
N GLU A 403 6.25 91.25 90.23
CA GLU A 403 7.52 90.61 89.87
C GLU A 403 7.86 90.85 88.40
N SER A 404 6.86 90.72 87.52
CA SER A 404 7.12 90.93 86.10
C SER A 404 7.54 92.36 85.82
N LYS A 405 6.88 93.33 86.47
CA LYS A 405 7.30 94.72 86.33
C LYS A 405 8.71 94.92 86.85
N ALA A 406 9.07 94.22 87.92
CA ALA A 406 10.42 94.31 88.46
C ALA A 406 11.45 93.83 87.44
N MET A 407 11.18 92.68 86.81
CA MET A 407 12.13 92.17 85.82
C MET A 407 12.21 93.08 84.58
N LEU A 408 11.08 93.61 84.13
CA LEU A 408 11.13 94.54 83.00
C LEU A 408 11.93 95.79 83.35
N ASP A 409 11.74 96.33 84.55
CA ASP A 409 12.51 97.50 84.97
C ASP A 409 13.99 97.17 85.06
N LEU A 410 14.33 96.00 85.61
CA LEU A 410 15.72 95.60 85.75
C LEU A 410 16.38 95.42 84.39
N LEU A 411 15.68 94.78 83.45
CA LEU A 411 16.22 94.59 82.11
C LEU A 411 16.38 95.92 81.38
N ASN A 412 15.43 96.84 81.59
CA ASN A 412 15.57 98.16 80.98
C ASN A 412 16.79 98.89 81.51
N ASN A 413 17.06 98.79 82.81
CA ASN A 413 18.22 99.43 83.41
C ASN A 413 19.51 98.74 82.98
N GLN A 423 37.68 92.50 87.95
CA GLN A 423 36.33 92.58 87.42
C GLN A 423 35.98 91.30 86.65
N ILE A 424 36.94 90.78 85.91
CA ILE A 424 36.76 89.56 85.13
C ILE A 424 37.30 88.40 85.93
N GLU A 425 36.45 87.39 86.15
CA GLU A 425 36.79 86.21 86.93
C GLU A 425 36.99 85.00 86.03
N SER A 426 37.48 83.92 86.62
CA SER A 426 37.68 82.67 85.90
C SER A 426 37.60 81.51 86.89
N LEU A 427 37.16 80.37 86.38
CA LEU A 427 37.04 79.18 87.21
C LEU A 427 38.40 78.69 87.65
N ASN A 428 38.44 78.04 88.81
CA ASN A 428 39.67 77.46 89.32
C ASN A 428 39.99 76.20 88.52
N ILE A 429 41.03 76.28 87.67
CA ILE A 429 41.41 75.15 86.83
C ILE A 429 42.31 74.17 87.57
N ALA A 430 42.96 74.59 88.65
CA ALA A 430 43.87 73.74 89.40
C ALA A 430 43.17 72.86 90.42
N SER A 431 41.84 72.92 90.49
CA SER A 431 41.06 72.12 91.42
C SER A 431 40.43 70.96 90.66
N HIS A 432 40.68 69.74 91.11
CA HIS A 432 40.16 68.56 90.42
C HIS A 432 38.65 68.41 90.58
N ILE A 433 38.07 68.98 91.63
CA ILE A 433 36.63 68.86 91.84
C ILE A 433 35.86 69.60 90.74
N VAL A 434 36.27 70.82 90.43
CA VAL A 434 35.59 71.60 89.40
C VAL A 434 35.75 70.93 88.04
N GLN A 435 36.96 70.45 87.73
CA GLN A 435 37.19 69.78 86.46
C GLN A 435 36.35 68.50 86.35
N SER A 436 36.27 67.73 87.43
CA SER A 436 35.47 66.51 87.42
C SER A 436 34.00 66.82 87.22
N GLU A 437 33.49 67.84 87.91
CA GLU A 437 32.09 68.21 87.74
C GLU A 437 31.81 68.65 86.31
N SER A 438 32.71 69.47 85.74
CA SER A 438 32.50 69.94 84.38
C SER A 438 32.53 68.80 83.38
N VAL A 439 33.50 67.89 83.52
CA VAL A 439 33.60 66.78 82.58
C VAL A 439 32.41 65.85 82.72
N SER A 440 31.92 65.66 83.96
CA SER A 440 30.73 64.83 84.15
C SER A 440 29.51 65.46 83.48
N LEU A 441 29.33 66.77 83.65
CA LEU A 441 28.18 67.44 83.03
C LEU A 441 28.25 67.34 81.52
N ILE A 442 29.41 67.61 80.94
CA ILE A 442 29.52 67.60 79.49
C ILE A 442 29.37 66.18 78.96
N THR A 443 29.92 65.19 79.67
CA THR A 443 29.74 63.81 79.25
C THR A 443 28.28 63.39 79.30
N LYS A 444 27.55 63.84 80.32
CA LYS A 444 26.12 63.56 80.37
C LYS A 444 25.40 64.19 79.19
N ILE A 445 25.76 65.43 78.85
CA ILE A 445 25.11 66.09 77.70
C ILE A 445 25.39 65.33 76.41
N LEU A 446 26.64 64.92 76.20
CA LEU A 446 26.96 64.16 74.99
C LEU A 446 26.26 62.80 74.99
N SER A 447 26.17 62.14 76.14
CA SER A 447 25.49 60.86 76.20
C SER A 447 24.01 61.02 75.84
N ASP A 448 23.38 62.09 76.33
CA ASP A 448 22.00 62.37 75.96
C ASP A 448 21.88 62.64 74.47
N LEU A 449 22.83 63.38 73.91
CA LEU A 449 22.78 63.71 72.48
C LEU A 449 22.93 62.47 71.61
N GLU A 450 23.81 61.55 72.01
CA GLU A 450 24.05 60.34 71.22
C GLU A 450 22.95 59.29 71.36
N LEU A 451 22.03 59.47 72.30
CA LEU A 451 20.98 58.47 72.53
C LEU A 451 20.04 58.41 71.34
N ASN A 452 19.68 57.19 70.94
CA ASN A 452 18.79 56.99 69.82
C ASN A 452 17.35 57.27 70.21
N ILE A 453 16.56 57.71 69.22
CA ILE A 453 15.14 57.98 69.41
C ILE A 453 14.35 57.05 68.50
N THR A 454 13.41 56.32 69.07
CA THR A 454 12.59 55.39 68.30
C THR A 454 11.60 56.13 67.42
N THR A 471 22.29 58.90 38.04
CA THR A 471 23.66 58.53 37.67
C THR A 471 24.26 57.57 38.69
N VAL A 472 25.43 57.03 38.35
CA VAL A 472 26.09 56.08 39.25
C VAL A 472 26.56 56.76 40.53
N LEU A 473 26.72 58.08 40.52
CA LEU A 473 27.07 58.79 41.74
C LEU A 473 25.98 58.64 42.80
N ASP A 474 24.72 58.65 42.38
CA ASP A 474 23.64 58.41 43.32
C ASP A 474 23.72 57.01 43.90
N LYS A 475 24.07 56.02 43.07
CA LYS A 475 24.23 54.65 43.56
C LYS A 475 25.33 54.58 44.61
N PHE A 476 26.46 55.22 44.33
CA PHE A 476 27.57 55.23 45.30
C PHE A 476 27.15 55.93 46.59
N PHE A 477 26.42 57.04 46.46
CA PHE A 477 25.97 57.77 47.64
C PHE A 477 25.09 56.90 48.52
N GLN A 478 24.04 56.29 47.93
CA GLN A 478 23.16 55.44 48.71
C GLN A 478 23.88 54.21 49.23
N ASN A 479 24.95 53.77 48.54
CA ASN A 479 25.68 52.60 49.00
C ASN A 479 26.51 52.92 50.24
N GLU A 480 27.19 54.07 50.25
CA GLU A 480 28.14 54.37 51.31
C GLU A 480 27.67 55.47 52.25
N THR A 481 27.42 56.67 51.72
CA THR A 481 27.21 57.82 52.60
C THR A 481 25.82 57.80 53.22
N GLN A 482 24.78 57.72 52.39
CA GLN A 482 23.42 57.63 52.90
C GLN A 482 23.25 56.42 53.82
N LYS A 483 24.04 55.37 53.61
CA LYS A 483 23.88 54.16 54.40
C LYS A 483 24.59 54.25 55.74
N TYR A 484 25.78 54.85 55.79
CA TYR A 484 26.61 54.78 56.99
C TYR A 484 26.70 56.09 57.76
N LEU A 485 26.21 57.21 57.22
CA LEU A 485 26.21 58.47 57.95
C LEU A 485 24.79 58.97 58.22
N ILE A 486 24.00 59.18 57.17
CA ILE A 486 22.66 59.75 57.35
C ILE A 486 21.75 58.75 58.05
N ASP A 487 21.81 57.48 57.64
CA ASP A 487 20.97 56.47 58.27
C ASP A 487 21.31 56.31 59.74
N VAL A 488 22.60 56.36 60.07
CA VAL A 488 23.01 56.23 61.46
C VAL A 488 22.56 57.45 62.28
N LEU A 489 22.73 58.65 61.72
CA LEU A 489 22.43 59.85 62.48
C LEU A 489 20.96 60.24 62.47
N LYS A 490 20.13 59.60 61.63
CA LYS A 490 18.72 59.96 61.57
C LYS A 490 18.01 59.65 62.87
N LYS A 491 18.35 58.52 63.50
CA LYS A 491 17.71 58.12 64.75
C LYS A 491 18.32 58.79 65.97
N THR A 492 19.39 59.58 65.79
CA THR A 492 20.03 60.23 66.91
C THR A 492 19.17 61.35 67.48
N THR A 493 19.31 61.60 68.78
CA THR A 493 18.62 62.70 69.42
C THR A 493 19.08 64.05 68.86
N ALA A 494 20.35 64.14 68.46
CA ALA A 494 20.90 65.40 67.97
C ALA A 494 20.18 65.87 66.71
N TRP A 495 19.75 64.93 65.87
CA TRP A 495 19.02 65.29 64.65
C TRP A 495 17.75 66.07 64.98
N HIS A 496 16.91 65.51 65.86
CA HIS A 496 15.66 66.17 66.20
C HIS A 496 15.90 67.43 67.02
N ILE A 497 16.93 67.42 67.88
CA ILE A 497 17.27 68.63 68.61
C ILE A 497 17.65 69.75 67.65
N GLY A 498 18.45 69.43 66.63
CA GLY A 498 18.84 70.43 65.66
C GLY A 498 17.65 70.96 64.88
N HIS A 499 16.72 70.07 64.51
CA HIS A 499 15.52 70.53 63.80
C HIS A 499 14.68 71.45 64.69
N LEU A 500 14.55 71.11 65.97
CA LEU A 500 13.81 71.98 66.90
C LEU A 500 14.49 73.34 67.04
N ILE A 501 15.82 73.35 67.15
CA ILE A 501 16.55 74.61 67.25
C ILE A 501 16.37 75.41 65.97
N ARG A 502 16.31 74.74 64.83
CA ARG A 502 16.07 75.41 63.56
C ARG A 502 14.71 76.09 63.55
N ASP A 503 13.67 75.40 64.02
CA ASP A 503 12.35 76.02 64.08
C ASP A 503 12.35 77.21 65.04
N ILE A 504 13.01 77.07 66.18
CA ILE A 504 13.09 78.17 67.14
C ILE A 504 13.78 79.38 66.52
N THR A 505 14.88 79.14 65.81
CA THR A 505 15.61 80.24 65.16
C THR A 505 14.76 80.88 64.08
N GLU A 506 13.98 80.08 63.34
CA GLU A 506 13.09 80.66 62.35
C GLU A 506 12.08 81.60 63.00
N SER A 507 11.49 81.18 64.11
CA SER A 507 10.54 82.04 64.82
C SER A 507 11.21 83.30 65.32
N LEU A 508 12.42 83.18 65.89
CA LEU A 508 13.13 84.35 66.41
C LEU A 508 13.47 85.32 65.29
N ILE A 509 13.88 84.80 64.13
CA ILE A 509 14.17 85.65 62.98
C ILE A 509 12.91 86.34 62.50
N ALA A 510 11.78 85.63 62.49
CA ALA A 510 10.51 86.23 62.12
C ALA A 510 10.15 87.38 63.05
N HIS A 511 10.39 87.20 64.35
CA HIS A 511 10.12 88.28 65.30
C HIS A 511 11.12 89.42 65.19
N SER A 512 12.26 89.21 64.54
CA SER A 512 13.32 90.21 64.52
C SER A 512 13.02 91.41 63.64
N GLY A 513 11.84 91.47 63.01
CA GLY A 513 11.53 92.60 62.16
C GLY A 513 11.37 93.89 62.94
N LEU A 514 11.52 95.00 62.23
CA LEU A 514 11.44 96.31 62.88
C LEU A 514 10.04 96.55 63.44
N LYS A 515 9.02 96.16 62.70
CA LYS A 515 7.65 96.28 63.19
C LYS A 515 7.39 95.33 64.36
N ARG A 516 7.86 94.10 64.25
CA ARG A 516 7.51 93.05 65.21
C ARG A 516 8.43 93.01 66.43
N SER A 517 9.50 93.81 66.45
CA SER A 517 10.49 93.68 67.52
C SER A 517 9.96 94.16 68.86
N LYS A 518 9.26 95.29 68.88
CA LYS A 518 8.87 95.91 70.15
C LYS A 518 7.55 95.38 70.71
N TYR A 519 7.07 94.23 70.24
CA TYR A 519 5.86 93.61 70.75
C TYR A 519 6.16 92.23 71.30
N TRP A 520 5.33 91.78 72.24
CA TRP A 520 5.49 90.46 72.81
C TRP A 520 5.09 89.39 71.79
N SER A 521 5.45 88.15 72.09
CA SER A 521 5.08 87.02 71.23
C SER A 521 5.12 85.73 72.03
N LEU A 522 4.53 84.69 71.44
CA LEU A 522 4.48 83.38 72.07
C LEU A 522 4.38 82.30 70.99
N HIS A 523 5.16 81.24 71.15
CA HIS A 523 5.12 80.09 70.27
C HIS A 523 5.43 78.83 71.07
N SER A 524 4.98 77.69 70.55
CA SER A 524 5.20 76.39 71.19
C SER A 524 5.47 75.34 70.12
N TYR A 525 6.20 74.29 70.50
CA TYR A 525 6.61 73.25 69.57
C TYR A 525 6.59 71.90 70.27
N ASN A 526 6.55 70.85 69.43
CA ASN A 526 6.64 69.46 69.89
C ASN A 526 5.54 69.12 70.88
N ASN A 527 4.30 69.18 70.40
CA ASN A 527 3.11 68.82 71.17
C ASN A 527 3.00 69.63 72.45
N GLY A 528 3.42 70.89 72.41
CA GLY A 528 3.37 71.75 73.57
C GLY A 528 4.44 71.49 74.61
N ASN A 529 5.41 70.62 74.31
CA ASN A 529 6.46 70.33 75.30
C ASN A 529 7.43 71.50 75.43
N VAL A 530 7.84 72.08 74.31
CA VAL A 530 8.78 73.21 74.29
C VAL A 530 8.00 74.47 73.96
N ILE A 531 8.18 75.50 74.76
CA ILE A 531 7.45 76.75 74.63
C ILE A 531 8.45 77.87 74.44
N LEU A 532 8.15 78.78 73.51
CA LEU A 532 9.04 79.88 73.15
C LEU A 532 8.37 81.19 73.52
N PHE A 533 9.04 81.99 74.35
CA PHE A 533 8.55 83.29 74.77
C PHE A 533 9.47 84.36 74.22
N ILE A 534 8.90 85.45 73.73
CA ILE A 534 9.67 86.56 73.17
C ILE A 534 9.30 87.84 73.91
N LEU A 535 10.29 88.47 74.51
CA LEU A 535 10.14 89.78 75.12
C LEU A 535 10.35 90.88 74.08
N PRO A 536 9.84 92.09 74.33
CA PRO A 536 10.07 93.18 73.37
C PRO A 536 11.54 93.60 73.35
N SER A 537 12.19 93.37 72.22
CA SER A 537 13.62 93.65 72.07
C SER A 537 13.83 94.61 70.91
N LYS A 538 14.98 95.30 70.95
CA LYS A 538 15.33 96.21 69.87
C LYS A 538 15.58 95.43 68.59
N SER A 539 15.11 95.98 67.47
CA SER A 539 15.17 95.29 66.19
C SER A 539 16.61 95.16 65.72
N LEU A 540 16.84 94.18 64.84
CA LEU A 540 18.19 93.80 64.42
C LEU A 540 18.69 94.58 63.21
N GLU A 541 17.94 95.58 62.73
CA GLU A 541 18.44 96.41 61.64
C GLU A 541 19.65 97.23 62.08
N VAL A 542 19.60 97.78 63.29
CA VAL A 542 20.68 98.60 63.81
C VAL A 542 21.66 97.71 64.58
N ALA A 543 22.94 98.04 64.51
CA ALA A 543 23.96 97.23 65.14
C ALA A 543 23.86 97.33 66.66
N GLY A 544 24.48 96.36 67.33
CA GLY A 544 24.44 96.32 68.78
C GLY A 544 23.05 96.07 69.35
N SER A 545 22.27 95.21 68.70
CA SER A 545 20.92 94.91 69.12
C SER A 545 20.79 93.43 69.44
N PHE A 546 20.11 93.13 70.55
CA PHE A 546 19.94 91.76 71.00
C PHE A 546 18.45 91.47 71.13
N ILE A 547 18.04 90.26 70.74
CA ILE A 547 16.67 89.81 70.89
C ILE A 547 16.56 88.96 72.15
N ARG A 548 15.59 89.29 72.99
CA ARG A 548 15.42 88.63 74.28
C ARG A 548 14.31 87.60 74.19
N PHE A 549 14.58 86.40 74.71
CA PHE A 549 13.60 85.33 74.68
C PHE A 549 13.78 84.43 75.89
N ILE A 550 12.71 83.72 76.23
CA ILE A 550 12.69 82.77 77.34
C ILE A 550 12.10 81.48 76.81
N THR A 551 12.59 80.34 77.32
CA THR A 551 12.09 79.03 76.91
C THR A 551 11.65 78.22 78.11
N VAL A 552 10.58 77.45 77.93
CA VAL A 552 10.10 76.50 78.92
C VAL A 552 9.97 75.14 78.25
N PHE A 553 10.46 74.10 78.91
CA PHE A 553 10.50 72.77 78.33
C PHE A 553 10.26 71.74 79.43
N ARG A 554 10.03 70.50 79.02
CA ARG A 554 9.94 69.39 79.96
C ARG A 554 11.32 68.79 80.16
N ILE A 555 11.59 68.37 81.40
CA ILE A 555 12.90 67.81 81.74
C ILE A 555 13.05 66.45 81.08
N GLY A 556 14.18 66.25 80.41
CA GLY A 556 14.48 65.00 79.75
C GLY A 556 15.83 65.02 79.08
N PRO A 557 16.19 63.93 78.42
CA PRO A 557 17.45 63.91 77.68
C PRO A 557 17.50 64.99 76.62
N GLY A 558 18.68 65.57 76.44
CA GLY A 558 18.89 66.60 75.46
C GLY A 558 19.82 67.67 76.00
N LEU A 559 19.78 68.84 75.37
CA LEU A 559 20.61 69.98 75.78
C LEU A 559 19.99 70.61 77.01
N VAL A 560 20.22 69.97 78.16
CA VAL A 560 19.65 70.40 79.43
C VAL A 560 20.79 70.64 80.42
N ASP A 561 20.78 71.80 81.05
CA ASP A 561 21.72 72.13 82.12
C ASP A 561 20.93 72.64 83.32
N LYS A 562 20.86 71.81 84.36
CA LYS A 562 20.08 72.18 85.55
C LYS A 562 20.67 73.39 86.25
N ASP A 563 22.00 73.44 86.35
CA ASP A 563 22.65 74.53 87.08
C ASP A 563 22.38 75.88 86.43
N ASN A 564 22.45 75.94 85.10
CA ASN A 564 22.24 77.19 84.39
C ASN A 564 20.77 77.53 84.20
N LEU A 565 19.86 76.59 84.47
CA LEU A 565 18.44 76.88 84.38
C LEU A 565 18.04 77.86 85.48
N ASP A 566 17.07 78.73 85.17
CA ASP A 566 16.64 79.72 86.15
C ASP A 566 16.00 79.06 87.35
N THR A 567 15.02 78.18 87.12
CA THR A 567 14.38 77.44 88.21
C THR A 567 13.67 76.23 87.62
N ILE A 568 13.29 75.32 88.51
CA ILE A 568 12.55 74.11 88.16
C ILE A 568 11.20 74.13 88.85
N LEU A 569 10.16 73.84 88.10
CA LEU A 569 8.79 73.81 88.62
C LEU A 569 8.31 72.36 88.71
N ILE A 570 7.61 72.04 89.79
CA ILE A 570 7.16 70.68 90.05
C ILE A 570 5.69 70.58 89.65
N ASP A 571 5.38 69.69 88.73
CA ASP A 571 4.03 69.37 88.31
C ASP A 571 3.67 67.97 88.78
N GLY A 572 2.48 67.52 88.41
CA GLY A 572 2.06 66.17 88.76
C GLY A 572 2.88 65.11 88.03
N ASP A 573 3.77 64.46 88.78
CA ASP A 573 4.67 63.44 88.23
C ASP A 573 5.45 63.97 87.02
N SER A 574 5.83 65.24 87.09
CA SER A 574 6.55 65.87 86.00
C SER A 574 7.31 67.08 86.53
N GLN A 575 8.30 67.52 85.74
CA GLN A 575 9.13 68.66 86.09
C GLN A 575 9.19 69.60 84.90
N TRP A 576 8.99 70.89 85.15
CA TRP A 576 9.02 71.91 84.11
C TRP A 576 10.09 72.94 84.47
N GLY A 577 10.97 73.23 83.53
CA GLY A 577 12.07 74.15 83.75
C GLY A 577 11.95 75.38 82.86
N VAL A 578 12.45 76.50 83.36
CA VAL A 578 12.45 77.76 82.63
C VAL A 578 13.86 78.34 82.67
N SER A 579 14.30 78.90 81.55
CA SER A 579 15.60 79.54 81.47
C SER A 579 15.49 81.05 81.72
N LYS A 580 16.63 81.67 81.96
CA LYS A 580 16.68 83.10 82.21
C LYS A 580 16.47 83.88 80.92
N VAL A 581 16.50 85.21 81.03
CA VAL A 581 16.49 86.04 79.83
C VAL A 581 17.78 85.78 79.06
N MET A 582 17.65 85.62 77.74
CA MET A 582 18.73 85.10 76.92
C MET A 582 18.83 85.95 75.65
N SER A 583 19.67 86.98 75.69
CA SER A 583 19.81 87.91 74.59
C SER A 583 20.87 87.43 73.62
N ILE A 584 20.51 87.35 72.33
CA ILE A 584 21.40 86.83 71.31
C ILE A 584 21.48 87.85 70.18
N ASP A 585 22.60 87.79 69.45
CA ASP A 585 22.84 88.70 68.34
C ASP A 585 22.39 88.07 67.02
N LEU A 586 22.36 88.90 65.97
CA LEU A 586 21.94 88.42 64.66
C LEU A 586 22.88 87.36 64.11
N ASN A 587 24.19 87.58 64.24
CA ASN A 587 25.16 86.63 63.71
C ASN A 587 25.08 85.29 64.41
N ARG A 588 24.98 85.32 65.75
CA ARG A 588 24.88 84.07 66.49
C ARG A 588 23.55 83.38 66.25
N LEU A 589 22.48 84.16 66.05
CA LEU A 589 21.19 83.58 65.68
C LEU A 589 21.28 82.86 64.33
N LEU A 590 21.91 83.49 63.34
CA LEU A 590 22.07 82.84 62.04
C LEU A 590 22.94 81.60 62.16
N ALA A 591 23.97 81.65 63.00
CA ALA A 591 24.79 80.47 63.22
C ALA A 591 23.99 79.33 63.83
N LEU A 592 23.11 79.64 64.80
CA LEU A 592 22.26 78.61 65.38
C LEU A 592 21.26 78.05 64.37
N ASN A 593 20.75 78.91 63.47
CA ASN A 593 19.77 78.44 62.50
C ASN A 593 20.34 77.34 61.61
N ILE A 594 21.64 77.38 61.34
CA ILE A 594 22.30 76.39 60.51
C ILE A 594 23.17 75.45 61.35
N ALA A 595 22.87 75.32 62.64
CA ALA A 595 23.69 74.49 63.51
C ALA A 595 23.66 73.04 63.07
N PHE A 596 22.48 72.51 62.75
CA PHE A 596 22.37 71.12 62.35
C PHE A 596 23.09 70.87 61.04
N GLU A 597 22.94 71.77 60.06
CA GLU A 597 23.59 71.59 58.77
C GLU A 597 25.10 71.71 58.89
N LYS A 598 25.58 72.66 59.69
CA LYS A 598 27.02 72.78 59.92
C LYS A 598 27.57 71.52 60.60
N ALA A 599 26.84 71.01 61.60
CA ALA A 599 27.28 69.79 62.26
C ALA A 599 27.32 68.61 61.30
N LEU A 600 26.31 68.50 60.43
CA LEU A 600 26.27 67.42 59.46
C LEU A 600 27.43 67.53 58.46
N ILE A 601 27.73 68.73 58.00
CA ILE A 601 28.83 68.91 57.05
C ILE A 601 30.16 68.60 57.72
N ALA A 602 30.34 69.05 58.96
CA ALA A 602 31.57 68.74 59.68
C ALA A 602 31.72 67.24 59.90
N THR A 603 30.62 66.55 60.25
CA THR A 603 30.68 65.11 60.43
C THR A 603 30.96 64.39 59.11
N ALA A 604 30.42 64.89 58.00
CA ALA A 604 30.71 64.30 56.70
C ALA A 604 32.18 64.48 56.33
N THR A 605 32.75 65.66 56.61
CA THR A 605 34.17 65.89 56.38
C THR A 605 35.01 64.94 57.23
N TRP A 606 34.64 64.79 58.51
CA TRP A 606 35.36 63.87 59.38
C TRP A 606 35.23 62.43 58.89
N PHE A 607 34.06 62.06 58.40
CA PHE A 607 33.83 60.72 57.88
C PHE A 607 34.67 60.45 56.64
N GLN A 608 34.74 61.42 55.74
CA GLN A 608 35.59 61.27 54.56
C GLN A 608 37.06 61.16 54.95
N TYR A 609 37.50 61.99 55.89
CA TYR A 609 38.90 61.93 56.33
C TYR A 609 39.21 60.61 57.01
N TYR A 610 38.28 60.10 57.82
CA TYR A 610 38.47 58.79 58.44
C TYR A 610 38.57 57.70 57.39
N THR A 611 37.71 57.75 56.37
CA THR A 611 37.76 56.75 55.31
C THR A 611 39.08 56.82 54.56
N GLU A 612 39.56 58.03 54.28
CA GLU A 612 40.83 58.19 53.60
C GLU A 612 41.99 57.67 54.45
N ASP A 613 41.93 57.88 55.75
CA ASP A 613 43.04 57.50 56.62
C ASP A 613 43.06 56.00 56.87
N GLN A 614 41.99 55.48 57.49
CA GLN A 614 41.95 54.08 57.88
C GLN A 614 41.66 53.14 56.73
N GLY A 615 41.14 53.65 55.61
CA GLY A 615 40.84 52.81 54.46
C GLY A 615 39.56 52.01 54.58
N GLN A 616 38.81 52.17 55.66
CA GLN A 616 37.57 51.43 55.85
C GLN A 616 36.51 52.40 56.37
N PHE A 617 35.42 51.86 56.87
CA PHE A 617 34.32 52.71 57.26
C PHE A 617 34.23 52.82 58.78
N PRO A 618 33.78 53.95 59.31
CA PRO A 618 33.68 54.10 60.76
C PRO A 618 32.50 53.33 61.33
N LEU A 619 32.62 52.99 62.62
CA LEU A 619 31.53 52.38 63.35
C LEU A 619 30.45 53.42 63.63
N GLN A 620 29.27 52.93 64.03
CA GLN A 620 28.16 53.83 64.29
C GLN A 620 28.25 54.49 65.67
N TYR A 621 29.18 54.08 66.52
CA TYR A 621 29.39 54.78 67.78
C TYR A 621 30.28 56.00 67.61
N ALA A 622 31.37 55.86 66.85
CA ALA A 622 32.25 56.99 66.60
C ALA A 622 31.53 58.09 65.83
N ILE A 623 30.71 57.70 64.85
CA ILE A 623 29.96 58.69 64.09
C ILE A 623 29.02 59.46 65.01
N ARG A 624 28.32 58.76 65.90
CA ARG A 624 27.43 59.44 66.84
C ARG A 624 28.21 60.38 67.76
N SER A 625 29.36 59.92 68.25
CA SER A 625 30.14 60.76 69.16
C SER A 625 30.63 62.02 68.47
N VAL A 626 31.17 61.89 67.26
CA VAL A 626 31.69 63.06 66.56
C VAL A 626 30.55 63.99 66.15
N PHE A 627 29.39 63.43 65.78
CA PHE A 627 28.25 64.28 65.46
C PHE A 627 27.79 65.07 66.68
N ALA A 628 27.74 64.41 67.85
CA ALA A 628 27.36 65.11 69.07
C ALA A 628 28.36 66.21 69.40
N ASN A 629 29.66 65.91 69.26
CA ASN A 629 30.68 66.92 69.56
C ASN A 629 30.56 68.12 68.64
N HIS A 630 30.42 67.87 67.34
CA HIS A 630 30.29 68.97 66.38
C HIS A 630 29.01 69.76 66.62
N PHE A 631 27.92 69.08 66.94
CA PHE A 631 26.66 69.77 67.21
C PHE A 631 26.77 70.65 68.45
N LEU A 632 27.38 70.14 69.52
CA LEU A 632 27.53 70.94 70.72
C LEU A 632 28.46 72.12 70.48
N LEU A 633 29.49 71.94 69.66
CA LEU A 633 30.35 73.07 69.29
C LEU A 633 29.58 74.11 68.49
N ALA A 634 28.71 73.66 67.58
CA ALA A 634 27.96 74.60 66.76
C ALA A 634 26.93 75.37 67.59
N ILE A 635 26.28 74.71 68.54
CA ILE A 635 25.30 75.39 69.37
C ILE A 635 25.96 76.48 70.21
N CYS A 636 27.11 76.18 70.81
CA CYS A 636 27.78 77.10 71.71
C CYS A 636 28.92 77.79 70.97
N GLN A 637 28.64 79.00 70.48
CA GLN A 637 29.62 79.79 69.74
C GLN A 637 30.23 80.81 70.70
N LYS A 638 31.51 80.61 71.02
CA LYS A 638 32.23 81.52 71.90
C LYS A 638 33.63 81.76 71.36
N MET A 639 34.18 82.93 71.65
CA MET A 639 35.51 83.28 71.17
C MET A 639 36.58 82.44 71.86
N LYS A 640 36.37 82.08 73.13
CA LYS A 640 37.37 81.30 73.85
C LYS A 640 37.59 79.94 73.18
N LEU A 641 36.50 79.26 72.81
CA LEU A 641 36.63 77.96 72.15
C LEU A 641 37.30 78.10 70.80
N CYS A 642 36.96 79.16 70.06
CA CYS A 642 37.58 79.38 68.76
C CYS A 642 39.09 79.58 68.90
N ALA A 643 39.51 80.39 69.87
CA ALA A 643 40.93 80.61 70.09
C ALA A 643 41.62 79.32 70.53
N ILE A 644 40.96 78.54 71.39
CA ILE A 644 41.54 77.29 71.86
C ILE A 644 41.77 76.35 70.69
N PHE A 645 40.80 76.22 69.80
CA PHE A 645 40.97 75.34 68.65
C PHE A 645 41.99 75.88 67.65
N ASP A 646 42.05 77.21 67.49
CA ASP A 646 43.07 77.79 66.64
C ASP A 646 44.47 77.47 67.15
N ASN A 647 44.67 77.55 68.47
CA ASN A 647 45.95 77.15 69.03
C ASN A 647 46.20 75.65 68.84
N LEU A 648 45.19 74.83 69.14
CA LEU A 648 45.36 73.38 69.02
C LEU A 648 45.73 72.99 67.59
N ARG A 649 45.31 73.80 66.61
CA ARG A 649 45.73 73.56 65.23
C ARG A 649 47.24 73.57 65.08
N TYR A 650 47.95 74.32 65.94
CA TYR A 650 49.39 74.45 65.84
C TYR A 650 50.17 73.70 66.92
N LEU A 651 49.56 73.45 68.07
CA LEU A 651 50.28 72.71 69.12
C LEU A 651 50.58 71.28 68.72
N ILE A 652 49.70 70.63 67.94
CA ILE A 652 49.94 69.24 67.57
C ILE A 652 51.23 69.06 66.77
N PRO A 653 51.52 69.88 65.75
CA PRO A 653 52.86 69.84 65.17
C PRO A 653 53.97 70.07 66.19
N ALA A 654 53.73 70.95 67.17
CA ALA A 654 54.77 71.28 68.13
C ALA A 654 55.17 70.06 68.97
N VAL A 655 54.18 69.27 69.40
CA VAL A 655 54.49 68.06 70.17
C VAL A 655 54.81 66.87 69.30
N THR A 656 54.47 66.93 68.00
CA THR A 656 54.84 65.86 67.09
C THR A 656 56.32 65.91 66.71
N SER A 657 56.89 67.11 66.62
CA SER A 657 58.27 67.28 66.19
C SER A 657 59.22 66.98 67.35
N LEU A 658 60.50 67.25 67.15
CA LEU A 658 61.52 66.99 68.17
C LEU A 658 61.74 68.21 69.07
N TYR A 659 62.11 69.35 68.47
CA TYR A 659 62.26 70.61 69.19
C TYR A 659 61.23 71.59 68.66
N SER A 660 60.52 72.24 69.56
CA SER A 660 59.49 73.19 69.15
C SER A 660 59.21 74.16 70.30
N GLY A 661 58.54 75.25 69.97
CA GLY A 661 58.19 76.25 70.96
C GLY A 661 56.85 75.99 71.61
N PHE A 662 56.66 74.78 72.12
CA PHE A 662 55.39 74.43 72.74
C PHE A 662 55.02 75.26 73.97
N PRO A 663 55.93 75.60 74.89
CA PRO A 663 55.47 76.31 76.10
C PRO A 663 54.77 77.62 75.80
N SER A 664 55.28 78.39 74.84
CA SER A 664 54.62 79.65 74.49
C SER A 664 53.22 79.40 73.95
N LEU A 665 53.04 78.32 73.19
CA LEU A 665 51.70 77.92 72.80
C LEU A 665 50.83 77.56 74.00
N ILE A 666 51.43 77.02 75.06
CA ILE A 666 50.65 76.73 76.26
C ILE A 666 50.17 78.03 76.91
N GLU A 667 51.04 79.04 77.04
CA GLU A 667 50.54 80.32 77.54
C GLU A 667 49.51 80.92 76.59
N LYS A 668 49.63 80.68 75.28
CA LYS A 668 48.62 81.16 74.35
C LYS A 668 47.28 80.52 74.63
N LEU A 669 47.28 79.22 74.96
CA LEU A 669 46.05 78.57 75.41
C LEU A 669 45.51 79.23 76.68
N PHE A 670 46.41 79.54 77.61
CA PHE A 670 45.95 80.00 78.92
C PHE A 670 45.75 81.51 78.99
N GLU A 671 45.89 82.24 77.88
CA GLU A 671 45.79 83.70 77.95
C GLU A 671 44.40 84.17 78.35
N ARG A 672 43.34 83.44 77.92
CA ARG A 672 42.00 83.93 78.19
C ARG A 672 41.39 83.23 79.40
N PRO A 673 40.48 83.91 80.11
CA PRO A 673 39.85 83.29 81.27
C PRO A 673 38.85 82.22 80.87
N PHE A 674 38.49 81.39 81.85
CA PHE A 674 37.52 80.32 81.67
C PHE A 674 36.21 80.71 82.32
N LYS A 675 35.10 80.51 81.61
CA LYS A 675 33.78 80.90 82.08
C LYS A 675 32.80 79.75 82.18
N SER A 676 32.81 78.82 81.23
CA SER A 676 31.81 77.77 81.15
C SER A 676 32.47 76.40 81.37
N SER A 677 31.61 75.38 81.47
CA SER A 677 32.08 74.02 81.65
C SER A 677 32.61 73.41 80.37
N LEU A 678 32.13 73.86 79.21
CA LEU A 678 32.69 73.37 77.95
C LEU A 678 34.16 73.71 77.83
N GLU A 679 34.55 74.91 78.25
CA GLU A 679 35.96 75.29 78.17
C GLU A 679 36.81 74.38 79.05
N VAL A 680 36.34 74.06 80.24
CA VAL A 680 37.06 73.15 81.12
C VAL A 680 37.16 71.76 80.49
N TYR A 681 36.06 71.28 79.93
CA TYR A 681 36.05 69.96 79.30
C TYR A 681 37.03 69.89 78.14
N ILE A 682 37.01 70.91 77.28
CA ILE A 682 37.88 70.95 76.12
C ILE A 682 39.33 71.08 76.55
N TYR A 683 39.60 71.88 77.59
CA TYR A 683 40.97 71.97 78.09
C TYR A 683 41.45 70.64 78.62
N TYR A 684 40.59 69.91 79.35
CA TYR A 684 40.97 68.60 79.86
C TYR A 684 41.29 67.63 78.73
N ASN A 685 40.42 67.61 77.72
CA ASN A 685 40.65 66.71 76.58
C ASN A 685 41.94 67.08 75.84
N ILE A 686 42.19 68.37 75.66
CA ILE A 686 43.39 68.82 74.97
C ILE A 686 44.64 68.47 75.76
N LYS A 687 44.58 68.65 77.09
CA LYS A 687 45.72 68.29 77.93
C LYS A 687 46.01 66.80 77.82
N SER A 688 44.97 65.97 77.89
CA SER A 688 45.18 64.53 77.76
C SER A 688 45.78 64.18 76.41
N LEU A 689 45.25 64.76 75.34
CA LEU A 689 45.73 64.46 74.00
C LEU A 689 47.19 64.87 73.83
N LEU A 690 47.55 66.07 74.30
CA LEU A 690 48.91 66.56 74.14
C LEU A 690 49.90 65.74 74.97
N VAL A 691 49.52 65.39 76.20
CA VAL A 691 50.40 64.56 77.01
C VAL A 691 50.61 63.20 76.35
N ALA A 692 49.53 62.61 75.81
CA ALA A 692 49.67 61.33 75.12
C ALA A 692 50.59 61.44 73.91
N LEU A 693 50.41 62.50 73.11
CA LEU A 693 51.24 62.68 71.92
C LEU A 693 52.71 62.87 72.29
N ALA A 694 52.96 63.60 73.37
CA ALA A 694 54.34 63.80 73.81
C ALA A 694 54.95 62.52 74.36
N GLN A 695 54.17 61.73 75.11
CA GLN A 695 54.64 60.44 75.58
C GLN A 695 54.97 59.51 74.43
N ASN A 696 54.22 59.61 73.33
CA ASN A 696 54.48 58.73 72.19
C ASN A 696 55.87 58.94 71.60
N ASN A 697 56.43 60.15 71.74
CA ASN A 697 57.66 60.52 71.05
C ASN A 697 58.91 59.89 71.66
N LYS A 698 58.79 59.22 72.81
CA LYS A 698 59.93 58.68 73.55
C LYS A 698 60.94 57.94 72.66
N ALA A 699 60.49 56.91 71.95
CA ALA A 699 61.39 56.09 71.16
C ALA A 699 61.44 56.59 69.72
N ARG A 700 62.65 56.87 69.24
CA ARG A 700 62.87 57.31 67.86
C ARG A 700 63.90 56.38 67.23
N PHE A 701 63.43 55.47 66.39
CA PHE A 701 64.31 54.51 65.73
C PHE A 701 64.64 54.97 64.32
N TYR A 702 65.90 54.81 63.94
CA TYR A 702 66.35 55.13 62.59
C TYR A 702 66.01 53.97 61.66
N SER A 703 65.97 54.24 60.36
CA SER A 703 65.62 53.21 59.38
C SER A 703 66.19 53.56 58.01
N LYS A 704 65.73 52.85 56.97
CA LYS A 704 66.19 53.13 55.61
C LYS A 704 65.06 52.78 54.65
N VAL A 705 64.30 53.80 54.24
CA VAL A 705 63.19 53.64 53.30
C VAL A 705 63.29 54.71 52.23
N LYS A 706 62.56 54.51 51.14
CA LYS A 706 62.66 55.39 49.99
C LYS A 706 61.88 56.68 50.22
N LEU A 707 62.53 57.81 49.98
CA LEU A 707 61.89 59.12 49.91
C LEU A 707 62.28 59.77 48.60
N LEU A 708 61.28 60.21 47.83
CA LEU A 708 61.48 60.72 46.48
C LEU A 708 62.13 59.60 45.66
N GLY A 709 63.34 59.79 45.13
CA GLY A 709 64.03 58.75 44.39
C GLY A 709 65.23 58.14 45.07
N LEU A 710 65.50 58.49 46.33
CA LEU A 710 66.67 57.97 47.06
C LEU A 710 66.22 57.45 48.42
N THR A 711 66.70 56.27 48.78
CA THR A 711 66.43 55.73 50.10
C THR A 711 67.29 56.42 51.15
N VAL A 712 66.63 56.94 52.18
CA VAL A 712 67.33 57.70 53.22
C VAL A 712 66.83 57.30 54.60
N ASP A 713 67.47 57.84 55.63
CA ASP A 713 67.15 57.54 57.01
C ASP A 713 65.88 58.27 57.44
N GLN A 714 65.25 57.77 58.50
CA GLN A 714 64.09 58.43 59.09
C GLN A 714 64.07 58.23 60.60
N SER A 715 63.79 59.29 61.34
CA SER A 715 63.74 59.20 62.81
C SER A 715 62.32 58.97 63.29
N THR A 716 61.53 58.27 62.48
CA THR A 716 60.12 58.04 62.75
C THR A 716 59.90 57.45 64.13
N VAL A 717 58.94 58.02 64.86
CA VAL A 717 58.60 57.56 66.19
C VAL A 717 58.09 56.11 66.14
N GLY A 721 53.21 54.36 67.78
CA GLY A 721 53.15 54.83 66.41
C GLY A 721 51.74 55.23 65.98
N VAL A 722 50.81 55.21 66.92
CA VAL A 722 49.43 55.58 66.65
C VAL A 722 49.15 56.95 67.25
N TYR A 723 48.20 57.66 66.64
CA TYR A 723 47.82 58.99 67.07
C TYR A 723 46.41 58.97 67.64
N PRO A 724 46.23 59.25 68.93
CA PRO A 724 44.89 59.24 69.50
C PRO A 724 44.02 60.36 68.93
N SER A 725 42.72 60.09 68.86
CA SER A 725 41.76 61.06 68.34
C SER A 725 41.31 62.02 69.44
N PHE A 726 40.44 62.96 69.05
CA PHE A 726 39.94 63.96 69.96
C PHE A 726 38.47 63.76 70.32
N MET A 727 37.59 63.59 69.33
CA MET A 727 36.16 63.42 69.58
C MET A 727 35.72 61.98 69.67
N SER A 728 36.62 61.01 69.51
CA SER A 728 36.28 59.60 69.58
C SER A 728 37.48 58.82 70.07
N ARG A 729 37.27 57.53 70.33
CA ARG A 729 38.32 56.67 70.87
C ARG A 729 39.15 56.01 69.78
N ILE A 730 38.90 56.32 68.51
CA ILE A 730 39.64 55.74 67.40
C ILE A 730 41.09 56.20 67.45
N VAL A 731 41.96 55.52 66.71
CA VAL A 731 43.37 55.88 66.61
C VAL A 731 43.71 56.08 65.14
N TYR A 732 44.43 57.15 64.85
CA TYR A 732 44.74 57.52 63.47
C TYR A 732 46.10 56.96 63.06
N LYS A 733 46.27 56.79 61.75
CA LYS A 733 47.53 56.34 61.19
C LYS A 733 48.49 57.49 60.91
N HIS A 734 47.96 58.66 60.55
CA HIS A 734 48.77 59.84 60.30
C HIS A 734 48.19 61.01 61.09
N TYR A 735 49.07 61.85 61.66
CA TYR A 735 48.59 62.98 62.42
C TYR A 735 48.03 64.09 61.55
N ARG A 736 48.20 64.00 60.23
CA ARG A 736 47.50 64.92 59.34
C ARG A 736 46.00 64.77 59.50
N SER A 737 45.52 63.57 59.84
CA SER A 737 44.11 63.38 60.13
C SER A 737 43.71 64.11 61.40
N LEU A 738 44.55 64.09 62.43
CA LEU A 738 44.25 64.85 63.64
C LEU A 738 44.24 66.35 63.36
N ILE A 739 45.16 66.81 62.52
CA ILE A 739 45.17 68.22 62.12
C ILE A 739 43.89 68.56 61.38
N SER A 740 43.44 67.67 60.50
CA SER A 740 42.19 67.91 59.78
C SER A 740 40.99 67.93 60.74
N GLU A 741 41.02 67.07 61.76
CA GLU A 741 39.95 67.06 62.75
C GLU A 741 39.88 68.37 63.51
N VAL A 742 41.03 68.85 63.99
CA VAL A 742 41.06 70.12 64.72
C VAL A 742 40.69 71.27 63.80
N THR A 743 41.08 71.20 62.53
CA THR A 743 40.71 72.22 61.56
C THR A 743 39.20 72.25 61.35
N THR A 744 38.58 71.08 61.20
CA THR A 744 37.14 71.03 61.03
C THR A 744 36.41 71.57 62.24
N CYS A 745 36.90 71.25 63.43
CA CYS A 745 36.29 71.80 64.64
C CYS A 745 36.47 73.32 64.70
N PHE A 746 37.64 73.81 64.28
CA PHE A 746 37.89 75.24 64.33
C PHE A 746 37.01 76.02 63.36
N PHE A 747 36.77 75.45 62.17
CA PHE A 747 35.93 76.15 61.20
C PHE A 747 34.44 76.02 61.49
N LEU A 748 34.05 75.26 62.51
CA LEU A 748 32.65 75.24 62.93
C LEU A 748 32.23 76.53 63.59
N PHE A 749 33.17 77.41 63.91
CA PHE A 749 32.87 78.70 64.55
C PHE A 749 32.75 79.77 63.47
N GLU A 750 31.69 80.56 63.55
CA GLU A 750 31.33 81.46 62.46
C GLU A 750 32.42 82.50 62.22
N LYS A 751 32.69 82.74 60.93
CA LYS A 751 33.63 83.78 60.53
C LYS A 751 33.02 85.14 60.82
N GLY A 752 33.53 85.82 61.82
CA GLY A 752 32.96 87.09 62.25
C GLY A 752 33.03 87.24 63.75
N LEU A 753 33.17 86.12 64.45
CA LEU A 753 33.45 86.18 65.89
C LEU A 753 34.85 86.68 66.18
N HIS A 754 35.71 86.73 65.16
CA HIS A 754 37.06 87.25 65.27
C HIS A 754 37.10 88.77 65.25
N GLY A 755 35.96 89.43 65.12
CA GLY A 755 35.89 90.87 65.11
C GLY A 755 35.34 91.43 66.40
N ASN A 756 35.43 90.64 67.48
CA ASN A 756 34.93 91.06 68.77
C ASN A 756 35.79 92.19 69.33
N MET A 757 35.34 92.78 70.44
CA MET A 757 36.06 93.92 71.03
C MET A 757 37.44 93.51 71.50
N ASN A 758 37.57 92.31 72.07
CA ASN A 758 38.85 91.87 72.62
C ASN A 758 39.93 91.82 71.54
N GLU A 759 39.59 91.26 70.37
CA GLU A 759 40.59 91.14 69.31
C GLU A 759 41.01 92.50 68.78
N GLU A 760 40.05 93.41 68.59
CA GLU A 760 40.37 94.74 68.09
C GLU A 760 41.25 95.48 69.09
N ALA A 761 40.91 95.40 70.38
CA ALA A 761 41.74 96.02 71.41
C ALA A 761 43.14 95.41 71.40
N LYS A 762 43.23 94.09 71.24
CA LYS A 762 44.53 93.43 71.25
C LYS A 762 45.40 93.89 70.09
N ILE A 763 44.82 93.98 68.89
CA ILE A 763 45.63 94.37 67.74
C ILE A 763 46.03 95.84 67.82
N HIS A 764 45.11 96.70 68.28
CA HIS A 764 45.46 98.11 68.50
C HIS A 764 46.61 98.23 69.50
N LEU A 765 46.50 97.50 70.63
CA LEU A 765 47.52 97.57 71.66
C LEU A 765 48.85 97.02 71.17
N GLU A 766 48.83 95.94 70.37
CA GLU A 766 50.07 95.40 69.83
C GLU A 766 50.76 96.42 68.93
N THR A 767 50.00 97.05 68.03
CA THR A 767 50.60 98.05 67.14
C THR A 767 51.17 99.21 67.93
N VAL A 768 50.42 99.70 68.93
CA VAL A 768 50.89 100.83 69.71
C VAL A 768 52.11 100.46 70.54
N GLU A 769 52.13 99.26 71.12
CA GLU A 769 53.27 98.85 71.92
C GLU A 769 54.53 98.71 71.08
N TRP A 770 54.40 98.15 69.88
CA TRP A 770 55.56 98.06 69.00
C TRP A 770 56.02 99.44 68.55
N ALA A 771 55.09 100.35 68.30
CA ALA A 771 55.47 101.72 67.96
C ALA A 771 56.20 102.40 69.12
N LEU A 772 55.74 102.17 70.35
CA LEU A 772 56.44 102.72 71.51
C LEU A 772 57.83 102.14 71.67
N LYS A 773 57.98 100.83 71.42
CA LYS A 773 59.31 100.22 71.47
C LYS A 773 60.22 100.82 70.41
N PHE A 774 59.67 101.04 69.20
CA PHE A 774 60.44 101.69 68.15
C PHE A 774 60.87 103.09 68.56
N ARG A 775 59.97 103.85 69.17
CA ARG A 775 60.30 105.20 69.61
C ARG A 775 61.37 105.18 70.70
N GLU A 776 61.28 104.22 71.62
CA GLU A 776 62.29 104.11 72.67
C GLU A 776 63.66 103.80 72.09
N LYS A 777 63.72 102.86 71.14
CA LYS A 777 64.99 102.55 70.49
C LYS A 777 65.51 103.76 69.73
N GLU A 778 64.62 104.48 69.05
CA GLU A 778 65.02 105.65 68.27
C GLU A 778 65.59 106.74 69.16
N GLU A 779 64.97 106.99 70.30
CA GLU A 779 65.46 108.04 71.18
C GLU A 779 66.72 107.60 71.93
N LYS A 780 66.87 106.31 72.20
CA LYS A 780 68.06 105.83 72.88
C LYS A 780 69.28 105.83 71.97
N TYR A 781 69.10 105.43 70.70
CA TYR A 781 70.22 105.26 69.78
C TYR A 781 70.28 106.30 68.69
N GLY A 782 69.36 107.26 68.67
CA GLY A 782 69.41 108.29 67.64
C GLY A 782 68.48 108.00 66.48
N GLU A 783 67.98 109.09 65.88
CA GLU A 783 67.01 108.96 64.79
C GLU A 783 67.65 108.34 63.56
N SER A 784 68.79 108.87 63.13
CA SER A 784 69.41 108.42 61.89
C SER A 784 69.94 107.00 62.01
N LEU A 785 70.33 106.58 63.22
CA LEU A 785 70.87 105.25 63.41
C LEU A 785 69.82 104.19 63.07
N VAL A 786 68.60 104.37 63.57
CA VAL A 786 67.51 103.46 63.23
C VAL A 786 67.04 103.69 61.80
N GLU A 787 67.03 104.95 61.36
CA GLU A 787 66.60 105.32 60.02
C GLU A 787 67.39 104.59 58.94
N ASN A 788 68.68 104.86 58.86
CA ASN A 788 69.53 104.35 57.79
C ASN A 788 70.23 103.05 58.16
N GLY A 789 69.95 102.48 59.32
CA GLY A 789 70.64 101.29 59.78
C GLY A 789 71.92 101.63 60.52
N TYR A 790 72.51 100.60 61.11
CA TYR A 790 73.70 100.77 61.92
C TYR A 790 74.91 100.15 61.23
N MET A 791 76.05 100.82 61.32
CA MET A 791 77.28 100.28 60.79
C MET A 791 77.74 99.10 61.64
N MET A 792 78.75 98.39 61.16
CA MET A 792 79.11 97.14 61.79
C MET A 792 80.12 97.30 62.94
N TRP A 793 80.98 98.31 62.87
CA TRP A 793 81.94 98.52 63.95
C TRP A 793 81.23 98.89 65.25
N GLU A 794 80.20 99.74 65.18
CA GLU A 794 79.41 100.04 66.37
C GLU A 794 78.62 98.82 66.84
N LEU A 795 78.22 97.94 65.91
CA LEU A 795 77.59 96.69 66.31
C LEU A 795 78.54 95.83 67.13
N ARG A 796 79.80 95.72 66.69
CA ARG A 796 80.76 94.91 67.42
C ARG A 796 81.24 95.58 68.71
N ALA A 797 81.18 96.90 68.78
CA ALA A 797 81.50 97.61 70.02
C ALA A 797 80.34 97.68 70.99
N ASN A 798 79.12 97.36 70.54
CA ASN A 798 77.94 97.36 71.41
C ASN A 798 77.43 95.96 71.70
N ALA A 799 77.34 95.11 70.69
CA ALA A 799 76.88 93.72 70.76
C ALA A 799 75.41 93.60 71.13
N GLU A 800 74.72 94.73 71.37
CA GLU A 800 73.30 94.71 71.66
C GLU A 800 72.46 95.18 70.48
N LEU A 801 73.06 95.87 69.51
CA LEU A 801 72.32 96.40 68.37
C LEU A 801 71.64 95.31 67.56
N ALA A 802 72.11 94.07 67.66
CA ALA A 802 71.48 92.98 66.95
C ALA A 802 70.14 92.62 67.59
N GLU A 803 69.06 93.22 67.10
CA GLU A 803 67.74 92.95 67.62
C GLU A 803 66.73 93.23 66.52
N GLN A 804 65.46 93.03 66.85
CA GLN A 804 64.38 93.36 65.93
C GLN A 804 64.24 94.88 65.82
N GLN A 805 63.65 95.32 64.70
CA GLN A 805 63.46 96.74 64.38
C GLN A 805 64.78 97.47 64.19
N LEU A 806 65.87 96.74 63.95
CA LEU A 806 67.17 97.34 63.71
C LEU A 806 67.94 96.47 62.73
N TYR A 807 68.61 97.09 61.77
CA TYR A 807 69.28 96.36 60.71
C TYR A 807 70.66 96.93 60.46
N CYS A 808 71.56 96.08 59.95
CA CYS A 808 72.93 96.44 59.67
C CYS A 808 73.11 96.70 58.18
N GLN A 809 73.63 97.88 57.84
CA GLN A 809 73.79 98.24 56.43
C GLN A 809 74.74 97.28 55.72
N ASP A 810 75.81 96.87 56.40
CA ASP A 810 76.75 95.92 55.81
C ASP A 810 76.06 94.60 55.52
N ALA A 811 75.16 94.15 56.41
CA ALA A 811 74.43 92.92 56.17
C ALA A 811 73.54 93.04 54.93
N ILE A 812 72.88 94.17 54.76
CA ILE A 812 72.04 94.38 53.58
C ILE A 812 72.89 94.39 52.32
N GLU A 813 74.03 95.07 52.37
CA GLU A 813 74.98 95.06 51.25
C GLU A 813 75.38 93.64 50.88
N LEU A 814 75.81 92.85 51.87
CA LEU A 814 76.29 91.51 51.59
C LEU A 814 75.18 90.61 51.07
N ALA A 815 73.98 90.73 51.63
CA ALA A 815 72.86 89.94 51.13
C ALA A 815 72.52 90.30 49.69
N ALA A 816 72.56 91.60 49.36
CA ALA A 816 72.34 92.03 47.99
C ALA A 816 73.40 91.46 47.06
N ILE A 817 74.65 91.43 47.51
CA ILE A 817 75.73 90.88 46.69
C ILE A 817 75.52 89.39 46.44
N GLU A 818 75.15 88.64 47.50
CA GLU A 818 74.92 87.21 47.32
C GLU A 818 73.75 86.95 46.39
N LEU A 819 72.67 87.73 46.51
CA LEU A 819 71.55 87.57 45.58
C LEU A 819 71.97 87.93 44.15
N ASN A 820 72.78 88.98 44.00
CA ASN A 820 73.26 89.36 42.68
C ASN A 820 74.13 88.28 42.08
N LYS A 821 74.82 87.50 42.91
CA LYS A 821 75.66 86.41 42.41
C LYS A 821 74.85 85.40 41.61
N VAL A 822 73.54 85.32 41.83
CA VAL A 822 72.67 84.45 41.05
C VAL A 822 71.94 85.27 39.99
N LEU A 823 71.55 86.49 40.36
CA LEU A 823 70.74 87.30 39.47
C LEU A 823 71.51 87.85 38.26
N ALA A 824 72.84 87.90 38.33
CA ALA A 824 73.61 88.50 37.25
C ALA A 824 73.61 87.66 35.98
N THR A 825 73.33 86.37 36.10
CA THR A 825 73.28 85.48 34.94
C THR A 825 71.94 85.51 34.23
N LYS A 826 70.98 86.27 34.74
CA LYS A 826 69.63 86.35 34.19
C LYS A 826 69.22 87.80 33.96
N SER A 827 70.19 88.64 33.56
CA SER A 827 69.93 90.07 33.45
C SER A 827 68.87 90.37 32.39
N SER A 828 68.95 89.70 31.24
CA SER A 828 68.02 89.97 30.15
C SER A 828 66.59 89.64 30.56
N VAL A 829 66.38 88.46 31.15
CA VAL A 829 65.03 88.06 31.53
C VAL A 829 64.53 88.91 32.70
N VAL A 830 65.42 89.32 33.60
CA VAL A 830 65.00 90.21 34.69
C VAL A 830 64.54 91.55 34.14
N ALA A 831 65.29 92.11 33.19
CA ALA A 831 64.90 93.37 32.57
C ALA A 831 63.57 93.22 31.83
N ASN A 832 63.39 92.12 31.11
CA ASN A 832 62.13 91.90 30.40
C ASN A 832 60.97 91.79 31.37
N SER A 833 61.15 91.06 32.48
CA SER A 833 60.08 90.92 33.46
C SER A 833 59.74 92.25 34.10
N ILE A 834 60.76 93.07 34.42
CA ILE A 834 60.48 94.37 35.03
C ILE A 834 59.76 95.27 34.06
N LEU A 835 60.18 95.28 32.79
CA LEU A 835 59.53 96.13 31.80
C LEU A 835 58.15 95.64 31.41
N SER A 836 57.86 94.35 31.61
CA SER A 836 56.56 93.80 31.24
C SER A 836 55.49 94.10 32.28
N LYS A 837 55.83 94.74 33.40
CA LYS A 837 54.84 95.10 34.39
C LYS A 837 53.93 96.21 33.92
N ASN A 838 54.23 96.84 32.78
CA ASN A 838 53.37 97.83 32.15
C ASN A 838 53.14 99.03 33.07
N TRP A 839 54.23 99.74 33.35
CA TRP A 839 54.18 100.92 34.20
C TRP A 839 53.51 102.11 33.52
N GLU A 840 53.23 102.04 32.22
CA GLU A 840 52.70 103.17 31.48
C GLU A 840 51.18 103.14 31.32
N GLU A 841 50.51 102.05 31.69
CA GLU A 841 49.07 102.00 31.56
C GLU A 841 48.40 102.87 32.62
N PRO A 842 47.18 103.34 32.36
CA PRO A 842 46.46 104.12 33.38
C PRO A 842 46.26 103.32 34.65
N TYR A 843 46.35 104.01 35.78
CA TYR A 843 46.33 103.34 37.08
C TYR A 843 44.96 102.73 37.37
N PHE A 844 43.89 103.43 37.04
CA PHE A 844 42.55 103.02 37.42
C PHE A 844 41.86 102.16 36.37
N SER A 845 42.53 101.87 35.27
CA SER A 845 41.95 100.97 34.26
C SER A 845 42.14 99.51 34.59
N GLN A 846 43.03 99.17 35.52
CA GLN A 846 43.24 97.78 35.90
C GLN A 846 42.17 97.34 36.90
N THR A 847 41.93 96.02 36.92
CA THR A 847 40.91 95.47 37.81
C THR A 847 41.32 95.61 39.27
N ARG A 848 42.62 95.46 39.57
CA ARG A 848 43.06 95.42 40.96
C ARG A 848 42.87 96.76 41.68
N ASN A 849 42.72 97.86 40.94
CA ASN A 849 42.57 99.17 41.56
C ASN A 849 41.12 99.66 41.58
N ILE A 850 40.18 98.84 41.11
CA ILE A 850 38.76 99.20 41.16
C ILE A 850 37.99 98.06 41.79
N SER A 851 38.67 97.25 42.60
CA SER A 851 38.05 96.10 43.24
C SER A 851 37.29 96.55 44.48
N LEU A 852 36.77 95.59 45.24
CA LEU A 852 35.99 95.87 46.43
C LEU A 852 36.82 95.76 47.71
N LYS A 853 38.14 95.65 47.58
CA LYS A 853 39.00 95.57 48.75
C LYS A 853 38.92 96.86 49.55
N GLY A 854 38.96 96.73 50.88
CA GLY A 854 38.82 97.90 51.73
C GLY A 854 39.99 98.85 51.58
N MET A 855 39.72 100.13 51.84
CA MET A 855 40.73 101.18 51.74
C MET A 855 40.29 102.34 52.61
N SER A 856 41.25 102.91 53.35
CA SER A 856 40.95 104.06 54.18
C SER A 856 40.56 105.25 53.33
N GLY A 857 39.59 106.02 53.81
CA GLY A 857 39.15 107.21 53.11
C GLY A 857 39.93 108.44 53.53
N GLN A 858 39.23 109.55 53.70
CA GLN A 858 39.84 110.81 54.12
C GLN A 858 39.47 111.09 55.57
N VAL A 859 40.21 112.03 56.17
CA VAL A 859 39.98 112.39 57.57
C VAL A 859 38.68 113.17 57.65
N GLN A 860 37.74 112.68 58.46
CA GLN A 860 36.45 113.33 58.61
C GLN A 860 36.56 114.49 59.59
N GLU A 861 35.43 115.17 59.80
CA GLU A 861 35.43 116.34 60.68
C GLU A 861 35.75 115.96 62.13
N ASP A 862 35.23 114.82 62.59
CA ASP A 862 35.47 114.41 63.96
C ASP A 862 36.91 113.99 64.21
N GLY A 863 37.71 113.83 63.16
CA GLY A 863 39.09 113.44 63.31
C GLY A 863 39.38 111.95 63.19
N HIS A 864 38.40 111.16 62.75
CA HIS A 864 38.56 109.72 62.60
C HIS A 864 38.65 109.37 61.12
N LEU A 865 39.64 108.56 60.75
CA LEU A 865 39.76 108.11 59.38
C LEU A 865 38.56 107.26 58.99
N SER A 866 38.10 107.42 57.76
CA SER A 866 36.88 106.77 57.31
C SER A 866 37.21 105.47 56.59
N SER A 867 36.53 104.40 56.99
CA SER A 867 36.65 103.13 56.30
C SER A 867 35.87 103.19 55.00
N SER A 868 36.52 102.83 53.90
CA SER A 868 35.92 102.96 52.58
C SER A 868 36.37 101.77 51.74
N VAL A 869 36.14 101.86 50.43
CA VAL A 869 36.42 100.78 49.50
C VAL A 869 37.29 101.33 48.38
N THR A 870 38.00 100.42 47.71
CA THR A 870 38.92 100.82 46.64
C THR A 870 38.18 101.51 45.51
N ILE A 871 37.01 101.00 45.13
CA ILE A 871 36.27 101.59 44.01
C ILE A 871 35.80 102.99 44.36
N ILE A 872 35.38 103.21 45.61
CA ILE A 872 34.91 104.54 46.02
C ILE A 872 36.06 105.54 46.00
N GLU A 873 37.23 105.14 46.48
CA GLU A 873 38.38 106.03 46.47
C GLU A 873 38.83 106.33 45.04
N ALA A 874 38.77 105.31 44.16
CA ALA A 874 39.08 105.54 42.76
C ALA A 874 38.13 106.55 42.14
N ILE A 875 36.83 106.43 42.44
CA ILE A 875 35.84 107.37 41.92
C ILE A 875 36.13 108.77 42.46
N ARG A 876 36.48 108.86 43.75
CA ARG A 876 36.78 110.17 44.33
C ARG A 876 37.95 110.83 43.63
N TYR A 877 39.04 110.08 43.41
CA TYR A 877 40.20 110.65 42.74
C TYR A 877 39.87 111.03 41.31
N LEU A 878 39.11 110.18 40.60
CA LEU A 878 38.74 110.50 39.23
C LEU A 878 37.88 111.76 39.16
N SER A 879 36.98 111.92 40.13
CA SER A 879 36.15 113.12 40.18
C SER A 879 36.99 114.37 40.44
N ASN A 880 37.93 114.29 41.39
CA ASN A 880 38.75 115.45 41.71
C ASN A 880 39.75 115.75 40.60
N SER A 881 40.34 114.72 40.00
CA SER A 881 41.37 114.92 39.00
C SER A 881 40.75 115.27 37.65
N ARG A 882 41.63 115.60 36.70
CA ARG A 882 41.23 115.96 35.35
C ARG A 882 41.64 114.92 34.32
N HIS A 883 42.32 113.86 34.73
CA HIS A 883 42.77 112.82 33.81
C HIS A 883 42.99 111.55 34.61
N ASN A 884 43.14 110.44 33.89
CA ASN A 884 43.44 109.15 34.49
C ASN A 884 44.95 108.92 34.47
N PRO A 885 45.64 109.17 35.57
CA PRO A 885 47.10 109.07 35.57
C PRO A 885 47.57 107.63 35.63
N SER A 886 48.84 107.45 35.28
CA SER A 886 49.47 106.14 35.37
C SER A 886 49.95 105.90 36.80
N LEU A 887 50.61 104.76 37.00
CA LEU A 887 51.14 104.44 38.33
C LEU A 887 52.21 105.45 38.75
N LEU A 888 53.18 105.70 37.87
CA LEU A 888 54.23 106.66 38.18
C LEU A 888 53.66 108.06 38.35
N LYS A 889 52.75 108.46 37.46
CA LYS A 889 52.15 109.79 37.56
C LYS A 889 51.35 109.94 38.84
N LEU A 890 50.59 108.91 39.22
CA LEU A 890 49.83 108.97 40.46
C LEU A 890 50.77 109.06 41.67
N TYR A 891 51.86 108.30 41.66
CA TYR A 891 52.82 108.41 42.75
C TYR A 891 53.42 109.81 42.83
N GLU A 892 53.76 110.38 41.68
CA GLU A 892 54.35 111.72 41.66
C GLU A 892 53.36 112.76 42.18
N GLU A 893 52.09 112.64 41.80
CA GLU A 893 51.08 113.60 42.24
C GLU A 893 50.88 113.54 43.75
N THR A 894 50.84 112.33 44.31
CA THR A 894 50.55 112.13 45.72
C THR A 894 51.81 111.80 46.53
N ARG A 895 52.97 112.23 46.04
CA ARG A 895 54.22 111.94 46.75
C ARG A 895 54.25 112.63 48.11
N GLU A 896 53.79 113.89 48.18
CA GLU A 896 53.82 114.64 49.41
C GLU A 896 52.73 114.22 50.40
N GLN A 897 51.76 113.42 49.97
CA GLN A 897 50.69 113.00 50.86
C GLN A 897 51.21 112.04 51.90
N LYS A 898 50.85 112.28 53.16
CA LYS A 898 51.29 111.44 54.26
C LYS A 898 50.53 110.11 54.25
N ALA A 899 51.24 109.03 54.54
CA ALA A 899 50.62 107.72 54.61
C ALA A 899 49.78 107.60 55.87
N MET A 900 48.57 107.04 55.73
CA MET A 900 47.65 106.85 56.85
C MET A 900 47.12 105.42 56.81
N ALA A 901 46.76 104.91 57.99
CA ALA A 901 46.27 103.55 58.11
C ALA A 901 45.23 103.49 59.21
N ARG A 902 44.41 102.43 59.15
CA ARG A 902 43.30 102.25 60.07
C ARG A 902 42.95 100.76 60.12
N ILE A 903 42.25 100.38 61.18
CA ILE A 903 41.77 99.01 61.36
C ILE A 903 40.31 98.97 60.89
N VAL A 904 39.96 97.89 60.16
CA VAL A 904 38.65 97.82 59.54
C VAL A 904 37.54 97.95 60.57
N ARG A 905 36.42 98.52 60.15
CA ARG A 905 35.25 98.63 61.02
C ARG A 905 34.60 97.27 61.20
N LYS A 906 34.16 96.68 60.10
CA LYS A 906 33.63 95.32 60.09
C LYS A 906 34.66 94.41 59.43
N TYR A 907 35.02 93.32 60.12
CA TYR A 907 36.09 92.46 59.65
C TYR A 907 35.72 91.76 58.36
N GLN A 908 36.74 91.45 57.56
CA GLN A 908 36.58 90.77 56.27
C GLN A 908 35.70 91.58 55.33
N ARG A 909 34.41 91.25 55.28
CA ARG A 909 33.38 91.86 54.44
C ARG A 909 33.54 91.51 52.96
N THR A 910 34.59 90.79 52.58
CA THR A 910 34.80 90.42 51.19
C THR A 910 35.67 89.17 51.14
N GLU A 911 35.40 88.32 50.16
CA GLU A 911 36.22 87.12 49.96
C GLU A 911 37.65 87.46 49.61
N ALA A 912 37.89 88.62 49.00
CA ALA A 912 39.24 89.06 48.65
C ALA A 912 39.86 89.96 49.72
N ASP A 913 39.17 90.21 50.82
CA ASP A 913 39.68 91.05 51.90
C ASP A 913 40.44 90.17 52.89
N ARG A 914 41.77 90.26 52.85
CA ARG A 914 42.63 89.51 53.77
C ARG A 914 43.47 90.50 54.57
N GLY A 915 43.45 90.35 55.88
CA GLY A 915 44.20 91.21 56.78
C GLY A 915 43.28 91.92 57.75
N PHE A 916 43.86 92.88 58.48
CA PHE A 916 43.14 93.64 59.49
C PHE A 916 43.40 95.13 59.40
N PHE A 917 44.14 95.58 58.40
CA PHE A 917 44.49 96.99 58.25
C PHE A 917 44.09 97.47 56.86
N ILE A 918 43.70 98.74 56.78
CA ILE A 918 43.40 99.41 55.52
C ILE A 918 44.15 100.72 55.47
N THR A 919 44.81 101.00 54.35
CA THR A 919 45.59 102.20 54.16
C THR A 919 44.89 103.14 53.18
N THR A 920 45.56 104.24 52.85
CA THR A 920 45.02 105.24 51.95
C THR A 920 45.51 104.99 50.52
N LEU A 921 44.99 105.79 49.59
CA LEU A 921 45.33 105.61 48.18
C LEU A 921 46.81 105.80 47.88
N PRO A 922 47.48 106.88 48.33
CA PRO A 922 48.92 106.99 48.04
C PRO A 922 49.73 105.84 48.62
N THR A 923 49.35 105.37 49.81
CA THR A 923 50.04 104.22 50.39
C THR A 923 49.86 102.99 49.53
N ARG A 924 48.63 102.77 49.04
CA ARG A 924 48.39 101.64 48.15
C ARG A 924 49.21 101.77 46.87
N CYS A 925 49.34 102.98 46.33
CA CYS A 925 50.12 103.18 45.12
C CYS A 925 51.59 102.85 45.34
N ARG A 926 52.16 103.32 46.46
CA ARG A 926 53.56 103.05 46.73
C ARG A 926 53.82 101.57 46.97
N LEU A 927 52.95 100.92 47.76
CA LEU A 927 53.10 99.49 47.99
C LEU A 927 52.93 98.71 46.69
N GLU A 928 52.05 99.17 45.80
CA GLU A 928 51.88 98.51 44.51
C GLU A 928 53.14 98.64 43.66
N ILE A 929 53.77 99.83 43.68
CA ILE A 929 55.03 100.00 42.94
C ILE A 929 56.08 99.02 43.45
N ILE A 930 56.27 98.99 44.77
CA ILE A 930 57.30 98.13 45.34
C ILE A 930 56.98 96.66 45.06
N GLU A 931 55.73 96.27 45.25
CA GLU A 931 55.33 94.89 45.05
C GLU A 931 55.50 94.46 43.60
N ASP A 932 55.11 95.31 42.66
CA ASP A 932 55.26 94.97 41.25
C ASP A 932 56.73 94.82 40.87
N TYR A 933 57.57 95.76 41.31
CA TYR A 933 58.98 95.68 40.99
C TYR A 933 59.60 94.40 41.56
N TYR A 934 59.28 94.09 42.82
CA TYR A 934 59.90 92.93 43.44
C TYR A 934 59.34 91.62 42.90
N ASP A 935 58.05 91.58 42.55
CA ASP A 935 57.50 90.39 41.91
C ASP A 935 58.17 90.16 40.57
N ALA A 936 58.39 91.23 39.79
CA ALA A 936 59.07 91.08 38.51
C ALA A 936 60.49 90.59 38.70
N ILE A 937 61.21 91.13 39.68
CA ILE A 937 62.60 90.72 39.89
C ILE A 937 62.72 89.35 40.57
N ALA A 938 61.63 88.85 41.16
CA ALA A 938 61.68 87.59 41.88
C ALA A 938 61.09 86.41 41.12
N LYS A 939 60.19 86.65 40.16
CA LYS A 939 59.55 85.54 39.47
C LYS A 939 60.54 84.75 38.63
N ASN A 940 61.69 85.33 38.27
CA ASN A 940 62.65 84.65 37.42
C ASN A 940 63.43 83.56 38.17
N ILE A 941 63.68 83.76 39.46
CA ILE A 941 64.43 82.78 40.24
C ILE A 941 63.47 81.85 40.96
N SER A 942 62.20 81.86 40.53
CA SER A 942 61.19 81.03 41.16
C SER A 942 61.40 79.54 40.91
N GLU A 943 62.28 79.17 39.98
CA GLU A 943 62.52 77.77 39.70
C GLU A 943 63.41 77.11 40.74
N GLU A 944 64.11 77.88 41.56
CA GLU A 944 65.05 77.28 42.49
C GLU A 944 64.81 77.68 43.94
N TYR A 945 64.49 78.94 44.20
CA TYR A 945 64.48 79.47 45.57
C TYR A 945 63.09 79.83 46.06
N ILE A 946 62.36 80.67 45.32
CA ILE A 946 61.02 81.08 45.72
C ILE A 946 60.02 80.10 45.15
N SER A 947 59.19 79.53 46.02
CA SER A 947 58.19 78.55 45.62
C SER A 947 56.90 79.30 45.28
N TYR A 948 56.72 79.61 44.00
CA TYR A 948 55.54 80.32 43.54
C TYR A 948 54.35 79.36 43.48
N GLY A 949 53.31 79.65 44.25
CA GLY A 949 52.19 78.75 44.35
C GLY A 949 51.39 78.66 43.07
N GLY A 950 50.58 77.62 42.99
CA GLY A 950 49.69 77.40 41.86
C GLY A 950 50.19 76.52 40.73
N GLU A 951 51.36 76.84 40.19
CA GLU A 951 51.89 76.13 39.03
C GLU A 951 53.22 75.44 39.27
N LYS A 952 54.17 76.11 39.94
CA LYS A 952 55.51 75.58 40.13
C LYS A 952 55.92 75.63 41.59
N LYS A 953 54.96 75.55 42.50
CA LYS A 953 55.28 75.63 43.93
C LYS A 953 56.11 74.44 44.37
N ILE A 954 55.80 73.24 43.87
CA ILE A 954 56.44 72.03 44.36
C ILE A 954 57.85 71.87 43.81
N LEU A 955 58.17 72.53 42.70
CA LEU A 955 59.40 72.21 41.97
C LEU A 955 60.64 72.61 42.77
N ALA A 956 60.66 73.83 43.31
CA ALA A 956 61.84 74.30 44.04
C ALA A 956 62.09 73.47 45.30
N ILE A 957 61.03 73.18 46.04
CA ILE A 957 61.18 72.39 47.26
C ILE A 957 61.58 70.96 46.92
N GLN A 958 61.06 70.42 45.82
CA GLN A 958 61.46 69.08 45.40
C GLN A 958 62.93 69.03 45.04
N GLY A 959 63.41 70.06 44.32
CA GLY A 959 64.82 70.12 44.01
C GLY A 959 65.69 70.24 45.26
N ALA A 960 65.27 71.07 46.20
CA ALA A 960 66.02 71.21 47.45
C ALA A 960 66.07 69.90 48.21
N LEU A 961 64.94 69.19 48.29
CA LEU A 961 64.91 67.92 48.99
C LEU A 961 65.77 66.87 48.28
N GLU A 962 65.75 66.87 46.94
CA GLU A 962 66.58 65.94 46.20
C GLU A 962 68.05 66.22 46.45
N LYS A 963 68.46 67.49 46.44
CA LYS A 963 69.84 67.83 46.75
C LYS A 963 70.22 67.40 48.16
N ALA A 964 69.31 67.62 49.12
CA ALA A 964 69.59 67.23 50.50
C ALA A 964 69.77 65.73 50.62
N LEU A 965 68.88 64.94 49.99
CA LEU A 965 68.98 63.50 50.09
C LEU A 965 70.23 62.98 49.38
N ARG A 966 70.59 63.60 48.26
CA ARG A 966 71.81 63.22 47.56
C ARG A 966 73.03 63.49 48.44
N TRP A 967 73.07 64.64 49.11
CA TRP A 967 74.18 64.93 50.00
C TRP A 967 74.21 63.96 51.18
N ALA A 968 73.04 63.61 51.71
CA ALA A 968 72.99 62.68 52.84
C ALA A 968 73.44 61.29 52.42
N SER A 969 73.19 60.91 51.17
CA SER A 969 73.62 59.59 50.70
C SER A 969 75.14 59.45 50.65
N GLY A 970 75.87 60.56 50.60
CA GLY A 970 77.32 60.52 50.57
C GLY A 970 77.92 60.38 51.95
N GLU A 971 79.25 60.32 51.98
CA GLU A 971 80.01 60.21 53.21
C GLU A 971 81.10 61.27 53.22
N SER A 972 81.45 61.73 54.42
CA SER A 972 82.41 62.81 54.61
C SER A 972 83.67 62.27 55.27
N PHE A 973 84.82 62.77 54.81
CA PHE A 973 86.12 62.39 55.36
C PHE A 973 86.92 63.66 55.60
N ILE A 974 86.89 64.17 56.83
CA ILE A 974 87.67 65.36 57.17
C ILE A 974 89.14 64.98 57.30
N GLU A 975 90.00 65.82 56.74
CA GLU A 975 91.44 65.58 56.77
C GLU A 975 92.02 66.10 58.08
N LEU A 976 92.95 65.34 58.64
CA LEU A 976 93.65 65.75 59.86
C LEU A 976 94.96 66.43 59.48
N SER A 977 95.80 66.73 60.48
CA SER A 977 97.08 67.35 60.21
C SER A 977 98.05 66.36 59.57
N ASN A 978 98.12 65.14 60.11
CA ASN A 978 99.07 64.14 59.62
C ASN A 978 98.45 63.24 58.56
N HIS A 979 97.83 63.86 57.55
CA HIS A 979 97.30 63.16 56.38
C HIS A 979 96.36 62.02 56.79
N LYS A 980 95.53 62.27 57.79
CA LYS A 980 94.55 61.29 58.25
C LYS A 980 93.15 61.67 57.77
N PHE A 981 92.23 60.71 57.89
CA PHE A 981 90.85 60.89 57.44
C PHE A 981 89.92 60.37 58.53
N ILE A 982 89.20 61.29 59.16
CA ILE A 982 88.23 60.94 60.20
C ILE A 982 86.86 60.79 59.56
N ARG A 983 86.21 59.66 59.83
CA ARG A 983 84.89 59.38 59.27
C ARG A 983 83.82 60.12 60.04
N MET A 984 82.95 60.83 59.32
CA MET A 984 81.83 61.55 59.91
C MET A 984 80.55 61.17 59.16
N LYS A 985 79.45 61.10 59.90
CA LYS A 985 78.17 60.71 59.34
C LYS A 985 77.40 61.94 58.90
N ARG A 986 76.95 61.93 57.64
CA ARG A 986 76.19 63.04 57.08
C ARG A 986 74.71 62.85 57.44
N LYS A 987 74.21 63.72 58.30
CA LYS A 987 72.82 63.68 58.75
C LYS A 987 72.18 65.04 58.52
N LEU A 988 70.87 65.02 58.28
CA LEU A 988 70.09 66.22 58.00
C LEU A 988 68.94 66.33 58.98
N MET A 989 68.55 67.57 59.27
CA MET A 989 67.30 67.82 59.96
C MET A 989 66.76 69.18 59.48
N TYR A 990 65.45 69.31 59.47
CA TYR A 990 64.77 70.36 58.75
C TYR A 990 64.06 71.33 59.70
N VAL A 991 64.07 72.61 59.34
CA VAL A 991 63.43 73.66 60.10
C VAL A 991 62.28 74.22 59.27
N SER A 992 61.09 74.24 59.84
CA SER A 992 59.92 74.85 59.23
C SER A 992 59.63 76.15 59.98
N ALA A 993 59.86 77.28 59.31
CA ALA A 993 59.69 78.59 59.94
C ALA A 993 59.02 79.54 58.97
N ASP A 994 58.22 80.45 59.53
CA ASP A 994 57.57 81.50 58.75
C ASP A 994 58.40 82.78 58.84
N ALA A 995 59.57 82.73 58.21
CA ALA A 995 60.49 83.87 58.26
C ALA A 995 59.91 85.09 57.58
N THR A 996 59.24 84.89 56.45
CA THR A 996 58.72 86.00 55.66
C THR A 996 57.34 86.46 56.11
N LYS A 997 56.78 85.85 57.14
CA LYS A 997 55.50 86.31 57.66
C LYS A 997 55.63 87.71 58.24
N TRP A 998 54.62 88.53 57.99
CA TRP A 998 54.65 89.92 58.46
C TRP A 998 54.68 89.95 59.98
N SER A 999 55.56 90.79 60.52
CA SER A 999 55.65 90.98 61.96
C SER A 999 55.54 92.46 62.28
N PRO A 1000 54.86 92.82 63.37
CA PRO A 1000 54.76 94.23 63.73
C PRO A 1000 56.09 94.89 63.98
N GLY A 1001 57.06 94.16 64.52
CA GLY A 1001 58.39 94.69 64.71
C GLY A 1001 59.25 94.47 63.48
N ASP A 1002 59.37 95.49 62.64
CA ASP A 1002 60.13 95.38 61.40
C ASP A 1002 60.43 96.78 60.90
N ASN A 1003 61.36 96.86 59.95
CA ASN A 1003 61.75 98.12 59.33
C ASN A 1003 61.49 98.05 57.83
N SER A 1004 60.76 99.04 57.31
CA SER A 1004 60.60 99.18 55.87
C SER A 1004 61.78 99.92 55.24
N ALA A 1005 62.63 100.55 56.05
CA ALA A 1005 63.80 101.25 55.53
C ALA A 1005 64.92 100.31 55.12
N LYS A 1006 64.88 99.06 55.58
CA LYS A 1006 65.93 98.11 55.24
C LYS A 1006 65.88 97.67 53.79
N PHE A 1007 64.76 97.87 53.11
CA PHE A 1007 64.66 97.53 51.70
C PHE A 1007 65.33 98.56 50.80
N ARG A 1008 65.55 99.78 51.30
CA ARG A 1008 66.20 100.82 50.51
C ARG A 1008 67.58 100.38 50.07
N ARG A 1009 68.48 100.14 51.03
CA ARG A 1009 69.82 99.70 50.69
C ARG A 1009 69.83 98.34 50.01
N PHE A 1010 68.77 97.55 50.20
CA PHE A 1010 68.69 96.26 49.51
C PHE A 1010 68.49 96.44 48.02
N THR A 1011 67.55 97.30 47.64
CA THR A 1011 67.31 97.55 46.21
C THR A 1011 68.25 98.59 45.63
N SER A 1012 69.08 99.23 46.46
CA SER A 1012 69.98 100.25 45.95
C SER A 1012 70.98 99.69 44.95
N MET A 1013 71.41 98.44 45.15
CA MET A 1013 72.37 97.83 44.23
C MET A 1013 72.02 96.37 43.93
N LEU A 1014 70.75 96.01 44.06
CA LEU A 1014 70.28 94.73 43.53
C LEU A 1014 70.29 94.82 42.01
N HIS A 1015 71.26 94.18 41.37
CA HIS A 1015 71.50 94.38 39.96
C HIS A 1015 70.34 93.85 39.12
N ASN A 1016 69.96 94.65 38.12
CA ASN A 1016 68.95 94.28 37.14
C ASN A 1016 69.46 94.57 35.74
N GLY A 1017 68.72 94.11 34.74
CA GLY A 1017 69.14 94.29 33.37
C GLY A 1017 68.94 95.66 32.78
N LEU A 1018 68.31 96.56 33.53
CA LEU A 1018 68.05 97.90 33.01
C LEU A 1018 69.33 98.70 32.95
N PRO A 1019 69.67 99.30 31.80
CA PRO A 1019 70.89 100.13 31.74
C PRO A 1019 70.85 101.33 32.65
N ASN A 1020 69.68 101.92 32.86
CA ASN A 1020 69.57 103.12 33.68
C ASN A 1020 69.18 102.75 35.11
N ASN A 1021 69.12 103.76 35.98
CA ASN A 1021 68.76 103.60 37.38
C ASN A 1021 67.65 104.57 37.76
N LYS A 1022 66.62 104.64 36.92
CA LYS A 1022 65.50 105.54 37.15
C LYS A 1022 64.39 104.88 37.98
N LEU A 1023 63.96 103.69 37.58
CA LEU A 1023 62.90 103.00 38.32
C LEU A 1023 63.37 102.57 39.71
N LYS A 1024 64.64 102.20 39.84
CA LYS A 1024 65.18 101.84 41.14
C LYS A 1024 65.11 103.00 42.12
N ASN A 1025 65.43 104.21 41.66
CA ASN A 1025 65.29 105.39 42.52
C ASN A 1025 63.83 105.65 42.87
N CYS A 1026 62.91 105.33 41.95
CA CYS A 1026 61.50 105.46 42.27
C CYS A 1026 61.09 104.50 43.38
N VAL A 1027 61.60 103.27 43.34
CA VAL A 1027 61.32 102.31 44.41
C VAL A 1027 61.91 102.80 45.72
N ILE A 1028 63.12 103.37 45.67
CA ILE A 1028 63.74 103.93 46.88
C ILE A 1028 62.87 105.02 47.48
N ASP A 1029 62.39 105.93 46.63
CA ASP A 1029 61.55 107.02 47.12
C ASP A 1029 60.24 106.49 47.68
N ALA A 1030 59.66 105.47 47.04
CA ALA A 1030 58.43 104.88 47.57
C ALA A 1030 58.66 104.27 48.94
N LEU A 1031 59.80 103.61 49.13
CA LEU A 1031 60.12 103.06 50.44
C LEU A 1031 60.28 104.16 51.49
N LYS A 1032 60.94 105.26 51.12
CA LYS A 1032 61.05 106.39 52.05
C LYS A 1032 59.67 106.92 52.42
N GLN A 1033 58.79 107.05 51.43
CA GLN A 1033 57.45 107.59 51.69
C GLN A 1033 56.64 106.65 52.59
N VAL A 1034 56.76 105.34 52.38
CA VAL A 1034 56.01 104.39 53.20
C VAL A 1034 56.64 104.17 54.56
N TYR A 1035 57.86 104.67 54.79
CA TYR A 1035 58.42 104.61 56.13
C TYR A 1035 57.56 105.39 57.12
N LYS A 1036 57.13 106.59 56.74
CA LYS A 1036 56.24 107.38 57.57
C LYS A 1036 54.81 106.87 57.47
N THR A 1037 54.10 106.88 58.59
CA THR A 1037 52.68 106.53 58.60
C THR A 1037 52.03 107.05 59.87
N ASP A 1038 50.71 107.16 59.81
CA ASP A 1038 49.89 107.53 60.96
C ASP A 1038 48.87 106.44 61.21
N PHE A 1039 48.74 106.04 62.48
CA PHE A 1039 47.77 105.03 62.89
C PHE A 1039 46.60 105.72 63.57
N PHE A 1040 45.39 105.45 63.09
CA PHE A 1040 44.19 106.16 63.52
C PHE A 1040 43.33 105.28 64.42
N MET A 1041 42.72 105.93 65.41
CA MET A 1041 41.78 105.26 66.30
C MET A 1041 40.51 104.87 65.55
N SER A 1042 39.87 103.82 66.02
CA SER A 1042 38.54 103.45 65.57
C SER A 1042 37.49 103.95 66.56
N ARG A 1043 36.31 104.26 66.04
CA ARG A 1043 35.26 104.83 66.88
C ARG A 1043 34.86 103.88 68.00
N LYS A 1044 34.68 102.60 67.66
CA LYS A 1044 34.22 101.63 68.64
C LYS A 1044 35.23 101.48 69.76
N LEU A 1045 36.52 101.46 69.43
CA LEU A 1045 37.55 101.39 70.47
C LEU A 1045 37.53 102.64 71.34
N ARG A 1046 37.34 103.82 70.75
CA ARG A 1046 37.28 105.04 71.55
C ARG A 1046 36.11 104.99 72.52
N ASN A 1047 34.93 104.56 72.06
CA ASN A 1047 33.79 104.44 72.95
C ASN A 1047 34.05 103.41 74.05
N TYR A 1048 34.70 102.30 73.69
CA TYR A 1048 34.97 101.27 74.71
C TYR A 1048 35.94 101.76 75.76
N ILE A 1049 36.99 102.48 75.35
CA ILE A 1049 37.96 103.00 76.31
C ILE A 1049 37.32 104.08 77.17
N ASP A 1050 36.44 104.90 76.59
CA ASP A 1050 35.75 105.90 77.38
C ASP A 1050 34.82 105.30 78.43
N SER A 1051 34.53 104.01 78.35
CA SER A 1051 33.66 103.35 79.32
C SER A 1051 34.52 102.75 80.42
N MET A 1052 34.79 103.55 81.44
CA MET A 1052 35.45 103.12 82.68
C MET A 1052 36.82 102.49 82.41
N GLU A 1053 37.72 103.34 81.92
CA GLU A 1053 39.12 102.94 81.77
C GLU A 1053 39.76 102.84 83.15
N SER A 1054 40.14 101.63 83.56
CA SER A 1054 40.60 101.38 84.92
C SER A 1054 42.04 100.94 84.98
N LEU A 1055 42.43 99.91 84.22
CA LEU A 1055 43.77 99.36 84.33
C LEU A 1055 44.81 100.38 83.88
N ASP A 1056 45.92 100.45 84.62
CA ASP A 1056 46.87 101.55 84.42
C ASP A 1056 47.71 101.38 83.14
N PRO A 1057 48.54 100.35 83.00
CA PRO A 1057 49.65 100.46 82.03
C PRO A 1057 49.23 100.62 80.59
N HIS A 1058 48.44 99.68 80.06
CA HIS A 1058 48.12 99.72 78.63
C HIS A 1058 47.22 100.90 78.31
N ILE A 1059 46.29 101.23 79.20
CA ILE A 1059 45.41 102.38 78.96
C ILE A 1059 46.21 103.68 78.92
N LYS A 1060 47.11 103.87 79.89
CA LYS A 1060 47.91 105.10 79.92
C LYS A 1060 48.81 105.19 78.70
N GLN A 1061 49.47 104.08 78.33
CA GLN A 1061 50.36 104.16 77.16
C GLN A 1061 49.56 104.37 75.87
N PHE A 1062 48.37 103.77 75.79
CA PHE A 1062 47.52 103.95 74.62
C PHE A 1062 47.06 105.40 74.48
N LEU A 1063 46.66 106.01 75.60
CA LEU A 1063 46.27 107.42 75.55
C LEU A 1063 47.46 108.31 75.27
N ASP A 1064 48.65 107.93 75.76
CA ASP A 1064 49.84 108.73 75.51
C ASP A 1064 50.25 108.69 74.04
N PHE A 1065 50.02 107.57 73.36
CA PHE A 1065 50.42 107.47 71.96
C PHE A 1065 49.63 108.41 71.07
N PHE A 1066 48.41 108.80 71.45
CA PHE A 1066 47.63 109.75 70.66
C PHE A 1066 47.63 111.10 71.34
N PRO A 1067 48.38 112.09 70.83
CA PRO A 1067 48.33 113.42 71.45
C PRO A 1067 46.97 114.08 71.34
N ASP A 1068 46.40 114.11 70.14
CA ASP A 1068 45.07 114.68 69.95
C ASP A 1068 43.95 113.68 70.25
N GLY A 1069 44.29 112.44 70.58
CA GLY A 1069 43.30 111.43 70.87
C GLY A 1069 42.68 110.78 69.66
N HIS A 1070 43.21 110.99 68.47
CA HIS A 1070 42.66 110.40 67.26
C HIS A 1070 43.67 109.63 66.44
N HIS A 1071 44.93 110.08 66.39
CA HIS A 1071 45.92 109.40 65.57
C HIS A 1071 47.31 109.60 66.18
N GLY A 1072 48.22 108.71 65.80
CA GLY A 1072 49.59 108.80 66.26
C GLY A 1072 50.55 108.37 65.15
N GLU A 1073 51.83 108.60 65.40
CA GLU A 1073 52.87 108.36 64.41
C GLU A 1073 53.51 106.99 64.64
N VAL A 1074 53.58 106.20 63.58
CA VAL A 1074 54.19 104.88 63.61
C VAL A 1074 55.31 104.84 62.58
N LYS A 1075 56.33 104.04 62.87
CA LYS A 1075 57.50 103.93 61.99
C LYS A 1075 57.86 102.47 61.82
N GLY A 1076 58.54 102.17 60.73
CA GLY A 1076 59.08 100.85 60.48
C GLY A 1076 58.14 99.90 59.77
N ASN A 1077 57.14 99.38 60.49
CA ASN A 1077 56.25 98.40 59.92
C ASN A 1077 55.35 99.02 58.86
N TRP A 1078 55.08 98.25 57.81
CA TRP A 1078 54.18 98.68 56.75
C TRP A 1078 52.72 98.37 57.07
N LEU A 1079 52.44 97.86 58.27
CA LEU A 1079 51.09 97.58 58.73
C LEU A 1079 50.38 96.60 57.81
N GLN A 1080 51.03 95.46 57.61
CA GLN A 1080 50.51 94.36 56.79
C GLN A 1080 50.18 94.84 55.38
N GLY A 1081 51.08 95.61 54.80
CA GLY A 1081 50.97 95.99 53.41
C GLY A 1081 51.44 94.88 52.51
N ASN A 1082 51.29 95.11 51.20
CA ASN A 1082 51.65 94.10 50.20
C ASN A 1082 53.15 94.17 49.96
N LEU A 1083 53.91 93.52 50.84
CA LEU A 1083 55.35 93.35 50.69
C LEU A 1083 55.73 91.89 50.84
N ASN A 1084 54.86 90.98 50.43
CA ASN A 1084 55.12 89.55 50.59
C ASN A 1084 56.29 89.12 49.73
N LYS A 1085 56.26 89.47 48.43
CA LYS A 1085 57.34 89.06 47.54
C LYS A 1085 58.64 89.76 47.90
N CYS A 1086 58.57 91.04 48.30
CA CYS A 1086 59.77 91.76 48.71
C CYS A 1086 60.42 91.12 49.91
N SER A 1087 59.62 90.80 50.94
CA SER A 1087 60.16 90.15 52.13
C SER A 1087 60.68 88.75 51.80
N SER A 1088 60.00 88.03 50.92
CA SER A 1088 60.47 86.71 50.52
C SER A 1088 61.83 86.79 49.86
N LEU A 1089 62.00 87.75 48.94
CA LEU A 1089 63.28 87.93 48.27
C LEU A 1089 64.36 88.34 49.25
N PHE A 1090 64.03 89.23 50.18
CA PHE A 1090 65.03 89.68 51.15
C PHE A 1090 65.47 88.52 52.04
N GLY A 1091 64.51 87.70 52.49
CA GLY A 1091 64.86 86.54 53.27
C GLY A 1091 65.69 85.53 52.50
N VAL A 1092 65.39 85.36 51.21
CA VAL A 1092 66.22 84.51 50.36
C VAL A 1092 67.65 85.05 50.29
N ALA A 1093 67.78 86.36 50.15
CA ALA A 1093 69.11 86.97 50.10
C ALA A 1093 69.88 86.74 51.40
N MET A 1094 69.21 86.89 52.54
CA MET A 1094 69.91 86.69 53.81
C MET A 1094 70.23 85.21 54.03
N SER A 1095 69.39 84.31 53.54
CA SER A 1095 69.72 82.89 53.61
C SER A 1095 70.95 82.57 52.77
N LEU A 1096 71.04 83.17 51.58
CA LEU A 1096 72.24 83.00 50.76
C LEU A 1096 73.46 83.57 51.47
N LEU A 1097 73.30 84.73 52.12
CA LEU A 1097 74.40 85.32 52.87
C LEU A 1097 74.86 84.38 53.98
N PHE A 1098 73.91 83.78 54.69
CA PHE A 1098 74.27 82.84 55.75
C PHE A 1098 74.98 81.62 55.19
N LYS A 1099 74.52 81.12 54.04
CA LYS A 1099 75.18 79.97 53.42
C LYS A 1099 76.62 80.29 53.06
N GLN A 1100 76.84 81.45 52.44
CA GLN A 1100 78.19 81.86 52.07
C GLN A 1100 79.06 82.05 53.31
N VAL A 1101 78.48 82.63 54.36
CA VAL A 1101 79.23 82.85 55.59
C VAL A 1101 79.64 81.52 56.23
N TRP A 1102 78.70 80.57 56.28
CA TRP A 1102 79.03 79.27 56.84
C TRP A 1102 80.11 78.57 56.03
N THR A 1103 80.05 78.71 54.71
CA THR A 1103 81.11 78.15 53.87
C THR A 1103 82.46 78.80 54.18
N ASN A 1104 82.47 80.12 54.36
CA ASN A 1104 83.72 80.83 54.60
C ASN A 1104 84.32 80.47 55.95
N LEU A 1105 83.50 80.34 56.99
CA LEU A 1105 84.01 79.98 58.30
C LEU A 1105 84.65 78.60 58.31
N PHE A 1106 84.03 77.64 57.63
CA PHE A 1106 84.52 76.26 57.64
C PHE A 1106 84.92 75.85 56.23
N PRO A 1107 86.21 75.92 55.89
CA PRO A 1107 86.66 75.44 54.58
C PRO A 1107 86.89 73.94 54.54
N GLU A 1108 87.08 73.30 55.70
CA GLU A 1108 87.25 71.85 55.75
C GLU A 1108 85.97 71.11 56.13
N LEU A 1109 85.11 71.72 56.94
CA LEU A 1109 83.80 71.15 57.25
C LEU A 1109 82.84 71.49 56.11
N ASP A 1110 82.87 70.65 55.09
CA ASP A 1110 81.99 70.81 53.94
C ASP A 1110 80.58 70.36 54.35
N CYS A 1111 79.81 71.28 54.91
CA CYS A 1111 78.46 71.01 55.35
C CYS A 1111 77.49 71.25 54.22
N PHE A 1112 76.20 71.16 54.52
CA PHE A 1112 75.16 71.35 53.52
C PHE A 1112 74.09 72.29 54.06
N PHE A 1113 73.50 73.07 53.16
CA PHE A 1113 72.42 73.98 53.54
C PHE A 1113 71.62 74.33 52.29
N GLU A 1114 70.32 74.05 52.32
CA GLU A 1114 69.42 74.44 51.26
C GLU A 1114 68.13 74.96 51.87
N PHE A 1115 67.44 75.83 51.13
CA PHE A 1115 66.23 76.45 51.64
C PHE A 1115 65.28 76.73 50.49
N ALA A 1116 64.00 76.86 50.82
CA ALA A 1116 62.97 77.19 49.85
C ALA A 1116 61.87 77.95 50.57
N HIS A 1117 61.40 79.03 49.96
CA HIS A 1117 60.36 79.87 50.54
C HIS A 1117 59.09 79.74 49.73
N HIS A 1118 57.99 79.39 50.41
CA HIS A 1118 56.68 79.28 49.78
C HIS A 1118 55.72 80.20 50.51
N SER A 1119 55.09 81.11 49.76
CA SER A 1119 54.12 82.04 50.30
C SER A 1119 54.67 82.82 51.48
N ASP A 1120 54.37 82.36 52.71
CA ASP A 1120 54.79 83.06 53.91
C ASP A 1120 55.79 82.28 54.76
N ASP A 1121 55.87 80.96 54.60
CA ASP A 1121 56.78 80.14 55.38
C ASP A 1121 57.88 79.59 54.49
N ALA A 1122 58.93 79.08 55.13
CA ALA A 1122 60.09 78.55 54.43
C ALA A 1122 60.57 77.28 55.12
N LEU A 1123 61.23 76.42 54.34
CA LEU A 1123 61.81 75.19 54.84
C LEU A 1123 63.33 75.28 54.73
N PHE A 1124 64.01 75.02 55.83
CA PHE A 1124 65.47 75.11 55.89
C PHE A 1124 66.04 73.72 56.11
N ILE A 1125 67.03 73.35 55.29
CA ILE A 1125 67.71 72.07 55.40
C ILE A 1125 69.12 72.34 55.91
N TYR A 1126 69.47 71.72 57.03
CA TYR A 1126 70.79 71.87 57.63
C TYR A 1126 71.51 70.53 57.60
N GLY A 1127 72.74 70.54 57.11
CA GLY A 1127 73.54 69.33 57.05
C GLY A 1127 74.66 69.33 58.07
N TYR A 1128 74.54 68.51 59.11
CA TYR A 1128 75.54 68.43 60.16
C TYR A 1128 76.21 67.05 60.15
N LEU A 1129 77.31 66.97 60.88
CA LEU A 1129 78.12 65.76 60.94
C LEU A 1129 78.26 65.30 62.40
N GLU A 1130 78.17 64.00 62.61
CA GLU A 1130 78.33 63.41 63.92
C GLU A 1130 79.32 62.25 63.85
N PRO A 1131 80.01 61.95 64.95
CA PRO A 1131 80.96 60.83 64.93
C PRO A 1131 80.26 59.50 64.68
N VAL A 1132 80.95 58.61 63.99
CA VAL A 1132 80.42 57.29 63.68
C VAL A 1132 80.79 56.28 64.76
N ASP A 1133 82.07 56.22 65.13
CA ASP A 1133 82.54 55.30 66.15
C ASP A 1133 82.41 55.87 67.55
N ASP A 1134 81.92 57.11 67.69
CA ASP A 1134 81.77 57.77 69.00
C ASP A 1134 83.11 57.83 69.72
N GLY A 1135 84.19 58.06 68.97
CA GLY A 1135 85.51 58.13 69.53
C GLY A 1135 85.91 59.52 69.94
N THR A 1136 87.13 59.64 70.45
CA THR A 1136 87.68 60.91 70.87
C THR A 1136 88.47 61.62 69.77
N ASP A 1137 88.50 61.05 68.56
CA ASP A 1137 89.22 61.69 67.46
C ASP A 1137 88.60 63.04 67.11
N TRP A 1138 87.26 63.11 67.08
CA TRP A 1138 86.60 64.39 66.85
C TRP A 1138 86.92 65.38 67.95
N PHE A 1139 86.89 64.92 69.21
CA PHE A 1139 87.24 65.80 70.32
C PHE A 1139 88.69 66.24 70.25
N LEU A 1140 89.58 65.32 69.86
CA LEU A 1140 90.99 65.69 69.72
C LEU A 1140 91.18 66.74 68.64
N PHE A 1141 90.50 66.58 67.50
CA PHE A 1141 90.59 67.58 66.44
C PHE A 1141 90.04 68.92 66.89
N VAL A 1142 88.93 68.90 67.64
CA VAL A 1142 88.35 70.15 68.14
C VAL A 1142 89.32 70.84 69.09
N SER A 1143 89.95 70.07 69.98
CA SER A 1143 90.91 70.65 70.91
C SER A 1143 92.11 71.22 70.17
N GLN A 1144 92.61 70.51 69.16
CA GLN A 1144 93.74 71.01 68.38
C GLN A 1144 93.37 72.30 67.66
N GLN A 1145 92.16 72.36 67.08
CA GLN A 1145 91.73 73.57 66.39
C GLN A 1145 91.58 74.74 67.35
N ILE A 1146 90.98 74.50 68.52
CA ILE A 1146 90.77 75.59 69.47
C ILE A 1146 92.09 76.04 70.08
N GLN A 1147 93.09 75.16 70.12
CA GLN A 1147 94.41 75.55 70.59
C GLN A 1147 95.25 76.22 69.51
N ALA A 1148 94.82 76.17 68.25
CA ALA A 1148 95.55 76.76 67.14
C ALA A 1148 95.11 78.18 66.83
N GLY A 1149 94.23 78.76 67.62
CA GLY A 1149 93.75 80.12 67.40
C GLY A 1149 92.39 80.23 66.74
N HIS A 1150 91.69 79.12 66.52
CA HIS A 1150 90.36 79.12 65.93
C HIS A 1150 89.35 79.04 67.07
N LEU A 1151 89.02 80.21 67.64
CA LEU A 1151 88.14 80.26 68.79
C LEU A 1151 86.69 79.95 68.47
N HIS A 1152 86.32 79.94 67.19
CA HIS A 1152 84.92 79.74 66.80
C HIS A 1152 84.51 78.28 66.77
N TRP A 1153 85.41 77.35 67.09
CA TRP A 1153 85.10 75.94 67.11
C TRP A 1153 84.54 75.47 68.45
N PHE A 1154 84.34 76.38 69.39
CA PHE A 1154 83.84 76.01 70.71
C PHE A 1154 82.45 75.40 70.63
N SER A 1155 81.60 75.95 69.77
CA SER A 1155 80.22 75.52 69.65
C SER A 1155 80.01 74.50 68.54
N VAL A 1156 81.07 73.79 68.16
CA VAL A 1156 80.99 72.85 67.04
C VAL A 1156 81.29 71.41 67.46
N ASN A 1157 81.96 71.20 68.59
CA ASN A 1157 82.40 69.85 68.95
C ASN A 1157 81.21 68.90 69.13
N THR A 1158 80.14 69.36 69.77
CA THR A 1158 79.00 68.51 70.09
C THR A 1158 77.74 69.07 69.46
N GLU A 1159 77.21 68.35 68.46
CA GLU A 1159 75.89 68.63 67.88
C GLU A 1159 75.83 70.06 67.34
N MET A 1160 76.62 70.28 66.29
CA MET A 1160 76.85 71.62 65.77
C MET A 1160 75.67 72.19 64.99
N TRP A 1161 74.60 71.41 64.78
CA TRP A 1161 73.46 71.98 64.07
C TRP A 1161 72.79 73.07 64.90
N LYS A 1162 72.89 72.97 66.24
CA LYS A 1162 72.59 74.14 67.07
C LYS A 1162 73.34 75.36 66.59
N SER A 1163 74.65 75.23 66.36
CA SER A 1163 75.46 76.36 65.94
C SER A 1163 75.06 76.86 64.56
N MET A 1164 74.75 75.94 63.64
CA MET A 1164 74.31 76.34 62.31
C MET A 1164 73.03 77.17 62.40
N PHE A 1165 72.03 76.67 63.13
CA PHE A 1165 70.78 77.40 63.24
C PHE A 1165 70.95 78.71 63.98
N ASN A 1166 71.81 78.73 65.01
CA ASN A 1166 72.03 79.96 65.76
C ASN A 1166 72.70 81.02 64.90
N LEU A 1167 73.68 80.63 64.09
CA LEU A 1167 74.31 81.58 63.18
C LEU A 1167 73.31 82.08 62.14
N HIS A 1168 72.49 81.18 61.61
CA HIS A 1168 71.46 81.61 60.66
C HIS A 1168 70.50 82.60 61.31
N GLU A 1169 70.07 82.31 62.53
CA GLU A 1169 69.14 83.19 63.23
C GLU A 1169 69.76 84.54 63.54
N HIS A 1170 71.03 84.56 63.95
CA HIS A 1170 71.70 85.82 64.24
C HIS A 1170 71.87 86.65 62.97
N ILE A 1171 72.24 86.00 61.85
CA ILE A 1171 72.36 86.72 60.60
C ILE A 1171 71.01 87.29 60.19
N LEU A 1172 69.94 86.51 60.33
CA LEU A 1172 68.60 87.01 59.99
C LEU A 1172 68.22 88.18 60.89
N LEU A 1173 68.54 88.09 62.18
CA LEU A 1173 68.23 89.18 63.09
C LEU A 1173 69.02 90.44 62.74
N LEU A 1174 70.20 90.28 62.14
CA LEU A 1174 70.95 91.43 61.67
C LEU A 1174 70.16 92.21 60.63
N GLY A 1175 69.23 91.56 59.93
CA GLY A 1175 68.35 92.24 59.00
C GLY A 1175 66.97 92.47 59.56
N SER A 1176 66.86 92.40 60.90
CA SER A 1176 65.59 92.57 61.61
C SER A 1176 64.55 91.54 61.16
N ILE A 1177 65.02 90.31 60.94
CA ILE A 1177 64.14 89.18 60.67
C ILE A 1177 64.29 88.21 61.83
N LYS A 1178 63.17 87.92 62.51
CA LYS A 1178 63.17 87.11 63.71
C LYS A 1178 62.40 85.82 63.46
N ILE A 1179 63.05 84.69 63.71
CA ILE A 1179 62.38 83.39 63.65
C ILE A 1179 61.65 83.22 64.98
N SER A 1180 60.33 83.27 64.94
CA SER A 1180 59.54 83.28 66.16
C SER A 1180 59.69 81.95 66.90
N PRO A 1181 59.82 81.98 68.23
CA PRO A 1181 59.83 80.72 68.99
C PRO A 1181 58.55 79.92 68.79
N LYS A 1182 57.42 80.60 68.64
CA LYS A 1182 56.16 79.94 68.35
C LYS A 1182 56.08 79.54 66.89
N LYS A 1183 55.23 78.55 66.61
CA LYS A 1183 54.86 78.17 65.25
C LYS A 1183 56.03 77.63 64.44
N THR A 1184 57.19 77.47 65.07
CA THR A 1184 58.38 76.99 64.40
C THR A 1184 58.78 75.64 65.01
N THR A 1185 58.87 74.62 64.17
CA THR A 1185 59.21 73.27 64.61
C THR A 1185 60.40 72.76 63.81
N VAL A 1186 61.32 72.11 64.52
CA VAL A 1186 62.47 71.45 63.89
C VAL A 1186 62.46 69.98 64.30
N SER A 1187 62.59 69.10 63.31
CA SER A 1187 62.60 67.66 63.54
C SER A 1187 63.50 67.02 62.50
N PRO A 1188 64.11 65.89 62.81
CA PRO A 1188 64.95 65.20 61.82
C PRO A 1188 64.13 64.62 60.68
N THR A 1189 64.79 63.92 59.76
CA THR A 1189 64.11 63.43 58.56
C THR A 1189 62.96 62.51 58.95
N ASN A 1190 61.79 62.77 58.38
CA ASN A 1190 60.58 62.02 58.70
C ASN A 1190 59.64 62.09 57.50
N ALA A 1191 59.08 60.95 57.11
CA ALA A 1191 58.17 60.93 55.96
C ALA A 1191 56.94 61.77 56.22
N GLU A 1192 56.37 61.67 57.42
CA GLU A 1192 55.16 62.43 57.73
C GLU A 1192 55.43 63.92 57.73
N PHE A 1193 56.58 64.36 58.23
CA PHE A 1193 56.91 65.78 58.24
C PHE A 1193 56.93 66.35 56.83
N LEU A 1194 57.65 65.69 55.93
CA LEU A 1194 57.75 66.19 54.56
C LEU A 1194 56.42 66.07 53.82
N SER A 1195 55.66 65.00 54.09
CA SER A 1195 54.34 64.87 53.48
C SER A 1195 53.42 66.01 53.92
N THR A 1196 53.44 66.35 55.21
CA THR A 1196 52.62 67.45 55.70
C THR A 1196 53.06 68.77 55.08
N PHE A 1197 54.37 68.99 54.97
CA PHE A 1197 54.84 70.23 54.36
C PHE A 1197 54.43 70.32 52.89
N PHE A 1198 54.53 69.21 52.15
CA PHE A 1198 54.13 69.21 50.75
C PHE A 1198 52.63 69.45 50.61
N GLU A 1199 51.83 68.83 51.48
CA GLU A 1199 50.39 69.05 51.43
C GLU A 1199 50.04 70.49 51.74
N GLY A 1200 50.71 71.09 52.72
CA GLY A 1200 50.46 72.49 53.03
C GLY A 1200 50.87 73.41 51.89
N CYS A 1201 51.96 73.07 51.20
CA CYS A 1201 52.37 73.88 50.05
C CYS A 1201 51.40 73.74 48.90
N ALA A 1202 50.87 72.53 48.67
CA ALA A 1202 50.01 72.31 47.52
C ALA A 1202 48.66 72.98 47.69
N VAL A 1203 48.05 72.85 48.87
CA VAL A 1203 46.74 73.42 49.15
C VAL A 1203 46.84 74.26 50.42
N SER A 1204 46.23 75.43 50.40
CA SER A 1204 46.24 76.34 51.55
C SER A 1204 44.90 76.48 52.24
N ILE A 1205 43.81 76.30 51.53
CA ILE A 1205 42.46 76.44 52.08
C ILE A 1205 41.82 75.05 52.16
N PRO A 1206 41.51 74.54 53.34
CA PRO A 1206 40.77 73.28 53.43
C PRO A 1206 39.37 73.44 52.85
N PHE A 1207 38.85 72.35 52.28
CA PHE A 1207 37.52 72.40 51.68
C PHE A 1207 36.42 72.56 52.73
N VAL A 1208 36.68 72.18 53.98
CA VAL A 1208 35.67 72.35 55.02
C VAL A 1208 35.37 73.82 55.26
N LYS A 1209 36.35 74.70 55.04
CA LYS A 1209 36.12 76.12 55.20
C LYS A 1209 35.02 76.61 54.26
N ILE A 1210 35.15 76.28 52.97
CA ILE A 1210 34.14 76.69 52.01
C ILE A 1210 32.82 75.96 52.25
N LEU A 1211 32.90 74.68 52.63
CA LEU A 1211 31.68 73.92 52.86
C LEU A 1211 30.86 74.51 54.01
N LEU A 1212 31.53 74.95 55.08
CA LEU A 1212 30.83 75.53 56.21
C LEU A 1212 30.49 77.01 56.01
N GLY A 1213 31.24 77.71 55.16
CA GLY A 1213 30.86 79.07 54.82
C GLY A 1213 29.79 79.18 53.75
N SER A 1214 29.44 78.06 53.13
CA SER A 1214 28.37 78.04 52.14
C SER A 1214 26.98 78.28 52.72
N LEU A 1215 26.84 78.26 54.05
CA LEU A 1215 25.53 78.24 54.68
C LEU A 1215 25.09 79.59 55.22
N SER A 1216 25.94 80.25 56.01
CA SER A 1216 25.51 81.43 56.75
C SER A 1216 25.22 82.61 55.83
N ASP A 1217 26.04 82.80 54.80
CA ASP A 1217 25.94 84.00 53.98
C ASP A 1217 24.78 83.91 53.00
N LEU A 1218 23.98 84.97 52.95
CA LEU A 1218 22.84 85.05 52.05
C LEU A 1218 23.10 86.09 50.97
N PRO A 1219 23.30 85.69 49.71
CA PRO A 1219 23.44 86.70 48.65
C PRO A 1219 22.21 87.57 48.47
N GLY A 1220 21.01 87.04 48.75
CA GLY A 1220 19.82 87.87 48.68
C GLY A 1220 19.53 88.45 47.31
N LEU A 1221 20.09 87.89 46.25
CA LEU A 1221 19.84 88.35 44.89
C LEU A 1221 18.70 87.60 44.22
N GLY A 1222 18.07 86.66 44.90
CA GLY A 1222 16.99 85.88 44.33
C GLY A 1222 17.26 84.40 44.45
N TYR A 1223 16.25 83.62 44.04
CA TYR A 1223 16.35 82.17 44.09
C TYR A 1223 17.47 81.66 43.21
N PHE A 1224 17.49 82.08 41.95
CA PHE A 1224 18.48 81.59 41.00
C PHE A 1224 19.89 81.98 41.43
N ASP A 1225 20.08 83.23 41.85
CA ASP A 1225 21.43 83.69 42.19
C ASP A 1225 21.95 83.02 43.46
N ASP A 1226 21.10 82.90 44.49
CA ASP A 1226 21.54 82.23 45.71
C ASP A 1226 21.86 80.77 45.43
N LEU A 1227 21.01 80.09 44.66
CA LEU A 1227 21.27 78.70 44.32
C LEU A 1227 22.57 78.57 43.53
N ALA A 1228 22.79 79.48 42.58
CA ALA A 1228 24.01 79.42 41.77
C ALA A 1228 25.25 79.66 42.63
N ALA A 1229 25.17 80.61 43.57
CA ALA A 1229 26.32 80.87 44.44
C ALA A 1229 26.63 79.65 45.30
N ALA A 1230 25.60 79.06 45.91
CA ALA A 1230 25.81 77.87 46.75
C ALA A 1230 26.42 76.73 45.93
N GLN A 1231 25.86 76.47 44.75
CA GLN A 1231 26.38 75.39 43.91
C GLN A 1231 27.80 75.66 43.45
N SER A 1232 28.09 76.90 43.07
CA SER A 1232 29.42 77.25 42.58
C SER A 1232 30.47 77.09 43.67
N ARG A 1233 30.15 77.51 44.89
CA ARG A 1233 31.14 77.35 45.95
C ARG A 1233 31.23 75.92 46.46
N CYS A 1234 30.17 75.13 46.33
CA CYS A 1234 30.31 73.69 46.55
C CYS A 1234 31.23 73.07 45.51
N VAL A 1235 31.15 73.53 44.26
CA VAL A 1235 32.06 73.08 43.22
C VAL A 1235 33.49 73.49 43.56
N LYS A 1236 33.67 74.70 44.08
CA LYS A 1236 35.00 75.14 44.50
C LYS A 1236 35.55 74.28 45.63
N ALA A 1237 34.69 73.92 46.59
CA ALA A 1237 35.12 73.04 47.66
C ALA A 1237 35.51 71.67 47.12
N LEU A 1238 34.76 71.16 46.14
CA LEU A 1238 35.15 69.93 45.47
C LEU A 1238 36.51 70.08 44.80
N ASP A 1239 36.77 71.25 44.22
CA ASP A 1239 38.06 71.50 43.59
C ASP A 1239 39.18 71.47 44.61
N LEU A 1240 38.97 72.03 45.79
CA LEU A 1240 40.04 72.08 46.79
C LEU A 1240 40.35 70.72 47.39
N GLY A 1241 39.54 69.69 47.14
CA GLY A 1241 39.88 68.36 47.60
C GLY A 1241 38.74 67.60 48.23
N ALA A 1242 37.55 68.19 48.24
CA ALA A 1242 36.39 67.53 48.82
C ALA A 1242 36.00 66.32 47.99
N SER A 1243 35.56 65.27 48.68
CA SER A 1243 35.05 64.10 47.97
C SER A 1243 33.75 64.43 47.27
N PRO A 1244 33.50 63.82 46.10
CA PRO A 1244 32.24 64.10 45.41
C PRO A 1244 31.00 63.78 46.22
N GLN A 1245 31.07 62.79 47.13
CA GLN A 1245 29.91 62.48 47.96
C GLN A 1245 29.64 63.57 48.99
N VAL A 1246 30.70 64.08 49.63
CA VAL A 1246 30.53 65.18 50.57
C VAL A 1246 30.06 66.43 49.85
N ALA A 1247 30.59 66.67 48.66
CA ALA A 1247 30.13 67.81 47.86
C ALA A 1247 28.67 67.66 47.49
N GLN A 1248 28.23 66.44 47.15
CA GLN A 1248 26.83 66.20 46.84
C GLN A 1248 25.94 66.43 48.04
N LEU A 1249 26.38 65.98 49.22
CA LEU A 1249 25.62 66.22 50.45
C LEU A 1249 25.50 67.72 50.73
N ALA A 1250 26.59 68.45 50.57
CA ALA A 1250 26.55 69.89 50.78
C ALA A 1250 25.63 70.57 49.77
N VAL A 1251 25.67 70.13 48.51
CA VAL A 1251 24.80 70.68 47.49
C VAL A 1251 23.34 70.45 47.86
N ALA A 1252 23.02 69.24 48.32
CA ALA A 1252 21.65 68.95 48.72
C ALA A 1252 21.22 69.81 49.90
N LEU A 1253 22.09 69.97 50.89
CA LEU A 1253 21.74 70.77 52.06
C LEU A 1253 21.51 72.23 51.70
N CYS A 1254 22.40 72.81 50.89
CA CYS A 1254 22.23 74.20 50.48
C CYS A 1254 21.00 74.39 49.60
N THR A 1255 20.74 73.43 48.71
CA THR A 1255 19.54 73.51 47.89
C THR A 1255 18.28 73.46 48.75
N SER A 1256 18.25 72.57 49.75
CA SER A 1256 17.10 72.51 50.65
C SER A 1256 16.94 73.82 51.40
N LYS A 1257 18.03 74.39 51.89
CA LYS A 1257 17.95 75.64 52.65
C LYS A 1257 17.41 76.77 51.78
N VAL A 1258 17.94 76.90 50.56
CA VAL A 1258 17.48 77.99 49.69
C VAL A 1258 16.04 77.76 49.24
N GLU A 1259 15.65 76.51 48.99
CA GLU A 1259 14.27 76.23 48.59
C GLU A 1259 13.30 76.58 49.72
N ARG A 1260 13.65 76.23 50.95
CA ARG A 1260 12.79 76.59 52.08
C ARG A 1260 12.73 78.09 52.28
N LEU A 1261 13.86 78.78 52.14
CA LEU A 1261 13.89 80.22 52.32
C LEU A 1261 13.03 80.90 51.26
N TYR A 1262 13.09 80.44 50.02
CA TYR A 1262 12.30 81.05 48.95
C TYR A 1262 10.96 80.37 48.74
N GLY A 1263 10.67 79.29 49.44
CA GLY A 1263 9.39 78.61 49.30
C GLY A 1263 9.23 77.77 48.07
N THR A 1264 10.31 77.45 47.36
CA THR A 1264 10.20 76.75 46.09
C THR A 1264 9.79 75.29 46.28
N ALA A 1265 10.21 74.66 47.38
CA ALA A 1265 10.01 73.23 47.55
C ALA A 1265 8.52 72.89 47.59
N PRO A 1266 8.15 71.68 47.18
CA PRO A 1266 6.74 71.29 47.19
C PRO A 1266 6.23 71.12 48.62
N GLY A 1267 5.22 71.92 48.98
CA GLY A 1267 4.65 71.86 50.31
C GLY A 1267 4.31 73.22 50.88
N MET A 1268 4.70 74.28 50.19
CA MET A 1268 4.42 75.64 50.65
C MET A 1268 4.04 76.50 49.45
N VAL A 1269 3.90 77.81 49.71
CA VAL A 1269 3.12 78.67 48.83
C VAL A 1269 3.82 78.88 47.48
N ASN A 1270 5.14 79.04 47.48
CA ASN A 1270 5.84 79.43 46.26
C ASN A 1270 6.17 78.25 45.35
N HIS A 1271 5.51 77.11 45.50
CA HIS A 1271 5.78 75.97 44.65
C HIS A 1271 5.31 76.26 43.23
N PRO A 1272 6.17 76.10 42.21
CA PRO A 1272 5.74 76.41 40.84
C PRO A 1272 4.60 75.56 40.33
N ALA A 1273 4.47 74.31 40.79
CA ALA A 1273 3.45 73.43 40.26
C ALA A 1273 2.05 73.95 40.55
N ALA A 1274 1.88 74.72 41.62
CA ALA A 1274 0.58 75.28 41.94
C ALA A 1274 0.18 76.42 41.02
N TYR A 1275 1.09 76.92 40.18
CA TYR A 1275 0.79 78.05 39.32
C TYR A 1275 1.25 77.85 37.89
N LEU A 1276 1.86 76.72 37.56
CA LEU A 1276 2.30 76.43 36.20
C LEU A 1276 1.87 75.02 35.81
N GLN A 1277 1.43 74.87 34.58
CA GLN A 1277 1.05 73.55 34.06
C GLN A 1277 2.25 72.83 33.47
N VAL A 1278 3.32 72.73 34.26
CA VAL A 1278 4.54 72.06 33.85
C VAL A 1278 5.11 71.36 35.07
N LYS A 1279 5.85 70.28 34.82
CA LYS A 1279 6.42 69.49 35.91
C LYS A 1279 7.45 70.31 36.68
N HIS A 1280 7.63 69.96 37.96
CA HIS A 1280 8.57 70.67 38.82
C HIS A 1280 9.99 70.61 38.25
N THR A 1281 10.38 69.45 37.73
CA THR A 1281 11.72 69.31 37.15
C THR A 1281 11.85 70.12 35.86
N ASP A 1282 10.78 70.26 35.10
CA ASP A 1282 10.85 70.95 33.81
C ASP A 1282 10.70 72.46 33.93
N THR A 1283 10.46 72.99 35.12
CA THR A 1283 10.34 74.43 35.28
C THR A 1283 11.74 75.06 35.24
N PRO A 1284 11.89 76.22 34.59
CA PRO A 1284 13.21 76.87 34.57
C PRO A 1284 13.71 77.22 35.96
N ILE A 1285 15.05 77.18 36.10
CA ILE A 1285 15.66 77.47 37.40
C ILE A 1285 15.32 78.85 37.92
N PRO A 1286 15.28 79.91 37.12
CA PRO A 1286 14.89 81.22 37.67
C PRO A 1286 13.53 81.22 38.34
N LEU A 1287 12.58 80.46 37.83
CA LEU A 1287 11.31 80.25 38.50
C LEU A 1287 11.50 79.17 39.58
N GLY A 1288 10.42 78.61 40.08
CA GLY A 1288 10.55 77.51 41.01
C GLY A 1288 11.22 76.31 40.37
N GLY A 1289 12.49 76.07 40.71
CA GLY A 1289 13.26 75.05 40.04
C GLY A 1289 13.84 74.05 41.02
N ASN A 1290 14.27 72.91 40.47
CA ASN A 1290 14.86 71.83 41.26
C ASN A 1290 16.37 71.87 41.06
N GLY A 1291 17.07 72.45 42.04
CA GLY A 1291 18.51 72.55 41.97
C GLY A 1291 19.21 71.37 42.63
N ALA A 1292 18.75 70.16 42.36
CA ALA A 1292 19.32 68.94 42.92
C ALA A 1292 20.18 68.21 41.91
N MET A 1293 20.93 68.93 41.09
CA MET A 1293 21.76 68.31 40.08
C MET A 1293 22.94 67.58 40.70
N SER A 1294 23.51 66.67 39.93
CA SER A 1294 24.70 65.95 40.36
C SER A 1294 25.89 66.91 40.43
N ILE A 1295 26.78 66.66 41.37
CA ILE A 1295 27.97 67.50 41.50
C ILE A 1295 28.87 67.36 40.28
N MET A 1296 28.80 66.23 39.58
CA MET A 1296 29.60 66.02 38.39
C MET A 1296 29.24 67.03 37.31
N GLU A 1297 27.94 67.18 37.04
CA GLU A 1297 27.50 68.13 36.02
C GLU A 1297 27.78 69.56 36.45
N LEU A 1298 27.61 69.87 37.73
CA LEU A 1298 27.89 71.21 38.23
C LEU A 1298 29.36 71.57 38.06
N ALA A 1299 30.26 70.64 38.39
CA ALA A 1299 31.68 70.93 38.30
C ALA A 1299 32.17 70.97 36.86
N THR A 1300 31.69 70.03 36.03
CA THR A 1300 32.18 69.91 34.67
C THR A 1300 31.45 70.85 33.72
N ALA A 1301 30.12 70.69 33.61
CA ALA A 1301 29.36 71.45 32.62
C ALA A 1301 29.26 72.91 33.02
N GLY A 1302 28.66 73.18 34.17
CA GLY A 1302 28.49 74.55 34.62
C GLY A 1302 27.37 74.62 35.64
N ILE A 1303 26.94 75.86 35.89
CA ILE A 1303 25.88 76.13 36.86
C ILE A 1303 24.53 76.28 36.19
N GLY A 1304 24.47 77.03 35.09
CA GLY A 1304 23.22 77.24 34.38
C GLY A 1304 23.00 76.24 33.27
N MET A 1305 23.71 75.11 33.33
CA MET A 1305 23.57 74.08 32.30
C MET A 1305 22.23 73.38 32.35
N SER A 1306 21.55 73.40 33.50
CA SER A 1306 20.22 72.80 33.57
C SER A 1306 19.24 73.51 32.64
N ASP A 1307 19.28 74.84 32.62
CA ASP A 1307 18.42 75.59 31.72
C ASP A 1307 18.77 75.30 30.26
N LYS A 1308 20.05 75.18 29.94
CA LYS A 1308 20.45 74.87 28.58
C LYS A 1308 19.95 73.50 28.16
N ASN A 1309 20.07 72.50 29.04
CA ASN A 1309 19.56 71.17 28.72
C ASN A 1309 18.06 71.18 28.56
N LEU A 1310 17.35 71.92 29.43
CA LEU A 1310 15.90 72.00 29.32
C LEU A 1310 15.48 72.64 28.00
N LEU A 1311 16.17 73.72 27.60
CA LEU A 1311 15.85 74.38 26.34
C LEU A 1311 16.15 73.46 25.15
N LYS A 1312 17.27 72.74 25.20
CA LYS A 1312 17.59 71.80 24.14
C LYS A 1312 16.53 70.72 24.02
N ARG A 1313 16.10 70.17 25.16
CA ARG A 1313 15.05 69.15 25.15
C ARG A 1313 13.74 69.72 24.63
N ALA A 1314 13.42 70.96 25.00
CA ALA A 1314 12.18 71.58 24.52
C ALA A 1314 12.19 71.78 23.01
N LEU A 1315 13.31 72.26 22.46
CA LEU A 1315 13.41 72.41 21.01
C LEU A 1315 13.37 71.06 20.30
N LEU A 1316 14.00 70.04 20.88
CA LEU A 1316 13.93 68.70 20.28
C LEU A 1316 12.51 68.18 20.29
N GLY A 1317 11.79 68.40 21.39
CA GLY A 1317 10.40 67.96 21.45
C GLY A 1317 9.50 68.72 20.49
N TYR A 1318 9.78 70.01 20.29
CA TYR A 1318 8.95 70.80 19.39
C TYR A 1318 9.04 70.28 17.96
N SER A 1319 10.22 69.82 17.54
CA SER A 1319 10.35 69.17 16.25
C SER A 1319 9.70 67.79 16.30
N HIS A 1320 9.78 67.07 15.18
CA HIS A 1320 9.20 65.69 15.09
C HIS A 1320 7.67 65.77 15.26
N LYS A 1321 7.22 66.14 16.44
CA LYS A 1321 5.77 66.31 16.76
C LYS A 1321 5.59 67.70 17.39
N ARG A 1322 4.48 68.38 17.10
CA ARG A 1322 4.23 69.74 17.64
C ARG A 1322 3.27 69.65 18.82
N GLN A 1323 3.78 69.37 20.02
CA GLN A 1323 2.95 69.26 21.21
C GLN A 1323 2.75 70.64 21.82
N LYS A 1324 2.10 70.70 22.98
CA LYS A 1324 1.88 71.93 23.70
C LYS A 1324 2.67 72.02 24.99
N SER A 1325 3.00 70.89 25.62
CA SER A 1325 3.76 70.93 26.87
C SER A 1325 5.18 71.45 26.64
N MET A 1326 5.74 71.21 25.45
CA MET A 1326 7.07 71.71 25.14
C MET A 1326 7.06 73.15 24.66
N LEU A 1327 6.07 73.53 23.84
CA LEU A 1327 5.91 74.93 23.51
C LEU A 1327 5.59 75.76 24.75
N TYR A 1328 5.02 75.13 25.78
CA TYR A 1328 4.87 75.80 27.07
C TYR A 1328 6.22 76.15 27.67
N ILE A 1329 7.18 75.24 27.59
CA ILE A 1329 8.53 75.52 28.09
C ILE A 1329 9.18 76.61 27.25
N LEU A 1330 8.97 76.56 25.94
CA LEU A 1330 9.48 77.63 25.07
C LEU A 1330 8.91 78.99 25.47
N GLY A 1331 7.61 79.03 25.77
CA GLY A 1331 7.00 80.28 26.20
C GLY A 1331 7.53 80.75 27.54
N LEU A 1332 7.78 79.80 28.46
CA LEU A 1332 8.38 80.17 29.73
C LEU A 1332 9.76 80.79 29.54
N PHE A 1333 10.57 80.20 28.65
CA PHE A 1333 11.88 80.76 28.36
C PHE A 1333 11.77 82.14 27.72
N LYS A 1334 10.80 82.32 26.81
CA LYS A 1334 10.60 83.63 26.20
C LYS A 1334 10.18 84.66 27.24
N PHE A 1335 9.33 84.27 28.18
CA PHE A 1335 8.94 85.18 29.25
C PHE A 1335 10.14 85.56 30.12
N LEU A 1336 11.00 84.58 30.41
CA LEU A 1336 12.22 84.88 31.16
C LEU A 1336 13.10 85.86 30.40
N MET A 1337 13.23 85.66 29.10
CA MET A 1337 14.05 86.57 28.29
C MET A 1337 13.44 87.98 28.26
N LYS A 1338 12.12 88.06 28.18
CA LYS A 1338 11.46 89.37 28.21
C LYS A 1338 11.71 90.08 29.53
N LEU A 1339 11.65 89.33 30.64
CA LEU A 1339 11.97 89.92 31.94
C LEU A 1339 13.43 90.36 31.99
N SER A 1340 14.33 89.56 31.44
CA SER A 1340 15.75 89.88 31.47
C SER A 1340 16.07 91.13 30.66
N ASP A 1341 15.41 91.32 29.52
CA ASP A 1341 15.69 92.48 28.66
C ASP A 1341 14.96 93.72 29.15
N GLU A 1342 15.09 94.02 30.45
CA GLU A 1342 14.56 95.24 31.03
C GLU A 1342 15.53 95.86 32.03
N THR A 1343 16.77 95.39 32.07
CA THR A 1343 17.77 95.85 33.02
C THR A 1343 19.07 96.06 32.24
N PHE A 1344 20.17 96.25 32.96
CA PHE A 1344 21.47 96.44 32.31
C PHE A 1344 21.83 95.21 31.49
N GLN A 1345 22.33 95.45 30.28
CA GLN A 1345 22.72 94.35 29.40
C GLN A 1345 24.03 93.71 29.82
N HIS A 1346 24.89 94.41 30.54
CA HIS A 1346 26.16 93.84 30.98
C HIS A 1346 26.00 92.85 32.13
N GLU A 1347 24.81 92.77 32.72
CA GLU A 1347 24.58 91.76 33.76
C GLU A 1347 24.71 90.35 33.19
N ARG A 1348 24.16 90.12 31.99
CA ARG A 1348 24.30 88.83 31.35
C ARG A 1348 25.74 88.56 30.94
N LEU A 1349 26.53 89.59 30.66
CA LEU A 1349 27.94 89.42 30.37
C LEU A 1349 28.67 89.01 31.64
N GLY A 1350 29.47 87.96 31.54
CA GLY A 1350 30.18 87.46 32.70
C GLY A 1350 29.25 86.72 33.65
N GLN A 1351 29.82 86.39 34.81
CA GLN A 1351 29.10 85.69 35.87
C GLN A 1351 28.51 84.37 35.38
N PHE A 1352 27.50 83.86 36.08
CA PHE A 1352 26.85 82.63 35.67
C PHE A 1352 26.06 82.83 34.39
N SER A 1353 26.03 81.79 33.55
CA SER A 1353 25.31 81.87 32.29
C SER A 1353 23.83 81.59 32.50
N PHE A 1354 22.99 82.32 31.77
CA PHE A 1354 21.55 82.14 31.87
C PHE A 1354 20.88 82.65 30.60
N ILE A 1355 19.79 81.99 30.22
CA ILE A 1355 18.97 82.49 29.12
C ILE A 1355 18.22 83.74 29.55
N GLY A 1356 17.64 83.73 30.74
CA GLY A 1356 16.96 84.88 31.28
C GLY A 1356 16.57 84.59 32.72
N LYS A 1357 16.34 85.66 33.48
CA LYS A 1357 16.08 85.49 34.89
C LYS A 1357 15.15 86.60 35.39
N VAL A 1358 14.58 86.36 36.55
CA VAL A 1358 13.70 87.33 37.21
C VAL A 1358 14.55 88.22 38.10
N GLN A 1359 14.35 89.53 38.00
CA GLN A 1359 15.07 90.48 38.83
C GLN A 1359 14.37 90.65 40.17
N TRP A 1360 15.16 90.74 41.24
CA TRP A 1360 14.64 90.85 42.59
C TRP A 1360 15.02 92.19 43.18
N LYS A 1361 14.25 92.63 44.17
CA LYS A 1361 14.44 93.95 44.76
C LYS A 1361 15.72 94.01 45.58
N ILE A 1362 16.28 95.22 45.67
CA ILE A 1362 17.47 95.48 46.46
C ILE A 1362 17.02 96.27 47.69
N PHE A 1363 17.06 95.64 48.86
CA PHE A 1363 16.58 96.26 50.09
C PHE A 1363 17.71 96.94 50.85
N THR A 1364 18.31 97.93 50.21
CA THR A 1364 19.31 98.76 50.86
C THR A 1364 19.32 100.13 50.19
N PRO A 1365 19.47 101.21 50.95
CA PRO A 1365 19.47 102.54 50.33
C PRO A 1365 20.71 102.75 49.46
N LYS A 1366 20.53 103.55 48.42
CA LYS A 1366 21.63 103.92 47.55
C LYS A 1366 22.51 105.02 48.14
N SER A 1367 22.06 105.65 49.22
CA SER A 1367 22.83 106.73 49.85
C SER A 1367 23.92 106.20 50.78
N GLU A 1368 23.97 104.89 51.02
CA GLU A 1368 25.02 104.34 51.88
C GLU A 1368 26.40 104.57 51.26
N PHE A 1369 26.51 104.38 49.95
CA PHE A 1369 27.75 104.63 49.23
C PHE A 1369 27.75 106.07 48.73
N GLU A 1370 28.89 106.75 48.89
CA GLU A 1370 28.92 108.20 48.68
C GLU A 1370 28.64 108.58 47.24
N PHE A 1371 29.24 107.87 46.29
CA PHE A 1371 29.19 108.28 44.88
C PHE A 1371 28.15 107.53 44.07
N ALA A 1372 27.30 106.72 44.70
CA ALA A 1372 26.25 106.03 43.97
C ALA A 1372 25.25 107.02 43.38
N ASP A 1373 24.90 108.05 44.15
CA ASP A 1373 23.90 109.04 43.73
C ASP A 1373 24.57 110.21 43.01
N MET A 1374 25.34 109.88 41.98
CA MET A 1374 25.94 110.88 41.11
C MET A 1374 25.33 110.90 39.72
N TYR A 1375 25.05 109.72 39.15
CA TYR A 1375 24.37 109.60 37.87
C TYR A 1375 23.08 108.84 38.09
N THR A 1376 21.99 109.34 37.52
CA THR A 1376 20.70 108.70 37.70
C THR A 1376 20.65 107.35 36.99
N SER A 1377 19.69 106.52 37.40
CA SER A 1377 19.57 105.18 36.83
C SER A 1377 19.27 105.25 35.33
N LYS A 1378 18.38 106.17 34.93
CA LYS A 1378 18.08 106.34 33.51
C LYS A 1378 19.30 106.81 32.74
N PHE A 1379 20.08 107.71 33.35
CA PHE A 1379 21.35 108.11 32.75
C PHE A 1379 22.24 106.90 32.49
N LEU A 1380 22.39 106.04 33.50
CA LEU A 1380 23.26 104.88 33.35
C LEU A 1380 22.73 103.93 32.27
N GLU A 1381 21.41 103.72 32.24
CA GLU A 1381 20.84 102.84 31.24
C GLU A 1381 21.07 103.38 29.82
N LEU A 1382 20.83 104.67 29.62
CA LEU A 1382 20.99 105.23 28.29
C LEU A 1382 22.46 105.31 27.88
N TRP A 1383 23.36 105.56 28.84
CA TRP A 1383 24.78 105.53 28.54
C TRP A 1383 25.23 104.12 28.16
N SER A 1384 24.72 103.11 28.87
CA SER A 1384 25.06 101.74 28.54
C SER A 1384 24.54 101.35 27.15
N SER A 1385 23.32 101.77 26.83
CA SER A 1385 22.79 101.49 25.49
C SER A 1385 23.60 102.20 24.41
N GLN A 1386 23.96 103.46 24.65
CA GLN A 1386 24.74 104.20 23.67
C GLN A 1386 26.15 103.65 23.55
N HIS A 1387 26.81 103.37 24.67
CA HIS A 1387 28.17 102.86 24.70
C HIS A 1387 28.11 101.39 25.09
N VAL A 1388 27.90 100.53 24.09
CA VAL A 1388 27.86 99.09 24.31
C VAL A 1388 29.26 98.48 24.28
N THR A 1389 30.22 99.13 23.62
CA THR A 1389 31.60 98.63 23.59
C THR A 1389 32.22 98.58 24.97
N TYR A 1390 31.72 99.37 25.91
CA TYR A 1390 32.28 99.39 27.26
C TYR A 1390 31.75 98.26 28.13
N ASP A 1391 30.80 97.48 27.64
CA ASP A 1391 30.42 96.26 28.34
C ASP A 1391 31.51 95.20 28.24
N TYR A 1392 32.31 95.24 27.18
CA TYR A 1392 33.34 94.24 26.92
C TYR A 1392 34.75 94.71 27.20
N ILE A 1393 35.01 96.02 27.19
CA ILE A 1393 36.32 96.56 27.50
C ILE A 1393 36.17 97.64 28.55
N ILE A 1394 37.24 97.88 29.30
CA ILE A 1394 37.24 98.88 30.37
C ILE A 1394 37.68 100.22 29.79
N PRO A 1395 36.94 101.29 30.03
CA PRO A 1395 37.34 102.60 29.50
C PRO A 1395 38.66 103.06 30.10
N LYS A 1396 39.39 103.87 29.32
CA LYS A 1396 40.67 104.41 29.73
C LYS A 1396 40.56 105.86 30.20
N GLY A 1397 39.92 106.72 29.42
CA GLY A 1397 39.77 108.10 29.80
C GLY A 1397 38.84 108.26 30.98
N ARG A 1398 39.08 109.32 31.76
CA ARG A 1398 38.33 109.50 33.00
C ARG A 1398 36.86 109.80 32.74
N ASP A 1399 36.55 110.44 31.61
CA ASP A 1399 35.17 110.82 31.34
C ASP A 1399 34.26 109.60 31.26
N ASN A 1400 34.72 108.55 30.58
CA ASN A 1400 33.96 107.31 30.50
C ASN A 1400 34.22 106.38 31.68
N LEU A 1401 35.43 106.41 32.23
CA LEU A 1401 35.76 105.51 33.33
C LEU A 1401 34.99 105.86 34.59
N LEU A 1402 34.75 107.15 34.83
CA LEU A 1402 33.98 107.54 36.01
C LEU A 1402 32.54 107.03 35.91
N ILE A 1403 31.92 107.15 34.74
CA ILE A 1403 30.58 106.62 34.56
C ILE A 1403 30.58 105.10 34.65
N TYR A 1404 31.62 104.46 34.12
CA TYR A 1404 31.74 103.00 34.23
C TYR A 1404 31.80 102.57 35.69
N LEU A 1405 32.59 103.30 36.50
CA LEU A 1405 32.72 102.94 37.91
C LEU A 1405 31.44 103.23 38.68
N VAL A 1406 30.73 104.30 38.34
CA VAL A 1406 29.47 104.58 39.02
C VAL A 1406 28.43 103.52 38.67
N ARG A 1407 28.40 103.08 37.41
CA ARG A 1407 27.51 101.99 37.02
C ARG A 1407 27.91 100.69 37.72
N LYS A 1408 29.21 100.45 37.86
CA LYS A 1408 29.69 99.26 38.56
C LYS A 1408 29.29 99.29 40.02
N LEU A 1409 29.29 100.47 40.64
CA LEU A 1409 28.96 100.59 42.06
C LEU A 1409 27.50 100.26 42.32
N ASN A 1410 26.61 100.60 41.40
CA ASN A 1410 25.18 100.34 41.56
C ASN A 1410 24.77 98.93 41.16
N ASP A 1411 25.72 98.11 40.73
CA ASP A 1411 25.42 96.72 40.38
C ASP A 1411 24.89 95.99 41.61
N PRO A 1412 23.73 95.33 41.52
CA PRO A 1412 23.19 94.64 42.71
C PRO A 1412 24.14 93.62 43.31
N SER A 1413 24.87 92.88 42.49
CA SER A 1413 25.81 91.90 43.03
C SER A 1413 26.91 92.59 43.83
N ILE A 1414 27.46 93.68 43.29
CA ILE A 1414 28.52 94.40 43.99
C ILE A 1414 27.97 95.09 45.22
N VAL A 1415 26.74 95.61 45.14
CA VAL A 1415 26.12 96.23 46.31
C VAL A 1415 25.97 95.21 47.43
N THR A 1416 25.49 94.01 47.10
CA THR A 1416 25.35 92.98 48.12
C THR A 1416 26.70 92.56 48.68
N ALA A 1417 27.71 92.43 47.81
CA ALA A 1417 29.05 92.08 48.29
C ALA A 1417 29.56 93.13 49.26
N MET A 1418 29.31 94.41 48.97
CA MET A 1418 29.70 95.49 49.88
C MET A 1418 28.88 95.52 51.16
N THR A 1419 27.65 95.00 51.13
CA THR A 1419 26.80 94.96 52.32
C THR A 1419 26.60 93.53 52.82
N MET A 1420 27.56 92.65 52.56
CA MET A 1420 27.37 91.22 52.76
C MET A 1420 27.29 90.85 54.23
N GLN A 1421 28.06 91.53 55.07
CA GLN A 1421 28.12 91.25 56.50
C GLN A 1421 27.47 92.37 57.32
N SER A 1422 26.37 92.90 56.81
CA SER A 1422 25.68 94.01 57.46
C SER A 1422 24.29 93.57 57.88
N PRO A 1423 23.73 94.20 58.93
CA PRO A 1423 22.36 93.86 59.35
C PRO A 1423 21.30 94.17 58.31
N LEU A 1424 21.62 95.01 57.31
CA LEU A 1424 20.64 95.39 56.31
C LEU A 1424 20.17 94.21 55.47
N GLN A 1425 20.95 93.13 55.41
CA GLN A 1425 20.58 91.98 54.61
C GLN A 1425 19.41 91.19 55.19
N LEU A 1426 19.13 91.34 56.48
CA LEU A 1426 17.98 90.67 57.07
C LEU A 1426 16.66 91.17 56.50
N ARG A 1427 16.65 92.41 56.00
CA ARG A 1427 15.43 92.96 55.40
C ARG A 1427 14.94 92.09 54.25
N PHE A 1428 15.84 91.77 53.30
CA PHE A 1428 15.45 90.98 52.15
C PHE A 1428 14.99 89.59 52.58
N ARG A 1429 15.69 88.98 53.54
CA ARG A 1429 15.30 87.65 53.99
C ARG A 1429 13.91 87.66 54.61
N MET A 1430 13.60 88.67 55.42
CA MET A 1430 12.28 88.73 56.02
C MET A 1430 11.20 89.03 54.99
N GLN A 1431 11.50 89.86 53.98
CA GLN A 1431 10.53 90.10 52.92
C GLN A 1431 10.27 88.83 52.13
N ALA A 1432 11.31 88.04 51.83
CA ALA A 1432 11.14 86.82 51.07
C ALA A 1432 10.39 85.77 51.87
N LYS A 1433 10.69 85.64 53.16
CA LYS A 1433 10.00 84.65 53.98
C LYS A 1433 8.53 84.99 54.15
N GLN A 1434 8.20 86.28 54.20
CA GLN A 1434 6.81 86.72 54.33
C GLN A 1434 6.08 86.79 53.00
N HIS A 1435 6.75 86.47 51.89
CA HIS A 1435 6.15 86.44 50.56
C HIS A 1435 5.53 87.79 50.20
N MET A 1436 6.39 88.80 50.15
CA MET A 1436 5.99 90.17 49.84
C MET A 1436 6.50 90.50 48.43
N LYS A 1437 6.24 91.73 47.99
CA LYS A 1437 6.68 92.20 46.68
C LYS A 1437 8.19 92.23 46.61
N VAL A 1438 8.79 91.30 45.87
CA VAL A 1438 10.24 91.18 45.83
C VAL A 1438 10.74 91.08 44.38
N CYS A 1439 9.85 90.80 43.44
CA CYS A 1439 10.21 90.60 42.04
C CYS A 1439 9.60 91.71 41.19
N ARG A 1440 9.93 91.68 39.90
CA ARG A 1440 9.45 92.67 38.94
C ARG A 1440 8.61 91.99 37.87
N LEU A 1441 7.43 92.56 37.61
CA LEU A 1441 6.60 92.24 36.45
C LEU A 1441 6.24 93.59 35.83
N ASP A 1442 6.93 93.95 34.75
CA ASP A 1442 6.84 95.29 34.17
C ASP A 1442 7.37 96.30 35.18
N GLY A 1443 6.97 97.56 35.05
CA GLY A 1443 7.50 98.62 35.89
C GLY A 1443 7.03 98.63 37.34
N GLU A 1444 6.47 97.52 37.82
CA GLU A 1444 5.92 97.47 39.16
C GLU A 1444 6.55 96.33 39.94
N TRP A 1445 6.61 96.51 41.26
CA TRP A 1445 7.08 95.49 42.19
C TRP A 1445 5.97 94.48 42.41
N VAL A 1446 6.29 93.19 42.23
CA VAL A 1446 5.30 92.13 42.33
C VAL A 1446 5.83 90.99 43.18
N THR A 1447 4.92 90.15 43.66
CA THR A 1447 5.27 88.95 44.41
C THR A 1447 5.62 87.81 43.44
N PHE A 1448 6.32 86.80 43.95
CA PHE A 1448 6.76 85.68 43.13
C PHE A 1448 5.59 84.92 42.53
N ARG A 1449 4.47 84.82 43.27
CA ARG A 1449 3.27 84.18 42.75
C ARG A 1449 2.75 84.93 41.53
N GLU A 1450 2.80 86.25 41.57
CA GLU A 1450 2.40 87.05 40.42
C GLU A 1450 3.31 86.77 39.22
N VAL A 1451 4.60 86.61 39.46
CA VAL A 1451 5.53 86.28 38.38
C VAL A 1451 5.18 84.92 37.78
N LEU A 1452 4.88 83.93 38.64
CA LEU A 1452 4.51 82.62 38.15
C LEU A 1452 3.22 82.67 37.32
N ALA A 1453 2.23 83.42 37.81
CA ALA A 1453 0.97 83.55 37.08
C ALA A 1453 1.18 84.23 35.74
N ALA A 1454 2.00 85.28 35.71
CA ALA A 1454 2.29 85.96 34.45
C ALA A 1454 3.04 85.05 33.49
N ALA A 1455 3.97 84.24 34.00
CA ALA A 1455 4.67 83.29 33.15
C ALA A 1455 3.71 82.29 32.55
N ASN A 1456 2.77 81.77 33.36
CA ASN A 1456 1.77 80.84 32.84
C ASN A 1456 0.90 81.51 31.77
N SER A 1457 0.47 82.74 32.03
CA SER A 1457 -0.38 83.44 31.08
C SER A 1457 0.34 83.70 29.77
N PHE A 1458 1.62 84.06 29.84
CA PHE A 1458 2.38 84.33 28.61
C PHE A 1458 2.68 83.04 27.86
N ALA A 1459 2.96 81.95 28.57
CA ALA A 1459 3.33 80.71 27.90
C ALA A 1459 2.12 79.99 27.31
N GLU A 1460 0.95 80.12 27.93
CA GLU A 1460 -0.23 79.45 27.40
C GLU A 1460 -0.68 80.03 26.07
N ASN A 1461 -0.32 81.28 25.78
CA ASN A 1461 -0.72 81.95 24.55
C ASN A 1461 0.49 82.43 23.75
N TYR A 1462 1.51 81.58 23.65
CA TYR A 1462 2.74 81.90 22.95
C TYR A 1462 2.78 81.14 21.63
N SER A 1463 3.12 81.86 20.55
CA SER A 1463 3.19 81.28 19.22
C SER A 1463 4.64 81.28 18.76
N ALA A 1464 5.11 80.13 18.29
CA ALA A 1464 6.50 79.99 17.87
C ALA A 1464 6.75 80.80 16.60
N THR A 1465 7.96 81.34 16.51
CA THR A 1465 8.36 82.19 15.40
C THR A 1465 9.71 81.71 14.86
N SER A 1466 9.89 81.87 13.55
CA SER A 1466 11.13 81.40 12.91
C SER A 1466 12.34 82.11 13.48
N GLN A 1467 12.27 83.42 13.67
CA GLN A 1467 13.36 84.16 14.29
C GLN A 1467 13.56 83.73 15.75
N ASP A 1468 12.46 83.49 16.46
CA ASP A 1468 12.58 82.97 17.82
C ASP A 1468 13.22 81.59 17.84
N MET A 1469 12.87 80.75 16.86
CA MET A 1469 13.52 79.45 16.74
C MET A 1469 15.01 79.61 16.49
N ASP A 1470 15.38 80.54 15.61
CA ASP A 1470 16.80 80.76 15.32
C ASP A 1470 17.55 81.23 16.56
N LEU A 1471 16.93 82.11 17.35
CA LEU A 1471 17.59 82.61 18.56
C LEU A 1471 17.69 81.52 19.62
N PHE A 1472 16.65 80.69 19.75
CA PHE A 1472 16.72 79.56 20.67
C PHE A 1472 17.81 78.58 20.26
N GLN A 1473 17.94 78.32 18.96
CA GLN A 1473 19.05 77.49 18.48
C GLN A 1473 20.40 78.16 18.74
N THR A 1474 20.46 79.49 18.60
CA THR A 1474 21.68 80.21 18.93
C THR A 1474 22.09 79.94 20.38
N LEU A 1475 21.11 79.97 21.29
CA LEU A 1475 21.38 79.59 22.67
C LEU A 1475 21.83 78.13 22.75
N THR A 1476 21.17 77.24 21.99
CA THR A 1476 21.47 75.82 22.08
C THR A 1476 22.75 75.46 21.33
N SER A 1477 23.13 76.25 20.32
CA SER A 1477 24.24 75.88 19.46
C SER A 1477 25.57 75.99 20.20
N CYS A 1478 26.66 75.73 19.47
CA CYS A 1478 27.98 75.72 20.05
C CYS A 1478 28.38 77.12 20.52
N THR A 1479 29.56 77.22 21.12
CA THR A 1479 30.03 78.44 21.74
C THR A 1479 31.26 78.97 21.01
N PHE A 1480 31.56 80.25 21.24
CA PHE A 1480 32.74 80.86 20.66
C PHE A 1480 34.02 80.32 21.27
N SER A 1481 33.95 79.80 22.50
CA SER A 1481 35.08 79.18 23.16
C SER A 1481 35.01 77.67 22.99
N LYS A 1482 36.17 77.04 22.82
CA LYS A 1482 36.22 75.59 22.69
C LYS A 1482 35.71 74.93 23.97
N GLU A 1483 34.54 74.31 23.90
CA GLU A 1483 33.91 73.68 25.05
C GLU A 1483 33.87 72.18 24.85
N TYR A 1484 34.17 71.44 25.90
CA TYR A 1484 34.04 69.99 25.87
C TYR A 1484 32.59 69.59 26.11
N ALA A 1485 32.10 68.65 25.30
CA ALA A 1485 30.73 68.18 25.42
C ALA A 1485 30.63 67.24 26.61
N TRP A 1486 30.31 67.80 27.77
CA TRP A 1486 30.23 67.01 28.99
C TRP A 1486 28.96 66.16 29.03
N LYS A 1487 27.88 66.62 28.38
CA LYS A 1487 26.61 65.89 28.45
C LYS A 1487 26.74 64.51 27.82
N ASP A 1488 27.23 64.45 26.57
CA ASP A 1488 27.34 63.15 25.91
C ASP A 1488 28.51 62.34 26.48
N PHE A 1489 29.52 63.02 27.03
CA PHE A 1489 30.60 62.31 27.70
C PHE A 1489 30.08 61.55 28.92
N LEU A 1490 29.28 62.23 29.75
CA LEU A 1490 28.73 61.57 30.93
C LEU A 1490 27.66 60.55 30.56
N ASN A 1491 26.87 60.82 29.52
CA ASN A 1491 25.85 59.87 29.10
C ASN A 1491 26.47 58.58 28.59
N GLY A 1492 27.56 58.69 27.83
CA GLY A 1492 28.23 57.55 27.25
C GLY A 1492 29.35 56.96 28.07
N ILE A 1493 29.56 57.43 29.30
CA ILE A 1493 30.64 56.93 30.13
C ILE A 1493 30.17 55.69 30.89
N HIS A 1494 31.12 54.87 31.30
CA HIS A 1494 30.84 53.69 32.12
C HIS A 1494 31.99 53.49 33.10
N CYS A 1495 31.64 53.21 34.35
CA CYS A 1495 32.62 52.99 35.40
C CYS A 1495 32.50 51.57 35.92
N ASP A 1496 33.64 50.93 36.16
CA ASP A 1496 33.68 49.56 36.64
C ASP A 1496 34.54 49.49 37.89
N VAL A 1497 34.08 48.73 38.88
CA VAL A 1497 34.81 48.56 40.13
C VAL A 1497 35.87 47.49 39.95
N ILE A 1498 37.10 47.83 40.27
CA ILE A 1498 38.24 46.91 40.22
C ILE A 1498 38.62 46.53 41.65
N PRO A 1499 38.66 45.24 41.99
CA PRO A 1499 38.97 44.86 43.38
C PRO A 1499 40.42 45.12 43.75
N THR A 1500 40.76 46.39 43.96
CA THR A 1500 42.10 46.79 44.38
C THR A 1500 41.98 47.71 45.59
N LYS A 1501 42.86 47.52 46.57
CA LYS A 1501 42.84 48.34 47.77
C LYS A 1501 43.21 49.78 47.44
N GLN A 1502 42.58 50.71 48.15
CA GLN A 1502 42.85 52.13 47.94
C GLN A 1502 44.25 52.48 48.39
N VAL A 1503 44.95 53.27 47.57
CA VAL A 1503 46.30 53.72 47.86
C VAL A 1503 46.26 55.24 47.98
N GLN A 1504 46.71 55.76 49.11
CA GLN A 1504 46.70 57.19 49.37
C GLN A 1504 48.02 57.79 48.88
N ARG A 1505 47.96 58.52 47.77
CA ARG A 1505 49.13 59.17 47.20
C ARG A 1505 49.23 60.60 47.76
N ALA A 1506 50.13 61.40 47.19
CA ALA A 1506 50.31 62.77 47.63
C ALA A 1506 49.23 63.64 47.01
N LYS A 1507 49.41 64.97 47.10
CA LYS A 1507 48.48 65.92 46.52
C LYS A 1507 49.24 66.89 45.65
N VAL A 1508 48.74 67.10 44.43
CA VAL A 1508 49.33 68.06 43.50
C VAL A 1508 48.22 68.90 42.90
N ALA A 1509 48.51 70.17 42.64
CA ALA A 1509 47.54 71.12 42.12
C ALA A 1509 47.71 71.24 40.62
N ARG A 1510 46.64 71.00 39.87
CA ARG A 1510 46.65 71.07 38.42
C ARG A 1510 45.63 72.09 37.94
N THR A 1511 45.93 72.71 36.81
CA THR A 1511 45.05 73.73 36.23
C THR A 1511 44.01 73.04 35.37
N PHE A 1512 42.76 73.04 35.82
CA PHE A 1512 41.65 72.45 35.09
C PHE A 1512 40.94 73.56 34.32
N THR A 1513 41.16 73.60 33.01
CA THR A 1513 40.53 74.59 32.15
C THR A 1513 39.42 73.93 31.35
N VAL A 1514 38.25 74.54 31.35
CA VAL A 1514 37.11 74.01 30.63
C VAL A 1514 36.80 74.80 29.36
N ARG A 1515 37.17 76.08 29.32
CA ARG A 1515 36.88 76.93 28.18
C ARG A 1515 38.17 77.57 27.69
N GLU A 1516 38.53 77.30 26.44
CA GLU A 1516 39.74 77.81 25.83
C GLU A 1516 39.39 78.89 24.82
N LYS A 1517 40.41 79.41 24.13
CA LYS A 1517 40.23 80.42 23.10
C LYS A 1517 40.73 79.88 21.77
N ASP A 1518 39.94 80.09 20.72
CA ASP A 1518 40.33 79.63 19.39
C ASP A 1518 41.59 80.35 18.94
N GLN A 1519 42.56 79.57 18.46
CA GLN A 1519 43.84 80.13 18.06
C GLN A 1519 43.74 80.92 16.76
N ILE A 1520 42.70 80.68 15.96
CA ILE A 1520 42.57 81.41 14.69
C ILE A 1520 42.31 82.89 14.94
N ILE A 1521 41.57 83.23 15.99
CA ILE A 1521 41.33 84.62 16.33
C ILE A 1521 42.53 85.13 17.13
N GLN A 1522 43.33 86.01 16.50
CA GLN A 1522 44.55 86.48 17.13
C GLN A 1522 44.28 87.39 18.32
N ASN A 1523 43.09 87.98 18.42
CA ASN A 1523 42.73 88.86 19.51
C ASN A 1523 41.65 88.22 20.38
N SER A 1524 41.54 88.72 21.61
CA SER A 1524 40.51 88.23 22.50
C SER A 1524 39.13 88.60 21.97
N ILE A 1525 38.16 87.73 22.24
CA ILE A 1525 36.79 87.97 21.77
C ILE A 1525 36.23 89.28 22.30
N PRO A 1526 36.40 89.65 23.58
CA PRO A 1526 35.92 90.97 24.01
C PRO A 1526 36.52 92.12 23.21
N ALA A 1527 37.80 92.02 22.86
CA ALA A 1527 38.43 93.09 22.08
C ALA A 1527 37.78 93.24 20.71
N VAL A 1528 37.55 92.11 20.03
CA VAL A 1528 36.94 92.17 18.71
C VAL A 1528 35.50 92.67 18.79
N ILE A 1529 34.76 92.20 19.80
CA ILE A 1529 33.38 92.63 19.96
C ILE A 1529 33.31 94.13 20.21
N GLY A 1530 34.16 94.63 21.11
CA GLY A 1530 34.18 96.06 21.37
C GLY A 1530 34.62 96.87 20.16
N TYR A 1531 35.59 96.35 19.40
CA TYR A 1531 36.02 97.04 18.19
C TYR A 1531 34.90 97.13 17.17
N LYS A 1532 34.12 96.07 17.03
CA LYS A 1532 32.96 96.13 16.15
C LYS A 1532 31.94 97.13 16.64
N PHE A 1533 31.68 97.13 17.96
CA PHE A 1533 30.65 98.01 18.50
C PHE A 1533 31.13 99.45 18.67
N ALA A 1534 32.43 99.68 18.65
CA ALA A 1534 32.94 101.03 18.87
C ALA A 1534 32.63 101.92 17.67
N VAL A 1535 32.01 103.06 17.93
CA VAL A 1535 31.71 104.03 16.89
C VAL A 1535 32.38 105.38 17.14
N THR A 1536 32.69 105.71 18.39
CA THR A 1536 33.34 106.97 18.72
C THR A 1536 34.86 106.81 18.60
N VAL A 1537 35.54 107.94 18.39
CA VAL A 1537 36.99 107.92 18.25
C VAL A 1537 37.65 107.41 19.52
N GLU A 1538 37.18 107.86 20.68
CA GLU A 1538 37.82 107.47 21.93
C GLU A 1538 37.54 106.00 22.27
N GLU A 1539 36.36 105.49 21.90
CA GLU A 1539 36.13 104.04 22.03
C GLU A 1539 37.11 103.26 21.17
N MET A 1540 37.35 103.74 19.95
CA MET A 1540 38.31 103.08 19.07
C MET A 1540 39.71 103.11 19.67
N SER A 1541 40.10 104.25 20.25
CA SER A 1541 41.41 104.33 20.90
C SER A 1541 41.51 103.34 22.05
N ASP A 1542 40.46 103.25 22.86
CA ASP A 1542 40.47 102.33 23.99
C ASP A 1542 40.59 100.88 23.52
N VAL A 1543 39.83 100.51 22.49
CA VAL A 1543 39.87 99.12 22.04
C VAL A 1543 41.20 98.82 21.36
N LEU A 1544 41.81 99.80 20.69
CA LEU A 1544 43.14 99.59 20.13
C LEU A 1544 44.18 99.42 21.22
N ASP A 1545 44.07 100.20 22.30
CA ASP A 1545 44.99 100.04 23.43
C ASP A 1545 44.84 98.67 24.07
N THR A 1546 43.60 98.22 24.27
CA THR A 1546 43.40 96.91 24.90
C THR A 1546 43.85 95.77 24.00
N ALA A 1547 43.60 95.88 22.71
CA ALA A 1547 43.93 94.79 21.79
C ALA A 1547 45.45 94.68 21.62
N LYS A 1548 45.95 93.44 21.71
CA LYS A 1548 47.37 93.18 21.53
C LYS A 1548 47.80 93.21 20.07
N PHE A 1549 46.89 92.91 19.16
CA PHE A 1549 47.19 92.86 17.72
C PHE A 1549 46.18 93.76 17.00
N PRO A 1550 46.37 95.07 17.08
CA PRO A 1550 45.39 95.99 16.46
C PRO A 1550 45.25 95.81 14.95
N ASP A 1551 46.32 95.45 14.26
CA ASP A 1551 46.27 95.35 12.80
C ASP A 1551 45.40 94.20 12.33
N SER A 1552 45.22 93.16 13.15
CA SER A 1552 44.45 91.98 12.77
C SER A 1552 43.01 92.03 13.27
N LEU A 1553 42.59 93.17 13.82
CA LEU A 1553 41.22 93.28 14.34
C LEU A 1553 40.19 93.11 13.22
N SER A 1554 40.44 93.74 12.07
CA SER A 1554 39.51 93.62 10.95
C SER A 1554 39.44 92.19 10.44
N VAL A 1555 40.59 91.52 10.36
CA VAL A 1555 40.60 90.13 9.91
C VAL A 1555 39.84 89.24 10.89
N ASP A 1556 40.04 89.47 12.19
CA ASP A 1556 39.33 88.68 13.19
C ASP A 1556 37.83 88.91 13.11
N LEU A 1557 37.42 90.17 12.92
CA LEU A 1557 36.00 90.47 12.78
C LEU A 1557 35.41 89.81 11.54
N LYS A 1558 36.15 89.84 10.42
CA LYS A 1558 35.66 89.20 9.20
C LYS A 1558 35.51 87.70 9.38
N THR A 1559 36.49 87.06 10.03
CA THR A 1559 36.38 85.63 10.30
C THR A 1559 35.23 85.33 11.24
N MET A 1560 35.00 86.20 12.23
CA MET A 1560 33.89 86.03 13.16
C MET A 1560 32.57 86.06 12.41
N LYS A 1561 32.39 87.06 11.54
CA LYS A 1561 31.16 87.18 10.75
C LYS A 1561 30.99 85.99 9.83
N ASP A 1562 32.08 85.55 9.17
CA ASP A 1562 31.99 84.41 8.26
C ASP A 1562 31.59 83.15 9.01
N GLY A 1563 32.18 82.92 10.19
CA GLY A 1563 31.80 81.74 10.96
C GLY A 1563 30.36 81.79 11.43
N VAL A 1564 29.90 82.95 11.88
CA VAL A 1564 28.51 83.08 12.30
C VAL A 1564 27.57 82.82 11.13
N TYR A 1565 27.89 83.37 9.96
CA TYR A 1565 27.07 83.15 8.77
C TYR A 1565 27.09 81.69 8.34
N ARG A 1566 28.25 81.03 8.52
CA ARG A 1566 28.35 79.62 8.12
C ARG A 1566 27.51 78.73 9.03
N GLU A 1567 27.63 78.90 10.35
CA GLU A 1567 26.90 78.05 11.27
C GLU A 1567 25.46 78.50 11.47
N LEU A 1568 25.18 79.79 11.32
CA LEU A 1568 23.86 80.34 11.54
C LEU A 1568 23.45 81.23 10.39
N GLY A 1569 22.14 81.31 10.16
CA GLY A 1569 21.63 82.26 9.17
C GLY A 1569 21.69 83.70 9.61
N LEU A 1570 22.08 83.95 10.86
CA LEU A 1570 22.10 85.31 11.39
C LEU A 1570 23.34 86.05 10.91
N ASP A 1571 23.17 87.31 10.56
CA ASP A 1571 24.25 88.16 10.07
C ASP A 1571 24.56 89.22 11.12
N ILE A 1572 25.83 89.26 11.55
CA ILE A 1572 26.24 90.19 12.61
C ILE A 1572 26.50 91.59 12.10
N SER A 1573 26.28 91.85 10.81
CA SER A 1573 26.48 93.20 10.28
C SER A 1573 25.53 94.20 10.93
N LEU A 1574 24.28 93.81 11.12
CA LEU A 1574 23.32 94.68 11.78
C LEU A 1574 23.69 94.84 13.24
N PRO A 1575 23.79 96.07 13.76
CA PRO A 1575 24.19 96.25 15.17
C PRO A 1575 23.26 95.57 16.15
N ASP A 1576 21.96 95.54 15.87
CA ASP A 1576 21.01 94.89 16.77
C ASP A 1576 21.26 93.39 16.86
N VAL A 1577 21.55 92.75 15.72
CA VAL A 1577 21.74 91.30 15.70
C VAL A 1577 22.95 90.93 16.54
N MET A 1578 24.09 91.59 16.32
CA MET A 1578 25.27 91.27 17.10
C MET A 1578 25.08 91.65 18.56
N LYS A 1579 24.39 92.75 18.83
CA LYS A 1579 24.13 93.16 20.20
C LYS A 1579 23.35 92.10 20.95
N ARG A 1580 22.35 91.50 20.30
CA ARG A 1580 21.54 90.49 20.98
C ARG A 1580 22.29 89.16 21.10
N ILE A 1581 23.07 88.79 20.07
CA ILE A 1581 23.66 87.45 20.07
C ILE A 1581 25.03 87.36 20.73
N ALA A 1582 25.70 88.49 20.97
CA ALA A 1582 27.04 88.43 21.54
C ALA A 1582 27.10 87.84 22.93
N PRO A 1583 26.28 88.25 23.90
CA PRO A 1583 26.39 87.64 25.24
C PRO A 1583 26.09 86.16 25.27
N MET A 1584 25.22 85.66 24.39
CA MET A 1584 24.93 84.23 24.37
C MET A 1584 25.97 83.43 23.59
N LEU A 1585 26.88 84.10 22.89
CA LEU A 1585 27.93 83.41 22.15
C LEU A 1585 29.28 83.48 22.87
N TYR A 1586 29.67 84.65 23.36
CA TYR A 1586 30.91 84.78 24.08
C TYR A 1586 30.71 84.52 25.57
N LYS A 1587 31.55 83.67 26.14
CA LYS A 1587 31.57 83.39 27.56
C LYS A 1587 32.99 83.54 28.08
N SER A 1588 33.10 83.76 29.39
CA SER A 1588 34.37 84.06 30.03
C SER A 1588 35.31 82.86 29.94
N SER A 1589 36.61 83.15 30.09
CA SER A 1589 37.67 82.16 30.01
C SER A 1589 38.38 82.02 31.36
N LYS A 1590 37.62 81.98 32.44
CA LYS A 1590 38.21 81.85 33.77
C LYS A 1590 38.88 80.49 33.93
N SER A 1591 40.03 80.49 34.58
CA SER A 1591 40.81 79.28 34.81
C SER A 1591 40.71 78.87 36.27
N ARG A 1592 40.78 77.57 36.52
CA ARG A 1592 40.62 77.01 37.86
C ARG A 1592 41.79 76.10 38.19
N VAL A 1593 42.07 75.97 39.48
CA VAL A 1593 43.10 75.08 39.99
C VAL A 1593 42.41 74.02 40.82
N VAL A 1594 42.64 72.75 40.48
CA VAL A 1594 42.00 71.62 41.14
C VAL A 1594 43.07 70.74 41.77
N ILE A 1595 42.87 70.40 43.04
CA ILE A 1595 43.80 69.54 43.76
C ILE A 1595 43.54 68.09 43.38
N VAL A 1596 44.55 67.43 42.83
CA VAL A 1596 44.44 66.05 42.39
C VAL A 1596 45.49 65.21 43.13
N GLN A 1597 45.28 63.89 43.12
CA GLN A 1597 46.09 63.01 43.95
C GLN A 1597 47.41 62.65 43.27
N GLY A 1598 47.35 61.95 42.15
CA GLY A 1598 48.56 61.36 41.61
C GLY A 1598 49.06 61.94 40.30
N ASN A 1599 49.12 61.10 39.26
CA ASN A 1599 49.69 61.47 37.98
C ASN A 1599 48.67 62.08 37.03
N VAL A 1600 47.63 62.73 37.57
CA VAL A 1600 46.61 63.31 36.72
C VAL A 1600 47.23 64.36 35.81
N GLU A 1601 47.07 64.19 34.51
CA GLU A 1601 47.64 65.12 33.54
C GLU A 1601 46.90 66.45 33.59
N GLY A 1602 47.60 67.52 33.22
CA GLY A 1602 47.02 68.85 33.24
C GLY A 1602 46.04 69.13 32.12
N THR A 1603 45.07 68.23 31.95
CA THR A 1603 44.01 68.39 30.96
C THR A 1603 42.66 68.24 31.63
N ALA A 1604 41.64 68.86 31.04
CA ALA A 1604 40.29 68.78 31.61
C ALA A 1604 39.79 67.35 31.66
N GLU A 1605 40.09 66.57 30.62
CA GLU A 1605 39.69 65.18 30.59
C GLU A 1605 40.28 64.41 31.75
N ALA A 1606 41.55 64.66 32.07
CA ALA A 1606 42.20 63.94 33.16
C ALA A 1606 41.58 64.31 34.51
N ILE A 1607 41.28 65.58 34.73
CA ILE A 1607 40.66 66.00 35.98
C ILE A 1607 39.27 65.37 36.11
N CYS A 1608 38.50 65.39 35.02
CA CYS A 1608 37.17 64.77 35.07
C CYS A 1608 37.28 63.27 35.36
N ARG A 1609 38.23 62.60 34.71
CA ARG A 1609 38.41 61.16 34.96
C ARG A 1609 38.79 60.91 36.41
N TYR A 1610 39.68 61.76 36.97
CA TYR A 1610 40.04 61.61 38.37
C TYR A 1610 38.82 61.77 39.27
N TRP A 1611 37.95 62.73 38.94
CA TRP A 1611 36.72 62.89 39.71
C TRP A 1611 35.83 61.66 39.62
N LEU A 1612 35.73 61.08 38.42
CA LEU A 1612 34.96 59.84 38.27
C LEU A 1612 35.55 58.71 39.11
N LYS A 1613 36.88 58.57 39.11
CA LYS A 1613 37.48 57.52 39.92
C LYS A 1613 37.38 57.82 41.41
N SER A 1614 37.06 59.05 41.77
CA SER A 1614 36.99 59.47 43.16
C SER A 1614 35.59 59.39 43.76
N MET A 1615 34.61 58.89 43.01
CA MET A 1615 33.25 58.83 43.53
C MET A 1615 33.16 57.90 44.73
N SER A 1616 33.82 56.75 44.65
CA SER A 1616 33.80 55.78 45.74
C SER A 1616 34.89 56.12 46.74
N LEU A 1617 34.51 56.16 48.02
CA LEU A 1617 35.47 56.51 49.07
C LEU A 1617 36.42 55.35 49.38
N VAL A 1618 36.01 54.11 49.13
CA VAL A 1618 36.80 52.94 49.48
C VAL A 1618 37.16 52.11 48.24
N LYS A 1619 36.23 51.92 47.32
CA LYS A 1619 36.46 51.03 46.19
C LYS A 1619 37.19 51.74 45.06
N THR A 1620 38.15 51.06 44.46
CA THR A 1620 38.83 51.58 43.28
C THR A 1620 37.91 51.49 42.07
N ILE A 1621 37.87 52.57 41.29
CA ILE A 1621 36.95 52.69 40.17
C ILE A 1621 37.76 52.82 38.89
N ARG A 1622 37.40 52.02 37.88
CA ARG A 1622 38.01 52.09 36.57
C ARG A 1622 36.97 52.56 35.55
N VAL A 1623 37.40 53.45 34.65
CA VAL A 1623 36.53 54.01 33.62
C VAL A 1623 36.74 53.20 32.34
N LYS A 1624 35.66 52.61 31.83
CA LYS A 1624 35.77 51.75 30.66
C LYS A 1624 36.26 52.49 29.42
N PRO A 1625 35.68 53.64 29.02
CA PRO A 1625 36.26 54.34 27.86
C PRO A 1625 37.54 55.08 28.24
N HIS A 1626 38.65 54.32 28.27
CA HIS A 1626 39.94 54.86 28.67
C HIS A 1626 40.62 55.67 27.57
N LYS A 1627 40.05 55.71 26.37
CA LYS A 1627 40.62 56.50 25.29
C LYS A 1627 40.32 57.99 25.48
N GLU A 1628 40.89 58.80 24.60
CA GLU A 1628 40.65 60.24 24.61
C GLU A 1628 39.30 60.53 23.96
N VAL A 1629 38.35 61.02 24.74
CA VAL A 1629 37.00 61.27 24.24
C VAL A 1629 36.74 62.77 24.34
N LEU A 1630 37.79 63.57 24.18
CA LEU A 1630 37.64 65.02 24.23
C LEU A 1630 36.81 65.53 23.06
N GLN A 1631 36.06 66.59 23.31
CA GLN A 1631 35.16 67.18 22.31
C GLN A 1631 35.39 68.68 22.22
N ALA A 1632 36.65 69.09 22.09
CA ALA A 1632 36.97 70.51 21.99
C ALA A 1632 36.43 71.04 20.68
N VAL A 1633 35.30 71.75 20.76
CA VAL A 1633 34.54 72.17 19.59
C VAL A 1633 34.15 73.64 19.77
N SER A 1634 34.16 74.39 18.67
CA SER A 1634 33.78 75.79 18.67
C SER A 1634 32.93 76.08 17.45
N ILE A 1635 32.51 77.33 17.30
CA ILE A 1635 31.77 77.74 16.11
C ILE A 1635 32.66 77.59 14.88
N PHE A 1636 33.93 77.96 15.01
CA PHE A 1636 34.84 77.95 13.82
C PHE A 1636 35.48 76.57 13.66
N ASN A 1637 35.26 75.66 14.61
CA ASN A 1637 35.82 74.29 14.50
C ASN A 1637 35.25 73.62 13.24
N ARG A 1638 33.93 73.71 13.07
CA ARG A 1638 33.24 73.13 11.90
C ARG A 1638 33.79 73.79 10.63
N LYS A 1639 34.05 75.10 10.68
CA LYS A 1639 34.62 75.83 9.51
C LYS A 1639 35.96 75.20 9.15
N GLU A 1640 36.87 75.07 10.12
CA GLU A 1640 38.21 74.48 9.85
C GLU A 1640 38.01 73.08 9.26
N ASP A 1641 37.06 72.32 9.81
CA ASP A 1641 36.77 70.94 9.32
C ASP A 1641 36.42 70.96 7.84
N ILE A 1642 35.40 71.75 7.44
CA ILE A 1642 34.96 71.73 6.02
C ILE A 1642 36.09 72.28 5.14
N GLY A 1643 36.95 73.12 5.73
CA GLY A 1643 38.11 73.67 5.00
C GLY A 1643 38.85 72.60 4.21
N GLN A 1644 38.93 71.36 4.71
CA GLN A 1644 39.59 70.30 3.97
C GLN A 1644 38.73 69.84 2.80
N GLN A 1645 37.41 69.74 3.01
CA GLN A 1645 36.51 69.34 1.93
C GLN A 1645 36.53 70.35 0.79
N LYS A 1646 36.50 71.65 1.11
CA LYS A 1646 36.55 72.66 0.06
C LYS A 1646 37.88 72.62 -0.67
N ASP A 1647 38.99 72.45 0.06
CA ASP A 1647 40.29 72.35 -0.59
C ASP A 1647 40.35 71.13 -1.51
N LEU A 1648 39.81 70.00 -1.06
CA LEU A 1648 39.77 68.80 -1.89
C LEU A 1648 38.95 69.02 -3.15
N ALA A 1649 37.78 69.64 -3.01
CA ALA A 1649 36.94 69.89 -4.18
C ALA A 1649 37.63 70.82 -5.16
N ALA A 1650 38.26 71.89 -4.66
CA ALA A 1650 38.95 72.82 -5.53
C ALA A 1650 40.11 72.14 -6.26
N LEU A 1651 40.89 71.34 -5.53
CA LEU A 1651 42.00 70.62 -6.16
C LEU A 1651 41.50 69.66 -7.22
N LYS A 1652 40.43 68.92 -6.93
CA LYS A 1652 39.90 67.97 -7.89
C LYS A 1652 39.38 68.68 -9.14
N LEU A 1653 38.70 69.80 -8.96
CA LEU A 1653 38.18 70.54 -10.10
C LEU A 1653 39.31 71.11 -10.95
N CYS A 1654 40.36 71.63 -10.30
CA CYS A 1654 41.52 72.10 -11.04
C CYS A 1654 42.19 70.95 -11.79
N ILE A 1655 42.26 69.77 -11.17
CA ILE A 1655 42.79 68.60 -11.85
C ILE A 1655 41.98 68.30 -13.10
N GLU A 1656 40.66 68.32 -12.97
CA GLU A 1656 39.80 67.97 -14.10
C GLU A 1656 39.96 68.97 -15.24
N VAL A 1657 39.94 70.27 -14.93
CA VAL A 1657 40.05 71.27 -15.99
C VAL A 1657 41.43 71.23 -16.62
N TRP A 1658 42.47 71.00 -15.81
CA TRP A 1658 43.82 70.86 -16.36
C TRP A 1658 43.91 69.66 -17.29
N ARG A 1659 43.37 68.51 -16.87
CA ARG A 1659 43.44 67.32 -17.69
C ARG A 1659 42.68 67.51 -19.00
N TRP A 1660 41.52 68.16 -18.94
CA TRP A 1660 40.78 68.42 -20.17
C TRP A 1660 41.55 69.35 -21.10
N CYS A 1661 42.17 70.40 -20.54
CA CYS A 1661 42.98 71.28 -21.36
C CYS A 1661 44.19 70.54 -21.94
N LYS A 1662 44.73 69.57 -21.20
CA LYS A 1662 45.83 68.76 -21.71
C LYS A 1662 45.39 67.90 -22.90
N ALA A 1663 44.23 67.26 -22.80
CA ALA A 1663 43.78 66.37 -23.87
C ALA A 1663 43.60 67.14 -25.17
N ASN A 1664 42.95 68.30 -25.09
CA ASN A 1664 42.78 69.17 -26.25
C ASN A 1664 43.90 70.20 -26.28
N SER A 1665 43.76 71.22 -27.11
CA SER A 1665 44.71 72.33 -27.17
C SER A 1665 44.01 73.56 -26.58
N ALA A 1666 44.35 73.88 -25.34
CA ALA A 1666 43.67 74.97 -24.65
C ALA A 1666 44.68 75.87 -23.95
N PRO A 1667 44.34 77.15 -23.77
CA PRO A 1667 45.23 78.06 -23.06
C PRO A 1667 45.23 77.82 -21.56
N TYR A 1668 46.11 76.91 -21.13
CA TYR A 1668 46.25 76.52 -19.73
C TYR A 1668 46.19 77.72 -18.79
N ARG A 1669 47.20 78.59 -18.90
CA ARG A 1669 47.35 79.69 -17.95
C ARG A 1669 46.25 80.73 -18.11
N ASP A 1670 45.86 81.01 -19.36
CA ASP A 1670 44.80 82.00 -19.58
C ASP A 1670 43.50 81.56 -18.94
N TRP A 1671 43.14 80.28 -19.08
CA TRP A 1671 41.97 79.75 -18.40
C TRP A 1671 42.15 79.81 -16.89
N PHE A 1672 43.35 79.45 -16.41
CA PHE A 1672 43.58 79.44 -14.97
C PHE A 1672 43.55 80.84 -14.38
N GLN A 1673 43.76 81.86 -15.21
CA GLN A 1673 43.56 83.24 -14.77
C GLN A 1673 42.16 83.75 -15.02
N ALA A 1674 41.29 82.95 -15.63
CA ALA A 1674 39.93 83.34 -15.96
C ALA A 1674 38.90 82.66 -15.07
N LEU A 1675 38.99 81.33 -14.93
CA LEU A 1675 38.01 80.59 -14.18
C LEU A 1675 38.07 80.94 -12.70
N TRP A 1676 36.91 80.87 -12.04
CA TRP A 1676 36.74 81.27 -10.65
C TRP A 1676 36.00 80.18 -9.90
N PHE A 1677 36.44 79.91 -8.68
CA PHE A 1677 35.80 78.91 -7.83
C PHE A 1677 35.65 79.49 -6.43
N GLU A 1678 34.43 79.42 -5.90
CA GLU A 1678 34.11 79.98 -4.59
C GLU A 1678 34.49 81.45 -4.51
N ASP A 1679 35.53 81.76 -3.74
CA ASP A 1679 36.01 83.13 -3.58
C ASP A 1679 37.47 83.29 -3.97
N LYS A 1680 38.06 82.29 -4.61
CA LYS A 1680 39.47 82.32 -4.97
C LYS A 1680 39.61 81.88 -6.43
N THR A 1681 40.36 82.66 -7.21
CA THR A 1681 40.55 82.32 -8.61
C THR A 1681 41.43 81.07 -8.73
N PHE A 1682 41.51 80.55 -9.96
CA PHE A 1682 42.22 79.30 -10.17
C PHE A 1682 43.73 79.46 -9.97
N SER A 1683 44.29 80.59 -10.42
CA SER A 1683 45.71 80.82 -10.21
C SER A 1683 46.04 80.95 -8.73
N GLU A 1684 45.19 81.65 -7.98
CA GLU A 1684 45.40 81.73 -6.53
C GLU A 1684 45.20 80.38 -5.87
N TRP A 1685 44.30 79.54 -6.39
CA TRP A 1685 44.17 78.19 -5.87
C TRP A 1685 45.45 77.40 -6.11
N LEU A 1686 46.05 77.56 -7.30
CA LEU A 1686 47.32 76.91 -7.58
C LEU A 1686 48.42 77.38 -6.63
N ASP A 1687 48.47 78.69 -6.37
CA ASP A 1687 49.46 79.22 -5.45
C ASP A 1687 49.24 78.68 -4.03
N ARG A 1688 47.99 78.59 -3.59
CA ARG A 1688 47.71 78.05 -2.28
C ARG A 1688 48.08 76.57 -2.20
N PHE A 1689 47.85 75.82 -3.27
CA PHE A 1689 48.25 74.42 -3.30
C PHE A 1689 49.76 74.28 -3.23
N CYS A 1690 50.50 75.16 -3.90
CA CYS A 1690 51.95 75.16 -3.77
C CYS A 1690 52.37 75.49 -2.34
N ARG A 1691 51.70 76.44 -1.70
CA ARG A 1691 52.10 76.89 -0.38
C ARG A 1691 51.81 75.84 0.69
N VAL A 1692 50.53 75.49 0.88
CA VAL A 1692 50.17 74.57 1.94
C VAL A 1692 50.46 73.12 1.57
N GLY A 1693 50.66 72.84 0.28
CA GLY A 1693 50.90 71.48 -0.15
C GLY A 1693 49.65 70.80 -0.64
N VAL A 1694 49.55 69.49 -0.43
CA VAL A 1694 48.41 68.70 -0.89
C VAL A 1694 47.92 67.79 0.22
N PRO A 1695 46.62 67.80 0.53
CA PRO A 1695 46.08 66.83 1.49
C PRO A 1695 46.21 65.42 0.96
N PRO A 1696 46.45 64.44 1.81
CA PRO A 1696 46.65 63.07 1.32
C PRO A 1696 45.34 62.38 0.96
N ILE A 1697 45.07 62.29 -0.34
CA ILE A 1697 43.94 61.51 -0.86
C ILE A 1697 44.45 60.71 -2.05
N ASP A 1698 44.31 59.40 -2.00
CA ASP A 1698 45.04 58.50 -2.89
C ASP A 1698 44.85 58.76 -4.38
N PRO A 1699 43.63 58.85 -4.93
CA PRO A 1699 43.49 58.79 -6.39
C PRO A 1699 43.99 60.02 -7.13
N GLU A 1700 44.30 61.13 -6.45
CA GLU A 1700 44.69 62.35 -7.15
C GLU A 1700 45.96 62.98 -6.60
N ILE A 1701 46.67 62.33 -5.68
CA ILE A 1701 47.93 62.89 -5.19
C ILE A 1701 48.93 63.03 -6.32
N GLN A 1702 49.07 61.99 -7.13
CA GLN A 1702 50.01 62.03 -8.26
C GLN A 1702 49.55 63.02 -9.31
N CYS A 1703 48.25 63.11 -9.55
CA CYS A 1703 47.75 64.09 -10.52
C CYS A 1703 48.05 65.51 -10.08
N ALA A 1704 47.82 65.81 -8.80
CA ALA A 1704 48.13 67.14 -8.29
C ALA A 1704 49.63 67.43 -8.37
N ALA A 1705 50.45 66.43 -8.05
CA ALA A 1705 51.90 66.59 -8.16
C ALA A 1705 52.29 66.91 -9.60
N LEU A 1706 51.69 66.20 -10.56
CA LEU A 1706 52.06 66.41 -11.96
C LEU A 1706 51.59 67.78 -12.43
N MET A 1707 50.40 68.21 -11.99
CA MET A 1707 49.96 69.57 -12.32
C MET A 1707 50.93 70.61 -11.80
N ILE A 1708 51.32 70.49 -10.53
CA ILE A 1708 52.22 71.46 -9.94
C ILE A 1708 53.52 71.50 -10.73
N ALA A 1709 54.10 70.33 -10.99
CA ALA A 1709 55.38 70.28 -11.70
C ALA A 1709 55.26 70.81 -13.12
N ASP A 1710 54.08 70.64 -13.74
CA ASP A 1710 53.95 71.03 -15.14
C ASP A 1710 53.72 72.51 -15.30
N ILE A 1711 52.74 73.07 -14.60
CA ILE A 1711 52.34 74.46 -14.83
C ILE A 1711 53.02 75.41 -13.87
N LYS A 1712 53.28 75.00 -12.62
CA LYS A 1712 54.04 75.88 -11.74
C LYS A 1712 55.53 75.88 -12.08
N GLY A 1713 56.04 74.77 -12.60
CA GLY A 1713 57.40 74.70 -13.08
C GLY A 1713 58.40 74.02 -12.17
N ASP A 1714 58.04 73.78 -10.90
CA ASP A 1714 58.94 73.16 -9.94
C ASP A 1714 58.53 71.72 -9.71
N TYR A 1715 59.49 70.80 -9.86
CA TYR A 1715 59.22 69.37 -9.72
C TYR A 1715 59.37 68.93 -8.27
N SER A 1716 58.72 69.65 -7.36
CA SER A 1716 58.88 69.38 -5.93
C SER A 1716 57.89 68.33 -5.43
N VAL A 1717 56.61 68.48 -5.79
CA VAL A 1717 55.61 67.56 -5.28
C VAL A 1717 55.78 66.18 -5.91
N LEU A 1718 56.24 66.12 -7.17
CA LEU A 1718 56.56 64.82 -7.76
C LEU A 1718 57.70 64.14 -7.00
N GLN A 1719 58.73 64.90 -6.64
CA GLN A 1719 59.82 64.32 -5.84
C GLN A 1719 59.32 63.84 -4.50
N LEU A 1720 58.44 64.62 -3.86
CA LEU A 1720 57.88 64.20 -2.57
C LEU A 1720 57.07 62.92 -2.72
N GLN A 1721 56.26 62.83 -3.77
CA GLN A 1721 55.48 61.61 -4.03
C GLN A 1721 56.39 60.42 -4.27
N ALA A 1722 57.45 60.61 -5.05
CA ALA A 1722 58.39 59.52 -5.31
C ALA A 1722 59.05 59.07 -4.01
N ASN A 1723 59.42 60.01 -3.16
CA ASN A 1723 60.05 59.66 -1.89
C ASN A 1723 59.09 58.91 -0.97
N ARG A 1724 57.81 59.32 -0.94
CA ARG A 1724 56.92 58.77 0.07
C ARG A 1724 56.18 57.52 -0.39
N ARG A 1725 55.55 57.54 -1.55
CA ARG A 1725 54.66 56.46 -1.95
C ARG A 1725 54.79 56.15 -3.44
N ALA A 1726 56.02 56.11 -3.96
CA ALA A 1726 56.21 55.78 -5.37
C ALA A 1726 57.59 55.17 -5.56
N TYR A 1727 57.64 53.85 -5.59
CA TYR A 1727 58.84 53.12 -6.00
C TYR A 1727 58.54 52.09 -7.09
N SER A 1728 57.39 51.41 -7.01
CA SER A 1728 56.97 50.41 -7.99
C SER A 1728 58.06 49.38 -8.24
N GLY A 1729 58.14 48.88 -9.47
CA GLY A 1729 59.17 47.93 -9.83
C GLY A 1729 58.93 46.55 -9.21
N LYS A 1730 59.90 45.68 -9.43
CA LYS A 1730 59.87 44.32 -8.88
C LYS A 1730 61.28 43.99 -8.40
N GLN A 1731 61.47 44.00 -7.08
CA GLN A 1731 62.77 43.72 -6.48
C GLN A 1731 62.89 42.21 -6.29
N TYR A 1732 63.72 41.57 -7.12
CA TYR A 1732 63.92 40.13 -7.06
C TYR A 1732 65.07 39.80 -6.13
N ASP A 1733 64.92 38.71 -5.39
CA ASP A 1733 65.98 38.27 -4.49
C ASP A 1733 67.20 37.80 -5.26
N ALA A 1734 68.39 38.17 -4.78
CA ALA A 1734 69.62 37.76 -5.45
C ALA A 1734 69.81 36.25 -5.40
N TYR A 1735 69.48 35.62 -4.28
CA TYR A 1735 69.65 34.18 -4.11
C TYR A 1735 68.56 33.37 -4.80
N CYS A 1736 67.50 34.01 -5.29
CA CYS A 1736 66.42 33.32 -5.99
C CYS A 1736 66.64 33.42 -7.49
N VAL A 1737 66.80 32.27 -8.13
CA VAL A 1737 67.06 32.19 -9.57
C VAL A 1737 65.93 31.38 -10.20
N GLN A 1738 65.33 31.93 -11.26
CA GLN A 1738 64.25 31.27 -11.97
C GLN A 1738 64.72 30.83 -13.35
N THR A 1739 64.30 29.63 -13.74
CA THR A 1739 64.62 29.07 -15.05
C THR A 1739 63.35 29.00 -15.88
N TYR A 1740 63.39 29.59 -17.07
CA TYR A 1740 62.23 29.64 -17.95
C TYR A 1740 62.17 28.36 -18.78
N ASN A 1741 61.05 27.66 -18.70
CA ASN A 1741 60.85 26.43 -19.47
C ASN A 1741 60.09 26.76 -20.74
N GLU A 1742 60.72 26.51 -21.89
CA GLU A 1742 60.10 26.84 -23.17
C GLU A 1742 58.93 25.92 -23.48
N VAL A 1743 58.98 24.67 -23.01
CA VAL A 1743 57.91 23.72 -23.30
C VAL A 1743 56.60 24.16 -22.63
N THR A 1744 56.67 24.52 -21.36
CA THR A 1744 55.49 24.94 -20.61
C THR A 1744 55.27 26.45 -20.65
N LYS A 1745 56.20 27.21 -21.22
CA LYS A 1745 56.11 28.67 -21.31
C LYS A 1745 55.96 29.30 -19.92
N LEU A 1746 56.54 28.68 -18.91
CA LEU A 1746 56.47 29.15 -17.53
C LEU A 1746 57.84 29.05 -16.87
N TYR A 1747 58.12 29.98 -15.98
CA TYR A 1747 59.37 29.96 -15.24
C TYR A 1747 59.36 28.85 -14.20
N GLU A 1748 60.55 28.41 -13.81
CA GLU A 1748 60.72 27.38 -12.79
C GLU A 1748 61.83 27.78 -11.84
N GLY A 1749 61.61 27.55 -10.55
CA GLY A 1749 62.59 27.88 -9.54
C GLY A 1749 62.05 28.80 -8.46
N ASP A 1750 62.65 28.76 -7.28
CA ASP A 1750 62.20 29.59 -6.17
C ASP A 1750 62.35 31.07 -6.51
N LEU A 1751 61.35 31.85 -6.13
CA LEU A 1751 61.33 33.28 -6.44
C LEU A 1751 60.82 34.06 -5.24
N ARG A 1752 61.47 35.17 -4.94
CA ARG A 1752 61.06 36.08 -3.88
C ARG A 1752 61.10 37.50 -4.42
N VAL A 1753 59.94 38.16 -4.47
CA VAL A 1753 59.80 39.49 -5.03
C VAL A 1753 59.27 40.42 -3.94
N THR A 1754 59.93 41.57 -3.78
CA THR A 1754 59.49 42.61 -2.87
C THR A 1754 58.98 43.79 -3.70
N PHE A 1755 57.72 44.14 -3.51
CA PHE A 1755 57.09 45.22 -4.25
C PHE A 1755 57.14 46.48 -3.40
N ASN A 1756 58.07 47.38 -3.74
CA ASN A 1756 58.23 48.63 -3.01
C ASN A 1756 57.31 49.70 -3.59
N PHE A 1757 56.51 50.31 -2.74
CA PHE A 1757 55.59 51.38 -3.12
C PHE A 1757 55.81 52.60 -2.23
N GLY A 1758 57.07 52.96 -2.03
CA GLY A 1758 57.42 54.09 -1.19
C GLY A 1758 57.59 53.66 0.26
N LEU A 1759 56.91 54.36 1.16
CA LEU A 1759 56.97 53.98 2.58
C LEU A 1759 56.35 52.62 2.83
N ASP A 1760 55.41 52.21 1.99
CA ASP A 1760 54.77 50.90 2.10
C ASP A 1760 55.39 49.94 1.09
N CYS A 1761 55.66 48.71 1.55
CA CYS A 1761 56.26 47.69 0.71
C CYS A 1761 55.44 46.41 0.79
N ALA A 1762 55.48 45.64 -0.29
CA ALA A 1762 54.76 44.37 -0.38
C ALA A 1762 55.78 43.26 -0.60
N ARG A 1763 55.81 42.31 0.33
CA ARG A 1763 56.73 41.19 0.27
C ARG A 1763 55.98 39.96 -0.22
N LEU A 1764 56.44 39.37 -1.32
CA LEU A 1764 55.82 38.21 -1.93
C LEU A 1764 56.78 37.03 -1.89
N GLU A 1765 56.33 35.92 -1.32
CA GLU A 1765 57.11 34.69 -1.25
C GLU A 1765 56.32 33.58 -1.91
N ILE A 1766 56.98 32.81 -2.77
CA ILE A 1766 56.35 31.74 -3.55
C ILE A 1766 57.04 30.43 -3.20
N PHE A 1767 56.25 29.44 -2.80
CA PHE A 1767 56.76 28.10 -2.50
C PHE A 1767 56.37 27.19 -3.67
N TRP A 1768 57.35 26.88 -4.52
CA TRP A 1768 57.07 26.10 -5.71
C TRP A 1768 56.83 24.64 -5.39
N ASP A 1769 57.50 24.10 -4.37
CA ASP A 1769 57.30 22.70 -4.00
C ASP A 1769 55.87 22.45 -3.54
N LYS A 1770 55.32 23.35 -2.74
CA LYS A 1770 53.95 23.23 -2.24
C LYS A 1770 52.93 23.95 -3.12
N LYS A 1771 53.38 24.65 -4.17
CA LYS A 1771 52.51 25.43 -5.03
C LYS A 1771 51.67 26.42 -4.23
N ALA A 1772 52.31 27.07 -3.27
CA ALA A 1772 51.66 28.03 -2.39
C ALA A 1772 52.43 29.34 -2.40
N TYR A 1773 51.74 30.41 -2.06
CA TYR A 1773 52.32 31.75 -2.04
C TYR A 1773 51.94 32.45 -0.73
N ILE A 1774 52.80 33.37 -0.31
CA ILE A 1774 52.56 34.19 0.87
C ILE A 1774 52.75 35.65 0.46
N LEU A 1775 51.72 36.47 0.70
CA LEU A 1775 51.73 37.88 0.33
C LEU A 1775 51.63 38.72 1.60
N GLU A 1776 52.68 39.48 1.88
CA GLU A 1776 52.70 40.39 3.03
C GLU A 1776 52.90 41.82 2.53
N THR A 1777 52.01 42.72 2.95
CA THR A 1777 52.07 44.10 2.48
C THR A 1777 51.53 45.01 3.56
N SER A 1778 51.88 46.30 3.44
CA SER A 1778 51.41 47.34 4.35
C SER A 1778 50.56 48.39 3.65
N ILE A 1779 50.12 48.12 2.42
CA ILE A 1779 49.34 49.09 1.66
C ILE A 1779 47.88 49.02 2.10
N THR A 1780 47.33 50.16 2.47
CA THR A 1780 45.93 50.25 2.89
C THR A 1780 45.06 51.11 1.96
N GLN A 1781 45.66 51.91 1.09
CA GLN A 1781 44.91 52.76 0.19
C GLN A 1781 44.33 51.94 -0.97
N LYS A 1782 43.44 52.56 -1.74
CA LYS A 1782 42.60 51.79 -2.66
C LYS A 1782 43.30 51.46 -3.97
N HIS A 1783 43.64 52.47 -4.77
CA HIS A 1783 44.14 52.21 -6.11
C HIS A 1783 45.59 51.72 -6.11
N VAL A 1784 46.38 52.11 -5.12
CA VAL A 1784 47.72 51.53 -4.98
C VAL A 1784 47.60 50.04 -4.70
N LEU A 1785 46.66 49.65 -3.83
CA LEU A 1785 46.41 48.24 -3.57
C LEU A 1785 45.94 47.53 -4.84
N LYS A 1786 45.09 48.18 -5.63
CA LYS A 1786 44.62 47.58 -6.88
C LYS A 1786 45.78 47.34 -7.84
N ILE A 1787 46.67 48.32 -7.97
CA ILE A 1787 47.83 48.18 -8.84
C ILE A 1787 48.74 47.06 -8.36
N MET A 1788 48.95 46.97 -7.03
CA MET A 1788 49.80 45.92 -6.49
C MET A 1788 49.17 44.55 -6.70
N MET A 1789 47.85 44.45 -6.55
CA MET A 1789 47.15 43.20 -6.83
C MET A 1789 47.31 42.81 -8.30
N ASP A 1790 47.19 43.77 -9.21
CA ASP A 1790 47.38 43.48 -10.63
C ASP A 1790 48.79 42.98 -10.90
N GLU A 1791 49.79 43.63 -10.30
CA GLU A 1791 51.18 43.23 -10.51
C GLU A 1791 51.44 41.83 -9.98
N VAL A 1792 50.94 41.53 -8.77
CA VAL A 1792 51.16 40.20 -8.19
C VAL A 1792 50.41 39.14 -8.97
N SER A 1793 49.22 39.48 -9.47
CA SER A 1793 48.48 38.53 -10.31
C SER A 1793 49.22 38.24 -11.60
N LYS A 1794 49.80 39.26 -12.23
CA LYS A 1794 50.61 39.04 -13.43
C LYS A 1794 51.83 38.18 -13.12
N GLU A 1795 52.48 38.43 -11.98
CA GLU A 1795 53.62 37.61 -11.59
C GLU A 1795 53.22 36.16 -11.37
N LEU A 1796 52.09 35.92 -10.71
CA LEU A 1796 51.61 34.56 -10.49
C LEU A 1796 51.25 33.88 -11.80
N ILE A 1797 50.63 34.62 -12.72
CA ILE A 1797 50.30 34.05 -14.03
C ILE A 1797 51.57 33.66 -14.77
N LYS A 1798 52.59 34.51 -14.71
CA LYS A 1798 53.88 34.16 -15.30
C LYS A 1798 54.49 32.95 -14.61
N CYS A 1799 54.24 32.78 -13.31
CA CYS A 1799 54.77 31.65 -12.57
C CYS A 1799 53.88 30.41 -12.68
N GLY A 1800 52.67 30.53 -13.22
CA GLY A 1800 51.84 29.39 -13.50
C GLY A 1800 50.75 29.07 -12.50
N MET A 1801 50.50 29.94 -11.53
CA MET A 1801 49.43 29.73 -10.56
C MET A 1801 48.56 30.98 -10.50
N ARG A 1802 47.45 30.88 -9.76
CA ARG A 1802 46.50 31.96 -9.63
C ARG A 1802 46.16 32.19 -8.16
N PHE A 1803 45.53 33.33 -7.90
CA PHE A 1803 45.14 33.67 -6.54
C PHE A 1803 44.09 32.70 -6.01
N ASN A 1804 44.18 32.38 -4.72
CA ASN A 1804 43.19 31.52 -4.07
C ASN A 1804 42.04 32.39 -3.59
N THR A 1805 40.86 32.20 -4.18
CA THR A 1805 39.68 32.99 -3.87
C THR A 1805 38.63 32.12 -3.22
N GLU A 1806 38.08 32.57 -2.09
CA GLU A 1806 37.03 31.86 -1.38
C GLU A 1806 35.85 32.81 -1.18
N GLN A 1807 34.66 32.32 -1.50
CA GLN A 1807 33.43 33.10 -1.35
C GLN A 1807 32.82 32.76 0.01
N VAL A 1808 32.84 33.73 0.92
CA VAL A 1808 32.31 33.56 2.27
C VAL A 1808 31.40 34.73 2.59
N GLN A 1809 30.47 34.50 3.52
CA GLN A 1809 29.52 35.52 3.94
C GLN A 1809 30.04 36.37 5.10
N GLY A 1810 31.19 36.04 5.67
CA GLY A 1810 31.74 36.81 6.77
C GLY A 1810 32.99 36.20 7.36
N VAL A 1811 33.96 37.03 7.71
CA VAL A 1811 35.23 36.60 8.29
C VAL A 1811 35.41 37.31 9.62
N ARG A 1812 35.74 36.55 10.66
CA ARG A 1812 35.93 37.12 11.98
C ARG A 1812 37.23 37.90 12.12
N HIS A 1813 38.20 37.66 11.24
CA HIS A 1813 39.50 38.31 11.30
C HIS A 1813 39.66 39.28 10.13
N MET A 1814 40.79 39.98 10.12
CA MET A 1814 41.12 40.91 9.05
C MET A 1814 41.64 40.14 7.85
N VAL A 1815 40.93 40.23 6.73
CA VAL A 1815 41.32 39.57 5.49
C VAL A 1815 41.19 40.55 4.34
N LEU A 1816 41.90 40.25 3.25
CA LEU A 1816 41.84 41.07 2.05
C LEU A 1816 40.66 40.60 1.20
N PHE A 1817 39.69 41.50 1.00
CA PHE A 1817 38.49 41.19 0.25
C PHE A 1817 38.27 42.23 -0.85
N LYS A 1818 37.68 41.79 -1.95
CA LYS A 1818 37.40 42.64 -3.09
C LYS A 1818 35.92 42.96 -3.15
N THR A 1819 35.59 44.23 -3.27
CA THR A 1819 34.22 44.71 -3.38
C THR A 1819 34.03 45.37 -4.74
N GLU A 1820 32.83 45.92 -4.96
CA GLU A 1820 32.55 46.61 -6.21
C GLU A 1820 33.39 47.87 -6.37
N SER A 1821 33.69 48.55 -5.27
CA SER A 1821 34.51 49.76 -5.31
C SER A 1821 36.01 49.48 -5.39
N GLY A 1822 36.44 48.24 -5.11
CA GLY A 1822 37.84 47.91 -5.18
C GLY A 1822 38.29 46.93 -4.11
N PHE A 1823 39.55 47.03 -3.71
CA PHE A 1823 40.13 46.15 -2.70
C PHE A 1823 40.29 46.91 -1.39
N GLU A 1824 39.80 46.32 -0.30
CA GLU A 1824 39.86 46.96 1.00
C GLU A 1824 40.30 45.94 2.05
N TRP A 1825 40.85 46.45 3.14
CA TRP A 1825 41.32 45.64 4.26
C TRP A 1825 40.39 45.83 5.45
N GLY A 1826 39.99 44.72 6.07
CA GLY A 1826 39.13 44.79 7.24
C GLY A 1826 38.36 43.50 7.42
N LYS A 1827 37.27 43.58 8.16
CA LYS A 1827 36.39 42.44 8.40
C LYS A 1827 35.14 42.59 7.53
N PRO A 1828 35.00 41.81 6.46
CA PRO A 1828 33.82 41.93 5.61
C PRO A 1828 32.64 41.13 6.18
N ASN A 1829 31.53 41.82 6.40
CA ASN A 1829 30.29 41.20 6.84
C ASN A 1829 29.32 40.96 5.68
N ILE A 1830 29.77 41.18 4.45
CA ILE A 1830 28.94 41.02 3.26
C ILE A 1830 29.51 39.87 2.43
N PRO A 1831 28.67 38.99 1.88
CA PRO A 1831 29.18 37.93 1.00
C PRO A 1831 29.91 38.51 -0.19
N CYS A 1832 31.21 38.25 -0.26
CA CYS A 1832 32.06 38.77 -1.32
C CYS A 1832 33.18 37.77 -1.56
N ILE A 1833 34.23 38.21 -2.27
CA ILE A 1833 35.37 37.37 -2.60
C ILE A 1833 36.52 37.76 -1.69
N VAL A 1834 37.08 36.79 -0.98
CA VAL A 1834 38.20 37.00 -0.06
C VAL A 1834 39.41 36.26 -0.59
N TYR A 1835 40.52 36.98 -0.72
CA TYR A 1835 41.77 36.41 -1.24
C TYR A 1835 42.56 35.82 -0.08
N LYS A 1836 42.88 34.53 -0.17
CA LYS A 1836 43.63 33.85 0.88
C LYS A 1836 45.11 34.20 0.78
N ASN A 1837 45.85 33.83 1.84
CA ASN A 1837 47.30 34.03 1.92
C ASN A 1837 47.67 35.50 1.78
N CYS A 1838 46.84 36.38 2.34
CA CYS A 1838 47.10 37.81 2.35
C CYS A 1838 47.18 38.28 3.80
N VAL A 1839 48.34 38.81 4.17
CA VAL A 1839 48.60 39.27 5.54
C VAL A 1839 49.00 40.73 5.48
N LEU A 1840 48.33 41.56 6.28
CA LEU A 1840 48.64 42.99 6.37
C LEU A 1840 49.66 43.18 7.50
N ARG A 1841 50.90 43.47 7.13
CA ARG A 1841 52.00 43.64 8.07
C ARG A 1841 52.33 45.13 8.16
N THR A 1842 51.84 45.79 9.22
CA THR A 1842 52.12 47.20 9.41
C THR A 1842 53.58 47.46 9.79
N SER A 1843 54.30 46.44 10.28
CA SER A 1843 55.69 46.61 10.64
C SER A 1843 56.61 46.77 9.45
N LEU A 1844 56.12 46.51 8.23
CA LEU A 1844 56.95 46.64 7.05
C LEU A 1844 57.29 48.09 6.73
N ARG A 1845 56.59 49.05 7.32
CA ARG A 1845 56.86 50.46 7.09
C ARG A 1845 58.18 50.88 7.72
N HIS A 1852 66.31 61.79 -0.61
CA HIS A 1852 66.45 60.93 -1.77
C HIS A 1852 66.31 61.75 -3.05
N LYS A 1853 67.03 61.34 -4.10
CA LYS A 1853 67.04 62.06 -5.37
C LYS A 1853 66.56 61.15 -6.49
N PHE A 1854 65.68 61.68 -7.33
CA PHE A 1854 65.17 60.96 -8.48
C PHE A 1854 65.09 61.92 -9.67
N MET A 1855 65.12 61.35 -10.87
CA MET A 1855 64.92 62.11 -12.10
C MET A 1855 63.69 61.58 -12.81
N ILE A 1856 62.96 62.49 -13.47
CA ILE A 1856 61.65 62.20 -14.03
C ILE A 1856 61.68 62.49 -15.52
N THR A 1857 61.21 61.54 -16.32
CA THR A 1857 61.04 61.70 -17.75
C THR A 1857 59.56 61.88 -18.05
N ILE A 1858 59.24 62.90 -18.83
CA ILE A 1858 57.86 63.33 -19.06
C ILE A 1858 57.43 62.90 -20.45
N LYS A 1859 56.27 62.26 -20.55
CA LYS A 1859 55.73 61.78 -21.80
C LYS A 1859 54.26 62.18 -21.90
N ASP A 1860 53.70 62.04 -23.10
CA ASP A 1860 52.31 62.39 -23.38
C ASP A 1860 52.01 63.85 -23.03
N ASP A 1861 52.95 64.73 -23.35
CA ASP A 1861 52.84 66.18 -23.14
C ASP A 1861 52.63 66.53 -21.67
N GLY A 1862 52.91 65.59 -20.76
CA GLY A 1862 52.72 65.85 -19.35
C GLY A 1862 51.51 65.14 -18.78
N LEU A 1863 51.29 63.91 -19.22
CA LEU A 1863 50.22 63.08 -18.69
C LEU A 1863 50.69 61.86 -17.93
N ARG A 1864 51.90 61.36 -18.22
CA ARG A 1864 52.49 60.24 -17.50
C ARG A 1864 53.91 60.58 -17.12
N ALA A 1865 54.35 60.07 -15.98
CA ALA A 1865 55.69 60.33 -15.47
C ALA A 1865 56.36 59.02 -15.09
N ILE A 1866 57.63 58.90 -15.46
CA ILE A 1866 58.45 57.74 -15.13
C ILE A 1866 59.69 58.22 -14.38
N ALA A 1867 59.99 57.57 -13.27
CA ALA A 1867 61.10 57.95 -12.42
C ALA A 1867 61.95 56.74 -12.08
N GLN A 1868 63.16 57.02 -11.58
CA GLN A 1868 64.08 55.97 -11.17
C GLN A 1868 65.08 56.58 -10.20
N HIS A 1869 65.75 55.70 -9.44
CA HIS A 1869 66.69 56.17 -8.42
C HIS A 1869 67.92 56.82 -9.06
N ASP A 1870 68.65 56.04 -9.86
CA ASP A 1870 69.80 56.59 -10.58
C ASP A 1870 69.69 56.27 -12.06
N GLU A 1871 70.75 56.54 -12.83
CA GLU A 1871 70.70 56.35 -14.28
C GLU A 1871 70.52 54.88 -14.64
N ASP A 1872 71.07 53.97 -13.84
CA ASP A 1872 70.99 52.55 -14.11
C ASP A 1872 69.79 51.87 -13.48
N SER A 1873 68.97 52.62 -12.73
CA SER A 1873 67.82 52.03 -12.07
C SER A 1873 66.76 51.66 -13.09
N PRO A 1874 65.94 50.64 -12.81
CA PRO A 1874 64.84 50.30 -13.70
C PRO A 1874 63.80 51.40 -13.75
N ARG A 1875 63.15 51.52 -14.91
CA ARG A 1875 62.14 52.55 -15.13
C ARG A 1875 60.79 52.08 -14.63
N PHE A 1876 60.12 52.92 -13.84
CA PHE A 1876 58.77 52.64 -13.36
C PHE A 1876 57.91 53.86 -13.54
N LEU A 1877 56.61 53.63 -13.77
CA LEU A 1877 55.66 54.70 -13.99
C LEU A 1877 55.44 55.45 -12.68
N LEU A 1878 56.06 56.63 -12.56
CA LEU A 1878 55.96 57.40 -11.33
C LEU A 1878 54.54 57.90 -11.09
N ALA A 1879 53.95 58.53 -12.10
CA ALA A 1879 52.64 59.15 -11.93
C ALA A 1879 51.95 59.22 -13.29
N HIS A 1880 50.62 59.36 -13.24
CA HIS A 1880 49.83 59.53 -14.44
C HIS A 1880 48.49 60.12 -14.06
N ALA A 1881 47.93 60.93 -14.95
CA ALA A 1881 46.65 61.61 -14.73
C ALA A 1881 45.47 60.86 -15.34
N PHE A 1882 45.69 59.68 -15.92
CA PHE A 1882 44.62 58.94 -16.54
C PHE A 1882 43.82 58.15 -15.52
N HIS A 1883 43.33 58.81 -14.49
CA HIS A 1883 42.53 58.18 -13.46
C HIS A 1883 41.05 58.50 -13.67
N THR A 1884 40.22 58.03 -12.76
CA THR A 1884 38.79 58.29 -12.76
C THR A 1884 38.43 58.97 -11.45
N ILE A 1885 38.09 60.25 -11.53
CA ILE A 1885 37.75 61.06 -10.37
C ILE A 1885 36.29 61.49 -10.48
N ARG A 1886 35.56 61.37 -9.37
CA ARG A 1886 34.14 61.67 -9.32
C ARG A 1886 33.89 62.87 -8.40
N ASP A 1887 32.62 63.27 -8.32
CA ASP A 1887 32.19 64.38 -7.47
C ASP A 1887 32.92 65.68 -7.83
N ILE A 1888 32.94 65.98 -9.13
CA ILE A 1888 33.49 67.23 -9.64
C ILE A 1888 32.35 68.22 -9.82
N ARG A 1889 32.47 69.39 -9.20
CA ARG A 1889 31.39 70.37 -9.20
C ARG A 1889 31.59 71.36 -10.33
N TYR A 1890 31.28 70.92 -11.55
CA TYR A 1890 31.37 71.81 -12.70
C TYR A 1890 30.40 72.98 -12.59
N GLN A 1891 29.28 72.80 -11.87
CA GLN A 1891 28.28 73.85 -11.78
C GLN A 1891 28.79 75.05 -10.99
N ALA A 1892 29.74 74.83 -10.07
CA ALA A 1892 30.27 75.92 -9.27
C ALA A 1892 31.33 76.74 -9.99
N VAL A 1893 31.72 76.33 -11.20
CA VAL A 1893 32.73 77.07 -11.94
C VAL A 1893 32.15 78.39 -12.42
N ASP A 1894 32.89 79.47 -12.18
CA ASP A 1894 32.51 80.80 -12.64
C ASP A 1894 33.67 81.39 -13.43
N ALA A 1895 33.35 82.29 -14.34
CA ALA A 1895 34.33 82.93 -15.20
C ALA A 1895 34.31 84.43 -14.97
N VAL A 1896 35.49 85.02 -14.81
CA VAL A 1896 35.63 86.45 -14.61
C VAL A 1896 36.07 87.16 -15.88
N SER A 1897 37.10 86.64 -16.54
CA SER A 1897 37.59 87.19 -17.80
C SER A 1897 37.24 86.26 -18.95
N ASN A 1898 37.71 86.60 -20.13
CA ASN A 1898 37.37 85.84 -21.34
C ASN A 1898 37.95 84.43 -21.27
N VAL A 1899 37.16 83.46 -21.70
CA VAL A 1899 37.57 82.06 -21.77
C VAL A 1899 37.41 81.65 -23.24
N TRP A 1900 38.48 81.75 -24.00
CA TRP A 1900 38.44 81.47 -25.43
C TRP A 1900 38.79 80.01 -25.71
N PHE A 1901 38.58 79.61 -26.96
CA PHE A 1901 38.87 78.24 -27.39
C PHE A 1901 39.09 78.24 -28.89
N ILE A 1902 39.99 77.38 -29.35
CA ILE A 1902 40.33 77.27 -30.76
C ILE A 1902 40.19 75.82 -31.19
N HIS A 1903 39.69 75.61 -32.40
CA HIS A 1903 39.57 74.26 -32.94
C HIS A 1903 39.57 74.35 -34.46
N LYS A 1904 40.66 73.90 -35.09
CA LYS A 1904 40.78 73.86 -36.54
C LYS A 1904 40.48 75.23 -37.16
N GLY A 1905 40.95 76.28 -36.49
CA GLY A 1905 40.73 77.63 -36.96
C GLY A 1905 39.41 78.24 -36.56
N VAL A 1906 38.58 77.54 -35.80
CA VAL A 1906 37.29 78.05 -35.35
C VAL A 1906 37.45 78.61 -33.95
N LYS A 1907 37.05 79.86 -33.77
CA LYS A 1907 37.19 80.57 -32.50
C LYS A 1907 35.89 80.45 -31.71
N LEU A 1908 36.00 80.09 -30.44
CA LEU A 1908 34.83 79.88 -29.59
C LEU A 1908 34.93 80.72 -28.33
N TYR A 1909 33.77 81.12 -27.82
CA TYR A 1909 33.65 81.93 -26.61
C TYR A 1909 32.87 81.10 -25.59
N LEU A 1910 33.54 80.62 -24.56
CA LEU A 1910 32.96 79.67 -23.62
C LEU A 1910 32.35 80.34 -22.40
N ASN A 1911 32.35 81.66 -22.32
CA ASN A 1911 31.74 82.33 -21.17
C ASN A 1911 30.25 82.03 -21.03
N PRO A 1912 29.41 82.06 -22.09
CA PRO A 1912 28.01 81.67 -21.91
C PRO A 1912 27.84 80.25 -21.43
N ILE A 1913 28.72 79.34 -21.85
CA ILE A 1913 28.65 77.96 -21.39
C ILE A 1913 28.89 77.89 -19.88
N ILE A 1914 29.90 78.60 -19.40
CA ILE A 1914 30.22 78.58 -17.97
C ILE A 1914 29.11 79.23 -17.16
N SER A 1915 28.60 80.37 -17.64
CA SER A 1915 27.56 81.07 -16.89
C SER A 1915 26.25 80.30 -16.86
N SER A 1916 26.00 79.47 -17.87
CA SER A 1916 24.79 78.66 -17.94
C SER A 1916 24.92 77.32 -17.23
N GLY A 1917 26.07 77.04 -16.62
CA GLY A 1917 26.28 75.77 -15.95
C GLY A 1917 26.31 74.58 -16.89
N LEU A 1918 26.92 74.73 -18.07
CA LEU A 1918 27.02 73.65 -19.04
C LEU A 1918 28.46 73.32 -19.38
N LEU A 1919 29.40 73.63 -18.49
CA LEU A 1919 30.80 73.30 -18.75
C LEU A 1919 31.01 71.79 -18.81
N GLU A 1920 30.35 71.05 -17.91
CA GLU A 1920 30.47 69.60 -17.93
C GLU A 1920 29.92 69.01 -19.22
N ASN A 1921 28.77 69.50 -19.69
CA ASN A 1921 28.18 68.99 -20.92
C ASN A 1921 29.09 69.26 -22.11
N PHE A 1922 29.68 70.46 -22.18
CA PHE A 1922 30.61 70.76 -23.27
C PHE A 1922 31.85 69.89 -23.19
N MET A 1923 32.39 69.70 -21.99
CA MET A 1923 33.62 68.93 -21.85
C MET A 1923 33.41 67.47 -22.21
N LYS A 1924 32.38 66.85 -21.64
CA LYS A 1924 32.18 65.41 -21.73
C LYS A 1924 31.27 65.00 -22.89
N ASN A 1925 30.91 65.93 -23.77
CA ASN A 1925 30.03 65.66 -24.91
C ASN A 1925 28.68 65.11 -24.44
N LEU A 1926 27.97 65.96 -23.69
CA LEU A 1926 26.64 65.64 -23.20
C LEU A 1926 25.62 66.63 -23.77
N PRO A 1927 24.39 66.18 -24.00
CA PRO A 1927 23.37 67.10 -24.54
C PRO A 1927 22.98 68.17 -23.53
N ALA A 1928 22.56 69.32 -24.06
CA ALA A 1928 22.11 70.44 -23.25
C ALA A 1928 21.21 71.32 -24.11
N ALA A 1929 20.66 72.36 -23.50
CA ALA A 1929 19.76 73.27 -24.19
C ALA A 1929 20.22 74.71 -24.00
N ILE A 1930 20.37 75.44 -25.10
CA ILE A 1930 20.77 76.84 -25.05
C ILE A 1930 19.87 77.66 -25.97
N PRO A 1931 19.57 78.91 -25.63
CA PRO A 1931 18.81 79.77 -26.55
C PRO A 1931 19.64 80.15 -27.76
N PRO A 1932 18.99 80.52 -28.87
CA PRO A 1932 19.76 80.90 -30.07
C PRO A 1932 20.66 82.10 -29.87
N ALA A 1933 20.28 83.03 -28.99
CA ALA A 1933 21.15 84.18 -28.73
C ALA A 1933 22.47 83.74 -28.11
N ALA A 1934 22.43 82.79 -27.18
CA ALA A 1934 23.65 82.26 -26.60
C ALA A 1934 24.51 81.56 -27.64
N TYR A 1935 23.86 80.83 -28.56
CA TYR A 1935 24.60 80.17 -29.63
C TYR A 1935 25.30 81.20 -30.52
N SER A 1936 24.60 82.27 -30.89
CA SER A 1936 25.19 83.31 -31.71
C SER A 1936 26.34 83.99 -30.99
N LEU A 1937 26.19 84.23 -29.69
CA LEU A 1937 27.26 84.86 -28.92
C LEU A 1937 28.48 83.95 -28.82
N ILE A 1938 28.25 82.64 -28.63
CA ILE A 1938 29.36 81.71 -28.49
C ILE A 1938 30.12 81.57 -29.81
N MET A 1939 29.40 81.32 -30.90
CA MET A 1939 30.06 81.00 -32.16
C MET A 1939 30.86 82.18 -32.69
N ASN A 1940 30.24 83.35 -32.82
CA ASN A 1940 30.88 84.48 -33.49
C ASN A 1940 31.60 85.40 -32.52
N ARG A 1941 30.86 86.04 -31.61
CA ARG A 1941 31.42 86.91 -30.58
C ARG A 1941 32.13 88.14 -31.17
N ALA A 1942 32.24 88.18 -32.50
CA ALA A 1942 32.84 89.30 -33.19
C ALA A 1942 31.84 90.15 -33.95
N LYS A 1943 30.61 89.66 -34.12
CA LYS A 1943 29.53 90.42 -34.73
C LYS A 1943 28.54 90.80 -33.63
N ILE A 1944 28.26 92.10 -33.50
CA ILE A 1944 27.36 92.56 -32.46
C ILE A 1944 25.95 92.05 -32.75
N SER A 1945 25.18 91.85 -31.67
CA SER A 1945 23.82 91.39 -31.83
C SER A 1945 22.93 92.51 -32.37
N VAL A 1946 21.76 92.11 -32.87
CA VAL A 1946 20.81 93.09 -33.41
C VAL A 1946 20.30 94.01 -32.32
N ASP A 1947 20.37 93.59 -31.06
CA ASP A 1947 19.94 94.46 -29.96
C ASP A 1947 20.81 95.70 -29.87
N LEU A 1948 22.13 95.55 -30.02
CA LEU A 1948 23.01 96.70 -29.96
C LEU A 1948 22.77 97.63 -31.15
N PHE A 1949 22.50 97.06 -32.33
CA PHE A 1949 22.20 97.89 -33.49
C PHE A 1949 20.90 98.67 -33.27
N MET A 1950 19.88 98.02 -32.70
CA MET A 1950 18.63 98.70 -32.42
C MET A 1950 18.83 99.81 -31.38
N PHE A 1951 19.67 99.55 -30.38
CA PHE A 1951 19.99 100.59 -29.40
C PHE A 1951 20.71 101.76 -30.04
N ASN A 1952 21.61 101.46 -30.98
CA ASN A 1952 22.30 102.53 -31.71
C ASN A 1952 21.31 103.36 -32.53
N ASP A 1953 20.34 102.69 -33.17
CA ASP A 1953 19.30 103.41 -33.90
C ASP A 1953 18.48 104.28 -32.96
N LEU A 1954 18.15 103.76 -31.77
CA LEU A 1954 17.41 104.55 -30.80
C LEU A 1954 18.19 105.77 -30.36
N LEU A 1955 19.49 105.61 -30.10
CA LEU A 1955 20.32 106.74 -29.72
C LEU A 1955 20.42 107.76 -30.85
N LYS A 1956 20.49 107.28 -32.09
CA LYS A 1956 20.49 108.19 -33.23
C LYS A 1956 19.19 108.98 -33.29
N LEU A 1957 18.06 108.33 -33.04
CA LEU A 1957 16.78 109.03 -33.03
C LEU A 1957 16.74 110.07 -31.92
N ILE A 1958 17.26 109.73 -30.74
CA ILE A 1958 17.23 110.68 -29.62
C ILE A 1958 18.17 111.85 -29.90
N ASN A 1959 19.45 111.58 -30.10
CA ASN A 1959 20.44 112.61 -30.34
C ASN A 1959 21.57 112.02 -31.17
N PRO A 1960 21.66 112.37 -32.44
CA PRO A 1960 22.79 111.89 -33.26
C PRO A 1960 24.10 112.51 -32.79
N ARG A 1961 25.18 112.03 -33.41
CA ARG A 1961 26.56 112.42 -33.12
C ARG A 1961 27.03 111.97 -31.75
N ASN A 1962 26.16 111.33 -30.97
CA ASN A 1962 26.54 110.75 -29.67
C ASN A 1962 26.29 109.25 -29.66
N THR A 1963 26.29 108.62 -30.83
CA THR A 1963 26.01 107.21 -30.96
C THR A 1963 27.29 106.38 -30.91
N LEU A 1964 27.13 105.10 -30.62
CA LEU A 1964 28.26 104.18 -30.63
C LEU A 1964 28.79 104.02 -32.05
N ASP A 1965 30.11 104.14 -32.21
CA ASP A 1965 30.71 103.97 -33.52
C ASP A 1965 30.75 102.48 -33.88
N LEU A 1966 29.86 102.06 -34.76
CA LEU A 1966 29.68 100.65 -35.10
C LEU A 1966 30.43 100.35 -36.40
N SER A 1967 31.32 99.38 -36.34
CA SER A 1967 32.03 98.90 -37.52
C SER A 1967 31.98 97.39 -37.68
N GLY A 1968 31.48 96.65 -36.70
CA GLY A 1968 31.34 95.21 -36.82
C GLY A 1968 30.10 94.82 -37.61
N LEU A 1969 29.93 93.51 -37.77
CA LEU A 1969 28.81 92.98 -38.52
C LEU A 1969 27.64 92.70 -37.60
N GLU A 1970 26.52 92.27 -38.19
CA GLU A 1970 25.30 92.03 -37.44
C GLU A 1970 25.21 90.57 -37.01
N THR A 1971 24.26 90.30 -36.10
CA THR A 1971 24.03 88.96 -35.56
C THR A 1971 25.30 88.35 -34.97
N GLY A 2050 37.52 60.06 -17.58
CA GLY A 2050 38.86 60.59 -17.33
C GLY A 2050 39.37 61.48 -18.45
N ILE A 2051 39.52 60.91 -19.64
CA ILE A 2051 40.01 61.63 -20.82
C ILE A 2051 38.88 61.66 -21.83
N VAL A 2052 38.49 62.86 -22.24
CA VAL A 2052 37.47 63.05 -23.27
C VAL A 2052 38.07 63.97 -24.35
N LYS A 2053 37.95 63.55 -25.60
CA LYS A 2053 38.49 64.29 -26.74
C LYS A 2053 37.35 64.74 -27.63
N ILE A 2054 37.33 66.02 -27.96
CA ILE A 2054 36.27 66.61 -28.76
C ILE A 2054 36.79 66.85 -30.17
N LEU A 2055 36.10 66.30 -31.16
CA LEU A 2055 36.46 66.50 -32.55
C LEU A 2055 35.49 67.38 -33.32
N GLU A 2056 34.25 67.52 -32.84
CA GLU A 2056 33.23 68.34 -33.50
C GLU A 2056 32.56 69.23 -32.47
N PRO A 2057 33.29 70.19 -31.89
CA PRO A 2057 32.65 71.11 -30.93
C PRO A 2057 31.58 71.97 -31.57
N VAL A 2058 31.74 72.34 -32.84
CA VAL A 2058 30.77 73.19 -33.51
C VAL A 2058 29.43 72.46 -33.63
N ARG A 2059 29.46 71.23 -34.12
CA ARG A 2059 28.23 70.44 -34.20
C ARG A 2059 27.69 70.11 -32.82
N LEU A 2060 28.58 69.95 -31.84
CA LEU A 2060 28.15 69.73 -30.47
C LEU A 2060 27.32 70.90 -29.97
N ILE A 2061 27.79 72.12 -30.21
CA ILE A 2061 27.04 73.30 -29.76
C ILE A 2061 25.77 73.47 -30.57
N LYS A 2062 25.82 73.23 -31.88
CA LYS A 2062 24.62 73.32 -32.70
C LYS A 2062 23.56 72.32 -32.27
N SER A 2063 23.98 71.18 -31.72
CA SER A 2063 23.01 70.22 -31.20
C SER A 2063 22.27 70.74 -29.98
N TRP A 2064 22.79 71.77 -29.33
CA TRP A 2064 22.15 72.35 -28.15
C TRP A 2064 21.16 73.46 -28.49
N VAL A 2065 21.15 73.92 -29.74
CA VAL A 2065 20.35 75.09 -30.11
C VAL A 2065 18.89 74.69 -30.24
N SER A 2066 18.02 75.50 -29.64
CA SER A 2066 16.58 75.29 -29.73
C SER A 2066 15.90 76.63 -29.51
N ARG A 2067 14.59 76.66 -29.74
CA ARG A 2067 13.83 77.89 -29.69
C ARG A 2067 12.76 77.80 -28.60
N GLY A 2068 12.52 78.92 -27.92
CA GLY A 2068 11.51 79.01 -26.89
C GLY A 2068 12.07 79.15 -25.49
N LEU A 2069 13.34 78.83 -25.29
CA LEU A 2069 13.98 78.92 -23.98
C LEU A 2069 14.65 80.27 -23.77
N SER A 2070 13.90 81.33 -24.03
CA SER A 2070 14.39 82.70 -23.91
C SER A 2070 13.73 83.37 -22.72
N ILE A 2071 14.53 84.07 -21.91
CA ILE A 2071 14.03 84.73 -20.70
C ILE A 2071 13.58 86.13 -21.12
N GLU A 2072 12.34 86.23 -21.57
CA GLU A 2072 11.78 87.53 -21.90
C GLU A 2072 11.48 88.31 -20.63
N LYS A 2073 11.58 89.64 -20.73
CA LYS A 2073 11.38 90.51 -19.58
C LYS A 2073 10.29 91.53 -19.89
N VAL A 2074 9.67 92.03 -18.81
CA VAL A 2074 8.58 92.99 -18.93
C VAL A 2074 9.18 94.37 -19.19
N TYR A 2075 8.91 94.92 -20.36
CA TYR A 2075 9.47 96.20 -20.76
C TYR A 2075 8.56 97.35 -20.32
N SER A 2076 9.17 98.50 -20.14
CA SER A 2076 8.45 99.75 -19.86
C SER A 2076 8.74 100.73 -20.96
N PRO A 2077 7.80 101.00 -21.86
CA PRO A 2077 8.12 101.80 -23.06
C PRO A 2077 8.65 103.19 -22.77
N VAL A 2078 8.15 103.86 -21.74
CA VAL A 2078 8.58 105.23 -21.46
C VAL A 2078 9.88 105.25 -20.67
N ASN A 2079 10.02 104.33 -19.71
CA ASN A 2079 11.25 104.25 -18.93
C ASN A 2079 12.44 103.91 -19.81
N ILE A 2080 12.23 103.11 -20.86
CA ILE A 2080 13.31 102.77 -21.78
C ILE A 2080 13.86 104.03 -22.43
N ILE A 2081 12.97 104.87 -22.96
CA ILE A 2081 13.43 106.06 -23.68
C ILE A 2081 14.03 107.07 -22.70
N LEU A 2082 13.46 107.17 -21.50
CA LEU A 2082 14.05 108.05 -20.49
C LEU A 2082 15.47 107.64 -20.14
N MET A 2083 15.69 106.35 -19.87
CA MET A 2083 17.03 105.89 -19.49
C MET A 2083 17.98 105.98 -20.68
N SER A 2084 17.49 105.75 -21.89
CA SER A 2084 18.35 105.89 -23.07
C SER A 2084 18.84 107.33 -23.20
N ARG A 2085 17.92 108.28 -23.05
CA ARG A 2085 18.29 109.72 -23.15
C ARG A 2085 19.30 110.03 -22.05
N TYR A 2086 19.00 109.61 -20.81
CA TYR A 2086 19.93 109.83 -19.68
C TYR A 2086 21.33 109.35 -20.11
N ILE A 2087 21.44 108.08 -20.51
CA ILE A 2087 22.74 107.54 -20.91
C ILE A 2087 23.35 108.39 -22.01
N SER A 2088 22.53 108.86 -22.95
CA SER A 2088 23.04 109.67 -24.06
C SER A 2088 23.66 110.97 -23.55
N LYS A 2089 22.97 111.66 -22.64
CA LYS A 2089 23.49 112.93 -22.17
C LYS A 2089 24.66 112.76 -21.19
N THR A 2090 24.55 111.81 -20.26
CA THR A 2090 25.57 111.69 -19.22
C THR A 2090 26.91 111.23 -19.78
N PHE A 2091 26.91 110.28 -20.70
CA PHE A 2091 28.12 109.65 -21.21
C PHE A 2091 28.33 109.97 -22.68
N ASN A 2092 29.59 110.10 -23.07
CA ASN A 2092 29.99 110.35 -24.44
C ASN A 2092 30.36 109.00 -25.07
N LEU A 2093 29.50 108.51 -25.94
CA LEU A 2093 29.65 107.17 -26.51
C LEU A 2093 30.36 107.17 -27.86
N SER A 2094 30.81 108.32 -28.34
CA SER A 2094 31.50 108.43 -29.63
C SER A 2094 32.99 108.69 -29.45
N THR A 2095 33.58 108.09 -28.41
CA THR A 2095 34.99 108.27 -28.10
C THR A 2095 35.81 107.00 -28.30
N LYS A 2096 35.33 105.87 -27.78
CA LYS A 2096 36.05 104.62 -27.85
C LYS A 2096 35.36 103.68 -28.85
N GLN A 2097 36.14 103.09 -29.74
CA GLN A 2097 35.59 102.16 -30.72
C GLN A 2097 35.06 100.92 -30.02
N VAL A 2098 33.85 100.50 -30.39
CA VAL A 2098 33.25 99.33 -29.78
C VAL A 2098 33.91 98.04 -30.26
N SER A 2099 34.55 98.07 -31.43
CA SER A 2099 35.20 96.87 -31.94
C SER A 2099 36.35 96.44 -31.04
N LEU A 2100 37.08 97.39 -30.48
CA LEU A 2100 38.20 97.09 -29.60
C LEU A 2100 37.79 96.96 -28.14
N LEU A 2101 36.50 97.08 -27.83
CA LEU A 2101 36.05 96.92 -26.46
C LEU A 2101 36.18 95.47 -26.02
N ASP A 2102 36.25 95.28 -24.72
CA ASP A 2102 36.36 93.94 -24.16
C ASP A 2102 35.10 93.14 -24.45
N PRO A 2103 35.21 91.96 -25.05
CA PRO A 2103 34.00 91.15 -25.29
C PRO A 2103 33.25 90.81 -24.03
N TYR A 2104 33.94 90.64 -22.90
CA TYR A 2104 33.27 90.29 -21.66
C TYR A 2104 32.30 91.39 -21.23
N ASP A 2105 32.72 92.65 -21.36
CA ASP A 2105 31.84 93.77 -21.00
C ASP A 2105 30.79 94.04 -22.07
N LEU A 2106 31.14 93.82 -23.34
CA LEU A 2106 30.17 93.99 -24.42
C LEU A 2106 29.02 93.01 -24.27
N THR A 2107 29.31 91.78 -23.83
CA THR A 2107 28.27 90.80 -23.58
C THR A 2107 27.28 91.29 -22.53
N GLU A 2108 27.80 91.84 -21.43
CA GLU A 2108 26.93 92.29 -20.35
C GLU A 2108 26.12 93.52 -20.79
N LEU A 2109 26.73 94.43 -21.56
CA LEU A 2109 25.98 95.57 -22.08
C LEU A 2109 24.85 95.11 -22.99
N GLU A 2110 25.14 94.16 -23.89
CA GLU A 2110 24.10 93.64 -24.77
C GLU A 2110 23.00 92.97 -23.96
N SER A 2111 23.37 92.27 -22.89
CA SER A 2111 22.36 91.64 -22.04
C SER A 2111 21.46 92.66 -21.38
N ILE A 2112 22.04 93.75 -20.87
CA ILE A 2112 21.22 94.73 -20.16
C ILE A 2112 20.44 95.64 -21.10
N VAL A 2113 20.82 95.72 -22.38
CA VAL A 2113 20.09 96.53 -23.35
C VAL A 2113 19.25 95.68 -24.29
N ARG A 2114 19.27 94.36 -24.15
CA ARG A 2114 18.51 93.47 -25.03
C ARG A 2114 17.03 93.81 -25.03
N GLY A 2115 16.46 93.96 -26.22
CA GLY A 2115 15.04 94.14 -26.38
C GLY A 2115 14.54 95.56 -26.26
N TRP A 2116 15.41 96.53 -25.98
CA TRP A 2116 14.95 97.91 -25.84
C TRP A 2116 14.47 98.47 -27.17
N GLY A 2117 15.16 98.17 -28.27
CA GLY A 2117 14.77 98.70 -29.55
C GLY A 2117 13.43 98.20 -30.03
N GLU A 2118 13.10 96.94 -29.73
CA GLU A 2118 11.88 96.33 -30.26
C GLU A 2118 10.61 97.00 -29.74
N CYS A 2119 10.70 97.83 -28.69
CA CYS A 2119 9.53 98.45 -28.11
C CYS A 2119 9.39 99.94 -28.41
N VAL A 2120 10.42 100.59 -28.94
CA VAL A 2120 10.39 102.04 -29.09
C VAL A 2120 10.67 102.53 -30.50
N ILE A 2121 11.34 101.77 -31.36
CA ILE A 2121 11.65 102.29 -32.70
C ILE A 2121 10.39 102.37 -33.55
N ASP A 2122 9.52 101.36 -33.48
CA ASP A 2122 8.31 101.36 -34.30
C ASP A 2122 7.41 102.52 -33.93
N GLN A 2123 7.21 102.76 -32.63
CA GLN A 2123 6.45 103.92 -32.15
C GLN A 2123 7.33 104.72 -31.21
N PHE A 2124 7.81 105.87 -31.68
CA PHE A 2124 8.76 106.69 -30.94
C PHE A 2124 8.20 108.06 -30.61
N GLU A 2125 7.59 108.74 -31.57
CA GLU A 2125 7.15 110.12 -31.35
C GLU A 2125 6.09 110.21 -30.26
N SER A 2126 5.11 109.29 -30.29
CA SER A 2126 4.10 109.28 -29.23
C SER A 2126 4.74 108.95 -27.88
N LEU A 2127 5.66 107.99 -27.86
CA LEU A 2127 6.35 107.63 -26.63
C LEU A 2127 7.21 108.77 -26.12
N ASP A 2128 7.92 109.46 -27.03
CA ASP A 2128 8.73 110.60 -26.62
C ASP A 2128 7.87 111.73 -26.06
N ARG A 2129 6.72 111.99 -26.70
CA ARG A 2129 5.83 113.02 -26.18
C ARG A 2129 5.28 112.64 -24.82
N GLU A 2130 4.93 111.36 -24.63
CA GLU A 2130 4.46 110.92 -23.32
C GLU A 2130 5.55 111.06 -22.26
N ALA A 2131 6.79 110.71 -22.61
CA ALA A 2131 7.89 110.88 -21.68
C ALA A 2131 8.11 112.33 -21.31
N GLN A 2132 8.06 113.21 -22.31
CA GLN A 2132 8.17 114.65 -22.01
C GLN A 2132 7.06 115.01 -21.04
N ASN A 2133 5.81 114.68 -21.39
CA ASN A 2133 4.68 115.07 -20.56
C ASN A 2133 4.88 114.59 -19.13
N MET A 2134 5.43 113.39 -18.96
CA MET A 2134 5.56 112.86 -17.58
C MET A 2134 6.70 113.56 -16.86
N VAL A 2135 7.75 113.93 -17.57
CA VAL A 2135 8.92 114.45 -16.87
C VAL A 2135 8.83 115.95 -16.65
N VAL A 2136 8.13 116.69 -17.53
CA VAL A 2136 8.09 118.14 -17.37
C VAL A 2136 7.16 118.56 -16.24
N ASN A 2137 5.98 117.95 -16.13
CA ASN A 2137 5.00 118.40 -15.14
C ASN A 2137 5.48 118.13 -13.73
N LYS A 2138 5.80 116.88 -13.43
CA LYS A 2138 6.32 116.55 -12.10
C LYS A 2138 7.71 115.95 -12.20
N GLY A 2139 8.49 116.13 -11.14
CA GLY A 2139 9.90 115.76 -11.15
C GLY A 2139 10.10 114.25 -11.17
N ILE A 2140 11.09 113.82 -11.94
CA ILE A 2140 11.48 112.42 -12.02
C ILE A 2140 12.96 112.32 -11.66
N CYS A 2141 13.26 111.46 -10.70
CA CYS A 2141 14.65 111.25 -10.30
C CYS A 2141 15.27 110.19 -11.19
N PRO A 2142 16.35 110.49 -11.91
CA PRO A 2142 16.91 109.50 -12.85
C PRO A 2142 17.72 108.42 -12.17
N GLU A 2143 17.19 107.87 -11.08
CA GLU A 2143 17.81 106.73 -10.41
C GLU A 2143 16.74 105.76 -9.95
N ASP A 2144 15.49 106.04 -10.33
CA ASP A 2144 14.37 105.17 -9.98
C ASP A 2144 13.68 104.68 -11.26
N VAL A 2145 14.02 105.24 -12.41
CA VAL A 2145 13.47 104.82 -13.70
C VAL A 2145 13.88 103.36 -13.92
N ILE A 2146 12.89 102.49 -14.12
CA ILE A 2146 13.14 101.07 -14.34
C ILE A 2146 12.71 100.70 -15.75
N PRO A 2147 13.65 100.61 -16.70
CA PRO A 2147 13.25 100.29 -18.09
C PRO A 2147 12.68 98.90 -18.25
N ASP A 2148 13.15 97.92 -17.50
CA ASP A 2148 12.63 96.56 -17.61
C ASP A 2148 12.90 95.84 -16.30
N SER A 2149 12.29 94.66 -16.17
CA SER A 2149 12.35 93.90 -14.91
C SER A 2149 13.72 93.34 -14.62
N LEU A 2150 14.66 93.40 -15.56
CA LEU A 2150 15.98 92.84 -15.35
C LEU A 2150 17.01 93.96 -15.47
N PHE A 2151 16.74 95.09 -14.81
CA PHE A 2151 17.61 96.25 -14.85
C PHE A 2151 18.08 96.60 -13.45
N SER A 2152 19.38 96.87 -13.32
CA SER A 2152 19.96 97.38 -12.08
C SER A 2152 20.71 98.67 -12.42
N PHE A 2153 20.33 99.76 -11.76
CA PHE A 2153 20.97 101.05 -12.02
C PHE A 2153 22.46 101.01 -11.68
N ARG A 2154 22.80 100.43 -10.54
CA ARG A 2154 24.18 100.44 -10.07
C ARG A 2154 25.09 99.71 -11.05
N HIS A 2155 24.70 98.49 -11.43
CA HIS A 2155 25.54 97.68 -12.31
C HIS A 2155 25.67 98.31 -13.69
N THR A 2156 24.56 98.79 -14.25
CA THR A 2156 24.62 99.40 -15.57
C THR A 2156 25.51 100.64 -15.55
N MET A 2157 25.38 101.47 -14.51
CA MET A 2157 26.17 102.69 -14.47
C MET A 2157 27.66 102.41 -14.24
N VAL A 2158 27.98 101.41 -13.40
CA VAL A 2158 29.40 101.11 -13.20
C VAL A 2158 29.99 100.49 -14.47
N LEU A 2159 29.21 99.67 -15.18
CA LEU A 2159 29.70 99.12 -16.45
C LEU A 2159 29.95 100.23 -17.46
N LEU A 2160 29.04 101.20 -17.54
CA LEU A 2160 29.22 102.28 -18.50
C LEU A 2160 30.34 103.22 -18.10
N ARG A 2161 30.56 103.41 -16.80
CA ARG A 2161 31.72 104.18 -16.35
C ARG A 2161 33.02 103.49 -16.74
N ARG A 2162 33.10 102.18 -16.51
CA ARG A 2162 34.34 101.46 -16.80
C ARG A 2162 34.59 101.39 -18.30
N LEU A 2163 33.55 101.16 -19.11
CA LEU A 2163 33.75 101.13 -20.56
C LEU A 2163 34.10 102.51 -21.11
N PHE A 2164 33.41 103.55 -20.66
CA PHE A 2164 33.60 104.90 -21.16
C PHE A 2164 34.06 105.79 -20.01
N PRO A 2165 35.37 105.98 -19.84
CA PRO A 2165 35.86 106.81 -18.75
C PRO A 2165 35.43 108.26 -18.90
N GLN A 2166 35.19 108.90 -17.76
CA GLN A 2166 34.85 110.31 -17.72
C GLN A 2166 35.74 111.00 -16.69
N ASP A 2167 36.19 112.21 -17.03
CA ASP A 2167 37.04 112.97 -16.13
C ASP A 2167 36.25 113.36 -14.90
N SER A 2168 36.61 112.80 -13.74
CA SER A 2168 35.86 113.08 -12.50
C SER A 2168 36.11 114.52 -12.04
N ILE A 2169 37.19 115.14 -12.51
CA ILE A 2169 37.53 116.52 -12.07
C ILE A 2169 36.34 117.43 -12.40
N SER A 2170 35.70 117.23 -13.54
CA SER A 2170 34.57 118.10 -13.96
C SER A 2170 33.43 118.01 -12.94
N SER A 2171 33.09 116.80 -12.51
CA SER A 2171 31.95 116.63 -11.57
C SER A 2171 32.21 117.44 -10.29
N PHE A 2172 33.46 117.42 -9.80
CA PHE A 2172 33.79 118.12 -8.54
C PHE A 2172 34.33 119.51 -8.85
N TYR A 2173 34.65 119.78 -10.12
CA TYR A 2173 35.16 121.11 -10.53
C TYR A 2173 34.55 121.49 -11.89
N MET B 23 -29.84 53.10 50.09
CA MET B 23 -30.71 52.70 48.98
C MET B 23 -31.67 51.60 49.40
N ASP B 24 -32.19 50.88 48.40
CA ASP B 24 -33.08 49.75 48.69
C ASP B 24 -32.38 48.69 49.52
N LYS B 25 -31.05 48.58 49.40
CA LYS B 25 -30.29 47.71 50.28
C LYS B 25 -30.44 48.13 51.73
N TYR B 26 -30.38 49.44 51.99
CA TYR B 26 -30.59 49.91 53.36
C TYR B 26 -32.00 49.60 53.84
N ARG B 27 -33.00 49.77 52.97
CA ARG B 27 -34.36 49.45 53.37
C ARG B 27 -34.50 47.97 53.71
N GLU B 28 -33.91 47.11 52.88
CA GLU B 28 -33.97 45.67 53.14
C GLU B 28 -33.29 45.30 54.45
N ILE B 29 -32.10 45.84 54.69
CA ILE B 29 -31.38 45.48 55.91
C ILE B 29 -32.08 46.05 57.14
N HIS B 30 -32.67 47.24 57.03
CA HIS B 30 -33.42 47.80 58.14
C HIS B 30 -34.65 46.96 58.46
N ASN B 31 -35.35 46.50 57.41
CA ASN B 31 -36.50 45.61 57.62
C ASN B 31 -36.06 44.30 58.26
N LYS B 32 -34.91 43.77 57.85
CA LYS B 32 -34.41 42.53 58.42
C LYS B 32 -34.04 42.71 59.88
N LEU B 33 -33.42 43.85 60.22
CA LEU B 33 -32.93 44.08 61.57
C LEU B 33 -34.01 44.52 62.55
N LYS B 34 -35.07 45.18 62.07
CA LYS B 34 -36.12 45.65 62.96
C LYS B 34 -36.99 44.52 63.50
N GLU B 35 -36.93 43.34 62.90
CA GLU B 35 -37.72 42.20 63.35
C GLU B 35 -36.91 41.21 64.18
N PHE B 36 -35.67 41.54 64.51
CA PHE B 36 -34.79 40.65 65.26
C PHE B 36 -34.72 41.09 66.72
N SER B 37 -34.97 40.16 67.63
CA SER B 37 -34.92 40.46 69.04
C SER B 37 -33.49 40.75 69.47
N PRO B 38 -33.31 41.68 70.42
CA PRO B 38 -31.96 42.00 70.89
C PRO B 38 -31.29 40.81 71.55
N GLY B 39 -29.98 40.69 71.35
CA GLY B 39 -29.21 39.63 71.97
C GLY B 39 -29.62 38.23 71.57
N THR B 40 -30.04 38.05 70.32
CA THR B 40 -30.45 36.74 69.82
C THR B 40 -29.86 36.46 68.45
N LEU B 41 -28.68 36.98 68.17
CA LEU B 41 -28.03 36.83 66.87
C LEU B 41 -26.66 36.19 67.07
N THR B 42 -26.37 35.15 66.29
CA THR B 42 -25.11 34.44 66.41
C THR B 42 -23.96 35.27 65.85
N ALA B 43 -22.74 34.77 66.05
CA ALA B 43 -21.55 35.51 65.64
C ALA B 43 -21.51 35.69 64.13
N VAL B 44 -21.79 34.62 63.37
CA VAL B 44 -21.70 34.70 61.92
C VAL B 44 -22.80 35.59 61.35
N GLU B 45 -24.00 35.53 61.93
CA GLU B 45 -25.08 36.40 61.49
C GLU B 45 -24.70 37.87 61.66
N CYS B 46 -24.16 38.22 62.82
CA CYS B 46 -23.68 39.59 63.02
C CYS B 46 -22.58 39.92 62.03
N ILE B 47 -21.66 38.99 61.80
CA ILE B 47 -20.53 39.27 60.92
C ILE B 47 -21.02 39.63 59.52
N ASP B 48 -21.88 38.79 58.93
CA ASP B 48 -22.27 39.07 57.57
C ASP B 48 -23.24 40.23 57.49
N TYR B 49 -24.03 40.48 58.55
CA TYR B 49 -24.85 41.68 58.59
C TYR B 49 -24.00 42.93 58.53
N LEU B 50 -22.93 42.98 59.34
CA LEU B 50 -22.04 44.14 59.29
C LEU B 50 -21.29 44.25 57.96
N ASP B 51 -20.88 43.13 57.36
CA ASP B 51 -20.25 43.25 56.04
C ASP B 51 -21.22 43.80 55.00
N ARG B 52 -22.49 43.38 55.06
CA ARG B 52 -23.48 43.98 54.18
C ARG B 52 -23.63 45.47 54.47
N LEU B 53 -23.55 45.86 55.75
CA LEU B 53 -23.66 47.26 56.10
C LEU B 53 -22.53 48.09 55.50
N TYR B 54 -21.29 47.61 55.63
CA TYR B 54 -20.18 48.34 55.01
C TYR B 54 -20.28 48.32 53.50
N ALA B 55 -20.80 47.24 52.92
CA ALA B 55 -20.99 47.20 51.47
C ALA B 55 -21.97 48.28 51.03
N VAL B 56 -23.07 48.44 51.77
CA VAL B 56 -24.03 49.49 51.43
C VAL B 56 -23.40 50.87 51.60
N ARG B 57 -22.61 51.05 52.67
CA ARG B 57 -21.94 52.32 52.89
C ARG B 57 -21.03 52.67 51.71
N HIS B 58 -20.18 51.73 51.32
CA HIS B 58 -19.30 51.98 50.17
C HIS B 58 -20.10 52.18 48.89
N ASP B 59 -21.23 51.48 48.75
CA ASP B 59 -22.06 51.62 47.56
C ASP B 59 -22.58 53.06 47.44
N ILE B 60 -23.07 53.62 48.54
CA ILE B 60 -23.59 54.98 48.46
C ILE B 60 -22.45 55.98 48.27
N VAL B 61 -21.31 55.75 48.94
CA VAL B 61 -20.18 56.67 48.80
C VAL B 61 -19.56 56.59 47.41
N ASP B 62 -19.82 55.52 46.67
CA ASP B 62 -19.43 55.50 45.26
C ASP B 62 -20.50 56.11 44.37
N GLN B 63 -21.77 55.85 44.70
CA GLN B 63 -22.86 56.31 43.84
C GLN B 63 -22.93 57.82 43.81
N MET B 64 -22.74 58.49 44.95
CA MET B 64 -22.97 59.93 44.93
C MET B 64 -21.83 60.65 44.22
N ILE B 65 -20.62 60.09 44.25
CA ILE B 65 -19.54 60.70 43.48
C ILE B 65 -19.68 60.38 42.01
N LYS B 66 -20.22 59.21 41.66
CA LYS B 66 -20.54 58.95 40.26
C LYS B 66 -21.60 59.93 39.75
N HIS B 67 -22.61 60.21 40.57
CA HIS B 67 -23.63 61.19 40.20
C HIS B 67 -23.03 62.59 40.08
N ASP B 68 -22.12 62.95 41.00
CA ASP B 68 -21.44 64.23 40.92
C ASP B 68 -20.66 64.37 39.63
N TRP B 69 -19.93 63.32 39.24
CA TRP B 69 -19.24 63.33 37.95
C TRP B 69 -20.20 63.12 36.79
N SER B 70 -21.39 62.59 37.05
CA SER B 70 -22.39 62.31 36.02
C SER B 70 -21.84 61.38 34.93
N ASP B 71 -20.93 60.50 35.31
CA ASP B 71 -20.39 59.49 34.40
C ASP B 71 -21.16 58.20 34.65
N ASN B 72 -22.07 57.87 33.72
CA ASN B 72 -22.97 56.73 33.88
C ASN B 72 -22.19 55.43 33.64
N LYS B 73 -21.38 55.06 34.62
CA LYS B 73 -20.61 53.83 34.60
C LYS B 73 -21.13 52.95 35.73
N ASP B 74 -22.15 52.14 35.40
CA ASP B 74 -22.80 51.30 36.41
C ASP B 74 -21.82 50.29 37.00
N SER B 75 -21.03 49.65 36.15
CA SER B 75 -20.09 48.62 36.58
C SER B 75 -18.67 49.11 36.35
N GLU B 76 -17.86 49.09 37.41
CA GLU B 76 -16.46 49.50 37.31
C GLU B 76 -15.68 48.50 36.46
N GLU B 77 -14.78 49.02 35.63
CA GLU B 77 -14.03 48.21 34.69
C GLU B 77 -12.54 48.27 35.00
N ALA B 78 -11.80 47.35 34.38
CA ALA B 78 -10.37 47.20 34.63
C ALA B 78 -9.57 48.24 33.86
N ILE B 79 -8.31 48.42 34.28
CA ILE B 79 -7.46 49.46 33.69
C ILE B 79 -7.24 49.22 32.21
N GLY B 80 -7.05 47.96 31.82
CA GLY B 80 -6.89 47.66 30.40
C GLY B 80 -8.11 48.09 29.59
N LYS B 81 -9.29 47.92 30.16
CA LYS B 81 -10.51 48.38 29.48
C LYS B 81 -10.48 49.89 29.30
N VAL B 82 -10.05 50.63 30.33
CA VAL B 82 -9.97 52.08 30.21
C VAL B 82 -8.98 52.48 29.12
N LEU B 83 -7.82 51.82 29.08
CA LEU B 83 -6.84 52.14 28.06
C LEU B 83 -7.40 51.87 26.67
N LEU B 84 -8.04 50.71 26.49
CA LEU B 84 -8.62 50.39 25.18
C LEU B 84 -9.72 51.39 24.81
N PHE B 85 -10.46 51.89 25.79
CA PHE B 85 -11.43 52.94 25.54
C PHE B 85 -10.78 54.30 25.27
N ALA B 86 -9.50 54.46 25.62
CA ALA B 86 -8.78 55.69 25.37
C ALA B 86 -8.20 55.76 23.97
N GLY B 87 -8.45 54.77 23.13
CA GLY B 87 -7.87 54.75 21.80
C GLY B 87 -6.48 54.16 21.73
N VAL B 88 -6.07 53.42 22.76
CA VAL B 88 -4.74 52.81 22.75
C VAL B 88 -4.74 51.59 21.84
N PRO B 89 -3.68 51.32 21.09
CA PRO B 89 -3.64 50.10 20.29
C PRO B 89 -3.59 48.86 21.17
N SER B 90 -4.21 47.79 20.67
CA SER B 90 -4.22 46.53 21.42
C SER B 90 -2.84 45.88 21.41
N ASN B 91 -2.13 45.98 20.29
CA ASN B 91 -0.83 45.32 20.17
C ASN B 91 0.17 45.90 21.18
N ILE B 92 0.13 47.21 21.40
CA ILE B 92 1.07 47.79 22.35
C ILE B 92 0.66 47.45 23.78
N ILE B 93 -0.64 47.22 24.01
CA ILE B 93 -1.08 46.69 25.31
C ILE B 93 -0.51 45.31 25.54
N THR B 94 -0.57 44.44 24.53
CA THR B 94 0.04 43.12 24.66
C THR B 94 1.54 43.21 24.88
N ALA B 95 2.19 44.17 24.20
CA ALA B 95 3.63 44.36 24.38
C ALA B 95 3.96 44.80 25.80
N LEU B 96 3.20 45.77 26.33
CA LEU B 96 3.42 46.22 27.70
C LEU B 96 3.04 45.16 28.72
N GLU B 97 2.18 44.21 28.35
CA GLU B 97 1.77 43.17 29.29
C GLU B 97 2.94 42.30 29.71
N LYS B 98 4.04 42.34 28.95
CA LYS B 98 5.21 41.53 29.23
C LYS B 98 6.23 42.26 30.10
N LYS B 99 5.77 43.14 30.99
CA LYS B 99 6.64 43.91 31.85
C LYS B 99 6.30 43.65 33.32
N ILE B 100 7.28 43.89 34.18
CA ILE B 100 7.14 43.69 35.62
C ILE B 100 7.45 45.00 36.32
N ILE B 101 6.58 45.41 37.24
CA ILE B 101 6.77 46.64 37.99
C ILE B 101 7.86 46.42 39.03
N PRO B 102 8.95 47.20 39.00
CA PRO B 102 10.12 46.87 39.83
C PRO B 102 10.01 47.35 41.28
N ASN B 103 9.33 48.48 41.50
CA ASN B 103 9.24 49.04 42.85
C ASN B 103 8.19 48.36 43.70
N HIS B 104 7.37 47.50 43.14
CA HIS B 104 6.33 46.82 43.90
C HIS B 104 6.99 45.83 44.86
N PRO B 105 6.75 45.92 46.17
CA PRO B 105 7.37 44.96 47.09
C PRO B 105 6.98 43.52 46.80
N THR B 106 5.75 43.29 46.36
CA THR B 106 5.32 41.94 45.98
C THR B 106 5.76 41.56 44.58
N GLY B 107 6.23 42.52 43.78
CA GLY B 107 6.63 42.23 42.41
C GLY B 107 5.50 41.68 41.57
N LYS B 108 4.31 42.24 41.70
CA LYS B 108 3.15 41.74 40.97
C LYS B 108 3.33 41.98 39.48
N SER B 109 3.03 40.95 38.68
CA SER B 109 3.12 41.08 37.23
C SER B 109 1.96 41.91 36.70
N LEU B 110 2.14 42.43 35.48
CA LEU B 110 1.15 43.32 34.90
C LEU B 110 -0.14 42.59 34.50
N LYS B 111 -0.11 41.26 34.42
CA LYS B 111 -1.31 40.51 34.04
C LYS B 111 -2.41 40.69 35.07
N ALA B 112 -2.09 40.44 36.35
CA ALA B 112 -3.07 40.65 37.40
C ALA B 112 -3.33 42.14 37.65
N PHE B 113 -2.40 43.01 37.26
CA PHE B 113 -2.62 44.44 37.43
C PHE B 113 -3.67 44.95 36.46
N PHE B 114 -3.55 44.56 35.18
CA PHE B 114 -4.51 45.00 34.19
C PHE B 114 -5.92 44.48 34.48
N LYS B 115 -6.03 43.40 35.26
CA LYS B 115 -7.31 42.89 35.69
C LYS B 115 -7.83 43.58 36.95
N MET B 116 -7.01 44.39 37.61
CA MET B 116 -7.46 45.13 38.78
C MET B 116 -8.52 46.15 38.37
N THR B 117 -9.49 46.37 39.26
CA THR B 117 -10.64 47.22 38.95
C THR B 117 -10.74 48.36 39.94
N PRO B 118 -10.41 49.59 39.55
CA PRO B 118 -10.56 50.73 40.45
C PRO B 118 -12.03 51.11 40.61
N ASP B 119 -12.28 52.04 41.55
CA ASP B 119 -13.65 52.41 41.87
C ASP B 119 -14.32 53.09 40.69
N ASN B 120 -13.68 54.11 40.12
CA ASN B 120 -14.25 54.81 38.98
C ASN B 120 -13.14 55.50 38.20
N TYR B 121 -13.44 55.84 36.96
CA TYR B 121 -12.50 56.51 36.09
C TYR B 121 -13.25 57.48 35.19
N LYS B 122 -12.53 58.50 34.74
CA LYS B 122 -13.05 59.43 33.74
C LYS B 122 -12.01 59.57 32.64
N ILE B 123 -12.50 59.84 31.43
CA ILE B 123 -11.66 59.92 30.24
C ILE B 123 -11.87 61.28 29.59
N SER B 124 -10.79 61.85 29.08
CA SER B 124 -10.85 63.15 28.41
C SER B 124 -9.67 63.24 27.45
N GLY B 125 -9.93 63.00 26.17
CA GLY B 125 -8.88 63.09 25.17
C GLY B 125 -7.78 62.09 25.45
N THR B 126 -6.55 62.60 25.62
CA THR B 126 -5.40 61.78 25.93
C THR B 126 -5.14 61.68 27.44
N THR B 127 -5.99 62.28 28.26
CA THR B 127 -5.81 62.27 29.71
C THR B 127 -6.79 61.29 30.34
N ILE B 128 -6.28 60.44 31.22
CA ILE B 128 -7.08 59.44 31.92
C ILE B 128 -6.87 59.64 33.42
N GLU B 129 -7.97 59.68 34.18
CA GLU B 129 -7.92 59.87 35.62
C GLU B 129 -8.52 58.66 36.31
N PHE B 130 -8.02 58.35 37.51
CA PHE B 130 -8.50 57.23 38.29
C PHE B 130 -8.71 57.67 39.74
N VAL B 131 -9.77 57.16 40.35
CA VAL B 131 -10.10 57.51 41.74
C VAL B 131 -10.49 56.24 42.48
N GLU B 132 -9.86 56.03 43.63
CA GLU B 132 -10.22 54.95 44.56
C GLU B 132 -10.83 55.59 45.79
N VAL B 133 -11.98 55.07 46.22
CA VAL B 133 -12.74 55.66 47.31
C VAL B 133 -12.86 54.63 48.44
N THR B 134 -12.53 55.05 49.65
CA THR B 134 -12.67 54.20 50.82
C THR B 134 -13.25 55.02 51.96
N VAL B 135 -13.92 54.33 52.89
CA VAL B 135 -14.48 54.95 54.08
C VAL B 135 -13.86 54.27 55.30
N THR B 136 -13.40 55.09 56.25
CA THR B 136 -12.71 54.59 57.44
C THR B 136 -12.45 55.76 58.37
N ALA B 137 -12.24 55.43 59.65
CA ALA B 137 -11.82 56.45 60.61
C ALA B 137 -10.35 56.80 60.42
N ASP B 138 -9.53 55.76 60.25
CA ASP B 138 -8.07 55.96 60.03
C ASP B 138 -7.87 56.26 58.54
N VAL B 139 -7.92 57.54 58.16
CA VAL B 139 -7.83 57.92 56.76
C VAL B 139 -6.43 57.64 56.21
N ASP B 140 -5.41 58.18 56.89
CA ASP B 140 -4.02 58.10 56.36
C ASP B 140 -3.62 56.69 55.91
N LYS B 141 -3.87 55.68 56.73
CA LYS B 141 -3.37 54.35 56.41
C LYS B 141 -3.86 53.90 55.04
N GLY B 142 -5.17 53.96 54.81
CA GLY B 142 -5.71 53.60 53.52
C GLY B 142 -5.21 54.51 52.42
N ILE B 143 -5.08 55.81 52.74
CA ILE B 143 -4.52 56.75 51.76
C ILE B 143 -3.15 56.29 51.31
N ARG B 144 -2.27 56.00 52.29
CA ARG B 144 -0.90 55.63 51.95
C ARG B 144 -0.86 54.32 51.15
N GLU B 145 -1.67 53.34 51.56
CA GLU B 145 -1.62 52.05 50.88
C GLU B 145 -2.10 52.15 49.44
N LYS B 146 -3.34 52.62 49.25
CA LYS B 146 -3.90 52.72 47.91
C LYS B 146 -3.06 53.64 47.04
N LYS B 147 -2.68 54.80 47.59
CA LYS B 147 -1.79 55.72 46.89
C LYS B 147 -0.56 55.00 46.38
N LEU B 148 0.22 54.38 47.28
CA LEU B 148 1.48 53.81 46.87
C LEU B 148 1.29 52.81 45.74
N LYS B 149 0.37 51.84 45.93
CA LYS B 149 0.27 50.78 44.93
C LYS B 149 -0.23 51.33 43.60
N TYR B 150 -1.34 52.08 43.63
CA TYR B 150 -1.93 52.53 42.37
C TYR B 150 -1.05 53.55 41.66
N GLU B 151 -0.42 54.47 42.40
CA GLU B 151 0.44 55.42 41.71
C GLU B 151 1.68 54.76 41.16
N ALA B 152 2.22 53.73 41.84
CA ALA B 152 3.34 53.00 41.26
C ALA B 152 2.95 52.39 39.92
N GLY B 153 1.84 51.65 39.90
CA GLY B 153 1.42 51.00 38.66
C GLY B 153 1.13 52.01 37.56
N LEU B 154 0.37 53.05 37.89
CA LEU B 154 -0.04 54.01 36.87
C LEU B 154 1.13 54.86 36.38
N THR B 155 2.09 55.17 37.25
CA THR B 155 3.27 55.88 36.81
C THR B 155 4.10 55.02 35.88
N TYR B 156 4.20 53.72 36.17
CA TYR B 156 4.87 52.82 35.23
C TYR B 156 4.18 52.85 33.87
N ILE B 157 2.85 52.76 33.87
CA ILE B 157 2.12 52.78 32.61
C ILE B 157 2.35 54.10 31.87
N GLU B 158 2.33 55.21 32.62
CA GLU B 158 2.50 56.52 32.01
C GLU B 158 3.88 56.67 31.37
N GLN B 159 4.93 56.24 32.08
CA GLN B 159 6.27 56.37 31.51
C GLN B 159 6.44 55.44 30.32
N GLU B 160 5.85 54.24 30.38
CA GLU B 160 5.88 53.34 29.23
C GLU B 160 5.25 53.99 28.02
N LEU B 161 4.06 54.57 28.19
CA LEU B 161 3.37 55.21 27.07
C LEU B 161 4.15 56.42 26.56
N HIS B 162 4.76 57.19 27.46
CA HIS B 162 5.52 58.35 27.03
C HIS B 162 6.72 57.95 26.19
N LYS B 163 7.47 56.94 26.64
CA LYS B 163 8.62 56.55 25.84
C LYS B 163 8.21 55.78 24.59
N PHE B 164 6.99 55.22 24.58
CA PHE B 164 6.47 54.64 23.34
C PHE B 164 6.14 55.74 22.34
N PHE B 165 5.59 56.85 22.83
CA PHE B 165 5.41 58.03 21.99
C PHE B 165 6.75 58.53 21.47
N LEU B 166 7.78 58.52 22.32
CA LEU B 166 9.11 58.87 21.87
C LEU B 166 9.59 57.91 20.78
N LYS B 167 9.27 56.63 20.90
CA LYS B 167 9.61 55.67 19.86
C LYS B 167 8.91 56.01 18.55
N GLY B 168 7.68 56.50 18.63
CA GLY B 168 7.05 57.09 17.46
C GLY B 168 5.96 56.30 16.77
N GLU B 169 5.08 55.66 17.54
CA GLU B 169 3.87 55.06 16.98
C GLU B 169 2.63 55.87 17.33
N ILE B 170 2.37 56.09 18.62
CA ILE B 170 1.17 56.81 19.03
C ILE B 170 1.29 58.27 18.61
N PRO B 171 0.18 58.94 18.26
CA PRO B 171 0.31 60.35 17.88
C PRO B 171 0.52 61.27 19.06
N GLN B 172 -0.10 60.98 20.21
CA GLN B 172 -0.02 61.85 21.36
C GLN B 172 0.34 61.05 22.59
N PRO B 173 1.13 61.63 23.50
CA PRO B 173 1.41 60.97 24.78
C PRO B 173 0.17 60.98 25.68
N TYR B 174 0.12 60.01 26.58
CA TYR B 174 -1.02 59.83 27.48
C TYR B 174 -0.65 60.32 28.86
N LYS B 175 -1.49 61.19 29.42
CA LYS B 175 -1.28 61.75 30.75
C LYS B 175 -2.22 61.07 31.73
N ILE B 176 -1.69 60.67 32.88
CA ILE B 176 -2.47 60.00 33.91
C ILE B 176 -2.54 60.91 35.13
N THR B 177 -3.68 60.87 35.81
CA THR B 177 -3.88 61.55 37.09
C THR B 177 -4.58 60.58 38.04
N PHE B 178 -4.38 60.79 39.33
CA PHE B 178 -4.93 59.86 40.31
C PHE B 178 -5.12 60.57 41.64
N ASN B 179 -6.28 60.32 42.26
CA ASN B 179 -6.61 60.87 43.56
C ASN B 179 -7.45 59.87 44.34
N VAL B 180 -7.35 59.92 45.66
CA VAL B 180 -8.13 59.07 46.55
C VAL B 180 -8.74 59.94 47.63
N VAL B 181 -10.04 59.79 47.87
CA VAL B 181 -10.76 60.50 48.91
C VAL B 181 -11.23 59.49 49.94
N ALA B 182 -10.85 59.71 51.20
CA ALA B 182 -11.19 58.80 52.29
C ALA B 182 -12.17 59.52 53.21
N VAL B 183 -13.45 59.16 53.09
CA VAL B 183 -14.48 59.76 53.94
C VAL B 183 -14.37 59.20 55.34
N ARG B 184 -14.46 60.09 56.33
CA ARG B 184 -14.38 59.65 57.74
C ARG B 184 -15.71 58.99 58.14
N THR B 185 -15.67 58.17 59.18
CA THR B 185 -16.85 57.43 59.63
C THR B 185 -17.90 58.32 60.27
N ASP B 186 -17.60 59.61 60.49
CA ASP B 186 -18.58 60.55 61.03
C ASP B 186 -19.19 61.44 59.96
N GLY B 187 -18.61 61.48 58.75
CA GLY B 187 -19.13 62.31 57.69
C GLY B 187 -19.01 63.80 57.95
N SER B 188 -17.87 64.24 58.48
CA SER B 188 -17.65 65.64 58.80
C SER B 188 -16.73 66.33 57.80
N ASN B 189 -15.61 65.69 57.45
CA ASN B 189 -14.64 66.26 56.52
C ASN B 189 -15.01 66.00 55.07
N ILE B 190 -16.12 65.32 54.80
CA ILE B 190 -16.50 65.00 53.43
C ILE B 190 -16.71 66.27 52.61
N THR B 191 -17.35 67.27 53.22
CA THR B 191 -17.60 68.53 52.50
C THR B 191 -16.29 69.21 52.13
N THR B 192 -15.29 69.14 53.02
CA THR B 192 -13.99 69.71 52.71
C THR B 192 -13.35 69.01 51.52
N GLN B 193 -13.39 67.68 51.50
CA GLN B 193 -12.84 66.93 50.38
C GLN B 193 -13.78 66.96 49.17
N TRP B 194 -15.09 66.95 49.41
CA TRP B 194 -16.09 66.96 48.34
C TRP B 194 -17.08 68.09 48.61
N PRO B 195 -16.80 69.30 48.15
CA PRO B 195 -17.78 70.38 48.28
C PRO B 195 -18.94 70.19 47.33
N SER B 196 -19.76 69.17 47.57
CA SER B 196 -20.86 68.81 46.69
C SER B 196 -22.18 69.34 47.22
N ARG B 197 -23.14 69.49 46.30
CA ARG B 197 -24.48 69.93 46.65
C ARG B 197 -25.34 68.81 47.21
N ARG B 198 -24.85 67.58 47.20
CA ARG B 198 -25.54 66.43 47.77
C ARG B 198 -24.98 66.05 49.13
N ASN B 199 -24.19 66.94 49.75
CA ASN B 199 -23.49 66.60 50.98
C ASN B 199 -24.48 66.26 52.11
N ASP B 200 -25.57 67.01 52.23
CA ASP B 200 -26.49 66.82 53.35
C ASP B 200 -27.12 65.42 53.31
N GLY B 201 -27.64 65.03 52.16
CA GLY B 201 -28.24 63.71 52.06
C GLY B 201 -27.25 62.60 52.31
N VAL B 202 -26.03 62.74 51.79
CA VAL B 202 -25.01 61.72 51.96
C VAL B 202 -24.66 61.58 53.43
N VAL B 203 -24.43 62.70 54.12
CA VAL B 203 -24.01 62.64 55.51
C VAL B 203 -25.15 62.11 56.39
N GLN B 204 -26.39 62.50 56.11
CA GLN B 204 -27.49 61.97 56.91
C GLN B 204 -27.66 60.47 56.68
N TYR B 205 -27.59 60.01 55.43
CA TYR B 205 -27.74 58.59 55.15
C TYR B 205 -26.63 57.78 55.81
N MET B 206 -25.39 58.26 55.72
CA MET B 206 -24.30 57.54 56.35
C MET B 206 -24.40 57.59 57.87
N ARG B 207 -24.98 58.67 58.41
CA ARG B 207 -25.25 58.69 59.84
C ARG B 207 -26.25 57.61 60.23
N LEU B 208 -27.31 57.43 59.43
CA LEU B 208 -28.26 56.35 59.72
C LEU B 208 -27.58 54.99 59.65
N VAL B 209 -26.76 54.76 58.61
CA VAL B 209 -26.13 53.44 58.49
C VAL B 209 -25.13 53.21 59.61
N GLN B 210 -24.43 54.25 60.05
CA GLN B 210 -23.52 54.11 61.18
C GLN B 210 -24.28 53.82 62.46
N ALA B 211 -25.43 54.47 62.65
CA ALA B 211 -26.26 54.19 63.82
C ALA B 211 -26.72 52.73 63.81
N GLU B 212 -27.14 52.23 62.66
CA GLU B 212 -27.54 50.83 62.57
C GLU B 212 -26.36 49.89 62.82
N ILE B 213 -25.18 50.25 62.30
CA ILE B 213 -23.98 49.47 62.55
C ILE B 213 -23.72 49.35 64.05
N SER B 214 -23.76 50.48 64.75
CA SER B 214 -23.55 50.47 66.20
C SER B 214 -24.63 49.69 66.92
N TYR B 215 -25.87 49.84 66.48
CA TYR B 215 -26.99 49.13 67.11
C TYR B 215 -26.78 47.62 67.04
N VAL B 216 -26.44 47.10 65.86
CA VAL B 216 -26.15 45.67 65.76
C VAL B 216 -24.87 45.34 66.51
N ARG B 217 -23.93 46.29 66.60
CA ARG B 217 -22.64 46.04 67.22
C ARG B 217 -22.78 45.76 68.72
N GLU B 218 -23.54 46.59 69.44
CA GLU B 218 -23.57 46.50 70.89
C GLU B 218 -24.89 46.00 71.47
N HIS B 219 -25.95 45.95 70.69
CA HIS B 219 -27.27 45.65 71.23
C HIS B 219 -27.84 44.34 70.74
N LEU B 220 -27.87 44.12 69.42
CA LEU B 220 -28.51 42.93 68.88
C LEU B 220 -27.72 41.66 69.11
N ILE B 221 -26.45 41.76 69.51
CA ILE B 221 -25.61 40.59 69.70
C ILE B 221 -25.86 40.00 71.07
N LYS B 222 -25.88 38.66 71.13
CA LYS B 222 -26.04 37.98 72.41
C LYS B 222 -24.87 38.32 73.33
N THR B 223 -25.18 38.48 74.62
CA THR B 223 -24.17 38.86 75.59
C THR B 223 -23.10 37.80 75.79
N GLU B 224 -23.35 36.57 75.35
CA GLU B 224 -22.39 35.48 75.54
C GLU B 224 -21.25 35.51 74.53
N GLU B 225 -21.32 36.40 73.53
CA GLU B 225 -20.35 36.39 72.43
C GLU B 225 -19.67 37.72 72.20
N ARG B 226 -19.61 38.60 73.19
CA ARG B 226 -19.06 39.94 72.95
C ARG B 226 -17.56 39.87 72.64
N ALA B 227 -16.80 39.19 73.49
CA ALA B 227 -15.36 39.05 73.25
C ALA B 227 -15.10 38.26 71.98
N ALA B 228 -15.91 37.22 71.73
CA ALA B 228 -15.80 36.49 70.48
C ALA B 228 -15.94 37.42 69.29
N LEU B 229 -17.02 38.21 69.26
CA LEU B 229 -17.26 39.12 68.14
C LEU B 229 -16.09 40.09 67.98
N GLU B 230 -15.58 40.59 69.10
CA GLU B 230 -14.39 41.44 69.06
C GLU B 230 -13.23 40.70 68.39
N ALA B 231 -13.13 39.40 68.60
CA ALA B 231 -12.05 38.62 67.99
C ALA B 231 -12.12 38.63 66.46
N MET B 232 -13.30 38.39 65.88
CA MET B 232 -13.36 38.44 64.42
C MET B 232 -13.33 39.86 63.89
N PHE B 233 -13.72 40.87 64.68
CA PHE B 233 -13.44 42.23 64.24
C PHE B 233 -11.95 42.49 64.15
N ASN B 234 -11.18 42.00 65.13
CA ASN B 234 -9.74 42.13 65.07
C ASN B 234 -9.13 41.33 63.93
N LEU B 235 -9.67 40.14 63.63
CA LEU B 235 -9.14 39.29 62.58
C LEU B 235 -9.62 39.68 61.19
N LYS B 236 -10.62 40.54 61.07
CA LYS B 236 -11.16 40.93 59.78
C LYS B 236 -10.86 42.36 59.39
N PHE B 237 -10.83 43.29 60.35
CA PHE B 237 -10.59 44.69 60.06
C PHE B 237 -9.26 45.21 60.58
N ASN B 238 -8.58 44.47 61.46
CA ASN B 238 -7.30 44.91 61.98
C ASN B 238 -6.16 44.13 61.35
N PRO B 246 4.20 38.46 65.02
CA PRO B 246 4.98 39.56 65.62
C PRO B 246 6.22 39.05 66.33
N TYR B 247 7.10 38.36 65.61
CA TYR B 247 8.30 37.77 66.19
C TYR B 247 9.52 38.59 65.83
N TYR B 248 10.37 38.84 66.82
CA TYR B 248 11.63 39.54 66.62
C TYR B 248 12.73 38.49 66.50
N ILE B 249 13.45 38.51 65.39
CA ILE B 249 14.54 37.57 65.15
C ILE B 249 15.64 37.83 66.17
N PRO B 250 16.02 36.84 66.97
CA PRO B 250 17.10 37.04 67.95
C PRO B 250 18.41 37.40 67.26
N ASP B 251 19.21 38.22 67.94
CA ASP B 251 20.44 38.73 67.35
C ASP B 251 21.42 37.62 67.04
N TYR B 252 21.58 36.67 67.96
CA TYR B 252 22.53 35.55 67.83
C TYR B 252 23.92 36.15 67.64
N LYS B 253 24.64 35.85 66.57
CA LYS B 253 25.96 36.41 66.35
C LYS B 253 26.31 36.29 64.88
N GLY B 254 26.91 37.35 64.34
CA GLY B 254 27.36 37.34 62.97
C GLY B 254 28.84 37.10 62.83
N MET B 255 29.27 36.62 61.67
CA MET B 255 30.68 36.34 61.41
C MET B 255 31.24 37.45 60.52
N GLU B 256 32.37 38.01 60.92
CA GLU B 256 33.00 39.06 60.15
C GLU B 256 33.53 38.52 58.83
N PRO B 257 33.47 39.31 57.76
CA PRO B 257 34.04 38.89 56.47
C PRO B 257 35.53 39.23 56.41
N ILE B 258 36.37 38.20 56.26
CA ILE B 258 37.80 38.43 56.12
C ILE B 258 38.07 39.09 54.77
N GLY B 259 39.14 39.88 54.72
CA GLY B 259 39.48 40.55 53.48
C GLY B 259 39.90 39.59 52.39
N ALA B 260 40.72 38.60 52.73
CA ALA B 260 41.22 37.60 51.79
C ALA B 260 41.97 38.24 50.63
N ASN B 261 42.32 37.42 49.63
CA ASN B 261 43.07 37.91 48.47
C ASN B 261 43.02 36.90 47.35
N ILE B 262 42.75 37.37 46.13
CA ILE B 262 42.65 36.47 44.98
C ILE B 262 44.04 36.16 44.43
N GLU B 263 44.92 37.16 44.40
CA GLU B 263 46.26 36.95 43.85
C GLU B 263 47.04 35.94 44.67
N ASP B 264 46.75 35.80 45.96
CA ASP B 264 47.41 34.78 46.77
C ASP B 264 47.10 33.39 46.24
N LEU B 265 45.83 33.11 45.97
CA LEU B 265 45.45 31.82 45.43
C LEU B 265 45.98 31.65 44.00
N VAL B 266 46.00 32.72 43.21
CA VAL B 266 46.54 32.62 41.85
C VAL B 266 48.02 32.26 41.90
N ASP B 267 48.77 32.90 42.80
CA ASP B 267 50.19 32.60 42.93
C ASP B 267 50.41 31.19 43.45
N TYR B 268 49.58 30.73 44.39
CA TYR B 268 49.69 29.36 44.86
C TYR B 268 49.42 28.37 43.72
N SER B 269 48.44 28.68 42.87
CA SER B 269 48.19 27.84 41.71
C SER B 269 49.39 27.84 40.77
N LYS B 270 50.03 28.99 40.61
CA LYS B 270 51.24 29.04 39.79
C LYS B 270 52.34 28.18 40.38
N ASP B 271 52.51 28.21 41.70
CA ASP B 271 53.51 27.36 42.34
C ASP B 271 53.18 25.88 42.15
N TRP B 272 51.91 25.51 42.34
CA TRP B 272 51.50 24.12 42.26
C TRP B 272 51.64 23.59 40.83
N LEU B 273 51.27 24.41 39.84
CA LEU B 273 51.37 23.98 38.45
C LEU B 273 52.82 23.71 38.05
N SER B 274 53.76 24.40 38.67
CA SER B 274 55.17 24.26 38.31
C SER B 274 55.78 23.04 38.99
N ARG B 275 55.15 21.88 38.83
CA ARG B 275 55.60 20.65 39.45
C ARG B 275 55.10 19.48 38.61
N ALA B 276 55.49 18.27 39.01
CA ALA B 276 55.03 17.06 38.36
C ALA B 276 53.74 16.59 39.03
N ARG B 277 52.70 16.38 38.22
CA ARG B 277 51.40 15.98 38.70
C ARG B 277 50.93 14.72 37.98
N ASN B 278 50.28 13.83 38.71
CA ASN B 278 49.75 12.59 38.16
C ASN B 278 48.26 12.71 37.91
N PHE B 279 47.74 11.83 37.07
CA PHE B 279 46.33 11.81 36.73
C PHE B 279 45.57 10.90 37.67
N SER B 280 44.37 11.32 38.06
CA SER B 280 43.55 10.52 38.97
C SER B 280 42.88 9.35 38.25
N PHE B 281 42.60 9.49 36.96
CA PHE B 281 41.88 8.48 36.20
C PHE B 281 42.87 7.56 35.49
N PHE B 282 42.32 6.60 34.75
CA PHE B 282 43.14 5.62 34.03
C PHE B 282 42.53 5.39 32.66
N GLU B 283 43.36 5.53 31.62
CA GLU B 283 42.90 5.26 30.27
C GLU B 283 42.59 3.79 30.08
N VAL B 284 41.53 3.50 29.35
CA VAL B 284 41.20 2.11 29.02
C VAL B 284 42.10 1.64 27.88
N LYS B 285 42.51 0.37 27.95
CA LYS B 285 43.36 -0.18 26.92
C LYS B 285 42.97 -1.61 26.53
N GLY B 286 41.90 -2.15 27.10
CA GLY B 286 41.56 -3.53 26.86
C GLY B 286 42.45 -4.46 27.67
N THR B 287 43.75 -4.37 27.46
CA THR B 287 44.68 -5.12 28.31
C THR B 287 44.68 -4.59 29.74
N ALA B 288 44.42 -3.29 29.92
CA ALA B 288 44.42 -2.72 31.26
C ALA B 288 43.33 -3.35 32.12
N VAL B 289 42.12 -3.49 31.57
CA VAL B 289 41.05 -4.09 32.35
C VAL B 289 41.33 -5.56 32.59
N PHE B 290 41.96 -6.25 31.65
CA PHE B 290 42.29 -7.65 31.85
C PHE B 290 43.28 -7.82 33.01
N GLU B 291 44.34 -7.01 33.02
CA GLU B 291 45.30 -7.08 34.10
C GLU B 291 44.69 -6.67 35.42
N CYS B 292 43.79 -5.68 35.41
CA CYS B 292 43.11 -5.31 36.64
C CYS B 292 42.26 -6.45 37.17
N PHE B 293 41.53 -7.12 36.28
CA PHE B 293 40.70 -8.25 36.69
C PHE B 293 41.56 -9.35 37.31
N ASN B 294 42.68 -9.69 36.65
CA ASN B 294 43.52 -10.77 37.16
C ASN B 294 44.17 -10.40 38.49
N SER B 295 44.68 -9.16 38.60
CA SER B 295 45.31 -8.73 39.84
C SER B 295 44.31 -8.72 40.99
N ASN B 296 43.09 -8.24 40.74
CA ASN B 296 42.09 -8.24 41.80
C ASN B 296 41.64 -9.65 42.13
N GLU B 297 41.62 -10.56 41.15
CA GLU B 297 41.33 -11.96 41.45
C GLU B 297 42.37 -12.53 42.40
N ALA B 298 43.64 -12.27 42.12
CA ALA B 298 44.71 -12.76 42.98
C ALA B 298 44.60 -12.17 44.39
N ASN B 299 44.34 -10.85 44.46
CA ASN B 299 44.23 -10.21 45.76
C ASN B 299 43.05 -10.76 46.55
N HIS B 300 41.91 -10.96 45.88
CA HIS B 300 40.74 -11.50 46.56
C HIS B 300 40.99 -12.92 47.05
N CYS B 301 41.64 -13.75 46.23
CA CYS B 301 41.92 -15.11 46.65
C CYS B 301 42.89 -15.14 47.83
N GLN B 302 43.88 -14.25 47.83
CA GLN B 302 44.78 -14.16 48.97
C GLN B 302 44.04 -13.70 50.22
N ARG B 303 43.15 -12.73 50.08
CA ARG B 303 42.51 -12.12 51.24
C ARG B 303 41.60 -13.10 51.96
N TYR B 304 40.57 -13.58 51.28
CA TYR B 304 39.65 -14.52 51.91
C TYR B 304 40.23 -15.93 51.94
N PRO B 305 39.95 -16.69 52.99
CA PRO B 305 40.36 -18.09 53.01
C PRO B 305 39.70 -18.85 51.86
N MET B 306 40.45 -19.78 51.27
CA MET B 306 40.00 -20.50 50.10
C MET B 306 39.16 -21.70 50.50
N SER B 307 38.16 -22.00 49.68
CA SER B 307 37.23 -23.10 49.93
C SER B 307 37.15 -24.01 48.72
N ARG B 308 36.79 -25.27 48.97
CA ARG B 308 36.71 -26.28 47.93
C ARG B 308 35.29 -26.75 47.65
N LYS B 309 34.30 -26.13 48.27
CA LYS B 309 32.92 -26.59 48.10
C LYS B 309 32.01 -25.42 47.74
N PRO B 310 31.51 -25.36 46.50
CA PRO B 310 30.58 -24.29 46.14
C PRO B 310 29.25 -24.47 46.87
N ARG B 311 28.84 -23.44 47.59
CA ARG B 311 27.63 -23.52 48.40
C ARG B 311 26.40 -23.49 47.50
N ASN B 312 25.23 -23.51 48.12
CA ASN B 312 23.99 -23.70 47.39
C ASN B 312 23.36 -22.36 47.00
N PHE B 313 22.62 -22.39 45.89
CA PHE B 313 21.95 -21.21 45.38
C PHE B 313 20.51 -21.51 45.02
N LEU B 314 20.21 -22.76 44.67
CA LEU B 314 18.85 -23.15 44.32
C LEU B 314 18.09 -23.43 45.61
N LEU B 315 17.21 -22.49 45.99
CA LEU B 315 16.46 -22.63 47.23
C LEU B 315 15.39 -23.70 47.13
N ILE B 316 14.98 -24.07 45.93
CA ILE B 316 13.97 -25.10 45.75
C ILE B 316 14.22 -25.80 44.42
N GLN B 317 14.53 -27.08 44.47
CA GLN B 317 14.85 -27.85 43.28
C GLN B 317 13.60 -28.59 42.81
N CYS B 318 13.34 -28.53 41.52
CA CYS B 318 12.17 -29.19 40.96
C CYS B 318 12.41 -29.40 39.47
N SER B 319 11.73 -30.41 38.93
CA SER B 319 11.90 -30.77 37.53
C SER B 319 10.54 -30.87 36.87
N LEU B 320 10.46 -30.41 35.62
CA LEU B 320 9.23 -30.49 34.84
C LEU B 320 9.56 -31.03 33.46
N ILE B 321 8.76 -32.00 33.01
CA ILE B 321 8.89 -32.56 31.68
C ILE B 321 7.74 -32.20 30.77
N THR B 322 6.51 -32.15 31.29
CA THR B 322 5.34 -31.79 30.51
C THR B 322 4.71 -30.54 31.11
N SER B 323 3.63 -30.08 30.48
CA SER B 323 2.93 -28.88 30.91
C SER B 323 2.48 -29.03 32.36
N TYR B 324 2.24 -27.89 33.00
CA TYR B 324 1.84 -27.85 34.41
C TYR B 324 0.41 -27.36 34.53
N LYS B 325 -0.42 -28.15 35.19
CA LYS B 325 -1.78 -27.75 35.49
C LYS B 325 -1.85 -27.35 36.96
N PRO B 326 -2.25 -26.12 37.28
CA PRO B 326 -2.15 -25.64 38.67
C PRO B 326 -2.91 -26.54 39.63
N ALA B 327 -2.33 -26.71 40.81
CA ALA B 327 -2.83 -27.68 41.77
C ALA B 327 -4.13 -27.21 42.42
N THR B 328 -5.02 -28.15 42.66
CA THR B 328 -6.26 -27.96 43.40
C THR B 328 -6.26 -28.87 44.61
N THR B 329 -7.39 -28.95 45.30
CA THR B 329 -7.48 -29.84 46.45
C THR B 329 -7.51 -31.29 46.02
N LEU B 330 -8.34 -31.62 45.02
CA LEU B 330 -8.42 -33.00 44.54
C LEU B 330 -7.11 -33.42 43.90
N SER B 331 -6.49 -32.53 43.13
CA SER B 331 -5.19 -32.84 42.56
C SER B 331 -4.15 -33.08 43.64
N ASP B 332 -4.18 -32.26 44.70
CA ASP B 332 -3.26 -32.47 45.80
C ASP B 332 -3.47 -33.83 46.45
N GLN B 333 -4.73 -34.22 46.66
CA GLN B 333 -5.00 -35.54 47.25
C GLN B 333 -4.46 -36.66 46.37
N ILE B 334 -4.81 -36.64 45.08
CA ILE B 334 -4.42 -37.73 44.20
C ILE B 334 -2.91 -37.81 44.08
N ASP B 335 -2.26 -36.67 43.89
CA ASP B 335 -0.81 -36.66 43.75
C ASP B 335 -0.12 -37.04 45.04
N SER B 336 -0.65 -36.65 46.20
CA SER B 336 -0.04 -37.07 47.45
C SER B 336 -0.14 -38.58 47.63
N ARG B 337 -1.29 -39.16 47.27
CA ARG B 337 -1.41 -40.62 47.37
C ARG B 337 -0.42 -41.32 46.46
N ARG B 338 -0.38 -40.92 45.19
CA ARG B 338 0.54 -41.56 44.25
C ARG B 338 1.98 -41.35 44.68
N ALA B 339 2.28 -40.17 45.22
CA ALA B 339 3.63 -39.85 45.63
C ALA B 339 4.07 -40.70 46.81
N CYS B 340 3.17 -40.90 47.78
CA CYS B 340 3.50 -41.77 48.90
C CYS B 340 3.70 -43.21 48.41
N SER B 341 2.90 -43.63 47.43
CA SER B 341 3.11 -44.96 46.86
C SER B 341 4.49 -45.07 46.22
N TYR B 342 4.91 -44.03 45.48
CA TYR B 342 6.24 -44.04 44.88
C TYR B 342 7.34 -44.06 45.94
N ILE B 343 7.19 -43.24 46.99
CA ILE B 343 8.23 -43.11 48.00
C ILE B 343 8.37 -44.39 48.81
N LEU B 344 7.26 -45.08 49.06
CA LEU B 344 7.34 -46.30 49.88
C LEU B 344 8.15 -47.40 49.22
N ASN B 345 8.47 -47.27 47.93
CA ASN B 345 9.27 -48.27 47.22
C ASN B 345 10.69 -47.78 46.96
N LEU B 346 11.22 -46.93 47.83
CA LEU B 346 12.59 -46.49 47.76
C LEU B 346 13.35 -46.97 48.99
N ILE B 347 14.65 -47.15 48.83
CA ILE B 347 15.52 -47.61 49.92
C ILE B 347 16.36 -46.41 50.37
N PRO B 348 16.08 -45.83 51.52
CA PRO B 348 16.84 -44.65 51.96
C PRO B 348 18.28 -45.01 52.28
N ASP B 349 19.15 -44.02 52.16
CA ASP B 349 20.55 -44.18 52.51
C ASP B 349 21.04 -43.10 53.47
N THR B 350 20.58 -41.88 53.32
CA THR B 350 20.93 -40.79 54.21
C THR B 350 19.76 -40.48 55.13
N PRO B 351 20.03 -39.93 56.32
CA PRO B 351 18.95 -39.75 57.30
C PRO B 351 17.82 -38.87 56.80
N ALA B 352 18.09 -37.92 55.91
CA ALA B 352 17.01 -37.12 55.34
C ALA B 352 16.04 -37.99 54.56
N SER B 353 16.57 -38.94 53.79
CA SER B 353 15.70 -39.88 53.10
C SER B 353 14.92 -40.74 54.08
N TYR B 354 15.51 -41.06 55.23
CA TYR B 354 14.77 -41.79 56.26
C TYR B 354 13.61 -40.97 56.79
N LEU B 355 13.83 -39.67 57.03
CA LEU B 355 12.74 -38.82 57.49
C LEU B 355 11.66 -38.70 56.43
N ILE B 356 12.06 -38.62 55.16
CA ILE B 356 11.10 -38.59 54.07
C ILE B 356 10.25 -39.85 54.07
N HIS B 357 10.90 -41.01 54.22
CA HIS B 357 10.18 -42.27 54.22
C HIS B 357 9.22 -42.35 55.41
N ASP B 358 9.67 -41.89 56.58
CA ASP B 358 8.80 -41.89 57.75
C ASP B 358 7.59 -41.00 57.55
N MET B 359 7.79 -39.82 56.99
CA MET B 359 6.67 -38.94 56.67
C MET B 359 5.68 -39.63 55.74
N ALA B 360 6.19 -40.27 54.70
CA ALA B 360 5.31 -40.93 53.73
C ALA B 360 4.52 -42.04 54.41
N TYR B 361 5.19 -42.84 55.24
CA TYR B 361 4.52 -43.92 55.95
C TYR B 361 3.41 -43.39 56.85
N ARG B 362 3.71 -42.35 57.63
CA ARG B 362 2.71 -41.80 58.52
C ARG B 362 1.53 -41.24 57.75
N TYR B 363 1.79 -40.52 56.65
CA TYR B 363 0.69 -39.96 55.88
C TYR B 363 -0.16 -41.07 55.27
N ILE B 364 0.46 -42.11 54.75
CA ILE B 364 -0.31 -43.16 54.10
C ILE B 364 -1.04 -44.03 55.11
N ASN B 365 -0.68 -43.96 56.39
CA ASN B 365 -1.40 -44.71 57.42
C ASN B 365 -2.40 -43.86 58.19
N LEU B 366 -2.78 -42.69 57.67
CA LEU B 366 -3.83 -41.91 58.31
C LEU B 366 -5.19 -42.50 58.00
N THR B 367 -6.14 -42.27 58.90
CA THR B 367 -7.47 -42.83 58.75
C THR B 367 -8.28 -42.03 57.75
N ARG B 368 -9.43 -42.58 57.36
CA ARG B 368 -10.28 -41.93 56.37
C ARG B 368 -10.82 -40.60 56.89
N GLU B 369 -11.32 -40.58 58.12
CA GLU B 369 -11.81 -39.32 58.68
C GLU B 369 -10.66 -38.34 58.90
N ASP B 370 -9.49 -38.85 59.26
CA ASP B 370 -8.31 -37.98 59.39
C ASP B 370 -7.94 -37.38 58.04
N MET B 371 -8.04 -38.16 56.96
CA MET B 371 -7.79 -37.61 55.64
C MET B 371 -8.84 -36.55 55.28
N ILE B 372 -10.10 -36.83 55.57
CA ILE B 372 -11.16 -35.87 55.26
C ILE B 372 -10.90 -34.55 55.98
N ASN B 373 -10.50 -34.62 57.25
CA ASN B 373 -10.17 -33.39 57.96
C ASN B 373 -8.88 -32.77 57.43
N TYR B 374 -7.95 -33.59 56.94
CA TYR B 374 -6.73 -33.09 56.33
C TYR B 374 -6.99 -32.32 55.04
N TYR B 375 -8.13 -32.56 54.40
CA TYR B 375 -8.43 -31.83 53.18
C TYR B 375 -9.76 -31.12 53.27
N ALA B 376 -9.99 -30.41 54.37
CA ALA B 376 -11.20 -29.65 54.58
C ALA B 376 -10.86 -28.22 54.97
N PRO B 377 -11.67 -27.24 54.57
CA PRO B 377 -11.42 -25.86 54.97
C PRO B 377 -11.63 -25.68 56.46
N ARG B 378 -10.96 -24.66 57.02
CA ARG B 378 -11.00 -24.46 58.46
C ARG B 378 -12.42 -24.25 58.97
N ILE B 379 -13.32 -23.80 58.10
CA ILE B 379 -14.72 -23.69 58.48
C ILE B 379 -15.29 -25.05 58.84
N GLN B 380 -14.96 -26.07 58.03
CA GLN B 380 -15.54 -27.42 58.25
C GLN B 380 -14.48 -28.38 58.81
N PHE B 381 -13.38 -27.86 59.34
CA PHE B 381 -12.38 -28.72 59.95
C PHE B 381 -12.81 -29.13 61.36
N LYS B 382 -12.47 -30.37 61.70
CA LYS B 382 -12.76 -30.91 63.02
C LYS B 382 -11.48 -31.36 63.69
N GLN B 383 -11.39 -31.10 64.99
CA GLN B 383 -10.20 -31.43 65.77
C GLN B 383 -10.16 -32.94 65.98
N THR B 384 -9.08 -33.58 65.54
CA THR B 384 -8.86 -35.00 65.75
C THR B 384 -7.50 -35.21 66.41
N GLN B 385 -7.14 -36.49 66.60
CA GLN B 385 -5.91 -36.84 67.29
C GLN B 385 -4.71 -36.90 66.37
N ASN B 386 -4.91 -37.26 65.10
CA ASN B 386 -3.81 -37.32 64.15
C ASN B 386 -3.68 -36.05 63.32
N VAL B 387 -4.79 -35.34 63.11
CA VAL B 387 -4.82 -34.18 62.24
C VAL B 387 -5.31 -33.02 63.10
N ARG B 388 -4.39 -32.29 63.72
CA ARG B 388 -4.75 -31.20 64.61
C ARG B 388 -5.07 -29.91 63.90
N GLU B 389 -4.69 -29.80 62.63
CA GLU B 389 -4.87 -28.59 61.84
C GLU B 389 -5.36 -28.95 60.45
N PRO B 390 -5.98 -28.02 59.74
CA PRO B 390 -6.64 -28.38 58.47
C PRO B 390 -5.73 -29.04 57.46
N GLY B 391 -4.43 -28.75 57.47
CA GLY B 391 -3.57 -29.30 56.45
C GLY B 391 -2.32 -29.98 56.95
N THR B 392 -2.26 -30.26 58.25
CA THR B 392 -1.09 -30.85 58.87
C THR B 392 -1.46 -32.17 59.53
N PHE B 393 -0.46 -32.85 60.08
CA PHE B 393 -0.69 -34.02 60.91
C PHE B 393 0.41 -34.12 61.95
N LYS B 394 0.07 -34.69 63.09
CA LYS B 394 1.05 -34.91 64.15
C LYS B 394 1.91 -36.11 63.81
N LEU B 395 3.16 -36.08 64.30
CA LEU B 395 4.10 -37.17 64.06
C LEU B 395 5.02 -37.25 65.27
N THR B 396 4.68 -38.13 66.20
CA THR B 396 5.47 -38.26 67.41
C THR B 396 6.66 -39.18 67.18
N SER B 397 7.59 -39.15 68.14
CA SER B 397 8.88 -39.82 67.99
C SER B 397 8.75 -41.34 67.92
N SER B 398 7.60 -41.91 68.26
CA SER B 398 7.44 -43.35 68.20
C SER B 398 7.57 -43.87 66.77
N MET B 399 7.03 -43.12 65.81
CA MET B 399 7.07 -43.53 64.41
C MET B 399 8.28 -42.99 63.66
N LEU B 400 9.16 -42.25 64.32
CA LEU B 400 10.40 -41.84 63.71
C LEU B 400 11.44 -42.96 63.83
N ARG B 401 12.67 -42.64 63.48
CA ARG B 401 13.79 -43.56 63.60
C ARG B 401 14.99 -42.83 64.18
N ALA B 402 16.02 -43.60 64.53
CA ALA B 402 17.16 -43.04 65.26
C ALA B 402 17.86 -41.95 64.44
N GLU B 403 18.09 -42.20 63.15
CA GLU B 403 18.73 -41.19 62.31
C GLU B 403 17.84 -39.96 62.15
N SER B 404 16.53 -40.17 61.99
CA SER B 404 15.60 -39.05 61.89
C SER B 404 15.61 -38.23 63.17
N LYS B 405 15.60 -38.90 64.32
CA LYS B 405 15.68 -38.20 65.59
C LYS B 405 17.00 -37.43 65.72
N ALA B 406 18.09 -38.02 65.21
CA ALA B 406 19.37 -37.32 65.23
C ALA B 406 19.32 -36.05 64.40
N MET B 407 18.71 -36.12 63.21
CA MET B 407 18.57 -34.90 62.41
C MET B 407 17.69 -33.88 63.10
N LEU B 408 16.62 -34.33 63.75
CA LEU B 408 15.75 -33.39 64.45
C LEU B 408 16.51 -32.69 65.57
N ASP B 409 17.31 -33.45 66.32
CA ASP B 409 18.12 -32.85 67.38
C ASP B 409 19.13 -31.87 66.81
N LEU B 410 19.75 -32.22 65.68
CA LEU B 410 20.70 -31.31 65.06
C LEU B 410 20.01 -30.03 64.58
N LEU B 411 18.79 -30.16 64.05
CA LEU B 411 18.03 -28.99 63.64
C LEU B 411 17.71 -28.09 64.83
N ASN B 412 17.32 -28.68 65.95
CA ASN B 412 16.96 -27.89 67.12
C ASN B 412 18.15 -27.15 67.70
N ASN B 413 19.38 -27.56 67.37
CA ASN B 413 20.57 -26.88 67.87
C ASN B 413 20.99 -25.76 66.93
N GLN B 423 36.06 -18.42 59.46
CA GLN B 423 34.67 -18.84 59.36
C GLN B 423 34.11 -18.57 57.97
N ILE B 424 34.38 -17.39 57.45
CA ILE B 424 33.92 -17.02 56.12
C ILE B 424 34.96 -17.47 55.10
N GLU B 425 34.54 -18.31 54.17
CA GLU B 425 35.38 -18.81 53.09
C GLU B 425 34.89 -18.24 51.76
N SER B 426 35.62 -18.58 50.70
CA SER B 426 35.24 -18.15 49.36
C SER B 426 35.80 -19.13 48.36
N LEU B 427 35.20 -19.14 47.18
CA LEU B 427 35.69 -20.02 46.11
C LEU B 427 37.00 -19.49 45.56
N ASN B 428 37.81 -20.42 45.03
CA ASN B 428 39.07 -20.06 44.39
C ASN B 428 38.75 -19.43 43.04
N ILE B 429 38.29 -18.18 43.09
CA ILE B 429 37.79 -17.51 41.90
C ILE B 429 38.89 -17.34 40.86
N ALA B 430 40.15 -17.33 41.28
CA ALA B 430 41.26 -17.14 40.37
C ALA B 430 41.68 -18.43 39.66
N SER B 431 41.04 -19.55 39.95
CA SER B 431 41.39 -20.84 39.36
C SER B 431 40.47 -21.15 38.19
N HIS B 432 41.04 -21.76 37.15
CA HIS B 432 40.27 -22.04 35.93
C HIS B 432 39.21 -23.12 36.17
N ILE B 433 39.52 -24.12 37.00
CA ILE B 433 38.61 -25.25 37.17
C ILE B 433 37.29 -24.81 37.79
N VAL B 434 37.35 -23.96 38.81
CA VAL B 434 36.13 -23.47 39.46
C VAL B 434 35.27 -22.71 38.46
N GLN B 435 35.88 -21.82 37.69
CA GLN B 435 35.13 -21.04 36.72
C GLN B 435 34.51 -21.94 35.67
N SER B 436 35.26 -22.91 35.16
CA SER B 436 34.74 -23.79 34.12
C SER B 436 33.58 -24.63 34.61
N GLU B 437 33.72 -25.23 35.80
CA GLU B 437 32.64 -26.08 36.31
C GLU B 437 31.40 -25.27 36.64
N SER B 438 31.58 -24.08 37.22
CA SER B 438 30.43 -23.24 37.53
C SER B 438 29.71 -22.78 36.27
N VAL B 439 30.47 -22.35 35.25
CA VAL B 439 29.84 -21.88 34.03
C VAL B 439 29.16 -23.03 33.30
N SER B 440 29.73 -24.24 33.36
CA SER B 440 29.08 -25.40 32.75
C SER B 440 27.76 -25.72 33.46
N LEU B 441 27.76 -25.70 34.80
CA LEU B 441 26.54 -26.00 35.54
C LEU B 441 25.45 -24.98 35.24
N ILE B 442 25.81 -23.69 35.28
CA ILE B 442 24.80 -22.66 35.08
C ILE B 442 24.30 -22.67 33.64
N THR B 443 25.18 -22.95 32.67
CA THR B 443 24.74 -23.05 31.28
C THR B 443 23.79 -24.23 31.09
N LYS B 444 24.05 -25.34 31.79
CA LYS B 444 23.13 -26.49 31.71
C LYS B 444 21.77 -26.09 32.29
N ILE B 445 21.77 -25.37 33.41
CA ILE B 445 20.51 -24.94 34.01
C ILE B 445 19.76 -24.00 33.07
N LEU B 446 20.47 -23.03 32.48
CA LEU B 446 19.83 -22.07 31.58
C LEU B 446 19.24 -22.75 30.36
N SER B 447 19.98 -23.69 29.77
CA SER B 447 19.46 -24.40 28.60
C SER B 447 18.29 -25.30 28.96
N ASP B 448 18.32 -25.89 30.17
CA ASP B 448 17.21 -26.70 30.61
C ASP B 448 15.97 -25.86 30.88
N LEU B 449 16.16 -24.61 31.27
CA LEU B 449 15.03 -23.72 31.50
C LEU B 449 14.42 -23.21 30.20
N GLU B 450 15.14 -23.30 29.09
CA GLU B 450 14.65 -22.80 27.81
C GLU B 450 13.92 -23.85 26.99
N LEU B 451 13.89 -25.10 27.44
CA LEU B 451 13.36 -26.19 26.63
C LEU B 451 11.85 -26.05 26.43
N ASN B 452 11.39 -26.32 25.22
CA ASN B 452 9.98 -26.23 24.89
C ASN B 452 9.20 -27.34 25.59
N ILE B 453 7.95 -27.04 25.93
CA ILE B 453 7.04 -28.00 26.54
C ILE B 453 5.75 -28.01 25.72
N THR B 454 5.29 -29.20 25.36
CA THR B 454 4.09 -29.37 24.56
C THR B 454 2.85 -28.83 25.25
N THR B 471 -10.92 -3.23 22.52
CA THR B 471 -10.34 -1.92 22.24
C THR B 471 -9.14 -2.03 21.31
N VAL B 472 -8.72 -0.88 20.77
CA VAL B 472 -7.66 -0.86 19.77
C VAL B 472 -6.31 -1.21 20.40
N LEU B 473 -6.07 -0.74 21.63
CA LEU B 473 -4.85 -1.10 22.33
C LEU B 473 -4.75 -2.61 22.48
N ASP B 474 -5.88 -3.28 22.70
CA ASP B 474 -5.86 -4.73 22.73
C ASP B 474 -5.48 -5.31 21.39
N LYS B 475 -5.87 -4.67 20.29
CA LYS B 475 -5.47 -5.16 18.97
C LYS B 475 -3.96 -5.07 18.81
N PHE B 476 -3.37 -3.92 19.16
CA PHE B 476 -1.93 -3.79 19.06
C PHE B 476 -1.22 -4.76 19.99
N PHE B 477 -1.75 -4.95 21.20
CA PHE B 477 -1.15 -5.87 22.15
C PHE B 477 -1.14 -7.28 21.59
N GLN B 478 -2.29 -7.77 21.14
CA GLN B 478 -2.38 -9.12 20.61
C GLN B 478 -1.57 -9.28 19.33
N ASN B 479 -1.36 -8.18 18.59
CA ASN B 479 -0.57 -8.28 17.38
C ASN B 479 0.92 -8.37 17.68
N GLU B 480 1.40 -7.63 18.67
CA GLU B 480 2.83 -7.50 18.88
C GLU B 480 3.33 -8.23 20.13
N THR B 481 2.83 -7.87 21.31
CA THR B 481 3.42 -8.43 22.51
C THR B 481 2.93 -9.85 22.75
N GLN B 482 1.61 -10.07 22.69
CA GLN B 482 1.08 -11.41 22.86
C GLN B 482 1.60 -12.37 21.79
N LYS B 483 2.05 -11.85 20.66
CA LYS B 483 2.54 -12.72 19.59
C LYS B 483 4.02 -12.98 19.68
N TYR B 484 4.81 -12.01 20.13
CA TYR B 484 6.26 -12.13 20.09
C TYR B 484 6.91 -12.36 21.45
N LEU B 485 6.18 -12.17 22.55
CA LEU B 485 6.71 -12.44 23.88
C LEU B 485 5.94 -13.54 24.59
N ILE B 486 4.64 -13.36 24.79
CA ILE B 486 3.86 -14.28 25.62
C ILE B 486 3.74 -15.62 24.93
N ASP B 487 3.39 -15.62 23.65
CA ASP B 487 3.23 -16.88 22.94
C ASP B 487 4.55 -17.62 22.82
N VAL B 488 5.65 -16.88 22.67
CA VAL B 488 6.97 -17.50 22.61
C VAL B 488 7.30 -18.16 23.94
N LEU B 489 7.03 -17.47 25.05
CA LEU B 489 7.44 -17.98 26.36
C LEU B 489 6.47 -18.99 26.95
N LYS B 490 5.27 -19.14 26.39
CA LYS B 490 4.31 -20.07 26.98
C LYS B 490 4.81 -21.49 26.90
N LYS B 491 5.49 -21.86 25.82
CA LYS B 491 6.01 -23.20 25.66
C LYS B 491 7.28 -23.45 26.46
N THR B 492 7.94 -22.40 26.92
CA THR B 492 9.21 -22.52 27.63
C THR B 492 9.01 -23.26 28.94
N THR B 493 10.01 -24.05 29.33
CA THR B 493 9.96 -24.77 30.59
C THR B 493 9.90 -23.82 31.78
N ALA B 494 10.52 -22.65 31.66
CA ALA B 494 10.55 -21.70 32.76
C ALA B 494 9.15 -21.22 33.14
N TRP B 495 8.25 -21.10 32.16
CA TRP B 495 6.89 -20.68 32.44
C TRP B 495 6.22 -21.63 33.43
N HIS B 496 6.22 -22.92 33.11
CA HIS B 496 5.57 -23.89 33.97
C HIS B 496 6.35 -24.12 35.26
N ILE B 497 7.67 -23.99 35.21
CA ILE B 497 8.47 -24.07 36.43
C ILE B 497 8.10 -22.94 37.38
N GLY B 498 7.88 -21.74 36.85
CA GLY B 498 7.47 -20.64 37.69
C GLY B 498 6.09 -20.86 38.30
N HIS B 499 5.16 -21.39 37.52
CA HIS B 499 3.86 -21.72 38.09
C HIS B 499 3.97 -22.77 39.19
N LEU B 500 4.83 -23.77 38.99
CA LEU B 500 5.04 -24.80 40.00
C LEU B 500 5.66 -24.23 41.27
N ILE B 501 6.64 -23.34 41.11
CA ILE B 501 7.23 -22.66 42.27
C ILE B 501 6.15 -21.88 43.01
N ARG B 502 5.26 -21.22 42.26
CA ARG B 502 4.18 -20.47 42.89
C ARG B 502 3.30 -21.38 43.73
N ASP B 503 2.95 -22.55 43.20
CA ASP B 503 2.12 -23.49 43.95
C ASP B 503 2.82 -23.97 45.21
N ILE B 504 4.09 -24.35 45.09
CA ILE B 504 4.83 -24.85 46.25
C ILE B 504 4.92 -23.77 47.32
N THR B 505 5.23 -22.54 46.92
CA THR B 505 5.35 -21.47 47.90
C THR B 505 4.01 -21.13 48.52
N GLU B 506 2.91 -21.25 47.77
CA GLU B 506 1.60 -21.04 48.37
C GLU B 506 1.33 -22.08 49.45
N SER B 507 1.71 -23.34 49.20
CA SER B 507 1.56 -24.35 50.23
C SER B 507 2.43 -24.04 51.45
N LEU B 508 3.65 -23.57 51.23
CA LEU B 508 4.52 -23.23 52.36
C LEU B 508 3.94 -22.09 53.17
N ILE B 509 3.42 -21.05 52.50
CA ILE B 509 2.84 -19.92 53.23
C ILE B 509 1.61 -20.38 54.01
N ALA B 510 0.79 -21.25 53.41
CA ALA B 510 -0.36 -21.78 54.13
C ALA B 510 0.07 -22.55 55.37
N HIS B 511 1.15 -23.31 55.28
CA HIS B 511 1.65 -24.04 56.44
C HIS B 511 2.34 -23.14 57.46
N SER B 512 2.77 -21.94 57.09
CA SER B 512 3.51 -21.09 57.99
C SER B 512 2.65 -20.43 59.06
N GLY B 513 1.39 -20.85 59.20
CA GLY B 513 0.53 -20.21 60.17
C GLY B 513 0.93 -20.53 61.61
N LEU B 514 0.56 -19.63 62.52
CA LEU B 514 0.90 -19.82 63.92
C LEU B 514 0.21 -21.03 64.52
N LYS B 515 -0.88 -21.50 63.91
CA LYS B 515 -1.57 -22.69 64.38
C LYS B 515 -1.01 -23.97 63.75
N ARG B 516 -0.44 -23.87 62.54
CA ARG B 516 0.01 -25.03 61.80
C ARG B 516 1.51 -25.24 61.83
N SER B 517 2.29 -24.23 62.18
CA SER B 517 3.73 -24.28 61.91
C SER B 517 4.40 -25.42 62.67
N LYS B 518 4.00 -25.63 63.93
CA LYS B 518 4.65 -26.62 64.77
C LYS B 518 4.25 -28.06 64.43
N TYR B 519 3.61 -28.28 63.29
CA TYR B 519 3.14 -29.60 62.91
C TYR B 519 3.69 -29.98 61.54
N TRP B 520 3.66 -31.27 61.26
CA TRP B 520 4.23 -31.83 60.05
C TRP B 520 3.20 -31.81 58.93
N SER B 521 3.69 -31.76 57.69
CA SER B 521 2.80 -31.71 56.55
C SER B 521 3.46 -32.32 55.33
N LEU B 522 2.65 -32.61 54.32
CA LEU B 522 3.11 -33.26 53.11
C LEU B 522 2.23 -32.84 51.94
N HIS B 523 2.85 -32.50 50.82
CA HIS B 523 2.12 -32.11 49.63
C HIS B 523 2.85 -32.62 48.40
N SER B 524 2.11 -32.77 47.31
CA SER B 524 2.66 -33.31 46.08
C SER B 524 2.06 -32.59 44.88
N TYR B 525 2.89 -32.34 43.87
CA TYR B 525 2.48 -31.60 42.70
C TYR B 525 2.97 -32.31 41.44
N ASN B 526 2.28 -32.04 40.34
CA ASN B 526 2.67 -32.56 39.03
C ASN B 526 2.61 -34.08 39.01
N ASN B 527 1.43 -34.61 39.34
CA ASN B 527 1.17 -36.05 39.31
C ASN B 527 2.17 -36.81 40.19
N GLY B 528 2.58 -36.20 41.29
CA GLY B 528 3.52 -36.84 42.18
C GLY B 528 4.96 -36.78 41.76
N ASN B 529 5.29 -36.04 40.70
CA ASN B 529 6.67 -35.94 40.27
C ASN B 529 7.48 -34.98 41.11
N VAL B 530 6.83 -34.07 41.83
CA VAL B 530 7.50 -33.17 42.76
C VAL B 530 6.73 -33.22 44.07
N ILE B 531 7.46 -33.40 45.17
CA ILE B 531 6.86 -33.67 46.47
C ILE B 531 7.46 -32.69 47.46
N LEU B 532 6.63 -32.11 48.32
CA LEU B 532 7.09 -31.19 49.33
C LEU B 532 6.76 -31.73 50.72
N PHE B 533 7.79 -31.85 51.56
CA PHE B 533 7.62 -32.20 52.96
C PHE B 533 7.94 -30.97 53.78
N ILE B 534 7.03 -30.59 54.68
CA ILE B 534 7.20 -29.40 55.50
C ILE B 534 7.41 -29.85 56.93
N LEU B 535 8.63 -29.71 57.42
CA LEU B 535 8.97 -30.05 58.78
C LEU B 535 8.40 -29.02 59.75
N PRO B 536 8.21 -29.40 61.01
CA PRO B 536 7.76 -28.41 62.01
C PRO B 536 8.79 -27.30 62.18
N SER B 537 8.30 -26.10 62.41
CA SER B 537 9.17 -24.95 62.59
C SER B 537 8.40 -23.84 63.29
N LYS B 538 9.13 -22.85 63.76
CA LYS B 538 8.50 -21.66 64.33
C LYS B 538 7.72 -20.94 63.25
N SER B 539 6.59 -20.34 63.63
CA SER B 539 5.75 -19.69 62.66
C SER B 539 6.40 -18.42 62.13
N LEU B 540 5.99 -18.01 60.94
CA LEU B 540 6.52 -16.83 60.30
C LEU B 540 5.86 -15.54 60.79
N GLU B 541 4.86 -15.64 61.66
CA GLU B 541 4.26 -14.44 62.23
C GLU B 541 5.28 -13.68 63.07
N VAL B 542 6.08 -14.39 63.85
CA VAL B 542 7.12 -13.78 64.67
C VAL B 542 8.36 -13.59 63.82
N ALA B 543 8.98 -12.42 63.95
CA ALA B 543 10.13 -12.08 63.13
C ALA B 543 11.32 -12.99 63.46
N GLY B 544 12.20 -13.14 62.49
CA GLY B 544 13.37 -13.98 62.65
C GLY B 544 13.07 -15.45 62.78
N SER B 545 12.11 -15.95 62.02
CA SER B 545 11.75 -17.36 62.03
C SER B 545 11.90 -17.93 60.63
N PHE B 546 12.22 -19.22 60.58
CA PHE B 546 12.46 -19.91 59.32
C PHE B 546 11.59 -21.16 59.25
N ILE B 547 11.04 -21.42 58.07
CA ILE B 547 10.27 -22.63 57.81
C ILE B 547 11.18 -23.61 57.09
N ARG B 548 11.16 -24.87 57.53
CA ARG B 548 12.07 -25.88 57.03
C ARG B 548 11.31 -26.92 56.23
N PHE B 549 11.82 -27.25 55.05
CA PHE B 549 11.13 -28.16 54.15
C PHE B 549 12.14 -28.99 53.38
N ILE B 550 11.68 -30.12 52.87
CA ILE B 550 12.47 -31.02 52.03
C ILE B 550 11.68 -31.30 50.76
N THR B 551 12.31 -31.12 49.61
CA THR B 551 11.68 -31.41 48.33
C THR B 551 12.24 -32.71 47.78
N VAL B 552 11.36 -33.60 47.36
CA VAL B 552 11.74 -34.86 46.73
C VAL B 552 11.12 -34.89 45.35
N PHE B 553 11.96 -34.85 44.33
CA PHE B 553 11.51 -34.70 42.96
C PHE B 553 12.14 -35.76 42.08
N ARG B 554 11.43 -36.18 41.05
CA ARG B 554 12.02 -37.05 40.05
C ARG B 554 13.04 -36.26 39.24
N ILE B 555 14.23 -36.84 39.07
CA ILE B 555 15.31 -36.14 38.39
C ILE B 555 14.96 -35.93 36.93
N GLY B 556 15.12 -34.69 36.47
CA GLY B 556 14.87 -34.36 35.09
C GLY B 556 15.40 -32.97 34.77
N PRO B 557 15.21 -32.53 33.53
CA PRO B 557 15.63 -31.17 33.17
C PRO B 557 14.84 -30.12 33.95
N GLY B 558 15.51 -29.01 34.25
CA GLY B 558 14.92 -27.96 35.04
C GLY B 558 15.87 -27.45 36.09
N LEU B 559 15.33 -26.99 37.21
CA LEU B 559 16.15 -26.51 38.32
C LEU B 559 16.53 -27.72 39.18
N VAL B 560 17.67 -28.31 38.88
CA VAL B 560 18.19 -29.42 39.65
C VAL B 560 19.70 -29.25 39.81
N ASP B 561 20.20 -29.44 41.02
CA ASP B 561 21.61 -29.25 41.35
C ASP B 561 22.12 -30.50 42.05
N LYS B 562 22.71 -31.42 41.27
CA LYS B 562 23.09 -32.72 41.81
C LYS B 562 24.14 -32.58 42.90
N ASP B 563 25.03 -31.60 42.78
CA ASP B 563 26.08 -31.44 43.76
C ASP B 563 25.53 -31.03 45.13
N ASN B 564 24.49 -30.19 45.13
CA ASN B 564 23.90 -29.70 46.37
C ASN B 564 22.75 -30.56 46.85
N LEU B 565 22.37 -31.60 46.11
CA LEU B 565 21.36 -32.53 46.58
C LEU B 565 21.89 -33.31 47.78
N ASP B 566 20.99 -33.62 48.71
CA ASP B 566 21.36 -34.47 49.83
C ASP B 566 21.75 -35.86 49.35
N THR B 567 20.90 -36.47 48.54
CA THR B 567 21.22 -37.74 47.90
C THR B 567 20.26 -37.94 46.74
N ILE B 568 20.61 -38.87 45.86
CA ILE B 568 19.78 -39.21 44.71
C ILE B 568 19.35 -40.67 44.90
N LEU B 569 18.19 -40.87 45.51
CA LEU B 569 17.63 -42.20 45.60
C LEU B 569 17.28 -42.70 44.20
N ILE B 570 17.38 -44.01 44.02
CA ILE B 570 17.26 -44.59 42.69
C ILE B 570 16.15 -45.63 42.69
N ASP B 571 15.43 -45.69 41.57
CA ASP B 571 14.43 -46.71 41.32
C ASP B 571 14.79 -47.39 40.00
N GLY B 572 13.89 -48.21 39.47
CA GLY B 572 14.19 -48.82 38.19
C GLY B 572 14.17 -47.79 37.08
N ASP B 573 15.37 -47.42 36.62
CA ASP B 573 15.57 -46.50 35.49
C ASP B 573 15.19 -45.07 35.88
N SER B 574 14.56 -44.90 37.03
CA SER B 574 14.08 -43.58 37.43
C SER B 574 14.72 -43.15 38.74
N GLN B 575 15.21 -41.92 38.78
CA GLN B 575 15.83 -41.38 39.96
C GLN B 575 14.84 -40.53 40.75
N TRP B 576 15.19 -40.24 42.00
CA TRP B 576 14.39 -39.36 42.84
C TRP B 576 15.31 -38.59 43.77
N GLY B 577 15.74 -37.39 43.36
CA GLY B 577 16.70 -36.66 44.17
C GLY B 577 16.01 -35.92 45.31
N VAL B 578 16.48 -36.13 46.52
CA VAL B 578 15.93 -35.48 47.70
C VAL B 578 16.91 -34.38 48.12
N SER B 579 16.38 -33.21 48.43
CA SER B 579 17.22 -32.08 48.79
C SER B 579 17.49 -32.05 50.28
N LYS B 580 18.52 -31.30 50.66
CA LYS B 580 18.81 -31.13 52.07
C LYS B 580 17.69 -30.34 52.73
N VAL B 581 17.72 -30.29 54.06
CA VAL B 581 16.72 -29.53 54.80
C VAL B 581 16.99 -28.05 54.57
N MET B 582 16.00 -27.34 54.03
CA MET B 582 16.15 -25.95 53.65
C MET B 582 15.26 -25.08 54.51
N SER B 583 15.83 -24.03 55.07
CA SER B 583 15.09 -23.11 55.93
C SER B 583 15.11 -21.72 55.30
N ILE B 584 13.92 -21.18 55.04
CA ILE B 584 13.80 -19.87 54.41
C ILE B 584 12.89 -19.00 55.28
N ASP B 585 13.09 -17.69 55.17
CA ASP B 585 12.37 -16.73 55.97
C ASP B 585 11.13 -16.26 55.22
N LEU B 586 10.49 -15.20 55.73
CA LEU B 586 9.27 -14.70 55.11
C LEU B 586 9.56 -13.98 53.80
N ASN B 587 10.58 -13.12 53.77
CA ASN B 587 10.85 -12.32 52.59
C ASN B 587 11.24 -13.18 51.40
N ARG B 588 12.09 -14.18 51.62
CA ARG B 588 12.48 -15.06 50.53
C ARG B 588 11.29 -15.85 50.02
N LEU B 589 10.42 -16.30 50.92
CA LEU B 589 9.23 -17.02 50.51
C LEU B 589 8.31 -16.15 49.66
N LEU B 590 8.09 -14.91 50.09
CA LEU B 590 7.19 -14.04 49.34
C LEU B 590 7.82 -13.60 48.03
N ALA B 591 9.15 -13.60 47.95
CA ALA B 591 9.79 -13.31 46.67
C ALA B 591 9.69 -14.50 45.72
N LEU B 592 9.86 -15.72 46.24
CA LEU B 592 9.73 -16.90 45.41
C LEU B 592 8.29 -17.08 44.93
N ASN B 593 7.31 -16.64 45.72
CA ASN B 593 5.92 -16.80 45.33
C ASN B 593 5.60 -16.01 44.07
N ILE B 594 6.38 -14.97 43.77
CA ILE B 594 6.15 -14.13 42.61
C ILE B 594 7.35 -14.14 41.66
N ALA B 595 8.13 -15.22 41.65
CA ALA B 595 9.28 -15.27 40.76
C ALA B 595 8.86 -15.19 39.30
N PHE B 596 7.79 -15.89 38.96
CA PHE B 596 7.32 -15.91 37.58
C PHE B 596 6.89 -14.54 37.11
N GLU B 597 6.15 -13.80 37.96
CA GLU B 597 5.69 -12.48 37.58
C GLU B 597 6.86 -11.51 37.45
N LYS B 598 7.83 -11.57 38.36
CA LYS B 598 8.99 -10.69 38.26
C LYS B 598 9.77 -10.98 37.00
N ALA B 599 10.00 -12.26 36.71
CA ALA B 599 10.73 -12.62 35.49
C ALA B 599 9.98 -12.13 34.25
N LEU B 600 8.66 -12.30 34.22
CA LEU B 600 7.88 -11.89 33.07
C LEU B 600 7.93 -10.39 32.88
N ILE B 601 7.82 -9.61 33.96
CA ILE B 601 7.83 -8.17 33.81
C ILE B 601 9.20 -7.68 33.39
N ALA B 602 10.26 -8.28 33.94
CA ALA B 602 11.60 -7.91 33.51
C ALA B 602 11.82 -8.24 32.05
N THR B 603 11.32 -9.39 31.60
CA THR B 603 11.46 -9.76 30.20
C THR B 603 10.67 -8.82 29.31
N ALA B 604 9.50 -8.39 29.74
CA ALA B 604 8.73 -7.43 28.94
C ALA B 604 9.45 -6.09 28.87
N THR B 605 10.05 -5.65 29.98
CA THR B 605 10.82 -4.41 29.96
C THR B 605 11.98 -4.51 28.99
N TRP B 606 12.73 -5.63 29.04
CA TRP B 606 13.82 -5.84 28.11
C TRP B 606 13.33 -5.88 26.68
N PHE B 607 12.19 -6.52 26.45
CA PHE B 607 11.59 -6.58 25.12
C PHE B 607 11.31 -5.19 24.58
N GLN B 608 10.70 -4.33 25.42
CA GLN B 608 10.44 -2.96 25.00
C GLN B 608 11.73 -2.21 24.72
N TYR B 609 12.73 -2.36 25.58
CA TYR B 609 13.98 -1.64 25.38
C TYR B 609 14.68 -2.09 24.10
N TYR B 610 14.66 -3.39 23.83
CA TYR B 610 15.26 -3.90 22.60
C TYR B 610 14.52 -3.38 21.37
N THR B 611 13.18 -3.38 21.42
CA THR B 611 12.42 -2.87 20.27
C THR B 611 12.69 -1.38 20.07
N GLU B 612 12.85 -0.64 21.16
CA GLU B 612 13.22 0.76 21.06
C GLU B 612 14.60 0.92 20.42
N ASP B 613 15.54 0.08 20.82
CA ASP B 613 16.92 0.22 20.36
C ASP B 613 17.05 -0.15 18.90
N GLN B 614 16.73 -1.40 18.57
CA GLN B 614 16.96 -1.89 17.21
C GLN B 614 15.92 -1.34 16.24
N GLY B 615 14.67 -1.23 16.67
CA GLY B 615 13.60 -0.83 15.79
C GLY B 615 12.77 -1.98 15.26
N GLN B 616 13.02 -3.20 15.70
CA GLN B 616 12.26 -4.37 15.31
C GLN B 616 12.22 -5.35 16.48
N PHE B 617 11.32 -6.31 16.39
CA PHE B 617 11.11 -7.24 17.48
C PHE B 617 12.30 -8.19 17.64
N PRO B 618 12.61 -8.61 18.85
CA PRO B 618 13.65 -9.61 19.05
C PRO B 618 13.21 -10.98 18.57
N LEU B 619 14.20 -11.80 18.20
CA LEU B 619 13.93 -13.15 17.76
C LEU B 619 13.55 -14.02 18.96
N GLN B 620 13.10 -15.25 18.67
CA GLN B 620 12.63 -16.12 19.74
C GLN B 620 13.77 -16.53 20.67
N TYR B 621 14.96 -16.79 20.12
CA TYR B 621 16.05 -17.29 20.95
C TYR B 621 16.49 -16.27 21.99
N ALA B 622 16.58 -14.99 21.59
CA ALA B 622 16.97 -13.96 22.54
C ALA B 622 15.93 -13.78 23.63
N ILE B 623 14.64 -13.81 23.26
CA ILE B 623 13.58 -13.65 24.25
C ILE B 623 13.59 -14.76 25.30
N ARG B 624 13.75 -16.00 24.84
CA ARG B 624 13.79 -17.15 25.79
C ARG B 624 15.04 -17.03 26.68
N SER B 625 16.18 -16.68 26.09
CA SER B 625 17.42 -16.60 26.85
C SER B 625 17.25 -15.56 27.95
N VAL B 626 16.70 -14.40 27.61
CA VAL B 626 16.54 -13.38 28.64
C VAL B 626 15.48 -13.78 29.64
N PHE B 627 14.44 -14.48 29.22
CA PHE B 627 13.45 -14.94 30.18
C PHE B 627 14.06 -15.93 31.15
N ALA B 628 14.88 -16.87 30.64
CA ALA B 628 15.51 -17.84 31.52
C ALA B 628 16.48 -17.15 32.49
N ASN B 629 17.26 -16.18 31.99
CA ASN B 629 18.17 -15.47 32.88
C ASN B 629 17.43 -14.68 33.94
N HIS B 630 16.38 -13.97 33.56
CA HIS B 630 15.61 -13.20 34.53
C HIS B 630 14.94 -14.11 35.54
N PHE B 631 14.44 -15.25 35.10
CA PHE B 631 13.82 -16.20 36.02
C PHE B 631 14.83 -16.75 37.01
N LEU B 632 16.02 -17.13 36.53
CA LEU B 632 17.01 -17.69 37.44
C LEU B 632 17.52 -16.64 38.42
N LEU B 633 17.67 -15.40 37.96
CA LEU B 633 18.06 -14.33 38.89
C LEU B 633 16.95 -14.01 39.87
N ALA B 634 15.69 -14.21 39.49
CA ALA B 634 14.58 -13.95 40.40
C ALA B 634 14.45 -15.04 41.44
N ILE B 635 14.76 -16.28 41.10
CA ILE B 635 14.66 -17.37 42.07
C ILE B 635 15.70 -17.18 43.18
N CYS B 636 16.95 -16.93 42.80
CA CYS B 636 18.05 -16.87 43.77
C CYS B 636 18.25 -15.43 44.20
N GLN B 637 17.81 -15.11 45.42
CA GLN B 637 17.94 -13.77 45.98
C GLN B 637 19.10 -13.77 46.95
N LYS B 638 20.24 -13.26 46.51
CA LYS B 638 21.43 -13.15 47.35
C LYS B 638 21.98 -11.74 47.24
N MET B 639 22.48 -11.21 48.35
CA MET B 639 22.98 -9.85 48.36
C MET B 639 24.19 -9.69 47.45
N LYS B 640 24.97 -10.76 47.26
CA LYS B 640 26.15 -10.67 46.41
C LYS B 640 25.78 -10.34 44.98
N LEU B 641 24.75 -11.01 44.44
CA LEU B 641 24.33 -10.75 43.08
C LEU B 641 23.76 -9.34 42.93
N CYS B 642 23.00 -8.89 43.91
CA CYS B 642 22.47 -7.52 43.87
C CYS B 642 23.60 -6.51 43.84
N ALA B 643 24.60 -6.70 44.69
CA ALA B 643 25.74 -5.79 44.72
C ALA B 643 26.51 -5.84 43.41
N ILE B 644 26.67 -7.03 42.84
CA ILE B 644 27.38 -7.17 41.58
C ILE B 644 26.69 -6.37 40.49
N PHE B 645 25.38 -6.53 40.36
CA PHE B 645 24.67 -5.81 39.31
C PHE B 645 24.65 -4.31 39.57
N ASP B 646 24.55 -3.94 40.84
CA ASP B 646 24.62 -2.50 41.21
C ASP B 646 25.93 -1.93 40.67
N ASN B 647 27.05 -2.57 40.99
CA ASN B 647 28.35 -2.06 40.54
C ASN B 647 28.43 -2.05 39.02
N LEU B 648 27.94 -3.12 38.38
CA LEU B 648 28.01 -3.21 36.92
C LEU B 648 27.29 -2.04 36.26
N ARG B 649 26.21 -1.58 36.89
CA ARG B 649 25.42 -0.47 36.36
C ARG B 649 26.28 0.76 36.08
N TYR B 650 27.25 1.05 36.94
CA TYR B 650 28.22 2.11 36.69
C TYR B 650 29.48 1.61 36.01
N LEU B 651 29.71 0.29 36.02
CA LEU B 651 30.93 -0.24 35.44
C LEU B 651 30.91 -0.21 33.92
N ILE B 652 29.75 -0.32 33.29
CA ILE B 652 29.68 -0.22 31.83
C ILE B 652 30.17 1.13 31.31
N PRO B 653 29.62 2.27 31.75
CA PRO B 653 30.11 3.54 31.21
C PRO B 653 31.56 3.83 31.57
N ALA B 654 32.06 3.21 32.63
CA ALA B 654 33.47 3.38 32.97
C ALA B 654 34.37 2.80 31.90
N VAL B 655 33.99 1.65 31.32
CA VAL B 655 34.83 1.01 30.32
C VAL B 655 34.47 1.38 28.89
N THR B 656 33.32 2.04 28.67
CA THR B 656 33.04 2.48 27.31
C THR B 656 33.80 3.74 26.91
N SER B 657 34.27 4.52 27.89
CA SER B 657 35.00 5.75 27.62
C SER B 657 36.49 5.55 27.82
N LEU B 658 37.27 6.63 27.66
CA LEU B 658 38.72 6.48 27.73
C LEU B 658 39.19 6.34 29.17
N TYR B 659 39.00 7.40 29.96
CA TYR B 659 39.50 7.47 31.32
C TYR B 659 38.33 7.35 32.28
N SER B 660 38.58 6.69 33.40
CA SER B 660 37.57 6.50 34.43
C SER B 660 38.28 5.98 35.67
N GLY B 661 37.49 5.62 36.68
CA GLY B 661 38.04 4.94 37.83
C GLY B 661 37.79 3.45 37.70
N PHE B 662 37.81 2.94 36.47
CA PHE B 662 37.51 1.53 36.26
C PHE B 662 38.42 0.60 37.07
N PRO B 663 39.72 0.84 37.24
CA PRO B 663 40.47 -0.02 38.16
C PRO B 663 39.96 0.05 39.58
N SER B 664 39.34 1.17 39.95
CA SER B 664 38.74 1.31 41.26
C SER B 664 37.26 0.94 41.28
N LEU B 665 36.68 0.61 40.14
CA LEU B 665 35.34 0.04 40.09
C LEU B 665 35.36 -1.48 40.05
N ILE B 666 36.53 -2.08 40.16
CA ILE B 666 36.67 -3.53 40.09
C ILE B 666 36.77 -4.15 41.48
N GLU B 667 37.50 -3.53 42.40
CA GLU B 667 37.64 -4.14 43.72
C GLU B 667 36.30 -4.25 44.43
N LYS B 668 35.40 -3.30 44.19
CA LYS B 668 34.05 -3.41 44.75
C LYS B 668 33.33 -4.65 44.25
N LEU B 669 33.75 -5.18 43.10
CA LEU B 669 33.21 -6.44 42.61
C LEU B 669 33.82 -7.64 43.31
N PHE B 670 34.92 -7.45 44.04
CA PHE B 670 35.60 -8.53 44.73
C PHE B 670 35.53 -8.41 46.24
N GLU B 671 34.76 -7.46 46.78
CA GLU B 671 34.70 -7.27 48.22
C GLU B 671 34.05 -8.47 48.90
N ARG B 672 32.92 -8.89 48.43
CA ARG B 672 32.27 -9.97 49.14
C ARG B 672 32.69 -11.33 48.57
N PRO B 673 32.73 -12.37 49.40
CA PRO B 673 33.19 -13.67 48.92
C PRO B 673 32.22 -14.26 47.91
N PHE B 674 32.79 -15.04 46.98
CA PHE B 674 31.99 -15.79 46.02
C PHE B 674 31.68 -17.15 46.61
N LYS B 675 30.40 -17.45 46.78
CA LYS B 675 29.97 -18.65 47.50
C LYS B 675 29.32 -19.69 46.61
N SER B 676 28.50 -19.29 45.65
CA SER B 676 27.73 -20.22 44.84
C SER B 676 28.23 -20.19 43.41
N SER B 677 27.76 -21.16 42.62
CA SER B 677 28.15 -21.21 41.22
C SER B 677 27.51 -20.08 40.41
N LEU B 678 26.35 -19.61 40.83
CA LEU B 678 25.69 -18.53 40.11
C LEU B 678 26.51 -17.25 40.14
N GLU B 679 27.06 -16.91 41.30
CA GLU B 679 27.89 -15.71 41.39
C GLU B 679 29.13 -15.84 40.51
N VAL B 680 29.76 -17.01 40.50
CA VAL B 680 30.95 -17.21 39.68
C VAL B 680 30.60 -17.08 38.20
N TYR B 681 29.48 -17.68 37.79
CA TYR B 681 29.07 -17.58 36.39
C TYR B 681 28.77 -16.14 35.99
N ILE B 682 28.06 -15.41 36.85
CA ILE B 682 27.77 -14.01 36.56
C ILE B 682 29.07 -13.22 36.45
N TYR B 683 30.00 -13.46 37.36
CA TYR B 683 31.28 -12.75 37.30
C TYR B 683 32.04 -13.07 36.04
N TYR B 684 32.04 -14.34 35.62
CA TYR B 684 32.75 -14.72 34.40
C TYR B 684 32.15 -14.03 33.19
N ASN B 685 30.82 -13.98 33.11
CA ASN B 685 30.18 -13.29 32.00
C ASN B 685 30.52 -11.80 32.01
N ILE B 686 30.51 -11.19 33.19
CA ILE B 686 30.86 -9.78 33.30
C ILE B 686 32.29 -9.55 32.83
N LYS B 687 33.22 -10.41 33.27
CA LYS B 687 34.61 -10.25 32.90
C LYS B 687 34.78 -10.33 31.38
N SER B 688 34.15 -11.33 30.76
CA SER B 688 34.27 -11.47 29.31
C SER B 688 33.69 -10.27 28.59
N LEU B 689 32.49 -9.84 28.98
CA LEU B 689 31.84 -8.72 28.33
C LEU B 689 32.64 -7.43 28.47
N LEU B 690 33.16 -7.17 29.68
CA LEU B 690 33.90 -5.95 29.90
C LEU B 690 35.24 -5.95 29.17
N VAL B 691 35.92 -7.09 29.15
CA VAL B 691 37.17 -7.18 28.40
C VAL B 691 36.92 -6.92 26.92
N ALA B 692 35.85 -7.53 26.37
CA ALA B 692 35.53 -7.32 24.97
C ALA B 692 35.17 -5.86 24.69
N LEU B 693 34.37 -5.24 25.57
CA LEU B 693 34.01 -3.85 25.36
C LEU B 693 35.23 -2.93 25.43
N ALA B 694 36.11 -3.17 26.40
CA ALA B 694 37.32 -2.34 26.50
C ALA B 694 38.21 -2.50 25.28
N GLN B 695 38.34 -3.74 24.78
CA GLN B 695 39.14 -3.95 23.57
C GLN B 695 38.52 -3.27 22.35
N ASN B 696 37.19 -3.35 22.21
CA ASN B 696 36.56 -2.95 20.95
C ASN B 696 36.24 -1.47 20.96
N ASN B 697 35.44 -1.00 21.93
CA ASN B 697 34.85 0.32 21.84
C ASN B 697 35.90 1.42 21.77
N LYS B 698 37.10 1.17 22.29
CA LYS B 698 38.15 2.18 22.17
C LYS B 698 38.46 2.49 20.71
N ALA B 699 38.67 1.46 19.89
CA ALA B 699 38.90 1.67 18.46
C ALA B 699 37.67 2.26 17.79
N ARG B 700 36.48 1.93 18.29
CA ARG B 700 35.23 2.51 17.82
C ARG B 700 34.90 3.79 18.60
N PHE B 701 35.90 4.51 19.08
CA PHE B 701 35.65 5.73 19.80
C PHE B 701 36.38 6.94 19.20
N TYR B 702 37.68 6.84 18.96
CA TYR B 702 38.48 8.02 18.64
C TYR B 702 38.56 8.29 17.14
N SER B 703 37.79 7.59 16.32
CA SER B 703 37.77 7.89 14.89
C SER B 703 37.33 9.33 14.65
N LYS B 704 36.21 9.72 15.24
CA LYS B 704 35.69 11.09 15.19
C LYS B 704 34.55 11.17 16.19
N VAL B 705 33.75 12.24 16.09
CA VAL B 705 32.61 12.43 16.96
C VAL B 705 31.53 11.39 16.70
N GLY B 721 27.29 1.86 17.53
CA GLY B 721 28.28 0.81 17.37
C GLY B 721 27.74 -0.59 17.59
N VAL B 722 28.57 -1.45 18.17
CA VAL B 722 28.20 -2.83 18.48
C VAL B 722 28.50 -3.08 19.94
N TYR B 723 27.47 -3.34 20.73
CA TYR B 723 27.60 -3.60 22.16
C TYR B 723 26.86 -4.89 22.49
N PRO B 724 27.56 -5.98 22.78
CA PRO B 724 26.88 -7.25 23.01
C PRO B 724 25.99 -7.22 24.25
N SER B 725 24.91 -7.99 24.19
CA SER B 725 24.01 -8.11 25.32
C SER B 725 24.66 -8.94 26.43
N PHE B 726 24.04 -8.90 27.61
CA PHE B 726 24.59 -9.59 28.76
C PHE B 726 23.97 -10.96 28.99
N MET B 727 22.76 -11.21 28.50
CA MET B 727 22.14 -12.53 28.65
C MET B 727 21.69 -13.10 27.31
N SER B 728 22.32 -12.69 26.22
CA SER B 728 22.00 -13.22 24.90
C SER B 728 23.16 -12.95 23.96
N ARG B 729 23.12 -13.58 22.80
CA ARG B 729 24.14 -13.40 21.78
C ARG B 729 23.80 -12.31 20.79
N ILE B 730 22.75 -11.54 21.04
CA ILE B 730 22.41 -10.40 20.20
C ILE B 730 23.39 -9.27 20.47
N VAL B 731 23.34 -8.23 19.64
CA VAL B 731 24.14 -7.03 19.82
C VAL B 731 23.21 -5.82 19.78
N TYR B 732 23.50 -4.84 20.63
CA TYR B 732 22.70 -3.62 20.69
C TYR B 732 23.26 -2.58 19.73
N LYS B 733 22.55 -1.45 19.62
CA LYS B 733 22.99 -0.32 18.83
C LYS B 733 23.54 0.82 19.66
N HIS B 734 23.07 0.97 20.90
CA HIS B 734 23.59 1.96 21.84
C HIS B 734 23.83 1.28 23.17
N TYR B 735 24.78 1.81 23.95
CA TYR B 735 25.05 1.19 25.25
C TYR B 735 24.11 1.68 26.33
N ARG B 736 23.23 2.64 26.03
CA ARG B 736 22.13 2.91 26.94
C ARG B 736 21.30 1.66 27.15
N SER B 737 21.13 0.86 26.10
CA SER B 737 20.36 -0.37 26.22
C SER B 737 21.03 -1.37 27.16
N LEU B 738 22.36 -1.46 27.10
CA LEU B 738 23.06 -2.34 28.03
C LEU B 738 23.00 -1.82 29.45
N ILE B 739 23.07 -0.50 29.62
CA ILE B 739 22.88 0.10 30.93
C ILE B 739 21.52 -0.27 31.48
N SER B 740 20.48 -0.16 30.65
CA SER B 740 19.13 -0.50 31.07
C SER B 740 18.98 -1.98 31.36
N GLU B 741 19.69 -2.83 30.60
CA GLU B 741 19.63 -4.27 30.85
C GLU B 741 20.18 -4.60 32.22
N VAL B 742 21.34 -4.05 32.56
CA VAL B 742 21.91 -4.29 33.88
C VAL B 742 21.04 -3.65 34.95
N THR B 743 20.44 -2.50 34.67
CA THR B 743 19.55 -1.87 35.63
C THR B 743 18.35 -2.75 35.93
N THR B 744 17.74 -3.32 34.89
CA THR B 744 16.61 -4.22 35.09
C THR B 744 17.02 -5.44 35.88
N CYS B 745 18.18 -6.03 35.56
CA CYS B 745 18.65 -7.17 36.33
C CYS B 745 18.94 -6.79 37.77
N PHE B 746 19.18 -5.50 38.04
CA PHE B 746 19.46 -5.07 39.40
C PHE B 746 18.19 -4.99 40.23
N PHE B 747 17.07 -4.65 39.63
CA PHE B 747 15.83 -4.46 40.36
C PHE B 747 15.03 -5.74 40.51
N LEU B 748 15.53 -6.86 40.01
CA LEU B 748 14.89 -8.15 40.25
C LEU B 748 15.17 -8.66 41.65
N PHE B 749 16.03 -8.00 42.41
CA PHE B 749 16.39 -8.42 43.75
C PHE B 749 15.60 -7.58 44.74
N GLU B 750 14.69 -8.24 45.46
CA GLU B 750 13.70 -7.55 46.27
C GLU B 750 14.37 -6.67 47.32
N LYS B 751 13.86 -5.44 47.45
CA LYS B 751 14.33 -4.55 48.49
C LYS B 751 14.05 -5.16 49.86
N GLY B 752 15.00 -5.00 50.77
CA GLY B 752 14.99 -5.70 52.05
C GLY B 752 16.20 -6.60 52.23
N LEU B 753 16.78 -7.06 51.12
CA LEU B 753 18.13 -7.62 51.19
C LEU B 753 19.11 -6.59 51.71
N HIS B 754 18.86 -5.31 51.43
CA HIS B 754 19.62 -4.24 52.05
C HIS B 754 19.41 -4.17 53.56
N GLY B 755 18.34 -4.79 54.05
CA GLY B 755 18.10 -4.89 55.48
C GLY B 755 18.88 -5.98 56.18
N ASN B 756 19.81 -6.61 55.47
CA ASN B 756 20.66 -7.61 56.09
C ASN B 756 21.57 -6.98 57.12
N MET B 757 22.03 -7.81 58.06
CA MET B 757 22.90 -7.29 59.13
C MET B 757 24.22 -6.78 58.57
N ASN B 758 24.70 -7.36 57.47
CA ASN B 758 25.99 -6.95 56.93
C ASN B 758 25.94 -5.52 56.42
N GLU B 759 24.84 -5.11 55.78
CA GLU B 759 24.77 -3.76 55.23
C GLU B 759 24.71 -2.71 56.34
N GLU B 760 23.88 -2.94 57.36
CA GLU B 760 23.83 -2.01 58.48
C GLU B 760 25.18 -1.97 59.21
N ALA B 761 25.82 -3.13 59.35
CA ALA B 761 27.14 -3.15 59.97
C ALA B 761 28.12 -2.34 59.17
N LYS B 762 28.09 -2.46 57.84
CA LYS B 762 29.07 -1.76 57.02
C LYS B 762 28.83 -0.25 57.02
N ILE B 763 27.57 0.18 57.03
CA ILE B 763 27.34 1.62 57.06
C ILE B 763 27.73 2.19 58.43
N HIS B 764 27.44 1.47 59.50
CA HIS B 764 27.90 1.90 60.82
C HIS B 764 29.43 1.98 60.87
N LEU B 765 30.11 0.96 60.34
CA LEU B 765 31.56 0.93 60.34
C LEU B 765 32.13 2.11 59.56
N GLU B 766 31.55 2.39 58.39
CA GLU B 766 32.05 3.50 57.58
C GLU B 766 31.86 4.83 58.29
N THR B 767 30.69 5.04 58.90
CA THR B 767 30.46 6.29 59.62
C THR B 767 31.43 6.44 60.78
N VAL B 768 31.62 5.37 61.55
CA VAL B 768 32.52 5.46 62.70
C VAL B 768 33.96 5.67 62.25
N GLU B 769 34.37 5.04 61.15
CA GLU B 769 35.71 5.23 60.64
C GLU B 769 35.93 6.68 60.19
N TRP B 770 34.95 7.26 59.51
CA TRP B 770 35.07 8.65 59.11
C TRP B 770 35.11 9.57 60.32
N ALA B 771 34.31 9.28 61.34
CA ALA B 771 34.34 10.08 62.56
C ALA B 771 35.70 9.99 63.24
N LEU B 772 36.29 8.78 63.28
CA LEU B 772 37.60 8.62 63.87
C LEU B 772 38.66 9.39 63.08
N LYS B 773 38.57 9.35 61.76
CA LYS B 773 39.52 10.11 60.94
C LYS B 773 39.41 11.61 61.22
N PHE B 774 38.18 12.11 61.32
CA PHE B 774 37.99 13.53 61.64
C PHE B 774 38.53 13.86 63.02
N ARG B 775 38.31 12.97 63.99
CA ARG B 775 38.84 13.21 65.34
C ARG B 775 40.37 13.23 65.33
N GLU B 776 40.98 12.35 64.54
CA GLU B 776 42.44 12.33 64.45
C GLU B 776 42.96 13.64 63.84
N LYS B 777 42.32 14.11 62.77
CA LYS B 777 42.72 15.39 62.20
C LYS B 777 42.52 16.52 63.20
N GLU B 778 41.43 16.46 63.95
CA GLU B 778 41.14 17.48 64.96
C GLU B 778 42.26 17.54 66.01
N GLU B 779 42.60 16.39 66.58
CA GLU B 779 43.63 16.38 67.62
C GLU B 779 45.01 16.70 67.04
N LYS B 780 45.22 16.42 65.76
CA LYS B 780 46.51 16.73 65.16
C LYS B 780 46.67 18.22 64.87
N TYR B 781 45.60 18.89 64.46
CA TYR B 781 45.70 20.28 64.04
C TYR B 781 44.99 21.27 64.96
N GLY B 782 44.27 20.81 65.96
CA GLY B 782 43.65 21.70 66.92
C GLY B 782 42.19 21.98 66.59
N GLU B 783 41.48 22.51 67.59
CA GLU B 783 40.04 22.72 67.45
C GLU B 783 39.73 23.76 66.38
N SER B 784 40.36 24.94 66.47
CA SER B 784 40.00 26.03 65.58
C SER B 784 40.43 25.76 64.15
N LEU B 785 41.59 25.12 63.97
CA LEU B 785 42.13 24.94 62.63
C LEU B 785 41.21 24.12 61.74
N VAL B 786 40.33 23.31 62.34
CA VAL B 786 39.35 22.56 61.56
C VAL B 786 37.93 23.05 61.77
N GLU B 787 37.63 23.71 62.90
CA GLU B 787 36.27 24.17 63.15
C GLU B 787 35.83 25.20 62.12
N ASN B 788 36.63 26.25 61.92
CA ASN B 788 36.33 27.29 60.95
C ASN B 788 37.24 27.23 59.73
N GLY B 789 37.96 26.12 59.56
CA GLY B 789 38.86 25.98 58.44
C GLY B 789 40.25 26.50 58.74
N TYR B 790 41.07 26.53 57.71
CA TYR B 790 42.44 26.99 57.80
C TYR B 790 42.70 28.10 56.79
N MET B 791 43.59 29.01 57.17
CA MET B 791 43.95 30.14 56.31
C MET B 791 44.92 29.68 55.22
N MET B 792 45.32 30.62 54.37
CA MET B 792 46.12 30.28 53.20
C MET B 792 47.58 30.05 53.56
N TRP B 793 48.16 30.90 54.41
CA TRP B 793 49.61 30.87 54.65
C TRP B 793 50.04 29.56 55.30
N GLU B 794 49.23 29.02 56.21
CA GLU B 794 49.58 27.74 56.82
C GLU B 794 49.61 26.64 55.78
N LEU B 795 48.66 26.64 54.84
CA LEU B 795 48.68 25.67 53.76
C LEU B 795 49.92 25.84 52.89
N ARG B 796 50.27 27.10 52.57
CA ARG B 796 51.46 27.34 51.77
C ARG B 796 52.70 26.81 52.45
N ALA B 797 52.79 27.01 53.77
CA ALA B 797 53.91 26.46 54.53
C ALA B 797 53.84 24.93 54.64
N ASN B 798 52.67 24.35 54.50
CA ASN B 798 52.48 22.90 54.65
C ASN B 798 52.31 22.17 53.32
N ALA B 799 51.52 22.71 52.40
CA ALA B 799 51.23 22.09 51.11
C ALA B 799 50.55 20.73 51.26
N GLU B 800 50.07 20.42 52.46
CA GLU B 800 49.41 19.15 52.72
C GLU B 800 48.01 19.30 53.30
N LEU B 801 47.58 20.52 53.65
CA LEU B 801 46.25 20.73 54.19
C LEU B 801 45.16 20.61 53.15
N ALA B 802 45.51 20.50 51.86
CA ALA B 802 44.52 20.30 50.80
C ALA B 802 44.08 18.84 50.84
N GLU B 803 43.17 18.55 51.77
CA GLU B 803 42.67 17.20 51.99
C GLU B 803 41.17 17.25 52.22
N GLN B 804 40.58 16.06 52.32
CA GLN B 804 39.17 15.99 52.68
C GLN B 804 39.01 16.30 54.16
N GLN B 805 37.77 16.64 54.55
CA GLN B 805 37.45 17.10 55.90
C GLN B 805 38.22 18.36 56.27
N LEU B 806 38.75 19.08 55.28
CA LEU B 806 39.54 20.28 55.52
C LEU B 806 39.31 21.24 54.36
N TYR B 807 39.24 22.53 54.67
CA TYR B 807 38.97 23.54 53.66
C TYR B 807 39.78 24.80 53.95
N CYS B 808 40.07 25.54 52.88
CA CYS B 808 40.79 26.80 52.98
C CYS B 808 39.80 27.96 52.96
N GLN B 809 39.76 28.73 54.06
CA GLN B 809 38.76 29.78 54.18
C GLN B 809 38.91 30.84 53.09
N ASP B 810 40.14 31.10 52.65
CA ASP B 810 40.36 32.05 51.56
C ASP B 810 39.64 31.60 50.30
N ALA B 811 39.72 30.31 49.99
CA ALA B 811 39.04 29.78 48.81
C ALA B 811 37.53 29.92 48.93
N ILE B 812 36.98 29.62 50.11
CA ILE B 812 35.54 29.75 50.30
C ILE B 812 35.09 31.19 50.09
N GLU B 813 35.82 32.13 50.71
CA GLU B 813 35.47 33.53 50.57
C GLU B 813 35.59 33.98 49.12
N LEU B 814 36.65 33.55 48.44
CA LEU B 814 36.85 33.93 47.05
C LEU B 814 35.71 33.43 46.17
N ALA B 815 35.39 32.14 46.28
CA ALA B 815 34.32 31.57 45.47
C ALA B 815 32.98 32.21 45.78
N ALA B 816 32.75 32.55 47.05
CA ALA B 816 31.52 33.26 47.40
C ALA B 816 31.48 34.62 46.72
N ILE B 817 32.62 35.29 46.64
CA ILE B 817 32.69 36.57 45.92
C ILE B 817 32.35 36.36 44.44
N GLU B 818 32.91 35.31 43.84
CA GLU B 818 32.63 35.07 42.43
C GLU B 818 31.15 34.78 42.18
N LEU B 819 30.52 33.99 43.06
CA LEU B 819 29.10 33.73 42.90
C LEU B 819 28.27 34.99 43.12
N ASN B 820 28.63 35.79 44.13
CA ASN B 820 27.93 37.04 44.38
C ASN B 820 28.07 38.00 43.21
N LYS B 821 29.15 37.87 42.43
CA LYS B 821 29.31 38.69 41.24
C LYS B 821 28.10 38.57 40.30
N VAL B 822 27.46 37.40 40.28
CA VAL B 822 26.29 37.21 39.45
C VAL B 822 25.04 37.39 40.30
N LEU B 823 25.12 37.02 41.58
CA LEU B 823 23.96 37.10 42.45
C LEU B 823 23.51 38.55 42.68
N ALA B 824 24.44 39.51 42.58
CA ALA B 824 24.08 40.89 42.87
C ALA B 824 23.05 41.43 41.89
N THR B 825 23.15 41.04 40.62
CA THR B 825 22.27 41.58 39.59
C THR B 825 20.80 41.21 39.84
N LYS B 826 20.53 40.21 40.65
CA LYS B 826 19.17 39.74 40.90
C LYS B 826 18.80 39.88 42.38
N SER B 827 19.23 40.98 43.00
CA SER B 827 19.01 41.17 44.43
C SER B 827 17.53 41.24 44.78
N SER B 828 16.75 41.94 43.96
CA SER B 828 15.33 42.09 44.24
C SER B 828 14.62 40.75 44.25
N VAL B 829 14.84 39.94 43.21
CA VAL B 829 14.19 38.64 43.14
C VAL B 829 14.74 37.71 44.19
N VAL B 830 16.01 37.87 44.58
CA VAL B 830 16.56 37.06 45.66
C VAL B 830 15.81 37.36 46.95
N ALA B 831 15.60 38.63 47.25
CA ALA B 831 14.85 39.01 48.45
C ALA B 831 13.42 38.49 48.38
N ASN B 832 12.79 38.61 47.20
CA ASN B 832 11.44 38.10 47.06
C ASN B 832 11.39 36.61 47.37
N SER B 833 12.34 35.85 46.84
CA SER B 833 12.38 34.42 47.11
C SER B 833 12.61 34.12 48.59
N ILE B 834 13.51 34.88 49.23
CA ILE B 834 13.83 34.61 50.63
C ILE B 834 12.62 34.87 51.52
N LEU B 835 11.92 35.99 51.30
CA LEU B 835 10.76 36.28 52.11
C LEU B 835 9.48 35.60 51.63
N SER B 836 9.52 34.89 50.50
CA SER B 836 8.37 34.09 50.08
C SER B 836 8.34 32.72 50.73
N LYS B 837 9.37 32.37 51.49
CA LYS B 837 9.40 31.08 52.19
C LYS B 837 8.42 31.02 53.35
N ASN B 838 7.80 32.14 53.73
CA ASN B 838 6.82 32.20 54.81
C ASN B 838 7.43 31.70 56.12
N TRP B 839 8.45 32.42 56.57
CA TRP B 839 9.15 32.06 57.80
C TRP B 839 8.27 32.20 59.03
N GLU B 840 7.21 33.02 58.95
CA GLU B 840 6.30 33.21 60.08
C GLU B 840 5.22 32.14 60.13
N GLU B 841 5.05 31.34 59.09
CA GLU B 841 4.02 30.33 59.08
C GLU B 841 4.31 29.25 60.12
N PRO B 842 3.28 28.71 60.75
CA PRO B 842 3.49 27.67 61.77
C PRO B 842 4.22 26.46 61.20
N TYR B 843 5.08 25.87 62.04
CA TYR B 843 5.90 24.76 61.58
C TYR B 843 5.05 23.53 61.30
N PHE B 844 4.18 23.17 62.24
CA PHE B 844 3.39 21.95 62.10
C PHE B 844 2.11 22.14 61.29
N SER B 845 1.80 23.36 60.90
CA SER B 845 0.69 23.59 59.97
C SER B 845 1.08 23.31 58.54
N GLN B 846 2.34 23.03 58.27
CA GLN B 846 2.80 22.72 56.92
C GLN B 846 2.74 21.22 56.68
N THR B 847 2.34 20.84 55.48
CA THR B 847 2.18 19.42 55.15
C THR B 847 3.51 18.68 55.25
N ARG B 848 4.59 19.30 54.78
CA ARG B 848 5.89 18.61 54.77
C ARG B 848 6.37 18.27 56.16
N ASN B 849 5.84 18.90 57.21
CA ASN B 849 6.29 18.68 58.57
C ASN B 849 5.34 17.81 59.37
N ILE B 850 4.31 17.25 58.74
CA ILE B 850 3.40 16.31 59.41
C ILE B 850 3.32 15.04 58.59
N SER B 851 4.33 14.78 57.77
CA SER B 851 4.33 13.64 56.88
C SER B 851 4.65 12.36 57.67
N LEU B 852 4.92 11.28 56.96
CA LEU B 852 5.19 9.98 57.57
C LEU B 852 6.67 9.61 57.55
N LYS B 853 7.54 10.57 57.32
CA LYS B 853 8.96 10.27 57.22
C LYS B 853 9.50 9.79 58.57
N GLY B 854 10.56 8.98 58.51
CA GLY B 854 11.17 8.49 59.73
C GLY B 854 11.85 9.59 60.51
N MET B 855 11.70 9.51 61.84
CA MET B 855 12.30 10.49 62.73
C MET B 855 12.83 9.78 63.96
N SER B 856 13.75 10.44 64.64
CA SER B 856 14.33 9.92 65.88
C SER B 856 13.63 10.57 67.06
N GLY B 857 13.06 9.74 67.94
CA GLY B 857 12.30 10.25 69.06
C GLY B 857 13.17 10.69 70.21
N GLN B 858 12.82 10.27 71.42
CA GLN B 858 13.60 10.60 72.61
C GLN B 858 14.31 9.34 73.11
N VAL B 859 15.46 9.56 73.75
CA VAL B 859 16.25 8.44 74.25
C VAL B 859 15.47 7.69 75.31
N GLN B 860 15.40 6.37 75.17
CA GLN B 860 14.65 5.54 76.10
C GLN B 860 15.47 5.25 77.34
N GLU B 861 14.89 4.47 78.25
CA GLU B 861 15.58 4.12 79.50
C GLU B 861 16.83 3.30 79.25
N ASP B 862 16.87 2.56 78.15
CA ASP B 862 18.02 1.72 77.83
C ASP B 862 19.17 2.50 77.22
N GLY B 863 18.97 3.78 76.89
CA GLY B 863 19.99 4.56 76.22
C GLY B 863 20.01 4.39 74.72
N HIS B 864 19.10 3.61 74.15
CA HIS B 864 19.02 3.41 72.71
C HIS B 864 17.98 4.37 72.14
N LEU B 865 18.40 5.22 71.21
CA LEU B 865 17.47 6.12 70.56
C LEU B 865 16.45 5.33 69.76
N SER B 866 15.17 5.64 69.95
CA SER B 866 14.08 4.92 69.32
C SER B 866 13.68 5.63 68.03
N SER B 867 13.63 4.89 66.94
CA SER B 867 13.15 5.43 65.68
C SER B 867 11.65 5.63 65.74
N SER B 868 11.17 6.66 65.06
CA SER B 868 9.75 6.98 65.08
C SER B 868 9.40 7.76 63.82
N VAL B 869 8.19 8.29 63.78
CA VAL B 869 7.64 8.95 62.60
C VAL B 869 7.58 10.44 62.87
N THR B 870 7.65 11.23 61.80
CA THR B 870 7.60 12.68 61.95
C THR B 870 6.32 13.14 62.63
N ILE B 871 5.18 12.59 62.20
CA ILE B 871 3.91 13.01 62.77
C ILE B 871 3.84 12.66 64.25
N ILE B 872 4.39 11.50 64.63
CA ILE B 872 4.33 11.09 66.03
C ILE B 872 5.08 12.09 66.90
N GLU B 873 6.27 12.51 66.47
CA GLU B 873 7.01 13.50 67.24
C GLU B 873 6.33 14.86 67.19
N ALA B 874 5.63 15.16 66.10
CA ALA B 874 4.84 16.39 66.07
C ALA B 874 3.77 16.40 67.16
N ILE B 875 2.99 15.31 67.26
CA ILE B 875 1.99 15.24 68.31
C ILE B 875 2.63 15.26 69.68
N ARG B 876 3.76 14.56 69.83
CA ARG B 876 4.43 14.53 71.13
C ARG B 876 4.85 15.93 71.57
N TYR B 877 5.46 16.69 70.66
CA TYR B 877 5.87 18.05 71.01
C TYR B 877 4.66 18.94 71.30
N LEU B 878 3.61 18.85 70.47
CA LEU B 878 2.45 19.70 70.68
C LEU B 878 1.79 19.39 72.02
N SER B 879 1.73 18.12 72.40
CA SER B 879 1.23 17.76 73.72
C SER B 879 2.12 18.32 74.81
N ASN B 880 3.44 18.25 74.61
CA ASN B 880 4.36 18.74 75.63
C ASN B 880 4.34 20.26 75.71
N SER B 881 4.19 20.95 74.59
CA SER B 881 4.33 22.39 74.55
C SER B 881 2.99 23.08 74.84
N ARG B 882 2.97 24.40 74.72
CA ARG B 882 1.82 25.23 75.06
C ARG B 882 1.10 25.79 73.85
N HIS B 883 1.82 26.15 72.79
CA HIS B 883 1.17 26.68 71.59
C HIS B 883 2.01 26.34 70.37
N ASN B 884 1.37 26.40 69.22
CA ASN B 884 2.04 26.10 67.96
C ASN B 884 3.02 27.22 67.62
N PRO B 885 4.31 26.94 67.50
CA PRO B 885 5.28 27.98 67.20
C PRO B 885 5.54 28.09 65.70
N SER B 886 6.26 29.15 65.33
CA SER B 886 6.75 29.29 63.98
C SER B 886 8.10 28.60 63.85
N LEU B 887 8.64 28.59 62.64
CA LEU B 887 9.89 27.88 62.38
C LEU B 887 11.05 28.48 63.17
N LEU B 888 11.21 29.80 63.10
CA LEU B 888 12.29 30.45 63.83
C LEU B 888 12.13 30.29 65.33
N LYS B 889 10.90 30.43 65.82
CA LYS B 889 10.66 30.26 67.25
C LYS B 889 10.96 28.84 67.69
N LEU B 890 10.55 27.85 66.89
CA LEU B 890 10.85 26.46 67.23
C LEU B 890 12.34 26.21 67.24
N TYR B 891 13.08 26.81 66.31
CA TYR B 891 14.53 26.71 66.35
C TYR B 891 15.07 27.31 67.64
N GLU B 892 14.53 28.47 68.04
CA GLU B 892 15.00 29.12 69.27
C GLU B 892 14.75 28.24 70.49
N GLU B 893 13.58 27.60 70.55
CA GLU B 893 13.25 26.78 71.72
C GLU B 893 14.23 25.63 71.88
N THR B 894 14.58 24.97 70.79
CA THR B 894 15.43 23.79 70.83
C THR B 894 16.86 24.08 70.37
N ARG B 895 17.24 25.36 70.32
CA ARG B 895 18.60 25.71 69.88
C ARG B 895 19.65 25.12 70.81
N GLU B 896 19.31 24.93 72.08
CA GLU B 896 20.23 24.32 73.04
C GLU B 896 20.19 22.80 73.02
N GLN B 897 19.30 22.22 72.19
CA GLN B 897 19.16 20.74 72.13
C GLN B 897 20.22 20.16 71.19
N LYS B 898 20.99 19.18 71.67
CA LYS B 898 22.01 18.55 70.84
C LYS B 898 21.36 17.70 69.76
N ALA B 899 21.93 17.76 68.56
CA ALA B 899 21.40 16.99 67.44
C ALA B 899 21.74 15.51 67.60
N MET B 900 20.70 14.67 67.61
CA MET B 900 20.86 13.23 67.75
C MET B 900 20.39 12.56 66.46
N ALA B 901 21.21 11.67 65.92
CA ALA B 901 20.89 10.97 64.69
C ALA B 901 20.95 9.47 64.93
N ARG B 902 20.49 8.72 63.93
CA ARG B 902 20.36 7.27 64.07
C ARG B 902 20.21 6.66 62.69
N ILE B 903 20.46 5.36 62.60
CA ILE B 903 20.19 4.61 61.39
C ILE B 903 18.72 4.26 61.33
N VAL B 904 18.21 4.03 60.12
CA VAL B 904 16.82 3.66 59.95
C VAL B 904 16.63 2.22 60.42
N ARG B 905 15.71 2.01 61.36
CA ARG B 905 15.48 0.67 61.88
C ARG B 905 14.96 -0.25 60.78
N LYS B 906 14.04 0.25 59.97
CA LYS B 906 13.54 -0.47 58.80
C LYS B 906 13.81 0.35 57.56
N TYR B 907 14.43 -0.27 56.56
CA TYR B 907 14.76 0.43 55.32
C TYR B 907 13.52 1.02 54.66
N GLY B 915 17.82 7.34 51.92
CA GLY B 915 18.74 7.68 52.97
C GLY B 915 18.67 6.73 54.15
N PHE B 916 19.83 6.41 54.73
CA PHE B 916 19.91 5.48 55.85
C PHE B 916 19.87 6.17 57.21
N PHE B 917 19.77 7.49 57.25
CA PHE B 917 19.84 8.23 58.51
C PHE B 917 18.52 8.93 58.79
N ILE B 918 18.19 9.03 60.08
CA ILE B 918 17.03 9.77 60.54
C ILE B 918 17.46 10.62 61.72
N THR B 919 17.05 11.90 61.70
CA THR B 919 17.47 12.86 62.70
C THR B 919 16.35 13.07 63.72
N THR B 920 16.57 14.03 64.62
CA THR B 920 15.59 14.41 65.62
C THR B 920 14.85 15.67 65.16
N LEU B 921 13.88 16.09 65.97
CA LEU B 921 13.09 17.27 65.63
C LEU B 921 13.93 18.54 65.51
N PRO B 922 14.78 18.91 66.47
CA PRO B 922 15.55 20.15 66.31
C PRO B 922 16.51 20.11 65.14
N THR B 923 17.13 18.95 64.88
CA THR B 923 18.02 18.84 63.74
C THR B 923 17.25 19.06 62.44
N ARG B 924 16.07 18.46 62.33
CA ARG B 924 15.24 18.67 61.15
C ARG B 924 14.84 20.12 61.03
N CYS B 925 14.58 20.79 62.16
CA CYS B 925 14.20 22.19 62.12
C CYS B 925 15.33 23.05 61.55
N ARG B 926 16.53 22.86 62.10
CA ARG B 926 17.70 23.63 61.62
C ARG B 926 17.88 23.35 60.13
N LEU B 927 17.91 22.08 59.75
CA LEU B 927 18.13 21.73 58.35
C LEU B 927 17.06 22.34 57.44
N GLU B 928 15.81 22.35 57.90
CA GLU B 928 14.76 22.98 57.12
C GLU B 928 15.03 24.47 56.94
N ILE B 929 15.48 25.14 58.00
CA ILE B 929 15.77 26.57 57.89
C ILE B 929 16.86 26.81 56.85
N ILE B 930 17.98 26.10 56.98
CA ILE B 930 19.10 26.38 56.08
C ILE B 930 18.75 25.98 54.65
N GLU B 931 18.07 24.85 54.48
CA GLU B 931 17.69 24.41 53.15
C GLU B 931 16.70 25.36 52.50
N ASP B 932 15.71 25.85 53.25
CA ASP B 932 14.79 26.83 52.70
C ASP B 932 15.52 28.09 52.26
N TYR B 933 16.43 28.58 53.12
CA TYR B 933 17.20 29.78 52.78
C TYR B 933 17.98 29.56 51.49
N TYR B 934 18.74 28.47 51.41
CA TYR B 934 19.61 28.25 50.27
C TYR B 934 18.83 27.94 49.01
N ASP B 935 17.69 27.23 49.13
CA ASP B 935 16.87 26.95 47.97
C ASP B 935 16.24 28.23 47.43
N ALA B 936 15.81 29.13 48.32
CA ALA B 936 15.34 30.43 47.87
C ALA B 936 16.45 31.18 47.14
N ILE B 937 17.67 31.11 47.67
CA ILE B 937 18.80 31.77 47.00
C ILE B 937 19.03 31.17 45.61
N ALA B 938 18.97 29.86 45.51
CA ALA B 938 19.35 29.16 44.27
C ALA B 938 18.21 28.99 43.28
N LYS B 939 16.99 29.38 43.64
CA LYS B 939 15.86 29.15 42.74
C LYS B 939 16.00 29.93 41.45
N ASN B 940 16.41 31.20 41.53
CA ASN B 940 16.51 32.03 40.34
C ASN B 940 17.74 31.67 39.51
N ILE B 941 18.84 31.27 40.14
CA ILE B 941 20.04 30.86 39.42
C ILE B 941 19.86 29.50 38.75
N SER B 942 18.71 28.86 38.93
CA SER B 942 18.44 27.53 38.39
C SER B 942 18.08 27.53 36.91
N GLU B 943 18.39 28.61 36.19
CA GLU B 943 18.18 28.65 34.75
C GLU B 943 19.46 28.59 33.95
N GLU B 944 20.53 29.22 34.43
CA GLU B 944 21.79 29.27 33.69
C GLU B 944 22.69 28.08 34.03
N TYR B 945 22.77 27.73 35.31
CA TYR B 945 23.71 26.72 35.78
C TYR B 945 23.04 25.51 36.40
N ILE B 946 22.15 25.73 37.38
CA ILE B 946 21.40 24.62 37.96
C ILE B 946 20.26 24.23 37.02
N SER B 947 19.77 23.00 37.20
CA SER B 947 18.62 22.53 36.42
C SER B 947 17.85 21.45 37.18
N ILE B 954 16.85 21.27 31.94
CA ILE B 954 17.81 20.85 30.93
C ILE B 954 18.26 22.08 30.16
N LEU B 955 17.60 23.21 30.43
CA LEU B 955 17.95 24.44 29.75
C LEU B 955 19.40 24.83 30.01
N ALA B 956 19.86 24.69 31.25
CA ALA B 956 21.24 25.04 31.59
C ALA B 956 22.22 24.19 30.79
N ILE B 957 22.04 22.86 30.82
CA ILE B 957 22.96 21.96 30.13
C ILE B 957 22.89 22.18 28.63
N GLN B 958 21.69 22.35 28.09
CA GLN B 958 21.54 22.55 26.65
C GLN B 958 22.26 23.81 26.21
N GLY B 959 22.06 24.91 26.93
CA GLY B 959 22.74 26.15 26.57
C GLY B 959 24.25 26.05 26.72
N ALA B 960 24.71 25.40 27.79
CA ALA B 960 26.14 25.25 28.00
C ALA B 960 26.77 24.46 26.86
N LEU B 961 26.13 23.35 26.48
CA LEU B 961 26.65 22.56 25.36
C LEU B 961 26.59 23.34 24.05
N GLU B 962 25.52 24.10 23.84
CA GLU B 962 25.39 24.87 22.60
C GLU B 962 26.52 25.87 22.47
N LYS B 963 26.78 26.64 23.52
CA LYS B 963 27.83 27.65 23.43
C LYS B 963 29.21 27.01 23.46
N ALA B 964 29.36 25.85 24.11
CA ALA B 964 30.63 25.13 24.06
C ALA B 964 30.95 24.69 22.63
N LEU B 965 29.96 24.10 21.95
CA LEU B 965 30.18 23.68 20.57
C LEU B 965 30.37 24.87 19.65
N ARG B 966 29.71 25.99 19.96
CA ARG B 966 29.96 27.22 19.20
C ARG B 966 31.41 27.66 19.35
N TRP B 967 31.95 27.59 20.57
CA TRP B 967 33.35 27.93 20.78
C TRP B 967 34.27 26.96 20.06
N ALA B 968 33.94 25.67 20.08
CA ALA B 968 34.79 24.67 19.45
C ALA B 968 34.86 24.84 17.94
N SER B 969 33.89 25.50 17.33
CA SER B 969 33.94 25.77 15.91
C SER B 969 34.91 26.90 15.56
N GLY B 970 35.37 27.66 16.55
CA GLY B 970 36.27 28.76 16.30
C GLY B 970 37.70 28.32 16.06
N GLU B 971 38.52 29.29 15.70
CA GLU B 971 39.94 29.08 15.43
C GLU B 971 40.76 29.90 16.41
N SER B 972 41.75 29.28 17.04
CA SER B 972 42.54 29.92 18.07
C SER B 972 43.87 30.41 17.50
N PHE B 973 44.12 31.71 17.61
CA PHE B 973 45.38 32.31 17.20
C PHE B 973 46.05 32.88 18.44
N ILE B 974 47.22 32.34 18.79
CA ILE B 974 47.96 32.77 19.96
C ILE B 974 49.05 33.75 19.52
N GLU B 975 49.12 34.89 20.20
CA GLU B 975 50.02 35.96 19.81
C GLU B 975 51.44 35.69 20.30
N LEU B 976 52.41 35.89 19.42
CA LEU B 976 53.81 35.72 19.75
C LEU B 976 54.40 37.04 20.25
N SER B 977 55.68 37.00 20.62
CA SER B 977 56.33 38.22 21.10
C SER B 977 56.60 39.21 19.97
N ASN B 978 57.09 38.72 18.84
CA ASN B 978 57.49 39.59 17.73
C ASN B 978 56.36 39.80 16.73
N HIS B 979 55.19 40.19 17.23
CA HIS B 979 54.03 40.49 16.40
C HIS B 979 53.69 39.34 15.46
N LYS B 980 53.80 38.12 15.97
CA LYS B 980 53.51 36.93 15.20
C LYS B 980 52.41 36.12 15.89
N PHE B 981 51.91 35.10 15.20
CA PHE B 981 50.88 34.24 15.75
C PHE B 981 51.17 32.79 15.38
N ILE B 982 50.53 31.88 16.13
CA ILE B 982 50.61 30.45 15.86
C ILE B 982 49.19 29.91 15.76
N ARG B 983 48.93 29.11 14.74
CA ARG B 983 47.62 28.49 14.57
C ARG B 983 47.49 27.32 15.53
N MET B 984 46.51 27.39 16.43
CA MET B 984 46.25 26.34 17.38
C MET B 984 44.84 25.80 17.18
N LYS B 985 44.73 24.51 16.90
CA LYS B 985 43.43 23.87 16.78
C LYS B 985 42.86 23.61 18.17
N ARG B 986 41.64 24.07 18.39
CA ARG B 986 40.97 23.95 19.68
C ARG B 986 40.02 22.75 19.63
N LYS B 987 40.19 21.84 20.57
CA LYS B 987 39.32 20.68 20.70
C LYS B 987 38.56 20.78 22.02
N LEU B 988 37.55 19.91 22.16
CA LEU B 988 36.65 19.96 23.29
C LEU B 988 36.61 18.59 23.96
N MET B 989 36.64 18.58 25.29
CA MET B 989 36.44 17.35 26.04
C MET B 989 35.45 17.58 27.17
N TYR B 990 34.80 16.50 27.58
CA TYR B 990 33.74 16.56 28.57
C TYR B 990 34.05 15.63 29.73
N VAL B 991 33.60 16.02 30.92
CA VAL B 991 33.77 15.23 32.12
C VAL B 991 32.42 15.12 32.83
N SER B 992 32.07 13.93 33.27
CA SER B 992 30.86 13.69 34.05
C SER B 992 31.26 13.26 35.45
N ALA B 993 30.70 13.92 36.46
CA ALA B 993 31.07 13.63 37.84
C ALA B 993 29.89 13.84 38.76
N ASP B 994 29.93 13.15 39.90
CA ASP B 994 28.95 13.32 40.96
C ASP B 994 29.50 14.27 42.03
N ALA B 995 29.70 15.52 41.63
CA ALA B 995 30.32 16.48 42.52
C ALA B 995 29.44 16.77 43.73
N THR B 996 28.17 17.07 43.49
CA THR B 996 27.28 17.54 44.55
C THR B 996 26.84 16.43 45.50
N LYS B 997 27.17 15.18 45.21
CA LYS B 997 26.72 14.07 46.03
C LYS B 997 27.22 14.21 47.46
N TRP B 998 26.35 13.92 48.42
CA TRP B 998 26.75 13.90 49.81
C TRP B 998 27.77 12.80 50.03
N SER B 999 28.83 13.12 50.78
CA SER B 999 29.85 12.13 51.08
C SER B 999 30.03 12.02 52.58
N PRO B 1000 30.39 10.83 53.07
CA PRO B 1000 30.59 10.69 54.53
C PRO B 1000 31.68 11.59 55.06
N GLY B 1001 32.70 11.87 54.26
CA GLY B 1001 33.76 12.78 54.66
C GLY B 1001 33.50 14.19 54.18
N ASP B 1002 32.96 15.02 55.07
CA ASP B 1002 32.65 16.41 54.73
C ASP B 1002 32.59 17.22 56.01
N ASN B 1003 32.68 18.54 55.84
CA ASN B 1003 32.58 19.49 56.95
C ASN B 1003 31.45 20.46 56.64
N SER B 1004 30.35 20.35 57.37
CA SER B 1004 29.25 21.30 57.20
C SER B 1004 29.71 22.72 57.54
N ALA B 1005 30.69 22.86 58.43
CA ALA B 1005 31.13 24.18 58.86
C ALA B 1005 31.74 24.98 57.71
N LYS B 1006 32.10 24.34 56.61
CA LYS B 1006 32.63 25.09 55.48
C LYS B 1006 31.58 25.97 54.82
N PHE B 1007 30.31 25.79 55.17
CA PHE B 1007 29.26 26.66 54.65
C PHE B 1007 29.06 27.90 55.50
N ARG B 1008 29.58 27.90 56.74
CA ARG B 1008 29.42 29.05 57.61
C ARG B 1008 30.07 30.28 57.01
N ARG B 1009 31.32 30.14 56.54
CA ARG B 1009 31.97 31.25 55.87
C ARG B 1009 31.29 31.58 54.55
N PHE B 1010 30.74 30.56 53.88
CA PHE B 1010 30.09 30.79 52.59
C PHE B 1010 28.87 31.69 52.74
N THR B 1011 28.03 31.43 53.73
CA THR B 1011 26.84 32.23 53.96
C THR B 1011 27.07 33.37 54.94
N SER B 1012 28.29 33.51 55.46
CA SER B 1012 28.58 34.65 56.33
C SER B 1012 28.50 35.96 55.57
N MET B 1013 28.74 35.93 54.25
CA MET B 1013 28.71 37.15 53.46
C MET B 1013 28.04 36.97 52.10
N LEU B 1014 27.32 35.87 51.88
CA LEU B 1014 26.58 35.72 50.63
C LEU B 1014 25.58 36.86 50.46
N HIS B 1015 25.56 37.44 49.28
CA HIS B 1015 24.75 38.63 49.05
C HIS B 1015 23.27 38.28 49.00
N ASN B 1016 22.45 39.06 49.69
CA ASN B 1016 21.01 38.94 49.66
C ASN B 1016 20.41 40.32 49.41
N GLY B 1017 19.09 40.34 49.21
CA GLY B 1017 18.38 41.61 49.21
C GLY B 1017 18.01 42.10 50.59
N LEU B 1018 18.40 41.37 51.61
CA LEU B 1018 18.02 41.72 52.97
C LEU B 1018 18.76 42.97 53.43
N PRO B 1019 18.06 43.98 53.92
CA PRO B 1019 18.75 45.12 54.55
C PRO B 1019 19.56 44.73 55.76
N ASN B 1020 19.10 43.75 56.53
CA ASN B 1020 19.77 43.32 57.76
C ASN B 1020 20.17 41.86 57.63
N ASN B 1021 21.02 41.42 58.57
CA ASN B 1021 21.57 40.07 58.56
C ASN B 1021 20.99 39.19 59.66
N LYS B 1022 19.81 39.54 60.19
CA LYS B 1022 19.23 38.76 61.28
C LYS B 1022 18.93 37.34 60.82
N LEU B 1023 18.32 37.18 59.65
CA LEU B 1023 18.08 35.85 59.11
C LEU B 1023 19.40 35.15 58.80
N LYS B 1024 20.37 35.91 58.29
CA LYS B 1024 21.71 35.35 58.06
C LYS B 1024 22.34 34.92 59.38
N ASN B 1025 22.13 35.69 60.45
CA ASN B 1025 22.61 35.29 61.75
C ASN B 1025 21.95 33.99 62.21
N CYS B 1026 20.64 33.85 61.98
CA CYS B 1026 19.95 32.62 62.35
C CYS B 1026 20.50 31.43 61.58
N VAL B 1027 20.76 31.61 60.28
CA VAL B 1027 21.31 30.53 59.48
C VAL B 1027 22.70 30.16 59.98
N ILE B 1028 23.53 31.15 60.31
CA ILE B 1028 24.86 30.90 60.84
C ILE B 1028 24.77 30.11 62.14
N ASP B 1029 23.88 30.54 63.04
CA ASP B 1029 23.75 29.86 64.32
C ASP B 1029 23.25 28.44 64.14
N ALA B 1030 22.31 28.22 63.21
CA ALA B 1030 21.84 26.87 62.94
C ALA B 1030 22.97 25.99 62.41
N LEU B 1031 23.78 26.52 61.50
CA LEU B 1031 24.91 25.75 60.99
C LEU B 1031 25.88 25.41 62.11
N LYS B 1032 26.17 26.36 62.99
CA LYS B 1032 27.05 26.09 64.12
C LYS B 1032 26.47 25.01 65.02
N GLN B 1033 25.15 25.07 65.26
CA GLN B 1033 24.51 24.06 66.10
C GLN B 1033 24.59 22.68 65.47
N VAL B 1034 24.39 22.60 64.15
CA VAL B 1034 24.40 21.31 63.46
C VAL B 1034 25.81 20.81 63.18
N TYR B 1035 26.83 21.64 63.37
CA TYR B 1035 28.21 21.19 63.20
C TYR B 1035 28.49 19.96 64.06
N LYS B 1036 28.14 20.04 65.34
CA LYS B 1036 28.26 18.88 66.22
C LYS B 1036 26.99 18.05 66.16
N THR B 1037 27.16 16.75 66.39
CA THR B 1037 26.02 15.84 66.43
C THR B 1037 26.40 14.60 67.22
N ASP B 1038 25.38 13.91 67.72
CA ASP B 1038 25.55 12.68 68.47
C ASP B 1038 24.93 11.54 67.69
N PHE B 1039 25.73 10.52 67.38
CA PHE B 1039 25.28 9.38 66.60
C PHE B 1039 25.10 8.19 67.53
N PHE B 1040 23.92 7.60 67.50
CA PHE B 1040 23.62 6.45 68.35
C PHE B 1040 23.95 5.16 67.60
N MET B 1041 23.53 4.04 68.16
CA MET B 1041 23.81 2.73 67.58
C MET B 1041 22.59 1.86 67.73
N SER B 1042 22.20 1.19 66.65
CA SER B 1042 20.96 0.43 66.64
C SER B 1042 21.04 -0.77 67.58
N ARG B 1043 19.89 -1.19 68.10
CA ARG B 1043 19.85 -2.34 68.99
C ARG B 1043 20.28 -3.61 68.29
N LYS B 1044 19.90 -3.77 67.01
CA LYS B 1044 20.27 -4.98 66.28
C LYS B 1044 21.77 -5.11 66.14
N LEU B 1045 22.46 -4.00 65.83
CA LEU B 1045 23.91 -4.03 65.77
C LEU B 1045 24.50 -4.36 67.13
N ARG B 1046 23.92 -3.82 68.20
CA ARG B 1046 24.41 -4.09 69.54
C ARG B 1046 24.31 -5.58 69.87
N ASN B 1047 23.19 -6.19 69.51
CA ASN B 1047 23.04 -7.63 69.74
C ASN B 1047 23.99 -8.44 68.88
N TYR B 1048 24.16 -8.04 67.62
CA TYR B 1048 25.02 -8.80 66.71
C TYR B 1048 26.48 -8.75 67.14
N ILE B 1049 26.96 -7.57 67.57
CA ILE B 1049 28.37 -7.40 67.88
C ILE B 1049 28.76 -8.25 69.08
N ASP B 1050 27.85 -8.40 70.06
CA ASP B 1050 28.16 -9.09 71.28
C ASP B 1050 28.44 -10.59 71.08
N SER B 1051 28.12 -11.14 69.92
CA SER B 1051 28.26 -12.56 69.66
C SER B 1051 29.63 -12.82 69.03
N MET B 1052 30.59 -13.26 69.86
CA MET B 1052 31.87 -13.79 69.40
C MET B 1052 32.64 -12.76 68.56
N GLU B 1053 33.04 -11.68 69.22
CA GLU B 1053 33.92 -10.71 68.58
C GLU B 1053 35.25 -11.37 68.25
N SER B 1054 35.59 -11.37 66.96
CA SER B 1054 36.81 -12.02 66.48
C SER B 1054 37.81 -11.03 65.92
N LEU B 1055 37.41 -10.22 64.94
CA LEU B 1055 38.33 -9.28 64.33
C LEU B 1055 38.65 -8.15 65.30
N ASP B 1056 39.94 -7.83 65.41
CA ASP B 1056 40.37 -6.80 66.35
C ASP B 1056 40.11 -5.38 65.84
N PRO B 1057 40.71 -4.95 64.70
CA PRO B 1057 40.81 -3.50 64.44
C PRO B 1057 39.48 -2.73 64.41
N HIS B 1058 38.58 -3.08 63.48
CA HIS B 1058 37.38 -2.25 63.36
C HIS B 1058 36.40 -2.50 64.49
N ILE B 1059 36.35 -3.72 65.04
CA ILE B 1059 35.52 -3.97 66.21
C ILE B 1059 36.01 -3.17 67.40
N LYS B 1060 37.34 -3.13 67.60
CA LYS B 1060 37.89 -2.38 68.73
C LYS B 1060 37.65 -0.88 68.55
N GLN B 1061 37.83 -0.35 67.34
CA GLN B 1061 37.58 1.07 67.13
C GLN B 1061 36.10 1.40 67.28
N PHE B 1062 35.22 0.50 66.85
CA PHE B 1062 33.79 0.68 67.08
C PHE B 1062 33.46 0.72 68.56
N LEU B 1063 34.07 -0.18 69.33
CA LEU B 1063 33.75 -0.25 70.75
C LEU B 1063 34.30 0.94 71.51
N ASP B 1064 35.50 1.40 71.16
CA ASP B 1064 36.07 2.54 71.88
C ASP B 1064 35.58 3.88 71.38
N PHE B 1065 34.94 3.92 70.20
CA PHE B 1065 34.32 5.17 69.78
C PHE B 1065 33.10 5.52 70.62
N PHE B 1066 32.37 4.51 71.09
CA PHE B 1066 31.21 4.74 71.95
C PHE B 1066 31.65 4.62 73.39
N PRO B 1067 31.59 5.69 74.19
CA PRO B 1067 32.03 5.61 75.59
C PRO B 1067 31.20 4.63 76.41
N ASP B 1068 29.89 4.82 76.43
CA ASP B 1068 29.00 3.97 77.21
C ASP B 1068 28.49 2.77 76.43
N GLY B 1069 28.86 2.63 75.16
CA GLY B 1069 28.34 1.56 74.34
C GLY B 1069 26.95 1.79 73.79
N HIS B 1070 26.46 3.03 73.85
CA HIS B 1070 25.14 3.36 73.32
C HIS B 1070 25.16 4.46 72.27
N HIS B 1071 26.06 5.43 72.38
CA HIS B 1071 26.10 6.51 71.41
C HIS B 1071 27.48 7.17 71.45
N GLY B 1072 27.78 7.91 70.39
CA GLY B 1072 29.04 8.63 70.28
C GLY B 1072 28.80 10.04 69.80
N GLU B 1073 29.90 10.74 69.55
CA GLU B 1073 29.86 12.12 69.08
C GLU B 1073 30.54 12.23 67.74
N VAL B 1074 29.87 12.88 66.78
CA VAL B 1074 30.36 13.02 65.42
C VAL B 1074 30.34 14.49 65.05
N LYS B 1075 31.20 14.85 64.09
CA LYS B 1075 31.32 16.24 63.66
C LYS B 1075 31.51 16.27 62.16
N GLY B 1076 31.30 17.45 61.58
CA GLY B 1076 31.56 17.67 60.17
C GLY B 1076 30.44 17.29 59.23
N ASN B 1077 30.25 16.00 58.99
CA ASN B 1077 29.24 15.56 58.03
C ASN B 1077 27.85 15.69 58.63
N TRP B 1078 26.90 16.12 57.80
CA TRP B 1078 25.53 16.30 58.24
C TRP B 1078 24.71 15.02 58.14
N LEU B 1079 25.37 13.87 58.01
CA LEU B 1079 24.73 12.56 58.06
C LEU B 1079 23.55 12.49 57.09
N GLN B 1080 23.86 12.77 55.82
CA GLN B 1080 22.88 12.69 54.73
C GLN B 1080 21.68 13.59 55.00
N GLY B 1081 21.94 14.77 55.56
CA GLY B 1081 20.89 15.76 55.66
C GLY B 1081 20.47 16.29 54.32
N ASN B 1082 19.25 16.82 54.25
CA ASN B 1082 18.68 17.33 53.00
C ASN B 1082 19.32 18.69 52.68
N LEU B 1083 20.59 18.63 52.30
CA LEU B 1083 21.37 19.82 51.98
C LEU B 1083 21.74 19.88 50.50
N ASN B 1084 20.84 19.41 49.63
CA ASN B 1084 21.19 19.25 48.22
C ASN B 1084 21.44 20.58 47.54
N LYS B 1085 20.51 21.52 47.68
CA LYS B 1085 20.63 22.79 46.95
C LYS B 1085 21.84 23.58 47.42
N CYS B 1086 22.09 23.60 48.72
CA CYS B 1086 23.21 24.35 49.26
C CYS B 1086 24.55 23.78 48.78
N SER B 1087 24.68 22.45 48.78
CA SER B 1087 25.91 21.84 48.28
C SER B 1087 26.07 22.07 46.78
N SER B 1088 24.97 22.03 46.02
CA SER B 1088 25.04 22.34 44.61
C SER B 1088 25.53 23.76 44.38
N LEU B 1089 25.03 24.71 45.18
CA LEU B 1089 25.49 26.09 45.06
C LEU B 1089 26.96 26.21 45.38
N PHE B 1090 27.42 25.49 46.41
CA PHE B 1090 28.85 25.50 46.74
C PHE B 1090 29.69 25.00 45.58
N GLY B 1091 29.27 23.88 44.97
CA GLY B 1091 30.00 23.36 43.83
C GLY B 1091 30.03 24.33 42.67
N VAL B 1092 28.90 24.97 42.38
CA VAL B 1092 28.86 25.96 41.31
C VAL B 1092 29.81 27.11 41.62
N ALA B 1093 29.78 27.59 42.86
CA ALA B 1093 30.63 28.72 43.23
C ALA B 1093 32.10 28.38 43.06
N MET B 1094 32.51 27.19 43.48
CA MET B 1094 33.91 26.83 43.27
C MET B 1094 34.23 26.57 41.82
N SER B 1095 33.24 26.21 40.99
CA SER B 1095 33.50 26.12 39.56
C SER B 1095 33.79 27.48 38.96
N LEU B 1096 33.00 28.50 39.32
CA LEU B 1096 33.39 29.86 38.90
C LEU B 1096 34.70 30.29 39.51
N LEU B 1097 35.03 29.79 40.70
CA LEU B 1097 36.36 30.07 41.25
C LEU B 1097 37.45 29.52 40.33
N PHE B 1098 37.25 28.30 39.83
CA PHE B 1098 38.19 27.72 38.87
C PHE B 1098 38.26 28.57 37.62
N LYS B 1099 37.10 29.00 37.10
CA LYS B 1099 37.08 29.80 35.88
C LYS B 1099 37.83 31.11 36.08
N GLN B 1100 37.59 31.79 37.21
CA GLN B 1100 38.23 33.06 37.47
C GLN B 1100 39.72 32.89 37.71
N VAL B 1101 40.12 31.79 38.35
CA VAL B 1101 41.55 31.52 38.52
C VAL B 1101 42.21 31.27 37.18
N TRP B 1102 41.53 30.55 36.29
CA TRP B 1102 42.08 30.34 34.95
C TRP B 1102 42.20 31.65 34.19
N THR B 1103 41.23 32.55 34.35
CA THR B 1103 41.36 33.88 33.76
C THR B 1103 42.55 34.62 34.35
N ASN B 1104 42.73 34.56 35.67
CA ASN B 1104 43.92 35.11 36.29
C ASN B 1104 45.16 34.29 35.99
N LEU B 1105 44.98 33.03 35.59
CA LEU B 1105 46.06 32.25 35.01
C LEU B 1105 46.19 32.67 33.55
N PHE B 1106 46.84 31.84 32.72
CA PHE B 1106 47.26 32.21 31.38
C PHE B 1106 46.20 33.03 30.66
N PRO B 1107 46.47 34.31 30.42
CA PRO B 1107 45.48 35.15 29.72
C PRO B 1107 45.69 35.14 28.22
N GLU B 1108 46.88 34.73 27.79
CA GLU B 1108 47.21 34.72 26.37
C GLU B 1108 46.48 33.59 25.64
N LEU B 1109 46.41 32.41 26.24
CA LEU B 1109 45.65 31.32 25.65
C LEU B 1109 44.16 31.57 25.82
N ASP B 1110 43.40 31.31 24.77
CA ASP B 1110 41.95 31.50 24.80
C ASP B 1110 41.24 30.19 25.16
N CYS B 1111 41.62 29.64 26.30
CA CYS B 1111 40.99 28.43 26.78
C CYS B 1111 39.56 28.72 27.22
N PHE B 1112 38.70 27.71 27.10
CA PHE B 1112 37.29 27.83 27.41
C PHE B 1112 36.87 26.72 28.36
N PHE B 1113 36.07 27.09 29.36
CA PHE B 1113 35.57 26.18 30.37
C PHE B 1113 34.08 26.40 30.56
N GLU B 1114 33.35 25.32 30.83
CA GLU B 1114 31.92 25.42 31.07
C GLU B 1114 31.48 24.23 31.91
N PHE B 1115 30.34 24.40 32.58
CA PHE B 1115 29.82 23.37 33.46
C PHE B 1115 28.32 23.60 33.65
N ALA B 1116 27.66 22.59 34.21
CA ALA B 1116 26.25 22.67 34.53
C ALA B 1116 25.92 21.58 35.53
N HIS B 1117 25.28 21.94 36.63
CA HIS B 1117 24.95 21.00 37.69
C HIS B 1117 23.45 20.73 37.67
N HIS B 1118 23.08 19.53 37.22
CA HIS B 1118 21.69 19.10 37.23
C HIS B 1118 21.48 18.11 38.37
N SER B 1119 20.54 18.43 39.26
CA SER B 1119 20.21 17.55 40.38
C SER B 1119 21.46 17.19 41.15
N ASP B 1120 22.04 16.03 40.85
CA ASP B 1120 23.24 15.57 41.53
C ASP B 1120 24.44 15.35 40.62
N ASP B 1121 24.23 15.13 39.33
CA ASP B 1121 25.35 14.91 38.41
C ASP B 1121 25.71 16.20 37.71
N ALA B 1122 27.01 16.44 37.58
CA ALA B 1122 27.54 17.67 37.01
C ALA B 1122 28.40 17.35 35.80
N LEU B 1123 28.22 18.12 34.73
CA LEU B 1123 28.97 17.93 33.50
C LEU B 1123 29.91 19.12 33.31
N PHE B 1124 31.20 18.89 33.47
CA PHE B 1124 32.21 19.90 33.19
C PHE B 1124 32.68 19.76 31.76
N ILE B 1125 32.90 20.89 31.10
CA ILE B 1125 33.35 20.91 29.71
C ILE B 1125 34.64 21.72 29.64
N TYR B 1126 35.67 21.12 29.05
CA TYR B 1126 36.98 21.76 28.92
C TYR B 1126 37.31 21.97 27.46
N GLY B 1127 37.64 23.20 27.10
CA GLY B 1127 38.07 23.52 25.75
C GLY B 1127 39.57 23.73 25.69
N TYR B 1128 40.29 22.78 25.13
CA TYR B 1128 41.74 22.79 25.10
C TYR B 1128 42.26 22.95 23.69
N LEU B 1129 43.54 23.28 23.58
CA LEU B 1129 44.19 23.59 22.32
C LEU B 1129 45.08 22.43 21.87
N GLU B 1130 45.51 22.49 20.62
CA GLU B 1130 46.34 21.44 20.05
C GLU B 1130 47.15 21.97 18.87
N PRO B 1131 48.44 21.68 18.81
CA PRO B 1131 49.28 22.20 17.70
C PRO B 1131 48.89 21.53 16.38
N VAL B 1132 48.41 22.34 15.45
CA VAL B 1132 48.04 21.82 14.13
C VAL B 1132 49.26 21.27 13.41
N ASP B 1133 50.37 22.02 13.44
CA ASP B 1133 51.59 21.62 12.77
C ASP B 1133 52.53 20.81 13.66
N ASP B 1134 52.11 20.52 14.90
CA ASP B 1134 52.87 19.71 15.86
C ASP B 1134 54.34 20.14 15.96
N GLY B 1135 54.61 21.41 15.68
CA GLY B 1135 55.96 21.92 15.73
C GLY B 1135 56.39 22.28 17.14
N THR B 1136 57.64 22.72 17.23
CA THR B 1136 58.22 23.13 18.50
C THR B 1136 57.95 24.60 18.82
N ASP B 1137 57.20 25.29 17.96
CA ASP B 1137 56.88 26.70 18.21
C ASP B 1137 56.11 26.85 19.52
N TRP B 1138 55.14 25.98 19.77
CA TRP B 1138 54.48 25.95 21.06
C TRP B 1138 55.47 25.55 22.17
N PHE B 1139 56.34 24.58 21.88
CA PHE B 1139 57.39 24.24 22.83
C PHE B 1139 58.35 25.41 23.04
N LEU B 1140 58.62 26.17 21.98
CA LEU B 1140 59.44 27.37 22.10
C LEU B 1140 58.79 28.40 23.01
N PHE B 1141 57.47 28.60 22.85
CA PHE B 1141 56.76 29.52 23.70
C PHE B 1141 56.80 29.06 25.16
N VAL B 1142 56.61 27.76 25.38
CA VAL B 1142 56.67 27.22 26.73
C VAL B 1142 58.06 27.41 27.32
N SER B 1143 59.10 27.23 26.49
CA SER B 1143 60.47 27.41 26.95
C SER B 1143 60.70 28.85 27.39
N GLN B 1144 60.26 29.81 26.58
CA GLN B 1144 60.42 31.21 26.98
C GLN B 1144 59.62 31.52 28.24
N GLN B 1145 58.40 30.99 28.34
CA GLN B 1145 57.57 31.27 29.51
C GLN B 1145 58.21 30.73 30.78
N ILE B 1146 58.71 29.49 30.73
CA ILE B 1146 59.39 28.93 31.89
C ILE B 1146 60.73 29.62 32.13
N GLN B 1147 61.29 30.25 31.11
CA GLN B 1147 62.54 31.01 31.26
C GLN B 1147 62.32 32.46 31.61
N ALA B 1148 61.06 32.93 31.62
CA ALA B 1148 60.73 34.30 31.96
C ALA B 1148 60.06 34.42 33.32
N GLY B 1149 60.25 33.44 34.20
CA GLY B 1149 59.66 33.44 35.52
C GLY B 1149 58.33 32.73 35.62
N HIS B 1150 57.70 32.39 34.50
CA HIS B 1150 56.43 31.67 34.51
C HIS B 1150 56.74 30.18 34.56
N LEU B 1151 57.15 29.73 35.74
CA LEU B 1151 57.47 28.32 35.95
C LEU B 1151 56.24 27.43 35.80
N HIS B 1152 55.04 27.99 35.97
CA HIS B 1152 53.81 27.21 35.93
C HIS B 1152 53.40 26.80 34.52
N TRP B 1153 54.23 27.05 33.52
CA TRP B 1153 53.96 26.60 32.16
C TRP B 1153 54.58 25.26 31.84
N PHE B 1154 55.24 24.62 32.82
CA PHE B 1154 55.91 23.36 32.57
C PHE B 1154 54.92 22.27 32.18
N SER B 1155 53.76 22.23 32.84
CA SER B 1155 52.79 21.16 32.66
C SER B 1155 51.76 21.46 31.59
N VAL B 1156 51.92 22.58 30.87
CA VAL B 1156 50.95 22.99 29.86
C VAL B 1156 51.45 22.71 28.45
N ASN B 1157 52.67 22.20 28.31
CA ASN B 1157 53.25 21.97 26.99
C ASN B 1157 52.42 20.99 26.18
N THR B 1158 52.00 19.90 26.79
CA THR B 1158 51.24 18.86 26.12
C THR B 1158 50.05 18.46 26.97
N GLU B 1159 48.97 18.02 26.32
CA GLU B 1159 47.73 17.57 26.96
C GLU B 1159 47.35 18.46 28.14
N MET B 1160 47.20 19.75 27.85
CA MET B 1160 46.90 20.71 28.90
C MET B 1160 45.53 20.50 29.54
N TRP B 1161 44.65 19.71 28.92
CA TRP B 1161 43.40 19.40 29.60
C TRP B 1161 43.65 18.61 30.87
N LYS B 1162 44.67 17.76 30.87
CA LYS B 1162 45.10 17.12 32.11
C LYS B 1162 45.42 18.16 33.17
N SER B 1163 46.16 19.21 32.79
CA SER B 1163 46.54 20.23 33.76
C SER B 1163 45.34 20.95 34.31
N MET B 1164 44.42 21.39 33.44
CA MET B 1164 43.27 22.13 33.94
C MET B 1164 42.41 21.24 34.82
N PHE B 1165 42.24 19.98 34.43
CA PHE B 1165 41.43 19.09 35.25
C PHE B 1165 42.07 18.83 36.61
N ASN B 1166 43.39 18.64 36.64
CA ASN B 1166 44.05 18.42 37.93
C ASN B 1166 43.94 19.65 38.82
N LEU B 1167 44.08 20.84 38.22
CA LEU B 1167 43.91 22.06 39.01
C LEU B 1167 42.49 22.17 39.54
N HIS B 1168 41.50 21.84 38.70
CA HIS B 1168 40.11 21.88 39.13
C HIS B 1168 39.88 20.92 40.30
N GLU B 1169 40.40 19.70 40.18
CA GLU B 1169 40.29 18.74 41.27
C GLU B 1169 40.92 19.28 42.54
N HIS B 1170 42.11 19.88 42.44
CA HIS B 1170 42.78 20.35 43.64
C HIS B 1170 42.01 21.48 44.31
N ILE B 1171 41.52 22.44 43.52
CA ILE B 1171 40.83 23.57 44.15
C ILE B 1171 39.48 23.13 44.71
N LEU B 1172 38.84 22.15 44.07
CA LEU B 1172 37.66 21.56 44.68
C LEU B 1172 38.02 20.86 45.98
N LEU B 1173 39.19 20.24 46.04
CA LEU B 1173 39.66 19.66 47.29
C LEU B 1173 39.89 20.73 48.35
N LEU B 1174 40.24 21.94 47.93
CA LEU B 1174 40.32 23.05 48.87
C LEU B 1174 38.97 23.36 49.48
N GLY B 1175 37.88 22.92 48.85
CA GLY B 1175 36.56 23.02 49.42
C GLY B 1175 36.08 21.77 50.13
N SER B 1176 36.99 20.84 50.42
CA SER B 1176 36.68 19.60 51.12
C SER B 1176 35.68 18.73 50.37
N ILE B 1177 35.56 18.94 49.06
CA ILE B 1177 34.77 18.08 48.20
C ILE B 1177 35.72 17.39 47.23
N LYS B 1178 35.49 16.10 47.00
CA LYS B 1178 36.40 15.28 46.21
C LYS B 1178 35.65 14.69 45.02
N ILE B 1179 36.15 14.95 43.82
CA ILE B 1179 35.65 14.25 42.64
C ILE B 1179 36.08 12.78 42.77
N SER B 1180 35.12 11.91 43.02
CA SER B 1180 35.44 10.52 43.32
C SER B 1180 36.10 9.87 42.11
N PRO B 1181 37.14 9.04 42.31
CA PRO B 1181 37.69 8.30 41.18
C PRO B 1181 36.66 7.41 40.52
N LYS B 1182 35.80 6.78 41.31
CA LYS B 1182 34.72 5.97 40.78
C LYS B 1182 33.61 6.85 40.22
N LYS B 1183 32.79 6.25 39.36
CA LYS B 1183 31.55 6.82 38.83
C LYS B 1183 31.76 8.01 37.92
N THR B 1184 33.00 8.43 37.68
CA THR B 1184 33.29 9.61 36.86
C THR B 1184 33.98 9.18 35.58
N THR B 1185 33.43 9.62 34.44
CA THR B 1185 33.98 9.28 33.13
C THR B 1185 34.23 10.55 32.35
N VAL B 1186 35.26 10.52 31.51
CA VAL B 1186 35.62 11.66 30.67
C VAL B 1186 35.69 11.19 29.23
N SER B 1187 35.41 12.10 28.31
CA SER B 1187 35.41 11.77 26.89
C SER B 1187 35.30 13.03 26.04
N PRO B 1188 35.96 13.07 24.88
CA PRO B 1188 35.75 14.17 23.94
C PRO B 1188 34.41 14.07 23.24
N THR B 1189 34.19 14.93 22.26
CA THR B 1189 32.89 15.01 21.61
C THR B 1189 32.48 13.66 21.03
N ASN B 1190 31.24 13.27 21.32
CA ASN B 1190 30.68 11.99 20.88
C ASN B 1190 29.18 12.06 21.06
N ALA B 1191 28.44 11.80 19.99
CA ALA B 1191 26.99 11.93 20.06
C ALA B 1191 26.40 10.95 21.06
N GLU B 1192 26.92 9.73 21.11
CA GLU B 1192 26.40 8.74 22.04
C GLU B 1192 26.58 9.17 23.49
N PHE B 1193 27.74 9.70 23.82
CA PHE B 1193 28.00 10.13 25.19
C PHE B 1193 27.02 11.19 25.63
N LEU B 1194 26.83 12.22 24.79
CA LEU B 1194 25.91 13.29 25.12
C LEU B 1194 24.47 12.79 25.21
N SER B 1195 24.08 11.90 24.30
CA SER B 1195 22.72 11.37 24.33
C SER B 1195 22.47 10.58 25.60
N THR B 1196 23.45 9.76 26.01
CA THR B 1196 23.31 9.03 27.26
C THR B 1196 23.20 9.97 28.45
N PHE B 1197 24.03 11.01 28.47
CA PHE B 1197 23.94 11.96 29.58
C PHE B 1197 22.59 12.67 29.60
N PHE B 1198 22.07 13.03 28.42
CA PHE B 1198 20.78 13.71 28.37
C PHE B 1198 19.66 12.81 28.85
N GLU B 1199 19.65 11.55 28.40
CA GLU B 1199 18.61 10.63 28.84
C GLU B 1199 18.69 10.40 30.35
N GLY B 1200 19.91 10.23 30.88
CA GLY B 1200 20.05 10.09 32.32
C GLY B 1200 19.61 11.31 33.08
N CYS B 1201 19.83 12.49 32.50
CA CYS B 1201 19.37 13.73 33.13
C CYS B 1201 17.85 13.80 33.17
N ALA B 1202 17.19 13.39 32.09
CA ALA B 1202 15.74 13.48 32.03
C ALA B 1202 15.08 12.52 33.03
N VAL B 1203 15.31 11.23 32.85
CA VAL B 1203 14.68 10.23 33.71
C VAL B 1203 15.42 10.16 35.04
N SER B 1204 14.68 10.19 36.13
CA SER B 1204 15.26 10.15 37.46
C SER B 1204 15.21 8.77 38.09
N ILE B 1205 14.31 7.91 37.64
CA ILE B 1205 14.11 6.58 38.21
C ILE B 1205 13.52 5.68 37.14
N PRO B 1206 14.06 4.48 36.93
CA PRO B 1206 13.52 3.59 35.90
C PRO B 1206 12.12 3.12 36.27
N PHE B 1207 11.27 2.99 35.25
CA PHE B 1207 9.93 2.47 35.48
C PHE B 1207 9.94 1.01 35.91
N VAL B 1208 11.01 0.28 35.58
CA VAL B 1208 11.09 -1.12 35.96
C VAL B 1208 11.13 -1.26 37.48
N LYS B 1209 11.63 -0.25 38.18
CA LYS B 1209 11.64 -0.30 39.64
C LYS B 1209 10.23 -0.35 40.19
N ILE B 1210 9.36 0.53 39.70
CA ILE B 1210 7.97 0.54 40.16
C ILE B 1210 7.26 -0.73 39.70
N LEU B 1211 7.49 -1.15 38.45
CA LEU B 1211 6.84 -2.36 37.97
C LEU B 1211 7.20 -3.56 38.84
N LEU B 1212 8.47 -3.71 39.20
CA LEU B 1212 8.89 -4.83 40.03
C LEU B 1212 8.53 -4.64 41.49
N GLY B 1213 8.27 -3.42 41.93
CA GLY B 1213 7.74 -3.20 43.25
C GLY B 1213 6.25 -3.32 43.37
N SER B 1214 5.55 -3.46 42.25
CA SER B 1214 4.11 -3.64 42.24
C SER B 1214 3.68 -5.07 42.54
N LEU B 1215 4.56 -5.91 43.07
CA LEU B 1215 4.20 -7.31 43.29
C LEU B 1215 4.45 -7.79 44.71
N SER B 1216 5.60 -7.47 45.31
CA SER B 1216 6.04 -8.14 46.52
C SER B 1216 5.19 -7.83 47.74
N ASP B 1217 4.33 -6.82 47.68
CA ASP B 1217 3.66 -6.33 48.88
C ASP B 1217 2.62 -7.31 49.39
N LEU B 1218 2.48 -7.35 50.71
CA LEU B 1218 1.45 -8.16 51.35
C LEU B 1218 0.08 -7.50 51.18
N PRO B 1219 -1.01 -8.25 51.35
CA PRO B 1219 -2.34 -7.68 51.15
C PRO B 1219 -2.62 -6.53 52.11
N GLY B 1220 -3.35 -5.54 51.61
CA GLY B 1220 -3.68 -4.37 52.39
C GLY B 1220 -5.13 -4.37 52.85
N LEU B 1221 -5.87 -3.34 52.47
CA LEU B 1221 -7.24 -3.15 52.96
C LEU B 1221 -8.26 -3.75 51.99
N GLY B 1222 -8.12 -5.05 51.75
CA GLY B 1222 -9.14 -5.77 51.03
C GLY B 1222 -9.00 -5.70 49.53
N TYR B 1223 -10.00 -6.30 48.87
CA TYR B 1223 -9.94 -6.51 47.42
C TYR B 1223 -9.86 -5.19 46.67
N PHE B 1224 -10.78 -4.26 46.97
CA PHE B 1224 -10.82 -3.02 46.22
C PHE B 1224 -9.54 -2.22 46.41
N ASP B 1225 -9.07 -2.11 47.64
CA ASP B 1225 -7.88 -1.31 47.90
C ASP B 1225 -6.65 -1.94 47.26
N ASP B 1226 -6.53 -3.27 47.32
CA ASP B 1226 -5.39 -3.93 46.69
C ASP B 1226 -5.40 -3.71 45.18
N LEU B 1227 -6.56 -3.87 44.55
CA LEU B 1227 -6.66 -3.63 43.11
C LEU B 1227 -6.29 -2.21 42.78
N ALA B 1228 -6.79 -1.24 43.55
CA ALA B 1228 -6.50 0.16 43.29
C ALA B 1228 -5.02 0.44 43.44
N ALA B 1229 -4.38 -0.13 44.46
CA ALA B 1229 -2.95 0.09 44.67
C ALA B 1229 -2.14 -0.46 43.52
N ALA B 1230 -2.45 -1.68 43.07
CA ALA B 1230 -1.73 -2.26 41.96
C ALA B 1230 -1.90 -1.44 40.69
N GLN B 1231 -3.13 -1.02 40.40
CA GLN B 1231 -3.38 -0.24 39.20
C GLN B 1231 -2.68 1.11 39.26
N SER B 1232 -2.65 1.73 40.44
CA SER B 1232 -1.95 3.00 40.58
C SER B 1232 -0.46 2.84 40.37
N ARG B 1233 0.12 1.75 40.88
CA ARG B 1233 1.54 1.50 40.62
C ARG B 1233 1.80 1.34 39.13
N CYS B 1234 0.93 0.62 38.44
CA CYS B 1234 1.11 0.43 37.00
C CYS B 1234 1.01 1.76 36.26
N VAL B 1235 0.11 2.65 36.69
CA VAL B 1235 0.00 3.95 36.04
C VAL B 1235 1.23 4.81 36.33
N LYS B 1236 1.77 4.71 37.55
CA LYS B 1236 3.02 5.40 37.87
C LYS B 1236 4.14 4.91 36.97
N ALA B 1237 4.19 3.60 36.72
CA ALA B 1237 5.16 3.08 35.78
C ALA B 1237 4.92 3.63 34.37
N LEU B 1238 3.65 3.71 33.95
CA LEU B 1238 3.36 4.18 32.60
C LEU B 1238 3.85 5.61 32.40
N ASP B 1239 3.61 6.48 33.38
CA ASP B 1239 4.07 7.85 33.17
C ASP B 1239 5.51 8.05 33.60
N LEU B 1240 6.17 7.02 34.16
CA LEU B 1240 7.61 7.10 34.36
C LEU B 1240 8.40 6.72 33.12
N GLY B 1241 7.75 6.21 32.07
CA GLY B 1241 8.44 5.92 30.83
C GLY B 1241 8.00 4.65 30.15
N ALA B 1242 7.22 3.82 30.85
CA ALA B 1242 6.86 2.51 30.33
C ALA B 1242 6.01 2.63 29.08
N SER B 1243 6.14 1.66 28.19
CA SER B 1243 5.27 1.60 27.04
C SER B 1243 3.89 1.09 27.45
N PRO B 1244 2.83 1.55 26.79
CA PRO B 1244 1.48 1.14 27.21
C PRO B 1244 1.25 -0.36 27.17
N GLN B 1245 1.93 -1.10 26.29
CA GLN B 1245 1.77 -2.54 26.28
C GLN B 1245 2.43 -3.19 27.50
N VAL B 1246 3.61 -2.70 27.89
CA VAL B 1246 4.25 -3.22 29.10
C VAL B 1246 3.42 -2.89 30.33
N ALA B 1247 2.91 -1.66 30.40
CA ALA B 1247 2.06 -1.28 31.52
C ALA B 1247 0.77 -2.11 31.54
N GLN B 1248 0.19 -2.39 30.38
CA GLN B 1248 -1.00 -3.21 30.32
C GLN B 1248 -0.72 -4.63 30.77
N LEU B 1249 0.41 -5.21 30.36
CA LEU B 1249 0.77 -6.53 30.82
C LEU B 1249 0.95 -6.55 32.34
N ALA B 1250 1.57 -5.51 32.89
CA ALA B 1250 1.72 -5.43 34.34
C ALA B 1250 0.37 -5.31 35.03
N VAL B 1251 -0.55 -4.54 34.44
CA VAL B 1251 -1.89 -4.42 34.99
C VAL B 1251 -2.56 -5.79 35.05
N ALA B 1252 -2.47 -6.54 33.96
CA ALA B 1252 -3.10 -7.86 33.92
C ALA B 1252 -2.49 -8.79 34.95
N LEU B 1253 -1.16 -8.79 35.08
CA LEU B 1253 -0.51 -9.67 36.04
C LEU B 1253 -0.89 -9.32 37.48
N CYS B 1254 -0.88 -8.03 37.81
CA CYS B 1254 -1.24 -7.61 39.17
C CYS B 1254 -2.69 -7.93 39.49
N THR B 1255 -3.60 -7.67 38.55
CA THR B 1255 -5.00 -7.96 38.78
C THR B 1255 -5.22 -9.45 38.96
N SER B 1256 -4.55 -10.28 38.16
CA SER B 1256 -4.67 -11.71 38.33
C SER B 1256 -4.12 -12.16 39.69
N LYS B 1257 -3.05 -11.53 40.14
CA LYS B 1257 -2.50 -11.87 41.45
C LYS B 1257 -3.50 -11.58 42.56
N VAL B 1258 -4.10 -10.39 42.53
CA VAL B 1258 -5.04 -10.06 43.60
C VAL B 1258 -6.30 -10.92 43.52
N GLU B 1259 -6.73 -11.27 42.30
CA GLU B 1259 -7.88 -12.17 42.17
C GLU B 1259 -7.56 -13.55 42.71
N ARG B 1260 -6.33 -14.03 42.52
CA ARG B 1260 -5.93 -15.28 43.13
C ARG B 1260 -5.94 -15.18 44.64
N LEU B 1261 -5.47 -14.06 45.17
CA LEU B 1261 -5.41 -13.90 46.62
C LEU B 1261 -6.80 -13.92 47.24
N TYR B 1262 -7.73 -13.15 46.69
CA TYR B 1262 -9.06 -13.08 47.27
C TYR B 1262 -10.06 -14.04 46.65
N GLY B 1263 -9.68 -14.75 45.58
CA GLY B 1263 -10.56 -15.73 44.98
C GLY B 1263 -11.81 -15.18 44.34
N THR B 1264 -11.71 -14.09 43.59
CA THR B 1264 -12.88 -13.51 42.95
C THR B 1264 -12.93 -13.75 41.46
N ALA B 1265 -11.95 -14.42 40.88
CA ALA B 1265 -12.02 -14.76 39.47
C ALA B 1265 -12.82 -16.05 39.30
N PRO B 1266 -13.40 -16.27 38.11
CA PRO B 1266 -14.27 -17.44 37.93
C PRO B 1266 -13.55 -18.74 38.23
N GLY B 1267 -14.08 -19.50 39.18
CA GLY B 1267 -13.47 -20.76 39.55
C GLY B 1267 -13.29 -20.96 41.04
N MET B 1268 -12.97 -19.91 41.79
CA MET B 1268 -12.82 -20.03 43.22
C MET B 1268 -14.02 -19.45 43.96
N VAL B 1269 -14.00 -19.62 45.28
CA VAL B 1269 -15.22 -19.55 46.07
C VAL B 1269 -15.83 -18.16 46.03
N ASN B 1270 -15.02 -17.12 46.19
CA ASN B 1270 -15.56 -15.78 46.37
C ASN B 1270 -16.01 -15.15 45.07
N HIS B 1271 -16.24 -15.94 44.03
CA HIS B 1271 -16.72 -15.40 42.76
C HIS B 1271 -18.15 -14.90 42.91
N PRO B 1272 -18.42 -13.63 42.63
CA PRO B 1272 -19.78 -13.10 42.83
C PRO B 1272 -20.83 -13.72 41.92
N ALA B 1273 -20.46 -14.12 40.70
CA ALA B 1273 -21.46 -14.51 39.71
C ALA B 1273 -22.33 -15.66 40.20
N ALA B 1274 -21.78 -16.55 41.01
CA ALA B 1274 -22.58 -17.62 41.59
C ALA B 1274 -23.49 -17.14 42.69
N TYR B 1275 -23.35 -15.89 43.15
CA TYR B 1275 -24.14 -15.36 44.24
C TYR B 1275 -24.96 -14.13 43.89
N LEU B 1276 -24.58 -13.37 42.87
CA LEU B 1276 -25.31 -12.20 42.43
C LEU B 1276 -25.91 -12.45 41.05
N GLN B 1277 -27.13 -11.96 40.85
CA GLN B 1277 -27.84 -12.18 39.59
C GLN B 1277 -27.45 -11.16 38.54
N VAL B 1278 -26.15 -11.00 38.30
CA VAL B 1278 -25.67 -10.06 37.30
C VAL B 1278 -24.32 -10.55 36.80
N LYS B 1279 -23.89 -10.05 35.65
CA LYS B 1279 -22.64 -10.46 35.04
C LYS B 1279 -21.45 -10.04 35.90
N HIS B 1280 -20.30 -10.65 35.63
CA HIS B 1280 -19.07 -10.27 36.31
C HIS B 1280 -18.65 -8.85 35.95
N THR B 1281 -18.82 -8.48 34.68
CA THR B 1281 -18.44 -7.13 34.24
C THR B 1281 -19.35 -6.08 34.86
N ASP B 1282 -20.61 -6.43 35.15
CA ASP B 1282 -21.57 -5.53 35.76
C ASP B 1282 -21.66 -5.69 37.27
N THR B 1283 -20.55 -5.99 37.93
CA THR B 1283 -20.55 -6.09 39.38
C THR B 1283 -19.61 -5.03 39.96
N PRO B 1284 -20.02 -4.34 41.02
CA PRO B 1284 -19.15 -3.32 41.62
C PRO B 1284 -17.84 -3.92 42.10
N ILE B 1285 -16.75 -3.17 41.89
CA ILE B 1285 -15.43 -3.64 42.31
C ILE B 1285 -15.35 -3.91 43.80
N PRO B 1286 -15.98 -3.13 44.70
CA PRO B 1286 -15.90 -3.48 46.12
C PRO B 1286 -16.40 -4.87 46.44
N LEU B 1287 -17.41 -5.35 45.73
CA LEU B 1287 -17.81 -6.75 45.82
C LEU B 1287 -16.84 -7.57 44.98
N GLY B 1288 -17.16 -8.82 44.72
CA GLY B 1288 -16.38 -9.52 43.72
C GLY B 1288 -16.55 -8.79 42.41
N GLY B 1289 -15.53 -8.09 41.95
CA GLY B 1289 -15.65 -7.27 40.76
C GLY B 1289 -14.56 -7.59 39.77
N ASN B 1290 -14.86 -7.31 38.51
CA ASN B 1290 -13.88 -7.47 37.44
C ASN B 1290 -13.15 -6.15 37.27
N GLY B 1291 -11.90 -6.11 37.74
CA GLY B 1291 -11.10 -4.91 37.66
C GLY B 1291 -10.38 -4.77 36.34
N ALA B 1292 -10.81 -5.54 35.35
CA ALA B 1292 -10.22 -5.51 34.02
C ALA B 1292 -10.53 -4.17 33.37
N MET B 1293 -9.51 -3.32 33.24
CA MET B 1293 -9.62 -2.04 32.57
C MET B 1293 -8.36 -1.80 31.75
N SER B 1294 -8.49 -0.96 30.73
CA SER B 1294 -7.33 -0.64 29.93
C SER B 1294 -6.40 0.29 30.70
N ILE B 1295 -5.12 0.29 30.30
CA ILE B 1295 -4.16 1.16 30.97
C ILE B 1295 -4.42 2.61 30.64
N MET B 1296 -4.93 2.90 29.44
CA MET B 1296 -5.21 4.30 29.09
C MET B 1296 -6.37 4.85 29.90
N GLU B 1297 -7.42 4.06 30.09
CA GLU B 1297 -8.50 4.45 30.99
C GLU B 1297 -7.98 4.59 32.41
N LEU B 1298 -7.14 3.65 32.85
CA LEU B 1298 -6.60 3.71 34.20
C LEU B 1298 -5.68 4.90 34.40
N ALA B 1299 -5.12 5.46 33.33
CA ALA B 1299 -4.18 6.56 33.46
C ALA B 1299 -4.88 7.91 33.34
N THR B 1300 -5.83 8.04 32.42
CA THR B 1300 -6.50 9.32 32.26
C THR B 1300 -7.63 9.49 33.26
N ALA B 1301 -8.64 8.61 33.20
CA ALA B 1301 -9.83 8.78 34.03
C ALA B 1301 -9.50 8.61 35.50
N GLY B 1302 -9.00 7.43 35.88
CA GLY B 1302 -8.67 7.18 37.27
C GLY B 1302 -8.51 5.70 37.52
N ILE B 1303 -8.71 5.31 38.79
CA ILE B 1303 -8.60 3.92 39.18
C ILE B 1303 -9.95 3.25 39.38
N GLY B 1304 -10.96 3.97 39.86
CA GLY B 1304 -12.26 3.38 40.11
C GLY B 1304 -13.25 3.51 38.98
N MET B 1305 -12.81 3.89 37.78
CA MET B 1305 -13.73 4.15 36.67
C MET B 1305 -14.62 2.98 36.34
N SER B 1306 -14.17 1.76 36.65
CA SER B 1306 -14.97 0.58 36.36
C SER B 1306 -16.31 0.62 37.07
N ASP B 1307 -16.43 1.40 38.15
CA ASP B 1307 -17.68 1.55 38.87
C ASP B 1307 -18.38 2.87 38.61
N LYS B 1308 -17.65 3.95 38.35
CA LYS B 1308 -18.31 5.17 37.93
C LYS B 1308 -19.09 4.92 36.64
N ASN B 1309 -18.47 4.22 35.70
CA ASN B 1309 -19.16 3.90 34.45
C ASN B 1309 -20.38 3.03 34.71
N LEU B 1310 -20.23 2.03 35.59
CA LEU B 1310 -21.35 1.13 35.87
C LEU B 1310 -22.51 1.87 36.51
N LEU B 1311 -22.23 2.73 37.47
CA LEU B 1311 -23.30 3.48 38.13
C LEU B 1311 -23.98 4.44 37.17
N LYS B 1312 -23.20 5.15 36.34
CA LYS B 1312 -23.81 6.04 35.37
C LYS B 1312 -24.68 5.27 34.39
N ARG B 1313 -24.19 4.13 33.92
CA ARG B 1313 -24.96 3.32 32.99
C ARG B 1313 -26.26 2.84 33.62
N ALA B 1314 -26.19 2.32 34.86
CA ALA B 1314 -27.37 1.80 35.52
C ALA B 1314 -28.37 2.92 35.81
N LEU B 1315 -27.90 4.10 36.19
CA LEU B 1315 -28.81 5.20 36.45
C LEU B 1315 -29.48 5.69 35.18
N LEU B 1316 -28.71 5.84 34.11
CA LEU B 1316 -29.29 6.23 32.84
C LEU B 1316 -30.27 5.19 32.33
N GLY B 1317 -30.08 3.93 32.71
CA GLY B 1317 -30.98 2.88 32.29
C GLY B 1317 -32.19 2.69 33.17
N TYR B 1318 -32.15 3.22 34.39
CA TYR B 1318 -33.32 3.16 35.27
C TYR B 1318 -34.14 4.44 35.17
N SER B 1319 -33.52 5.59 35.42
CA SER B 1319 -34.15 6.85 35.06
C SER B 1319 -34.13 7.01 33.54
N HIS B 1320 -34.69 8.12 33.06
CA HIS B 1320 -34.80 8.35 31.62
C HIS B 1320 -35.53 7.17 30.96
N LYS B 1321 -34.79 6.35 30.21
CA LYS B 1321 -35.35 5.12 29.69
C LYS B 1321 -35.60 4.15 30.83
N ARG B 1322 -36.78 3.54 30.87
CA ARG B 1322 -37.20 2.71 31.99
C ARG B 1322 -36.93 1.24 31.68
N GLN B 1323 -36.16 0.59 32.54
CA GLN B 1323 -35.90 -0.84 32.47
C GLN B 1323 -36.08 -1.43 33.86
N LYS B 1324 -36.73 -2.61 33.92
CA LYS B 1324 -36.88 -3.27 35.21
C LYS B 1324 -35.55 -3.77 35.75
N SER B 1325 -34.61 -4.06 34.86
CA SER B 1325 -33.24 -4.32 35.29
C SER B 1325 -32.61 -2.98 35.67
N MET B 1326 -31.30 -2.97 35.93
CA MET B 1326 -30.58 -1.79 36.36
C MET B 1326 -31.06 -1.26 37.70
N LEU B 1327 -32.01 -1.94 38.33
CA LEU B 1327 -32.37 -1.67 39.72
C LEU B 1327 -31.66 -2.61 40.68
N TYR B 1328 -31.32 -3.82 40.21
CA TYR B 1328 -30.44 -4.68 40.99
C TYR B 1328 -29.08 -4.02 41.21
N ILE B 1329 -28.53 -3.41 40.15
CA ILE B 1329 -27.24 -2.74 40.28
C ILE B 1329 -27.35 -1.58 41.25
N LEU B 1330 -28.43 -0.80 41.15
CA LEU B 1330 -28.65 0.28 42.10
C LEU B 1330 -28.82 -0.27 43.51
N GLY B 1331 -29.44 -1.44 43.63
CA GLY B 1331 -29.56 -2.07 44.94
C GLY B 1331 -28.20 -2.45 45.52
N LEU B 1332 -27.32 -2.98 44.68
CA LEU B 1332 -25.98 -3.32 45.14
C LEU B 1332 -25.22 -2.07 45.56
N PHE B 1333 -25.34 -1.00 44.78
CA PHE B 1333 -24.65 0.24 45.13
C PHE B 1333 -25.16 0.81 46.45
N LYS B 1334 -26.48 0.82 46.65
CA LYS B 1334 -27.01 1.30 47.91
C LYS B 1334 -26.65 0.38 49.06
N PHE B 1335 -26.55 -0.93 48.82
CA PHE B 1335 -26.10 -1.84 49.85
C PHE B 1335 -24.67 -1.52 50.26
N LEU B 1336 -23.81 -1.22 49.29
CA LEU B 1336 -22.45 -0.82 49.61
C LEU B 1336 -22.43 0.48 50.41
N MET B 1337 -23.29 1.44 50.04
CA MET B 1337 -23.37 2.66 50.83
C MET B 1337 -23.78 2.37 52.27
N LYS B 1338 -24.76 1.47 52.46
CA LYS B 1338 -25.19 1.15 53.81
C LYS B 1338 -24.11 0.39 54.57
N LEU B 1339 -23.29 -0.39 53.88
CA LEU B 1339 -22.13 -1.00 54.51
C LEU B 1339 -21.15 0.06 54.98
N SER B 1340 -20.92 1.08 54.16
CA SER B 1340 -19.95 2.11 54.51
C SER B 1340 -20.37 2.89 55.76
N ASP B 1341 -21.67 3.06 55.96
CA ASP B 1341 -22.17 3.90 57.04
C ASP B 1341 -22.27 3.16 58.36
N GLU B 1342 -21.96 1.87 58.41
CA GLU B 1342 -21.96 1.16 59.67
C GLU B 1342 -20.89 1.70 60.62
N THR B 1343 -19.69 1.94 60.09
CA THR B 1343 -18.58 2.47 60.87
C THR B 1343 -18.22 3.84 60.32
N PHE B 1344 -18.21 4.85 61.19
CA PHE B 1344 -17.83 6.19 60.77
C PHE B 1344 -16.35 6.23 60.44
N GLN B 1345 -16.00 6.93 59.37
CA GLN B 1345 -14.60 7.07 58.98
C GLN B 1345 -14.46 8.38 58.23
N HIS B 1346 -13.77 9.34 58.83
CA HIS B 1346 -13.63 10.66 58.23
C HIS B 1346 -12.66 10.62 57.05
N GLU B 1347 -12.95 11.45 56.05
CA GLU B 1347 -12.07 11.62 54.90
C GLU B 1347 -12.04 13.08 54.50
N ARG B 1348 -10.84 13.58 54.24
CA ARG B 1348 -10.63 14.99 53.91
C ARG B 1348 -11.00 15.24 52.45
N LEU B 1349 -10.63 16.42 51.94
CA LEU B 1349 -11.01 16.80 50.58
C LEU B 1349 -10.43 15.86 49.54
N GLY B 1350 -9.15 15.52 49.68
CA GLY B 1350 -8.54 14.67 48.68
C GLY B 1350 -8.94 13.21 48.73
N GLN B 1351 -9.63 12.80 49.78
CA GLN B 1351 -9.97 11.40 50.00
C GLN B 1351 -11.46 11.15 50.07
N PHE B 1352 -12.28 12.00 49.45
CA PHE B 1352 -13.71 11.81 49.48
C PHE B 1352 -14.09 10.53 48.75
N SER B 1353 -14.73 9.61 49.46
CA SER B 1353 -15.19 8.34 48.90
C SER B 1353 -16.70 8.32 48.95
N PHE B 1354 -17.34 8.17 47.80
CA PHE B 1354 -18.78 8.22 47.70
C PHE B 1354 -19.40 6.83 47.54
N ILE B 1355 -18.82 6.01 46.67
CA ILE B 1355 -19.28 4.63 46.53
C ILE B 1355 -18.78 3.83 47.72
N GLY B 1356 -19.69 3.09 48.36
CA GLY B 1356 -19.32 2.36 49.55
C GLY B 1356 -18.36 1.22 49.27
N LYS B 1357 -17.66 0.80 50.32
CA LYS B 1357 -16.71 -0.29 50.22
C LYS B 1357 -16.96 -1.29 51.35
N VAL B 1358 -16.67 -2.56 51.07
CA VAL B 1358 -16.74 -3.58 52.10
C VAL B 1358 -15.59 -3.36 53.07
N GLN B 1359 -15.86 -3.50 54.36
CA GLN B 1359 -14.87 -3.29 55.40
C GLN B 1359 -14.27 -4.64 55.78
N TRP B 1360 -12.99 -4.82 55.50
CA TRP B 1360 -12.30 -6.08 55.74
C TRP B 1360 -11.65 -6.10 57.11
N LYS B 1361 -11.38 -7.31 57.60
CA LYS B 1361 -10.79 -7.50 58.92
C LYS B 1361 -9.30 -7.14 58.86
N ILE B 1362 -9.04 -5.84 58.97
CA ILE B 1362 -7.67 -5.36 58.94
C ILE B 1362 -6.98 -5.70 60.26
N PHE B 1363 -5.87 -6.41 60.16
CA PHE B 1363 -5.11 -6.84 61.32
C PHE B 1363 -4.04 -5.79 61.62
N THR B 1364 -3.01 -6.17 62.38
CA THR B 1364 -2.05 -5.27 63.02
C THR B 1364 -2.80 -4.40 64.02
N PRO B 1365 -3.40 -5.02 65.05
CA PRO B 1365 -4.33 -4.28 65.92
C PRO B 1365 -3.62 -3.42 66.95
N LYS B 1366 -4.41 -2.89 67.89
CA LYS B 1366 -3.94 -2.00 68.95
C LYS B 1366 -3.33 -0.73 68.37
N SER B 1367 -2.62 0.03 69.21
CA SER B 1367 -2.01 1.29 68.77
C SER B 1367 -0.72 1.45 69.57
N GLU B 1368 0.38 1.00 68.99
CA GLU B 1368 1.69 1.13 69.61
C GLU B 1368 2.39 2.44 69.25
N PHE B 1369 1.77 3.26 68.40
CA PHE B 1369 2.36 4.50 67.93
C PHE B 1369 2.07 5.66 68.87
N GLU B 1370 1.36 5.42 69.97
CA GLU B 1370 1.01 6.44 70.96
C GLU B 1370 0.04 7.47 70.37
N PHE B 1371 -0.66 8.18 71.26
CA PHE B 1371 -1.55 9.29 70.94
C PHE B 1371 -2.76 8.88 70.11
N ALA B 1372 -2.92 7.60 69.76
CA ALA B 1372 -4.11 7.16 69.07
C ALA B 1372 -5.24 6.82 70.03
N ASP B 1373 -4.99 6.86 71.33
CA ASP B 1373 -6.00 6.60 72.35
C ASP B 1373 -6.29 7.83 73.21
N MET B 1374 -5.51 8.90 73.04
CA MET B 1374 -5.64 10.07 73.90
C MET B 1374 -6.95 10.83 73.70
N TYR B 1375 -7.70 10.55 72.63
CA TYR B 1375 -8.92 11.26 72.34
C TYR B 1375 -10.10 10.35 72.04
N THR B 1376 -9.98 9.04 72.33
CA THR B 1376 -11.04 8.07 72.10
C THR B 1376 -11.50 8.07 70.65
N SER B 1377 -12.66 7.49 70.38
CA SER B 1377 -13.22 7.44 69.03
C SER B 1377 -14.53 8.19 68.90
N LYS B 1378 -15.40 8.12 69.91
CA LYS B 1378 -16.65 8.88 69.84
C LYS B 1378 -16.39 10.37 69.87
N PHE B 1379 -15.41 10.81 70.67
CA PHE B 1379 -15.08 12.22 70.73
C PHE B 1379 -14.61 12.75 69.38
N LEU B 1380 -13.77 11.98 68.69
CA LEU B 1380 -13.34 12.39 67.36
C LEU B 1380 -14.51 12.40 66.38
N GLU B 1381 -15.44 11.48 66.54
CA GLU B 1381 -16.64 11.48 65.70
C GLU B 1381 -17.43 12.77 65.89
N LEU B 1382 -17.66 13.16 67.15
CA LEU B 1382 -18.40 14.39 67.42
C LEU B 1382 -17.63 15.61 66.90
N TRP B 1383 -16.32 15.63 67.08
CA TRP B 1383 -15.52 16.75 66.62
C TRP B 1383 -15.59 16.89 65.11
N SER B 1384 -15.46 15.78 64.40
CA SER B 1384 -15.54 15.81 62.94
C SER B 1384 -16.92 16.23 62.47
N SER B 1385 -17.97 15.75 63.14
CA SER B 1385 -19.33 16.14 62.76
C SER B 1385 -19.57 17.61 63.00
N GLN B 1386 -19.00 18.17 64.07
CA GLN B 1386 -19.22 19.58 64.40
C GLN B 1386 -18.44 20.51 63.49
N HIS B 1387 -17.11 20.36 63.45
CA HIS B 1387 -16.28 21.36 62.79
C HIS B 1387 -16.51 21.38 61.28
N VAL B 1388 -16.59 20.20 60.67
CA VAL B 1388 -17.00 19.95 59.27
C VAL B 1388 -16.32 20.91 58.30
N THR B 1389 -15.33 21.67 58.76
CA THR B 1389 -14.52 22.49 57.88
C THR B 1389 -13.06 22.12 57.89
N TYR B 1390 -12.57 21.48 58.94
CA TYR B 1390 -11.20 21.02 58.96
C TYR B 1390 -10.97 19.88 57.97
N ASP B 1391 -12.04 19.36 57.38
CA ASP B 1391 -11.88 18.49 56.24
C ASP B 1391 -11.21 19.23 55.09
N TYR B 1392 -11.61 20.48 54.87
CA TYR B 1392 -11.17 21.26 53.73
C TYR B 1392 -9.98 22.16 54.04
N ILE B 1393 -9.49 22.18 55.28
CA ILE B 1393 -8.41 23.10 55.66
C ILE B 1393 -7.75 22.59 56.93
N ILE B 1394 -6.52 23.02 57.15
CA ILE B 1394 -5.69 22.55 58.26
C ILE B 1394 -5.79 23.56 59.40
N PRO B 1395 -5.92 23.11 60.65
CA PRO B 1395 -5.96 24.06 61.77
C PRO B 1395 -4.61 24.73 61.98
N LYS B 1396 -4.66 25.88 62.64
CA LYS B 1396 -3.45 26.60 63.04
C LYS B 1396 -3.29 26.66 64.55
N GLY B 1397 -4.36 26.94 65.27
CA GLY B 1397 -4.32 26.89 66.72
C GLY B 1397 -4.00 25.49 67.20
N ARG B 1398 -3.07 25.37 68.16
CA ARG B 1398 -2.59 24.05 68.54
C ARG B 1398 -3.68 23.23 69.22
N ASP B 1399 -4.65 23.88 69.87
CA ASP B 1399 -5.70 23.12 70.55
C ASP B 1399 -6.57 22.35 69.56
N ASN B 1400 -6.65 22.83 68.32
CA ASN B 1400 -7.29 22.07 67.25
C ASN B 1400 -6.31 21.30 66.40
N LEU B 1401 -5.08 21.81 66.23
CA LEU B 1401 -4.10 21.10 65.44
C LEU B 1401 -3.75 19.76 66.06
N LEU B 1402 -3.65 19.70 67.39
CA LEU B 1402 -3.31 18.45 68.04
C LEU B 1402 -4.37 17.39 67.79
N ILE B 1403 -5.64 17.73 67.98
CA ILE B 1403 -6.70 16.75 67.78
C ILE B 1403 -6.83 16.40 66.29
N TYR B 1404 -6.60 17.36 65.40
CA TYR B 1404 -6.61 17.04 63.98
C TYR B 1404 -5.50 16.07 63.61
N LEU B 1405 -4.30 16.27 64.16
CA LEU B 1405 -3.20 15.35 63.90
C LEU B 1405 -3.50 13.97 64.47
N VAL B 1406 -4.12 13.93 65.66
CA VAL B 1406 -4.50 12.63 66.22
C VAL B 1406 -5.50 11.93 65.33
N ARG B 1407 -6.47 12.66 64.79
CA ARG B 1407 -7.42 12.07 63.85
C ARG B 1407 -6.72 11.54 62.61
N LYS B 1408 -5.78 12.33 62.07
CA LYS B 1408 -5.03 11.87 60.90
C LYS B 1408 -4.25 10.60 61.20
N LEU B 1409 -3.69 10.52 62.41
CA LEU B 1409 -3.00 9.30 62.82
C LEU B 1409 -3.96 8.12 62.88
N ASN B 1410 -5.17 8.34 63.39
CA ASN B 1410 -6.12 7.26 63.58
C ASN B 1410 -6.67 6.71 62.27
N ASP B 1411 -6.40 7.35 61.15
CA ASP B 1411 -6.87 6.87 59.86
C ASP B 1411 -6.28 5.49 59.56
N PRO B 1412 -7.09 4.47 59.31
CA PRO B 1412 -6.53 3.15 58.99
C PRO B 1412 -5.64 3.14 57.77
N SER B 1413 -5.92 4.01 56.79
CA SER B 1413 -5.07 4.07 55.61
C SER B 1413 -3.64 4.44 55.98
N ILE B 1414 -3.46 5.43 56.85
CA ILE B 1414 -2.12 5.82 57.28
C ILE B 1414 -1.47 4.71 58.10
N VAL B 1415 -2.24 4.09 58.99
CA VAL B 1415 -1.70 3.02 59.84
C VAL B 1415 -1.16 1.90 58.96
N THR B 1416 -1.91 1.50 57.94
CA THR B 1416 -1.41 0.51 57.01
C THR B 1416 -0.26 1.04 56.17
N ALA B 1417 -0.22 2.34 55.88
CA ALA B 1417 0.83 2.92 55.07
C ALA B 1417 2.14 3.09 55.84
N MET B 1418 2.14 2.91 57.15
CA MET B 1418 3.38 3.07 57.92
C MET B 1418 3.79 1.81 58.67
N THR B 1419 3.12 0.69 58.46
CA THR B 1419 3.55 -0.60 59.02
C THR B 1419 3.53 -1.66 57.92
N MET B 1420 4.10 -1.33 56.77
CA MET B 1420 4.02 -2.22 55.61
C MET B 1420 4.78 -3.52 55.84
N GLN B 1421 5.95 -3.44 56.49
CA GLN B 1421 6.84 -4.58 56.58
C GLN B 1421 6.52 -5.51 57.73
N SER B 1422 5.50 -5.21 58.53
CA SER B 1422 5.16 -6.05 59.66
C SER B 1422 4.74 -7.44 59.18
N PRO B 1423 5.24 -8.51 59.80
CA PRO B 1423 4.76 -9.86 59.42
C PRO B 1423 3.32 -10.12 59.79
N LEU B 1424 2.68 -9.23 60.56
CA LEU B 1424 1.32 -9.50 61.02
C LEU B 1424 0.31 -9.45 59.90
N GLN B 1425 0.69 -8.95 58.71
CA GLN B 1425 -0.22 -9.02 57.58
C GLN B 1425 -0.30 -10.42 57.01
N LEU B 1426 0.63 -11.29 57.39
CA LEU B 1426 0.52 -12.70 57.00
C LEU B 1426 -0.74 -13.31 57.59
N ARG B 1427 -1.15 -12.86 58.77
CA ARG B 1427 -2.38 -13.32 59.39
C ARG B 1427 -3.57 -13.06 58.47
N PHE B 1428 -3.71 -11.82 58.02
CA PHE B 1428 -4.81 -11.46 57.15
C PHE B 1428 -4.70 -12.19 55.82
N ARG B 1429 -3.49 -12.34 55.29
CA ARG B 1429 -3.33 -13.04 54.02
C ARG B 1429 -3.82 -14.49 54.14
N MET B 1430 -3.49 -15.15 55.23
CA MET B 1430 -3.91 -16.53 55.42
C MET B 1430 -5.41 -16.63 55.67
N GLN B 1431 -5.98 -15.69 56.43
CA GLN B 1431 -7.42 -15.71 56.63
C GLN B 1431 -8.18 -15.50 55.33
N ALA B 1432 -7.74 -14.54 54.51
CA ALA B 1432 -8.39 -14.31 53.22
C ALA B 1432 -8.20 -15.49 52.28
N LYS B 1433 -6.99 -16.08 52.25
CA LYS B 1433 -6.73 -17.21 51.38
C LYS B 1433 -7.53 -18.44 51.77
N GLN B 1434 -7.75 -18.65 53.07
CA GLN B 1434 -8.57 -19.75 53.54
C GLN B 1434 -10.06 -19.43 53.50
N HIS B 1435 -10.43 -18.21 53.13
CA HIS B 1435 -11.82 -17.77 53.05
C HIS B 1435 -12.50 -17.90 54.41
N MET B 1436 -12.00 -17.11 55.36
CA MET B 1436 -12.50 -17.08 56.73
C MET B 1436 -13.26 -15.78 56.98
N LYS B 1437 -13.68 -15.59 58.23
CA LYS B 1437 -14.45 -14.41 58.61
C LYS B 1437 -13.55 -13.18 58.57
N VAL B 1438 -13.65 -12.39 57.51
CA VAL B 1438 -12.77 -11.25 57.35
C VAL B 1438 -13.55 -10.00 56.97
N CYS B 1439 -14.81 -10.16 56.61
CA CYS B 1439 -15.65 -9.02 56.23
C CYS B 1439 -16.66 -8.73 57.32
N ARG B 1440 -16.99 -7.45 57.48
CA ARG B 1440 -17.89 -7.01 58.53
C ARG B 1440 -19.27 -6.78 57.95
N LEU B 1441 -20.24 -7.57 58.42
CA LEU B 1441 -21.65 -7.39 58.09
C LEU B 1441 -22.40 -7.09 59.37
N ASP B 1442 -23.15 -5.99 59.37
CA ASP B 1442 -23.90 -5.56 60.56
C ASP B 1442 -22.87 -5.35 61.69
N GLY B 1443 -23.11 -5.88 62.88
CA GLY B 1443 -22.16 -5.75 63.96
C GLY B 1443 -21.38 -7.01 64.25
N GLU B 1444 -20.94 -7.71 63.20
CA GLU B 1444 -20.22 -8.97 63.37
C GLU B 1444 -19.41 -9.26 62.12
N TRP B 1445 -18.47 -10.19 62.26
CA TRP B 1445 -17.59 -10.59 61.17
C TRP B 1445 -18.17 -11.82 60.48
N VAL B 1446 -18.24 -11.76 59.15
CA VAL B 1446 -18.69 -12.88 58.33
C VAL B 1446 -17.71 -13.05 57.18
N THR B 1447 -17.89 -14.15 56.44
CA THR B 1447 -17.07 -14.40 55.27
C THR B 1447 -17.47 -13.46 54.13
N PHE B 1448 -16.76 -13.56 53.00
CA PHE B 1448 -17.17 -12.82 51.83
C PHE B 1448 -18.39 -13.45 51.15
N ARG B 1449 -18.57 -14.77 51.31
CA ARG B 1449 -19.76 -15.41 50.77
C ARG B 1449 -21.02 -14.89 51.44
N GLU B 1450 -20.98 -14.71 52.77
CA GLU B 1450 -22.14 -14.17 53.47
C GLU B 1450 -22.40 -12.73 53.07
N VAL B 1451 -21.34 -11.94 52.86
CA VAL B 1451 -21.52 -10.57 52.39
C VAL B 1451 -22.16 -10.56 51.00
N LEU B 1452 -21.70 -11.43 50.11
CA LEU B 1452 -22.30 -11.50 48.77
C LEU B 1452 -23.76 -11.93 48.84
N ALA B 1453 -24.08 -12.89 49.71
CA ALA B 1453 -25.46 -13.32 49.86
C ALA B 1453 -26.34 -12.19 50.39
N ALA B 1454 -25.84 -11.44 51.38
CA ALA B 1454 -26.58 -10.30 51.91
C ALA B 1454 -26.76 -9.22 50.84
N ALA B 1455 -25.72 -8.98 50.03
CA ALA B 1455 -25.84 -8.02 48.94
C ALA B 1455 -26.91 -8.44 47.95
N ASN B 1456 -26.95 -9.73 47.61
CA ASN B 1456 -27.99 -10.23 46.72
C ASN B 1456 -29.36 -10.02 47.32
N SER B 1457 -29.52 -10.36 48.60
CA SER B 1457 -30.82 -10.21 49.24
C SER B 1457 -31.27 -8.76 49.28
N PHE B 1458 -30.34 -7.85 49.58
CA PHE B 1458 -30.70 -6.43 49.65
C PHE B 1458 -31.04 -5.88 48.27
N ALA B 1459 -30.18 -6.14 47.28
CA ALA B 1459 -30.42 -5.60 45.95
C ALA B 1459 -31.63 -6.22 45.29
N GLU B 1460 -32.04 -7.41 45.73
CA GLU B 1460 -33.21 -8.05 45.13
C GLU B 1460 -34.47 -7.25 45.43
N ASN B 1461 -34.84 -7.14 46.70
CA ASN B 1461 -36.04 -6.41 47.10
C ASN B 1461 -35.67 -4.98 47.52
N TYR B 1462 -35.27 -4.19 46.54
CA TYR B 1462 -34.92 -2.79 46.72
C TYR B 1462 -35.79 -1.96 45.78
N SER B 1463 -36.54 -1.02 46.34
CA SER B 1463 -37.37 -0.11 45.57
C SER B 1463 -36.77 1.29 45.68
N ALA B 1464 -36.46 1.88 44.54
CA ALA B 1464 -35.74 3.16 44.55
C ALA B 1464 -36.63 4.27 45.08
N THR B 1465 -36.12 5.01 46.06
CA THR B 1465 -36.81 6.17 46.61
C THR B 1465 -36.32 7.43 45.91
N SER B 1466 -37.05 8.53 46.13
CA SER B 1466 -36.71 9.78 45.48
C SER B 1466 -35.34 10.28 45.93
N GLN B 1467 -35.04 10.17 47.23
CA GLN B 1467 -33.79 10.70 47.73
C GLN B 1467 -32.59 9.91 47.21
N ASP B 1468 -32.73 8.58 47.11
CA ASP B 1468 -31.66 7.77 46.55
C ASP B 1468 -31.41 8.13 45.09
N MET B 1469 -32.47 8.32 44.32
CA MET B 1469 -32.31 8.71 42.93
C MET B 1469 -31.66 10.08 42.83
N ASP B 1470 -32.00 10.99 43.74
CA ASP B 1470 -31.37 12.30 43.76
C ASP B 1470 -29.87 12.16 44.01
N LEU B 1471 -29.49 11.33 44.99
CA LEU B 1471 -28.08 11.13 45.31
C LEU B 1471 -27.34 10.52 44.13
N PHE B 1472 -27.92 9.51 43.50
CA PHE B 1472 -27.27 8.86 42.36
C PHE B 1472 -27.15 9.81 41.18
N GLN B 1473 -28.18 10.63 40.95
CA GLN B 1473 -28.10 11.63 39.88
C GLN B 1473 -27.00 12.64 40.15
N THR B 1474 -26.90 13.09 41.39
CA THR B 1474 -25.78 13.96 41.76
C THR B 1474 -24.46 13.27 41.44
N LEU B 1475 -24.29 12.03 41.90
CA LEU B 1475 -23.03 11.34 41.69
C LEU B 1475 -22.69 11.23 40.21
N THR B 1476 -23.63 10.78 39.40
CA THR B 1476 -23.32 10.53 37.99
C THR B 1476 -23.22 11.81 37.18
N SER B 1477 -23.85 12.89 37.63
CA SER B 1477 -23.91 14.08 36.79
C SER B 1477 -22.85 15.10 37.14
N CYS B 1478 -22.55 15.32 38.42
CA CYS B 1478 -21.64 16.40 38.74
C CYS B 1478 -20.33 15.94 39.36
N THR B 1479 -20.36 15.13 40.42
CA THR B 1479 -19.13 14.86 41.14
C THR B 1479 -18.16 13.98 40.36
N PHE B 1480 -18.64 13.24 39.37
CA PHE B 1480 -17.78 12.43 38.52
C PHE B 1480 -17.63 13.04 37.12
N SER B 1481 -17.71 14.36 37.02
CA SER B 1481 -17.78 14.99 35.71
C SER B 1481 -16.45 14.93 34.97
N LYS B 1482 -15.34 15.23 35.65
CA LYS B 1482 -14.04 15.25 34.98
C LYS B 1482 -13.67 13.89 34.45
N GLU B 1483 -13.90 12.85 35.24
CA GLU B 1483 -13.57 11.50 34.80
C GLU B 1483 -14.40 11.10 33.60
N TYR B 1484 -15.70 11.40 33.62
CA TYR B 1484 -16.54 11.10 32.45
C TYR B 1484 -16.10 11.90 31.25
N ALA B 1485 -15.59 13.11 31.46
CA ALA B 1485 -15.06 13.89 30.35
C ALA B 1485 -13.86 13.20 29.74
N TRP B 1486 -12.98 12.67 30.58
CA TRP B 1486 -11.83 11.91 30.07
C TRP B 1486 -12.29 10.70 29.27
N LYS B 1487 -13.26 9.95 29.80
CA LYS B 1487 -13.72 8.76 29.09
C LYS B 1487 -14.37 9.12 27.76
N ASP B 1488 -15.21 10.16 27.75
CA ASP B 1488 -15.83 10.59 26.51
C ASP B 1488 -14.81 11.11 25.52
N PHE B 1489 -13.73 11.71 26.00
CA PHE B 1489 -12.66 12.14 25.10
C PHE B 1489 -11.95 10.95 24.50
N LEU B 1490 -11.73 9.89 25.29
CA LEU B 1490 -10.99 8.74 24.78
C LEU B 1490 -11.67 8.15 23.56
N ASN B 1491 -12.98 7.96 23.62
CA ASN B 1491 -13.74 7.60 22.43
C ASN B 1491 -13.81 8.81 21.52
N GLY B 1492 -13.63 8.59 20.22
CA GLY B 1492 -13.52 9.69 19.27
C GLY B 1492 -12.09 10.05 18.93
N ILE B 1493 -11.11 9.29 19.41
CA ILE B 1493 -9.70 9.50 19.11
C ILE B 1493 -9.24 8.29 18.33
N HIS B 1494 -10.14 7.74 17.50
CA HIS B 1494 -9.76 6.62 16.64
C HIS B 1494 -8.56 7.00 15.80
N CYS B 1495 -7.59 6.09 15.73
CA CYS B 1495 -6.29 6.38 15.14
C CYS B 1495 -5.95 5.32 14.11
N ASP B 1496 -5.25 5.74 13.06
CA ASP B 1496 -4.86 4.88 11.97
C ASP B 1496 -3.35 4.67 11.98
N VAL B 1497 -2.89 3.78 11.10
CA VAL B 1497 -1.49 3.41 11.00
C VAL B 1497 -0.91 4.01 9.74
N ILE B 1498 0.29 4.56 9.86
CA ILE B 1498 1.02 5.08 8.71
C ILE B 1498 2.08 4.05 8.34
N PRO B 1499 2.40 3.86 7.08
CA PRO B 1499 3.55 2.99 6.75
C PRO B 1499 4.87 3.76 6.83
N THR B 1500 5.31 4.01 8.07
CA THR B 1500 6.52 4.77 8.31
C THR B 1500 7.38 4.06 9.34
N LYS B 1501 8.70 4.20 9.18
CA LYS B 1501 9.64 3.64 10.13
C LYS B 1501 9.58 4.40 11.45
N GLN B 1502 10.01 3.73 12.51
CA GLN B 1502 9.99 4.32 13.84
C GLN B 1502 11.22 5.19 14.05
N VAL B 1503 11.01 6.41 14.55
CA VAL B 1503 12.07 7.37 14.80
C VAL B 1503 12.19 7.56 16.30
N GLN B 1504 13.33 7.15 16.87
CA GLN B 1504 13.56 7.30 18.29
C GLN B 1504 14.06 8.71 18.58
N ARG B 1505 13.43 9.36 19.55
CA ARG B 1505 13.75 10.73 19.91
C ARG B 1505 14.35 10.78 21.31
N ALA B 1506 14.61 11.99 21.79
CA ALA B 1506 15.13 12.19 23.12
C ALA B 1506 14.03 11.94 24.15
N LYS B 1507 14.34 12.19 25.42
CA LYS B 1507 13.36 12.07 26.48
C LYS B 1507 13.31 13.38 27.25
N VAL B 1508 12.09 13.83 27.51
CA VAL B 1508 11.86 15.08 28.24
C VAL B 1508 10.63 14.90 29.12
N ALA B 1509 10.70 15.46 30.33
CA ALA B 1509 9.61 15.34 31.29
C ALA B 1509 8.69 16.55 31.21
N ARG B 1510 7.40 16.29 31.08
CA ARG B 1510 6.37 17.32 31.07
C ARG B 1510 5.39 17.05 32.21
N THR B 1511 4.47 17.98 32.41
CA THR B 1511 3.48 17.88 33.47
C THR B 1511 2.11 17.54 32.87
N PHE B 1512 1.22 17.07 33.74
CA PHE B 1512 -0.13 16.66 33.36
C PHE B 1512 -1.10 17.71 33.89
N THR B 1513 -1.31 18.75 33.10
CA THR B 1513 -2.20 19.85 33.47
C THR B 1513 -3.48 19.75 32.65
N VAL B 1514 -4.61 19.93 33.33
CA VAL B 1514 -5.92 19.76 32.71
C VAL B 1514 -6.30 21.04 31.99
N ARG B 1515 -5.37 22.00 31.92
CA ARG B 1515 -5.58 23.26 31.21
C ARG B 1515 -6.77 24.02 31.80
N GLU B 1516 -6.57 24.46 33.04
CA GLU B 1516 -7.53 25.35 33.67
C GLU B 1516 -7.39 26.75 33.07
N LYS B 1517 -8.51 27.36 32.70
CA LYS B 1517 -8.51 28.67 32.03
C LYS B 1517 -9.52 29.57 32.73
N ASP B 1518 -9.02 30.47 33.57
CA ASP B 1518 -9.80 31.52 34.21
C ASP B 1518 -10.81 30.97 35.22
N GLN B 1519 -11.10 31.76 36.26
CA GLN B 1519 -12.13 31.42 37.22
C GLN B 1519 -12.75 32.69 37.75
N ILE B 1520 -14.06 32.66 37.99
CA ILE B 1520 -14.72 33.79 38.63
C ILE B 1520 -14.22 33.95 40.06
N ILE B 1521 -14.14 32.85 40.81
CA ILE B 1521 -13.60 32.90 42.16
C ILE B 1521 -12.10 33.12 42.10
N GLN B 1522 -11.61 34.14 42.82
CA GLN B 1522 -10.19 34.39 42.86
C GLN B 1522 -9.48 33.64 43.98
N ASN B 1523 -10.24 33.06 44.91
CA ASN B 1523 -9.65 32.35 46.04
C ASN B 1523 -9.64 30.85 45.80
N SER B 1524 -8.93 30.15 46.67
CA SER B 1524 -8.89 28.69 46.61
C SER B 1524 -10.24 28.13 47.04
N ILE B 1525 -10.79 27.24 46.22
CA ILE B 1525 -12.12 26.67 46.51
C ILE B 1525 -12.17 25.96 47.86
N PRO B 1526 -11.16 25.18 48.26
CA PRO B 1526 -11.17 24.66 49.64
C PRO B 1526 -11.30 25.75 50.68
N ALA B 1527 -10.64 26.89 50.46
CA ALA B 1527 -10.76 27.99 51.41
C ALA B 1527 -12.18 28.52 51.48
N VAL B 1528 -12.85 28.64 50.33
CA VAL B 1528 -14.21 29.15 50.31
C VAL B 1528 -15.14 28.18 51.03
N ILE B 1529 -15.00 26.89 50.76
CA ILE B 1529 -15.87 25.90 51.39
C ILE B 1529 -15.61 25.84 52.89
N GLY B 1530 -14.37 26.03 53.31
CA GLY B 1530 -14.09 26.12 54.73
C GLY B 1530 -14.70 27.35 55.37
N TYR B 1531 -14.63 28.48 54.67
CA TYR B 1531 -15.21 29.72 55.20
C TYR B 1531 -16.72 29.58 55.38
N LYS B 1532 -17.39 28.98 54.40
CA LYS B 1532 -18.84 28.80 54.51
C LYS B 1532 -19.19 27.98 55.74
N PHE B 1533 -18.36 27.01 56.10
CA PHE B 1533 -18.66 26.08 57.18
C PHE B 1533 -17.98 26.47 58.49
N ALA B 1534 -17.38 27.66 58.56
CA ALA B 1534 -16.67 28.09 59.75
C ALA B 1534 -17.59 28.88 60.67
N VAL B 1535 -17.68 28.45 61.93
CA VAL B 1535 -18.53 29.11 62.92
C VAL B 1535 -17.82 29.38 64.23
N THR B 1536 -16.51 29.15 64.31
CA THR B 1536 -15.75 29.30 65.55
C THR B 1536 -14.67 30.36 65.34
N VAL B 1537 -14.29 31.01 66.44
CA VAL B 1537 -13.28 32.07 66.40
C VAL B 1537 -12.00 31.56 65.72
N GLU B 1538 -11.41 30.52 66.30
CA GLU B 1538 -10.18 29.97 65.73
C GLU B 1538 -10.42 29.42 64.33
N GLU B 1539 -11.60 28.85 64.09
CA GLU B 1539 -11.96 28.39 62.75
C GLU B 1539 -11.88 29.52 61.75
N MET B 1540 -12.50 30.64 62.06
CA MET B 1540 -12.52 31.79 61.15
C MET B 1540 -11.10 32.33 60.98
N SER B 1541 -10.34 32.37 62.07
CA SER B 1541 -8.96 32.83 61.96
C SER B 1541 -8.15 31.96 61.02
N ASP B 1542 -8.31 30.64 61.12
CA ASP B 1542 -7.58 29.73 60.24
C ASP B 1542 -7.98 29.93 58.79
N VAL B 1543 -9.29 30.03 58.53
CA VAL B 1543 -9.69 30.18 57.13
C VAL B 1543 -9.22 31.50 56.56
N LEU B 1544 -9.17 32.56 57.38
CA LEU B 1544 -8.55 33.80 56.90
C LEU B 1544 -7.07 33.60 56.62
N ASP B 1545 -6.38 32.87 57.49
CA ASP B 1545 -4.94 32.69 57.32
C ASP B 1545 -4.63 31.97 56.02
N THR B 1546 -5.39 30.91 55.70
CA THR B 1546 -5.13 30.19 54.46
C THR B 1546 -5.64 30.92 53.24
N ALA B 1547 -6.69 31.73 53.40
CA ALA B 1547 -7.32 32.37 52.25
C ALA B 1547 -6.35 33.29 51.54
N LYS B 1548 -6.35 33.23 50.21
CA LYS B 1548 -5.47 34.11 49.43
C LYS B 1548 -6.01 35.53 49.42
N PHE B 1549 -7.33 35.70 49.31
CA PHE B 1549 -7.98 37.00 49.29
C PHE B 1549 -9.10 36.99 50.32
N PRO B 1550 -8.77 37.21 51.59
CA PRO B 1550 -9.80 37.11 52.65
C PRO B 1550 -10.90 38.14 52.51
N ASP B 1551 -10.67 39.23 51.76
CA ASP B 1551 -11.67 40.29 51.66
C ASP B 1551 -12.94 39.79 50.96
N SER B 1552 -12.80 39.01 49.91
CA SER B 1552 -13.92 38.67 49.04
C SER B 1552 -14.51 37.29 49.32
N LEU B 1553 -14.26 36.72 50.50
CA LEU B 1553 -14.72 35.36 50.78
C LEU B 1553 -16.24 35.27 50.73
N SER B 1554 -16.92 36.25 51.32
CA SER B 1554 -18.38 36.25 51.32
C SER B 1554 -18.92 36.37 49.89
N VAL B 1555 -18.32 37.24 49.10
CA VAL B 1555 -18.74 37.40 47.70
C VAL B 1555 -18.55 36.09 46.95
N ASP B 1556 -17.41 35.44 47.16
CA ASP B 1556 -17.14 34.18 46.49
C ASP B 1556 -18.15 33.11 46.90
N LEU B 1557 -18.50 33.08 48.18
CA LEU B 1557 -19.49 32.12 48.65
C LEU B 1557 -20.85 32.37 48.01
N LYS B 1558 -21.24 33.64 47.91
CA LYS B 1558 -22.51 33.98 47.27
C LYS B 1558 -22.51 33.56 45.81
N THR B 1559 -21.40 33.82 45.11
CA THR B 1559 -21.30 33.41 43.71
C THR B 1559 -21.36 31.89 43.59
N MET B 1560 -20.73 31.18 44.53
CA MET B 1560 -20.77 29.72 44.52
C MET B 1560 -22.20 29.21 44.69
N LYS B 1561 -22.94 29.80 45.63
CA LYS B 1561 -24.33 29.41 45.83
C LYS B 1561 -25.15 29.67 44.58
N ASP B 1562 -24.96 30.83 43.96
CA ASP B 1562 -25.67 31.15 42.74
C ASP B 1562 -25.36 30.15 41.64
N GLY B 1563 -24.08 29.90 41.39
CA GLY B 1563 -23.68 28.99 40.33
C GLY B 1563 -24.17 27.57 40.55
N VAL B 1564 -24.14 27.09 41.80
CA VAL B 1564 -24.59 25.73 42.10
C VAL B 1564 -26.09 25.64 41.90
N TYR B 1565 -26.83 26.64 42.40
CA TYR B 1565 -28.28 26.57 42.33
C TYR B 1565 -28.84 26.89 40.95
N ARG B 1566 -28.07 27.51 40.07
CA ARG B 1566 -28.59 27.83 38.74
C ARG B 1566 -28.28 26.71 37.74
N GLU B 1567 -26.99 26.43 37.54
CA GLU B 1567 -26.61 25.37 36.61
C GLU B 1567 -27.07 24.01 37.12
N LEU B 1568 -26.97 23.77 38.42
CA LEU B 1568 -27.45 22.56 39.04
C LEU B 1568 -28.66 22.89 39.91
N GLY B 1569 -29.19 21.88 40.60
CA GLY B 1569 -30.41 22.08 41.36
C GLY B 1569 -30.30 21.75 42.83
N LEU B 1570 -29.18 22.08 43.46
CA LEU B 1570 -28.92 21.71 44.84
C LEU B 1570 -28.55 22.95 45.65
N ASP B 1571 -28.74 22.86 46.96
CA ASP B 1571 -28.40 23.94 47.87
C ASP B 1571 -27.09 23.63 48.58
N ILE B 1572 -26.23 24.64 48.67
CA ILE B 1572 -24.93 24.48 49.33
C ILE B 1572 -25.08 24.30 50.83
N SER B 1573 -26.15 24.84 51.42
CA SER B 1573 -26.29 24.85 52.87
C SER B 1573 -26.20 23.44 53.46
N LEU B 1574 -26.62 22.43 52.72
CA LEU B 1574 -26.55 21.05 53.21
C LEU B 1574 -25.12 20.55 53.12
N PRO B 1575 -24.53 20.09 54.24
CA PRO B 1575 -23.11 19.69 54.19
C PRO B 1575 -22.84 18.53 53.25
N ASP B 1576 -23.77 17.57 53.17
CA ASP B 1576 -23.57 16.43 52.28
C ASP B 1576 -23.54 16.86 50.82
N VAL B 1577 -24.38 17.83 50.45
CA VAL B 1577 -24.36 18.34 49.09
C VAL B 1577 -23.03 19.02 48.79
N MET B 1578 -22.51 19.78 49.76
CA MET B 1578 -21.20 20.39 49.60
C MET B 1578 -20.13 19.33 49.36
N LYS B 1579 -20.14 18.29 50.19
CA LYS B 1579 -19.19 17.19 50.01
C LYS B 1579 -19.31 16.59 48.63
N ARG B 1580 -20.54 16.33 48.19
CA ARG B 1580 -20.76 15.71 46.89
C ARG B 1580 -20.20 16.58 45.77
N ILE B 1581 -20.56 17.86 45.74
CA ILE B 1581 -20.22 18.67 44.58
C ILE B 1581 -18.77 19.13 44.62
N ALA B 1582 -18.13 19.13 45.78
CA ALA B 1582 -16.77 19.67 45.88
C ALA B 1582 -15.77 19.07 44.90
N PRO B 1583 -15.75 17.77 44.61
CA PRO B 1583 -14.76 17.26 43.64
C PRO B 1583 -14.78 17.95 42.29
N MET B 1584 -15.94 18.39 41.80
CA MET B 1584 -15.94 19.15 40.55
C MET B 1584 -15.17 20.46 40.70
N LEU B 1585 -15.39 21.17 41.80
CA LEU B 1585 -14.76 22.48 41.96
C LEU B 1585 -13.27 22.35 42.22
N TYR B 1586 -12.89 21.68 43.31
CA TYR B 1586 -11.48 21.55 43.65
C TYR B 1586 -10.77 20.74 42.58
N LYS B 1587 -9.68 21.29 42.04
CA LYS B 1587 -9.07 20.69 40.85
C LYS B 1587 -8.14 19.53 41.22
N SER B 1588 -7.02 19.84 41.88
CA SER B 1588 -6.01 18.84 42.20
C SER B 1588 -4.83 19.55 42.88
N SER B 1589 -3.89 18.74 43.33
CA SER B 1589 -2.58 19.20 43.77
C SER B 1589 -1.55 18.17 43.35
N LYS B 1590 -0.32 18.31 43.85
CA LYS B 1590 0.79 17.39 43.60
C LYS B 1590 0.86 16.98 42.14
N SER B 1591 1.12 17.94 41.26
CA SER B 1591 1.08 17.69 39.83
C SER B 1591 2.01 16.55 39.43
N ARG B 1592 1.43 15.51 38.82
CA ARG B 1592 2.20 14.39 38.31
C ARG B 1592 3.02 14.82 37.10
N VAL B 1593 4.15 14.17 36.89
CA VAL B 1593 5.08 14.47 35.81
C VAL B 1593 5.28 13.22 34.98
N VAL B 1594 5.15 13.35 33.66
CA VAL B 1594 5.27 12.22 32.76
C VAL B 1594 6.50 12.42 31.88
N ILE B 1595 6.99 11.31 31.33
CA ILE B 1595 8.19 11.30 30.50
C ILE B 1595 7.75 11.08 29.05
N VAL B 1596 8.15 11.99 28.18
CA VAL B 1596 7.69 12.05 26.80
C VAL B 1596 8.89 12.06 25.86
N GLN B 1597 8.76 11.36 24.73
CA GLN B 1597 9.86 11.22 23.79
C GLN B 1597 9.93 12.36 22.77
N GLY B 1598 8.81 12.74 22.18
CA GLY B 1598 8.79 13.78 21.17
C GLY B 1598 8.95 15.16 21.76
N ASN B 1599 8.42 16.15 21.03
CA ASN B 1599 8.37 17.54 21.48
C ASN B 1599 6.99 17.90 22.04
N VAL B 1600 6.33 16.95 22.70
CA VAL B 1600 4.94 17.11 23.08
C VAL B 1600 4.81 18.22 24.11
N GLU B 1601 3.87 19.14 23.88
CA GLU B 1601 3.63 20.23 24.80
C GLU B 1601 2.99 19.72 26.09
N GLY B 1602 3.25 20.43 27.18
CA GLY B 1602 2.84 19.98 28.49
C GLY B 1602 1.36 20.13 28.79
N THR B 1603 0.50 19.65 27.88
CA THR B 1603 -0.94 19.62 28.09
C THR B 1603 -1.41 18.18 28.15
N ALA B 1604 -2.36 17.91 29.04
CA ALA B 1604 -2.81 16.54 29.24
C ALA B 1604 -3.34 15.92 27.95
N GLU B 1605 -3.97 16.73 27.11
CA GLU B 1605 -4.47 16.22 25.83
C GLU B 1605 -3.32 15.78 24.94
N ALA B 1606 -2.24 16.56 24.91
CA ALA B 1606 -1.09 16.19 24.10
C ALA B 1606 -0.43 14.93 24.65
N ILE B 1607 -0.34 14.79 25.97
CA ILE B 1607 0.23 13.59 26.55
C ILE B 1607 -0.61 12.37 26.19
N CYS B 1608 -1.93 12.50 26.29
CA CYS B 1608 -2.80 11.38 25.92
C CYS B 1608 -2.65 11.04 24.45
N ARG B 1609 -2.54 12.06 23.59
CA ARG B 1609 -2.32 11.82 22.17
C ARG B 1609 -1.01 11.09 21.94
N TYR B 1610 0.03 11.46 22.68
CA TYR B 1610 1.32 10.76 22.58
C TYR B 1610 1.19 9.31 23.01
N TRP B 1611 0.46 9.05 24.10
CA TRP B 1611 0.24 7.68 24.53
C TRP B 1611 -0.51 6.89 23.47
N LEU B 1612 -1.47 7.51 22.81
CA LEU B 1612 -2.20 6.84 21.74
C LEU B 1612 -1.29 6.58 20.54
N LYS B 1613 -0.32 7.46 20.28
CA LYS B 1613 0.64 7.22 19.21
C LYS B 1613 1.68 6.18 19.59
N SER B 1614 1.85 5.91 20.87
CA SER B 1614 2.90 5.02 21.38
C SER B 1614 2.39 3.63 21.71
N MET B 1615 1.18 3.27 21.29
CA MET B 1615 0.67 1.93 21.57
C MET B 1615 1.42 0.87 20.79
N SER B 1616 1.91 1.20 19.61
CA SER B 1616 2.65 0.24 18.78
C SER B 1616 4.14 0.44 18.98
N LEU B 1617 4.85 -0.65 19.22
CA LEU B 1617 6.28 -0.56 19.49
C LEU B 1617 7.12 -0.41 18.23
N VAL B 1618 6.57 -0.73 17.06
CA VAL B 1618 7.32 -0.73 15.81
C VAL B 1618 6.72 0.21 14.77
N LYS B 1619 5.39 0.27 14.68
CA LYS B 1619 4.73 1.04 13.65
C LYS B 1619 4.54 2.49 14.08
N THR B 1620 3.85 3.25 13.23
CA THR B 1620 3.56 4.65 13.48
C THR B 1620 2.05 4.86 13.49
N ILE B 1621 1.57 5.62 14.47
CA ILE B 1621 0.14 5.85 14.65
C ILE B 1621 -0.13 7.34 14.51
N ARG B 1622 -1.36 7.67 14.12
CA ARG B 1622 -1.78 9.05 13.93
C ARG B 1622 -3.19 9.22 14.48
N VAL B 1623 -3.38 10.20 15.35
CA VAL B 1623 -4.68 10.50 15.92
C VAL B 1623 -5.45 11.38 14.94
N LYS B 1624 -6.61 10.89 14.50
CA LYS B 1624 -7.33 11.56 13.42
C LYS B 1624 -7.79 12.97 13.78
N PRO B 1625 -8.49 13.21 14.90
CA PRO B 1625 -8.85 14.59 15.23
C PRO B 1625 -7.63 15.40 15.62
N HIS B 1626 -7.23 16.34 14.76
CA HIS B 1626 -5.95 17.01 14.93
C HIS B 1626 -5.86 17.74 16.26
N LYS B 1627 -6.86 18.55 16.58
CA LYS B 1627 -6.87 19.35 17.79
C LYS B 1627 -8.19 19.20 18.50
N GLU B 1628 -8.14 19.02 19.82
CA GLU B 1628 -9.33 18.83 20.63
C GLU B 1628 -9.00 19.22 22.06
N VAL B 1629 -10.05 19.29 22.89
CA VAL B 1629 -9.92 19.55 24.32
C VAL B 1629 -11.00 18.75 25.04
N LEU B 1630 -10.88 18.71 26.36
CA LEU B 1630 -11.89 18.10 27.20
C LEU B 1630 -13.08 19.03 27.39
N GLN B 1631 -14.21 18.44 27.73
CA GLN B 1631 -15.40 19.20 28.13
C GLN B 1631 -15.46 19.29 29.66
N ALA B 1632 -14.38 19.85 30.22
CA ALA B 1632 -14.27 19.99 31.67
C ALA B 1632 -15.29 21.01 32.15
N VAL B 1633 -16.23 20.57 32.97
CA VAL B 1633 -17.34 21.41 33.42
C VAL B 1633 -16.86 22.19 34.64
N SER B 1634 -16.45 23.44 34.39
CA SER B 1634 -16.20 24.42 35.45
C SER B 1634 -17.05 25.63 35.10
N ILE B 1635 -18.31 25.59 35.55
CA ILE B 1635 -19.29 26.62 35.22
C ILE B 1635 -18.97 27.97 35.84
N PHE B 1636 -17.88 28.09 36.60
CA PHE B 1636 -17.51 29.31 37.29
C PHE B 1636 -16.47 30.13 36.54
N ASN B 1637 -16.46 30.08 35.20
CA ASN B 1637 -15.47 30.81 34.44
C ASN B 1637 -16.10 31.50 33.24
N ARG B 1638 -15.48 32.59 32.82
CA ARG B 1638 -15.95 33.37 31.68
C ARG B 1638 -14.87 34.33 31.22
N LYS B 1646 -29.58 44.32 25.85
CA LYS B 1646 -29.68 43.60 27.11
C LYS B 1646 -30.59 44.33 28.09
N ASP B 1647 -30.45 45.65 28.14
CA ASP B 1647 -31.17 46.44 29.13
C ASP B 1647 -32.68 46.39 28.90
N LEU B 1648 -33.12 46.59 27.66
CA LEU B 1648 -34.54 46.66 27.39
C LEU B 1648 -35.22 45.32 27.63
N ALA B 1649 -34.56 44.22 27.26
CA ALA B 1649 -35.15 42.90 27.46
C ALA B 1649 -35.34 42.60 28.94
N ALA B 1650 -34.31 42.85 29.75
CA ALA B 1650 -34.42 42.62 31.18
C ALA B 1650 -35.45 43.54 31.81
N LEU B 1651 -35.47 44.81 31.38
CA LEU B 1651 -36.44 45.75 31.93
C LEU B 1651 -37.86 45.30 31.64
N LYS B 1652 -38.12 44.87 30.40
CA LYS B 1652 -39.45 44.41 30.04
C LYS B 1652 -39.82 43.13 30.78
N LEU B 1653 -38.87 42.22 30.96
CA LEU B 1653 -39.13 41.00 31.73
C LEU B 1653 -39.50 41.34 33.17
N CYS B 1654 -38.74 42.25 33.79
CA CYS B 1654 -39.05 42.67 35.15
C CYS B 1654 -40.42 43.34 35.21
N ILE B 1655 -40.74 44.17 34.23
CA ILE B 1655 -42.04 44.80 34.16
C ILE B 1655 -43.13 43.74 34.14
N GLU B 1656 -42.98 42.74 33.30
CA GLU B 1656 -44.04 41.74 33.13
C GLU B 1656 -44.23 40.92 34.41
N VAL B 1657 -43.13 40.46 34.99
CA VAL B 1657 -43.24 39.64 36.20
C VAL B 1657 -43.79 40.47 37.36
N TRP B 1658 -43.36 41.73 37.48
CA TRP B 1658 -43.84 42.58 38.55
C TRP B 1658 -45.33 42.85 38.39
N ARG B 1659 -45.79 43.10 37.16
CA ARG B 1659 -47.21 43.33 36.93
C ARG B 1659 -48.03 42.07 37.25
N TRP B 1660 -47.53 40.90 36.84
CA TRP B 1660 -48.25 39.68 37.17
C TRP B 1660 -48.35 39.49 38.67
N CYS B 1661 -47.26 39.76 39.39
CA CYS B 1661 -47.30 39.69 40.84
C CYS B 1661 -48.16 40.80 41.45
N LYS B 1662 -48.36 41.90 40.72
CA LYS B 1662 -49.35 42.89 41.12
C LYS B 1662 -50.75 42.30 41.07
N ALA B 1663 -51.04 41.53 40.02
CA ALA B 1663 -52.33 40.84 39.96
C ALA B 1663 -52.47 39.86 41.12
N ASN B 1664 -51.41 39.14 41.44
CA ASN B 1664 -51.39 38.20 42.56
C ASN B 1664 -50.89 38.92 43.80
N SER B 1665 -50.51 38.17 44.83
CA SER B 1665 -49.92 38.73 46.05
C SER B 1665 -48.55 38.15 46.30
N ALA B 1666 -47.72 38.09 45.26
CA ALA B 1666 -46.44 37.40 45.33
C ALA B 1666 -45.42 38.20 46.15
N PRO B 1667 -44.43 37.51 46.72
CA PRO B 1667 -43.37 38.20 47.48
C PRO B 1667 -42.35 38.90 46.59
N TYR B 1668 -42.65 40.14 46.21
CA TYR B 1668 -41.82 40.94 45.30
C TYR B 1668 -40.33 40.77 45.53
N ARG B 1669 -39.87 41.16 46.71
CA ARG B 1669 -38.43 41.18 46.99
C ARG B 1669 -37.84 39.78 47.01
N ASP B 1670 -38.61 38.79 47.46
CA ASP B 1670 -38.11 37.42 47.45
C ASP B 1670 -37.87 36.93 46.03
N TRP B 1671 -38.85 37.13 45.14
CA TRP B 1671 -38.70 36.69 43.77
C TRP B 1671 -37.60 37.46 43.04
N PHE B 1672 -37.58 38.78 43.19
CA PHE B 1672 -36.59 39.58 42.50
C PHE B 1672 -35.18 39.32 43.01
N GLN B 1673 -35.04 38.74 44.19
CA GLN B 1673 -33.76 38.27 44.69
C GLN B 1673 -33.50 36.80 44.36
N ALA B 1674 -34.40 36.17 43.60
CA ALA B 1674 -34.27 34.76 43.26
C ALA B 1674 -34.29 34.50 41.76
N LEU B 1675 -35.08 35.24 40.99
CA LEU B 1675 -35.13 35.02 39.55
C LEU B 1675 -33.86 35.53 38.89
N TRP B 1676 -33.54 34.95 37.73
CA TRP B 1676 -32.26 35.16 37.08
C TRP B 1676 -32.47 35.59 35.64
N PHE B 1677 -31.49 36.32 35.10
CA PHE B 1677 -31.48 36.68 33.69
C PHE B 1677 -30.07 37.05 33.26
N GLU B 1678 -29.56 36.35 32.26
CA GLU B 1678 -28.25 36.62 31.68
C GLU B 1678 -27.14 36.58 32.73
N ASP B 1679 -26.69 37.74 33.19
CA ASP B 1679 -25.58 37.83 34.12
C ASP B 1679 -25.92 38.52 35.43
N LYS B 1680 -27.18 38.90 35.64
CA LYS B 1680 -27.57 39.58 36.87
C LYS B 1680 -28.99 39.19 37.23
N THR B 1681 -29.25 39.03 38.52
CA THR B 1681 -30.60 38.72 38.97
C THR B 1681 -31.52 39.93 38.79
N PHE B 1682 -32.80 39.75 39.11
CA PHE B 1682 -33.75 40.85 38.94
C PHE B 1682 -33.40 42.01 39.85
N SER B 1683 -33.01 41.73 41.09
CA SER B 1683 -32.64 42.81 42.01
C SER B 1683 -31.41 43.57 41.51
N GLU B 1684 -30.41 42.85 41.01
CA GLU B 1684 -29.25 43.53 40.44
C GLU B 1684 -29.63 44.36 39.22
N TRP B 1685 -30.54 43.83 38.39
CA TRP B 1685 -31.02 44.60 37.26
C TRP B 1685 -31.69 45.87 37.73
N LEU B 1686 -32.48 45.78 38.80
CA LEU B 1686 -33.18 46.96 39.31
C LEU B 1686 -32.19 47.98 39.84
N ASP B 1687 -31.17 47.53 40.58
CA ASP B 1687 -30.18 48.44 41.12
C ASP B 1687 -29.42 49.14 39.99
N ARG B 1688 -29.06 48.39 38.95
CA ARG B 1688 -28.36 48.97 37.82
C ARG B 1688 -29.24 50.00 37.12
N PHE B 1689 -30.52 49.68 36.92
CA PHE B 1689 -31.42 50.61 36.25
C PHE B 1689 -31.59 51.88 37.05
N CYS B 1690 -31.71 51.76 38.38
CA CYS B 1690 -31.82 52.95 39.21
C CYS B 1690 -30.55 53.79 39.16
N ARG B 1691 -29.39 53.14 39.17
CA ARG B 1691 -28.14 53.89 39.25
C ARG B 1691 -27.78 54.55 37.92
N VAL B 1692 -27.98 53.87 36.79
CA VAL B 1692 -27.53 54.41 35.51
C VAL B 1692 -28.69 55.16 34.84
N GLY B 1693 -29.92 54.77 35.17
CA GLY B 1693 -31.07 55.38 34.54
C GLY B 1693 -31.80 54.42 33.61
N VAL B 1694 -33.09 54.66 33.41
CA VAL B 1694 -33.92 53.82 32.56
C VAL B 1694 -33.92 54.42 31.16
N PRO B 1695 -33.57 53.66 30.13
CA PRO B 1695 -33.61 54.19 28.75
C PRO B 1695 -35.02 54.62 28.39
N PRO B 1696 -35.15 55.73 27.65
CA PRO B 1696 -36.49 56.24 27.33
C PRO B 1696 -37.11 55.49 26.16
N ILE B 1697 -38.08 54.64 26.48
CA ILE B 1697 -38.91 53.96 25.48
C ILE B 1697 -40.36 54.14 25.91
N ASP B 1698 -41.17 54.68 25.00
CA ASP B 1698 -42.49 55.20 25.36
C ASP B 1698 -43.38 54.22 26.11
N PRO B 1699 -43.56 52.96 25.68
CA PRO B 1699 -44.53 52.10 26.37
C PRO B 1699 -44.04 51.55 27.70
N GLU B 1700 -42.84 51.90 28.16
CA GLU B 1700 -42.32 51.32 29.40
C GLU B 1700 -41.71 52.34 30.35
N ILE B 1701 -41.64 53.63 29.99
CA ILE B 1701 -41.05 54.62 30.88
C ILE B 1701 -41.86 54.70 32.18
N GLN B 1702 -43.18 54.83 32.05
CA GLN B 1702 -44.03 54.95 33.24
C GLN B 1702 -44.00 53.68 34.06
N CYS B 1703 -43.98 52.52 33.41
CA CYS B 1703 -43.93 51.26 34.15
C CYS B 1703 -42.63 51.13 34.92
N ALA B 1704 -41.49 51.53 34.32
CA ALA B 1704 -40.23 51.51 35.02
C ALA B 1704 -40.21 52.48 36.19
N ALA B 1705 -40.78 53.68 35.98
CA ALA B 1705 -40.88 54.64 37.08
C ALA B 1705 -41.71 54.08 38.22
N LEU B 1706 -42.81 53.41 37.90
CA LEU B 1706 -43.64 52.80 38.93
C LEU B 1706 -42.90 51.69 39.66
N MET B 1707 -42.15 50.85 38.94
CA MET B 1707 -41.26 49.89 39.57
C MET B 1707 -40.33 50.54 40.58
N ILE B 1708 -39.61 51.57 40.15
CA ILE B 1708 -38.63 52.21 41.02
C ILE B 1708 -39.32 52.79 42.26
N ALA B 1709 -40.41 53.55 42.05
CA ALA B 1709 -41.11 54.15 43.16
C ALA B 1709 -41.83 53.13 44.04
N ASP B 1710 -42.05 51.93 43.53
CA ASP B 1710 -42.77 50.91 44.28
C ASP B 1710 -41.84 50.11 45.18
N ILE B 1711 -40.76 49.58 44.63
CA ILE B 1711 -39.87 48.75 45.45
C ILE B 1711 -38.75 49.57 46.06
N LYS B 1712 -38.10 50.45 45.28
CA LYS B 1712 -37.02 51.26 45.84
C LYS B 1712 -37.56 52.21 46.91
N GLY B 1713 -38.67 52.88 46.62
CA GLY B 1713 -39.31 53.77 47.57
C GLY B 1713 -39.10 55.25 47.28
N ASP B 1714 -38.14 55.61 46.43
CA ASP B 1714 -37.94 57.01 46.09
C ASP B 1714 -38.98 57.46 45.06
N TYR B 1715 -38.99 58.75 44.79
CA TYR B 1715 -39.91 59.34 43.82
C TYR B 1715 -39.16 60.32 42.92
N SER B 1716 -37.99 59.90 42.43
CA SER B 1716 -37.16 60.73 41.57
C SER B 1716 -37.46 60.54 40.09
N VAL B 1717 -37.63 59.30 39.65
CA VAL B 1717 -37.88 59.05 38.23
C VAL B 1717 -39.25 59.57 37.82
N LEU B 1718 -40.25 59.38 38.69
CA LEU B 1718 -41.59 59.87 38.37
C LEU B 1718 -41.62 61.38 38.25
N GLN B 1719 -40.90 62.08 39.13
CA GLN B 1719 -40.84 63.54 39.06
C GLN B 1719 -40.18 63.99 37.76
N LEU B 1720 -39.11 63.32 37.35
CA LEU B 1720 -38.45 63.68 36.10
C LEU B 1720 -39.36 63.41 34.91
N GLN B 1721 -40.10 62.30 34.94
CA GLN B 1721 -41.04 62.02 33.86
C GLN B 1721 -42.13 63.08 33.79
N ALA B 1722 -42.64 63.52 34.94
CA ALA B 1722 -43.61 64.59 34.96
C ALA B 1722 -43.03 65.88 34.42
N ASN B 1723 -41.77 66.18 34.77
CA ASN B 1723 -41.13 67.40 34.28
C ASN B 1723 -40.97 67.36 32.76
N ARG B 1724 -40.58 66.21 32.21
CA ARG B 1724 -40.21 66.16 30.80
C ARG B 1724 -41.40 65.93 29.87
N ARG B 1725 -42.37 65.11 30.27
CA ARG B 1725 -43.46 64.74 29.37
C ARG B 1725 -44.80 64.83 30.09
N ALA B 1726 -44.97 65.83 30.94
CA ALA B 1726 -46.24 66.05 31.63
C ALA B 1726 -46.32 67.47 32.18
N HIS B 1852 -39.00 71.61 39.20
CA HIS B 1852 -40.44 71.44 39.34
C HIS B 1852 -40.76 70.44 40.44
N LYS B 1853 -41.82 70.71 41.20
CA LYS B 1853 -42.24 69.87 42.30
C LYS B 1853 -43.68 69.42 42.09
N PHE B 1854 -43.93 68.13 42.33
CA PHE B 1854 -45.25 67.56 42.20
C PHE B 1854 -45.47 66.56 43.33
N MET B 1855 -46.74 66.27 43.61
CA MET B 1855 -47.13 65.21 44.51
C MET B 1855 -47.87 64.13 43.74
N ILE B 1856 -47.72 62.89 44.19
CA ILE B 1856 -48.25 61.72 43.47
C ILE B 1856 -49.15 60.95 44.42
N THR B 1857 -50.35 60.64 43.95
CA THR B 1857 -51.29 59.81 44.69
C THR B 1857 -51.31 58.42 44.10
N ILE B 1858 -51.18 57.41 44.96
CA ILE B 1858 -51.09 56.01 44.56
C ILE B 1858 -52.42 55.34 44.77
N LYS B 1859 -52.94 54.70 43.73
CA LYS B 1859 -54.25 54.06 43.77
C LYS B 1859 -54.14 52.63 43.28
N ASP B 1860 -55.04 51.78 43.80
CA ASP B 1860 -55.18 50.39 43.37
C ASP B 1860 -53.87 49.62 43.55
N ASP B 1861 -53.40 49.59 44.79
CA ASP B 1861 -52.23 48.81 45.20
C ASP B 1861 -50.94 49.29 44.54
N GLY B 1862 -51.02 50.33 43.71
CA GLY B 1862 -49.83 50.92 43.15
C GLY B 1862 -49.56 50.62 41.70
N LEU B 1863 -50.61 50.44 40.90
CA LEU B 1863 -50.43 50.26 39.46
C LEU B 1863 -50.81 51.49 38.65
N ARG B 1864 -51.48 52.46 39.26
CA ARG B 1864 -51.79 53.73 38.61
C ARG B 1864 -51.46 54.88 39.56
N ALA B 1865 -51.00 55.97 38.98
CA ALA B 1865 -50.60 57.14 39.76
C ALA B 1865 -51.14 58.40 39.11
N ILE B 1866 -51.47 59.39 39.94
CA ILE B 1866 -51.98 60.68 39.49
C ILE B 1866 -51.14 61.77 40.12
N ALA B 1867 -50.71 62.75 39.32
CA ALA B 1867 -49.89 63.84 39.78
C ALA B 1867 -50.40 65.15 39.20
N GLN B 1868 -50.06 66.24 39.89
CA GLN B 1868 -50.46 67.58 39.46
C GLN B 1868 -49.47 68.58 40.03
N HIS B 1869 -49.52 69.80 39.49
CA HIS B 1869 -48.55 70.83 39.88
C HIS B 1869 -48.69 71.21 41.35
N ASP B 1870 -49.88 71.67 41.74
CA ASP B 1870 -50.15 72.04 43.12
C ASP B 1870 -51.50 71.46 43.53
N GLU B 1871 -51.89 71.73 44.79
CA GLU B 1871 -53.14 71.19 45.31
C GLU B 1871 -54.35 71.70 44.54
N ASP B 1872 -54.23 72.90 43.96
CA ASP B 1872 -55.33 73.47 43.18
C ASP B 1872 -55.32 73.04 41.72
N SER B 1873 -54.30 72.33 41.28
CA SER B 1873 -54.23 71.87 39.90
C SER B 1873 -55.25 70.76 39.67
N PRO B 1874 -55.70 70.58 38.42
CA PRO B 1874 -56.60 69.47 38.12
C PRO B 1874 -55.88 68.13 38.24
N ARG B 1875 -56.66 67.09 38.51
CA ARG B 1875 -56.13 65.74 38.66
C ARG B 1875 -55.98 65.09 37.29
N PHE B 1876 -54.76 64.63 36.99
CA PHE B 1876 -54.47 63.96 35.73
C PHE B 1876 -53.74 62.65 35.99
N LEU B 1877 -54.02 61.65 35.16
CA LEU B 1877 -53.42 60.34 35.31
C LEU B 1877 -51.95 60.41 34.88
N LEU B 1878 -51.05 60.48 35.87
CA LEU B 1878 -49.64 60.64 35.56
C LEU B 1878 -49.07 59.37 34.92
N ALA B 1879 -49.37 58.21 35.51
CA ALA B 1879 -48.81 56.96 35.03
C ALA B 1879 -49.74 55.80 35.40
N HIS B 1880 -49.62 54.71 34.64
CA HIS B 1880 -50.39 53.51 34.89
C HIS B 1880 -49.63 52.32 34.33
N ALA B 1881 -49.82 51.16 34.96
CA ALA B 1881 -49.15 49.94 34.56
C ALA B 1881 -49.99 49.06 33.65
N PHE B 1882 -51.23 49.44 33.35
CA PHE B 1882 -52.11 48.65 32.50
C PHE B 1882 -51.78 48.86 31.03
N HIS B 1883 -50.56 48.50 30.66
CA HIS B 1883 -50.06 48.65 29.30
C HIS B 1883 -49.98 47.28 28.62
N THR B 1884 -49.65 47.32 27.33
CA THR B 1884 -49.49 46.10 26.53
C THR B 1884 -48.05 46.06 26.02
N ILE B 1885 -47.29 45.08 26.48
CA ILE B 1885 -45.90 44.90 26.07
C ILE B 1885 -45.75 43.52 25.44
N ARG B 1886 -44.97 43.45 24.38
CA ARG B 1886 -44.67 42.22 23.67
C ARG B 1886 -43.18 41.93 23.77
N ASP B 1887 -42.75 40.86 23.09
CA ASP B 1887 -41.36 40.44 23.07
C ASP B 1887 -40.82 40.22 24.48
N ILE B 1888 -41.40 39.23 25.16
CA ILE B 1888 -40.98 38.84 26.50
C ILE B 1888 -40.43 37.43 26.41
N ARG B 1889 -39.17 37.26 26.84
CA ARG B 1889 -38.51 35.96 26.77
C ARG B 1889 -38.68 35.23 28.10
N TYR B 1890 -39.86 34.63 28.27
CA TYR B 1890 -40.13 33.85 29.48
C TYR B 1890 -39.23 32.63 29.60
N GLN B 1891 -38.69 32.14 28.49
CA GLN B 1891 -37.83 30.97 28.55
C GLN B 1891 -36.45 31.30 29.10
N ALA B 1892 -36.01 32.54 28.95
CA ALA B 1892 -34.65 32.93 29.32
C ALA B 1892 -34.47 33.13 30.82
N VAL B 1893 -35.54 33.09 31.60
CA VAL B 1893 -35.45 33.33 33.04
C VAL B 1893 -35.14 32.02 33.73
N ASP B 1894 -34.34 32.09 34.79
CA ASP B 1894 -34.01 30.95 35.62
C ASP B 1894 -34.11 31.34 37.08
N ALA B 1895 -34.03 30.34 37.96
CA ALA B 1895 -34.14 30.54 39.39
C ALA B 1895 -32.78 30.36 40.05
N VAL B 1896 -32.40 31.34 40.89
CA VAL B 1896 -31.15 31.28 41.63
C VAL B 1896 -31.42 30.72 43.02
N SER B 1897 -32.62 30.99 43.54
CA SER B 1897 -32.99 30.45 44.84
C SER B 1897 -34.39 29.86 44.79
N ASN B 1898 -34.93 29.47 45.95
CA ASN B 1898 -36.25 28.88 45.99
C ASN B 1898 -37.30 29.91 45.61
N VAL B 1899 -38.25 29.49 44.78
CA VAL B 1899 -39.37 30.31 44.36
C VAL B 1899 -40.65 29.68 44.90
N TRP B 1900 -41.46 30.49 45.57
CA TRP B 1900 -42.63 29.98 46.27
C TRP B 1900 -43.88 30.75 45.86
N PHE B 1901 -45.01 30.06 45.87
CA PHE B 1901 -46.31 30.65 45.64
C PHE B 1901 -47.29 30.10 46.68
N ILE B 1902 -48.15 30.97 47.18
CA ILE B 1902 -49.12 30.61 48.21
C ILE B 1902 -50.50 31.00 47.71
N HIS B 1903 -51.41 30.03 47.68
CA HIS B 1903 -52.78 30.26 47.25
C HIS B 1903 -53.71 29.53 48.20
N LYS B 1904 -54.57 30.29 48.88
CA LYS B 1904 -55.57 29.77 49.82
C LYS B 1904 -54.98 28.69 50.73
N GLY B 1905 -53.72 28.85 51.09
CA GLY B 1905 -53.10 28.01 52.10
C GLY B 1905 -52.34 26.80 51.60
N VAL B 1906 -52.08 26.69 50.30
CA VAL B 1906 -51.24 25.62 49.76
C VAL B 1906 -49.95 26.22 49.26
N LYS B 1907 -48.82 25.59 49.59
CA LYS B 1907 -47.50 26.06 49.19
C LYS B 1907 -47.14 25.45 47.85
N LEU B 1908 -46.65 26.28 46.93
CA LEU B 1908 -46.30 25.86 45.58
C LEU B 1908 -44.82 26.08 45.35
N TYR B 1909 -44.14 25.06 44.84
CA TYR B 1909 -42.71 25.12 44.53
C TYR B 1909 -42.58 25.28 43.01
N LEU B 1910 -42.32 26.51 42.57
CA LEU B 1910 -42.32 26.85 41.15
C LEU B 1910 -41.00 26.59 40.46
N ASN B 1911 -39.98 26.11 41.18
CA ASN B 1911 -38.71 25.83 40.54
C ASN B 1911 -38.82 24.82 39.40
N PRO B 1912 -39.55 23.71 39.52
CA PRO B 1912 -39.71 22.83 38.35
C PRO B 1912 -40.33 23.52 37.16
N ILE B 1913 -41.29 24.41 37.38
CA ILE B 1913 -41.94 25.11 36.27
C ILE B 1913 -40.95 26.06 35.60
N ILE B 1914 -40.20 26.82 36.40
CA ILE B 1914 -39.24 27.75 35.84
C ILE B 1914 -38.15 27.02 35.07
N SER B 1915 -37.63 25.94 35.66
CA SER B 1915 -36.58 25.17 34.99
C SER B 1915 -37.06 24.47 33.74
N SER B 1916 -38.37 24.26 33.61
CA SER B 1916 -38.94 23.64 32.43
C SER B 1916 -39.34 24.66 31.36
N GLY B 1917 -39.07 25.94 31.58
CA GLY B 1917 -39.45 26.96 30.62
C GLY B 1917 -40.93 27.08 30.42
N LEU B 1918 -41.71 26.99 31.51
CA LEU B 1918 -43.16 27.04 31.44
C LEU B 1918 -43.74 28.17 32.28
N LEU B 1919 -42.93 29.17 32.62
CA LEU B 1919 -43.41 30.25 33.47
C LEU B 1919 -44.52 31.04 32.80
N GLU B 1920 -44.40 31.29 31.49
CA GLU B 1920 -45.41 32.05 30.78
C GLU B 1920 -46.77 31.35 30.83
N ASN B 1921 -46.78 30.04 30.59
CA ASN B 1921 -48.03 29.31 30.54
C ASN B 1921 -48.71 29.30 31.90
N PHE B 1922 -47.94 29.15 32.98
CA PHE B 1922 -48.52 29.26 34.32
C PHE B 1922 -49.02 30.67 34.58
N MET B 1923 -48.28 31.68 34.14
CA MET B 1923 -48.64 33.06 34.45
C MET B 1923 -49.87 33.49 33.66
N LYS B 1924 -49.90 33.19 32.37
CA LYS B 1924 -50.99 33.57 31.49
C LYS B 1924 -52.10 32.54 31.41
N ASN B 1925 -52.02 31.47 32.22
CA ASN B 1925 -53.00 30.39 32.21
C ASN B 1925 -53.08 29.73 30.83
N LEU B 1926 -51.96 29.11 30.44
CA LEU B 1926 -51.90 28.37 29.19
C LEU B 1926 -51.57 26.90 29.46
N PRO B 1927 -52.16 25.98 28.71
CA PRO B 1927 -51.94 24.55 28.98
C PRO B 1927 -50.53 24.11 28.62
N ALA B 1928 -50.09 23.05 29.28
CA ALA B 1928 -48.80 22.44 29.04
C ALA B 1928 -48.80 21.04 29.63
N ALA B 1929 -47.65 20.36 29.56
CA ALA B 1929 -47.51 19.00 30.06
C ALA B 1929 -46.28 18.91 30.95
N ILE B 1930 -46.44 18.22 32.08
CA ILE B 1930 -45.34 18.00 33.04
C ILE B 1930 -45.32 16.54 33.46
N PRO B 1931 -44.14 15.95 33.68
CA PRO B 1931 -44.10 14.57 34.13
C PRO B 1931 -44.62 14.43 35.54
N PRO B 1932 -45.13 13.26 35.92
CA PRO B 1932 -45.67 13.09 37.28
C PRO B 1932 -44.64 13.34 38.37
N ALA B 1933 -43.36 13.02 38.13
CA ALA B 1933 -42.34 13.30 39.13
C ALA B 1933 -42.20 14.80 39.36
N ALA B 1934 -42.23 15.58 38.28
CA ALA B 1934 -42.17 17.04 38.42
C ALA B 1934 -43.40 17.55 39.18
N TYR B 1935 -44.58 17.00 38.88
CA TYR B 1935 -45.77 17.42 39.60
C TYR B 1935 -45.66 17.10 41.09
N SER B 1936 -45.11 15.92 41.42
CA SER B 1936 -44.91 15.59 42.82
C SER B 1936 -43.95 16.57 43.48
N LEU B 1937 -42.85 16.90 42.80
CA LEU B 1937 -41.91 17.87 43.34
C LEU B 1937 -42.50 19.28 43.42
N ILE B 1938 -43.58 19.55 42.68
CA ILE B 1938 -44.21 20.87 42.73
C ILE B 1938 -44.79 21.15 44.10
N MET B 1939 -45.46 20.18 44.71
CA MET B 1939 -46.21 20.41 45.94
C MET B 1939 -45.74 19.52 47.09
N ASN B 1940 -44.50 19.04 47.02
CA ASN B 1940 -44.00 18.17 48.08
C ASN B 1940 -42.65 18.59 48.63
N ARG B 1941 -41.97 19.57 48.03
CA ARG B 1941 -40.74 20.08 48.66
C ARG B 1941 -41.05 20.75 49.99
N ALA B 1942 -42.15 21.49 50.08
CA ALA B 1942 -42.64 22.03 51.34
C ALA B 1942 -43.79 21.16 51.81
N LYS B 1943 -43.65 20.56 52.99
CA LYS B 1943 -44.62 19.63 53.55
C LYS B 1943 -44.78 18.42 52.63
N ILE B 1944 -45.69 17.51 52.99
CA ILE B 1944 -45.97 16.33 52.18
C ILE B 1944 -47.47 16.29 51.93
N SER B 1945 -47.86 16.11 50.67
CA SER B 1945 -49.26 15.99 50.29
C SER B 1945 -49.48 14.63 49.66
N VAL B 1946 -50.43 13.86 50.20
CA VAL B 1946 -50.69 12.50 49.76
C VAL B 1946 -52.15 12.38 49.37
N ASP B 1947 -52.42 11.47 48.43
CA ASP B 1947 -53.78 11.25 47.95
C ASP B 1947 -54.24 9.84 48.28
N LEU B 1948 -53.98 9.39 49.51
CA LEU B 1948 -54.36 8.04 49.94
C LEU B 1948 -55.80 7.96 50.41
N PHE B 1949 -56.58 9.02 50.24
CA PHE B 1949 -57.96 9.01 50.71
C PHE B 1949 -58.79 7.94 50.01
N MET B 1950 -58.60 7.79 48.71
CA MET B 1950 -59.37 6.83 47.94
C MET B 1950 -59.06 5.40 48.40
N PHE B 1951 -57.78 5.09 48.61
CA PHE B 1951 -57.43 3.76 49.09
C PHE B 1951 -58.03 3.50 50.47
N ASN B 1952 -58.03 4.51 51.34
CA ASN B 1952 -58.67 4.35 52.64
C ASN B 1952 -60.16 4.10 52.50
N ASP B 1953 -60.82 4.79 51.56
CA ASP B 1953 -62.22 4.52 51.29
C ASP B 1953 -62.42 3.08 50.84
N LEU B 1954 -61.48 2.56 50.06
CA LEU B 1954 -61.55 1.16 49.67
C LEU B 1954 -61.42 0.25 50.89
N LEU B 1955 -60.52 0.59 51.82
CA LEU B 1955 -60.23 -0.29 52.93
C LEU B 1955 -61.44 -0.52 53.83
N LYS B 1956 -62.33 0.45 53.95
CA LYS B 1956 -63.40 0.34 54.94
C LYS B 1956 -64.45 -0.70 54.54
N LEU B 1957 -64.72 -0.85 53.24
CA LEU B 1957 -65.74 -1.82 52.83
C LEU B 1957 -65.32 -3.24 53.16
N ILE B 1958 -64.06 -3.59 52.87
CA ILE B 1958 -63.59 -4.95 53.12
C ILE B 1958 -63.47 -5.19 54.63
N ASN B 1959 -62.88 -4.24 55.35
CA ASN B 1959 -62.72 -4.36 56.80
C ASN B 1959 -62.65 -2.96 57.39
N PRO B 1960 -63.71 -2.51 58.05
CA PRO B 1960 -63.64 -1.23 58.77
C PRO B 1960 -62.76 -1.35 59.99
N ARG B 1961 -62.55 -0.21 60.65
CA ARG B 1961 -61.75 -0.09 61.86
C ARG B 1961 -60.28 -0.46 61.63
N ASN B 1962 -59.87 -0.63 60.37
CA ASN B 1962 -58.49 -0.93 60.04
C ASN B 1962 -57.91 0.04 59.02
N THR B 1963 -58.63 1.09 58.67
CA THR B 1963 -58.15 2.07 57.71
C THR B 1963 -57.08 2.96 58.34
N LEU B 1964 -56.31 3.62 57.49
CA LEU B 1964 -55.29 4.53 57.96
C LEU B 1964 -55.92 5.73 58.64
N ASP B 1965 -55.39 6.09 59.81
CA ASP B 1965 -55.85 7.29 60.53
C ASP B 1965 -55.28 8.51 59.83
N LEU B 1966 -56.00 8.96 58.80
CA LEU B 1966 -55.52 10.06 57.97
C LEU B 1966 -55.39 11.34 58.78
N SER B 1967 -56.38 11.64 59.63
CA SER B 1967 -56.37 12.84 60.46
C SER B 1967 -56.21 14.09 59.59
N GLY B 1968 -54.97 14.57 59.45
CA GLY B 1968 -54.72 15.71 58.62
C GLY B 1968 -54.96 15.43 57.15
N LEU B 1969 -55.29 16.48 56.41
CA LEU B 1969 -55.57 16.37 54.99
C LEU B 1969 -54.42 16.94 54.16
N GLU B 2056 -56.17 30.76 40.23
CA GLU B 2056 -56.56 29.36 40.43
C GLU B 2056 -55.45 28.41 39.97
N PRO B 2057 -54.36 28.36 40.71
CA PRO B 2057 -53.21 27.55 40.27
C PRO B 2057 -53.27 26.10 40.73
N VAL B 2058 -54.02 25.84 41.80
CA VAL B 2058 -54.03 24.50 42.39
C VAL B 2058 -54.54 23.48 41.38
N ARG B 2059 -55.64 23.80 40.70
CA ARG B 2059 -56.13 22.94 39.64
C ARG B 2059 -55.31 23.05 38.36
N LEU B 2060 -54.67 24.20 38.13
CA LEU B 2060 -53.86 24.36 36.93
C LEU B 2060 -52.69 23.38 36.91
N ILE B 2061 -51.98 23.27 38.03
CA ILE B 2061 -50.84 22.35 38.07
C ILE B 2061 -51.29 20.90 37.91
N LYS B 2062 -52.41 20.54 38.54
CA LYS B 2062 -52.91 19.18 38.42
C LYS B 2062 -53.33 18.87 36.99
N SER B 2063 -53.99 19.83 36.32
CA SER B 2063 -54.35 19.63 34.92
C SER B 2063 -53.13 19.62 34.01
N TRP B 2064 -52.02 20.21 34.44
CA TRP B 2064 -50.79 20.17 33.64
C TRP B 2064 -50.17 18.77 33.59
N VAL B 2065 -50.58 17.86 34.47
CA VAL B 2065 -49.98 16.53 34.52
C VAL B 2065 -50.43 15.74 33.31
N SER B 2066 -49.48 15.18 32.58
CA SER B 2066 -49.75 14.32 31.43
C SER B 2066 -49.17 12.94 31.68
N ARG B 2067 -49.80 11.94 31.07
CA ARG B 2067 -49.35 10.56 31.23
C ARG B 2067 -47.93 10.39 30.69
N GLY B 2068 -47.78 10.58 29.38
CA GLY B 2068 -46.47 10.62 28.74
C GLY B 2068 -45.53 9.48 29.08
N LEU B 2069 -44.40 9.82 29.70
CA LEU B 2069 -43.39 8.82 30.04
C LEU B 2069 -43.89 7.84 31.09
N SER B 2070 -44.82 8.26 31.94
CA SER B 2070 -45.33 7.40 33.01
C SER B 2070 -46.00 6.16 32.41
N ILE B 2071 -45.65 5.00 32.96
CA ILE B 2071 -46.14 3.73 32.44
C ILE B 2071 -47.59 3.54 32.85
N GLU B 2072 -48.44 3.15 31.90
CA GLU B 2072 -49.83 2.83 32.20
C GLU B 2072 -49.91 1.45 32.86
N LYS B 2073 -50.87 1.31 33.77
CA LYS B 2073 -51.07 0.08 34.52
C LYS B 2073 -52.33 -0.62 34.06
N VAL B 2074 -52.29 -1.95 34.03
CA VAL B 2074 -53.44 -2.77 33.65
C VAL B 2074 -54.03 -3.32 34.94
N TYR B 2075 -55.15 -2.75 35.36
CA TYR B 2075 -55.76 -3.13 36.64
C TYR B 2075 -56.62 -4.38 36.49
N SER B 2076 -56.63 -5.20 37.53
CA SER B 2076 -57.50 -6.37 37.62
C SER B 2076 -58.36 -6.25 38.87
N PRO B 2077 -59.66 -5.93 38.75
CA PRO B 2077 -60.45 -5.62 39.94
C PRO B 2077 -60.50 -6.74 40.97
N VAL B 2078 -60.61 -7.99 40.54
CA VAL B 2078 -60.67 -9.08 41.50
C VAL B 2078 -59.34 -9.26 42.21
N ASN B 2079 -58.23 -9.16 41.48
CA ASN B 2079 -56.92 -9.18 42.12
C ASN B 2079 -56.74 -7.97 43.03
N ILE B 2080 -57.25 -6.81 42.63
CA ILE B 2080 -57.13 -5.62 43.46
C ILE B 2080 -57.83 -5.84 44.80
N ILE B 2081 -59.07 -6.35 44.76
CA ILE B 2081 -59.80 -6.53 46.00
C ILE B 2081 -59.17 -7.65 46.84
N LEU B 2082 -58.67 -8.71 46.19
CA LEU B 2082 -58.01 -9.78 46.93
C LEU B 2082 -56.77 -9.25 47.65
N MET B 2083 -55.93 -8.48 46.94
CA MET B 2083 -54.72 -7.97 47.55
C MET B 2083 -55.04 -6.98 48.66
N SER B 2084 -56.03 -6.11 48.46
CA SER B 2084 -56.39 -5.16 49.48
C SER B 2084 -56.89 -5.87 50.73
N ARG B 2085 -57.70 -6.91 50.55
CA ARG B 2085 -58.14 -7.69 51.73
C ARG B 2085 -56.90 -8.27 52.40
N TYR B 2086 -55.99 -8.84 51.62
CA TYR B 2086 -54.81 -9.49 52.20
C TYR B 2086 -54.04 -8.51 53.08
N ILE B 2087 -53.76 -7.32 52.56
CA ILE B 2087 -53.04 -6.32 53.35
C ILE B 2087 -53.86 -5.91 54.57
N SER B 2088 -55.17 -5.77 54.42
CA SER B 2088 -56.01 -5.38 55.55
C SER B 2088 -55.97 -6.42 56.66
N LYS B 2089 -56.04 -7.69 56.29
CA LYS B 2089 -56.02 -8.75 57.31
C LYS B 2089 -54.67 -8.86 57.98
N THR B 2090 -53.59 -8.84 57.20
CA THR B 2090 -52.28 -9.17 57.78
C THR B 2090 -51.75 -8.06 58.67
N PHE B 2091 -51.82 -6.82 58.22
CA PHE B 2091 -51.17 -5.71 58.90
C PHE B 2091 -52.19 -4.85 59.66
N ASN B 2092 -51.77 -4.33 60.80
CA ASN B 2092 -52.61 -3.44 61.60
C ASN B 2092 -52.32 -2.01 61.15
N LEU B 2093 -53.20 -1.47 60.30
CA LEU B 2093 -52.99 -0.15 59.71
C LEU B 2093 -53.53 0.97 60.58
N SER B 2094 -54.27 0.66 61.65
CA SER B 2094 -54.91 1.68 62.49
C SER B 2094 -54.12 1.95 63.76
N THR B 2095 -52.79 1.84 63.71
CA THR B 2095 -51.95 2.08 64.88
C THR B 2095 -51.09 3.32 64.71
N LYS B 2096 -50.29 3.38 63.65
CA LYS B 2096 -49.39 4.51 63.42
C LYS B 2096 -50.11 5.58 62.61
N GLN B 2097 -49.96 6.83 63.04
CA GLN B 2097 -50.60 7.93 62.32
C GLN B 2097 -49.82 8.23 61.04
N VAL B 2098 -50.54 8.34 59.92
CA VAL B 2098 -49.89 8.59 58.64
C VAL B 2098 -49.26 9.97 58.59
N SER B 2099 -49.64 10.86 59.52
CA SER B 2099 -49.11 12.22 59.48
C SER B 2099 -47.60 12.24 59.68
N LEU B 2100 -47.10 11.45 60.63
CA LEU B 2100 -45.68 11.44 60.93
C LEU B 2100 -44.95 10.25 60.33
N LEU B 2101 -45.61 9.48 59.47
CA LEU B 2101 -44.93 8.40 58.77
C LEU B 2101 -43.91 8.98 57.79
N ASP B 2102 -42.89 8.18 57.50
CA ASP B 2102 -41.77 8.65 56.70
C ASP B 2102 -42.22 9.05 55.31
N PRO B 2103 -41.96 10.28 54.87
CA PRO B 2103 -42.31 10.68 53.49
C PRO B 2103 -41.54 9.90 52.44
N TYR B 2104 -40.46 9.21 52.82
CA TYR B 2104 -39.72 8.41 51.86
C TYR B 2104 -40.60 7.33 51.24
N ASP B 2105 -41.45 6.70 52.05
CA ASP B 2105 -42.18 5.51 51.66
C ASP B 2105 -43.63 5.77 51.27
N LEU B 2106 -44.22 6.86 51.76
CA LEU B 2106 -45.62 7.14 51.41
C LEU B 2106 -45.78 7.42 49.92
N THR B 2107 -44.79 8.08 49.32
CA THR B 2107 -44.84 8.29 47.87
C THR B 2107 -44.82 6.98 47.11
N GLU B 2108 -43.96 6.04 47.54
CA GLU B 2108 -43.91 4.74 46.89
C GLU B 2108 -45.21 3.98 47.10
N LEU B 2109 -45.81 4.08 48.29
CA LEU B 2109 -47.09 3.43 48.54
C LEU B 2109 -48.17 4.00 47.63
N GLU B 2110 -48.20 5.33 47.48
CA GLU B 2110 -49.15 5.95 46.56
C GLU B 2110 -48.93 5.45 45.14
N SER B 2111 -47.67 5.37 44.71
CA SER B 2111 -47.37 4.91 43.37
C SER B 2111 -47.86 3.48 43.17
N ILE B 2112 -47.64 2.61 44.15
CA ILE B 2112 -48.10 1.23 44.03
C ILE B 2112 -49.62 1.16 43.98
N VAL B 2113 -50.30 1.92 44.83
CA VAL B 2113 -51.75 1.76 44.97
C VAL B 2113 -52.54 2.82 44.19
N ARG B 2114 -51.87 3.65 43.40
CA ARG B 2114 -52.58 4.64 42.61
C ARG B 2114 -53.51 3.97 41.61
N GLY B 2115 -54.74 4.47 41.53
CA GLY B 2115 -55.72 3.93 40.60
C GLY B 2115 -56.28 2.58 40.96
N TRP B 2116 -56.07 2.12 42.19
CA TRP B 2116 -56.50 0.78 42.56
C TRP B 2116 -58.00 0.70 42.78
N GLY B 2117 -58.51 1.42 43.77
CA GLY B 2117 -59.91 1.30 44.13
C GLY B 2117 -60.87 2.08 43.29
N GLU B 2118 -60.36 2.90 42.35
CA GLU B 2118 -61.24 3.66 41.47
C GLU B 2118 -62.19 2.75 40.69
N CYS B 2119 -61.77 1.52 40.42
CA CYS B 2119 -62.56 0.59 39.62
C CYS B 2119 -63.35 -0.41 40.45
N VAL B 2120 -63.32 -0.29 41.77
CA VAL B 2120 -64.01 -1.27 42.62
C VAL B 2120 -64.93 -0.57 43.60
N ILE B 2121 -64.83 0.75 43.70
CA ILE B 2121 -65.66 1.49 44.64
C ILE B 2121 -67.13 1.38 44.27
N ASP B 2122 -67.45 1.63 43.00
CA ASP B 2122 -68.84 1.57 42.56
C ASP B 2122 -69.33 0.12 42.47
N GLN B 2123 -68.53 -0.77 41.90
CA GLN B 2123 -68.87 -2.19 41.84
C GLN B 2123 -67.96 -2.91 42.83
N PHE B 2124 -68.48 -3.19 44.02
CA PHE B 2124 -67.72 -3.85 45.07
C PHE B 2124 -68.30 -5.20 45.44
N GLU B 2125 -69.60 -5.25 45.76
CA GLU B 2125 -70.19 -6.50 46.25
C GLU B 2125 -70.12 -7.60 45.20
N SER B 2126 -70.38 -7.27 43.94
CA SER B 2126 -70.28 -8.26 42.88
C SER B 2126 -68.87 -8.82 42.79
N LEU B 2127 -67.87 -7.93 42.75
CA LEU B 2127 -66.49 -8.39 42.69
C LEU B 2127 -66.04 -9.01 44.01
N ASP B 2128 -66.63 -8.59 45.13
CA ASP B 2128 -66.30 -9.23 46.40
C ASP B 2128 -66.74 -10.69 46.39
N ARG B 2129 -67.97 -10.96 45.95
CA ARG B 2129 -68.43 -12.34 45.81
C ARG B 2129 -67.61 -13.07 44.76
N GLU B 2130 -67.22 -12.36 43.70
CA GLU B 2130 -66.36 -12.93 42.67
C GLU B 2130 -65.07 -13.46 43.27
N ALA B 2131 -64.35 -12.61 44.01
CA ALA B 2131 -63.09 -13.01 44.62
C ALA B 2131 -63.29 -14.11 45.65
N GLN B 2132 -64.35 -14.00 46.45
CA GLN B 2132 -64.62 -15.03 47.45
C GLN B 2132 -64.86 -16.38 46.80
N ASN B 2133 -65.58 -16.41 45.69
CA ASN B 2133 -65.81 -17.67 45.01
C ASN B 2133 -64.54 -18.23 44.39
N MET B 2134 -63.74 -17.39 43.71
CA MET B 2134 -62.46 -17.90 43.19
C MET B 2134 -61.50 -18.35 44.30
N VAL B 2135 -61.62 -17.81 45.51
CA VAL B 2135 -60.71 -18.29 46.54
C VAL B 2135 -61.24 -19.58 47.17
N VAL B 2136 -62.56 -19.72 47.30
CA VAL B 2136 -63.09 -20.93 47.94
C VAL B 2136 -63.04 -22.13 46.99
N ASN B 2137 -63.40 -21.92 45.71
CA ASN B 2137 -63.50 -23.07 44.81
C ASN B 2137 -62.12 -23.69 44.55
N LYS B 2138 -61.11 -22.86 44.33
CA LYS B 2138 -59.74 -23.34 44.19
C LYS B 2138 -58.82 -22.43 44.99
N GLY B 2139 -58.02 -23.03 45.87
CA GLY B 2139 -57.12 -22.26 46.69
C GLY B 2139 -56.08 -21.53 45.85
N ILE B 2140 -55.92 -20.23 46.13
CA ILE B 2140 -54.94 -19.39 45.45
C ILE B 2140 -54.05 -18.77 46.52
N CYS B 2141 -52.75 -19.04 46.43
CA CYS B 2141 -51.81 -18.45 47.38
C CYS B 2141 -51.77 -16.94 47.21
N PRO B 2142 -51.66 -16.18 48.30
CA PRO B 2142 -51.70 -14.72 48.18
C PRO B 2142 -50.37 -14.14 47.71
N GLU B 2143 -49.77 -14.78 46.71
CA GLU B 2143 -48.50 -14.28 46.10
C GLU B 2143 -48.67 -14.22 44.59
N ASP B 2144 -49.39 -15.18 44.00
CA ASP B 2144 -49.60 -15.20 42.56
C ASP B 2144 -50.70 -14.26 42.10
N VAL B 2145 -51.35 -13.58 43.04
CA VAL B 2145 -52.38 -12.59 42.70
C VAL B 2145 -51.70 -11.29 42.32
N ILE B 2146 -51.90 -10.86 41.09
CA ILE B 2146 -51.24 -9.66 40.57
C ILE B 2146 -52.28 -8.57 40.34
N PRO B 2147 -52.41 -7.60 41.26
CA PRO B 2147 -53.41 -6.54 41.06
C PRO B 2147 -53.21 -5.74 39.79
N ASP B 2148 -51.97 -5.47 39.41
CA ASP B 2148 -51.69 -4.78 38.16
C ASP B 2148 -50.28 -5.13 37.71
N SER B 2149 -50.02 -4.91 36.42
CA SER B 2149 -48.76 -5.34 35.83
C SER B 2149 -47.55 -4.64 36.43
N LEU B 2150 -47.74 -3.48 37.06
CA LEU B 2150 -46.66 -2.74 37.69
C LEU B 2150 -46.55 -3.03 39.18
N PHE B 2151 -47.07 -4.17 39.64
CA PHE B 2151 -47.04 -4.53 41.04
C PHE B 2151 -45.99 -5.60 41.28
N SER B 2152 -45.11 -5.37 42.25
CA SER B 2152 -44.10 -6.33 42.65
C SER B 2152 -44.39 -6.77 44.07
N PHE B 2153 -44.45 -8.08 44.29
CA PHE B 2153 -44.83 -8.61 45.60
C PHE B 2153 -43.73 -8.27 46.60
N ARG B 2154 -42.49 -8.65 46.27
CA ARG B 2154 -41.37 -8.42 47.22
C ARG B 2154 -41.39 -6.96 47.68
N HIS B 2155 -41.20 -6.03 46.75
CA HIS B 2155 -41.13 -4.62 47.13
C HIS B 2155 -42.31 -4.08 47.93
N THR B 2156 -43.53 -4.44 47.56
CA THR B 2156 -44.70 -3.97 48.27
C THR B 2156 -44.69 -4.47 49.72
N MET B 2157 -44.37 -5.75 49.92
CA MET B 2157 -44.40 -6.28 51.28
C MET B 2157 -43.29 -5.71 52.15
N VAL B 2158 -42.08 -5.50 51.61
CA VAL B 2158 -41.06 -4.89 52.44
C VAL B 2158 -41.41 -3.43 52.74
N LEU B 2159 -42.00 -2.71 51.78
CA LEU B 2159 -42.40 -1.33 52.04
C LEU B 2159 -43.47 -1.27 53.12
N LEU B 2160 -44.46 -2.17 53.08
CA LEU B 2160 -45.51 -2.17 54.09
C LEU B 2160 -45.08 -2.54 55.50
N ARG B 2161 -44.14 -3.49 55.61
CA ARG B 2161 -43.63 -3.88 56.95
C ARG B 2161 -42.80 -2.74 57.52
N ARG B 2162 -42.00 -2.08 56.67
CA ARG B 2162 -41.15 -0.99 57.14
C ARG B 2162 -42.08 0.12 57.58
N LEU B 2163 -43.15 0.37 56.82
CA LEU B 2163 -44.07 1.44 57.16
C LEU B 2163 -44.82 1.14 58.45
N PHE B 2164 -45.33 -0.08 58.60
CA PHE B 2164 -46.09 -0.48 59.78
C PHE B 2164 -45.38 -1.62 60.49
N PRO B 2165 -44.62 -1.33 61.55
CA PRO B 2165 -43.92 -2.42 62.27
C PRO B 2165 -44.90 -3.38 62.92
N GLN B 2166 -44.48 -4.64 63.02
CA GLN B 2166 -45.30 -5.69 63.60
C GLN B 2166 -44.43 -6.57 64.48
N ASP B 2167 -45.09 -7.33 65.35
CA ASP B 2167 -44.38 -8.23 66.26
C ASP B 2167 -43.98 -9.52 65.54
N SER B 2168 -42.73 -9.95 65.76
CA SER B 2168 -42.21 -11.15 65.13
C SER B 2168 -42.38 -12.40 65.98
N ILE B 2169 -42.65 -12.24 67.28
CA ILE B 2169 -42.83 -13.41 68.14
C ILE B 2169 -44.06 -14.20 67.72
N SER B 2170 -45.11 -13.50 67.31
CA SER B 2170 -46.32 -14.19 66.83
C SER B 2170 -46.01 -15.01 65.58
N SER B 2171 -45.21 -14.45 64.67
CA SER B 2171 -44.85 -15.17 63.45
C SER B 2171 -43.88 -16.32 63.71
N PHE B 2172 -43.08 -16.23 64.78
CA PHE B 2172 -42.09 -17.26 65.08
C PHE B 2172 -42.46 -18.17 66.23
N TYR B 2173 -43.29 -17.71 67.16
CA TYR B 2173 -43.69 -18.53 68.30
C TYR B 2173 -45.21 -18.59 68.42
N MET C 23 -10.20 118.33 -11.67
CA MET C 23 -11.30 118.72 -10.80
C MET C 23 -10.98 118.38 -9.35
N ASP C 24 -12.03 118.38 -8.51
CA ASP C 24 -11.85 118.00 -7.11
C ASP C 24 -11.39 116.54 -7.00
N LYS C 25 -11.93 115.68 -7.86
CA LYS C 25 -11.46 114.29 -7.90
C LYS C 25 -9.98 114.22 -8.24
N TYR C 26 -9.53 115.05 -9.19
CA TYR C 26 -8.12 115.12 -9.51
C TYR C 26 -7.30 115.59 -8.32
N ARG C 27 -7.81 116.58 -7.58
CA ARG C 27 -7.10 117.06 -6.40
C ARG C 27 -6.95 115.94 -5.38
N GLU C 28 -8.03 115.21 -5.12
CA GLU C 28 -7.96 114.10 -4.16
C GLU C 28 -7.00 113.03 -4.63
N ILE C 29 -7.04 112.70 -5.92
CA ILE C 29 -6.14 111.67 -6.45
C ILE C 29 -4.69 112.10 -6.32
N HIS C 30 -4.40 113.35 -6.66
CA HIS C 30 -3.03 113.86 -6.56
C HIS C 30 -2.56 113.86 -5.12
N ASN C 31 -3.42 114.25 -4.18
CA ASN C 31 -3.05 114.22 -2.77
C ASN C 31 -2.77 112.80 -2.31
N LYS C 32 -3.59 111.84 -2.76
CA LYS C 32 -3.40 110.45 -2.36
C LYS C 32 -2.14 109.86 -2.97
N LEU C 33 -1.75 110.32 -4.17
CA LEU C 33 -0.64 109.71 -4.88
C LEU C 33 0.70 110.36 -4.56
N LYS C 34 0.72 111.65 -4.23
CA LYS C 34 1.97 112.34 -3.96
C LYS C 34 2.67 111.84 -2.70
N GLU C 35 1.99 111.07 -1.86
CA GLU C 35 2.57 110.55 -0.63
C GLU C 35 3.04 109.11 -0.75
N PHE C 36 3.12 108.59 -1.97
CA PHE C 36 3.54 107.21 -2.21
C PHE C 36 4.96 107.19 -2.77
N SER C 37 5.80 106.34 -2.17
CA SER C 37 7.16 106.20 -2.65
C SER C 37 7.17 105.50 -4.01
N PRO C 38 8.19 105.76 -4.83
CA PRO C 38 8.25 105.11 -6.15
C PRO C 38 8.38 103.60 -6.03
N GLY C 39 7.74 102.89 -6.96
CA GLY C 39 7.85 101.45 -7.02
C GLY C 39 7.37 100.73 -5.79
N THR C 40 6.25 101.17 -5.21
CA THR C 40 5.75 100.58 -3.97
C THR C 40 4.25 100.39 -4.00
N LEU C 41 3.67 100.12 -5.17
CA LEU C 41 2.24 99.92 -5.32
C LEU C 41 1.98 98.54 -5.89
N THR C 42 1.12 97.78 -5.21
CA THR C 42 0.75 96.45 -5.67
C THR C 42 -0.23 96.55 -6.84
N ALA C 43 -0.49 95.42 -7.47
CA ALA C 43 -1.20 95.41 -8.76
C ALA C 43 -2.62 95.95 -8.65
N VAL C 44 -3.35 95.56 -7.60
CA VAL C 44 -4.77 95.86 -7.54
C VAL C 44 -5.02 97.36 -7.36
N GLU C 45 -4.28 97.99 -6.45
CA GLU C 45 -4.43 99.44 -6.30
C GLU C 45 -3.97 100.16 -7.55
N CYS C 46 -2.93 99.64 -8.21
CA CYS C 46 -2.49 100.23 -9.47
C CYS C 46 -3.63 100.22 -10.48
N ILE C 47 -4.25 99.07 -10.71
CA ILE C 47 -5.23 98.96 -11.78
C ILE C 47 -6.49 99.74 -11.45
N ASP C 48 -6.97 99.67 -10.21
CA ASP C 48 -8.17 100.45 -9.91
C ASP C 48 -7.89 101.94 -9.87
N TYR C 49 -6.64 102.35 -9.58
CA TYR C 49 -6.28 103.75 -9.70
C TYR C 49 -6.27 104.19 -11.16
N LEU C 50 -5.76 103.35 -12.07
CA LEU C 50 -5.84 103.69 -13.48
C LEU C 50 -7.29 103.82 -13.92
N ASP C 51 -8.16 102.92 -13.44
CA ASP C 51 -9.57 103.04 -13.75
C ASP C 51 -10.14 104.36 -13.24
N ARG C 52 -9.74 104.76 -12.03
CA ARG C 52 -10.21 106.03 -11.49
C ARG C 52 -9.74 107.21 -12.34
N LEU C 53 -8.50 107.17 -12.81
CA LEU C 53 -8.01 108.26 -13.66
C LEU C 53 -8.73 108.29 -15.00
N TYR C 54 -9.02 107.13 -15.58
CA TYR C 54 -9.80 107.10 -16.81
C TYR C 54 -11.20 107.67 -16.58
N ALA C 55 -11.81 107.32 -15.46
CA ALA C 55 -13.12 107.88 -15.12
C ALA C 55 -13.04 109.39 -14.95
N VAL C 56 -11.97 109.88 -14.31
CA VAL C 56 -11.81 111.31 -14.11
C VAL C 56 -11.66 112.03 -15.44
N ARG C 57 -10.87 111.46 -16.36
CA ARG C 57 -10.70 112.07 -17.67
C ARG C 57 -12.03 112.09 -18.43
N HIS C 58 -12.78 110.99 -18.39
CA HIS C 58 -14.07 110.97 -19.05
C HIS C 58 -15.02 111.99 -18.42
N ASP C 59 -14.97 112.13 -17.09
CA ASP C 59 -15.84 113.07 -16.41
C ASP C 59 -15.50 114.52 -16.77
N ILE C 60 -14.21 114.85 -16.86
CA ILE C 60 -13.85 116.22 -17.19
C ILE C 60 -14.19 116.53 -18.66
N VAL C 61 -14.05 115.54 -19.55
CA VAL C 61 -14.48 115.75 -20.93
C VAL C 61 -16.00 115.93 -20.99
N ASP C 62 -16.73 115.16 -20.18
CA ASP C 62 -18.19 115.31 -20.11
C ASP C 62 -18.56 116.68 -19.59
N GLN C 63 -17.82 117.18 -18.60
CA GLN C 63 -18.06 118.54 -18.10
C GLN C 63 -17.77 119.58 -19.18
N MET C 64 -16.72 119.34 -19.99
CA MET C 64 -16.42 120.25 -21.08
C MET C 64 -17.57 120.32 -22.07
N ILE C 65 -18.08 119.16 -22.49
CA ILE C 65 -19.18 119.17 -23.46
C ILE C 65 -20.46 119.70 -22.81
N LYS C 66 -20.62 119.48 -21.50
CA LYS C 66 -21.75 120.03 -20.76
C LYS C 66 -21.73 121.55 -20.79
N HIS C 67 -20.55 122.14 -20.56
CA HIS C 67 -20.42 123.59 -20.64
C HIS C 67 -20.57 124.09 -22.07
N ASP C 68 -20.09 123.31 -23.05
CA ASP C 68 -20.23 123.70 -24.44
C ASP C 68 -21.69 123.76 -24.86
N TRP C 69 -22.47 122.77 -24.48
CA TRP C 69 -23.90 122.74 -24.80
C TRP C 69 -24.76 123.46 -23.76
N SER C 70 -24.19 123.82 -22.61
CA SER C 70 -24.92 124.49 -21.53
C SER C 70 -26.14 123.69 -21.10
N ASP C 71 -26.05 122.36 -21.16
CA ASP C 71 -27.15 121.48 -20.77
C ASP C 71 -26.86 121.01 -19.35
N ASN C 72 -27.57 121.57 -18.38
CA ASN C 72 -27.34 121.26 -16.98
C ASN C 72 -27.99 119.94 -16.60
N LYS C 73 -27.65 118.87 -17.32
CA LYS C 73 -28.14 117.53 -17.01
C LYS C 73 -27.01 116.77 -16.31
N ASP C 74 -26.90 117.00 -15.00
CA ASP C 74 -25.82 116.40 -14.23
C ASP C 74 -25.93 114.88 -14.19
N SER C 75 -27.14 114.36 -14.03
CA SER C 75 -27.38 112.93 -13.98
C SER C 75 -27.80 112.42 -15.36
N GLU C 76 -27.14 111.39 -15.84
CA GLU C 76 -27.48 110.80 -17.13
C GLU C 76 -28.85 110.16 -17.06
N GLU C 77 -29.63 110.30 -18.13
CA GLU C 77 -30.98 109.79 -18.21
C GLU C 77 -31.07 108.72 -19.28
N ALA C 78 -31.97 107.76 -19.07
CA ALA C 78 -32.16 106.68 -20.02
C ALA C 78 -32.80 107.19 -21.31
N ILE C 79 -32.68 106.38 -22.36
CA ILE C 79 -33.24 106.74 -23.65
C ILE C 79 -34.76 106.90 -23.54
N GLY C 80 -35.41 105.99 -22.82
CA GLY C 80 -36.83 106.14 -22.56
C GLY C 80 -37.14 107.40 -21.79
N LYS C 81 -36.28 107.74 -20.81
CA LYS C 81 -36.47 108.97 -20.05
C LYS C 81 -36.30 110.19 -20.96
N VAL C 82 -35.33 110.15 -21.86
CA VAL C 82 -35.14 111.26 -22.80
C VAL C 82 -36.36 111.42 -23.70
N LEU C 83 -36.90 110.29 -24.20
CA LEU C 83 -38.10 110.35 -25.02
C LEU C 83 -39.28 110.90 -24.23
N LEU C 84 -39.40 110.51 -22.96
CA LEU C 84 -40.45 111.07 -22.11
C LEU C 84 -40.29 112.57 -21.96
N PHE C 85 -39.05 113.04 -21.80
CA PHE C 85 -38.79 114.47 -21.77
C PHE C 85 -39.08 115.13 -23.11
N ALA C 86 -39.10 114.36 -24.20
CA ALA C 86 -39.40 114.88 -25.52
C ALA C 86 -40.89 114.80 -25.86
N GLY C 87 -41.73 114.37 -24.92
CA GLY C 87 -43.15 114.28 -25.16
C GLY C 87 -43.62 113.00 -25.80
N VAL C 88 -42.76 112.01 -25.96
CA VAL C 88 -43.16 110.73 -26.56
C VAL C 88 -44.11 110.01 -25.60
N PRO C 89 -45.27 109.56 -26.06
CA PRO C 89 -46.20 108.85 -25.17
C PRO C 89 -45.60 107.55 -24.66
N SER C 90 -45.98 107.18 -23.45
CA SER C 90 -45.42 106.01 -22.80
C SER C 90 -45.97 104.71 -23.38
N ASN C 91 -47.20 104.73 -23.91
CA ASN C 91 -47.81 103.49 -24.41
C ASN C 91 -47.06 102.94 -25.61
N ILE C 92 -46.67 103.81 -26.55
CA ILE C 92 -45.96 103.33 -27.73
C ILE C 92 -44.57 102.84 -27.35
N ILE C 93 -43.92 103.51 -26.39
CA ILE C 93 -42.61 103.05 -25.92
C ILE C 93 -42.73 101.68 -25.28
N THR C 94 -43.77 101.48 -24.46
CA THR C 94 -43.98 100.18 -23.82
C THR C 94 -44.25 99.10 -24.86
N ALA C 95 -45.04 99.43 -25.88
CA ALA C 95 -45.29 98.47 -26.95
C ALA C 95 -44.00 98.12 -27.71
N LEU C 96 -43.17 99.13 -27.98
CA LEU C 96 -41.90 98.90 -28.66
C LEU C 96 -40.90 98.15 -27.80
N GLU C 97 -41.06 98.19 -26.48
CA GLU C 97 -40.15 97.48 -25.59
C GLU C 97 -40.14 95.99 -25.88
N LYS C 98 -41.29 95.43 -26.29
CA LYS C 98 -41.34 94.01 -26.62
C LYS C 98 -40.60 93.68 -27.91
N LYS C 99 -40.34 94.67 -28.75
CA LYS C 99 -39.64 94.42 -30.00
C LYS C 99 -38.17 94.08 -29.73
N ILE C 100 -37.58 93.29 -30.62
CA ILE C 100 -36.21 92.84 -30.53
C ILE C 100 -35.45 93.37 -31.73
N ILE C 101 -34.25 93.89 -31.50
CA ILE C 101 -33.40 94.38 -32.58
C ILE C 101 -32.92 93.19 -33.40
N PRO C 102 -33.25 93.12 -34.70
CA PRO C 102 -32.81 91.97 -35.50
C PRO C 102 -31.37 92.06 -35.97
N ASN C 103 -30.81 93.26 -36.07
CA ASN C 103 -29.44 93.44 -36.51
C ASN C 103 -28.45 93.47 -35.35
N HIS C 104 -28.91 93.32 -34.12
CA HIS C 104 -28.01 93.29 -32.98
C HIS C 104 -27.15 92.04 -33.05
N PRO C 105 -25.83 92.16 -32.91
CA PRO C 105 -24.98 90.96 -32.94
C PRO C 105 -25.31 89.97 -31.82
N THR C 106 -25.73 90.45 -30.66
CA THR C 106 -26.16 89.60 -29.56
C THR C 106 -27.67 89.44 -29.50
N GLY C 107 -28.40 90.05 -30.43
CA GLY C 107 -29.85 89.96 -30.42
C GLY C 107 -30.49 90.58 -29.18
N LYS C 108 -29.94 91.69 -28.71
CA LYS C 108 -30.46 92.35 -27.52
C LYS C 108 -31.83 92.95 -27.80
N SER C 109 -32.70 92.89 -26.80
CA SER C 109 -34.03 93.46 -26.93
C SER C 109 -33.98 94.99 -26.89
N LEU C 110 -35.08 95.61 -27.33
CA LEU C 110 -35.16 97.06 -27.28
C LEU C 110 -35.30 97.59 -25.86
N LYS C 111 -35.86 96.79 -24.95
CA LYS C 111 -36.04 97.23 -23.57
C LYS C 111 -34.70 97.51 -22.90
N ALA C 112 -33.72 96.62 -23.11
CA ALA C 112 -32.40 96.85 -22.52
C ALA C 112 -31.74 98.09 -23.10
N PHE C 113 -31.89 98.32 -24.41
CA PHE C 113 -31.34 99.52 -25.02
C PHE C 113 -32.02 100.78 -24.50
N PHE C 114 -33.30 100.69 -24.15
CA PHE C 114 -33.98 101.83 -23.54
C PHE C 114 -33.55 102.02 -22.09
N LYS C 115 -33.15 100.95 -21.43
CA LYS C 115 -32.71 101.05 -20.03
C LYS C 115 -31.44 101.89 -19.90
N MET C 116 -30.50 101.72 -20.84
CA MET C 116 -29.20 102.34 -20.72
C MET C 116 -29.29 103.86 -20.84
N THR C 117 -28.36 104.54 -20.18
CA THR C 117 -28.31 106.00 -20.17
C THR C 117 -27.10 106.47 -20.96
N PRO C 118 -27.27 107.24 -22.02
CA PRO C 118 -26.13 107.80 -22.74
C PRO C 118 -25.40 108.85 -21.91
N ASP C 119 -24.23 109.24 -22.40
CA ASP C 119 -23.42 110.22 -21.68
C ASP C 119 -24.15 111.56 -21.56
N ASN C 120 -24.76 112.02 -22.64
CA ASN C 120 -25.51 113.26 -22.63
C ASN C 120 -26.58 113.22 -23.70
N TYR C 121 -27.54 114.12 -23.58
CA TYR C 121 -28.64 114.19 -24.55
C TYR C 121 -29.03 115.64 -24.74
N LYS C 122 -29.66 115.91 -25.88
CA LYS C 122 -30.16 117.24 -26.20
C LYS C 122 -31.49 117.09 -26.92
N ILE C 123 -32.46 117.93 -26.52
CA ILE C 123 -33.80 117.92 -27.11
C ILE C 123 -34.09 119.30 -27.67
N SER C 124 -34.45 119.35 -28.95
CA SER C 124 -34.77 120.60 -29.63
C SER C 124 -35.98 120.34 -30.52
N GLY C 125 -37.18 120.60 -29.99
CA GLY C 125 -38.39 120.33 -30.74
C GLY C 125 -38.55 118.84 -30.96
N THR C 126 -38.62 118.43 -32.22
CA THR C 126 -38.73 117.03 -32.60
C THR C 126 -37.38 116.37 -32.85
N THR C 127 -36.28 117.09 -32.62
CA THR C 127 -34.94 116.57 -32.84
C THR C 127 -34.30 116.21 -31.51
N ILE C 128 -33.76 115.00 -31.44
CA ILE C 128 -33.06 114.51 -30.26
C ILE C 128 -31.64 114.17 -30.65
N GLU C 129 -30.67 114.72 -29.93
CA GLU C 129 -29.25 114.54 -30.21
C GLU C 129 -28.63 113.68 -29.11
N PHE C 130 -28.01 112.56 -29.51
CA PHE C 130 -27.29 111.69 -28.61
C PHE C 130 -25.83 111.67 -29.01
N VAL C 131 -24.94 111.88 -28.04
CA VAL C 131 -23.51 111.94 -28.28
C VAL C 131 -22.80 111.04 -27.29
N GLU C 132 -21.92 110.18 -27.79
CA GLU C 132 -21.08 109.33 -26.96
C GLU C 132 -19.63 109.78 -27.10
N VAL C 133 -18.98 110.01 -25.97
CA VAL C 133 -17.63 110.54 -25.93
C VAL C 133 -16.71 109.52 -25.26
N THR C 134 -15.60 109.22 -25.91
CA THR C 134 -14.56 108.37 -25.35
C THR C 134 -13.20 109.00 -25.60
N VAL C 135 -12.30 108.81 -24.65
CA VAL C 135 -10.94 109.35 -24.74
C VAL C 135 -9.99 108.17 -24.87
N THR C 136 -9.35 108.06 -26.03
CA THR C 136 -8.43 106.97 -26.30
C THR C 136 -7.51 107.36 -27.46
N ALA C 137 -6.38 106.66 -27.54
CA ALA C 137 -5.43 106.92 -28.62
C ALA C 137 -6.01 106.54 -29.97
N ASP C 138 -6.69 105.40 -30.05
CA ASP C 138 -7.28 104.92 -31.30
C ASP C 138 -8.63 105.59 -31.50
N VAL C 139 -8.64 106.69 -32.26
CA VAL C 139 -9.88 107.41 -32.50
C VAL C 139 -10.84 106.57 -33.33
N ASP C 140 -10.34 105.96 -34.40
CA ASP C 140 -11.21 105.21 -35.31
C ASP C 140 -11.83 104.00 -34.63
N LYS C 141 -11.03 103.24 -33.88
CA LYS C 141 -11.53 102.02 -33.26
C LYS C 141 -12.61 102.35 -32.22
N GLY C 142 -12.35 103.33 -31.36
CA GLY C 142 -13.34 103.71 -30.37
C GLY C 142 -14.59 104.29 -31.00
N ILE C 143 -14.42 105.09 -32.04
CA ILE C 143 -15.58 105.66 -32.73
C ILE C 143 -16.43 104.55 -33.33
N ARG C 144 -15.80 103.57 -33.97
CA ARG C 144 -16.57 102.47 -34.56
C ARG C 144 -17.20 101.59 -33.50
N GLU C 145 -16.54 101.44 -32.34
CA GLU C 145 -17.14 100.68 -31.25
C GLU C 145 -18.40 101.36 -30.73
N LYS C 146 -18.31 102.68 -30.49
CA LYS C 146 -19.49 103.42 -30.06
C LYS C 146 -20.58 103.37 -31.12
N LYS C 147 -20.20 103.40 -32.40
CA LYS C 147 -21.18 103.30 -33.47
C LYS C 147 -21.92 101.97 -33.43
N LEU C 148 -21.18 100.86 -33.41
CA LEU C 148 -21.81 99.56 -33.38
C LEU C 148 -22.55 99.30 -32.07
N LYS C 149 -22.25 100.07 -31.02
CA LYS C 149 -22.98 99.91 -29.76
C LYS C 149 -24.28 100.71 -29.76
N TYR C 150 -24.30 101.88 -30.38
CA TYR C 150 -25.41 102.80 -30.25
C TYR C 150 -26.28 102.89 -31.50
N GLU C 151 -25.66 103.08 -32.67
CA GLU C 151 -26.41 103.48 -33.86
C GLU C 151 -27.38 102.41 -34.32
N ALA C 152 -27.12 101.13 -34.03
CA ALA C 152 -28.07 100.08 -34.42
C ALA C 152 -29.41 100.27 -33.71
N GLY C 153 -29.37 100.40 -32.38
CA GLY C 153 -30.59 100.65 -31.65
C GLY C 153 -31.19 102.01 -31.97
N LEU C 154 -30.34 103.01 -32.21
CA LEU C 154 -30.85 104.33 -32.56
C LEU C 154 -31.62 104.30 -33.87
N THR C 155 -31.10 103.60 -34.88
CA THR C 155 -31.80 103.47 -36.15
C THR C 155 -33.05 102.61 -36.02
N TYR C 156 -33.01 101.57 -35.17
CA TYR C 156 -34.23 100.78 -34.95
C TYR C 156 -35.33 101.64 -34.34
N ILE C 157 -34.97 102.45 -33.34
CA ILE C 157 -35.96 103.33 -32.71
C ILE C 157 -36.45 104.38 -33.70
N GLU C 158 -35.55 104.90 -34.55
CA GLU C 158 -35.96 105.88 -35.55
C GLU C 158 -36.95 105.27 -36.54
N GLN C 159 -36.68 104.05 -36.99
CA GLN C 159 -37.62 103.38 -37.90
C GLN C 159 -38.95 103.12 -37.21
N GLU C 160 -38.92 102.70 -35.94
CA GLU C 160 -40.15 102.44 -35.22
C GLU C 160 -40.99 103.70 -35.08
N LEU C 161 -40.36 104.82 -34.73
CA LEU C 161 -41.11 106.07 -34.58
C LEU C 161 -41.58 106.61 -35.93
N HIS C 162 -40.81 106.39 -37.00
CA HIS C 162 -41.26 106.77 -38.33
C HIS C 162 -42.49 105.98 -38.74
N LYS C 163 -42.49 104.67 -38.46
CA LYS C 163 -43.67 103.86 -38.75
C LYS C 163 -44.86 104.29 -37.90
N PHE C 164 -44.62 104.65 -36.64
CA PHE C 164 -45.70 105.15 -35.79
C PHE C 164 -46.28 106.45 -36.34
N PHE C 165 -45.41 107.35 -36.80
CA PHE C 165 -45.88 108.60 -37.38
C PHE C 165 -46.67 108.35 -38.67
N LEU C 166 -46.21 107.40 -39.49
CA LEU C 166 -46.94 107.05 -40.70
C LEU C 166 -48.32 106.49 -40.35
N LYS C 167 -48.39 105.65 -39.31
CA LYS C 167 -49.67 105.15 -38.85
C LYS C 167 -50.50 106.22 -38.14
N GLY C 168 -49.86 107.28 -37.64
CA GLY C 168 -50.58 108.39 -37.05
C GLY C 168 -50.58 108.45 -35.53
N GLU C 169 -49.71 107.69 -34.86
CA GLU C 169 -49.69 107.72 -33.40
C GLU C 169 -49.04 109.00 -32.86
N ILE C 170 -48.28 109.72 -33.68
CA ILE C 170 -47.64 110.95 -33.27
C ILE C 170 -47.97 112.04 -34.29
N PRO C 171 -48.18 113.29 -33.87
CA PRO C 171 -48.49 114.33 -34.86
C PRO C 171 -47.28 114.75 -35.69
N GLN C 172 -46.08 114.74 -35.11
CA GLN C 172 -44.89 115.17 -35.81
C GLN C 172 -43.81 114.09 -35.71
N PRO C 173 -43.13 113.76 -36.80
CA PRO C 173 -42.06 112.76 -36.73
C PRO C 173 -40.87 113.30 -35.96
N TYR C 174 -40.13 112.38 -35.34
CA TYR C 174 -38.97 112.71 -34.54
C TYR C 174 -37.69 112.46 -35.34
N LYS C 175 -36.70 113.31 -35.11
CA LYS C 175 -35.40 113.22 -35.77
C LYS C 175 -34.33 112.88 -34.76
N ILE C 176 -33.51 111.88 -35.08
CA ILE C 176 -32.45 111.42 -34.19
C ILE C 176 -31.11 111.60 -34.90
N THR C 177 -30.10 112.04 -34.15
CA THR C 177 -28.75 112.24 -34.67
C THR C 177 -27.75 111.65 -33.70
N PHE C 178 -26.82 110.86 -34.23
CA PHE C 178 -25.76 110.25 -33.43
C PHE C 178 -24.42 110.82 -33.85
N ASN C 179 -23.68 111.36 -32.88
CA ASN C 179 -22.36 111.93 -33.13
C ASN C 179 -21.40 111.41 -32.07
N VAL C 180 -20.32 110.77 -32.51
CA VAL C 180 -19.31 110.23 -31.62
C VAL C 180 -17.99 110.94 -31.90
N VAL C 181 -17.36 111.44 -30.84
CA VAL C 181 -16.09 112.15 -30.92
C VAL C 181 -15.10 111.46 -29.99
N ALA C 182 -13.94 111.08 -30.52
CA ALA C 182 -12.90 110.44 -29.76
C ALA C 182 -11.74 111.40 -29.59
N VAL C 183 -11.32 111.61 -28.34
CA VAL C 183 -10.23 112.51 -28.00
C VAL C 183 -9.06 111.57 -27.80
N ARG C 184 -8.01 111.79 -28.60
CA ARG C 184 -6.76 110.98 -28.52
C ARG C 184 -5.91 111.52 -27.37
N THR C 185 -5.03 110.67 -26.82
CA THR C 185 -4.24 111.07 -25.66
C THR C 185 -3.40 112.34 -25.68
N ASP C 186 -3.14 112.91 -26.86
CA ASP C 186 -2.39 114.15 -26.95
C ASP C 186 -3.27 115.38 -27.03
N GLY C 187 -4.54 115.24 -27.42
CA GLY C 187 -5.44 116.36 -27.48
C GLY C 187 -5.19 117.32 -28.63
N SER C 188 -4.59 116.82 -29.71
CA SER C 188 -4.28 117.68 -30.88
C SER C 188 -5.51 117.83 -31.79
N ASN C 189 -6.38 116.81 -31.80
CA ASN C 189 -7.54 116.81 -32.68
C ASN C 189 -8.83 117.19 -31.96
N ILE C 190 -8.78 117.48 -30.66
CA ILE C 190 -10.01 117.83 -29.94
C ILE C 190 -10.56 119.16 -30.43
N THR C 191 -9.68 120.12 -30.73
CA THR C 191 -10.14 121.40 -31.27
C THR C 191 -10.75 121.22 -32.65
N THR C 192 -10.14 120.36 -33.49
CA THR C 192 -10.71 120.09 -34.80
C THR C 192 -12.09 119.44 -34.69
N GLN C 193 -12.22 118.45 -33.81
CA GLN C 193 -13.52 117.81 -33.61
C GLN C 193 -14.48 118.75 -32.89
N TRP C 194 -14.00 119.47 -31.88
CA TRP C 194 -14.83 120.39 -31.09
C TRP C 194 -14.17 121.76 -31.09
N PRO C 195 -14.58 122.65 -31.99
CA PRO C 195 -14.04 124.02 -31.97
C PRO C 195 -14.57 124.80 -30.78
N SER C 196 -14.12 124.43 -29.58
CA SER C 196 -14.59 125.04 -28.35
C SER C 196 -13.74 126.27 -27.99
N ARG C 197 -14.22 127.03 -27.01
CA ARG C 197 -13.51 128.20 -26.52
C ARG C 197 -12.65 127.92 -25.29
N ARG C 198 -13.01 126.91 -24.49
CA ARG C 198 -12.24 126.54 -23.30
C ARG C 198 -11.28 125.39 -23.58
N ASN C 199 -10.74 125.32 -24.80
CA ASN C 199 -9.88 124.21 -25.18
C ASN C 199 -8.58 124.21 -24.40
N ASP C 200 -8.05 125.40 -24.08
CA ASP C 200 -6.74 125.47 -23.43
C ASP C 200 -6.76 124.81 -22.06
N GLY C 201 -7.73 125.16 -21.23
CA GLY C 201 -7.81 124.55 -19.91
C GLY C 201 -8.04 123.06 -19.97
N VAL C 202 -8.88 122.61 -20.92
CA VAL C 202 -9.17 121.19 -21.05
C VAL C 202 -7.92 120.41 -21.48
N VAL C 203 -7.18 120.93 -22.46
CA VAL C 203 -5.99 120.23 -22.91
C VAL C 203 -4.92 120.24 -21.82
N GLN C 204 -4.82 121.33 -21.06
CA GLN C 204 -3.90 121.35 -19.94
C GLN C 204 -4.27 120.29 -18.90
N TYR C 205 -5.55 120.22 -18.54
CA TYR C 205 -5.99 119.25 -17.55
C TYR C 205 -5.75 117.83 -18.02
N MET C 206 -6.05 117.54 -19.28
CA MET C 206 -5.84 116.18 -19.77
C MET C 206 -4.38 115.81 -19.90
N ARG C 207 -3.52 116.80 -20.12
CA ARG C 207 -2.07 116.52 -20.14
C ARG C 207 -1.65 116.16 -18.70
N LEU C 208 -2.19 116.87 -17.71
CA LEU C 208 -1.85 116.56 -16.32
C LEU C 208 -2.31 115.15 -15.99
N VAL C 209 -3.54 114.79 -16.38
CA VAL C 209 -4.05 113.47 -16.02
C VAL C 209 -3.31 112.39 -16.78
N GLN C 210 -2.93 112.64 -18.03
CA GLN C 210 -2.16 111.67 -18.79
C GLN C 210 -0.75 111.50 -18.20
N ALA C 211 -0.15 112.60 -17.76
CA ALA C 211 1.13 112.50 -17.07
C ALA C 211 0.99 111.66 -15.80
N GLU C 212 -0.08 111.89 -15.03
CA GLU C 212 -0.30 111.09 -13.83
C GLU C 212 -0.48 109.63 -14.18
N ILE C 213 -1.19 109.33 -15.27
CA ILE C 213 -1.37 107.96 -15.72
C ILE C 213 -0.02 107.33 -16.02
N SER C 214 0.84 108.05 -16.75
CA SER C 214 2.14 107.51 -17.10
C SER C 214 2.99 107.26 -15.85
N TYR C 215 2.94 108.21 -14.91
CA TYR C 215 3.73 108.08 -13.66
C TYR C 215 3.26 106.87 -12.86
N VAL C 216 1.94 106.69 -12.72
CA VAL C 216 1.44 105.60 -11.89
C VAL C 216 1.68 104.25 -12.58
N ARG C 217 1.59 104.21 -13.91
CA ARG C 217 1.80 102.95 -14.61
C ARG C 217 3.27 102.65 -14.88
N GLU C 218 4.18 103.59 -14.61
CA GLU C 218 5.59 103.37 -14.88
C GLU C 218 6.52 103.62 -13.71
N HIS C 219 6.12 104.38 -12.69
CA HIS C 219 7.00 104.72 -11.59
C HIS C 219 6.55 104.13 -10.26
N LEU C 220 5.32 104.39 -9.84
CA LEU C 220 4.89 103.94 -8.52
C LEU C 220 4.67 102.43 -8.45
N ILE C 221 4.63 101.75 -9.60
CA ILE C 221 4.43 100.31 -9.60
C ILE C 221 5.73 99.61 -9.26
N LYS C 222 5.66 98.61 -8.39
CA LYS C 222 6.83 97.86 -7.96
C LYS C 222 7.47 97.15 -9.15
N THR C 223 8.79 96.95 -9.07
CA THR C 223 9.53 96.43 -10.20
C THR C 223 9.30 94.93 -10.39
N GLU C 224 9.04 94.20 -9.31
CA GLU C 224 8.84 92.76 -9.41
C GLU C 224 7.41 92.38 -9.74
N GLU C 225 6.48 93.34 -9.79
CA GLU C 225 5.09 93.09 -10.11
C GLU C 225 4.67 93.77 -11.41
N ARG C 226 5.62 94.13 -12.27
CA ARG C 226 5.27 94.74 -13.54
C ARG C 226 4.46 93.78 -14.41
N ALA C 227 4.90 92.52 -14.47
CA ALA C 227 4.27 91.54 -15.34
C ALA C 227 2.82 91.29 -14.94
N ALA C 228 2.55 91.24 -13.63
CA ALA C 228 1.18 91.07 -13.17
C ALA C 228 0.32 92.25 -13.61
N LEU C 229 0.87 93.45 -13.53
CA LEU C 229 0.14 94.63 -13.97
C LEU C 229 -0.17 94.55 -15.46
N GLU C 230 0.80 94.11 -16.26
CA GLU C 230 0.56 93.96 -17.69
C GLU C 230 -0.54 92.94 -17.95
N ALA C 231 -0.51 91.84 -17.21
CA ALA C 231 -1.52 90.80 -17.37
C ALA C 231 -2.92 91.32 -17.07
N MET C 232 -3.08 91.99 -15.93
CA MET C 232 -4.38 92.54 -15.58
C MET C 232 -4.82 93.63 -16.57
N PHE C 233 -3.89 94.46 -17.03
CA PHE C 233 -4.24 95.49 -18.00
C PHE C 233 -4.74 94.86 -19.30
N ASN C 234 -4.04 93.85 -19.81
CA ASN C 234 -4.46 93.19 -21.03
C ASN C 234 -5.78 92.44 -20.85
N LEU C 235 -6.01 91.88 -19.66
CA LEU C 235 -7.27 91.19 -19.39
C LEU C 235 -8.43 92.15 -19.16
N LYS C 236 -8.16 93.41 -18.83
CA LYS C 236 -9.21 94.37 -18.53
C LYS C 236 -9.57 95.27 -19.70
N PHE C 237 -8.67 95.45 -20.66
CA PHE C 237 -8.91 96.36 -21.78
C PHE C 237 -8.60 95.77 -23.14
N ASN C 238 -7.87 94.66 -23.22
CA ASN C 238 -7.53 94.06 -24.51
C ASN C 238 -7.98 92.61 -24.58
N PRO C 246 -13.74 88.28 -28.24
CA PRO C 246 -13.75 89.02 -29.51
C PRO C 246 -14.58 88.32 -30.57
N TYR C 247 -14.54 86.99 -30.59
CA TYR C 247 -15.27 86.23 -31.59
C TYR C 247 -16.77 86.33 -31.37
N TYR C 248 -17.51 86.28 -32.48
CA TYR C 248 -18.96 86.42 -32.48
C TYR C 248 -19.57 85.20 -33.16
N ILE C 249 -20.55 84.59 -32.51
CA ILE C 249 -21.15 83.35 -33.02
C ILE C 249 -21.91 83.66 -34.31
N PRO C 250 -21.67 82.93 -35.39
CA PRO C 250 -22.26 83.30 -36.68
C PRO C 250 -23.77 83.13 -36.74
N ASP C 251 -24.34 83.37 -37.92
CA ASP C 251 -25.80 83.43 -38.04
C ASP C 251 -26.42 82.04 -38.07
N TYR C 252 -25.93 81.16 -38.93
CA TYR C 252 -26.51 79.85 -39.17
C TYR C 252 -27.96 79.99 -39.65
N LYS C 253 -28.70 78.89 -39.70
CA LYS C 253 -30.02 78.90 -40.31
C LYS C 253 -31.14 78.71 -39.30
N GLY C 254 -31.11 77.64 -38.52
CA GLY C 254 -32.19 77.35 -37.61
C GLY C 254 -33.40 76.77 -38.34
N MET C 255 -34.52 76.76 -37.64
CA MET C 255 -35.74 76.16 -38.17
C MET C 255 -36.93 76.94 -37.67
N GLU C 256 -38.01 76.91 -38.43
CA GLU C 256 -39.22 77.61 -38.03
C GLU C 256 -40.29 76.63 -37.58
N PRO C 257 -41.10 77.00 -36.59
CA PRO C 257 -42.11 76.08 -36.08
C PRO C 257 -43.18 75.78 -37.10
N ILE C 258 -43.81 74.62 -36.92
CA ILE C 258 -44.93 74.19 -37.76
C ILE C 258 -46.11 73.92 -36.84
N GLY C 259 -47.31 74.07 -37.39
CA GLY C 259 -48.51 73.80 -36.62
C GLY C 259 -48.69 72.32 -36.36
N ALA C 260 -48.49 71.91 -35.10
CA ALA C 260 -48.68 70.52 -34.69
C ALA C 260 -49.86 70.46 -33.73
N ASN C 261 -50.94 69.83 -34.16
CA ASN C 261 -52.16 69.75 -33.36
C ASN C 261 -52.14 68.48 -32.53
N ILE C 262 -52.17 68.64 -31.21
CA ILE C 262 -52.23 67.49 -30.32
C ILE C 262 -53.50 66.68 -30.57
N GLU C 263 -54.60 67.37 -30.86
CA GLU C 263 -55.85 66.68 -31.14
C GLU C 263 -55.75 65.81 -32.39
N ASP C 264 -54.87 66.18 -33.33
CA ASP C 264 -54.62 65.30 -34.47
C ASP C 264 -54.00 63.99 -34.02
N LEU C 265 -53.04 64.06 -33.09
CA LEU C 265 -52.47 62.85 -32.54
C LEU C 265 -53.52 62.05 -31.78
N VAL C 266 -54.42 62.74 -31.08
CA VAL C 266 -55.48 62.04 -30.35
C VAL C 266 -56.40 61.30 -31.31
N ASP C 267 -56.75 61.94 -32.44
CA ASP C 267 -57.56 61.27 -33.45
C ASP C 267 -56.85 60.06 -34.04
N TYR C 268 -55.56 60.21 -34.35
CA TYR C 268 -54.80 59.09 -34.87
C TYR C 268 -54.76 57.95 -33.86
N SER C 269 -54.60 58.27 -32.58
CA SER C 269 -54.55 57.24 -31.56
C SER C 269 -55.91 56.57 -31.39
N LYS C 270 -57.00 57.34 -31.54
CA LYS C 270 -58.33 56.73 -31.51
C LYS C 270 -58.48 55.72 -32.63
N ASP C 271 -58.08 56.10 -33.83
CA ASP C 271 -58.16 55.18 -34.96
C ASP C 271 -57.29 53.95 -34.71
N TRP C 272 -56.10 54.15 -34.16
CA TRP C 272 -55.18 53.05 -33.93
C TRP C 272 -55.71 52.08 -32.88
N LEU C 273 -56.20 52.60 -31.76
CA LEU C 273 -56.71 51.76 -30.68
C LEU C 273 -58.06 51.14 -31.02
N SER C 274 -58.75 51.66 -32.04
CA SER C 274 -60.04 51.08 -32.41
C SER C 274 -59.91 49.65 -32.90
N ARG C 275 -58.79 49.32 -33.56
CA ARG C 275 -58.59 47.97 -34.07
C ARG C 275 -57.88 47.12 -33.02
N ALA C 276 -57.42 45.94 -33.42
CA ALA C 276 -56.79 44.99 -32.51
C ALA C 276 -55.30 44.93 -32.79
N ARG C 277 -54.49 44.99 -31.73
CA ARG C 277 -53.04 44.96 -31.83
C ARG C 277 -52.49 43.87 -30.94
N ASN C 278 -51.29 43.41 -31.24
CA ASN C 278 -50.68 42.28 -30.54
C ASN C 278 -49.60 42.77 -29.59
N PHE C 279 -49.72 42.35 -28.33
CA PHE C 279 -48.72 42.66 -27.32
C PHE C 279 -47.40 42.01 -27.70
N SER C 280 -46.31 42.77 -27.56
CA SER C 280 -45.00 42.34 -28.04
C SER C 280 -44.21 41.53 -27.03
N PHE C 281 -44.75 41.27 -25.85
CA PHE C 281 -44.07 40.48 -24.84
C PHE C 281 -44.87 39.23 -24.54
N PHE C 282 -44.16 38.15 -24.24
CA PHE C 282 -44.76 36.85 -24.03
C PHE C 282 -44.78 36.51 -22.55
N GLU C 283 -45.93 36.04 -22.07
CA GLU C 283 -46.05 35.70 -20.66
C GLU C 283 -45.19 34.49 -20.33
N VAL C 284 -44.39 34.60 -19.27
CA VAL C 284 -43.61 33.46 -18.82
C VAL C 284 -44.55 32.45 -18.17
N LYS C 285 -44.40 31.19 -18.52
CA LYS C 285 -45.33 30.19 -18.02
C LYS C 285 -44.64 28.99 -17.39
N GLY C 286 -43.50 28.57 -17.93
CA GLY C 286 -42.87 27.34 -17.50
C GLY C 286 -43.07 26.24 -18.53
N THR C 287 -44.27 26.17 -19.08
CA THR C 287 -44.50 25.37 -20.28
C THR C 287 -43.98 26.09 -21.51
N ALA C 288 -44.11 27.42 -21.54
CA ALA C 288 -43.68 28.19 -22.69
C ALA C 288 -42.17 28.16 -22.86
N VAL C 289 -41.42 28.24 -21.76
CA VAL C 289 -39.96 28.20 -21.86
C VAL C 289 -39.50 26.82 -22.33
N PHE C 290 -40.13 25.76 -21.84
CA PHE C 290 -39.79 24.42 -22.29
C PHE C 290 -40.09 24.25 -23.78
N GLU C 291 -41.25 24.75 -24.22
CA GLU C 291 -41.59 24.67 -25.64
C GLU C 291 -40.60 25.45 -26.48
N CYS C 292 -40.20 26.64 -26.02
CA CYS C 292 -39.24 27.44 -26.77
C CYS C 292 -37.89 26.74 -26.85
N PHE C 293 -37.43 26.15 -25.75
CA PHE C 293 -36.17 25.42 -25.78
C PHE C 293 -36.23 24.25 -26.74
N ASN C 294 -37.32 23.48 -26.72
CA ASN C 294 -37.44 22.33 -27.61
C ASN C 294 -37.50 22.75 -29.08
N SER C 295 -38.29 23.80 -29.37
CA SER C 295 -38.37 24.27 -30.75
C SER C 295 -37.03 24.77 -31.26
N ASN C 296 -36.30 25.50 -30.42
CA ASN C 296 -35.00 25.98 -30.85
C ASN C 296 -33.99 24.84 -30.95
N GLU C 297 -34.19 23.80 -30.15
CA GLU C 297 -33.32 22.59 -30.29
C GLU C 297 -33.55 22.01 -31.69
N ALA C 298 -34.81 21.86 -32.09
CA ALA C 298 -35.11 21.32 -33.41
C ALA C 298 -34.52 22.18 -34.51
N ASN C 299 -34.68 23.50 -34.39
CA ASN C 299 -34.12 24.41 -35.39
C ASN C 299 -32.61 24.30 -35.46
N HIS C 300 -31.96 24.22 -34.30
CA HIS C 300 -30.50 24.10 -34.26
C HIS C 300 -30.04 22.81 -34.92
N CYS C 301 -30.74 21.71 -34.66
CA CYS C 301 -30.37 20.45 -35.29
C CYS C 301 -30.57 20.51 -36.79
N GLN C 302 -31.62 21.19 -37.25
CA GLN C 302 -31.81 21.35 -38.68
C GLN C 302 -30.72 22.19 -39.31
N ARG C 303 -30.29 23.25 -38.64
CA ARG C 303 -29.39 24.22 -39.25
C ARG C 303 -27.99 23.65 -39.45
N TYR C 304 -27.49 22.92 -38.47
CA TYR C 304 -26.11 22.47 -38.56
C TYR C 304 -26.05 21.00 -38.90
N PRO C 305 -24.98 20.56 -39.58
CA PRO C 305 -24.73 19.12 -39.68
C PRO C 305 -24.41 18.55 -38.30
N MET C 306 -24.89 17.33 -38.05
CA MET C 306 -24.59 16.65 -36.80
C MET C 306 -23.15 16.14 -36.79
N SER C 307 -22.61 15.98 -35.59
CA SER C 307 -21.31 15.38 -35.37
C SER C 307 -21.41 14.38 -34.23
N ARG C 308 -20.56 13.37 -34.26
CA ARG C 308 -20.57 12.32 -33.25
C ARG C 308 -19.32 12.30 -32.40
N LYS C 309 -18.44 13.29 -32.55
CA LYS C 309 -17.18 13.35 -31.80
C LYS C 309 -17.13 14.65 -31.00
N PRO C 310 -17.54 14.63 -29.73
CA PRO C 310 -17.42 15.84 -28.91
C PRO C 310 -15.95 16.24 -28.75
N ARG C 311 -15.63 17.44 -29.22
CA ARG C 311 -14.26 17.90 -29.25
C ARG C 311 -13.75 18.17 -27.84
N ASN C 312 -12.44 18.32 -27.73
CA ASN C 312 -11.79 18.45 -26.43
C ASN C 312 -12.08 19.81 -25.81
N PHE C 313 -12.09 19.84 -24.47
CA PHE C 313 -12.22 21.10 -23.76
C PHE C 313 -11.11 21.25 -22.73
N LEU C 314 -10.72 20.15 -22.08
CA LEU C 314 -9.63 20.19 -21.10
C LEU C 314 -8.33 20.44 -21.85
N LEU C 315 -7.77 21.63 -21.68
CA LEU C 315 -6.58 22.01 -22.41
C LEU C 315 -5.32 21.40 -21.84
N ILE C 316 -5.29 21.14 -20.54
CA ILE C 316 -4.18 20.48 -19.88
C ILE C 316 -4.78 19.37 -19.03
N GLN C 317 -4.67 18.13 -19.49
CA GLN C 317 -5.14 17.00 -18.72
C GLN C 317 -4.07 16.59 -17.72
N CYS C 318 -4.48 16.32 -16.49
CA CYS C 318 -3.53 16.00 -15.44
C CYS C 318 -4.26 15.25 -14.33
N SER C 319 -3.51 14.77 -13.36
CA SER C 319 -4.07 13.99 -12.27
C SER C 319 -3.20 14.14 -11.04
N LEU C 320 -3.85 14.17 -9.88
CA LEU C 320 -3.16 14.17 -8.60
C LEU C 320 -3.86 13.21 -7.65
N ILE C 321 -3.08 12.65 -6.73
CA ILE C 321 -3.63 11.78 -5.70
C ILE C 321 -3.21 12.31 -4.33
N THR C 322 -2.07 12.98 -4.27
CA THR C 322 -1.51 13.50 -3.04
C THR C 322 -1.39 15.01 -3.11
N SER C 323 -0.84 15.59 -2.06
CA SER C 323 -0.55 17.01 -2.06
C SER C 323 0.50 17.34 -3.10
N TYR C 324 0.52 18.60 -3.54
CA TYR C 324 1.46 19.06 -4.54
C TYR C 324 2.43 20.05 -3.92
N LYS C 325 3.72 19.80 -4.08
CA LYS C 325 4.77 20.71 -3.67
C LYS C 325 5.21 21.53 -4.87
N PRO C 326 5.30 22.85 -4.75
CA PRO C 326 5.73 23.67 -5.90
C PRO C 326 7.07 23.21 -6.45
N ALA C 327 7.16 23.15 -7.77
CA ALA C 327 8.31 22.55 -8.43
C ALA C 327 9.49 23.50 -8.40
N THR C 328 10.65 22.97 -7.99
CA THR C 328 11.92 23.68 -8.04
C THR C 328 12.79 23.07 -9.13
N THR C 329 13.97 23.65 -9.33
CA THR C 329 14.85 23.15 -10.37
C THR C 329 15.41 21.78 -10.04
N LEU C 330 15.80 21.55 -8.78
CA LEU C 330 16.31 20.24 -8.39
C LEU C 330 15.22 19.19 -8.52
N SER C 331 14.03 19.49 -8.00
CA SER C 331 12.91 18.57 -8.18
C SER C 331 12.57 18.39 -9.64
N ASP C 332 12.75 19.43 -10.45
CA ASP C 332 12.50 19.29 -11.88
C ASP C 332 13.45 18.29 -12.51
N GLN C 333 14.74 18.37 -12.16
CA GLN C 333 15.71 17.41 -12.70
C GLN C 333 15.38 15.99 -12.26
N ILE C 334 15.09 15.82 -10.97
CA ILE C 334 14.78 14.49 -10.45
C ILE C 334 13.54 13.93 -11.14
N ASP C 335 12.51 14.75 -11.26
CA ASP C 335 11.26 14.29 -11.86
C ASP C 335 11.39 14.03 -13.35
N SER C 336 12.21 14.80 -14.06
CA SER C 336 12.44 14.51 -15.47
C SER C 336 13.16 13.19 -15.66
N ARG C 337 14.16 12.90 -14.80
CA ARG C 337 14.81 11.60 -14.86
C ARG C 337 13.82 10.47 -14.62
N ARG C 338 13.04 10.57 -13.55
CA ARG C 338 12.07 9.52 -13.25
C ARG C 338 11.02 9.39 -14.34
N ALA C 339 10.60 10.50 -14.93
CA ALA C 339 9.58 10.48 -15.98
C ALA C 339 10.10 9.83 -17.24
N CYS C 340 11.34 10.11 -17.63
CA CYS C 340 11.92 9.43 -18.78
C CYS C 340 12.08 7.93 -18.52
N SER C 341 12.46 7.58 -17.29
CA SER C 341 12.53 6.15 -16.94
C SER C 341 11.16 5.49 -17.07
N TYR C 342 10.10 6.18 -16.62
CA TYR C 342 8.76 5.64 -16.74
C TYR C 342 8.32 5.52 -18.19
N ILE C 343 8.67 6.51 -19.02
CA ILE C 343 8.26 6.50 -20.42
C ILE C 343 8.96 5.38 -21.19
N LEU C 344 10.24 5.14 -20.87
CA LEU C 344 10.99 4.12 -21.60
C LEU C 344 10.44 2.71 -21.39
N ASN C 345 9.59 2.50 -20.39
CA ASN C 345 8.98 1.19 -20.15
C ASN C 345 7.81 0.93 -21.09
N LEU C 346 7.05 1.96 -21.45
CA LEU C 346 5.83 1.78 -22.22
C LEU C 346 6.16 1.51 -23.70
N ILE C 347 5.15 1.05 -24.42
CA ILE C 347 5.25 0.78 -25.86
C ILE C 347 4.31 1.73 -26.58
N PRO C 348 4.82 2.63 -27.43
CA PRO C 348 3.93 3.57 -28.13
C PRO C 348 3.00 2.88 -29.11
N ASP C 349 1.83 3.47 -29.30
CA ASP C 349 0.84 2.95 -30.22
C ASP C 349 0.44 3.93 -31.32
N THR C 350 0.63 5.22 -31.11
CA THR C 350 0.20 6.28 -32.02
C THR C 350 1.39 7.19 -32.31
N PRO C 351 1.35 7.93 -33.42
CA PRO C 351 2.50 8.79 -33.77
C PRO C 351 2.88 9.77 -32.67
N ALA C 352 1.90 10.35 -31.98
CA ALA C 352 2.22 11.23 -30.86
C ALA C 352 2.94 10.46 -29.77
N SER C 353 2.49 9.24 -29.48
CA SER C 353 3.17 8.43 -28.49
C SER C 353 4.58 8.08 -28.95
N TYR C 354 4.76 7.84 -30.25
CA TYR C 354 6.09 7.55 -30.76
C TYR C 354 7.02 8.74 -30.57
N LEU C 355 6.54 9.96 -30.88
CA LEU C 355 7.35 11.14 -30.64
C LEU C 355 7.65 11.31 -29.16
N ILE C 356 6.68 10.97 -28.31
CA ILE C 356 6.86 11.05 -26.88
C ILE C 356 8.04 10.17 -26.46
N HIS C 357 8.03 8.93 -26.93
CA HIS C 357 9.08 7.99 -26.61
C HIS C 357 10.43 8.46 -27.14
N ASP C 358 10.44 8.98 -28.37
CA ASP C 358 11.71 9.44 -28.95
C ASP C 358 12.30 10.58 -28.15
N MET C 359 11.47 11.53 -27.73
CA MET C 359 11.98 12.67 -26.99
C MET C 359 12.45 12.25 -25.60
N ALA C 360 11.74 11.32 -24.96
CA ALA C 360 12.21 10.82 -23.68
C ALA C 360 13.56 10.13 -23.82
N TYR C 361 13.72 9.33 -24.89
CA TYR C 361 14.99 8.67 -25.15
C TYR C 361 16.10 9.70 -25.35
N ARG C 362 15.82 10.74 -26.14
CA ARG C 362 16.81 11.78 -26.39
C ARG C 362 17.19 12.48 -25.10
N TYR C 363 16.22 12.73 -24.22
CA TYR C 363 16.53 13.34 -22.94
C TYR C 363 17.41 12.44 -22.09
N ILE C 364 17.09 11.14 -22.05
CA ILE C 364 17.89 10.24 -21.23
C ILE C 364 19.28 10.04 -21.80
N ASN C 365 19.50 10.37 -23.07
CA ASN C 365 20.80 10.19 -23.71
C ASN C 365 21.58 11.50 -23.84
N LEU C 366 21.50 12.35 -22.81
CA LEU C 366 22.22 13.62 -22.80
C LEU C 366 23.42 13.55 -21.86
N THR C 367 24.53 14.15 -22.29
CA THR C 367 25.77 14.08 -21.52
C THR C 367 25.68 14.94 -20.27
N ARG C 368 26.62 14.70 -19.36
CA ARG C 368 26.59 15.38 -18.07
C ARG C 368 26.76 16.88 -18.20
N GLU C 369 27.69 17.33 -19.06
CA GLU C 369 27.84 18.75 -19.30
C GLU C 369 26.57 19.34 -19.91
N ASP C 370 25.94 18.58 -20.82
CA ASP C 370 24.68 19.02 -21.40
C ASP C 370 23.62 19.17 -20.34
N MET C 371 23.54 18.22 -19.40
CA MET C 371 22.52 18.32 -18.36
C MET C 371 22.83 19.46 -17.41
N ILE C 372 24.10 19.72 -17.14
CA ILE C 372 24.46 20.82 -16.25
C ILE C 372 24.07 22.15 -16.88
N ASN C 373 24.37 22.33 -18.17
CA ASN C 373 23.99 23.56 -18.83
C ASN C 373 22.50 23.64 -19.10
N TYR C 374 21.81 22.50 -19.16
CA TYR C 374 20.37 22.49 -19.38
C TYR C 374 19.63 23.16 -18.23
N TYR C 375 20.07 22.92 -17.00
CA TYR C 375 19.45 23.49 -15.82
C TYR C 375 20.24 24.66 -15.27
N ALA C 376 21.07 25.28 -16.07
CA ALA C 376 21.86 26.36 -15.49
C ALA C 376 21.33 27.71 -15.94
N PRO C 377 21.48 28.74 -15.11
CA PRO C 377 21.05 30.08 -15.52
C PRO C 377 21.93 30.60 -16.65
N ARG C 378 21.38 31.57 -17.39
CA ARG C 378 22.10 32.12 -18.54
C ARG C 378 23.41 32.77 -18.11
N ILE C 379 23.49 33.25 -16.87
CA ILE C 379 24.74 33.86 -16.39
C ILE C 379 25.88 32.84 -16.46
N GLN C 380 25.62 31.61 -16.04
CA GLN C 380 26.63 30.56 -16.09
C GLN C 380 26.47 29.66 -17.32
N PHE C 381 25.50 29.92 -18.18
CA PHE C 381 25.25 29.04 -19.31
C PHE C 381 26.32 29.18 -20.36
N LYS C 382 26.74 28.05 -20.92
CA LYS C 382 27.71 28.01 -22.01
C LYS C 382 27.18 27.13 -23.12
N GLN C 383 27.46 27.51 -24.36
CA GLN C 383 26.96 26.78 -25.51
C GLN C 383 27.53 25.37 -25.55
N THR C 384 26.67 24.38 -25.82
CA THR C 384 27.12 23.00 -25.95
C THR C 384 26.65 22.40 -27.26
N GLN C 385 26.85 21.10 -27.42
CA GLN C 385 26.51 20.44 -28.69
C GLN C 385 25.01 20.19 -28.82
N ASN C 386 24.31 19.99 -27.71
CA ASN C 386 22.88 19.70 -27.76
C ASN C 386 22.04 20.76 -27.07
N VAL C 387 22.40 21.16 -25.85
CA VAL C 387 21.64 22.16 -25.14
C VAL C 387 22.01 23.54 -25.67
N ARG C 388 21.27 24.01 -26.67
CA ARG C 388 21.57 25.30 -27.26
C ARG C 388 21.22 26.44 -26.32
N GLU C 389 20.09 26.33 -25.64
CA GLU C 389 19.63 27.33 -24.68
C GLU C 389 19.14 26.64 -23.42
N PRO C 390 19.15 27.33 -22.28
CA PRO C 390 18.79 26.66 -21.03
C PRO C 390 17.37 26.12 -21.09
N GLY C 391 17.20 24.91 -20.55
CA GLY C 391 15.89 24.28 -20.54
C GLY C 391 15.42 23.75 -21.86
N THR C 392 16.29 23.70 -22.88
CA THR C 392 15.93 23.17 -24.18
C THR C 392 17.02 22.21 -24.63
N PHE C 393 16.69 21.37 -25.60
CA PHE C 393 17.69 20.54 -26.26
C PHE C 393 17.35 20.43 -27.74
N LYS C 394 18.39 20.22 -28.53
CA LYS C 394 18.24 20.06 -29.97
C LYS C 394 17.93 18.60 -30.30
N LEU C 395 17.19 18.40 -31.38
CA LEU C 395 16.78 17.06 -31.78
C LEU C 395 16.69 17.02 -33.30
N THR C 396 17.67 16.40 -33.94
CA THR C 396 17.69 16.25 -35.39
C THR C 396 16.80 15.08 -35.82
N SER C 397 16.63 14.95 -37.13
CA SER C 397 15.72 13.94 -37.67
C SER C 397 16.25 12.52 -37.53
N SER C 398 17.52 12.35 -37.15
CA SER C 398 18.10 11.01 -37.08
C SER C 398 17.44 10.17 -35.99
N MET C 399 17.14 10.77 -34.84
CA MET C 399 16.61 10.00 -33.71
C MET C 399 15.15 9.63 -33.93
N LEU C 400 14.36 10.53 -34.53
CA LEU C 400 12.95 10.24 -34.74
C LEU C 400 12.76 9.07 -35.69
N ARG C 401 11.72 8.28 -35.44
CA ARG C 401 11.37 7.16 -36.29
C ARG C 401 10.42 7.62 -37.40
N ALA C 402 9.84 6.67 -38.12
CA ALA C 402 8.95 7.01 -39.23
C ALA C 402 7.66 7.65 -38.74
N GLU C 403 7.06 7.09 -37.68
CA GLU C 403 5.79 7.62 -37.19
C GLU C 403 5.94 9.03 -36.65
N SER C 404 6.98 9.28 -35.85
CA SER C 404 7.20 10.62 -35.32
C SER C 404 7.47 11.60 -36.45
N LYS C 405 8.27 11.20 -37.44
CA LYS C 405 8.53 12.09 -38.57
C LYS C 405 7.26 12.40 -39.33
N ALA C 406 6.39 11.40 -39.53
CA ALA C 406 5.13 11.63 -40.23
C ALA C 406 4.25 12.58 -39.45
N MET C 407 4.18 12.42 -38.12
CA MET C 407 3.35 13.32 -37.33
C MET C 407 3.90 14.74 -37.34
N LEU C 408 5.23 14.88 -37.31
CA LEU C 408 5.83 16.20 -37.40
C LEU C 408 5.55 16.84 -38.76
N ASP C 409 5.58 16.05 -39.82
CA ASP C 409 5.23 16.57 -41.13
C ASP C 409 3.78 17.03 -41.17
N LEU C 410 2.89 16.26 -40.54
CA LEU C 410 1.50 16.68 -40.46
C LEU C 410 1.35 17.98 -39.70
N LEU C 411 2.08 18.13 -38.59
CA LEU C 411 2.01 19.35 -37.79
C LEU C 411 2.54 20.55 -38.56
N ASN C 412 3.63 20.37 -39.30
CA ASN C 412 4.28 21.50 -39.97
C ASN C 412 3.37 22.14 -41.01
N ASN C 413 2.63 21.31 -41.75
CA ASN C 413 1.71 21.82 -42.76
C ASN C 413 0.55 22.58 -42.13
N GLN C 423 -18.20 21.12 -42.73
CA GLN C 423 -17.09 21.41 -41.84
C GLN C 423 -17.58 21.86 -40.47
N ILE C 424 -18.48 22.84 -40.47
CA ILE C 424 -19.08 23.31 -39.22
C ILE C 424 -20.16 22.34 -38.80
N GLU C 425 -20.06 21.82 -37.58
CA GLU C 425 -21.01 20.83 -37.11
C GLU C 425 -21.12 20.91 -35.59
N SER C 426 -22.33 20.72 -35.09
CA SER C 426 -22.61 20.79 -33.66
C SER C 426 -23.01 19.41 -33.15
N LEU C 427 -22.88 19.23 -31.85
CA LEU C 427 -23.38 18.03 -31.21
C LEU C 427 -24.90 18.00 -31.29
N ASN C 428 -25.47 16.80 -31.28
CA ASN C 428 -26.92 16.70 -31.35
C ASN C 428 -27.44 17.07 -29.97
N ILE C 429 -27.71 18.37 -29.77
CA ILE C 429 -28.14 18.87 -28.48
C ILE C 429 -29.49 18.32 -28.06
N ALA C 430 -30.31 17.85 -29.01
CA ALA C 430 -31.65 17.38 -28.69
C ALA C 430 -31.71 15.92 -28.30
N SER C 431 -30.62 15.16 -28.45
CA SER C 431 -30.65 13.75 -28.13
C SER C 431 -30.48 13.52 -26.63
N HIS C 432 -31.16 12.48 -26.14
CA HIS C 432 -31.02 12.07 -24.75
C HIS C 432 -29.64 11.51 -24.44
N ILE C 433 -29.07 10.74 -25.36
CA ILE C 433 -27.78 10.12 -25.14
C ILE C 433 -26.67 11.17 -25.03
N VAL C 434 -26.68 12.17 -25.90
CA VAL C 434 -25.62 13.18 -25.88
C VAL C 434 -25.65 13.97 -24.59
N GLN C 435 -26.85 14.43 -24.19
CA GLN C 435 -26.98 15.19 -22.96
C GLN C 435 -26.61 14.35 -21.74
N SER C 436 -27.05 13.09 -21.69
CA SER C 436 -26.72 12.21 -20.58
C SER C 436 -25.23 11.91 -20.48
N GLU C 437 -24.58 11.63 -21.61
CA GLU C 437 -23.14 11.38 -21.58
C GLU C 437 -22.37 12.61 -21.16
N SER C 438 -22.77 13.78 -21.67
CA SER C 438 -22.10 15.02 -21.30
C SER C 438 -22.25 15.31 -19.81
N VAL C 439 -23.47 15.17 -19.29
CA VAL C 439 -23.67 15.47 -17.87
C VAL C 439 -22.92 14.47 -17.01
N SER C 440 -22.86 13.20 -17.41
CA SER C 440 -22.11 12.21 -16.64
C SER C 440 -20.61 12.51 -16.65
N LEU C 441 -20.06 12.87 -17.80
CA LEU C 441 -18.62 13.14 -17.88
C LEU C 441 -18.24 14.35 -17.04
N ILE C 442 -18.98 15.46 -17.20
CA ILE C 442 -18.61 16.65 -16.45
C ILE C 442 -18.91 16.48 -14.96
N THR C 443 -19.94 15.71 -14.62
CA THR C 443 -20.20 15.40 -13.22
C THR C 443 -19.05 14.60 -12.61
N LYS C 444 -18.50 13.64 -13.36
CA LYS C 444 -17.36 12.89 -12.87
C LYS C 444 -16.14 13.79 -12.70
N ILE C 445 -15.90 14.69 -13.64
CA ILE C 445 -14.76 15.60 -13.51
C ILE C 445 -14.92 16.48 -12.27
N LEU C 446 -16.12 17.03 -12.06
CA LEU C 446 -16.35 17.88 -10.91
C LEU C 446 -16.25 17.11 -9.61
N SER C 447 -16.72 15.85 -9.61
CA SER C 447 -16.60 15.02 -8.40
C SER C 447 -15.15 14.72 -8.09
N ASP C 448 -14.34 14.42 -9.11
CA ASP C 448 -12.90 14.23 -8.90
C ASP C 448 -12.20 15.53 -8.51
N LEU C 449 -12.81 16.68 -8.76
CA LEU C 449 -12.22 17.96 -8.41
C LEU C 449 -12.54 18.41 -6.99
N GLU C 450 -13.31 17.64 -6.23
CA GLU C 450 -13.62 18.00 -4.84
C GLU C 450 -13.11 16.99 -3.83
N LEU C 451 -12.61 15.83 -4.24
CA LEU C 451 -12.07 14.88 -3.29
C LEU C 451 -10.91 15.49 -2.52
N ASN C 452 -11.00 15.42 -1.20
CA ASN C 452 -9.93 15.96 -0.37
C ASN C 452 -8.67 15.12 -0.55
N ILE C 453 -7.54 15.79 -0.42
CA ILE C 453 -6.25 15.22 -0.76
C ILE C 453 -5.62 14.65 0.50
N THR C 454 -5.06 13.45 0.37
CA THR C 454 -4.36 12.78 1.47
C THR C 454 -3.23 13.63 2.02
N THR C 471 -2.89 43.03 11.96
CA THR C 471 -3.82 44.14 12.06
C THR C 471 -5.17 43.72 12.63
N VAL C 472 -6.10 44.66 12.70
CA VAL C 472 -7.41 44.38 13.27
C VAL C 472 -8.19 43.43 12.37
N LEU C 473 -8.04 43.57 11.05
CA LEU C 473 -8.82 42.74 10.13
C LEU C 473 -8.45 41.27 10.23
N ASP C 474 -7.23 40.97 10.66
CA ASP C 474 -6.75 39.60 10.68
C ASP C 474 -7.59 38.73 11.61
N LYS C 475 -8.12 39.30 12.69
CA LYS C 475 -8.92 38.50 13.62
C LYS C 475 -10.18 37.98 12.95
N PHE C 476 -10.97 38.89 12.35
CA PHE C 476 -12.18 38.46 11.66
C PHE C 476 -11.85 37.61 10.45
N PHE C 477 -10.74 37.89 9.77
CA PHE C 477 -10.35 37.09 8.62
C PHE C 477 -10.10 35.64 9.05
N GLN C 478 -9.25 35.44 10.05
CA GLN C 478 -8.95 34.09 10.52
C GLN C 478 -10.19 33.40 11.07
N ASN C 479 -11.10 34.15 11.68
CA ASN C 479 -12.28 33.51 12.24
C ASN C 479 -13.29 33.09 11.17
N GLU C 480 -13.46 33.92 10.13
CA GLU C 480 -14.56 33.64 9.16
C GLU C 480 -14.05 33.15 7.81
N THR C 481 -13.16 33.89 7.16
CA THR C 481 -12.79 33.51 5.81
C THR C 481 -11.75 32.42 5.81
N GLN C 482 -10.65 32.63 6.54
CA GLN C 482 -9.60 31.63 6.61
C GLN C 482 -10.09 30.32 7.19
N LYS C 483 -11.22 30.33 7.90
CA LYS C 483 -11.76 29.13 8.53
C LYS C 483 -12.84 28.46 7.69
N TYR C 484 -13.65 29.22 6.95
CA TYR C 484 -14.75 28.61 6.20
C TYR C 484 -14.47 28.46 4.71
N LEU C 485 -13.52 29.20 4.14
CA LEU C 485 -13.22 29.08 2.72
C LEU C 485 -11.82 28.56 2.48
N ILE C 486 -10.79 29.22 3.00
CA ILE C 486 -9.42 28.81 2.72
C ILE C 486 -9.14 27.46 3.36
N ASP C 487 -9.58 27.26 4.59
CA ASP C 487 -9.30 25.99 5.25
C ASP C 487 -10.05 24.84 4.62
N VAL C 488 -11.26 25.10 4.12
CA VAL C 488 -12.02 24.06 3.44
C VAL C 488 -11.38 23.71 2.10
N LEU C 489 -10.98 24.73 1.35
CA LEU C 489 -10.49 24.50 -0.01
C LEU C 489 -9.01 24.13 -0.06
N LYS C 490 -8.27 24.26 1.04
CA LYS C 490 -6.86 23.93 1.01
C LYS C 490 -6.61 22.44 0.84
N LYS C 491 -7.60 21.61 1.11
CA LYS C 491 -7.43 20.16 1.01
C LYS C 491 -8.01 19.56 -0.25
N THR C 492 -8.70 20.35 -1.08
CA THR C 492 -9.38 19.81 -2.23
C THR C 492 -8.38 19.42 -3.31
N THR C 493 -8.86 18.60 -4.25
CA THR C 493 -8.05 18.25 -5.41
C THR C 493 -7.86 19.44 -6.33
N ALA C 494 -8.87 20.30 -6.43
CA ALA C 494 -8.80 21.43 -7.35
C ALA C 494 -7.68 22.39 -6.96
N TRP C 495 -7.47 22.58 -5.66
CA TRP C 495 -6.41 23.48 -5.20
C TRP C 495 -5.05 23.03 -5.71
N HIS C 496 -4.71 21.77 -5.49
CA HIS C 496 -3.39 21.28 -5.88
C HIS C 496 -3.28 21.12 -7.38
N ILE C 497 -4.36 20.74 -8.06
CA ILE C 497 -4.33 20.68 -9.52
C ILE C 497 -4.11 22.07 -10.09
N GLY C 498 -4.68 23.09 -9.46
CA GLY C 498 -4.44 24.45 -9.91
C GLY C 498 -3.01 24.88 -9.73
N HIS C 499 -2.39 24.51 -8.62
CA HIS C 499 -0.97 24.82 -8.45
C HIS C 499 -0.13 24.10 -9.50
N LEU C 500 -0.47 22.85 -9.79
CA LEU C 500 0.24 22.13 -10.86
C LEU C 500 0.06 22.81 -12.20
N ILE C 501 -1.15 23.30 -12.49
CA ILE C 501 -1.42 24.01 -13.73
C ILE C 501 -0.57 25.27 -13.81
N ARG C 502 -0.41 25.96 -12.68
CA ARG C 502 0.45 27.13 -12.67
C ARG C 502 1.87 26.76 -13.02
N ASP C 503 2.38 25.65 -12.46
CA ASP C 503 3.73 25.21 -12.79
C ASP C 503 3.87 24.90 -14.28
N ILE C 504 2.91 24.16 -14.83
CA ILE C 504 2.99 23.77 -16.25
C ILE C 504 2.97 25.01 -17.14
N THR C 505 2.07 25.95 -16.85
CA THR C 505 2.00 27.15 -17.66
C THR C 505 3.27 27.98 -17.53
N GLU C 506 3.89 27.99 -16.35
CA GLU C 506 5.16 28.70 -16.22
C GLU C 506 6.23 28.07 -17.10
N SER C 507 6.26 26.75 -17.17
CA SER C 507 7.22 26.09 -18.06
C SER C 507 6.95 26.46 -19.52
N LEU C 508 5.69 26.46 -19.93
CA LEU C 508 5.37 26.83 -21.31
C LEU C 508 5.78 28.26 -21.60
N ILE C 509 5.49 29.17 -20.67
CA ILE C 509 5.85 30.58 -20.85
C ILE C 509 7.35 30.72 -20.98
N ALA C 510 8.11 30.00 -20.13
CA ALA C 510 9.56 30.08 -20.21
C ALA C 510 10.06 29.59 -21.56
N HIS C 511 9.50 28.50 -22.06
CA HIS C 511 9.91 28.01 -23.37
C HIS C 511 9.41 28.88 -24.52
N SER C 512 8.52 29.82 -24.27
CA SER C 512 7.91 30.60 -25.35
C SER C 512 8.79 31.74 -25.89
N GLY C 513 10.04 31.85 -25.47
CA GLY C 513 10.88 32.96 -25.90
C GLY C 513 11.29 32.86 -27.37
N LEU C 514 12.07 33.85 -27.82
CA LEU C 514 12.52 33.83 -29.21
C LEU C 514 13.54 32.72 -29.43
N LYS C 515 14.53 32.63 -28.56
CA LYS C 515 15.66 31.73 -28.74
C LYS C 515 15.38 30.33 -28.22
N ARG C 516 14.27 30.12 -27.52
CA ARG C 516 13.92 28.82 -27.00
C ARG C 516 12.75 28.17 -27.72
N SER C 517 11.98 28.93 -28.49
CA SER C 517 10.80 28.36 -29.13
C SER C 517 11.17 27.30 -30.15
N LYS C 518 12.24 27.54 -30.92
CA LYS C 518 12.59 26.64 -31.99
C LYS C 518 13.14 25.30 -31.51
N TYR C 519 13.45 25.17 -30.23
CA TYR C 519 14.04 23.95 -29.69
C TYR C 519 13.03 23.20 -28.83
N TRP C 520 13.27 21.90 -28.68
CA TRP C 520 12.40 21.04 -27.89
C TRP C 520 12.68 21.22 -26.40
N SER C 521 11.79 20.67 -25.58
CA SER C 521 11.97 20.72 -24.14
C SER C 521 11.19 19.59 -23.50
N LEU C 522 11.52 19.32 -22.24
CA LEU C 522 10.85 18.28 -21.47
C LEU C 522 10.91 18.67 -20.01
N HIS C 523 9.76 18.56 -19.34
CA HIS C 523 9.68 18.83 -17.91
C HIS C 523 8.74 17.83 -17.27
N SER C 524 8.90 17.64 -15.97
CA SER C 524 8.03 16.74 -15.23
C SER C 524 7.71 17.35 -13.87
N TYR C 525 6.56 16.96 -13.33
CA TYR C 525 6.07 17.50 -12.08
C TYR C 525 5.41 16.41 -11.27
N ASN C 526 5.35 16.61 -9.96
CA ASN C 526 4.70 15.69 -9.04
C ASN C 526 5.31 14.30 -9.13
N ASN C 527 6.60 14.23 -8.78
CA ASN C 527 7.33 12.96 -8.66
C ASN C 527 7.33 12.17 -9.97
N GLY C 528 7.25 12.87 -11.10
CA GLY C 528 7.26 12.20 -12.38
C GLY C 528 5.95 11.57 -12.79
N ASN C 529 4.86 11.84 -12.07
CA ASN C 529 3.57 11.29 -12.46
C ASN C 529 2.88 12.11 -13.54
N VAL C 530 3.31 13.34 -13.77
CA VAL C 530 2.79 14.19 -14.84
C VAL C 530 3.98 14.78 -15.59
N ILE C 531 4.00 14.60 -16.90
CA ILE C 531 5.13 15.00 -17.72
C ILE C 531 4.65 15.92 -18.81
N LEU C 532 5.37 17.02 -19.03
CA LEU C 532 5.04 17.98 -20.07
C LEU C 532 6.12 17.98 -21.13
N PHE C 533 5.72 17.77 -22.38
CA PHE C 533 6.63 17.73 -23.52
C PHE C 533 6.31 18.92 -24.41
N ILE C 534 7.33 19.73 -24.70
CA ILE C 534 7.14 20.97 -25.44
C ILE C 534 7.77 20.81 -26.81
N LEU C 535 6.92 20.68 -27.82
CA LEU C 535 7.38 20.61 -29.19
C LEU C 535 7.86 21.97 -29.65
N PRO C 536 8.71 22.03 -30.68
CA PRO C 536 9.12 23.34 -31.20
C PRO C 536 7.96 24.04 -31.88
N SER C 537 8.00 25.37 -31.87
CA SER C 537 6.91 26.16 -32.41
C SER C 537 7.40 27.58 -32.63
N LYS C 538 6.57 28.36 -33.33
CA LYS C 538 6.86 29.77 -33.54
C LYS C 538 6.86 30.51 -32.20
N SER C 539 7.71 31.54 -32.10
CA SER C 539 7.83 32.27 -30.85
C SER C 539 6.53 32.96 -30.50
N LEU C 540 6.14 32.83 -29.22
CA LEU C 540 4.86 33.38 -28.77
C LEU C 540 4.83 34.89 -28.76
N GLU C 541 5.98 35.57 -28.88
CA GLU C 541 5.95 37.02 -28.90
C GLU C 541 5.65 37.60 -30.28
N VAL C 542 5.69 36.79 -31.32
CA VAL C 542 5.13 37.18 -32.61
C VAL C 542 3.63 36.95 -32.56
N ALA C 543 2.86 37.98 -32.87
CA ALA C 543 1.41 37.88 -32.76
C ALA C 543 0.87 36.79 -33.66
N GLY C 544 -0.16 36.09 -33.18
CA GLY C 544 -0.75 35.01 -33.93
C GLY C 544 0.00 33.71 -33.89
N SER C 545 1.02 33.60 -33.03
CA SER C 545 1.78 32.37 -32.91
C SER C 545 1.15 31.45 -31.89
N PHE C 546 1.51 30.17 -31.97
CA PHE C 546 1.03 29.15 -31.06
C PHE C 546 2.21 28.38 -30.51
N ILE C 547 2.05 27.86 -29.30
CA ILE C 547 3.03 26.97 -28.69
C ILE C 547 2.39 25.60 -28.56
N ARG C 548 3.05 24.60 -29.12
CA ARG C 548 2.51 23.25 -29.22
C ARG C 548 3.18 22.36 -28.19
N PHE C 549 2.38 21.67 -27.39
CA PHE C 549 2.90 20.83 -26.32
C PHE C 549 2.05 19.57 -26.25
N ILE C 550 2.48 18.65 -25.38
CA ILE C 550 1.79 17.37 -25.21
C ILE C 550 2.14 16.86 -23.82
N THR C 551 1.14 16.35 -23.12
CA THR C 551 1.27 15.91 -21.74
C THR C 551 1.08 14.41 -21.63
N VAL C 552 1.84 13.78 -20.74
CA VAL C 552 1.64 12.39 -20.37
C VAL C 552 1.52 12.33 -18.86
N PHE C 553 0.51 11.63 -18.37
CA PHE C 553 0.20 11.63 -16.95
C PHE C 553 -0.33 10.27 -16.56
N ARG C 554 -0.26 10.00 -15.25
CA ARG C 554 -0.81 8.73 -14.73
C ARG C 554 -2.32 8.89 -14.61
N ILE C 555 -3.08 7.95 -15.17
CA ILE C 555 -4.53 8.03 -15.17
C ILE C 555 -5.04 7.90 -13.74
N GLY C 556 -5.87 8.85 -13.34
CA GLY C 556 -6.43 8.86 -12.00
C GLY C 556 -7.41 9.99 -11.85
N PRO C 557 -7.99 10.14 -10.66
CA PRO C 557 -8.95 11.23 -10.44
C PRO C 557 -8.32 12.58 -10.68
N GLY C 558 -9.06 13.45 -11.32
CA GLY C 558 -8.59 14.77 -11.67
C GLY C 558 -9.19 15.22 -12.99
N LEU C 559 -8.48 16.11 -13.66
CA LEU C 559 -8.93 16.68 -14.93
C LEU C 559 -8.59 15.71 -16.07
N VAL C 560 -9.35 14.62 -16.11
CA VAL C 560 -9.11 13.55 -17.08
C VAL C 560 -10.35 13.38 -17.93
N ASP C 561 -10.18 13.47 -19.25
CA ASP C 561 -11.20 13.10 -20.22
C ASP C 561 -10.63 11.98 -21.08
N LYS C 562 -11.11 10.75 -20.85
CA LYS C 562 -10.52 9.60 -21.52
C LYS C 562 -10.72 9.66 -23.03
N ASP C 563 -11.91 10.04 -23.48
CA ASP C 563 -12.25 9.89 -24.88
C ASP C 563 -11.53 10.88 -25.77
N ASN C 564 -10.91 11.92 -25.21
CA ASN C 564 -10.21 12.92 -26.00
C ASN C 564 -8.70 12.83 -25.84
N LEU C 565 -8.19 11.80 -25.18
CA LEU C 565 -6.76 11.53 -25.17
C LEU C 565 -6.34 10.89 -26.49
N ASP C 566 -5.06 11.02 -26.81
CA ASP C 566 -4.55 10.37 -28.01
C ASP C 566 -4.60 8.85 -27.87
N THR C 567 -4.07 8.33 -26.77
CA THR C 567 -4.17 6.91 -26.45
C THR C 567 -3.82 6.74 -24.97
N ILE C 568 -4.13 5.57 -24.45
CA ILE C 568 -3.85 5.23 -23.07
C ILE C 568 -2.85 4.07 -23.08
N LEU C 569 -1.62 4.34 -22.67
CA LEU C 569 -0.57 3.33 -22.69
C LEU C 569 -0.70 2.44 -21.45
N ILE C 570 -1.18 1.23 -21.63
CA ILE C 570 -1.37 0.30 -20.53
C ILE C 570 -0.01 -0.15 -20.00
N ASP C 571 0.03 -0.55 -18.74
CA ASP C 571 1.25 -1.04 -18.12
C ASP C 571 0.85 -2.04 -17.04
N GLY C 572 1.77 -2.31 -16.11
CA GLY C 572 1.55 -3.28 -15.06
C GLY C 572 0.71 -2.75 -13.92
N ASP C 573 -0.61 -2.71 -14.14
CA ASP C 573 -1.61 -2.19 -13.20
C ASP C 573 -1.62 -0.67 -13.14
N SER C 574 -1.00 -0.02 -14.12
CA SER C 574 -1.03 1.44 -14.22
C SER C 574 -1.26 1.81 -15.68
N GLN C 575 -2.13 2.79 -15.91
CA GLN C 575 -2.43 3.27 -17.23
C GLN C 575 -1.92 4.70 -17.36
N TRP C 576 -1.16 4.97 -18.41
CA TRP C 576 -0.59 6.29 -18.66
C TRP C 576 -1.29 6.88 -19.87
N GLY C 577 -1.99 8.00 -19.67
CA GLY C 577 -2.69 8.66 -20.76
C GLY C 577 -1.81 9.72 -21.37
N VAL C 578 -1.82 9.80 -22.70
CA VAL C 578 -1.06 10.79 -23.43
C VAL C 578 -2.03 11.62 -24.26
N SER C 579 -1.96 12.94 -24.11
CA SER C 579 -2.87 13.84 -24.81
C SER C 579 -2.44 14.00 -26.27
N LYS C 580 -3.21 14.77 -27.01
CA LYS C 580 -2.84 15.12 -28.37
C LYS C 580 -2.04 16.40 -28.37
N VAL C 581 -1.42 16.71 -29.50
CA VAL C 581 -0.61 17.92 -29.59
C VAL C 581 -1.54 19.12 -29.51
N MET C 582 -1.52 19.81 -28.38
CA MET C 582 -2.41 20.92 -28.13
C MET C 582 -1.63 22.23 -28.21
N SER C 583 -2.15 23.17 -29.00
CA SER C 583 -1.51 24.45 -29.21
C SER C 583 -2.38 25.55 -28.64
N ILE C 584 -1.78 26.43 -27.84
CA ILE C 584 -2.51 27.54 -27.22
C ILE C 584 -1.76 28.83 -27.50
N ASP C 585 -2.49 29.93 -27.51
CA ASP C 585 -1.92 31.24 -27.77
C ASP C 585 -1.52 31.90 -26.46
N LEU C 586 -0.97 33.11 -26.56
CA LEU C 586 -0.49 33.81 -25.37
C LEU C 586 -1.63 34.15 -24.42
N ASN C 587 -2.76 34.60 -24.96
CA ASN C 587 -3.88 34.97 -24.11
C ASN C 587 -4.38 33.78 -23.31
N ARG C 588 -4.60 32.65 -23.98
CA ARG C 588 -5.06 31.46 -23.30
C ARG C 588 -4.02 30.95 -22.31
N LEU C 589 -2.74 31.08 -22.65
CA LEU C 589 -1.69 30.63 -21.75
C LEU C 589 -1.71 31.45 -20.46
N LEU C 590 -1.77 32.77 -20.58
CA LEU C 590 -1.81 33.60 -19.38
C LEU C 590 -3.11 33.40 -18.60
N ALA C 591 -4.20 33.09 -19.29
CA ALA C 591 -5.44 32.79 -18.59
C ALA C 591 -5.33 31.51 -17.80
N LEU C 592 -4.66 30.49 -18.36
CA LEU C 592 -4.45 29.24 -17.65
C LEU C 592 -3.49 29.43 -16.48
N ASN C 593 -2.56 30.38 -16.59
CA ASN C 593 -1.59 30.57 -15.53
C ASN C 593 -2.25 31.01 -14.22
N ILE C 594 -3.33 31.79 -14.32
CA ILE C 594 -3.96 32.36 -13.13
C ILE C 594 -5.32 31.72 -12.89
N ALA C 595 -5.49 30.47 -13.32
CA ALA C 595 -6.77 29.80 -13.13
C ALA C 595 -7.09 29.62 -11.66
N PHE C 596 -6.08 29.25 -10.86
CA PHE C 596 -6.34 29.01 -9.44
C PHE C 596 -6.77 30.28 -8.73
N GLU C 597 -6.06 31.39 -9.00
CA GLU C 597 -6.40 32.65 -8.34
C GLU C 597 -7.79 33.12 -8.77
N LYS C 598 -8.10 33.02 -10.06
CA LYS C 598 -9.41 33.43 -10.53
C LYS C 598 -10.52 32.59 -9.91
N ALA C 599 -10.31 31.27 -9.83
CA ALA C 599 -11.30 30.41 -9.21
C ALA C 599 -11.48 30.74 -7.74
N LEU C 600 -10.39 31.00 -7.03
CA LEU C 600 -10.49 31.35 -5.61
C LEU C 600 -11.21 32.67 -5.42
N ILE C 601 -10.92 33.66 -6.26
CA ILE C 601 -11.57 34.96 -6.14
C ILE C 601 -13.06 34.83 -6.41
N ALA C 602 -13.43 34.09 -7.45
CA ALA C 602 -14.85 33.88 -7.74
C ALA C 602 -15.54 33.12 -6.61
N THR C 603 -14.86 32.13 -6.03
CA THR C 603 -15.45 31.40 -4.92
C THR C 603 -15.65 32.29 -3.70
N ALA C 604 -14.68 33.15 -3.39
CA ALA C 604 -14.84 34.07 -2.27
C ALA C 604 -15.96 35.06 -2.53
N THR C 605 -16.11 35.50 -3.78
CA THR C 605 -17.23 36.38 -4.12
C THR C 605 -18.56 35.67 -3.89
N TRP C 606 -18.66 34.41 -4.33
CA TRP C 606 -19.87 33.64 -4.07
C TRP C 606 -20.10 33.46 -2.59
N PHE C 607 -19.03 33.28 -1.82
CA PHE C 607 -19.11 33.16 -0.37
C PHE C 607 -19.74 34.40 0.23
N GLN C 608 -19.24 35.57 -0.14
CA GLN C 608 -19.81 36.81 0.37
C GLN C 608 -21.27 36.94 -0.01
N TYR C 609 -21.60 36.66 -1.27
CA TYR C 609 -22.97 36.84 -1.73
C TYR C 609 -23.91 35.87 -1.02
N TYR C 610 -23.46 34.64 -0.77
CA TYR C 610 -24.28 33.69 -0.04
C TYR C 610 -24.53 34.16 1.38
N THR C 611 -23.51 34.66 2.06
CA THR C 611 -23.73 35.18 3.41
C THR C 611 -24.67 36.38 3.40
N GLU C 612 -24.53 37.25 2.40
CA GLU C 612 -25.45 38.38 2.28
C GLU C 612 -26.88 37.91 2.07
N ASP C 613 -27.06 36.87 1.28
CA ASP C 613 -28.40 36.36 1.00
C ASP C 613 -29.02 35.71 2.23
N GLN C 614 -28.36 34.66 2.74
CA GLN C 614 -28.93 33.87 3.82
C GLN C 614 -28.63 34.46 5.19
N GLY C 615 -27.37 34.77 5.47
CA GLY C 615 -26.99 35.24 6.78
C GLY C 615 -26.20 34.24 7.60
N GLN C 616 -25.68 33.18 6.97
CA GLN C 616 -24.94 32.15 7.67
C GLN C 616 -23.90 31.58 6.73
N PHE C 617 -22.82 31.05 7.30
CA PHE C 617 -21.73 30.55 6.49
C PHE C 617 -22.14 29.26 5.78
N PRO C 618 -21.83 29.11 4.50
CA PRO C 618 -22.19 27.89 3.79
C PRO C 618 -21.39 26.69 4.28
N LEU C 619 -22.00 25.52 4.16
CA LEU C 619 -21.33 24.28 4.53
C LEU C 619 -20.21 23.99 3.55
N GLN C 620 -19.27 23.14 3.97
CA GLN C 620 -18.10 22.87 3.15
C GLN C 620 -18.49 22.25 1.81
N TYR C 621 -19.64 21.59 1.74
CA TYR C 621 -20.03 20.93 0.50
C TYR C 621 -20.31 21.94 -0.60
N ALA C 622 -21.10 22.97 -0.31
CA ALA C 622 -21.38 24.00 -1.30
C ALA C 622 -20.11 24.73 -1.70
N ILE C 623 -19.25 25.01 -0.72
CA ILE C 623 -18.00 25.71 -1.01
C ILE C 623 -17.15 24.89 -1.99
N ARG C 624 -17.01 23.60 -1.73
CA ARG C 624 -16.18 22.77 -2.61
C ARG C 624 -16.82 22.62 -3.98
N SER C 625 -18.14 22.51 -4.03
CA SER C 625 -18.82 22.39 -5.32
C SER C 625 -18.61 23.63 -6.17
N VAL C 626 -18.78 24.81 -5.58
CA VAL C 626 -18.60 26.03 -6.37
C VAL C 626 -17.14 26.25 -6.71
N PHE C 627 -16.22 25.84 -5.85
CA PHE C 627 -14.81 25.95 -6.23
C PHE C 627 -14.48 25.05 -7.41
N ALA C 628 -15.00 23.82 -7.41
CA ALA C 628 -14.79 22.95 -8.54
C ALA C 628 -15.39 23.54 -9.81
N ASN C 629 -16.61 24.08 -9.71
CA ASN C 629 -17.25 24.67 -10.87
C ASN C 629 -16.46 25.85 -11.41
N HIS C 630 -16.03 26.74 -10.53
CA HIS C 630 -15.28 27.92 -10.98
C HIS C 630 -13.94 27.54 -11.54
N PHE C 631 -13.27 26.55 -10.95
CA PHE C 631 -11.99 26.10 -11.48
C PHE C 631 -12.16 25.50 -12.88
N LEU C 632 -13.19 24.68 -13.07
CA LEU C 632 -13.40 24.09 -14.39
C LEU C 632 -13.76 25.16 -15.42
N LEU C 633 -14.50 26.18 -15.01
CA LEU C 633 -14.84 27.24 -15.95
C LEU C 633 -13.64 28.12 -16.27
N ALA C 634 -12.77 28.35 -15.29
CA ALA C 634 -11.57 29.12 -15.55
C ALA C 634 -10.58 28.36 -16.41
N ILE C 635 -10.58 27.03 -16.31
CA ILE C 635 -9.67 26.22 -17.12
C ILE C 635 -10.04 26.31 -18.59
N CYS C 636 -11.32 26.13 -18.91
CA CYS C 636 -11.77 26.01 -20.29
C CYS C 636 -12.29 27.36 -20.75
N GLN C 637 -11.40 28.17 -21.33
CA GLN C 637 -11.76 29.45 -21.90
C GLN C 637 -12.20 29.22 -23.35
N LYS C 638 -13.50 29.32 -23.61
CA LYS C 638 -14.04 29.18 -24.94
C LYS C 638 -15.12 30.23 -25.15
N MET C 639 -15.26 30.69 -26.41
CA MET C 639 -16.17 31.78 -26.68
C MET C 639 -17.63 31.39 -26.48
N LYS C 640 -17.97 30.14 -26.78
CA LYS C 640 -19.37 29.71 -26.64
C LYS C 640 -19.84 29.83 -25.20
N LEU C 641 -19.00 29.43 -24.24
CA LEU C 641 -19.39 29.53 -22.84
C LEU C 641 -19.52 30.97 -22.40
N CYS C 642 -18.64 31.84 -22.88
CA CYS C 642 -18.72 33.26 -22.54
C CYS C 642 -20.04 33.84 -23.02
N ALA C 643 -20.39 33.56 -24.28
CA ALA C 643 -21.66 34.05 -24.81
C ALA C 643 -22.84 33.47 -24.04
N ILE C 644 -22.76 32.19 -23.66
CA ILE C 644 -23.84 31.53 -22.95
C ILE C 644 -24.09 32.21 -21.61
N PHE C 645 -23.03 32.47 -20.86
CA PHE C 645 -23.21 33.12 -19.57
C PHE C 645 -23.67 34.57 -19.73
N ASP C 646 -23.17 35.26 -20.76
CA ASP C 646 -23.61 36.62 -21.02
C ASP C 646 -25.10 36.68 -21.28
N ASN C 647 -25.63 35.76 -22.08
CA ASN C 647 -27.06 35.75 -22.33
C ASN C 647 -27.83 35.32 -21.09
N LEU C 648 -27.28 34.39 -20.30
CA LEU C 648 -27.98 33.92 -19.12
C LEU C 648 -28.17 35.04 -18.10
N ARG C 649 -27.21 35.96 -18.04
CA ARG C 649 -27.33 37.17 -17.21
C ARG C 649 -28.66 37.88 -17.44
N TYR C 650 -29.09 37.99 -18.69
CA TYR C 650 -30.35 38.64 -19.02
C TYR C 650 -31.50 37.66 -19.16
N LEU C 651 -31.21 36.36 -19.21
CA LEU C 651 -32.27 35.37 -19.29
C LEU C 651 -32.95 35.16 -17.95
N ILE C 652 -32.19 35.21 -16.85
CA ILE C 652 -32.78 34.98 -15.53
C ILE C 652 -33.86 36.00 -15.20
N PRO C 653 -33.64 37.32 -15.29
CA PRO C 653 -34.74 38.25 -15.04
C PRO C 653 -35.87 38.13 -16.03
N ALA C 654 -35.60 37.61 -17.22
CA ALA C 654 -36.66 37.55 -18.26
C ALA C 654 -37.66 36.46 -17.91
N VAL C 655 -37.25 35.45 -17.13
CA VAL C 655 -38.16 34.41 -16.68
C VAL C 655 -38.61 34.60 -15.26
N THR C 656 -37.96 35.48 -14.50
CA THR C 656 -38.47 35.84 -13.18
C THR C 656 -39.70 36.76 -13.24
N SER C 657 -39.74 37.68 -14.20
CA SER C 657 -40.82 38.65 -14.28
C SER C 657 -42.10 38.00 -14.76
N LEU C 658 -43.14 38.81 -14.95
CA LEU C 658 -44.44 38.28 -15.38
C LEU C 658 -44.48 38.07 -16.89
N TYR C 659 -44.36 39.15 -17.65
CA TYR C 659 -44.16 39.07 -19.09
C TYR C 659 -42.74 39.56 -19.39
N SER C 660 -42.24 39.13 -20.54
CA SER C 660 -40.90 39.55 -20.95
C SER C 660 -40.69 39.14 -22.41
N GLY C 661 -39.47 39.26 -22.89
CA GLY C 661 -39.15 38.85 -24.24
C GLY C 661 -38.24 37.65 -24.24
N PHE C 662 -38.53 36.67 -23.40
CA PHE C 662 -37.64 35.53 -23.25
C PHE C 662 -37.46 34.68 -24.50
N PRO C 663 -38.43 34.54 -25.42
CA PRO C 663 -38.15 33.70 -26.61
C PRO C 663 -36.95 34.15 -27.42
N SER C 664 -36.73 35.46 -27.57
CA SER C 664 -35.57 35.94 -28.30
C SER C 664 -34.28 35.61 -27.56
N LEU C 665 -34.28 35.77 -26.24
CA LEU C 665 -33.09 35.46 -25.48
C LEU C 665 -32.78 33.97 -25.51
N ILE C 666 -33.81 33.12 -25.54
CA ILE C 666 -33.59 31.69 -25.70
C ILE C 666 -33.00 31.41 -27.07
N GLU C 667 -33.54 32.02 -28.11
CA GLU C 667 -33.01 31.81 -29.46
C GLU C 667 -31.55 32.22 -29.56
N LYS C 668 -31.15 33.23 -28.79
CA LYS C 668 -29.76 33.65 -28.80
C LYS C 668 -28.81 32.54 -28.34
N LEU C 669 -29.31 31.54 -27.62
CA LEU C 669 -28.44 30.49 -27.10
C LEU C 669 -27.97 29.55 -28.19
N PHE C 670 -28.74 29.40 -29.26
CA PHE C 670 -28.47 28.42 -30.31
C PHE C 670 -27.88 29.06 -31.56
N GLU C 671 -27.03 30.07 -31.40
CA GLU C 671 -26.43 30.73 -32.54
C GLU C 671 -25.14 30.07 -33.00
N ARG C 672 -24.34 29.56 -32.09
CA ARG C 672 -23.11 28.89 -32.46
C ARG C 672 -23.19 27.41 -32.14
N PRO C 673 -22.44 26.56 -32.84
CA PRO C 673 -22.52 25.12 -32.59
C PRO C 673 -22.02 24.74 -31.20
N PHE C 674 -22.63 23.69 -30.64
CA PHE C 674 -22.15 23.09 -29.41
C PHE C 674 -21.11 22.04 -29.78
N LYS C 675 -19.86 22.28 -29.37
CA LYS C 675 -18.75 21.45 -29.81
C LYS C 675 -18.31 20.41 -28.79
N SER C 676 -18.29 20.75 -27.51
CA SER C 676 -17.73 19.88 -26.49
C SER C 676 -18.80 19.49 -25.48
N SER C 677 -18.40 18.63 -24.54
CA SER C 677 -19.32 18.14 -23.53
C SER C 677 -19.58 19.17 -22.44
N LEU C 678 -18.62 20.05 -22.17
CA LEU C 678 -18.85 21.10 -21.19
C LEU C 678 -19.97 22.02 -21.63
N GLU C 679 -20.01 22.36 -22.91
CA GLU C 679 -21.06 23.22 -23.43
C GLU C 679 -22.42 22.55 -23.32
N VAL C 680 -22.51 21.26 -23.60
CA VAL C 680 -23.78 20.55 -23.48
C VAL C 680 -24.20 20.48 -22.02
N TYR C 681 -23.25 20.25 -21.12
CA TYR C 681 -23.56 20.24 -19.68
C TYR C 681 -24.10 21.58 -19.23
N ILE C 682 -23.46 22.67 -19.64
CA ILE C 682 -23.90 24.00 -19.24
C ILE C 682 -25.26 24.32 -19.84
N TYR C 683 -25.48 23.91 -21.08
CA TYR C 683 -26.80 24.12 -21.72
C TYR C 683 -27.86 23.38 -20.93
N TYR C 684 -27.61 22.12 -20.60
CA TYR C 684 -28.59 21.33 -19.86
C TYR C 684 -28.93 22.00 -18.52
N ASN C 685 -27.90 22.45 -17.80
CA ASN C 685 -28.13 23.15 -16.54
C ASN C 685 -28.96 24.41 -16.74
N ILE C 686 -28.64 25.19 -17.77
CA ILE C 686 -29.37 26.43 -18.04
C ILE C 686 -30.83 26.13 -18.36
N LYS C 687 -31.08 25.11 -19.18
CA LYS C 687 -32.46 24.79 -19.54
C LYS C 687 -33.26 24.38 -18.31
N SER C 688 -32.68 23.52 -17.46
CA SER C 688 -33.38 23.12 -16.25
C SER C 688 -33.64 24.31 -15.32
N LEU C 689 -32.63 25.16 -15.14
CA LEU C 689 -32.78 26.33 -14.28
C LEU C 689 -33.83 27.28 -14.79
N LEU C 690 -33.84 27.55 -16.11
CA LEU C 690 -34.80 28.49 -16.66
C LEU C 690 -36.22 27.95 -16.56
N VAL C 691 -36.42 26.67 -16.85
CA VAL C 691 -37.76 26.11 -16.73
C VAL C 691 -38.23 26.16 -15.28
N ALA C 692 -37.33 25.84 -14.34
CA ALA C 692 -37.70 25.89 -12.93
C ALA C 692 -38.06 27.30 -12.50
N LEU C 693 -37.30 28.30 -12.96
CA LEU C 693 -37.59 29.68 -12.61
C LEU C 693 -38.92 30.14 -13.19
N ALA C 694 -39.22 29.75 -14.42
CA ALA C 694 -40.48 30.16 -15.03
C ALA C 694 -41.67 29.45 -14.41
N GLN C 695 -41.47 28.24 -13.87
CA GLN C 695 -42.57 27.52 -13.25
C GLN C 695 -43.09 28.19 -11.99
N ASN C 696 -42.28 29.01 -11.33
CA ASN C 696 -42.72 29.67 -10.09
C ASN C 696 -43.81 30.70 -10.33
N ASN C 697 -44.06 31.05 -11.59
CA ASN C 697 -45.03 32.14 -11.90
C ASN C 697 -46.45 31.60 -12.01
N LYS C 698 -46.67 30.29 -11.79
CA LYS C 698 -48.02 29.75 -11.77
C LYS C 698 -48.67 29.87 -10.40
N ALA C 699 -47.90 30.19 -9.36
CA ALA C 699 -48.41 30.28 -8.00
C ALA C 699 -48.34 31.72 -7.48
N ARG C 700 -48.68 32.67 -8.36
CA ARG C 700 -48.60 34.11 -7.98
C ARG C 700 -49.89 34.54 -7.30
N PHE C 701 -49.81 35.03 -6.06
CA PHE C 701 -50.97 35.47 -5.29
C PHE C 701 -50.69 36.84 -4.71
N TYR C 702 -51.76 37.58 -4.45
CA TYR C 702 -51.65 38.97 -3.99
C TYR C 702 -51.62 39.01 -2.48
N SER C 703 -50.66 39.77 -1.93
CA SER C 703 -50.47 39.89 -0.50
C SER C 703 -50.48 41.36 -0.08
N LYS C 704 -50.06 41.66 1.15
CA LYS C 704 -49.93 43.02 1.63
C LYS C 704 -48.55 43.21 2.23
N VAL C 705 -47.78 44.15 1.68
CA VAL C 705 -46.44 44.44 2.15
C VAL C 705 -46.27 45.95 2.25
N LYS C 706 -45.32 46.38 3.07
CA LYS C 706 -45.04 47.79 3.29
C LYS C 706 -43.76 48.16 2.54
N LEU C 707 -43.91 48.87 1.42
CA LEU C 707 -42.80 49.45 0.69
C LEU C 707 -42.69 50.92 1.05
N LEU C 708 -41.47 51.37 1.33
CA LEU C 708 -41.23 52.75 1.75
C LEU C 708 -42.02 53.05 3.01
N GLY C 709 -43.22 53.63 2.86
CA GLY C 709 -44.06 53.90 4.01
C GLY C 709 -45.53 53.63 3.75
N LEU C 710 -45.82 52.86 2.72
CA LEU C 710 -47.19 52.58 2.32
C LEU C 710 -47.38 51.08 2.19
N THR C 711 -48.52 50.58 2.67
CA THR C 711 -48.84 49.16 2.58
C THR C 711 -49.60 48.90 1.28
N VAL C 712 -48.99 48.13 0.39
CA VAL C 712 -49.50 47.96 -0.96
C VAL C 712 -49.65 46.49 -1.28
N ASP C 713 -50.49 46.20 -2.27
CA ASP C 713 -50.79 44.84 -2.68
C ASP C 713 -49.76 44.40 -3.71
N GLN C 714 -48.80 43.60 -3.28
CA GLN C 714 -47.79 43.06 -4.18
C GLN C 714 -48.23 41.70 -4.71
N SER C 715 -47.47 41.19 -5.68
CA SER C 715 -47.74 39.91 -6.32
C SER C 715 -46.51 39.04 -6.17
N THR C 716 -46.53 38.12 -5.20
CA THR C 716 -45.38 37.27 -4.92
C THR C 716 -45.51 35.97 -5.71
N VAL C 717 -44.68 34.99 -5.42
CA VAL C 717 -44.79 33.67 -6.06
C VAL C 717 -45.05 32.61 -5.01
N VAL C 722 -38.84 27.67 -6.50
CA VAL C 722 -37.78 28.24 -5.70
C VAL C 722 -36.75 28.91 -6.60
N TYR C 723 -35.57 29.19 -6.05
CA TYR C 723 -34.47 29.80 -6.77
C TYR C 723 -33.26 28.89 -6.63
N PRO C 724 -33.19 27.83 -7.44
CA PRO C 724 -32.10 26.86 -7.28
C PRO C 724 -30.77 27.45 -7.73
N SER C 725 -29.72 27.11 -6.98
CA SER C 725 -28.39 27.55 -7.34
C SER C 725 -27.94 26.89 -8.63
N PHE C 726 -27.05 27.58 -9.34
CA PHE C 726 -26.53 27.07 -10.60
C PHE C 726 -25.39 26.09 -10.41
N MET C 727 -24.68 26.15 -9.28
CA MET C 727 -23.46 25.37 -9.11
C MET C 727 -23.37 24.74 -7.72
N SER C 728 -24.49 24.39 -7.12
CA SER C 728 -24.47 23.74 -5.81
C SER C 728 -25.82 23.07 -5.58
N ARG C 729 -26.07 22.69 -4.32
CA ARG C 729 -27.36 22.02 -3.96
C ARG C 729 -28.15 22.93 -3.03
N ILE C 730 -27.76 24.19 -2.93
CA ILE C 730 -28.45 25.14 -2.06
C ILE C 730 -29.58 25.82 -2.82
N VAL C 731 -30.48 26.46 -2.10
CA VAL C 731 -31.52 27.30 -2.68
C VAL C 731 -31.37 28.70 -2.10
N TYR C 732 -31.52 29.70 -2.97
CA TYR C 732 -31.39 31.09 -2.57
C TYR C 732 -32.74 31.65 -2.14
N LYS C 733 -32.70 32.83 -1.53
CA LYS C 733 -33.89 33.53 -1.11
C LYS C 733 -34.32 34.62 -2.08
N HIS C 734 -33.36 35.30 -2.69
CA HIS C 734 -33.62 36.29 -3.73
C HIS C 734 -32.94 35.84 -5.02
N TYR C 735 -33.64 36.01 -6.14
CA TYR C 735 -33.06 35.62 -7.41
C TYR C 735 -31.89 36.50 -7.81
N ARG C 736 -31.74 37.66 -7.17
CA ARG C 736 -30.58 38.51 -7.45
C ARG C 736 -29.29 37.79 -7.12
N SER C 737 -29.33 36.86 -6.15
CA SER C 737 -28.15 36.06 -5.85
C SER C 737 -27.87 35.09 -6.99
N LEU C 738 -28.92 34.57 -7.63
CA LEU C 738 -28.75 33.74 -8.81
C LEU C 738 -28.10 34.53 -9.95
N ILE C 739 -28.56 35.76 -10.15
CA ILE C 739 -27.98 36.61 -11.18
C ILE C 739 -26.52 36.89 -10.87
N SER C 740 -26.20 37.11 -9.59
CA SER C 740 -24.83 37.37 -9.20
C SER C 740 -23.95 36.17 -9.44
N GLU C 741 -24.46 34.97 -9.15
CA GLU C 741 -23.74 33.75 -9.46
C GLU C 741 -23.41 33.66 -10.94
N VAL C 742 -24.42 33.91 -11.77
CA VAL C 742 -24.21 33.84 -13.22
C VAL C 742 -23.22 34.90 -13.68
N THR C 743 -23.30 36.11 -13.14
CA THR C 743 -22.38 37.17 -13.52
C THR C 743 -20.95 36.81 -13.14
N THR C 744 -20.75 36.27 -11.94
CA THR C 744 -19.43 35.83 -11.51
C THR C 744 -18.89 34.78 -12.47
N CYS C 745 -19.73 33.85 -12.89
CA CYS C 745 -19.28 32.88 -13.89
C CYS C 745 -18.95 33.53 -15.23
N PHE C 746 -19.72 34.55 -15.62
CA PHE C 746 -19.46 35.23 -16.89
C PHE C 746 -18.11 35.94 -16.89
N PHE C 747 -17.72 36.52 -15.76
CA PHE C 747 -16.48 37.28 -15.72
C PHE C 747 -15.26 36.40 -15.52
N LEU C 748 -15.43 35.09 -15.39
CA LEU C 748 -14.27 34.20 -15.36
C LEU C 748 -13.68 33.97 -16.73
N PHE C 749 -14.23 34.59 -17.77
CA PHE C 749 -13.76 34.41 -19.13
C PHE C 749 -13.04 35.69 -19.58
N GLU C 750 -11.82 35.52 -20.06
CA GLU C 750 -10.94 36.65 -20.31
C GLU C 750 -11.44 37.47 -21.49
N LYS C 751 -11.24 38.79 -21.39
CA LYS C 751 -11.71 39.73 -22.41
C LYS C 751 -10.98 39.58 -23.74
N GLY C 752 -9.91 38.81 -23.79
CA GLY C 752 -9.19 38.59 -25.04
C GLY C 752 -10.04 37.89 -26.08
N LEU C 753 -10.76 36.84 -25.66
CA LEU C 753 -11.68 36.18 -26.59
C LEU C 753 -12.94 37.00 -26.82
N HIS C 754 -13.18 38.03 -26.02
CA HIS C 754 -14.28 38.96 -26.24
C HIS C 754 -14.06 39.88 -27.44
N GLY C 755 -12.85 39.90 -28.00
CA GLY C 755 -12.56 40.74 -29.14
C GLY C 755 -12.01 39.98 -30.31
N ASN C 756 -12.47 38.74 -30.48
CA ASN C 756 -12.04 37.93 -31.61
C ASN C 756 -12.57 38.51 -32.92
N MET C 757 -11.89 38.18 -34.01
CA MET C 757 -12.33 38.63 -35.33
C MET C 757 -13.78 38.20 -35.60
N ASN C 758 -14.19 37.06 -35.07
CA ASN C 758 -15.58 36.63 -35.21
C ASN C 758 -16.52 37.61 -34.53
N GLU C 759 -16.03 38.32 -33.51
CA GLU C 759 -16.85 39.32 -32.84
C GLU C 759 -16.65 40.73 -33.39
N GLU C 760 -15.70 40.92 -34.31
CA GLU C 760 -15.54 42.20 -34.97
C GLU C 760 -16.27 42.24 -36.30
N ALA C 761 -16.23 41.13 -37.03
CA ALA C 761 -17.05 41.01 -38.23
C ALA C 761 -18.52 41.24 -37.90
N LYS C 762 -18.94 40.84 -36.70
CA LYS C 762 -20.33 41.01 -36.30
C LYS C 762 -20.71 42.48 -36.25
N ILE C 763 -19.91 43.30 -35.58
CA ILE C 763 -20.25 44.72 -35.47
C ILE C 763 -20.10 45.42 -36.82
N HIS C 764 -19.08 45.06 -37.59
CA HIS C 764 -18.96 45.62 -38.93
C HIS C 764 -20.22 45.34 -39.75
N LEU C 765 -20.66 44.07 -39.75
CA LEU C 765 -21.84 43.71 -40.53
C LEU C 765 -23.10 44.37 -39.97
N GLU C 766 -23.16 44.55 -38.66
CA GLU C 766 -24.32 45.22 -38.06
C GLU C 766 -24.43 46.65 -38.56
N THR C 767 -23.33 47.41 -38.49
CA THR C 767 -23.36 48.78 -38.96
C THR C 767 -23.67 48.84 -40.45
N VAL C 768 -23.06 47.95 -41.23
CA VAL C 768 -23.28 47.97 -42.67
C VAL C 768 -24.73 47.61 -43.01
N GLU C 769 -25.29 46.62 -42.33
CA GLU C 769 -26.68 46.24 -42.57
C GLU C 769 -27.62 47.38 -42.26
N TRP C 770 -27.40 48.07 -41.14
CA TRP C 770 -28.29 49.16 -40.80
C TRP C 770 -28.14 50.32 -41.78
N ALA C 771 -26.91 50.57 -42.25
CA ALA C 771 -26.72 51.59 -43.28
C ALA C 771 -27.46 51.23 -44.56
N LEU C 772 -27.42 49.96 -44.94
CA LEU C 772 -28.11 49.53 -46.16
C LEU C 772 -29.62 49.64 -46.01
N LYS C 773 -30.14 49.32 -44.82
CA LYS C 773 -31.57 49.50 -44.58
C LYS C 773 -31.95 50.97 -44.68
N PHE C 774 -31.10 51.85 -44.14
CA PHE C 774 -31.34 53.28 -44.27
C PHE C 774 -31.34 53.71 -45.73
N ARG C 775 -30.42 53.17 -46.53
CA ARG C 775 -30.40 53.48 -47.95
C ARG C 775 -31.67 53.00 -48.64
N GLU C 776 -32.15 51.81 -48.29
CA GLU C 776 -33.36 51.28 -48.89
C GLU C 776 -34.55 52.18 -48.57
N LYS C 777 -34.68 52.59 -47.31
CA LYS C 777 -35.75 53.51 -46.95
C LYS C 777 -35.60 54.83 -47.69
N GLU C 778 -34.35 55.28 -47.85
CA GLU C 778 -34.09 56.54 -48.55
C GLU C 778 -34.54 56.48 -49.99
N GLU C 779 -34.23 55.38 -50.68
CA GLU C 779 -34.57 55.28 -52.09
C GLU C 779 -36.05 54.99 -52.30
N LYS C 780 -36.70 54.30 -51.36
CA LYS C 780 -38.12 54.05 -51.49
C LYS C 780 -38.94 55.30 -51.19
N TYR C 781 -38.57 56.05 -50.15
CA TYR C 781 -39.35 57.18 -49.68
C TYR C 781 -38.77 58.54 -50.04
N GLY C 782 -37.63 58.58 -50.74
CA GLY C 782 -37.00 59.85 -51.05
C GLY C 782 -36.10 60.34 -49.92
N GLU C 783 -34.95 60.92 -50.27
CA GLU C 783 -33.98 61.31 -49.26
C GLU C 783 -34.52 62.38 -48.32
N SER C 784 -35.22 63.37 -48.87
CA SER C 784 -35.69 64.49 -48.06
C SER C 784 -36.66 64.02 -47.00
N LEU C 785 -37.53 63.07 -47.34
CA LEU C 785 -38.52 62.62 -46.38
C LEU C 785 -37.88 61.84 -45.24
N VAL C 786 -36.90 60.98 -45.55
CA VAL C 786 -36.23 60.23 -44.50
C VAL C 786 -35.43 61.16 -43.60
N GLU C 787 -34.68 62.08 -44.20
CA GLU C 787 -33.80 62.94 -43.42
C GLU C 787 -34.59 63.96 -42.61
N ASN C 788 -35.69 64.47 -43.15
CA ASN C 788 -36.47 65.48 -42.47
C ASN C 788 -37.67 64.92 -41.71
N GLY C 789 -38.13 63.74 -42.07
CA GLY C 789 -39.23 63.15 -41.32
C GLY C 789 -40.60 63.47 -41.92
N TYR C 790 -41.51 62.52 -41.78
CA TYR C 790 -42.82 62.66 -42.37
C TYR C 790 -43.74 63.50 -41.49
N MET C 791 -44.91 63.82 -42.03
CA MET C 791 -45.92 64.57 -41.31
C MET C 791 -46.97 63.59 -40.78
N MET C 792 -48.02 64.14 -40.16
CA MET C 792 -49.07 63.28 -39.64
C MET C 792 -49.91 62.67 -40.75
N TRP C 793 -50.31 63.48 -41.73
CA TRP C 793 -51.21 62.98 -42.75
C TRP C 793 -50.55 61.88 -43.59
N GLU C 794 -49.24 62.00 -43.83
CA GLU C 794 -48.54 60.93 -44.53
C GLU C 794 -48.64 59.62 -43.75
N LEU C 795 -48.46 59.69 -42.44
CA LEU C 795 -48.55 58.48 -41.62
C LEU C 795 -49.96 57.91 -41.64
N ARG C 796 -50.97 58.77 -41.50
CA ARG C 796 -52.34 58.27 -41.48
C ARG C 796 -52.75 57.70 -42.84
N ALA C 797 -52.17 58.20 -43.92
CA ALA C 797 -52.49 57.67 -45.24
C ALA C 797 -51.61 56.49 -45.64
N ASN C 798 -50.52 56.23 -44.93
CA ASN C 798 -49.63 55.12 -45.25
C ASN C 798 -49.61 54.06 -44.18
N ALA C 799 -49.32 54.43 -42.92
CA ALA C 799 -49.28 53.56 -41.76
C ALA C 799 -48.13 52.56 -41.80
N GLU C 800 -47.38 52.50 -42.90
CA GLU C 800 -46.13 51.75 -42.94
C GLU C 800 -44.92 52.63 -42.68
N LEU C 801 -45.12 53.93 -42.55
CA LEU C 801 -44.03 54.86 -42.25
C LEU C 801 -43.61 54.80 -40.80
N ALA C 802 -44.46 54.30 -39.91
CA ALA C 802 -44.10 54.20 -38.50
C ALA C 802 -43.09 53.08 -38.33
N GLU C 803 -41.81 53.40 -38.39
CA GLU C 803 -40.76 52.40 -38.38
C GLU C 803 -39.49 53.04 -37.84
N GLN C 804 -38.56 52.20 -37.41
CA GLN C 804 -37.26 52.69 -36.98
C GLN C 804 -36.55 53.35 -38.16
N GLN C 805 -35.76 54.37 -37.84
CA GLN C 805 -35.06 55.23 -38.80
C GLN C 805 -36.00 56.16 -39.55
N LEU C 806 -37.23 56.32 -39.08
CA LEU C 806 -38.17 57.29 -39.63
C LEU C 806 -38.92 57.94 -38.49
N TYR C 807 -38.94 59.27 -38.47
CA TYR C 807 -39.56 60.00 -37.37
C TYR C 807 -40.59 60.98 -37.91
N CYS C 808 -41.62 61.24 -37.11
CA CYS C 808 -42.73 62.09 -37.49
C CYS C 808 -42.50 63.50 -36.99
N GLN C 809 -42.49 64.47 -37.89
CA GLN C 809 -42.22 65.85 -37.49
C GLN C 809 -43.23 66.35 -36.48
N ASP C 810 -44.52 66.05 -36.70
CA ASP C 810 -45.54 66.47 -35.77
C ASP C 810 -45.29 65.89 -34.38
N ALA C 811 -44.88 64.62 -34.32
CA ALA C 811 -44.63 63.99 -33.04
C ALA C 811 -43.48 64.66 -32.30
N ILE C 812 -42.40 65.00 -33.01
CA ILE C 812 -41.28 65.66 -32.38
C ILE C 812 -41.70 67.04 -31.87
N GLU C 813 -42.45 67.78 -32.68
CA GLU C 813 -42.94 69.08 -32.25
C GLU C 813 -43.81 68.98 -31.01
N LEU C 814 -44.72 68.01 -31.00
CA LEU C 814 -45.61 67.85 -29.85
C LEU C 814 -44.84 67.46 -28.61
N ALA C 815 -43.85 66.56 -28.73
CA ALA C 815 -43.06 66.17 -27.58
C ALA C 815 -42.26 67.34 -27.05
N ALA C 816 -41.72 68.17 -27.95
CA ALA C 816 -41.03 69.37 -27.51
C ALA C 816 -41.98 70.29 -26.75
N ILE C 817 -43.22 70.41 -27.21
CA ILE C 817 -44.20 71.22 -26.50
C ILE C 817 -44.49 70.65 -25.12
N GLU C 818 -44.65 69.33 -25.03
CA GLU C 818 -44.98 68.70 -23.75
C GLU C 818 -43.84 68.89 -22.76
N LEU C 819 -42.60 68.81 -23.23
CA LEU C 819 -41.47 69.05 -22.33
C LEU C 819 -41.31 70.52 -22.02
N ASN C 820 -41.67 71.41 -22.95
CA ASN C 820 -41.63 72.84 -22.67
C ASN C 820 -42.62 73.21 -21.59
N LYS C 821 -43.76 72.52 -21.52
CA LYS C 821 -44.72 72.79 -20.47
C LYS C 821 -44.13 72.57 -19.09
N VAL C 822 -43.05 71.79 -18.99
CA VAL C 822 -42.33 71.59 -17.74
C VAL C 822 -41.14 72.52 -17.62
N LEU C 823 -40.40 72.71 -18.71
CA LEU C 823 -39.21 73.55 -18.68
C LEU C 823 -39.53 75.03 -18.56
N ALA C 824 -40.78 75.43 -18.82
CA ALA C 824 -41.13 76.85 -18.78
C ALA C 824 -41.03 77.43 -17.38
N THR C 825 -41.10 76.60 -16.35
CA THR C 825 -40.97 77.06 -14.98
C THR C 825 -39.52 77.14 -14.53
N LYS C 826 -38.57 76.92 -15.43
CA LYS C 826 -37.16 76.90 -15.09
C LYS C 826 -36.32 77.63 -16.12
N SER C 827 -36.88 78.66 -16.76
CA SER C 827 -36.15 79.35 -17.85
C SER C 827 -34.84 79.93 -17.32
N SER C 828 -34.88 80.64 -16.19
CA SER C 828 -33.70 81.32 -15.70
C SER C 828 -32.57 80.32 -15.42
N VAL C 829 -32.88 79.23 -14.73
CA VAL C 829 -31.85 78.25 -14.41
C VAL C 829 -31.39 77.51 -15.66
N VAL C 830 -32.29 77.29 -16.63
CA VAL C 830 -31.87 76.67 -17.88
C VAL C 830 -30.86 77.55 -18.59
N ALA C 831 -31.15 78.84 -18.67
CA ALA C 831 -30.22 79.76 -19.32
C ALA C 831 -28.89 79.82 -18.56
N ASN C 832 -28.95 79.86 -17.23
CA ASN C 832 -27.71 79.92 -16.47
C ASN C 832 -26.88 78.67 -16.68
N SER C 833 -27.51 77.50 -16.68
CA SER C 833 -26.77 76.25 -16.88
C SER C 833 -26.18 76.20 -18.28
N ILE C 834 -26.92 76.64 -19.29
CA ILE C 834 -26.40 76.64 -20.65
C ILE C 834 -25.20 77.57 -20.75
N LEU C 835 -25.28 78.75 -20.14
CA LEU C 835 -24.19 79.71 -20.22
C LEU C 835 -22.98 79.28 -19.40
N SER C 836 -23.17 78.46 -18.37
CA SER C 836 -22.04 78.03 -17.55
C SER C 836 -21.31 76.83 -18.13
N LYS C 837 -21.45 76.55 -19.43
CA LYS C 837 -20.78 75.43 -20.06
C LYS C 837 -19.46 75.83 -20.71
N ASN C 838 -19.00 77.06 -20.49
CA ASN C 838 -17.72 77.54 -20.99
C ASN C 838 -17.66 77.45 -22.51
N TRP C 839 -18.49 78.27 -23.15
CA TRP C 839 -18.49 78.37 -24.60
C TRP C 839 -17.37 79.26 -25.13
N GLU C 840 -16.68 79.98 -24.26
CA GLU C 840 -15.56 80.82 -24.69
C GLU C 840 -14.21 80.33 -24.17
N GLU C 841 -14.20 79.29 -23.33
CA GLU C 841 -12.94 78.74 -22.87
C GLU C 841 -12.20 78.04 -24.01
N PRO C 842 -10.87 78.08 -24.01
CA PRO C 842 -10.12 77.38 -25.05
C PRO C 842 -10.42 75.89 -25.06
N TYR C 843 -10.52 75.32 -26.25
CA TYR C 843 -10.92 73.93 -26.39
C TYR C 843 -9.87 72.99 -25.81
N PHE C 844 -8.62 73.16 -26.20
CA PHE C 844 -7.59 72.19 -25.86
C PHE C 844 -7.04 72.35 -24.46
N SER C 845 -7.53 73.33 -23.69
CA SER C 845 -7.11 73.52 -22.32
C SER C 845 -7.94 72.71 -21.34
N GLN C 846 -8.78 71.81 -21.82
CA GLN C 846 -9.62 71.00 -20.96
C GLN C 846 -9.07 69.59 -20.85
N THR C 847 -9.06 69.07 -19.62
CA THR C 847 -8.53 67.73 -19.39
C THR C 847 -9.31 66.67 -20.15
N ARG C 848 -10.54 66.96 -20.56
CA ARG C 848 -11.30 66.01 -21.35
C ARG C 848 -10.94 66.03 -22.83
N ASN C 849 -10.18 67.03 -23.27
CA ASN C 849 -9.76 67.12 -24.66
C ASN C 849 -8.29 66.83 -24.85
N ILE C 850 -7.57 66.44 -23.80
CA ILE C 850 -6.19 66.01 -23.92
C ILE C 850 -6.03 64.68 -23.22
N SER C 851 -7.10 63.89 -23.19
CA SER C 851 -7.12 62.65 -22.42
C SER C 851 -6.40 61.55 -23.18
N LEU C 852 -6.56 60.31 -22.72
CA LEU C 852 -5.93 59.14 -23.32
C LEU C 852 -6.90 58.29 -24.12
N LYS C 853 -8.11 58.79 -24.39
CA LYS C 853 -9.12 58.01 -25.08
C LYS C 853 -8.80 57.89 -26.57
N GLY C 854 -9.23 56.78 -27.15
CA GLY C 854 -8.97 56.54 -28.55
C GLY C 854 -9.65 57.55 -29.45
N MET C 855 -9.02 57.82 -30.58
CA MET C 855 -9.45 58.92 -31.44
C MET C 855 -8.78 58.80 -32.80
N SER C 856 -9.56 58.79 -33.86
CA SER C 856 -9.02 58.50 -35.19
C SER C 856 -8.29 59.71 -35.75
N GLY C 857 -7.18 59.45 -36.45
CA GLY C 857 -6.36 60.51 -36.98
C GLY C 857 -6.71 60.91 -38.39
N GLN C 858 -5.79 60.73 -39.33
CA GLN C 858 -6.03 61.04 -40.73
C GLN C 858 -6.04 59.77 -41.56
N VAL C 859 -6.57 59.88 -42.77
CA VAL C 859 -6.54 58.78 -43.73
C VAL C 859 -5.15 58.69 -44.34
N GLN C 860 -4.59 57.49 -44.36
CA GLN C 860 -3.25 57.27 -44.86
C GLN C 860 -3.27 57.08 -46.37
N GLU C 861 -2.09 56.83 -46.94
CA GLU C 861 -1.97 56.69 -48.39
C GLU C 861 -2.78 55.50 -48.88
N ASP C 862 -2.68 54.37 -48.19
CA ASP C 862 -3.46 53.20 -48.58
C ASP C 862 -4.96 53.44 -48.41
N GLY C 863 -5.33 54.29 -47.46
CA GLY C 863 -6.72 54.65 -47.23
C GLY C 863 -7.26 54.27 -45.87
N HIS C 864 -6.59 53.37 -45.15
CA HIS C 864 -7.06 52.97 -43.83
C HIS C 864 -6.93 54.13 -42.86
N LEU C 865 -8.00 54.38 -42.10
CA LEU C 865 -7.97 55.42 -41.08
C LEU C 865 -7.02 55.02 -39.95
N SER C 866 -6.28 55.99 -39.44
CA SER C 866 -5.25 55.75 -38.43
C SER C 866 -5.86 55.92 -37.05
N SER C 867 -5.90 54.83 -36.29
CA SER C 867 -6.35 54.90 -34.90
C SER C 867 -5.27 55.53 -34.04
N SER C 868 -5.67 56.47 -33.20
CA SER C 868 -4.72 57.26 -32.42
C SER C 868 -5.39 57.60 -31.09
N VAL C 869 -4.81 58.57 -30.40
CA VAL C 869 -5.27 58.98 -29.08
C VAL C 869 -5.49 60.49 -29.09
N THR C 870 -6.37 60.96 -28.20
CA THR C 870 -6.78 62.36 -28.22
C THR C 870 -5.62 63.31 -28.04
N ILE C 871 -4.66 62.98 -27.17
CA ILE C 871 -3.56 63.88 -26.89
C ILE C 871 -2.74 64.12 -28.16
N ILE C 872 -2.48 63.06 -28.93
CA ILE C 872 -1.73 63.22 -30.17
C ILE C 872 -2.48 64.11 -31.15
N GLU C 873 -3.80 63.94 -31.25
CA GLU C 873 -4.56 64.77 -32.16
C GLU C 873 -4.55 66.24 -31.73
N ALA C 874 -4.63 66.49 -30.42
CA ALA C 874 -4.55 67.86 -29.94
C ALA C 874 -3.20 68.47 -30.27
N ILE C 875 -2.12 67.72 -30.06
CA ILE C 875 -0.79 68.21 -30.39
C ILE C 875 -0.67 68.48 -31.88
N ARG C 876 -1.22 67.59 -32.70
CA ARG C 876 -1.16 67.77 -34.14
C ARG C 876 -1.88 69.04 -34.56
N TYR C 877 -3.07 69.28 -34.01
CA TYR C 877 -3.83 70.48 -34.40
C TYR C 877 -3.06 71.70 -33.96
N LEU C 878 -2.58 71.69 -32.71
CA LEU C 878 -1.91 72.88 -32.19
C LEU C 878 -0.65 73.21 -32.98
N SER C 879 0.13 72.19 -33.34
CA SER C 879 1.33 72.43 -34.13
C SER C 879 0.99 72.92 -35.53
N ASN C 880 0.09 72.22 -36.21
CA ASN C 880 -0.21 72.58 -37.59
C ASN C 880 -0.91 73.93 -37.68
N SER C 881 -1.86 74.19 -36.79
CA SER C 881 -2.57 75.47 -36.80
C SER C 881 -1.77 76.49 -36.00
N ARG C 882 -2.38 77.64 -35.73
CA ARG C 882 -1.66 78.77 -35.16
C ARG C 882 -2.02 79.05 -33.70
N HIS C 883 -3.24 78.77 -33.26
CA HIS C 883 -3.63 79.07 -31.89
C HIS C 883 -4.75 78.13 -31.47
N ASN C 884 -4.92 77.97 -30.16
CA ASN C 884 -5.98 77.11 -29.64
C ASN C 884 -7.26 77.92 -29.49
N PRO C 885 -8.32 77.58 -30.22
CA PRO C 885 -9.53 78.38 -30.21
C PRO C 885 -10.53 77.86 -29.19
N SER C 886 -11.59 78.65 -28.99
CA SER C 886 -12.71 78.18 -28.20
C SER C 886 -13.48 77.13 -28.99
N LEU C 887 -14.47 76.52 -28.34
CA LEU C 887 -15.19 75.41 -28.95
C LEU C 887 -15.90 75.84 -30.23
N LEU C 888 -16.58 77.00 -30.18
CA LEU C 888 -17.31 77.46 -31.37
C LEU C 888 -16.36 77.83 -32.49
N LYS C 889 -15.24 78.48 -32.17
CA LYS C 889 -14.24 78.79 -33.18
C LYS C 889 -13.70 77.53 -33.83
N LEU C 890 -13.38 76.52 -33.01
CA LEU C 890 -12.88 75.27 -33.56
C LEU C 890 -13.92 74.60 -34.44
N TYR C 891 -15.18 74.67 -34.03
CA TYR C 891 -16.24 74.11 -34.88
C TYR C 891 -16.31 74.82 -36.21
N GLU C 892 -16.20 76.15 -36.20
CA GLU C 892 -16.29 76.90 -37.45
C GLU C 892 -15.10 76.63 -38.35
N GLU C 893 -13.92 76.38 -37.78
CA GLU C 893 -12.72 76.08 -38.60
C GLU C 893 -12.81 74.67 -39.18
N THR C 894 -13.61 73.80 -38.56
CA THR C 894 -13.71 72.41 -38.98
C THR C 894 -15.09 72.06 -39.51
N ARG C 895 -15.91 73.05 -39.85
CA ARG C 895 -17.28 72.78 -40.28
C ARG C 895 -17.31 72.02 -41.60
N GLU C 896 -16.41 72.37 -42.52
CA GLU C 896 -16.48 71.80 -43.87
C GLU C 896 -15.95 70.37 -43.93
N GLN C 897 -15.17 69.93 -42.95
CA GLN C 897 -14.61 68.58 -42.99
C GLN C 897 -15.71 67.55 -42.83
N LYS C 898 -15.54 66.41 -43.50
CA LYS C 898 -16.50 65.32 -43.40
C LYS C 898 -16.15 64.44 -42.21
N ALA C 899 -17.17 64.07 -41.43
CA ALA C 899 -16.96 63.18 -40.31
C ALA C 899 -16.54 61.80 -40.80
N MET C 900 -15.70 61.14 -40.04
CA MET C 900 -15.26 59.79 -40.36
C MET C 900 -15.09 59.00 -39.06
N ALA C 901 -15.40 57.71 -39.13
CA ALA C 901 -15.36 56.87 -37.94
C ALA C 901 -14.92 55.47 -38.31
N ARG C 902 -14.29 54.79 -37.36
CA ARG C 902 -13.79 53.44 -37.56
C ARG C 902 -13.81 52.71 -36.23
N ILE C 903 -13.71 51.40 -36.30
CA ILE C 903 -13.77 50.54 -35.11
C ILE C 903 -12.40 50.50 -34.47
N VAL C 904 -12.38 50.52 -33.13
CA VAL C 904 -11.14 50.50 -32.37
C VAL C 904 -10.29 49.31 -32.77
N ARG C 905 -8.98 49.42 -32.60
CA ARG C 905 -8.06 48.40 -33.10
C ARG C 905 -8.28 47.06 -32.41
N LYS C 906 -7.96 46.99 -31.11
CA LYS C 906 -8.22 45.80 -30.32
C LYS C 906 -9.01 46.19 -29.09
N TYR C 907 -8.67 47.34 -28.52
CA TYR C 907 -9.31 47.90 -27.35
C TYR C 907 -10.83 47.83 -27.40
N GLY C 915 -17.11 52.23 -25.74
CA GLY C 915 -17.70 52.16 -27.06
C GLY C 915 -16.88 51.33 -28.03
N PHE C 916 -17.38 51.17 -29.25
CA PHE C 916 -16.68 50.43 -30.28
C PHE C 916 -16.13 51.29 -31.39
N PHE C 917 -16.56 52.55 -31.51
CA PHE C 917 -16.21 53.41 -32.63
C PHE C 917 -15.39 54.59 -32.13
N ILE C 918 -14.28 54.85 -32.79
CA ILE C 918 -13.55 56.09 -32.61
C ILE C 918 -13.90 57.00 -33.79
N THR C 919 -13.62 58.28 -33.63
CA THR C 919 -14.01 59.25 -34.63
C THR C 919 -13.03 60.41 -34.62
N THR C 920 -13.01 61.16 -35.72
CA THR C 920 -12.01 62.19 -35.94
C THR C 920 -12.27 63.38 -35.04
N LEU C 921 -11.48 64.44 -35.21
CA LEU C 921 -11.52 65.60 -34.32
C LEU C 921 -12.73 66.51 -34.56
N PRO C 922 -13.05 66.88 -35.80
CA PRO C 922 -14.25 67.71 -36.00
C PRO C 922 -15.52 67.04 -35.49
N THR C 923 -15.64 65.73 -35.67
CA THR C 923 -16.82 65.03 -35.19
C THR C 923 -16.91 65.07 -33.67
N ARG C 924 -15.78 64.87 -33.00
CA ARG C 924 -15.77 64.96 -31.55
C ARG C 924 -16.12 66.37 -31.10
N CYS C 925 -15.67 67.38 -31.83
CA CYS C 925 -16.01 68.75 -31.49
C CYS C 925 -17.52 68.99 -31.61
N ARG C 926 -18.12 68.53 -32.70
CA ARG C 926 -19.56 68.71 -32.87
C ARG C 926 -20.34 67.98 -31.80
N LEU C 927 -19.95 66.74 -31.50
CA LEU C 927 -20.64 65.98 -30.47
C LEU C 927 -20.50 66.65 -29.12
N GLU C 928 -19.33 67.25 -28.84
CA GLU C 928 -19.17 67.96 -27.58
C GLU C 928 -20.06 69.18 -27.52
N ILE C 929 -20.22 69.89 -28.64
CA ILE C 929 -21.14 71.03 -28.65
C ILE C 929 -22.55 70.57 -28.29
N ILE C 930 -23.04 69.56 -29.01
CA ILE C 930 -24.42 69.11 -28.79
C ILE C 930 -24.59 68.57 -27.38
N GLU C 931 -23.64 67.76 -26.92
CA GLU C 931 -23.73 67.15 -25.60
C GLU C 931 -23.67 68.19 -24.50
N ASP C 932 -22.81 69.20 -24.63
CA ASP C 932 -22.75 70.23 -23.61
C ASP C 932 -24.07 70.98 -23.54
N TYR C 933 -24.60 71.39 -24.69
CA TYR C 933 -25.86 72.11 -24.69
C TYR C 933 -26.97 71.28 -24.05
N TYR C 934 -27.06 70.00 -24.41
CA TYR C 934 -28.17 69.21 -23.92
C TYR C 934 -27.99 68.77 -22.47
N ASP C 935 -26.77 68.51 -22.03
CA ASP C 935 -26.56 68.21 -20.62
C ASP C 935 -26.91 69.41 -19.77
N ALA C 936 -26.54 70.62 -20.22
CA ALA C 936 -26.96 71.81 -19.50
C ALA C 936 -28.48 71.90 -19.44
N ILE C 937 -29.15 71.72 -20.59
CA ILE C 937 -30.60 71.87 -20.61
C ILE C 937 -31.32 70.75 -19.86
N ALA C 938 -30.66 69.62 -19.63
CA ALA C 938 -31.30 68.47 -19.00
C ALA C 938 -30.88 68.23 -17.56
N LYS C 939 -29.88 68.93 -17.05
CA LYS C 939 -29.55 68.82 -15.64
C LYS C 939 -30.65 69.40 -14.76
N ASN C 940 -31.50 70.26 -15.32
CA ASN C 940 -32.50 70.98 -14.54
C ASN C 940 -33.75 70.17 -14.25
N ILE C 941 -33.97 69.06 -14.96
CA ILE C 941 -35.09 68.18 -14.66
C ILE C 941 -34.63 66.89 -14.00
N SER C 942 -33.44 66.91 -13.40
CA SER C 942 -32.89 65.72 -12.76
C SER C 942 -33.63 65.32 -11.49
N GLU C 943 -34.47 66.20 -10.95
CA GLU C 943 -35.21 65.87 -9.74
C GLU C 943 -36.55 65.24 -10.02
N GLU C 944 -36.99 65.19 -11.28
CA GLU C 944 -38.27 64.62 -11.64
C GLU C 944 -38.16 63.45 -12.60
N TYR C 945 -37.38 63.57 -13.67
CA TYR C 945 -37.37 62.57 -14.73
C TYR C 945 -36.02 61.90 -14.91
N ILE C 946 -34.97 62.65 -15.14
CA ILE C 946 -33.65 62.07 -15.32
C ILE C 946 -33.06 61.78 -13.95
N SER C 947 -31.97 61.01 -13.93
CA SER C 947 -31.27 60.69 -12.70
C SER C 947 -29.78 60.61 -12.99
N TYR C 948 -28.96 61.22 -12.14
CA TYR C 948 -27.53 61.41 -12.39
C TYR C 948 -26.76 60.58 -11.38
N GLY C 949 -26.41 59.35 -11.75
CA GLY C 949 -25.82 58.39 -10.83
C GLY C 949 -24.63 58.85 -10.03
N GLY C 950 -24.69 58.62 -8.72
CA GLY C 950 -23.60 58.98 -7.82
C GLY C 950 -24.00 59.89 -6.67
N GLU C 951 -24.87 60.86 -6.94
CA GLU C 951 -25.40 61.75 -5.93
C GLU C 951 -26.72 61.19 -5.42
N LYS C 952 -27.52 62.03 -4.75
CA LYS C 952 -28.91 61.69 -4.43
C LYS C 952 -29.71 61.80 -5.71
N LYS C 953 -29.63 60.74 -6.53
CA LYS C 953 -30.19 60.73 -7.87
C LYS C 953 -31.40 59.82 -8.04
N ILE C 954 -31.58 58.84 -7.16
CA ILE C 954 -32.72 57.95 -7.27
C ILE C 954 -34.02 58.69 -7.00
N LEU C 955 -33.93 59.96 -6.60
CA LEU C 955 -35.09 60.75 -6.20
C LEU C 955 -36.16 60.78 -7.28
N ALA C 956 -35.76 60.76 -8.55
CA ALA C 956 -36.76 60.70 -9.62
C ALA C 956 -37.51 59.39 -9.60
N ILE C 957 -36.78 58.27 -9.53
CA ILE C 957 -37.42 56.97 -9.53
C ILE C 957 -38.16 56.73 -8.22
N GLN C 958 -37.57 57.14 -7.10
CA GLN C 958 -38.27 57.00 -5.83
C GLN C 958 -39.54 57.83 -5.80
N GLY C 959 -39.50 59.04 -6.35
CA GLY C 959 -40.70 59.85 -6.42
C GLY C 959 -41.76 59.23 -7.31
N ALA C 960 -41.34 58.68 -8.45
CA ALA C 960 -42.29 57.99 -9.32
C ALA C 960 -42.93 56.82 -8.59
N LEU C 961 -42.13 56.03 -7.88
CA LEU C 961 -42.66 54.90 -7.13
C LEU C 961 -43.62 55.34 -6.04
N GLU C 962 -43.26 56.40 -5.31
CA GLU C 962 -44.14 56.87 -4.24
C GLU C 962 -45.45 57.37 -4.79
N LYS C 963 -45.42 58.12 -5.89
CA LYS C 963 -46.66 58.59 -6.49
C LYS C 963 -47.49 57.43 -7.01
N ALA C 964 -46.84 56.41 -7.57
CA ALA C 964 -47.56 55.22 -8.03
C ALA C 964 -48.26 54.52 -6.88
N LEU C 965 -47.54 54.30 -5.78
CA LEU C 965 -48.13 53.61 -4.63
C LEU C 965 -49.26 54.43 -4.02
N ARG C 966 -49.07 55.75 -3.91
CA ARG C 966 -50.13 56.61 -3.39
C ARG C 966 -51.37 56.54 -4.26
N TRP C 967 -51.20 56.56 -5.58
CA TRP C 967 -52.35 56.42 -6.47
C TRP C 967 -53.01 55.07 -6.31
N ALA C 968 -52.22 54.01 -6.16
CA ALA C 968 -52.78 52.67 -6.06
C ALA C 968 -53.56 52.50 -4.78
N SER C 969 -53.16 53.18 -3.71
CA SER C 969 -53.84 53.02 -2.43
C SER C 969 -55.31 53.42 -2.54
N GLY C 970 -55.60 54.53 -3.20
CA GLY C 970 -56.96 54.99 -3.33
C GLY C 970 -57.78 54.11 -4.25
N GLU C 971 -59.05 54.46 -4.38
CA GLU C 971 -59.99 53.73 -5.22
C GLU C 971 -60.59 54.67 -6.25
N SER C 972 -60.96 54.11 -7.39
CA SER C 972 -61.51 54.86 -8.50
C SER C 972 -62.95 54.47 -8.76
N PHE C 973 -63.81 55.47 -8.98
CA PHE C 973 -65.22 55.26 -9.29
C PHE C 973 -65.51 55.96 -10.61
N ILE C 974 -66.06 55.24 -11.57
CA ILE C 974 -66.41 55.83 -12.84
C ILE C 974 -67.85 56.32 -12.76
N GLU C 975 -68.19 57.27 -13.63
CA GLU C 975 -69.49 57.94 -13.60
C GLU C 975 -70.26 57.55 -14.86
N LEU C 976 -71.34 56.80 -14.68
CA LEU C 976 -72.22 56.45 -15.78
C LEU C 976 -73.13 57.66 -16.03
N SER C 977 -73.83 57.68 -17.16
CA SER C 977 -74.59 58.86 -17.56
C SER C 977 -75.68 59.21 -16.55
N ASN C 978 -76.36 58.20 -16.00
CA ASN C 978 -77.49 58.46 -15.11
C ASN C 978 -77.06 58.62 -13.66
N HIS C 979 -76.06 59.46 -13.44
CA HIS C 979 -75.61 59.82 -12.09
C HIS C 979 -75.38 58.59 -11.21
N LYS C 980 -74.68 57.61 -11.76
CA LYS C 980 -74.37 56.38 -11.06
C LYS C 980 -72.87 56.17 -10.98
N PHE C 981 -72.46 55.36 -10.02
CA PHE C 981 -71.05 55.08 -9.77
C PHE C 981 -70.77 53.59 -9.90
N ILE C 982 -69.67 53.25 -10.56
CA ILE C 982 -69.19 51.89 -10.67
C ILE C 982 -67.85 51.81 -9.96
N ARG C 983 -67.74 50.94 -8.97
CA ARG C 983 -66.49 50.78 -8.27
C ARG C 983 -65.44 50.15 -9.19
N MET C 984 -64.18 50.50 -8.94
CA MET C 984 -63.06 49.97 -9.69
C MET C 984 -61.89 49.74 -8.75
N LYS C 985 -61.05 48.76 -9.09
CA LYS C 985 -59.85 48.45 -8.33
C LYS C 985 -58.64 48.96 -9.08
N ARG C 986 -57.82 49.77 -8.43
CA ARG C 986 -56.62 50.30 -9.04
C ARG C 986 -55.47 49.32 -8.84
N LYS C 987 -54.80 48.97 -9.93
CA LYS C 987 -53.64 48.10 -9.89
C LYS C 987 -52.54 48.66 -10.76
N LEU C 988 -51.30 48.34 -10.42
CA LEU C 988 -50.13 48.83 -11.12
C LEU C 988 -49.40 47.68 -11.80
N MET C 989 -48.67 48.00 -12.87
CA MET C 989 -47.68 47.07 -13.38
C MET C 989 -46.57 47.86 -14.05
N TYR C 990 -45.33 47.51 -13.71
CA TYR C 990 -44.16 48.28 -14.06
C TYR C 990 -43.45 47.64 -15.25
N VAL C 991 -42.83 48.48 -16.07
CA VAL C 991 -42.04 48.04 -17.22
C VAL C 991 -40.65 48.62 -17.09
N SER C 992 -39.63 47.77 -17.16
CA SER C 992 -38.24 48.21 -17.19
C SER C 992 -37.70 48.03 -18.59
N ALA C 993 -37.06 49.06 -19.13
CA ALA C 993 -36.50 48.97 -20.47
C ALA C 993 -35.30 49.88 -20.58
N ASP C 994 -34.42 49.57 -21.53
CA ASP C 994 -33.32 50.46 -21.90
C ASP C 994 -33.68 51.24 -23.17
N ALA C 995 -34.58 52.20 -22.99
CA ALA C 995 -35.13 52.92 -24.13
C ALA C 995 -34.09 53.83 -24.78
N THR C 996 -33.31 54.53 -23.97
CA THR C 996 -32.37 55.52 -24.49
C THR C 996 -31.02 54.94 -24.83
N LYS C 997 -30.82 53.63 -24.63
CA LYS C 997 -29.59 52.98 -25.06
C LYS C 997 -29.42 53.15 -26.57
N TRP C 998 -28.21 53.52 -26.98
CA TRP C 998 -27.96 53.77 -28.39
C TRP C 998 -28.18 52.50 -29.20
N SER C 999 -29.01 52.60 -30.24
CA SER C 999 -29.21 51.48 -31.13
C SER C 999 -28.69 51.83 -32.51
N PRO C 1000 -28.13 50.86 -33.25
CA PRO C 1000 -27.52 51.18 -34.54
C PRO C 1000 -28.48 51.76 -35.55
N GLY C 1001 -29.74 51.40 -35.49
CA GLY C 1001 -30.72 51.98 -36.39
C GLY C 1001 -31.43 53.16 -35.77
N ASP C 1002 -30.96 54.36 -36.06
CA ASP C 1002 -31.53 55.56 -35.47
C ASP C 1002 -31.19 56.76 -36.35
N ASN C 1003 -32.15 57.67 -36.47
CA ASN C 1003 -31.98 58.89 -37.26
C ASN C 1003 -31.61 60.02 -36.32
N SER C 1004 -30.33 60.42 -36.33
CA SER C 1004 -29.93 61.55 -35.51
C SER C 1004 -30.61 62.84 -35.94
N ALA C 1005 -31.10 62.90 -37.17
CA ALA C 1005 -31.77 64.10 -37.65
C ALA C 1005 -33.03 64.41 -36.88
N LYS C 1006 -33.58 63.44 -36.15
CA LYS C 1006 -34.78 63.70 -35.36
C LYS C 1006 -34.51 64.70 -34.25
N PHE C 1007 -33.25 64.96 -33.92
CA PHE C 1007 -32.93 65.88 -32.85
C PHE C 1007 -32.98 67.33 -33.31
N ARG C 1008 -32.91 67.58 -34.62
CA ARG C 1008 -32.82 68.95 -35.11
C ARG C 1008 -34.10 69.73 -34.81
N ARG C 1009 -35.25 69.18 -35.17
CA ARG C 1009 -36.50 69.87 -34.87
C ARG C 1009 -36.71 69.97 -33.37
N PHE C 1010 -36.26 68.95 -32.64
CA PHE C 1010 -36.40 68.96 -31.19
C PHE C 1010 -35.68 70.14 -30.58
N THR C 1011 -34.42 70.37 -30.97
CA THR C 1011 -33.72 71.54 -30.46
C THR C 1011 -34.19 72.83 -31.09
N SER C 1012 -34.81 72.77 -32.27
CA SER C 1012 -35.46 73.96 -32.81
C SER C 1012 -36.64 74.40 -31.97
N MET C 1013 -37.33 73.47 -31.33
CA MET C 1013 -38.53 73.80 -30.57
C MET C 1013 -38.35 73.78 -29.07
N LEU C 1014 -37.29 73.17 -28.53
CA LEU C 1014 -37.13 73.13 -27.09
C LEU C 1014 -36.93 74.52 -26.53
N HIS C 1015 -37.56 74.78 -25.39
CA HIS C 1015 -37.47 76.10 -24.76
C HIS C 1015 -36.24 76.19 -23.88
N ASN C 1016 -35.43 77.22 -24.10
CA ASN C 1016 -34.31 77.55 -23.25
C ASN C 1016 -34.41 79.02 -22.86
N GLY C 1017 -33.82 79.36 -21.72
CA GLY C 1017 -33.93 80.71 -21.22
C GLY C 1017 -33.18 81.75 -22.04
N LEU C 1018 -32.40 81.33 -23.03
CA LEU C 1018 -31.61 82.25 -23.81
C LEU C 1018 -32.51 83.19 -24.60
N PRO C 1019 -32.16 84.47 -24.72
CA PRO C 1019 -33.02 85.42 -25.43
C PRO C 1019 -32.92 85.29 -26.95
N ASN C 1020 -31.75 84.93 -27.46
CA ASN C 1020 -31.54 84.78 -28.89
C ASN C 1020 -31.55 83.30 -29.26
N ASN C 1021 -31.23 83.00 -30.51
CA ASN C 1021 -31.18 81.63 -31.00
C ASN C 1021 -29.81 81.27 -31.55
N LYS C 1022 -28.76 81.99 -31.16
CA LYS C 1022 -27.43 81.72 -31.69
C LYS C 1022 -26.94 80.34 -31.27
N LEU C 1023 -27.01 80.05 -29.97
CA LEU C 1023 -26.52 78.76 -29.48
C LEU C 1023 -27.40 77.62 -29.99
N LYS C 1024 -28.72 77.80 -29.98
CA LYS C 1024 -29.61 76.76 -30.46
C LYS C 1024 -29.37 76.47 -31.93
N ASN C 1025 -29.20 77.51 -32.74
CA ASN C 1025 -28.93 77.28 -34.16
C ASN C 1025 -27.56 76.67 -34.38
N CYS C 1026 -26.58 77.01 -33.54
CA CYS C 1026 -25.28 76.36 -33.66
C CYS C 1026 -25.38 74.87 -33.36
N VAL C 1027 -26.17 74.51 -32.35
CA VAL C 1027 -26.41 73.10 -32.05
C VAL C 1027 -27.09 72.40 -33.23
N ILE C 1028 -28.07 73.06 -33.83
CA ILE C 1028 -28.73 72.49 -35.00
C ILE C 1028 -27.74 72.27 -36.13
N ASP C 1029 -26.84 73.24 -36.34
CA ASP C 1029 -25.86 73.11 -37.41
C ASP C 1029 -24.87 71.97 -37.13
N ALA C 1030 -24.47 71.82 -35.87
CA ALA C 1030 -23.63 70.69 -35.51
C ALA C 1030 -24.34 69.36 -35.78
N LEU C 1031 -25.63 69.28 -35.42
CA LEU C 1031 -26.39 68.08 -35.70
C LEU C 1031 -26.45 67.81 -37.19
N LYS C 1032 -26.61 68.87 -37.99
CA LYS C 1032 -26.65 68.70 -39.43
C LYS C 1032 -25.33 68.14 -39.94
N GLN C 1033 -24.21 68.65 -39.41
CA GLN C 1033 -22.91 68.22 -39.91
C GLN C 1033 -22.56 66.80 -39.48
N VAL C 1034 -23.04 66.37 -38.31
CA VAL C 1034 -22.77 65.00 -37.85
C VAL C 1034 -23.68 63.98 -38.52
N TYR C 1035 -24.54 64.40 -39.44
CA TYR C 1035 -25.52 63.49 -40.03
C TYR C 1035 -24.85 62.40 -40.86
N LYS C 1036 -23.96 62.78 -41.75
CA LYS C 1036 -23.31 61.84 -42.66
C LYS C 1036 -21.89 61.55 -42.20
N THR C 1037 -21.59 60.27 -42.01
CA THR C 1037 -20.29 59.84 -41.50
C THR C 1037 -19.66 58.86 -42.47
N ASP C 1038 -18.34 58.89 -42.56
CA ASP C 1038 -17.58 58.02 -43.46
C ASP C 1038 -17.05 56.85 -42.65
N PHE C 1039 -17.76 55.71 -42.71
CA PHE C 1039 -17.30 54.53 -42.00
C PHE C 1039 -16.10 53.92 -42.71
N PHE C 1040 -15.13 53.48 -41.93
CA PHE C 1040 -13.88 52.92 -42.46
C PHE C 1040 -13.72 51.49 -41.97
N MET C 1041 -13.38 50.59 -42.90
CA MET C 1041 -13.16 49.20 -42.55
C MET C 1041 -11.80 49.04 -41.90
N SER C 1042 -11.76 48.31 -40.78
CA SER C 1042 -10.52 48.10 -40.07
C SER C 1042 -9.54 47.26 -40.89
N ARG C 1043 -8.24 47.48 -40.63
CA ARG C 1043 -7.21 46.82 -41.43
C ARG C 1043 -7.29 45.30 -41.31
N LYS C 1044 -7.54 44.79 -40.11
CA LYS C 1044 -7.60 43.35 -39.90
C LYS C 1044 -8.69 42.72 -40.77
N LEU C 1045 -9.86 43.35 -40.81
CA LEU C 1045 -10.95 42.80 -41.62
C LEU C 1045 -10.60 42.87 -43.10
N ARG C 1046 -9.96 43.94 -43.54
CA ARG C 1046 -9.59 44.05 -44.94
C ARG C 1046 -8.60 42.96 -45.33
N ASN C 1047 -7.62 42.69 -44.47
CA ASN C 1047 -6.67 41.63 -44.76
C ASN C 1047 -7.35 40.26 -44.75
N TYR C 1048 -8.23 40.03 -43.78
CA TYR C 1048 -8.87 38.73 -43.64
C TYR C 1048 -9.81 38.45 -44.80
N ILE C 1049 -10.53 39.46 -45.26
CA ILE C 1049 -11.52 39.28 -46.31
C ILE C 1049 -10.90 38.92 -47.65
N ASP C 1050 -9.59 39.14 -47.82
CA ASP C 1050 -8.93 38.72 -49.04
C ASP C 1050 -8.85 37.21 -49.17
N SER C 1051 -9.16 36.47 -48.11
CA SER C 1051 -9.13 35.02 -48.11
C SER C 1051 -10.41 34.49 -47.49
N MET C 1052 -10.77 33.26 -47.88
CA MET C 1052 -11.97 32.58 -47.40
C MET C 1052 -13.21 33.44 -47.66
N GLU C 1053 -13.55 33.52 -48.94
CA GLU C 1053 -14.79 34.16 -49.38
C GLU C 1053 -15.85 33.14 -49.75
N SER C 1054 -15.86 31.99 -49.06
CA SER C 1054 -16.88 30.98 -49.33
C SER C 1054 -18.26 31.50 -49.01
N LEU C 1055 -18.41 32.24 -47.91
CA LEU C 1055 -19.69 32.82 -47.53
C LEU C 1055 -19.97 34.06 -48.37
N ASP C 1056 -20.14 33.87 -49.67
CA ASP C 1056 -20.28 34.94 -50.65
C ASP C 1056 -21.45 35.90 -50.45
N PRO C 1057 -22.66 35.46 -50.07
CA PRO C 1057 -23.79 36.41 -50.08
C PRO C 1057 -23.57 37.65 -49.20
N HIS C 1058 -23.44 37.44 -47.89
CA HIS C 1058 -23.39 38.58 -46.99
C HIS C 1058 -22.05 39.32 -47.11
N ILE C 1059 -20.96 38.58 -47.31
CA ILE C 1059 -19.67 39.21 -47.48
C ILE C 1059 -19.65 40.07 -48.74
N LYS C 1060 -20.26 39.56 -49.81
CA LYS C 1060 -20.36 40.33 -51.04
C LYS C 1060 -21.18 41.60 -50.85
N GLN C 1061 -22.30 41.50 -50.13
CA GLN C 1061 -23.07 42.71 -49.85
C GLN C 1061 -22.23 43.70 -49.04
N PHE C 1062 -21.52 43.19 -48.02
CA PHE C 1062 -20.71 44.06 -47.18
C PHE C 1062 -19.62 44.77 -47.98
N LEU C 1063 -18.96 44.04 -48.88
CA LEU C 1063 -17.95 44.67 -49.73
C LEU C 1063 -18.58 45.64 -50.72
N ASP C 1064 -19.80 45.35 -51.18
CA ASP C 1064 -20.50 46.27 -52.05
C ASP C 1064 -20.82 47.57 -51.34
N PHE C 1065 -21.00 47.52 -50.01
CA PHE C 1065 -21.23 48.75 -49.26
C PHE C 1065 -20.07 49.72 -49.40
N PHE C 1066 -18.85 49.21 -49.56
CA PHE C 1066 -17.68 50.06 -49.72
C PHE C 1066 -17.41 50.28 -51.20
N PRO C 1067 -17.55 51.50 -51.71
CA PRO C 1067 -17.29 51.74 -53.14
C PRO C 1067 -15.84 51.47 -53.52
N ASP C 1068 -14.90 52.12 -52.83
CA ASP C 1068 -13.49 51.94 -53.11
C ASP C 1068 -12.86 50.82 -52.30
N GLY C 1069 -13.65 50.11 -51.49
CA GLY C 1069 -13.12 49.05 -50.67
C GLY C 1069 -12.36 49.51 -49.44
N HIS C 1070 -12.49 50.79 -49.07
CA HIS C 1070 -11.80 51.29 -47.88
C HIS C 1070 -12.71 52.12 -46.99
N HIS C 1071 -13.70 52.78 -47.58
CA HIS C 1071 -14.58 53.63 -46.78
C HIS C 1071 -15.90 53.83 -47.52
N GLY C 1072 -16.99 53.85 -46.74
CA GLY C 1072 -18.31 54.10 -47.28
C GLY C 1072 -18.99 55.23 -46.53
N GLU C 1073 -20.23 55.48 -46.91
CA GLU C 1073 -21.01 56.58 -46.34
C GLU C 1073 -22.08 56.01 -45.41
N VAL C 1074 -22.13 56.51 -44.19
CA VAL C 1074 -23.13 56.13 -43.20
C VAL C 1074 -23.95 57.37 -42.87
N LYS C 1075 -25.26 57.23 -42.85
CA LYS C 1075 -26.16 58.35 -42.62
C LYS C 1075 -27.11 58.03 -41.48
N GLY C 1076 -27.55 59.07 -40.79
CA GLY C 1076 -28.51 58.90 -39.71
C GLY C 1076 -27.88 58.37 -38.44
N ASN C 1077 -27.37 57.15 -38.48
CA ASN C 1077 -26.67 56.59 -37.33
C ASN C 1077 -25.48 57.46 -36.96
N TRP C 1078 -25.37 57.81 -35.68
CA TRP C 1078 -24.27 58.64 -35.22
C TRP C 1078 -23.16 57.84 -34.57
N LEU C 1079 -23.21 56.50 -34.67
CA LEU C 1079 -22.07 55.63 -34.39
C LEU C 1079 -21.56 55.80 -32.96
N GLN C 1080 -22.45 55.51 -32.01
CA GLN C 1080 -22.10 55.44 -30.59
C GLN C 1080 -21.54 56.76 -30.07
N GLY C 1081 -21.80 57.87 -30.75
CA GLY C 1081 -21.35 59.14 -30.24
C GLY C 1081 -22.03 59.48 -28.93
N ASN C 1082 -21.34 60.28 -28.11
CA ASN C 1082 -21.88 60.59 -26.80
C ASN C 1082 -23.03 61.58 -26.90
N LEU C 1083 -24.24 61.05 -27.08
CA LEU C 1083 -25.46 61.84 -27.04
C LEU C 1083 -26.41 61.29 -26.00
N ASN C 1084 -25.86 60.90 -24.83
CA ASN C 1084 -26.67 60.23 -23.82
C ASN C 1084 -27.75 61.16 -23.29
N LYS C 1085 -27.37 62.36 -22.86
CA LYS C 1085 -28.35 63.25 -22.25
C LYS C 1085 -29.37 63.74 -23.27
N CYS C 1086 -28.92 64.01 -24.50
CA CYS C 1086 -29.84 64.43 -25.54
C CYS C 1086 -30.87 63.34 -25.83
N SER C 1087 -30.41 62.10 -25.97
CA SER C 1087 -31.33 60.99 -26.26
C SER C 1087 -32.28 60.74 -25.09
N SER C 1088 -31.78 60.81 -23.86
CA SER C 1088 -32.64 60.60 -22.71
C SER C 1088 -33.69 61.69 -22.58
N LEU C 1089 -33.30 62.94 -22.85
CA LEU C 1089 -34.26 64.04 -22.84
C LEU C 1089 -35.31 63.85 -23.92
N PHE C 1090 -34.88 63.38 -25.09
CA PHE C 1090 -35.83 63.07 -26.15
C PHE C 1090 -36.83 62.02 -25.71
N GLY C 1091 -36.34 60.96 -25.06
CA GLY C 1091 -37.23 59.91 -24.59
C GLY C 1091 -38.21 60.41 -23.55
N VAL C 1092 -37.74 61.26 -22.64
CA VAL C 1092 -38.64 61.85 -21.66
C VAL C 1092 -39.72 62.68 -22.35
N ALA C 1093 -39.33 63.43 -23.37
CA ALA C 1093 -40.30 64.23 -24.10
C ALA C 1093 -41.37 63.34 -24.73
N MET C 1094 -40.94 62.26 -25.38
CA MET C 1094 -41.92 61.39 -26.03
C MET C 1094 -42.81 60.69 -25.02
N SER C 1095 -42.28 60.33 -23.87
CA SER C 1095 -43.10 59.69 -22.85
C SER C 1095 -44.13 60.66 -22.29
N LEU C 1096 -43.75 61.92 -22.07
CA LEU C 1096 -44.72 62.92 -21.66
C LEU C 1096 -45.78 63.12 -22.73
N LEU C 1097 -45.37 63.04 -24.00
CA LEU C 1097 -46.33 63.14 -25.10
C LEU C 1097 -47.34 62.01 -25.03
N PHE C 1098 -46.88 60.79 -24.81
CA PHE C 1098 -47.82 59.68 -24.68
C PHE C 1098 -48.75 59.88 -23.49
N LYS C 1099 -48.21 60.36 -22.37
CA LYS C 1099 -49.04 60.61 -21.20
C LYS C 1099 -50.16 61.58 -21.51
N GLN C 1100 -49.82 62.68 -22.20
CA GLN C 1100 -50.84 63.65 -22.57
C GLN C 1100 -51.86 63.03 -23.52
N VAL C 1101 -51.40 62.26 -24.49
CA VAL C 1101 -52.32 61.68 -25.46
C VAL C 1101 -53.27 60.70 -24.79
N TRP C 1102 -52.76 59.87 -23.89
CA TRP C 1102 -53.64 58.93 -23.20
C TRP C 1102 -54.63 59.64 -22.31
N THR C 1103 -54.19 60.67 -21.58
CA THR C 1103 -55.12 61.42 -20.76
C THR C 1103 -56.21 62.05 -21.61
N ASN C 1104 -55.86 62.55 -22.79
CA ASN C 1104 -56.86 63.07 -23.71
C ASN C 1104 -57.79 61.97 -24.21
N LEU C 1105 -57.26 60.76 -24.40
CA LEU C 1105 -58.03 59.68 -25.00
C LEU C 1105 -59.20 59.27 -24.12
N PHE C 1106 -58.98 59.11 -22.82
CA PHE C 1106 -59.98 58.62 -21.89
C PHE C 1106 -60.12 59.59 -20.72
N PRO C 1107 -60.76 60.74 -20.95
CA PRO C 1107 -60.96 61.69 -19.85
C PRO C 1107 -61.79 61.11 -18.72
N GLU C 1108 -62.72 60.21 -19.03
CA GLU C 1108 -63.56 59.62 -18.01
C GLU C 1108 -62.78 58.66 -17.13
N LEU C 1109 -61.90 57.86 -17.73
CA LEU C 1109 -61.16 56.86 -16.98
C LEU C 1109 -60.10 57.50 -16.10
N ASP C 1110 -59.93 56.94 -14.89
CA ASP C 1110 -58.94 57.47 -13.93
C ASP C 1110 -57.67 56.62 -14.01
N CYS C 1111 -56.91 56.78 -15.08
CA CYS C 1111 -55.68 56.02 -15.28
C CYS C 1111 -54.50 56.74 -14.65
N PHE C 1112 -53.31 56.24 -14.91
CA PHE C 1112 -52.11 56.71 -14.23
C PHE C 1112 -50.89 56.30 -15.03
N PHE C 1113 -49.88 57.17 -15.06
CA PHE C 1113 -48.65 56.88 -15.78
C PHE C 1113 -47.54 57.75 -15.22
N GLU C 1114 -46.48 57.14 -14.72
CA GLU C 1114 -45.31 57.86 -14.26
C GLU C 1114 -44.07 57.07 -14.59
N PHE C 1115 -43.03 57.77 -15.02
CA PHE C 1115 -41.78 57.15 -15.42
C PHE C 1115 -40.62 57.94 -14.85
N ALA C 1116 -39.43 57.36 -14.91
CA ALA C 1116 -38.24 58.03 -14.43
C ALA C 1116 -37.03 57.36 -15.05
N HIS C 1117 -36.32 58.06 -15.93
CA HIS C 1117 -35.13 57.51 -16.54
C HIS C 1117 -33.96 57.54 -15.57
N HIS C 1118 -33.01 56.65 -15.80
CA HIS C 1118 -31.74 56.67 -15.08
C HIS C 1118 -30.67 56.16 -16.02
N SER C 1119 -29.84 57.06 -16.52
CA SER C 1119 -28.76 56.73 -17.46
C SER C 1119 -29.40 56.10 -18.69
N ASP C 1120 -29.12 54.84 -19.01
CA ASP C 1120 -29.69 54.20 -20.19
C ASP C 1120 -30.94 53.39 -19.86
N ASP C 1121 -31.40 53.39 -18.61
CA ASP C 1121 -32.55 52.61 -18.20
C ASP C 1121 -33.81 53.46 -18.21
N ALA C 1122 -34.90 52.86 -17.74
CA ALA C 1122 -36.19 53.52 -17.61
C ALA C 1122 -37.02 52.70 -16.64
N LEU C 1123 -38.16 53.27 -16.23
CA LEU C 1123 -39.12 52.52 -15.44
C LEU C 1123 -40.49 53.14 -15.68
N PHE C 1124 -41.27 52.53 -16.55
CA PHE C 1124 -42.61 53.01 -16.83
C PHE C 1124 -43.60 52.30 -15.92
N ILE C 1125 -44.33 53.06 -15.12
CA ILE C 1125 -45.35 52.52 -14.24
C ILE C 1125 -46.70 52.84 -14.84
N TYR C 1126 -47.51 51.82 -15.07
CA TYR C 1126 -48.84 51.98 -15.64
C TYR C 1126 -49.88 51.65 -14.58
N GLY C 1127 -50.77 52.60 -14.31
CA GLY C 1127 -51.88 52.34 -13.43
C GLY C 1127 -53.13 52.09 -14.24
N TYR C 1128 -53.86 51.02 -13.93
CA TYR C 1128 -55.02 50.64 -14.71
C TYR C 1128 -56.16 50.25 -13.79
N LEU C 1129 -57.34 50.15 -14.38
CA LEU C 1129 -58.58 49.88 -13.65
C LEU C 1129 -59.14 48.53 -14.05
N GLU C 1130 -59.50 47.73 -13.06
CA GLU C 1130 -60.08 46.43 -13.31
C GLU C 1130 -61.42 46.32 -12.62
N PRO C 1131 -62.36 45.55 -13.19
CA PRO C 1131 -63.66 45.39 -12.54
C PRO C 1131 -63.52 44.74 -11.18
N VAL C 1132 -64.36 45.18 -10.24
CA VAL C 1132 -64.29 44.68 -8.87
C VAL C 1132 -65.26 43.54 -8.63
N ASP C 1133 -66.48 43.65 -9.17
CA ASP C 1133 -67.50 42.64 -8.96
C ASP C 1133 -67.44 41.50 -9.96
N ASP C 1134 -66.51 41.59 -10.93
CA ASP C 1134 -66.39 40.56 -11.99
C ASP C 1134 -67.69 40.51 -12.79
N GLY C 1135 -68.60 41.46 -12.56
CA GLY C 1135 -69.84 41.52 -13.28
C GLY C 1135 -69.72 42.18 -14.64
N THR C 1136 -70.82 42.17 -15.37
CA THR C 1136 -70.88 42.71 -16.72
C THR C 1136 -71.13 44.20 -16.76
N ASP C 1137 -71.28 44.85 -15.59
CA ASP C 1137 -71.53 46.29 -15.59
C ASP C 1137 -70.39 47.05 -16.24
N TRP C 1138 -69.15 46.67 -15.96
CA TRP C 1138 -68.02 47.25 -16.68
C TRP C 1138 -68.08 46.92 -18.15
N PHE C 1139 -68.35 45.66 -18.49
CA PHE C 1139 -68.47 45.26 -19.88
C PHE C 1139 -69.64 45.98 -20.55
N LEU C 1140 -70.76 46.11 -19.84
CA LEU C 1140 -71.91 46.82 -20.39
C LEU C 1140 -71.56 48.28 -20.67
N PHE C 1141 -70.87 48.92 -19.74
CA PHE C 1141 -70.47 50.31 -19.95
C PHE C 1141 -69.53 50.44 -21.14
N VAL C 1142 -68.59 49.50 -21.27
CA VAL C 1142 -67.66 49.54 -22.40
C VAL C 1142 -68.41 49.37 -23.70
N SER C 1143 -69.36 48.43 -23.75
CA SER C 1143 -70.13 48.21 -24.97
C SER C 1143 -70.96 49.44 -25.31
N GLN C 1144 -71.56 50.07 -24.30
CA GLN C 1144 -72.33 51.29 -24.55
C GLN C 1144 -71.44 52.39 -25.09
N GLN C 1145 -70.24 52.55 -24.53
CA GLN C 1145 -69.31 53.55 -25.04
C GLN C 1145 -68.91 53.25 -26.48
N ILE C 1146 -68.67 51.97 -26.79
CA ILE C 1146 -68.26 51.59 -28.14
C ILE C 1146 -69.37 51.90 -29.14
N GLN C 1147 -70.60 51.50 -28.81
CA GLN C 1147 -71.70 51.74 -29.73
C GLN C 1147 -72.08 53.21 -29.80
N ALA C 1148 -71.74 54.00 -28.79
CA ALA C 1148 -72.04 55.42 -28.82
C ALA C 1148 -71.17 56.18 -29.81
N GLY C 1149 -70.10 55.56 -30.29
CA GLY C 1149 -69.22 56.20 -31.25
C GLY C 1149 -67.77 56.15 -30.85
N HIS C 1150 -67.51 55.99 -29.56
CA HIS C 1150 -66.15 55.94 -29.03
C HIS C 1150 -65.54 54.60 -29.42
N LEU C 1151 -65.01 54.55 -30.64
CA LEU C 1151 -64.47 53.31 -31.17
C LEU C 1151 -63.26 52.82 -30.38
N HIS C 1152 -62.44 53.75 -29.87
CA HIS C 1152 -61.19 53.36 -29.23
C HIS C 1152 -61.41 52.60 -27.93
N TRP C 1153 -62.62 52.59 -27.37
CA TRP C 1153 -62.86 51.85 -26.14
C TRP C 1153 -62.80 50.34 -26.35
N PHE C 1154 -62.74 49.88 -27.59
CA PHE C 1154 -62.61 48.44 -27.85
C PHE C 1154 -61.40 47.86 -27.16
N SER C 1155 -60.35 48.67 -26.97
CA SER C 1155 -59.09 48.21 -26.40
C SER C 1155 -58.97 48.54 -24.92
N VAL C 1156 -60.08 48.56 -24.20
CA VAL C 1156 -60.04 48.90 -22.77
C VAL C 1156 -60.76 47.90 -21.88
N ASN C 1157 -61.73 47.14 -22.39
CA ASN C 1157 -62.55 46.31 -21.51
C ASN C 1157 -61.72 45.25 -20.79
N THR C 1158 -60.81 44.59 -21.50
CA THR C 1158 -60.01 43.51 -20.94
C THR C 1158 -58.53 43.88 -21.01
N GLU C 1159 -57.87 43.89 -19.85
CA GLU C 1159 -56.44 44.11 -19.75
C GLU C 1159 -56.05 45.42 -20.44
N MET C 1160 -56.54 46.51 -19.89
CA MET C 1160 -56.29 47.82 -20.49
C MET C 1160 -54.82 48.21 -20.43
N TRP C 1161 -54.06 47.66 -19.47
CA TRP C 1161 -52.64 48.01 -19.39
C TRP C 1161 -51.89 47.58 -20.63
N LYS C 1162 -52.32 46.50 -21.28
CA LYS C 1162 -51.72 46.12 -22.54
C LYS C 1162 -51.91 47.20 -23.58
N SER C 1163 -53.11 47.78 -23.65
CA SER C 1163 -53.35 48.86 -24.60
C SER C 1163 -52.57 50.11 -24.23
N MET C 1164 -52.45 50.39 -22.93
CA MET C 1164 -51.63 51.52 -22.49
C MET C 1164 -50.21 51.35 -22.99
N PHE C 1165 -49.61 50.18 -22.76
CA PHE C 1165 -48.24 49.97 -23.18
C PHE C 1165 -48.11 49.97 -24.70
N ASN C 1166 -49.09 49.39 -25.41
CA ASN C 1166 -49.01 49.37 -26.86
C ASN C 1166 -49.04 50.78 -27.43
N LEU C 1167 -49.93 51.63 -26.92
CA LEU C 1167 -49.97 53.00 -27.38
C LEU C 1167 -48.68 53.73 -27.02
N HIS C 1168 -48.15 53.48 -25.82
CA HIS C 1168 -46.90 54.12 -25.42
C HIS C 1168 -45.77 53.74 -26.37
N GLU C 1169 -45.63 52.44 -26.65
CA GLU C 1169 -44.57 51.97 -27.53
C GLU C 1169 -44.75 52.50 -28.94
N HIS C 1170 -46.00 52.57 -29.42
CA HIS C 1170 -46.23 53.12 -30.75
C HIS C 1170 -45.85 54.59 -30.81
N ILE C 1171 -46.20 55.36 -29.78
CA ILE C 1171 -45.87 56.78 -29.78
C ILE C 1171 -44.37 56.97 -29.74
N LEU C 1172 -43.68 56.14 -28.96
CA LEU C 1172 -42.21 56.19 -28.98
C LEU C 1172 -41.67 55.85 -30.36
N LEU C 1173 -42.25 54.85 -31.02
CA LEU C 1173 -41.81 54.50 -32.37
C LEU C 1173 -42.02 55.66 -33.34
N LEU C 1174 -43.03 56.48 -33.11
CA LEU C 1174 -43.22 57.68 -33.92
C LEU C 1174 -42.04 58.62 -33.83
N GLY C 1175 -41.22 58.50 -32.78
CA GLY C 1175 -40.02 59.29 -32.65
C GLY C 1175 -38.76 58.48 -32.82
N SER C 1176 -38.89 57.35 -33.53
CA SER C 1176 -37.80 56.44 -33.89
C SER C 1176 -37.24 55.65 -32.72
N ILE C 1177 -37.72 55.86 -31.51
CA ILE C 1177 -37.30 55.05 -30.37
C ILE C 1177 -37.99 53.70 -30.44
N LYS C 1178 -37.25 52.63 -30.20
CA LYS C 1178 -37.80 51.28 -30.26
C LYS C 1178 -37.52 50.56 -28.96
N ILE C 1179 -38.58 50.17 -28.25
CA ILE C 1179 -38.43 49.32 -27.07
C ILE C 1179 -37.99 47.95 -27.54
N SER C 1180 -36.86 47.47 -27.03
CA SER C 1180 -36.30 46.23 -27.52
C SER C 1180 -37.21 45.07 -27.15
N PRO C 1181 -37.51 44.17 -28.07
CA PRO C 1181 -38.33 43.00 -27.73
C PRO C 1181 -37.65 42.07 -26.74
N LYS C 1182 -36.35 42.22 -26.54
CA LYS C 1182 -35.60 41.46 -25.55
C LYS C 1182 -35.10 42.40 -24.47
N LYS C 1183 -34.71 41.82 -23.33
CA LYS C 1183 -34.07 42.54 -22.24
C LYS C 1183 -34.97 43.60 -21.62
N THR C 1184 -36.27 43.52 -21.84
CA THR C 1184 -37.24 44.36 -21.15
C THR C 1184 -38.20 43.47 -20.40
N THR C 1185 -38.37 43.73 -19.11
CA THR C 1185 -39.19 42.91 -18.24
C THR C 1185 -40.32 43.75 -17.68
N VAL C 1186 -41.51 43.18 -17.64
CA VAL C 1186 -42.69 43.83 -17.07
C VAL C 1186 -43.27 42.95 -15.98
N SER C 1187 -43.47 43.54 -14.80
CA SER C 1187 -43.87 42.81 -13.61
C SER C 1187 -44.81 43.67 -12.79
N PRO C 1188 -45.72 43.06 -12.02
CA PRO C 1188 -46.58 43.85 -11.13
C PRO C 1188 -45.83 44.39 -9.93
N THR C 1189 -46.53 45.00 -8.99
CA THR C 1189 -45.88 45.45 -7.77
C THR C 1189 -45.20 44.26 -7.11
N ASN C 1190 -43.88 44.29 -7.04
CA ASN C 1190 -43.13 43.19 -6.48
C ASN C 1190 -41.88 43.75 -5.80
N ALA C 1191 -41.67 43.35 -4.55
CA ALA C 1191 -40.54 43.89 -3.80
C ALA C 1191 -39.22 43.52 -4.45
N GLU C 1192 -39.10 42.29 -4.96
CA GLU C 1192 -37.84 41.84 -5.53
C GLU C 1192 -37.53 42.55 -6.85
N PHE C 1193 -38.54 42.73 -7.70
CA PHE C 1193 -38.33 43.44 -8.96
C PHE C 1193 -37.86 44.86 -8.71
N LEU C 1194 -38.55 45.56 -7.80
CA LEU C 1194 -38.17 46.94 -7.51
C LEU C 1194 -36.79 47.01 -6.87
N SER C 1195 -36.49 46.09 -5.95
CA SER C 1195 -35.19 46.10 -5.29
C SER C 1195 -34.07 45.83 -6.28
N THR C 1196 -34.27 44.90 -7.22
CA THR C 1196 -33.23 44.66 -8.21
C THR C 1196 -33.08 45.85 -9.15
N PHE C 1197 -34.18 46.53 -9.49
CA PHE C 1197 -34.04 47.73 -10.31
C PHE C 1197 -33.25 48.80 -9.59
N PHE C 1198 -33.53 49.00 -8.29
CA PHE C 1198 -32.86 50.06 -7.56
C PHE C 1198 -31.40 49.73 -7.31
N GLU C 1199 -31.09 48.45 -7.06
CA GLU C 1199 -29.69 48.07 -6.94
C GLU C 1199 -28.97 48.25 -8.25
N GLY C 1200 -29.58 47.85 -9.37
CA GLY C 1200 -28.95 48.10 -10.65
C GLY C 1200 -28.72 49.58 -10.89
N CYS C 1201 -29.64 50.43 -10.43
CA CYS C 1201 -29.41 51.87 -10.52
C CYS C 1201 -28.23 52.29 -9.66
N ALA C 1202 -28.10 51.71 -8.47
CA ALA C 1202 -27.05 52.14 -7.54
C ALA C 1202 -25.66 51.74 -8.02
N VAL C 1203 -25.49 50.48 -8.42
CA VAL C 1203 -24.18 49.95 -8.81
C VAL C 1203 -24.14 49.80 -10.32
N SER C 1204 -23.04 50.23 -10.92
CA SER C 1204 -22.84 50.12 -12.35
C SER C 1204 -21.93 48.97 -12.75
N ILE C 1205 -20.92 48.66 -11.96
CA ILE C 1205 -19.96 47.61 -12.28
C ILE C 1205 -19.93 46.59 -11.15
N PRO C 1206 -19.96 45.30 -11.44
CA PRO C 1206 -19.75 44.30 -10.39
C PRO C 1206 -18.30 44.31 -9.93
N PHE C 1207 -18.11 44.26 -8.61
CA PHE C 1207 -16.75 44.33 -8.07
C PHE C 1207 -15.91 43.13 -8.49
N VAL C 1208 -16.54 42.01 -8.83
CA VAL C 1208 -15.80 40.83 -9.24
C VAL C 1208 -15.07 41.10 -10.55
N LYS C 1209 -15.59 42.01 -11.38
CA LYS C 1209 -14.90 42.35 -12.61
C LYS C 1209 -13.52 42.92 -12.32
N ILE C 1210 -13.42 43.89 -11.42
CA ILE C 1210 -12.14 44.48 -11.09
C ILE C 1210 -11.28 43.51 -10.30
N LEU C 1211 -11.90 42.74 -9.40
CA LEU C 1211 -11.15 41.74 -8.65
C LEU C 1211 -10.45 40.77 -9.60
N LEU C 1212 -11.17 40.30 -10.61
CA LEU C 1212 -10.60 39.35 -11.55
C LEU C 1212 -9.64 40.03 -12.53
N GLY C 1213 -9.85 41.31 -12.83
CA GLY C 1213 -8.93 42.01 -13.69
C GLY C 1213 -7.63 42.40 -13.05
N SER C 1214 -7.58 42.45 -11.71
CA SER C 1214 -6.34 42.80 -11.04
C SER C 1214 -5.24 41.79 -11.32
N LEU C 1215 -5.58 40.50 -11.36
CA LEU C 1215 -4.58 39.50 -11.66
C LEU C 1215 -4.15 39.55 -13.13
N SER C 1216 -5.13 39.63 -14.03
CA SER C 1216 -4.86 39.40 -15.45
C SER C 1216 -3.94 40.47 -16.02
N ASP C 1217 -4.22 41.73 -15.77
CA ASP C 1217 -3.47 42.81 -16.41
C ASP C 1217 -2.01 42.73 -15.98
N LEU C 1218 -1.12 42.86 -16.96
CA LEU C 1218 0.33 42.75 -16.72
C LEU C 1218 0.97 44.08 -17.09
N PRO C 1219 1.19 44.97 -16.14
CA PRO C 1219 1.89 46.22 -16.45
C PRO C 1219 3.34 45.96 -16.82
N GLY C 1220 4.05 45.22 -15.98
CA GLY C 1220 5.46 44.97 -16.20
C GLY C 1220 6.28 46.24 -16.16
N LEU C 1221 6.10 47.05 -15.12
CA LEU C 1221 6.82 48.30 -14.96
C LEU C 1221 7.78 48.29 -13.78
N GLY C 1222 7.94 47.16 -13.12
CA GLY C 1222 8.77 47.07 -11.94
C GLY C 1222 7.97 46.59 -10.74
N TYR C 1223 8.72 46.18 -9.72
CA TYR C 1223 8.12 45.63 -8.52
C TYR C 1223 7.16 46.62 -7.88
N PHE C 1224 7.65 47.85 -7.64
CA PHE C 1224 6.82 48.84 -6.95
C PHE C 1224 5.60 49.21 -7.77
N ASP C 1225 5.77 49.45 -9.07
CA ASP C 1225 4.64 49.88 -9.88
C ASP C 1225 3.61 48.77 -10.05
N ASP C 1226 4.06 47.53 -10.21
CA ASP C 1226 3.11 46.42 -10.31
C ASP C 1226 2.35 46.23 -9.02
N LEU C 1227 3.04 46.31 -7.88
CA LEU C 1227 2.34 46.21 -6.60
C LEU C 1227 1.33 47.34 -6.45
N ALA C 1228 1.72 48.55 -6.83
CA ALA C 1228 0.80 49.68 -6.73
C ALA C 1228 -0.42 49.47 -7.60
N ALA C 1229 -0.23 48.98 -8.83
CA ALA C 1229 -1.36 48.78 -9.73
C ALA C 1229 -2.31 47.73 -9.18
N ALA C 1230 -1.78 46.61 -8.71
CA ALA C 1230 -2.63 45.56 -8.16
C ALA C 1230 -3.39 46.05 -6.94
N GLN C 1231 -2.71 46.77 -6.04
CA GLN C 1231 -3.37 47.21 -4.82
C GLN C 1231 -4.41 48.28 -5.13
N SER C 1232 -4.15 49.13 -6.11
CA SER C 1232 -5.14 50.14 -6.48
C SER C 1232 -6.38 49.50 -7.07
N ARG C 1233 -6.20 48.44 -7.88
CA ARG C 1233 -7.36 47.74 -8.42
C ARG C 1233 -8.16 47.07 -7.31
N CYS C 1234 -7.48 46.49 -6.31
CA CYS C 1234 -8.21 45.89 -5.20
C CYS C 1234 -8.95 46.95 -4.38
N VAL C 1235 -8.35 48.12 -4.21
CA VAL C 1235 -9.03 49.21 -3.51
C VAL C 1235 -10.27 49.65 -4.28
N LYS C 1236 -10.15 49.76 -5.61
CA LYS C 1236 -11.32 50.11 -6.42
C LYS C 1236 -12.41 49.07 -6.26
N ALA C 1237 -12.05 47.79 -6.22
CA ALA C 1237 -13.02 46.74 -5.99
C ALA C 1237 -13.69 46.91 -4.62
N LEU C 1238 -12.92 47.30 -3.61
CA LEU C 1238 -13.50 47.57 -2.30
C LEU C 1238 -14.51 48.71 -2.37
N ASP C 1239 -14.20 49.74 -3.15
CA ASP C 1239 -15.16 50.82 -3.36
C ASP C 1239 -16.44 50.31 -4.00
N LEU C 1240 -16.34 49.40 -4.95
CA LEU C 1240 -17.52 49.01 -5.70
C LEU C 1240 -18.39 47.98 -5.02
N GLY C 1241 -18.03 47.52 -3.82
CA GLY C 1241 -18.94 46.69 -3.07
C GLY C 1241 -18.33 45.46 -2.44
N ALA C 1242 -17.06 45.19 -2.72
CA ALA C 1242 -16.42 44.00 -2.17
C ALA C 1242 -16.31 44.08 -0.66
N SER C 1243 -16.56 42.96 0.00
CA SER C 1243 -16.38 42.91 1.44
C SER C 1243 -14.90 43.06 1.77
N PRO C 1244 -14.57 43.70 2.89
CA PRO C 1244 -13.16 43.88 3.23
C PRO C 1244 -12.37 42.59 3.31
N GLN C 1245 -13.00 41.48 3.72
CA GLN C 1245 -12.30 40.21 3.74
C GLN C 1245 -12.00 39.72 2.33
N VAL C 1246 -12.96 39.84 1.42
CA VAL C 1246 -12.73 39.43 0.04
C VAL C 1246 -11.64 40.29 -0.59
N ALA C 1247 -11.68 41.60 -0.34
CA ALA C 1247 -10.65 42.48 -0.85
C ALA C 1247 -9.29 42.14 -0.26
N GLN C 1248 -9.25 41.77 1.02
CA GLN C 1248 -7.99 41.38 1.65
C GLN C 1248 -7.43 40.10 1.01
N LEU C 1249 -8.31 39.13 0.74
CA LEU C 1249 -7.86 37.91 0.08
C LEU C 1249 -7.32 38.21 -1.31
N ALA C 1250 -8.00 39.06 -2.06
CA ALA C 1250 -7.52 39.42 -3.39
C ALA C 1250 -6.19 40.14 -3.31
N VAL C 1251 -6.02 41.02 -2.32
CA VAL C 1251 -4.74 41.73 -2.15
C VAL C 1251 -3.63 40.74 -1.88
N ALA C 1252 -3.89 39.75 -1.01
CA ALA C 1252 -2.89 38.74 -0.75
C ALA C 1252 -2.52 37.98 -2.01
N LEU C 1253 -3.51 37.59 -2.80
CA LEU C 1253 -3.22 36.84 -4.02
C LEU C 1253 -2.40 37.66 -5.00
N CYS C 1254 -2.76 38.93 -5.19
CA CYS C 1254 -2.02 39.78 -6.11
C CYS C 1254 -0.60 40.01 -5.62
N THR C 1255 -0.43 40.28 -4.32
CA THR C 1255 0.90 40.53 -3.79
C THR C 1255 1.78 39.31 -3.97
N SER C 1256 1.27 38.13 -3.65
CA SER C 1256 2.05 36.92 -3.83
C SER C 1256 2.39 36.70 -5.30
N LYS C 1257 1.43 37.00 -6.19
CA LYS C 1257 1.68 36.79 -7.61
C LYS C 1257 2.80 37.66 -8.12
N VAL C 1258 2.79 38.95 -7.77
CA VAL C 1258 3.84 39.84 -8.25
C VAL C 1258 5.18 39.50 -7.60
N GLU C 1259 5.15 39.10 -6.32
CA GLU C 1259 6.36 38.64 -5.67
C GLU C 1259 6.99 37.48 -6.44
N ARG C 1260 6.18 36.51 -6.82
CA ARG C 1260 6.70 35.38 -7.61
C ARG C 1260 7.19 35.85 -8.97
N LEU C 1261 6.47 36.80 -9.58
CA LEU C 1261 6.84 37.26 -10.92
C LEU C 1261 8.22 37.91 -10.92
N TYR C 1262 8.52 38.71 -9.91
CA TYR C 1262 9.82 39.36 -9.83
C TYR C 1262 10.81 38.60 -8.96
N GLY C 1263 10.39 37.51 -8.33
CA GLY C 1263 11.30 36.74 -7.51
C GLY C 1263 11.69 37.41 -6.22
N THR C 1264 10.92 38.36 -5.74
CA THR C 1264 11.26 39.09 -4.51
C THR C 1264 10.56 38.48 -3.30
N ALA C 1265 10.91 37.26 -2.97
CA ALA C 1265 10.38 36.57 -1.81
C ALA C 1265 11.47 35.67 -1.25
N PRO C 1266 11.41 35.35 0.04
CA PRO C 1266 12.43 34.47 0.62
C PRO C 1266 12.51 33.15 -0.12
N GLY C 1267 13.73 32.71 -0.38
CA GLY C 1267 13.97 31.52 -1.15
C GLY C 1267 14.15 31.72 -2.64
N MET C 1268 13.94 32.94 -3.13
CA MET C 1268 14.19 33.25 -4.54
C MET C 1268 15.42 34.13 -4.66
N VAL C 1269 15.99 34.14 -5.88
CA VAL C 1269 17.29 34.72 -6.10
C VAL C 1269 17.30 36.24 -6.03
N ASN C 1270 16.13 36.88 -6.02
CA ASN C 1270 16.04 38.33 -5.89
C ASN C 1270 15.64 38.76 -4.49
N HIS C 1271 15.67 37.85 -3.53
CA HIS C 1271 15.26 38.19 -2.18
C HIS C 1271 16.21 39.25 -1.61
N PRO C 1272 15.71 40.41 -1.20
CA PRO C 1272 16.61 41.48 -0.75
C PRO C 1272 17.42 41.12 0.48
N ALA C 1273 16.87 40.30 1.38
CA ALA C 1273 17.50 40.08 2.67
C ALA C 1273 18.88 39.48 2.55
N ALA C 1274 19.18 38.77 1.46
CA ALA C 1274 20.51 38.19 1.30
C ALA C 1274 21.57 39.28 1.16
N TYR C 1275 21.26 40.33 0.41
CA TYR C 1275 22.25 41.36 0.09
C TYR C 1275 22.06 42.64 0.91
N LEU C 1276 21.18 42.63 1.90
CA LEU C 1276 20.92 43.81 2.72
C LEU C 1276 20.99 43.44 4.19
N GLN C 1277 21.53 44.34 4.99
CA GLN C 1277 21.69 44.12 6.43
C GLN C 1277 20.48 44.67 7.20
N VAL C 1278 19.30 44.14 6.85
CA VAL C 1278 18.06 44.59 7.45
C VAL C 1278 17.00 43.52 7.21
N LYS C 1279 16.02 43.47 8.10
CA LYS C 1279 14.95 42.49 8.00
C LYS C 1279 14.14 42.74 6.73
N HIS C 1280 13.56 41.66 6.20
CA HIS C 1280 12.78 41.76 4.97
C HIS C 1280 11.59 42.70 5.15
N THR C 1281 10.95 42.65 6.31
CA THR C 1281 9.81 43.53 6.58
C THR C 1281 10.23 44.99 6.68
N ASP C 1282 11.51 45.28 6.81
CA ASP C 1282 12.01 46.64 7.03
C ASP C 1282 12.83 47.13 5.85
N THR C 1283 12.35 46.89 4.63
CA THR C 1283 13.06 47.31 3.45
C THR C 1283 12.15 48.20 2.60
N PRO C 1284 12.70 49.21 1.93
CA PRO C 1284 11.88 50.00 1.00
C PRO C 1284 11.31 49.13 -0.11
N ILE C 1285 10.08 49.43 -0.50
CA ILE C 1285 9.38 48.69 -1.55
C ILE C 1285 9.99 48.93 -2.93
N PRO C 1286 10.58 50.09 -3.23
CA PRO C 1286 11.27 50.19 -4.52
C PRO C 1286 12.34 49.14 -4.70
N LEU C 1287 13.12 48.85 -3.67
CA LEU C 1287 14.00 47.69 -3.71
C LEU C 1287 13.15 46.46 -3.39
N GLY C 1288 13.80 45.32 -3.19
CA GLY C 1288 13.04 44.18 -2.72
C GLY C 1288 12.43 44.50 -1.38
N GLY C 1289 11.11 44.39 -1.26
CA GLY C 1289 10.46 44.73 0.00
C GLY C 1289 9.34 43.78 0.29
N ASN C 1290 8.57 44.10 1.31
CA ASN C 1290 7.37 43.34 1.66
C ASN C 1290 6.16 44.24 1.46
N GLY C 1291 5.40 43.99 0.42
CA GLY C 1291 4.20 44.76 0.15
C GLY C 1291 2.96 44.17 0.79
N ALA C 1292 3.02 43.92 2.08
CA ALA C 1292 1.91 43.32 2.82
C ALA C 1292 1.29 44.41 3.70
N MET C 1293 0.15 44.93 3.26
CA MET C 1293 -0.60 45.91 4.03
C MET C 1293 -2.07 45.52 4.04
N SER C 1294 -2.76 45.94 5.10
CA SER C 1294 -4.19 45.68 5.20
C SER C 1294 -4.95 46.47 4.15
N ILE C 1295 -6.08 45.89 3.70
CA ILE C 1295 -6.87 46.57 2.68
C ILE C 1295 -7.44 47.87 3.21
N MET C 1296 -7.75 47.94 4.51
CA MET C 1296 -8.24 49.18 5.09
C MET C 1296 -7.20 50.28 4.99
N GLU C 1297 -5.94 49.95 5.28
CA GLU C 1297 -4.86 50.92 5.16
C GLU C 1297 -4.69 51.39 3.73
N LEU C 1298 -4.74 50.46 2.77
CA LEU C 1298 -4.58 50.83 1.37
C LEU C 1298 -5.73 51.70 0.90
N ALA C 1299 -6.95 51.41 1.34
CA ALA C 1299 -8.11 52.17 0.91
C ALA C 1299 -8.08 53.58 1.48
N THR C 1300 -7.85 53.69 2.79
CA THR C 1300 -7.93 55.00 3.43
C THR C 1300 -6.65 55.80 3.27
N ALA C 1301 -5.53 55.29 3.77
CA ALA C 1301 -4.29 56.05 3.82
C ALA C 1301 -3.78 56.39 2.42
N GLY C 1302 -3.40 55.38 1.65
CA GLY C 1302 -2.81 55.63 0.35
C GLY C 1302 -2.32 54.34 -0.27
N ILE C 1303 -1.50 54.48 -1.30
CA ILE C 1303 -1.01 53.35 -2.09
C ILE C 1303 0.40 52.93 -1.67
N GLY C 1304 1.30 53.90 -1.53
CA GLY C 1304 2.67 53.57 -1.15
C GLY C 1304 2.89 53.71 0.34
N MET C 1305 1.83 53.46 1.13
CA MET C 1305 1.86 53.79 2.54
C MET C 1305 2.91 53.01 3.31
N SER C 1306 3.25 51.80 2.85
CA SER C 1306 4.23 50.99 3.57
C SER C 1306 5.58 51.70 3.64
N ASP C 1307 6.00 52.30 2.53
CA ASP C 1307 7.25 53.05 2.52
C ASP C 1307 7.20 54.24 3.46
N LYS C 1308 6.08 54.97 3.48
CA LYS C 1308 5.98 56.14 4.34
C LYS C 1308 6.03 55.74 5.81
N ASN C 1309 5.33 54.66 6.17
CA ASN C 1309 5.39 54.18 7.55
C ASN C 1309 6.80 53.74 7.91
N LEU C 1310 7.48 53.04 6.99
CA LEU C 1310 8.85 52.63 7.27
C LEU C 1310 9.76 53.83 7.47
N LEU C 1311 9.60 54.86 6.64
CA LEU C 1311 10.44 56.04 6.76
C LEU C 1311 10.19 56.76 8.10
N LYS C 1312 8.92 56.90 8.48
CA LYS C 1312 8.62 57.54 9.76
C LYS C 1312 9.20 56.74 10.92
N ARG C 1313 9.05 55.42 10.88
CA ARG C 1313 9.60 54.59 11.96
C ARG C 1313 11.10 54.70 12.03
N ALA C 1314 11.78 54.68 10.88
CA ALA C 1314 13.23 54.79 10.88
C ALA C 1314 13.68 56.15 11.39
N LEU C 1315 13.00 57.22 10.99
CA LEU C 1315 13.39 58.55 11.45
C LEU C 1315 13.18 58.69 12.96
N LEU C 1316 12.06 58.21 13.47
CA LEU C 1316 11.81 58.35 14.90
C LEU C 1316 12.55 57.31 15.74
N GLY C 1317 13.14 56.30 15.11
CA GLY C 1317 14.04 55.41 15.81
C GLY C 1317 15.45 55.97 15.86
N TYR C 1318 15.88 56.59 14.76
CA TYR C 1318 17.17 57.26 14.74
C TYR C 1318 17.19 58.44 15.71
N SER C 1319 16.10 59.20 15.75
CA SER C 1319 15.94 60.18 16.81
C SER C 1319 15.62 59.45 18.11
N HIS C 1320 15.98 60.10 19.23
CA HIS C 1320 15.75 59.59 20.58
C HIS C 1320 16.67 58.40 20.88
N LYS C 1321 17.34 57.89 19.86
CA LYS C 1321 18.34 56.84 20.04
C LYS C 1321 19.19 56.80 18.78
N ARG C 1322 20.45 57.20 18.89
CA ARG C 1322 21.30 57.26 17.71
C ARG C 1322 21.68 55.85 17.27
N GLN C 1323 20.71 55.12 16.74
CA GLN C 1323 20.89 53.73 16.37
C GLN C 1323 21.67 53.62 15.06
N LYS C 1324 22.09 52.39 14.75
CA LYS C 1324 22.78 52.09 13.51
C LYS C 1324 21.86 51.53 12.43
N SER C 1325 20.95 50.63 12.80
CA SER C 1325 20.05 50.05 11.81
C SER C 1325 19.14 51.10 11.19
N MET C 1326 18.64 52.03 12.00
CA MET C 1326 17.84 53.12 11.46
C MET C 1326 18.66 53.97 10.49
N LEU C 1327 19.93 54.21 10.82
CA LEU C 1327 20.80 54.91 9.89
C LEU C 1327 20.97 54.13 8.60
N TYR C 1328 21.04 52.80 8.69
CA TYR C 1328 21.14 51.96 7.50
C TYR C 1328 19.91 52.12 6.62
N ILE C 1329 18.71 52.12 7.23
CA ILE C 1329 17.49 52.26 6.45
C ILE C 1329 17.40 53.64 5.82
N LEU C 1330 17.79 54.68 6.57
CA LEU C 1330 17.81 56.01 6.00
C LEU C 1330 18.80 56.10 4.85
N GLY C 1331 19.92 55.37 4.94
CA GLY C 1331 20.86 55.33 3.84
C GLY C 1331 20.26 54.67 2.61
N LEU C 1332 19.48 53.60 2.82
CA LEU C 1332 18.76 52.99 1.70
C LEU C 1332 17.83 54.01 1.06
N PHE C 1333 17.09 54.76 1.88
CA PHE C 1333 16.17 55.76 1.35
C PHE C 1333 16.91 56.81 0.54
N LYS C 1334 18.06 57.28 1.05
CA LYS C 1334 18.84 58.28 0.32
C LYS C 1334 19.39 57.69 -0.98
N PHE C 1335 19.78 56.42 -0.97
CA PHE C 1335 20.21 55.78 -2.20
C PHE C 1335 19.08 55.79 -3.22
N LEU C 1336 17.85 55.51 -2.77
CA LEU C 1336 16.71 55.57 -3.66
C LEU C 1336 16.52 56.97 -4.22
N MET C 1337 16.64 57.99 -3.36
CA MET C 1337 16.46 59.37 -3.82
C MET C 1337 17.50 59.74 -4.86
N LYS C 1338 18.74 59.30 -4.66
CA LYS C 1338 19.76 59.49 -5.69
C LYS C 1338 19.37 58.79 -6.98
N LEU C 1339 18.86 57.56 -6.87
CA LEU C 1339 18.45 56.81 -8.04
C LEU C 1339 17.33 57.51 -8.81
N SER C 1340 16.47 58.25 -8.10
CA SER C 1340 15.39 58.96 -8.75
C SER C 1340 15.90 60.05 -9.67
N ASP C 1341 17.13 60.51 -9.47
CA ASP C 1341 17.75 61.49 -10.36
C ASP C 1341 18.27 60.77 -11.60
N GLU C 1342 19.15 61.43 -12.35
CA GLU C 1342 19.75 60.96 -13.59
C GLU C 1342 18.74 60.89 -14.73
N THR C 1343 17.46 61.14 -14.45
CA THR C 1343 16.45 61.33 -15.47
C THR C 1343 15.71 62.61 -15.13
N PHE C 1344 14.61 62.91 -15.82
CA PHE C 1344 13.85 64.11 -15.49
C PHE C 1344 12.57 63.78 -14.73
N GLN C 1345 11.68 62.99 -15.31
CA GLN C 1345 10.46 62.53 -14.64
C GLN C 1345 9.72 63.70 -13.99
N HIS C 1346 9.15 64.55 -14.85
CA HIS C 1346 8.76 65.91 -14.46
C HIS C 1346 7.92 65.93 -13.19
N GLU C 1347 7.06 64.92 -13.00
CA GLU C 1347 6.27 64.82 -11.73
C GLU C 1347 5.45 66.08 -11.49
N ARG C 1348 4.43 66.32 -12.31
CA ARG C 1348 3.52 67.45 -12.12
C ARG C 1348 2.73 67.30 -10.83
N LEU C 1349 1.91 68.30 -10.49
CA LEU C 1349 1.17 68.27 -9.24
C LEU C 1349 0.22 67.08 -9.21
N GLY C 1350 0.05 66.51 -8.02
CA GLY C 1350 -0.71 65.29 -7.85
C GLY C 1350 0.11 64.03 -7.94
N GLN C 1351 1.32 64.12 -8.50
CA GLN C 1351 2.26 63.00 -8.55
C GLN C 1351 3.63 63.60 -8.22
N PHE C 1352 3.97 63.64 -6.93
CA PHE C 1352 5.18 64.31 -6.50
C PHE C 1352 6.22 63.38 -5.88
N SER C 1353 5.91 62.10 -5.74
CA SER C 1353 6.90 61.10 -5.35
C SER C 1353 7.44 61.33 -3.94
N PHE C 1354 8.61 61.97 -3.87
CA PHE C 1354 9.41 62.26 -2.67
C PHE C 1354 10.14 61.03 -2.15
N ILE C 1355 9.89 59.86 -2.71
CA ILE C 1355 10.65 58.65 -2.38
C ILE C 1355 11.20 58.10 -3.68
N GLY C 1356 12.52 57.96 -3.76
CA GLY C 1356 13.12 57.50 -4.99
C GLY C 1356 12.68 56.08 -5.33
N LYS C 1357 12.75 55.76 -6.62
CA LYS C 1357 12.34 54.45 -7.09
C LYS C 1357 13.30 53.96 -8.16
N VAL C 1358 13.52 52.66 -8.19
CA VAL C 1358 14.40 52.06 -9.20
C VAL C 1358 13.71 52.08 -10.55
N GLN C 1359 14.52 52.20 -11.60
CA GLN C 1359 14.03 52.20 -12.97
C GLN C 1359 14.25 50.83 -13.60
N TRP C 1360 13.32 50.41 -14.44
CA TRP C 1360 13.41 49.14 -15.14
C TRP C 1360 13.27 49.34 -16.64
N LYS C 1361 13.87 48.43 -17.39
CA LYS C 1361 13.82 48.51 -18.85
C LYS C 1361 12.46 48.09 -19.38
N ILE C 1362 11.91 48.89 -20.30
CA ILE C 1362 10.61 48.60 -20.89
C ILE C 1362 10.74 48.29 -22.37
N SER C 1367 7.98 57.78 -27.02
CA SER C 1367 8.93 57.40 -28.07
C SER C 1367 8.28 57.47 -29.44
N GLU C 1368 7.58 56.40 -29.83
CA GLU C 1368 6.94 56.33 -31.13
C GLU C 1368 5.51 56.87 -31.12
N PHE C 1369 5.20 57.79 -30.21
CA PHE C 1369 3.86 58.37 -30.14
C PHE C 1369 3.75 59.59 -31.07
N GLU C 1370 4.08 59.35 -32.33
CA GLU C 1370 4.08 60.37 -33.36
C GLU C 1370 4.81 61.63 -32.88
N PHE C 1371 4.05 62.69 -32.57
CA PHE C 1371 4.65 63.94 -32.10
C PHE C 1371 5.07 63.78 -30.64
N ALA C 1372 5.98 62.83 -30.41
CA ALA C 1372 6.51 62.55 -29.09
C ALA C 1372 7.94 63.01 -28.91
N ASP C 1373 8.59 63.46 -29.98
CA ASP C 1373 9.99 63.87 -29.91
C ASP C 1373 10.26 65.17 -30.64
N MET C 1374 9.25 66.04 -30.80
CA MET C 1374 9.51 67.34 -31.40
C MET C 1374 10.50 68.15 -30.58
N TYR C 1375 10.53 67.92 -29.27
CA TYR C 1375 11.36 68.70 -28.35
C TYR C 1375 12.29 67.74 -27.62
N THR C 1376 13.57 68.09 -27.58
CA THR C 1376 14.56 67.23 -26.94
C THR C 1376 14.28 67.14 -25.45
N SER C 1377 14.68 66.00 -24.86
CA SER C 1377 14.46 65.80 -23.43
C SER C 1377 15.18 66.85 -22.59
N LYS C 1378 16.37 67.21 -23.04
CA LYS C 1378 17.07 68.29 -22.32
C LYS C 1378 16.18 69.53 -22.38
N PHE C 1379 15.74 69.89 -23.58
CA PHE C 1379 14.93 71.11 -23.72
C PHE C 1379 13.71 71.06 -22.81
N LEU C 1380 13.06 69.90 -22.73
CA LEU C 1380 11.91 69.79 -21.83
C LEU C 1380 12.32 70.02 -20.39
N GLU C 1381 13.46 69.45 -19.98
CA GLU C 1381 13.94 69.67 -18.61
C GLU C 1381 14.19 71.15 -18.36
N LEU C 1382 14.88 71.82 -19.27
CA LEU C 1382 15.18 73.23 -19.07
C LEU C 1382 13.91 74.08 -19.06
N TRP C 1383 12.96 73.80 -19.95
CA TRP C 1383 11.74 74.59 -20.01
C TRP C 1383 10.89 74.37 -18.77
N SER C 1384 10.83 73.14 -18.28
CA SER C 1384 10.12 72.88 -17.04
C SER C 1384 10.77 73.60 -15.87
N SER C 1385 12.11 73.64 -15.85
CA SER C 1385 12.80 74.39 -14.81
C SER C 1385 12.47 75.88 -14.89
N GLN C 1386 12.42 76.43 -16.10
CA GLN C 1386 12.14 77.86 -16.25
C GLN C 1386 10.70 78.19 -15.87
N HIS C 1387 9.75 77.44 -16.41
CA HIS C 1387 8.32 77.67 -16.16
C HIS C 1387 7.87 76.66 -15.12
N VAL C 1388 7.69 77.12 -13.88
CA VAL C 1388 7.33 76.22 -12.79
C VAL C 1388 5.86 76.32 -12.40
N THR C 1389 5.19 77.42 -12.74
CA THR C 1389 3.76 77.51 -12.47
C THR C 1389 2.99 76.45 -13.25
N TYR C 1390 3.48 76.09 -14.44
CA TYR C 1390 2.83 75.07 -15.24
C TYR C 1390 2.96 73.69 -14.64
N ASP C 1391 3.64 73.56 -13.49
CA ASP C 1391 3.57 72.35 -12.71
C ASP C 1391 2.25 72.23 -11.96
N TYR C 1392 1.48 73.31 -11.87
CA TYR C 1392 0.22 73.31 -11.16
C TYR C 1392 -0.96 73.62 -12.07
N ILE C 1393 -0.89 74.73 -12.81
CA ILE C 1393 -1.94 75.10 -13.73
C ILE C 1393 -1.54 74.66 -15.13
N ILE C 1394 -2.49 74.68 -16.05
CA ILE C 1394 -2.27 74.28 -17.43
C ILE C 1394 -2.34 75.55 -18.30
N PRO C 1395 -1.39 75.76 -19.21
CA PRO C 1395 -1.37 77.01 -19.97
C PRO C 1395 -2.55 77.13 -20.91
N LYS C 1396 -2.83 78.36 -21.31
CA LYS C 1396 -3.92 78.66 -22.23
C LYS C 1396 -3.46 79.12 -23.60
N GLY C 1397 -2.18 79.43 -23.76
CA GLY C 1397 -1.64 79.85 -25.05
C GLY C 1397 -1.00 78.69 -25.77
N ARG C 1398 -1.18 78.64 -27.09
CA ARG C 1398 -0.70 77.46 -27.86
C ARG C 1398 0.80 77.26 -27.70
N ASP C 1399 1.59 78.33 -27.70
CA ASP C 1399 3.04 78.14 -27.70
C ASP C 1399 3.49 77.37 -26.48
N ASN C 1400 2.98 77.73 -25.31
CA ASN C 1400 3.29 76.98 -24.11
C ASN C 1400 2.49 75.69 -24.00
N LEU C 1401 1.25 75.69 -24.51
CA LEU C 1401 0.40 74.50 -24.38
C LEU C 1401 0.96 73.35 -25.20
N LEU C 1402 1.50 73.62 -26.38
CA LEU C 1402 2.06 72.56 -27.20
C LEU C 1402 3.23 71.89 -26.49
N ILE C 1403 4.11 72.68 -25.90
CA ILE C 1403 5.24 72.12 -25.15
C ILE C 1403 4.72 71.37 -23.93
N TYR C 1404 3.68 71.88 -23.28
CA TYR C 1404 3.12 71.20 -22.12
C TYR C 1404 2.58 69.83 -22.51
N LEU C 1405 1.86 69.76 -23.63
CA LEU C 1405 1.31 68.48 -24.06
C LEU C 1405 2.41 67.52 -24.50
N VAL C 1406 3.46 68.05 -25.15
CA VAL C 1406 4.58 67.19 -25.53
C VAL C 1406 5.25 66.62 -24.29
N ARG C 1407 5.43 67.45 -23.27
CA ARG C 1407 5.96 66.96 -22.00
C ARG C 1407 5.05 65.90 -21.40
N LYS C 1408 3.73 66.11 -21.49
CA LYS C 1408 2.79 65.12 -20.97
C LYS C 1408 2.91 63.80 -21.73
N LEU C 1409 3.21 63.86 -23.02
CA LEU C 1409 3.33 62.64 -23.81
C LEU C 1409 4.49 61.77 -23.33
N ASN C 1410 5.60 62.40 -22.94
CA ASN C 1410 6.81 61.67 -22.59
C ASN C 1410 6.73 61.02 -21.21
N ASP C 1411 5.67 61.27 -20.46
CA ASP C 1411 5.54 60.69 -19.12
C ASP C 1411 5.48 59.17 -19.23
N PRO C 1412 6.39 58.44 -18.57
CA PRO C 1412 6.41 56.97 -18.73
C PRO C 1412 5.12 56.28 -18.29
N SER C 1413 4.43 56.81 -17.28
CA SER C 1413 3.16 56.21 -16.88
C SER C 1413 2.14 56.30 -18.00
N ILE C 1414 2.08 57.45 -18.67
CA ILE C 1414 1.21 57.60 -19.82
C ILE C 1414 1.66 56.67 -20.94
N VAL C 1415 2.97 56.49 -21.10
CA VAL C 1415 3.48 55.57 -22.11
C VAL C 1415 2.96 54.16 -21.85
N THR C 1416 2.97 53.74 -20.59
CA THR C 1416 2.41 52.43 -20.26
C THR C 1416 0.92 52.37 -20.53
N ALA C 1417 0.19 53.42 -20.13
CA ALA C 1417 -1.26 53.41 -20.29
C ALA C 1417 -1.66 53.41 -21.77
N MET C 1418 -0.81 53.93 -22.64
CA MET C 1418 -1.14 53.98 -24.06
C MET C 1418 -1.20 52.59 -24.68
N THR C 1419 -0.23 51.73 -24.34
CA THR C 1419 -0.21 50.36 -24.83
C THR C 1419 0.01 49.40 -23.67
N MET C 1420 -0.95 48.52 -23.45
CA MET C 1420 -0.87 47.54 -22.37
C MET C 1420 -1.04 46.11 -22.86
N GLN C 1421 -1.92 45.88 -23.83
CA GLN C 1421 -2.13 44.55 -24.40
C GLN C 1421 -1.16 44.37 -25.55
N SER C 1422 -0.18 43.48 -25.37
CA SER C 1422 0.86 43.26 -26.36
C SER C 1422 1.68 42.06 -25.92
N PRO C 1423 2.45 41.47 -26.84
CA PRO C 1423 3.42 40.43 -26.45
C PRO C 1423 4.82 40.95 -26.16
N LEU C 1424 5.11 42.22 -26.43
CA LEU C 1424 6.44 42.74 -26.11
C LEU C 1424 6.66 42.85 -24.61
N GLN C 1425 5.59 42.91 -23.82
CA GLN C 1425 5.74 42.85 -22.38
C GLN C 1425 6.08 41.45 -21.89
N LEU C 1426 5.82 40.43 -22.71
CA LEU C 1426 6.29 39.10 -22.38
C LEU C 1426 7.81 39.06 -22.36
N ARG C 1427 8.46 39.86 -23.20
CA ARG C 1427 9.92 39.99 -23.13
C ARG C 1427 10.36 40.37 -21.74
N PHE C 1428 9.75 41.42 -21.18
CA PHE C 1428 10.14 41.88 -19.85
C PHE C 1428 9.74 40.87 -18.78
N ARG C 1429 8.62 40.16 -18.98
CA ARG C 1429 8.26 39.12 -18.02
C ARG C 1429 9.34 38.06 -17.93
N MET C 1430 9.79 37.54 -19.08
CA MET C 1430 10.85 36.55 -19.06
C MET C 1430 12.17 37.14 -18.58
N GLN C 1431 12.48 38.38 -18.95
CA GLN C 1431 13.74 38.96 -18.50
C GLN C 1431 13.77 39.11 -16.98
N ALA C 1432 12.66 39.55 -16.39
CA ALA C 1432 12.59 39.65 -14.94
C ALA C 1432 12.67 38.28 -14.29
N LYS C 1433 11.98 37.29 -14.86
CA LYS C 1433 12.07 35.93 -14.32
C LYS C 1433 13.47 35.35 -14.46
N GLN C 1434 14.22 35.79 -15.46
CA GLN C 1434 15.59 35.35 -15.69
C GLN C 1434 16.62 36.28 -15.05
N HIS C 1435 16.20 37.43 -14.52
CA HIS C 1435 17.07 38.34 -13.78
C HIS C 1435 18.26 38.78 -14.63
N MET C 1436 17.95 39.49 -15.71
CA MET C 1436 18.96 40.04 -16.60
C MET C 1436 19.25 41.48 -16.23
N LYS C 1437 20.01 42.17 -17.07
CA LYS C 1437 20.33 43.58 -16.87
C LYS C 1437 19.11 44.42 -17.23
N VAL C 1438 18.21 44.56 -16.27
CA VAL C 1438 16.96 45.27 -16.48
C VAL C 1438 16.92 46.59 -15.71
N CYS C 1439 17.41 46.62 -14.48
CA CYS C 1439 17.41 47.84 -13.69
C CYS C 1439 18.53 48.76 -14.15
N ARG C 1440 18.42 50.03 -13.76
CA ARG C 1440 19.40 51.05 -14.12
C ARG C 1440 20.19 51.47 -12.89
N LEU C 1441 21.47 51.13 -12.88
CA LEU C 1441 22.39 51.57 -11.84
C LEU C 1441 23.04 52.86 -12.33
N ASP C 1442 24.16 53.26 -11.72
CA ASP C 1442 24.76 54.57 -11.94
C ASP C 1442 24.59 55.06 -13.37
N GLY C 1443 25.03 54.28 -14.34
CA GLY C 1443 24.88 54.72 -15.71
C GLY C 1443 24.59 53.66 -16.75
N GLU C 1444 24.37 52.42 -16.33
CA GLU C 1444 24.17 51.32 -17.26
C GLU C 1444 23.10 50.38 -16.75
N TRP C 1445 22.65 49.49 -17.63
CA TRP C 1445 21.65 48.50 -17.27
C TRP C 1445 22.31 47.35 -16.52
N VAL C 1446 21.85 47.08 -15.30
CA VAL C 1446 22.43 46.05 -14.45
C VAL C 1446 21.31 45.17 -13.89
N THR C 1447 21.72 44.05 -13.30
CA THR C 1447 20.78 43.15 -12.66
C THR C 1447 20.21 43.77 -11.39
N PHE C 1448 19.03 43.32 -11.00
CA PHE C 1448 18.45 43.76 -9.72
C PHE C 1448 19.35 43.40 -8.56
N ARG C 1449 20.03 42.26 -8.63
CA ARG C 1449 20.98 41.90 -7.57
C ARG C 1449 22.13 42.89 -7.50
N GLU C 1450 22.58 43.37 -8.66
CA GLU C 1450 23.60 44.42 -8.67
C GLU C 1450 23.09 45.68 -7.99
N VAL C 1451 21.84 46.04 -8.25
CA VAL C 1451 21.25 47.21 -7.60
C VAL C 1451 21.20 47.01 -6.10
N LEU C 1452 20.82 45.82 -5.65
CA LEU C 1452 20.79 45.55 -4.22
C LEU C 1452 22.17 45.66 -3.59
N ALA C 1453 23.19 45.12 -4.28
CA ALA C 1453 24.55 45.21 -3.75
C ALA C 1453 25.02 46.65 -3.67
N ALA C 1454 24.73 47.45 -4.71
CA ALA C 1454 25.11 48.86 -4.70
C ALA C 1454 24.38 49.59 -3.58
N ALA C 1455 23.12 49.26 -3.35
CA ALA C 1455 22.37 49.88 -2.25
C ALA C 1455 23.01 49.55 -0.92
N ASN C 1456 23.41 48.29 -0.72
CA ASN C 1456 24.07 47.92 0.53
C ASN C 1456 25.38 48.69 0.70
N SER C 1457 26.16 48.79 -0.39
CA SER C 1457 27.42 49.51 -0.32
C SER C 1457 27.22 50.98 0.03
N PHE C 1458 26.19 51.60 -0.55
CA PHE C 1458 25.92 53.00 -0.23
C PHE C 1458 25.43 53.17 1.20
N ALA C 1459 24.56 52.27 1.66
CA ALA C 1459 23.93 52.45 2.95
C ALA C 1459 24.84 52.10 4.12
N GLU C 1460 25.78 51.17 3.94
CA GLU C 1460 26.66 50.80 5.04
C GLU C 1460 27.50 51.98 5.49
N ASN C 1461 27.97 52.80 4.55
CA ASN C 1461 28.83 53.93 4.85
C ASN C 1461 28.08 55.26 4.90
N TYR C 1462 26.74 55.22 4.97
CA TYR C 1462 25.98 56.45 4.97
C TYR C 1462 26.27 57.27 6.22
N SER C 1463 26.46 58.57 6.02
CA SER C 1463 26.72 59.51 7.11
C SER C 1463 25.56 60.49 7.18
N ALA C 1464 25.09 60.75 8.40
CA ALA C 1464 23.96 61.64 8.58
C ALA C 1464 24.30 63.05 8.10
N THR C 1465 23.32 63.72 7.51
CA THR C 1465 23.48 65.06 6.99
C THR C 1465 22.34 65.93 7.50
N SER C 1466 22.66 67.18 7.84
CA SER C 1466 21.64 68.08 8.35
C SER C 1466 20.56 68.36 7.30
N GLN C 1467 20.96 68.54 6.04
CA GLN C 1467 19.98 68.76 4.99
C GLN C 1467 19.09 67.54 4.80
N ASP C 1468 19.68 66.35 4.78
CA ASP C 1468 18.90 65.13 4.61
C ASP C 1468 17.97 64.91 5.80
N MET C 1469 18.46 65.16 7.02
CA MET C 1469 17.62 65.04 8.20
C MET C 1469 16.47 66.04 8.15
N ASP C 1470 16.75 67.26 7.70
CA ASP C 1470 15.70 68.26 7.56
C ASP C 1470 14.67 67.82 6.54
N LEU C 1471 15.11 67.27 5.41
CA LEU C 1471 14.17 66.80 4.39
C LEU C 1471 13.30 65.67 4.94
N PHE C 1472 13.90 64.70 5.63
CA PHE C 1472 13.13 63.60 6.17
C PHE C 1472 12.14 64.07 7.24
N GLN C 1473 12.58 64.99 8.09
CA GLN C 1473 11.67 65.57 9.07
C GLN C 1473 10.51 66.28 8.39
N THR C 1474 10.80 67.07 7.37
CA THR C 1474 9.75 67.78 6.65
C THR C 1474 8.76 66.82 6.04
N LEU C 1475 9.26 65.77 5.38
CA LEU C 1475 8.37 64.75 4.83
C LEU C 1475 7.48 64.17 5.91
N THR C 1476 8.09 63.50 6.90
CA THR C 1476 7.34 62.75 7.89
C THR C 1476 6.46 63.62 8.78
N SER C 1477 6.68 64.94 8.81
CA SER C 1477 5.88 65.80 9.66
C SER C 1477 4.86 66.64 8.91
N CYS C 1478 5.09 66.93 7.64
CA CYS C 1478 4.20 67.79 6.86
C CYS C 1478 3.66 67.10 5.62
N THR C 1479 4.52 66.44 4.85
CA THR C 1479 4.11 65.94 3.54
C THR C 1479 3.15 64.76 3.67
N PHE C 1480 3.49 63.79 4.51
CA PHE C 1480 2.69 62.58 4.66
C PHE C 1480 1.73 62.68 5.84
N SER C 1481 1.34 63.90 6.22
CA SER C 1481 0.54 64.08 7.42
C SER C 1481 -0.82 63.41 7.31
N LYS C 1482 -1.47 63.54 6.15
CA LYS C 1482 -2.79 62.95 5.97
C LYS C 1482 -2.73 61.43 6.06
N GLU C 1483 -1.70 60.82 5.48
CA GLU C 1483 -1.56 59.38 5.51
C GLU C 1483 -1.40 58.88 6.94
N TYR C 1484 -0.55 59.54 7.72
CA TYR C 1484 -0.37 59.14 9.10
C TYR C 1484 -1.62 59.41 9.93
N ALA C 1485 -2.37 60.46 9.59
CA ALA C 1485 -3.64 60.69 10.27
C ALA C 1485 -4.60 59.53 10.05
N TRP C 1486 -4.68 59.05 8.81
CA TRP C 1486 -5.54 57.90 8.53
C TRP C 1486 -5.04 56.65 9.24
N LYS C 1487 -3.71 56.48 9.30
CA LYS C 1487 -3.14 55.35 10.03
C LYS C 1487 -3.52 55.40 11.50
N ASP C 1488 -3.43 56.57 12.11
CA ASP C 1488 -3.77 56.70 13.52
C ASP C 1488 -5.27 56.50 13.75
N PHE C 1489 -6.09 56.97 12.80
CA PHE C 1489 -7.51 56.67 12.83
C PHE C 1489 -7.73 55.16 12.90
N LEU C 1490 -7.10 54.42 11.99
CA LEU C 1490 -7.30 52.98 11.95
C LEU C 1490 -6.81 52.31 13.22
N ASN C 1491 -5.68 52.77 13.75
CA ASN C 1491 -5.12 52.15 14.94
C ASN C 1491 -5.99 52.37 16.17
N GLY C 1492 -6.44 53.60 16.37
CA GLY C 1492 -7.17 53.94 17.58
C GLY C 1492 -8.68 53.79 17.47
N ILE C 1493 -9.14 52.61 17.06
CA ILE C 1493 -10.56 52.32 16.96
C ILE C 1493 -10.80 50.93 17.54
N HIS C 1494 -11.78 50.81 18.41
CA HIS C 1494 -12.12 49.55 19.05
C HIS C 1494 -13.45 49.05 18.49
N CYS C 1495 -13.48 47.78 18.08
CA CYS C 1495 -14.66 47.15 17.51
C CYS C 1495 -15.05 45.96 18.36
N ASP C 1496 -16.30 45.94 18.82
CA ASP C 1496 -16.82 44.83 19.61
C ASP C 1496 -17.90 44.11 18.84
N VAL C 1497 -17.91 42.79 18.95
CA VAL C 1497 -18.79 41.93 18.17
C VAL C 1497 -20.04 41.61 18.96
N ILE C 1498 -21.18 41.59 18.27
CA ILE C 1498 -22.44 41.15 18.84
C ILE C 1498 -22.91 39.95 18.03
N PRO C 1499 -23.36 38.86 18.67
CA PRO C 1499 -23.85 37.70 17.90
C PRO C 1499 -25.12 37.96 17.12
N THR C 1500 -25.71 39.15 17.24
CA THR C 1500 -26.88 39.49 16.44
C THR C 1500 -26.51 39.53 14.96
N LYS C 1501 -27.36 38.94 14.12
CA LYS C 1501 -27.07 38.83 12.70
C LYS C 1501 -27.09 40.20 12.03
N GLN C 1502 -26.15 40.42 11.13
CA GLN C 1502 -26.11 41.67 10.39
C GLN C 1502 -27.35 41.80 9.51
N VAL C 1503 -27.94 42.99 9.51
CA VAL C 1503 -29.17 43.24 8.77
C VAL C 1503 -28.80 43.83 7.42
N GLN C 1504 -29.39 43.28 6.35
CA GLN C 1504 -29.10 43.71 4.99
C GLN C 1504 -30.02 44.85 4.62
N ARG C 1505 -29.46 46.02 4.33
CA ARG C 1505 -30.18 47.15 3.82
C ARG C 1505 -29.94 47.26 2.31
N ALA C 1506 -30.44 48.34 1.71
CA ALA C 1506 -30.23 48.56 0.29
C ALA C 1506 -28.85 49.15 0.05
N LYS C 1507 -28.41 49.09 -1.21
CA LYS C 1507 -27.12 49.64 -1.61
C LYS C 1507 -27.33 51.04 -2.18
N VAL C 1508 -26.47 51.97 -1.78
CA VAL C 1508 -26.48 53.33 -2.27
C VAL C 1508 -25.06 53.73 -2.61
N ALA C 1509 -24.88 54.97 -3.05
CA ALA C 1509 -23.58 55.47 -3.44
C ALA C 1509 -23.27 56.76 -2.69
N ARG C 1510 -22.02 56.89 -2.26
CA ARG C 1510 -21.56 58.06 -1.52
C ARG C 1510 -20.18 58.44 -2.01
N THR C 1511 -19.77 59.66 -1.66
CA THR C 1511 -18.48 60.20 -2.10
C THR C 1511 -17.49 60.18 -0.95
N PHE C 1512 -16.31 59.62 -1.20
CA PHE C 1512 -15.29 59.44 -0.17
C PHE C 1512 -14.40 60.68 -0.10
N THR C 1513 -15.00 61.76 0.38
CA THR C 1513 -14.29 63.03 0.50
C THR C 1513 -13.29 63.00 1.65
N ILE C 1521 -9.52 81.56 2.85
CA ILE C 1521 -8.94 81.31 1.54
C ILE C 1521 -10.06 81.04 0.54
N GLN C 1522 -10.00 81.71 -0.61
CA GLN C 1522 -11.08 81.65 -1.58
C GLN C 1522 -10.66 81.14 -2.94
N ASN C 1523 -9.37 81.04 -3.24
CA ASN C 1523 -8.90 80.55 -4.52
C ASN C 1523 -8.26 79.19 -4.36
N SER C 1524 -8.36 78.37 -5.41
CA SER C 1524 -7.84 77.02 -5.36
C SER C 1524 -6.33 77.03 -5.16
N ILE C 1525 -5.85 76.05 -4.38
CA ILE C 1525 -4.42 75.98 -4.09
C ILE C 1525 -3.57 75.89 -5.34
N PRO C 1526 -3.89 75.10 -6.36
CA PRO C 1526 -3.08 75.14 -7.59
C PRO C 1526 -2.95 76.53 -8.16
N ALA C 1527 -4.03 77.29 -8.17
CA ALA C 1527 -3.97 78.66 -8.68
C ALA C 1527 -3.08 79.53 -7.81
N VAL C 1528 -3.15 79.35 -6.49
CA VAL C 1528 -2.34 80.17 -5.58
C VAL C 1528 -0.86 79.89 -5.80
N ILE C 1529 -0.48 78.60 -5.88
CA ILE C 1529 0.92 78.27 -6.07
C ILE C 1529 1.39 78.72 -7.45
N GLY C 1530 0.53 78.59 -8.46
CA GLY C 1530 0.89 79.07 -9.78
C GLY C 1530 1.14 80.55 -9.80
N TYR C 1531 0.31 81.33 -9.11
CA TYR C 1531 0.57 82.76 -8.99
C TYR C 1531 1.86 83.01 -8.23
N LYS C 1532 2.17 82.16 -7.26
CA LYS C 1532 3.42 82.29 -6.53
C LYS C 1532 4.62 82.14 -7.46
N PHE C 1533 4.57 81.17 -8.37
CA PHE C 1533 5.67 80.95 -9.30
C PHE C 1533 5.52 81.70 -10.61
N ALA C 1534 4.39 82.38 -10.83
CA ALA C 1534 4.19 83.08 -12.09
C ALA C 1534 5.07 84.32 -12.13
N VAL C 1535 5.97 84.38 -13.12
CA VAL C 1535 6.91 85.48 -13.23
C VAL C 1535 6.84 86.21 -14.56
N THR C 1536 6.38 85.57 -15.63
CA THR C 1536 6.27 86.24 -16.91
C THR C 1536 4.84 86.73 -17.13
N VAL C 1537 4.67 87.55 -18.18
CA VAL C 1537 3.35 88.05 -18.51
C VAL C 1537 2.45 86.91 -18.97
N GLU C 1538 3.02 85.95 -19.70
CA GLU C 1538 2.22 84.82 -20.19
C GLU C 1538 1.76 83.94 -19.04
N GLU C 1539 2.67 83.58 -18.13
CA GLU C 1539 2.29 82.77 -16.98
C GLU C 1539 1.28 83.52 -16.11
N MET C 1540 1.48 84.82 -15.95
CA MET C 1540 0.52 85.62 -15.20
C MET C 1540 -0.85 85.57 -15.84
N SER C 1541 -0.92 85.74 -17.16
CA SER C 1541 -2.20 85.71 -17.85
C SER C 1541 -2.87 84.35 -17.68
N ASP C 1542 -2.10 83.27 -17.78
CA ASP C 1542 -2.67 81.94 -17.60
C ASP C 1542 -3.20 81.75 -16.19
N VAL C 1543 -2.47 82.22 -15.18
CA VAL C 1543 -2.95 81.99 -13.81
C VAL C 1543 -4.16 82.87 -13.50
N LEU C 1544 -4.25 84.07 -14.07
CA LEU C 1544 -5.49 84.82 -13.94
C LEU C 1544 -6.65 84.12 -14.63
N ASP C 1545 -6.40 83.55 -15.81
CA ASP C 1545 -7.48 82.88 -16.54
C ASP C 1545 -7.97 81.65 -15.79
N THR C 1546 -7.06 80.89 -15.18
CA THR C 1546 -7.46 79.68 -14.47
C THR C 1546 -8.16 80.00 -13.15
N ALA C 1547 -7.85 81.14 -12.55
CA ALA C 1547 -8.37 81.44 -11.22
C ALA C 1547 -9.85 81.80 -11.27
N LYS C 1548 -10.47 81.79 -10.11
CA LYS C 1548 -11.88 82.15 -9.95
C LYS C 1548 -12.06 83.57 -9.42
N PHE C 1549 -11.40 83.89 -8.31
CA PHE C 1549 -11.37 85.26 -7.80
C PHE C 1549 -9.97 85.80 -7.95
N PRO C 1550 -9.61 86.31 -9.13
CA PRO C 1550 -8.21 86.68 -9.40
C PRO C 1550 -7.66 87.74 -8.46
N ASP C 1551 -8.48 88.70 -8.04
CA ASP C 1551 -7.98 89.82 -7.27
C ASP C 1551 -7.47 89.40 -5.90
N SER C 1552 -7.99 88.30 -5.36
CA SER C 1552 -7.61 87.88 -4.02
C SER C 1552 -6.41 86.95 -4.02
N LEU C 1553 -5.80 86.70 -5.17
CA LEU C 1553 -4.71 85.73 -5.27
C LEU C 1553 -3.50 86.15 -4.44
N SER C 1554 -3.14 87.44 -4.50
CA SER C 1554 -1.99 87.92 -3.73
C SER C 1554 -2.23 87.78 -2.23
N VAL C 1555 -3.44 88.12 -1.79
CA VAL C 1555 -3.78 87.97 -0.38
C VAL C 1555 -3.72 86.50 0.03
N ASP C 1556 -4.21 85.62 -0.85
CA ASP C 1556 -4.15 84.19 -0.56
C ASP C 1556 -2.71 83.72 -0.46
N LEU C 1557 -1.84 84.23 -1.33
CA LEU C 1557 -0.43 83.88 -1.27
C LEU C 1557 0.17 84.31 0.06
N LYS C 1558 -0.12 85.54 0.49
CA LYS C 1558 0.44 86.00 1.75
C LYS C 1558 -0.09 85.19 2.93
N THR C 1559 -1.36 84.80 2.87
CA THR C 1559 -1.92 83.96 3.93
C THR C 1559 -1.25 82.59 3.94
N MET C 1560 -0.98 82.02 2.77
CA MET C 1560 -0.20 80.79 2.72
C MET C 1560 1.19 80.99 3.30
N LYS C 1561 1.81 82.13 3.01
CA LYS C 1561 3.15 82.38 3.50
C LYS C 1561 3.19 82.44 5.02
N ASP C 1562 2.21 83.11 5.63
CA ASP C 1562 2.22 83.27 7.07
C ASP C 1562 1.61 82.10 7.84
N GLY C 1563 0.59 81.43 7.31
CA GLY C 1563 -0.05 80.36 8.06
C GLY C 1563 0.83 79.15 8.22
N VAL C 1564 1.47 78.71 7.14
CA VAL C 1564 2.37 77.58 7.25
C VAL C 1564 3.55 77.93 8.14
N TYR C 1565 3.92 79.21 8.14
CA TYR C 1565 5.03 79.68 9.00
C TYR C 1565 4.61 79.60 10.45
N ARG C 1566 3.33 79.89 10.71
CA ARG C 1566 2.82 79.84 12.07
C ARG C 1566 2.84 78.42 12.63
N GLU C 1567 2.34 77.44 11.86
CA GLU C 1567 2.29 76.07 12.35
C GLU C 1567 3.67 75.42 12.37
N LEU C 1568 4.45 75.63 11.32
CA LEU C 1568 5.77 75.02 11.20
C LEU C 1568 6.78 76.06 10.73
N GLY C 1569 8.02 75.91 11.21
CA GLY C 1569 9.01 76.96 11.03
C GLY C 1569 9.41 77.23 9.59
N LEU C 1570 9.20 76.26 8.70
CA LEU C 1570 9.66 76.42 7.32
C LEU C 1570 8.85 77.48 6.60
N ASP C 1571 9.54 78.29 5.80
CA ASP C 1571 8.92 79.29 4.95
C ASP C 1571 8.86 78.79 3.52
N ILE C 1572 7.79 79.15 2.82
CA ILE C 1572 7.59 78.67 1.46
C ILE C 1572 8.21 79.59 0.43
N SER C 1573 8.73 80.75 0.84
CA SER C 1573 9.49 81.58 -0.09
C SER C 1573 10.70 80.86 -0.62
N LEU C 1574 11.30 79.99 0.19
CA LEU C 1574 12.37 79.13 -0.27
C LEU C 1574 11.82 78.18 -1.32
N PRO C 1575 12.40 78.13 -2.52
CA PRO C 1575 11.79 77.32 -3.58
C PRO C 1575 11.74 75.83 -3.28
N ASP C 1576 12.67 75.32 -2.48
CA ASP C 1576 12.75 73.87 -2.28
C ASP C 1576 11.50 73.32 -1.62
N VAL C 1577 10.96 74.03 -0.63
CA VAL C 1577 9.81 73.51 0.11
C VAL C 1577 8.53 73.70 -0.69
N MET C 1578 8.27 74.91 -1.15
CA MET C 1578 7.02 75.18 -1.86
C MET C 1578 6.97 74.49 -3.22
N LYS C 1579 8.11 74.19 -3.83
CA LYS C 1579 8.08 73.64 -5.18
C LYS C 1579 7.35 72.31 -5.22
N ARG C 1580 7.67 71.40 -4.30
CA ARG C 1580 6.89 70.18 -4.18
C ARG C 1580 6.52 69.77 -2.76
N ILE C 1581 7.36 70.05 -1.76
CA ILE C 1581 7.23 69.37 -0.46
C ILE C 1581 5.95 69.80 0.25
N ALA C 1582 5.66 71.09 0.25
CA ALA C 1582 4.48 71.60 0.96
C ALA C 1582 3.17 71.36 0.20
N PRO C 1583 3.09 71.59 -1.13
CA PRO C 1583 1.78 71.49 -1.81
C PRO C 1583 1.13 70.13 -1.76
N MET C 1584 1.77 69.13 -1.14
CA MET C 1584 1.11 67.85 -0.99
C MET C 1584 -0.17 67.97 -0.19
N LEU C 1585 -0.26 68.97 0.70
CA LEU C 1585 -1.48 69.22 1.47
C LEU C 1585 -2.42 70.08 0.64
N TYR C 1586 -3.08 69.43 -0.32
CA TYR C 1586 -4.10 70.06 -1.15
C TYR C 1586 -5.28 69.10 -1.28
N LYS C 1587 -6.45 69.66 -1.57
CA LYS C 1587 -7.66 68.87 -1.73
C LYS C 1587 -7.74 68.37 -3.17
N SER C 1588 -7.67 67.06 -3.36
CA SER C 1588 -7.72 66.48 -4.68
C SER C 1588 -9.14 66.54 -5.24
N SER C 1589 -9.25 66.34 -6.55
CA SER C 1589 -10.52 66.42 -7.25
C SER C 1589 -10.90 65.10 -7.92
N LYS C 1590 -10.31 63.98 -7.46
CA LYS C 1590 -10.63 62.70 -8.05
C LYS C 1590 -12.09 62.33 -7.81
N SER C 1591 -12.61 62.62 -6.63
CA SER C 1591 -14.00 62.38 -6.28
C SER C 1591 -14.34 60.89 -6.39
N ARG C 1592 -13.73 60.11 -5.50
CA ARG C 1592 -14.04 58.69 -5.40
C ARG C 1592 -15.50 58.49 -5.01
N VAL C 1593 -16.12 57.48 -5.60
CA VAL C 1593 -17.49 57.11 -5.28
C VAL C 1593 -17.48 55.71 -4.69
N VAL C 1594 -18.08 55.55 -3.51
CA VAL C 1594 -18.05 54.30 -2.78
C VAL C 1594 -19.48 53.80 -2.62
N ILE C 1595 -19.71 52.55 -2.99
CA ILE C 1595 -21.03 51.94 -2.88
C ILE C 1595 -21.23 51.42 -1.46
N VAL C 1596 -21.75 52.27 -0.59
CA VAL C 1596 -22.03 51.89 0.79
C VAL C 1596 -23.46 51.38 0.88
N GLN C 1597 -23.76 50.71 1.98
CA GLN C 1597 -25.07 50.13 2.22
C GLN C 1597 -25.66 50.73 3.49
N GLY C 1598 -26.88 51.25 3.38
CA GLY C 1598 -27.55 51.85 4.51
C GLY C 1598 -27.71 53.35 4.38
N ASN C 1599 -27.61 54.06 5.51
CA ASN C 1599 -27.73 55.52 5.54
C ASN C 1599 -26.40 56.17 5.88
N VAL C 1600 -25.31 55.61 5.34
CA VAL C 1600 -23.98 56.14 5.63
C VAL C 1600 -23.88 57.56 5.09
N GLU C 1601 -23.32 58.46 5.90
CA GLU C 1601 -23.16 59.84 5.51
C GLU C 1601 -22.10 59.97 4.40
N GLY C 1602 -22.06 61.13 3.79
CA GLY C 1602 -21.18 61.37 2.66
C GLY C 1602 -19.76 61.77 3.00
N THR C 1603 -19.34 61.62 4.25
CA THR C 1603 -17.99 61.99 4.64
C THR C 1603 -17.10 60.76 4.72
N ALA C 1604 -15.79 60.99 4.59
CA ALA C 1604 -14.83 59.88 4.60
C ALA C 1604 -14.86 59.14 5.93
N GLU C 1605 -15.03 59.87 7.02
CA GLU C 1605 -15.19 59.23 8.34
C GLU C 1605 -16.28 58.18 8.30
N ALA C 1606 -17.45 58.55 7.76
CA ALA C 1606 -18.59 57.63 7.75
C ALA C 1606 -18.32 56.41 6.88
N ILE C 1607 -17.66 56.60 5.73
CA ILE C 1607 -17.35 55.46 4.87
C ILE C 1607 -16.39 54.51 5.56
N CYS C 1608 -15.38 55.05 6.24
CA CYS C 1608 -14.47 54.17 6.98
C CYS C 1608 -15.21 53.46 8.10
N ARG C 1609 -16.13 54.14 8.77
CA ARG C 1609 -16.97 53.48 9.77
C ARG C 1609 -17.75 52.34 9.16
N TYR C 1610 -18.29 52.55 7.96
CA TYR C 1610 -19.06 51.50 7.32
C TYR C 1610 -18.19 50.31 6.96
N TRP C 1611 -16.97 50.55 6.49
CA TRP C 1611 -16.07 49.44 6.20
C TRP C 1611 -15.73 48.67 7.48
N LEU C 1612 -15.43 49.39 8.56
CA LEU C 1612 -15.13 48.73 9.83
C LEU C 1612 -16.34 47.96 10.34
N LYS C 1613 -17.55 48.43 10.03
CA LYS C 1613 -18.75 47.71 10.44
C LYS C 1613 -18.97 46.46 9.59
N SER C 1614 -18.67 46.55 8.30
CA SER C 1614 -18.76 45.42 7.38
C SER C 1614 -17.56 44.50 7.48
N MET C 1615 -16.66 44.78 8.43
CA MET C 1615 -15.49 43.93 8.67
C MET C 1615 -15.88 42.46 8.78
N SER C 1616 -16.99 42.21 9.47
CA SER C 1616 -17.49 40.82 9.59
C SER C 1616 -18.59 40.60 8.56
N LEU C 1617 -18.92 39.35 8.30
CA LEU C 1617 -19.90 39.01 7.26
C LEU C 1617 -21.26 38.65 7.83
N VAL C 1618 -21.32 38.02 8.99
CA VAL C 1618 -22.59 37.56 9.55
C VAL C 1618 -22.89 38.27 10.86
N LYS C 1619 -21.86 38.65 11.59
CA LYS C 1619 -22.02 39.21 12.92
C LYS C 1619 -22.06 40.74 12.87
N THR C 1620 -22.77 41.33 13.82
CA THR C 1620 -22.86 42.78 13.91
C THR C 1620 -21.64 43.33 14.65
N ILE C 1621 -21.12 44.44 14.15
CA ILE C 1621 -19.95 45.08 14.73
C ILE C 1621 -20.31 46.53 15.06
N ARG C 1622 -19.96 46.96 16.26
CA ARG C 1622 -20.14 48.34 16.68
C ARG C 1622 -18.76 48.97 16.90
N VAL C 1623 -18.64 50.24 16.53
CA VAL C 1623 -17.41 50.99 16.73
C VAL C 1623 -17.46 51.58 18.14
N LYS C 1624 -16.61 51.08 19.02
CA LYS C 1624 -16.61 51.56 20.41
C LYS C 1624 -16.36 53.05 20.50
N PRO C 1625 -15.39 53.65 19.80
CA PRO C 1625 -15.34 55.11 19.73
C PRO C 1625 -16.35 55.66 18.71
N HIS C 1626 -17.64 55.43 19.01
CA HIS C 1626 -18.70 55.84 18.10
C HIS C 1626 -18.79 57.35 17.94
N LYS C 1627 -18.13 58.12 18.80
CA LYS C 1627 -18.02 59.55 18.61
C LYS C 1627 -17.11 59.84 17.42
N GLU C 1628 -16.95 61.12 17.10
CA GLU C 1628 -16.07 61.53 16.01
C GLU C 1628 -14.63 61.18 16.33
N GLY C 1643 -4.09 88.31 13.23
CA GLY C 1643 -4.57 89.61 12.78
C GLY C 1643 -5.41 90.32 13.83
N GLN C 1644 -6.14 89.55 14.62
CA GLN C 1644 -6.97 90.13 15.68
C GLN C 1644 -6.11 90.79 16.74
N GLN C 1645 -4.95 90.20 17.06
CA GLN C 1645 -4.07 90.77 18.08
C GLN C 1645 -3.55 92.14 17.67
N LYS C 1646 -3.16 92.30 16.41
CA LYS C 1646 -2.66 93.59 15.94
C LYS C 1646 -3.75 94.65 15.98
N ASP C 1647 -4.97 94.30 15.57
CA ASP C 1647 -6.08 95.24 15.64
C ASP C 1647 -6.37 95.62 17.09
N LEU C 1648 -6.32 94.65 18.00
CA LEU C 1648 -6.51 94.92 19.42
C LEU C 1648 -5.45 95.89 19.94
N ALA C 1649 -4.19 95.67 19.57
CA ALA C 1649 -3.11 96.55 20.02
C ALA C 1649 -3.30 97.96 19.48
N ALA C 1650 -3.66 98.08 18.20
CA ALA C 1650 -3.88 99.40 17.61
C ALA C 1650 -5.05 100.11 18.30
N LEU C 1651 -6.13 99.38 18.56
CA LEU C 1651 -7.28 99.99 19.24
C LEU C 1651 -6.89 100.44 20.64
N LYS C 1652 -6.12 99.63 21.36
CA LYS C 1652 -5.71 100.01 22.71
C LYS C 1652 -4.81 101.25 22.69
N LEU C 1653 -3.89 101.32 21.72
CA LEU C 1653 -3.04 102.50 21.59
C LEU C 1653 -3.87 103.74 21.30
N CYS C 1654 -4.85 103.62 20.41
CA CYS C 1654 -5.73 104.75 20.11
C CYS C 1654 -6.51 105.17 21.35
N ILE C 1655 -7.01 104.20 22.11
CA ILE C 1655 -7.75 104.50 23.33
C ILE C 1655 -6.88 105.30 24.29
N GLU C 1656 -5.65 104.82 24.52
CA GLU C 1656 -4.77 105.48 25.48
C GLU C 1656 -4.41 106.89 25.01
N VAL C 1657 -4.07 107.05 23.72
CA VAL C 1657 -3.65 108.35 23.25
C VAL C 1657 -4.81 109.34 23.29
N TRP C 1658 -6.02 108.90 22.94
CA TRP C 1658 -7.17 109.81 23.00
C TRP C 1658 -7.52 110.15 24.45
N ARG C 1659 -7.41 109.19 25.35
CA ARG C 1659 -7.69 109.47 26.76
C ARG C 1659 -6.72 110.51 27.30
N TRP C 1660 -5.43 110.37 27.00
CA TRP C 1660 -4.48 111.38 27.45
C TRP C 1660 -4.73 112.73 26.78
N CYS C 1661 -5.04 112.71 25.48
CA CYS C 1661 -5.31 113.97 24.78
C CYS C 1661 -6.52 114.68 25.36
N LYS C 1662 -7.50 113.93 25.85
CA LYS C 1662 -8.64 114.54 26.52
C LYS C 1662 -8.30 115.04 27.91
N ALA C 1663 -7.45 114.29 28.63
CA ALA C 1663 -7.00 114.77 29.93
C ALA C 1663 -6.24 116.08 29.80
N ASN C 1664 -5.36 116.18 28.82
CA ASN C 1664 -4.66 117.41 28.49
C ASN C 1664 -5.43 118.15 27.40
N SER C 1665 -4.80 119.14 26.78
CA SER C 1665 -5.35 119.85 25.63
C SER C 1665 -4.46 119.55 24.43
N ALA C 1666 -4.95 118.73 23.50
CA ALA C 1666 -4.16 118.27 22.38
C ALA C 1666 -4.97 118.33 21.09
N PRO C 1667 -4.31 118.48 19.95
CA PRO C 1667 -5.01 118.42 18.66
C PRO C 1667 -5.34 117.00 18.25
N TYR C 1668 -6.50 116.50 18.70
CA TYR C 1668 -6.88 115.11 18.48
C TYR C 1668 -6.81 114.73 17.00
N ARG C 1669 -7.48 115.51 16.16
CA ARG C 1669 -7.56 115.17 14.73
C ARG C 1669 -6.19 115.29 14.06
N ASP C 1670 -5.43 116.33 14.39
CA ASP C 1670 -4.10 116.49 13.81
C ASP C 1670 -3.18 115.35 14.23
N TRP C 1671 -3.23 114.96 15.50
CA TRP C 1671 -2.38 113.88 15.99
C TRP C 1671 -2.77 112.54 15.37
N PHE C 1672 -4.08 112.30 15.20
CA PHE C 1672 -4.53 111.08 14.56
C PHE C 1672 -4.12 110.99 13.10
N GLN C 1673 -3.82 112.12 12.48
CA GLN C 1673 -3.30 112.14 11.12
C GLN C 1673 -1.77 112.12 11.07
N ALA C 1674 -1.11 112.13 12.23
CA ALA C 1674 0.34 112.11 12.31
C ALA C 1674 0.89 110.85 12.95
N LEU C 1675 0.23 110.33 13.98
CA LEU C 1675 0.72 109.13 14.64
C LEU C 1675 0.58 107.92 13.73
N TRP C 1676 1.54 107.01 13.84
CA TRP C 1676 1.61 105.83 12.99
C TRP C 1676 1.79 104.58 13.83
N PHE C 1677 1.05 103.53 13.49
CA PHE C 1677 1.15 102.24 14.16
C PHE C 1677 1.38 101.16 13.12
N GLU C 1678 2.41 100.34 13.34
CA GLU C 1678 2.75 99.26 12.42
C GLU C 1678 2.94 99.81 11.00
N ASP C 1679 2.00 99.50 10.11
CA ASP C 1679 2.02 100.01 8.75
C ASP C 1679 0.75 100.77 8.41
N LYS C 1680 0.04 101.26 9.42
CA LYS C 1680 -1.22 101.97 9.22
C LYS C 1680 -1.26 103.20 10.11
N THR C 1681 -1.62 104.34 9.54
CA THR C 1681 -1.73 105.55 10.33
C THR C 1681 -2.96 105.50 11.24
N PHE C 1682 -2.99 106.39 12.23
CA PHE C 1682 -4.06 106.37 13.21
C PHE C 1682 -5.41 106.70 12.58
N SER C 1683 -5.43 107.63 11.62
CA SER C 1683 -6.67 107.92 10.92
C SER C 1683 -7.17 106.71 10.14
N GLU C 1684 -6.25 106.01 9.45
CA GLU C 1684 -6.62 104.78 8.75
C GLU C 1684 -7.06 103.71 9.75
N TRP C 1685 -6.41 103.65 10.91
CA TRP C 1685 -6.82 102.69 11.93
C TRP C 1685 -8.25 102.98 12.40
N LEU C 1686 -8.59 104.24 12.62
CA LEU C 1686 -9.94 104.61 13.01
C LEU C 1686 -10.94 104.27 11.90
N ASP C 1687 -10.56 104.54 10.65
CA ASP C 1687 -11.44 104.19 9.53
C ASP C 1687 -11.69 102.69 9.46
N ARG C 1688 -10.64 101.89 9.66
CA ARG C 1688 -10.79 100.45 9.67
C ARG C 1688 -11.67 99.99 10.82
N PHE C 1689 -11.49 100.59 12.00
CA PHE C 1689 -12.32 100.24 13.14
C PHE C 1689 -13.79 100.57 12.87
N CYS C 1690 -14.05 101.70 12.22
CA CYS C 1690 -15.41 102.03 11.85
C CYS C 1690 -15.96 101.05 10.82
N ARG C 1691 -15.14 100.61 9.88
CA ARG C 1691 -15.63 99.79 8.78
C ARG C 1691 -15.88 98.35 9.25
N VAL C 1692 -14.83 97.66 9.70
CA VAL C 1692 -14.99 96.26 10.13
C VAL C 1692 -15.68 96.13 11.48
N GLY C 1693 -15.81 97.22 12.22
CA GLY C 1693 -16.31 97.14 13.58
C GLY C 1693 -15.18 97.02 14.58
N VAL C 1694 -15.54 96.61 15.79
CA VAL C 1694 -14.57 96.48 16.87
C VAL C 1694 -14.64 95.05 17.41
N PRO C 1695 -13.52 94.34 17.52
CA PRO C 1695 -13.55 93.00 18.07
C PRO C 1695 -14.02 93.02 19.51
N PRO C 1696 -14.74 91.99 19.94
CA PRO C 1696 -15.30 92.02 21.30
C PRO C 1696 -14.27 91.76 22.38
N ILE C 1697 -13.87 92.83 23.07
CA ILE C 1697 -13.00 92.74 24.24
C ILE C 1697 -13.62 93.59 25.34
N ASP C 1698 -13.85 92.97 26.50
CA ASP C 1698 -14.68 93.60 27.52
C ASP C 1698 -14.18 94.96 28.01
N PRO C 1699 -12.91 95.13 28.41
CA PRO C 1699 -12.52 96.39 29.07
C PRO C 1699 -12.58 97.61 28.17
N GLU C 1700 -12.77 97.47 26.85
CA GLU C 1700 -12.77 98.65 26.00
C GLU C 1700 -13.84 98.64 24.91
N ILE C 1701 -14.85 97.76 24.97
CA ILE C 1701 -15.93 97.83 23.99
C ILE C 1701 -16.68 99.14 24.13
N GLN C 1702 -17.02 99.51 25.37
CA GLN C 1702 -17.69 100.78 25.61
C GLN C 1702 -16.79 101.94 25.22
N CYS C 1703 -15.49 101.82 25.50
CA CYS C 1703 -14.55 102.88 25.12
C CYS C 1703 -14.52 103.06 23.60
N ALA C 1704 -14.48 101.97 22.85
CA ALA C 1704 -14.47 102.05 21.40
C ALA C 1704 -15.78 102.66 20.88
N ALA C 1705 -16.90 102.33 21.52
CA ALA C 1705 -18.15 102.98 21.18
C ALA C 1705 -18.07 104.48 21.41
N LEU C 1706 -17.43 104.89 22.51
CA LEU C 1706 -17.22 106.31 22.76
C LEU C 1706 -16.35 106.95 21.69
N MET C 1707 -15.31 106.25 21.24
CA MET C 1707 -14.52 106.72 20.10
C MET C 1707 -15.39 106.96 18.87
N ILE C 1708 -16.18 105.96 18.49
CA ILE C 1708 -16.98 106.09 17.27
C ILE C 1708 -17.97 107.25 17.41
N ALA C 1709 -18.52 107.42 18.60
CA ALA C 1709 -19.43 108.54 18.84
C ALA C 1709 -18.71 109.88 18.75
N ASP C 1710 -17.52 109.99 19.35
CA ASP C 1710 -16.87 111.28 19.52
C ASP C 1710 -16.09 111.70 18.28
N ILE C 1711 -15.05 110.94 17.92
CA ILE C 1711 -14.14 111.42 16.89
C ILE C 1711 -14.73 111.21 15.50
N LYS C 1712 -15.38 110.07 15.26
CA LYS C 1712 -16.01 109.85 13.97
C LYS C 1712 -17.31 110.63 13.83
N GLY C 1713 -18.02 110.85 14.94
CA GLY C 1713 -19.21 111.66 14.94
C GLY C 1713 -20.52 110.89 14.87
N ASP C 1714 -20.48 109.59 14.62
CA ASP C 1714 -21.69 108.77 14.52
C ASP C 1714 -21.88 107.96 15.79
N TYR C 1715 -23.05 108.07 16.39
CA TYR C 1715 -23.36 107.33 17.63
C TYR C 1715 -24.02 106.00 17.32
N SER C 1716 -23.36 105.20 16.47
CA SER C 1716 -23.88 103.90 16.06
C SER C 1716 -23.38 102.78 16.96
N VAL C 1717 -22.07 102.76 17.24
CA VAL C 1717 -21.52 101.72 18.10
C VAL C 1717 -21.99 101.90 19.54
N LEU C 1718 -22.19 103.14 19.98
CA LEU C 1718 -22.78 103.35 21.30
C LEU C 1718 -24.18 102.77 21.38
N GLN C 1719 -24.99 102.97 20.34
CA GLN C 1719 -26.32 102.39 20.30
C GLN C 1719 -26.26 100.88 20.28
N LEU C 1720 -25.33 100.31 19.50
CA LEU C 1720 -25.18 98.87 19.46
C LEU C 1720 -24.79 98.30 20.82
N GLN C 1721 -23.86 98.96 21.51
CA GLN C 1721 -23.46 98.53 22.84
C GLN C 1721 -24.63 98.60 23.81
N ALA C 1722 -25.41 99.68 23.76
CA ALA C 1722 -26.59 99.78 24.60
C ALA C 1722 -27.58 98.66 24.31
N ASN C 1723 -27.74 98.31 23.03
CA ASN C 1723 -28.65 97.24 22.66
C ASN C 1723 -28.17 95.89 23.16
N ARG C 1724 -26.85 95.63 23.07
CA ARG C 1724 -26.36 94.27 23.31
C ARG C 1724 -25.93 94.03 24.75
N ARG C 1725 -25.09 94.90 25.33
CA ARG C 1725 -24.49 94.61 26.62
C ARG C 1725 -24.43 95.87 27.48
N ALA C 1726 -25.48 96.69 27.46
CA ALA C 1726 -25.50 97.88 28.30
C ALA C 1726 -26.96 98.27 28.56
N TYR C 1727 -27.46 97.89 29.72
CA TYR C 1727 -28.77 98.35 30.20
C TYR C 1727 -28.71 98.94 31.59
N SER C 1728 -27.90 98.38 32.48
CA SER C 1728 -27.67 98.89 33.84
C SER C 1728 -29.01 99.05 34.55
N GLY C 1729 -29.07 99.97 35.51
CA GLY C 1729 -30.29 100.21 36.26
C GLY C 1729 -30.58 99.10 37.27
N LYS C 1730 -31.70 99.27 37.96
CA LYS C 1730 -32.16 98.31 38.96
C LYS C 1730 -33.67 98.15 38.78
N GLN C 1731 -34.09 97.04 38.18
CA GLN C 1731 -35.50 96.77 37.92
C GLN C 1731 -36.08 96.04 39.13
N TYR C 1732 -36.89 96.74 39.91
CA TYR C 1732 -37.51 96.18 41.09
C TYR C 1732 -38.82 95.47 40.73
N ASP C 1733 -39.11 94.39 41.45
CA ASP C 1733 -40.35 93.66 41.24
C ASP C 1733 -41.55 94.51 41.65
N ALA C 1734 -42.61 94.48 40.85
CA ALA C 1734 -43.81 95.25 41.16
C ALA C 1734 -44.46 94.77 42.45
N TYR C 1735 -44.50 93.45 42.66
CA TYR C 1735 -45.15 92.88 43.82
C TYR C 1735 -44.30 92.93 45.08
N CYS C 1736 -43.04 93.35 44.98
CA CYS C 1736 -42.15 93.46 46.13
C CYS C 1736 -42.12 94.90 46.61
N VAL C 1737 -42.50 95.12 47.87
CA VAL C 1737 -42.55 96.43 48.47
C VAL C 1737 -41.64 96.43 49.69
N GLN C 1738 -40.77 97.44 49.78
CA GLN C 1738 -39.81 97.56 50.87
C GLN C 1738 -40.14 98.80 51.69
N THR C 1739 -40.14 98.65 53.01
CA THR C 1739 -40.40 99.75 53.93
C THR C 1739 -39.10 100.12 54.64
N TYR C 1740 -38.78 101.41 54.66
CA TYR C 1740 -37.56 101.91 55.26
C TYR C 1740 -37.82 102.27 56.72
N ASN C 1741 -37.16 101.54 57.62
CA ASN C 1741 -37.26 101.81 59.06
C ASN C 1741 -36.11 102.73 59.46
N GLU C 1742 -36.44 103.93 59.93
CA GLU C 1742 -35.43 104.90 60.29
C GLU C 1742 -34.68 104.52 61.57
N VAL C 1743 -35.30 103.70 62.42
CA VAL C 1743 -34.62 103.28 63.65
C VAL C 1743 -33.40 102.43 63.32
N THR C 1744 -33.56 101.48 62.40
CA THR C 1744 -32.44 100.65 61.96
C THR C 1744 -31.77 101.17 60.70
N LYS C 1745 -32.34 102.20 60.06
CA LYS C 1745 -31.80 102.77 58.82
C LYS C 1745 -31.63 101.68 57.76
N LEU C 1746 -32.61 100.78 57.68
CA LEU C 1746 -32.56 99.66 56.76
C LEU C 1746 -33.96 99.39 56.22
N TYR C 1747 -34.00 98.75 55.05
CA TYR C 1747 -35.27 98.38 54.44
C TYR C 1747 -35.75 97.04 55.00
N GLU C 1748 -37.04 96.79 54.83
CA GLU C 1748 -37.66 95.54 55.26
C GLU C 1748 -38.69 95.10 54.22
N GLY C 1749 -38.90 93.80 54.11
CA GLY C 1749 -39.85 93.26 53.17
C GLY C 1749 -39.15 92.55 52.02
N ASP C 1750 -39.85 91.60 51.41
CA ASP C 1750 -39.28 90.78 50.36
C ASP C 1750 -38.87 91.64 49.17
N LEU C 1751 -37.73 91.30 48.57
CA LEU C 1751 -37.17 92.05 47.45
C LEU C 1751 -36.80 91.09 46.32
N ARG C 1752 -37.15 91.49 45.10
CA ARG C 1752 -36.78 90.74 43.89
C ARG C 1752 -36.36 91.76 42.83
N VAL C 1753 -35.09 91.71 42.45
CA VAL C 1753 -34.52 92.70 41.54
C VAL C 1753 -33.91 91.97 40.36
N THR C 1754 -34.21 92.44 39.15
CA THR C 1754 -33.68 91.88 37.91
C THR C 1754 -32.74 92.91 37.29
N PHE C 1755 -31.44 92.78 37.53
CA PHE C 1755 -30.45 93.65 36.92
C PHE C 1755 -30.32 93.32 35.44
N ASN C 1756 -30.56 94.31 34.58
CA ASN C 1756 -30.40 94.15 33.15
C ASN C 1756 -29.16 94.91 32.69
N PHE C 1757 -28.30 94.22 31.94
CA PHE C 1757 -27.08 94.81 31.38
C PHE C 1757 -26.93 94.42 29.93
N GLY C 1758 -28.00 94.56 29.17
CA GLY C 1758 -27.98 94.23 27.74
C GLY C 1758 -28.70 92.91 27.48
N LEU C 1759 -28.03 92.02 26.74
CA LEU C 1759 -28.60 90.71 26.46
C LEU C 1759 -28.61 89.80 27.69
N ASP C 1760 -27.96 90.20 28.77
CA ASP C 1760 -27.86 89.40 29.99
C ASP C 1760 -28.67 90.05 31.11
N CYS C 1761 -29.27 89.21 31.94
CA CYS C 1761 -30.04 89.68 33.08
C CYS C 1761 -29.63 88.90 34.32
N ALA C 1762 -29.69 89.57 35.47
CA ALA C 1762 -29.34 88.96 36.75
C ALA C 1762 -30.52 89.10 37.70
N ARG C 1763 -30.99 87.97 38.22
CA ARG C 1763 -32.15 87.94 39.11
C ARG C 1763 -31.66 87.70 40.55
N LEU C 1764 -32.07 88.59 41.46
CA LEU C 1764 -31.70 88.50 42.87
C LEU C 1764 -32.98 88.49 43.70
N GLU C 1765 -33.11 87.47 44.55
CA GLU C 1765 -34.25 87.34 45.45
C GLU C 1765 -33.74 87.27 46.89
N ILE C 1766 -34.38 88.01 47.78
CA ILE C 1766 -34.02 88.06 49.19
C ILE C 1766 -35.17 87.51 50.01
N PHE C 1767 -34.90 86.45 50.76
CA PHE C 1767 -35.89 85.85 51.66
C PHE C 1767 -35.58 86.35 53.08
N TRP C 1768 -36.34 87.34 53.52
CA TRP C 1768 -36.08 87.96 54.82
C TRP C 1768 -36.44 87.05 55.98
N ASP C 1769 -37.40 86.15 55.79
CA ASP C 1769 -37.73 85.20 56.84
C ASP C 1769 -36.55 84.29 57.17
N LYS C 1770 -35.85 83.81 56.14
CA LYS C 1770 -34.67 82.99 56.31
C LYS C 1770 -33.38 83.80 56.29
N LYS C 1771 -33.45 85.10 56.03
CA LYS C 1771 -32.28 85.97 55.93
C LYS C 1771 -31.28 85.42 54.92
N ALA C 1772 -31.79 84.96 53.78
CA ALA C 1772 -30.98 84.37 52.73
C ALA C 1772 -31.23 85.08 51.41
N TYR C 1773 -30.24 85.00 50.52
CA TYR C 1773 -30.30 85.63 49.21
C TYR C 1773 -29.94 84.61 48.13
N ILE C 1774 -30.63 84.69 47.01
CA ILE C 1774 -30.38 83.83 45.85
C ILE C 1774 -30.14 84.71 44.65
N LEU C 1775 -28.98 84.53 44.00
CA LEU C 1775 -28.60 85.34 42.84
C LEU C 1775 -28.29 84.44 41.67
N GLU C 1776 -28.88 84.73 40.52
CA GLU C 1776 -28.64 83.99 39.28
C GLU C 1776 -28.35 84.99 38.17
N THR C 1777 -27.34 84.68 37.36
CA THR C 1777 -26.93 85.56 36.28
C THR C 1777 -26.24 84.75 35.19
N SER C 1778 -26.08 85.38 34.03
CA SER C 1778 -25.45 84.75 32.88
C SER C 1778 -24.25 85.53 32.35
N ILE C 1779 -23.62 86.34 33.20
CA ILE C 1779 -22.51 87.18 32.76
C ILE C 1779 -21.19 86.53 33.19
N THR C 1780 -20.27 86.42 32.25
CA THR C 1780 -18.97 85.81 32.49
C THR C 1780 -17.79 86.75 32.27
N GLN C 1781 -18.01 87.92 31.71
CA GLN C 1781 -16.92 88.87 31.49
C GLN C 1781 -16.44 89.44 32.82
N LYS C 1782 -15.30 90.14 32.78
CA LYS C 1782 -14.61 90.52 34.02
C LYS C 1782 -15.26 91.71 34.70
N HIS C 1783 -15.21 92.88 34.05
CA HIS C 1783 -15.68 94.08 34.74
C HIS C 1783 -17.20 94.14 34.77
N VAL C 1784 -17.88 93.54 33.80
CA VAL C 1784 -19.34 93.47 33.85
C VAL C 1784 -19.77 92.67 35.08
N LEU C 1785 -19.23 91.46 35.23
CA LEU C 1785 -19.58 90.65 36.39
C LEU C 1785 -19.16 91.32 37.69
N LYS C 1786 -18.03 92.05 37.65
CA LYS C 1786 -17.64 92.85 38.82
C LYS C 1786 -18.73 93.84 39.20
N ILE C 1787 -19.30 94.52 38.20
CA ILE C 1787 -20.40 95.44 38.45
C ILE C 1787 -21.61 94.69 39.00
N MET C 1788 -21.87 93.49 38.50
CA MET C 1788 -22.93 92.65 39.08
C MET C 1788 -22.76 92.45 40.58
N MET C 1789 -21.66 91.84 41.04
CA MET C 1789 -21.69 91.64 42.49
C MET C 1789 -21.46 92.94 43.26
N ASP C 1790 -20.94 93.99 42.62
CA ASP C 1790 -20.89 95.29 43.28
C ASP C 1790 -22.30 95.80 43.57
N GLU C 1791 -23.17 95.77 42.57
CA GLU C 1791 -24.55 96.20 42.76
C GLU C 1791 -25.29 95.28 43.74
N VAL C 1792 -25.04 93.97 43.66
CA VAL C 1792 -25.68 93.04 44.58
C VAL C 1792 -25.24 93.30 46.01
N SER C 1793 -23.95 93.54 46.23
CA SER C 1793 -23.45 93.84 47.56
C SER C 1793 -24.02 95.16 48.08
N LYS C 1794 -24.14 96.16 47.20
CA LYS C 1794 -24.75 97.42 47.62
C LYS C 1794 -26.21 97.20 48.03
N GLU C 1795 -26.95 96.41 47.26
CA GLU C 1795 -28.34 96.13 47.60
C GLU C 1795 -28.43 95.38 48.92
N LEU C 1796 -27.55 94.40 49.14
CA LEU C 1796 -27.56 93.65 50.39
C LEU C 1796 -27.22 94.55 51.57
N ILE C 1797 -26.23 95.42 51.41
CA ILE C 1797 -25.86 96.34 52.49
C ILE C 1797 -27.01 97.27 52.81
N LYS C 1798 -27.69 97.79 51.79
CA LYS C 1798 -28.89 98.58 52.03
C LYS C 1798 -29.99 97.74 52.68
N CYS C 1799 -29.96 96.42 52.46
CA CYS C 1799 -30.93 95.51 53.04
C CYS C 1799 -30.51 94.97 54.40
N GLY C 1800 -29.25 95.19 54.82
CA GLY C 1800 -28.83 94.87 56.16
C GLY C 1800 -28.00 93.61 56.33
N MET C 1801 -27.68 92.90 55.25
CA MET C 1801 -26.83 91.73 55.33
C MET C 1801 -25.74 91.82 54.26
N ARG C 1802 -24.80 90.89 54.32
CA ARG C 1802 -23.63 90.88 53.44
C ARG C 1802 -23.57 89.57 52.66
N PHE C 1803 -22.54 89.45 51.83
CA PHE C 1803 -22.35 88.27 51.01
C PHE C 1803 -21.92 87.08 51.87
N ASN C 1804 -22.21 85.88 51.36
CA ASN C 1804 -21.78 84.63 51.99
C ASN C 1804 -20.52 84.17 51.28
N THR C 1805 -19.37 84.38 51.92
CA THR C 1805 -18.07 84.07 51.35
C THR C 1805 -17.40 82.96 52.14
N GLU C 1806 -16.86 81.98 51.41
CA GLU C 1806 -16.18 80.84 52.02
C GLU C 1806 -14.78 80.72 51.45
N GLN C 1807 -13.79 80.58 52.33
CA GLN C 1807 -12.41 80.36 51.93
C GLN C 1807 -12.17 78.85 51.84
N VAL C 1808 -12.01 78.35 50.63
CA VAL C 1808 -11.82 76.92 50.40
C VAL C 1808 -10.60 76.71 49.52
N GLN C 1809 -9.98 75.55 49.66
CA GLN C 1809 -8.80 75.20 48.88
C GLN C 1809 -9.13 74.65 47.50
N GLY C 1810 -10.41 74.43 47.20
CA GLY C 1810 -10.80 73.92 45.91
C GLY C 1810 -12.26 73.50 45.86
N VAL C 1811 -12.93 73.80 44.75
CA VAL C 1811 -14.33 73.47 44.56
C VAL C 1811 -14.46 72.58 43.33
N ARG C 1812 -15.12 71.43 43.49
CA ARG C 1812 -15.37 70.52 42.39
C ARG C 1812 -16.56 70.94 41.53
N HIS C 1813 -17.36 71.90 41.98
CA HIS C 1813 -18.59 72.29 41.30
C HIS C 1813 -18.40 73.62 40.58
N MET C 1814 -19.42 74.00 39.82
CA MET C 1814 -19.38 75.20 38.98
C MET C 1814 -19.89 76.36 39.83
N VAL C 1815 -18.96 77.15 40.37
CA VAL C 1815 -19.28 78.22 41.30
C VAL C 1815 -18.54 79.49 40.90
N LEU C 1816 -18.75 80.54 41.69
CA LEU C 1816 -18.08 81.82 41.50
C LEU C 1816 -17.01 81.99 42.57
N PHE C 1817 -15.80 82.37 42.15
CA PHE C 1817 -14.69 82.56 43.06
C PHE C 1817 -14.00 83.88 42.77
N LYS C 1818 -13.47 84.50 43.82
CA LYS C 1818 -12.74 85.77 43.68
C LYS C 1818 -11.25 85.48 43.70
N THR C 1819 -10.53 86.08 42.75
CA THR C 1819 -9.09 85.93 42.64
C THR C 1819 -8.45 87.32 42.69
N GLU C 1820 -7.12 87.35 42.54
CA GLU C 1820 -6.41 88.62 42.50
C GLU C 1820 -6.84 89.45 41.30
N SER C 1821 -7.05 88.80 40.15
CA SER C 1821 -7.46 89.51 38.95
C SER C 1821 -8.93 89.92 38.99
N GLY C 1822 -9.71 89.36 39.89
CA GLY C 1822 -11.11 89.71 40.01
C GLY C 1822 -11.94 88.49 40.34
N PHE C 1823 -13.12 88.42 39.72
CA PHE C 1823 -14.09 87.35 39.96
C PHE C 1823 -14.27 86.53 38.70
N GLU C 1824 -14.28 85.21 38.86
CA GLU C 1824 -14.39 84.30 37.72
C GLU C 1824 -15.34 83.15 38.07
N TRP C 1825 -16.02 82.65 37.04
CA TRP C 1825 -16.91 81.51 37.18
C TRP C 1825 -16.17 80.24 36.80
N GLY C 1826 -16.34 79.20 37.60
CA GLY C 1826 -15.74 77.91 37.27
C GLY C 1826 -15.40 77.14 38.53
N LYS C 1827 -14.39 76.28 38.39
CA LYS C 1827 -13.92 75.43 39.49
C LYS C 1827 -12.55 75.89 39.93
N PRO C 1828 -12.44 76.61 41.04
CA PRO C 1828 -11.12 77.09 41.48
C PRO C 1828 -10.30 75.97 42.10
N ASN C 1829 -9.09 75.76 41.58
CA ASN C 1829 -8.16 74.78 42.12
C ASN C 1829 -7.15 75.39 43.08
N ILE C 1830 -7.23 76.70 43.33
CA ILE C 1830 -6.30 77.39 44.22
C ILE C 1830 -7.07 77.86 45.44
N PRO C 1831 -6.50 77.80 46.65
CA PRO C 1831 -7.20 78.33 47.82
C PRO C 1831 -7.52 79.80 47.70
N CYS C 1832 -8.81 80.13 47.66
CA CYS C 1832 -9.27 81.50 47.48
C CYS C 1832 -10.65 81.61 48.10
N ILE C 1833 -11.32 82.73 47.81
CA ILE C 1833 -12.65 83.01 48.35
C ILE C 1833 -13.70 82.66 47.30
N VAL C 1834 -14.72 81.90 47.72
CA VAL C 1834 -15.81 81.49 46.85
C VAL C 1834 -17.10 82.07 47.40
N TYR C 1835 -17.85 82.77 46.54
CA TYR C 1835 -19.11 83.39 46.93
C TYR C 1835 -20.22 82.35 46.88
N LYS C 1836 -20.95 82.22 47.98
CA LYS C 1836 -22.03 81.25 48.06
C LYS C 1836 -23.32 81.80 47.44
N ASN C 1837 -24.28 80.90 47.23
CA ASN C 1837 -25.60 81.24 46.69
C ASN C 1837 -25.47 81.95 45.34
N CYS C 1838 -24.54 81.50 44.52
CA CYS C 1838 -24.32 82.05 43.19
C CYS C 1838 -24.65 80.98 42.16
N VAL C 1839 -25.53 81.31 41.22
CA VAL C 1839 -25.97 80.39 40.18
C VAL C 1839 -25.68 81.01 38.83
N LEU C 1840 -25.05 80.24 37.94
CA LEU C 1840 -24.74 80.69 36.58
C LEU C 1840 -25.82 80.12 35.66
N ARG C 1841 -26.87 80.90 35.44
CA ARG C 1841 -28.01 80.50 34.63
C ARG C 1841 -27.86 81.08 33.23
N THR C 1842 -27.32 80.29 32.31
CA THR C 1842 -27.16 80.75 30.94
C THR C 1842 -28.50 80.89 30.21
N SER C 1843 -29.56 80.26 30.72
CA SER C 1843 -30.87 80.35 30.09
C SER C 1843 -31.51 81.71 30.26
N LEU C 1844 -30.94 82.59 31.10
CA LEU C 1844 -31.49 83.92 31.30
C LEU C 1844 -31.36 84.80 30.06
N ARG C 1845 -30.54 84.42 29.09
CA ARG C 1845 -30.34 85.20 27.89
C ARG C 1845 -31.55 85.08 26.96
N HIS C 1852 -34.19 98.59 19.04
CA HIS C 1852 -34.04 99.29 20.31
C HIS C 1852 -33.48 100.69 20.09
N LYS C 1853 -34.10 101.69 20.72
CA LYS C 1853 -33.70 103.08 20.58
C LYS C 1853 -33.34 103.63 21.96
N PHE C 1854 -32.22 104.35 22.04
CA PHE C 1854 -31.75 104.92 23.28
C PHE C 1854 -31.25 106.34 23.02
N MET C 1855 -31.28 107.16 24.07
CA MET C 1855 -30.72 108.50 24.03
C MET C 1855 -29.51 108.54 24.95
N ILE C 1856 -28.50 109.32 24.57
CA ILE C 1856 -27.22 109.34 25.26
C ILE C 1856 -26.90 110.77 25.67
N THR C 1857 -26.54 110.96 26.94
CA THR C 1857 -26.06 112.24 27.45
C THR C 1857 -24.56 112.15 27.66
N ILE C 1858 -23.82 113.11 27.11
CA ILE C 1858 -22.36 113.11 27.13
C ILE C 1858 -21.88 114.08 28.21
N LYS C 1859 -20.98 113.60 29.06
CA LYS C 1859 -20.45 114.39 30.15
C LYS C 1859 -18.94 114.23 30.20
N ASP C 1860 -18.29 115.13 30.94
CA ASP C 1860 -16.83 115.16 31.08
C ASP C 1860 -16.15 115.27 29.73
N ASP C 1861 -16.71 116.11 28.86
CA ASP C 1861 -16.17 116.38 27.52
C ASP C 1861 -16.07 115.12 26.67
N GLY C 1862 -16.85 114.09 26.97
CA GLY C 1862 -16.81 112.83 26.26
C GLY C 1862 -16.16 111.69 27.01
N LEU C 1863 -15.73 111.89 28.25
CA LEU C 1863 -15.13 110.80 29.01
C LEU C 1863 -16.17 109.81 29.51
N ARG C 1864 -17.39 110.25 29.77
CA ARG C 1864 -18.45 109.38 30.25
C ARG C 1864 -19.73 109.67 29.49
N ALA C 1865 -20.59 108.65 29.41
CA ALA C 1865 -21.88 108.77 28.74
C ALA C 1865 -22.93 108.02 29.54
N ILE C 1866 -24.11 108.61 29.65
CA ILE C 1866 -25.24 108.02 30.36
C ILE C 1866 -26.39 107.87 29.37
N ALA C 1867 -26.96 106.66 29.31
CA ALA C 1867 -28.04 106.36 28.38
C ALA C 1867 -29.29 105.91 29.11
N GLN C 1868 -30.39 105.85 28.35
CA GLN C 1868 -31.67 105.39 28.85
C GLN C 1868 -32.54 105.01 27.66
N HIS C 1869 -33.58 104.22 27.94
CA HIS C 1869 -34.47 103.77 26.87
C HIS C 1869 -35.28 104.94 26.32
N ASP C 1870 -36.08 105.59 27.18
CA ASP C 1870 -36.83 106.76 26.79
C ASP C 1870 -36.57 107.90 27.77
N GLU C 1871 -37.34 108.99 27.65
CA GLU C 1871 -37.13 110.15 28.52
C GLU C 1871 -37.39 109.81 29.98
N ASP C 1872 -38.41 108.99 30.24
CA ASP C 1872 -38.78 108.63 31.59
C ASP C 1872 -37.94 107.50 32.18
N SER C 1873 -37.07 106.88 31.38
CA SER C 1873 -36.24 105.80 31.87
C SER C 1873 -35.21 106.34 32.87
N PRO C 1874 -34.84 105.54 33.87
CA PRO C 1874 -33.80 105.99 34.81
C PRO C 1874 -32.47 106.17 34.12
N ARG C 1875 -31.69 107.13 34.62
CA ARG C 1875 -30.38 107.43 34.06
C ARG C 1875 -29.34 106.48 34.64
N PHE C 1876 -28.59 105.83 33.75
CA PHE C 1876 -27.56 104.89 34.15
C PHE C 1876 -26.30 105.14 33.32
N LEU C 1877 -25.15 104.79 33.90
CA LEU C 1877 -23.86 105.02 33.25
C LEU C 1877 -23.71 104.06 32.08
N LEU C 1878 -23.93 104.56 30.87
CA LEU C 1878 -23.77 103.73 29.67
C LEU C 1878 -22.31 103.34 29.48
N ALA C 1879 -21.41 104.31 29.52
CA ALA C 1879 -20.00 104.04 29.25
C ALA C 1879 -19.16 105.12 29.91
N HIS C 1880 -17.88 104.79 30.10
CA HIS C 1880 -16.93 105.73 30.67
C HIS C 1880 -15.53 105.33 30.24
N ALA C 1881 -14.65 106.32 30.09
CA ALA C 1881 -13.28 106.09 29.69
C ALA C 1881 -12.33 105.98 30.86
N PHE C 1882 -12.83 106.02 32.09
CA PHE C 1882 -11.99 105.97 33.29
C PHE C 1882 -11.65 104.51 33.64
N HIS C 1883 -11.07 103.83 32.67
CA HIS C 1883 -10.68 102.43 32.80
C HIS C 1883 -9.17 102.31 32.91
N THR C 1884 -8.72 101.15 33.37
CA THR C 1884 -7.30 100.82 33.47
C THR C 1884 -6.99 99.73 32.45
N ILE C 1885 -6.07 100.02 31.55
CA ILE C 1885 -5.69 99.09 30.49
C ILE C 1885 -4.17 98.96 30.48
N ARG C 1886 -3.68 97.73 30.38
CA ARG C 1886 -2.25 97.44 30.35
C ARG C 1886 -1.87 96.91 28.97
N ASP C 1887 -0.59 96.58 28.83
CA ASP C 1887 -0.03 96.04 27.59
C ASP C 1887 -0.25 97.02 26.43
N ILE C 1888 0.31 98.22 26.59
CA ILE C 1888 0.24 99.28 25.59
C ILE C 1888 1.64 99.50 25.05
N ARG C 1889 1.80 99.36 23.73
CA ARG C 1889 3.10 99.45 23.08
C ARG C 1889 3.32 100.89 22.63
N TYR C 1890 3.87 101.71 23.54
CA TYR C 1890 4.21 103.08 23.19
C TYR C 1890 5.42 103.17 22.27
N GLN C 1891 6.30 102.16 22.31
CA GLN C 1891 7.49 102.18 21.46
C GLN C 1891 7.14 101.99 19.98
N ALA C 1892 6.02 101.35 19.68
CA ALA C 1892 5.63 101.10 18.29
C ALA C 1892 5.03 102.33 17.61
N VAL C 1893 4.78 103.41 18.36
CA VAL C 1893 4.21 104.61 17.77
C VAL C 1893 5.26 105.32 16.93
N ASP C 1894 4.89 105.68 15.70
CA ASP C 1894 5.78 106.35 14.78
C ASP C 1894 5.21 107.72 14.41
N ALA C 1895 6.11 108.68 14.19
CA ALA C 1895 5.75 110.04 13.82
C ALA C 1895 6.06 110.25 12.34
N VAL C 1896 5.06 110.69 11.59
CA VAL C 1896 5.20 110.95 10.16
C VAL C 1896 5.32 112.43 9.87
N SER C 1897 4.39 113.23 10.38
CA SER C 1897 4.41 114.67 10.21
C SER C 1897 4.73 115.34 11.54
N ASN C 1898 4.70 116.67 11.54
CA ASN C 1898 5.00 117.42 12.75
C ASN C 1898 3.93 117.20 13.82
N VAL C 1899 4.38 117.02 15.06
CA VAL C 1899 3.49 116.86 16.20
C VAL C 1899 3.73 118.02 17.13
N TRP C 1900 2.66 118.73 17.48
CA TRP C 1900 2.75 119.94 18.30
C TRP C 1900 1.87 119.80 19.53
N PHE C 1901 2.35 120.37 20.64
CA PHE C 1901 1.60 120.40 21.88
C PHE C 1901 1.66 121.81 22.46
N ILE C 1902 0.58 122.20 23.12
CA ILE C 1902 0.45 123.53 23.71
C ILE C 1902 0.16 123.36 25.20
N HIS C 1903 0.92 124.09 26.03
CA HIS C 1903 0.73 124.05 27.48
C HIS C 1903 1.03 125.42 28.03
N LYS C 1904 -0.01 126.15 28.43
CA LYS C 1904 0.12 127.49 29.01
C LYS C 1904 0.89 128.42 28.08
N GLY C 1905 0.61 128.32 26.78
CA GLY C 1905 1.27 129.14 25.79
C GLY C 1905 2.64 128.66 25.36
N VAL C 1906 3.10 127.52 25.85
CA VAL C 1906 4.41 126.96 25.49
C VAL C 1906 4.21 125.93 24.40
N LYS C 1907 4.95 126.09 23.31
CA LYS C 1907 4.87 125.18 22.16
C LYS C 1907 5.96 124.13 22.29
N LEU C 1908 5.57 122.86 22.14
CA LEU C 1908 6.48 121.74 22.29
C LEU C 1908 6.43 120.86 21.05
N TYR C 1909 7.60 120.38 20.63
CA TYR C 1909 7.72 119.48 19.49
C TYR C 1909 7.96 118.08 20.03
N LEU C 1910 6.94 117.22 19.88
CA LEU C 1910 6.99 115.87 20.43
C LEU C 1910 7.52 114.83 19.44
N ASN C 1911 7.85 115.24 18.23
CA ASN C 1911 8.38 114.31 17.24
C ASN C 1911 9.68 113.64 17.69
N PRO C 1912 10.67 114.36 18.23
CA PRO C 1912 11.86 113.67 18.73
C PRO C 1912 11.56 112.68 19.85
N ILE C 1913 10.57 112.96 20.69
CA ILE C 1913 10.18 112.02 21.73
C ILE C 1913 9.67 110.73 21.11
N ILE C 1914 8.83 110.84 20.09
CA ILE C 1914 8.32 109.67 19.40
C ILE C 1914 9.45 108.90 18.74
N SER C 1915 10.38 109.63 18.09
CA SER C 1915 11.50 108.97 17.44
C SER C 1915 12.44 108.32 18.45
N SER C 1916 12.55 108.89 19.65
CA SER C 1916 13.43 108.35 20.68
C SER C 1916 12.79 107.22 21.46
N GLY C 1917 11.55 106.88 21.17
CA GLY C 1917 10.86 105.85 21.93
C GLY C 1917 10.62 106.20 23.38
N LEU C 1918 10.41 107.49 23.67
CA LEU C 1918 10.15 107.95 25.03
C LEU C 1918 8.71 108.45 25.18
N LEU C 1919 7.81 107.92 24.36
CA LEU C 1919 6.40 108.33 24.45
C LEU C 1919 5.81 107.98 25.80
N GLU C 1920 6.10 106.79 26.31
CA GLU C 1920 5.56 106.39 27.60
C GLU C 1920 6.16 107.20 28.74
N ASN C 1921 7.43 107.59 28.62
CA ASN C 1921 8.08 108.35 29.68
C ASN C 1921 7.38 109.69 29.91
N PHE C 1922 7.05 110.40 28.83
CA PHE C 1922 6.25 111.60 28.92
C PHE C 1922 4.78 111.30 29.15
N MET C 1923 4.33 110.09 28.83
CA MET C 1923 2.92 109.74 28.96
C MET C 1923 2.49 109.73 30.42
N LYS C 1924 3.32 109.16 31.30
CA LYS C 1924 2.96 108.96 32.70
C LYS C 1924 3.91 109.68 33.65
N ASN C 1925 4.61 110.72 33.19
CA ASN C 1925 5.53 111.50 34.01
C ASN C 1925 6.61 110.59 34.62
N LEU C 1926 7.42 110.02 33.74
CA LEU C 1926 8.46 109.10 34.16
C LEU C 1926 9.84 109.63 33.77
N PRO C 1927 10.87 109.33 34.56
CA PRO C 1927 12.21 109.85 34.25
C PRO C 1927 12.78 109.28 32.97
N ALA C 1928 13.66 110.05 32.35
CA ALA C 1928 14.33 109.65 31.12
C ALA C 1928 15.61 110.46 30.98
N ALA C 1929 16.39 110.16 29.95
CA ALA C 1929 17.62 110.88 29.65
C ALA C 1929 17.62 111.26 28.18
N ILE C 1930 17.89 112.54 27.90
CA ILE C 1930 17.90 113.04 26.52
C ILE C 1930 19.17 113.86 26.30
N PRO C 1931 19.70 113.90 25.08
CA PRO C 1931 20.84 114.77 24.82
C PRO C 1931 20.43 116.22 24.88
N PRO C 1932 21.35 117.13 25.21
CA PRO C 1932 20.98 118.56 25.30
C PRO C 1932 20.46 119.13 23.99
N ALA C 1933 21.00 118.69 22.84
CA ALA C 1933 20.56 119.22 21.57
C ALA C 1933 19.10 118.88 21.29
N ALA C 1934 18.68 117.65 21.63
CA ALA C 1934 17.30 117.24 21.41
C ALA C 1934 16.34 118.14 22.18
N TYR C 1935 16.64 118.37 23.45
CA TYR C 1935 15.87 119.33 24.24
C TYR C 1935 15.88 120.71 23.57
N SER C 1936 17.05 121.11 23.04
CA SER C 1936 17.19 122.43 22.46
C SER C 1936 16.24 122.63 21.29
N LEU C 1937 16.10 121.60 20.46
CA LEU C 1937 15.19 121.70 19.28
C LEU C 1937 13.75 121.41 19.71
N ILE C 1938 13.56 120.77 20.88
CA ILE C 1938 12.22 120.39 21.28
C ILE C 1938 11.47 121.58 21.87
N MET C 1939 12.09 122.30 22.82
CA MET C 1939 11.40 123.46 23.37
C MET C 1939 11.22 124.56 22.34
N ASN C 1940 12.24 124.81 21.52
CA ASN C 1940 12.18 125.96 20.61
C ASN C 1940 11.82 125.47 19.20
N ARG C 1941 12.61 124.63 18.53
CA ARG C 1941 12.15 124.16 17.18
C ARG C 1941 11.64 125.33 16.34
N ALA C 1942 12.26 126.50 16.52
CA ALA C 1942 11.92 127.69 15.72
C ALA C 1942 13.27 128.37 15.47
N LYS C 1943 14.13 128.35 16.49
CA LYS C 1943 15.48 128.86 16.32
C LYS C 1943 16.35 127.76 15.74
N ILE C 1944 17.01 128.06 14.63
CA ILE C 1944 17.83 127.05 13.96
C ILE C 1944 19.01 126.67 14.85
N SER C 1945 19.47 125.45 14.71
CA SER C 1945 20.61 124.98 15.49
C SER C 1945 21.90 125.62 14.98
N VAL C 1946 22.97 125.49 15.78
CA VAL C 1946 24.27 125.97 15.37
C VAL C 1946 24.77 125.23 14.13
N ASP C 1947 24.29 123.99 13.92
CA ASP C 1947 24.69 123.24 12.74
C ASP C 1947 24.24 123.92 11.46
N LEU C 1948 23.00 124.43 11.44
CA LEU C 1948 22.52 125.10 10.23
C LEU C 1948 23.33 126.36 9.95
N PHE C 1949 23.64 127.13 10.99
CA PHE C 1949 24.45 128.33 10.80
C PHE C 1949 25.86 127.98 10.32
N MET C 1950 26.46 126.93 10.88
CA MET C 1950 27.78 126.51 10.45
C MET C 1950 27.76 126.04 9.00
N PHE C 1951 26.71 125.32 8.60
CA PHE C 1951 26.59 124.89 7.22
C PHE C 1951 26.43 126.08 6.28
N ASN C 1952 25.66 127.08 6.69
CA ASN C 1952 25.53 128.28 5.87
C ASN C 1952 26.87 129.00 5.74
N ASP C 1953 27.63 129.08 6.83
CA ASP C 1953 28.95 129.71 6.77
C ASP C 1953 29.88 128.93 5.85
N LEU C 1954 29.84 127.60 5.93
CA LEU C 1954 30.68 126.77 5.06
C LEU C 1954 30.30 126.95 3.59
N LEU C 1955 29.00 127.02 3.30
CA LEU C 1955 28.56 127.27 1.94
C LEU C 1955 29.03 128.63 1.44
N LYS C 1956 28.96 129.65 2.30
CA LYS C 1956 29.47 130.97 1.93
C LYS C 1956 30.96 130.93 1.66
N LEU C 1957 31.71 130.17 2.49
CA LEU C 1957 33.14 130.03 2.28
C LEU C 1957 33.44 129.36 0.94
N ILE C 1958 32.68 128.32 0.60
CA ILE C 1958 32.90 127.61 -0.66
C ILE C 1958 32.38 128.44 -1.83
N ASN C 1959 31.12 128.84 -1.78
CA ASN C 1959 30.52 129.62 -2.85
C ASN C 1959 29.41 130.51 -2.30
N PRO C 1960 29.61 131.82 -2.23
CA PRO C 1960 28.55 132.71 -1.75
C PRO C 1960 27.42 132.84 -2.77
N ARG C 1961 26.37 133.57 -2.40
CA ARG C 1961 25.18 133.83 -3.21
C ARG C 1961 24.32 132.60 -3.41
N ASN C 1962 24.74 131.43 -2.92
CA ASN C 1962 23.94 130.22 -3.00
C ASN C 1962 23.61 129.64 -1.63
N THR C 1963 23.83 130.41 -0.56
CA THR C 1963 23.58 129.93 0.78
C THR C 1963 22.11 130.12 1.15
N LEU C 1964 21.70 129.44 2.22
CA LEU C 1964 20.33 129.55 2.70
C LEU C 1964 20.07 130.95 3.27
N ASP C 1965 18.89 131.48 2.97
CA ASP C 1965 18.48 132.78 3.49
C ASP C 1965 18.02 132.58 4.93
N LEU C 1966 18.97 132.63 5.86
CA LEU C 1966 18.68 132.39 7.26
C LEU C 1966 17.97 133.58 7.87
N SER C 1967 16.88 133.31 8.58
CA SER C 1967 16.12 134.36 9.26
C SER C 1967 15.79 134.05 10.70
N GLY C 1968 15.87 132.80 11.13
CA GLY C 1968 15.58 132.43 12.50
C GLY C 1968 16.76 132.69 13.43
N LEU C 1969 16.54 132.36 14.70
CA LEU C 1969 17.55 132.54 15.72
C LEU C 1969 18.42 131.29 15.86
N GLU C 1970 19.43 131.40 16.70
CA GLU C 1970 20.34 130.29 16.96
C GLU C 1970 19.80 129.41 18.08
N THR C 1971 20.22 128.14 18.05
CA THR C 1971 19.79 127.14 19.04
C THR C 1971 18.27 127.03 19.12
N GLY C 2050 -4.85 104.88 34.64
CA GLY C 2050 -6.01 105.19 33.85
C GLY C 2050 -6.05 106.62 33.36
N ILE C 2051 -6.12 107.56 34.30
CA ILE C 2051 -6.18 108.99 34.00
C ILE C 2051 -4.95 109.65 34.59
N VAL C 2052 -4.20 110.36 33.75
CA VAL C 2052 -3.00 111.07 34.18
C VAL C 2052 -3.10 112.51 33.66
N LYS C 2053 -2.60 113.46 34.45
CA LYS C 2053 -2.62 114.87 34.10
C LYS C 2053 -1.22 115.44 34.26
N ILE C 2054 -0.78 116.23 33.29
CA ILE C 2054 0.54 116.85 33.30
C ILE C 2054 0.36 118.35 33.45
N LEU C 2055 1.01 118.92 34.47
CA LEU C 2055 0.93 120.34 34.74
C LEU C 2055 2.24 121.09 34.56
N GLU C 2056 3.38 120.39 34.61
CA GLU C 2056 4.69 121.01 34.45
C GLU C 2056 5.50 120.24 33.42
N PRO C 2057 5.14 120.35 32.14
CA PRO C 2057 5.87 119.60 31.11
C PRO C 2057 7.25 120.16 30.83
N VAL C 2058 7.45 121.47 30.99
CA VAL C 2058 8.77 122.06 30.75
C VAL C 2058 9.78 121.53 31.75
N ARG C 2059 9.43 121.53 33.04
CA ARG C 2059 10.29 120.95 34.04
C ARG C 2059 10.42 119.44 33.85
N LEU C 2060 9.36 118.79 33.39
CA LEU C 2060 9.42 117.36 33.10
C LEU C 2060 10.49 117.04 32.07
N ILE C 2061 10.54 117.83 31.00
CA ILE C 2061 11.56 117.62 29.97
C ILE C 2061 12.94 118.02 30.48
N LYS C 2062 13.01 119.13 31.22
CA LYS C 2062 14.31 119.59 31.73
C LYS C 2062 14.92 118.58 32.69
N SER C 2063 14.09 117.83 33.41
CA SER C 2063 14.61 116.77 34.26
C SER C 2063 15.30 115.69 33.44
N TRP C 2064 14.89 115.49 32.20
CA TRP C 2064 15.50 114.51 31.32
C TRP C 2064 16.81 114.98 30.72
N VAL C 2065 17.11 116.27 30.80
CA VAL C 2065 18.30 116.81 30.14
C VAL C 2065 19.55 116.29 30.82
N SER C 2066 20.47 115.74 30.03
CA SER C 2066 21.73 115.23 30.52
C SER C 2066 22.74 115.25 29.38
N ARG C 2067 24.02 115.21 29.75
CA ARG C 2067 25.11 115.29 28.79
C ARG C 2067 25.87 113.97 28.74
N GLY C 2068 26.59 113.78 27.64
CA GLY C 2068 27.38 112.60 27.41
C GLY C 2068 26.73 111.55 26.53
N LEU C 2069 25.41 111.60 26.36
CA LEU C 2069 24.70 110.66 25.51
C LEU C 2069 24.54 111.20 24.09
N SER C 2070 25.66 111.61 23.50
CA SER C 2070 25.68 112.14 22.13
C SER C 2070 26.25 111.09 21.19
N ILE C 2071 25.55 110.84 20.09
CA ILE C 2071 25.95 109.82 19.13
C ILE C 2071 26.89 110.49 18.13
N GLU C 2072 28.17 110.50 18.49
CA GLU C 2072 29.19 111.05 17.60
C GLU C 2072 29.42 110.13 16.41
N LYS C 2073 29.79 110.73 15.28
CA LYS C 2073 30.07 110.00 14.06
C LYS C 2073 31.46 110.36 13.55
N VAL C 2074 32.08 109.41 12.86
CA VAL C 2074 33.42 109.62 12.30
C VAL C 2074 33.27 110.49 11.05
N TYR C 2075 33.82 111.69 11.10
CA TYR C 2075 33.74 112.62 9.99
C TYR C 2075 34.97 112.48 9.10
N SER C 2076 34.75 112.61 7.79
CA SER C 2076 35.85 112.69 6.84
C SER C 2076 35.97 114.13 6.38
N PRO C 2077 37.02 114.85 6.79
CA PRO C 2077 37.08 116.29 6.50
C PRO C 2077 37.03 116.63 5.02
N VAL C 2078 37.71 115.85 4.17
CA VAL C 2078 37.68 116.13 2.74
C VAL C 2078 36.31 115.79 2.15
N ASN C 2079 35.76 114.63 2.53
CA ASN C 2079 34.51 114.17 1.94
C ASN C 2079 33.38 115.14 2.26
N ILE C 2080 33.40 115.72 3.46
CA ILE C 2080 32.35 116.67 3.84
C ILE C 2080 32.31 117.83 2.86
N ILE C 2081 33.48 118.39 2.52
CA ILE C 2081 33.49 119.53 1.62
C ILE C 2081 33.22 119.09 0.18
N LEU C 2082 33.54 117.83 -0.18
CA LEU C 2082 33.12 117.34 -1.49
C LEU C 2082 31.61 117.34 -1.63
N MET C 2083 30.90 116.78 -0.65
CA MET C 2083 29.43 116.84 -0.72
C MET C 2083 28.91 118.26 -0.59
N SER C 2084 29.59 119.12 0.16
CA SER C 2084 29.16 120.51 0.24
C SER C 2084 29.23 121.19 -1.12
N ARG C 2085 30.34 120.97 -1.84
CA ARG C 2085 30.48 121.51 -3.18
C ARG C 2085 29.44 120.91 -4.13
N TYR C 2086 29.19 119.60 -4.00
CA TYR C 2086 28.18 118.95 -4.82
C TYR C 2086 26.82 119.62 -4.63
N ILE C 2087 26.41 119.79 -3.37
CA ILE C 2087 25.11 120.38 -3.08
C ILE C 2087 25.04 121.82 -3.56
N SER C 2088 26.11 122.59 -3.32
CA SER C 2088 26.11 123.99 -3.73
C SER C 2088 26.01 124.12 -5.24
N LYS C 2089 26.75 123.29 -5.99
CA LYS C 2089 26.74 123.39 -7.44
C LYS C 2089 25.41 122.93 -8.02
N THR C 2090 24.92 121.78 -7.57
CA THR C 2090 23.73 121.19 -8.20
C THR C 2090 22.45 121.89 -7.76
N PHE C 2091 22.35 122.28 -6.50
CA PHE C 2091 21.11 122.78 -5.93
C PHE C 2091 21.23 124.26 -5.56
N ASN C 2092 20.17 125.02 -5.83
CA ASN C 2092 20.11 126.42 -5.47
C ASN C 2092 19.42 126.54 -4.11
N LEU C 2093 20.20 126.85 -3.07
CA LEU C 2093 19.69 126.93 -1.71
C LEU C 2093 19.24 128.34 -1.34
N SER C 2094 19.31 129.29 -2.27
CA SER C 2094 18.89 130.66 -2.03
C SER C 2094 17.55 130.96 -2.70
N THR C 2095 16.69 129.94 -2.82
CA THR C 2095 15.38 130.09 -3.45
C THR C 2095 14.24 130.11 -2.44
N LYS C 2096 14.20 129.14 -1.54
CA LYS C 2096 13.15 129.04 -0.54
C LYS C 2096 13.73 129.37 0.83
N GLN C 2097 13.03 130.22 1.57
CA GLN C 2097 13.48 130.61 2.90
C GLN C 2097 13.45 129.42 3.85
N VAL C 2098 14.46 129.32 4.71
CA VAL C 2098 14.48 128.26 5.70
C VAL C 2098 13.39 128.45 6.74
N SER C 2099 12.87 129.68 6.88
CA SER C 2099 11.86 129.95 7.90
C SER C 2099 10.55 129.21 7.60
N LEU C 2100 10.14 129.19 6.34
CA LEU C 2100 8.88 128.56 5.95
C LEU C 2100 9.03 127.07 5.68
N LEU C 2101 10.25 126.52 5.81
CA LEU C 2101 10.47 125.12 5.55
C LEU C 2101 9.82 124.26 6.64
N ASP C 2102 9.54 123.01 6.29
CA ASP C 2102 8.90 122.09 7.22
C ASP C 2102 9.85 121.77 8.37
N PRO C 2103 9.44 121.96 9.62
CA PRO C 2103 10.31 121.56 10.74
C PRO C 2103 10.64 120.08 10.74
N TYR C 2104 9.73 119.24 10.26
CA TYR C 2104 10.01 117.80 10.19
C TYR C 2104 11.20 117.51 9.28
N ASP C 2105 11.23 118.15 8.11
CA ASP C 2105 12.36 117.99 7.20
C ASP C 2105 13.57 118.77 7.66
N LEU C 2106 13.36 119.93 8.30
CA LEU C 2106 14.48 120.73 8.78
C LEU C 2106 15.26 119.99 9.87
N THR C 2107 14.55 119.27 10.75
CA THR C 2107 15.23 118.49 11.77
C THR C 2107 16.11 117.42 11.15
N GLU C 2108 15.60 116.71 10.14
CA GLU C 2108 16.40 115.69 9.46
C GLU C 2108 17.60 116.32 8.76
N LEU C 2109 17.40 117.46 8.11
CA LEU C 2109 18.51 118.12 7.43
C LEU C 2109 19.59 118.54 8.43
N GLU C 2110 19.19 119.08 9.58
CA GLU C 2110 20.15 119.45 10.60
C GLU C 2110 20.87 118.23 11.15
N SER C 2111 20.15 117.12 11.34
CA SER C 2111 20.75 115.91 11.87
C SER C 2111 21.79 115.35 10.90
N ILE C 2112 21.48 115.32 9.61
CA ILE C 2112 22.42 114.76 8.65
C ILE C 2112 23.58 115.71 8.37
N VAL C 2113 23.46 116.99 8.71
CA VAL C 2113 24.53 117.96 8.52
C VAL C 2113 25.27 118.25 9.81
N ARG C 2114 24.89 117.61 10.91
CA ARG C 2114 25.50 117.89 12.21
C ARG C 2114 26.99 117.58 12.19
N GLY C 2115 27.78 118.50 12.75
CA GLY C 2115 29.21 118.30 12.92
C GLY C 2115 30.02 118.23 11.65
N TRP C 2116 29.46 118.68 10.52
CA TRP C 2116 30.20 118.62 9.27
C TRP C 2116 31.36 119.61 9.24
N GLY C 2117 31.10 120.85 9.65
CA GLY C 2117 32.12 121.88 9.59
C GLY C 2117 33.06 121.95 10.78
N GLU C 2118 32.79 121.18 11.83
CA GLU C 2118 33.65 121.21 13.01
C GLU C 2118 35.06 120.75 12.69
N CYS C 2119 35.26 120.04 11.57
CA CYS C 2119 36.57 119.64 11.12
C CYS C 2119 37.07 120.42 9.90
N VAL C 2120 36.20 121.20 9.25
CA VAL C 2120 36.59 121.91 8.05
C VAL C 2120 36.47 123.42 8.17
N ILE C 2121 35.67 123.94 9.12
CA ILE C 2121 35.60 125.39 9.29
C ILE C 2121 36.90 125.92 9.87
N ASP C 2122 37.46 125.23 10.85
CA ASP C 2122 38.73 125.65 11.45
C ASP C 2122 39.85 125.61 10.42
N GLN C 2123 39.91 124.56 9.62
CA GLN C 2123 40.92 124.40 8.57
C GLN C 2123 40.18 124.23 7.25
N PHE C 2124 40.08 125.31 6.48
CA PHE C 2124 39.32 125.31 5.23
C PHE C 2124 40.20 125.36 4.00
N GLU C 2125 41.17 126.26 3.95
CA GLU C 2125 42.00 126.42 2.75
C GLU C 2125 42.84 125.17 2.49
N SER C 2126 43.45 124.60 3.53
CA SER C 2126 44.27 123.40 3.34
C SER C 2126 43.41 122.22 2.90
N LEU C 2127 42.24 122.04 3.53
CA LEU C 2127 41.36 120.95 3.14
C LEU C 2127 40.83 121.14 1.72
N ASP C 2128 40.51 122.39 1.35
CA ASP C 2128 40.06 122.65 -0.01
C ASP C 2128 41.17 122.35 -1.01
N ARG C 2129 42.41 122.72 -0.68
CA ARG C 2129 43.54 122.42 -1.56
C ARG C 2129 43.73 120.91 -1.71
N GLU C 2130 43.64 120.17 -0.61
CA GLU C 2130 43.78 118.72 -0.67
C GLU C 2130 42.68 118.09 -1.52
N ALA C 2131 41.43 118.57 -1.35
CA ALA C 2131 40.33 118.06 -2.15
C ALA C 2131 40.53 118.38 -3.62
N GLN C 2132 41.02 119.58 -3.93
CA GLN C 2132 41.29 119.94 -5.32
C GLN C 2132 42.37 119.04 -5.91
N ASN C 2133 43.43 118.77 -5.15
CA ASN C 2133 44.48 117.88 -5.62
C ASN C 2133 43.92 116.48 -5.89
N MET C 2134 43.06 115.99 -5.00
CA MET C 2134 42.52 114.62 -5.17
C MET C 2134 41.58 114.58 -6.38
N VAL C 2135 40.81 115.64 -6.58
CA VAL C 2135 39.79 115.60 -7.64
C VAL C 2135 40.41 115.87 -9.01
N VAL C 2136 41.53 116.60 -9.07
CA VAL C 2136 42.14 116.90 -10.36
C VAL C 2136 43.17 115.84 -10.74
N ASN C 2137 43.98 115.39 -9.77
CA ASN C 2137 44.99 114.37 -10.06
C ASN C 2137 44.37 113.05 -10.47
N LYS C 2138 43.14 112.76 -10.03
CA LYS C 2138 42.47 111.53 -10.41
C LYS C 2138 40.97 111.74 -10.31
N GLY C 2139 40.23 110.91 -11.04
CA GLY C 2139 38.77 111.00 -11.02
C GLY C 2139 38.20 110.38 -9.77
N ILE C 2140 37.20 111.06 -9.20
CA ILE C 2140 36.53 110.62 -7.99
C ILE C 2140 35.03 110.57 -8.25
N CYS C 2141 34.39 109.47 -7.86
CA CYS C 2141 32.95 109.34 -8.05
C CYS C 2141 32.21 110.29 -7.11
N PRO C 2142 31.30 111.12 -7.62
CA PRO C 2142 30.56 112.05 -6.76
C PRO C 2142 29.48 111.39 -5.91
N GLU C 2143 29.33 110.07 -5.99
CA GLU C 2143 28.33 109.34 -5.23
C GLU C 2143 28.93 108.35 -4.25
N ASP C 2144 30.02 107.69 -4.62
CA ASP C 2144 30.66 106.71 -3.74
C ASP C 2144 31.30 107.37 -2.52
N VAL C 2145 31.52 108.68 -2.55
CA VAL C 2145 32.16 109.37 -1.44
C VAL C 2145 31.19 109.47 -0.27
N ILE C 2146 31.68 109.14 0.92
CA ILE C 2146 30.88 109.15 2.15
C ILE C 2146 31.46 110.21 3.08
N PRO C 2147 30.70 111.26 3.42
CA PRO C 2147 31.24 112.26 4.37
C PRO C 2147 31.37 111.72 5.78
N ASP C 2148 30.37 111.00 6.28
CA ASP C 2148 30.45 110.39 7.60
C ASP C 2148 29.60 109.14 7.60
N SER C 2149 29.83 108.29 8.61
CA SER C 2149 29.19 106.98 8.66
C SER C 2149 27.66 107.09 8.72
N LEU C 2150 27.15 108.15 9.33
CA LEU C 2150 25.71 108.32 9.45
C LEU C 2150 25.06 108.76 8.13
N PHE C 2151 25.86 109.27 7.19
CA PHE C 2151 25.31 109.79 5.94
C PHE C 2151 24.65 108.69 5.13
N SER C 2152 23.49 109.00 4.58
CA SER C 2152 22.76 108.13 3.66
C SER C 2152 22.51 108.91 2.37
N PHE C 2153 23.02 108.39 1.25
CA PHE C 2153 22.95 109.11 -0.01
C PHE C 2153 21.51 109.31 -0.46
N ARG C 2154 20.87 108.22 -0.90
CA ARG C 2154 19.49 108.35 -1.43
C ARG C 2154 18.67 109.30 -0.56
N HIS C 2155 18.53 108.97 0.73
CA HIS C 2155 17.68 109.80 1.59
C HIS C 2155 18.06 111.27 1.49
N THR C 2156 19.37 111.55 1.49
CA THR C 2156 19.81 112.95 1.41
C THR C 2156 19.34 113.59 0.11
N MET C 2157 19.54 112.92 -1.02
CA MET C 2157 19.13 113.50 -2.30
C MET C 2157 17.61 113.66 -2.38
N VAL C 2158 16.85 112.66 -1.92
CA VAL C 2158 15.40 112.79 -2.05
C VAL C 2158 14.87 113.88 -1.14
N LEU C 2159 15.43 114.02 0.07
CA LEU C 2159 15.04 115.10 0.95
C LEU C 2159 15.40 116.46 0.37
N LEU C 2160 16.58 116.56 -0.24
CA LEU C 2160 16.99 117.81 -0.86
C LEU C 2160 16.07 118.18 -2.01
N ARG C 2161 15.69 117.20 -2.84
CA ARG C 2161 14.80 117.50 -3.97
C ARG C 2161 13.42 117.88 -3.48
N ARG C 2162 12.92 117.21 -2.43
CA ARG C 2162 11.62 117.56 -1.88
C ARG C 2162 11.64 118.96 -1.30
N LEU C 2163 12.71 119.33 -0.60
CA LEU C 2163 12.81 120.66 -0.02
C LEU C 2163 13.07 121.72 -1.10
N PHE C 2164 13.83 121.36 -2.14
CA PHE C 2164 14.19 122.28 -3.21
C PHE C 2164 13.83 121.63 -4.55
N PRO C 2165 12.57 121.72 -4.95
CA PRO C 2165 12.17 121.13 -6.25
C PRO C 2165 12.92 121.79 -7.40
N GLN C 2166 13.26 120.97 -8.40
CA GLN C 2166 13.99 121.42 -9.58
C GLN C 2166 13.35 120.82 -10.83
N ASP C 2167 13.46 121.54 -11.94
CA ASP C 2167 12.80 121.15 -13.18
C ASP C 2167 13.50 119.94 -13.80
N SER C 2168 12.76 118.86 -14.00
CA SER C 2168 13.36 117.63 -14.53
C SER C 2168 13.63 117.71 -16.03
N ILE C 2169 13.07 118.71 -16.72
CA ILE C 2169 13.33 118.87 -18.14
C ILE C 2169 14.80 119.18 -18.38
N SER C 2170 15.41 119.97 -17.50
CA SER C 2170 16.84 120.26 -17.62
C SER C 2170 17.67 119.01 -17.48
N SER C 2171 17.32 118.13 -16.54
CA SER C 2171 18.06 116.89 -16.38
C SER C 2171 17.83 115.94 -17.55
N PHE C 2172 16.63 115.95 -18.14
CA PHE C 2172 16.29 115.05 -19.24
C PHE C 2172 16.59 115.68 -20.60
N TYR C 2173 15.95 116.81 -20.91
CA TYR C 2173 16.14 117.45 -22.20
C TYR C 2173 17.42 118.29 -22.22
N MET D 23 24.48 -82.43 -88.53
CA MET D 23 24.56 -81.09 -89.10
C MET D 23 24.68 -80.02 -88.01
N ASP D 24 24.42 -78.77 -88.39
CA ASP D 24 24.52 -77.68 -87.44
C ASP D 24 23.47 -77.79 -86.34
N LYS D 25 22.32 -78.38 -86.64
CA LYS D 25 21.30 -78.58 -85.60
C LYS D 25 21.81 -79.49 -84.50
N TYR D 26 22.53 -80.56 -84.87
CA TYR D 26 23.13 -81.42 -83.86
C TYR D 26 24.15 -80.64 -83.03
N ARG D 27 24.92 -79.77 -83.67
CA ARG D 27 25.89 -78.97 -82.93
C ARG D 27 25.21 -78.06 -81.93
N GLU D 28 24.12 -77.41 -82.34
CA GLU D 28 23.37 -76.55 -81.42
C GLU D 28 22.79 -77.35 -80.27
N ILE D 29 22.25 -78.54 -80.56
CA ILE D 29 21.69 -79.38 -79.50
C ILE D 29 22.77 -79.80 -78.51
N HIS D 30 23.93 -80.19 -79.02
CA HIS D 30 25.03 -80.60 -78.16
C HIS D 30 25.51 -79.42 -77.31
N ASN D 31 25.59 -78.23 -77.90
CA ASN D 31 25.97 -77.05 -77.14
C ASN D 31 24.98 -76.75 -76.04
N LYS D 32 23.69 -76.90 -76.33
CA LYS D 32 22.68 -76.65 -75.31
C LYS D 32 22.70 -77.70 -74.21
N LEU D 33 23.06 -78.94 -74.53
CA LEU D 33 22.95 -80.03 -73.57
C LEU D 33 24.25 -80.38 -72.85
N LYS D 34 25.39 -79.83 -73.25
CA LYS D 34 26.57 -80.10 -72.43
C LYS D 34 26.66 -79.19 -71.21
N GLU D 35 25.81 -78.18 -71.10
CA GLU D 35 25.81 -77.28 -69.97
C GLU D 35 24.75 -77.62 -68.92
N PHE D 36 24.05 -78.74 -69.09
CA PHE D 36 23.01 -79.16 -68.15
C PHE D 36 23.55 -80.29 -67.28
N SER D 37 23.53 -80.08 -65.97
CA SER D 37 24.00 -81.09 -65.04
C SER D 37 23.00 -82.25 -65.00
N PRO D 38 23.46 -83.46 -64.67
CA PRO D 38 22.55 -84.60 -64.63
C PRO D 38 21.41 -84.41 -63.63
N GLY D 39 20.23 -84.87 -64.01
CA GLY D 39 19.06 -84.77 -63.16
C GLY D 39 18.60 -83.35 -62.88
N THR D 40 18.59 -82.49 -63.90
CA THR D 40 18.13 -81.12 -63.71
C THR D 40 17.23 -80.64 -64.84
N LEU D 41 16.58 -81.54 -65.57
CA LEU D 41 15.69 -81.19 -66.66
C LEU D 41 14.28 -81.64 -66.35
N THR D 42 13.33 -80.73 -66.50
CA THR D 42 11.92 -81.05 -66.32
C THR D 42 11.46 -81.99 -67.44
N ALA D 43 10.39 -82.74 -67.16
CA ALA D 43 9.93 -83.75 -68.10
C ALA D 43 9.62 -83.16 -69.47
N VAL D 44 8.95 -82.01 -69.51
CA VAL D 44 8.58 -81.41 -70.79
C VAL D 44 9.83 -80.98 -71.56
N GLU D 45 10.84 -80.48 -70.86
CA GLU D 45 12.09 -80.12 -71.52
C GLU D 45 12.76 -81.36 -72.11
N CYS D 46 12.75 -82.47 -71.38
CA CYS D 46 13.31 -83.70 -71.94
C CYS D 46 12.53 -84.13 -73.17
N ILE D 47 11.19 -84.01 -73.13
CA ILE D 47 10.37 -84.44 -74.24
C ILE D 47 10.67 -83.61 -75.49
N ASP D 48 10.75 -82.29 -75.34
CA ASP D 48 10.95 -81.48 -76.56
C ASP D 48 12.38 -81.59 -77.06
N TYR D 49 13.36 -81.79 -76.16
CA TYR D 49 14.71 -82.08 -76.62
C TYR D 49 14.76 -83.39 -77.38
N LEU D 50 14.06 -84.42 -76.90
CA LEU D 50 13.99 -85.67 -77.64
C LEU D 50 13.33 -85.50 -78.99
N ASP D 51 12.27 -84.71 -79.05
CA ASP D 51 11.61 -84.45 -80.33
C ASP D 51 12.57 -83.77 -81.30
N ARG D 52 13.33 -82.79 -80.81
CA ARG D 52 14.34 -82.15 -81.65
C ARG D 52 15.38 -83.16 -82.14
N LEU D 53 15.78 -84.09 -81.27
CA LEU D 53 16.79 -85.07 -81.65
C LEU D 53 16.27 -86.04 -82.71
N TYR D 54 15.02 -86.50 -82.56
CA TYR D 54 14.43 -87.33 -83.61
C TYR D 54 14.31 -86.56 -84.92
N ALA D 55 13.95 -85.28 -84.84
CA ALA D 55 13.90 -84.46 -86.04
C ALA D 55 15.27 -84.37 -86.71
N VAL D 56 16.32 -84.23 -85.90
CA VAL D 56 17.67 -84.16 -86.44
C VAL D 56 18.06 -85.47 -87.12
N ARG D 57 17.71 -86.60 -86.50
CA ARG D 57 18.01 -87.89 -87.10
C ARG D 57 17.27 -88.07 -88.43
N HIS D 58 15.98 -87.72 -88.45
CA HIS D 58 15.22 -87.80 -89.69
C HIS D 58 15.82 -86.89 -90.75
N ASP D 59 16.25 -85.69 -90.35
CA ASP D 59 16.85 -84.75 -91.29
C ASP D 59 18.15 -85.28 -91.87
N ILE D 60 19.00 -85.89 -91.04
CA ILE D 60 20.28 -86.37 -91.57
C ILE D 60 20.06 -87.56 -92.50
N VAL D 61 19.08 -88.41 -92.22
CA VAL D 61 18.79 -89.49 -93.16
C VAL D 61 18.21 -88.92 -94.45
N ASP D 62 17.34 -87.91 -94.35
CA ASP D 62 16.84 -87.25 -95.54
C ASP D 62 17.97 -86.66 -96.35
N GLN D 63 19.01 -86.14 -95.67
CA GLN D 63 20.13 -85.54 -96.38
C GLN D 63 21.01 -86.60 -97.04
N MET D 64 21.19 -87.76 -96.41
CA MET D 64 21.97 -88.80 -97.08
C MET D 64 21.26 -89.25 -98.34
N ILE D 65 19.93 -89.40 -98.28
CA ILE D 65 19.19 -89.78 -99.50
C ILE D 65 19.24 -88.65 -100.51
N LYS D 66 19.17 -87.40 -100.04
CA LYS D 66 19.28 -86.23 -100.91
C LYS D 66 20.56 -86.27 -101.73
N HIS D 67 21.70 -86.46 -101.06
CA HIS D 67 22.96 -86.46 -101.78
C HIS D 67 23.15 -87.74 -102.57
N ASP D 68 22.51 -88.84 -102.16
CA ASP D 68 22.55 -90.07 -102.95
C ASP D 68 21.85 -89.89 -104.29
N TRP D 69 20.69 -89.25 -104.30
CA TRP D 69 19.96 -89.01 -105.55
C TRP D 69 20.38 -87.71 -106.24
N SER D 70 21.19 -86.88 -105.59
CA SER D 70 21.68 -85.63 -106.17
C SER D 70 20.53 -84.75 -106.66
N ASP D 71 19.44 -84.75 -105.90
CA ASP D 71 18.26 -83.93 -106.20
C ASP D 71 18.16 -82.82 -105.15
N ASN D 72 18.59 -81.62 -105.55
CA ASN D 72 18.68 -80.48 -104.62
C ASN D 72 17.30 -79.83 -104.47
N LYS D 73 16.37 -80.61 -103.92
CA LYS D 73 15.03 -80.14 -103.58
C LYS D 73 15.01 -79.90 -102.08
N ASP D 74 15.55 -78.74 -101.66
CA ASP D 74 15.73 -78.47 -100.24
C ASP D 74 14.39 -78.41 -99.51
N SER D 75 13.40 -77.78 -100.12
CA SER D 75 12.07 -77.67 -99.52
C SER D 75 11.16 -78.74 -100.09
N GLU D 76 10.48 -79.46 -99.20
CA GLU D 76 9.55 -80.49 -99.64
C GLU D 76 8.39 -79.87 -100.39
N GLU D 77 7.95 -80.54 -101.45
CA GLU D 77 6.88 -80.05 -102.31
C GLU D 77 5.68 -80.98 -102.25
N ALA D 78 4.50 -80.39 -102.42
CA ALA D 78 3.26 -81.16 -102.37
C ALA D 78 3.14 -82.08 -103.59
N ILE D 79 2.28 -83.08 -103.47
CA ILE D 79 2.08 -84.02 -104.57
C ILE D 79 1.54 -83.29 -105.79
N GLY D 80 0.61 -82.36 -105.58
CA GLY D 80 0.12 -81.55 -106.69
C GLY D 80 1.22 -80.72 -107.32
N LYS D 81 2.10 -80.13 -106.50
CA LYS D 81 3.22 -79.37 -107.04
C LYS D 81 4.18 -80.27 -107.79
N VAL D 82 4.42 -81.49 -107.29
CA VAL D 82 5.30 -82.43 -107.97
C VAL D 82 4.71 -82.80 -109.34
N LEU D 83 3.41 -83.05 -109.39
CA LEU D 83 2.76 -83.34 -110.67
C LEU D 83 2.83 -82.13 -111.60
N LEU D 84 2.71 -80.93 -111.04
CA LEU D 84 2.86 -79.72 -111.86
C LEU D 84 4.25 -79.64 -112.47
N PHE D 85 5.28 -79.99 -111.70
CA PHE D 85 6.62 -80.07 -112.25
C PHE D 85 6.76 -81.17 -113.30
N ALA D 86 5.84 -82.13 -113.31
CA ALA D 86 5.87 -83.22 -114.27
C ALA D 86 5.05 -82.91 -115.53
N GLY D 87 4.53 -81.70 -115.66
CA GLY D 87 3.75 -81.32 -116.82
C GLY D 87 2.28 -81.70 -116.77
N VAL D 88 1.79 -82.16 -115.62
CA VAL D 88 0.37 -82.52 -115.51
C VAL D 88 -0.48 -81.25 -115.58
N PRO D 89 -1.49 -81.18 -116.44
CA PRO D 89 -2.33 -79.98 -116.50
C PRO D 89 -3.09 -79.76 -115.20
N SER D 90 -3.34 -78.48 -114.88
CA SER D 90 -3.99 -78.14 -113.63
C SER D 90 -5.48 -78.44 -113.64
N ASN D 91 -6.12 -78.41 -114.82
CA ASN D 91 -7.57 -78.60 -114.87
C ASN D 91 -7.96 -80.00 -114.43
N ILE D 92 -7.24 -81.02 -114.86
CA ILE D 92 -7.57 -82.39 -114.48
C ILE D 92 -7.31 -82.59 -112.99
N ILE D 93 -6.27 -81.97 -112.45
CA ILE D 93 -6.01 -82.05 -111.02
C ILE D 93 -7.15 -81.40 -110.23
N THR D 94 -7.61 -80.24 -110.69
CA THR D 94 -8.71 -79.57 -110.02
C THR D 94 -9.99 -80.42 -110.08
N ALA D 95 -10.24 -81.04 -111.23
CA ALA D 95 -11.40 -81.91 -111.35
C ALA D 95 -11.30 -83.11 -110.42
N LEU D 96 -10.10 -83.71 -110.31
CA LEU D 96 -9.91 -84.85 -109.43
C LEU D 96 -9.95 -84.48 -107.97
N GLU D 97 -9.70 -83.21 -107.63
CA GLU D 97 -9.72 -82.79 -106.23
C GLU D 97 -11.08 -83.04 -105.59
N LYS D 98 -12.15 -83.05 -106.39
CA LYS D 98 -13.48 -83.28 -105.84
C LYS D 98 -13.75 -84.74 -105.52
N LYS D 99 -12.94 -85.67 -106.04
CA LYS D 99 -13.16 -87.08 -105.80
C LYS D 99 -12.73 -87.47 -104.39
N ILE D 100 -13.17 -88.66 -103.98
CA ILE D 100 -12.91 -89.19 -102.64
C ILE D 100 -12.24 -90.55 -102.77
N ILE D 101 -11.28 -90.84 -101.90
CA ILE D 101 -10.59 -92.13 -101.90
C ILE D 101 -11.52 -93.16 -101.27
N PRO D 102 -11.85 -94.25 -101.97
CA PRO D 102 -12.70 -95.29 -101.38
C PRO D 102 -11.98 -96.18 -100.39
N ASN D 103 -10.67 -96.32 -100.51
CA ASN D 103 -9.89 -97.21 -99.64
C ASN D 103 -9.23 -96.48 -98.48
N HIS D 104 -9.46 -95.19 -98.33
CA HIS D 104 -8.83 -94.45 -97.24
C HIS D 104 -9.42 -94.88 -95.91
N PRO D 105 -8.59 -95.21 -94.90
CA PRO D 105 -9.14 -95.60 -93.60
C PRO D 105 -9.99 -94.53 -92.94
N THR D 106 -9.63 -93.26 -93.11
CA THR D 106 -10.36 -92.15 -92.51
C THR D 106 -11.24 -91.41 -93.51
N GLY D 107 -11.29 -91.84 -94.75
CA GLY D 107 -12.09 -91.14 -95.76
C GLY D 107 -11.63 -89.75 -96.07
N LYS D 108 -10.31 -89.53 -96.07
CA LYS D 108 -9.77 -88.22 -96.39
C LYS D 108 -9.97 -87.91 -97.88
N SER D 109 -10.17 -86.63 -98.19
CA SER D 109 -10.36 -86.22 -99.57
C SER D 109 -9.04 -86.19 -100.33
N LEU D 110 -9.14 -86.21 -101.66
CA LEU D 110 -7.94 -86.12 -102.49
C LEU D 110 -7.27 -84.76 -102.36
N LYS D 111 -8.03 -83.71 -102.05
CA LYS D 111 -7.44 -82.38 -101.91
C LYS D 111 -6.43 -82.34 -100.76
N ALA D 112 -6.80 -82.92 -99.61
CA ALA D 112 -5.86 -82.98 -98.49
C ALA D 112 -4.68 -83.88 -98.79
N PHE D 113 -4.91 -84.98 -99.51
CA PHE D 113 -3.81 -85.86 -99.89
C PHE D 113 -2.85 -85.16 -100.85
N PHE D 114 -3.36 -84.24 -101.66
CA PHE D 114 -2.48 -83.41 -102.49
C PHE D 114 -1.79 -82.33 -101.68
N LYS D 115 -2.42 -81.87 -100.60
CA LYS D 115 -1.82 -80.82 -99.78
C LYS D 115 -0.52 -81.27 -99.13
N MET D 116 -0.48 -82.51 -98.64
CA MET D 116 0.68 -83.00 -97.90
C MET D 116 1.90 -83.10 -98.82
N THR D 117 3.07 -82.97 -98.21
CA THR D 117 4.34 -82.95 -98.93
C THR D 117 5.18 -84.17 -98.58
N PRO D 118 5.51 -85.03 -99.54
CA PRO D 118 6.44 -86.14 -99.23
C PRO D 118 7.85 -85.62 -98.97
N ASP D 119 8.63 -86.46 -98.29
CA ASP D 119 9.98 -86.06 -97.91
C ASP D 119 10.85 -85.80 -99.14
N ASN D 120 10.77 -86.66 -100.15
CA ASN D 120 11.54 -86.50 -101.36
C ASN D 120 10.75 -87.02 -102.57
N TYR D 121 11.18 -86.61 -103.75
CA TYR D 121 10.54 -87.01 -104.99
C TYR D 121 11.54 -86.91 -106.13
N LYS D 122 11.21 -87.56 -107.24
CA LYS D 122 12.05 -87.52 -108.43
C LYS D 122 11.17 -87.75 -109.65
N ILE D 123 11.44 -87.00 -110.71
CA ILE D 123 10.71 -87.11 -111.97
C ILE D 123 11.70 -87.51 -113.05
N SER D 124 11.43 -88.62 -113.72
CA SER D 124 12.27 -89.13 -114.81
C SER D 124 11.33 -89.51 -115.95
N GLY D 125 11.13 -88.57 -116.89
CA GLY D 125 10.20 -88.80 -117.98
C GLY D 125 8.77 -88.92 -117.50
N THR D 126 8.14 -90.06 -117.79
CA THR D 126 6.77 -90.33 -117.36
C THR D 126 6.70 -91.08 -116.04
N THR D 127 7.83 -91.33 -115.39
CA THR D 127 7.88 -92.07 -114.15
C THR D 127 8.23 -91.13 -113.01
N ILE D 128 7.44 -91.20 -111.94
CA ILE D 128 7.65 -90.39 -110.73
C ILE D 128 7.80 -91.34 -109.56
N GLU D 129 8.86 -91.16 -108.77
CA GLU D 129 9.18 -92.00 -107.63
C GLU D 129 8.96 -91.23 -106.34
N PHE D 130 8.14 -91.78 -105.46
CA PHE D 130 7.89 -91.20 -104.14
C PHE D 130 8.44 -92.15 -103.07
N VAL D 131 9.19 -91.59 -102.13
CA VAL D 131 9.82 -92.37 -101.07
C VAL D 131 9.56 -91.68 -99.73
N GLU D 132 9.11 -92.46 -98.75
CA GLU D 132 8.95 -92.00 -97.39
C GLU D 132 9.93 -92.75 -96.50
N VAL D 133 10.65 -92.02 -95.65
CA VAL D 133 11.72 -92.58 -94.83
C VAL D 133 11.40 -92.34 -93.36
N THR D 134 11.58 -93.39 -92.55
CA THR D 134 11.44 -93.29 -91.11
C THR D 134 12.58 -94.03 -90.45
N VAL D 135 12.97 -93.56 -89.27
CA VAL D 135 14.04 -94.16 -88.48
C VAL D 135 13.43 -94.68 -87.20
N THR D 136 13.42 -96.00 -87.04
CA THR D 136 12.81 -96.62 -85.88
C THR D 136 13.35 -98.03 -85.73
N ALA D 137 13.20 -98.59 -84.53
CA ALA D 137 13.64 -99.95 -84.28
C ALA D 137 12.74 -100.96 -84.98
N ASP D 138 11.43 -100.73 -84.97
CA ASP D 138 10.47 -101.63 -85.61
C ASP D 138 10.33 -101.26 -87.09
N VAL D 139 11.14 -101.91 -87.92
CA VAL D 139 11.16 -101.61 -89.35
C VAL D 139 9.82 -101.95 -90.00
N ASP D 140 9.28 -103.13 -89.67
CA ASP D 140 8.04 -103.57 -90.31
C ASP D 140 6.87 -102.66 -89.94
N LYS D 141 6.78 -102.25 -88.68
CA LYS D 141 5.68 -101.39 -88.25
C LYS D 141 5.72 -100.05 -88.96
N GLY D 142 6.91 -99.43 -89.02
CA GLY D 142 7.02 -98.18 -89.74
C GLY D 142 6.74 -98.32 -91.22
N ILE D 143 7.21 -99.41 -91.83
CA ILE D 143 6.97 -99.65 -93.24
C ILE D 143 5.48 -99.76 -93.52
N ARG D 144 4.78 -100.56 -92.71
CA ARG D 144 3.35 -100.75 -92.94
C ARG D 144 2.56 -99.48 -92.64
N GLU D 145 2.98 -98.69 -91.64
CA GLU D 145 2.30 -97.43 -91.37
C GLU D 145 2.45 -96.47 -92.54
N LYS D 146 3.67 -96.33 -93.06
CA LYS D 146 3.89 -95.45 -94.21
C LYS D 146 3.14 -95.95 -95.44
N LYS D 147 3.08 -97.28 -95.61
CA LYS D 147 2.32 -97.84 -96.72
C LYS D 147 0.85 -97.48 -96.62
N LEU D 148 0.23 -97.76 -95.47
CA LEU D 148 -1.19 -97.45 -95.31
C LEU D 148 -1.45 -95.94 -95.35
N LYS D 149 -0.42 -95.12 -95.12
CA LYS D 149 -0.60 -93.68 -95.21
C LYS D 149 -0.49 -93.16 -96.65
N TYR D 150 0.39 -93.76 -97.45
CA TYR D 150 0.72 -93.21 -98.78
C TYR D 150 0.16 -94.01 -99.94
N GLU D 151 0.36 -95.32 -99.94
CA GLU D 151 0.17 -96.11 -101.15
C GLU D 151 -1.28 -96.15 -101.60
N ALA D 152 -2.24 -96.03 -100.67
CA ALA D 152 -3.64 -96.01 -101.07
C ALA D 152 -3.95 -94.82 -101.98
N GLY D 153 -3.59 -93.62 -101.52
CA GLY D 153 -3.79 -92.45 -102.34
C GLY D 153 -2.94 -92.46 -103.60
N LEU D 154 -1.71 -92.96 -103.49
CA LEU D 154 -0.85 -93.03 -104.67
C LEU D 154 -1.44 -93.93 -105.74
N THR D 155 -1.94 -95.09 -105.34
CA THR D 155 -2.54 -96.02 -106.29
C THR D 155 -3.86 -95.48 -106.84
N TYR D 156 -4.64 -94.77 -106.01
CA TYR D 156 -5.86 -94.14 -106.53
C TYR D 156 -5.52 -93.11 -107.59
N ILE D 157 -4.49 -92.29 -107.36
CA ILE D 157 -4.05 -91.33 -108.35
C ILE D 157 -3.56 -92.05 -109.60
N GLU D 158 -2.89 -93.19 -109.42
CA GLU D 158 -2.41 -93.97 -110.57
C GLU D 158 -3.57 -94.45 -111.43
N GLN D 159 -4.62 -95.00 -110.81
CA GLN D 159 -5.79 -95.41 -111.58
C GLN D 159 -6.47 -94.22 -112.24
N GLU D 160 -6.54 -93.09 -111.54
CA GLU D 160 -7.18 -91.90 -112.13
C GLU D 160 -6.43 -91.44 -113.37
N LEU D 161 -5.10 -91.37 -113.30
CA LEU D 161 -4.34 -90.96 -114.47
C LEU D 161 -4.38 -91.99 -115.58
N HIS D 162 -4.44 -93.29 -115.23
CA HIS D 162 -4.59 -94.32 -116.26
C HIS D 162 -5.92 -94.17 -116.98
N LYS D 163 -7.01 -93.91 -116.24
CA LYS D 163 -8.30 -93.69 -116.87
C LYS D 163 -8.28 -92.44 -117.74
N PHE D 164 -7.61 -91.37 -117.28
CA PHE D 164 -7.48 -90.17 -118.09
C PHE D 164 -6.72 -90.45 -119.38
N PHE D 165 -5.64 -91.24 -119.29
CA PHE D 165 -4.89 -91.60 -120.50
C PHE D 165 -5.75 -92.42 -121.45
N LEU D 166 -6.54 -93.35 -120.91
CA LEU D 166 -7.43 -94.14 -121.75
C LEU D 166 -8.47 -93.25 -122.42
N LYS D 167 -8.96 -92.24 -121.71
CA LYS D 167 -9.92 -91.32 -122.30
C LYS D 167 -9.27 -90.31 -123.23
N GLY D 168 -7.96 -90.12 -123.14
CA GLY D 168 -7.23 -89.35 -124.12
C GLY D 168 -6.83 -87.94 -123.72
N GLU D 169 -6.84 -87.61 -122.43
CA GLU D 169 -6.46 -86.26 -122.00
C GLU D 169 -4.96 -86.10 -121.78
N ILE D 170 -4.19 -87.18 -121.84
CA ILE D 170 -2.73 -87.08 -121.72
C ILE D 170 -2.12 -87.93 -122.83
N PRO D 171 -1.03 -87.47 -123.48
CA PRO D 171 -0.45 -88.28 -124.56
C PRO D 171 0.27 -89.52 -124.06
N GLN D 172 0.88 -89.43 -122.88
CA GLN D 172 1.64 -90.55 -122.35
C GLN D 172 1.19 -90.88 -120.93
N PRO D 173 1.00 -92.15 -120.61
CA PRO D 173 0.62 -92.53 -119.25
C PRO D 173 1.77 -92.32 -118.28
N TYR D 174 1.41 -92.09 -117.02
CA TYR D 174 2.38 -91.88 -115.95
C TYR D 174 2.55 -93.15 -115.13
N LYS D 175 3.77 -93.37 -114.64
CA LYS D 175 4.07 -94.50 -113.78
C LYS D 175 4.49 -93.97 -112.41
N ILE D 176 3.88 -94.51 -111.36
CA ILE D 176 4.16 -94.09 -109.99
C ILE D 176 4.72 -95.29 -109.23
N THR D 177 5.73 -95.02 -108.41
CA THR D 177 6.38 -96.04 -107.59
C THR D 177 6.56 -95.51 -106.19
N PHE D 178 6.15 -96.30 -105.19
CA PHE D 178 6.32 -95.96 -103.79
C PHE D 178 7.28 -96.94 -103.14
N ASN D 179 8.33 -96.41 -102.51
CA ASN D 179 9.32 -97.23 -101.82
C ASN D 179 9.53 -96.66 -100.43
N VAL D 180 9.29 -97.48 -99.40
CA VAL D 180 9.48 -97.08 -98.02
C VAL D 180 10.64 -97.90 -97.43
N VAL D 181 11.57 -97.21 -96.79
CA VAL D 181 12.74 -97.83 -96.19
C VAL D 181 12.86 -97.33 -94.76
N ALA D 182 12.95 -98.27 -93.82
CA ALA D 182 13.11 -97.95 -92.40
C ALA D 182 14.49 -98.40 -91.95
N VAL D 183 15.22 -97.49 -91.32
CA VAL D 183 16.57 -97.75 -90.84
C VAL D 183 16.52 -97.91 -89.33
N ARG D 184 17.12 -99.00 -88.83
CA ARG D 184 17.14 -99.24 -87.39
C ARG D 184 18.02 -98.21 -86.70
N THR D 185 17.83 -98.09 -85.38
CA THR D 185 18.54 -97.08 -84.61
C THR D 185 20.06 -97.30 -84.60
N ASP D 186 20.53 -98.52 -84.88
CA ASP D 186 21.96 -98.79 -84.94
C ASP D 186 22.53 -98.77 -86.35
N GLY D 187 21.69 -98.67 -87.37
CA GLY D 187 22.17 -98.64 -88.74
C GLY D 187 22.85 -99.91 -89.20
N SER D 188 22.39 -101.07 -88.72
CA SER D 188 22.98 -102.33 -89.17
C SER D 188 22.53 -102.69 -90.58
N ASN D 189 21.25 -102.48 -90.89
CA ASN D 189 20.68 -102.86 -92.18
C ASN D 189 20.54 -101.69 -93.13
N ILE D 190 21.15 -100.54 -92.81
CA ILE D 190 21.03 -99.37 -93.68
C ILE D 190 21.69 -99.63 -95.03
N THR D 191 22.81 -100.36 -95.04
CA THR D 191 23.48 -100.67 -96.29
C THR D 191 22.69 -101.68 -97.11
N THR D 192 22.05 -102.64 -96.43
CA THR D 192 21.25 -103.64 -97.14
C THR D 192 20.10 -103.00 -97.90
N GLN D 193 19.40 -102.07 -97.24
CA GLN D 193 18.30 -101.37 -97.90
C GLN D 193 18.82 -100.29 -98.85
N TRP D 194 19.92 -99.63 -98.48
CA TRP D 194 20.49 -98.54 -99.26
C TRP D 194 21.97 -98.81 -99.48
N PRO D 195 22.33 -99.53 -100.54
CA PRO D 195 23.75 -99.77 -100.83
C PRO D 195 24.45 -98.51 -101.30
N SER D 196 24.60 -97.54 -100.41
CA SER D 196 25.22 -96.26 -100.73
C SER D 196 26.71 -96.28 -100.39
N ARG D 197 27.43 -95.31 -100.94
CA ARG D 197 28.86 -95.18 -100.65
C ARG D 197 29.10 -94.47 -99.32
N ARG D 198 28.08 -93.83 -98.76
CA ARG D 198 28.24 -92.93 -97.61
C ARG D 198 27.67 -93.50 -96.32
N ASN D 199 27.64 -94.83 -96.20
CA ASN D 199 27.04 -95.44 -95.01
C ASN D 199 27.82 -95.13 -93.75
N ASP D 200 29.15 -95.11 -93.83
CA ASP D 200 29.99 -95.03 -92.63
C ASP D 200 29.75 -93.72 -91.87
N GLY D 201 29.85 -92.59 -92.57
CA GLY D 201 29.66 -91.31 -91.90
C GLY D 201 28.27 -91.16 -91.31
N VAL D 202 27.26 -91.58 -92.07
CA VAL D 202 25.89 -91.45 -91.59
C VAL D 202 25.64 -92.32 -90.37
N VAL D 203 26.13 -93.57 -90.40
CA VAL D 203 25.91 -94.42 -89.23
C VAL D 203 26.67 -93.90 -88.02
N GLN D 204 27.85 -93.33 -88.23
CA GLN D 204 28.58 -92.72 -87.11
C GLN D 204 27.79 -91.57 -86.52
N TYR D 205 27.26 -90.69 -87.39
CA TYR D 205 26.47 -89.56 -86.90
C TYR D 205 25.20 -90.02 -86.18
N MET D 206 24.54 -91.04 -86.72
CA MET D 206 23.31 -91.51 -86.11
C MET D 206 23.57 -92.27 -84.81
N ARG D 207 24.74 -92.90 -84.71
CA ARG D 207 25.11 -93.55 -83.42
C ARG D 207 25.21 -92.46 -82.36
N LEU D 208 25.78 -91.31 -82.72
CA LEU D 208 25.94 -90.20 -81.73
C LEU D 208 24.58 -89.73 -81.23
N VAL D 209 23.62 -89.54 -82.14
CA VAL D 209 22.29 -88.99 -81.73
C VAL D 209 21.67 -89.95 -80.72
N GLN D 210 21.86 -91.26 -80.91
CA GLN D 210 21.30 -92.27 -79.96
C GLN D 210 21.90 -91.99 -78.58
N ALA D 211 23.23 -91.85 -78.50
CA ALA D 211 23.90 -91.58 -77.21
C ALA D 211 23.30 -90.32 -76.58
N GLU D 212 23.18 -89.24 -77.38
CA GLU D 212 22.64 -87.96 -76.84
C GLU D 212 21.22 -88.19 -76.33
N ILE D 213 20.37 -88.81 -77.15
CA ILE D 213 18.95 -89.06 -76.75
C ILE D 213 18.96 -89.88 -75.46
N SER D 214 19.66 -91.02 -75.47
CA SER D 214 19.71 -91.90 -74.27
C SER D 214 20.24 -91.10 -73.08
N TYR D 215 21.28 -90.29 -73.31
CA TYR D 215 21.90 -89.49 -72.22
C TYR D 215 20.83 -88.67 -71.51
N VAL D 216 20.28 -87.66 -72.19
CA VAL D 216 19.29 -86.75 -71.55
C VAL D 216 18.11 -87.59 -71.04
N ARG D 217 17.73 -88.62 -71.79
CA ARG D 217 16.56 -89.45 -71.43
C ARG D 217 16.80 -90.16 -70.08
N GLU D 218 18.02 -90.61 -69.82
CA GLU D 218 18.26 -91.40 -68.57
C GLU D 218 19.31 -90.74 -67.68
N HIS D 219 19.58 -89.44 -67.86
CA HIS D 219 20.63 -88.78 -67.06
C HIS D 219 20.21 -87.37 -66.65
N LEU D 220 20.10 -86.45 -67.61
CA LEU D 220 19.75 -85.04 -67.28
C LEU D 220 18.33 -84.97 -66.73
N ILE D 221 17.56 -86.05 -66.89
CA ILE D 221 16.15 -86.09 -66.40
C ILE D 221 16.15 -86.15 -64.86
N LYS D 222 15.12 -85.60 -64.21
CA LYS D 222 15.02 -85.63 -62.77
C LYS D 222 14.37 -86.93 -62.31
N THR D 223 14.90 -87.50 -61.23
CA THR D 223 14.40 -88.77 -60.73
C THR D 223 12.99 -88.66 -60.17
N GLU D 224 12.54 -87.46 -59.80
CA GLU D 224 11.19 -87.28 -59.30
C GLU D 224 10.15 -87.14 -60.40
N GLU D 225 10.58 -87.05 -61.66
CA GLU D 225 9.66 -86.88 -62.79
C GLU D 225 9.88 -87.94 -63.86
N ARG D 226 10.53 -89.06 -63.52
CA ARG D 226 10.74 -90.11 -64.50
C ARG D 226 9.42 -90.71 -64.96
N ALA D 227 8.47 -90.88 -64.03
CA ALA D 227 7.15 -91.37 -64.41
C ALA D 227 6.44 -90.40 -65.34
N ALA D 228 6.59 -89.10 -65.09
CA ALA D 228 6.01 -88.10 -65.98
C ALA D 228 6.60 -88.21 -67.38
N LEU D 229 7.93 -88.38 -67.46
CA LEU D 229 8.57 -88.55 -68.76
C LEU D 229 8.06 -89.78 -69.46
N GLU D 230 7.93 -90.90 -68.73
CA GLU D 230 7.45 -92.13 -69.34
C GLU D 230 6.03 -91.97 -69.87
N ALA D 231 5.16 -91.33 -69.09
CA ALA D 231 3.78 -91.13 -69.53
C ALA D 231 3.73 -90.23 -70.76
N MET D 232 4.48 -89.13 -70.75
CA MET D 232 4.46 -88.22 -71.89
C MET D 232 5.02 -88.91 -73.14
N PHE D 233 6.09 -89.70 -72.99
CA PHE D 233 6.63 -90.42 -74.12
C PHE D 233 5.63 -91.44 -74.67
N ASN D 234 4.93 -92.15 -73.77
CA ASN D 234 3.96 -93.13 -74.22
C ASN D 234 2.81 -92.46 -74.98
N LEU D 235 2.32 -91.34 -74.46
CA LEU D 235 1.23 -90.64 -75.15
C LEU D 235 1.68 -90.06 -76.47
N LYS D 236 2.89 -89.48 -76.53
CA LYS D 236 3.31 -88.79 -77.74
C LYS D 236 3.70 -89.77 -78.85
N PHE D 237 4.43 -90.84 -78.50
CA PHE D 237 4.99 -91.72 -79.52
C PHE D 237 4.33 -93.09 -79.60
N ASN D 238 3.64 -93.53 -78.55
CA ASN D 238 2.99 -94.83 -78.58
C ASN D 238 1.47 -94.68 -78.54
N TYR D 248 -13.78 -97.22 -84.30
CA TYR D 248 -14.45 -96.91 -85.56
C TYR D 248 -15.94 -97.17 -85.42
N ILE D 249 -16.75 -96.17 -85.78
CA ILE D 249 -18.21 -96.30 -85.66
C ILE D 249 -18.73 -97.21 -86.76
N PRO D 250 -19.48 -98.26 -86.43
CA PRO D 250 -20.02 -99.14 -87.47
C PRO D 250 -21.03 -98.43 -88.35
N ASP D 251 -21.17 -98.94 -89.56
CA ASP D 251 -22.05 -98.31 -90.54
C ASP D 251 -23.51 -98.34 -90.09
N TYR D 252 -23.94 -99.44 -89.47
CA TYR D 252 -25.31 -99.62 -89.02
C TYR D 252 -26.29 -99.51 -90.19
N LYS D 253 -27.04 -98.42 -90.24
CA LYS D 253 -28.02 -98.21 -91.30
C LYS D 253 -28.43 -96.74 -91.29
N GLY D 254 -28.96 -96.29 -92.43
CA GLY D 254 -29.42 -94.93 -92.55
C GLY D 254 -30.84 -94.84 -93.07
N MET D 255 -31.29 -93.63 -93.39
CA MET D 255 -32.64 -93.41 -93.90
C MET D 255 -32.59 -92.57 -95.17
N GLU D 256 -33.33 -93.00 -96.18
CA GLU D 256 -33.41 -92.27 -97.43
C GLU D 256 -34.39 -91.10 -97.28
N PRO D 257 -33.99 -89.88 -97.65
CA PRO D 257 -34.90 -88.73 -97.47
C PRO D 257 -35.98 -88.72 -98.53
N ILE D 258 -37.23 -88.76 -98.07
CA ILE D 258 -38.37 -88.62 -98.97
C ILE D 258 -38.55 -87.15 -99.30
N GLY D 259 -38.94 -86.87 -100.55
CA GLY D 259 -39.00 -85.49 -101.01
C GLY D 259 -40.03 -84.67 -100.27
N ALA D 260 -41.27 -85.17 -100.20
CA ALA D 260 -42.39 -84.47 -99.58
C ALA D 260 -42.64 -83.11 -100.24
N ASN D 261 -43.63 -82.37 -99.72
CA ASN D 261 -43.97 -81.06 -100.25
C ASN D 261 -44.72 -80.23 -99.23
N ILE D 262 -44.33 -78.96 -99.06
CA ILE D 262 -45.10 -78.07 -98.20
C ILE D 262 -46.45 -77.74 -98.82
N GLU D 263 -46.57 -77.76 -100.15
CA GLU D 263 -47.83 -77.47 -100.80
C GLU D 263 -48.89 -78.50 -100.49
N ASP D 264 -48.50 -79.76 -100.33
CA ASP D 264 -49.47 -80.79 -99.96
C ASP D 264 -50.06 -80.52 -98.58
N LEU D 265 -49.21 -80.12 -97.63
CA LEU D 265 -49.73 -79.83 -96.29
C LEU D 265 -50.55 -78.55 -96.29
N VAL D 266 -50.18 -77.60 -97.17
CA VAL D 266 -51.01 -76.41 -97.34
C VAL D 266 -52.39 -76.79 -97.87
N ASP D 267 -52.45 -77.73 -98.81
CA ASP D 267 -53.74 -78.19 -99.33
C ASP D 267 -54.55 -78.87 -98.23
N TYR D 268 -53.89 -79.68 -97.40
CA TYR D 268 -54.58 -80.29 -96.28
C TYR D 268 -55.11 -79.24 -95.31
N SER D 269 -54.32 -78.19 -95.05
CA SER D 269 -54.76 -77.11 -94.17
C SER D 269 -55.98 -76.41 -94.75
N LYS D 270 -55.97 -76.18 -96.07
CA LYS D 270 -57.12 -75.57 -96.73
C LYS D 270 -58.36 -76.42 -96.57
N ASP D 271 -58.22 -77.73 -96.77
CA ASP D 271 -59.37 -78.63 -96.64
C ASP D 271 -59.86 -78.69 -95.20
N TRP D 272 -58.93 -78.72 -94.24
CA TRP D 272 -59.30 -78.89 -92.84
C TRP D 272 -59.96 -77.64 -92.28
N LEU D 273 -59.43 -76.46 -92.63
CA LEU D 273 -60.02 -75.21 -92.17
C LEU D 273 -61.38 -74.96 -92.79
N SER D 274 -61.71 -75.61 -93.91
CA SER D 274 -62.97 -75.40 -94.60
C SER D 274 -64.12 -76.20 -94.00
N ARG D 275 -64.32 -76.11 -92.70
CA ARG D 275 -65.40 -76.81 -92.00
C ARG D 275 -65.56 -76.18 -90.63
N ALA D 276 -66.35 -76.84 -89.77
CA ALA D 276 -66.55 -76.38 -88.40
C ALA D 276 -65.50 -77.01 -87.50
N ARG D 277 -64.85 -76.18 -86.68
CA ARG D 277 -63.80 -76.62 -85.79
C ARG D 277 -64.18 -76.29 -84.35
N ASN D 278 -64.00 -77.25 -83.45
CA ASN D 278 -64.33 -77.10 -82.05
C ASN D 278 -63.10 -76.73 -81.25
N PHE D 279 -63.27 -75.84 -80.28
CA PHE D 279 -62.18 -75.38 -79.43
C PHE D 279 -62.08 -76.30 -78.22
N SER D 280 -60.87 -76.81 -77.98
CA SER D 280 -60.67 -77.78 -76.91
C SER D 280 -60.83 -77.17 -75.52
N PHE D 281 -60.75 -75.85 -75.40
CA PHE D 281 -60.84 -75.18 -74.12
C PHE D 281 -62.26 -74.63 -73.91
N PHE D 282 -62.52 -74.21 -72.68
CA PHE D 282 -63.84 -73.72 -72.28
C PHE D 282 -63.70 -72.36 -71.63
N GLU D 283 -64.75 -71.55 -71.76
CA GLU D 283 -64.77 -70.22 -71.17
C GLU D 283 -65.18 -70.30 -69.71
N VAL D 284 -64.55 -69.48 -68.87
CA VAL D 284 -64.90 -69.38 -67.46
C VAL D 284 -65.93 -68.28 -67.30
N LYS D 285 -67.04 -68.61 -66.63
CA LYS D 285 -68.16 -67.69 -66.49
C LYS D 285 -68.72 -67.61 -65.08
N GLY D 286 -68.20 -68.37 -64.14
CA GLY D 286 -68.79 -68.41 -62.80
C GLY D 286 -69.97 -69.35 -62.70
N THR D 287 -70.94 -69.22 -63.60
CA THR D 287 -72.01 -70.21 -63.67
C THR D 287 -71.49 -71.53 -64.23
N ALA D 288 -70.50 -71.48 -65.11
CA ALA D 288 -69.95 -72.71 -65.68
C ALA D 288 -69.28 -73.56 -64.62
N VAL D 289 -68.46 -72.96 -63.75
CA VAL D 289 -67.78 -73.72 -62.72
C VAL D 289 -68.77 -74.25 -61.70
N PHE D 290 -69.78 -73.46 -61.36
CA PHE D 290 -70.81 -73.91 -60.42
C PHE D 290 -71.59 -75.09 -60.99
N GLU D 291 -71.97 -75.01 -62.26
CA GLU D 291 -72.69 -76.11 -62.90
C GLU D 291 -71.82 -77.36 -62.99
N CYS D 292 -70.53 -77.18 -63.31
CA CYS D 292 -69.63 -78.33 -63.34
C CYS D 292 -69.51 -78.98 -61.97
N PHE D 293 -69.40 -78.17 -60.92
CA PHE D 293 -69.33 -78.71 -59.57
C PHE D 293 -70.59 -79.49 -59.22
N ASN D 294 -71.76 -78.93 -59.54
CA ASN D 294 -73.01 -79.62 -59.23
C ASN D 294 -73.14 -80.93 -60.01
N SER D 295 -72.82 -80.91 -61.31
CA SER D 295 -72.91 -82.12 -62.11
C SER D 295 -71.95 -83.18 -61.62
N ASN D 296 -70.73 -82.78 -61.24
CA ASN D 296 -69.78 -83.75 -60.71
C ASN D 296 -70.22 -84.27 -59.34
N GLU D 297 -70.87 -83.44 -58.53
CA GLU D 297 -71.43 -83.93 -57.28
C GLU D 297 -72.47 -85.01 -57.54
N ALA D 298 -73.36 -84.77 -58.50
CA ALA D 298 -74.37 -85.77 -58.84
C ALA D 298 -73.73 -87.06 -59.35
N ASN D 299 -72.73 -86.92 -60.24
CA ASN D 299 -72.08 -88.10 -60.78
C ASN D 299 -71.34 -88.89 -59.70
N HIS D 300 -70.67 -88.19 -58.77
CA HIS D 300 -69.97 -88.87 -57.70
C HIS D 300 -70.94 -89.57 -56.76
N CYS D 301 -72.08 -88.93 -56.47
CA CYS D 301 -73.09 -89.59 -55.64
C CYS D 301 -73.62 -90.83 -56.32
N GLN D 302 -73.81 -90.77 -57.64
CA GLN D 302 -74.32 -91.93 -58.36
C GLN D 302 -73.30 -93.06 -58.43
N ARG D 303 -72.01 -92.72 -58.62
CA ARG D 303 -71.01 -93.75 -58.87
C ARG D 303 -70.65 -94.52 -57.61
N TYR D 304 -70.56 -93.85 -56.46
CA TYR D 304 -70.13 -94.48 -55.23
C TYR D 304 -71.30 -94.74 -54.30
N PRO D 305 -71.25 -95.82 -53.51
CA PRO D 305 -72.31 -96.08 -52.55
C PRO D 305 -72.35 -95.00 -51.47
N MET D 306 -73.55 -94.71 -50.98
CA MET D 306 -73.72 -93.71 -49.95
C MET D 306 -73.21 -94.21 -48.61
N SER D 307 -72.80 -93.27 -47.77
CA SER D 307 -72.36 -93.58 -46.41
C SER D 307 -72.85 -92.50 -45.47
N ARG D 308 -73.41 -92.91 -44.34
CA ARG D 308 -73.96 -91.97 -43.37
C ARG D 308 -73.03 -91.69 -42.20
N LYS D 309 -72.05 -92.56 -41.94
CA LYS D 309 -71.13 -92.38 -40.82
C LYS D 309 -69.76 -91.98 -41.34
N PRO D 310 -69.35 -90.73 -41.17
CA PRO D 310 -68.00 -90.34 -41.61
C PRO D 310 -66.93 -91.05 -40.80
N ARG D 311 -65.80 -91.31 -41.45
CA ARG D 311 -64.68 -91.99 -40.82
C ARG D 311 -63.88 -90.99 -39.98
N ASN D 312 -62.71 -91.41 -39.53
CA ASN D 312 -61.87 -90.59 -38.66
C ASN D 312 -60.81 -89.86 -39.48
N PHE D 313 -60.50 -88.64 -39.05
CA PHE D 313 -59.47 -87.83 -39.69
C PHE D 313 -58.32 -87.48 -38.77
N LEU D 314 -58.60 -87.26 -37.48
CA LEU D 314 -57.56 -86.96 -36.50
C LEU D 314 -56.91 -88.27 -36.08
N LEU D 315 -55.63 -88.43 -36.43
CA LEU D 315 -54.90 -89.65 -36.10
C LEU D 315 -54.64 -89.77 -34.61
N ILE D 316 -54.65 -88.65 -33.89
CA ILE D 316 -54.40 -88.64 -32.45
C ILE D 316 -55.46 -87.74 -31.80
N GLN D 317 -56.03 -88.23 -30.70
CA GLN D 317 -57.16 -87.57 -30.05
C GLN D 317 -56.69 -87.10 -28.68
N CYS D 318 -56.57 -85.80 -28.50
CA CYS D 318 -56.08 -85.23 -27.25
C CYS D 318 -56.80 -83.93 -26.97
N SER D 319 -56.63 -83.42 -25.76
CA SER D 319 -57.28 -82.18 -25.35
C SER D 319 -56.44 -81.49 -24.30
N LEU D 320 -56.53 -80.17 -24.26
CA LEU D 320 -55.82 -79.36 -23.28
C LEU D 320 -56.66 -78.15 -22.92
N ILE D 321 -56.72 -77.86 -21.62
CA ILE D 321 -57.37 -76.66 -21.12
C ILE D 321 -56.36 -75.70 -20.48
N THR D 322 -55.36 -76.23 -19.80
CA THR D 322 -54.31 -75.42 -19.20
C THR D 322 -53.08 -75.40 -20.11
N SER D 323 -51.98 -74.86 -19.62
CA SER D 323 -50.74 -74.82 -20.37
C SER D 323 -50.02 -76.17 -20.28
N TYR D 324 -49.00 -76.32 -21.11
CA TYR D 324 -48.24 -77.56 -21.21
C TYR D 324 -46.77 -77.29 -20.90
N LYS D 325 -46.11 -78.29 -20.32
CA LYS D 325 -44.70 -78.25 -19.97
C LYS D 325 -43.98 -79.47 -20.51
N PRO D 326 -42.68 -79.38 -20.77
CA PRO D 326 -41.95 -80.53 -21.28
C PRO D 326 -42.02 -81.72 -20.34
N ALA D 327 -42.13 -82.90 -20.93
CA ALA D 327 -42.33 -84.13 -20.17
C ALA D 327 -40.99 -84.69 -19.71
N THR D 328 -40.92 -85.06 -18.43
CA THR D 328 -39.74 -85.68 -17.85
C THR D 328 -40.16 -86.96 -17.13
N THR D 329 -39.17 -87.72 -16.65
CA THR D 329 -39.46 -88.97 -15.98
C THR D 329 -40.25 -88.74 -14.70
N LEU D 330 -39.84 -87.76 -13.89
CA LEU D 330 -40.56 -87.45 -12.65
C LEU D 330 -41.99 -87.01 -12.96
N SER D 331 -42.15 -86.14 -13.96
CA SER D 331 -43.48 -85.75 -14.38
C SER D 331 -44.26 -86.95 -14.91
N ASP D 332 -43.58 -87.85 -15.62
CA ASP D 332 -44.26 -89.03 -16.16
C ASP D 332 -44.82 -89.88 -15.03
N GLN D 333 -44.05 -90.12 -13.97
CA GLN D 333 -44.54 -90.93 -12.87
C GLN D 333 -45.64 -90.21 -12.10
N ILE D 334 -45.43 -88.94 -11.77
CA ILE D 334 -46.42 -88.20 -10.99
C ILE D 334 -47.71 -88.00 -11.78
N ASP D 335 -47.65 -88.13 -13.10
CA ASP D 335 -48.86 -88.08 -13.91
C ASP D 335 -49.50 -89.46 -14.08
N SER D 336 -48.68 -90.50 -14.23
CA SER D 336 -49.23 -91.84 -14.39
C SER D 336 -49.97 -92.30 -13.15
N ARG D 337 -49.41 -92.04 -11.96
CA ARG D 337 -50.09 -92.43 -10.73
C ARG D 337 -51.46 -91.76 -10.64
N ARG D 338 -51.50 -90.44 -10.85
CA ARG D 338 -52.75 -89.71 -10.72
C ARG D 338 -53.75 -90.08 -11.82
N ALA D 339 -53.25 -90.35 -13.03
CA ALA D 339 -54.13 -90.78 -14.12
C ALA D 339 -54.77 -92.13 -13.82
N CYS D 340 -53.98 -93.08 -13.30
CA CYS D 340 -54.55 -94.35 -12.89
C CYS D 340 -55.55 -94.16 -11.75
N SER D 341 -55.27 -93.23 -10.84
CA SER D 341 -56.21 -92.93 -9.77
C SER D 341 -57.55 -92.45 -10.32
N TYR D 342 -57.52 -91.56 -11.31
CA TYR D 342 -58.77 -91.14 -11.97
C TYR D 342 -59.43 -92.31 -12.68
N ILE D 343 -58.66 -93.13 -13.39
CA ILE D 343 -59.26 -94.18 -14.22
C ILE D 343 -59.97 -95.22 -13.36
N LEU D 344 -59.38 -95.56 -12.22
CA LEU D 344 -59.96 -96.62 -11.39
C LEU D 344 -61.30 -96.24 -10.75
N ASN D 345 -61.77 -95.01 -10.92
CA ASN D 345 -63.05 -94.58 -10.38
C ASN D 345 -64.14 -94.50 -11.44
N LEU D 346 -63.90 -95.01 -12.64
CA LEU D 346 -64.85 -94.93 -13.74
C LEU D 346 -65.44 -96.32 -14.01
N ILE D 347 -66.76 -96.36 -14.15
CA ILE D 347 -67.45 -97.61 -14.45
C ILE D 347 -67.32 -97.90 -15.94
N PRO D 348 -66.69 -99.00 -16.32
CA PRO D 348 -66.56 -99.32 -17.76
C PRO D 348 -67.92 -99.61 -18.38
N ASP D 349 -68.05 -99.24 -19.66
CA ASP D 349 -69.26 -99.50 -20.43
C ASP D 349 -69.00 -100.17 -21.76
N THR D 350 -67.80 -100.06 -22.31
CA THR D 350 -67.42 -100.69 -23.58
C THR D 350 -66.16 -101.50 -23.36
N PRO D 351 -65.92 -102.53 -24.18
CA PRO D 351 -64.75 -103.39 -23.97
C PRO D 351 -63.42 -102.66 -24.02
N ALA D 352 -63.30 -101.61 -24.83
CA ALA D 352 -62.07 -100.81 -24.81
C ALA D 352 -61.88 -100.13 -23.46
N SER D 353 -62.97 -99.63 -22.88
CA SER D 353 -62.89 -99.07 -21.53
C SER D 353 -62.51 -100.15 -20.52
N TYR D 354 -62.99 -101.38 -20.71
CA TYR D 354 -62.59 -102.47 -19.85
C TYR D 354 -61.09 -102.75 -19.95
N LEU D 355 -60.55 -102.71 -21.17
CA LEU D 355 -59.10 -102.90 -21.35
C LEU D 355 -58.32 -101.77 -20.70
N ILE D 356 -58.81 -100.54 -20.84
CA ILE D 356 -58.14 -99.40 -20.22
C ILE D 356 -58.14 -99.56 -18.70
N HIS D 357 -59.27 -99.95 -18.13
CA HIS D 357 -59.36 -100.18 -16.69
C HIS D 357 -58.43 -101.31 -16.25
N ASP D 358 -58.33 -102.37 -17.07
CA ASP D 358 -57.44 -103.48 -16.76
C ASP D 358 -55.99 -103.04 -16.73
N MET D 359 -55.57 -102.27 -17.73
CA MET D 359 -54.20 -101.78 -17.75
C MET D 359 -53.93 -100.84 -16.59
N ALA D 360 -54.88 -99.96 -16.25
CA ALA D 360 -54.68 -99.07 -15.11
C ALA D 360 -54.57 -99.87 -13.81
N TYR D 361 -55.40 -100.90 -13.64
CA TYR D 361 -55.31 -101.75 -12.46
C TYR D 361 -53.97 -102.47 -12.41
N ARG D 362 -53.50 -102.97 -13.55
CA ARG D 362 -52.21 -103.65 -13.60
C ARG D 362 -51.08 -102.70 -13.21
N TYR D 363 -51.13 -101.46 -13.70
CA TYR D 363 -50.04 -100.50 -13.42
C TYR D 363 -50.08 -100.05 -11.96
N ILE D 364 -51.27 -99.75 -11.44
CA ILE D 364 -51.38 -99.23 -10.09
C ILE D 364 -51.01 -100.28 -9.04
N ASN D 365 -51.00 -101.56 -9.41
CA ASN D 365 -50.66 -102.64 -8.50
C ASN D 365 -49.24 -103.17 -8.75
N LEU D 366 -48.43 -102.41 -9.48
CA LEU D 366 -47.06 -102.82 -9.73
C LEU D 366 -46.22 -102.69 -8.47
N THR D 367 -45.27 -103.60 -8.30
CA THR D 367 -44.39 -103.57 -7.14
C THR D 367 -43.46 -102.36 -7.21
N ARG D 368 -42.97 -101.95 -6.05
CA ARG D 368 -42.10 -100.78 -5.98
C ARG D 368 -40.82 -100.98 -6.78
N GLU D 369 -40.23 -102.18 -6.68
CA GLU D 369 -39.02 -102.47 -7.42
C GLU D 369 -39.26 -102.42 -8.93
N ASP D 370 -40.33 -103.07 -9.39
CA ASP D 370 -40.64 -103.06 -10.81
C ASP D 370 -41.03 -101.66 -11.28
N MET D 371 -41.78 -100.92 -10.46
CA MET D 371 -42.14 -99.55 -10.82
C MET D 371 -40.90 -98.67 -10.96
N ILE D 372 -39.95 -98.80 -10.05
CA ILE D 372 -38.71 -98.03 -10.14
C ILE D 372 -37.92 -98.45 -11.38
N ASN D 373 -37.86 -99.75 -11.63
CA ASN D 373 -37.09 -100.26 -12.81
C ASN D 373 -37.74 -99.76 -14.09
N TYR D 374 -39.06 -99.61 -14.11
CA TYR D 374 -39.77 -99.18 -15.30
C TYR D 374 -39.35 -97.79 -15.77
N TYR D 375 -38.72 -97.03 -14.86
CA TYR D 375 -38.29 -95.65 -15.20
C TYR D 375 -36.78 -95.57 -15.04
N ALA D 376 -36.05 -96.55 -15.56
CA ALA D 376 -34.62 -96.56 -15.39
C ALA D 376 -33.90 -96.50 -16.74
N PRO D 377 -32.80 -95.75 -16.84
CA PRO D 377 -32.01 -95.78 -18.07
C PRO D 377 -31.54 -97.20 -18.40
N ARG D 378 -31.45 -97.48 -19.70
CA ARG D 378 -31.13 -98.81 -20.19
C ARG D 378 -29.77 -99.32 -19.72
N ILE D 379 -28.85 -98.43 -19.39
CA ILE D 379 -27.57 -98.87 -18.81
C ILE D 379 -27.74 -99.35 -17.37
N GLN D 380 -28.87 -99.03 -16.73
CA GLN D 380 -29.03 -99.23 -15.30
C GLN D 380 -30.15 -100.22 -14.97
N PHE D 381 -31.05 -100.48 -15.90
CA PHE D 381 -32.23 -101.29 -15.63
C PHE D 381 -31.82 -102.73 -15.35
N LYS D 382 -32.69 -103.44 -14.62
CA LYS D 382 -32.46 -104.83 -14.25
C LYS D 382 -33.63 -105.69 -14.68
N GLN D 383 -33.34 -106.89 -15.15
CA GLN D 383 -34.40 -107.80 -15.57
C GLN D 383 -35.25 -108.23 -14.39
N THR D 384 -36.57 -108.15 -14.56
CA THR D 384 -37.50 -108.54 -13.51
C THR D 384 -38.51 -109.56 -14.04
N GLN D 385 -39.55 -109.85 -13.26
CA GLN D 385 -40.54 -110.83 -13.67
C GLN D 385 -41.71 -110.20 -14.42
N ASN D 386 -42.07 -108.96 -14.09
CA ASN D 386 -43.17 -108.26 -14.75
C ASN D 386 -42.68 -107.26 -15.78
N VAL D 387 -41.60 -106.55 -15.50
CA VAL D 387 -40.99 -105.60 -16.41
C VAL D 387 -39.70 -106.19 -16.95
N ARG D 388 -39.60 -106.30 -18.27
CA ARG D 388 -38.42 -106.87 -18.92
C ARG D 388 -37.61 -105.80 -19.65
N GLU D 389 -38.24 -105.06 -20.56
CA GLU D 389 -37.58 -103.96 -21.23
C GLU D 389 -37.64 -102.71 -20.37
N PRO D 390 -36.76 -101.74 -20.60
CA PRO D 390 -36.69 -100.57 -19.72
C PRO D 390 -38.00 -99.82 -19.57
N GLY D 391 -38.82 -99.74 -20.62
CA GLY D 391 -40.04 -98.96 -20.53
C GLY D 391 -41.30 -99.73 -20.91
N THR D 392 -41.32 -101.03 -20.63
CA THR D 392 -42.46 -101.88 -20.95
C THR D 392 -42.84 -102.71 -19.73
N PHE D 393 -43.96 -103.42 -19.85
CA PHE D 393 -44.40 -104.36 -18.84
C PHE D 393 -45.23 -105.45 -19.52
N LYS D 394 -45.46 -106.54 -18.79
CA LYS D 394 -46.18 -107.70 -19.32
C LYS D 394 -47.63 -107.68 -18.87
N LEU D 395 -48.48 -108.34 -19.65
CA LEU D 395 -49.90 -108.46 -19.32
C LEU D 395 -50.40 -109.74 -19.97
N THR D 396 -50.48 -110.81 -19.17
CA THR D 396 -50.85 -112.13 -19.68
C THR D 396 -52.37 -112.31 -19.65
N SER D 397 -52.81 -113.42 -20.22
CA SER D 397 -54.25 -113.65 -20.39
C SER D 397 -54.97 -113.76 -19.05
N SER D 398 -54.25 -114.11 -17.99
CA SER D 398 -54.89 -114.24 -16.68
C SER D 398 -55.46 -112.91 -16.21
N MET D 399 -54.73 -111.81 -16.42
CA MET D 399 -55.21 -110.51 -16.00
C MET D 399 -56.29 -109.96 -16.94
N LEU D 400 -56.25 -110.34 -18.22
CA LEU D 400 -57.26 -109.88 -19.15
C LEU D 400 -58.62 -110.46 -18.80
N ARG D 401 -59.66 -109.63 -18.94
CA ARG D 401 -61.03 -110.05 -18.72
C ARG D 401 -61.58 -110.66 -20.00
N ALA D 402 -62.88 -110.93 -20.03
CA ALA D 402 -63.49 -111.51 -21.23
C ALA D 402 -63.51 -110.50 -22.38
N GLU D 403 -63.89 -109.26 -22.09
CA GLU D 403 -63.95 -108.25 -23.14
C GLU D 403 -62.57 -107.94 -23.71
N SER D 404 -61.57 -107.82 -22.83
CA SER D 404 -60.22 -107.53 -23.31
C SER D 404 -59.69 -108.66 -24.18
N LYS D 405 -59.92 -109.91 -23.75
CA LYS D 405 -59.53 -111.04 -24.58
C LYS D 405 -60.24 -111.03 -25.92
N ALA D 406 -61.51 -110.61 -25.91
CA ALA D 406 -62.27 -110.52 -27.16
C ALA D 406 -61.63 -109.51 -28.11
N MET D 407 -61.26 -108.33 -27.60
CA MET D 407 -60.64 -107.33 -28.47
C MET D 407 -59.25 -107.78 -28.95
N LEU D 408 -58.47 -108.42 -28.09
CA LEU D 408 -57.18 -108.92 -28.55
C LEU D 408 -57.36 -109.99 -29.64
N ASP D 409 -58.31 -110.90 -29.47
CA ASP D 409 -58.57 -111.90 -30.50
C ASP D 409 -59.04 -111.25 -31.80
N LEU D 410 -59.92 -110.25 -31.70
CA LEU D 410 -60.43 -109.58 -32.89
C LEU D 410 -59.32 -108.84 -33.62
N LEU D 411 -58.45 -108.15 -32.88
CA LEU D 411 -57.33 -107.44 -33.50
C LEU D 411 -56.34 -108.41 -34.13
N ASN D 412 -56.12 -109.56 -33.49
CA ASN D 412 -55.24 -110.56 -34.08
C ASN D 412 -55.80 -111.09 -35.38
N ASN D 413 -57.11 -111.31 -35.45
CA ASN D 413 -57.75 -111.78 -36.67
C ASN D 413 -57.77 -110.70 -37.74
N GLN D 423 -67.65 -101.87 -52.51
CA GLN D 423 -66.86 -102.12 -51.32
C GLN D 423 -66.38 -100.80 -50.70
N ILE D 424 -66.00 -99.86 -51.55
CA ILE D 424 -65.53 -98.56 -51.11
C ILE D 424 -66.68 -97.58 -51.17
N GLU D 425 -66.98 -96.93 -50.05
CA GLU D 425 -68.08 -95.99 -49.93
C GLU D 425 -67.57 -94.56 -49.87
N SER D 426 -68.50 -93.62 -49.94
CA SER D 426 -68.17 -92.20 -49.85
C SER D 426 -69.38 -91.45 -49.31
N LEU D 427 -69.10 -90.35 -48.62
CA LEU D 427 -70.16 -89.53 -48.05
C LEU D 427 -70.97 -88.87 -49.14
N ASN D 428 -72.24 -88.60 -48.85
CA ASN D 428 -73.11 -87.91 -49.78
C ASN D 428 -72.74 -86.43 -49.81
N ILE D 429 -72.11 -86.00 -50.92
CA ILE D 429 -71.67 -84.61 -51.05
C ILE D 429 -72.80 -83.70 -51.52
N ALA D 430 -73.85 -84.24 -52.12
CA ALA D 430 -74.95 -83.45 -52.64
C ALA D 430 -76.01 -83.12 -51.60
N SER D 431 -75.79 -83.53 -50.35
CA SER D 431 -76.71 -83.26 -49.26
C SER D 431 -76.16 -82.13 -48.41
N HIS D 432 -76.95 -81.07 -48.24
CA HIS D 432 -76.48 -79.92 -47.47
C HIS D 432 -76.37 -80.21 -45.98
N ILE D 433 -77.10 -81.18 -45.47
CA ILE D 433 -77.05 -81.49 -44.05
C ILE D 433 -75.67 -82.04 -43.67
N VAL D 434 -75.15 -82.98 -44.45
CA VAL D 434 -73.84 -83.56 -44.17
C VAL D 434 -72.76 -82.50 -44.28
N GLN D 435 -72.83 -81.66 -45.32
CA GLN D 435 -71.83 -80.61 -45.50
C GLN D 435 -71.88 -79.61 -44.34
N SER D 436 -73.09 -79.24 -43.91
CA SER D 436 -73.22 -78.31 -42.79
C SER D 436 -72.66 -78.90 -41.51
N GLU D 437 -72.96 -80.18 -41.25
CA GLU D 437 -72.43 -80.82 -40.04
C GLU D 437 -70.91 -80.88 -40.08
N SER D 438 -70.34 -81.23 -41.25
CA SER D 438 -68.89 -81.32 -41.35
C SER D 438 -68.24 -79.96 -41.16
N VAL D 439 -68.79 -78.92 -41.80
CA VAL D 439 -68.19 -77.60 -41.68
C VAL D 439 -68.33 -77.07 -40.26
N SER D 440 -69.45 -77.39 -39.58
CA SER D 440 -69.60 -76.99 -38.19
C SER D 440 -68.57 -77.67 -37.30
N LEU D 441 -68.36 -78.97 -37.50
CA LEU D 441 -67.38 -79.69 -36.68
C LEU D 441 -65.98 -79.14 -36.89
N ILE D 442 -65.60 -78.92 -38.15
CA ILE D 442 -64.25 -78.45 -38.42
C ILE D 442 -64.07 -77.03 -37.92
N THR D 443 -65.10 -76.19 -38.06
CA THR D 443 -65.02 -74.83 -37.54
C THR D 443 -64.88 -74.83 -36.03
N LYS D 444 -65.59 -75.73 -35.35
CA LYS D 444 -65.42 -75.84 -33.90
C LYS D 444 -64.00 -76.25 -33.54
N ILE D 445 -63.44 -77.20 -34.29
CA ILE D 445 -62.06 -77.64 -34.02
C ILE D 445 -61.08 -76.49 -34.21
N LEU D 446 -61.23 -75.74 -35.30
CA LEU D 446 -60.34 -74.59 -35.52
C LEU D 446 -60.54 -73.51 -34.46
N SER D 447 -61.78 -73.26 -34.04
CA SER D 447 -62.02 -72.28 -33.00
C SER D 447 -61.35 -72.69 -31.69
N ASP D 448 -61.42 -73.98 -31.36
CA ASP D 448 -60.72 -74.47 -30.17
C ASP D 448 -59.22 -74.31 -30.32
N LEU D 449 -58.69 -74.59 -31.51
CA LEU D 449 -57.25 -74.48 -31.73
C LEU D 449 -56.76 -73.04 -31.61
N GLU D 450 -57.54 -72.09 -32.12
CA GLU D 450 -57.15 -70.69 -32.08
C GLU D 450 -57.32 -70.05 -30.72
N LEU D 451 -57.99 -70.71 -29.79
CA LEU D 451 -58.24 -70.13 -28.47
C LEU D 451 -56.94 -69.95 -27.70
N ASN D 452 -56.80 -68.79 -27.05
CA ASN D 452 -55.61 -68.50 -26.28
C ASN D 452 -55.63 -69.23 -24.95
N ILE D 453 -54.43 -69.54 -24.45
CA ILE D 453 -54.25 -70.21 -23.16
C ILE D 453 -53.47 -69.28 -22.25
N THR D 454 -54.00 -69.01 -21.07
CA THR D 454 -53.35 -68.13 -20.11
C THR D 454 -52.13 -68.80 -19.50
N THR D 471 -25.71 -59.97 -33.99
CA THR D 471 -25.74 -59.18 -35.21
C THR D 471 -27.06 -58.44 -35.38
N VAL D 472 -27.11 -57.55 -36.37
CA VAL D 472 -28.32 -56.78 -36.61
C VAL D 472 -29.46 -57.67 -37.10
N LEU D 473 -29.15 -58.84 -37.64
CA LEU D 473 -30.20 -59.77 -38.04
C LEU D 473 -31.03 -60.22 -36.83
N ASP D 474 -30.37 -60.42 -35.69
CA ASP D 474 -31.11 -60.74 -34.48
C ASP D 474 -32.03 -59.61 -34.07
N LYS D 475 -31.56 -58.36 -34.22
CA LYS D 475 -32.40 -57.22 -33.90
C LYS D 475 -33.63 -57.18 -34.80
N PHE D 476 -33.43 -57.40 -36.09
CA PHE D 476 -34.57 -57.41 -37.03
C PHE D 476 -35.53 -58.55 -36.69
N PHE D 477 -34.99 -59.72 -36.34
CA PHE D 477 -35.83 -60.85 -35.99
C PHE D 477 -36.70 -60.52 -34.78
N GLN D 478 -36.09 -60.06 -33.69
CA GLN D 478 -36.86 -59.72 -32.50
C GLN D 478 -37.82 -58.56 -32.76
N ASN D 479 -37.48 -57.69 -33.72
CA ASN D 479 -38.36 -56.56 -34.01
C ASN D 479 -39.61 -57.02 -34.74
N GLU D 480 -39.47 -57.91 -35.73
CA GLU D 480 -40.59 -58.26 -36.59
C GLU D 480 -41.11 -59.67 -36.36
N THR D 481 -40.26 -60.69 -36.54
CA THR D 481 -40.77 -62.06 -36.58
C THR D 481 -41.08 -62.56 -35.18
N GLN D 482 -40.11 -62.51 -34.27
CA GLN D 482 -40.34 -62.92 -32.89
C GLN D 482 -41.48 -62.11 -32.25
N LYS D 483 -41.71 -60.89 -32.72
CA LYS D 483 -42.73 -60.05 -32.12
C LYS D 483 -44.11 -60.35 -32.65
N TYR D 484 -44.24 -60.62 -33.96
CA TYR D 484 -45.56 -60.71 -34.58
C TYR D 484 -45.99 -62.12 -34.96
N LEU D 485 -45.10 -63.11 -34.90
CA LEU D 485 -45.47 -64.49 -35.18
C LEU D 485 -45.32 -65.39 -33.95
N ILE D 486 -44.11 -65.47 -33.39
CA ILE D 486 -43.87 -66.38 -32.27
C ILE D 486 -44.60 -65.90 -31.02
N ASP D 487 -44.55 -64.59 -30.75
CA ASP D 487 -45.23 -64.06 -29.58
C ASP D 487 -46.74 -64.26 -29.68
N VAL D 488 -47.29 -64.08 -30.88
CA VAL D 488 -48.73 -64.27 -31.06
C VAL D 488 -49.11 -65.74 -30.90
N LEU D 489 -48.30 -66.64 -31.47
CA LEU D 489 -48.66 -68.05 -31.46
C LEU D 489 -48.27 -68.77 -30.18
N LYS D 490 -47.47 -68.15 -29.31
CA LYS D 490 -47.03 -68.81 -28.09
C LYS D 490 -48.21 -69.09 -27.16
N LYS D 491 -49.15 -68.15 -27.07
CA LYS D 491 -50.31 -68.31 -26.20
C LYS D 491 -51.42 -69.14 -26.83
N THR D 492 -51.27 -69.54 -28.09
CA THR D 492 -52.29 -70.32 -28.76
C THR D 492 -52.38 -71.73 -28.21
N THR D 493 -53.58 -72.31 -28.27
CA THR D 493 -53.77 -73.69 -27.86
C THR D 493 -52.99 -74.65 -28.76
N ALA D 494 -52.84 -74.29 -30.04
CA ALA D 494 -52.18 -75.17 -30.99
C ALA D 494 -50.73 -75.41 -30.60
N TRP D 495 -50.07 -74.41 -30.01
CA TRP D 495 -48.69 -74.56 -29.58
C TRP D 495 -48.54 -75.70 -28.57
N HIS D 496 -49.35 -75.65 -27.50
CA HIS D 496 -49.27 -76.67 -26.47
C HIS D 496 -49.77 -78.01 -26.97
N ILE D 497 -50.79 -78.00 -27.84
CA ILE D 497 -51.25 -79.26 -28.43
C ILE D 497 -50.14 -79.90 -29.24
N GLY D 498 -49.41 -79.11 -30.03
CA GLY D 498 -48.31 -79.65 -30.80
C GLY D 498 -47.21 -80.19 -29.93
N HIS D 499 -46.89 -79.50 -28.83
CA HIS D 499 -45.87 -80.02 -27.91
C HIS D 499 -46.31 -81.34 -27.29
N LEU D 500 -47.59 -81.44 -26.91
CA LEU D 500 -48.10 -82.69 -26.35
C LEU D 500 -48.03 -83.82 -27.38
N ILE D 501 -48.40 -83.53 -28.63
CA ILE D 501 -48.32 -84.54 -29.68
C ILE D 501 -46.88 -84.95 -29.91
N ARG D 502 -45.95 -84.00 -29.79
CA ARG D 502 -44.53 -84.31 -29.91
C ARG D 502 -44.08 -85.27 -28.83
N ASP D 503 -44.49 -85.03 -27.58
CA ASP D 503 -44.13 -85.96 -26.50
C ASP D 503 -44.74 -87.34 -26.74
N ILE D 504 -45.99 -87.38 -27.18
CA ILE D 504 -46.64 -88.66 -27.47
C ILE D 504 -45.88 -89.41 -28.56
N THR D 505 -45.49 -88.71 -29.62
CA THR D 505 -44.75 -89.34 -30.71
C THR D 505 -43.39 -89.83 -30.23
N GLU D 506 -42.74 -89.07 -29.34
CA GLU D 506 -41.48 -89.53 -28.78
C GLU D 506 -41.65 -90.84 -28.02
N SER D 507 -42.70 -90.93 -27.21
CA SER D 507 -42.96 -92.17 -26.48
C SER D 507 -43.26 -93.32 -27.43
N LEU D 508 -44.06 -93.07 -28.47
CA LEU D 508 -44.40 -94.12 -29.43
C LEU D 508 -43.17 -94.60 -30.18
N ILE D 509 -42.28 -93.68 -30.55
CA ILE D 509 -41.04 -94.05 -31.21
C ILE D 509 -40.15 -94.86 -30.28
N ALA D 510 -40.11 -94.48 -29.00
CA ALA D 510 -39.34 -95.25 -28.02
C ALA D 510 -39.87 -96.67 -27.91
N HIS D 511 -41.20 -96.83 -27.93
CA HIS D 511 -41.77 -98.17 -27.87
C HIS D 511 -41.58 -98.94 -29.17
N SER D 512 -41.24 -98.27 -30.27
CA SER D 512 -41.19 -98.92 -31.57
C SER D 512 -39.99 -99.84 -31.75
N GLY D 513 -39.14 -100.01 -30.73
CA GLY D 513 -37.99 -100.87 -30.87
C GLY D 513 -38.38 -102.33 -31.01
N LEU D 514 -37.46 -103.11 -31.57
CA LEU D 514 -37.73 -104.53 -31.80
C LEU D 514 -37.93 -105.27 -30.48
N LYS D 515 -37.11 -104.94 -29.48
CA LYS D 515 -37.28 -105.54 -28.16
C LYS D 515 -38.58 -105.08 -27.49
N ARG D 516 -38.87 -103.79 -27.58
CA ARG D 516 -39.98 -103.20 -26.82
C ARG D 516 -41.32 -103.29 -27.53
N SER D 517 -41.36 -103.77 -28.78
CA SER D 517 -42.60 -103.72 -29.55
C SER D 517 -43.64 -104.69 -29.04
N LYS D 518 -43.24 -105.91 -28.70
CA LYS D 518 -44.21 -106.95 -28.36
C LYS D 518 -44.61 -106.97 -26.89
N TYR D 519 -44.36 -105.88 -26.15
CA TYR D 519 -44.76 -105.77 -24.76
C TYR D 519 -45.68 -104.58 -24.57
N TRP D 520 -46.52 -104.65 -23.54
CA TRP D 520 -47.42 -103.56 -23.23
C TRP D 520 -46.64 -102.38 -22.65
N SER D 521 -47.31 -101.23 -22.59
CA SER D 521 -46.71 -100.03 -22.01
C SER D 521 -47.79 -99.06 -21.57
N LEU D 522 -47.38 -98.08 -20.78
CA LEU D 522 -48.29 -97.07 -20.27
C LEU D 522 -47.52 -95.78 -19.98
N HIS D 523 -48.10 -94.66 -20.39
CA HIS D 523 -47.54 -93.34 -20.12
C HIS D 523 -48.68 -92.34 -19.93
N SER D 524 -48.38 -91.25 -19.23
CA SER D 524 -49.35 -90.19 -18.99
C SER D 524 -48.66 -88.84 -19.06
N TYR D 525 -49.43 -87.81 -19.39
CA TYR D 525 -48.89 -86.47 -19.59
C TYR D 525 -49.88 -85.43 -19.08
N ASN D 526 -49.34 -84.23 -18.83
CA ASN D 526 -50.15 -83.06 -18.45
C ASN D 526 -50.95 -83.31 -17.18
N ASN D 527 -50.23 -83.54 -16.08
CA ASN D 527 -50.81 -83.73 -14.76
C ASN D 527 -51.80 -84.89 -14.74
N GLY D 528 -51.54 -85.93 -15.52
CA GLY D 528 -52.41 -87.07 -15.59
C GLY D 528 -53.67 -86.88 -16.40
N ASN D 529 -53.81 -85.75 -17.10
CA ASN D 529 -55.01 -85.51 -17.88
C ASN D 529 -55.04 -86.38 -19.14
N VAL D 530 -53.91 -86.48 -19.83
CA VAL D 530 -53.80 -87.28 -21.06
C VAL D 530 -53.01 -88.53 -20.73
N ILE D 531 -53.56 -89.68 -21.11
CA ILE D 531 -52.97 -90.98 -20.81
C ILE D 531 -52.71 -91.70 -22.11
N LEU D 532 -51.54 -92.34 -22.21
CA LEU D 532 -51.10 -93.03 -23.42
C LEU D 532 -50.98 -94.52 -23.12
N PHE D 533 -51.71 -95.33 -23.90
CA PHE D 533 -51.68 -96.77 -23.76
C PHE D 533 -51.08 -97.37 -25.03
N ILE D 534 -50.23 -98.37 -24.87
CA ILE D 534 -49.57 -99.03 -25.99
C ILE D 534 -49.88 -100.52 -25.93
N LEU D 535 -50.48 -101.03 -26.99
CA LEU D 535 -50.71 -102.45 -27.16
C LEU D 535 -49.49 -103.11 -27.81
N PRO D 536 -49.32 -104.43 -27.65
CA PRO D 536 -48.19 -105.10 -28.32
C PRO D 536 -48.34 -105.11 -29.82
N SER D 537 -47.47 -104.40 -30.51
CA SER D 537 -47.54 -104.26 -31.97
C SER D 537 -46.24 -104.74 -32.59
N LYS D 538 -46.33 -105.10 -33.88
CA LYS D 538 -45.15 -105.53 -34.61
C LYS D 538 -44.17 -104.36 -34.76
N SER D 539 -42.89 -104.67 -34.62
CA SER D 539 -41.86 -103.63 -34.63
C SER D 539 -41.74 -103.01 -36.01
N LEU D 540 -41.19 -101.79 -36.04
CA LEU D 540 -41.16 -100.98 -37.26
C LEU D 540 -39.92 -101.22 -38.12
N GLU D 541 -39.06 -102.18 -37.75
CA GLU D 541 -37.92 -102.49 -38.61
C GLU D 541 -38.38 -103.08 -39.94
N VAL D 542 -39.37 -103.96 -39.91
CA VAL D 542 -39.87 -104.60 -41.12
C VAL D 542 -41.02 -103.76 -41.69
N ALA D 543 -41.12 -103.72 -43.00
CA ALA D 543 -42.12 -102.91 -43.66
C ALA D 543 -43.53 -103.47 -43.41
N GLY D 544 -44.53 -102.63 -43.63
CA GLY D 544 -45.90 -103.02 -43.40
C GLY D 544 -46.22 -103.32 -41.95
N SER D 545 -45.67 -102.52 -41.03
CA SER D 545 -45.87 -102.71 -39.61
C SER D 545 -46.52 -101.47 -39.01
N PHE D 546 -47.51 -101.69 -38.15
CA PHE D 546 -48.25 -100.61 -37.52
C PHE D 546 -48.15 -100.75 -36.01
N ILE D 547 -48.00 -99.63 -35.32
CA ILE D 547 -47.98 -99.60 -33.86
C ILE D 547 -49.37 -99.21 -33.36
N ARG D 548 -49.89 -100.01 -32.43
CA ARG D 548 -51.25 -99.83 -31.92
C ARG D 548 -51.20 -99.13 -30.57
N PHE D 549 -52.04 -98.11 -30.41
CA PHE D 549 -52.09 -97.36 -29.17
C PHE D 549 -53.50 -96.84 -28.93
N ILE D 550 -53.79 -96.56 -27.67
CA ILE D 550 -55.07 -96.01 -27.23
C ILE D 550 -54.78 -94.82 -26.35
N THR D 551 -55.64 -93.80 -26.42
CA THR D 551 -55.48 -92.59 -25.60
C THR D 551 -56.75 -92.31 -24.81
N VAL D 552 -56.54 -91.82 -23.59
CA VAL D 552 -57.63 -91.35 -22.72
C VAL D 552 -57.31 -89.93 -22.28
N PHE D 553 -58.29 -89.05 -22.36
CA PHE D 553 -58.08 -87.64 -22.07
C PHE D 553 -59.34 -87.08 -21.41
N ARG D 554 -59.21 -85.87 -20.87
CA ARG D 554 -60.35 -85.15 -20.34
C ARG D 554 -60.98 -84.31 -21.45
N ILE D 555 -62.31 -84.22 -21.43
CA ILE D 555 -63.02 -83.48 -22.47
C ILE D 555 -62.77 -81.99 -22.29
N GLY D 556 -62.41 -81.33 -23.38
CA GLY D 556 -62.16 -79.91 -23.37
C GLY D 556 -61.79 -79.39 -24.74
N PRO D 557 -61.51 -78.09 -24.84
CA PRO D 557 -61.06 -77.53 -26.12
C PRO D 557 -59.80 -78.21 -26.61
N GLY D 558 -59.72 -78.40 -27.92
CA GLY D 558 -58.57 -79.00 -28.54
C GLY D 558 -59.00 -79.91 -29.67
N LEU D 559 -58.10 -80.82 -30.05
CA LEU D 559 -58.37 -81.77 -31.13
C LEU D 559 -59.25 -82.88 -30.58
N VAL D 560 -60.55 -82.58 -30.47
CA VAL D 560 -61.54 -83.49 -29.91
C VAL D 560 -62.63 -83.72 -30.94
N ASP D 561 -62.94 -84.98 -31.20
CA ASP D 561 -64.06 -85.36 -32.06
C ASP D 561 -64.92 -86.39 -31.32
N LYS D 562 -66.09 -85.95 -30.87
CA LYS D 562 -66.97 -86.84 -30.11
C LYS D 562 -67.45 -88.01 -30.95
N ASP D 563 -67.80 -87.76 -32.20
CA ASP D 563 -68.34 -88.81 -33.05
C ASP D 563 -67.33 -89.93 -33.28
N ASN D 564 -66.07 -89.58 -33.52
CA ASN D 564 -65.05 -90.57 -33.78
C ASN D 564 -64.49 -91.20 -32.51
N LEU D 565 -64.80 -90.63 -31.33
CA LEU D 565 -64.36 -91.23 -30.08
C LEU D 565 -65.07 -92.56 -29.86
N ASP D 566 -64.38 -93.50 -29.24
CA ASP D 566 -64.97 -94.83 -29.01
C ASP D 566 -66.15 -94.73 -28.06
N THR D 567 -65.95 -94.10 -26.90
CA THR D 567 -67.04 -93.90 -25.94
C THR D 567 -66.65 -92.78 -24.98
N ILE D 568 -67.64 -92.31 -24.24
CA ILE D 568 -67.46 -91.27 -23.23
C ILE D 568 -67.85 -91.84 -21.88
N LEU D 569 -67.00 -91.61 -20.89
CA LEU D 569 -67.23 -92.07 -19.52
C LEU D 569 -67.58 -90.90 -18.63
N ILE D 570 -68.55 -91.09 -17.74
CA ILE D 570 -69.04 -90.02 -16.87
C ILE D 570 -68.40 -90.18 -15.50
N ASP D 571 -67.69 -89.16 -15.06
CA ASP D 571 -67.10 -89.09 -13.73
C ASP D 571 -67.82 -88.02 -12.92
N GLY D 572 -67.35 -87.79 -11.70
CA GLY D 572 -67.94 -86.76 -10.87
C GLY D 572 -67.68 -85.37 -11.42
N ASP D 573 -68.72 -84.76 -11.98
CA ASP D 573 -68.64 -83.43 -12.60
C ASP D 573 -67.52 -83.37 -13.64
N SER D 574 -67.34 -84.47 -14.37
CA SER D 574 -66.29 -84.54 -15.37
C SER D 574 -66.65 -85.61 -16.38
N GLN D 575 -65.99 -85.55 -17.55
CA GLN D 575 -66.19 -86.49 -18.62
C GLN D 575 -64.84 -86.99 -19.10
N TRP D 576 -64.71 -88.30 -19.26
CA TRP D 576 -63.48 -88.93 -19.73
C TRP D 576 -63.77 -89.72 -20.99
N GLY D 577 -62.98 -89.49 -22.03
CA GLY D 577 -63.18 -90.13 -23.32
C GLY D 577 -62.00 -91.02 -23.68
N VAL D 578 -62.30 -92.08 -24.42
CA VAL D 578 -61.29 -93.03 -24.88
C VAL D 578 -61.46 -93.22 -26.38
N SER D 579 -60.35 -93.30 -27.10
CA SER D 579 -60.37 -93.54 -28.53
C SER D 579 -60.21 -95.02 -28.84
N LYS D 580 -60.51 -95.39 -30.09
CA LYS D 580 -60.40 -96.77 -30.52
C LYS D 580 -58.94 -97.15 -30.71
N VAL D 581 -58.72 -98.40 -31.12
CA VAL D 581 -57.36 -98.82 -31.50
C VAL D 581 -56.95 -98.03 -32.74
N MET D 582 -55.72 -97.53 -32.73
CA MET D 582 -55.29 -96.53 -33.69
C MET D 582 -53.89 -96.91 -34.19
N SER D 583 -53.84 -97.66 -35.29
CA SER D 583 -52.59 -98.16 -35.83
C SER D 583 -52.01 -97.16 -36.81
N ILE D 584 -50.73 -96.80 -36.60
CA ILE D 584 -50.07 -95.79 -37.41
C ILE D 584 -48.76 -96.38 -37.93
N ASP D 585 -48.30 -95.83 -39.05
CA ASP D 585 -47.07 -96.28 -39.68
C ASP D 585 -45.89 -95.42 -39.23
N LEU D 586 -44.69 -95.88 -39.58
CA LEU D 586 -43.48 -95.15 -39.19
C LEU D 586 -43.41 -93.77 -39.84
N ASN D 587 -43.74 -93.69 -41.13
CA ASN D 587 -43.66 -92.42 -41.83
C ASN D 587 -44.65 -91.41 -41.27
N ARG D 588 -45.89 -91.85 -41.03
CA ARG D 588 -46.89 -90.95 -40.47
C ARG D 588 -46.57 -90.58 -39.03
N LEU D 589 -45.97 -91.51 -38.28
CA LEU D 589 -45.51 -91.18 -36.93
C LEU D 589 -44.43 -90.09 -36.96
N LEU D 590 -43.46 -90.22 -37.86
CA LEU D 590 -42.42 -89.19 -37.98
C LEU D 590 -43.01 -87.87 -38.42
N ALA D 591 -44.00 -87.91 -39.31
CA ALA D 591 -44.68 -86.68 -39.72
C ALA D 591 -45.38 -86.02 -38.54
N LEU D 592 -46.05 -86.81 -37.69
CA LEU D 592 -46.68 -86.24 -36.50
C LEU D 592 -45.66 -85.68 -35.51
N ASN D 593 -44.50 -86.33 -35.39
CA ASN D 593 -43.50 -85.85 -34.44
C ASN D 593 -43.04 -84.44 -34.76
N ILE D 594 -43.04 -84.07 -36.04
CA ILE D 594 -42.63 -82.75 -36.47
C ILE D 594 -43.83 -81.91 -36.91
N ALA D 595 -45.03 -82.24 -36.43
CA ALA D 595 -46.23 -81.54 -36.86
C ALA D 595 -46.17 -80.07 -36.47
N PHE D 596 -45.76 -79.79 -35.22
CA PHE D 596 -45.71 -78.41 -34.76
C PHE D 596 -44.67 -77.61 -35.52
N GLU D 597 -43.49 -78.19 -35.76
CA GLU D 597 -42.44 -77.49 -36.48
C GLU D 597 -42.83 -77.24 -37.93
N LYS D 598 -43.44 -78.24 -38.58
CA LYS D 598 -43.91 -78.06 -39.94
C LYS D 598 -44.98 -76.97 -40.01
N ALA D 599 -45.91 -76.97 -39.05
CA ALA D 599 -46.93 -75.93 -39.02
C ALA D 599 -46.32 -74.55 -38.82
N LEU D 600 -45.33 -74.45 -37.94
CA LEU D 600 -44.68 -73.17 -37.71
C LEU D 600 -43.93 -72.68 -38.95
N ILE D 601 -43.25 -73.58 -39.65
CA ILE D 601 -42.52 -73.18 -40.86
C ILE D 601 -43.50 -72.77 -41.95
N ALA D 602 -44.59 -73.50 -42.10
CA ALA D 602 -45.60 -73.12 -43.09
C ALA D 602 -46.22 -71.77 -42.76
N THR D 603 -46.50 -71.51 -41.47
CA THR D 603 -47.04 -70.22 -41.08
C THR D 603 -46.03 -69.10 -41.29
N ALA D 604 -44.74 -69.37 -41.06
CA ALA D 604 -43.72 -68.37 -41.32
C ALA D 604 -43.62 -68.06 -42.81
N THR D 605 -43.70 -69.09 -43.66
CA THR D 605 -43.70 -68.87 -45.10
C THR D 605 -44.92 -68.04 -45.52
N TRP D 606 -46.09 -68.37 -44.97
CA TRP D 606 -47.29 -67.60 -45.28
C TRP D 606 -47.17 -66.16 -44.79
N PHE D 607 -46.56 -65.96 -43.62
CA PHE D 607 -46.36 -64.63 -43.07
C PHE D 607 -45.42 -63.81 -43.94
N GLN D 608 -44.33 -64.42 -44.40
CA GLN D 608 -43.42 -63.72 -45.30
C GLN D 608 -44.11 -63.36 -46.62
N TYR D 609 -44.88 -64.29 -47.17
CA TYR D 609 -45.59 -64.02 -48.42
C TYR D 609 -46.63 -62.92 -48.24
N TYR D 610 -47.34 -62.93 -47.11
CA TYR D 610 -48.29 -61.86 -46.83
C TYR D 610 -47.59 -60.51 -46.72
N THR D 611 -46.43 -60.48 -46.05
CA THR D 611 -45.69 -59.22 -45.93
C THR D 611 -45.23 -58.74 -47.29
N GLU D 612 -44.75 -59.66 -48.14
CA GLU D 612 -44.32 -59.27 -49.47
C GLU D 612 -45.49 -58.76 -50.31
N ASP D 613 -46.66 -59.36 -50.16
CA ASP D 613 -47.79 -58.99 -51.00
C ASP D 613 -48.42 -57.67 -50.53
N GLN D 614 -48.92 -57.65 -49.30
CA GLN D 614 -49.63 -56.48 -48.80
C GLN D 614 -48.71 -55.35 -48.38
N GLY D 615 -47.42 -55.61 -48.18
CA GLY D 615 -46.49 -54.58 -47.78
C GLY D 615 -46.54 -54.19 -46.32
N GLN D 616 -47.38 -54.85 -45.52
CA GLN D 616 -47.50 -54.53 -44.11
C GLN D 616 -47.54 -55.85 -43.33
N PHE D 617 -47.93 -55.77 -42.07
CA PHE D 617 -47.87 -56.95 -41.24
C PHE D 617 -49.27 -57.52 -41.00
N PRO D 618 -49.39 -58.83 -40.85
CA PRO D 618 -50.71 -59.42 -40.62
C PRO D 618 -51.21 -59.18 -39.20
N LEU D 619 -52.54 -59.22 -39.07
CA LEU D 619 -53.17 -59.14 -37.76
C LEU D 619 -52.96 -60.46 -37.01
N GLN D 620 -53.24 -60.42 -35.71
CA GLN D 620 -53.03 -61.60 -34.89
C GLN D 620 -54.18 -62.60 -35.00
N TYR D 621 -55.28 -62.24 -35.66
CA TYR D 621 -56.34 -63.19 -35.92
C TYR D 621 -56.05 -64.06 -37.14
N ALA D 622 -55.58 -63.43 -38.23
CA ALA D 622 -55.24 -64.18 -39.42
C ALA D 622 -54.09 -65.14 -39.16
N ILE D 623 -53.10 -64.70 -38.38
CA ILE D 623 -51.98 -65.57 -38.05
C ILE D 623 -52.47 -66.79 -37.28
N ARG D 624 -53.35 -66.59 -36.30
CA ARG D 624 -53.89 -67.71 -35.55
C ARG D 624 -54.68 -68.65 -36.45
N SER D 625 -55.50 -68.09 -37.35
CA SER D 625 -56.30 -68.93 -38.23
C SER D 625 -55.43 -69.77 -39.15
N VAL D 626 -54.42 -69.16 -39.77
CA VAL D 626 -53.57 -69.90 -40.69
C VAL D 626 -52.73 -70.92 -39.94
N PHE D 627 -52.28 -70.58 -38.72
CA PHE D 627 -51.54 -71.56 -37.93
C PHE D 627 -52.41 -72.76 -37.58
N ALA D 628 -53.66 -72.51 -37.20
CA ALA D 628 -54.57 -73.61 -36.89
C ALA D 628 -54.81 -74.47 -38.13
N ASN D 629 -55.01 -73.84 -39.29
CA ASN D 629 -55.25 -74.60 -40.52
C ASN D 629 -54.05 -75.46 -40.86
N HIS D 630 -52.85 -74.88 -40.82
CA HIS D 630 -51.64 -75.64 -41.14
C HIS D 630 -51.41 -76.76 -40.13
N PHE D 631 -51.67 -76.50 -38.85
CA PHE D 631 -51.50 -77.54 -37.84
C PHE D 631 -52.48 -78.68 -38.05
N LEU D 632 -53.74 -78.38 -38.35
CA LEU D 632 -54.72 -79.44 -38.60
C LEU D 632 -54.36 -80.22 -39.84
N LEU D 633 -53.84 -79.55 -40.86
CA LEU D 633 -53.38 -80.27 -42.06
C LEU D 633 -52.21 -81.18 -41.73
N ALA D 634 -51.29 -80.72 -40.88
CA ALA D 634 -50.12 -81.53 -40.54
C ALA D 634 -50.51 -82.74 -39.71
N ILE D 635 -51.45 -82.58 -38.78
CA ILE D 635 -51.88 -83.70 -37.95
C ILE D 635 -52.52 -84.79 -38.80
N CYS D 636 -53.39 -84.40 -39.72
CA CYS D 636 -54.16 -85.34 -40.52
C CYS D 636 -53.51 -85.47 -41.89
N GLN D 637 -52.69 -86.51 -42.05
CA GLN D 637 -51.98 -86.78 -43.30
C GLN D 637 -52.75 -87.85 -44.06
N LYS D 638 -53.36 -87.45 -45.18
CA LYS D 638 -54.11 -88.36 -46.03
C LYS D 638 -53.82 -88.07 -47.49
N MET D 639 -53.91 -89.10 -48.32
CA MET D 639 -53.63 -88.94 -49.75
C MET D 639 -54.70 -88.10 -50.43
N LYS D 640 -55.96 -88.20 -49.97
CA LYS D 640 -57.03 -87.44 -50.60
C LYS D 640 -56.79 -85.93 -50.48
N LEU D 641 -56.39 -85.48 -49.29
CA LEU D 641 -56.12 -84.05 -49.11
C LEU D 641 -54.93 -83.61 -49.96
N CYS D 642 -53.90 -84.45 -50.04
CA CYS D 642 -52.73 -84.12 -50.85
C CYS D 642 -53.11 -83.97 -52.32
N ALA D 643 -53.92 -84.90 -52.83
CA ALA D 643 -54.35 -84.81 -54.22
C ALA D 643 -55.23 -83.58 -54.44
N ILE D 644 -56.11 -83.28 -53.48
CA ILE D 644 -56.98 -82.11 -53.60
C ILE D 644 -56.16 -80.84 -53.68
N PHE D 645 -55.15 -80.71 -52.83
CA PHE D 645 -54.32 -79.50 -52.87
C PHE D 645 -53.44 -79.46 -54.12
N ASP D 646 -52.96 -80.62 -54.58
CA ASP D 646 -52.22 -80.65 -55.83
C ASP D 646 -53.06 -80.16 -57.00
N ASN D 647 -54.32 -80.57 -57.05
CA ASN D 647 -55.21 -80.05 -58.08
C ASN D 647 -55.46 -78.55 -57.89
N LEU D 648 -55.74 -78.13 -56.66
CA LEU D 648 -56.03 -76.72 -56.41
C LEU D 648 -54.85 -75.84 -56.81
N ARG D 649 -53.64 -76.40 -56.77
CA ARG D 649 -52.47 -75.67 -57.26
C ARG D 649 -52.62 -75.25 -58.71
N TYR D 650 -53.39 -76.02 -59.51
CA TYR D 650 -53.55 -75.75 -60.92
C TYR D 650 -54.91 -75.18 -61.31
N LEU D 651 -55.95 -75.45 -60.52
CA LEU D 651 -57.27 -74.90 -60.85
C LEU D 651 -57.31 -73.38 -60.76
N ILE D 652 -56.56 -72.77 -59.83
CA ILE D 652 -56.60 -71.32 -59.69
C ILE D 652 -56.15 -70.60 -60.96
N PRO D 653 -55.03 -70.98 -61.60
CA PRO D 653 -54.75 -70.43 -62.93
C PRO D 653 -55.88 -70.67 -63.92
N ALA D 654 -56.55 -71.83 -63.84
CA ALA D 654 -57.58 -72.16 -64.80
C ALA D 654 -58.76 -71.18 -64.72
N VAL D 655 -59.18 -70.83 -63.51
CA VAL D 655 -60.27 -69.87 -63.34
C VAL D 655 -59.80 -68.43 -63.39
N THR D 656 -58.49 -68.19 -63.25
CA THR D 656 -57.96 -66.84 -63.40
C THR D 656 -57.89 -66.40 -64.85
N SER D 657 -57.61 -67.34 -65.76
CA SER D 657 -57.44 -67.02 -67.17
C SER D 657 -58.81 -66.85 -67.84
N LEU D 658 -58.80 -66.72 -69.16
CA LEU D 658 -60.03 -66.53 -69.93
C LEU D 658 -60.63 -67.86 -70.38
N TYR D 659 -59.85 -68.64 -71.15
CA TYR D 659 -60.24 -69.97 -71.58
C TYR D 659 -59.29 -70.98 -70.96
N SER D 660 -59.84 -72.03 -70.36
CA SER D 660 -59.01 -73.04 -69.72
C SER D 660 -59.80 -74.34 -69.60
N GLY D 661 -59.08 -75.42 -69.33
CA GLY D 661 -59.70 -76.72 -69.18
C GLY D 661 -60.11 -77.01 -67.76
N PHE D 662 -60.87 -76.09 -67.15
CA PHE D 662 -61.28 -76.27 -65.77
C PHE D 662 -62.17 -77.50 -65.52
N PRO D 663 -63.14 -77.86 -66.37
CA PRO D 663 -64.02 -78.98 -66.01
C PRO D 663 -63.26 -80.27 -65.76
N SER D 664 -62.26 -80.58 -66.59
CA SER D 664 -61.48 -81.79 -66.38
C SER D 664 -60.76 -81.75 -65.04
N LEU D 665 -60.27 -80.58 -64.64
CA LEU D 665 -59.73 -80.43 -63.30
C LEU D 665 -60.79 -80.68 -62.23
N ILE D 666 -62.05 -80.34 -62.51
CA ILE D 666 -63.10 -80.63 -61.54
C ILE D 666 -63.30 -82.13 -61.40
N GLU D 667 -63.34 -82.88 -62.50
CA GLU D 667 -63.39 -84.34 -62.34
C GLU D 667 -62.13 -84.87 -61.66
N LYS D 668 -60.98 -84.23 -61.86
CA LYS D 668 -59.78 -84.65 -61.16
C LYS D 668 -59.94 -84.48 -59.66
N LEU D 669 -60.58 -83.38 -59.24
CA LEU D 669 -60.92 -83.23 -57.83
C LEU D 669 -61.86 -84.33 -57.37
N PHE D 670 -62.84 -84.68 -58.19
CA PHE D 670 -63.87 -85.61 -57.73
C PHE D 670 -63.52 -87.07 -57.99
N GLU D 671 -62.31 -87.38 -58.46
CA GLU D 671 -61.99 -88.76 -58.80
C GLU D 671 -61.98 -89.66 -57.57
N ARG D 672 -61.54 -89.12 -56.40
CA ARG D 672 -61.40 -90.00 -55.25
C ARG D 672 -62.61 -89.87 -54.31
N PRO D 673 -62.94 -90.93 -53.57
CA PRO D 673 -64.06 -90.86 -52.64
C PRO D 673 -63.75 -90.00 -51.42
N PHE D 674 -64.81 -89.62 -50.72
CA PHE D 674 -64.72 -88.82 -49.51
C PHE D 674 -64.97 -89.70 -48.30
N LYS D 675 -64.14 -89.58 -47.28
CA LYS D 675 -64.22 -90.41 -46.09
C LYS D 675 -64.41 -89.63 -44.81
N SER D 676 -63.74 -88.49 -44.66
CA SER D 676 -63.74 -87.75 -43.41
C SER D 676 -64.41 -86.38 -43.60
N SER D 677 -64.59 -85.69 -42.47
CA SER D 677 -65.20 -84.37 -42.49
C SER D 677 -64.24 -83.29 -42.97
N LEU D 678 -62.93 -83.49 -42.78
CA LEU D 678 -61.97 -82.53 -43.32
C LEU D 678 -62.07 -82.43 -44.83
N GLU D 679 -62.24 -83.56 -45.51
CA GLU D 679 -62.35 -83.54 -46.96
C GLU D 679 -63.58 -82.75 -47.40
N VAL D 680 -64.71 -82.93 -46.71
CA VAL D 680 -65.91 -82.16 -47.02
C VAL D 680 -65.67 -80.69 -46.78
N TYR D 681 -65.04 -80.34 -45.66
CA TYR D 681 -64.78 -78.94 -45.33
C TYR D 681 -63.89 -78.28 -46.38
N ILE D 682 -62.81 -78.98 -46.76
CA ILE D 682 -61.88 -78.45 -47.74
C ILE D 682 -62.54 -78.33 -49.11
N TYR D 683 -63.38 -79.31 -49.47
CA TYR D 683 -64.10 -79.20 -50.74
C TYR D 683 -65.04 -78.01 -50.73
N TYR D 684 -65.73 -77.77 -49.61
CA TYR D 684 -66.62 -76.62 -49.53
C TYR D 684 -65.85 -75.31 -49.67
N ASN D 685 -64.73 -75.20 -48.96
CA ASN D 685 -63.93 -73.99 -49.06
C ASN D 685 -63.39 -73.78 -50.47
N ILE D 686 -62.94 -74.86 -51.12
CA ILE D 686 -62.41 -74.77 -52.48
C ILE D 686 -63.50 -74.37 -53.45
N LYS D 687 -64.71 -74.94 -53.30
CA LYS D 687 -65.81 -74.57 -54.16
C LYS D 687 -66.15 -73.09 -54.01
N SER D 688 -66.21 -72.61 -52.78
CA SER D 688 -66.50 -71.19 -52.56
C SER D 688 -65.43 -70.32 -53.19
N LEU D 689 -64.16 -70.67 -52.98
CA LEU D 689 -63.06 -69.87 -53.52
C LEU D 689 -63.08 -69.84 -55.04
N LEU D 690 -63.30 -70.99 -55.68
CA LEU D 690 -63.30 -71.06 -57.13
C LEU D 690 -64.49 -70.30 -57.72
N VAL D 691 -65.67 -70.43 -57.11
CA VAL D 691 -66.82 -69.69 -57.61
C VAL D 691 -66.56 -68.19 -57.48
N ALA D 692 -65.98 -67.76 -56.35
CA ALA D 692 -65.68 -66.33 -56.19
C ALA D 692 -64.69 -65.85 -57.24
N LEU D 693 -63.63 -66.63 -57.47
CA LEU D 693 -62.63 -66.23 -58.46
C LEU D 693 -63.22 -66.16 -59.86
N ALA D 694 -64.12 -67.09 -60.20
CA ALA D 694 -64.75 -67.05 -61.50
C ALA D 694 -65.71 -65.88 -61.63
N GLN D 695 -66.47 -65.57 -60.57
CA GLN D 695 -67.33 -64.40 -60.58
C GLN D 695 -66.54 -63.12 -60.75
N ASN D 696 -65.32 -63.08 -60.21
CA ASN D 696 -64.51 -61.87 -60.33
C ASN D 696 -64.18 -61.53 -61.77
N ASN D 697 -64.12 -62.56 -62.65
CA ASN D 697 -63.61 -62.38 -64.00
C ASN D 697 -64.60 -61.67 -64.93
N LYS D 698 -65.83 -61.42 -64.48
CA LYS D 698 -66.90 -60.85 -65.31
C LYS D 698 -66.44 -59.66 -66.15
N ALA D 699 -65.94 -58.61 -65.51
CA ALA D 699 -65.58 -57.40 -66.22
C ALA D 699 -64.09 -57.42 -66.59
N ARG D 700 -63.81 -57.24 -67.87
CA ARG D 700 -62.43 -57.18 -68.38
C ARG D 700 -62.28 -55.87 -69.16
N PHE D 701 -61.61 -54.90 -68.54
CA PHE D 701 -61.40 -53.61 -69.17
C PHE D 701 -60.02 -53.53 -69.79
N TYR D 702 -59.94 -52.95 -70.98
CA TYR D 702 -58.68 -52.74 -71.66
C TYR D 702 -58.02 -51.47 -71.11
N SER D 703 -56.71 -51.35 -71.31
CA SER D 703 -55.97 -50.20 -70.79
C SER D 703 -54.70 -49.96 -71.59
N LYS D 704 -53.80 -49.12 -71.08
CA LYS D 704 -52.54 -48.86 -71.76
C LYS D 704 -51.49 -48.54 -70.69
N VAL D 705 -50.70 -49.55 -70.33
CA VAL D 705 -49.63 -49.40 -69.34
C VAL D 705 -48.36 -50.05 -69.89
N LYS D 706 -47.24 -49.72 -69.27
CA LYS D 706 -45.94 -50.17 -69.76
C LYS D 706 -45.67 -51.61 -69.37
N LEU D 707 -45.30 -52.42 -70.36
CA LEU D 707 -44.78 -53.77 -70.15
C LEU D 707 -43.45 -53.88 -70.87
N LEU D 708 -42.41 -54.31 -70.14
CA LEU D 708 -41.04 -54.33 -70.64
C LEU D 708 -40.68 -52.90 -71.03
N GLY D 709 -40.37 -52.61 -72.29
CA GLY D 709 -40.07 -51.26 -72.72
C GLY D 709 -41.10 -50.60 -73.60
N LEU D 710 -42.26 -51.22 -73.81
CA LEU D 710 -43.31 -50.67 -74.67
C LEU D 710 -44.64 -50.71 -73.93
N THR D 711 -45.38 -49.60 -74.00
CA THR D 711 -46.71 -49.56 -73.42
C THR D 711 -47.70 -50.30 -74.31
N VAL D 712 -48.42 -51.25 -73.72
CA VAL D 712 -49.35 -52.08 -74.48
C VAL D 712 -50.66 -52.24 -73.72
N ASP D 713 -51.63 -52.89 -74.36
CA ASP D 713 -52.95 -53.10 -73.80
C ASP D 713 -52.92 -54.22 -72.76
N GLN D 714 -53.92 -54.23 -71.89
CA GLN D 714 -54.08 -55.31 -70.92
C GLN D 714 -55.56 -55.57 -70.65
N SER D 715 -55.95 -56.84 -70.62
CA SER D 715 -57.34 -57.20 -70.37
C SER D 715 -57.58 -57.49 -68.90
N THR D 716 -56.83 -56.80 -68.04
CA THR D 716 -56.86 -57.02 -66.60
C THR D 716 -58.27 -56.94 -66.05
N VAL D 717 -58.63 -57.92 -65.22
CA VAL D 717 -59.94 -57.98 -64.60
C VAL D 717 -60.16 -56.76 -63.70
N GLY D 721 -61.18 -56.85 -58.36
CA GLY D 721 -59.75 -56.89 -58.60
C GLY D 721 -58.96 -57.48 -57.44
N VAL D 722 -59.68 -57.98 -56.44
CA VAL D 722 -59.05 -58.58 -55.28
C VAL D 722 -59.22 -60.09 -55.34
N TYR D 723 -58.28 -60.81 -54.72
CA TYR D 723 -58.27 -62.25 -54.71
C TYR D 723 -58.54 -62.76 -53.29
N PRO D 724 -59.66 -63.44 -53.06
CA PRO D 724 -59.93 -63.95 -51.71
C PRO D 724 -58.94 -65.02 -51.29
N SER D 725 -58.68 -65.08 -49.99
CA SER D 725 -57.76 -66.06 -49.43
C SER D 725 -58.47 -67.38 -49.15
N PHE D 726 -57.69 -68.35 -48.66
CA PHE D 726 -58.19 -69.68 -48.37
C PHE D 726 -58.30 -69.96 -46.88
N MET D 727 -57.23 -69.73 -46.11
CA MET D 727 -57.22 -70.01 -44.68
C MET D 727 -57.58 -68.81 -43.81
N SER D 728 -57.86 -67.65 -44.40
CA SER D 728 -58.21 -66.46 -43.65
C SER D 728 -59.11 -65.58 -44.50
N ARG D 729 -59.63 -64.52 -43.89
CA ARG D 729 -60.57 -63.62 -44.56
C ARG D 729 -59.87 -62.49 -45.29
N ILE D 730 -58.54 -62.46 -45.29
CA ILE D 730 -57.77 -61.40 -45.95
C ILE D 730 -57.99 -61.49 -47.46
N VAL D 731 -57.64 -60.42 -48.17
CA VAL D 731 -57.73 -60.37 -49.62
C VAL D 731 -56.36 -60.03 -50.18
N TYR D 732 -55.96 -60.75 -51.22
CA TYR D 732 -54.62 -60.61 -51.79
C TYR D 732 -54.64 -59.63 -52.96
N LYS D 733 -53.48 -59.04 -53.23
CA LYS D 733 -53.31 -58.14 -54.36
C LYS D 733 -52.95 -58.88 -55.64
N HIS D 734 -52.21 -59.99 -55.53
CA HIS D 734 -51.84 -60.80 -56.67
C HIS D 734 -52.17 -62.26 -56.38
N TYR D 735 -52.68 -62.98 -57.39
CA TYR D 735 -53.02 -64.37 -57.18
C TYR D 735 -51.81 -65.28 -57.08
N ARG D 736 -50.61 -64.76 -57.38
CA ARG D 736 -49.41 -65.52 -57.09
C ARG D 736 -49.29 -65.80 -55.61
N SER D 737 -49.82 -64.91 -54.76
CA SER D 737 -49.86 -65.17 -53.33
C SER D 737 -50.80 -66.33 -53.01
N LEU D 738 -51.95 -66.40 -53.68
CA LEU D 738 -52.85 -67.54 -53.47
C LEU D 738 -52.21 -68.84 -53.94
N ILE D 739 -51.48 -68.79 -55.06
CA ILE D 739 -50.75 -69.96 -55.53
C ILE D 739 -49.71 -70.38 -54.50
N SER D 740 -49.00 -69.41 -53.92
CA SER D 740 -48.02 -69.73 -52.89
C SER D 740 -48.68 -70.33 -51.65
N GLU D 741 -49.87 -69.84 -51.29
CA GLU D 741 -50.60 -70.39 -50.16
C GLU D 741 -50.97 -71.84 -50.39
N VAL D 742 -51.54 -72.13 -51.56
CA VAL D 742 -51.92 -73.51 -51.88
C VAL D 742 -50.68 -74.39 -51.98
N THR D 743 -49.58 -73.86 -52.50
CA THR D 743 -48.32 -74.60 -52.55
C THR D 743 -47.82 -74.94 -51.16
N THR D 744 -47.85 -73.98 -50.24
CA THR D 744 -47.41 -74.24 -48.88
C THR D 744 -48.28 -75.28 -48.21
N CYS D 745 -49.59 -75.22 -48.43
CA CYS D 745 -50.48 -76.24 -47.87
C CYS D 745 -50.18 -77.60 -48.48
N PHE D 746 -49.90 -77.65 -49.79
CA PHE D 746 -49.63 -78.91 -50.45
C PHE D 746 -48.34 -79.56 -49.95
N PHE D 747 -47.32 -78.75 -49.70
CA PHE D 747 -46.06 -79.31 -49.23
C PHE D 747 -46.07 -79.66 -47.75
N LEU D 748 -47.14 -79.35 -47.02
CA LEU D 748 -47.27 -79.80 -45.64
C LEU D 748 -47.49 -81.30 -45.55
N PHE D 749 -47.75 -81.97 -46.66
CA PHE D 749 -47.98 -83.42 -46.68
C PHE D 749 -46.66 -84.12 -47.01
N GLU D 750 -46.33 -85.14 -46.24
CA GLU D 750 -45.01 -85.73 -46.29
C GLU D 750 -44.73 -86.35 -47.66
N LYS D 751 -43.51 -86.12 -48.14
CA LYS D 751 -43.05 -86.72 -49.39
C LYS D 751 -42.86 -88.21 -49.18
N GLY D 752 -43.74 -89.02 -49.75
CA GLY D 752 -43.72 -90.45 -49.53
C GLY D 752 -45.11 -91.02 -49.46
N LEU D 753 -46.09 -90.16 -49.18
CA LEU D 753 -47.49 -90.57 -49.28
C LEU D 753 -47.92 -90.76 -50.73
N HIS D 754 -47.11 -90.29 -51.68
CA HIS D 754 -47.36 -90.47 -53.10
C HIS D 754 -46.96 -91.85 -53.59
N GLY D 755 -46.44 -92.71 -52.72
CA GLY D 755 -46.06 -94.05 -53.08
C GLY D 755 -47.04 -95.09 -52.57
N ASN D 756 -48.27 -94.65 -52.29
CA ASN D 756 -49.29 -95.55 -51.79
C ASN D 756 -49.71 -96.54 -52.87
N MET D 757 -50.52 -97.53 -52.48
CA MET D 757 -50.93 -98.56 -53.43
C MET D 757 -51.77 -97.99 -54.56
N ASN D 758 -52.63 -97.01 -54.27
CA ASN D 758 -53.52 -96.46 -55.28
C ASN D 758 -52.72 -95.81 -56.41
N GLU D 759 -51.68 -95.04 -56.07
CA GLU D 759 -50.91 -94.36 -57.10
C GLU D 759 -50.15 -95.36 -57.98
N GLU D 760 -49.55 -96.38 -57.35
CA GLU D 760 -48.81 -97.38 -58.12
C GLU D 760 -49.75 -98.14 -59.04
N ALA D 761 -50.92 -98.53 -58.55
CA ALA D 761 -51.90 -99.19 -59.39
C ALA D 761 -52.32 -98.28 -60.54
N LYS D 762 -52.53 -96.99 -60.25
CA LYS D 762 -52.95 -96.06 -61.29
C LYS D 762 -51.91 -95.93 -62.39
N ILE D 763 -50.64 -95.80 -62.01
CA ILE D 763 -49.61 -95.61 -63.03
C ILE D 763 -49.40 -96.90 -63.84
N HIS D 764 -49.44 -98.05 -63.17
CA HIS D 764 -49.37 -99.33 -63.89
C HIS D 764 -50.51 -99.44 -64.89
N LEU D 765 -51.74 -99.13 -64.44
CA LEU D 765 -52.90 -99.25 -65.30
C LEU D 765 -52.84 -98.27 -66.46
N GLU D 766 -52.34 -97.04 -66.21
CA GLU D 766 -52.21 -96.07 -67.29
C GLU D 766 -51.25 -96.57 -68.36
N THR D 767 -50.09 -97.07 -67.93
CA THR D 767 -49.11 -97.58 -68.90
C THR D 767 -49.68 -98.74 -69.69
N VAL D 768 -50.35 -99.68 -69.01
CA VAL D 768 -50.91 -100.84 -69.69
C VAL D 768 -52.03 -100.44 -70.64
N GLU D 769 -52.88 -99.50 -70.23
CA GLU D 769 -53.97 -99.07 -71.09
C GLU D 769 -53.46 -98.37 -72.35
N TRP D 770 -52.44 -97.54 -72.20
CA TRP D 770 -51.86 -96.90 -73.38
C TRP D 770 -51.17 -97.92 -74.27
N ALA D 771 -50.52 -98.93 -73.69
CA ALA D 771 -49.93 -99.99 -74.51
C ALA D 771 -51.01 -100.77 -75.26
N LEU D 772 -52.15 -101.05 -74.61
CA LEU D 772 -53.24 -101.72 -75.29
C LEU D 772 -53.81 -100.88 -76.42
N LYS D 773 -53.94 -99.57 -76.21
CA LYS D 773 -54.40 -98.69 -77.27
C LYS D 773 -53.42 -98.70 -78.44
N PHE D 774 -52.13 -98.68 -78.14
CA PHE D 774 -51.11 -98.77 -79.18
C PHE D 774 -51.23 -100.07 -79.96
N ARG D 775 -51.44 -101.18 -79.25
CA ARG D 775 -51.59 -102.47 -79.92
C ARG D 775 -52.84 -102.51 -80.79
N GLU D 776 -53.93 -101.92 -80.31
CA GLU D 776 -55.16 -101.87 -81.11
C GLU D 776 -54.95 -101.08 -82.38
N LYS D 777 -54.31 -99.91 -82.28
CA LYS D 777 -54.02 -99.12 -83.47
C LYS D 777 -53.10 -99.88 -84.41
N GLU D 778 -52.09 -100.56 -83.86
CA GLU D 778 -51.14 -101.31 -84.68
C GLU D 778 -51.82 -102.44 -85.44
N GLU D 779 -52.72 -103.17 -84.79
CA GLU D 779 -53.39 -104.27 -85.46
C GLU D 779 -54.46 -103.77 -86.43
N LYS D 780 -55.06 -102.62 -86.16
CA LYS D 780 -56.07 -102.08 -87.06
C LYS D 780 -55.44 -101.50 -88.32
N TYR D 781 -54.31 -100.81 -88.19
CA TYR D 781 -53.70 -100.10 -89.31
C TYR D 781 -52.42 -100.72 -89.80
N GLY D 782 -51.98 -101.82 -89.22
CA GLY D 782 -50.75 -102.46 -89.70
C GLY D 782 -49.55 -102.09 -88.87
N GLU D 783 -48.60 -103.03 -88.79
CA GLU D 783 -47.41 -102.83 -87.97
C GLU D 783 -46.52 -101.74 -88.54
N SER D 784 -46.21 -101.82 -89.83
CA SER D 784 -45.28 -100.87 -90.43
C SER D 784 -45.85 -99.47 -90.49
N LEU D 785 -47.18 -99.35 -90.60
CA LEU D 785 -47.80 -98.03 -90.69
C LEU D 785 -47.53 -97.22 -89.42
N VAL D 786 -47.72 -97.84 -88.26
CA VAL D 786 -47.41 -97.18 -86.99
C VAL D 786 -45.90 -97.08 -86.79
N GLU D 787 -45.17 -98.12 -87.21
CA GLU D 787 -43.72 -98.17 -87.07
C GLU D 787 -43.04 -96.98 -87.73
N ASN D 788 -43.16 -96.88 -89.05
CA ASN D 788 -42.43 -95.88 -89.83
C ASN D 788 -43.24 -94.61 -90.06
N GLY D 789 -44.43 -94.50 -89.49
CA GLY D 789 -45.30 -93.37 -89.74
C GLY D 789 -46.17 -93.59 -90.96
N TYR D 790 -47.11 -92.66 -91.14
CA TYR D 790 -48.08 -92.75 -92.23
C TYR D 790 -47.81 -91.68 -93.27
N MET D 791 -47.96 -92.04 -94.54
CA MET D 791 -47.84 -91.07 -95.60
C MET D 791 -49.04 -90.12 -95.59
N MET D 792 -48.96 -89.07 -96.40
CA MET D 792 -49.94 -88.01 -96.29
C MET D 792 -51.18 -88.26 -97.15
N TRP D 793 -51.03 -88.95 -98.28
CA TRP D 793 -52.19 -89.23 -99.12
C TRP D 793 -53.19 -90.13 -98.40
N GLU D 794 -52.71 -91.15 -97.69
CA GLU D 794 -53.60 -91.97 -96.88
C GLU D 794 -54.20 -91.18 -95.72
N LEU D 795 -53.46 -90.21 -95.19
CA LEU D 795 -54.02 -89.32 -94.17
C LEU D 795 -55.20 -88.54 -94.72
N ARG D 796 -55.07 -87.99 -95.93
CA ARG D 796 -56.15 -87.22 -96.52
C ARG D 796 -57.30 -88.09 -97.00
N ALA D 797 -57.03 -89.35 -97.34
CA ALA D 797 -58.09 -90.29 -97.71
C ALA D 797 -58.76 -90.94 -96.51
N ASN D 798 -58.17 -90.82 -95.31
CA ASN D 798 -58.76 -91.36 -94.09
C ASN D 798 -59.28 -90.29 -93.16
N ALA D 799 -58.52 -89.22 -92.94
CA ALA D 799 -58.85 -88.08 -92.09
C ALA D 799 -58.93 -88.45 -90.62
N GLU D 800 -58.74 -89.73 -90.27
CA GLU D 800 -58.73 -90.16 -88.88
C GLU D 800 -57.34 -90.45 -88.36
N LEU D 801 -56.36 -90.66 -89.25
CA LEU D 801 -55.00 -90.99 -88.84
C LEU D 801 -54.38 -89.92 -87.97
N ALA D 802 -54.87 -88.69 -88.04
CA ALA D 802 -54.34 -87.62 -87.21
C ALA D 802 -54.78 -87.82 -85.76
N GLU D 803 -53.95 -88.50 -84.97
CA GLU D 803 -54.25 -88.73 -83.57
C GLU D 803 -52.93 -88.92 -82.83
N GLN D 804 -53.05 -89.15 -81.53
CA GLN D 804 -51.88 -89.45 -80.71
C GLN D 804 -51.36 -90.85 -81.05
N GLN D 805 -50.07 -91.07 -80.75
CA GLN D 805 -49.38 -92.34 -81.03
C GLN D 805 -49.28 -92.63 -82.52
N LEU D 806 -49.45 -91.61 -83.37
CA LEU D 806 -49.33 -91.76 -84.81
C LEU D 806 -48.77 -90.48 -85.39
N TYR D 807 -47.84 -90.59 -86.32
CA TYR D 807 -47.16 -89.44 -86.87
C TYR D 807 -47.05 -89.55 -88.39
N CYS D 808 -46.95 -88.39 -89.04
CA CYS D 808 -46.87 -88.30 -90.49
C CYS D 808 -45.43 -88.05 -90.91
N GLN D 809 -44.91 -88.91 -91.80
CA GLN D 809 -43.52 -88.78 -92.22
C GLN D 809 -43.28 -87.45 -92.93
N ASP D 810 -44.24 -87.00 -93.73
CA ASP D 810 -44.10 -85.72 -94.41
C ASP D 810 -44.02 -84.58 -93.40
N ALA D 811 -44.80 -84.66 -92.31
CA ALA D 811 -44.73 -83.64 -91.28
C ALA D 811 -43.36 -83.60 -90.63
N ILE D 812 -42.78 -84.77 -90.35
CA ILE D 812 -41.44 -84.82 -89.76
C ILE D 812 -40.41 -84.23 -90.72
N GLU D 813 -40.52 -84.59 -92.01
CA GLU D 813 -39.65 -84.02 -93.03
C GLU D 813 -39.73 -82.50 -93.03
N LEU D 814 -40.95 -81.96 -93.09
CA LEU D 814 -41.11 -80.52 -93.18
C LEU D 814 -40.63 -79.81 -91.93
N ALA D 815 -40.89 -80.39 -90.75
CA ALA D 815 -40.38 -79.79 -89.51
C ALA D 815 -38.87 -79.78 -89.48
N ALA D 816 -38.24 -80.87 -89.94
CA ALA D 816 -36.79 -80.92 -90.02
C ALA D 816 -36.26 -79.85 -90.97
N ILE D 817 -36.95 -79.65 -92.10
CA ILE D 817 -36.52 -78.62 -93.06
C ILE D 817 -36.62 -77.23 -92.44
N GLU D 818 -37.73 -76.95 -91.74
CA GLU D 818 -37.88 -75.64 -91.12
C GLU D 818 -36.82 -75.41 -90.04
N LEU D 819 -36.53 -76.44 -89.24
CA LEU D 819 -35.46 -76.30 -88.25
C LEU D 819 -34.11 -76.10 -88.92
N ASN D 820 -33.86 -76.81 -90.02
CA ASN D 820 -32.61 -76.65 -90.74
C ASN D 820 -32.48 -75.26 -91.32
N LYS D 821 -33.61 -74.62 -91.65
CA LYS D 821 -33.57 -73.26 -92.17
C LYS D 821 -32.90 -72.29 -91.21
N VAL D 822 -32.87 -72.61 -89.92
CA VAL D 822 -32.18 -71.79 -88.93
C VAL D 822 -30.83 -72.42 -88.61
N LEU D 823 -30.79 -73.75 -88.55
CA LEU D 823 -29.58 -74.45 -88.13
C LEU D 823 -28.45 -74.40 -89.17
N ALA D 824 -28.78 -74.13 -90.43
CA ALA D 824 -27.75 -74.16 -91.47
C ALA D 824 -26.76 -73.01 -91.38
N THR D 825 -27.14 -71.92 -90.71
CA THR D 825 -26.26 -70.78 -90.55
C THR D 825 -25.31 -70.93 -89.37
N LYS D 826 -25.41 -72.03 -88.62
CA LYS D 826 -24.60 -72.27 -87.43
C LYS D 826 -23.94 -73.65 -87.50
N SER D 827 -23.54 -74.06 -88.72
CA SER D 827 -23.02 -75.41 -88.90
C SER D 827 -21.73 -75.63 -88.13
N SER D 828 -20.83 -74.66 -88.14
CA SER D 828 -19.55 -74.82 -87.46
C SER D 828 -19.74 -74.99 -85.96
N VAL D 829 -20.55 -74.13 -85.35
CA VAL D 829 -20.74 -74.22 -83.90
C VAL D 829 -21.53 -75.47 -83.54
N VAL D 830 -22.46 -75.89 -84.40
CA VAL D 830 -23.19 -77.14 -84.13
C VAL D 830 -22.24 -78.33 -84.16
N ALA D 831 -21.35 -78.37 -85.15
CA ALA D 831 -20.36 -79.45 -85.22
C ALA D 831 -19.44 -79.43 -84.01
N ASN D 832 -19.00 -78.24 -83.60
CA ASN D 832 -18.13 -78.14 -82.43
C ASN D 832 -18.84 -78.62 -81.18
N SER D 833 -20.11 -78.24 -81.00
CA SER D 833 -20.87 -78.66 -79.83
C SER D 833 -21.07 -80.16 -79.82
N ILE D 834 -21.38 -80.76 -80.99
CA ILE D 834 -21.57 -82.20 -81.04
C ILE D 834 -20.28 -82.93 -80.74
N LEU D 835 -19.16 -82.45 -81.29
CA LEU D 835 -17.88 -83.11 -81.05
C LEU D 835 -17.35 -82.88 -79.64
N SER D 836 -17.81 -81.83 -78.96
CA SER D 836 -17.34 -81.55 -77.61
C SER D 836 -18.04 -82.39 -76.56
N LYS D 837 -19.00 -83.23 -76.93
CA LYS D 837 -19.66 -84.10 -75.98
C LYS D 837 -18.75 -85.22 -75.51
N ASN D 838 -17.57 -85.38 -76.12
CA ASN D 838 -16.56 -86.33 -75.67
C ASN D 838 -17.09 -87.77 -75.70
N TRP D 839 -17.39 -88.23 -76.91
CA TRP D 839 -17.89 -89.58 -77.11
C TRP D 839 -16.82 -90.64 -76.91
N GLU D 840 -15.55 -90.26 -76.78
CA GLU D 840 -14.46 -91.22 -76.70
C GLU D 840 -14.01 -91.53 -75.27
N GLU D 841 -14.50 -90.80 -74.27
CA GLU D 841 -14.11 -91.08 -72.90
C GLU D 841 -14.76 -92.35 -72.40
N PRO D 842 -14.15 -93.02 -71.41
CA PRO D 842 -14.77 -94.22 -70.84
C PRO D 842 -16.15 -93.91 -70.26
N TYR D 843 -17.06 -94.85 -70.42
CA TYR D 843 -18.45 -94.63 -70.04
C TYR D 843 -18.61 -94.49 -68.53
N PHE D 844 -17.90 -95.31 -67.76
CA PHE D 844 -18.11 -95.38 -66.32
C PHE D 844 -17.19 -94.46 -65.54
N SER D 845 -16.35 -93.68 -66.22
CA SER D 845 -15.51 -92.71 -65.53
C SER D 845 -16.22 -91.41 -65.24
N GLN D 846 -17.36 -91.15 -65.87
CA GLN D 846 -18.11 -89.93 -65.61
C GLN D 846 -18.96 -90.08 -64.35
N THR D 847 -19.26 -88.94 -63.72
CA THR D 847 -20.04 -88.95 -62.49
C THR D 847 -21.47 -89.41 -62.74
N ARG D 848 -22.05 -89.03 -63.89
CA ARG D 848 -23.46 -89.30 -64.14
C ARG D 848 -23.77 -90.79 -64.26
N ASN D 849 -22.77 -91.62 -64.53
CA ASN D 849 -23.00 -93.05 -64.70
C ASN D 849 -22.60 -93.87 -63.47
N ILE D 850 -22.18 -93.22 -62.39
CA ILE D 850 -21.85 -93.91 -61.15
C ILE D 850 -22.59 -93.23 -60.00
N SER D 851 -23.68 -92.56 -60.31
CA SER D 851 -24.46 -91.85 -59.31
C SER D 851 -25.37 -92.82 -58.58
N LEU D 852 -26.23 -92.30 -57.70
CA LEU D 852 -27.14 -93.10 -56.91
C LEU D 852 -28.53 -93.17 -57.51
N LYS D 853 -28.71 -92.70 -58.74
CA LYS D 853 -30.00 -92.76 -59.39
C LYS D 853 -30.42 -94.20 -59.60
N GLY D 854 -31.72 -94.47 -59.44
CA GLY D 854 -32.20 -95.83 -59.55
C GLY D 854 -32.06 -96.37 -60.96
N MET D 855 -31.93 -97.70 -61.05
CA MET D 855 -31.76 -98.37 -62.32
C MET D 855 -32.22 -99.81 -62.16
N SER D 856 -32.97 -100.32 -63.14
CA SER D 856 -33.41 -101.71 -63.10
C SER D 856 -32.22 -102.64 -63.19
N GLY D 857 -32.29 -103.74 -62.44
CA GLY D 857 -31.25 -104.74 -62.46
C GLY D 857 -31.50 -105.80 -63.51
N GLN D 858 -31.24 -107.05 -63.16
CA GLN D 858 -31.44 -108.18 -64.05
C GLN D 858 -32.67 -108.97 -63.62
N VAL D 859 -33.15 -109.82 -64.51
CA VAL D 859 -34.34 -110.63 -64.24
C VAL D 859 -33.97 -111.70 -63.23
N GLN D 860 -34.67 -111.72 -62.09
CA GLN D 860 -34.39 -112.67 -61.05
C GLN D 860 -35.04 -114.02 -61.38
N GLU D 861 -34.86 -114.99 -60.48
CA GLU D 861 -35.40 -116.33 -60.72
C GLU D 861 -36.92 -116.32 -60.74
N ASP D 862 -37.54 -115.54 -59.86
CA ASP D 862 -38.99 -115.51 -59.79
C ASP D 862 -39.63 -114.83 -61.00
N GLY D 863 -38.83 -114.18 -61.84
CA GLY D 863 -39.34 -113.51 -63.02
C GLY D 863 -39.65 -112.04 -62.86
N HIS D 864 -39.24 -111.42 -61.76
CA HIS D 864 -39.49 -110.01 -61.50
C HIS D 864 -38.20 -109.23 -61.65
N LEU D 865 -38.25 -108.13 -62.39
CA LEU D 865 -37.08 -107.28 -62.55
C LEU D 865 -36.69 -106.68 -61.20
N SER D 866 -35.39 -106.58 -60.96
CA SER D 866 -34.88 -106.15 -59.67
C SER D 866 -34.59 -104.66 -59.68
N SER D 867 -35.10 -103.96 -58.67
CA SER D 867 -34.79 -102.55 -58.49
C SER D 867 -33.40 -102.41 -57.93
N SER D 868 -32.56 -101.60 -58.58
CA SER D 868 -31.17 -101.47 -58.20
C SER D 868 -30.76 -100.01 -58.38
N VAL D 869 -29.45 -99.77 -58.34
CA VAL D 869 -28.89 -98.43 -58.40
C VAL D 869 -27.87 -98.37 -59.52
N THR D 870 -27.60 -97.17 -60.01
CA THR D 870 -26.67 -96.99 -61.12
C THR D 870 -25.28 -97.48 -60.77
N ILE D 871 -24.82 -97.19 -59.55
CA ILE D 871 -23.46 -97.58 -59.15
C ILE D 871 -23.35 -99.10 -59.09
N ILE D 872 -24.40 -99.78 -58.60
CA ILE D 872 -24.36 -101.24 -58.50
C ILE D 872 -24.31 -101.87 -59.88
N GLU D 873 -25.10 -101.35 -60.82
CA GLU D 873 -25.10 -101.88 -62.18
C GLU D 873 -23.76 -101.61 -62.86
N ALA D 874 -23.17 -100.44 -62.62
CA ALA D 874 -21.85 -100.15 -63.14
C ALA D 874 -20.81 -101.14 -62.61
N ILE D 875 -20.87 -101.43 -61.31
CA ILE D 875 -19.95 -102.40 -60.72
C ILE D 875 -20.17 -103.78 -61.33
N ARG D 876 -21.43 -104.16 -61.54
CA ARG D 876 -21.72 -105.46 -62.14
C ARG D 876 -21.12 -105.57 -63.53
N TYR D 877 -21.32 -104.54 -64.36
CA TYR D 877 -20.77 -104.58 -65.71
C TYR D 877 -19.25 -104.59 -65.69
N LEU D 878 -18.64 -103.79 -64.80
CA LEU D 878 -17.19 -103.76 -64.71
C LEU D 878 -16.64 -105.12 -64.27
N SER D 879 -17.34 -105.79 -63.36
CA SER D 879 -16.92 -107.11 -62.92
C SER D 879 -17.02 -108.12 -64.06
N ASN D 880 -18.12 -108.10 -64.81
CA ASN D 880 -18.30 -109.06 -65.89
C ASN D 880 -17.37 -108.75 -67.05
N SER D 881 -17.18 -107.48 -67.38
CA SER D 881 -16.39 -107.11 -68.54
C SER D 881 -14.90 -107.19 -68.22
N ARG D 882 -14.09 -107.00 -69.27
CA ARG D 882 -12.64 -107.03 -69.16
C ARG D 882 -12.01 -105.66 -69.36
N HIS D 883 -12.79 -104.64 -69.64
CA HIS D 883 -12.28 -103.29 -69.87
C HIS D 883 -13.40 -102.30 -69.61
N ASN D 884 -13.02 -101.03 -69.51
CA ASN D 884 -13.97 -99.94 -69.33
C ASN D 884 -14.30 -99.34 -70.70
N PRO D 885 -15.43 -99.72 -71.30
CA PRO D 885 -15.74 -99.27 -72.65
C PRO D 885 -16.25 -97.84 -72.66
N SER D 886 -16.22 -97.25 -73.85
CA SER D 886 -16.76 -95.92 -74.05
C SER D 886 -18.27 -96.00 -74.26
N LEU D 887 -18.87 -94.84 -74.52
CA LEU D 887 -20.32 -94.80 -74.77
C LEU D 887 -20.68 -95.60 -76.03
N LEU D 888 -19.97 -95.32 -77.13
CA LEU D 888 -20.23 -96.03 -78.38
C LEU D 888 -19.93 -97.52 -78.23
N LYS D 889 -18.81 -97.85 -77.59
CA LYS D 889 -18.44 -99.26 -77.41
C LYS D 889 -19.47 -99.98 -76.54
N LEU D 890 -19.93 -99.33 -75.47
CA LEU D 890 -20.94 -99.94 -74.62
C LEU D 890 -22.25 -100.15 -75.39
N TYR D 891 -22.65 -99.17 -76.20
CA TYR D 891 -23.84 -99.36 -77.01
C TYR D 891 -23.69 -100.51 -77.98
N GLU D 892 -22.52 -100.62 -78.61
CA GLU D 892 -22.29 -101.70 -79.57
C GLU D 892 -22.32 -103.06 -78.88
N GLU D 893 -21.74 -103.15 -77.69
CA GLU D 893 -21.72 -104.42 -76.96
C GLU D 893 -23.12 -104.86 -76.57
N THR D 894 -23.95 -103.92 -76.11
CA THR D 894 -25.28 -104.23 -75.61
C THR D 894 -26.38 -103.85 -76.60
N ARG D 895 -26.04 -103.81 -77.89
CA ARG D 895 -27.03 -103.44 -78.90
C ARG D 895 -28.15 -104.48 -78.97
N GLU D 896 -27.81 -105.76 -78.90
CA GLU D 896 -28.80 -106.81 -79.00
C GLU D 896 -29.62 -106.99 -77.73
N GLN D 897 -29.22 -106.38 -76.62
CA GLN D 897 -29.96 -106.52 -75.37
C GLN D 897 -31.29 -105.81 -75.46
N LYS D 898 -32.35 -106.50 -75.04
CA LYS D 898 -33.69 -105.93 -75.07
C LYS D 898 -33.86 -104.90 -73.96
N ALA D 899 -34.55 -103.81 -74.28
CA ALA D 899 -34.82 -102.78 -73.29
C ALA D 899 -35.88 -103.25 -72.30
N MET D 900 -35.64 -103.00 -71.02
CA MET D 900 -36.56 -103.38 -69.95
C MET D 900 -36.78 -102.19 -69.03
N ALA D 901 -37.96 -102.16 -68.40
CA ALA D 901 -38.31 -101.06 -67.52
C ALA D 901 -39.17 -101.59 -66.38
N ARG D 902 -39.22 -100.80 -65.30
CA ARG D 902 -39.91 -101.19 -64.08
C ARG D 902 -40.26 -99.92 -63.30
N ILE D 903 -41.22 -100.06 -62.40
CA ILE D 903 -41.63 -98.97 -61.51
C ILE D 903 -40.91 -99.15 -60.18
N VAL D 904 -40.42 -98.05 -59.62
CA VAL D 904 -39.59 -98.11 -58.42
C VAL D 904 -40.31 -98.82 -57.28
N ARG D 905 -39.55 -99.51 -56.45
CA ARG D 905 -40.12 -100.15 -55.27
C ARG D 905 -40.50 -99.11 -54.22
N LYS D 906 -39.51 -98.35 -53.76
CA LYS D 906 -39.74 -97.23 -52.87
C LYS D 906 -39.55 -95.93 -53.65
N TYR D 907 -40.54 -95.05 -53.58
CA TYR D 907 -40.53 -93.85 -54.40
C TYR D 907 -39.41 -92.91 -54.00
N GLN D 908 -38.94 -92.14 -54.97
CA GLN D 908 -37.85 -91.17 -54.77
C GLN D 908 -36.58 -91.85 -54.29
N ARG D 909 -36.36 -91.87 -52.97
CA ARG D 909 -35.21 -92.43 -52.28
C ARG D 909 -33.92 -91.63 -52.51
N THR D 910 -33.95 -90.59 -53.33
CA THR D 910 -32.76 -89.79 -53.59
C THR D 910 -33.21 -88.40 -54.05
N GLU D 911 -32.44 -87.39 -53.66
CA GLU D 911 -32.72 -86.03 -54.10
C GLU D 911 -32.58 -85.87 -55.61
N ALA D 912 -31.76 -86.71 -56.25
CA ALA D 912 -31.59 -86.67 -57.70
C ALA D 912 -32.49 -87.66 -58.42
N ASP D 913 -33.33 -88.39 -57.71
CA ASP D 913 -34.25 -89.35 -58.32
C ASP D 913 -35.56 -88.64 -58.66
N ARG D 914 -35.77 -88.38 -59.94
CA ARG D 914 -36.99 -87.75 -60.44
C ARG D 914 -37.67 -88.69 -61.42
N GLY D 915 -38.95 -88.95 -61.20
CA GLY D 915 -39.73 -89.82 -62.06
C GLY D 915 -40.30 -90.99 -61.28
N PHE D 916 -40.86 -91.94 -62.03
CA PHE D 916 -41.47 -93.12 -61.44
C PHE D 916 -41.07 -94.40 -62.14
N PHE D 917 -40.16 -94.34 -63.11
CA PHE D 917 -39.74 -95.50 -63.87
C PHE D 917 -38.22 -95.63 -63.80
N ILE D 918 -37.75 -96.88 -63.81
CA ILE D 918 -36.32 -97.20 -63.88
C ILE D 918 -36.11 -98.21 -64.99
N THR D 919 -35.10 -97.97 -65.83
CA THR D 919 -34.77 -98.82 -66.95
C THR D 919 -33.47 -99.57 -66.68
N THR D 920 -33.02 -100.32 -67.68
CA THR D 920 -31.81 -101.11 -67.57
C THR D 920 -30.61 -100.33 -68.13
N LEU D 921 -29.43 -100.93 -68.00
CA LEU D 921 -28.20 -100.26 -68.43
C LEU D 921 -28.17 -99.98 -69.93
N PRO D 922 -28.46 -100.93 -70.82
CA PRO D 922 -28.44 -100.59 -72.25
C PRO D 922 -29.44 -99.50 -72.61
N THR D 923 -30.61 -99.51 -71.97
CA THR D 923 -31.59 -98.45 -72.21
C THR D 923 -31.04 -97.11 -71.78
N ARG D 924 -30.39 -97.06 -70.62
CA ARG D 924 -29.77 -95.82 -70.16
C ARG D 924 -28.70 -95.36 -71.14
N CYS D 925 -27.91 -96.29 -71.67
CA CYS D 925 -26.87 -95.91 -72.61
C CYS D 925 -27.45 -95.30 -73.88
N ARG D 926 -28.50 -95.92 -74.43
CA ARG D 926 -29.11 -95.41 -75.65
C ARG D 926 -29.75 -94.04 -75.41
N LEU D 927 -30.50 -93.91 -74.32
CA LEU D 927 -31.10 -92.62 -74.00
C LEU D 927 -30.03 -91.55 -73.77
N GLU D 928 -28.90 -91.94 -73.18
CA GLU D 928 -27.81 -90.99 -72.98
C GLU D 928 -27.22 -90.54 -74.31
N ILE D 929 -27.06 -91.48 -75.26
CA ILE D 929 -26.57 -91.11 -76.59
C ILE D 929 -27.51 -90.09 -77.23
N ILE D 930 -28.81 -90.41 -77.25
CA ILE D 930 -29.77 -89.52 -77.89
C ILE D 930 -29.81 -88.17 -77.20
N GLU D 931 -29.83 -88.18 -75.87
CA GLU D 931 -29.91 -86.94 -75.10
C GLU D 931 -28.68 -86.08 -75.31
N ASP D 932 -27.50 -86.68 -75.31
CA ASP D 932 -26.28 -85.91 -75.52
C ASP D 932 -26.25 -85.29 -76.91
N TYR D 933 -26.60 -86.08 -77.94
CA TYR D 933 -26.59 -85.55 -79.29
C TYR D 933 -27.57 -84.40 -79.43
N TYR D 934 -28.78 -84.56 -78.88
CA TYR D 934 -29.79 -83.52 -79.05
C TYR D 934 -29.49 -82.29 -78.20
N ASP D 935 -28.91 -82.47 -77.01
CA ASP D 935 -28.49 -81.32 -76.21
C ASP D 935 -27.41 -80.54 -76.93
N ALA D 936 -26.45 -81.25 -77.55
CA ALA D 936 -25.41 -80.57 -78.31
C ALA D 936 -26.00 -79.80 -79.49
N ILE D 937 -26.93 -80.42 -80.21
CA ILE D 937 -27.51 -79.75 -81.38
C ILE D 937 -28.51 -78.66 -81.01
N ALA D 938 -28.99 -78.65 -79.76
CA ALA D 938 -30.00 -77.69 -79.34
C ALA D 938 -29.45 -76.53 -78.52
N LYS D 939 -28.31 -76.68 -77.86
CA LYS D 939 -27.80 -75.62 -77.01
C LYS D 939 -27.40 -74.39 -77.81
N ASN D 940 -27.14 -74.53 -79.12
CA ASN D 940 -26.70 -73.41 -79.93
C ASN D 940 -27.83 -72.44 -80.25
N ILE D 941 -29.06 -72.94 -80.39
CA ILE D 941 -30.19 -72.08 -80.72
C ILE D 941 -30.91 -71.67 -79.45
N SER D 942 -30.25 -71.88 -78.30
CA SER D 942 -30.86 -71.55 -77.02
C SER D 942 -31.03 -70.05 -76.81
N GLU D 943 -30.42 -69.21 -77.65
CA GLU D 943 -30.56 -67.78 -77.49
C GLU D 943 -31.88 -67.25 -78.02
N GLU D 944 -32.61 -68.04 -78.81
CA GLU D 944 -33.83 -67.52 -79.41
C GLU D 944 -35.06 -68.38 -79.13
N TYR D 945 -34.92 -69.70 -79.17
CA TYR D 945 -36.08 -70.59 -79.15
C TYR D 945 -36.18 -71.42 -77.87
N ILE D 946 -35.12 -72.16 -77.53
CA ILE D 946 -35.14 -72.99 -76.33
C ILE D 946 -34.64 -72.17 -75.16
N SER D 947 -35.45 -72.11 -74.10
CA SER D 947 -35.11 -71.34 -72.91
C SER D 947 -34.34 -72.25 -71.95
N TYR D 948 -33.02 -72.20 -72.03
CA TYR D 948 -32.17 -73.02 -71.17
C TYR D 948 -32.11 -72.41 -69.77
N GLY D 949 -32.57 -73.17 -68.78
CA GLY D 949 -32.66 -72.65 -67.44
C GLY D 949 -31.31 -72.39 -66.80
N GLY D 950 -31.34 -71.61 -65.74
CA GLY D 950 -30.14 -71.30 -64.96
C GLY D 950 -29.40 -70.02 -65.32
N GLU D 951 -29.04 -69.86 -66.59
CA GLU D 951 -28.22 -68.73 -67.01
C GLU D 951 -28.88 -67.84 -68.05
N LYS D 952 -29.54 -68.41 -69.06
CA LYS D 952 -30.11 -67.65 -70.15
C LYS D 952 -31.57 -68.02 -70.38
N LYS D 953 -32.27 -68.46 -69.34
CA LYS D 953 -33.66 -68.87 -69.49
C LYS D 953 -34.55 -67.70 -69.87
N ILE D 954 -34.30 -66.52 -69.28
CA ILE D 954 -35.20 -65.39 -69.47
C ILE D 954 -35.01 -64.73 -70.83
N LEU D 955 -33.84 -64.93 -71.46
CA LEU D 955 -33.48 -64.11 -72.62
C LEU D 955 -34.39 -64.40 -73.81
N ALA D 956 -34.60 -65.68 -74.13
CA ALA D 956 -35.40 -66.02 -75.30
C ALA D 956 -36.85 -65.58 -75.14
N ILE D 957 -37.42 -65.80 -73.95
CA ILE D 957 -38.80 -65.40 -73.72
C ILE D 957 -38.92 -63.87 -73.72
N GLN D 958 -37.91 -63.18 -73.19
CA GLN D 958 -37.93 -61.72 -73.22
C GLN D 958 -37.88 -61.21 -74.65
N GLY D 959 -37.04 -61.82 -75.49
CA GLY D 959 -37.01 -61.43 -76.89
C GLY D 959 -38.34 -61.69 -77.60
N ALA D 960 -38.94 -62.84 -77.33
CA ALA D 960 -40.24 -63.15 -77.93
C ALA D 960 -41.30 -62.15 -77.50
N LEU D 961 -41.33 -61.80 -76.21
CA LEU D 961 -42.31 -60.85 -75.72
C LEU D 961 -42.06 -59.46 -76.31
N GLU D 962 -40.79 -59.07 -76.45
CA GLU D 962 -40.48 -57.79 -77.06
C GLU D 962 -40.94 -57.75 -78.50
N LYS D 963 -40.70 -58.82 -79.26
CA LYS D 963 -41.18 -58.87 -80.64
C LYS D 963 -42.70 -58.80 -80.70
N ALA D 964 -43.38 -59.51 -79.79
CA ALA D 964 -44.83 -59.49 -79.77
C ALA D 964 -45.36 -58.10 -79.48
N LEU D 965 -44.78 -57.42 -78.49
CA LEU D 965 -45.26 -56.08 -78.14
C LEU D 965 -44.96 -55.09 -79.25
N ARG D 966 -43.82 -55.24 -79.91
CA ARG D 966 -43.50 -54.37 -81.04
C ARG D 966 -44.50 -54.57 -82.17
N TRP D 967 -44.86 -55.82 -82.47
CA TRP D 967 -45.85 -56.07 -83.50
C TRP D 967 -47.22 -55.52 -83.10
N ALA D 968 -47.58 -55.65 -81.83
CA ALA D 968 -48.86 -55.14 -81.36
C ALA D 968 -48.92 -53.62 -81.43
N SER D 969 -47.78 -52.95 -81.24
CA SER D 969 -47.74 -51.50 -81.30
C SER D 969 -48.03 -50.97 -82.71
N GLY D 970 -47.85 -51.80 -83.74
CA GLY D 970 -48.12 -51.39 -85.10
C GLY D 970 -49.58 -51.53 -85.46
N GLU D 971 -49.89 -51.14 -86.70
CA GLU D 971 -51.23 -51.21 -87.24
C GLU D 971 -51.19 -51.92 -88.59
N SER D 972 -52.28 -52.61 -88.90
CA SER D 972 -52.38 -53.42 -90.11
C SER D 972 -53.40 -52.81 -91.07
N PHE D 973 -53.07 -52.84 -92.37
CA PHE D 973 -53.94 -52.33 -93.42
C PHE D 973 -54.00 -53.37 -94.53
N ILE D 974 -55.03 -54.21 -94.50
CA ILE D 974 -55.22 -55.21 -95.54
C ILE D 974 -55.72 -54.54 -96.81
N GLU D 975 -55.15 -54.93 -97.94
CA GLU D 975 -55.54 -54.36 -99.24
C GLU D 975 -56.76 -55.08 -99.78
N LEU D 976 -57.66 -54.31 -100.37
CA LEU D 976 -58.85 -54.87 -101.00
C LEU D 976 -58.58 -55.06 -102.49
N SER D 977 -59.62 -55.42 -103.25
CA SER D 977 -59.46 -55.59 -104.69
C SER D 977 -59.30 -54.25 -105.39
N ASN D 978 -60.13 -53.27 -105.03
CA ASN D 978 -60.11 -51.96 -105.69
C ASN D 978 -59.21 -50.98 -104.96
N HIS D 979 -57.97 -51.40 -104.68
CA HIS D 979 -56.93 -50.54 -104.11
C HIS D 979 -57.41 -49.85 -102.84
N LYS D 980 -58.13 -50.58 -102.00
CA LYS D 980 -58.63 -50.06 -100.73
C LYS D 980 -57.80 -50.62 -99.58
N PHE D 981 -57.97 -50.00 -98.41
CA PHE D 981 -57.22 -50.38 -97.21
C PHE D 981 -58.20 -50.46 -96.04
N ILE D 982 -58.42 -51.67 -95.55
CA ILE D 982 -59.30 -51.90 -94.40
C ILE D 982 -58.46 -51.92 -93.13
N ARG D 983 -58.87 -51.11 -92.15
CA ARG D 983 -58.15 -51.02 -90.89
C ARG D 983 -58.48 -52.20 -90.00
N MET D 984 -57.45 -52.87 -89.48
CA MET D 984 -57.60 -53.97 -88.55
C MET D 984 -56.73 -53.73 -87.32
N LYS D 985 -57.23 -54.16 -86.16
CA LYS D 985 -56.55 -53.95 -84.90
C LYS D 985 -55.67 -55.14 -84.59
N ARG D 986 -54.39 -54.88 -84.31
CA ARG D 986 -53.43 -55.92 -83.99
C ARG D 986 -53.53 -56.23 -82.49
N LYS D 987 -54.02 -57.41 -82.17
CA LYS D 987 -54.18 -57.85 -80.79
C LYS D 987 -53.50 -59.20 -80.61
N LEU D 988 -53.01 -59.44 -79.39
CA LEU D 988 -52.30 -60.66 -79.04
C LEU D 988 -52.97 -61.34 -77.87
N MET D 989 -52.86 -62.67 -77.83
CA MET D 989 -53.20 -63.42 -76.63
C MET D 989 -52.30 -64.65 -76.59
N TYR D 990 -51.99 -65.10 -75.38
CA TYR D 990 -50.91 -66.03 -75.14
C TYR D 990 -51.43 -67.38 -74.63
N VAL D 991 -50.77 -68.45 -75.07
CA VAL D 991 -51.10 -69.80 -74.68
C VAL D 991 -49.94 -70.37 -73.86
N SER D 992 -50.24 -70.85 -72.67
CA SER D 992 -49.28 -71.53 -71.82
C SER D 992 -49.61 -73.02 -71.83
N ALA D 993 -48.74 -73.81 -72.47
CA ALA D 993 -48.97 -75.24 -72.61
C ALA D 993 -47.68 -76.00 -72.38
N ASP D 994 -47.82 -77.20 -71.82
CA ASP D 994 -46.69 -78.10 -71.62
C ASP D 994 -46.62 -79.10 -72.77
N ALA D 995 -46.27 -78.57 -73.94
CA ALA D 995 -46.22 -79.40 -75.14
C ALA D 995 -45.15 -80.48 -75.03
N THR D 996 -43.99 -80.13 -74.48
CA THR D 996 -42.86 -81.05 -74.41
C THR D 996 -42.90 -81.95 -73.18
N LYS D 997 -43.92 -81.83 -72.35
CA LYS D 997 -44.05 -82.73 -71.20
C LYS D 997 -44.26 -84.16 -71.67
N TRP D 998 -43.62 -85.10 -70.99
CA TRP D 998 -43.73 -86.50 -71.37
C TRP D 998 -45.16 -86.98 -71.23
N SER D 999 -45.64 -87.69 -72.25
CA SER D 999 -46.98 -88.26 -72.22
C SER D 999 -46.89 -89.76 -72.51
N PRO D 1000 -47.70 -90.58 -71.84
CA PRO D 1000 -47.66 -92.01 -72.12
C PRO D 1000 -48.00 -92.36 -73.55
N GLY D 1001 -48.89 -91.60 -74.19
CA GLY D 1001 -49.19 -91.82 -75.58
C GLY D 1001 -48.25 -91.03 -76.48
N ASP D 1002 -47.23 -91.70 -76.99
CA ASP D 1002 -46.24 -91.04 -77.83
C ASP D 1002 -45.47 -92.11 -78.59
N ASN D 1003 -44.73 -91.67 -79.61
CA ASN D 1003 -43.90 -92.54 -80.43
C ASN D 1003 -42.45 -92.11 -80.34
N SER D 1004 -41.57 -93.04 -80.00
CA SER D 1004 -40.14 -92.79 -80.07
C SER D 1004 -39.59 -92.99 -81.48
N ALA D 1005 -40.37 -93.59 -82.37
CA ALA D 1005 -39.92 -93.79 -83.75
C ALA D 1005 -40.00 -92.52 -84.59
N LYS D 1006 -40.74 -91.51 -84.12
CA LYS D 1006 -40.88 -90.27 -84.88
C LYS D 1006 -39.59 -89.45 -84.87
N PHE D 1007 -38.67 -89.72 -83.95
CA PHE D 1007 -37.40 -89.01 -83.93
C PHE D 1007 -36.42 -89.52 -84.98
N ARG D 1008 -36.64 -90.75 -85.48
CA ARG D 1008 -35.76 -91.30 -86.50
C ARG D 1008 -35.72 -90.42 -87.74
N ARG D 1009 -36.88 -90.27 -88.41
CA ARG D 1009 -36.92 -89.42 -89.59
C ARG D 1009 -36.63 -87.96 -89.27
N PHE D 1010 -36.80 -87.55 -88.01
CA PHE D 1010 -36.45 -86.18 -87.63
C PHE D 1010 -34.94 -85.96 -87.68
N THR D 1011 -34.18 -86.87 -87.09
CA THR D 1011 -32.72 -86.74 -87.10
C THR D 1011 -32.10 -87.29 -88.37
N SER D 1012 -32.89 -87.92 -89.25
CA SER D 1012 -32.33 -88.48 -90.47
C SER D 1012 -31.73 -87.42 -91.37
N MET D 1013 -32.31 -86.22 -91.38
CA MET D 1013 -31.78 -85.14 -92.22
C MET D 1013 -31.79 -83.80 -91.49
N LEU D 1014 -31.75 -83.82 -90.17
CA LEU D 1014 -31.48 -82.60 -89.41
C LEU D 1014 -30.01 -82.23 -89.61
N HIS D 1015 -29.77 -81.21 -90.44
CA HIS D 1015 -28.43 -80.91 -90.89
C HIS D 1015 -27.53 -80.47 -89.74
N ASN D 1016 -26.32 -81.00 -89.73
CA ASN D 1016 -25.27 -80.63 -88.78
C ASN D 1016 -23.98 -80.36 -89.52
N GLY D 1017 -23.00 -79.82 -88.80
CA GLY D 1017 -21.74 -79.47 -89.42
C GLY D 1017 -20.80 -80.61 -89.70
N LEU D 1018 -21.15 -81.82 -89.28
CA LEU D 1018 -20.27 -82.97 -89.50
C LEU D 1018 -20.27 -83.37 -90.96
N PRO D 1019 -19.10 -83.49 -91.60
CA PRO D 1019 -19.07 -83.93 -93.00
C PRO D 1019 -19.63 -85.32 -93.21
N ASN D 1020 -19.45 -86.22 -92.25
CA ASN D 1020 -19.91 -87.60 -92.40
C ASN D 1020 -21.28 -87.78 -91.75
N ASN D 1021 -21.83 -88.98 -91.90
CA ASN D 1021 -23.13 -89.34 -91.34
C ASN D 1021 -23.03 -90.62 -90.52
N LYS D 1022 -22.01 -90.70 -89.67
CA LYS D 1022 -21.78 -91.87 -88.85
C LYS D 1022 -22.51 -91.79 -87.51
N LEU D 1023 -22.34 -90.68 -86.79
CA LEU D 1023 -23.00 -90.53 -85.49
C LEU D 1023 -24.52 -90.43 -85.64
N LYS D 1024 -24.99 -89.81 -86.72
CA LYS D 1024 -26.42 -89.73 -86.97
C LYS D 1024 -27.04 -91.10 -87.13
N ASN D 1025 -26.37 -92.00 -87.85
CA ASN D 1025 -26.86 -93.38 -87.96
C ASN D 1025 -26.84 -94.08 -86.61
N CYS D 1026 -25.86 -93.75 -85.76
CA CYS D 1026 -25.85 -94.32 -84.41
C CYS D 1026 -27.07 -93.86 -83.61
N VAL D 1027 -27.43 -92.59 -83.73
CA VAL D 1027 -28.64 -92.09 -83.05
C VAL D 1027 -29.87 -92.78 -83.60
N ILE D 1028 -29.92 -92.99 -84.92
CA ILE D 1028 -31.05 -93.71 -85.54
C ILE D 1028 -31.17 -95.11 -84.95
N ASP D 1029 -30.05 -95.81 -84.87
CA ASP D 1029 -30.07 -97.18 -84.34
C ASP D 1029 -30.47 -97.19 -82.88
N ALA D 1030 -30.01 -96.20 -82.11
CA ALA D 1030 -30.41 -96.12 -80.70
C ALA D 1030 -31.91 -95.91 -80.58
N LEU D 1031 -32.48 -95.07 -81.43
CA LEU D 1031 -33.92 -94.87 -81.42
C LEU D 1031 -34.67 -96.16 -81.76
N LYS D 1032 -34.17 -96.90 -82.77
CA LYS D 1032 -34.80 -98.18 -83.09
C LYS D 1032 -34.74 -99.13 -81.90
N GLN D 1033 -33.60 -99.17 -81.22
CA GLN D 1033 -33.45 -100.07 -80.08
C GLN D 1033 -34.37 -99.69 -78.93
N VAL D 1034 -34.52 -98.39 -78.67
CA VAL D 1034 -35.39 -97.95 -77.58
C VAL D 1034 -36.86 -97.98 -77.95
N TYR D 1035 -37.19 -98.21 -79.23
CA TYR D 1035 -38.59 -98.41 -79.58
C TYR D 1035 -39.16 -99.64 -78.88
N LYS D 1036 -38.41 -100.74 -78.87
CA LYS D 1036 -38.82 -101.94 -78.16
C LYS D 1036 -38.58 -101.80 -76.67
N THR D 1037 -39.50 -102.31 -75.86
CA THR D 1037 -39.31 -102.35 -74.42
C THR D 1037 -40.25 -103.36 -73.80
N ASP D 1038 -39.91 -103.78 -72.59
CA ASP D 1038 -40.74 -104.67 -71.78
C ASP D 1038 -41.05 -104.00 -70.46
N PHE D 1039 -42.32 -104.04 -70.06
CA PHE D 1039 -42.77 -103.47 -68.80
C PHE D 1039 -43.01 -104.59 -67.81
N PHE D 1040 -42.38 -104.50 -66.64
CA PHE D 1040 -42.38 -105.59 -65.67
C PHE D 1040 -43.27 -105.27 -64.48
N MET D 1041 -43.94 -106.30 -63.98
CA MET D 1041 -44.75 -106.19 -62.79
C MET D 1041 -43.89 -105.93 -61.56
N SER D 1042 -44.47 -105.26 -60.58
CA SER D 1042 -43.87 -105.12 -59.26
C SER D 1042 -44.48 -106.13 -58.30
N ARG D 1043 -43.67 -106.56 -57.33
CA ARG D 1043 -44.12 -107.60 -56.41
C ARG D 1043 -45.33 -107.16 -55.61
N LYS D 1044 -45.30 -105.92 -55.10
CA LYS D 1044 -46.38 -105.43 -54.26
C LYS D 1044 -47.68 -105.37 -55.04
N LEU D 1045 -47.63 -104.93 -56.30
CA LEU D 1045 -48.84 -104.92 -57.13
C LEU D 1045 -49.35 -106.32 -57.37
N ARG D 1046 -48.45 -107.29 -57.61
CA ARG D 1046 -48.89 -108.67 -57.82
C ARG D 1046 -49.59 -109.21 -56.58
N ASN D 1047 -49.03 -108.96 -55.39
CA ASN D 1047 -49.67 -109.40 -54.17
C ASN D 1047 -51.02 -108.71 -53.98
N TYR D 1048 -51.10 -107.42 -54.30
CA TYR D 1048 -52.37 -106.70 -54.13
C TYR D 1048 -53.44 -107.23 -55.07
N ILE D 1049 -53.07 -107.50 -56.33
CA ILE D 1049 -54.04 -108.03 -57.29
C ILE D 1049 -54.47 -109.44 -56.90
N ASP D 1050 -53.54 -110.24 -56.38
CA ASP D 1050 -53.90 -111.57 -55.92
C ASP D 1050 -54.86 -111.57 -54.74
N SER D 1051 -55.04 -110.42 -54.09
CA SER D 1051 -55.96 -110.32 -52.95
C SER D 1051 -57.32 -109.88 -53.45
N MET D 1052 -58.14 -110.85 -53.83
CA MET D 1052 -59.56 -110.65 -54.18
C MET D 1052 -59.73 -109.65 -55.32
N GLU D 1053 -59.23 -110.06 -56.48
CA GLU D 1053 -59.47 -109.31 -57.71
C GLU D 1053 -60.94 -109.46 -58.13
N SER D 1054 -61.69 -108.37 -58.07
CA SER D 1054 -63.14 -108.42 -58.27
C SER D 1054 -63.60 -107.67 -59.50
N LEU D 1055 -63.21 -106.41 -59.65
CA LEU D 1055 -63.72 -105.59 -60.75
C LEU D 1055 -63.24 -106.14 -62.10
N ASP D 1056 -64.14 -106.15 -63.08
CA ASP D 1056 -63.87 -106.86 -64.33
C ASP D 1056 -62.86 -106.12 -65.22
N PRO D 1057 -63.16 -104.91 -65.72
CA PRO D 1057 -62.43 -104.45 -66.92
C PRO D 1057 -60.93 -104.28 -66.75
N HIS D 1058 -60.51 -103.46 -65.79
CA HIS D 1058 -59.09 -103.15 -65.66
C HIS D 1058 -58.31 -104.37 -65.20
N ILE D 1059 -58.88 -105.17 -64.31
CA ILE D 1059 -58.19 -106.37 -63.85
C ILE D 1059 -57.99 -107.36 -64.99
N LYS D 1060 -59.04 -107.59 -65.78
CA LYS D 1060 -58.92 -108.54 -66.90
C LYS D 1060 -57.92 -108.04 -67.93
N GLN D 1061 -57.97 -106.75 -68.28
CA GLN D 1061 -57.02 -106.24 -69.28
C GLN D 1061 -55.60 -106.26 -68.74
N PHE D 1062 -55.43 -105.97 -67.44
CA PHE D 1062 -54.10 -106.01 -66.83
C PHE D 1062 -53.52 -107.42 -66.84
N LEU D 1063 -54.34 -108.41 -66.50
CA LEU D 1063 -53.87 -109.79 -66.56
C LEU D 1063 -53.62 -110.23 -67.99
N ASP D 1064 -54.41 -109.74 -68.94
CA ASP D 1064 -54.22 -110.10 -70.34
C ASP D 1064 -52.92 -109.52 -70.89
N PHE D 1065 -52.51 -108.35 -70.42
CA PHE D 1065 -51.29 -107.74 -70.94
C PHE D 1065 -50.04 -108.54 -70.58
N PHE D 1066 -50.06 -109.31 -69.49
CA PHE D 1066 -48.93 -110.15 -69.13
C PHE D 1066 -49.23 -111.60 -69.45
N PRO D 1067 -48.65 -112.17 -70.51
CA PRO D 1067 -48.89 -113.60 -70.79
C PRO D 1067 -48.36 -114.51 -69.71
N ASP D 1068 -47.10 -114.33 -69.31
CA ASP D 1068 -46.51 -115.13 -68.25
C ASP D 1068 -46.82 -114.58 -66.86
N GLY D 1069 -47.51 -113.45 -66.77
CA GLY D 1069 -47.84 -112.85 -65.50
C GLY D 1069 -46.74 -112.04 -64.86
N HIS D 1070 -45.66 -111.76 -65.58
CA HIS D 1070 -44.55 -110.99 -65.02
C HIS D 1070 -44.17 -109.78 -65.85
N HIS D 1071 -44.26 -109.86 -67.18
CA HIS D 1071 -43.85 -108.76 -68.02
C HIS D 1071 -44.66 -108.77 -69.32
N GLY D 1072 -44.70 -107.61 -69.97
CA GLY D 1072 -45.38 -107.48 -71.24
C GLY D 1072 -44.63 -106.52 -72.15
N GLU D 1073 -45.06 -106.49 -73.40
CA GLU D 1073 -44.40 -105.71 -74.44
C GLU D 1073 -45.08 -104.36 -74.61
N VAL D 1074 -44.28 -103.29 -74.57
CA VAL D 1074 -44.76 -101.93 -74.75
C VAL D 1074 -44.03 -101.32 -75.93
N LYS D 1075 -44.71 -100.41 -76.62
CA LYS D 1075 -44.13 -99.75 -77.80
C LYS D 1075 -44.41 -98.26 -77.73
N GLY D 1076 -43.58 -97.50 -78.41
CA GLY D 1076 -43.78 -96.07 -78.57
C GLY D 1076 -43.16 -95.22 -77.48
N ASN D 1077 -43.77 -95.20 -76.29
CA ASN D 1077 -43.30 -94.35 -75.22
C ASN D 1077 -41.97 -94.84 -74.69
N TRP D 1078 -41.10 -93.89 -74.33
CA TRP D 1078 -39.82 -94.19 -73.74
C TRP D 1078 -39.91 -94.37 -72.22
N LEU D 1079 -41.12 -94.32 -71.66
CA LEU D 1079 -41.36 -94.54 -70.24
C LEU D 1079 -40.59 -93.54 -69.39
N GLN D 1080 -40.82 -92.26 -69.69
CA GLN D 1080 -40.22 -91.15 -68.98
C GLN D 1080 -38.69 -91.25 -68.97
N GLY D 1081 -38.12 -91.56 -70.12
CA GLY D 1081 -36.69 -91.53 -70.29
C GLY D 1081 -36.21 -90.11 -70.52
N ASN D 1082 -34.88 -89.98 -70.61
CA ASN D 1082 -34.26 -88.67 -70.76
C ASN D 1082 -34.31 -88.28 -72.24
N LEU D 1083 -35.45 -87.75 -72.66
CA LEU D 1083 -35.64 -87.19 -73.99
C LEU D 1083 -36.23 -85.80 -73.90
N ASN D 1084 -35.90 -85.05 -72.85
CA ASN D 1084 -36.46 -83.72 -72.66
C ASN D 1084 -35.98 -82.77 -73.74
N LYS D 1085 -34.66 -82.72 -73.98
CA LYS D 1085 -34.12 -81.81 -74.98
C LYS D 1085 -34.56 -82.23 -76.38
N CYS D 1086 -34.60 -83.53 -76.65
CA CYS D 1086 -35.04 -84.03 -77.95
C CYS D 1086 -36.48 -83.63 -78.23
N SER D 1087 -37.37 -83.84 -77.25
CA SER D 1087 -38.76 -83.46 -77.43
C SER D 1087 -38.91 -81.95 -77.54
N SER D 1088 -38.12 -81.19 -76.79
CA SER D 1088 -38.17 -79.74 -76.89
C SER D 1088 -37.79 -79.27 -78.29
N LEU D 1089 -36.70 -79.85 -78.84
CA LEU D 1089 -36.28 -79.49 -80.19
C LEU D 1089 -37.32 -79.89 -81.22
N PHE D 1090 -37.92 -81.07 -81.06
CA PHE D 1090 -38.92 -81.52 -82.02
C PHE D 1090 -40.14 -80.60 -81.98
N GLY D 1091 -40.58 -80.22 -80.79
CA GLY D 1091 -41.69 -79.29 -80.68
C GLY D 1091 -41.37 -77.93 -81.25
N VAL D 1092 -40.13 -77.46 -81.08
CA VAL D 1092 -39.71 -76.22 -81.71
C VAL D 1092 -39.79 -76.34 -83.23
N ALA D 1093 -39.35 -77.47 -83.76
CA ALA D 1093 -39.42 -77.69 -85.21
C ALA D 1093 -40.85 -77.67 -85.71
N MET D 1094 -41.77 -78.32 -84.99
CA MET D 1094 -43.16 -78.33 -85.43
C MET D 1094 -43.81 -76.95 -85.28
N SER D 1095 -43.40 -76.19 -84.27
CA SER D 1095 -43.89 -74.82 -84.16
C SER D 1095 -43.42 -73.96 -85.32
N LEU D 1096 -42.16 -74.14 -85.74
CA LEU D 1096 -41.66 -73.45 -86.92
C LEU D 1096 -42.43 -73.87 -88.16
N LEU D 1097 -42.72 -75.17 -88.28
CA LEU D 1097 -43.51 -75.66 -89.40
C LEU D 1097 -44.89 -75.01 -89.42
N PHE D 1098 -45.52 -74.91 -88.26
CA PHE D 1098 -46.83 -74.26 -88.20
C PHE D 1098 -46.74 -72.79 -88.58
N LYS D 1099 -45.69 -72.10 -88.13
CA LYS D 1099 -45.52 -70.70 -88.49
C LYS D 1099 -45.39 -70.53 -90.00
N GLN D 1100 -44.55 -71.36 -90.62
CA GLN D 1100 -44.36 -71.29 -92.06
C GLN D 1100 -45.67 -71.61 -92.79
N VAL D 1101 -46.41 -72.60 -92.29
CA VAL D 1101 -47.66 -72.99 -92.92
C VAL D 1101 -48.68 -71.85 -92.83
N TRP D 1102 -48.78 -71.22 -91.66
CA TRP D 1102 -49.70 -70.10 -91.52
C TRP D 1102 -49.32 -68.95 -92.43
N THR D 1103 -48.02 -68.70 -92.57
CA THR D 1103 -47.58 -67.67 -93.51
C THR D 1103 -47.98 -68.02 -94.95
N ASN D 1104 -47.82 -69.29 -95.32
CA ASN D 1104 -48.12 -69.70 -96.69
C ASN D 1104 -49.61 -69.62 -96.99
N LEU D 1105 -50.46 -70.03 -96.05
CA LEU D 1105 -51.90 -69.95 -96.27
C LEU D 1105 -52.38 -68.51 -96.47
N PHE D 1106 -51.85 -67.58 -95.68
CA PHE D 1106 -52.30 -66.19 -95.73
C PHE D 1106 -51.15 -65.29 -96.16
N PRO D 1107 -51.07 -64.93 -97.44
CA PRO D 1107 -50.04 -63.99 -97.88
C PRO D 1107 -50.42 -62.54 -97.66
N GLU D 1108 -51.71 -62.24 -97.51
CA GLU D 1108 -52.16 -60.88 -97.24
C GLU D 1108 -52.46 -60.63 -95.77
N LEU D 1109 -52.89 -61.66 -95.03
CA LEU D 1109 -53.07 -61.55 -93.58
C LEU D 1109 -51.71 -61.76 -92.91
N ASP D 1110 -50.96 -60.67 -92.82
CA ASP D 1110 -49.66 -60.70 -92.16
C ASP D 1110 -49.88 -60.76 -90.65
N CYS D 1111 -50.03 -61.98 -90.13
CA CYS D 1111 -50.25 -62.19 -88.71
C CYS D 1111 -48.92 -62.32 -88.00
N PHE D 1112 -48.97 -62.65 -86.71
CA PHE D 1112 -47.77 -62.79 -85.91
C PHE D 1112 -47.84 -64.09 -85.10
N PHE D 1113 -46.67 -64.68 -84.89
CA PHE D 1113 -46.58 -65.91 -84.08
C PHE D 1113 -45.16 -66.05 -83.59
N GLU D 1114 -45.00 -66.13 -82.27
CA GLU D 1114 -43.71 -66.41 -81.65
C GLU D 1114 -43.90 -67.38 -80.51
N PHE D 1115 -42.85 -68.14 -80.21
CA PHE D 1115 -42.94 -69.17 -79.18
C PHE D 1115 -41.59 -69.32 -78.50
N ALA D 1116 -41.61 -69.86 -77.29
CA ALA D 1116 -40.41 -70.14 -76.53
C ALA D 1116 -40.68 -71.32 -75.62
N HIS D 1117 -39.74 -72.26 -75.57
CA HIS D 1117 -39.87 -73.47 -74.77
C HIS D 1117 -38.89 -73.43 -73.62
N HIS D 1118 -39.40 -73.58 -72.39
CA HIS D 1118 -38.57 -73.62 -71.20
C HIS D 1118 -38.84 -74.92 -70.47
N SER D 1119 -37.77 -75.70 -70.23
CA SER D 1119 -37.87 -76.96 -69.52
C SER D 1119 -38.90 -77.89 -70.13
N ASP D 1120 -40.11 -77.91 -69.57
CA ASP D 1120 -41.16 -78.80 -70.02
C ASP D 1120 -42.36 -78.08 -70.64
N ASP D 1121 -42.55 -76.80 -70.34
CA ASP D 1121 -43.68 -76.05 -70.87
C ASP D 1121 -43.19 -75.00 -71.86
N ALA D 1122 -44.14 -74.45 -72.62
CA ALA D 1122 -43.84 -73.46 -73.65
C ALA D 1122 -44.90 -72.38 -73.64
N LEU D 1123 -44.51 -71.20 -74.11
CA LEU D 1123 -45.41 -70.06 -74.23
C LEU D 1123 -45.58 -69.73 -75.71
N PHE D 1124 -46.82 -69.65 -76.15
CA PHE D 1124 -47.15 -69.38 -77.55
C PHE D 1124 -47.82 -68.02 -77.65
N ILE D 1125 -47.33 -67.19 -78.58
CA ILE D 1125 -47.89 -65.88 -78.84
C ILE D 1125 -48.59 -65.92 -80.18
N TYR D 1126 -49.88 -65.59 -80.20
CA TYR D 1126 -50.66 -65.58 -81.42
C TYR D 1126 -51.12 -64.16 -81.71
N GLY D 1127 -50.90 -63.71 -82.94
CA GLY D 1127 -51.30 -62.38 -83.35
C GLY D 1127 -52.49 -62.40 -84.29
N TYR D 1128 -53.65 -61.98 -83.80
CA TYR D 1128 -54.87 -61.97 -84.60
C TYR D 1128 -55.33 -60.53 -84.83
N LEU D 1129 -56.27 -60.39 -85.76
CA LEU D 1129 -56.79 -59.09 -86.16
C LEU D 1129 -58.31 -59.07 -85.98
N GLU D 1130 -58.82 -57.95 -85.49
CA GLU D 1130 -60.25 -57.75 -85.31
C GLU D 1130 -60.66 -56.42 -85.90
N PRO D 1131 -61.92 -56.29 -86.34
CA PRO D 1131 -62.37 -55.02 -86.91
C PRO D 1131 -62.33 -53.89 -85.88
N VAL D 1132 -62.04 -52.69 -86.36
CA VAL D 1132 -61.97 -51.52 -85.50
C VAL D 1132 -63.31 -50.82 -85.42
N ASP D 1133 -63.93 -50.55 -86.57
CA ASP D 1133 -65.23 -49.89 -86.63
C ASP D 1133 -66.39 -50.86 -86.50
N ASP D 1134 -66.11 -52.17 -86.38
CA ASP D 1134 -67.15 -53.20 -86.28
C ASP D 1134 -68.08 -53.14 -87.48
N GLY D 1135 -67.53 -52.85 -88.66
CA GLY D 1135 -68.31 -52.74 -89.87
C GLY D 1135 -68.43 -54.06 -90.61
N THR D 1136 -69.12 -54.01 -91.74
CA THR D 1136 -69.32 -55.17 -92.59
C THR D 1136 -68.25 -55.30 -93.67
N ASP D 1137 -67.25 -54.41 -93.69
CA ASP D 1137 -66.19 -54.49 -94.68
C ASP D 1137 -65.40 -55.79 -94.54
N TRP D 1138 -65.09 -56.18 -93.30
CA TRP D 1138 -64.42 -57.46 -93.08
C TRP D 1138 -65.28 -58.62 -93.55
N PHE D 1139 -66.58 -58.57 -93.23
CA PHE D 1139 -67.48 -59.63 -93.68
C PHE D 1139 -67.60 -59.64 -95.20
N LEU D 1140 -67.63 -58.46 -95.81
CA LEU D 1140 -67.69 -58.39 -97.27
C LEU D 1140 -66.43 -59.00 -97.90
N PHE D 1141 -65.26 -58.69 -97.34
CA PHE D 1141 -64.02 -59.28 -97.85
C PHE D 1141 -64.00 -60.78 -97.67
N VAL D 1142 -64.50 -61.27 -96.52
CA VAL D 1142 -64.54 -62.71 -96.29
C VAL D 1142 -65.46 -63.38 -97.30
N SER D 1143 -66.63 -62.78 -97.56
CA SER D 1143 -67.55 -63.35 -98.53
C SER D 1143 -66.95 -63.36 -99.92
N GLN D 1144 -66.27 -62.28 -100.30
CA GLN D 1144 -65.62 -62.23 -101.62
C GLN D 1144 -64.54 -63.29 -101.74
N GLN D 1145 -63.75 -63.48 -100.68
CA GLN D 1145 -62.71 -64.50 -100.71
C GLN D 1145 -63.29 -65.89 -100.80
N ILE D 1146 -64.34 -66.17 -100.02
CA ILE D 1146 -64.92 -67.51 -100.03
C ILE D 1146 -65.65 -67.78 -101.34
N GLN D 1147 -66.10 -66.73 -102.02
CA GLN D 1147 -66.72 -66.89 -103.34
C GLN D 1147 -65.70 -66.98 -104.46
N ALA D 1148 -64.43 -66.67 -104.19
CA ALA D 1148 -63.38 -66.71 -105.19
C ALA D 1148 -62.63 -68.03 -105.23
N GLY D 1149 -63.06 -69.02 -104.47
CA GLY D 1149 -62.42 -70.33 -104.44
C GLY D 1149 -61.50 -70.57 -103.27
N HIS D 1150 -61.43 -69.66 -102.30
CA HIS D 1150 -60.61 -69.82 -101.12
C HIS D 1150 -61.50 -70.34 -100.00
N LEU D 1151 -61.68 -71.67 -99.96
CA LEU D 1151 -62.59 -72.28 -99.01
C LEU D 1151 -62.07 -72.26 -97.58
N HIS D 1152 -60.78 -71.96 -97.37
CA HIS D 1152 -60.19 -72.01 -96.04
C HIS D 1152 -60.45 -70.76 -95.22
N TRP D 1153 -61.16 -69.77 -95.76
CA TRP D 1153 -61.47 -68.55 -95.05
C TRP D 1153 -62.74 -68.66 -94.22
N PHE D 1154 -63.37 -69.83 -94.19
CA PHE D 1154 -64.63 -70.00 -93.45
C PHE D 1154 -64.42 -69.77 -91.96
N SER D 1155 -63.29 -70.23 -91.41
CA SER D 1155 -63.02 -70.14 -89.99
C SER D 1155 -62.18 -68.92 -89.63
N VAL D 1156 -62.20 -67.89 -90.47
CA VAL D 1156 -61.36 -66.72 -90.25
C VAL D 1156 -62.18 -65.44 -90.05
N ASN D 1157 -63.44 -65.41 -90.49
CA ASN D 1157 -64.21 -64.16 -90.46
C ASN D 1157 -64.37 -63.64 -89.03
N THR D 1158 -64.66 -64.52 -88.07
CA THR D 1158 -64.95 -64.12 -86.70
C THR D 1158 -63.96 -64.76 -85.75
N GLU D 1159 -63.08 -63.94 -85.16
CA GLU D 1159 -62.20 -64.34 -84.07
C GLU D 1159 -61.32 -65.53 -84.49
N MET D 1160 -60.43 -65.22 -85.43
CA MET D 1160 -59.65 -66.25 -86.11
C MET D 1160 -58.53 -66.83 -85.25
N TRP D 1161 -58.31 -66.32 -84.04
CA TRP D 1161 -57.27 -66.92 -83.21
C TRP D 1161 -57.66 -68.34 -82.80
N LYS D 1162 -58.96 -68.63 -82.71
CA LYS D 1162 -59.40 -70.02 -82.66
C LYS D 1162 -58.78 -70.81 -83.79
N SER D 1163 -58.87 -70.29 -85.02
CA SER D 1163 -58.35 -71.02 -86.18
C SER D 1163 -56.83 -71.16 -86.11
N MET D 1164 -56.13 -70.12 -85.66
CA MET D 1164 -54.68 -70.20 -85.52
C MET D 1164 -54.30 -71.32 -84.55
N PHE D 1165 -54.92 -71.33 -83.36
CA PHE D 1165 -54.59 -72.34 -82.38
C PHE D 1165 -55.00 -73.73 -82.84
N ASN D 1166 -56.14 -73.84 -83.53
CA ASN D 1166 -56.59 -75.13 -84.02
C ASN D 1166 -55.64 -75.69 -85.07
N LEU D 1167 -55.17 -74.84 -85.98
CA LEU D 1167 -54.19 -75.29 -86.97
C LEU D 1167 -52.89 -75.69 -86.30
N HIS D 1168 -52.44 -74.92 -85.31
CA HIS D 1168 -51.23 -75.29 -84.57
C HIS D 1168 -51.41 -76.64 -83.88
N GLU D 1169 -52.56 -76.84 -83.25
CA GLU D 1169 -52.81 -78.08 -82.54
C GLU D 1169 -52.89 -79.27 -83.49
N HIS D 1170 -53.53 -79.09 -84.65
CA HIS D 1170 -53.61 -80.17 -85.62
C HIS D 1170 -52.24 -80.51 -86.18
N ILE D 1171 -51.43 -79.49 -86.48
CA ILE D 1171 -50.07 -79.75 -86.95
C ILE D 1171 -49.27 -80.50 -85.90
N LEU D 1172 -49.39 -80.09 -84.63
CA LEU D 1172 -48.69 -80.78 -83.56
C LEU D 1172 -49.16 -82.22 -83.43
N LEU D 1173 -50.46 -82.44 -83.55
CA LEU D 1173 -51.00 -83.80 -83.47
C LEU D 1173 -50.51 -84.65 -84.63
N LEU D 1174 -50.22 -84.03 -85.77
CA LEU D 1174 -49.62 -84.77 -86.88
C LEU D 1174 -48.29 -85.38 -86.49
N GLY D 1175 -47.61 -84.80 -85.49
CA GLY D 1175 -46.38 -85.37 -84.98
C GLY D 1175 -46.58 -86.09 -83.67
N SER D 1176 -47.84 -86.45 -83.39
CA SER D 1176 -48.22 -87.14 -82.15
C SER D 1176 -47.85 -86.32 -80.92
N ILE D 1177 -48.02 -85.00 -81.01
CA ILE D 1177 -47.89 -84.10 -79.88
C ILE D 1177 -49.26 -83.52 -79.59
N LYS D 1178 -49.75 -83.73 -78.37
CA LYS D 1178 -51.10 -83.34 -77.99
C LYS D 1178 -51.03 -82.26 -76.91
N ILE D 1179 -51.68 -81.14 -77.16
CA ILE D 1179 -51.81 -80.09 -76.14
C ILE D 1179 -52.97 -80.51 -75.24
N SER D 1180 -52.66 -80.88 -74.00
CA SER D 1180 -53.65 -81.44 -73.11
C SER D 1180 -54.72 -80.40 -72.78
N PRO D 1181 -56.00 -80.78 -72.75
CA PRO D 1181 -57.03 -79.84 -72.29
C PRO D 1181 -56.80 -79.37 -70.87
N LYS D 1182 -56.26 -80.24 -70.01
CA LYS D 1182 -55.90 -79.86 -68.66
C LYS D 1182 -54.59 -79.08 -68.65
N LYS D 1183 -54.41 -78.29 -67.57
CA LYS D 1183 -53.14 -77.63 -67.28
C LYS D 1183 -52.75 -76.61 -68.33
N THR D 1184 -53.61 -76.35 -69.30
CA THR D 1184 -53.34 -75.41 -70.37
C THR D 1184 -54.33 -74.25 -70.28
N THR D 1185 -53.81 -73.04 -70.15
CA THR D 1185 -54.63 -71.84 -70.02
C THR D 1185 -54.24 -70.83 -71.09
N VAL D 1186 -55.25 -70.21 -71.69
CA VAL D 1186 -55.05 -69.13 -72.66
C VAL D 1186 -55.81 -67.90 -72.17
N SER D 1187 -55.12 -66.76 -72.15
CA SER D 1187 -55.69 -65.50 -71.70
C SER D 1187 -55.05 -64.38 -72.49
N PRO D 1188 -55.75 -63.27 -72.70
CA PRO D 1188 -55.15 -62.13 -73.41
C PRO D 1188 -54.05 -61.47 -72.60
N THR D 1189 -53.48 -60.39 -73.13
CA THR D 1189 -52.34 -59.75 -72.48
C THR D 1189 -52.71 -59.31 -71.07
N ASN D 1190 -51.87 -59.67 -70.11
CA ASN D 1190 -52.12 -59.36 -68.70
C ASN D 1190 -50.77 -59.32 -67.98
N ALA D 1191 -50.58 -58.29 -67.16
CA ALA D 1191 -49.32 -58.16 -66.43
C ALA D 1191 -49.11 -59.32 -65.48
N GLU D 1192 -50.16 -59.73 -64.77
CA GLU D 1192 -50.03 -60.82 -63.81
C GLU D 1192 -49.70 -62.13 -64.50
N PHE D 1193 -50.30 -62.39 -65.66
CA PHE D 1193 -50.02 -63.62 -66.40
C PHE D 1193 -48.54 -63.73 -66.75
N LEU D 1194 -47.99 -62.67 -67.34
CA LEU D 1194 -46.59 -62.70 -67.76
C LEU D 1194 -45.65 -62.71 -66.55
N SER D 1195 -46.03 -61.99 -65.48
CA SER D 1195 -45.22 -62.02 -64.27
C SER D 1195 -45.17 -63.43 -63.68
N THR D 1196 -46.31 -64.12 -63.64
CA THR D 1196 -46.33 -65.49 -63.13
C THR D 1196 -45.51 -66.41 -64.01
N PHE D 1197 -45.60 -66.25 -65.34
CA PHE D 1197 -44.81 -67.09 -66.22
C PHE D 1197 -43.32 -66.85 -66.03
N PHE D 1198 -42.91 -65.58 -65.89
CA PHE D 1198 -41.50 -65.26 -65.68
C PHE D 1198 -41.02 -65.82 -64.35
N GLU D 1199 -41.84 -65.71 -63.30
CA GLU D 1199 -41.44 -66.25 -62.00
C GLU D 1199 -41.31 -67.76 -62.06
N GLY D 1200 -42.22 -68.44 -62.76
CA GLY D 1200 -42.11 -69.88 -62.90
C GLY D 1200 -40.88 -70.29 -63.69
N CYS D 1201 -40.53 -69.50 -64.71
CA CYS D 1201 -39.32 -69.81 -65.48
C CYS D 1201 -38.07 -69.58 -64.65
N ALA D 1202 -38.05 -68.52 -63.83
CA ALA D 1202 -36.85 -68.19 -63.08
C ALA D 1202 -36.57 -69.20 -61.98
N VAL D 1203 -37.60 -69.59 -61.23
CA VAL D 1203 -37.47 -70.52 -60.12
C VAL D 1203 -38.47 -71.64 -60.30
N SER D 1204 -38.04 -72.88 -60.08
CA SER D 1204 -38.91 -74.05 -60.22
C SER D 1204 -39.26 -74.71 -58.91
N ILE D 1205 -38.42 -74.61 -57.90
CA ILE D 1205 -38.64 -75.24 -56.60
C ILE D 1205 -38.93 -74.14 -55.58
N PRO D 1206 -40.13 -74.11 -54.99
CA PRO D 1206 -40.37 -73.15 -53.90
C PRO D 1206 -39.50 -73.48 -52.69
N PHE D 1207 -39.14 -72.43 -51.95
CA PHE D 1207 -38.29 -72.64 -50.78
C PHE D 1207 -39.02 -73.37 -49.65
N VAL D 1208 -40.36 -73.33 -49.64
CA VAL D 1208 -41.09 -74.04 -48.60
C VAL D 1208 -40.90 -75.55 -48.73
N LYS D 1209 -40.66 -76.04 -49.94
CA LYS D 1209 -40.42 -77.46 -50.12
C LYS D 1209 -39.19 -77.91 -49.35
N ILE D 1210 -38.07 -77.20 -49.52
CA ILE D 1210 -36.85 -77.55 -48.80
C ILE D 1210 -37.01 -77.27 -47.31
N LEU D 1211 -37.69 -76.18 -46.96
CA LEU D 1211 -37.87 -75.85 -45.55
C LEU D 1211 -38.64 -76.94 -44.81
N LEU D 1212 -39.68 -77.50 -45.44
CA LEU D 1212 -40.47 -78.55 -44.81
C LEU D 1212 -39.84 -79.93 -44.96
N GLY D 1213 -39.01 -80.14 -45.98
CA GLY D 1213 -38.27 -81.38 -46.06
C GLY D 1213 -37.02 -81.44 -45.22
N SER D 1214 -36.64 -80.31 -44.62
CA SER D 1214 -35.49 -80.27 -43.72
C SER D 1214 -35.71 -81.00 -42.40
N LEU D 1215 -36.95 -81.41 -42.10
CA LEU D 1215 -37.28 -81.91 -40.78
C LEU D 1215 -37.38 -83.43 -40.70
N SER D 1216 -38.12 -84.06 -41.60
CA SER D 1216 -38.44 -85.47 -41.46
C SER D 1216 -37.21 -86.36 -41.64
N ASP D 1217 -36.36 -86.03 -42.60
CA ASP D 1217 -35.26 -86.91 -42.96
C ASP D 1217 -34.13 -86.83 -41.95
N LEU D 1218 -33.65 -87.99 -41.52
CA LEU D 1218 -32.55 -88.08 -40.56
C LEU D 1218 -31.32 -88.66 -41.25
N PRO D 1219 -30.28 -87.87 -41.48
CA PRO D 1219 -29.04 -88.45 -42.03
C PRO D 1219 -28.41 -89.50 -41.15
N GLY D 1220 -28.56 -89.40 -39.82
CA GLY D 1220 -28.06 -90.44 -38.95
C GLY D 1220 -26.56 -90.65 -39.00
N LEU D 1221 -25.80 -89.67 -39.50
CA LEU D 1221 -24.35 -89.76 -39.56
C LEU D 1221 -23.67 -89.15 -38.34
N GLY D 1222 -24.43 -88.64 -37.38
CA GLY D 1222 -23.87 -88.03 -36.20
C GLY D 1222 -24.40 -86.63 -36.00
N TYR D 1223 -24.02 -86.05 -34.86
CA TYR D 1223 -24.45 -84.70 -34.52
C TYR D 1223 -23.96 -83.69 -35.54
N PHE D 1224 -22.66 -83.70 -35.83
CA PHE D 1224 -22.08 -82.71 -36.74
C PHE D 1224 -22.67 -82.85 -38.14
N ASP D 1225 -22.80 -84.08 -38.64
CA ASP D 1225 -23.27 -84.26 -40.01
C ASP D 1225 -24.74 -83.91 -40.16
N ASP D 1226 -25.58 -84.30 -39.20
CA ASP D 1226 -26.99 -83.93 -39.26
C ASP D 1226 -27.16 -82.43 -39.17
N LEU D 1227 -26.43 -81.78 -38.25
CA LEU D 1227 -26.50 -80.34 -38.13
C LEU D 1227 -26.05 -79.66 -39.41
N ALA D 1228 -24.96 -80.15 -40.01
CA ALA D 1228 -24.46 -79.56 -41.24
C ALA D 1228 -25.45 -79.72 -42.38
N ALA D 1229 -26.09 -80.89 -42.48
CA ALA D 1229 -27.09 -81.10 -43.54
C ALA D 1229 -28.27 -80.16 -43.37
N ALA D 1230 -28.77 -80.05 -42.14
CA ALA D 1230 -29.92 -79.16 -41.89
C ALA D 1230 -29.55 -77.71 -42.23
N GLN D 1231 -28.39 -77.25 -41.76
CA GLN D 1231 -27.97 -75.88 -42.04
C GLN D 1231 -27.74 -75.64 -43.52
N SER D 1232 -27.12 -76.60 -44.21
CA SER D 1232 -26.85 -76.44 -45.63
C SER D 1232 -28.12 -76.36 -46.45
N ARG D 1233 -29.11 -77.19 -46.12
CA ARG D 1233 -30.35 -77.10 -46.88
C ARG D 1233 -31.21 -75.92 -46.48
N CYS D 1234 -31.07 -75.41 -45.26
CA CYS D 1234 -31.67 -74.11 -44.94
C CYS D 1234 -31.03 -73.01 -45.76
N VAL D 1235 -29.71 -73.08 -45.96
CA VAL D 1235 -29.02 -72.13 -46.82
C VAL D 1235 -29.52 -72.25 -48.26
N LYS D 1236 -29.74 -73.47 -48.73
CA LYS D 1236 -30.30 -73.67 -50.06
C LYS D 1236 -31.69 -73.08 -50.19
N ALA D 1237 -32.52 -73.25 -49.16
CA ALA D 1237 -33.84 -72.64 -49.17
C ALA D 1237 -33.75 -71.12 -49.21
N LEU D 1238 -32.80 -70.55 -48.46
CA LEU D 1238 -32.55 -69.11 -48.54
C LEU D 1238 -32.15 -68.72 -49.96
N ASP D 1239 -31.35 -69.56 -50.62
CA ASP D 1239 -30.95 -69.28 -51.99
C ASP D 1239 -32.15 -69.27 -52.92
N LEU D 1240 -33.09 -70.19 -52.75
CA LEU D 1240 -34.23 -70.27 -53.65
C LEU D 1240 -35.21 -69.11 -53.48
N GLY D 1241 -35.06 -68.29 -52.43
CA GLY D 1241 -35.90 -67.12 -52.31
C GLY D 1241 -36.46 -66.89 -50.92
N ALA D 1242 -36.09 -67.74 -49.97
CA ALA D 1242 -36.57 -67.59 -48.60
C ALA D 1242 -36.01 -66.33 -47.97
N SER D 1243 -36.84 -65.67 -47.16
CA SER D 1243 -36.36 -64.51 -46.43
C SER D 1243 -35.35 -64.93 -45.37
N PRO D 1244 -34.35 -64.09 -45.10
CA PRO D 1244 -33.37 -64.46 -44.07
C PRO D 1244 -33.98 -64.71 -42.70
N GLN D 1245 -35.10 -64.05 -42.36
CA GLN D 1245 -35.73 -64.30 -41.07
C GLN D 1245 -36.38 -65.68 -41.02
N VAL D 1246 -37.07 -66.08 -42.09
CA VAL D 1246 -37.66 -67.41 -42.14
C VAL D 1246 -36.58 -68.47 -42.16
N ALA D 1247 -35.48 -68.20 -42.87
CA ALA D 1247 -34.35 -69.13 -42.87
C ALA D 1247 -33.75 -69.25 -41.49
N GLN D 1248 -33.65 -68.13 -40.75
CA GLN D 1248 -33.13 -68.17 -39.39
C GLN D 1248 -34.04 -68.96 -38.47
N LEU D 1249 -35.35 -68.78 -38.62
CA LEU D 1249 -36.31 -69.56 -37.81
C LEU D 1249 -36.18 -71.05 -38.11
N ALA D 1250 -36.05 -71.41 -39.38
CA ALA D 1250 -35.88 -72.81 -39.74
C ALA D 1250 -34.57 -73.36 -39.19
N VAL D 1251 -33.50 -72.57 -39.26
CA VAL D 1251 -32.22 -73.00 -38.71
C VAL D 1251 -32.34 -73.26 -37.21
N ALA D 1252 -33.01 -72.36 -36.50
CA ALA D 1252 -33.20 -72.56 -35.06
C ALA D 1252 -34.01 -73.80 -34.77
N LEU D 1253 -35.09 -74.03 -35.53
CA LEU D 1253 -35.93 -75.20 -35.30
C LEU D 1253 -35.16 -76.50 -35.55
N CYS D 1254 -34.43 -76.57 -36.66
CA CYS D 1254 -33.67 -77.78 -36.97
C CYS D 1254 -32.54 -77.99 -35.96
N THR D 1255 -31.88 -76.91 -35.53
CA THR D 1255 -30.85 -77.05 -34.52
C THR D 1255 -31.42 -77.57 -33.21
N SER D 1256 -32.59 -77.05 -32.80
CA SER D 1256 -33.22 -77.55 -31.58
C SER D 1256 -33.58 -79.02 -31.72
N LYS D 1257 -34.12 -79.42 -32.87
CA LYS D 1257 -34.50 -80.81 -33.07
C LYS D 1257 -33.29 -81.73 -33.00
N VAL D 1258 -32.21 -81.36 -33.68
CA VAL D 1258 -31.02 -82.22 -33.68
C VAL D 1258 -30.37 -82.23 -32.30
N GLU D 1259 -30.37 -81.11 -31.59
CA GLU D 1259 -29.79 -81.08 -30.25
C GLU D 1259 -30.57 -81.97 -29.30
N ARG D 1260 -31.89 -81.93 -29.37
CA ARG D 1260 -32.71 -82.81 -28.53
C ARG D 1260 -32.51 -84.27 -28.89
N LEU D 1261 -32.43 -84.57 -30.19
CA LEU D 1261 -32.24 -85.96 -30.62
C LEU D 1261 -30.90 -86.49 -30.14
N TYR D 1262 -29.85 -85.68 -30.21
CA TYR D 1262 -28.52 -86.12 -29.77
C TYR D 1262 -28.23 -85.77 -28.32
N GLY D 1263 -29.11 -85.05 -27.64
CA GLY D 1263 -28.89 -84.70 -26.24
C GLY D 1263 -27.90 -83.61 -25.98
N THR D 1264 -27.52 -82.83 -27.01
CA THR D 1264 -26.48 -81.83 -26.85
C THR D 1264 -26.94 -80.65 -26.01
N ALA D 1265 -28.22 -80.28 -26.09
CA ALA D 1265 -28.70 -79.07 -25.45
C ALA D 1265 -28.53 -79.15 -23.93
N PRO D 1266 -28.37 -78.00 -23.27
CA PRO D 1266 -28.20 -78.00 -21.82
C PRO D 1266 -29.49 -78.39 -21.11
N GLY D 1267 -29.43 -79.49 -20.35
CA GLY D 1267 -30.59 -79.97 -19.63
C GLY D 1267 -30.73 -81.48 -19.65
N MET D 1268 -29.88 -82.16 -20.41
CA MET D 1268 -29.92 -83.61 -20.49
C MET D 1268 -28.50 -84.15 -20.53
N VAL D 1269 -28.39 -85.47 -20.75
CA VAL D 1269 -27.18 -86.19 -20.38
C VAL D 1269 -25.99 -85.81 -21.27
N ASN D 1270 -26.21 -85.62 -22.56
CA ASN D 1270 -25.10 -85.45 -23.49
C ASN D 1270 -24.60 -84.01 -23.56
N HIS D 1271 -24.89 -83.17 -22.58
CA HIS D 1271 -24.42 -81.80 -22.60
C HIS D 1271 -22.91 -81.76 -22.41
N PRO D 1272 -22.16 -81.10 -23.30
CA PRO D 1272 -20.70 -81.08 -23.15
C PRO D 1272 -20.20 -80.44 -21.88
N ALA D 1273 -20.92 -79.45 -21.34
CA ALA D 1273 -20.45 -78.73 -20.17
C ALA D 1273 -20.31 -79.65 -18.96
N ALA D 1274 -21.09 -80.72 -18.90
CA ALA D 1274 -21.00 -81.67 -17.79
C ALA D 1274 -19.76 -82.54 -17.87
N TYR D 1275 -19.03 -82.53 -18.98
CA TYR D 1275 -17.87 -83.39 -19.14
C TYR D 1275 -16.65 -82.66 -19.68
N LEU D 1276 -16.74 -81.37 -19.96
CA LEU D 1276 -15.62 -80.59 -20.46
C LEU D 1276 -15.51 -79.29 -19.68
N GLN D 1277 -14.29 -78.89 -19.36
CA GLN D 1277 -14.06 -77.62 -18.68
C GLN D 1277 -13.92 -76.47 -19.67
N VAL D 1278 -14.91 -76.35 -20.56
CA VAL D 1278 -14.93 -75.31 -21.57
C VAL D 1278 -16.37 -74.88 -21.76
N LYS D 1279 -16.55 -73.63 -22.17
CA LYS D 1279 -17.89 -73.08 -22.34
C LYS D 1279 -18.62 -73.81 -23.47
N HIS D 1280 -19.96 -73.82 -23.38
CA HIS D 1280 -20.78 -74.48 -24.38
C HIS D 1280 -20.54 -73.90 -25.77
N THR D 1281 -20.42 -72.58 -25.87
CA THR D 1281 -20.17 -71.96 -27.16
C THR D 1281 -18.78 -72.28 -27.69
N ASP D 1282 -17.80 -72.45 -26.80
CA ASP D 1282 -16.42 -72.70 -27.22
C ASP D 1282 -16.12 -74.16 -27.51
N THR D 1283 -17.07 -75.05 -27.30
CA THR D 1283 -16.84 -76.46 -27.59
C THR D 1283 -16.92 -76.68 -29.11
N PRO D 1284 -16.05 -77.52 -29.68
CA PRO D 1284 -16.12 -77.78 -31.12
C PRO D 1284 -17.45 -78.39 -31.54
N ILE D 1285 -17.86 -78.06 -32.77
CA ILE D 1285 -19.15 -78.56 -33.28
C ILE D 1285 -19.23 -80.07 -33.31
N PRO D 1286 -18.19 -80.82 -33.68
CA PRO D 1286 -18.31 -82.29 -33.63
C PRO D 1286 -18.68 -82.83 -32.26
N LEU D 1287 -18.19 -82.22 -31.19
CA LEU D 1287 -18.63 -82.53 -29.85
C LEU D 1287 -19.95 -81.81 -29.58
N GLY D 1288 -20.36 -81.72 -28.33
CA GLY D 1288 -21.54 -80.94 -28.01
C GLY D 1288 -21.36 -79.48 -28.37
N GLY D 1289 -22.00 -79.04 -29.46
CA GLY D 1289 -21.78 -77.71 -29.97
C GLY D 1289 -23.07 -76.93 -30.11
N ASN D 1290 -22.92 -75.62 -30.24
CA ASN D 1290 -24.06 -74.71 -30.39
C ASN D 1290 -24.16 -74.31 -31.85
N GLY D 1291 -25.07 -74.96 -32.57
CA GLY D 1291 -25.28 -74.66 -33.97
C GLY D 1291 -26.33 -73.60 -34.21
N ALA D 1292 -26.29 -72.51 -33.44
CA ALA D 1292 -27.23 -71.41 -33.55
C ALA D 1292 -26.63 -70.22 -34.28
N MET D 1293 -25.82 -70.46 -35.30
CA MET D 1293 -25.19 -69.38 -36.03
C MET D 1293 -26.20 -68.60 -36.85
N SER D 1294 -25.81 -67.38 -37.22
CA SER D 1294 -26.63 -66.56 -38.08
C SER D 1294 -26.69 -67.16 -39.48
N ILE D 1295 -27.83 -66.98 -40.14
CA ILE D 1295 -27.98 -67.50 -41.50
C ILE D 1295 -27.03 -66.79 -42.46
N MET D 1296 -26.65 -65.55 -42.14
CA MET D 1296 -25.72 -64.81 -42.98
C MET D 1296 -24.37 -65.51 -43.07
N GLU D 1297 -23.82 -65.89 -41.91
CA GLU D 1297 -22.53 -66.57 -41.90
C GLU D 1297 -22.63 -67.96 -42.54
N LEU D 1298 -23.74 -68.66 -42.31
CA LEU D 1298 -23.93 -69.97 -42.91
C LEU D 1298 -23.97 -69.88 -44.43
N ALA D 1299 -24.69 -68.90 -44.97
CA ALA D 1299 -24.82 -68.79 -46.42
C ALA D 1299 -23.54 -68.26 -47.06
N THR D 1300 -22.90 -67.28 -46.43
CA THR D 1300 -21.73 -66.64 -47.03
C THR D 1300 -20.45 -67.41 -46.72
N ALA D 1301 -20.13 -67.57 -45.43
CA ALA D 1301 -18.85 -68.16 -45.06
C ALA D 1301 -18.83 -69.66 -45.35
N GLY D 1302 -19.74 -70.40 -44.72
CA GLY D 1302 -19.79 -71.83 -44.90
C GLY D 1302 -20.52 -72.48 -43.75
N ILE D 1303 -20.36 -73.80 -43.67
CA ILE D 1303 -21.00 -74.61 -42.63
C ILE D 1303 -20.06 -74.88 -41.48
N GLY D 1304 -18.82 -75.26 -41.78
CA GLY D 1304 -17.85 -75.56 -40.74
C GLY D 1304 -17.00 -74.36 -40.36
N MET D 1305 -17.48 -73.16 -40.70
CA MET D 1305 -16.73 -71.94 -40.39
C MET D 1305 -16.69 -71.65 -38.90
N SER D 1306 -17.64 -72.18 -38.12
CA SER D 1306 -17.59 -71.98 -36.68
C SER D 1306 -16.34 -72.60 -36.07
N ASP D 1307 -15.99 -73.82 -36.51
CA ASP D 1307 -14.78 -74.45 -36.03
C ASP D 1307 -13.54 -73.67 -36.44
N LYS D 1308 -13.52 -73.14 -37.66
CA LYS D 1308 -12.39 -72.35 -38.11
C LYS D 1308 -12.23 -71.09 -37.28
N ASN D 1309 -13.34 -70.40 -36.99
CA ASN D 1309 -13.28 -69.21 -36.16
C ASN D 1309 -12.82 -69.54 -34.75
N LEU D 1310 -13.32 -70.66 -34.20
CA LEU D 1310 -12.91 -71.07 -32.86
C LEU D 1310 -11.41 -71.37 -32.81
N LEU D 1311 -10.90 -72.07 -33.83
CA LEU D 1311 -9.48 -72.38 -33.88
C LEU D 1311 -8.63 -71.12 -34.03
N LYS D 1312 -9.09 -70.18 -34.88
CA LYS D 1312 -8.38 -68.92 -35.03
C LYS D 1312 -8.33 -68.16 -33.71
N ARG D 1313 -9.46 -68.09 -33.01
CA ARG D 1313 -9.50 -67.42 -31.71
C ARG D 1313 -8.60 -68.12 -30.70
N ALA D 1314 -8.57 -69.44 -30.72
CA ALA D 1314 -7.73 -70.19 -29.79
C ALA D 1314 -6.25 -69.92 -30.04
N LEU D 1315 -5.82 -69.92 -31.31
CA LEU D 1315 -4.44 -69.61 -31.62
C LEU D 1315 -4.09 -68.16 -31.27
N LEU D 1316 -5.02 -67.23 -31.50
CA LEU D 1316 -4.77 -65.84 -31.11
C LEU D 1316 -4.64 -65.72 -29.60
N GLY D 1317 -5.47 -66.42 -28.85
CA GLY D 1317 -5.37 -66.39 -27.40
C GLY D 1317 -4.09 -67.03 -26.89
N TYR D 1318 -3.63 -68.09 -27.56
CA TYR D 1318 -2.41 -68.75 -27.12
C TYR D 1318 -1.21 -67.84 -27.22
N SER D 1319 -1.16 -66.99 -28.25
CA SER D 1319 -0.13 -65.98 -28.34
C SER D 1319 -0.40 -64.88 -27.30
N HIS D 1320 0.47 -63.86 -27.30
CA HIS D 1320 0.33 -62.72 -26.35
C HIS D 1320 0.49 -63.21 -24.91
N LYS D 1321 -0.45 -64.03 -24.45
CA LYS D 1321 -0.42 -64.64 -23.09
C LYS D 1321 -0.63 -66.15 -23.25
N ARG D 1322 0.04 -66.97 -22.44
CA ARG D 1322 -0.09 -68.44 -22.54
C ARG D 1322 -1.03 -68.96 -21.46
N GLN D 1323 -2.34 -68.92 -21.72
CA GLN D 1323 -3.34 -69.38 -20.76
C GLN D 1323 -3.53 -70.88 -20.90
N LYS D 1324 -4.48 -71.44 -20.16
CA LYS D 1324 -4.81 -72.85 -20.23
C LYS D 1324 -6.17 -73.11 -20.85
N SER D 1325 -7.12 -72.17 -20.75
CA SER D 1325 -8.44 -72.39 -21.34
C SER D 1325 -8.37 -72.45 -22.86
N MET D 1326 -7.42 -71.74 -23.47
CA MET D 1326 -7.27 -71.77 -24.91
C MET D 1326 -6.44 -72.96 -25.38
N LEU D 1327 -5.38 -73.32 -24.66
CA LEU D 1327 -4.69 -74.55 -24.96
C LEU D 1327 -5.59 -75.76 -24.76
N TYR D 1328 -6.61 -75.62 -23.90
CA TYR D 1328 -7.63 -76.66 -23.80
C TYR D 1328 -8.37 -76.83 -25.11
N ILE D 1329 -8.72 -75.72 -25.77
CA ILE D 1329 -9.39 -75.80 -27.07
C ILE D 1329 -8.45 -76.38 -28.11
N LEU D 1330 -7.18 -76.00 -28.06
CA LEU D 1330 -6.19 -76.61 -28.96
C LEU D 1330 -6.12 -78.12 -28.77
N GLY D 1331 -6.13 -78.57 -27.52
CA GLY D 1331 -6.11 -80.00 -27.26
C GLY D 1331 -7.37 -80.70 -27.73
N LEU D 1332 -8.52 -80.04 -27.58
CA LEU D 1332 -9.75 -80.60 -28.11
C LEU D 1332 -9.69 -80.77 -29.62
N PHE D 1333 -9.16 -79.76 -30.32
CA PHE D 1333 -9.00 -79.86 -31.76
C PHE D 1333 -8.03 -80.97 -32.15
N LYS D 1334 -6.94 -81.11 -31.39
CA LYS D 1334 -5.99 -82.18 -31.66
C LYS D 1334 -6.63 -83.55 -31.44
N PHE D 1335 -7.45 -83.69 -30.41
CA PHE D 1335 -8.16 -84.94 -30.18
C PHE D 1335 -9.12 -85.24 -31.32
N LEU D 1336 -9.82 -84.21 -31.81
CA LEU D 1336 -10.69 -84.40 -32.96
C LEU D 1336 -9.91 -84.86 -34.19
N MET D 1337 -8.75 -84.26 -34.41
CA MET D 1337 -7.92 -84.65 -35.55
C MET D 1337 -7.41 -86.09 -35.39
N LYS D 1338 -7.05 -86.48 -34.17
CA LYS D 1338 -6.62 -87.85 -33.93
C LYS D 1338 -7.75 -88.84 -34.21
N LEU D 1339 -8.97 -88.49 -33.81
CA LEU D 1339 -10.12 -89.34 -34.13
C LEU D 1339 -10.34 -89.40 -35.63
N SER D 1340 -10.21 -88.27 -36.32
CA SER D 1340 -10.44 -88.22 -37.75
C SER D 1340 -9.42 -89.05 -38.53
N ASP D 1341 -8.16 -89.05 -38.09
CA ASP D 1341 -7.11 -89.79 -38.80
C ASP D 1341 -7.12 -91.28 -38.43
N GLU D 1342 -8.30 -91.90 -38.48
CA GLU D 1342 -8.44 -93.33 -38.27
C GLU D 1342 -9.42 -93.95 -39.25
N THR D 1343 -9.82 -93.22 -40.28
CA THR D 1343 -10.81 -93.68 -41.25
C THR D 1343 -10.28 -93.31 -42.64
N PHE D 1344 -11.13 -93.43 -43.65
CA PHE D 1344 -10.72 -93.09 -45.01
C PHE D 1344 -10.33 -91.61 -45.09
N GLN D 1345 -9.22 -91.35 -45.78
CA GLN D 1345 -8.74 -89.98 -45.94
C GLN D 1345 -9.56 -89.18 -46.94
N HIS D 1346 -10.24 -89.83 -47.87
CA HIS D 1346 -11.05 -89.12 -48.85
C HIS D 1346 -12.35 -88.59 -48.27
N GLU D 1347 -12.70 -88.98 -47.04
CA GLU D 1347 -13.88 -88.42 -46.40
C GLU D 1347 -13.72 -86.92 -46.17
N ARG D 1348 -12.54 -86.49 -45.73
CA ARG D 1348 -12.27 -85.08 -45.55
C ARG D 1348 -12.25 -84.34 -46.89
N LEU D 1349 -11.88 -85.01 -47.98
CA LEU D 1349 -11.93 -84.42 -49.30
C LEU D 1349 -13.38 -84.23 -49.72
N GLY D 1350 -13.71 -83.03 -50.17
CA GLY D 1350 -15.07 -82.74 -50.57
C GLY D 1350 -15.98 -82.57 -49.35
N GLN D 1351 -17.27 -82.46 -49.65
CA GLN D 1351 -18.31 -82.31 -48.63
C GLN D 1351 -18.05 -81.11 -47.74
N PHE D 1352 -18.64 -81.09 -46.55
CA PHE D 1352 -18.44 -80.00 -45.62
C PHE D 1352 -17.01 -80.00 -45.08
N SER D 1353 -16.48 -78.81 -44.85
CA SER D 1353 -15.11 -78.68 -44.34
C SER D 1353 -15.08 -78.85 -42.83
N PHE D 1354 -14.05 -79.54 -42.34
CA PHE D 1354 -13.90 -79.75 -40.90
C PHE D 1354 -12.44 -80.02 -40.58
N ILE D 1355 -12.03 -79.57 -39.40
CA ILE D 1355 -10.70 -79.90 -38.90
C ILE D 1355 -10.64 -81.38 -38.51
N GLY D 1356 -11.66 -81.86 -37.81
CA GLY D 1356 -11.75 -83.25 -37.45
C GLY D 1356 -13.10 -83.51 -36.81
N LYS D 1357 -13.51 -84.77 -36.82
CA LYS D 1357 -14.84 -85.11 -36.35
C LYS D 1357 -14.85 -86.50 -35.74
N VAL D 1358 -15.90 -86.78 -34.99
CA VAL D 1358 -16.11 -88.08 -34.36
C VAL D 1358 -16.90 -88.96 -35.33
N GLN D 1359 -16.43 -90.18 -35.54
CA GLN D 1359 -17.13 -91.12 -36.40
C GLN D 1359 -18.21 -91.85 -35.63
N TRP D 1360 -19.36 -92.05 -36.27
CA TRP D 1360 -20.50 -92.68 -35.65
C TRP D 1360 -20.81 -94.00 -36.34
N LYS D 1361 -21.48 -94.89 -35.62
CA LYS D 1361 -21.75 -96.23 -36.12
C LYS D 1361 -22.76 -96.21 -37.25
N ILE D 1362 -22.66 -97.21 -38.13
CA ILE D 1362 -23.58 -97.39 -39.24
C ILE D 1362 -24.45 -98.59 -38.89
N PHE D 1363 -25.73 -98.35 -38.61
CA PHE D 1363 -26.64 -99.40 -38.18
C PHE D 1363 -27.42 -99.97 -39.37
N THR D 1364 -26.69 -100.55 -40.31
CA THR D 1364 -27.30 -101.26 -41.43
C THR D 1364 -26.31 -102.32 -41.92
N PRO D 1365 -26.79 -103.50 -42.29
CA PRO D 1365 -25.87 -104.54 -42.76
C PRO D 1365 -25.24 -104.17 -44.10
N LYS D 1366 -24.02 -104.64 -44.29
CA LYS D 1366 -23.32 -104.45 -45.55
C LYS D 1366 -23.78 -105.42 -46.63
N SER D 1367 -24.56 -106.43 -46.27
CA SER D 1367 -25.03 -107.42 -47.24
C SER D 1367 -26.26 -106.94 -48.00
N GLU D 1368 -26.84 -105.79 -47.63
CA GLU D 1368 -27.99 -105.27 -48.37
C GLU D 1368 -27.62 -104.95 -49.81
N PHE D 1369 -26.45 -104.36 -50.02
CA PHE D 1369 -25.95 -104.07 -51.36
C PHE D 1369 -25.11 -105.25 -51.85
N GLU D 1370 -25.33 -105.63 -53.10
CA GLU D 1370 -24.77 -106.90 -53.59
C GLU D 1370 -23.25 -106.90 -53.61
N PHE D 1371 -22.65 -105.81 -54.08
CA PHE D 1371 -21.20 -105.78 -54.32
C PHE D 1371 -20.42 -105.11 -53.21
N ALA D 1372 -21.05 -104.77 -52.09
CA ALA D 1372 -20.31 -104.18 -50.98
C ALA D 1372 -19.31 -105.17 -50.40
N ASP D 1373 -19.71 -106.43 -50.28
CA ASP D 1373 -18.87 -107.46 -49.68
C ASP D 1373 -18.03 -108.17 -50.74
N MET D 1374 -17.29 -107.36 -51.50
CA MET D 1374 -16.34 -107.88 -52.47
C MET D 1374 -14.89 -107.63 -52.06
N TYR D 1375 -14.59 -106.45 -51.53
CA TYR D 1375 -13.27 -106.13 -50.99
C TYR D 1375 -13.41 -105.82 -49.52
N THR D 1376 -12.52 -106.38 -48.70
CA THR D 1376 -12.60 -106.17 -47.27
C THR D 1376 -12.26 -104.73 -46.91
N SER D 1377 -12.67 -104.33 -45.71
CA SER D 1377 -12.44 -102.95 -45.26
C SER D 1377 -10.94 -102.65 -45.17
N LYS D 1378 -10.15 -103.60 -44.65
CA LYS D 1378 -8.71 -103.41 -44.59
C LYS D 1378 -8.10 -103.31 -45.98
N PHE D 1379 -8.61 -104.13 -46.92
CA PHE D 1379 -8.19 -104.00 -48.31
C PHE D 1379 -8.43 -102.58 -48.82
N LEU D 1380 -9.63 -102.05 -48.58
CA LEU D 1380 -9.95 -100.72 -49.09
C LEU D 1380 -9.06 -99.66 -48.43
N GLU D 1381 -8.82 -99.79 -47.13
CA GLU D 1381 -7.98 -98.82 -46.44
C GLU D 1381 -6.55 -98.84 -46.99
N LEU D 1382 -5.99 -100.03 -47.17
CA LEU D 1382 -4.62 -100.11 -47.65
C LEU D 1382 -4.51 -99.69 -49.12
N TRP D 1383 -5.53 -99.99 -49.93
CA TRP D 1383 -5.53 -99.51 -51.30
C TRP D 1383 -5.62 -97.99 -51.36
N SER D 1384 -6.44 -97.39 -50.49
CA SER D 1384 -6.54 -95.94 -50.44
C SER D 1384 -5.22 -95.31 -50.00
N SER D 1385 -4.56 -95.91 -49.00
CA SER D 1385 -3.26 -95.38 -48.58
C SER D 1385 -2.22 -95.52 -49.69
N GLN D 1386 -2.20 -96.66 -50.38
CA GLN D 1386 -1.24 -96.87 -51.45
C GLN D 1386 -1.54 -95.95 -52.64
N HIS D 1387 -2.80 -95.87 -53.04
CA HIS D 1387 -3.23 -95.06 -54.18
C HIS D 1387 -3.96 -93.84 -53.64
N VAL D 1388 -3.19 -92.80 -53.31
CA VAL D 1388 -3.75 -91.56 -52.82
C VAL D 1388 -4.15 -90.63 -53.97
N THR D 1389 -3.55 -90.79 -55.15
CA THR D 1389 -3.93 -89.99 -56.31
C THR D 1389 -5.36 -90.19 -56.72
N TYR D 1390 -5.97 -91.32 -56.37
CA TYR D 1390 -7.35 -91.59 -56.74
C TYR D 1390 -8.35 -90.95 -55.80
N ASP D 1391 -7.89 -90.32 -54.73
CA ASP D 1391 -8.78 -89.50 -53.91
C ASP D 1391 -9.17 -88.22 -54.65
N TYR D 1392 -8.31 -87.74 -55.55
CA TYR D 1392 -8.53 -86.48 -56.26
C TYR D 1392 -8.96 -86.65 -57.70
N ILE D 1393 -8.67 -87.78 -58.34
CA ILE D 1393 -9.08 -88.05 -59.70
C ILE D 1393 -9.78 -89.40 -59.75
N ILE D 1394 -10.65 -89.57 -60.75
CA ILE D 1394 -11.41 -90.80 -60.92
C ILE D 1394 -10.61 -91.75 -61.80
N PRO D 1395 -10.42 -93.01 -61.38
CA PRO D 1395 -9.67 -93.95 -62.21
C PRO D 1395 -10.38 -94.23 -63.53
N LYS D 1396 -9.59 -94.55 -64.55
CA LYS D 1396 -10.10 -94.86 -65.88
C LYS D 1396 -10.16 -96.36 -66.15
N GLY D 1397 -9.07 -97.08 -65.89
CA GLY D 1397 -9.06 -98.50 -66.11
C GLY D 1397 -9.96 -99.24 -65.14
N ARG D 1398 -10.48 -100.37 -65.58
CA ARG D 1398 -11.46 -101.10 -64.78
C ARG D 1398 -10.84 -101.67 -63.51
N ASP D 1399 -9.55 -102.00 -63.54
CA ASP D 1399 -8.92 -102.62 -62.38
C ASP D 1399 -8.97 -101.70 -61.16
N ASN D 1400 -8.68 -100.42 -61.36
CA ASN D 1400 -8.77 -99.44 -60.28
C ASN D 1400 -10.17 -98.87 -60.11
N LEU D 1401 -10.93 -98.75 -61.21
CA LEU D 1401 -12.26 -98.16 -61.12
C LEU D 1401 -13.21 -99.05 -60.34
N LEU D 1402 -13.07 -100.38 -60.47
CA LEU D 1402 -13.94 -101.27 -59.71
C LEU D 1402 -13.69 -101.13 -58.21
N ILE D 1403 -12.42 -101.05 -57.80
CA ILE D 1403 -12.11 -100.85 -56.39
C ILE D 1403 -12.59 -99.47 -55.93
N TYR D 1404 -12.44 -98.46 -56.79
CA TYR D 1404 -12.94 -97.13 -56.46
C TYR D 1404 -14.45 -97.15 -56.22
N LEU D 1405 -15.18 -97.86 -57.08
CA LEU D 1405 -16.63 -97.91 -56.93
C LEU D 1405 -17.04 -98.72 -55.71
N VAL D 1406 -16.31 -99.79 -55.39
CA VAL D 1406 -16.63 -100.57 -54.19
C VAL D 1406 -16.36 -99.75 -52.94
N ARG D 1407 -15.27 -98.97 -52.94
CA ARG D 1407 -15.00 -98.08 -51.82
C ARG D 1407 -16.06 -96.99 -51.72
N LYS D 1408 -16.52 -96.48 -52.87
CA LYS D 1408 -17.57 -95.47 -52.89
C LYS D 1408 -18.87 -96.03 -52.34
N LEU D 1409 -19.16 -97.30 -52.62
CA LEU D 1409 -20.41 -97.92 -52.17
C LEU D 1409 -20.45 -98.06 -50.66
N ASN D 1410 -19.31 -98.32 -50.03
CA ASN D 1410 -19.25 -98.49 -48.57
C ASN D 1410 -19.14 -97.17 -47.82
N ASP D 1411 -19.13 -96.05 -48.52
CA ASP D 1411 -19.08 -94.75 -47.87
C ASP D 1411 -20.33 -94.57 -47.01
N PRO D 1412 -20.18 -94.22 -45.72
CA PRO D 1412 -21.37 -94.07 -44.86
C PRO D 1412 -22.38 -93.07 -45.38
N SER D 1413 -21.94 -91.96 -45.95
CA SER D 1413 -22.88 -90.98 -46.49
C SER D 1413 -23.69 -91.58 -47.64
N ILE D 1414 -23.01 -92.29 -48.55
CA ILE D 1414 -23.70 -92.89 -49.68
C ILE D 1414 -24.59 -94.03 -49.23
N VAL D 1415 -24.14 -94.80 -48.22
CA VAL D 1415 -24.97 -95.87 -47.68
C VAL D 1415 -26.25 -95.31 -47.10
N THR D 1416 -26.14 -94.22 -46.33
CA THR D 1416 -27.34 -93.60 -45.77
C THR D 1416 -28.24 -93.04 -46.86
N ALA D 1417 -27.65 -92.41 -47.88
CA ALA D 1417 -28.46 -91.90 -48.98
C ALA D 1417 -29.22 -93.03 -49.66
N MET D 1418 -28.58 -94.18 -49.83
CA MET D 1418 -29.25 -95.35 -50.41
C MET D 1418 -30.29 -95.96 -49.49
N THR D 1419 -30.15 -95.78 -48.18
CA THR D 1419 -31.11 -96.31 -47.22
C THR D 1419 -31.91 -95.19 -46.54
N MET D 1420 -32.07 -94.06 -47.23
CA MET D 1420 -32.58 -92.85 -46.60
C MET D 1420 -34.05 -92.96 -46.23
N GLN D 1421 -34.83 -93.63 -47.07
CA GLN D 1421 -36.27 -93.80 -46.87
C GLN D 1421 -36.63 -95.23 -46.49
N SER D 1422 -35.79 -95.85 -45.66
CA SER D 1422 -36.00 -97.23 -45.26
C SER D 1422 -36.23 -97.31 -43.76
N PRO D 1423 -36.95 -98.33 -43.29
CA PRO D 1423 -37.17 -98.47 -41.84
C PRO D 1423 -35.89 -98.73 -41.06
N LEU D 1424 -34.80 -99.14 -41.73
CA LEU D 1424 -33.56 -99.43 -41.03
C LEU D 1424 -32.97 -98.21 -40.34
N GLN D 1425 -33.35 -97.00 -40.77
CA GLN D 1425 -32.79 -95.80 -40.17
C GLN D 1425 -33.31 -95.54 -38.76
N LEU D 1426 -34.44 -96.13 -38.38
CA LEU D 1426 -34.93 -95.96 -37.01
C LEU D 1426 -34.01 -96.60 -35.99
N ARG D 1427 -33.22 -97.59 -36.40
CA ARG D 1427 -32.27 -98.23 -35.48
C ARG D 1427 -31.31 -97.20 -34.91
N PHE D 1428 -30.67 -96.41 -35.77
CA PHE D 1428 -29.69 -95.43 -35.30
C PHE D 1428 -30.36 -94.39 -34.41
N ARG D 1429 -31.56 -93.94 -34.78
CA ARG D 1429 -32.25 -92.95 -33.96
C ARG D 1429 -32.55 -93.48 -32.57
N MET D 1430 -33.00 -94.73 -32.48
CA MET D 1430 -33.30 -95.30 -31.17
C MET D 1430 -32.03 -95.55 -30.36
N GLN D 1431 -30.93 -95.93 -31.02
CA GLN D 1431 -29.67 -96.07 -30.29
C GLN D 1431 -29.19 -94.74 -29.76
N ALA D 1432 -29.31 -93.67 -30.55
CA ALA D 1432 -28.85 -92.36 -30.12
C ALA D 1432 -29.73 -91.81 -29.00
N LYS D 1433 -31.04 -92.00 -29.10
CA LYS D 1433 -31.94 -91.51 -28.05
C LYS D 1433 -31.72 -92.24 -26.74
N GLN D 1434 -31.37 -93.52 -26.80
CA GLN D 1434 -31.11 -94.32 -25.60
C GLN D 1434 -29.69 -94.17 -25.08
N HIS D 1435 -28.85 -93.38 -25.76
CA HIS D 1435 -27.48 -93.10 -25.34
C HIS D 1435 -26.68 -94.40 -25.20
N MET D 1436 -26.55 -95.10 -26.32
CA MET D 1436 -25.83 -96.37 -26.39
C MET D 1436 -24.51 -96.13 -27.13
N LYS D 1437 -23.74 -97.20 -27.30
CA LYS D 1437 -22.47 -97.13 -28.01
C LYS D 1437 -22.69 -96.76 -29.47
N VAL D 1438 -22.34 -95.54 -29.84
CA VAL D 1438 -22.62 -95.04 -31.19
C VAL D 1438 -21.37 -94.40 -31.81
N CYS D 1439 -20.37 -94.10 -30.99
CA CYS D 1439 -19.17 -93.40 -31.45
C CYS D 1439 -17.97 -94.33 -31.30
N ARG D 1440 -16.81 -93.84 -31.76
CA ARG D 1440 -15.56 -94.58 -31.71
C ARG D 1440 -14.55 -93.85 -30.84
N LEU D 1441 -13.93 -94.59 -29.93
CA LEU D 1441 -12.75 -94.16 -29.18
C LEU D 1441 -11.75 -95.31 -29.31
N ASP D 1442 -10.77 -95.15 -30.21
CA ASP D 1442 -9.87 -96.23 -30.59
C ASP D 1442 -10.68 -97.33 -31.27
N GLY D 1443 -10.16 -98.56 -31.28
CA GLY D 1443 -10.79 -99.65 -31.99
C GLY D 1443 -12.07 -100.20 -31.37
N GLU D 1444 -12.69 -99.46 -30.46
CA GLU D 1444 -13.87 -99.96 -29.77
C GLU D 1444 -15.02 -98.98 -29.92
N TRP D 1445 -16.24 -99.52 -29.88
CA TRP D 1445 -17.46 -98.73 -29.91
C TRP D 1445 -17.71 -98.15 -28.53
N VAL D 1446 -17.93 -96.83 -28.47
CA VAL D 1446 -18.09 -96.13 -27.21
C VAL D 1446 -19.28 -95.20 -27.28
N THR D 1447 -19.76 -94.79 -26.11
CA THR D 1447 -20.85 -93.82 -25.99
C THR D 1447 -20.28 -92.41 -26.10
N PHE D 1448 -21.16 -91.44 -26.40
CA PHE D 1448 -20.75 -90.06 -26.59
C PHE D 1448 -20.14 -89.47 -25.32
N ARG D 1449 -20.64 -89.88 -24.15
CA ARG D 1449 -20.07 -89.43 -22.88
C ARG D 1449 -18.63 -89.89 -22.75
N GLU D 1450 -18.34 -91.11 -23.20
CA GLU D 1450 -16.97 -91.59 -23.18
C GLU D 1450 -16.09 -90.76 -24.11
N VAL D 1451 -16.61 -90.36 -25.26
CA VAL D 1451 -15.85 -89.50 -26.17
C VAL D 1451 -15.56 -88.16 -25.51
N LEU D 1452 -16.56 -87.58 -24.83
CA LEU D 1452 -16.35 -86.32 -24.15
C LEU D 1452 -15.29 -86.45 -23.05
N ALA D 1453 -15.38 -87.53 -22.27
CA ALA D 1453 -14.40 -87.74 -21.20
C ALA D 1453 -13.00 -87.92 -21.77
N ALA D 1454 -12.87 -88.68 -22.86
CA ALA D 1454 -11.57 -88.86 -23.49
C ALA D 1454 -11.03 -87.55 -24.04
N ALA D 1455 -11.90 -86.72 -24.62
CA ALA D 1455 -11.48 -85.41 -25.10
C ALA D 1455 -10.96 -84.55 -23.96
N ASN D 1456 -11.67 -84.56 -22.83
CA ASN D 1456 -11.22 -83.79 -21.67
C ASN D 1456 -9.87 -84.31 -21.17
N SER D 1457 -9.72 -85.63 -21.09
CA SER D 1457 -8.47 -86.21 -20.61
C SER D 1457 -7.31 -85.88 -21.53
N PHE D 1458 -7.54 -85.91 -22.84
CA PHE D 1458 -6.47 -85.60 -23.79
C PHE D 1458 -6.13 -84.12 -23.78
N ALA D 1459 -7.13 -83.25 -23.64
CA ALA D 1459 -6.88 -81.82 -23.70
C ALA D 1459 -6.27 -81.28 -22.41
N GLU D 1460 -6.59 -81.88 -21.27
CA GLU D 1460 -6.02 -81.40 -20.02
C GLU D 1460 -4.52 -81.66 -19.92
N ASN D 1461 -4.00 -82.63 -20.67
CA ASN D 1461 -2.59 -82.99 -20.63
C ASN D 1461 -1.96 -82.88 -22.02
N TYR D 1462 -2.27 -81.82 -22.74
CA TYR D 1462 -1.77 -81.60 -24.09
C TYR D 1462 -0.72 -80.50 -24.06
N SER D 1463 0.41 -80.75 -24.72
CA SER D 1463 1.52 -79.81 -24.78
C SER D 1463 1.66 -79.31 -26.21
N ALA D 1464 1.72 -77.99 -26.37
CA ALA D 1464 1.81 -77.39 -27.70
C ALA D 1464 3.17 -77.69 -28.33
N THR D 1465 3.15 -77.87 -29.65
CA THR D 1465 4.34 -78.22 -30.40
C THR D 1465 4.45 -77.29 -31.61
N SER D 1466 5.70 -77.00 -31.99
CA SER D 1466 5.95 -76.07 -33.09
C SER D 1466 5.34 -76.58 -34.39
N GLN D 1467 5.50 -77.87 -34.68
CA GLN D 1467 4.89 -78.45 -35.87
C GLN D 1467 3.36 -78.44 -35.75
N ASP D 1468 2.84 -78.70 -34.55
CA ASP D 1468 1.40 -78.60 -34.34
C ASP D 1468 0.91 -77.18 -34.54
N MET D 1469 1.70 -76.20 -34.08
CA MET D 1469 1.35 -74.80 -34.33
C MET D 1469 1.34 -74.50 -35.82
N ASP D 1470 2.32 -75.01 -36.55
CA ASP D 1470 2.37 -74.76 -37.99
C ASP D 1470 1.17 -75.38 -38.69
N LEU D 1471 0.76 -76.58 -38.27
CA LEU D 1471 -0.39 -77.23 -38.90
C LEU D 1471 -1.69 -76.52 -38.54
N PHE D 1472 -1.81 -76.05 -37.30
CA PHE D 1472 -2.98 -75.26 -36.92
C PHE D 1472 -3.06 -73.97 -37.71
N GLN D 1473 -1.91 -73.31 -37.91
CA GLN D 1473 -1.89 -72.12 -38.77
C GLN D 1473 -2.23 -72.48 -40.22
N THR D 1474 -1.78 -73.65 -40.69
CA THR D 1474 -2.16 -74.11 -42.02
C THR D 1474 -3.67 -74.19 -42.15
N LEU D 1475 -4.33 -74.73 -41.13
CA LEU D 1475 -5.78 -74.71 -41.10
C LEU D 1475 -6.33 -73.28 -41.09
N THR D 1476 -5.69 -72.41 -40.29
CA THR D 1476 -6.20 -71.05 -40.14
C THR D 1476 -5.84 -70.17 -41.34
N SER D 1477 -4.75 -70.50 -42.05
CA SER D 1477 -4.25 -69.63 -43.10
C SER D 1477 -5.18 -69.61 -44.30
N CYS D 1478 -4.77 -68.89 -45.34
CA CYS D 1478 -5.59 -68.72 -46.53
C CYS D 1478 -5.76 -70.06 -47.26
N THR D 1479 -6.54 -70.03 -48.34
CA THR D 1479 -6.92 -71.22 -49.07
C THR D 1479 -6.33 -71.18 -50.48
N PHE D 1480 -6.29 -72.35 -51.11
CA PHE D 1480 -5.83 -72.45 -52.48
C PHE D 1480 -6.80 -71.81 -53.47
N SER D 1481 -8.07 -71.72 -53.09
CA SER D 1481 -9.08 -71.05 -53.90
C SER D 1481 -9.29 -69.63 -53.40
N LYS D 1482 -9.52 -68.71 -54.34
CA LYS D 1482 -9.76 -67.32 -53.97
C LYS D 1482 -11.04 -67.22 -53.14
N GLU D 1483 -10.90 -66.92 -51.86
CA GLU D 1483 -12.02 -66.84 -50.94
C GLU D 1483 -12.20 -65.41 -50.47
N TYR D 1484 -13.44 -64.96 -50.42
CA TYR D 1484 -13.74 -63.64 -49.87
C TYR D 1484 -13.78 -63.71 -48.35
N ALA D 1485 -13.16 -62.73 -47.71
CA ALA D 1485 -13.11 -62.67 -46.25
C ALA D 1485 -14.46 -62.18 -45.74
N TRP D 1486 -15.35 -63.13 -45.46
CA TRP D 1486 -16.69 -62.78 -45.00
C TRP D 1486 -16.68 -62.33 -43.54
N LYS D 1487 -15.75 -62.82 -42.73
CA LYS D 1487 -15.74 -62.49 -41.31
C LYS D 1487 -15.51 -61.01 -41.09
N ASP D 1488 -14.44 -60.45 -41.68
CA ASP D 1488 -14.17 -59.03 -41.49
C ASP D 1488 -15.14 -58.17 -42.29
N PHE D 1489 -15.69 -58.70 -43.38
CA PHE D 1489 -16.72 -57.97 -44.11
C PHE D 1489 -17.96 -57.76 -43.25
N LEU D 1490 -18.42 -58.83 -42.59
CA LEU D 1490 -19.59 -58.72 -41.73
C LEU D 1490 -19.29 -57.93 -40.46
N ASN D 1491 -18.08 -58.07 -39.92
CA ASN D 1491 -17.71 -57.33 -38.72
C ASN D 1491 -17.68 -55.83 -38.99
N GLY D 1492 -17.15 -55.43 -40.15
CA GLY D 1492 -17.01 -54.05 -40.51
C GLY D 1492 -18.16 -53.46 -41.30
N ILE D 1493 -19.25 -54.20 -41.49
CA ILE D 1493 -20.38 -53.72 -42.26
C ILE D 1493 -21.31 -52.93 -41.36
N HIS D 1494 -22.10 -52.05 -41.97
CA HIS D 1494 -23.11 -51.28 -41.26
C HIS D 1494 -24.32 -51.10 -42.17
N CYS D 1495 -25.51 -51.30 -41.61
CA CYS D 1495 -26.75 -51.15 -42.34
C CYS D 1495 -27.58 -50.03 -41.74
N ASP D 1496 -28.19 -49.23 -42.60
CA ASP D 1496 -29.00 -48.10 -42.19
C ASP D 1496 -30.37 -48.19 -42.83
N VAL D 1497 -31.40 -47.89 -42.05
CA VAL D 1497 -32.77 -47.92 -42.53
C VAL D 1497 -33.08 -46.62 -43.25
N ILE D 1498 -33.55 -46.72 -44.47
CA ILE D 1498 -33.95 -45.56 -45.28
C ILE D 1498 -35.48 -45.55 -45.36
N PRO D 1499 -36.14 -44.45 -44.98
CA PRO D 1499 -37.60 -44.44 -44.99
C PRO D 1499 -38.18 -44.42 -46.39
N THR D 1500 -38.13 -45.57 -47.07
CA THR D 1500 -38.70 -45.73 -48.40
C THR D 1500 -39.59 -46.97 -48.42
N LYS D 1501 -40.74 -46.85 -49.08
CA LYS D 1501 -41.66 -47.97 -49.15
C LYS D 1501 -41.07 -49.11 -49.98
N GLN D 1502 -41.38 -50.34 -49.57
CA GLN D 1502 -40.88 -51.51 -50.27
C GLN D 1502 -41.50 -51.62 -51.65
N VAL D 1503 -40.66 -51.93 -52.64
CA VAL D 1503 -41.09 -52.09 -54.02
C VAL D 1503 -40.81 -53.53 -54.42
N GLN D 1504 -41.85 -54.24 -54.86
CA GLN D 1504 -41.73 -55.64 -55.25
C GLN D 1504 -41.38 -55.71 -56.73
N ARG D 1505 -40.13 -56.07 -57.03
CA ARG D 1505 -39.67 -56.21 -58.39
C ARG D 1505 -39.85 -57.67 -58.84
N ALA D 1506 -39.29 -58.01 -60.00
CA ALA D 1506 -39.40 -59.36 -60.53
C ALA D 1506 -38.39 -60.25 -59.84
N LYS D 1507 -38.17 -61.46 -60.39
CA LYS D 1507 -37.20 -62.40 -59.86
C LYS D 1507 -36.28 -62.84 -60.97
N VAL D 1508 -34.98 -62.79 -60.71
CA VAL D 1508 -33.97 -63.25 -61.66
C VAL D 1508 -32.97 -64.13 -60.93
N ALA D 1509 -32.46 -65.15 -61.61
CA ALA D 1509 -31.55 -66.11 -61.04
C ALA D 1509 -30.12 -65.74 -61.42
N ARG D 1510 -29.26 -65.57 -60.42
CA ARG D 1510 -27.87 -65.20 -60.63
C ARG D 1510 -26.96 -66.25 -60.02
N THR D 1511 -25.79 -66.42 -60.62
CA THR D 1511 -24.81 -67.40 -60.16
C THR D 1511 -23.96 -66.77 -59.07
N PHE D 1512 -24.14 -67.22 -57.84
CA PHE D 1512 -23.38 -66.74 -56.70
C PHE D 1512 -22.23 -67.71 -56.45
N THR D 1513 -21.02 -67.31 -56.82
CA THR D 1513 -19.83 -68.12 -56.63
C THR D 1513 -19.02 -67.55 -55.47
N VAL D 1514 -18.63 -68.41 -54.55
CA VAL D 1514 -17.86 -67.99 -53.39
C VAL D 1514 -16.39 -68.42 -53.48
N ARG D 1515 -16.11 -69.49 -54.22
CA ARG D 1515 -14.75 -70.02 -54.33
C ARG D 1515 -14.39 -70.14 -55.81
N GLU D 1516 -13.34 -69.43 -56.22
CA GLU D 1516 -12.88 -69.42 -57.59
C GLU D 1516 -11.58 -70.20 -57.70
N LYS D 1517 -11.00 -70.21 -58.89
CA LYS D 1517 -9.75 -70.89 -59.16
C LYS D 1517 -8.71 -69.87 -59.63
N ASP D 1518 -7.50 -69.95 -59.06
CA ASP D 1518 -6.44 -69.04 -59.46
C ASP D 1518 -6.08 -69.25 -60.92
N GLN D 1519 -6.02 -68.14 -61.67
CA GLN D 1519 -5.75 -68.23 -63.10
C GLN D 1519 -4.30 -68.59 -63.39
N ILE D 1520 -3.39 -68.40 -62.43
CA ILE D 1520 -1.99 -68.73 -62.68
C ILE D 1520 -1.80 -70.23 -62.85
N ILE D 1521 -2.56 -71.04 -62.12
CA ILE D 1521 -2.48 -72.48 -62.26
C ILE D 1521 -3.35 -72.88 -63.45
N GLN D 1522 -2.70 -73.31 -64.54
CA GLN D 1522 -3.43 -73.63 -65.77
C GLN D 1522 -4.27 -74.89 -65.64
N ASN D 1523 -3.98 -75.75 -64.67
CA ASN D 1523 -4.72 -76.98 -64.46
C ASN D 1523 -5.48 -76.92 -63.14
N SER D 1524 -6.51 -77.77 -63.04
CA SER D 1524 -7.27 -77.84 -61.81
C SER D 1524 -6.40 -78.37 -60.68
N ILE D 1525 -6.68 -77.89 -59.46
CA ILE D 1525 -5.91 -78.32 -58.29
C ILE D 1525 -5.97 -79.82 -58.09
N PRO D 1526 -7.12 -80.50 -58.20
CA PRO D 1526 -7.10 -81.97 -58.09
C PRO D 1526 -6.18 -82.63 -59.09
N ALA D 1527 -6.12 -82.12 -60.32
CA ALA D 1527 -5.24 -82.71 -61.32
C ALA D 1527 -3.79 -82.61 -60.92
N VAL D 1528 -3.37 -81.43 -60.44
CA VAL D 1528 -1.98 -81.24 -60.05
C VAL D 1528 -1.65 -82.08 -58.82
N ILE D 1529 -2.57 -82.14 -57.86
CA ILE D 1529 -2.34 -82.93 -56.66
C ILE D 1529 -2.19 -84.41 -57.01
N GLY D 1530 -3.09 -84.91 -57.85
CA GLY D 1530 -2.98 -86.31 -58.27
C GLY D 1530 -1.72 -86.58 -59.06
N TYR D 1531 -1.32 -85.64 -59.92
CA TYR D 1531 -0.09 -85.81 -60.68
C TYR D 1531 1.12 -85.87 -59.77
N LYS D 1532 1.15 -85.05 -58.73
CA LYS D 1532 2.23 -85.13 -57.76
C LYS D 1532 2.21 -86.46 -57.02
N PHE D 1533 1.02 -86.91 -56.61
CA PHE D 1533 0.93 -88.14 -55.84
C PHE D 1533 1.04 -89.39 -56.70
N ALA D 1534 0.86 -89.28 -58.01
CA ALA D 1534 0.88 -90.46 -58.86
C ALA D 1534 2.30 -91.00 -58.98
N VAL D 1535 2.47 -92.28 -58.70
CA VAL D 1535 3.75 -92.95 -58.83
C VAL D 1535 3.72 -94.10 -59.83
N THR D 1536 2.56 -94.69 -60.07
CA THR D 1536 2.43 -95.79 -61.02
C THR D 1536 2.21 -95.23 -62.42
N VAL D 1537 2.55 -96.04 -63.43
CA VAL D 1537 2.39 -95.61 -64.81
C VAL D 1537 0.93 -95.35 -65.14
N GLU D 1538 0.03 -96.23 -64.68
CA GLU D 1538 -1.38 -96.08 -65.02
C GLU D 1538 -2.00 -94.90 -64.28
N GLU D 1539 -1.55 -94.60 -63.06
CA GLU D 1539 -1.99 -93.37 -62.40
C GLU D 1539 -1.57 -92.15 -63.20
N MET D 1540 -0.34 -92.17 -63.72
CA MET D 1540 0.13 -91.06 -64.53
C MET D 1540 -0.70 -90.91 -65.80
N SER D 1541 -1.05 -92.04 -66.43
CA SER D 1541 -1.89 -91.98 -67.62
C SER D 1541 -3.26 -91.39 -67.28
N ASP D 1542 -3.84 -91.81 -66.16
CA ASP D 1542 -5.14 -91.28 -65.77
C ASP D 1542 -5.08 -89.78 -65.50
N VAL D 1543 -4.05 -89.32 -64.80
CA VAL D 1543 -3.97 -87.90 -64.48
C VAL D 1543 -3.67 -87.09 -65.73
N LEU D 1544 -2.92 -87.64 -66.69
CA LEU D 1544 -2.69 -86.95 -67.95
C LEU D 1544 -3.98 -86.86 -68.75
N ASP D 1545 -4.79 -87.93 -68.75
CA ASP D 1545 -6.08 -87.88 -69.43
C ASP D 1545 -7.00 -86.84 -68.81
N THR D 1546 -7.06 -86.79 -67.48
CA THR D 1546 -7.94 -85.83 -66.82
C THR D 1546 -7.47 -84.40 -67.02
N ALA D 1547 -6.16 -84.17 -66.98
CA ALA D 1547 -5.63 -82.82 -67.08
C ALA D 1547 -5.80 -82.28 -68.50
N LYS D 1548 -6.30 -81.04 -68.60
CA LYS D 1548 -6.48 -80.41 -69.90
C LYS D 1548 -5.17 -79.88 -70.48
N PHE D 1549 -4.19 -79.57 -69.63
CA PHE D 1549 -2.91 -79.02 -70.08
C PHE D 1549 -1.80 -79.89 -69.48
N PRO D 1550 -1.58 -81.08 -70.03
CA PRO D 1550 -0.57 -81.98 -69.46
C PRO D 1550 0.84 -81.40 -69.45
N ASP D 1551 1.20 -80.59 -70.44
CA ASP D 1551 2.56 -80.09 -70.55
C ASP D 1551 2.89 -79.10 -69.43
N SER D 1552 1.89 -78.44 -68.86
CA SER D 1552 2.11 -77.43 -67.82
C SER D 1552 1.94 -77.98 -66.41
N LEU D 1553 1.78 -79.30 -66.28
CA LEU D 1553 1.59 -79.90 -64.96
C LEU D 1553 2.81 -79.67 -64.07
N SER D 1554 4.01 -79.85 -64.62
CA SER D 1554 5.22 -79.64 -63.85
C SER D 1554 5.36 -78.19 -63.41
N VAL D 1555 5.04 -77.26 -64.32
CA VAL D 1555 5.12 -75.84 -63.97
C VAL D 1555 4.13 -75.50 -62.87
N ASP D 1556 2.90 -76.03 -62.97
CA ASP D 1556 1.90 -75.78 -61.94
C ASP D 1556 2.33 -76.36 -60.60
N LEU D 1557 2.91 -77.56 -60.60
CA LEU D 1557 3.40 -78.15 -59.36
C LEU D 1557 4.53 -77.33 -58.76
N LYS D 1558 5.44 -76.83 -59.60
CA LYS D 1558 6.54 -76.01 -59.10
C LYS D 1558 6.02 -74.72 -58.49
N THR D 1559 5.05 -74.07 -59.15
CA THR D 1559 4.46 -72.86 -58.60
C THR D 1559 3.72 -73.16 -57.30
N MET D 1560 3.05 -74.31 -57.22
CA MET D 1560 2.35 -74.71 -56.01
C MET D 1560 3.33 -74.84 -54.85
N LYS D 1561 4.44 -75.55 -55.09
CA LYS D 1561 5.46 -75.73 -54.05
C LYS D 1561 6.07 -74.40 -53.65
N ASP D 1562 6.37 -73.54 -54.63
CA ASP D 1562 6.96 -72.24 -54.32
C ASP D 1562 6.01 -71.39 -53.48
N GLY D 1563 4.72 -71.38 -53.82
CA GLY D 1563 3.77 -70.62 -53.02
C GLY D 1563 3.63 -71.17 -51.61
N VAL D 1564 3.58 -72.49 -51.47
CA VAL D 1564 3.49 -73.08 -50.14
C VAL D 1564 4.72 -72.73 -49.31
N TYR D 1565 5.91 -72.81 -49.92
CA TYR D 1565 7.14 -72.46 -49.21
C TYR D 1565 7.17 -70.98 -48.86
N ARG D 1566 6.61 -70.13 -49.73
CA ARG D 1566 6.61 -68.70 -49.46
C ARG D 1566 5.70 -68.35 -48.30
N GLU D 1567 4.47 -68.87 -48.30
CA GLU D 1567 3.53 -68.54 -47.25
C GLU D 1567 3.74 -69.37 -46.00
N LEU D 1568 4.26 -70.59 -46.13
CA LEU D 1568 4.45 -71.49 -45.01
C LEU D 1568 5.84 -72.07 -45.02
N GLY D 1569 6.34 -72.41 -43.83
CA GLY D 1569 7.62 -73.11 -43.76
C GLY D 1569 7.55 -74.56 -44.19
N LEU D 1570 6.35 -75.07 -44.48
CA LEU D 1570 6.19 -76.47 -44.83
C LEU D 1570 6.58 -76.69 -46.29
N ASP D 1571 7.26 -77.80 -46.54
CA ASP D 1571 7.72 -78.17 -47.88
C ASP D 1571 6.93 -79.38 -48.36
N ILE D 1572 6.28 -79.22 -49.52
CA ILE D 1572 5.43 -80.29 -50.06
C ILE D 1572 6.21 -81.37 -50.78
N SER D 1573 7.54 -81.28 -50.80
CA SER D 1573 8.34 -82.32 -51.46
C SER D 1573 8.17 -83.66 -50.77
N LEU D 1574 8.14 -83.68 -49.45
CA LEU D 1574 7.92 -84.91 -48.71
C LEU D 1574 6.50 -85.41 -48.94
N PRO D 1575 6.30 -86.66 -49.33
CA PRO D 1575 4.93 -87.14 -49.60
C PRO D 1575 4.01 -87.04 -48.40
N ASP D 1576 4.54 -87.26 -47.19
CA ASP D 1576 3.69 -87.17 -45.99
C ASP D 1576 3.19 -85.75 -45.77
N VAL D 1577 4.05 -84.75 -46.00
CA VAL D 1577 3.67 -83.36 -45.75
C VAL D 1577 2.54 -82.95 -46.68
N MET D 1578 2.70 -83.21 -47.98
CA MET D 1578 1.63 -82.86 -48.92
C MET D 1578 0.39 -83.69 -48.67
N LYS D 1579 0.55 -84.96 -48.31
CA LYS D 1579 -0.60 -85.81 -48.02
C LYS D 1579 -1.42 -85.25 -46.87
N ARG D 1580 -0.76 -84.75 -45.83
CA ARG D 1580 -1.50 -84.22 -44.69
C ARG D 1580 -2.09 -82.85 -44.99
N ILE D 1581 -1.36 -82.00 -45.74
CA ILE D 1581 -1.81 -80.62 -45.90
C ILE D 1581 -2.73 -80.39 -47.10
N ALA D 1582 -2.81 -81.34 -48.03
CA ALA D 1582 -3.63 -81.11 -49.22
C ALA D 1582 -5.11 -80.96 -48.93
N PRO D 1583 -5.76 -81.84 -48.16
CA PRO D 1583 -7.21 -81.65 -47.93
C PRO D 1583 -7.55 -80.36 -47.20
N MET D 1584 -6.67 -79.86 -46.33
CA MET D 1584 -6.95 -78.61 -45.64
C MET D 1584 -6.62 -77.38 -46.48
N LEU D 1585 -5.96 -77.56 -47.63
CA LEU D 1585 -5.64 -76.45 -48.50
C LEU D 1585 -6.57 -76.39 -49.71
N TYR D 1586 -6.82 -77.51 -50.37
CA TYR D 1586 -7.73 -77.53 -51.50
C TYR D 1586 -9.15 -77.79 -51.05
N LYS D 1587 -10.08 -76.96 -51.53
CA LYS D 1587 -11.50 -77.11 -51.29
C LYS D 1587 -12.24 -77.05 -52.62
N SER D 1588 -13.45 -77.61 -52.63
CA SER D 1588 -14.22 -77.76 -53.85
C SER D 1588 -14.64 -76.40 -54.40
N SER D 1589 -14.95 -76.38 -55.69
CA SER D 1589 -15.34 -75.18 -56.41
C SER D 1589 -16.79 -75.27 -56.89
N LYS D 1590 -17.67 -75.75 -56.02
CA LYS D 1590 -19.09 -75.87 -56.38
C LYS D 1590 -19.72 -74.50 -56.59
N SER D 1591 -20.55 -74.40 -57.61
CA SER D 1591 -21.23 -73.16 -57.96
C SER D 1591 -22.70 -73.25 -57.57
N ARG D 1592 -23.27 -72.10 -57.21
CA ARG D 1592 -24.65 -72.02 -56.74
C ARG D 1592 -25.43 -70.99 -57.54
N VAL D 1593 -26.73 -71.18 -57.61
CA VAL D 1593 -27.65 -70.25 -58.26
C VAL D 1593 -28.57 -69.69 -57.19
N VAL D 1594 -28.61 -68.36 -57.08
CA VAL D 1594 -29.38 -67.68 -56.05
C VAL D 1594 -30.41 -66.79 -56.73
N ILE D 1595 -31.66 -66.89 -56.29
CA ILE D 1595 -32.74 -66.09 -56.83
C ILE D 1595 -32.69 -64.70 -56.20
N VAL D 1596 -32.54 -63.68 -57.03
CA VAL D 1596 -32.45 -62.30 -56.56
C VAL D 1596 -33.57 -61.48 -57.22
N GLN D 1597 -33.85 -60.33 -56.63
CA GLN D 1597 -35.02 -59.55 -57.04
C GLN D 1597 -34.73 -58.69 -58.27
N GLY D 1598 -33.82 -57.73 -58.14
CA GLY D 1598 -33.70 -56.72 -59.17
C GLY D 1598 -32.42 -56.74 -59.98
N ASN D 1599 -31.66 -55.64 -59.91
CA ASN D 1599 -30.46 -55.46 -60.72
C ASN D 1599 -29.21 -55.99 -60.05
N VAL D 1600 -29.35 -57.01 -59.19
CA VAL D 1600 -28.19 -57.56 -58.49
C VAL D 1600 -27.20 -58.10 -59.50
N GLU D 1601 -25.97 -57.60 -59.46
CA GLU D 1601 -24.94 -58.02 -60.39
C GLU D 1601 -24.50 -59.45 -60.08
N GLY D 1602 -24.02 -60.15 -61.10
CA GLY D 1602 -23.60 -61.53 -60.95
C GLY D 1602 -22.27 -61.70 -60.23
N THR D 1603 -22.13 -61.06 -59.06
CA THR D 1603 -20.95 -61.19 -58.23
C THR D 1603 -21.36 -61.58 -56.82
N ALA D 1604 -20.44 -62.23 -56.11
CA ALA D 1604 -20.73 -62.67 -54.75
C ALA D 1604 -21.03 -61.49 -53.84
N GLU D 1605 -20.30 -60.39 -54.02
CA GLU D 1605 -20.54 -59.19 -53.23
C GLU D 1605 -21.95 -58.68 -53.42
N ALA D 1606 -22.44 -58.68 -54.66
CA ALA D 1606 -23.79 -58.18 -54.93
C ALA D 1606 -24.85 -59.08 -54.29
N ILE D 1607 -24.68 -60.39 -54.36
CA ILE D 1607 -25.64 -61.30 -53.74
C ILE D 1607 -25.65 -61.11 -52.23
N CYS D 1608 -24.46 -60.99 -51.63
CA CYS D 1608 -24.39 -60.77 -50.18
C CYS D 1608 -25.06 -59.45 -49.81
N ARG D 1609 -24.80 -58.40 -50.58
CA ARG D 1609 -25.44 -57.11 -50.30
C ARG D 1609 -26.95 -57.21 -50.41
N TYR D 1610 -27.44 -57.93 -51.43
CA TYR D 1610 -28.88 -58.12 -51.57
C TYR D 1610 -29.45 -58.84 -50.35
N TRP D 1611 -28.72 -59.85 -49.85
CA TRP D 1611 -29.17 -60.53 -48.64
C TRP D 1611 -29.21 -59.59 -47.44
N LEU D 1612 -28.20 -58.73 -47.32
CA LEU D 1612 -28.22 -57.73 -46.24
C LEU D 1612 -29.41 -56.79 -46.36
N LYS D 1613 -29.72 -56.33 -47.58
CA LYS D 1613 -30.87 -55.45 -47.75
C LYS D 1613 -32.18 -56.19 -47.56
N SER D 1614 -32.15 -57.52 -47.58
CA SER D 1614 -33.35 -58.33 -47.47
C SER D 1614 -33.66 -58.79 -46.05
N MET D 1615 -32.88 -58.35 -45.06
CA MET D 1615 -33.12 -58.79 -43.69
C MET D 1615 -34.47 -58.31 -43.19
N SER D 1616 -34.81 -57.06 -43.48
CA SER D 1616 -36.08 -56.49 -43.04
C SER D 1616 -37.16 -56.83 -44.05
N LEU D 1617 -38.29 -57.34 -43.55
CA LEU D 1617 -39.38 -57.73 -44.43
C LEU D 1617 -40.16 -56.52 -44.96
N VAL D 1618 -40.15 -55.41 -44.23
CA VAL D 1618 -40.93 -54.23 -44.59
C VAL D 1618 -40.04 -53.01 -44.84
N LYS D 1619 -39.04 -52.80 -44.01
CA LYS D 1619 -38.23 -51.58 -44.10
C LYS D 1619 -37.12 -51.73 -45.14
N THR D 1620 -36.92 -50.67 -45.92
CA THR D 1620 -35.81 -50.63 -46.86
C THR D 1620 -34.49 -50.44 -46.11
N ILE D 1621 -33.48 -51.20 -46.48
CA ILE D 1621 -32.20 -51.21 -45.78
C ILE D 1621 -31.12 -50.75 -46.74
N ARG D 1622 -30.29 -49.80 -46.29
CA ARG D 1622 -29.15 -49.33 -47.04
C ARG D 1622 -27.86 -49.72 -46.32
N VAL D 1623 -26.87 -50.16 -47.10
CA VAL D 1623 -25.59 -50.58 -46.57
C VAL D 1623 -24.62 -49.41 -46.68
N LYS D 1624 -24.07 -48.99 -45.54
CA LYS D 1624 -23.19 -47.82 -45.53
C LYS D 1624 -21.93 -48.02 -46.36
N PRO D 1625 -21.15 -49.10 -46.20
CA PRO D 1625 -19.99 -49.26 -47.10
C PRO D 1625 -20.42 -49.73 -48.49
N HIS D 1626 -20.85 -48.76 -49.31
CA HIS D 1626 -21.36 -49.05 -50.64
C HIS D 1626 -20.25 -49.30 -51.66
N LYS D 1627 -18.99 -49.13 -51.28
CA LYS D 1627 -17.88 -49.39 -52.18
C LYS D 1627 -17.63 -50.89 -52.31
N GLU D 1628 -16.70 -51.24 -53.20
CA GLU D 1628 -16.31 -52.63 -53.39
C GLU D 1628 -15.35 -53.04 -52.29
N VAL D 1629 -15.77 -53.97 -51.44
CA VAL D 1629 -14.97 -54.39 -50.29
C VAL D 1629 -14.64 -55.86 -50.47
N LEU D 1630 -14.49 -56.29 -51.73
CA LEU D 1630 -14.15 -57.68 -52.01
C LEU D 1630 -12.75 -58.01 -51.51
N GLN D 1631 -12.57 -59.25 -51.08
CA GLN D 1631 -11.30 -59.72 -50.52
C GLN D 1631 -10.88 -61.02 -51.20
N ALA D 1632 -10.90 -61.05 -52.53
CA ALA D 1632 -10.52 -62.24 -53.27
C ALA D 1632 -9.03 -62.48 -53.06
N VAL D 1633 -8.71 -63.44 -52.20
CA VAL D 1633 -7.34 -63.67 -51.75
C VAL D 1633 -7.07 -65.17 -51.78
N SER D 1634 -5.84 -65.54 -52.15
CA SER D 1634 -5.42 -66.93 -52.21
C SER D 1634 -4.02 -67.04 -51.63
N ILE D 1635 -3.48 -68.26 -51.62
CA ILE D 1635 -2.10 -68.47 -51.19
C ILE D 1635 -1.15 -67.74 -52.13
N PHE D 1636 -1.44 -67.80 -53.43
CA PHE D 1636 -0.50 -67.21 -54.43
C PHE D 1636 -0.81 -65.73 -54.65
N ASN D 1637 -1.89 -65.23 -54.06
CA ASN D 1637 -2.25 -63.80 -54.19
C ASN D 1637 -1.12 -62.95 -53.61
N ARG D 1638 -0.67 -63.31 -52.41
CA ARG D 1638 0.44 -62.60 -51.72
C ARG D 1638 1.70 -62.70 -52.59
N LYS D 1639 1.93 -63.85 -53.21
CA LYS D 1639 3.10 -64.04 -54.12
C LYS D 1639 3.02 -63.01 -55.25
N GLU D 1640 1.89 -62.96 -55.95
CA GLU D 1640 1.73 -62.00 -57.07
C GLU D 1640 1.98 -60.58 -56.54
N ASP D 1641 1.46 -60.28 -55.35
CA ASP D 1641 1.63 -58.94 -54.73
C ASP D 1641 3.11 -58.60 -54.58
N ILE D 1642 3.89 -59.47 -53.90
CA ILE D 1642 5.32 -59.14 -53.64
C ILE D 1642 6.06 -59.11 -54.98
N GLY D 1643 5.55 -59.84 -55.97
CA GLY D 1643 6.14 -59.83 -57.33
C GLY D 1643 6.48 -58.43 -57.80
N GLN D 1644 5.67 -57.42 -57.46
CA GLN D 1644 5.98 -56.06 -57.85
C GLN D 1644 7.14 -55.50 -57.04
N GLN D 1645 7.18 -55.81 -55.74
CA GLN D 1645 8.29 -55.34 -54.90
C GLN D 1645 9.62 -55.92 -55.36
N LYS D 1646 9.64 -57.23 -55.67
CA LYS D 1646 10.88 -57.84 -56.15
C LYS D 1646 11.30 -57.25 -57.48
N ASP D 1647 10.34 -57.03 -58.39
CA ASP D 1647 10.68 -56.42 -59.67
C ASP D 1647 11.23 -55.01 -59.48
N LEU D 1648 10.63 -54.23 -58.58
CA LEU D 1648 11.13 -52.89 -58.29
C LEU D 1648 12.53 -52.93 -57.72
N ALA D 1649 12.80 -53.83 -56.78
CA ALA D 1649 14.13 -53.94 -56.20
C ALA D 1649 15.16 -54.33 -57.25
N ALA D 1650 14.82 -55.30 -58.10
CA ALA D 1650 15.74 -55.72 -59.14
C ALA D 1650 16.03 -54.59 -60.13
N LEU D 1651 14.98 -53.86 -60.54
CA LEU D 1651 15.18 -52.75 -61.45
C LEU D 1651 16.04 -51.67 -60.82
N LYS D 1652 15.80 -51.35 -59.56
CA LYS D 1652 16.58 -50.32 -58.89
C LYS D 1652 18.04 -50.73 -58.76
N LEU D 1653 18.29 -51.99 -58.42
CA LEU D 1653 19.66 -52.46 -58.28
C LEU D 1653 20.38 -52.46 -59.62
N CYS D 1654 19.68 -52.86 -60.69
CA CYS D 1654 20.26 -52.78 -62.03
C CYS D 1654 20.56 -51.34 -62.41
N ILE D 1655 19.66 -50.42 -62.05
CA ILE D 1655 19.91 -49.00 -62.29
C ILE D 1655 21.18 -48.56 -61.58
N GLU D 1656 21.33 -48.94 -60.32
CA GLU D 1656 22.48 -48.50 -59.54
C GLU D 1656 23.78 -49.05 -60.12
N VAL D 1657 23.81 -50.34 -60.45
CA VAL D 1657 25.05 -50.93 -60.98
C VAL D 1657 25.36 -50.35 -62.35
N TRP D 1658 24.33 -50.13 -63.17
CA TRP D 1658 24.54 -49.50 -64.47
C TRP D 1658 25.10 -48.08 -64.32
N ARG D 1659 24.53 -47.29 -63.42
CA ARG D 1659 24.99 -45.93 -63.23
C ARG D 1659 26.43 -45.90 -62.72
N TRP D 1660 26.77 -46.81 -61.81
CA TRP D 1660 28.15 -46.88 -61.33
C TRP D 1660 29.11 -47.26 -62.45
N CYS D 1661 28.72 -48.24 -63.28
CA CYS D 1661 29.55 -48.61 -64.41
C CYS D 1661 29.68 -47.46 -65.40
N LYS D 1662 28.63 -46.64 -65.53
CA LYS D 1662 28.69 -45.47 -66.40
C LYS D 1662 29.69 -44.43 -65.88
N ALA D 1663 29.66 -44.17 -64.57
CA ALA D 1663 30.54 -43.15 -64.01
C ALA D 1663 32.00 -43.51 -64.22
N ASN D 1664 32.35 -44.76 -63.94
CA ASN D 1664 33.70 -45.26 -64.17
C ASN D 1664 33.76 -45.91 -65.55
N SER D 1665 34.83 -46.66 -65.82
CA SER D 1665 34.98 -47.42 -67.05
C SER D 1665 34.87 -48.89 -66.68
N ALA D 1666 33.71 -49.48 -66.95
CA ALA D 1666 33.46 -50.86 -66.55
C ALA D 1666 32.82 -51.65 -67.68
N PRO D 1667 33.04 -52.96 -67.73
CA PRO D 1667 32.42 -53.79 -68.75
C PRO D 1667 30.94 -54.01 -68.50
N TYR D 1668 30.12 -53.09 -69.01
CA TYR D 1668 28.68 -53.10 -68.86
C TYR D 1668 28.09 -54.49 -69.04
N ARG D 1669 28.21 -55.02 -70.27
CA ARG D 1669 27.56 -56.28 -70.63
C ARG D 1669 28.20 -57.46 -69.91
N ASP D 1670 29.53 -57.45 -69.77
CA ASP D 1670 30.19 -58.56 -69.09
C ASP D 1670 29.73 -58.67 -67.65
N TRP D 1671 29.62 -57.54 -66.95
CA TRP D 1671 29.07 -57.54 -65.60
C TRP D 1671 27.62 -58.00 -65.61
N PHE D 1672 26.84 -57.51 -66.58
CA PHE D 1672 25.42 -57.87 -66.62
C PHE D 1672 25.23 -59.34 -66.94
N GLN D 1673 26.22 -59.99 -67.53
CA GLN D 1673 26.19 -61.44 -67.70
C GLN D 1673 26.83 -62.19 -66.56
N ALA D 1674 27.38 -61.48 -65.57
CA ALA D 1674 28.06 -62.09 -64.44
C ALA D 1674 27.26 -61.98 -63.15
N LEU D 1675 26.77 -60.78 -62.83
CA LEU D 1675 26.07 -60.56 -61.59
C LEU D 1675 24.74 -61.31 -61.57
N TRP D 1676 24.34 -61.73 -60.37
CA TRP D 1676 23.15 -62.55 -60.16
C TRP D 1676 22.31 -61.95 -59.04
N PHE D 1677 21.00 -61.95 -59.24
CA PHE D 1677 20.07 -61.44 -58.23
C PHE D 1677 18.92 -62.43 -58.09
N GLU D 1678 18.64 -62.83 -56.86
CA GLU D 1678 17.60 -63.81 -56.55
C GLU D 1678 17.82 -65.10 -57.35
N ASP D 1679 16.96 -65.35 -58.33
CA ASP D 1679 17.06 -66.54 -59.17
C ASP D 1679 17.17 -66.21 -60.65
N LYS D 1680 17.42 -64.95 -60.99
CA LYS D 1680 17.49 -64.52 -62.38
C LYS D 1680 18.73 -63.65 -62.56
N THR D 1681 19.51 -63.95 -63.59
CA THR D 1681 20.72 -63.17 -63.83
C THR D 1681 20.34 -61.77 -64.32
N PHE D 1682 21.36 -60.90 -64.39
CA PHE D 1682 21.11 -59.50 -64.72
C PHE D 1682 20.66 -59.33 -66.17
N SER D 1683 21.26 -60.10 -67.08
CA SER D 1683 20.84 -60.03 -68.48
C SER D 1683 19.41 -60.49 -68.65
N GLU D 1684 19.03 -61.57 -67.96
CA GLU D 1684 17.64 -62.03 -68.01
C GLU D 1684 16.71 -61.02 -67.34
N TRP D 1685 17.17 -60.33 -66.30
CA TRP D 1685 16.37 -59.26 -65.72
C TRP D 1685 16.15 -58.15 -66.72
N LEU D 1686 17.19 -57.79 -67.48
CA LEU D 1686 17.05 -56.79 -68.53
C LEU D 1686 16.04 -57.24 -69.59
N ASP D 1687 16.12 -58.51 -70.00
CA ASP D 1687 15.18 -59.02 -70.98
C ASP D 1687 13.75 -58.99 -70.45
N ARG D 1688 13.56 -59.36 -69.18
CA ARG D 1688 12.23 -59.31 -68.60
C ARG D 1688 11.70 -57.88 -68.50
N PHE D 1689 12.59 -56.93 -68.18
CA PHE D 1689 12.18 -55.53 -68.15
C PHE D 1689 11.78 -55.04 -69.54
N CYS D 1690 12.49 -55.47 -70.58
CA CYS D 1690 12.08 -55.15 -71.94
C CYS D 1690 10.72 -55.77 -72.26
N ARG D 1691 10.49 -57.01 -71.83
CA ARG D 1691 9.27 -57.71 -72.18
C ARG D 1691 8.05 -57.13 -71.47
N VAL D 1692 8.04 -57.18 -70.13
CA VAL D 1692 6.87 -56.74 -69.39
C VAL D 1692 6.81 -55.22 -69.28
N GLY D 1693 7.91 -54.53 -69.54
CA GLY D 1693 7.94 -53.09 -69.42
C GLY D 1693 8.48 -52.63 -68.09
N VAL D 1694 7.97 -51.51 -67.58
CA VAL D 1694 8.44 -50.94 -66.33
C VAL D 1694 7.25 -50.55 -65.45
N PRO D 1695 7.22 -50.98 -64.19
CA PRO D 1695 6.17 -50.50 -63.28
C PRO D 1695 6.30 -49.01 -63.04
N PRO D 1696 5.20 -48.30 -62.88
CA PRO D 1696 5.28 -46.85 -62.72
C PRO D 1696 5.71 -46.43 -61.32
N ILE D 1697 6.97 -46.02 -61.19
CA ILE D 1697 7.49 -45.43 -59.95
C ILE D 1697 8.32 -44.22 -60.35
N ASP D 1698 7.97 -43.06 -59.81
CA ASP D 1698 8.44 -41.79 -60.35
C ASP D 1698 9.96 -41.63 -60.43
N PRO D 1699 10.74 -41.85 -59.36
CA PRO D 1699 12.14 -41.40 -59.39
C PRO D 1699 13.05 -42.19 -60.32
N GLU D 1700 12.62 -43.34 -60.86
CA GLU D 1700 13.51 -44.14 -61.67
C GLU D 1700 12.90 -44.59 -63.00
N ILE D 1701 11.72 -44.08 -63.37
CA ILE D 1701 11.14 -44.42 -64.67
C ILE D 1701 12.07 -43.97 -65.78
N GLN D 1702 12.54 -42.72 -65.71
CA GLN D 1702 13.43 -42.20 -66.75
C GLN D 1702 14.76 -42.92 -66.74
N CYS D 1703 15.27 -43.26 -65.56
CA CYS D 1703 16.53 -44.00 -65.49
C CYS D 1703 16.41 -45.36 -66.14
N ALA D 1704 15.32 -46.07 -65.86
CA ALA D 1704 15.11 -47.37 -66.49
C ALA D 1704 14.96 -47.24 -68.00
N ALA D 1705 14.25 -46.21 -68.45
CA ALA D 1705 14.11 -45.97 -69.88
C ALA D 1705 15.47 -45.74 -70.52
N LEU D 1706 16.32 -44.95 -69.86
CA LEU D 1706 17.62 -44.63 -70.44
C LEU D 1706 18.51 -45.87 -70.45
N MET D 1707 18.44 -46.70 -69.40
CA MET D 1707 19.17 -47.96 -69.42
C MET D 1707 18.75 -48.83 -70.58
N ILE D 1708 17.43 -49.00 -70.77
CA ILE D 1708 16.94 -49.84 -71.84
C ILE D 1708 17.45 -49.32 -73.18
N ALA D 1709 17.28 -48.02 -73.42
CA ALA D 1709 17.68 -47.45 -74.70
C ALA D 1709 19.19 -47.54 -74.91
N ASP D 1710 19.97 -47.50 -73.82
CA ASP D 1710 21.43 -47.47 -73.97
C ASP D 1710 21.99 -48.85 -74.22
N ILE D 1711 21.66 -49.82 -73.37
CA ILE D 1711 22.31 -51.13 -73.43
C ILE D 1711 21.50 -52.12 -74.25
N LYS D 1712 20.16 -52.05 -74.22
CA LYS D 1712 19.40 -52.93 -75.09
C LYS D 1712 19.43 -52.45 -76.54
N GLY D 1713 19.53 -51.15 -76.76
CA GLY D 1713 19.70 -50.60 -78.09
C GLY D 1713 18.47 -49.99 -78.72
N ASP D 1714 17.28 -50.24 -78.15
CA ASP D 1714 16.04 -49.72 -78.71
C ASP D 1714 15.54 -48.57 -77.87
N TYR D 1715 15.26 -47.44 -78.53
CA TYR D 1715 14.82 -46.23 -77.83
C TYR D 1715 13.30 -46.21 -77.66
N SER D 1716 12.75 -47.31 -77.15
CA SER D 1716 11.30 -47.44 -77.05
C SER D 1716 10.76 -46.88 -75.74
N VAL D 1717 11.39 -47.23 -74.62
CA VAL D 1717 10.88 -46.78 -73.33
C VAL D 1717 11.09 -45.28 -73.17
N LEU D 1718 12.18 -44.73 -73.73
CA LEU D 1718 12.35 -43.28 -73.73
C LEU D 1718 11.24 -42.59 -74.51
N GLN D 1719 10.88 -43.14 -75.67
CA GLN D 1719 9.77 -42.57 -76.43
C GLN D 1719 8.47 -42.66 -75.66
N LEU D 1720 8.23 -43.78 -74.98
CA LEU D 1720 7.02 -43.92 -74.17
C LEU D 1720 7.00 -42.90 -73.04
N GLN D 1721 8.14 -42.70 -72.37
CA GLN D 1721 8.23 -41.70 -71.30
C GLN D 1721 7.98 -40.30 -71.84
N ALA D 1722 8.55 -39.98 -72.99
CA ALA D 1722 8.34 -38.66 -73.59
C ALA D 1722 6.87 -38.46 -73.93
N ASN D 1723 6.22 -39.50 -74.45
CA ASN D 1723 4.80 -39.39 -74.79
C ASN D 1723 3.94 -39.21 -73.55
N ARG D 1724 4.26 -39.92 -72.46
CA ARG D 1724 3.35 -39.94 -71.33
C ARG D 1724 3.62 -38.83 -70.32
N ARG D 1725 4.85 -38.66 -69.86
CA ARG D 1725 5.13 -37.77 -68.74
C ARG D 1725 6.44 -37.02 -68.96
N ALA D 1726 6.68 -36.52 -70.17
CA ALA D 1726 7.90 -35.74 -70.42
C ALA D 1726 7.65 -34.78 -71.58
N TYR D 1727 7.34 -33.54 -71.24
CA TYR D 1727 7.30 -32.45 -72.20
C TYR D 1727 8.13 -31.25 -71.75
N SER D 1728 8.12 -30.94 -70.45
CA SER D 1728 8.88 -29.83 -69.87
C SER D 1728 8.64 -28.53 -70.63
N GLY D 1729 9.66 -27.69 -70.70
CA GLY D 1729 9.57 -26.44 -71.44
C GLY D 1729 8.68 -25.42 -70.73
N LYS D 1730 8.47 -24.31 -71.42
CA LYS D 1730 7.63 -23.23 -70.92
C LYS D 1730 6.80 -22.71 -72.10
N GLN D 1731 5.52 -23.06 -72.13
CA GLN D 1731 4.62 -22.66 -73.21
C GLN D 1731 4.04 -21.29 -72.85
N TYR D 1732 4.50 -20.25 -73.54
CA TYR D 1732 4.05 -18.89 -73.30
C TYR D 1732 2.86 -18.57 -74.18
N ASP D 1733 1.90 -17.82 -73.63
CA ASP D 1733 0.73 -17.42 -74.39
C ASP D 1733 1.11 -16.45 -75.50
N ALA D 1734 0.50 -16.63 -76.68
CA ALA D 1734 0.79 -15.75 -77.80
C ALA D 1734 0.33 -14.32 -77.53
N TYR D 1735 -0.83 -14.17 -76.90
CA TYR D 1735 -1.38 -12.84 -76.61
C TYR D 1735 -0.71 -12.16 -75.43
N CYS D 1736 0.12 -12.87 -74.67
CA CYS D 1736 0.82 -12.30 -73.52
C CYS D 1736 2.23 -11.89 -73.94
N VAL D 1737 2.52 -10.60 -73.83
CA VAL D 1737 3.81 -10.04 -74.22
C VAL D 1737 4.43 -9.38 -72.99
N GLN D 1738 5.68 -9.73 -72.71
CA GLN D 1738 6.41 -9.19 -71.58
C GLN D 1738 7.51 -8.25 -72.06
N THR D 1739 7.67 -7.13 -71.35
CA THR D 1739 8.70 -6.15 -71.65
C THR D 1739 9.73 -6.16 -70.53
N TYR D 1740 10.99 -6.34 -70.89
CA TYR D 1740 12.07 -6.41 -69.91
C TYR D 1740 12.55 -5.00 -69.57
N ASN D 1741 12.52 -4.66 -68.29
CA ASN D 1741 12.98 -3.35 -67.83
C ASN D 1741 14.42 -3.47 -67.36
N GLU D 1742 15.32 -2.75 -68.02
CA GLU D 1742 16.74 -2.83 -67.69
C GLU D 1742 17.04 -2.18 -66.34
N VAL D 1743 16.27 -1.15 -65.96
CA VAL D 1743 16.52 -0.46 -64.70
C VAL D 1743 16.25 -1.39 -63.51
N THR D 1744 15.12 -2.08 -63.53
CA THR D 1744 14.75 -2.99 -62.45
C THR D 1744 15.21 -4.42 -62.69
N LYS D 1745 15.76 -4.72 -63.87
CA LYS D 1745 16.22 -6.06 -64.22
C LYS D 1745 15.10 -7.09 -64.10
N LEU D 1746 13.86 -6.67 -64.35
CA LEU D 1746 12.70 -7.54 -64.25
C LEU D 1746 11.77 -7.29 -65.43
N TYR D 1747 11.10 -8.34 -65.87
CA TYR D 1747 10.15 -8.23 -66.96
C TYR D 1747 8.89 -7.52 -66.49
N GLU D 1748 8.17 -6.93 -67.45
CA GLU D 1748 6.92 -6.24 -67.18
C GLU D 1748 5.90 -6.62 -68.24
N GLY D 1749 4.66 -6.83 -67.81
CA GLY D 1749 3.59 -7.20 -68.71
C GLY D 1749 2.91 -8.50 -68.34
N ASP D 1750 1.65 -8.66 -68.76
CA ASP D 1750 0.91 -9.87 -68.44
C ASP D 1750 1.56 -11.09 -69.06
N LEU D 1751 1.61 -12.18 -68.30
CA LEU D 1751 2.26 -13.40 -68.74
C LEU D 1751 1.41 -14.60 -68.34
N ARG D 1752 1.28 -15.56 -69.26
CA ARG D 1752 0.59 -16.82 -69.01
C ARG D 1752 1.45 -17.96 -69.53
N VAL D 1753 1.88 -18.83 -68.63
CA VAL D 1753 2.78 -19.93 -68.96
C VAL D 1753 2.09 -21.24 -68.60
N THR D 1754 2.08 -22.18 -69.55
CA THR D 1754 1.58 -23.53 -69.33
C THR D 1754 2.76 -24.49 -69.30
N PHE D 1755 2.92 -25.19 -68.18
CA PHE D 1755 4.02 -26.13 -68.00
C PHE D 1755 3.52 -27.52 -68.32
N ASN D 1756 3.87 -28.02 -69.50
CA ASN D 1756 3.47 -29.35 -69.94
C ASN D 1756 4.46 -30.39 -69.46
N PHE D 1757 3.97 -31.41 -68.77
CA PHE D 1757 4.78 -32.51 -68.26
C PHE D 1757 4.21 -33.84 -68.73
N GLY D 1758 3.85 -33.92 -70.01
CA GLY D 1758 3.27 -35.12 -70.57
C GLY D 1758 1.76 -35.11 -70.42
N LEU D 1759 1.21 -36.20 -69.88
CA LEU D 1759 -0.24 -36.25 -69.65
C LEU D 1759 -0.69 -35.22 -68.64
N ASP D 1760 0.19 -34.83 -67.72
CA ASP D 1760 -0.12 -33.82 -66.71
C ASP D 1760 0.47 -32.48 -67.14
N CYS D 1761 -0.32 -31.42 -66.98
CA CYS D 1761 0.09 -30.07 -67.35
C CYS D 1761 -0.14 -29.13 -66.19
N ALA D 1762 0.69 -28.09 -66.12
CA ALA D 1762 0.61 -27.07 -65.06
C ALA D 1762 0.32 -25.73 -65.74
N ARG D 1763 -0.80 -25.12 -65.37
CA ARG D 1763 -1.21 -23.83 -65.92
C ARG D 1763 -0.90 -22.74 -64.90
N LEU D 1764 -0.10 -21.76 -65.30
CA LEU D 1764 0.31 -20.67 -64.44
C LEU D 1764 -0.21 -19.35 -65.00
N GLU D 1765 -0.95 -18.61 -64.17
CA GLU D 1765 -1.47 -17.30 -64.54
C GLU D 1765 -0.96 -16.27 -63.54
N ILE D 1766 -0.47 -15.15 -64.04
CA ILE D 1766 0.12 -14.09 -63.22
C ILE D 1766 -0.68 -12.81 -63.45
N PHE D 1767 -1.15 -12.22 -62.36
CA PHE D 1767 -1.87 -10.94 -62.40
C PHE D 1767 -0.91 -9.86 -61.91
N TRP D 1768 -0.37 -9.08 -62.85
CA TRP D 1768 0.61 -8.07 -62.49
C TRP D 1768 -0.01 -6.88 -61.79
N ASP D 1769 -1.25 -6.52 -62.15
CA ASP D 1769 -1.91 -5.39 -61.50
C ASP D 1769 -2.12 -5.65 -60.01
N LYS D 1770 -2.54 -6.85 -59.66
CA LYS D 1770 -2.77 -7.23 -58.27
C LYS D 1770 -1.56 -7.90 -57.62
N LYS D 1771 -0.48 -8.11 -58.38
CA LYS D 1771 0.71 -8.80 -57.89
C LYS D 1771 0.36 -10.15 -57.30
N ALA D 1772 -0.51 -10.88 -57.98
CA ALA D 1772 -0.98 -12.19 -57.54
C ALA D 1772 -0.80 -13.20 -58.66
N TYR D 1773 -0.71 -14.46 -58.28
CA TYR D 1773 -0.50 -15.56 -59.22
C TYR D 1773 -1.49 -16.69 -58.91
N ILE D 1774 -1.84 -17.43 -59.95
CA ILE D 1774 -2.70 -18.61 -59.83
C ILE D 1774 -1.98 -19.79 -60.48
N LEU D 1775 -1.80 -20.86 -59.73
CA LEU D 1775 -1.10 -22.05 -60.20
C LEU D 1775 -2.07 -23.23 -60.19
N GLU D 1776 -2.36 -23.76 -61.38
CA GLU D 1776 -3.22 -24.92 -61.53
C GLU D 1776 -2.43 -26.03 -62.20
N THR D 1777 -2.43 -27.22 -61.58
CA THR D 1777 -1.64 -28.33 -62.09
C THR D 1777 -2.34 -29.64 -61.73
N SER D 1778 -1.96 -30.70 -62.45
CA SER D 1778 -2.48 -32.04 -62.20
C SER D 1778 -1.39 -33.02 -61.80
N ILE D 1779 -0.20 -32.52 -61.45
CA ILE D 1779 0.92 -33.38 -61.09
C ILE D 1779 0.78 -33.81 -59.63
N THR D 1780 0.83 -35.11 -59.40
CA THR D 1780 0.73 -35.66 -58.06
C THR D 1780 1.98 -36.40 -57.60
N GLN D 1781 2.90 -36.73 -58.51
CA GLN D 1781 4.12 -37.44 -58.16
C GLN D 1781 5.12 -36.48 -57.51
N LYS D 1782 6.18 -37.05 -56.94
CA LYS D 1782 7.03 -36.28 -56.03
C LYS D 1782 8.05 -35.41 -56.75
N HIS D 1783 8.99 -36.03 -57.47
CA HIS D 1783 10.10 -35.25 -58.02
C HIS D 1783 9.69 -34.44 -59.25
N VAL D 1784 8.69 -34.89 -60.00
CA VAL D 1784 8.14 -34.07 -61.07
C VAL D 1784 7.53 -32.80 -60.49
N LEU D 1785 6.80 -32.94 -59.38
CA LEU D 1785 6.25 -31.78 -58.69
C LEU D 1785 7.37 -30.87 -58.19
N LYS D 1786 8.45 -31.46 -57.67
CA LYS D 1786 9.57 -30.64 -57.20
C LYS D 1786 10.20 -29.85 -58.34
N ILE D 1787 10.38 -30.49 -59.49
CA ILE D 1787 10.94 -29.81 -60.66
C ILE D 1787 10.02 -28.69 -61.12
N MET D 1788 8.71 -28.95 -61.14
CA MET D 1788 7.76 -27.93 -61.57
C MET D 1788 7.74 -26.76 -60.59
N MET D 1789 7.84 -27.05 -59.29
CA MET D 1789 7.93 -25.98 -58.29
C MET D 1789 9.18 -25.15 -58.50
N ASP D 1790 10.32 -25.79 -58.79
CA ASP D 1790 11.55 -25.05 -59.04
C ASP D 1790 11.40 -24.16 -60.27
N GLU D 1791 10.80 -24.69 -61.34
CA GLU D 1791 10.62 -23.90 -62.56
C GLU D 1791 9.71 -22.71 -62.33
N VAL D 1792 8.58 -22.92 -61.63
CA VAL D 1792 7.67 -21.82 -61.37
C VAL D 1792 8.29 -20.80 -60.43
N SER D 1793 9.09 -21.25 -59.46
CA SER D 1793 9.79 -20.32 -58.59
C SER D 1793 10.80 -19.48 -59.36
N LYS D 1794 11.53 -20.10 -60.29
CA LYS D 1794 12.45 -19.33 -61.13
C LYS D 1794 11.69 -18.32 -61.99
N GLU D 1795 10.55 -18.73 -62.55
CA GLU D 1795 9.74 -17.81 -63.35
C GLU D 1795 9.26 -16.63 -62.51
N LEU D 1796 8.80 -16.89 -61.28
CA LEU D 1796 8.34 -15.82 -60.40
C LEU D 1796 9.48 -14.90 -60.02
N ILE D 1797 10.67 -15.46 -59.75
CA ILE D 1797 11.83 -14.63 -59.43
C ILE D 1797 12.18 -13.74 -60.61
N LYS D 1798 12.14 -14.28 -61.82
CA LYS D 1798 12.35 -13.46 -63.01
C LYS D 1798 11.27 -12.39 -63.15
N CYS D 1799 10.05 -12.69 -62.71
CA CYS D 1799 8.96 -11.73 -62.78
C CYS D 1799 8.93 -10.78 -61.59
N GLY D 1800 9.71 -11.03 -60.54
CA GLY D 1800 9.85 -10.10 -59.45
C GLY D 1800 9.04 -10.38 -58.20
N MET D 1801 8.39 -11.54 -58.10
CA MET D 1801 7.64 -11.90 -56.91
C MET D 1801 8.06 -13.29 -56.45
N ARG D 1802 7.56 -13.69 -55.28
CA ARG D 1802 7.90 -14.96 -54.68
C ARG D 1802 6.63 -15.69 -54.25
N PHE D 1803 6.79 -16.98 -53.96
CA PHE D 1803 5.66 -17.79 -53.53
C PHE D 1803 5.13 -17.32 -52.18
N ASN D 1804 3.82 -17.38 -52.01
CA ASN D 1804 3.17 -17.02 -50.75
C ASN D 1804 3.16 -18.26 -49.86
N THR D 1805 3.91 -18.20 -48.76
CA THR D 1805 4.05 -19.32 -47.84
C THR D 1805 3.42 -18.98 -46.50
N GLU D 1806 2.57 -19.86 -45.98
CA GLU D 1806 1.93 -19.69 -44.69
C GLU D 1806 2.22 -20.91 -43.82
N GLN D 1807 2.64 -20.67 -42.59
CA GLN D 1807 2.92 -21.73 -41.64
C GLN D 1807 1.67 -21.98 -40.80
N VAL D 1808 1.05 -23.14 -41.00
CA VAL D 1808 -0.16 -23.51 -40.28
C VAL D 1808 0.01 -24.91 -39.72
N GLN D 1809 -0.75 -25.21 -38.66
CA GLN D 1809 -0.70 -26.51 -38.02
C GLN D 1809 -1.69 -27.51 -38.62
N GLY D 1810 -2.54 -27.09 -39.54
CA GLY D 1810 -3.50 -27.98 -40.16
C GLY D 1810 -4.46 -27.28 -41.09
N VAL D 1811 -4.78 -27.91 -42.22
CA VAL D 1811 -5.69 -27.37 -43.22
C VAL D 1811 -6.81 -28.37 -43.45
N ARG D 1812 -8.05 -27.89 -43.41
CA ARG D 1812 -9.20 -28.76 -43.59
C ARG D 1812 -9.38 -29.20 -45.04
N HIS D 1813 -8.81 -28.47 -45.99
CA HIS D 1813 -8.95 -28.77 -47.41
C HIS D 1813 -7.63 -29.27 -47.99
N MET D 1814 -7.68 -29.63 -49.27
CA MET D 1814 -6.50 -30.09 -49.99
C MET D 1814 -5.66 -28.89 -50.40
N VAL D 1815 -4.43 -28.82 -49.89
CA VAL D 1815 -3.50 -27.74 -50.21
C VAL D 1815 -2.14 -28.35 -50.52
N LEU D 1816 -1.32 -27.56 -51.23
CA LEU D 1816 0.03 -27.98 -51.56
C LEU D 1816 0.96 -27.60 -50.41
N PHE D 1817 1.56 -28.60 -49.78
CA PHE D 1817 2.44 -28.40 -48.63
C PHE D 1817 3.77 -29.08 -48.88
N LYS D 1818 4.83 -28.50 -48.31
CA LYS D 1818 6.18 -29.01 -48.44
C LYS D 1818 6.61 -29.66 -47.14
N THR D 1819 7.10 -30.89 -47.22
CA THR D 1819 7.60 -31.63 -46.07
C THR D 1819 9.10 -31.89 -46.25
N GLU D 1820 9.68 -32.64 -45.30
CA GLU D 1820 11.09 -32.97 -45.40
C GLU D 1820 11.39 -33.87 -46.58
N SER D 1821 10.46 -34.75 -46.94
CA SER D 1821 10.64 -35.65 -48.07
C SER D 1821 10.35 -34.99 -49.42
N GLY D 1822 9.69 -33.83 -49.43
CA GLY D 1822 9.39 -33.15 -50.66
C GLY D 1822 8.04 -32.45 -50.67
N PHE D 1823 7.44 -32.34 -51.85
CA PHE D 1823 6.14 -31.69 -52.02
C PHE D 1823 5.07 -32.73 -52.24
N GLU D 1824 3.98 -32.64 -51.47
CA GLU D 1824 2.90 -33.60 -51.56
C GLU D 1824 1.56 -32.86 -51.55
N TRP D 1825 0.54 -33.52 -52.09
CA TRP D 1825 -0.81 -32.97 -52.15
C TRP D 1825 -1.71 -33.74 -51.19
N GLY D 1826 -2.50 -33.01 -50.41
CA GLY D 1826 -3.42 -33.63 -49.46
C GLY D 1826 -3.76 -32.67 -48.34
N LYS D 1827 -4.22 -33.25 -47.24
CA LYS D 1827 -4.55 -32.49 -46.04
C LYS D 1827 -3.45 -32.67 -45.01
N PRO D 1828 -2.60 -31.68 -44.77
CA PRO D 1828 -1.53 -31.84 -43.79
C PRO D 1828 -2.04 -31.57 -42.37
N ASN D 1829 -1.85 -32.55 -41.49
CA ASN D 1829 -2.17 -32.42 -40.08
C ASN D 1829 -0.94 -32.09 -39.23
N ILE D 1830 0.19 -31.82 -39.87
CA ILE D 1830 1.44 -31.53 -39.18
C ILE D 1830 1.82 -30.08 -39.47
N PRO D 1831 2.29 -29.32 -38.49
CA PRO D 1831 2.76 -27.95 -38.76
C PRO D 1831 3.89 -27.95 -39.77
N CYS D 1832 3.62 -27.36 -40.93
CA CYS D 1832 4.59 -27.31 -42.02
C CYS D 1832 4.35 -26.04 -42.81
N ILE D 1833 4.92 -25.97 -44.02
CA ILE D 1833 4.80 -24.81 -44.89
C ILE D 1833 3.81 -25.17 -45.99
N VAL D 1834 2.78 -24.33 -46.15
CA VAL D 1834 1.74 -24.52 -47.16
C VAL D 1834 1.82 -23.38 -48.16
N TYR D 1835 1.90 -23.72 -49.43
CA TYR D 1835 1.99 -22.73 -50.51
C TYR D 1835 0.59 -22.33 -50.94
N LYS D 1836 0.29 -21.04 -50.88
CA LYS D 1836 -1.02 -20.53 -51.26
C LYS D 1836 -1.14 -20.46 -52.78
N ASN D 1837 -2.38 -20.24 -53.24
CA ASN D 1837 -2.69 -20.08 -54.66
C ASN D 1837 -2.26 -21.31 -55.47
N CYS D 1838 -2.41 -22.49 -54.88
CA CYS D 1838 -2.11 -23.75 -55.54
C CYS D 1838 -3.38 -24.59 -55.59
N VAL D 1839 -3.83 -24.90 -56.80
CA VAL D 1839 -5.07 -25.67 -57.01
C VAL D 1839 -4.72 -26.89 -57.83
N LEU D 1840 -5.14 -28.06 -57.35
CA LEU D 1840 -4.93 -29.33 -58.05
C LEU D 1840 -6.15 -29.59 -58.94
N ARG D 1841 -5.97 -29.43 -60.24
CA ARG D 1841 -7.05 -29.59 -61.22
C ARG D 1841 -6.82 -30.91 -61.96
N THR D 1842 -7.56 -31.95 -61.57
CA THR D 1842 -7.45 -33.23 -62.23
C THR D 1842 -8.03 -33.23 -63.64
N SER D 1843 -8.89 -32.25 -63.96
CA SER D 1843 -9.47 -32.17 -65.29
C SER D 1843 -8.48 -31.73 -66.35
N LEU D 1844 -7.29 -31.25 -65.96
CA LEU D 1844 -6.31 -30.81 -66.93
C LEU D 1844 -5.72 -31.97 -67.72
N ARG D 1845 -5.90 -33.21 -67.27
CA ARG D 1845 -5.38 -34.37 -67.97
C ARG D 1845 -6.13 -34.62 -69.27
N HIS D 1852 2.88 -40.16 -81.21
CA HIS D 1852 3.74 -38.99 -81.22
C HIS D 1852 5.18 -39.40 -81.49
N LYS D 1853 5.94 -38.54 -82.17
CA LYS D 1853 7.31 -38.81 -82.55
C LYS D 1853 8.24 -37.77 -81.96
N PHE D 1854 9.35 -38.23 -81.38
CA PHE D 1854 10.36 -37.35 -80.83
C PHE D 1854 11.75 -37.91 -81.18
N MET D 1855 12.73 -37.02 -81.19
CA MET D 1855 14.12 -37.39 -81.36
C MET D 1855 14.91 -37.02 -80.13
N ILE D 1856 15.90 -37.84 -79.78
CA ILE D 1856 16.63 -37.74 -78.53
C ILE D 1856 18.11 -37.55 -78.82
N THR D 1857 18.72 -36.56 -78.19
CA THR D 1857 20.15 -36.32 -78.25
C THR D 1857 20.77 -36.77 -76.94
N ILE D 1858 21.84 -37.57 -77.02
CA ILE D 1858 22.43 -38.24 -75.87
C ILE D 1858 23.73 -37.53 -75.51
N LYS D 1859 23.88 -37.21 -74.23
CA LYS D 1859 25.06 -36.53 -73.72
C LYS D 1859 25.55 -37.23 -72.46
N ASP D 1860 26.76 -36.90 -72.04
CA ASP D 1860 27.39 -37.48 -70.85
C ASP D 1860 27.49 -39.00 -70.96
N ASP D 1861 27.82 -39.48 -72.16
CA ASP D 1861 28.00 -40.90 -72.45
C ASP D 1861 26.74 -41.72 -72.18
N GLY D 1862 25.58 -41.06 -72.06
CA GLY D 1862 24.36 -41.76 -71.79
C GLY D 1862 23.87 -41.57 -70.36
N LEU D 1863 24.03 -40.36 -69.84
CA LEU D 1863 23.53 -40.03 -68.52
C LEU D 1863 22.41 -39.01 -68.51
N ARG D 1864 22.32 -38.16 -69.54
CA ARG D 1864 21.24 -37.20 -69.68
C ARG D 1864 20.69 -37.27 -71.09
N ALA D 1865 19.39 -37.02 -71.21
CA ALA D 1865 18.71 -37.08 -72.50
C ALA D 1865 17.89 -35.82 -72.70
N ILE D 1866 17.94 -35.27 -73.92
CA ILE D 1866 17.19 -34.10 -74.30
C ILE D 1866 16.35 -34.45 -75.53
N ALA D 1867 15.08 -34.11 -75.49
CA ALA D 1867 14.14 -34.44 -76.55
C ALA D 1867 13.36 -33.21 -76.96
N GLN D 1868 12.71 -33.30 -78.12
CA GLN D 1868 11.87 -32.23 -78.64
C GLN D 1868 10.91 -32.82 -79.65
N HIS D 1869 9.84 -32.08 -79.93
CA HIS D 1869 8.80 -32.57 -80.84
C HIS D 1869 9.33 -32.68 -82.27
N ASP D 1870 9.75 -31.54 -82.83
CA ASP D 1870 10.34 -31.54 -84.17
C ASP D 1870 11.69 -30.84 -84.14
N GLU D 1871 12.27 -30.60 -85.33
CA GLU D 1871 13.60 -30.00 -85.40
C GLU D 1871 13.61 -28.58 -84.84
N ASP D 1872 12.51 -27.85 -85.00
CA ASP D 1872 12.43 -26.47 -84.53
C ASP D 1872 11.90 -26.34 -83.11
N SER D 1873 11.54 -27.46 -82.47
CA SER D 1873 10.99 -27.39 -81.13
C SER D 1873 12.08 -27.02 -80.13
N PRO D 1874 11.72 -26.36 -79.02
CA PRO D 1874 12.70 -26.06 -77.98
C PRO D 1874 13.23 -27.33 -77.33
N ARG D 1875 14.49 -27.26 -76.89
CA ARG D 1875 15.16 -28.39 -76.26
C ARG D 1875 14.83 -28.44 -74.78
N PHE D 1876 14.43 -29.62 -74.31
CA PHE D 1876 14.16 -29.84 -72.89
C PHE D 1876 14.82 -31.13 -72.45
N LEU D 1877 15.24 -31.17 -71.18
CA LEU D 1877 15.90 -32.34 -70.62
C LEU D 1877 14.89 -33.47 -70.48
N LEU D 1878 14.95 -34.43 -71.40
CA LEU D 1878 13.99 -35.53 -71.39
C LEU D 1878 14.18 -36.42 -70.15
N ALA D 1879 15.41 -36.85 -69.90
CA ALA D 1879 15.66 -37.80 -68.83
C ALA D 1879 17.10 -37.64 -68.36
N HIS D 1880 17.36 -38.11 -67.14
CA HIS D 1880 18.70 -38.11 -66.58
C HIS D 1880 18.75 -39.11 -65.44
N ALA D 1881 19.91 -39.72 -65.26
CA ALA D 1881 20.12 -40.73 -64.22
C ALA D 1881 20.75 -40.17 -62.95
N PHE D 1882 20.96 -38.85 -62.89
CA PHE D 1882 21.57 -38.25 -61.72
C PHE D 1882 20.56 -38.02 -60.61
N HIS D 1883 19.85 -39.06 -60.22
CA HIS D 1883 18.88 -38.99 -59.15
C HIS D 1883 19.45 -39.59 -57.87
N THR D 1884 18.63 -39.63 -56.83
CA THR D 1884 18.99 -40.23 -55.55
C THR D 1884 17.99 -41.34 -55.26
N ILE D 1885 18.45 -42.58 -55.33
CA ILE D 1885 17.62 -43.75 -55.10
C ILE D 1885 18.12 -44.48 -53.86
N ARG D 1886 17.19 -44.88 -53.00
CA ARG D 1886 17.50 -45.53 -51.73
C ARG D 1886 16.97 -46.97 -51.74
N ASP D 1887 17.25 -47.68 -50.65
CA ASP D 1887 16.81 -49.07 -50.47
C ASP D 1887 17.34 -49.98 -51.58
N ILE D 1888 18.64 -49.86 -51.85
CA ILE D 1888 19.32 -50.72 -52.80
C ILE D 1888 19.97 -51.87 -52.04
N ARG D 1889 19.65 -53.10 -52.42
CA ARG D 1889 20.11 -54.28 -51.69
C ARG D 1889 21.39 -54.81 -52.31
N TYR D 1890 22.50 -54.12 -52.03
CA TYR D 1890 23.79 -54.58 -52.52
C TYR D 1890 24.17 -55.93 -51.93
N GLN D 1891 23.67 -56.25 -50.74
CA GLN D 1891 24.04 -57.49 -50.09
C GLN D 1891 23.49 -58.71 -50.83
N ALA D 1892 22.38 -58.54 -51.55
CA ALA D 1892 21.77 -59.65 -52.29
C ALA D 1892 22.46 -59.93 -53.61
N VAL D 1893 23.43 -59.09 -54.01
CA VAL D 1893 24.12 -59.30 -55.28
C VAL D 1893 25.01 -60.52 -55.17
N ASP D 1894 24.91 -61.40 -56.16
CA ASP D 1894 25.76 -62.58 -56.25
C ASP D 1894 26.42 -62.61 -57.63
N ALA D 1895 27.59 -63.25 -57.69
CA ALA D 1895 28.35 -63.33 -58.92
C ALA D 1895 28.51 -64.79 -59.32
N VAL D 1896 28.28 -65.09 -60.59
CA VAL D 1896 28.42 -66.43 -61.13
C VAL D 1896 29.72 -66.60 -61.90
N SER D 1897 30.01 -65.67 -62.80
CA SER D 1897 31.24 -65.68 -63.58
C SER D 1897 32.16 -64.57 -63.11
N ASN D 1898 33.28 -64.41 -63.81
CA ASN D 1898 34.29 -63.44 -63.40
C ASN D 1898 33.76 -62.02 -63.52
N VAL D 1899 34.09 -61.19 -62.54
CA VAL D 1899 33.72 -59.78 -62.53
C VAL D 1899 35.04 -59.01 -62.42
N TRP D 1900 35.57 -58.60 -63.56
CA TRP D 1900 36.87 -57.93 -63.61
C TRP D 1900 36.70 -56.42 -63.54
N PHE D 1901 37.82 -55.73 -63.38
CA PHE D 1901 37.83 -54.27 -63.30
C PHE D 1901 39.21 -53.77 -63.68
N ILE D 1902 39.25 -52.61 -64.34
CA ILE D 1902 40.49 -52.01 -64.81
C ILE D 1902 40.56 -50.58 -64.29
N HIS D 1903 41.75 -50.15 -63.90
CA HIS D 1903 41.95 -48.77 -63.45
C HIS D 1903 43.41 -48.42 -63.66
N LYS D 1904 43.68 -47.54 -64.63
CA LYS D 1904 45.02 -47.04 -64.91
C LYS D 1904 46.01 -48.19 -65.10
N GLY D 1905 45.55 -49.25 -65.78
CA GLY D 1905 46.37 -50.41 -66.04
C GLY D 1905 46.40 -51.42 -64.92
N VAL D 1906 45.67 -51.20 -63.83
CA VAL D 1906 45.64 -52.13 -62.70
C VAL D 1906 44.42 -53.02 -62.85
N LYS D 1907 44.64 -54.33 -62.82
CA LYS D 1907 43.59 -55.32 -63.01
C LYS D 1907 43.07 -55.77 -61.65
N LEU D 1908 41.75 -55.79 -61.50
CA LEU D 1908 41.12 -56.14 -60.22
C LEU D 1908 40.12 -57.26 -60.41
N TYR D 1909 39.97 -58.08 -59.37
CA TYR D 1909 39.05 -59.21 -59.35
C TYR D 1909 38.04 -58.94 -58.24
N LEU D 1910 36.80 -58.63 -58.61
CA LEU D 1910 35.79 -58.18 -57.67
C LEU D 1910 34.92 -59.31 -57.14
N ASN D 1911 35.17 -60.55 -57.52
CA ASN D 1911 34.38 -61.66 -57.00
C ASN D 1911 34.47 -61.80 -55.48
N PRO D 1912 35.63 -61.73 -54.84
CA PRO D 1912 35.65 -61.77 -53.37
C PRO D 1912 34.88 -60.65 -52.73
N ILE D 1913 34.87 -59.46 -53.34
CA ILE D 1913 34.10 -58.34 -52.81
C ILE D 1913 32.61 -58.67 -52.83
N ILE D 1914 32.12 -59.21 -53.95
CA ILE D 1914 30.71 -59.53 -54.07
C ILE D 1914 30.32 -60.66 -53.11
N SER D 1915 31.17 -61.69 -53.02
CA SER D 1915 30.84 -62.82 -52.15
C SER D 1915 30.87 -62.44 -50.69
N SER D 1916 31.67 -61.44 -50.32
CA SER D 1916 31.77 -60.98 -48.94
C SER D 1916 30.74 -59.92 -48.58
N GLY D 1917 29.87 -59.56 -49.52
CA GLY D 1917 28.87 -58.54 -49.26
C GLY D 1917 29.45 -57.15 -49.05
N LEU D 1918 30.49 -56.79 -49.81
CA LEU D 1918 31.12 -55.48 -49.71
C LEU D 1918 31.08 -54.71 -51.01
N LEU D 1919 30.12 -55.02 -51.89
CA LEU D 1919 30.00 -54.30 -53.14
C LEU D 1919 29.64 -52.84 -52.90
N GLU D 1920 28.75 -52.58 -51.95
CA GLU D 1920 28.37 -51.21 -51.64
C GLU D 1920 29.55 -50.42 -51.10
N ASN D 1921 30.35 -51.03 -50.21
CA ASN D 1921 31.51 -50.34 -49.65
C ASN D 1921 32.52 -50.00 -50.74
N PHE D 1922 32.77 -50.94 -51.66
CA PHE D 1922 33.69 -50.66 -52.76
C PHE D 1922 33.15 -49.57 -53.67
N MET D 1923 31.85 -49.62 -53.99
CA MET D 1923 31.29 -48.64 -54.90
C MET D 1923 31.31 -47.24 -54.31
N LYS D 1924 30.82 -47.09 -53.08
CA LYS D 1924 30.59 -45.80 -52.48
C LYS D 1924 31.75 -45.30 -51.64
N ASN D 1925 32.89 -45.99 -51.67
CA ASN D 1925 34.08 -45.62 -50.90
C ASN D 1925 33.77 -45.59 -49.40
N LEU D 1926 33.41 -46.77 -48.88
CA LEU D 1926 33.14 -46.96 -47.47
C LEU D 1926 34.11 -47.96 -46.87
N PRO D 1927 34.48 -47.79 -45.60
CA PRO D 1927 35.42 -48.73 -44.97
C PRO D 1927 34.81 -50.10 -44.79
N ALA D 1928 35.67 -51.12 -44.81
CA ALA D 1928 35.28 -52.50 -44.61
C ALA D 1928 36.50 -53.28 -44.12
N ALA D 1929 36.29 -54.56 -43.84
CA ALA D 1929 37.35 -55.42 -43.33
C ALA D 1929 37.44 -56.69 -44.18
N ILE D 1930 38.63 -57.00 -44.67
CA ILE D 1930 38.85 -58.21 -45.45
C ILE D 1930 40.11 -58.92 -44.95
N PRO D 1931 40.16 -60.24 -45.00
CA PRO D 1931 41.40 -60.95 -44.64
C PRO D 1931 42.48 -60.74 -45.69
N PRO D 1932 43.75 -60.91 -45.31
CA PRO D 1932 44.83 -60.71 -46.30
C PRO D 1932 44.76 -61.65 -47.49
N ALA D 1933 44.24 -62.87 -47.30
CA ALA D 1933 44.10 -63.78 -48.43
C ALA D 1933 43.15 -63.23 -49.48
N ALA D 1934 42.03 -62.64 -49.04
CA ALA D 1934 41.11 -62.02 -49.98
C ALA D 1934 41.75 -60.85 -50.70
N TYR D 1935 42.57 -60.07 -49.99
CA TYR D 1935 43.27 -58.96 -50.62
C TYR D 1935 44.23 -59.47 -51.70
N SER D 1936 44.99 -60.52 -51.39
CA SER D 1936 45.91 -61.08 -52.36
C SER D 1936 45.17 -61.64 -53.56
N LEU D 1937 44.03 -62.28 -53.34
CA LEU D 1937 43.24 -62.82 -54.44
C LEU D 1937 42.68 -61.71 -55.31
N ILE D 1938 42.22 -60.61 -54.69
CA ILE D 1938 41.63 -59.52 -55.45
C ILE D 1938 42.69 -58.81 -56.29
N MET D 1939 43.81 -58.44 -55.66
CA MET D 1939 44.79 -57.61 -56.34
C MET D 1939 45.43 -58.34 -57.52
N ASN D 1940 45.97 -59.53 -57.29
CA ASN D 1940 46.76 -60.21 -58.31
C ASN D 1940 45.93 -61.17 -59.14
N ARG D 1941 45.37 -62.21 -58.53
CA ARG D 1941 44.50 -63.18 -59.19
C ARG D 1941 45.23 -63.96 -60.29
N ALA D 1942 46.48 -63.58 -60.57
CA ALA D 1942 47.29 -64.26 -61.56
C ALA D 1942 48.42 -65.06 -60.95
N LYS D 1943 48.71 -64.87 -59.67
CA LYS D 1943 49.69 -65.66 -58.94
C LYS D 1943 48.94 -66.58 -57.99
N ILE D 1944 49.20 -67.88 -58.09
CA ILE D 1944 48.51 -68.85 -57.24
C ILE D 1944 48.93 -68.65 -55.79
N SER D 1945 48.02 -68.97 -54.87
CA SER D 1945 48.32 -68.85 -53.46
C SER D 1945 49.29 -69.94 -53.02
N VAL D 1946 49.89 -69.72 -51.85
CA VAL D 1946 50.84 -70.70 -51.31
C VAL D 1946 50.14 -72.00 -50.96
N ASP D 1947 48.82 -71.97 -50.76
CA ASP D 1947 48.09 -73.19 -50.47
C ASP D 1947 48.14 -74.15 -51.66
N LEU D 1948 47.98 -73.63 -52.87
CA LEU D 1948 48.04 -74.49 -54.05
C LEU D 1948 49.44 -75.05 -54.24
N PHE D 1949 50.47 -74.25 -53.96
CA PHE D 1949 51.84 -74.75 -54.05
C PHE D 1949 52.09 -75.85 -53.03
N MET D 1950 51.59 -75.68 -51.81
CA MET D 1950 51.74 -76.71 -50.79
C MET D 1950 50.99 -77.98 -51.18
N PHE D 1951 49.81 -77.83 -51.78
CA PHE D 1951 49.08 -79.00 -52.27
C PHE D 1951 49.84 -79.71 -53.38
N ASN D 1952 50.48 -78.93 -54.26
CA ASN D 1952 51.30 -79.53 -55.31
C ASN D 1952 52.48 -80.29 -54.72
N ASP D 1953 53.11 -79.73 -53.68
CA ASP D 1953 54.19 -80.44 -52.99
C ASP D 1953 53.68 -81.73 -52.36
N LEU D 1954 52.49 -81.68 -51.75
CA LEU D 1954 51.91 -82.88 -51.16
C LEU D 1954 51.65 -83.94 -52.22
N LEU D 1955 51.10 -83.55 -53.37
CA LEU D 1955 50.86 -84.49 -54.44
C LEU D 1955 52.16 -85.07 -54.98
N LYS D 1956 53.21 -84.25 -55.05
CA LYS D 1956 54.52 -84.75 -55.45
C LYS D 1956 55.03 -85.78 -54.47
N LEU D 1957 54.86 -85.54 -53.17
CA LEU D 1957 55.27 -86.51 -52.17
C LEU D 1957 54.49 -87.81 -52.30
N ILE D 1958 53.18 -87.71 -52.56
CA ILE D 1958 52.37 -88.93 -52.67
C ILE D 1958 52.74 -89.69 -53.94
N ASN D 1959 52.60 -89.05 -55.10
CA ASN D 1959 52.89 -89.69 -56.37
C ASN D 1959 53.30 -88.62 -57.37
N PRO D 1960 54.58 -88.54 -57.71
CA PRO D 1960 55.02 -87.57 -58.73
C PRO D 1960 54.47 -87.96 -60.10
N ARG D 1961 54.71 -87.06 -61.06
CA ARG D 1961 54.27 -87.17 -62.45
C ARG D 1961 52.76 -87.03 -62.59
N ASN D 1962 52.03 -86.89 -61.49
CA ASN D 1962 50.58 -86.65 -61.51
C ASN D 1962 50.25 -85.33 -60.83
N THR D 1963 51.19 -84.40 -60.79
CA THR D 1963 51.02 -83.13 -60.12
C THR D 1963 50.51 -82.07 -61.09
N LEU D 1964 49.95 -81.00 -60.52
CA LEU D 1964 49.50 -79.88 -61.32
C LEU D 1964 50.70 -79.18 -61.94
N ASP D 1965 50.62 -78.91 -63.25
CA ASP D 1965 51.70 -78.21 -63.93
C ASP D 1965 51.66 -76.72 -63.57
N LEU D 1966 52.57 -76.30 -62.70
CA LEU D 1966 52.58 -74.94 -62.16
C LEU D 1966 53.58 -74.09 -62.93
N SER D 1967 53.10 -72.99 -63.49
CA SER D 1967 53.96 -72.02 -64.16
C SER D 1967 53.75 -70.60 -63.68
N GLY D 1968 52.73 -70.33 -62.87
CA GLY D 1968 52.51 -69.01 -62.33
C GLY D 1968 53.41 -68.72 -61.13
N LEU D 1969 53.26 -67.51 -60.60
CA LEU D 1969 54.07 -67.07 -59.47
C LEU D 1969 53.35 -67.39 -58.17
N GLU D 1970 54.03 -67.10 -57.05
CA GLU D 1970 53.50 -67.40 -55.73
C GLU D 1970 52.74 -66.20 -55.17
N THR D 1971 52.01 -66.46 -54.08
CA THR D 1971 51.21 -65.45 -53.39
C THR D 1971 50.24 -64.74 -54.34
N GLY D 2050 24.25 -40.76 -55.46
CA GLY D 2050 23.88 -40.98 -56.84
C GLY D 2050 25.06 -41.34 -57.74
N ILE D 2051 26.01 -40.43 -57.85
CA ILE D 2051 27.21 -40.62 -58.66
C ILE D 2051 28.40 -40.63 -57.73
N VAL D 2052 29.18 -41.71 -57.76
CA VAL D 2052 30.40 -41.84 -56.98
C VAL D 2052 31.53 -42.22 -57.94
N LYS D 2053 32.63 -41.49 -57.86
CA LYS D 2053 33.79 -41.70 -58.73
C LYS D 2053 34.97 -42.14 -57.89
N ILE D 2054 35.61 -43.23 -58.29
CA ILE D 2054 36.73 -43.80 -57.56
C ILE D 2054 38.02 -43.47 -58.29
N LEU D 2055 38.96 -42.84 -57.59
CA LEU D 2055 40.26 -42.52 -58.15
C LEU D 2055 41.40 -43.36 -57.60
N GLU D 2056 41.22 -43.93 -56.40
CA GLU D 2056 42.25 -44.74 -55.76
C GLU D 2056 41.64 -46.04 -55.26
N PRO D 2057 41.18 -46.91 -56.17
CA PRO D 2057 40.63 -48.20 -55.72
C PRO D 2057 41.67 -49.08 -55.03
N VAL D 2058 42.93 -49.00 -55.45
CA VAL D 2058 43.97 -49.83 -54.86
C VAL D 2058 44.17 -49.46 -53.39
N ARG D 2059 44.32 -48.17 -53.11
CA ARG D 2059 44.45 -47.73 -51.73
C ARG D 2059 43.16 -47.98 -50.96
N LEU D 2060 42.02 -47.88 -51.63
CA LEU D 2060 40.75 -48.19 -50.98
C LEU D 2060 40.73 -49.64 -50.49
N ILE D 2061 41.17 -50.57 -51.32
CA ILE D 2061 41.19 -51.98 -50.91
C ILE D 2061 42.25 -52.22 -49.85
N LYS D 2062 43.42 -51.58 -49.99
CA LYS D 2062 44.46 -51.73 -48.98
C LYS D 2062 44.02 -51.20 -47.62
N SER D 2063 43.12 -50.21 -47.61
CA SER D 2063 42.58 -49.72 -46.35
C SER D 2063 41.70 -50.75 -45.66
N TRP D 2064 41.24 -51.75 -46.38
CA TRP D 2064 40.40 -52.80 -45.80
C TRP D 2064 41.19 -53.97 -45.24
N VAL D 2065 42.50 -54.03 -45.51
CA VAL D 2065 43.30 -55.19 -45.15
C VAL D 2065 43.61 -55.16 -43.66
N SER D 2066 43.41 -56.29 -43.00
CA SER D 2066 43.74 -56.44 -41.59
C SER D 2066 44.00 -57.91 -41.32
N ARG D 2067 44.49 -58.20 -40.11
CA ARG D 2067 44.90 -59.53 -39.74
C ARG D 2067 44.05 -60.04 -38.57
N GLY D 2068 43.74 -61.34 -38.59
CA GLY D 2068 42.99 -61.98 -37.54
C GLY D 2068 41.58 -62.38 -37.94
N LEU D 2069 41.05 -61.82 -39.03
CA LEU D 2069 39.71 -62.14 -39.50
C LEU D 2069 39.72 -63.28 -40.52
N SER D 2070 40.38 -64.37 -40.15
CA SER D 2070 40.51 -65.54 -41.01
C SER D 2070 39.67 -66.68 -40.44
N ILE D 2071 38.93 -67.36 -41.30
CA ILE D 2071 38.05 -68.45 -40.87
C ILE D 2071 38.89 -69.73 -40.92
N GLU D 2072 39.59 -70.00 -39.82
CA GLU D 2072 40.34 -71.25 -39.72
C GLU D 2072 39.39 -72.42 -39.51
N LYS D 2073 39.79 -73.58 -40.01
CA LYS D 2073 38.96 -74.77 -39.95
C LYS D 2073 39.73 -75.90 -39.25
N VAL D 2074 38.95 -76.83 -38.68
CA VAL D 2074 39.52 -77.95 -37.95
C VAL D 2074 39.99 -79.00 -38.96
N TYR D 2075 41.30 -79.22 -39.00
CA TYR D 2075 41.89 -80.14 -39.96
C TYR D 2075 41.93 -81.56 -39.39
N SER D 2076 41.93 -82.53 -40.29
CA SER D 2076 42.12 -83.94 -39.94
C SER D 2076 43.35 -84.46 -40.65
N PRO D 2077 44.46 -84.67 -39.93
CA PRO D 2077 45.73 -84.97 -40.62
C PRO D 2077 45.71 -86.20 -41.50
N VAL D 2078 44.99 -87.25 -41.10
CA VAL D 2078 44.99 -88.49 -41.88
C VAL D 2078 43.98 -88.41 -43.02
N ASN D 2079 42.82 -87.81 -42.76
CA ASN D 2079 41.81 -87.67 -43.81
C ASN D 2079 42.32 -86.79 -44.94
N ILE D 2080 43.17 -85.80 -44.63
CA ILE D 2080 43.73 -84.95 -45.67
C ILE D 2080 44.56 -85.77 -46.65
N ILE D 2081 45.45 -86.61 -46.11
CA ILE D 2081 46.34 -87.39 -46.98
C ILE D 2081 45.54 -88.45 -47.73
N LEU D 2082 44.54 -89.04 -47.08
CA LEU D 2082 43.69 -90.00 -47.78
C LEU D 2082 42.98 -89.37 -48.96
N MET D 2083 42.35 -88.21 -48.75
CA MET D 2083 41.61 -87.57 -49.84
C MET D 2083 42.56 -87.06 -50.91
N SER D 2084 43.75 -86.61 -50.52
CA SER D 2084 44.73 -86.17 -51.52
C SER D 2084 45.13 -87.32 -52.43
N ARG D 2085 45.40 -88.49 -51.82
CA ARG D 2085 45.79 -89.69 -52.61
C ARG D 2085 44.62 -90.06 -53.53
N TYR D 2086 43.40 -90.11 -52.97
CA TYR D 2086 42.19 -90.41 -53.78
C TYR D 2086 42.20 -89.49 -55.01
N ILE D 2087 42.25 -88.18 -54.79
CA ILE D 2087 42.23 -87.23 -55.91
C ILE D 2087 43.36 -87.54 -56.87
N SER D 2088 44.54 -87.89 -56.35
CA SER D 2088 45.69 -88.19 -57.20
C SER D 2088 45.41 -89.38 -58.11
N LYS D 2089 44.85 -90.46 -57.56
CA LYS D 2089 44.62 -91.64 -58.37
C LYS D 2089 43.42 -91.48 -59.31
N THR D 2090 42.32 -90.91 -58.82
CA THR D 2090 41.11 -90.86 -59.62
C THR D 2090 41.25 -89.93 -60.82
N PHE D 2091 41.89 -88.77 -60.65
CA PHE D 2091 41.98 -87.75 -61.67
C PHE D 2091 43.41 -87.56 -62.14
N ASN D 2092 43.55 -87.24 -63.42
CA ASN D 2092 44.84 -86.96 -64.03
C ASN D 2092 45.03 -85.44 -64.06
N LEU D 2093 45.90 -84.94 -63.20
CA LEU D 2093 46.08 -83.51 -63.02
C LEU D 2093 47.21 -82.92 -63.86
N SER D 2094 47.86 -83.73 -64.69
CA SER D 2094 48.97 -83.28 -65.53
C SER D 2094 48.57 -83.20 -66.99
N THR D 2095 47.33 -82.81 -67.25
CA THR D 2095 46.80 -82.71 -68.61
C THR D 2095 46.50 -81.28 -69.02
N LYS D 2096 45.83 -80.51 -68.18
CA LYS D 2096 45.43 -79.15 -68.50
C LYS D 2096 46.28 -78.17 -67.68
N GLN D 2097 46.82 -77.16 -68.35
CA GLN D 2097 47.63 -76.15 -67.68
C GLN D 2097 46.76 -75.35 -66.72
N VAL D 2098 47.25 -75.15 -65.49
CA VAL D 2098 46.49 -74.41 -64.50
C VAL D 2098 46.49 -72.91 -64.81
N SER D 2099 47.48 -72.43 -65.56
CA SER D 2099 47.54 -71.01 -65.89
C SER D 2099 46.35 -70.59 -66.74
N LEU D 2100 45.91 -71.45 -67.65
CA LEU D 2100 44.77 -71.16 -68.52
C LEU D 2100 43.44 -71.57 -67.91
N LEU D 2101 43.44 -72.10 -66.69
CA LEU D 2101 42.20 -72.47 -66.05
C LEU D 2101 41.38 -71.23 -65.69
N ASP D 2102 40.09 -71.42 -65.54
CA ASP D 2102 39.19 -70.33 -65.19
C ASP D 2102 39.52 -69.82 -63.79
N PRO D 2103 39.77 -68.52 -63.61
CA PRO D 2103 40.04 -68.00 -62.25
C PRO D 2103 38.91 -68.26 -61.29
N TYR D 2104 37.66 -68.26 -61.76
CA TYR D 2104 36.53 -68.47 -60.87
C TYR D 2104 36.59 -69.86 -60.23
N ASP D 2105 36.94 -70.88 -61.01
CA ASP D 2105 37.06 -72.23 -60.47
C ASP D 2105 38.35 -72.43 -59.68
N LEU D 2106 39.43 -71.76 -60.10
CA LEU D 2106 40.69 -71.84 -59.36
C LEU D 2106 40.53 -71.27 -57.96
N THR D 2107 39.74 -70.20 -57.82
CA THR D 2107 39.47 -69.63 -56.51
C THR D 2107 38.80 -70.64 -55.60
N GLU D 2108 37.79 -71.34 -56.12
CA GLU D 2108 37.06 -72.29 -55.29
C GLU D 2108 37.94 -73.50 -54.95
N LEU D 2109 38.77 -73.95 -55.89
CA LEU D 2109 39.69 -75.04 -55.58
C LEU D 2109 40.67 -74.63 -54.48
N GLU D 2110 41.23 -73.41 -54.59
CA GLU D 2110 42.14 -72.94 -53.55
C GLU D 2110 41.42 -72.84 -52.21
N SER D 2111 40.16 -72.42 -52.22
CA SER D 2111 39.40 -72.33 -50.98
C SER D 2111 39.21 -73.70 -50.35
N ILE D 2112 38.88 -74.71 -51.16
CA ILE D 2112 38.61 -76.03 -50.59
C ILE D 2112 39.89 -76.79 -50.23
N VAL D 2113 41.05 -76.38 -50.76
CA VAL D 2113 42.32 -77.03 -50.44
C VAL D 2113 43.16 -76.17 -49.50
N ARG D 2114 42.69 -74.99 -49.11
CA ARG D 2114 43.45 -74.11 -48.24
C ARG D 2114 43.83 -74.79 -46.93
N GLY D 2115 45.11 -74.71 -46.58
CA GLY D 2115 45.59 -75.19 -45.30
C GLY D 2115 45.93 -76.67 -45.24
N TRP D 2116 45.73 -77.42 -46.31
CA TRP D 2116 46.04 -78.85 -46.27
C TRP D 2116 47.53 -79.09 -46.14
N GLY D 2117 48.36 -78.31 -46.84
CA GLY D 2117 49.79 -78.52 -46.78
C GLY D 2117 50.38 -78.25 -45.42
N GLU D 2118 49.85 -77.26 -44.70
CA GLU D 2118 50.44 -76.86 -43.43
C GLU D 2118 50.36 -77.94 -42.36
N CYS D 2119 49.57 -78.99 -42.57
CA CYS D 2119 49.40 -80.03 -41.56
C CYS D 2119 50.08 -81.35 -41.91
N VAL D 2120 50.54 -81.54 -43.15
CA VAL D 2120 51.05 -82.83 -43.57
C VAL D 2120 52.46 -82.79 -44.15
N ILE D 2121 52.95 -81.67 -44.66
CA ILE D 2121 54.29 -81.68 -45.27
C ILE D 2121 55.36 -81.82 -44.20
N ASP D 2122 55.21 -81.12 -43.07
CA ASP D 2122 56.23 -81.18 -42.02
C ASP D 2122 56.36 -82.59 -41.46
N GLN D 2123 55.23 -83.25 -41.18
CA GLN D 2123 55.21 -84.65 -40.76
C GLN D 2123 54.34 -85.44 -41.72
N PHE D 2124 54.98 -86.24 -42.56
CA PHE D 2124 54.30 -86.98 -43.62
C PHE D 2124 54.44 -88.48 -43.45
N GLU D 2125 55.64 -88.98 -43.20
CA GLU D 2125 55.87 -90.42 -43.16
C GLU D 2125 55.06 -91.08 -42.05
N SER D 2126 55.06 -90.49 -40.85
CA SER D 2126 54.25 -91.04 -39.77
C SER D 2126 52.76 -90.98 -40.12
N LEU D 2127 52.33 -89.87 -40.70
CA LEU D 2127 50.93 -89.73 -41.10
C LEU D 2127 50.56 -90.72 -42.19
N ASP D 2128 51.45 -90.91 -43.17
CA ASP D 2128 51.19 -91.87 -44.24
C ASP D 2128 51.12 -93.29 -43.69
N ARG D 2129 52.01 -93.63 -42.75
CA ARG D 2129 51.96 -94.96 -42.14
C ARG D 2129 50.68 -95.15 -41.35
N GLU D 2130 50.25 -94.12 -40.62
CA GLU D 2130 48.99 -94.22 -39.89
C GLU D 2130 47.80 -94.38 -40.83
N ALA D 2131 47.81 -93.65 -41.94
CA ALA D 2131 46.74 -93.80 -42.92
C ALA D 2131 46.71 -95.20 -43.52
N GLN D 2132 47.89 -95.72 -43.85
CA GLN D 2132 47.95 -97.11 -44.34
C GLN D 2132 47.34 -98.01 -43.28
N ASN D 2133 47.84 -97.91 -42.04
CA ASN D 2133 47.37 -98.80 -40.98
C ASN D 2133 45.86 -98.73 -40.86
N MET D 2134 45.29 -97.54 -41.01
CA MET D 2134 43.82 -97.42 -40.81
C MET D 2134 43.08 -98.00 -42.01
N VAL D 2135 43.64 -97.86 -43.20
CA VAL D 2135 42.88 -98.26 -44.38
C VAL D 2135 43.07 -99.73 -44.71
N VAL D 2136 44.22 -100.33 -44.38
CA VAL D 2136 44.45 -101.72 -44.74
C VAL D 2136 43.66 -102.68 -43.85
N ASN D 2137 43.64 -102.44 -42.54
CA ASN D 2137 43.01 -103.39 -41.63
C ASN D 2137 41.51 -103.44 -41.83
N LYS D 2138 40.84 -102.30 -41.73
CA LYS D 2138 39.40 -102.26 -41.96
C LYS D 2138 39.07 -101.33 -43.12
N GLY D 2139 37.95 -101.61 -43.78
CA GLY D 2139 37.60 -100.92 -45.00
C GLY D 2139 37.20 -99.47 -44.75
N ILE D 2140 37.62 -98.60 -45.65
CA ILE D 2140 37.27 -97.19 -45.62
C ILE D 2140 36.62 -96.82 -46.94
N CYS D 2141 35.42 -96.24 -46.86
CA CYS D 2141 34.71 -95.82 -48.07
C CYS D 2141 35.17 -94.42 -48.45
N PRO D 2142 35.72 -94.22 -49.65
CA PRO D 2142 36.25 -92.89 -50.00
C PRO D 2142 35.17 -91.89 -50.36
N GLU D 2143 34.11 -91.84 -49.56
CA GLU D 2143 33.06 -90.83 -49.74
C GLU D 2143 32.59 -90.34 -48.38
N ASP D 2144 33.27 -90.80 -47.32
CA ASP D 2144 32.95 -90.38 -45.96
C ASP D 2144 34.17 -89.72 -45.32
N VAL D 2145 35.34 -89.82 -45.95
CA VAL D 2145 36.55 -89.18 -45.46
C VAL D 2145 36.32 -87.67 -45.44
N ILE D 2146 36.49 -87.06 -44.27
CA ILE D 2146 36.29 -85.62 -44.11
C ILE D 2146 37.62 -84.97 -43.76
N PRO D 2147 38.32 -84.37 -44.74
CA PRO D 2147 39.62 -83.76 -44.44
C PRO D 2147 39.55 -82.57 -43.50
N ASP D 2148 38.50 -81.78 -43.56
CA ASP D 2148 38.36 -80.62 -42.68
C ASP D 2148 36.89 -80.28 -42.57
N SER D 2149 36.59 -79.38 -41.62
CA SER D 2149 35.20 -79.05 -41.30
C SER D 2149 34.51 -78.27 -42.40
N LEU D 2150 35.23 -77.80 -43.42
CA LEU D 2150 34.63 -77.02 -44.49
C LEU D 2150 34.82 -77.76 -45.80
N PHE D 2151 34.52 -79.06 -45.81
CA PHE D 2151 34.69 -79.91 -46.98
C PHE D 2151 33.35 -80.53 -47.36
N SER D 2152 33.04 -80.49 -48.66
CA SER D 2152 31.88 -81.18 -49.20
C SER D 2152 32.37 -82.08 -50.34
N PHE D 2153 32.09 -83.38 -50.22
CA PHE D 2153 32.54 -84.32 -51.24
C PHE D 2153 31.91 -84.01 -52.60
N ARG D 2154 30.61 -83.74 -52.61
CA ARG D 2154 29.90 -83.54 -53.87
C ARG D 2154 30.46 -82.35 -54.63
N HIS D 2155 30.59 -81.20 -53.95
CA HIS D 2155 31.06 -79.99 -54.61
C HIS D 2155 32.49 -80.13 -55.09
N THR D 2156 33.37 -80.69 -54.24
CA THR D 2156 34.76 -80.84 -54.64
C THR D 2156 34.87 -81.76 -55.84
N MET D 2157 34.12 -82.86 -55.85
CA MET D 2157 34.24 -83.80 -56.95
C MET D 2157 33.65 -83.25 -58.25
N VAL D 2158 32.54 -82.50 -58.16
CA VAL D 2158 32.00 -81.92 -59.39
C VAL D 2158 32.93 -80.83 -59.92
N LEU D 2159 33.55 -80.05 -59.03
CA LEU D 2159 34.51 -79.05 -59.47
C LEU D 2159 35.69 -79.71 -60.17
N LEU D 2160 36.20 -80.81 -59.60
CA LEU D 2160 37.34 -81.48 -60.20
C LEU D 2160 36.98 -82.18 -61.50
N ARG D 2161 35.75 -82.69 -61.60
CA ARG D 2161 35.29 -83.24 -62.88
C ARG D 2161 35.23 -82.16 -63.95
N ARG D 2162 34.66 -81.00 -63.61
CA ARG D 2162 34.51 -79.94 -64.61
C ARG D 2162 35.86 -79.35 -65.01
N LEU D 2163 36.78 -79.18 -64.05
CA LEU D 2163 38.10 -78.67 -64.40
C LEU D 2163 38.91 -79.69 -65.21
N PHE D 2164 38.88 -80.96 -64.81
CA PHE D 2164 39.65 -82.01 -65.45
C PHE D 2164 38.69 -83.05 -66.01
N PRO D 2165 38.32 -82.95 -67.29
CA PRO D 2165 37.40 -83.92 -67.87
C PRO D 2165 37.99 -85.31 -67.91
N GLN D 2166 37.12 -86.30 -67.74
CA GLN D 2166 37.49 -87.70 -67.83
C GLN D 2166 36.52 -88.42 -68.75
N ASP D 2167 37.05 -89.32 -69.57
CA ASP D 2167 36.23 -90.07 -70.50
C ASP D 2167 35.31 -91.00 -69.72
N SER D 2168 34.00 -90.73 -69.75
CA SER D 2168 33.04 -91.55 -68.97
C SER D 2168 32.92 -92.95 -69.58
N ILE D 2169 33.31 -93.10 -70.84
CA ILE D 2169 33.17 -94.42 -71.53
C ILE D 2169 33.94 -95.47 -70.71
N SER D 2170 35.10 -95.10 -70.18
CA SER D 2170 35.94 -96.06 -69.41
C SER D 2170 35.19 -96.57 -68.18
N SER D 2171 34.53 -95.66 -67.45
CA SER D 2171 33.83 -96.07 -66.20
C SER D 2171 32.76 -97.13 -66.54
N PHE D 2172 32.05 -96.94 -67.66
CA PHE D 2172 30.96 -97.88 -68.02
C PHE D 2172 31.50 -98.94 -68.99
N TYR D 2173 32.71 -98.72 -69.52
CA TYR D 2173 33.33 -99.71 -70.45
C TYR D 2173 34.83 -99.80 -70.15
N MET E 23 -28.23 -71.25 18.58
CA MET E 23 -27.11 -70.77 19.39
C MET E 23 -27.60 -70.11 20.67
N ASP E 24 -26.72 -69.29 21.26
CA ASP E 24 -27.10 -68.56 22.47
C ASP E 24 -28.30 -67.65 22.22
N LYS E 25 -28.47 -67.19 20.98
CA LYS E 25 -29.67 -66.45 20.62
C LYS E 25 -30.91 -67.31 20.82
N TYR E 26 -30.85 -68.58 20.40
CA TYR E 26 -31.98 -69.47 20.62
C TYR E 26 -32.23 -69.67 22.11
N ARG E 27 -31.17 -69.82 22.90
CA ARG E 27 -31.36 -69.99 24.34
C ARG E 27 -32.02 -68.76 24.95
N GLU E 28 -31.58 -67.57 24.54
CA GLU E 28 -32.17 -66.34 25.06
C GLU E 28 -33.64 -66.22 24.68
N ILE E 29 -33.97 -66.49 23.42
CA ILE E 29 -35.35 -66.34 23.00
C ILE E 29 -36.23 -67.40 23.64
N HIS E 30 -35.71 -68.62 23.83
CA HIS E 30 -36.48 -69.64 24.51
C HIS E 30 -36.74 -69.27 25.96
N ASN E 31 -35.73 -68.71 26.63
CA ASN E 31 -35.93 -68.25 28.00
C ASN E 31 -36.94 -67.12 28.06
N LYS E 32 -36.91 -66.22 27.08
CA LYS E 32 -37.87 -65.12 27.04
C LYS E 32 -39.28 -65.63 26.81
N LEU E 33 -39.44 -66.62 25.93
CA LEU E 33 -40.76 -67.10 25.55
C LEU E 33 -41.36 -68.08 26.57
N LYS E 34 -40.53 -68.81 27.32
CA LYS E 34 -41.04 -69.77 28.29
C LYS E 34 -41.67 -69.11 29.51
N GLU E 35 -41.41 -67.83 29.73
CA GLU E 35 -41.96 -67.10 30.87
C GLU E 35 -43.16 -66.24 30.49
N PHE E 36 -43.65 -66.33 29.25
CA PHE E 36 -44.75 -65.51 28.78
C PHE E 36 -46.03 -66.33 28.76
N SER E 37 -47.07 -65.80 29.38
CA SER E 37 -48.35 -66.49 29.42
C SER E 37 -48.97 -66.53 28.03
N PRO E 38 -49.67 -67.61 27.69
CA PRO E 38 -50.30 -67.71 26.37
C PRO E 38 -51.36 -66.64 26.18
N GLY E 39 -51.45 -66.14 24.94
CA GLY E 39 -52.47 -65.16 24.60
C GLY E 39 -52.35 -63.85 25.36
N THR E 40 -51.13 -63.42 25.66
CA THR E 40 -50.91 -62.17 26.37
C THR E 40 -49.80 -61.35 25.74
N LEU E 41 -49.63 -61.46 24.42
CA LEU E 41 -48.57 -60.77 23.70
C LEU E 41 -49.19 -59.90 22.61
N THR E 42 -48.77 -58.64 22.56
CA THR E 42 -49.31 -57.70 21.59
C THR E 42 -48.80 -58.01 20.19
N ALA E 43 -49.36 -57.31 19.20
CA ALA E 43 -49.02 -57.56 17.80
C ALA E 43 -47.56 -57.27 17.53
N VAL E 44 -47.04 -56.15 18.02
CA VAL E 44 -45.67 -55.76 17.73
C VAL E 44 -44.69 -56.68 18.44
N GLU E 45 -45.02 -57.11 19.67
CA GLU E 45 -44.16 -58.05 20.38
C GLU E 45 -44.03 -59.35 19.61
N CYS E 46 -45.16 -59.88 19.14
CA CYS E 46 -45.09 -61.08 18.30
C CYS E 46 -44.30 -60.82 17.04
N ILE E 47 -44.49 -59.65 16.42
CA ILE E 47 -43.81 -59.38 15.16
C ILE E 47 -42.30 -59.42 15.35
N ASP E 48 -41.78 -58.69 16.34
CA ASP E 48 -40.34 -58.64 16.46
C ASP E 48 -39.78 -59.93 17.03
N TYR E 49 -40.57 -60.67 17.82
CA TYR E 49 -40.14 -61.99 18.25
C TYR E 49 -39.94 -62.91 17.07
N LEU E 50 -40.90 -62.94 16.14
CA LEU E 50 -40.75 -63.76 14.95
C LEU E 50 -39.61 -63.28 14.04
N ASP E 51 -39.40 -61.97 13.91
CA ASP E 51 -38.25 -61.53 13.12
C ASP E 51 -36.93 -61.97 13.75
N ARG E 52 -36.84 -61.93 15.09
CA ARG E 52 -35.66 -62.47 15.74
C ARG E 52 -35.53 -63.96 15.48
N LEU E 53 -36.66 -64.68 15.44
CA LEU E 53 -36.62 -66.10 15.17
C LEU E 53 -36.07 -66.40 13.78
N TYR E 54 -36.56 -65.69 12.77
CA TYR E 54 -36.01 -65.91 11.42
C TYR E 54 -34.56 -65.46 11.34
N ALA E 55 -34.18 -64.42 12.09
CA ALA E 55 -32.78 -64.01 12.11
C ALA E 55 -31.89 -65.11 12.66
N VAL E 56 -32.33 -65.76 13.74
CA VAL E 56 -31.56 -66.87 14.31
C VAL E 56 -31.51 -68.03 13.32
N ARG E 57 -32.63 -68.31 12.65
CA ARG E 57 -32.66 -69.38 11.66
C ARG E 57 -31.62 -69.13 10.56
N HIS E 58 -31.66 -67.93 9.97
CA HIS E 58 -30.68 -67.60 8.94
C HIS E 58 -29.26 -67.61 9.48
N ASP E 59 -29.08 -67.20 10.74
CA ASP E 59 -27.75 -67.19 11.34
C ASP E 59 -27.18 -68.61 11.39
N ILE E 60 -27.98 -69.58 11.82
CA ILE E 60 -27.46 -70.94 11.90
C ILE E 60 -27.26 -71.52 10.50
N VAL E 61 -28.17 -71.22 9.57
CA VAL E 61 -28.04 -71.74 8.21
C VAL E 61 -26.86 -71.10 7.48
N ASP E 62 -26.38 -69.96 7.96
CA ASP E 62 -25.13 -69.43 7.42
C ASP E 62 -23.92 -70.00 8.14
N GLN E 63 -24.04 -70.17 9.47
CA GLN E 63 -22.90 -70.61 10.26
C GLN E 63 -22.47 -72.01 9.88
N MET E 64 -23.42 -72.92 9.63
CA MET E 64 -23.00 -74.30 9.43
C MET E 64 -22.37 -74.47 8.05
N ILE E 65 -22.78 -73.65 7.07
CA ILE E 65 -22.12 -73.71 5.77
C ILE E 65 -20.77 -73.02 5.83
N LYS E 66 -20.62 -71.98 6.64
CA LYS E 66 -19.30 -71.40 6.85
C LYS E 66 -18.36 -72.42 7.50
N HIS E 67 -18.87 -73.17 8.48
CA HIS E 67 -18.07 -74.22 9.10
C HIS E 67 -17.73 -75.33 8.11
N ASP E 68 -18.69 -75.70 7.25
CA ASP E 68 -18.43 -76.69 6.22
C ASP E 68 -17.32 -76.24 5.28
N TRP E 69 -17.36 -74.98 4.85
CA TRP E 69 -16.27 -74.43 4.04
C TRP E 69 -15.04 -74.14 4.87
N SER E 70 -15.18 -74.02 6.19
CA SER E 70 -14.07 -73.71 7.10
C SER E 70 -13.39 -72.39 6.72
N ASP E 71 -14.15 -71.46 6.16
CA ASP E 71 -13.64 -70.13 5.84
C ASP E 71 -14.05 -69.21 6.99
N ASN E 72 -13.08 -68.86 7.84
CA ASN E 72 -13.33 -68.08 9.04
C ASN E 72 -13.58 -66.61 8.65
N LYS E 73 -14.77 -66.37 8.12
CA LYS E 73 -15.21 -65.02 7.75
C LYS E 73 -16.39 -64.68 8.65
N ASP E 74 -16.09 -64.09 9.81
CA ASP E 74 -17.12 -63.78 10.79
C ASP E 74 -18.13 -62.78 10.23
N SER E 75 -17.64 -61.73 9.57
CA SER E 75 -18.49 -60.68 9.04
C SER E 75 -18.43 -60.71 7.52
N GLU E 76 -19.61 -60.80 6.89
CA GLU E 76 -19.68 -60.80 5.43
C GLU E 76 -19.29 -59.43 4.89
N GLU E 77 -18.55 -59.44 3.77
CA GLU E 77 -18.01 -58.23 3.19
C GLU E 77 -18.59 -57.99 1.80
N ALA E 78 -18.37 -56.78 1.30
CA ALA E 78 -18.93 -56.36 0.01
C ALA E 78 -18.10 -56.89 -1.14
N ILE E 79 -18.70 -56.86 -2.34
CA ILE E 79 -18.05 -57.43 -3.52
C ILE E 79 -16.75 -56.73 -3.84
N GLY E 80 -16.73 -55.40 -3.70
CA GLY E 80 -15.50 -54.66 -3.93
C GLY E 80 -14.38 -55.12 -3.00
N LYS E 81 -14.73 -55.43 -1.75
CA LYS E 81 -13.73 -55.95 -0.82
C LYS E 81 -13.18 -57.29 -1.32
N VAL E 82 -14.05 -58.16 -1.82
CA VAL E 82 -13.60 -59.45 -2.34
C VAL E 82 -12.66 -59.25 -3.53
N LEU E 83 -13.02 -58.34 -4.44
CA LEU E 83 -12.17 -58.08 -5.58
C LEU E 83 -10.81 -57.56 -5.14
N LEU E 84 -10.79 -56.60 -4.20
CA LEU E 84 -9.53 -56.06 -3.73
C LEU E 84 -8.71 -57.14 -3.02
N PHE E 85 -9.36 -58.09 -2.36
CA PHE E 85 -8.67 -59.23 -1.78
C PHE E 85 -8.21 -60.23 -2.83
N ALA E 86 -8.75 -60.16 -4.04
CA ALA E 86 -8.34 -61.04 -5.12
C ALA E 86 -7.11 -60.54 -5.86
N GLY E 87 -6.52 -59.45 -5.43
CA GLY E 87 -5.38 -58.89 -6.13
C GLY E 87 -5.74 -57.98 -7.28
N VAL E 88 -6.98 -57.50 -7.33
CA VAL E 88 -7.38 -56.60 -8.41
C VAL E 88 -6.83 -55.21 -8.15
N PRO E 89 -6.40 -54.47 -9.17
CA PRO E 89 -5.95 -53.09 -8.95
C PRO E 89 -7.11 -52.20 -8.52
N SER E 90 -6.78 -51.22 -7.67
CA SER E 90 -7.81 -50.29 -7.21
C SER E 90 -8.23 -49.34 -8.32
N ASN E 91 -7.28 -48.92 -9.16
CA ASN E 91 -7.60 -47.95 -10.21
C ASN E 91 -8.61 -48.53 -11.20
N ILE E 92 -8.48 -49.82 -11.53
CA ILE E 92 -9.42 -50.40 -12.48
C ILE E 92 -10.78 -50.60 -11.81
N ILE E 93 -10.80 -50.79 -10.49
CA ILE E 93 -12.07 -50.80 -9.76
C ILE E 93 -12.75 -49.45 -9.86
N THR E 94 -11.99 -48.37 -9.67
CA THR E 94 -12.57 -47.04 -9.84
C THR E 94 -13.05 -46.81 -11.26
N ALA E 95 -12.31 -47.33 -12.24
CA ALA E 95 -12.71 -47.20 -13.64
C ALA E 95 -14.02 -47.94 -13.91
N LEU E 96 -14.12 -49.18 -13.42
CA LEU E 96 -15.35 -49.95 -13.59
C LEU E 96 -16.51 -49.37 -12.80
N GLU E 97 -16.23 -48.60 -11.75
CA GLU E 97 -17.29 -48.02 -10.93
C GLU E 97 -18.14 -47.05 -11.74
N LYS E 98 -17.63 -46.59 -12.88
CA LYS E 98 -18.33 -45.63 -13.72
C LYS E 98 -19.17 -46.30 -14.79
N LYS E 99 -19.70 -47.49 -14.52
CA LYS E 99 -20.50 -48.25 -15.46
C LYS E 99 -21.89 -48.53 -14.89
N ILE E 100 -22.84 -48.76 -15.78
CA ILE E 100 -24.23 -49.03 -15.42
C ILE E 100 -24.62 -50.37 -16.02
N ILE E 101 -25.22 -51.23 -15.20
CA ILE E 101 -25.66 -52.55 -15.65
C ILE E 101 -26.92 -52.37 -16.50
N PRO E 102 -26.91 -52.81 -17.76
CA PRO E 102 -28.01 -52.47 -18.68
C PRO E 102 -29.24 -53.36 -18.54
N ASN E 103 -29.03 -54.64 -18.20
CA ASN E 103 -30.15 -55.57 -18.12
C ASN E 103 -30.92 -55.47 -16.83
N HIS E 104 -30.44 -54.71 -15.86
CA HIS E 104 -31.13 -54.57 -14.58
C HIS E 104 -32.41 -53.77 -14.79
N PRO E 105 -33.58 -54.31 -14.44
CA PRO E 105 -34.82 -53.54 -14.63
C PRO E 105 -34.83 -52.22 -13.87
N THR E 106 -34.23 -52.19 -12.69
CA THR E 106 -34.12 -50.94 -11.93
C THR E 106 -32.97 -50.06 -12.40
N GLY E 107 -32.07 -50.60 -13.22
CA GLY E 107 -30.93 -49.83 -13.68
C GLY E 107 -30.04 -49.35 -12.55
N LYS E 108 -29.78 -50.21 -11.57
CA LYS E 108 -28.99 -49.82 -10.41
C LYS E 108 -27.55 -49.55 -10.83
N SER E 109 -27.00 -48.45 -10.34
CA SER E 109 -25.61 -48.11 -10.64
C SER E 109 -24.66 -49.01 -9.85
N LEU E 110 -23.42 -49.08 -10.32
CA LEU E 110 -22.44 -49.98 -9.71
C LEU E 110 -22.00 -49.51 -8.33
N LYS E 111 -22.25 -48.25 -7.97
CA LYS E 111 -21.85 -47.75 -6.66
C LYS E 111 -22.56 -48.50 -5.55
N ALA E 112 -23.90 -48.56 -5.63
CA ALA E 112 -24.65 -49.32 -4.63
C ALA E 112 -24.46 -50.82 -4.79
N PHE E 113 -24.06 -51.28 -5.98
CA PHE E 113 -23.82 -52.70 -6.17
C PHE E 113 -22.56 -53.14 -5.45
N PHE E 114 -21.47 -52.38 -5.60
CA PHE E 114 -20.23 -52.75 -4.94
C PHE E 114 -20.36 -52.69 -3.42
N LYS E 115 -21.34 -51.96 -2.90
CA LYS E 115 -21.62 -51.94 -1.48
C LYS E 115 -22.54 -53.08 -1.04
N MET E 116 -23.13 -53.81 -1.98
CA MET E 116 -23.96 -54.95 -1.62
C MET E 116 -23.11 -56.04 -0.98
N THR E 117 -23.70 -56.74 -0.02
CA THR E 117 -22.96 -57.72 0.79
C THR E 117 -23.60 -59.09 0.66
N PRO E 118 -22.98 -60.03 -0.07
CA PRO E 118 -23.52 -61.39 -0.15
C PRO E 118 -23.29 -62.15 1.15
N ASP E 119 -23.90 -63.34 1.22
CA ASP E 119 -23.83 -64.13 2.45
C ASP E 119 -22.41 -64.57 2.75
N ASN E 120 -21.74 -65.19 1.77
CA ASN E 120 -20.38 -65.63 1.97
C ASN E 120 -19.69 -65.75 0.62
N TYR E 121 -18.36 -65.78 0.65
CA TYR E 121 -17.56 -65.91 -0.54
C TYR E 121 -16.32 -66.73 -0.23
N LYS E 122 -15.77 -67.34 -1.27
CA LYS E 122 -14.49 -68.04 -1.18
C LYS E 122 -13.62 -67.58 -2.33
N ILE E 123 -12.31 -67.60 -2.10
CA ILE E 123 -11.33 -67.10 -3.05
C ILE E 123 -10.33 -68.22 -3.35
N SER E 124 -9.92 -68.32 -4.60
CA SER E 124 -8.94 -69.33 -5.00
C SER E 124 -8.25 -68.84 -6.27
N GLY E 125 -7.04 -68.30 -6.10
CA GLY E 125 -6.28 -67.83 -7.24
C GLY E 125 -7.02 -66.71 -7.96
N THR E 126 -7.29 -66.93 -9.25
CA THR E 126 -8.03 -65.97 -10.06
C THR E 126 -9.53 -66.26 -10.10
N THR E 127 -9.99 -67.27 -9.37
CA THR E 127 -11.40 -67.65 -9.36
C THR E 127 -12.05 -67.18 -8.06
N ILE E 128 -13.20 -66.52 -8.19
CA ILE E 128 -13.95 -66.02 -7.05
C ILE E 128 -15.37 -66.59 -7.13
N GLU E 129 -15.85 -67.12 -6.01
CA GLU E 129 -17.18 -67.71 -5.94
C GLU E 129 -18.02 -66.95 -4.93
N PHE E 130 -19.33 -66.90 -5.17
CA PHE E 130 -20.26 -66.22 -4.29
C PHE E 130 -21.48 -67.10 -4.04
N VAL E 131 -21.98 -67.08 -2.82
CA VAL E 131 -23.14 -67.90 -2.44
C VAL E 131 -24.08 -67.04 -1.60
N GLU E 132 -25.35 -67.03 -2.00
CA GLU E 132 -26.43 -66.41 -1.23
C GLU E 132 -27.32 -67.51 -0.69
N VAL E 133 -27.62 -67.45 0.61
CA VAL E 133 -28.36 -68.51 1.28
C VAL E 133 -29.66 -67.92 1.84
N THR E 134 -30.77 -68.58 1.55
CA THR E 134 -32.06 -68.18 2.07
C THR E 134 -32.82 -69.43 2.52
N VAL E 135 -33.74 -69.23 3.46
CA VAL E 135 -34.60 -70.29 3.96
C VAL E 135 -36.05 -69.87 3.72
N THR E 136 -36.84 -70.79 3.15
CA THR E 136 -38.22 -70.51 2.80
C THR E 136 -38.87 -71.80 2.30
N ALA E 137 -40.20 -71.83 2.36
CA ALA E 137 -40.94 -72.94 1.77
C ALA E 137 -40.97 -72.84 0.25
N ASP E 138 -41.23 -71.63 -0.23
CA ASP E 138 -41.26 -71.38 -1.70
C ASP E 138 -39.81 -71.16 -2.16
N VAL E 139 -39.12 -72.24 -2.54
CA VAL E 139 -37.72 -72.16 -2.91
C VAL E 139 -37.55 -71.38 -4.22
N ASP E 140 -38.26 -71.83 -5.26
CA ASP E 140 -38.05 -71.25 -6.61
C ASP E 140 -38.06 -69.72 -6.63
N LYS E 141 -39.04 -69.09 -6.00
CA LYS E 141 -39.16 -67.64 -6.12
C LYS E 141 -37.88 -66.95 -5.68
N GLY E 142 -37.39 -67.27 -4.48
CA GLY E 142 -36.15 -66.68 -4.02
C GLY E 142 -34.98 -67.07 -4.90
N ILE E 143 -34.97 -68.33 -5.36
CA ILE E 143 -33.93 -68.77 -6.29
C ILE E 143 -33.90 -67.86 -7.51
N ARG E 144 -35.07 -67.67 -8.14
CA ARG E 144 -35.11 -66.89 -9.37
C ARG E 144 -34.69 -65.44 -9.11
N GLU E 145 -35.16 -64.85 -8.01
CA GLU E 145 -34.86 -63.44 -7.75
C GLU E 145 -33.36 -63.24 -7.50
N LYS E 146 -32.82 -63.92 -6.49
CA LYS E 146 -31.41 -63.75 -6.15
C LYS E 146 -30.53 -64.14 -7.32
N LYS E 147 -30.83 -65.28 -7.96
CA LYS E 147 -30.11 -65.69 -9.16
C LYS E 147 -30.06 -64.57 -10.18
N LEU E 148 -31.22 -64.07 -10.62
CA LEU E 148 -31.23 -63.11 -11.70
C LEU E 148 -30.37 -61.90 -11.35
N LYS E 149 -30.61 -61.29 -10.18
CA LYS E 149 -29.91 -60.04 -9.88
C LYS E 149 -28.41 -60.28 -9.73
N TYR E 150 -28.03 -61.26 -8.91
CA TYR E 150 -26.61 -61.45 -8.63
C TYR E 150 -25.86 -61.96 -9.85
N GLU E 151 -26.45 -62.87 -10.63
CA GLU E 151 -25.73 -63.33 -11.81
C GLU E 151 -25.62 -62.23 -12.86
N ALA E 152 -26.63 -61.36 -12.98
CA ALA E 152 -26.49 -60.24 -13.89
C ALA E 152 -25.29 -59.37 -13.51
N GLY E 153 -25.24 -58.96 -12.23
CA GLY E 153 -24.14 -58.10 -11.80
C GLY E 153 -22.78 -58.78 -11.95
N LEU E 154 -22.68 -60.02 -11.50
CA LEU E 154 -21.40 -60.71 -11.52
C LEU E 154 -20.96 -61.06 -12.94
N THR E 155 -21.90 -61.36 -13.84
CA THR E 155 -21.53 -61.59 -15.22
C THR E 155 -21.03 -60.31 -15.86
N TYR E 156 -21.66 -59.17 -15.54
CA TYR E 156 -21.12 -57.91 -16.02
C TYR E 156 -19.68 -57.70 -15.54
N ILE E 157 -19.44 -57.94 -14.25
CA ILE E 157 -18.10 -57.77 -13.71
C ILE E 157 -17.12 -58.72 -14.41
N GLU E 158 -17.54 -59.96 -14.64
CA GLU E 158 -16.67 -60.95 -15.26
C GLU E 158 -16.31 -60.54 -16.68
N GLN E 159 -17.29 -60.10 -17.47
CA GLN E 159 -16.98 -59.71 -18.84
C GLN E 159 -16.12 -58.46 -18.87
N GLU E 160 -16.36 -57.52 -17.95
CA GLU E 160 -15.51 -56.34 -17.85
C GLU E 160 -14.07 -56.75 -17.59
N LEU E 161 -13.85 -57.63 -16.62
CA LEU E 161 -12.49 -58.06 -16.29
C LEU E 161 -11.86 -58.83 -17.44
N HIS E 162 -12.64 -59.65 -18.14
CA HIS E 162 -12.09 -60.41 -19.26
C HIS E 162 -11.64 -59.49 -20.38
N LYS E 163 -12.47 -58.50 -20.74
CA LYS E 163 -12.03 -57.61 -21.81
C LYS E 163 -10.96 -56.64 -21.34
N PHE E 164 -10.85 -56.42 -20.02
CA PHE E 164 -9.72 -55.65 -19.51
C PHE E 164 -8.43 -56.45 -19.64
N PHE E 165 -8.50 -57.76 -19.39
CA PHE E 165 -7.38 -58.65 -19.66
C PHE E 165 -7.02 -58.61 -21.15
N LEU E 166 -8.03 -58.60 -22.01
CA LEU E 166 -7.79 -58.45 -23.44
C LEU E 166 -7.09 -57.13 -23.74
N LYS E 167 -7.46 -56.07 -23.04
CA LYS E 167 -6.78 -54.79 -23.21
C LYS E 167 -5.32 -54.89 -22.80
N GLY E 168 -5.03 -55.67 -21.77
CA GLY E 168 -3.65 -56.02 -21.48
C GLY E 168 -2.98 -55.36 -20.30
N GLU E 169 -3.69 -55.23 -19.18
CA GLU E 169 -3.07 -54.81 -17.93
C GLU E 169 -2.95 -55.96 -16.95
N ILE E 170 -4.06 -56.62 -16.62
CA ILE E 170 -4.03 -57.71 -15.64
C ILE E 170 -3.29 -58.89 -16.23
N PRO E 171 -2.58 -59.69 -15.43
CA PRO E 171 -1.88 -60.84 -16.02
C PRO E 171 -2.81 -61.99 -16.34
N GLN E 172 -3.85 -62.22 -15.53
CA GLN E 172 -4.75 -63.34 -15.73
C GLN E 172 -6.19 -62.88 -15.69
N PRO E 173 -7.06 -63.48 -16.49
CA PRO E 173 -8.48 -63.18 -16.40
C PRO E 173 -9.09 -63.77 -15.13
N TYR E 174 -10.17 -63.15 -14.68
CA TYR E 174 -10.85 -63.54 -13.45
C TYR E 174 -12.11 -64.31 -13.77
N LYS E 175 -12.25 -65.49 -13.17
CA LYS E 175 -13.42 -66.34 -13.37
C LYS E 175 -14.33 -66.24 -12.16
N ILE E 176 -15.63 -66.08 -12.41
CA ILE E 176 -16.61 -65.97 -11.35
C ILE E 176 -17.53 -67.19 -11.41
N THR E 177 -17.96 -67.63 -10.23
CA THR E 177 -18.95 -68.68 -10.09
C THR E 177 -19.96 -68.25 -9.02
N PHE E 178 -21.17 -68.77 -9.12
CA PHE E 178 -22.22 -68.34 -8.21
C PHE E 178 -23.26 -69.44 -8.07
N ASN E 179 -23.69 -69.69 -6.83
CA ASN E 179 -24.72 -70.66 -6.52
C ASN E 179 -25.53 -70.18 -5.33
N VAL E 180 -26.80 -70.59 -5.28
CA VAL E 180 -27.70 -70.27 -4.18
C VAL E 180 -28.38 -71.54 -3.74
N VAL E 181 -28.39 -71.80 -2.43
CA VAL E 181 -29.05 -72.95 -1.84
C VAL E 181 -30.18 -72.44 -0.97
N ALA E 182 -31.40 -72.91 -1.24
CA ALA E 182 -32.59 -72.49 -0.52
C ALA E 182 -33.09 -73.67 0.31
N VAL E 183 -32.82 -73.62 1.61
CA VAL E 183 -33.26 -74.68 2.52
C VAL E 183 -34.76 -74.54 2.75
N ARG E 184 -35.45 -75.69 2.69
CA ARG E 184 -36.91 -75.68 2.91
C ARG E 184 -37.19 -75.53 4.41
N THR E 185 -38.39 -75.06 4.75
CA THR E 185 -38.77 -74.82 6.13
C THR E 185 -38.95 -76.09 6.94
N ASP E 186 -38.89 -77.26 6.31
CA ASP E 186 -38.97 -78.54 7.01
C ASP E 186 -37.61 -79.19 7.20
N GLY E 187 -36.58 -78.73 6.50
CA GLY E 187 -35.26 -79.31 6.62
C GLY E 187 -35.15 -80.73 6.09
N SER E 188 -35.78 -81.01 4.95
CA SER E 188 -35.77 -82.33 4.36
C SER E 188 -34.83 -82.44 3.16
N ASN E 189 -34.89 -81.47 2.25
CA ASN E 189 -34.05 -81.49 1.05
C ASN E 189 -32.66 -80.90 1.30
N ILE E 190 -32.36 -80.48 2.52
CA ILE E 190 -31.07 -79.86 2.82
C ILE E 190 -29.93 -80.85 2.54
N THR E 191 -30.12 -82.11 2.93
CA THR E 191 -29.08 -83.12 2.70
C THR E 191 -28.82 -83.31 1.21
N THR E 192 -29.88 -83.26 0.40
CA THR E 192 -29.70 -83.37 -1.04
C THR E 192 -28.88 -82.21 -1.59
N GLN E 193 -29.19 -80.99 -1.15
CA GLN E 193 -28.42 -79.83 -1.59
C GLN E 193 -27.08 -79.73 -0.86
N TRP E 194 -27.05 -80.12 0.41
CA TRP E 194 -25.83 -80.06 1.23
C TRP E 194 -25.61 -81.43 1.87
N PRO E 195 -24.93 -82.34 1.19
CA PRO E 195 -24.58 -83.62 1.82
C PRO E 195 -23.50 -83.46 2.86
N SER E 196 -23.82 -82.80 3.96
CA SER E 196 -22.86 -82.47 5.01
C SER E 196 -22.97 -83.46 6.17
N ARG E 197 -21.87 -83.56 6.92
CA ARG E 197 -21.83 -84.40 8.10
C ARG E 197 -22.47 -83.76 9.31
N ARG E 198 -22.85 -82.49 9.22
CA ARG E 198 -23.55 -81.76 10.28
C ARG E 198 -25.05 -81.69 10.02
N ASN E 199 -25.56 -82.49 9.09
CA ASN E 199 -26.96 -82.37 8.67
C ASN E 199 -27.92 -82.62 9.84
N ASP E 200 -27.62 -83.64 10.67
CA ASP E 200 -28.55 -84.02 11.73
C ASP E 200 -28.74 -82.89 12.73
N GLY E 201 -27.64 -82.31 13.20
CA GLY E 201 -27.76 -81.21 14.16
C GLY E 201 -28.47 -80.01 13.58
N VAL E 202 -28.18 -79.69 12.32
CA VAL E 202 -28.81 -78.54 11.68
C VAL E 202 -30.31 -78.76 11.56
N VAL E 203 -30.72 -79.94 11.09
CA VAL E 203 -32.14 -80.19 10.88
C VAL E 203 -32.88 -80.23 12.22
N GLN E 204 -32.27 -80.83 13.25
CA GLN E 204 -32.94 -80.86 14.54
C GLN E 204 -33.07 -79.46 15.13
N TYR E 205 -32.01 -78.64 15.04
CA TYR E 205 -32.07 -77.29 15.57
C TYR E 205 -33.11 -76.46 14.84
N MET E 206 -33.15 -76.57 13.51
CA MET E 206 -34.16 -75.80 12.77
C MET E 206 -35.56 -76.33 13.03
N ARG E 207 -35.69 -77.63 13.32
CA ARG E 207 -36.99 -78.14 13.75
C ARG E 207 -37.42 -77.51 15.06
N LEU E 208 -36.50 -77.37 16.02
CA LEU E 208 -36.86 -76.70 17.27
C LEU E 208 -37.27 -75.26 17.03
N VAL E 209 -36.51 -74.54 16.19
CA VAL E 209 -36.84 -73.13 15.98
C VAL E 209 -38.16 -72.99 15.23
N GLN E 210 -38.45 -73.92 14.31
CA GLN E 210 -39.74 -73.88 13.63
C GLN E 210 -40.88 -74.19 14.59
N ALA E 211 -40.67 -75.14 15.50
CA ALA E 211 -41.68 -75.42 16.51
C ALA E 211 -41.95 -74.20 17.38
N GLU E 212 -40.90 -73.50 17.79
CA GLU E 212 -41.08 -72.28 18.57
C GLU E 212 -41.79 -71.19 17.76
N ILE E 213 -41.45 -71.08 16.47
CA ILE E 213 -42.11 -70.13 15.59
C ILE E 213 -43.62 -70.40 15.57
N SER E 214 -43.99 -71.66 15.35
CA SER E 214 -45.41 -72.03 15.32
C SER E 214 -46.07 -71.78 16.67
N TYR E 215 -45.37 -72.10 17.76
CA TYR E 215 -45.93 -71.92 19.10
C TYR E 215 -46.27 -70.45 19.34
N VAL E 216 -45.35 -69.54 19.04
CA VAL E 216 -45.67 -68.13 19.17
C VAL E 216 -46.73 -67.72 18.14
N ARG E 217 -46.76 -68.39 16.98
CA ARG E 217 -47.67 -68.02 15.90
C ARG E 217 -49.12 -68.24 16.30
N GLU E 218 -49.45 -69.40 16.87
CA GLU E 218 -50.84 -69.75 17.09
C GLU E 218 -51.26 -69.80 18.56
N HIS E 219 -50.32 -69.79 19.49
CA HIS E 219 -50.64 -70.01 20.89
C HIS E 219 -50.39 -68.79 21.76
N LEU E 220 -49.19 -68.20 21.70
CA LEU E 220 -48.84 -67.11 22.59
C LEU E 220 -49.55 -65.81 22.25
N ILE E 221 -50.15 -65.70 21.06
CA ILE E 221 -50.78 -64.47 20.63
C ILE E 221 -52.19 -64.38 21.22
N LYS E 222 -52.57 -63.19 21.64
CA LYS E 222 -53.92 -62.97 22.14
C LYS E 222 -54.94 -63.27 21.04
N THR E 223 -56.06 -63.87 21.45
CA THR E 223 -57.09 -64.26 20.49
C THR E 223 -57.75 -63.07 19.81
N GLU E 224 -57.60 -61.87 20.36
CA GLU E 224 -58.24 -60.69 19.80
C GLU E 224 -57.49 -60.12 18.59
N GLU E 225 -56.32 -60.66 18.27
CA GLU E 225 -55.48 -60.09 17.22
C GLU E 225 -55.05 -61.08 16.16
N ARG E 226 -55.79 -62.17 15.95
CA ARG E 226 -55.35 -63.19 15.00
C ARG E 226 -55.36 -62.66 13.57
N ALA E 227 -56.48 -62.09 13.15
CA ALA E 227 -56.58 -61.54 11.81
C ALA E 227 -55.62 -60.36 11.64
N ALA E 228 -55.49 -59.54 12.68
CA ALA E 228 -54.51 -58.46 12.64
C ALA E 228 -53.11 -59.01 12.36
N LEU E 229 -52.68 -59.99 13.15
CA LEU E 229 -51.34 -60.56 12.97
C LEU E 229 -51.17 -61.11 11.56
N GLU E 230 -52.21 -61.78 11.05
CA GLU E 230 -52.20 -62.25 9.67
C GLU E 230 -51.98 -61.08 8.71
N ALA E 231 -52.53 -59.92 9.03
CA ALA E 231 -52.36 -58.75 8.16
C ALA E 231 -50.89 -58.32 8.04
N MET E 232 -50.17 -58.21 9.17
CA MET E 232 -48.76 -57.85 9.03
C MET E 232 -47.90 -59.00 8.51
N PHE E 233 -48.32 -60.26 8.68
CA PHE E 233 -47.62 -61.31 7.96
C PHE E 233 -47.77 -61.15 6.46
N ASN E 234 -48.97 -60.80 5.99
CA ASN E 234 -49.17 -60.54 4.58
C ASN E 234 -48.41 -59.31 4.11
N LEU E 235 -48.32 -58.27 4.93
CA LEU E 235 -47.64 -57.04 4.56
C LEU E 235 -46.13 -57.10 4.73
N LYS E 236 -45.61 -58.11 5.41
CA LYS E 236 -44.17 -58.22 5.65
C LYS E 236 -43.51 -59.35 4.89
N PHE E 237 -44.19 -60.48 4.71
CA PHE E 237 -43.61 -61.63 4.03
C PHE E 237 -44.23 -61.93 2.68
N ASN E 238 -45.39 -61.34 2.36
CA ASN E 238 -46.03 -61.58 1.07
C ASN E 238 -45.86 -60.38 0.15
N PRO E 246 -52.81 -53.65 -7.55
CA PRO E 246 -53.26 -54.65 -8.53
C PRO E 246 -54.31 -54.08 -9.47
N TYR E 247 -53.97 -53.01 -10.19
CA TYR E 247 -54.90 -52.33 -11.08
C TYR E 247 -54.60 -52.69 -12.53
N TYR E 248 -55.65 -52.99 -13.29
CA TYR E 248 -55.53 -53.26 -14.71
C TYR E 248 -55.90 -51.99 -15.46
N ILE E 249 -54.98 -51.49 -16.28
CA ILE E 249 -55.21 -50.28 -17.06
C ILE E 249 -56.33 -50.55 -18.05
N PRO E 250 -57.41 -49.77 -18.03
CA PRO E 250 -58.50 -49.98 -18.99
C PRO E 250 -58.02 -49.78 -20.43
N ASP E 251 -58.62 -50.54 -21.34
CA ASP E 251 -58.17 -50.53 -22.73
C ASP E 251 -58.35 -49.15 -23.36
N TYR E 252 -59.50 -48.52 -23.13
CA TYR E 252 -59.84 -47.22 -23.71
C TYR E 252 -59.79 -47.36 -25.23
N LYS E 253 -58.99 -46.59 -25.95
CA LYS E 253 -58.91 -46.71 -27.40
C LYS E 253 -57.61 -46.07 -27.87
N GLY E 254 -56.96 -46.74 -28.82
CA GLY E 254 -55.74 -46.21 -29.40
C GLY E 254 -55.97 -45.58 -30.75
N MET E 255 -55.08 -44.69 -31.16
CA MET E 255 -55.18 -44.00 -32.44
C MET E 255 -54.17 -44.62 -33.40
N GLU E 256 -54.64 -44.97 -34.60
CA GLU E 256 -53.77 -45.55 -35.60
C GLU E 256 -52.75 -44.52 -36.10
N PRO E 257 -51.53 -44.96 -36.41
CA PRO E 257 -50.53 -44.04 -36.98
C PRO E 257 -50.68 -43.96 -38.50
N ILE E 258 -50.97 -42.76 -39.00
CA ILE E 258 -51.06 -42.58 -40.44
C ILE E 258 -49.67 -42.72 -41.05
N GLY E 259 -49.64 -43.16 -42.31
CA GLY E 259 -48.36 -43.33 -42.98
C GLY E 259 -47.65 -42.01 -43.23
N ALA E 260 -48.39 -41.00 -43.67
CA ALA E 260 -47.85 -39.67 -43.96
C ALA E 260 -46.73 -39.73 -45.00
N ASN E 261 -46.06 -38.59 -45.21
CA ASN E 261 -44.99 -38.51 -46.21
C ASN E 261 -44.16 -37.26 -45.99
N ILE E 262 -42.84 -37.40 -46.02
CA ILE E 262 -41.96 -36.25 -45.80
C ILE E 262 -41.79 -35.46 -47.09
N GLU E 263 -41.68 -36.15 -48.22
CA GLU E 263 -41.48 -35.45 -49.50
C GLU E 263 -42.67 -34.57 -49.84
N ASP E 264 -43.87 -34.90 -49.37
CA ASP E 264 -45.02 -34.03 -49.59
C ASP E 264 -44.80 -32.67 -48.96
N LEU E 265 -44.36 -32.65 -47.70
CA LEU E 265 -44.10 -31.40 -47.02
C LEU E 265 -42.90 -30.68 -47.65
N VAL E 266 -41.89 -31.43 -48.07
CA VAL E 266 -40.73 -30.80 -48.72
C VAL E 266 -41.16 -30.12 -50.01
N ASP E 267 -42.00 -30.79 -50.81
CA ASP E 267 -42.48 -30.18 -52.04
C ASP E 267 -43.37 -28.99 -51.77
N TYR E 268 -44.21 -29.06 -50.73
CA TYR E 268 -45.02 -27.90 -50.38
C TYR E 268 -44.14 -26.72 -49.98
N SER E 269 -43.06 -27.00 -49.23
CA SER E 269 -42.12 -25.95 -48.88
C SER E 269 -41.47 -25.37 -50.14
N LYS E 270 -41.15 -26.22 -51.11
CA LYS E 270 -40.60 -25.72 -52.37
C LYS E 270 -41.60 -24.82 -53.08
N ASP E 271 -42.87 -25.20 -53.10
CA ASP E 271 -43.90 -24.35 -53.71
C ASP E 271 -44.02 -23.02 -52.98
N TRP E 272 -44.04 -23.06 -51.65
CA TRP E 272 -44.23 -21.85 -50.86
C TRP E 272 -43.04 -20.90 -51.00
N LEU E 273 -41.82 -21.45 -51.02
CA LEU E 273 -40.63 -20.62 -51.15
C LEU E 273 -40.60 -19.89 -52.49
N SER E 274 -41.21 -20.48 -53.51
CA SER E 274 -41.19 -19.89 -54.85
C SER E 274 -42.25 -18.81 -54.98
N ARG E 275 -42.27 -17.85 -54.06
CA ARG E 275 -43.25 -16.79 -54.05
C ARG E 275 -42.65 -15.59 -53.33
N ALA E 276 -43.41 -14.49 -53.30
CA ALA E 276 -43.01 -13.29 -52.58
C ALA E 276 -43.50 -13.39 -51.13
N ARG E 277 -42.58 -13.21 -50.19
CA ARG E 277 -42.88 -13.31 -48.77
C ARG E 277 -42.42 -12.06 -48.05
N ASN E 278 -43.20 -11.62 -47.08
CA ASN E 278 -42.88 -10.45 -46.28
C ASN E 278 -42.32 -10.86 -44.93
N PHE E 279 -41.64 -9.92 -44.28
CA PHE E 279 -41.04 -10.16 -42.98
C PHE E 279 -42.02 -9.79 -41.87
N SER E 280 -42.04 -10.59 -40.81
CA SER E 280 -42.94 -10.33 -39.69
C SER E 280 -42.42 -9.21 -38.80
N PHE E 281 -41.11 -9.03 -38.72
CA PHE E 281 -40.50 -8.05 -37.84
C PHE E 281 -40.25 -6.74 -38.58
N PHE E 282 -39.69 -5.77 -37.87
CA PHE E 282 -39.41 -4.46 -38.44
C PHE E 282 -38.04 -3.98 -37.96
N GLU E 283 -37.19 -3.60 -38.92
CA GLU E 283 -35.88 -3.07 -38.57
C GLU E 283 -36.01 -1.73 -37.86
N VAL E 284 -35.18 -1.52 -36.85
CA VAL E 284 -35.15 -0.23 -36.17
C VAL E 284 -34.37 0.77 -37.02
N LYS E 285 -34.83 2.03 -37.03
CA LYS E 285 -34.16 3.05 -37.79
C LYS E 285 -34.08 4.39 -37.05
N GLY E 286 -34.53 4.45 -35.80
CA GLY E 286 -34.60 5.72 -35.10
C GLY E 286 -35.77 6.55 -35.57
N THR E 287 -35.81 6.85 -36.86
CA THR E 287 -36.98 7.53 -37.41
C THR E 287 -38.20 6.62 -37.39
N ALA E 288 -38.00 5.30 -37.51
CA ALA E 288 -39.12 4.38 -37.52
C ALA E 288 -39.88 4.43 -36.20
N VAL E 289 -39.15 4.42 -35.08
CA VAL E 289 -39.83 4.47 -33.79
C VAL E 289 -40.48 5.82 -33.59
N PHE E 290 -39.89 6.90 -34.10
CA PHE E 290 -40.50 8.21 -33.97
C PHE E 290 -41.83 8.27 -34.72
N GLU E 291 -41.85 7.79 -35.96
CA GLU E 291 -43.08 7.78 -36.72
C GLU E 291 -44.11 6.85 -36.10
N CYS E 292 -43.67 5.72 -35.55
CA CYS E 292 -44.61 4.84 -34.86
C CYS E 292 -45.23 5.52 -33.66
N PHE E 293 -44.41 6.22 -32.88
CA PHE E 293 -44.91 6.94 -31.71
C PHE E 293 -45.95 7.98 -32.12
N ASN E 294 -45.63 8.77 -33.16
CA ASN E 294 -46.55 9.82 -33.58
C ASN E 294 -47.85 9.25 -34.15
N SER E 295 -47.75 8.20 -34.97
CA SER E 295 -48.94 7.60 -35.55
C SER E 295 -49.82 7.00 -34.47
N ASN E 296 -49.22 6.32 -33.49
CA ASN E 296 -50.03 5.76 -32.41
C ASN E 296 -50.61 6.85 -31.52
N GLU E 297 -49.90 7.97 -31.35
CA GLU E 297 -50.48 9.10 -30.63
C GLU E 297 -51.73 9.60 -31.33
N ALA E 298 -51.65 9.76 -32.65
CA ALA E 298 -52.80 10.23 -33.41
C ALA E 298 -53.97 9.24 -33.32
N ASN E 299 -53.65 7.94 -33.45
CA ASN E 299 -54.70 6.93 -33.38
C ASN E 299 -55.36 6.91 -32.00
N HIS E 300 -54.55 7.01 -30.94
CA HIS E 300 -55.09 7.02 -29.59
C HIS E 300 -55.96 8.24 -29.35
N CYS E 301 -55.52 9.41 -29.82
CA CYS E 301 -56.31 10.61 -29.64
C CYS E 301 -57.63 10.53 -30.40
N GLN E 302 -57.60 9.96 -31.60
CA GLN E 302 -58.84 9.76 -32.35
C GLN E 302 -59.77 8.79 -31.64
N ARG E 303 -59.21 7.71 -31.09
CA ARG E 303 -60.03 6.64 -30.52
C ARG E 303 -60.78 7.10 -29.28
N TYR E 304 -60.05 7.50 -28.25
CA TYR E 304 -60.69 7.94 -27.02
C TYR E 304 -61.19 9.38 -27.16
N PRO E 305 -62.33 9.69 -26.54
CA PRO E 305 -62.77 11.09 -26.50
C PRO E 305 -61.75 11.96 -25.79
N MET E 306 -61.57 13.18 -26.30
CA MET E 306 -60.55 14.07 -25.80
C MET E 306 -61.06 14.85 -24.60
N SER E 307 -60.17 15.12 -23.66
CA SER E 307 -60.49 15.83 -22.43
C SER E 307 -59.56 17.01 -22.22
N ARG E 308 -60.04 18.01 -21.48
CA ARG E 308 -59.29 19.23 -21.23
C ARG E 308 -58.86 19.39 -19.78
N LYS E 309 -59.09 18.38 -18.95
CA LYS E 309 -58.78 18.50 -17.53
C LYS E 309 -57.96 17.31 -17.06
N PRO E 310 -56.68 17.50 -16.75
CA PRO E 310 -55.88 16.39 -16.23
C PRO E 310 -56.35 16.01 -14.83
N ARG E 311 -56.69 14.73 -14.65
CA ARG E 311 -57.24 14.26 -13.39
C ARG E 311 -56.13 14.19 -12.35
N ASN E 312 -56.50 13.74 -11.16
CA ASN E 312 -55.61 13.81 -10.01
C ASN E 312 -54.77 12.54 -9.85
N PHE E 313 -53.58 12.72 -9.28
CA PHE E 313 -52.67 11.61 -9.05
C PHE E 313 -52.11 11.63 -7.65
N LEU E 314 -52.04 12.81 -7.03
CA LEU E 314 -51.54 12.93 -5.67
C LEU E 314 -52.68 12.61 -4.71
N LEU E 315 -52.63 11.42 -4.11
CA LEU E 315 -53.69 10.99 -3.21
C LEU E 315 -53.66 11.75 -1.89
N ILE E 316 -52.52 12.34 -1.54
CA ILE E 316 -52.41 13.09 -0.30
C ILE E 316 -51.37 14.18 -0.49
N GLN E 317 -51.81 15.43 -0.39
CA GLN E 317 -50.93 16.57 -0.61
C GLN E 317 -50.42 17.08 0.73
N CYS E 318 -49.13 17.34 0.81
CA CYS E 318 -48.54 17.82 2.04
C CYS E 318 -47.23 18.52 1.70
N SER E 319 -46.83 19.44 2.57
CA SER E 319 -45.63 20.23 2.35
C SER E 319 -44.76 20.17 3.60
N LEU E 320 -43.45 20.10 3.38
CA LEU E 320 -42.48 20.09 4.48
C LEU E 320 -41.38 21.09 4.16
N ILE E 321 -41.03 21.91 5.15
CA ILE E 321 -39.94 22.85 5.03
C ILE E 321 -38.76 22.50 5.91
N THR E 322 -38.99 22.00 7.12
CA THR E 322 -37.94 21.61 8.02
C THR E 322 -38.06 20.11 8.33
N SER E 323 -37.13 19.60 9.14
CA SER E 323 -37.11 18.20 9.49
C SER E 323 -38.43 17.80 10.14
N TYR E 324 -38.70 16.50 10.11
CA TYR E 324 -39.94 15.94 10.64
C TYR E 324 -39.65 15.10 11.87
N LYS E 325 -40.31 15.42 12.97
CA LYS E 325 -40.23 14.62 14.18
C LYS E 325 -41.51 13.80 14.30
N PRO E 326 -41.42 12.48 14.36
CA PRO E 326 -42.63 11.65 14.29
C PRO E 326 -43.62 11.99 15.39
N ALA E 327 -44.90 11.95 15.03
CA ALA E 327 -45.95 12.43 15.91
C ALA E 327 -46.18 11.48 17.08
N THR E 328 -46.48 12.06 18.23
CA THR E 328 -46.88 11.35 19.43
C THR E 328 -48.26 11.83 19.85
N THR E 329 -48.71 11.41 21.03
CA THR E 329 -50.00 11.87 21.52
C THR E 329 -49.95 13.35 21.92
N LEU E 330 -48.92 13.72 22.69
CA LEU E 330 -48.79 15.11 23.11
C LEU E 330 -48.55 16.03 21.91
N SER E 331 -47.73 15.58 20.97
CA SER E 331 -47.52 16.37 19.77
C SER E 331 -48.81 16.52 18.98
N ASP E 332 -49.60 15.45 18.90
CA ASP E 332 -50.88 15.55 18.21
C ASP E 332 -51.80 16.56 18.89
N GLN E 333 -51.84 16.54 20.23
CA GLN E 333 -52.67 17.51 20.94
C GLN E 333 -52.23 18.94 20.67
N ILE E 334 -50.94 19.22 20.83
CA ILE E 334 -50.45 20.58 20.68
C ILE E 334 -50.66 21.07 19.26
N ASP E 335 -50.32 20.24 18.28
CA ASP E 335 -50.48 20.63 16.89
C ASP E 335 -51.93 20.77 16.50
N SER E 336 -52.83 19.94 17.03
CA SER E 336 -54.24 20.10 16.73
C SER E 336 -54.77 21.42 17.29
N ARG E 337 -54.35 21.77 18.50
CA ARG E 337 -54.78 23.05 19.07
C ARG E 337 -54.29 24.22 18.23
N ARG E 338 -52.99 24.24 17.91
CA ARG E 338 -52.45 25.34 17.13
C ARG E 338 -53.08 25.38 15.75
N ALA E 339 -53.36 24.21 15.17
CA ALA E 339 -53.93 24.13 13.85
C ALA E 339 -55.36 24.67 13.83
N CYS E 340 -56.15 24.34 14.86
CA CYS E 340 -57.48 24.90 14.94
C CYS E 340 -57.42 26.42 15.11
N SER E 341 -56.45 26.90 15.88
CA SER E 341 -56.28 28.34 16.00
C SER E 341 -55.97 28.98 14.65
N TYR E 342 -55.10 28.34 13.86
CA TYR E 342 -54.80 28.86 12.53
C TYR E 342 -56.02 28.84 11.62
N ILE E 343 -56.78 27.74 11.65
CA ILE E 343 -57.91 27.58 10.75
C ILE E 343 -59.03 28.56 11.09
N LEU E 344 -59.23 28.84 12.37
CA LEU E 344 -60.32 29.74 12.76
C LEU E 344 -60.13 31.16 12.24
N ASN E 345 -58.94 31.50 11.74
CA ASN E 345 -58.66 32.83 11.20
C ASN E 345 -58.59 32.81 9.67
N LEU E 346 -59.30 31.90 9.03
CA LEU E 346 -59.40 31.85 7.59
C LEU E 346 -60.84 32.13 7.16
N ILE E 347 -60.99 32.67 5.96
CA ILE E 347 -62.30 32.98 5.40
C ILE E 347 -62.60 31.96 4.30
N PRO E 348 -63.49 31.01 4.54
CA PRO E 348 -63.77 29.99 3.52
C PRO E 348 -64.45 30.58 2.30
N ASP E 349 -64.25 29.92 1.17
CA ASP E 349 -64.91 30.32 -0.07
C ASP E 349 -65.64 29.16 -0.74
N THR E 350 -65.10 27.97 -0.68
CA THR E 350 -65.74 26.79 -1.23
C THR E 350 -66.30 25.93 -0.10
N PRO E 351 -67.35 25.14 -0.38
CA PRO E 351 -68.01 24.42 0.72
C PRO E 351 -67.09 23.47 1.47
N ALA E 352 -66.06 22.92 0.82
CA ALA E 352 -65.11 22.08 1.54
C ALA E 352 -64.40 22.87 2.61
N SER E 353 -64.01 24.11 2.31
CA SER E 353 -63.42 24.97 3.33
C SER E 353 -64.41 25.27 4.44
N TYR E 354 -65.70 25.37 4.11
CA TYR E 354 -66.71 25.56 5.15
C TYR E 354 -66.77 24.36 6.07
N LEU E 355 -66.72 23.14 5.51
CA LEU E 355 -66.73 21.94 6.34
C LEU E 355 -65.48 21.88 7.21
N ILE E 356 -64.34 22.28 6.65
CA ILE E 356 -63.10 22.33 7.42
C ILE E 356 -63.25 23.28 8.60
N HIS E 357 -63.81 24.47 8.34
CA HIS E 357 -63.99 25.45 9.40
C HIS E 357 -64.95 24.94 10.47
N ASP E 358 -66.02 24.27 10.05
CA ASP E 358 -66.96 23.71 11.02
C ASP E 358 -66.31 22.65 11.88
N MET E 359 -65.51 21.78 11.27
CA MET E 359 -64.77 20.78 12.03
C MET E 359 -63.87 21.44 13.06
N ALA E 360 -63.14 22.47 12.64
CA ALA E 360 -62.22 23.14 13.56
C ALA E 360 -62.98 23.77 14.71
N TYR E 361 -64.10 24.42 14.42
CA TYR E 361 -64.91 25.05 15.46
C TYR E 361 -65.41 24.01 16.46
N ARG E 362 -65.95 22.90 15.96
CA ARG E 362 -66.46 21.87 16.85
C ARG E 362 -65.35 21.29 17.71
N TYR E 363 -64.18 21.02 17.12
CA TYR E 363 -63.09 20.46 17.91
C TYR E 363 -62.62 21.44 18.97
N ILE E 364 -62.51 22.72 18.62
CA ILE E 364 -62.01 23.68 19.58
C ILE E 364 -63.04 24.00 20.66
N ASN E 365 -64.30 23.65 20.45
CA ASN E 365 -65.33 23.85 21.47
C ASN E 365 -65.64 22.59 22.26
N LEU E 366 -64.78 21.57 22.21
CA LEU E 366 -64.98 20.40 23.05
C LEU E 366 -64.57 20.69 24.49
N THR E 367 -65.18 19.98 25.43
CA THR E 367 -64.91 20.21 26.83
C THR E 367 -63.60 19.56 27.24
N ARG E 368 -63.14 19.89 28.45
CA ARG E 368 -61.87 19.37 28.94
C ARG E 368 -61.93 17.86 29.13
N GLU E 369 -62.99 17.35 29.73
CA GLU E 369 -63.11 15.91 29.90
C GLU E 369 -63.29 15.23 28.54
N ASP E 370 -64.00 15.88 27.63
CA ASP E 370 -64.13 15.34 26.27
C ASP E 370 -62.78 15.27 25.58
N MET E 371 -61.94 16.29 25.78
CA MET E 371 -60.59 16.23 25.22
C MET E 371 -59.77 15.10 25.85
N ILE E 372 -59.87 14.96 27.17
CA ILE E 372 -59.13 13.90 27.85
C ILE E 372 -59.53 12.54 27.30
N ASN E 373 -60.83 12.32 27.09
CA ASN E 373 -61.26 11.07 26.50
C ASN E 373 -60.86 10.97 25.03
N TYR E 374 -60.78 12.11 24.34
CA TYR E 374 -60.33 12.13 22.95
C TYR E 374 -58.86 11.74 22.82
N TYR E 375 -58.09 11.87 23.89
CA TYR E 375 -56.69 11.48 23.81
C TYR E 375 -56.33 10.46 24.88
N ALA E 376 -57.15 9.42 25.01
CA ALA E 376 -56.91 8.36 25.96
C ALA E 376 -56.99 7.01 25.26
N PRO E 377 -56.21 6.03 25.69
CA PRO E 377 -56.29 4.70 25.09
C PRO E 377 -57.62 4.04 25.42
N ARG E 378 -58.02 3.10 24.56
CA ARG E 378 -59.33 2.48 24.70
C ARG E 378 -59.48 1.78 26.05
N ILE E 379 -58.36 1.39 26.66
CA ILE E 379 -58.42 0.83 28.01
C ILE E 379 -58.99 1.84 28.99
N GLN E 380 -58.54 3.10 28.87
CA GLN E 380 -58.97 4.13 29.85
C GLN E 380 -59.95 5.12 29.20
N PHE E 381 -60.55 4.75 28.07
CA PHE E 381 -61.54 5.62 27.45
C PHE E 381 -62.89 5.47 28.15
N LYS E 382 -63.60 6.60 28.24
CA LYS E 382 -64.92 6.63 28.83
C LYS E 382 -65.93 7.17 27.83
N GLN E 383 -67.11 6.56 27.82
CA GLN E 383 -68.17 6.94 26.89
C GLN E 383 -68.75 8.28 27.32
N THR E 384 -68.70 9.26 26.44
CA THR E 384 -69.30 10.57 26.68
C THR E 384 -70.25 10.91 25.53
N GLN E 385 -70.82 12.12 25.59
CA GLN E 385 -71.82 12.54 24.61
C GLN E 385 -71.19 13.17 23.37
N ASN E 386 -70.04 13.84 23.52
CA ASN E 386 -69.37 14.45 22.38
C ASN E 386 -68.30 13.55 21.78
N VAL E 387 -67.70 12.69 22.60
CA VAL E 387 -66.57 11.86 22.18
C VAL E 387 -67.01 10.42 22.41
N ARG E 388 -67.59 9.79 21.39
CA ARG E 388 -68.10 8.43 21.52
C ARG E 388 -67.03 7.37 21.36
N GLU E 389 -65.88 7.74 20.81
CA GLU E 389 -64.79 6.82 20.53
C GLU E 389 -63.46 7.44 20.93
N PRO E 390 -62.44 6.63 21.16
CA PRO E 390 -61.20 7.18 21.74
C PRO E 390 -60.58 8.32 20.94
N GLY E 391 -60.77 8.37 19.63
CA GLY E 391 -60.12 9.40 18.85
C GLY E 391 -61.01 10.19 17.93
N THR E 392 -62.32 10.08 18.12
CA THR E 392 -63.29 10.73 17.25
C THR E 392 -64.17 11.66 18.08
N PHE E 393 -65.06 12.37 17.39
CA PHE E 393 -66.10 13.14 18.06
C PHE E 393 -67.33 13.20 17.17
N LYS E 394 -68.48 13.31 17.81
CA LYS E 394 -69.73 13.44 17.07
C LYS E 394 -69.89 14.87 16.56
N LEU E 395 -70.59 15.00 15.43
CA LEU E 395 -70.82 16.32 14.84
C LEU E 395 -72.17 16.26 14.13
N THR E 396 -73.21 16.71 14.83
CA THR E 396 -74.54 16.66 14.26
C THR E 396 -74.79 17.88 13.38
N SER E 397 -75.87 17.81 12.60
CA SER E 397 -76.16 18.80 11.57
C SER E 397 -76.45 20.18 12.13
N SER E 398 -76.69 20.31 13.43
CA SER E 398 -76.96 21.62 14.00
C SER E 398 -75.76 22.55 13.86
N MET E 399 -74.55 22.02 14.03
CA MET E 399 -73.34 22.82 13.94
C MET E 399 -72.73 22.85 12.55
N LEU E 400 -73.35 22.18 11.58
CA LEU E 400 -72.92 22.31 10.20
C LEU E 400 -73.51 23.55 9.57
N ARG E 401 -73.34 23.68 8.26
CA ARG E 401 -73.91 24.77 7.49
C ARG E 401 -74.52 24.23 6.21
N ALA E 402 -75.25 25.09 5.50
CA ALA E 402 -76.02 24.64 4.34
C ALA E 402 -75.11 24.06 3.26
N GLU E 403 -74.00 24.72 2.96
CA GLU E 403 -73.08 24.20 1.95
C GLU E 403 -72.45 22.90 2.41
N SER E 404 -72.08 22.81 3.70
CA SER E 404 -71.53 21.58 4.23
C SER E 404 -72.53 20.44 4.14
N LYS E 405 -73.80 20.72 4.47
CA LYS E 405 -74.83 19.71 4.35
C LYS E 405 -75.02 19.30 2.89
N ALA E 406 -74.91 20.26 1.97
CA ALA E 406 -75.00 19.93 0.55
C ALA E 406 -73.89 18.99 0.12
N MET E 407 -72.66 19.26 0.58
CA MET E 407 -71.57 18.34 0.26
C MET E 407 -71.79 16.97 0.87
N LEU E 408 -72.30 16.93 2.09
CA LEU E 408 -72.56 15.63 2.72
C LEU E 408 -73.60 14.85 1.93
N ASP E 409 -74.66 15.52 1.49
CA ASP E 409 -75.67 14.86 0.67
C ASP E 409 -75.09 14.38 -0.64
N LEU E 410 -74.23 15.19 -1.26
CA LEU E 410 -73.60 14.78 -2.51
C LEU E 410 -72.69 13.57 -2.29
N LEU E 411 -71.98 13.54 -1.17
CA LEU E 411 -71.14 12.39 -0.84
C LEU E 411 -71.98 11.13 -0.66
N ASN E 412 -73.11 11.24 0.02
CA ASN E 412 -73.95 10.08 0.27
C ASN E 412 -74.56 9.52 -1.02
N ASN E 413 -74.59 10.30 -2.09
CA ASN E 413 -75.12 9.83 -3.36
C ASN E 413 -74.04 9.16 -4.21
N GLN E 423 -68.12 8.40 -21.55
CA GLN E 423 -67.85 8.47 -20.12
C GLN E 423 -66.36 8.49 -19.84
N ILE E 424 -65.62 7.63 -20.51
CA ILE E 424 -64.17 7.56 -20.35
C ILE E 424 -63.52 8.54 -21.32
N GLU E 425 -62.77 9.49 -20.78
CA GLU E 425 -62.04 10.48 -21.56
C GLU E 425 -60.54 10.22 -21.43
N SER E 426 -59.76 11.03 -22.14
CA SER E 426 -58.31 10.93 -22.08
C SER E 426 -57.72 12.28 -22.44
N LEU E 427 -56.49 12.49 -22.01
CA LEU E 427 -55.80 13.73 -22.34
C LEU E 427 -55.40 13.74 -23.80
N ASN E 428 -55.29 14.95 -24.35
CA ASN E 428 -54.85 15.13 -25.74
C ASN E 428 -53.34 14.87 -25.78
N ILE E 429 -52.99 13.59 -25.71
CA ILE E 429 -51.59 13.20 -25.58
C ILE E 429 -50.78 13.62 -26.80
N ALA E 430 -51.43 13.80 -27.94
CA ALA E 430 -50.74 14.18 -29.16
C ALA E 430 -50.47 15.68 -29.26
N SER E 431 -50.90 16.47 -28.28
CA SER E 431 -50.74 17.92 -28.31
C SER E 431 -49.52 18.32 -27.48
N HIS E 432 -48.80 19.34 -27.97
CA HIS E 432 -47.57 19.76 -27.30
C HIS E 432 -47.85 20.42 -25.96
N ILE E 433 -48.95 21.17 -25.85
CA ILE E 433 -49.22 21.94 -24.64
C ILE E 433 -49.43 21.02 -23.44
N VAL E 434 -50.19 19.94 -23.62
CA VAL E 434 -50.44 19.00 -22.53
C VAL E 434 -49.14 18.38 -22.06
N GLN E 435 -48.31 17.92 -23.00
CA GLN E 435 -47.04 17.32 -22.64
C GLN E 435 -46.15 18.30 -21.90
N SER E 436 -46.06 19.53 -22.39
CA SER E 436 -45.19 20.52 -21.77
C SER E 436 -45.64 20.86 -20.36
N GLU E 437 -46.94 21.10 -20.17
CA GLU E 437 -47.42 21.46 -18.83
C GLU E 437 -47.28 20.31 -17.86
N SER E 438 -47.57 19.08 -18.31
CA SER E 438 -47.43 17.93 -17.44
C SER E 438 -45.97 17.70 -17.04
N VAL E 439 -45.05 17.80 -18.01
CA VAL E 439 -43.65 17.57 -17.70
C VAL E 439 -43.11 18.67 -16.80
N SER E 440 -43.58 19.91 -16.97
CA SER E 440 -43.17 20.99 -16.09
C SER E 440 -43.66 20.75 -14.66
N LEU E 441 -44.92 20.34 -14.51
CA LEU E 441 -45.46 20.09 -13.17
C LEU E 441 -44.70 18.96 -12.48
N ILE E 442 -44.49 17.85 -13.20
CA ILE E 442 -43.84 16.71 -12.56
C ILE E 442 -42.38 17.01 -12.26
N THR E 443 -41.71 17.79 -13.13
CA THR E 443 -40.33 18.17 -12.85
C THR E 443 -40.26 19.08 -11.63
N LYS E 444 -41.25 19.96 -11.46
CA LYS E 444 -41.28 20.82 -10.25
C LYS E 444 -41.45 19.94 -9.02
N ILE E 445 -42.34 18.94 -9.09
CA ILE E 445 -42.54 18.05 -7.95
C ILE E 445 -41.27 17.27 -7.63
N LEU E 446 -40.61 16.74 -8.67
CA LEU E 446 -39.39 15.96 -8.45
C LEU E 446 -38.29 16.80 -7.84
N SER E 447 -38.11 18.02 -8.33
CA SER E 447 -37.07 18.89 -7.77
C SER E 447 -37.41 19.33 -6.35
N ASP E 448 -38.71 19.52 -6.06
CA ASP E 448 -39.11 19.86 -4.71
C ASP E 448 -38.91 18.69 -3.75
N LEU E 449 -39.00 17.47 -4.26
CA LEU E 449 -38.77 16.30 -3.42
C LEU E 449 -37.30 16.06 -3.15
N GLU E 450 -36.41 16.65 -3.94
CA GLU E 450 -34.97 16.45 -3.78
C GLU E 450 -34.31 17.48 -2.88
N LEU E 451 -35.05 18.49 -2.42
CA LEU E 451 -34.44 19.60 -1.70
C LEU E 451 -33.92 19.15 -0.33
N ASN E 452 -32.76 19.65 0.04
CA ASN E 452 -32.14 19.31 1.31
C ASN E 452 -32.92 19.92 2.46
N ILE E 453 -32.92 19.24 3.60
CA ILE E 453 -33.55 19.71 4.82
C ILE E 453 -32.53 19.64 5.94
N THR E 454 -32.40 20.73 6.69
CA THR E 454 -31.44 20.83 7.78
C THR E 454 -31.71 19.81 8.87
N THR E 471 -19.98 -6.43 14.01
CA THR E 471 -19.50 -7.41 13.04
C THR E 471 -18.88 -6.73 11.83
N VAL E 472 -18.17 -7.52 11.02
CA VAL E 472 -17.44 -6.98 9.88
C VAL E 472 -18.38 -6.51 8.79
N LEU E 473 -19.47 -7.26 8.57
CA LEU E 473 -20.47 -6.81 7.60
C LEU E 473 -21.01 -5.44 7.98
N ASP E 474 -21.16 -5.17 9.27
CA ASP E 474 -21.56 -3.84 9.69
C ASP E 474 -20.51 -2.80 9.34
N LYS E 475 -19.22 -3.17 9.39
CA LYS E 475 -18.18 -2.23 8.99
C LYS E 475 -18.30 -1.89 7.52
N PHE E 476 -18.47 -2.91 6.66
CA PHE E 476 -18.62 -2.64 5.24
C PHE E 476 -19.89 -1.84 4.97
N PHE E 477 -20.98 -2.15 5.68
CA PHE E 477 -22.23 -1.44 5.50
C PHE E 477 -22.06 0.03 5.83
N GLN E 478 -21.52 0.32 7.02
CA GLN E 478 -21.34 1.71 7.43
C GLN E 478 -20.33 2.43 6.56
N ASN E 479 -19.40 1.70 5.95
CA ASN E 479 -18.42 2.35 5.09
C ASN E 479 -19.03 2.71 3.74
N GLU E 480 -19.88 1.85 3.18
CA GLU E 480 -20.33 2.03 1.81
C GLU E 480 -21.79 2.46 1.70
N THR E 481 -22.73 1.65 2.21
CA THR E 481 -24.12 1.96 1.97
C THR E 481 -24.61 3.08 2.88
N GLN E 482 -24.34 2.96 4.19
CA GLN E 482 -24.73 4.02 5.11
C GLN E 482 -24.06 5.35 4.77
N LYS E 483 -22.95 5.33 4.07
CA LYS E 483 -22.25 6.56 3.72
C LYS E 483 -22.70 7.14 2.40
N TYR E 484 -23.04 6.31 1.42
CA TYR E 484 -23.31 6.80 0.08
C TYR E 484 -24.79 6.77 -0.31
N LEU E 485 -25.65 6.09 0.46
CA LEU E 485 -27.08 6.08 0.19
C LEU E 485 -27.87 6.68 1.34
N ILE E 486 -27.76 6.13 2.55
CA ILE E 486 -28.62 6.54 3.65
C ILE E 486 -28.28 7.95 4.08
N ASP E 487 -26.99 8.24 4.26
CA ASP E 487 -26.60 9.57 4.70
C ASP E 487 -26.94 10.62 3.65
N VAL E 488 -26.83 10.26 2.37
CA VAL E 488 -27.19 11.18 1.30
C VAL E 488 -28.68 11.47 1.35
N LEU E 489 -29.51 10.45 1.53
CA LEU E 489 -30.95 10.63 1.45
C LEU E 489 -31.58 11.15 2.74
N LYS E 490 -30.85 11.14 3.85
CA LYS E 490 -31.44 11.58 5.11
C LYS E 490 -31.83 13.06 5.05
N LYS E 491 -31.03 13.87 4.38
CA LYS E 491 -31.32 15.29 4.27
C LYS E 491 -32.39 15.60 3.23
N THR E 492 -32.70 14.66 2.35
CA THR E 492 -33.65 14.88 1.27
C THR E 492 -35.04 15.13 1.84
N THR E 493 -35.80 15.99 1.17
CA THR E 493 -37.17 16.27 1.58
C THR E 493 -38.05 15.02 1.50
N ALA E 494 -37.76 14.13 0.55
CA ALA E 494 -38.57 12.94 0.37
C ALA E 494 -38.53 12.04 1.60
N TRP E 495 -37.40 11.99 2.30
CA TRP E 495 -37.29 11.18 3.50
C TRP E 495 -38.33 11.60 4.54
N HIS E 496 -38.35 12.88 4.88
CA HIS E 496 -39.28 13.36 5.88
C HIS E 496 -40.71 13.38 5.37
N ILE E 497 -40.90 13.61 4.07
CA ILE E 497 -42.23 13.52 3.49
C ILE E 497 -42.78 12.10 3.62
N GLY E 498 -41.93 11.10 3.41
CA GLY E 498 -42.36 9.73 3.57
C GLY E 498 -42.72 9.41 5.02
N HIS E 499 -41.93 9.90 5.96
CA HIS E 499 -42.30 9.70 7.36
C HIS E 499 -43.63 10.38 7.70
N LEU E 500 -43.86 11.58 7.15
CA LEU E 500 -45.11 12.28 7.39
C LEU E 500 -46.30 11.53 6.78
N ILE E 501 -46.12 11.00 5.57
CA ILE E 501 -47.16 10.18 4.95
C ILE E 501 -47.45 8.97 5.83
N ARG E 502 -46.40 8.37 6.38
CA ARG E 502 -46.60 7.21 7.26
C ARG E 502 -47.44 7.58 8.46
N ASP E 503 -47.16 8.73 9.08
CA ASP E 503 -47.95 9.16 10.24
C ASP E 503 -49.40 9.41 9.87
N ILE E 504 -49.63 10.11 8.76
CA ILE E 504 -51.01 10.41 8.35
C ILE E 504 -51.77 9.13 8.07
N THR E 505 -51.14 8.19 7.36
CA THR E 505 -51.83 6.95 7.05
C THR E 505 -52.06 6.11 8.30
N GLU E 506 -51.17 6.17 9.28
CA GLU E 506 -51.42 5.47 10.54
C GLU E 506 -52.65 6.04 11.23
N SER E 507 -52.80 7.37 11.21
CA SER E 507 -54.00 7.96 11.78
C SER E 507 -55.25 7.53 11.01
N LEU E 508 -55.17 7.47 9.68
CA LEU E 508 -56.33 7.04 8.90
C LEU E 508 -56.70 5.60 9.21
N ILE E 509 -55.70 4.71 9.31
CA ILE E 509 -55.99 3.31 9.62
C ILE E 509 -56.60 3.19 11.01
N ALA E 510 -56.08 3.97 11.97
CA ALA E 510 -56.67 3.95 13.30
C ALA E 510 -58.12 4.40 13.27
N HIS E 511 -58.44 5.40 12.46
CA HIS E 511 -59.82 5.85 12.35
C HIS E 511 -60.71 4.89 11.55
N SER E 512 -60.14 4.01 10.74
CA SER E 512 -60.93 3.14 9.90
C SER E 512 -61.60 2.00 10.65
N GLY E 513 -61.60 2.04 11.98
CA GLY E 513 -62.18 0.94 12.73
C GLY E 513 -63.70 0.91 12.62
N LEU E 514 -64.27 -0.28 12.81
CA LEU E 514 -65.71 -0.43 12.71
C LEU E 514 -66.44 0.33 13.79
N LYS E 515 -65.77 0.67 14.89
CA LYS E 515 -66.37 1.46 15.95
C LYS E 515 -66.20 2.96 15.73
N ARG E 516 -65.15 3.37 15.02
CA ARG E 516 -64.83 4.77 14.85
C ARG E 516 -65.20 5.33 13.49
N SER E 517 -65.44 4.49 12.49
CA SER E 517 -65.49 4.98 11.11
C SER E 517 -66.63 5.97 10.90
N LYS E 518 -67.79 5.69 11.49
CA LYS E 518 -68.97 6.52 11.27
C LYS E 518 -68.92 7.84 12.04
N TYR E 519 -67.77 8.22 12.57
CA TYR E 519 -67.65 9.44 13.36
C TYR E 519 -66.55 10.33 12.78
N TRP E 520 -66.61 11.59 13.17
CA TRP E 520 -65.71 12.61 12.64
C TRP E 520 -64.45 12.67 13.48
N SER E 521 -63.35 13.11 12.85
CA SER E 521 -62.08 13.18 13.54
C SER E 521 -61.21 14.27 12.95
N LEU E 522 -60.16 14.63 13.69
CA LEU E 522 -59.27 15.71 13.30
C LEU E 522 -57.88 15.44 13.87
N HIS E 523 -56.86 15.62 13.04
CA HIS E 523 -55.49 15.43 13.47
C HIS E 523 -54.60 16.45 12.78
N SER E 524 -53.45 16.72 13.40
CA SER E 524 -52.53 17.72 12.89
C SER E 524 -51.10 17.26 13.10
N TYR E 525 -50.25 17.54 12.12
CA TYR E 525 -48.86 17.10 12.14
C TYR E 525 -47.95 18.25 11.75
N ASN E 526 -46.70 18.16 12.18
CA ASN E 526 -45.66 19.12 11.81
C ASN E 526 -46.01 20.51 12.31
N ASN E 527 -46.23 20.61 13.63
CA ASN E 527 -46.51 21.88 14.30
C ASN E 527 -47.73 22.57 13.69
N GLY E 528 -48.70 21.78 13.25
CA GLY E 528 -49.89 22.34 12.66
C GLY E 528 -49.77 22.77 11.22
N ASN E 529 -48.64 22.49 10.56
CA ASN E 529 -48.48 22.88 9.17
C ASN E 529 -49.20 21.94 8.22
N VAL E 530 -49.52 20.72 8.65
CA VAL E 530 -50.32 19.79 7.87
C VAL E 530 -51.42 19.26 8.76
N ILE E 531 -52.65 19.28 8.26
CA ILE E 531 -53.83 18.99 9.06
C ILE E 531 -54.64 17.94 8.32
N LEU E 532 -55.14 16.95 9.05
CA LEU E 532 -55.96 15.91 8.46
C LEU E 532 -57.35 15.93 9.09
N PHE E 533 -58.38 16.04 8.26
CA PHE E 533 -59.76 15.91 8.69
C PHE E 533 -60.29 14.61 8.12
N ILE E 534 -60.87 13.77 8.98
CA ILE E 534 -61.38 12.46 8.56
C ILE E 534 -62.89 12.51 8.67
N LEU E 535 -63.57 12.54 7.53
CA LEU E 535 -65.00 12.54 7.48
C LEU E 535 -65.55 11.16 7.83
N PRO E 536 -66.81 11.08 8.27
CA PRO E 536 -67.41 9.77 8.52
C PRO E 536 -67.50 8.95 7.24
N SER E 537 -67.32 7.65 7.38
CA SER E 537 -67.37 6.76 6.23
C SER E 537 -67.61 5.34 6.72
N LYS E 538 -67.95 4.46 5.79
CA LYS E 538 -68.07 3.04 6.10
C LYS E 538 -66.71 2.50 6.49
N SER E 539 -66.70 1.55 7.43
CA SER E 539 -65.44 1.03 7.93
C SER E 539 -64.76 0.18 6.86
N LEU E 540 -63.43 0.05 7.00
CA LEU E 540 -62.65 -0.72 6.06
C LEU E 540 -62.65 -2.21 6.37
N GLU E 541 -63.30 -2.62 7.45
CA GLU E 541 -63.43 -4.05 7.72
C GLU E 541 -64.23 -4.74 6.64
N VAL E 542 -65.31 -4.11 6.18
CA VAL E 542 -66.14 -4.67 5.12
C VAL E 542 -65.54 -4.28 3.78
N ALA E 543 -65.48 -5.24 2.87
CA ALA E 543 -64.85 -5.02 1.57
C ALA E 543 -65.63 -4.00 0.76
N GLY E 544 -64.92 -3.34 -0.15
CA GLY E 544 -65.52 -2.32 -0.99
C GLY E 544 -65.96 -1.08 -0.25
N SER E 545 -65.17 -0.64 0.72
CA SER E 545 -65.46 0.57 1.47
C SER E 545 -64.31 1.55 1.33
N PHE E 546 -64.64 2.84 1.40
CA PHE E 546 -63.67 3.91 1.23
C PHE E 546 -63.75 4.86 2.41
N ILE E 547 -62.58 5.31 2.87
CA ILE E 547 -62.48 6.31 3.93
C ILE E 547 -62.23 7.66 3.27
N ARG E 548 -62.95 8.68 3.72
CA ARG E 548 -62.91 9.99 3.10
C ARG E 548 -62.27 10.99 4.03
N PHE E 549 -61.34 11.78 3.50
CA PHE E 549 -60.57 12.71 4.31
C PHE E 549 -60.25 13.95 3.51
N ILE E 550 -59.96 15.03 4.22
CA ILE E 550 -59.54 16.30 3.63
C ILE E 550 -58.26 16.75 4.31
N THR E 551 -57.25 17.07 3.52
CA THR E 551 -55.98 17.56 4.05
C THR E 551 -55.90 19.06 3.84
N VAL E 552 -55.55 19.79 4.89
CA VAL E 552 -55.34 21.23 4.83
C VAL E 552 -53.92 21.51 5.25
N PHE E 553 -53.11 21.99 4.33
CA PHE E 553 -51.67 22.15 4.55
C PHE E 553 -51.24 23.54 4.15
N ARG E 554 -50.23 24.05 4.82
CA ARG E 554 -49.61 25.30 4.40
C ARG E 554 -48.85 25.07 3.10
N ILE E 555 -49.07 25.95 2.13
CA ILE E 555 -48.47 25.77 0.82
C ILE E 555 -46.97 25.92 0.91
N GLY E 556 -46.25 24.97 0.34
CA GLY E 556 -44.81 25.00 0.31
C GLY E 556 -44.26 23.95 -0.65
N PRO E 557 -42.94 23.86 -0.74
CA PRO E 557 -42.34 22.82 -1.58
C PRO E 557 -42.66 21.43 -1.06
N GLY E 558 -42.80 20.48 -1.98
CA GLY E 558 -43.17 19.13 -1.64
C GLY E 558 -44.22 18.59 -2.57
N LEU E 559 -45.06 17.70 -2.06
CA LEU E 559 -46.16 17.13 -2.84
C LEU E 559 -47.35 18.08 -2.74
N VAL E 560 -47.44 19.01 -3.68
CA VAL E 560 -48.56 19.93 -3.75
C VAL E 560 -48.96 20.10 -5.21
N ASP E 561 -50.26 20.04 -5.48
CA ASP E 561 -50.80 20.13 -6.84
C ASP E 561 -51.87 21.20 -6.86
N LYS E 562 -51.48 22.43 -7.23
CA LYS E 562 -52.40 23.56 -7.15
C LYS E 562 -53.60 23.37 -8.06
N ASP E 563 -53.42 22.73 -9.21
CA ASP E 563 -54.52 22.55 -10.14
C ASP E 563 -55.60 21.63 -9.57
N ASN E 564 -55.19 20.59 -8.84
CA ASN E 564 -56.13 19.63 -8.27
C ASN E 564 -56.57 19.99 -6.86
N LEU E 565 -56.05 21.07 -6.29
CA LEU E 565 -56.53 21.54 -5.00
C LEU E 565 -57.96 22.04 -5.12
N ASP E 566 -58.74 21.82 -4.07
CA ASP E 566 -60.09 22.36 -4.03
C ASP E 566 -60.06 23.88 -4.05
N THR E 567 -59.28 24.48 -3.16
CA THR E 567 -59.05 25.91 -3.16
C THR E 567 -57.82 26.20 -2.34
N ILE E 568 -57.29 27.41 -2.49
CA ILE E 568 -56.12 27.86 -1.75
C ILE E 568 -56.57 29.03 -0.88
N LEU E 569 -56.98 28.75 0.34
CA LEU E 569 -57.28 29.81 1.29
C LEU E 569 -56.01 30.59 1.59
N ILE E 570 -56.19 31.88 1.87
CA ILE E 570 -55.05 32.78 1.99
C ILE E 570 -55.09 33.46 3.35
N ASP E 571 -53.90 33.67 3.91
CA ASP E 571 -53.72 34.43 5.13
C ASP E 571 -52.71 35.54 4.84
N GLY E 572 -52.23 36.23 5.86
CA GLY E 572 -51.23 37.24 5.61
C GLY E 572 -49.92 36.62 5.19
N ASP E 573 -49.63 36.71 3.89
CA ASP E 573 -48.37 36.25 3.29
C ASP E 573 -48.30 34.73 3.27
N SER E 574 -49.23 34.06 3.96
CA SER E 574 -49.18 32.61 4.07
C SER E 574 -50.44 31.99 3.49
N GLN E 575 -50.27 30.96 2.67
CA GLN E 575 -51.38 30.28 2.06
C GLN E 575 -51.71 29.01 2.85
N TRP E 576 -52.89 28.45 2.58
CA TRP E 576 -53.31 27.19 3.18
C TRP E 576 -54.18 26.44 2.19
N GLY E 577 -53.58 25.57 1.38
CA GLY E 577 -54.36 24.89 0.35
C GLY E 577 -55.10 23.70 0.92
N VAL E 578 -56.40 23.65 0.68
CA VAL E 578 -57.25 22.56 1.15
C VAL E 578 -57.56 21.68 -0.05
N SER E 579 -57.46 20.37 0.15
CA SER E 579 -57.68 19.43 -0.94
C SER E 579 -59.14 19.03 -1.03
N LYS E 580 -59.52 18.49 -2.18
CA LYS E 580 -60.87 17.98 -2.34
C LYS E 580 -61.08 16.78 -1.43
N VAL E 581 -62.33 16.34 -1.32
CA VAL E 581 -62.65 15.18 -0.50
C VAL E 581 -62.11 13.95 -1.22
N MET E 582 -61.22 13.22 -0.55
CA MET E 582 -60.54 12.08 -1.16
C MET E 582 -60.96 10.80 -0.47
N SER E 583 -61.34 9.80 -1.25
CA SER E 583 -61.79 8.52 -0.72
C SER E 583 -60.84 7.43 -1.23
N ILE E 584 -60.22 6.71 -0.29
CA ILE E 584 -59.28 5.66 -0.64
C ILE E 584 -59.70 4.37 0.07
N ASP E 585 -59.30 3.25 -0.52
CA ASP E 585 -59.68 1.94 -0.03
C ASP E 585 -58.61 1.42 0.92
N LEU E 586 -58.69 0.13 1.27
CA LEU E 586 -57.74 -0.45 2.20
C LEU E 586 -56.38 -0.65 1.56
N ASN E 587 -56.34 -1.18 0.33
CA ASN E 587 -55.07 -1.50 -0.30
C ASN E 587 -54.24 -0.26 -0.56
N ARG E 588 -54.86 0.81 -1.05
CA ARG E 588 -54.13 2.04 -1.29
C ARG E 588 -53.60 2.63 0.02
N LEU E 589 -54.40 2.55 1.09
CA LEU E 589 -53.95 3.04 2.37
C LEU E 589 -52.75 2.26 2.88
N LEU E 590 -52.81 0.93 2.78
CA LEU E 590 -51.70 0.13 3.28
C LEU E 590 -50.47 0.27 2.39
N ALA E 591 -50.66 0.63 1.13
CA ALA E 591 -49.50 0.90 0.28
C ALA E 591 -48.88 2.25 0.61
N LEU E 592 -49.71 3.26 0.87
CA LEU E 592 -49.19 4.57 1.25
C LEU E 592 -48.49 4.52 2.61
N ASN E 593 -48.94 3.63 3.50
CA ASN E 593 -48.34 3.54 4.82
C ASN E 593 -46.87 3.11 4.74
N ILE E 594 -46.49 2.44 3.66
CA ILE E 594 -45.13 1.95 3.49
C ILE E 594 -44.47 2.54 2.24
N ALA E 595 -44.89 3.73 1.82
CA ALA E 595 -44.29 4.33 0.63
C ALA E 595 -42.81 4.58 0.83
N PHE E 596 -42.44 5.06 2.02
CA PHE E 596 -41.05 5.37 2.30
C PHE E 596 -40.17 4.13 2.25
N GLU E 597 -40.65 3.03 2.83
CA GLU E 597 -39.87 1.80 2.82
C GLU E 597 -39.73 1.23 1.42
N LYS E 598 -40.80 1.26 0.63
CA LYS E 598 -40.72 0.77 -0.75
C LYS E 598 -39.75 1.61 -1.56
N ALA E 599 -39.84 2.93 -1.43
CA ALA E 599 -38.92 3.81 -2.16
C ALA E 599 -37.48 3.55 -1.74
N LEU E 600 -37.23 3.37 -0.45
CA LEU E 600 -35.88 3.13 0.03
C LEU E 600 -35.33 1.82 -0.48
N ILE E 601 -36.14 0.76 -0.47
CA ILE E 601 -35.64 -0.52 -0.93
C ILE E 601 -35.39 -0.51 -2.43
N ALA E 602 -36.27 0.15 -3.19
CA ALA E 602 -36.04 0.27 -4.62
C ALA E 602 -34.78 1.06 -4.91
N THR E 603 -34.55 2.14 -4.14
CA THR E 603 -33.34 2.93 -4.33
C THR E 603 -32.10 2.12 -3.98
N ALA E 604 -32.16 1.31 -2.94
CA ALA E 604 -31.02 0.46 -2.59
C ALA E 604 -30.76 -0.57 -3.67
N THR E 605 -31.82 -1.15 -4.24
CA THR E 605 -31.64 -2.09 -5.34
C THR E 605 -30.98 -1.42 -6.53
N TRP E 606 -31.46 -0.23 -6.90
CA TRP E 606 -30.85 0.52 -7.99
C TRP E 606 -29.40 0.86 -7.68
N PHE E 607 -29.11 1.23 -6.43
CA PHE E 607 -27.75 1.53 -6.01
C PHE E 607 -26.84 0.33 -6.22
N GLN E 608 -27.29 -0.86 -5.80
CA GLN E 608 -26.50 -2.06 -6.01
C GLN E 608 -26.31 -2.35 -7.48
N TYR E 609 -27.36 -2.21 -8.29
CA TYR E 609 -27.24 -2.50 -9.71
C TYR E 609 -26.28 -1.54 -10.39
N TYR E 610 -26.34 -0.26 -10.02
CA TYR E 610 -25.42 0.72 -10.59
C TYR E 610 -23.98 0.42 -10.18
N THR E 611 -23.76 0.08 -8.91
CA THR E 611 -22.40 -0.24 -8.48
C THR E 611 -21.88 -1.49 -9.20
N GLU E 612 -22.77 -2.46 -9.44
CA GLU E 612 -22.39 -3.64 -10.22
C GLU E 612 -22.02 -3.24 -11.64
N ASP E 613 -22.80 -2.35 -12.24
CA ASP E 613 -22.60 -2.00 -13.65
C ASP E 613 -21.33 -1.18 -13.83
N GLN E 614 -21.27 -0.01 -13.20
CA GLN E 614 -20.15 0.89 -13.43
C GLN E 614 -18.89 0.42 -12.73
N GLY E 615 -19.02 -0.13 -11.53
CA GLY E 615 -17.87 -0.50 -10.74
C GLY E 615 -17.49 0.50 -9.67
N GLN E 616 -18.27 1.56 -9.50
CA GLN E 616 -18.04 2.57 -8.48
C GLN E 616 -19.38 3.11 -8.01
N PHE E 617 -19.36 3.80 -6.88
CA PHE E 617 -20.59 4.28 -6.28
C PHE E 617 -21.21 5.41 -7.11
N PRO E 618 -22.53 5.51 -7.13
CA PRO E 618 -23.16 6.63 -7.80
C PRO E 618 -22.97 7.93 -7.03
N LEU E 619 -23.02 9.04 -7.77
CA LEU E 619 -22.89 10.35 -7.17
C LEU E 619 -24.17 10.71 -6.41
N GLN E 620 -24.11 11.81 -5.65
CA GLN E 620 -25.25 12.18 -4.82
C GLN E 620 -26.46 12.56 -5.66
N TYR E 621 -26.24 13.27 -6.78
CA TYR E 621 -27.37 13.75 -7.57
C TYR E 621 -28.19 12.61 -8.15
N ALA E 622 -27.51 11.57 -8.67
CA ALA E 622 -28.23 10.44 -9.23
C ALA E 622 -29.01 9.69 -8.17
N ILE E 623 -28.41 9.51 -6.99
CA ILE E 623 -29.09 8.80 -5.91
C ILE E 623 -30.37 9.52 -5.46
N ARG E 624 -30.28 10.84 -5.30
CA ARG E 624 -31.47 11.63 -4.89
C ARG E 624 -32.53 11.56 -6.00
N SER E 625 -32.11 11.70 -7.25
CA SER E 625 -33.06 11.71 -8.36
C SER E 625 -33.81 10.39 -8.38
N VAL E 626 -33.09 9.27 -8.24
CA VAL E 626 -33.78 7.99 -8.26
C VAL E 626 -34.61 7.80 -7.02
N PHE E 627 -34.18 8.31 -5.87
CA PHE E 627 -35.01 8.20 -4.68
C PHE E 627 -36.30 8.98 -4.86
N ALA E 628 -36.21 10.20 -5.41
CA ALA E 628 -37.42 10.99 -5.62
C ALA E 628 -38.35 10.32 -6.63
N ASN E 629 -37.80 9.76 -7.71
CA ASN E 629 -38.64 9.07 -8.68
C ASN E 629 -39.30 7.85 -8.09
N HIS E 630 -38.55 7.04 -7.34
CA HIS E 630 -39.13 5.85 -6.73
C HIS E 630 -40.18 6.22 -5.70
N PHE E 631 -39.94 7.28 -4.94
CA PHE E 631 -40.93 7.73 -3.96
C PHE E 631 -42.21 8.19 -4.64
N LEU E 632 -42.09 8.98 -5.70
CA LEU E 632 -43.28 9.48 -6.37
C LEU E 632 -44.04 8.35 -7.04
N LEU E 633 -43.34 7.38 -7.62
CA LEU E 633 -44.03 6.22 -8.19
C LEU E 633 -44.66 5.35 -7.11
N ALA E 634 -44.09 5.33 -5.91
CA ALA E 634 -44.67 4.55 -4.82
C ALA E 634 -45.90 5.20 -4.25
N ILE E 635 -45.95 6.54 -4.22
CA ILE E 635 -47.14 7.22 -3.69
C ILE E 635 -48.33 6.98 -4.59
N CYS E 636 -48.16 7.17 -5.90
CA CYS E 636 -49.28 7.11 -6.84
C CYS E 636 -49.38 5.70 -7.40
N GLN E 637 -50.36 4.94 -6.93
CA GLN E 637 -50.58 3.57 -7.38
C GLN E 637 -51.73 3.57 -8.37
N LYS E 638 -51.41 3.51 -9.65
CA LYS E 638 -52.41 3.47 -10.71
C LYS E 638 -52.06 2.34 -11.66
N MET E 639 -53.09 1.65 -12.16
CA MET E 639 -52.85 0.52 -13.04
C MET E 639 -52.19 0.94 -14.34
N LYS E 640 -52.43 2.17 -14.78
CA LYS E 640 -51.84 2.64 -16.03
C LYS E 640 -50.33 2.67 -15.95
N LEU E 641 -49.79 3.18 -14.84
CA LEU E 641 -48.34 3.24 -14.69
C LEU E 641 -47.73 1.84 -14.58
N CYS E 642 -48.40 0.95 -13.88
CA CYS E 642 -47.91 -0.43 -13.79
C CYS E 642 -47.86 -1.07 -15.15
N ALA E 643 -48.91 -0.90 -15.95
CA ALA E 643 -48.94 -1.46 -17.29
C ALA E 643 -47.86 -0.83 -18.17
N ILE E 644 -47.66 0.48 -18.03
CA ILE E 644 -46.63 1.15 -18.82
C ILE E 644 -45.26 0.56 -18.53
N PHE E 645 -44.91 0.42 -17.25
CA PHE E 645 -43.60 -0.11 -16.92
C PHE E 645 -43.47 -1.57 -17.32
N ASP E 646 -44.56 -2.31 -17.18
CA ASP E 646 -44.57 -3.73 -17.63
C ASP E 646 -44.17 -3.77 -19.11
N ASN E 647 -44.86 -2.99 -19.94
CA ASN E 647 -44.56 -3.01 -21.37
C ASN E 647 -43.14 -2.54 -21.64
N LEU E 648 -42.69 -1.50 -20.93
CA LEU E 648 -41.35 -0.96 -21.15
C LEU E 648 -40.29 -2.02 -20.89
N ARG E 649 -40.56 -2.91 -19.93
CA ARG E 649 -39.62 -3.96 -19.57
C ARG E 649 -39.21 -4.80 -20.79
N TYR E 650 -40.16 -5.08 -21.68
CA TYR E 650 -39.84 -5.74 -22.94
C TYR E 650 -39.58 -4.77 -24.08
N LEU E 651 -39.96 -3.50 -23.91
CA LEU E 651 -39.78 -2.53 -24.97
C LEU E 651 -38.34 -2.11 -25.15
N ILE E 652 -37.54 -2.11 -24.08
CA ILE E 652 -36.11 -1.79 -24.22
C ILE E 652 -35.38 -2.76 -25.15
N PRO E 653 -35.40 -4.08 -24.91
CA PRO E 653 -34.66 -4.96 -25.83
C PRO E 653 -35.22 -4.97 -27.23
N ALA E 654 -36.49 -4.59 -27.40
CA ALA E 654 -37.04 -4.50 -28.75
C ALA E 654 -36.35 -3.42 -29.56
N VAL E 655 -36.02 -2.28 -28.92
CA VAL E 655 -35.39 -1.19 -29.65
C VAL E 655 -33.88 -1.20 -29.59
N THR E 656 -33.27 -2.03 -28.73
CA THR E 656 -31.82 -2.09 -28.75
C THR E 656 -31.28 -2.95 -29.90
N SER E 657 -32.10 -3.84 -30.46
CA SER E 657 -31.68 -4.72 -31.54
C SER E 657 -32.22 -4.21 -32.87
N LEU E 658 -31.95 -4.96 -33.95
CA LEU E 658 -32.35 -4.49 -35.27
C LEU E 658 -33.84 -4.67 -35.50
N TYR E 659 -34.28 -5.92 -35.54
CA TYR E 659 -35.65 -6.26 -35.87
C TYR E 659 -36.36 -6.73 -34.61
N SER E 660 -37.64 -6.40 -34.52
CA SER E 660 -38.46 -6.77 -33.38
C SER E 660 -39.91 -6.49 -33.75
N GLY E 661 -40.79 -6.65 -32.78
CA GLY E 661 -42.16 -6.22 -32.95
C GLY E 661 -42.37 -4.88 -32.29
N PHE E 662 -41.33 -4.04 -32.30
CA PHE E 662 -41.43 -2.75 -31.63
C PHE E 662 -42.61 -1.91 -32.12
N PRO E 663 -42.97 -1.85 -33.40
CA PRO E 663 -44.20 -1.15 -33.75
C PRO E 663 -45.43 -1.76 -33.12
N SER E 664 -45.37 -3.05 -32.82
CA SER E 664 -46.46 -3.73 -32.13
C SER E 664 -46.28 -3.76 -30.62
N LEU E 665 -45.17 -3.27 -30.11
CA LEU E 665 -44.99 -3.06 -28.67
C LEU E 665 -45.34 -1.64 -28.24
N ILE E 666 -45.83 -0.82 -29.17
CA ILE E 666 -46.16 0.56 -28.87
C ILE E 666 -47.65 0.75 -28.62
N GLU E 667 -48.51 0.09 -29.39
CA GLU E 667 -49.94 0.29 -29.18
C GLU E 667 -50.38 -0.15 -27.79
N LYS E 668 -49.73 -1.18 -27.24
CA LYS E 668 -50.02 -1.58 -25.87
C LYS E 668 -49.72 -0.47 -24.88
N LEU E 669 -48.85 0.46 -25.26
CA LEU E 669 -48.58 1.64 -24.43
C LEU E 669 -49.66 2.68 -24.57
N PHE E 670 -50.53 2.56 -25.58
CA PHE E 670 -51.59 3.53 -25.82
C PHE E 670 -52.98 2.95 -25.61
N GLU E 671 -53.09 1.73 -25.09
CA GLU E 671 -54.40 1.11 -24.92
C GLU E 671 -55.23 1.86 -23.87
N ARG E 672 -54.65 2.10 -22.73
CA ARG E 672 -55.47 2.72 -21.71
C ARG E 672 -55.35 4.24 -21.77
N PRO E 673 -56.41 4.97 -21.40
CA PRO E 673 -56.37 6.42 -21.51
C PRO E 673 -55.37 7.03 -20.54
N PHE E 674 -54.79 8.16 -20.96
CA PHE E 674 -53.91 8.94 -20.10
C PHE E 674 -54.76 9.94 -19.33
N LYS E 675 -54.73 9.84 -18.00
CA LYS E 675 -55.63 10.63 -17.16
C LYS E 675 -54.92 11.69 -16.34
N SER E 676 -53.75 11.40 -15.80
CA SER E 676 -53.06 12.30 -14.89
C SER E 676 -51.80 12.83 -15.54
N SER E 677 -51.20 13.83 -14.91
CA SER E 677 -49.96 14.40 -15.43
C SER E 677 -48.79 13.43 -15.26
N LEU E 678 -48.84 12.58 -14.25
CA LEU E 678 -47.74 11.63 -14.02
C LEU E 678 -47.62 10.65 -15.18
N GLU E 679 -48.74 10.13 -15.67
CA GLU E 679 -48.70 9.21 -16.79
C GLU E 679 -48.14 9.90 -18.03
N VAL E 680 -48.55 11.13 -18.28
CA VAL E 680 -48.05 11.86 -19.45
C VAL E 680 -46.55 12.09 -19.34
N TYR E 681 -46.09 12.48 -18.15
CA TYR E 681 -44.66 12.70 -17.96
C TYR E 681 -43.86 11.42 -18.15
N ILE E 682 -44.35 10.32 -17.59
CA ILE E 682 -43.67 9.04 -17.77
C ILE E 682 -43.62 8.67 -19.24
N TYR E 683 -44.73 8.86 -19.94
CA TYR E 683 -44.75 8.54 -21.37
C TYR E 683 -43.78 9.40 -22.15
N TYR E 684 -43.71 10.69 -21.83
CA TYR E 684 -42.79 11.58 -22.53
C TYR E 684 -41.35 11.15 -22.31
N ASN E 685 -40.99 10.80 -21.08
CA ASN E 685 -39.64 10.34 -20.81
C ASN E 685 -39.34 9.04 -21.57
N ILE E 686 -40.32 8.13 -21.60
CA ILE E 686 -40.14 6.88 -22.34
C ILE E 686 -39.92 7.16 -23.82
N LYS E 687 -40.73 8.06 -24.39
CA LYS E 687 -40.62 8.38 -25.80
C LYS E 687 -39.23 8.94 -26.12
N SER E 688 -38.77 9.88 -25.31
CA SER E 688 -37.46 10.49 -25.55
C SER E 688 -36.35 9.43 -25.44
N LEU E 689 -36.38 8.62 -24.38
CA LEU E 689 -35.35 7.62 -24.17
C LEU E 689 -35.33 6.59 -25.30
N LEU E 690 -36.50 6.13 -25.72
CA LEU E 690 -36.56 5.12 -26.77
C LEU E 690 -36.13 5.67 -28.12
N VAL E 691 -36.54 6.90 -28.43
CA VAL E 691 -36.09 7.52 -29.68
C VAL E 691 -34.58 7.65 -29.69
N ALA E 692 -34.00 8.11 -28.57
CA ALA E 692 -32.55 8.25 -28.50
C ALA E 692 -31.84 6.90 -28.62
N LEU E 693 -32.36 5.87 -27.94
CA LEU E 693 -31.75 4.55 -28.03
C LEU E 693 -31.83 3.99 -29.45
N ALA E 694 -32.98 4.15 -30.10
CA ALA E 694 -33.11 3.66 -31.48
C ALA E 694 -32.16 4.39 -32.41
N GLN E 695 -32.02 5.71 -32.24
CA GLN E 695 -31.10 6.46 -33.08
C GLN E 695 -29.65 6.04 -32.84
N ASN E 696 -29.27 5.83 -31.58
CA ASN E 696 -27.86 5.68 -31.25
C ASN E 696 -27.43 4.22 -31.39
N ASN E 697 -28.07 3.31 -30.65
CA ASN E 697 -27.54 1.96 -30.49
C ASN E 697 -27.40 1.24 -31.82
N LYS E 698 -28.19 1.61 -32.82
CA LYS E 698 -28.04 0.98 -34.13
C LYS E 698 -26.64 1.20 -34.69
N ALA E 699 -26.17 2.45 -34.68
CA ALA E 699 -24.80 2.73 -35.13
C ALA E 699 -23.78 2.08 -34.22
N ARG E 700 -24.09 1.94 -32.93
CA ARG E 700 -23.25 1.23 -31.98
C ARG E 700 -23.61 -0.26 -31.95
N PHE E 701 -24.08 -0.81 -33.06
CA PHE E 701 -24.40 -2.22 -33.10
C PHE E 701 -23.68 -2.97 -34.21
N TYR E 702 -23.74 -2.48 -35.45
CA TYR E 702 -23.29 -3.27 -36.59
C TYR E 702 -21.82 -3.06 -36.93
N SER E 703 -21.07 -2.37 -36.09
CA SER E 703 -19.64 -2.22 -36.33
C SER E 703 -18.96 -3.58 -36.37
N LYS E 704 -19.20 -4.40 -35.35
CA LYS E 704 -18.71 -5.78 -35.27
C LYS E 704 -19.40 -6.44 -34.10
N VAL E 705 -18.88 -7.59 -33.67
CA VAL E 705 -19.43 -8.31 -32.54
C VAL E 705 -19.23 -7.53 -31.24
N GLY E 721 -21.56 -0.07 -24.30
CA GLY E 721 -21.87 1.19 -24.95
C GLY E 721 -22.33 2.28 -23.99
N VAL E 722 -23.26 3.11 -24.45
CA VAL E 722 -23.82 4.20 -23.66
C VAL E 722 -25.33 4.07 -23.69
N TYR E 723 -25.93 3.82 -22.55
CA TYR E 723 -27.38 3.67 -22.42
C TYR E 723 -27.87 4.58 -21.30
N PRO E 724 -28.56 5.67 -21.60
CA PRO E 724 -28.96 6.60 -20.55
C PRO E 724 -29.94 5.98 -19.57
N SER E 725 -29.88 6.44 -18.34
CA SER E 725 -30.79 5.99 -17.30
C SER E 725 -32.18 6.59 -17.53
N PHE E 726 -33.16 6.05 -16.82
CA PHE E 726 -34.54 6.48 -17.00
C PHE E 726 -34.98 7.52 -15.98
N MET E 727 -34.34 7.60 -14.82
CA MET E 727 -34.68 8.61 -13.82
C MET E 727 -33.47 9.41 -13.38
N SER E 728 -32.46 9.52 -14.24
CA SER E 728 -31.28 10.32 -13.94
C SER E 728 -30.55 10.64 -15.23
N ARG E 729 -29.60 11.55 -15.15
CA ARG E 729 -28.79 11.95 -16.28
C ARG E 729 -27.51 11.15 -16.41
N ILE E 730 -27.34 10.10 -15.61
CA ILE E 730 -26.20 9.22 -15.72
C ILE E 730 -26.36 8.34 -16.96
N VAL E 731 -25.31 7.61 -17.31
CA VAL E 731 -25.34 6.65 -18.41
C VAL E 731 -24.81 5.32 -17.89
N TYR E 732 -25.43 4.24 -18.35
CA TYR E 732 -25.02 2.90 -17.95
C TYR E 732 -23.96 2.36 -18.90
N LYS E 733 -23.44 1.18 -18.57
CA LYS E 733 -22.49 0.48 -19.42
C LYS E 733 -23.10 -0.68 -20.18
N HIS E 734 -24.14 -1.31 -19.63
CA HIS E 734 -24.89 -2.36 -20.30
C HIS E 734 -26.37 -2.07 -20.17
N TYR E 735 -27.16 -2.55 -21.13
CA TYR E 735 -28.60 -2.30 -21.05
C TYR E 735 -29.32 -3.31 -20.17
N ARG E 736 -28.62 -4.32 -19.66
CA ARG E 736 -29.19 -5.12 -18.59
C ARG E 736 -29.54 -4.24 -17.40
N SER E 737 -28.71 -3.23 -17.13
CA SER E 737 -28.98 -2.32 -16.02
C SER E 737 -30.26 -1.52 -16.26
N LEU E 738 -30.48 -1.08 -17.50
CA LEU E 738 -31.72 -0.36 -17.78
C LEU E 738 -32.93 -1.28 -17.70
N ILE E 739 -32.77 -2.53 -18.15
CA ILE E 739 -33.83 -3.52 -17.99
C ILE E 739 -34.17 -3.68 -16.52
N SER E 740 -33.15 -3.80 -15.67
CA SER E 740 -33.37 -3.95 -14.24
C SER E 740 -33.98 -2.71 -13.63
N GLU E 741 -33.62 -1.52 -14.13
CA GLU E 741 -34.20 -0.28 -13.63
C GLU E 741 -35.70 -0.25 -13.88
N VAL E 742 -36.11 -0.57 -15.10
CA VAL E 742 -37.53 -0.59 -15.41
C VAL E 742 -38.21 -1.72 -14.65
N THR E 743 -37.54 -2.84 -14.46
CA THR E 743 -38.11 -3.93 -13.68
C THR E 743 -38.38 -3.51 -12.25
N THR E 744 -37.41 -2.83 -11.62
CA THR E 744 -37.60 -2.34 -10.26
C THR E 744 -38.74 -1.35 -10.20
N CYS E 745 -38.82 -0.42 -11.16
CA CYS E 745 -39.92 0.52 -11.17
C CYS E 745 -41.25 -0.19 -11.39
N PHE E 746 -41.23 -1.39 -11.97
CA PHE E 746 -42.46 -2.12 -12.19
C PHE E 746 -42.98 -2.76 -10.92
N PHE E 747 -42.10 -3.17 -10.03
CA PHE E 747 -42.51 -3.88 -8.82
C PHE E 747 -42.81 -2.94 -7.66
N LEU E 748 -42.71 -1.64 -7.86
CA LEU E 748 -43.14 -0.67 -6.85
C LEU E 748 -44.64 -0.55 -6.79
N PHE E 749 -45.37 -1.17 -7.72
CA PHE E 749 -46.82 -1.09 -7.77
C PHE E 749 -47.40 -2.35 -7.15
N GLU E 750 -48.05 -2.19 -6.01
CA GLU E 750 -48.46 -3.31 -5.18
C GLU E 750 -49.36 -4.27 -5.94
N LYS E 751 -49.07 -5.56 -5.81
CA LYS E 751 -49.93 -6.58 -6.39
C LYS E 751 -51.32 -6.49 -5.78
N GLY E 752 -52.34 -6.67 -6.62
CA GLY E 752 -53.72 -6.40 -6.25
C GLY E 752 -54.36 -5.32 -7.11
N LEU E 753 -53.54 -4.43 -7.66
CA LEU E 753 -54.01 -3.59 -8.76
C LEU E 753 -54.45 -4.45 -9.93
N HIS E 754 -53.81 -5.61 -10.11
CA HIS E 754 -54.28 -6.59 -11.07
C HIS E 754 -55.64 -7.16 -10.71
N GLY E 755 -56.06 -7.00 -9.46
CA GLY E 755 -57.39 -7.39 -9.02
C GLY E 755 -58.48 -6.40 -9.36
N ASN E 756 -58.16 -5.38 -10.15
CA ASN E 756 -59.16 -4.42 -10.57
C ASN E 756 -60.16 -5.08 -11.49
N MET E 757 -61.35 -4.48 -11.58
CA MET E 757 -62.40 -5.05 -12.42
C MET E 757 -62.00 -5.03 -13.89
N ASN E 758 -61.20 -4.05 -14.31
CA ASN E 758 -60.84 -3.95 -15.71
C ASN E 758 -59.99 -5.12 -16.16
N GLU E 759 -59.07 -5.58 -15.31
CA GLU E 759 -58.19 -6.69 -15.71
C GLU E 759 -58.97 -8.00 -15.83
N GLU E 760 -59.83 -8.29 -14.85
CA GLU E 760 -60.65 -9.50 -14.95
C GLU E 760 -61.60 -9.41 -16.15
N ALA E 761 -62.15 -8.23 -16.40
CA ALA E 761 -63.01 -8.06 -17.56
C ALA E 761 -62.24 -8.32 -18.83
N LYS E 762 -61.00 -7.83 -18.93
CA LYS E 762 -60.24 -7.98 -20.16
C LYS E 762 -59.81 -9.43 -20.38
N ILE E 763 -59.47 -10.15 -19.32
CA ILE E 763 -59.09 -11.55 -19.51
C ILE E 763 -60.33 -12.38 -19.90
N HIS E 764 -61.47 -12.10 -19.28
CA HIS E 764 -62.70 -12.78 -19.68
C HIS E 764 -63.03 -12.48 -21.14
N LEU E 765 -62.91 -11.21 -21.55
CA LEU E 765 -63.21 -10.82 -22.91
C LEU E 765 -62.29 -11.53 -23.90
N GLU E 766 -60.99 -11.59 -23.58
CA GLU E 766 -60.05 -12.25 -24.48
C GLU E 766 -60.35 -13.74 -24.60
N THR E 767 -60.64 -14.40 -23.48
CA THR E 767 -60.96 -15.83 -23.55
C THR E 767 -62.22 -16.07 -24.37
N VAL E 768 -63.25 -15.26 -24.15
CA VAL E 768 -64.50 -15.46 -24.88
C VAL E 768 -64.31 -15.16 -26.37
N GLU E 769 -63.50 -14.14 -26.70
CA GLU E 769 -63.24 -13.84 -28.09
C GLU E 769 -62.50 -14.98 -28.78
N TRP E 770 -61.51 -15.56 -28.10
CA TRP E 770 -60.80 -16.70 -28.68
C TRP E 770 -61.73 -17.89 -28.85
N ALA E 771 -62.61 -18.12 -27.88
CA ALA E 771 -63.58 -19.22 -27.99
C ALA E 771 -64.51 -18.99 -29.18
N LEU E 772 -64.97 -17.75 -29.37
CA LEU E 772 -65.83 -17.45 -30.50
C LEU E 772 -65.10 -17.65 -31.82
N LYS E 773 -63.84 -17.25 -31.89
CA LYS E 773 -63.06 -17.47 -33.11
C LYS E 773 -62.93 -18.96 -33.41
N PHE E 774 -62.66 -19.76 -32.38
CA PHE E 774 -62.57 -21.20 -32.58
C PHE E 774 -63.89 -21.79 -33.03
N ARG E 775 -64.99 -21.31 -32.44
CA ARG E 775 -66.32 -21.79 -32.85
C ARG E 775 -66.60 -21.43 -34.30
N GLU E 776 -66.20 -20.23 -34.72
CA GLU E 776 -66.41 -19.82 -36.11
C GLU E 776 -65.61 -20.72 -37.06
N LYS E 777 -64.35 -21.00 -36.72
CA LYS E 777 -63.56 -21.90 -37.55
C LYS E 777 -64.19 -23.29 -37.58
N GLU E 778 -64.70 -23.74 -36.43
CA GLU E 778 -65.34 -25.05 -36.34
C GLU E 778 -66.54 -25.13 -37.29
N GLU E 779 -67.45 -24.16 -37.21
CA GLU E 779 -68.64 -24.19 -38.05
C GLU E 779 -68.28 -23.97 -39.52
N LYS E 780 -67.18 -23.28 -39.79
CA LYS E 780 -66.79 -23.07 -41.18
C LYS E 780 -66.17 -24.32 -41.81
N TYR E 781 -65.40 -25.08 -41.04
CA TYR E 781 -64.68 -26.21 -41.60
C TYR E 781 -65.16 -27.57 -41.11
N GLY E 782 -66.09 -27.62 -40.17
CA GLY E 782 -66.64 -28.89 -39.73
C GLY E 782 -65.97 -29.42 -38.47
N GLU E 783 -66.64 -30.37 -37.84
CA GLU E 783 -66.18 -30.89 -36.55
C GLU E 783 -64.84 -31.61 -36.69
N SER E 784 -64.76 -32.56 -37.62
CA SER E 784 -63.57 -33.40 -37.72
C SER E 784 -62.37 -32.62 -38.22
N LEU E 785 -62.58 -31.69 -39.15
CA LEU E 785 -61.47 -30.98 -39.77
C LEU E 785 -60.65 -30.19 -38.76
N VAL E 786 -61.24 -29.85 -37.62
CA VAL E 786 -60.50 -29.16 -36.56
C VAL E 786 -60.29 -30.04 -35.33
N GLU E 787 -61.13 -31.06 -35.11
CA GLU E 787 -60.98 -31.90 -33.92
C GLU E 787 -59.67 -32.65 -33.94
N ASN E 788 -59.38 -33.36 -35.04
CA ASN E 788 -58.13 -34.10 -35.16
C ASN E 788 -57.18 -33.46 -36.17
N GLY E 789 -57.43 -32.21 -36.53
CA GLY E 789 -56.59 -31.52 -37.48
C GLY E 789 -57.02 -31.74 -38.92
N TYR E 790 -56.19 -31.26 -39.83
CA TYR E 790 -56.44 -31.37 -41.25
C TYR E 790 -55.26 -32.02 -41.95
N MET E 791 -55.56 -32.76 -43.02
CA MET E 791 -54.54 -33.45 -43.79
C MET E 791 -53.81 -32.46 -44.71
N MET E 792 -52.85 -32.97 -45.47
CA MET E 792 -51.98 -32.11 -46.26
C MET E 792 -52.68 -31.64 -47.54
N TRP E 793 -53.38 -32.54 -48.24
CA TRP E 793 -53.90 -32.21 -49.57
C TRP E 793 -54.93 -31.09 -49.51
N GLU E 794 -55.77 -31.07 -48.48
CA GLU E 794 -56.73 -29.98 -48.35
C GLU E 794 -56.03 -28.65 -48.18
N LEU E 795 -54.95 -28.61 -47.39
CA LEU E 795 -54.18 -27.39 -47.26
C LEU E 795 -53.56 -26.98 -48.59
N ARG E 796 -53.01 -27.95 -49.33
CA ARG E 796 -52.42 -27.64 -50.62
C ARG E 796 -53.45 -27.04 -51.56
N ALA E 797 -54.67 -27.59 -51.55
CA ALA E 797 -55.75 -27.03 -52.35
C ALA E 797 -56.22 -25.68 -51.82
N ASN E 798 -56.00 -25.39 -50.55
CA ASN E 798 -56.47 -24.15 -49.93
C ASN E 798 -55.36 -23.13 -49.71
N ALA E 799 -54.19 -23.56 -49.24
CA ALA E 799 -53.07 -22.67 -48.93
C ALA E 799 -53.42 -21.63 -47.87
N GLU E 800 -54.54 -21.82 -47.17
CA GLU E 800 -54.97 -20.89 -46.14
C GLU E 800 -55.21 -21.55 -44.79
N LEU E 801 -55.15 -22.88 -44.71
CA LEU E 801 -55.35 -23.57 -43.44
C LEU E 801 -54.16 -23.43 -42.49
N ALA E 802 -53.05 -22.86 -42.95
CA ALA E 802 -51.89 -22.61 -42.08
C ALA E 802 -52.21 -21.38 -41.23
N GLU E 803 -52.98 -21.62 -40.16
CA GLU E 803 -53.43 -20.56 -39.27
C GLU E 803 -53.34 -21.05 -37.83
N GLN E 804 -53.61 -20.14 -36.91
CA GLN E 804 -53.69 -20.53 -35.51
C GLN E 804 -54.99 -21.29 -35.27
N GLN E 805 -55.02 -22.03 -34.16
CA GLN E 805 -56.12 -22.93 -33.82
C GLN E 805 -56.31 -24.01 -34.87
N LEU E 806 -55.30 -24.26 -35.71
CA LEU E 806 -55.38 -25.23 -36.79
C LEU E 806 -54.00 -25.83 -36.99
N TYR E 807 -53.95 -27.13 -37.27
CA TYR E 807 -52.69 -27.83 -37.44
C TYR E 807 -52.81 -28.87 -38.54
N CYS E 808 -51.67 -29.17 -39.16
CA CYS E 808 -51.59 -30.18 -40.21
C CYS E 808 -51.09 -31.48 -39.62
N GLN E 809 -51.92 -32.53 -39.68
CA GLN E 809 -51.58 -33.79 -39.03
C GLN E 809 -50.31 -34.40 -39.61
N ASP E 810 -50.07 -34.20 -40.91
CA ASP E 810 -48.85 -34.70 -41.53
C ASP E 810 -47.62 -34.09 -40.87
N ALA E 811 -47.66 -32.79 -40.60
CA ALA E 811 -46.54 -32.14 -39.94
C ALA E 811 -46.32 -32.67 -38.53
N ILE E 812 -47.40 -32.88 -37.78
CA ILE E 812 -47.27 -33.41 -36.43
C ILE E 812 -46.62 -34.79 -36.46
N GLU E 813 -47.11 -35.66 -37.35
CA GLU E 813 -46.56 -37.00 -37.45
C GLU E 813 -45.10 -36.96 -37.87
N LEU E 814 -44.77 -36.09 -38.82
CA LEU E 814 -43.40 -35.98 -39.30
C LEU E 814 -42.47 -35.54 -38.18
N ALA E 815 -42.83 -34.47 -37.48
CA ALA E 815 -42.00 -33.97 -36.39
C ALA E 815 -41.86 -34.98 -35.28
N ALA E 816 -42.93 -35.73 -35.01
CA ALA E 816 -42.85 -36.79 -34.01
C ALA E 816 -41.85 -37.86 -34.46
N ILE E 817 -41.84 -38.17 -35.76
CA ILE E 817 -40.85 -39.11 -36.28
C ILE E 817 -39.43 -38.58 -36.07
N GLU E 818 -39.23 -37.29 -36.36
CA GLU E 818 -37.90 -36.71 -36.19
C GLU E 818 -37.44 -36.75 -34.74
N LEU E 819 -38.35 -36.44 -33.80
CA LEU E 819 -37.98 -36.51 -32.40
C LEU E 819 -37.71 -37.94 -31.96
N ASN E 820 -38.54 -38.89 -32.42
CA ASN E 820 -38.32 -40.28 -32.09
C ASN E 820 -37.00 -40.79 -32.65
N LYS E 821 -36.51 -40.17 -33.73
CA LYS E 821 -35.20 -40.53 -34.27
C LYS E 821 -34.11 -40.45 -33.20
N VAL E 822 -34.25 -39.53 -32.25
CA VAL E 822 -33.28 -39.39 -31.18
C VAL E 822 -33.79 -40.13 -29.95
N LEU E 823 -35.12 -40.14 -29.76
CA LEU E 823 -35.69 -40.77 -28.58
C LEU E 823 -35.45 -42.28 -28.55
N ALA E 824 -35.30 -42.90 -29.73
CA ALA E 824 -35.17 -44.35 -29.77
C ALA E 824 -33.89 -44.82 -29.07
N THR E 825 -32.81 -44.06 -29.20
CA THR E 825 -31.53 -44.47 -28.65
C THR E 825 -31.56 -44.58 -27.12
N LYS E 826 -32.53 -43.96 -26.47
CA LYS E 826 -32.61 -43.94 -25.01
C LYS E 826 -33.90 -44.60 -24.53
N SER E 827 -34.30 -45.69 -25.18
CA SER E 827 -35.56 -46.34 -24.86
C SER E 827 -35.58 -46.88 -23.44
N SER E 828 -34.47 -47.48 -23.01
CA SER E 828 -34.42 -48.07 -21.66
C SER E 828 -34.63 -47.00 -20.59
N VAL E 829 -33.89 -45.89 -20.69
CA VAL E 829 -34.02 -44.84 -19.69
C VAL E 829 -35.36 -44.15 -19.82
N VAL E 830 -35.93 -44.09 -21.02
CA VAL E 830 -37.28 -43.54 -21.17
C VAL E 830 -38.27 -44.38 -20.39
N ALA E 831 -38.19 -45.69 -20.54
CA ALA E 831 -39.09 -46.58 -19.79
C ALA E 831 -38.86 -46.44 -18.30
N ASN E 832 -37.60 -46.36 -17.87
CA ASN E 832 -37.32 -46.19 -16.46
C ASN E 832 -37.98 -44.92 -15.93
N SER E 833 -37.86 -43.82 -16.68
CA SER E 833 -38.48 -42.58 -16.25
C SER E 833 -40.00 -42.68 -16.20
N ILE E 834 -40.59 -43.34 -17.20
CA ILE E 834 -42.05 -43.43 -17.26
C ILE E 834 -42.59 -44.23 -16.08
N LEU E 835 -41.96 -45.38 -15.78
CA LEU E 835 -42.43 -46.18 -14.67
C LEU E 835 -41.89 -45.72 -13.31
N SER E 836 -41.00 -44.74 -13.28
CA SER E 836 -40.58 -44.17 -12.01
C SER E 836 -41.53 -43.10 -11.49
N LYS E 837 -42.55 -42.74 -12.27
CA LYS E 837 -43.53 -41.75 -11.83
C LYS E 837 -44.45 -42.28 -10.74
N ASN E 838 -44.41 -43.58 -10.44
CA ASN E 838 -45.22 -44.20 -9.40
C ASN E 838 -46.71 -43.98 -9.68
N TRP E 839 -47.16 -44.52 -10.80
CA TRP E 839 -48.55 -44.38 -11.21
C TRP E 839 -49.50 -45.09 -10.26
N GLU E 840 -49.02 -46.08 -9.52
CA GLU E 840 -49.86 -46.82 -8.58
C GLU E 840 -49.97 -46.12 -7.23
N GLU E 841 -49.14 -45.12 -6.96
CA GLU E 841 -49.18 -44.44 -5.68
C GLU E 841 -50.50 -43.69 -5.51
N PRO E 842 -51.02 -43.63 -4.29
CA PRO E 842 -52.29 -42.92 -4.07
C PRO E 842 -52.20 -41.46 -4.47
N TYR E 843 -53.31 -40.95 -5.01
CA TYR E 843 -53.32 -39.58 -5.52
C TYR E 843 -53.19 -38.57 -4.38
N PHE E 844 -54.00 -38.74 -3.33
CA PHE E 844 -54.02 -37.78 -2.24
C PHE E 844 -52.95 -38.03 -1.18
N SER E 845 -52.21 -39.13 -1.30
CA SER E 845 -51.06 -39.33 -0.42
C SER E 845 -49.84 -38.55 -0.88
N GLN E 846 -49.91 -37.90 -2.02
CA GLN E 846 -48.80 -37.10 -2.54
C GLN E 846 -48.94 -35.66 -2.06
N THR E 847 -47.81 -35.06 -1.72
CA THR E 847 -47.83 -33.69 -1.18
C THR E 847 -48.36 -32.70 -2.20
N ARG E 848 -47.98 -32.86 -3.48
CA ARG E 848 -48.40 -31.90 -4.49
C ARG E 848 -49.90 -31.87 -4.69
N ASN E 849 -50.63 -32.91 -4.24
CA ASN E 849 -52.07 -32.98 -4.45
C ASN E 849 -52.85 -32.66 -3.19
N ILE E 850 -52.19 -32.22 -2.12
CA ILE E 850 -52.88 -31.78 -0.91
C ILE E 850 -52.41 -30.38 -0.55
N SER E 851 -51.90 -29.65 -1.53
CA SER E 851 -51.34 -28.33 -1.29
C SER E 851 -52.47 -27.32 -1.13
N LEU E 852 -52.13 -26.03 -1.15
CA LEU E 852 -53.08 -24.95 -0.94
C LEU E 852 -53.45 -24.24 -2.24
N LYS E 853 -53.16 -24.82 -3.38
CA LYS E 853 -53.43 -24.17 -4.65
C LYS E 853 -54.93 -23.99 -4.86
N GLY E 854 -55.29 -22.96 -5.62
CA GLY E 854 -56.68 -22.71 -5.91
C GLY E 854 -57.29 -23.79 -6.78
N MET E 855 -58.54 -24.15 -6.46
CA MET E 855 -59.26 -25.17 -7.21
C MET E 855 -60.70 -24.74 -7.36
N SER E 856 -61.37 -25.32 -8.34
CA SER E 856 -62.79 -25.06 -8.59
C SER E 856 -63.60 -26.19 -7.97
N GLY E 857 -64.53 -25.83 -7.09
CA GLY E 857 -65.31 -26.82 -6.38
C GLY E 857 -66.46 -27.35 -7.20
N GLN E 858 -67.65 -27.41 -6.60
CA GLN E 858 -68.85 -27.87 -7.28
C GLN E 858 -69.78 -26.68 -7.53
N VAL E 859 -70.56 -26.78 -8.60
CA VAL E 859 -71.47 -25.70 -8.96
C VAL E 859 -72.51 -25.51 -7.87
N GLN E 860 -72.69 -24.28 -7.43
CA GLN E 860 -73.62 -23.98 -6.36
C GLN E 860 -75.04 -23.87 -6.91
N GLU E 861 -75.98 -23.56 -6.02
CA GLU E 861 -77.39 -23.44 -6.41
C GLU E 861 -77.60 -22.30 -7.39
N ASP E 862 -76.76 -21.27 -7.34
CA ASP E 862 -76.89 -20.12 -8.22
C ASP E 862 -76.35 -20.37 -9.61
N GLY E 863 -75.68 -21.50 -9.84
CA GLY E 863 -75.04 -21.77 -11.11
C GLY E 863 -73.66 -21.16 -11.27
N HIS E 864 -73.15 -20.51 -10.24
CA HIS E 864 -71.81 -19.91 -10.28
C HIS E 864 -70.83 -20.89 -9.65
N LEU E 865 -69.82 -21.29 -10.41
CA LEU E 865 -68.79 -22.16 -9.87
C LEU E 865 -68.03 -21.45 -8.77
N SER E 866 -67.88 -22.12 -7.63
CA SER E 866 -67.25 -21.54 -6.46
C SER E 866 -65.77 -21.91 -6.44
N SER E 867 -64.91 -20.92 -6.31
CA SER E 867 -63.48 -21.16 -6.17
C SER E 867 -63.19 -21.74 -4.79
N SER E 868 -62.20 -22.61 -4.73
CA SER E 868 -61.85 -23.26 -3.47
C SER E 868 -60.39 -23.70 -3.53
N VAL E 869 -59.98 -24.48 -2.54
CA VAL E 869 -58.59 -24.88 -2.36
C VAL E 869 -58.46 -26.35 -2.70
N THR E 870 -57.26 -26.74 -3.13
CA THR E 870 -57.03 -28.13 -3.50
C THR E 870 -57.30 -29.07 -2.34
N ILE E 871 -56.81 -28.73 -1.15
CA ILE E 871 -56.99 -29.60 0.00
C ILE E 871 -58.46 -29.73 0.36
N ILE E 872 -59.23 -28.64 0.22
CA ILE E 872 -60.65 -28.69 0.56
C ILE E 872 -61.38 -29.68 -0.35
N GLU E 873 -61.10 -29.64 -1.65
CA GLU E 873 -61.72 -30.59 -2.55
C GLU E 873 -61.20 -32.01 -2.31
N ALA E 874 -59.95 -32.14 -1.86
CA ALA E 874 -59.46 -33.47 -1.49
C ALA E 874 -60.28 -34.06 -0.35
N ILE E 875 -60.49 -33.28 0.72
CA ILE E 875 -61.30 -33.78 1.83
C ILE E 875 -62.72 -34.04 1.37
N ARG E 876 -63.27 -33.16 0.53
CA ARG E 876 -64.63 -33.35 0.06
C ARG E 876 -64.78 -34.67 -0.70
N TYR E 877 -63.85 -34.94 -1.61
CA TYR E 877 -63.93 -36.19 -2.36
C TYR E 877 -63.74 -37.40 -1.44
N LEU E 878 -62.77 -37.34 -0.52
CA LEU E 878 -62.53 -38.47 0.35
C LEU E 878 -63.74 -38.75 1.23
N SER E 879 -64.40 -37.71 1.71
CA SER E 879 -65.65 -37.90 2.45
C SER E 879 -66.72 -38.51 1.57
N ASN E 880 -66.81 -38.05 0.32
CA ASN E 880 -67.83 -38.58 -0.58
C ASN E 880 -67.53 -40.01 -1.00
N SER E 881 -66.26 -40.35 -1.20
CA SER E 881 -65.89 -41.64 -1.76
C SER E 881 -65.73 -42.68 -0.66
N ARG E 882 -65.28 -43.87 -1.05
CA ARG E 882 -65.17 -45.03 -0.17
C ARG E 882 -63.73 -45.37 0.21
N HIS E 883 -62.78 -45.20 -0.71
CA HIS E 883 -61.39 -45.50 -0.39
C HIS E 883 -60.48 -44.61 -1.24
N ASN E 884 -59.25 -44.49 -0.79
CA ASN E 884 -58.26 -43.67 -1.49
C ASN E 884 -57.85 -44.36 -2.78
N PRO E 885 -58.07 -43.74 -3.94
CA PRO E 885 -57.71 -44.37 -5.20
C PRO E 885 -56.32 -43.96 -5.67
N SER E 886 -55.84 -44.64 -6.70
CA SER E 886 -54.63 -44.26 -7.37
C SER E 886 -54.95 -43.25 -8.46
N LEU E 887 -53.91 -42.74 -9.12
CA LEU E 887 -54.09 -41.70 -10.12
C LEU E 887 -54.91 -42.19 -11.29
N LEU E 888 -54.55 -43.34 -11.85
CA LEU E 888 -55.29 -43.89 -12.98
C LEU E 888 -56.72 -44.23 -12.60
N LYS E 889 -56.91 -44.82 -11.42
CA LYS E 889 -58.26 -45.14 -10.98
C LYS E 889 -59.09 -43.88 -10.77
N LEU E 890 -58.50 -42.83 -10.19
CA LEU E 890 -59.23 -41.58 -10.02
C LEU E 890 -59.60 -40.98 -11.37
N TYR E 891 -58.71 -41.07 -12.35
CA TYR E 891 -59.06 -40.63 -13.70
C TYR E 891 -60.24 -41.43 -14.22
N GLU E 892 -60.23 -42.75 -14.01
CA GLU E 892 -61.32 -43.59 -14.50
C GLU E 892 -62.64 -43.21 -13.85
N GLU E 893 -62.63 -42.93 -12.55
CA GLU E 893 -63.88 -42.61 -11.85
C GLU E 893 -64.52 -41.35 -12.42
N THR E 894 -63.72 -40.33 -12.69
CA THR E 894 -64.22 -39.04 -13.15
C THR E 894 -64.00 -38.81 -14.64
N ARG E 895 -63.70 -39.88 -15.39
CA ARG E 895 -63.47 -39.74 -16.83
C ARG E 895 -64.71 -39.20 -17.53
N GLU E 896 -65.89 -39.49 -17.00
CA GLU E 896 -67.13 -38.98 -17.58
C GLU E 896 -67.49 -37.58 -17.09
N GLN E 897 -66.67 -37.03 -16.18
CA GLN E 897 -66.96 -35.68 -15.62
C GLN E 897 -66.42 -34.60 -16.56
N LYS E 898 -67.28 -33.65 -16.94
CA LYS E 898 -66.84 -32.56 -17.82
C LYS E 898 -65.91 -31.62 -17.09
N ALA E 899 -64.86 -31.18 -17.79
CA ALA E 899 -63.89 -30.27 -17.20
C ALA E 899 -64.49 -28.87 -17.06
N MET E 900 -64.51 -28.36 -15.83
CA MET E 900 -65.02 -27.03 -15.53
C MET E 900 -63.88 -26.16 -15.04
N ALA E 901 -63.75 -24.97 -15.62
CA ALA E 901 -62.70 -24.04 -15.26
C ALA E 901 -63.32 -22.71 -14.84
N ARG E 902 -62.46 -21.84 -14.30
CA ARG E 902 -62.93 -20.58 -13.74
C ARG E 902 -61.74 -19.65 -13.58
N ILE E 903 -62.04 -18.35 -13.44
CA ILE E 903 -61.02 -17.37 -13.11
C ILE E 903 -60.77 -17.40 -11.61
N VAL E 904 -59.57 -16.96 -11.21
CA VAL E 904 -59.23 -16.91 -9.80
C VAL E 904 -60.00 -15.78 -9.14
N ARG E 905 -60.76 -16.10 -8.10
CA ARG E 905 -61.55 -15.07 -7.42
C ARG E 905 -60.63 -14.02 -6.78
N LYS E 906 -59.55 -14.47 -6.16
CA LYS E 906 -58.52 -13.59 -5.61
C LYS E 906 -57.19 -13.91 -6.27
N TYR E 907 -56.52 -12.89 -6.78
CA TYR E 907 -55.24 -13.08 -7.46
C TYR E 907 -54.23 -13.74 -6.53
N GLY E 915 -50.90 -17.67 -12.81
CA GLY E 915 -51.99 -18.08 -13.66
C GLY E 915 -53.34 -17.57 -13.17
N PHE E 916 -54.19 -17.15 -14.10
CA PHE E 916 -55.50 -16.62 -13.77
C PHE E 916 -56.61 -17.65 -13.76
N PHE E 917 -56.30 -18.91 -14.06
CA PHE E 917 -57.31 -19.95 -14.19
C PHE E 917 -57.15 -21.00 -13.12
N ILE E 918 -58.28 -21.55 -12.68
CA ILE E 918 -58.30 -22.67 -11.74
C ILE E 918 -59.29 -23.70 -12.26
N THR E 919 -58.87 -24.97 -12.26
CA THR E 919 -59.66 -26.05 -12.82
C THR E 919 -60.35 -26.82 -11.70
N THR E 920 -61.01 -27.92 -12.08
CA THR E 920 -61.66 -28.81 -11.14
C THR E 920 -60.77 -30.02 -10.86
N LEU E 921 -61.24 -30.89 -9.98
CA LEU E 921 -60.46 -32.07 -9.62
C LEU E 921 -60.19 -33.00 -10.80
N PRO E 922 -61.18 -33.41 -11.60
CA PRO E 922 -60.87 -34.32 -12.73
C PRO E 922 -59.96 -33.70 -13.76
N THR E 923 -60.13 -32.39 -14.04
CA THR E 923 -59.26 -31.72 -14.98
C THR E 923 -57.82 -31.74 -14.48
N ARG E 924 -57.63 -31.45 -13.19
CA ARG E 924 -56.29 -31.50 -12.61
C ARG E 924 -55.74 -32.90 -12.67
N CYS E 925 -56.59 -33.92 -12.49
CA CYS E 925 -56.12 -35.29 -12.55
C CYS E 925 -55.60 -35.63 -13.95
N ARG E 926 -56.41 -35.31 -14.96
CA ARG E 926 -55.98 -35.59 -16.36
C ARG E 926 -54.68 -34.85 -16.62
N LEU E 927 -54.64 -33.56 -16.31
CA LEU E 927 -53.44 -32.76 -16.59
C LEU E 927 -52.22 -33.33 -15.87
N GLU E 928 -52.40 -33.79 -14.63
CA GLU E 928 -51.30 -34.40 -13.91
C GLU E 928 -50.81 -35.65 -14.63
N ILE E 929 -51.73 -36.47 -15.13
CA ILE E 929 -51.33 -37.68 -15.85
C ILE E 929 -50.50 -37.32 -17.07
N ILE E 930 -51.02 -36.43 -17.91
CA ILE E 930 -50.32 -36.14 -19.16
C ILE E 930 -49.00 -35.45 -18.89
N GLU E 931 -48.98 -34.52 -17.92
CA GLU E 931 -47.76 -33.80 -17.59
C GLU E 931 -46.71 -34.75 -17.02
N ASP E 932 -47.10 -35.66 -16.13
CA ASP E 932 -46.15 -36.63 -15.61
C ASP E 932 -45.57 -37.48 -16.73
N TYR E 933 -46.44 -37.96 -17.64
CA TYR E 933 -45.97 -38.77 -18.76
C TYR E 933 -44.96 -37.99 -19.60
N TYR E 934 -45.31 -36.77 -20.00
CA TYR E 934 -44.45 -36.01 -20.89
C TYR E 934 -43.18 -35.55 -20.21
N ASP E 935 -43.25 -35.22 -18.92
CA ASP E 935 -42.05 -34.83 -18.19
C ASP E 935 -41.10 -36.00 -18.04
N ALA E 936 -41.63 -37.20 -17.79
CA ALA E 936 -40.78 -38.38 -17.79
C ALA E 936 -40.13 -38.59 -19.15
N ILE E 937 -40.88 -38.36 -20.22
CA ILE E 937 -40.31 -38.50 -21.56
C ILE E 937 -39.19 -37.47 -21.78
N ALA E 938 -39.41 -36.23 -21.34
CA ALA E 938 -38.49 -35.14 -21.65
C ALA E 938 -37.37 -34.98 -20.64
N LYS E 939 -37.36 -35.76 -19.55
CA LYS E 939 -36.35 -35.55 -18.52
C LYS E 939 -34.95 -35.86 -19.03
N ASN E 940 -34.80 -36.95 -19.79
CA ASN E 940 -33.48 -37.33 -20.28
C ASN E 940 -33.02 -36.45 -21.43
N ILE E 941 -33.95 -35.99 -22.28
CA ILE E 941 -33.60 -35.10 -23.38
C ILE E 941 -33.27 -33.69 -22.89
N SER E 942 -33.36 -33.44 -21.58
CA SER E 942 -33.15 -32.13 -21.01
C SER E 942 -31.67 -31.78 -20.85
N GLU E 943 -30.78 -32.48 -21.54
CA GLU E 943 -29.37 -32.14 -21.53
C GLU E 943 -28.88 -31.53 -22.82
N GLU E 944 -29.38 -31.99 -23.96
CA GLU E 944 -28.92 -31.50 -25.26
C GLU E 944 -29.72 -30.28 -25.72
N TYR E 945 -31.03 -30.31 -25.54
CA TYR E 945 -31.92 -29.29 -26.08
C TYR E 945 -32.68 -28.53 -25.00
N ILE E 946 -33.37 -29.23 -24.11
CA ILE E 946 -34.05 -28.57 -23.00
C ILE E 946 -33.04 -28.22 -21.91
N SER E 947 -33.41 -27.27 -21.07
CA SER E 947 -32.56 -26.89 -19.93
C SER E 947 -33.41 -26.31 -18.80
N ILE E 954 -28.28 -24.84 -18.42
CA ILE E 954 -27.62 -23.92 -19.32
C ILE E 954 -26.67 -24.71 -20.21
N LEU E 955 -26.52 -25.99 -19.89
CA LEU E 955 -25.63 -26.84 -20.67
C LEU E 955 -26.07 -26.90 -22.13
N ALA E 956 -27.37 -27.04 -22.37
CA ALA E 956 -27.87 -27.12 -23.73
C ALA E 956 -27.53 -25.85 -24.51
N ILE E 957 -27.86 -24.68 -23.94
CA ILE E 957 -27.61 -23.42 -24.63
C ILE E 957 -26.12 -23.19 -24.81
N GLN E 958 -25.33 -23.48 -23.79
CA GLN E 958 -23.88 -23.28 -23.88
C GLN E 958 -23.29 -24.13 -24.99
N GLY E 959 -23.66 -25.41 -25.04
CA GLY E 959 -23.14 -26.28 -26.10
C GLY E 959 -23.61 -25.85 -27.48
N ALA E 960 -24.88 -25.45 -27.59
CA ALA E 960 -25.40 -25.01 -28.88
C ALA E 960 -24.65 -23.79 -29.37
N LEU E 961 -24.43 -22.81 -28.49
CA LEU E 961 -23.67 -21.63 -28.88
C LEU E 961 -22.24 -21.97 -29.22
N GLU E 962 -21.63 -22.88 -28.45
CA GLU E 962 -20.23 -23.25 -28.70
C GLU E 962 -20.08 -23.86 -30.09
N LYS E 963 -20.94 -24.82 -30.43
CA LYS E 963 -20.81 -25.45 -31.74
C LYS E 963 -21.27 -24.53 -32.86
N ALA E 964 -22.20 -23.61 -32.58
CA ALA E 964 -22.59 -22.62 -33.57
C ALA E 964 -21.41 -21.71 -33.91
N LEU E 965 -20.71 -21.21 -32.89
CA LEU E 965 -19.56 -20.36 -33.14
C LEU E 965 -18.42 -21.14 -33.78
N ARG E 966 -18.30 -22.43 -33.44
CA ARG E 966 -17.33 -23.27 -34.14
C ARG E 966 -17.64 -23.36 -35.63
N TRP E 967 -18.92 -23.52 -35.97
CA TRP E 967 -19.32 -23.54 -37.37
C TRP E 967 -19.06 -22.20 -38.04
N ALA E 968 -19.34 -21.11 -37.35
CA ALA E 968 -19.16 -19.78 -37.93
C ALA E 968 -17.70 -19.47 -38.23
N SER E 969 -16.76 -20.15 -37.58
CA SER E 969 -15.36 -19.97 -37.88
C SER E 969 -14.94 -20.66 -39.17
N GLY E 970 -15.78 -21.53 -39.72
CA GLY E 970 -15.45 -22.25 -40.92
C GLY E 970 -15.61 -21.41 -42.17
N GLU E 971 -15.20 -22.00 -43.29
CA GLU E 971 -15.27 -21.37 -44.60
C GLU E 971 -16.15 -22.21 -45.50
N SER E 972 -17.10 -21.57 -46.18
CA SER E 972 -18.08 -22.28 -47.00
C SER E 972 -17.68 -22.22 -48.46
N PHE E 973 -17.51 -23.39 -49.08
CA PHE E 973 -17.22 -23.51 -50.50
C PHE E 973 -18.38 -24.23 -51.15
N ILE E 974 -19.08 -23.54 -52.06
CA ILE E 974 -20.23 -24.10 -52.75
C ILE E 974 -19.78 -24.61 -54.12
N GLU E 975 -20.16 -25.84 -54.45
CA GLU E 975 -19.70 -26.48 -55.67
C GLU E 975 -20.52 -26.02 -56.86
N LEU E 976 -19.82 -25.70 -57.95
CA LEU E 976 -20.46 -25.29 -59.19
C LEU E 976 -20.72 -26.51 -60.08
N SER E 977 -21.33 -26.27 -61.24
CA SER E 977 -21.61 -27.37 -62.16
C SER E 977 -20.35 -27.88 -62.84
N ASN E 978 -19.50 -26.97 -63.29
CA ASN E 978 -18.30 -27.34 -64.07
C ASN E 978 -17.08 -27.53 -63.17
N HIS E 979 -17.23 -28.32 -62.12
CA HIS E 979 -16.13 -28.65 -61.21
C HIS E 979 -15.46 -27.39 -60.66
N LYS E 980 -16.27 -26.39 -60.34
CA LYS E 980 -15.79 -25.14 -59.81
C LYS E 980 -16.43 -24.88 -58.45
N PHE E 981 -15.93 -23.86 -57.76
CA PHE E 981 -16.46 -23.48 -56.46
C PHE E 981 -16.53 -21.96 -56.35
N ILE E 982 -17.33 -21.50 -55.38
CA ILE E 982 -17.46 -20.09 -55.06
C ILE E 982 -17.22 -19.92 -53.57
N ARG E 983 -16.40 -18.94 -53.21
CA ARG E 983 -16.13 -18.65 -51.81
C ARG E 983 -17.30 -17.88 -51.22
N MET E 984 -17.94 -18.46 -50.21
CA MET E 984 -19.06 -17.84 -49.53
C MET E 984 -18.73 -17.64 -48.06
N LYS E 985 -18.75 -16.40 -47.61
CA LYS E 985 -18.55 -16.09 -46.20
C LYS E 985 -19.81 -16.41 -45.42
N ARG E 986 -19.67 -17.20 -44.37
CA ARG E 986 -20.78 -17.64 -43.55
C ARG E 986 -20.85 -16.76 -42.30
N LYS E 987 -22.01 -16.15 -42.07
CA LYS E 987 -22.24 -15.35 -40.89
C LYS E 987 -23.32 -16.01 -40.04
N LEU E 988 -23.47 -15.51 -38.81
CA LEU E 988 -24.35 -16.11 -37.83
C LEU E 988 -25.32 -15.06 -37.31
N MET E 989 -26.59 -15.44 -37.17
CA MET E 989 -27.57 -14.58 -36.54
C MET E 989 -28.38 -15.37 -35.53
N TYR E 990 -28.91 -14.66 -34.54
CA TYR E 990 -29.63 -15.28 -33.43
C TYR E 990 -31.02 -14.69 -33.32
N VAL E 991 -31.95 -15.51 -32.86
CA VAL E 991 -33.33 -15.09 -32.64
C VAL E 991 -33.75 -15.55 -31.25
N SER E 992 -34.40 -14.66 -30.51
CA SER E 992 -34.97 -14.98 -29.20
C SER E 992 -36.48 -14.89 -29.28
N ALA E 993 -37.16 -15.94 -28.82
CA ALA E 993 -38.61 -15.99 -28.93
C ALA E 993 -39.20 -16.75 -27.76
N ASP E 994 -40.46 -16.44 -27.45
CA ASP E 994 -41.23 -17.15 -26.45
C ASP E 994 -42.11 -18.21 -27.11
N ALA E 995 -41.46 -19.19 -27.73
CA ALA E 995 -42.19 -20.20 -28.49
C ALA E 995 -43.08 -21.04 -27.60
N THR E 996 -42.53 -21.56 -26.51
CA THR E 996 -43.23 -22.53 -25.68
C THR E 996 -44.33 -21.90 -24.82
N LYS E 997 -44.43 -20.57 -24.80
CA LYS E 997 -45.40 -19.91 -23.95
C LYS E 997 -46.81 -20.33 -24.29
N TRP E 998 -47.62 -20.57 -23.26
CA TRP E 998 -49.03 -20.86 -23.46
C TRP E 998 -49.72 -19.66 -24.09
N SER E 999 -50.56 -19.91 -25.09
CA SER E 999 -51.29 -18.83 -25.73
C SER E 999 -52.77 -19.12 -25.69
N PRO E 1000 -53.61 -18.09 -25.61
CA PRO E 1000 -55.07 -18.34 -25.59
C PRO E 1000 -55.56 -19.05 -26.82
N GLY E 1001 -54.94 -18.82 -27.97
CA GLY E 1001 -55.30 -19.51 -29.19
C GLY E 1001 -54.44 -20.74 -29.42
N ASP E 1002 -54.97 -21.90 -29.05
CA ASP E 1002 -54.23 -23.15 -29.21
C ASP E 1002 -55.23 -24.30 -29.24
N ASN E 1003 -54.76 -25.44 -29.73
CA ASN E 1003 -55.55 -26.67 -29.79
C ASN E 1003 -54.79 -27.75 -29.04
N SER E 1004 -55.29 -28.14 -27.88
CA SER E 1004 -54.68 -29.25 -27.14
C SER E 1004 -54.73 -30.54 -27.95
N ALA E 1005 -55.73 -30.69 -28.81
CA ALA E 1005 -55.90 -31.92 -29.57
C ALA E 1005 -54.73 -32.17 -30.52
N LYS E 1006 -53.92 -31.16 -30.81
CA LYS E 1006 -52.76 -31.38 -31.67
C LYS E 1006 -51.71 -32.26 -31.02
N PHE E 1007 -51.84 -32.52 -29.72
CA PHE E 1007 -50.91 -33.44 -29.05
C PHE E 1007 -51.38 -34.88 -29.12
N ARG E 1008 -52.65 -35.11 -29.46
CA ARG E 1008 -53.16 -36.47 -29.54
C ARG E 1008 -52.41 -37.26 -30.60
N ARG E 1009 -52.25 -36.68 -31.79
CA ARG E 1009 -51.46 -37.35 -32.82
C ARG E 1009 -49.99 -37.42 -32.43
N PHE E 1010 -49.50 -36.44 -31.69
CA PHE E 1010 -48.10 -36.42 -31.30
C PHE E 1010 -47.77 -37.59 -30.40
N THR E 1011 -48.61 -37.86 -29.40
CA THR E 1011 -48.39 -38.97 -28.48
C THR E 1011 -49.08 -40.24 -28.92
N SER E 1012 -49.78 -40.23 -30.05
CA SER E 1012 -50.37 -41.46 -30.56
C SER E 1012 -49.31 -42.47 -30.97
N MET E 1013 -48.12 -41.99 -31.34
CA MET E 1013 -47.06 -42.88 -31.77
C MET E 1013 -45.68 -42.48 -31.24
N LEU E 1014 -45.60 -41.59 -30.26
CA LEU E 1014 -44.31 -41.26 -29.67
C LEU E 1014 -43.67 -42.51 -29.08
N HIS E 1015 -42.39 -42.70 -29.38
CA HIS E 1015 -41.72 -43.93 -28.99
C HIS E 1015 -41.47 -43.96 -27.49
N ASN E 1016 -41.76 -45.09 -26.86
CA ASN E 1016 -41.47 -45.34 -25.46
C ASN E 1016 -40.77 -46.68 -25.33
N GLY E 1017 -40.31 -46.98 -24.12
CA GLY E 1017 -39.85 -48.32 -23.81
C GLY E 1017 -40.96 -49.28 -23.44
N LEU E 1018 -42.20 -48.81 -23.48
CA LEU E 1018 -43.32 -49.63 -23.06
C LEU E 1018 -43.59 -50.73 -24.07
N PRO E 1019 -43.66 -52.00 -23.65
CA PRO E 1019 -44.11 -53.04 -24.56
C PRO E 1019 -45.52 -52.84 -25.07
N ASN E 1020 -46.40 -52.28 -24.25
CA ASN E 1020 -47.79 -52.08 -24.60
C ASN E 1020 -48.13 -50.60 -24.57
N ASN E 1021 -49.30 -50.25 -25.14
CA ASN E 1021 -49.73 -48.87 -25.26
C ASN E 1021 -50.88 -48.53 -24.31
N LYS E 1022 -51.06 -49.31 -23.24
CA LYS E 1022 -52.17 -49.06 -22.32
C LYS E 1022 -52.04 -47.69 -21.67
N LEU E 1023 -50.85 -47.35 -21.19
CA LEU E 1023 -50.62 -46.02 -20.64
C LEU E 1023 -50.77 -44.95 -21.72
N LYS E 1024 -50.29 -45.26 -22.93
CA LYS E 1024 -50.48 -44.34 -24.05
C LYS E 1024 -51.95 -44.17 -24.36
N ASN E 1025 -52.73 -45.26 -24.26
CA ASN E 1025 -54.16 -45.15 -24.44
C ASN E 1025 -54.79 -44.25 -23.37
N CYS E 1026 -54.35 -44.39 -22.13
CA CYS E 1026 -54.87 -43.54 -21.06
C CYS E 1026 -54.55 -42.08 -21.32
N VAL E 1027 -53.32 -41.79 -21.78
CA VAL E 1027 -52.94 -40.42 -22.08
C VAL E 1027 -53.79 -39.87 -23.22
N ILE E 1028 -54.02 -40.68 -24.26
CA ILE E 1028 -54.85 -40.26 -25.39
C ILE E 1028 -56.26 -39.95 -24.91
N ASP E 1029 -56.83 -40.83 -24.09
CA ASP E 1029 -58.19 -40.63 -23.60
C ASP E 1029 -58.27 -39.38 -22.73
N ALA E 1030 -57.26 -39.15 -21.89
CA ALA E 1030 -57.25 -37.94 -21.08
C ALA E 1030 -57.18 -36.68 -21.94
N LEU E 1031 -56.36 -36.70 -22.98
CA LEU E 1031 -56.28 -35.56 -23.89
C LEU E 1031 -57.63 -35.33 -24.57
N LYS E 1032 -58.28 -36.40 -25.02
CA LYS E 1032 -59.60 -36.26 -25.64
C LYS E 1032 -60.60 -35.68 -24.66
N GLN E 1033 -60.56 -36.13 -23.40
CA GLN E 1033 -61.48 -35.61 -22.39
C GLN E 1033 -61.24 -34.13 -22.14
N VAL E 1034 -59.97 -33.72 -22.08
CA VAL E 1034 -59.64 -32.32 -21.80
C VAL E 1034 -59.78 -31.43 -23.01
N TYR E 1035 -59.95 -31.99 -24.20
CA TYR E 1035 -60.18 -31.18 -25.39
C TYR E 1035 -61.36 -30.23 -25.19
N LYS E 1036 -62.48 -30.77 -24.74
CA LYS E 1036 -63.63 -29.94 -24.40
C LYS E 1036 -63.53 -29.47 -22.96
N THR E 1037 -64.10 -28.30 -22.70
CA THR E 1037 -64.15 -27.76 -21.35
C THR E 1037 -65.28 -26.75 -21.25
N ASP E 1038 -65.72 -26.52 -20.02
CA ASP E 1038 -66.78 -25.57 -19.73
C ASP E 1038 -66.20 -24.44 -18.89
N PHE E 1039 -66.32 -23.21 -19.39
CA PHE E 1039 -65.78 -22.04 -18.72
C PHE E 1039 -66.92 -21.26 -18.08
N PHE E 1040 -66.81 -21.00 -16.79
CA PHE E 1040 -67.84 -20.27 -16.07
C PHE E 1040 -67.51 -18.78 -16.08
N MET E 1041 -68.25 -18.02 -15.29
CA MET E 1041 -68.08 -16.57 -15.24
C MET E 1041 -68.20 -16.11 -13.80
N SER E 1042 -67.26 -15.28 -13.36
CA SER E 1042 -67.20 -14.88 -11.97
C SER E 1042 -68.41 -14.03 -11.58
N ARG E 1043 -68.78 -14.09 -10.30
CA ARG E 1043 -69.90 -13.31 -9.81
C ARG E 1043 -69.64 -11.82 -9.93
N LYS E 1044 -68.39 -11.38 -9.67
CA LYS E 1044 -68.08 -9.96 -9.75
C LYS E 1044 -68.28 -9.42 -11.16
N LEU E 1045 -67.83 -10.19 -12.17
CA LEU E 1045 -68.07 -9.77 -13.55
C LEU E 1045 -69.56 -9.72 -13.85
N ARG E 1046 -70.32 -10.69 -13.33
CA ARG E 1046 -71.77 -10.71 -13.55
C ARG E 1046 -72.43 -9.46 -12.98
N ASN E 1047 -72.02 -9.07 -11.77
CA ASN E 1047 -72.56 -7.86 -11.18
C ASN E 1047 -72.14 -6.61 -11.95
N TYR E 1048 -70.88 -6.56 -12.37
CA TYR E 1048 -70.39 -5.38 -13.07
C TYR E 1048 -71.07 -5.19 -14.42
N ILE E 1049 -71.27 -6.28 -15.17
CA ILE E 1049 -71.81 -6.18 -16.52
C ILE E 1049 -73.23 -5.65 -16.49
N ASP E 1050 -74.01 -6.03 -15.47
CA ASP E 1050 -75.42 -5.67 -15.41
C ASP E 1050 -75.66 -4.17 -15.26
N SER E 1051 -74.62 -3.40 -14.93
CA SER E 1051 -74.77 -1.97 -14.68
C SER E 1051 -74.50 -1.20 -15.97
N MET E 1052 -75.58 -0.80 -16.64
CA MET E 1052 -75.54 0.14 -17.76
C MET E 1052 -74.64 -0.36 -18.90
N GLU E 1053 -75.08 -1.45 -19.52
CA GLU E 1053 -74.40 -1.94 -20.71
C GLU E 1053 -74.51 -0.92 -21.82
N SER E 1054 -73.36 -0.44 -22.30
CA SER E 1054 -73.32 0.61 -23.32
C SER E 1054 -72.73 0.12 -24.63
N LEU E 1055 -71.52 -0.44 -24.61
CA LEU E 1055 -70.89 -0.90 -25.83
C LEU E 1055 -71.59 -2.15 -26.35
N ASP E 1056 -71.87 -2.15 -27.65
CA ASP E 1056 -72.59 -3.28 -28.25
C ASP E 1056 -71.70 -4.49 -28.49
N PRO E 1057 -70.63 -4.41 -29.32
CA PRO E 1057 -70.04 -5.64 -29.87
C PRO E 1057 -69.55 -6.67 -28.85
N HIS E 1058 -68.59 -6.30 -28.00
CA HIS E 1058 -68.03 -7.33 -27.13
C HIS E 1058 -68.97 -7.68 -25.99
N ILE E 1059 -69.78 -6.73 -25.52
CA ILE E 1059 -70.78 -7.05 -24.51
C ILE E 1059 -71.81 -8.02 -25.07
N LYS E 1060 -72.26 -7.78 -26.31
CA LYS E 1060 -73.24 -8.67 -26.93
C LYS E 1060 -72.65 -10.06 -27.17
N GLN E 1061 -71.41 -10.14 -27.63
CA GLN E 1061 -70.80 -11.45 -27.84
C GLN E 1061 -70.57 -12.17 -26.52
N PHE E 1062 -70.22 -11.44 -25.47
CA PHE E 1062 -70.10 -12.03 -24.14
C PHE E 1062 -71.43 -12.59 -23.67
N LEU E 1063 -72.51 -11.83 -23.88
CA LEU E 1063 -73.81 -12.27 -23.38
C LEU E 1063 -74.34 -13.46 -24.17
N ASP E 1064 -74.13 -13.47 -25.48
CA ASP E 1064 -74.64 -14.59 -26.28
C ASP E 1064 -73.73 -15.80 -26.27
N PHE E 1065 -72.48 -15.66 -25.81
CA PHE E 1065 -71.64 -16.84 -25.66
C PHE E 1065 -72.11 -17.71 -24.50
N PHE E 1066 -72.66 -17.10 -23.45
CA PHE E 1066 -73.18 -17.86 -22.32
C PHE E 1066 -74.67 -18.06 -22.52
N PRO E 1067 -75.15 -19.31 -22.69
CA PRO E 1067 -76.58 -19.53 -22.91
C PRO E 1067 -77.44 -19.09 -21.74
N ASP E 1068 -77.15 -19.59 -20.55
CA ASP E 1068 -77.92 -19.26 -19.36
C ASP E 1068 -77.39 -18.05 -18.62
N GLY E 1069 -76.29 -17.46 -19.08
CA GLY E 1069 -75.68 -16.36 -18.37
C GLY E 1069 -74.83 -16.76 -17.19
N HIS E 1070 -74.47 -18.03 -17.08
CA HIS E 1070 -73.62 -18.51 -15.99
C HIS E 1070 -72.36 -19.21 -16.46
N HIS E 1071 -72.40 -19.91 -17.59
CA HIS E 1071 -71.22 -20.61 -18.07
C HIS E 1071 -71.36 -20.88 -19.56
N GLY E 1072 -70.23 -21.18 -20.19
CA GLY E 1072 -70.20 -21.49 -21.61
C GLY E 1072 -69.34 -22.72 -21.86
N GLU E 1073 -69.15 -23.01 -23.14
CA GLU E 1073 -68.36 -24.15 -23.57
C GLU E 1073 -67.18 -23.68 -24.41
N VAL E 1074 -65.98 -24.16 -24.08
CA VAL E 1074 -64.76 -23.77 -24.74
C VAL E 1074 -64.03 -25.02 -25.21
N LYS E 1075 -63.20 -24.86 -26.24
CA LYS E 1075 -62.47 -25.97 -26.83
C LYS E 1075 -61.08 -25.51 -27.20
N GLY E 1076 -60.19 -26.48 -27.41
CA GLY E 1076 -58.86 -26.20 -27.90
C GLY E 1076 -57.84 -25.85 -26.83
N ASN E 1077 -57.90 -24.64 -26.31
CA ASN E 1077 -56.89 -24.20 -25.33
C ASN E 1077 -57.15 -24.85 -23.98
N TRP E 1078 -56.07 -25.24 -23.30
CA TRP E 1078 -56.17 -25.88 -22.01
C TRP E 1078 -56.24 -24.87 -20.86
N LEU E 1079 -56.53 -23.61 -21.16
CA LEU E 1079 -56.77 -22.58 -20.16
C LEU E 1079 -55.65 -22.52 -19.14
N GLN E 1080 -54.44 -22.33 -19.67
CA GLN E 1080 -53.23 -22.17 -18.85
C GLN E 1080 -53.01 -23.39 -17.94
N GLY E 1081 -53.30 -24.57 -18.47
CA GLY E 1081 -52.95 -25.78 -17.76
C GLY E 1081 -51.45 -25.97 -17.67
N ASN E 1082 -51.02 -26.75 -16.69
CA ASN E 1082 -49.59 -26.99 -16.46
C ASN E 1082 -49.07 -27.99 -17.50
N LEU E 1083 -48.98 -27.50 -18.73
CA LEU E 1083 -48.53 -28.31 -19.86
C LEU E 1083 -47.19 -27.83 -20.41
N ASN E 1084 -46.30 -27.37 -19.52
CA ASN E 1084 -45.08 -26.71 -19.97
C ASN E 1084 -44.15 -27.68 -20.69
N LYS E 1085 -43.86 -28.82 -20.07
CA LYS E 1085 -42.88 -29.74 -20.64
C LYS E 1085 -43.36 -30.30 -21.96
N CYS E 1086 -44.64 -30.64 -22.05
CA CYS E 1086 -45.18 -31.22 -23.28
C CYS E 1086 -45.14 -30.21 -24.43
N SER E 1087 -45.50 -28.95 -24.16
CA SER E 1087 -45.42 -27.94 -25.20
C SER E 1087 -43.97 -27.67 -25.60
N SER E 1088 -43.05 -27.68 -24.64
CA SER E 1088 -41.65 -27.53 -24.98
C SER E 1088 -41.18 -28.65 -25.89
N LEU E 1089 -41.59 -29.89 -25.60
CA LEU E 1089 -41.23 -31.01 -26.45
C LEU E 1089 -41.79 -30.85 -27.85
N PHE E 1090 -43.04 -30.37 -27.95
CA PHE E 1090 -43.63 -30.12 -29.27
C PHE E 1090 -42.82 -29.10 -30.05
N GLY E 1091 -42.44 -28.00 -29.39
CA GLY E 1091 -41.64 -27.00 -30.07
C GLY E 1091 -40.30 -27.54 -30.53
N VAL E 1092 -39.64 -28.32 -29.68
CA VAL E 1092 -38.38 -28.94 -30.07
C VAL E 1092 -38.57 -29.84 -31.27
N ALA E 1093 -39.61 -30.67 -31.24
CA ALA E 1093 -39.86 -31.60 -32.33
C ALA E 1093 -40.06 -30.87 -33.64
N MET E 1094 -40.85 -29.80 -33.63
CA MET E 1094 -41.02 -29.05 -34.87
C MET E 1094 -39.77 -28.30 -35.27
N SER E 1095 -38.88 -27.97 -34.32
CA SER E 1095 -37.60 -27.40 -34.72
C SER E 1095 -36.74 -28.42 -35.46
N LEU E 1096 -36.68 -29.66 -34.98
CA LEU E 1096 -36.01 -30.68 -35.79
C LEU E 1096 -36.74 -30.93 -37.10
N LEU E 1097 -38.06 -30.74 -37.12
CA LEU E 1097 -38.77 -30.82 -38.40
C LEU E 1097 -38.26 -29.77 -39.37
N PHE E 1098 -38.06 -28.55 -38.89
CA PHE E 1098 -37.47 -27.50 -39.71
C PHE E 1098 -36.08 -27.89 -40.18
N LYS E 1099 -35.26 -28.42 -39.28
CA LYS E 1099 -33.90 -28.81 -39.65
C LYS E 1099 -33.91 -29.89 -40.71
N GLN E 1100 -34.76 -30.90 -40.55
CA GLN E 1100 -34.82 -31.99 -41.51
C GLN E 1100 -35.39 -31.54 -42.84
N VAL E 1101 -36.34 -30.61 -42.82
CA VAL E 1101 -36.86 -30.06 -44.07
C VAL E 1101 -35.78 -29.26 -44.78
N TRP E 1102 -34.98 -28.50 -44.04
CA TRP E 1102 -33.88 -27.77 -44.65
C TRP E 1102 -32.85 -28.73 -45.25
N THR E 1103 -32.59 -29.85 -44.57
CA THR E 1103 -31.72 -30.86 -45.16
C THR E 1103 -32.33 -31.43 -46.44
N ASN E 1104 -33.63 -31.72 -46.43
CA ASN E 1104 -34.32 -32.11 -47.65
C ASN E 1104 -34.48 -30.95 -48.62
N LEU E 1105 -34.39 -29.72 -48.12
CA LEU E 1105 -34.24 -28.56 -48.98
C LEU E 1105 -32.78 -28.48 -49.41
N PHE E 1106 -32.33 -27.31 -49.87
CA PHE E 1106 -31.05 -27.14 -50.54
C PHE E 1106 -29.95 -27.95 -49.87
N PRO E 1107 -29.46 -28.99 -50.53
CA PRO E 1107 -28.39 -29.81 -49.92
C PRO E 1107 -27.01 -29.30 -50.30
N GLU E 1108 -26.94 -28.50 -51.36
CA GLU E 1108 -25.66 -27.99 -51.83
C GLU E 1108 -25.11 -26.91 -50.90
N LEU E 1109 -25.96 -26.02 -50.42
CA LEU E 1109 -25.53 -25.03 -49.45
C LEU E 1109 -25.33 -25.69 -48.09
N ASP E 1110 -24.25 -25.32 -47.41
CA ASP E 1110 -23.94 -25.87 -46.09
C ASP E 1110 -24.47 -24.95 -44.99
N CYS E 1111 -25.77 -24.68 -45.05
CA CYS E 1111 -26.40 -23.87 -44.04
C CYS E 1111 -26.46 -24.63 -42.71
N PHE E 1112 -26.43 -23.87 -41.62
CA PHE E 1112 -26.41 -24.43 -40.28
C PHE E 1112 -27.50 -23.79 -39.43
N PHE E 1113 -28.20 -24.63 -38.66
CA PHE E 1113 -29.29 -24.20 -37.80
C PHE E 1113 -29.11 -24.85 -36.43
N GLU E 1114 -29.49 -24.12 -35.39
CA GLU E 1114 -29.42 -24.64 -34.04
C GLU E 1114 -30.42 -23.91 -33.16
N PHE E 1115 -30.79 -24.54 -32.05
CA PHE E 1115 -31.77 -23.97 -31.14
C PHE E 1115 -31.60 -24.62 -29.78
N ALA E 1116 -32.25 -24.03 -28.78
CA ALA E 1116 -32.25 -24.54 -27.43
C ALA E 1116 -33.41 -23.92 -26.68
N HIS E 1117 -34.24 -24.74 -26.04
CA HIS E 1117 -35.41 -24.27 -25.32
C HIS E 1117 -35.16 -24.38 -23.83
N HIS E 1118 -34.96 -23.25 -23.17
CA HIS E 1118 -34.80 -23.20 -21.73
C HIS E 1118 -36.08 -22.68 -21.10
N SER E 1119 -36.66 -23.47 -20.20
CA SER E 1119 -37.88 -23.07 -19.49
C SER E 1119 -38.95 -22.66 -20.47
N ASP E 1120 -39.07 -21.35 -20.72
CA ASP E 1120 -40.07 -20.83 -21.63
C ASP E 1120 -39.50 -20.06 -22.81
N ASP E 1121 -38.29 -19.52 -22.71
CA ASP E 1121 -37.69 -18.77 -23.81
C ASP E 1121 -36.78 -19.66 -24.62
N ALA E 1122 -36.86 -19.52 -25.94
CA ALA E 1122 -36.12 -20.35 -26.87
C ALA E 1122 -35.22 -19.48 -27.74
N LEU E 1123 -33.98 -19.91 -27.93
CA LEU E 1123 -33.00 -19.19 -28.73
C LEU E 1123 -32.71 -20.00 -29.99
N PHE E 1124 -33.18 -19.51 -31.13
CA PHE E 1124 -32.86 -20.11 -32.42
C PHE E 1124 -31.63 -19.43 -32.99
N ILE E 1125 -30.77 -20.22 -33.62
CA ILE E 1125 -29.54 -19.72 -34.21
C ILE E 1125 -29.53 -20.12 -35.68
N TYR E 1126 -29.32 -19.14 -36.56
CA TYR E 1126 -29.30 -19.36 -38.00
C TYR E 1126 -27.92 -19.04 -38.56
N GLY E 1127 -27.34 -19.98 -39.27
CA GLY E 1127 -26.08 -19.77 -39.94
C GLY E 1127 -26.26 -19.57 -41.43
N TYR E 1128 -26.11 -18.34 -41.90
CA TYR E 1128 -26.37 -17.99 -43.28
C TYR E 1128 -25.09 -17.58 -43.99
N LEU E 1129 -25.17 -17.53 -45.31
CA LEU E 1129 -24.02 -17.28 -46.17
C LEU E 1129 -24.06 -15.86 -46.73
N GLU E 1130 -22.94 -15.44 -47.30
CA GLU E 1130 -22.83 -14.09 -47.84
C GLU E 1130 -21.74 -14.03 -48.91
N PRO E 1131 -22.01 -13.42 -50.06
CA PRO E 1131 -21.00 -13.36 -51.13
C PRO E 1131 -19.84 -12.45 -50.73
N VAL E 1132 -18.66 -13.04 -50.63
CA VAL E 1132 -17.47 -12.26 -50.28
C VAL E 1132 -17.16 -11.23 -51.36
N ASP E 1133 -17.23 -11.66 -52.62
CA ASP E 1133 -16.93 -10.79 -53.75
C ASP E 1133 -18.16 -10.07 -54.29
N ASP E 1134 -19.33 -10.28 -53.66
CA ASP E 1134 -20.59 -9.62 -54.02
C ASP E 1134 -20.87 -9.68 -55.53
N GLY E 1135 -20.34 -10.70 -56.20
CA GLY E 1135 -20.53 -10.85 -57.62
C GLY E 1135 -21.86 -11.49 -57.97
N THR E 1136 -22.09 -11.61 -59.27
CA THR E 1136 -23.30 -12.22 -59.79
C THR E 1136 -23.18 -13.73 -59.93
N ASP E 1137 -22.05 -14.30 -59.52
CA ASP E 1137 -21.87 -15.75 -59.61
C ASP E 1137 -22.92 -16.48 -58.77
N TRP E 1138 -23.18 -15.99 -57.56
CA TRP E 1138 -24.28 -16.51 -56.77
C TRP E 1138 -25.62 -16.23 -57.46
N PHE E 1139 -25.77 -15.03 -58.03
CA PHE E 1139 -26.96 -14.73 -58.81
C PHE E 1139 -27.06 -15.63 -60.04
N LEU E 1140 -25.91 -15.94 -60.65
CA LEU E 1140 -25.90 -16.88 -61.77
C LEU E 1140 -26.37 -18.27 -61.34
N PHE E 1141 -25.90 -18.73 -60.18
CA PHE E 1141 -26.34 -20.02 -59.67
C PHE E 1141 -27.84 -20.01 -59.40
N VAL E 1142 -28.34 -18.92 -58.80
CA VAL E 1142 -29.77 -18.81 -58.54
C VAL E 1142 -30.56 -18.81 -59.84
N SER E 1143 -30.02 -18.14 -60.87
CA SER E 1143 -30.69 -18.10 -62.17
C SER E 1143 -30.79 -19.50 -62.76
N GLN E 1144 -29.69 -20.26 -62.73
CA GLN E 1144 -29.74 -21.62 -63.24
C GLN E 1144 -30.71 -22.48 -62.42
N GLN E 1145 -30.69 -22.33 -61.10
CA GLN E 1145 -31.57 -23.14 -60.25
C GLN E 1145 -33.03 -22.86 -60.55
N ILE E 1146 -33.40 -21.58 -60.67
CA ILE E 1146 -34.77 -21.23 -61.00
C ILE E 1146 -35.09 -21.60 -62.45
N GLN E 1147 -34.08 -21.75 -63.29
CA GLN E 1147 -34.27 -22.17 -64.68
C GLN E 1147 -34.20 -23.68 -64.85
N ALA E 1148 -33.84 -24.43 -63.80
CA ALA E 1148 -33.76 -25.87 -63.86
C ALA E 1148 -34.88 -26.55 -63.09
N GLY E 1149 -36.00 -25.86 -62.88
CA GLY E 1149 -37.13 -26.40 -62.16
C GLY E 1149 -37.14 -26.11 -60.68
N HIS E 1150 -36.04 -25.63 -60.11
CA HIS E 1150 -35.98 -25.28 -58.69
C HIS E 1150 -36.46 -23.84 -58.54
N LEU E 1151 -37.77 -23.67 -58.65
CA LEU E 1151 -38.38 -22.35 -58.51
C LEU E 1151 -38.23 -21.80 -57.10
N HIS E 1152 -38.00 -22.66 -56.11
CA HIS E 1152 -37.91 -22.25 -54.72
C HIS E 1152 -36.60 -21.55 -54.38
N TRP E 1153 -35.76 -21.27 -55.37
CA TRP E 1153 -34.52 -20.53 -55.14
C TRP E 1153 -34.69 -19.04 -55.37
N PHE E 1154 -35.90 -18.58 -55.68
CA PHE E 1154 -36.11 -17.16 -55.97
C PHE E 1154 -35.82 -16.30 -54.76
N SER E 1155 -36.23 -16.75 -53.57
CA SER E 1155 -36.14 -15.95 -52.36
C SER E 1155 -34.84 -16.17 -51.60
N VAL E 1156 -33.91 -16.95 -52.16
CA VAL E 1156 -32.65 -17.27 -51.49
C VAL E 1156 -31.49 -16.47 -52.05
N ASN E 1157 -31.73 -15.65 -53.08
CA ASN E 1157 -30.65 -14.91 -53.72
C ASN E 1157 -29.96 -13.98 -52.73
N THR E 1158 -30.73 -13.25 -51.94
CA THR E 1158 -30.20 -12.29 -50.99
C THR E 1158 -30.88 -12.47 -49.64
N GLU E 1159 -30.15 -12.14 -48.57
CA GLU E 1159 -30.62 -12.22 -47.19
C GLU E 1159 -31.45 -13.49 -46.95
N MET E 1160 -30.82 -14.63 -47.22
CA MET E 1160 -31.51 -15.90 -47.09
C MET E 1160 -31.90 -16.24 -45.66
N TRP E 1161 -31.34 -15.55 -44.66
CA TRP E 1161 -31.80 -15.77 -43.30
C TRP E 1161 -33.26 -15.36 -43.16
N LYS E 1162 -33.68 -14.32 -43.87
CA LYS E 1162 -35.09 -13.99 -43.94
C LYS E 1162 -35.90 -15.19 -44.42
N SER E 1163 -35.43 -15.85 -45.48
CA SER E 1163 -36.17 -16.98 -46.03
C SER E 1163 -36.27 -18.12 -45.04
N MET E 1164 -35.15 -18.49 -44.40
CA MET E 1164 -35.21 -19.61 -43.47
C MET E 1164 -36.10 -19.27 -42.28
N PHE E 1165 -36.01 -18.03 -41.79
CA PHE E 1165 -36.84 -17.66 -40.66
C PHE E 1165 -38.32 -17.66 -41.03
N ASN E 1166 -38.67 -17.16 -42.22
CA ASN E 1166 -40.08 -17.18 -42.62
C ASN E 1166 -40.59 -18.60 -42.78
N LEU E 1167 -39.76 -19.48 -43.34
CA LEU E 1167 -40.16 -20.89 -43.45
C LEU E 1167 -40.35 -21.51 -42.07
N HIS E 1168 -39.44 -21.20 -41.14
CA HIS E 1168 -39.57 -21.71 -39.77
C HIS E 1168 -40.85 -21.23 -39.13
N GLU E 1169 -41.17 -19.94 -39.28
CA GLU E 1169 -42.41 -19.41 -38.76
C GLU E 1169 -43.61 -20.12 -39.36
N HIS E 1170 -43.60 -20.34 -40.68
CA HIS E 1170 -44.75 -20.96 -41.31
C HIS E 1170 -44.95 -22.39 -40.83
N ILE E 1171 -43.87 -23.17 -40.75
CA ILE E 1171 -44.04 -24.57 -40.35
C ILE E 1171 -44.41 -24.67 -38.88
N LEU E 1172 -43.92 -23.74 -38.06
CA LEU E 1172 -44.41 -23.67 -36.69
C LEU E 1172 -45.90 -23.32 -36.67
N LEU E 1173 -46.34 -22.48 -37.59
CA LEU E 1173 -47.76 -22.19 -37.70
C LEU E 1173 -48.54 -23.44 -38.11
N LEU E 1174 -47.91 -24.34 -38.86
CA LEU E 1174 -48.54 -25.62 -39.15
C LEU E 1174 -48.77 -26.43 -37.89
N GLY E 1175 -48.07 -26.11 -36.80
CA GLY E 1175 -48.31 -26.69 -35.50
C GLY E 1175 -49.21 -25.88 -34.60
N SER E 1176 -49.91 -24.88 -35.15
CA SER E 1176 -50.82 -24.02 -34.41
C SER E 1176 -50.12 -23.25 -33.30
N ILE E 1177 -48.81 -23.08 -33.40
CA ILE E 1177 -48.05 -22.23 -32.50
C ILE E 1177 -47.49 -21.06 -33.31
N LYS E 1178 -47.55 -19.87 -32.74
CA LYS E 1178 -47.19 -18.65 -33.45
C LYS E 1178 -46.06 -17.94 -32.71
N ILE E 1179 -44.96 -17.70 -33.41
CA ILE E 1179 -43.91 -16.83 -32.87
C ILE E 1179 -44.49 -15.41 -32.82
N SER E 1180 -44.75 -14.92 -31.62
CA SER E 1180 -45.45 -13.65 -31.48
C SER E 1180 -44.60 -12.53 -32.06
N PRO E 1181 -45.21 -11.57 -32.77
CA PRO E 1181 -44.43 -10.40 -33.21
C PRO E 1181 -43.82 -9.64 -32.05
N LYS E 1182 -44.55 -9.52 -30.96
CA LYS E 1182 -44.04 -8.88 -29.76
C LYS E 1182 -43.07 -9.81 -29.03
N LYS E 1183 -42.24 -9.21 -28.18
CA LYS E 1183 -41.35 -9.89 -27.24
C LYS E 1183 -40.23 -10.66 -27.90
N THR E 1184 -40.14 -10.66 -29.23
CA THR E 1184 -39.13 -11.43 -29.95
C THR E 1184 -38.16 -10.49 -30.63
N THR E 1185 -36.87 -10.69 -30.38
CA THR E 1185 -35.82 -9.85 -30.96
C THR E 1185 -34.81 -10.73 -31.67
N VAL E 1186 -34.23 -10.20 -32.74
CA VAL E 1186 -33.22 -10.91 -33.51
C VAL E 1186 -31.99 -10.03 -33.61
N SER E 1187 -30.82 -10.68 -33.72
CA SER E 1187 -29.56 -9.95 -33.80
C SER E 1187 -28.42 -10.88 -34.18
N PRO E 1188 -27.45 -10.41 -34.95
CA PRO E 1188 -26.23 -11.20 -35.19
C PRO E 1188 -25.33 -11.23 -33.97
N THR E 1189 -24.14 -11.79 -34.14
CA THR E 1189 -23.25 -11.99 -33.01
C THR E 1189 -22.96 -10.68 -32.29
N ASN E 1190 -23.08 -10.72 -30.97
CA ASN E 1190 -22.88 -9.55 -30.11
C ASN E 1190 -22.73 -10.05 -28.69
N ALA E 1191 -21.63 -9.67 -28.03
CA ALA E 1191 -21.38 -10.17 -26.70
C ALA E 1191 -22.45 -9.72 -25.72
N GLU E 1192 -22.91 -8.48 -25.85
CA GLU E 1192 -23.94 -7.97 -24.95
C GLU E 1192 -25.24 -8.75 -25.07
N PHE E 1193 -25.65 -9.05 -26.30
CA PHE E 1193 -26.90 -9.79 -26.50
C PHE E 1193 -26.84 -11.15 -25.83
N LEU E 1194 -25.76 -11.88 -26.06
CA LEU E 1194 -25.62 -13.21 -25.46
C LEU E 1194 -25.54 -13.13 -23.94
N SER E 1195 -24.82 -12.14 -23.42
CA SER E 1195 -24.72 -12.00 -21.97
C SER E 1195 -26.07 -11.70 -21.34
N THR E 1196 -26.86 -10.83 -21.98
CA THR E 1196 -28.20 -10.56 -21.48
C THR E 1196 -29.07 -11.80 -21.51
N PHE E 1197 -28.99 -12.56 -22.60
CA PHE E 1197 -29.78 -13.79 -22.67
C PHE E 1197 -29.36 -14.78 -21.60
N PHE E 1198 -28.05 -14.90 -21.35
CA PHE E 1198 -27.57 -15.83 -20.34
C PHE E 1198 -28.03 -15.42 -18.95
N GLU E 1199 -27.92 -14.14 -18.62
CA GLU E 1199 -28.37 -13.68 -17.31
C GLU E 1199 -29.87 -13.89 -17.14
N GLY E 1200 -30.65 -13.58 -18.18
CA GLY E 1200 -32.08 -13.85 -18.09
C GLY E 1200 -32.40 -15.31 -17.95
N CYS E 1201 -31.61 -16.17 -18.57
CA CYS E 1201 -31.80 -17.62 -18.44
C CYS E 1201 -31.52 -18.07 -17.01
N ALA E 1202 -30.46 -17.53 -16.39
CA ALA E 1202 -30.11 -17.97 -15.05
C ALA E 1202 -31.16 -17.54 -14.03
N VAL E 1203 -31.36 -16.23 -13.88
CA VAL E 1203 -32.30 -15.74 -12.88
C VAL E 1203 -33.72 -15.88 -13.40
N SER E 1204 -34.60 -16.42 -12.58
CA SER E 1204 -35.99 -16.63 -12.95
C SER E 1204 -36.92 -15.54 -12.43
N ILE E 1205 -36.52 -14.85 -11.37
CA ILE E 1205 -37.36 -13.85 -10.72
C ILE E 1205 -36.45 -12.85 -10.02
N PRO E 1206 -36.67 -11.54 -10.21
CA PRO E 1206 -35.81 -10.55 -9.55
C PRO E 1206 -35.99 -10.58 -8.04
N PHE E 1207 -34.89 -10.37 -7.32
CA PHE E 1207 -34.97 -10.30 -5.87
C PHE E 1207 -35.75 -9.08 -5.40
N VAL E 1208 -35.83 -8.03 -6.23
CA VAL E 1208 -36.56 -6.83 -5.85
C VAL E 1208 -38.04 -7.15 -5.66
N LYS E 1209 -38.55 -8.17 -6.35
CA LYS E 1209 -39.94 -8.55 -6.18
C LYS E 1209 -40.20 -9.02 -4.75
N ILE E 1210 -39.34 -9.91 -4.25
CA ILE E 1210 -39.50 -10.39 -2.88
C ILE E 1210 -39.24 -9.27 -1.88
N LEU E 1211 -38.21 -8.45 -2.13
CA LEU E 1211 -37.93 -7.36 -1.22
C LEU E 1211 -39.12 -6.41 -1.09
N LEU E 1212 -39.76 -6.07 -2.21
CA LEU E 1212 -40.90 -5.17 -2.18
C LEU E 1212 -42.18 -5.87 -1.72
N GLY E 1213 -42.23 -7.20 -1.78
CA GLY E 1213 -43.32 -7.92 -1.18
C GLY E 1213 -43.17 -8.22 0.29
N SER E 1214 -42.00 -7.94 0.85
CA SER E 1214 -41.75 -8.12 2.27
C SER E 1214 -42.31 -7.00 3.14
N LEU E 1215 -43.19 -6.16 2.61
CA LEU E 1215 -43.68 -5.03 3.39
C LEU E 1215 -45.20 -4.95 3.48
N SER E 1216 -45.91 -5.13 2.37
CA SER E 1216 -47.32 -4.76 2.28
C SER E 1216 -48.22 -5.63 3.15
N ASP E 1217 -47.74 -6.75 3.66
CA ASP E 1217 -48.63 -7.72 4.28
C ASP E 1217 -49.15 -7.24 5.62
N LEU E 1218 -50.39 -7.62 5.94
CA LEU E 1218 -50.98 -7.32 7.22
C LEU E 1218 -50.38 -8.23 8.30
N PRO E 1219 -50.52 -7.85 9.58
CA PRO E 1219 -49.93 -8.65 10.65
C PRO E 1219 -50.50 -10.07 10.69
N GLY E 1220 -49.63 -11.01 11.03
CA GLY E 1220 -50.00 -12.41 11.09
C GLY E 1220 -50.15 -12.91 12.51
N LEU E 1221 -49.38 -13.94 12.86
CA LEU E 1221 -49.53 -14.59 14.17
C LEU E 1221 -48.56 -14.01 15.19
N GLY E 1222 -48.69 -12.71 15.42
CA GLY E 1222 -47.99 -12.08 16.51
C GLY E 1222 -46.57 -11.67 16.18
N TYR E 1223 -45.90 -11.16 17.23
CA TYR E 1223 -44.59 -10.54 17.05
C TYR E 1223 -43.57 -11.51 16.50
N PHE E 1224 -43.44 -12.68 17.13
CA PHE E 1224 -42.40 -13.62 16.71
C PHE E 1224 -42.63 -14.09 15.28
N ASP E 1225 -43.87 -14.44 14.95
CA ASP E 1225 -44.15 -14.95 13.62
C ASP E 1225 -43.95 -13.87 12.56
N ASP E 1226 -44.36 -12.64 12.85
CA ASP E 1226 -44.15 -11.55 11.89
C ASP E 1226 -42.67 -11.31 11.65
N LEU E 1227 -41.88 -11.27 12.72
CA LEU E 1227 -40.44 -11.09 12.58
C LEU E 1227 -39.84 -12.21 11.76
N ALA E 1228 -40.23 -13.45 12.05
CA ALA E 1228 -39.69 -14.59 11.32
C ALA E 1228 -40.06 -14.53 9.85
N ALA E 1229 -41.29 -14.15 9.54
CA ALA E 1229 -41.72 -14.05 8.14
C ALA E 1229 -40.92 -12.99 7.40
N ALA E 1230 -40.75 -11.83 8.01
CA ALA E 1230 -39.98 -10.77 7.36
C ALA E 1230 -38.54 -11.20 7.12
N GLN E 1231 -37.92 -11.81 8.13
CA GLN E 1231 -36.53 -12.23 7.99
C GLN E 1231 -36.39 -13.32 6.94
N SER E 1232 -37.36 -14.24 6.87
CA SER E 1232 -37.31 -15.27 5.85
C SER E 1232 -37.45 -14.69 4.45
N ARG E 1233 -38.32 -13.69 4.28
CA ARG E 1233 -38.42 -13.03 2.99
C ARG E 1233 -37.10 -12.38 2.61
N CYS E 1234 -36.46 -11.72 3.57
CA CYS E 1234 -35.17 -11.08 3.27
C CYS E 1234 -34.12 -12.11 2.89
N VAL E 1235 -34.12 -13.28 3.52
CA VAL E 1235 -33.16 -14.31 3.17
C VAL E 1235 -33.46 -14.89 1.78
N LYS E 1236 -34.75 -15.02 1.45
CA LYS E 1236 -35.13 -15.43 0.10
C LYS E 1236 -34.62 -14.44 -0.93
N ALA E 1237 -34.73 -13.15 -0.61
CA ALA E 1237 -34.15 -12.14 -1.49
C ALA E 1237 -32.63 -12.29 -1.60
N LEU E 1238 -31.96 -12.56 -0.47
CA LEU E 1238 -30.51 -12.66 -0.50
C LEU E 1238 -30.06 -13.80 -1.40
N ASP E 1239 -30.72 -14.95 -1.32
CA ASP E 1239 -30.27 -16.03 -2.19
C ASP E 1239 -30.92 -15.99 -3.56
N LEU E 1240 -31.84 -15.05 -3.82
CA LEU E 1240 -32.29 -14.81 -5.18
C LEU E 1240 -31.37 -13.90 -5.97
N GLY E 1241 -30.38 -13.28 -5.33
CA GLY E 1241 -29.41 -12.47 -6.04
C GLY E 1241 -28.99 -11.21 -5.33
N ALA E 1242 -29.71 -10.85 -4.26
CA ALA E 1242 -29.47 -9.58 -3.59
C ALA E 1242 -28.09 -9.54 -2.97
N SER E 1243 -27.51 -8.34 -2.92
CA SER E 1243 -26.26 -8.16 -2.21
C SER E 1243 -26.51 -8.16 -0.71
N PRO E 1244 -25.56 -8.66 0.09
CA PRO E 1244 -25.80 -8.74 1.53
C PRO E 1244 -26.08 -7.40 2.19
N GLN E 1245 -25.57 -6.29 1.66
CA GLN E 1245 -25.89 -5.00 2.24
C GLN E 1245 -27.34 -4.60 1.95
N VAL E 1246 -27.82 -4.86 0.73
CA VAL E 1246 -29.22 -4.58 0.43
C VAL E 1246 -30.14 -5.46 1.26
N ALA E 1247 -29.80 -6.74 1.40
CA ALA E 1247 -30.60 -7.64 2.23
C ALA E 1247 -30.57 -7.20 3.69
N GLN E 1248 -29.42 -6.74 4.18
CA GLN E 1248 -29.33 -6.28 5.55
C GLN E 1248 -30.17 -5.03 5.76
N LEU E 1249 -30.15 -4.09 4.81
CA LEU E 1249 -30.99 -2.92 4.91
C LEU E 1249 -32.47 -3.30 4.94
N ALA E 1250 -32.86 -4.26 4.10
CA ALA E 1250 -34.24 -4.74 4.11
C ALA E 1250 -34.60 -5.39 5.44
N VAL E 1251 -33.67 -6.14 6.01
CA VAL E 1251 -33.89 -6.76 7.32
C VAL E 1251 -34.16 -5.69 8.36
N ALA E 1252 -33.32 -4.65 8.37
CA ALA E 1252 -33.49 -3.58 9.35
C ALA E 1252 -34.82 -2.87 9.17
N LEU E 1253 -35.21 -2.58 7.93
CA LEU E 1253 -36.47 -1.89 7.69
C LEU E 1253 -37.67 -2.74 8.11
N CYS E 1254 -37.66 -4.02 7.76
CA CYS E 1254 -38.77 -4.90 8.14
C CYS E 1254 -38.87 -5.06 9.65
N THR E 1255 -37.73 -5.25 10.32
CA THR E 1255 -37.74 -5.40 11.76
C THR E 1255 -38.25 -4.13 12.43
N SER E 1256 -37.83 -2.97 11.95
CA SER E 1256 -38.33 -1.73 12.51
C SER E 1256 -39.83 -1.58 12.28
N LYS E 1257 -40.32 -2.03 11.13
CA LYS E 1257 -41.75 -1.97 10.87
C LYS E 1257 -42.54 -2.81 11.87
N VAL E 1258 -42.09 -4.05 12.08
CA VAL E 1258 -42.83 -4.91 13.00
C VAL E 1258 -42.72 -4.40 14.44
N GLU E 1259 -41.57 -3.83 14.81
CA GLU E 1259 -41.44 -3.25 16.14
C GLU E 1259 -42.36 -2.06 16.32
N ARG E 1260 -42.54 -1.25 15.27
CA ARG E 1260 -43.52 -0.17 15.33
C ARG E 1260 -44.92 -0.72 15.49
N LEU E 1261 -45.23 -1.79 14.79
CA LEU E 1261 -46.58 -2.35 14.85
C LEU E 1261 -46.90 -2.86 16.25
N TYR E 1262 -46.00 -3.65 16.84
CA TYR E 1262 -46.27 -4.22 18.15
C TYR E 1262 -45.72 -3.39 19.31
N GLY E 1263 -44.96 -2.33 19.03
CA GLY E 1263 -44.46 -1.47 20.08
C GLY E 1263 -43.47 -2.10 21.02
N THR E 1264 -42.51 -2.86 20.51
CA THR E 1264 -41.52 -3.50 21.37
C THR E 1264 -40.16 -2.84 21.32
N ALA E 1265 -39.97 -1.81 20.51
CA ALA E 1265 -38.71 -1.09 20.52
C ALA E 1265 -38.71 -0.06 21.63
N PRO E 1266 -37.53 0.35 22.10
CA PRO E 1266 -37.47 1.27 23.25
C PRO E 1266 -38.23 2.56 22.99
N GLY E 1267 -39.21 2.85 23.83
CA GLY E 1267 -40.00 4.05 23.67
C GLY E 1267 -41.50 3.84 23.74
N MET E 1268 -42.01 2.73 23.21
CA MET E 1268 -43.42 2.45 23.28
C MET E 1268 -43.74 1.40 24.34
N VAL E 1269 -45.04 1.17 24.53
CA VAL E 1269 -45.53 0.56 25.75
C VAL E 1269 -45.02 -0.85 25.92
N ASN E 1270 -45.07 -1.66 24.86
CA ASN E 1270 -44.80 -3.08 25.00
C ASN E 1270 -43.32 -3.39 25.08
N HIS E 1271 -42.48 -2.42 25.40
CA HIS E 1271 -41.06 -2.66 25.55
C HIS E 1271 -40.79 -3.53 26.77
N PRO E 1272 -40.15 -4.68 26.62
CA PRO E 1272 -39.93 -5.56 27.77
C PRO E 1272 -39.02 -4.99 28.85
N ALA E 1273 -38.03 -4.17 28.46
CA ALA E 1273 -37.00 -3.76 29.41
C ALA E 1273 -37.58 -3.07 30.64
N ALA E 1274 -38.67 -2.33 30.48
CA ALA E 1274 -39.33 -1.73 31.62
C ALA E 1274 -40.08 -2.73 32.47
N TYR E 1275 -40.22 -3.98 32.02
CA TYR E 1275 -40.97 -5.00 32.75
C TYR E 1275 -40.17 -6.23 33.11
N LEU E 1276 -39.08 -6.53 32.41
CA LEU E 1276 -38.23 -7.66 32.71
C LEU E 1276 -36.87 -7.17 33.18
N GLN E 1277 -36.31 -7.87 34.17
CA GLN E 1277 -35.04 -7.47 34.75
C GLN E 1277 -33.86 -8.01 33.96
N VAL E 1278 -33.85 -7.75 32.64
CA VAL E 1278 -32.76 -8.21 31.79
C VAL E 1278 -32.68 -7.26 30.60
N LYS E 1279 -31.55 -7.28 29.91
CA LYS E 1279 -31.32 -6.40 28.76
C LYS E 1279 -32.27 -6.75 27.62
N HIS E 1280 -32.39 -5.81 26.68
CA HIS E 1280 -33.19 -6.06 25.49
C HIS E 1280 -32.58 -7.16 24.62
N THR E 1281 -31.25 -7.17 24.51
CA THR E 1281 -30.56 -8.19 23.71
C THR E 1281 -30.71 -9.56 24.33
N ASP E 1282 -30.82 -9.64 25.66
CA ASP E 1282 -30.98 -10.90 26.38
C ASP E 1282 -32.44 -11.22 26.70
N THR E 1283 -33.36 -10.87 25.81
CA THR E 1283 -34.76 -11.20 26.01
C THR E 1283 -35.23 -12.11 24.88
N PRO E 1284 -35.98 -13.17 25.19
CA PRO E 1284 -36.47 -14.06 24.14
C PRO E 1284 -37.33 -13.32 23.13
N ILE E 1285 -37.16 -13.68 21.85
CA ILE E 1285 -37.94 -13.04 20.79
C ILE E 1285 -39.43 -13.22 20.97
N PRO E 1286 -39.96 -14.36 21.44
CA PRO E 1286 -41.41 -14.43 21.65
C PRO E 1286 -41.96 -13.38 22.57
N LEU E 1287 -41.21 -12.97 23.59
CA LEU E 1287 -41.57 -11.81 24.39
C LEU E 1287 -41.17 -10.56 23.61
N GLY E 1288 -41.18 -9.41 24.26
CA GLY E 1288 -40.56 -8.28 23.60
C GLY E 1288 -39.09 -8.60 23.39
N GLY E 1289 -38.69 -8.86 22.16
CA GLY E 1289 -37.34 -9.29 21.89
C GLY E 1289 -36.69 -8.43 20.83
N ASN E 1290 -35.37 -8.39 20.88
CA ASN E 1290 -34.58 -7.69 19.87
C ASN E 1290 -34.24 -8.67 18.76
N GLY E 1291 -34.92 -8.52 17.62
CA GLY E 1291 -34.71 -9.41 16.50
C GLY E 1291 -33.56 -8.97 15.62
N ALA E 1292 -32.73 -8.07 16.13
CA ALA E 1292 -31.58 -7.56 15.41
C ALA E 1292 -30.57 -8.68 15.23
N MET E 1293 -30.44 -9.16 13.99
CA MET E 1293 -29.46 -10.17 13.64
C MET E 1293 -28.88 -9.84 12.28
N SER E 1294 -27.67 -10.34 12.03
CA SER E 1294 -27.06 -10.11 10.73
C SER E 1294 -27.75 -10.96 9.67
N ILE E 1295 -27.62 -10.53 8.41
CA ILE E 1295 -28.23 -11.28 7.32
C ILE E 1295 -27.50 -12.59 7.10
N MET E 1296 -26.19 -12.63 7.36
CA MET E 1296 -25.45 -13.88 7.17
C MET E 1296 -25.86 -14.92 8.20
N GLU E 1297 -26.02 -14.51 9.45
CA GLU E 1297 -26.56 -15.41 10.46
C GLU E 1297 -27.98 -15.83 10.10
N LEU E 1298 -28.79 -14.88 9.64
CA LEU E 1298 -30.16 -15.20 9.27
C LEU E 1298 -30.24 -16.13 8.07
N ALA E 1299 -29.20 -16.18 7.24
CA ALA E 1299 -29.23 -17.01 6.05
C ALA E 1299 -28.65 -18.39 6.28
N THR E 1300 -27.55 -18.48 7.04
CA THR E 1300 -26.94 -19.77 7.28
C THR E 1300 -27.62 -20.51 8.42
N ALA E 1301 -27.58 -19.93 9.64
CA ALA E 1301 -28.09 -20.63 10.81
C ALA E 1301 -29.60 -20.83 10.73
N GLY E 1302 -30.35 -19.73 10.65
CA GLY E 1302 -31.80 -19.83 10.57
C GLY E 1302 -32.43 -18.50 10.89
N ILE E 1303 -33.69 -18.57 11.35
CA ILE E 1303 -34.44 -17.37 11.70
C ILE E 1303 -34.52 -17.15 13.20
N GLY E 1304 -34.59 -18.21 14.01
CA GLY E 1304 -34.72 -18.07 15.45
C GLY E 1304 -33.42 -18.10 16.21
N MET E 1305 -32.28 -17.98 15.53
CA MET E 1305 -30.98 -18.13 16.19
C MET E 1305 -30.79 -17.17 17.34
N SER E 1306 -31.48 -16.02 17.31
CA SER E 1306 -31.34 -15.05 18.39
C SER E 1306 -31.73 -15.63 19.73
N ASP E 1307 -32.53 -16.70 19.75
CA ASP E 1307 -32.93 -17.37 20.97
C ASP E 1307 -32.22 -18.68 21.21
N LYS E 1308 -31.85 -19.42 20.17
CA LYS E 1308 -31.01 -20.59 20.38
C LYS E 1308 -29.70 -20.17 21.04
N ASN E 1309 -29.09 -19.09 20.55
CA ASN E 1309 -27.86 -18.60 21.15
C ASN E 1309 -28.08 -18.17 22.59
N LEU E 1310 -29.20 -17.48 22.85
CA LEU E 1310 -29.46 -17.01 24.21
C LEU E 1310 -29.65 -18.17 25.17
N LEU E 1311 -30.40 -19.18 24.77
CA LEU E 1311 -30.63 -20.34 25.63
C LEU E 1311 -29.34 -21.11 25.87
N LYS E 1312 -28.54 -21.33 24.83
CA LYS E 1312 -27.27 -22.01 25.03
C LYS E 1312 -26.37 -21.23 25.97
N ARG E 1313 -26.30 -19.91 25.78
CA ARG E 1313 -25.47 -19.08 26.64
C ARG E 1313 -25.93 -19.15 28.09
N ALA E 1314 -27.24 -19.02 28.32
CA ALA E 1314 -27.77 -19.04 29.68
C ALA E 1314 -27.57 -20.40 30.33
N LEU E 1315 -27.72 -21.48 29.57
CA LEU E 1315 -27.52 -22.81 30.15
C LEU E 1315 -26.06 -23.04 30.48
N LEU E 1316 -25.15 -22.68 29.57
CA LEU E 1316 -23.73 -22.80 29.86
C LEU E 1316 -23.32 -21.94 31.04
N GLY E 1317 -24.03 -20.85 31.27
CA GLY E 1317 -23.72 -19.97 32.39
C GLY E 1317 -24.36 -20.37 33.70
N TYR E 1318 -25.39 -21.20 33.65
CA TYR E 1318 -26.01 -21.71 34.88
C TYR E 1318 -25.42 -23.06 35.27
N SER E 1319 -25.50 -24.04 34.37
CA SER E 1319 -24.72 -25.26 34.55
C SER E 1319 -23.25 -24.94 34.30
N HIS E 1320 -22.40 -25.96 34.44
CA HIS E 1320 -20.96 -25.77 34.31
C HIS E 1320 -20.49 -24.68 35.26
N LYS E 1321 -20.12 -23.52 34.72
CA LYS E 1321 -19.82 -22.37 35.55
C LYS E 1321 -21.10 -21.87 36.21
N ARG E 1322 -21.05 -21.62 37.52
CA ARG E 1322 -22.25 -21.29 38.29
C ARG E 1322 -22.37 -19.78 38.44
N GLN E 1323 -23.50 -19.24 38.00
CA GLN E 1323 -23.85 -17.83 38.17
C GLN E 1323 -25.27 -17.74 38.69
N LYS E 1324 -25.50 -16.84 39.66
CA LYS E 1324 -26.85 -16.65 40.15
C LYS E 1324 -27.75 -16.02 39.11
N SER E 1325 -27.18 -15.25 38.19
CA SER E 1325 -27.91 -14.80 37.02
C SER E 1325 -28.07 -15.99 36.08
N MET E 1326 -28.57 -15.74 34.87
CA MET E 1326 -28.83 -16.78 33.88
C MET E 1326 -29.87 -17.78 34.34
N LEU E 1327 -30.45 -17.58 35.52
CA LEU E 1327 -31.63 -18.32 35.95
C LEU E 1327 -32.91 -17.57 35.67
N TYR E 1328 -32.84 -16.23 35.64
CA TYR E 1328 -33.97 -15.45 35.16
C TYR E 1328 -34.27 -15.78 33.71
N ILE E 1329 -33.24 -15.89 32.87
CA ILE E 1329 -33.44 -16.23 31.47
C ILE E 1329 -34.05 -17.62 31.35
N LEU E 1330 -33.54 -18.57 32.13
CA LEU E 1330 -34.13 -19.90 32.14
C LEU E 1330 -35.58 -19.86 32.62
N GLY E 1331 -35.85 -18.97 33.57
CA GLY E 1331 -37.23 -18.81 34.03
C GLY E 1331 -38.14 -18.29 32.93
N LEU E 1332 -37.66 -17.32 32.15
CA LEU E 1332 -38.44 -16.82 31.03
C LEU E 1332 -38.68 -17.90 29.99
N PHE E 1333 -37.64 -18.69 29.70
CA PHE E 1333 -37.81 -19.77 28.72
C PHE E 1333 -38.81 -20.80 29.19
N LYS E 1334 -38.74 -21.20 30.46
CA LYS E 1334 -39.71 -22.15 30.98
C LYS E 1334 -41.10 -21.55 31.04
N PHE E 1335 -41.21 -20.25 31.31
CA PHE E 1335 -42.51 -19.60 31.27
C PHE E 1335 -43.11 -19.67 29.87
N LEU E 1336 -42.28 -19.44 28.86
CA LEU E 1336 -42.75 -19.56 27.49
C LEU E 1336 -43.19 -20.99 27.18
N MET E 1337 -42.43 -21.98 27.67
CA MET E 1337 -42.86 -23.36 27.48
C MET E 1337 -44.21 -23.62 28.12
N LYS E 1338 -44.42 -23.10 29.34
CA LYS E 1338 -45.69 -23.30 30.01
C LYS E 1338 -46.82 -22.56 29.29
N LEU E 1339 -46.52 -21.43 28.67
CA LEU E 1339 -47.50 -20.76 27.83
C LEU E 1339 -47.88 -21.63 26.64
N SER E 1340 -46.89 -22.28 26.02
CA SER E 1340 -47.16 -23.08 24.84
C SER E 1340 -48.06 -24.28 25.16
N ASP E 1341 -47.95 -24.82 26.36
CA ASP E 1341 -48.67 -26.04 26.72
C ASP E 1341 -50.08 -25.78 27.19
N GLU E 1342 -50.51 -24.52 27.28
CA GLU E 1342 -51.89 -24.24 27.65
C GLU E 1342 -52.86 -24.75 26.58
N THR E 1343 -52.54 -24.52 25.31
CA THR E 1343 -53.36 -24.96 24.19
C THR E 1343 -52.57 -25.97 23.38
N PHE E 1344 -53.14 -27.15 23.19
CA PHE E 1344 -52.49 -28.17 22.38
C PHE E 1344 -52.47 -27.74 20.92
N GLN E 1345 -51.34 -27.98 20.25
CA GLN E 1345 -51.21 -27.64 18.84
C GLN E 1345 -50.20 -28.59 18.23
N HIS E 1346 -50.67 -29.48 17.36
CA HIS E 1346 -49.80 -30.48 16.77
C HIS E 1346 -48.88 -29.86 15.72
N GLU E 1347 -47.67 -30.40 15.63
CA GLU E 1347 -46.71 -29.99 14.61
C GLU E 1347 -45.97 -31.21 14.10
N ARG E 1348 -45.83 -31.30 12.77
CA ARG E 1348 -45.21 -32.45 12.12
C ARG E 1348 -43.70 -32.34 12.22
N LEU E 1349 -42.99 -33.18 11.46
CA LEU E 1349 -41.53 -33.22 11.55
C LEU E 1349 -40.90 -31.90 11.15
N GLY E 1350 -41.37 -31.31 10.05
CA GLY E 1350 -40.75 -30.08 9.60
C GLY E 1350 -41.09 -28.85 10.42
N GLN E 1351 -42.05 -28.95 11.33
CA GLN E 1351 -42.54 -27.81 12.09
C GLN E 1351 -42.37 -27.98 13.59
N PHE E 1352 -41.41 -28.78 14.03
CA PHE E 1352 -41.20 -28.98 15.45
C PHE E 1352 -40.75 -27.68 16.10
N SER E 1353 -41.54 -27.19 17.07
CA SER E 1353 -41.23 -25.98 17.81
C SER E 1353 -40.98 -26.35 19.25
N PHE E 1354 -39.80 -26.03 19.76
CA PHE E 1354 -39.41 -26.40 21.11
C PHE E 1354 -39.48 -25.24 22.08
N ILE E 1355 -38.97 -24.07 21.68
CA ILE E 1355 -39.10 -22.88 22.50
C ILE E 1355 -40.53 -22.37 22.40
N GLY E 1356 -41.14 -22.10 23.56
CA GLY E 1356 -42.52 -21.69 23.57
C GLY E 1356 -42.73 -20.32 22.96
N LYS E 1357 -43.97 -20.06 22.56
CA LYS E 1357 -44.34 -18.79 21.96
C LYS E 1357 -45.61 -18.27 22.63
N VAL E 1358 -45.72 -16.95 22.70
CA VAL E 1358 -46.94 -16.32 23.19
C VAL E 1358 -48.03 -16.52 22.15
N GLN E 1359 -49.24 -16.84 22.61
CA GLN E 1359 -50.36 -17.10 21.73
C GLN E 1359 -51.18 -15.82 21.61
N TRP E 1360 -51.21 -15.24 20.42
CA TRP E 1360 -51.89 -13.98 20.16
C TRP E 1360 -53.32 -14.21 19.72
N LYS E 1361 -54.15 -13.17 19.88
CA LYS E 1361 -55.57 -13.24 19.53
C LYS E 1361 -55.71 -13.18 18.01
N ILE E 1362 -55.55 -14.35 17.39
CA ILE E 1362 -55.66 -14.44 15.94
C ILE E 1362 -57.14 -14.34 15.55
N PHE E 1363 -57.44 -13.38 14.71
CA PHE E 1363 -58.80 -13.14 14.25
C PHE E 1363 -59.04 -13.92 12.96
N THR E 1364 -60.06 -13.54 12.18
CA THR E 1364 -60.63 -14.32 11.08
C THR E 1364 -61.21 -15.61 11.67
N PRO E 1365 -62.22 -15.49 12.54
CA PRO E 1365 -62.68 -16.66 13.29
C PRO E 1365 -63.57 -17.58 12.50
N LYS E 1366 -64.18 -18.55 13.20
CA LYS E 1366 -65.05 -19.57 12.62
C LYS E 1366 -64.30 -20.41 11.60
N SER E 1367 -65.05 -21.18 10.80
CA SER E 1367 -64.44 -22.05 9.80
C SER E 1367 -65.41 -22.12 8.62
N GLU E 1368 -65.20 -21.26 7.64
CA GLU E 1368 -66.01 -21.23 6.44
C GLU E 1368 -65.48 -22.16 5.35
N PHE E 1369 -64.35 -22.82 5.59
CA PHE E 1369 -63.71 -23.67 4.61
C PHE E 1369 -64.25 -25.10 4.65
N GLU E 1370 -65.21 -25.38 5.52
CA GLU E 1370 -65.81 -26.70 5.68
C GLU E 1370 -64.82 -27.71 6.22
N PHE E 1371 -65.34 -28.80 6.78
CA PHE E 1371 -64.58 -29.96 7.25
C PHE E 1371 -63.66 -29.64 8.42
N ALA E 1372 -63.62 -28.40 8.91
CA ALA E 1372 -62.84 -28.08 10.09
C ALA E 1372 -63.61 -28.34 11.38
N ASP E 1373 -64.88 -28.70 11.29
CA ASP E 1373 -65.71 -29.02 12.44
C ASP E 1373 -66.16 -30.47 12.45
N MET E 1374 -65.88 -31.22 11.38
CA MET E 1374 -66.37 -32.58 11.25
C MET E 1374 -65.74 -33.55 12.25
N TYR E 1375 -64.65 -33.16 12.91
CA TYR E 1375 -63.95 -34.04 13.83
C TYR E 1375 -63.66 -33.40 15.18
N THR E 1376 -64.29 -32.26 15.48
CA THR E 1376 -64.10 -31.56 16.75
C THR E 1376 -62.63 -31.24 17.00
N SER E 1377 -62.30 -30.92 18.24
CA SER E 1377 -60.92 -30.61 18.63
C SER E 1377 -60.35 -31.59 19.63
N LYS E 1378 -61.15 -32.05 20.60
CA LYS E 1378 -60.65 -33.04 21.55
C LYS E 1378 -60.35 -34.35 20.87
N PHE E 1379 -61.19 -34.75 19.90
CA PHE E 1379 -60.96 -35.99 19.18
C PHE E 1379 -59.64 -35.96 18.42
N LEU E 1380 -59.35 -34.84 17.76
CA LEU E 1380 -58.07 -34.70 17.08
C LEU E 1380 -56.91 -34.72 18.06
N GLU E 1381 -57.10 -34.15 19.24
CA GLU E 1381 -56.07 -34.21 20.27
C GLU E 1381 -55.77 -35.65 20.67
N LEU E 1382 -56.82 -36.44 20.92
CA LEU E 1382 -56.62 -37.84 21.28
C LEU E 1382 -55.98 -38.62 20.14
N TRP E 1383 -56.41 -38.36 18.91
CA TRP E 1383 -55.85 -39.06 17.76
C TRP E 1383 -54.36 -38.76 17.60
N SER E 1384 -53.99 -37.49 17.73
CA SER E 1384 -52.59 -37.11 17.61
C SER E 1384 -51.76 -37.70 18.75
N SER E 1385 -52.31 -37.72 19.96
CA SER E 1385 -51.59 -38.30 21.09
C SER E 1385 -51.40 -39.79 20.91
N GLN E 1386 -52.38 -40.48 20.33
CA GLN E 1386 -52.30 -41.93 20.16
C GLN E 1386 -51.36 -42.33 19.04
N HIS E 1387 -51.62 -41.85 17.82
CA HIS E 1387 -50.91 -42.37 16.66
C HIS E 1387 -49.43 -41.99 16.68
N VAL E 1388 -49.13 -40.74 17.04
CA VAL E 1388 -47.79 -40.20 17.33
C VAL E 1388 -46.76 -40.63 16.28
N THR E 1389 -47.20 -41.21 15.18
CA THR E 1389 -46.32 -41.51 14.07
C THR E 1389 -46.72 -40.80 12.79
N TYR E 1390 -47.97 -40.40 12.64
CA TYR E 1390 -48.37 -39.64 11.48
C TYR E 1390 -47.77 -38.24 11.49
N ASP E 1391 -47.13 -37.85 12.59
CA ASP E 1391 -46.29 -36.67 12.56
C ASP E 1391 -45.15 -36.85 11.56
N TYR E 1392 -44.55 -38.03 11.54
CA TYR E 1392 -43.37 -38.30 10.75
C TYR E 1392 -43.67 -38.93 9.39
N ILE E 1393 -44.94 -39.19 9.08
CA ILE E 1393 -45.28 -39.88 7.83
C ILE E 1393 -46.74 -39.62 7.51
N ILE E 1394 -47.09 -39.77 6.24
CA ILE E 1394 -48.43 -39.47 5.72
C ILE E 1394 -49.23 -40.75 5.66
N PRO E 1395 -50.51 -40.75 6.07
CA PRO E 1395 -51.32 -41.96 5.95
C PRO E 1395 -51.62 -42.30 4.50
N LYS E 1396 -51.95 -43.57 4.29
CA LYS E 1396 -52.38 -44.05 2.98
C LYS E 1396 -53.83 -44.52 2.99
N GLY E 1397 -54.23 -45.26 4.01
CA GLY E 1397 -55.63 -45.63 4.16
C GLY E 1397 -56.50 -44.40 4.33
N ARG E 1398 -57.61 -44.34 3.60
CA ARG E 1398 -58.41 -43.12 3.59
C ARG E 1398 -59.04 -42.84 4.94
N ASP E 1399 -59.30 -43.87 5.74
CA ASP E 1399 -59.93 -43.63 7.04
C ASP E 1399 -59.00 -42.85 7.97
N ASN E 1400 -57.70 -42.94 7.76
CA ASN E 1400 -56.75 -42.09 8.47
C ASN E 1400 -56.33 -40.87 7.66
N LEU E 1401 -56.29 -40.99 6.33
CA LEU E 1401 -55.90 -39.85 5.51
C LEU E 1401 -56.90 -38.71 5.65
N LEU E 1402 -58.19 -39.03 5.74
CA LEU E 1402 -59.19 -37.98 5.87
C LEU E 1402 -59.01 -37.20 7.15
N ILE E 1403 -58.85 -37.89 8.28
CA ILE E 1403 -58.69 -37.19 9.55
C ILE E 1403 -57.35 -36.46 9.59
N TYR E 1404 -56.31 -37.02 8.99
CA TYR E 1404 -55.04 -36.31 8.91
C TYR E 1404 -55.16 -35.03 8.11
N LEU E 1405 -55.87 -35.08 6.98
CA LEU E 1405 -56.07 -33.87 6.18
C LEU E 1405 -56.89 -32.85 6.94
N VAL E 1406 -57.90 -33.31 7.68
CA VAL E 1406 -58.69 -32.39 8.49
C VAL E 1406 -57.82 -31.72 9.54
N ARG E 1407 -56.93 -32.48 10.18
CA ARG E 1407 -56.01 -31.90 11.15
C ARG E 1407 -55.10 -30.87 10.49
N LYS E 1408 -54.58 -31.19 9.29
CA LYS E 1408 -53.73 -30.24 8.58
C LYS E 1408 -54.49 -28.96 8.26
N LEU E 1409 -55.77 -29.10 7.89
CA LEU E 1409 -56.60 -27.92 7.65
C LEU E 1409 -56.76 -27.10 8.91
N ASN E 1410 -56.94 -27.76 10.06
CA ASN E 1410 -57.21 -27.05 11.30
C ASN E 1410 -56.00 -26.30 11.83
N ASP E 1411 -54.83 -26.48 11.25
CA ASP E 1411 -53.63 -25.78 11.68
C ASP E 1411 -53.81 -24.28 11.49
N PRO E 1412 -53.67 -23.46 12.53
CA PRO E 1412 -53.81 -22.01 12.35
C PRO E 1412 -52.83 -21.42 11.36
N SER E 1413 -51.63 -22.00 11.25
CA SER E 1413 -50.67 -21.49 10.29
C SER E 1413 -51.21 -21.58 8.87
N ILE E 1414 -51.82 -22.71 8.51
CA ILE E 1414 -52.39 -22.86 7.18
C ILE E 1414 -53.58 -21.92 6.99
N VAL E 1415 -54.43 -21.80 8.01
CA VAL E 1415 -55.60 -20.93 7.92
C VAL E 1415 -55.16 -19.50 7.63
N THR E 1416 -54.14 -19.02 8.34
CA THR E 1416 -53.61 -17.70 8.04
C THR E 1416 -52.91 -17.65 6.70
N ALA E 1417 -52.32 -18.76 6.24
CA ALA E 1417 -51.62 -18.79 4.97
C ALA E 1417 -52.56 -18.85 3.78
N MET E 1418 -53.85 -19.07 3.99
CA MET E 1418 -54.78 -19.14 2.86
C MET E 1418 -55.89 -18.10 2.93
N THR E 1419 -55.84 -17.17 3.87
CA THR E 1419 -56.78 -16.03 3.92
C THR E 1419 -56.00 -14.73 4.12
N MET E 1420 -54.94 -14.56 3.34
CA MET E 1420 -54.05 -13.41 3.54
C MET E 1420 -54.74 -12.09 3.23
N GLN E 1421 -55.56 -12.06 2.19
CA GLN E 1421 -56.11 -10.82 1.69
C GLN E 1421 -57.38 -10.38 2.41
N SER E 1422 -57.85 -11.15 3.38
CA SER E 1422 -59.07 -10.80 4.08
C SER E 1422 -58.88 -9.49 4.83
N PRO E 1423 -59.83 -8.55 4.75
CA PRO E 1423 -59.71 -7.32 5.56
C PRO E 1423 -59.85 -7.55 7.05
N LEU E 1424 -60.22 -8.75 7.48
CA LEU E 1424 -60.46 -8.98 8.91
C LEU E 1424 -59.18 -8.94 9.72
N GLN E 1425 -58.01 -8.96 9.06
CA GLN E 1425 -56.77 -8.80 9.81
C GLN E 1425 -56.56 -7.35 10.23
N LEU E 1426 -57.33 -6.43 9.65
CA LEU E 1426 -57.30 -5.05 10.13
C LEU E 1426 -57.75 -4.97 11.58
N ARG E 1427 -58.68 -5.84 11.97
CA ARG E 1427 -59.14 -5.91 13.35
C ARG E 1427 -57.97 -6.17 14.28
N PHE E 1428 -57.20 -7.22 14.00
CA PHE E 1428 -56.06 -7.57 14.83
C PHE E 1428 -55.00 -6.48 14.78
N ARG E 1429 -54.79 -5.87 13.62
CA ARG E 1429 -53.80 -4.81 13.52
C ARG E 1429 -54.17 -3.64 14.42
N MET E 1430 -55.44 -3.27 14.44
CA MET E 1430 -55.88 -2.15 15.27
C MET E 1430 -55.84 -2.51 16.75
N GLN E 1431 -56.21 -3.75 17.10
CA GLN E 1431 -56.12 -4.15 18.50
C GLN E 1431 -54.68 -4.15 19.00
N ALA E 1432 -53.75 -4.68 18.20
CA ALA E 1432 -52.34 -4.67 18.59
C ALA E 1432 -51.79 -3.26 18.65
N LYS E 1433 -52.15 -2.41 17.67
CA LYS E 1433 -51.66 -1.04 17.66
C LYS E 1433 -52.18 -0.22 18.83
N GLN E 1434 -53.41 -0.47 19.25
CA GLN E 1434 -53.97 0.20 20.42
C GLN E 1434 -53.56 -0.45 21.72
N HIS E 1435 -52.83 -1.56 21.67
CA HIS E 1435 -52.37 -2.29 22.85
C HIS E 1435 -53.55 -2.75 23.69
N MET E 1436 -54.35 -3.63 23.10
CA MET E 1436 -55.54 -4.19 23.72
C MET E 1436 -55.31 -5.66 24.10
N LYS E 1437 -56.36 -6.30 24.58
CA LYS E 1437 -56.28 -7.70 25.01
C LYS E 1437 -56.11 -8.59 23.79
N VAL E 1438 -54.89 -9.03 23.52
CA VAL E 1438 -54.62 -9.81 22.34
C VAL E 1438 -53.79 -11.05 22.66
N CYS E 1439 -53.24 -11.11 23.86
CA CYS E 1439 -52.43 -12.26 24.27
C CYS E 1439 -53.19 -13.10 25.27
N ARG E 1440 -52.95 -14.41 25.22
CA ARG E 1440 -53.66 -15.36 26.07
C ARG E 1440 -52.78 -15.74 27.24
N LEU E 1441 -53.23 -15.39 28.45
CA LEU E 1441 -52.59 -15.81 29.70
C LEU E 1441 -53.58 -16.66 30.47
N ASP E 1442 -53.16 -17.86 30.85
CA ASP E 1442 -54.03 -18.80 31.58
C ASP E 1442 -55.25 -19.07 30.68
N GLY E 1443 -56.46 -18.99 31.20
CA GLY E 1443 -57.64 -19.20 30.40
C GLY E 1443 -58.39 -17.92 30.06
N GLU E 1444 -57.65 -16.86 29.73
CA GLU E 1444 -58.28 -15.57 29.44
C GLU E 1444 -57.33 -14.73 28.61
N TRP E 1445 -57.88 -13.67 28.01
CA TRP E 1445 -57.12 -12.76 27.17
C TRP E 1445 -56.66 -11.57 27.99
N VAL E 1446 -55.37 -11.25 27.88
CA VAL E 1446 -54.79 -10.09 28.54
C VAL E 1446 -53.93 -9.34 27.53
N THR E 1447 -53.46 -8.16 27.94
CA THR E 1447 -52.58 -7.37 27.09
C THR E 1447 -51.19 -8.00 27.05
N PHE E 1448 -50.29 -7.39 26.28
CA PHE E 1448 -48.91 -7.83 26.30
C PHE E 1448 -48.19 -7.36 27.56
N ARG E 1449 -48.63 -6.24 28.15
CA ARG E 1449 -48.04 -5.78 29.40
C ARG E 1449 -48.29 -6.77 30.52
N GLU E 1450 -49.52 -7.32 30.59
CA GLU E 1450 -49.81 -8.32 31.61
C GLU E 1450 -49.02 -9.60 31.38
N VAL E 1451 -48.83 -10.00 30.12
CA VAL E 1451 -48.01 -11.17 29.83
C VAL E 1451 -46.57 -10.92 30.26
N LEU E 1452 -46.03 -9.74 29.98
CA LEU E 1452 -44.67 -9.43 30.40
C LEU E 1452 -44.54 -9.42 31.93
N ALA E 1453 -45.54 -8.87 32.61
CA ALA E 1453 -45.53 -8.87 34.07
C ALA E 1453 -45.56 -10.29 34.63
N ALA E 1454 -46.41 -11.14 34.06
CA ALA E 1454 -46.48 -12.54 34.49
C ALA E 1454 -45.17 -13.26 34.20
N ALA E 1455 -44.54 -12.98 33.05
CA ALA E 1455 -43.25 -13.57 32.75
C ALA E 1455 -42.20 -13.16 33.77
N ASN E 1456 -42.19 -11.88 34.14
CA ASN E 1456 -41.27 -11.42 35.17
C ASN E 1456 -41.51 -12.13 36.49
N SER E 1457 -42.78 -12.24 36.89
CA SER E 1457 -43.09 -12.89 38.15
C SER E 1457 -42.68 -14.36 38.16
N PHE E 1458 -42.91 -15.05 37.04
CA PHE E 1458 -42.55 -16.46 36.97
C PHE E 1458 -41.05 -16.65 36.97
N ALA E 1459 -40.35 -15.90 36.10
CA ALA E 1459 -38.90 -16.06 36.01
C ALA E 1459 -38.19 -15.60 37.27
N GLU E 1460 -38.82 -14.73 38.06
CA GLU E 1460 -38.19 -14.26 39.28
C GLU E 1460 -38.01 -15.41 40.28
N ASN E 1461 -39.12 -15.97 40.74
CA ASN E 1461 -39.07 -17.07 41.72
C ASN E 1461 -39.19 -18.41 41.00
N TYR E 1462 -38.14 -18.75 40.26
CA TYR E 1462 -38.03 -20.01 39.54
C TYR E 1462 -36.76 -20.72 40.00
N SER E 1463 -36.90 -21.94 40.50
CA SER E 1463 -35.78 -22.76 40.93
C SER E 1463 -35.66 -23.92 39.96
N ALA E 1464 -34.49 -24.06 39.35
CA ALA E 1464 -34.33 -25.06 38.29
C ALA E 1464 -34.37 -26.46 38.87
N THR E 1465 -35.22 -27.30 38.28
CA THR E 1465 -35.31 -28.70 38.66
C THR E 1465 -34.43 -29.55 37.74
N SER E 1466 -34.22 -30.80 38.13
CA SER E 1466 -33.35 -31.68 37.36
C SER E 1466 -33.92 -31.93 35.97
N GLN E 1467 -35.24 -32.14 35.87
CA GLN E 1467 -35.84 -32.46 34.59
C GLN E 1467 -35.78 -31.28 33.63
N ASP E 1468 -35.99 -30.06 34.14
CA ASP E 1468 -35.87 -28.88 33.30
C ASP E 1468 -34.45 -28.71 32.78
N MET E 1469 -33.46 -28.93 33.64
CA MET E 1469 -32.07 -28.84 33.20
C MET E 1469 -31.77 -29.91 32.17
N ASP E 1470 -32.34 -31.10 32.34
CA ASP E 1470 -32.15 -32.16 31.34
C ASP E 1470 -32.73 -31.73 29.99
N LEU E 1471 -33.94 -31.15 30.01
CA LEU E 1471 -34.56 -30.71 28.77
C LEU E 1471 -33.75 -29.62 28.10
N PHE E 1472 -33.29 -28.64 28.88
CA PHE E 1472 -32.50 -27.55 28.31
C PHE E 1472 -31.17 -28.04 27.77
N GLN E 1473 -30.54 -28.98 28.48
CA GLN E 1473 -29.29 -29.57 27.98
C GLN E 1473 -29.52 -30.30 26.68
N THR E 1474 -30.59 -31.06 26.59
CA THR E 1474 -30.95 -31.69 25.32
C THR E 1474 -31.08 -30.63 24.23
N LEU E 1475 -31.86 -29.58 24.50
CA LEU E 1475 -32.09 -28.56 23.48
C LEU E 1475 -30.78 -27.94 23.01
N THR E 1476 -29.94 -27.52 23.94
CA THR E 1476 -28.73 -26.79 23.55
C THR E 1476 -27.66 -27.71 22.98
N SER E 1477 -27.69 -29.01 23.31
CA SER E 1477 -26.58 -29.86 22.92
C SER E 1477 -26.87 -30.64 21.65
N CYS E 1478 -28.09 -31.15 21.45
CA CYS E 1478 -28.30 -32.01 20.31
C CYS E 1478 -29.27 -31.44 19.28
N THR E 1479 -30.46 -31.01 19.68
CA THR E 1479 -31.46 -30.67 18.68
C THR E 1479 -31.13 -29.39 17.92
N PHE E 1480 -30.28 -28.53 18.48
CA PHE E 1480 -29.85 -27.32 17.80
C PHE E 1480 -28.40 -27.43 17.31
N SER E 1481 -27.96 -28.63 16.98
CA SER E 1481 -26.55 -28.85 16.71
C SER E 1481 -26.13 -28.24 15.37
N LYS E 1482 -26.92 -28.44 14.32
CA LYS E 1482 -26.54 -27.94 13.00
C LYS E 1482 -26.45 -26.42 12.98
N GLU E 1483 -27.41 -25.76 13.61
CA GLU E 1483 -27.40 -24.30 13.64
C GLU E 1483 -26.19 -23.78 14.40
N TYR E 1484 -25.88 -24.39 15.55
CA TYR E 1484 -24.69 -23.98 16.29
C TYR E 1484 -23.43 -24.25 15.49
N ALA E 1485 -23.43 -25.31 14.68
CA ALA E 1485 -22.29 -25.57 13.81
C ALA E 1485 -22.12 -24.44 12.81
N TRP E 1486 -23.22 -23.98 12.22
CA TRP E 1486 -23.16 -22.85 11.31
C TRP E 1486 -22.61 -21.61 11.99
N LYS E 1487 -23.11 -21.32 13.20
CA LYS E 1487 -22.64 -20.13 13.91
C LYS E 1487 -21.17 -20.23 14.26
N ASP E 1488 -20.73 -21.39 14.74
CA ASP E 1488 -19.32 -21.58 15.05
C ASP E 1488 -18.46 -21.51 13.81
N PHE E 1489 -18.98 -21.93 12.67
CA PHE E 1489 -18.23 -21.80 11.43
C PHE E 1489 -18.10 -20.34 11.03
N LEU E 1490 -19.15 -19.55 11.23
CA LEU E 1490 -19.10 -18.15 10.81
C LEU E 1490 -17.96 -17.41 11.48
N ASN E 1491 -17.81 -17.58 12.79
CA ASN E 1491 -16.62 -17.09 13.47
C ASN E 1491 -15.44 -17.95 13.07
N GLY E 1492 -14.30 -17.32 12.80
CA GLY E 1492 -13.15 -18.02 12.26
C GLY E 1492 -13.02 -17.90 10.76
N ILE E 1493 -13.86 -17.10 10.11
CA ILE E 1493 -13.80 -16.84 8.68
C ILE E 1493 -13.45 -15.38 8.51
N HIS E 1494 -12.63 -14.85 9.42
CA HIS E 1494 -12.17 -13.48 9.29
C HIS E 1494 -11.51 -13.28 7.93
N CYS E 1495 -11.87 -12.17 7.29
CA CYS E 1495 -11.50 -11.94 5.90
C CYS E 1495 -10.86 -10.57 5.76
N ASP E 1496 -9.90 -10.47 4.84
CA ASP E 1496 -9.15 -9.26 4.60
C ASP E 1496 -9.52 -8.69 3.23
N VAL E 1497 -9.00 -7.50 2.96
CA VAL E 1497 -9.28 -6.77 1.73
C VAL E 1497 -8.04 -6.81 0.85
N ILE E 1498 -8.26 -7.05 -0.44
CA ILE E 1498 -7.18 -7.01 -1.43
C ILE E 1498 -7.30 -5.68 -2.17
N PRO E 1499 -6.21 -5.05 -2.56
CA PRO E 1499 -6.35 -3.87 -3.44
C PRO E 1499 -6.50 -4.27 -4.91
N THR E 1500 -7.69 -4.76 -5.25
CA THR E 1500 -7.97 -5.23 -6.59
C THR E 1500 -9.30 -4.66 -7.07
N LYS E 1501 -9.37 -4.42 -8.38
CA LYS E 1501 -10.60 -3.94 -8.99
C LYS E 1501 -11.65 -5.04 -9.00
N GLN E 1502 -12.91 -4.63 -9.08
CA GLN E 1502 -14.02 -5.58 -9.08
C GLN E 1502 -14.24 -6.14 -10.48
N VAL E 1503 -14.37 -7.46 -10.58
CA VAL E 1503 -14.58 -8.15 -11.83
C VAL E 1503 -15.98 -8.74 -11.82
N GLN E 1504 -16.84 -8.25 -12.71
CA GLN E 1504 -18.19 -8.75 -12.82
C GLN E 1504 -18.21 -10.01 -13.66
N ARG E 1505 -18.85 -11.06 -13.15
CA ARG E 1505 -18.91 -12.35 -13.82
C ARG E 1505 -20.35 -12.65 -14.23
N ALA E 1506 -20.54 -13.85 -14.77
CA ALA E 1506 -21.86 -14.30 -15.17
C ALA E 1506 -22.68 -14.65 -13.92
N LYS E 1507 -23.88 -15.17 -14.14
CA LYS E 1507 -24.71 -15.62 -13.04
C LYS E 1507 -25.11 -17.06 -13.29
N VAL E 1508 -25.01 -17.87 -12.24
CA VAL E 1508 -25.33 -19.30 -12.30
C VAL E 1508 -25.97 -19.70 -10.99
N ALA E 1509 -27.00 -20.55 -11.06
CA ALA E 1509 -27.72 -21.00 -9.88
C ALA E 1509 -27.15 -22.32 -9.38
N ARG E 1510 -26.84 -22.37 -8.09
CA ARG E 1510 -26.37 -23.57 -7.43
C ARG E 1510 -27.32 -23.91 -6.28
N THR E 1511 -27.09 -25.06 -5.66
CA THR E 1511 -27.93 -25.52 -4.56
C THR E 1511 -27.17 -25.37 -3.24
N PHE E 1512 -27.94 -25.42 -2.15
CA PHE E 1512 -27.41 -25.27 -0.80
C PHE E 1512 -27.46 -26.64 -0.13
N THR E 1513 -26.41 -27.42 -0.33
CA THR E 1513 -26.30 -28.76 0.23
C THR E 1513 -25.30 -28.75 1.38
N VAL E 1514 -25.68 -29.40 2.48
CA VAL E 1514 -24.87 -29.38 3.69
C VAL E 1514 -23.79 -30.45 3.59
N ARG E 1515 -23.67 -31.08 2.41
CA ARG E 1515 -22.63 -32.08 2.15
C ARG E 1515 -22.77 -33.25 3.13
N GLU E 1516 -23.88 -33.98 2.96
CA GLU E 1516 -24.06 -35.23 3.68
C GLU E 1516 -23.17 -36.30 3.06
N LYS E 1517 -22.44 -37.03 3.90
CA LYS E 1517 -21.48 -38.04 3.43
C LYS E 1517 -21.72 -39.34 4.20
N ASP E 1518 -22.39 -40.29 3.55
CA ASP E 1518 -22.58 -41.64 4.07
C ASP E 1518 -23.47 -41.68 5.31
N GLN E 1519 -24.20 -42.79 5.48
CA GLN E 1519 -24.99 -43.02 6.67
C GLN E 1519 -25.04 -44.51 6.94
N ILE E 1520 -25.02 -44.87 8.23
CA ILE E 1520 -25.22 -46.27 8.59
C ILE E 1520 -26.63 -46.72 8.24
N ILE E 1521 -27.63 -45.91 8.58
CA ILE E 1521 -29.00 -46.22 8.22
C ILE E 1521 -29.19 -46.03 6.72
N GLN E 1522 -29.71 -47.05 6.05
CA GLN E 1522 -29.97 -46.94 4.63
C GLN E 1522 -31.37 -46.40 4.31
N ASN E 1523 -32.24 -46.33 5.32
CA ASN E 1523 -33.60 -45.87 5.10
C ASN E 1523 -33.76 -44.41 5.51
N SER E 1524 -34.90 -43.84 5.14
CA SER E 1524 -35.21 -42.47 5.54
C SER E 1524 -35.49 -42.43 7.03
N ILE E 1525 -34.83 -41.50 7.72
CA ILE E 1525 -34.98 -41.40 9.18
C ILE E 1525 -36.43 -41.15 9.60
N PRO E 1526 -37.21 -40.30 8.93
CA PRO E 1526 -38.64 -40.23 9.26
C PRO E 1526 -39.32 -41.57 9.18
N ALA E 1527 -38.96 -42.40 8.19
CA ALA E 1527 -39.56 -43.72 8.09
C ALA E 1527 -39.21 -44.58 9.29
N VAL E 1528 -37.96 -44.52 9.75
CA VAL E 1528 -37.55 -45.32 10.89
C VAL E 1528 -38.29 -44.88 12.14
N ILE E 1529 -38.38 -43.57 12.36
CA ILE E 1529 -39.06 -43.06 13.55
C ILE E 1529 -40.54 -43.40 13.50
N GLY E 1530 -41.14 -43.38 12.32
CA GLY E 1530 -42.52 -43.81 12.20
C GLY E 1530 -42.69 -45.29 12.49
N TYR E 1531 -41.76 -46.12 12.01
CA TYR E 1531 -41.84 -47.55 12.25
C TYR E 1531 -41.74 -47.86 13.74
N LYS E 1532 -40.83 -47.18 14.45
CA LYS E 1532 -40.70 -47.41 15.88
C LYS E 1532 -42.00 -47.11 16.61
N PHE E 1533 -42.74 -46.11 16.15
CA PHE E 1533 -43.94 -45.65 16.83
C PHE E 1533 -45.22 -46.22 16.24
N ALA E 1534 -45.11 -47.19 15.33
CA ALA E 1534 -46.27 -47.75 14.67
C ALA E 1534 -46.76 -48.99 15.41
N VAL E 1535 -48.04 -49.00 15.78
CA VAL E 1535 -48.65 -50.11 16.51
C VAL E 1535 -49.96 -50.57 15.91
N THR E 1536 -50.35 -50.05 14.75
CA THR E 1536 -51.63 -50.36 14.15
C THR E 1536 -51.40 -51.01 12.77
N VAL E 1537 -52.35 -51.84 12.35
CA VAL E 1537 -52.24 -52.55 11.08
C VAL E 1537 -51.99 -51.56 9.93
N GLU E 1538 -52.91 -50.62 9.75
CA GLU E 1538 -52.75 -49.64 8.68
C GLU E 1538 -51.52 -48.78 8.90
N GLU E 1539 -51.20 -48.47 10.16
CA GLU E 1539 -49.97 -47.74 10.48
C GLU E 1539 -48.76 -48.47 9.94
N MET E 1540 -48.64 -49.77 10.24
CA MET E 1540 -47.49 -50.54 9.81
C MET E 1540 -47.48 -50.64 8.29
N SER E 1541 -48.65 -50.80 7.68
CA SER E 1541 -48.71 -50.86 6.23
C SER E 1541 -48.19 -49.57 5.60
N ASP E 1542 -48.58 -48.42 6.16
CA ASP E 1542 -48.13 -47.14 5.63
C ASP E 1542 -46.62 -47.00 5.78
N VAL E 1543 -46.09 -47.34 6.95
CA VAL E 1543 -44.65 -47.16 7.12
C VAL E 1543 -43.87 -48.10 6.21
N LEU E 1544 -44.39 -49.31 5.95
CA LEU E 1544 -43.75 -50.15 4.94
C LEU E 1544 -43.83 -49.51 3.56
N ASP E 1545 -44.97 -48.93 3.23
CA ASP E 1545 -45.15 -48.34 1.90
C ASP E 1545 -44.15 -47.21 1.66
N THR E 1546 -43.97 -46.34 2.65
CA THR E 1546 -43.03 -45.24 2.47
C THR E 1546 -41.58 -45.68 2.60
N ALA E 1547 -41.32 -46.74 3.37
CA ALA E 1547 -39.95 -47.14 3.64
C ALA E 1547 -39.23 -47.54 2.36
N LYS E 1548 -37.99 -47.09 2.22
CA LYS E 1548 -37.21 -47.45 1.03
C LYS E 1548 -36.73 -48.90 1.12
N PHE E 1549 -36.32 -49.34 2.31
CA PHE E 1549 -35.85 -50.70 2.54
C PHE E 1549 -36.60 -51.28 3.73
N PRO E 1550 -37.82 -51.77 3.50
CA PRO E 1550 -38.64 -52.25 4.63
C PRO E 1550 -38.03 -53.44 5.35
N ASP E 1551 -37.10 -54.16 4.72
CA ASP E 1551 -36.54 -55.36 5.35
C ASP E 1551 -35.75 -55.01 6.61
N SER E 1552 -34.98 -53.94 6.58
CA SER E 1552 -34.02 -53.65 7.64
C SER E 1552 -34.51 -52.62 8.64
N LEU E 1553 -35.82 -52.37 8.71
CA LEU E 1553 -36.33 -51.31 9.59
C LEU E 1553 -36.01 -51.60 11.05
N SER E 1554 -36.19 -52.85 11.48
CA SER E 1554 -35.90 -53.21 12.86
C SER E 1554 -34.41 -53.04 13.16
N VAL E 1555 -33.56 -53.46 12.23
CA VAL E 1555 -32.11 -53.30 12.42
C VAL E 1555 -31.76 -51.82 12.54
N ASP E 1556 -32.35 -50.99 11.68
CA ASP E 1556 -32.09 -49.57 11.71
C ASP E 1556 -32.54 -48.96 13.03
N LEU E 1557 -33.69 -49.39 13.53
CA LEU E 1557 -34.18 -48.89 14.81
C LEU E 1557 -33.24 -49.28 15.94
N LYS E 1558 -32.75 -50.52 15.93
CA LYS E 1558 -31.81 -50.96 16.95
C LYS E 1558 -30.53 -50.14 16.90
N THR E 1559 -30.02 -49.89 15.69
CA THR E 1559 -28.82 -49.07 15.54
C THR E 1559 -29.07 -47.65 16.04
N MET E 1560 -30.27 -47.12 15.77
CA MET E 1560 -30.62 -45.79 16.24
C MET E 1560 -30.63 -45.72 17.76
N LYS E 1561 -31.21 -46.73 18.40
CA LYS E 1561 -31.23 -46.78 19.86
C LYS E 1561 -29.81 -46.85 20.41
N ASP E 1562 -28.97 -47.69 19.81
CA ASP E 1562 -27.59 -47.80 20.24
C ASP E 1562 -26.87 -46.47 20.11
N GLY E 1563 -26.94 -45.85 18.94
CA GLY E 1563 -26.25 -44.59 18.71
C GLY E 1563 -26.73 -43.46 19.61
N VAL E 1564 -28.03 -43.39 19.88
CA VAL E 1564 -28.56 -42.35 20.74
C VAL E 1564 -28.10 -42.58 22.17
N TYR E 1565 -28.17 -43.83 22.64
CA TYR E 1565 -27.83 -44.11 24.02
C TYR E 1565 -26.33 -44.14 24.29
N ARG E 1566 -25.50 -44.26 23.27
CA ARG E 1566 -24.05 -44.28 23.51
C ARG E 1566 -23.45 -42.88 23.43
N GLU E 1567 -23.59 -42.24 22.26
CA GLU E 1567 -23.05 -40.89 22.10
C GLU E 1567 -23.78 -39.90 23.00
N LEU E 1568 -25.09 -40.04 23.14
CA LEU E 1568 -25.89 -39.23 24.03
C LEU E 1568 -26.39 -40.10 25.18
N GLY E 1569 -27.19 -39.51 26.06
CA GLY E 1569 -27.62 -40.22 27.25
C GLY E 1569 -29.12 -40.33 27.42
N LEU E 1570 -29.85 -40.53 26.34
CA LEU E 1570 -31.30 -40.54 26.37
C LEU E 1570 -31.83 -41.83 25.75
N ASP E 1571 -33.06 -42.17 26.11
CA ASP E 1571 -33.73 -43.36 25.58
C ASP E 1571 -34.73 -42.95 24.52
N ILE E 1572 -34.73 -43.70 23.41
CA ILE E 1572 -35.66 -43.42 22.32
C ILE E 1572 -37.10 -43.73 22.68
N SER E 1573 -37.30 -44.68 23.61
CA SER E 1573 -38.65 -45.14 23.91
C SER E 1573 -39.58 -44.00 24.32
N LEU E 1574 -39.05 -42.96 24.93
CA LEU E 1574 -39.87 -41.81 25.33
C LEU E 1574 -40.20 -40.96 24.11
N PRO E 1575 -41.49 -40.73 23.82
CA PRO E 1575 -41.83 -39.99 22.59
C PRO E 1575 -41.28 -38.57 22.56
N ASP E 1576 -41.26 -37.89 23.72
CA ASP E 1576 -40.74 -36.53 23.77
C ASP E 1576 -39.26 -36.49 23.43
N VAL E 1577 -38.50 -37.48 23.89
CA VAL E 1577 -37.08 -37.54 23.56
C VAL E 1577 -36.90 -37.75 22.06
N MET E 1578 -37.72 -38.61 21.46
CA MET E 1578 -37.67 -38.79 20.02
C MET E 1578 -37.93 -37.48 19.29
N LYS E 1579 -38.97 -36.77 19.71
CA LYS E 1579 -39.27 -35.46 19.11
C LYS E 1579 -38.08 -34.53 19.23
N ARG E 1580 -37.49 -34.47 20.42
CA ARG E 1580 -36.37 -33.57 20.66
C ARG E 1580 -35.20 -33.89 19.74
N ILE E 1581 -34.78 -35.16 19.70
CA ILE E 1581 -33.55 -35.48 19.00
C ILE E 1581 -33.76 -35.55 17.49
N ALA E 1582 -34.98 -35.73 17.02
CA ALA E 1582 -35.22 -35.92 15.59
C ALA E 1582 -34.64 -34.83 14.69
N PRO E 1583 -34.69 -33.53 15.03
CA PRO E 1583 -34.10 -32.53 14.13
C PRO E 1583 -32.64 -32.77 13.78
N MET E 1584 -31.83 -33.32 14.69
CA MET E 1584 -30.46 -33.65 14.32
C MET E 1584 -30.43 -34.71 13.21
N LEU E 1585 -31.25 -35.75 13.35
CA LEU E 1585 -31.20 -36.84 12.38
C LEU E 1585 -31.77 -36.42 11.03
N TYR E 1586 -33.04 -36.04 11.01
CA TYR E 1586 -33.68 -35.66 9.75
C TYR E 1586 -33.01 -34.42 9.19
N LYS E 1587 -32.58 -34.50 7.93
CA LYS E 1587 -31.72 -33.44 7.39
C LYS E 1587 -32.55 -32.25 6.89
N SER E 1588 -33.31 -32.45 5.82
CA SER E 1588 -34.08 -31.37 5.19
C SER E 1588 -34.77 -31.93 3.95
N SER E 1589 -35.59 -31.08 3.35
CA SER E 1589 -36.15 -31.31 2.02
C SER E 1589 -36.22 -29.97 1.31
N LYS E 1590 -36.90 -29.94 0.16
CA LYS E 1590 -37.12 -28.74 -0.65
C LYS E 1590 -35.85 -27.91 -0.78
N SER E 1591 -34.83 -28.48 -1.41
CA SER E 1591 -33.52 -27.83 -1.47
C SER E 1591 -33.61 -26.42 -2.06
N ARG E 1592 -33.18 -25.44 -1.27
CA ARG E 1592 -33.14 -24.06 -1.74
C ARG E 1592 -32.04 -23.89 -2.78
N VAL E 1593 -32.24 -22.94 -3.69
CA VAL E 1593 -31.31 -22.68 -4.79
C VAL E 1593 -30.88 -21.22 -4.71
N VAL E 1594 -29.58 -20.98 -4.78
CA VAL E 1594 -29.03 -19.64 -4.67
C VAL E 1594 -28.38 -19.26 -6.00
N ILE E 1595 -28.24 -17.96 -6.21
CA ILE E 1595 -27.68 -17.39 -7.43
C ILE E 1595 -26.29 -16.88 -7.13
N VAL E 1596 -25.31 -17.37 -7.89
CA VAL E 1596 -23.90 -17.11 -7.63
C VAL E 1596 -23.25 -16.55 -8.88
N GLN E 1597 -22.32 -15.60 -8.69
CA GLN E 1597 -21.69 -14.92 -9.81
C GLN E 1597 -20.45 -15.65 -10.33
N GLY E 1598 -19.57 -16.10 -9.45
CA GLY E 1598 -18.35 -16.77 -9.86
C GLY E 1598 -18.60 -18.18 -10.35
N ASN E 1599 -17.56 -19.01 -10.23
CA ASN E 1599 -17.63 -20.43 -10.53
C ASN E 1599 -17.79 -21.27 -9.28
N VAL E 1600 -18.52 -20.76 -8.29
CA VAL E 1600 -18.57 -21.37 -6.97
C VAL E 1600 -19.24 -22.73 -7.06
N GLU E 1601 -18.60 -23.74 -6.46
CA GLU E 1601 -19.15 -25.08 -6.44
C GLU E 1601 -20.37 -25.15 -5.53
N GLY E 1602 -21.28 -26.07 -5.86
CA GLY E 1602 -22.55 -26.14 -5.17
C GLY E 1602 -22.50 -26.74 -3.78
N THR E 1603 -21.60 -26.25 -2.94
CA THR E 1603 -21.52 -26.64 -1.54
C THR E 1603 -21.84 -25.45 -0.66
N ALA E 1604 -22.55 -25.69 0.43
CA ALA E 1604 -23.01 -24.61 1.29
C ALA E 1604 -21.83 -23.79 1.81
N GLU E 1605 -20.71 -24.45 2.07
CA GLU E 1605 -19.53 -23.72 2.54
C GLU E 1605 -19.02 -22.76 1.47
N ALA E 1606 -19.01 -23.20 0.22
CA ALA E 1606 -18.56 -22.33 -0.86
C ALA E 1606 -19.53 -21.17 -1.05
N ILE E 1607 -20.83 -21.41 -0.93
CA ILE E 1607 -21.80 -20.32 -1.05
C ILE E 1607 -21.60 -19.32 0.07
N CYS E 1608 -21.39 -19.79 1.29
CA CYS E 1608 -21.15 -18.87 2.40
C CYS E 1608 -19.87 -18.08 2.19
N ARG E 1609 -18.83 -18.74 1.67
CA ARG E 1609 -17.59 -18.04 1.37
C ARG E 1609 -17.81 -16.97 0.31
N TYR E 1610 -18.62 -17.27 -0.70
CA TYR E 1610 -18.96 -16.28 -1.72
C TYR E 1610 -19.70 -15.10 -1.12
N TRP E 1611 -20.65 -15.37 -0.21
CA TRP E 1611 -21.37 -14.28 0.45
C TRP E 1611 -20.41 -13.42 1.27
N LEU E 1612 -19.44 -14.05 1.91
CA LEU E 1612 -18.44 -13.30 2.67
C LEU E 1612 -17.56 -12.47 1.74
N LYS E 1613 -17.28 -12.96 0.53
CA LYS E 1613 -16.52 -12.18 -0.44
C LYS E 1613 -17.35 -11.08 -1.06
N SER E 1614 -18.67 -11.16 -0.99
CA SER E 1614 -19.58 -10.23 -1.66
C SER E 1614 -20.13 -9.18 -0.73
N MET E 1615 -19.59 -9.03 0.48
CA MET E 1615 -20.09 -8.01 1.38
C MET E 1615 -19.76 -6.60 0.89
N SER E 1616 -18.66 -6.44 0.19
CA SER E 1616 -18.26 -5.13 -0.32
C SER E 1616 -18.69 -4.99 -1.77
N LEU E 1617 -19.34 -3.88 -2.09
CA LEU E 1617 -19.86 -3.68 -3.44
C LEU E 1617 -18.79 -3.23 -4.43
N VAL E 1618 -17.65 -2.73 -3.95
CA VAL E 1618 -16.62 -2.18 -4.82
C VAL E 1618 -15.28 -2.89 -4.65
N LYS E 1619 -14.92 -3.24 -3.42
CA LYS E 1619 -13.61 -3.82 -3.15
C LYS E 1619 -13.62 -5.33 -3.34
N THR E 1620 -12.49 -5.95 -3.02
CA THR E 1620 -12.31 -7.40 -3.13
C THR E 1620 -11.98 -7.96 -1.77
N ILE E 1621 -12.61 -9.07 -1.41
CA ILE E 1621 -12.44 -9.70 -0.10
C ILE E 1621 -11.89 -11.10 -0.30
N ARG E 1622 -11.19 -11.59 0.72
CA ARG E 1622 -10.58 -12.91 0.68
C ARG E 1622 -10.77 -13.59 2.04
N VAL E 1623 -11.32 -14.79 2.02
CA VAL E 1623 -11.53 -15.56 3.25
C VAL E 1623 -10.22 -16.28 3.60
N LYS E 1624 -9.70 -15.98 4.79
CA LYS E 1624 -8.35 -16.47 5.14
C LYS E 1624 -8.26 -17.99 5.19
N PRO E 1625 -9.13 -18.72 5.92
CA PRO E 1625 -9.02 -20.18 5.90
C PRO E 1625 -9.43 -20.73 4.55
N HIS E 1626 -8.46 -21.24 3.79
CA HIS E 1626 -8.71 -21.59 2.39
C HIS E 1626 -9.80 -22.63 2.26
N LYS E 1627 -9.70 -23.73 3.00
CA LYS E 1627 -10.65 -24.83 2.92
C LYS E 1627 -11.09 -25.23 4.30
N GLU E 1628 -12.40 -25.44 4.47
CA GLU E 1628 -12.98 -25.81 5.75
C GLU E 1628 -14.30 -26.50 5.49
N VAL E 1629 -14.86 -27.08 6.56
CA VAL E 1629 -16.17 -27.71 6.54
C VAL E 1629 -16.84 -27.45 7.88
N LEU E 1630 -18.13 -27.78 7.94
CA LEU E 1630 -18.88 -27.72 9.18
C LEU E 1630 -18.59 -28.93 10.05
N GLN E 1631 -18.83 -28.77 11.34
CA GLN E 1631 -18.79 -29.88 12.29
C GLN E 1631 -20.20 -30.44 12.50
N ALA E 1632 -20.81 -30.84 11.39
CA ALA E 1632 -22.17 -31.37 11.42
C ALA E 1632 -22.16 -32.72 12.14
N VAL E 1633 -22.86 -32.79 13.26
CA VAL E 1633 -22.86 -33.97 14.12
C VAL E 1633 -23.91 -34.93 13.57
N SER E 1634 -23.45 -35.91 12.78
CA SER E 1634 -24.26 -37.06 12.38
C SER E 1634 -23.45 -38.29 12.79
N ILE E 1635 -23.64 -38.70 14.05
CA ILE E 1635 -22.87 -39.80 14.63
C ILE E 1635 -23.18 -41.14 14.00
N PHE E 1636 -24.09 -41.20 13.03
CA PHE E 1636 -24.52 -42.45 12.40
C PHE E 1636 -23.80 -42.72 11.08
N ASN E 1637 -22.55 -42.27 10.92
CA ASN E 1637 -21.85 -42.48 9.68
C ASN E 1637 -20.41 -42.91 9.93
N ARG E 1638 -19.86 -43.65 8.97
CA ARG E 1638 -18.49 -44.13 9.04
C ARG E 1638 -18.03 -44.61 7.68
N LYS E 1646 -7.52 -55.91 18.01
CA LYS E 1646 -8.87 -55.65 18.48
C LYS E 1646 -9.44 -56.84 19.23
N ASP E 1647 -9.18 -58.03 18.72
CA ASP E 1647 -9.78 -59.24 19.28
C ASP E 1647 -9.27 -59.50 20.70
N LEU E 1648 -7.96 -59.43 20.91
CA LEU E 1648 -7.40 -59.77 22.21
C LEU E 1648 -7.83 -58.77 23.27
N ALA E 1649 -7.89 -57.49 22.93
CA ALA E 1649 -8.29 -56.48 23.91
C ALA E 1649 -9.73 -56.69 24.35
N ALA E 1650 -10.64 -56.90 23.40
CA ALA E 1650 -12.04 -57.14 23.74
C ALA E 1650 -12.19 -58.43 24.52
N LEU E 1651 -11.47 -59.48 24.11
CA LEU E 1651 -11.56 -60.75 24.82
C LEU E 1651 -11.11 -60.61 26.27
N LYS E 1652 -10.00 -59.90 26.49
CA LYS E 1652 -9.50 -59.71 27.84
C LYS E 1652 -10.45 -58.85 28.67
N LEU E 1653 -11.04 -57.82 28.05
CA LEU E 1653 -12.02 -57.00 28.75
C LEU E 1653 -13.23 -57.82 29.18
N CYS E 1654 -13.74 -58.65 28.26
CA CYS E 1654 -14.86 -59.52 28.60
C CYS E 1654 -14.48 -60.50 29.70
N ILE E 1655 -13.28 -61.05 29.64
CA ILE E 1655 -12.79 -61.94 30.68
C ILE E 1655 -12.82 -61.25 32.03
N GLU E 1656 -12.31 -60.02 32.08
CA GLU E 1656 -12.19 -59.32 33.35
C GLU E 1656 -13.57 -58.99 33.93
N VAL E 1657 -14.46 -58.46 33.09
CA VAL E 1657 -15.78 -58.09 33.59
C VAL E 1657 -16.56 -59.34 34.01
N TRP E 1658 -16.45 -60.42 33.24
CA TRP E 1658 -17.16 -61.64 33.57
C TRP E 1658 -16.64 -62.22 34.88
N ARG E 1659 -15.32 -62.20 35.10
CA ARG E 1659 -14.76 -62.70 36.35
C ARG E 1659 -15.21 -61.84 37.53
N TRP E 1660 -15.22 -60.51 37.35
CA TRP E 1660 -15.70 -59.66 38.44
C TRP E 1660 -17.14 -59.96 38.77
N CYS E 1661 -17.97 -60.15 37.74
CA CYS E 1661 -19.36 -60.52 37.98
C CYS E 1661 -19.49 -61.94 38.54
N LYS E 1662 -18.48 -62.79 38.31
CA LYS E 1662 -18.41 -64.07 39.00
C LYS E 1662 -18.24 -63.86 40.50
N ALA E 1663 -17.38 -62.91 40.88
CA ALA E 1663 -17.24 -62.58 42.30
C ALA E 1663 -18.55 -62.06 42.87
N ASN E 1664 -19.25 -61.22 42.11
CA ASN E 1664 -20.55 -60.69 42.50
C ASN E 1664 -21.65 -61.59 41.96
N SER E 1665 -22.89 -61.11 41.95
CA SER E 1665 -24.01 -61.84 41.38
C SER E 1665 -24.67 -61.03 40.27
N ALA E 1666 -23.87 -60.46 39.38
CA ALA E 1666 -24.36 -59.53 38.38
C ALA E 1666 -25.14 -60.26 37.28
N PRO E 1667 -26.05 -59.54 36.62
CA PRO E 1667 -26.81 -60.14 35.50
C PRO E 1667 -25.99 -60.26 34.22
N TYR E 1668 -25.25 -61.37 34.08
CA TYR E 1668 -24.36 -61.62 32.95
C TYR E 1668 -24.92 -61.16 31.62
N ARG E 1669 -26.03 -61.76 31.21
CA ARG E 1669 -26.57 -61.50 29.87
C ARG E 1669 -27.06 -60.07 29.73
N ASP E 1670 -27.59 -59.48 30.80
CA ASP E 1670 -28.01 -58.09 30.74
C ASP E 1670 -26.84 -57.16 30.49
N TRP E 1671 -25.75 -57.32 31.24
CA TRP E 1671 -24.60 -56.47 31.07
C TRP E 1671 -23.93 -56.69 29.71
N PHE E 1672 -23.74 -57.95 29.33
CA PHE E 1672 -23.09 -58.24 28.07
C PHE E 1672 -23.92 -57.79 26.87
N GLN E 1673 -25.21 -57.57 27.05
CA GLN E 1673 -26.05 -56.97 26.03
C GLN E 1673 -26.16 -55.45 26.18
N ALA E 1674 -25.42 -54.86 27.13
CA ALA E 1674 -25.47 -53.43 27.39
C ALA E 1674 -24.12 -52.75 27.30
N LEU E 1675 -23.05 -53.40 27.74
CA LEU E 1675 -21.73 -52.79 27.68
C LEU E 1675 -21.23 -52.75 26.24
N TRP E 1676 -20.33 -51.79 25.97
CA TRP E 1676 -19.92 -51.47 24.62
C TRP E 1676 -18.40 -51.49 24.52
N PHE E 1677 -17.91 -51.76 23.30
CA PHE E 1677 -16.48 -51.67 23.02
C PHE E 1677 -16.27 -51.53 21.53
N GLU E 1678 -15.59 -50.46 21.13
CA GLU E 1678 -15.23 -50.21 19.73
C GLU E 1678 -16.46 -50.21 18.83
N ASP E 1679 -16.69 -51.30 18.10
CA ASP E 1679 -17.77 -51.38 17.14
C ASP E 1679 -18.77 -52.49 17.42
N LYS E 1680 -18.63 -53.22 18.52
CA LYS E 1680 -19.55 -54.30 18.84
C LYS E 1680 -19.70 -54.41 20.35
N THR E 1681 -20.91 -54.71 20.79
CA THR E 1681 -21.15 -54.89 22.22
C THR E 1681 -20.50 -56.18 22.71
N PHE E 1682 -20.58 -56.44 24.01
CA PHE E 1682 -19.96 -57.63 24.57
C PHE E 1682 -20.60 -58.89 24.00
N SER E 1683 -21.93 -58.90 23.86
CA SER E 1683 -22.60 -60.07 23.30
C SER E 1683 -22.18 -60.32 21.86
N GLU E 1684 -22.09 -59.26 21.06
CA GLU E 1684 -21.61 -59.43 19.69
C GLU E 1684 -20.17 -59.92 19.66
N TRP E 1685 -19.34 -59.41 20.58
CA TRP E 1685 -17.98 -59.91 20.67
C TRP E 1685 -17.96 -61.39 20.99
N LEU E 1686 -18.85 -61.83 21.89
CA LEU E 1686 -18.90 -63.23 22.26
C LEU E 1686 -19.34 -64.09 21.09
N ASP E 1687 -20.36 -63.64 20.35
CA ASP E 1687 -20.83 -64.39 19.20
C ASP E 1687 -19.74 -64.51 18.14
N ARG E 1688 -19.02 -63.41 17.89
CA ARG E 1688 -17.94 -63.44 16.93
C ARG E 1688 -16.84 -64.40 17.37
N PHE E 1689 -16.48 -64.37 18.65
CA PHE E 1689 -15.43 -65.25 19.14
C PHE E 1689 -15.84 -66.71 19.03
N CYS E 1690 -17.10 -67.02 19.33
CA CYS E 1690 -17.57 -68.39 19.19
C CYS E 1690 -17.56 -68.83 17.73
N ARG E 1691 -17.96 -67.94 16.83
CA ARG E 1691 -18.10 -68.34 15.43
C ARG E 1691 -16.75 -68.47 14.73
N VAL E 1692 -15.81 -67.56 14.98
CA VAL E 1692 -14.56 -67.56 14.25
C VAL E 1692 -13.50 -68.34 15.04
N GLY E 1693 -13.66 -68.39 16.36
CA GLY E 1693 -12.69 -69.05 17.20
C GLY E 1693 -11.90 -68.08 18.05
N VAL E 1694 -11.39 -68.56 19.18
CA VAL E 1694 -10.63 -67.75 20.12
C VAL E 1694 -9.15 -67.89 19.77
N PRO E 1695 -8.44 -66.79 19.55
CA PRO E 1695 -7.00 -66.88 19.26
C PRO E 1695 -6.26 -67.53 20.42
N PRO E 1696 -5.26 -68.36 20.13
CA PRO E 1696 -4.56 -69.08 21.21
C PRO E 1696 -3.52 -68.19 21.88
N ILE E 1697 -3.85 -67.73 23.09
CA ILE E 1697 -2.90 -67.02 23.95
C ILE E 1697 -2.97 -67.68 25.32
N ASP E 1698 -1.81 -68.12 25.83
CA ASP E 1698 -1.76 -69.03 26.97
C ASP E 1698 -2.54 -68.58 28.19
N PRO E 1699 -2.41 -67.33 28.68
CA PRO E 1699 -3.09 -66.99 29.94
C PRO E 1699 -4.59 -66.75 29.80
N GLU E 1700 -5.17 -66.90 28.61
CA GLU E 1700 -6.59 -66.61 28.43
C GLU E 1700 -7.36 -67.68 27.67
N ILE E 1701 -6.71 -68.74 27.18
CA ILE E 1701 -7.43 -69.77 26.44
C ILE E 1701 -8.47 -70.43 27.33
N GLN E 1702 -8.06 -70.85 28.53
CA GLN E 1702 -8.98 -71.52 29.45
C GLN E 1702 -10.09 -70.59 29.89
N CYS E 1703 -9.76 -69.32 30.14
CA CYS E 1703 -10.79 -68.37 30.56
C CYS E 1703 -11.82 -68.15 29.45
N ALA E 1704 -11.36 -68.06 28.19
CA ALA E 1704 -12.29 -67.92 27.08
C ALA E 1704 -13.15 -69.16 26.91
N ALA E 1705 -12.55 -70.35 27.08
CA ALA E 1705 -13.33 -71.58 27.01
C ALA E 1705 -14.38 -71.62 28.10
N LEU E 1706 -14.03 -71.17 29.31
CA LEU E 1706 -14.99 -71.13 30.40
C LEU E 1706 -16.11 -70.13 30.12
N MET E 1707 -15.79 -68.96 29.57
CA MET E 1707 -16.81 -68.04 29.08
C MET E 1707 -17.78 -68.70 28.13
N ILE E 1708 -17.26 -69.35 27.09
CA ILE E 1708 -18.11 -69.95 26.08
C ILE E 1708 -19.01 -71.02 26.71
N ALA E 1709 -18.40 -71.93 27.49
CA ALA E 1709 -19.17 -73.00 28.11
C ALA E 1709 -20.11 -72.49 29.20
N ASP E 1710 -19.88 -71.28 29.71
CA ASP E 1710 -20.71 -70.75 30.78
C ASP E 1710 -21.95 -70.05 30.24
N ILE E 1711 -21.77 -69.12 29.31
CA ILE E 1711 -22.92 -68.38 28.81
C ILE E 1711 -23.53 -69.04 27.58
N LYS E 1712 -22.70 -69.45 26.61
CA LYS E 1712 -23.24 -70.10 25.42
C LYS E 1712 -23.91 -71.42 25.77
N GLY E 1713 -23.25 -72.23 26.59
CA GLY E 1713 -23.79 -73.50 27.05
C GLY E 1713 -23.19 -74.72 26.38
N ASP E 1714 -22.49 -74.56 25.26
CA ASP E 1714 -21.86 -75.70 24.61
C ASP E 1714 -20.56 -76.07 25.34
N TYR E 1715 -19.98 -77.18 24.93
CA TYR E 1715 -18.73 -77.66 25.51
C TYR E 1715 -17.78 -78.11 24.41
N SER E 1716 -17.66 -77.29 23.36
CA SER E 1716 -16.80 -77.61 22.23
C SER E 1716 -15.38 -77.06 22.39
N VAL E 1717 -15.24 -75.82 22.87
CA VAL E 1717 -13.91 -75.24 23.00
C VAL E 1717 -13.12 -75.94 24.10
N LEU E 1718 -13.79 -76.27 25.21
CA LEU E 1718 -13.10 -76.96 26.30
C LEU E 1718 -12.60 -78.33 25.86
N GLN E 1719 -13.41 -79.05 25.07
CA GLN E 1719 -12.98 -80.36 24.58
C GLN E 1719 -11.77 -80.23 23.67
N LEU E 1720 -11.77 -79.22 22.80
CA LEU E 1720 -10.62 -79.01 21.91
C LEU E 1720 -9.37 -78.65 22.72
N GLN E 1721 -9.53 -77.81 23.75
CA GLN E 1721 -8.40 -77.47 24.60
C GLN E 1721 -7.85 -78.70 25.30
N ALA E 1722 -8.74 -79.58 25.79
CA ALA E 1722 -8.28 -80.81 26.40
C ALA E 1722 -7.56 -81.70 25.40
N ASN E 1723 -8.07 -81.76 24.17
CA ASN E 1723 -7.43 -82.57 23.14
C ASN E 1723 -6.03 -82.05 22.81
N ARG E 1724 -5.87 -80.73 22.72
CA ARG E 1724 -4.62 -80.17 22.21
C ARG E 1724 -3.56 -79.98 23.29
N ARG E 1725 -3.96 -79.59 24.51
CA ARG E 1725 -2.98 -79.26 25.54
C ARG E 1725 -3.37 -79.88 26.88
N ALA E 1726 -3.89 -81.10 26.83
CA ALA E 1726 -4.24 -81.83 28.06
C ALA E 1726 -4.39 -83.32 27.78
N HIS E 1852 -11.46 -87.38 20.46
CA HIS E 1852 -11.35 -87.62 21.89
C HIS E 1852 -12.58 -87.11 22.63
N LYS E 1853 -13.02 -87.85 23.64
CA LYS E 1853 -14.19 -87.50 24.43
C LYS E 1853 -13.82 -87.39 25.89
N PHE E 1854 -14.32 -86.34 26.54
CA PHE E 1854 -14.08 -86.10 27.95
C PHE E 1854 -15.35 -85.57 28.59
N MET E 1855 -15.44 -85.70 29.91
CA MET E 1855 -16.48 -85.09 30.70
C MET E 1855 -15.88 -84.05 31.63
N ILE E 1856 -16.64 -83.00 31.91
CA ILE E 1856 -16.15 -81.85 32.67
C ILE E 1856 -17.06 -81.64 33.86
N THR E 1857 -16.46 -81.52 35.04
CA THR E 1857 -17.18 -81.21 36.27
C THR E 1857 -16.97 -79.75 36.63
N ILE E 1858 -18.06 -79.05 36.91
CA ILE E 1858 -18.04 -77.62 37.18
C ILE E 1858 -18.15 -77.39 38.67
N LYS E 1859 -17.21 -76.63 39.22
CA LYS E 1859 -17.16 -76.38 40.66
C LYS E 1859 -17.07 -74.89 40.93
N ASP E 1860 -17.60 -74.49 42.09
CA ASP E 1860 -17.52 -73.11 42.58
C ASP E 1860 -18.13 -72.12 41.59
N ASP E 1861 -19.42 -72.35 41.30
CA ASP E 1861 -20.23 -71.46 40.47
C ASP E 1861 -19.74 -71.38 39.03
N GLY E 1862 -18.68 -72.11 38.70
CA GLY E 1862 -18.24 -72.20 37.33
C GLY E 1862 -16.99 -71.42 36.98
N LEU E 1863 -16.07 -71.28 37.93
CA LEU E 1863 -14.79 -70.64 37.65
C LEU E 1863 -13.63 -71.63 37.55
N ARG E 1864 -13.83 -72.88 37.97
CA ARG E 1864 -12.84 -73.93 37.81
C ARG E 1864 -13.51 -75.18 37.27
N ALA E 1865 -12.79 -75.91 36.44
CA ALA E 1865 -13.31 -77.12 35.81
C ALA E 1865 -12.27 -78.22 35.87
N ILE E 1866 -12.74 -79.46 35.99
CA ILE E 1866 -11.89 -80.64 36.04
C ILE E 1866 -12.39 -81.63 35.00
N ALA E 1867 -11.46 -82.18 34.20
CA ALA E 1867 -11.80 -83.12 33.15
C ALA E 1867 -10.82 -84.28 33.18
N GLN E 1868 -11.26 -85.41 32.61
CA GLN E 1868 -10.44 -86.62 32.55
C GLN E 1868 -10.92 -87.46 31.38
N HIS E 1869 -10.10 -88.44 31.00
CA HIS E 1869 -10.40 -89.25 29.82
C HIS E 1869 -11.67 -90.08 30.03
N ASP E 1870 -11.69 -90.91 31.06
CA ASP E 1870 -12.85 -91.73 31.37
C ASP E 1870 -13.12 -91.65 32.87
N GLU E 1871 -14.16 -92.38 33.31
CA GLU E 1871 -14.55 -92.34 34.72
C GLU E 1871 -13.45 -92.89 35.62
N ASP E 1872 -12.62 -93.79 35.09
CA ASP E 1872 -11.52 -94.37 35.86
C ASP E 1872 -10.25 -93.54 35.81
N SER E 1873 -10.21 -92.49 34.99
CA SER E 1873 -9.03 -91.64 34.91
C SER E 1873 -8.89 -90.81 36.17
N PRO E 1874 -7.66 -90.38 36.49
CA PRO E 1874 -7.48 -89.50 37.65
C PRO E 1874 -8.07 -88.12 37.38
N ARG E 1875 -8.42 -87.43 38.46
CA ARG E 1875 -9.01 -86.10 38.37
C ARG E 1875 -7.91 -85.05 38.25
N PHE E 1876 -7.99 -84.23 37.20
CA PHE E 1876 -7.01 -83.18 36.97
C PHE E 1876 -7.73 -81.87 36.69
N LEU E 1877 -7.14 -80.77 37.16
CA LEU E 1877 -7.73 -79.45 37.00
C LEU E 1877 -7.60 -79.02 35.54
N LEU E 1878 -8.69 -79.16 34.78
CA LEU E 1878 -8.64 -78.85 33.35
C LEU E 1878 -8.47 -77.35 33.12
N ALA E 1879 -9.26 -76.53 33.82
CA ALA E 1879 -9.22 -75.09 33.60
C ALA E 1879 -9.68 -74.38 34.86
N HIS E 1880 -9.26 -73.12 34.98
CA HIS E 1880 -9.65 -72.28 36.10
C HIS E 1880 -9.57 -70.82 35.67
N ALA E 1881 -10.42 -69.99 36.27
CA ALA E 1881 -10.48 -68.58 35.95
C ALA E 1881 -9.67 -67.69 36.89
N PHE E 1882 -9.04 -68.28 37.91
CA PHE E 1882 -8.26 -67.52 38.88
C PHE E 1882 -6.87 -67.19 38.34
N HIS E 1883 -6.85 -66.45 37.24
CA HIS E 1883 -5.64 -66.06 36.55
C HIS E 1883 -5.34 -64.58 36.80
N THR E 1884 -4.19 -64.14 36.32
CA THR E 1884 -3.76 -62.74 36.43
C THR E 1884 -3.57 -62.20 35.02
N ILE E 1885 -4.40 -61.24 34.65
CA ILE E 1885 -4.34 -60.61 33.33
C ILE E 1885 -4.12 -59.11 33.53
N ARG E 1886 -3.29 -58.53 32.67
CA ARG E 1886 -2.99 -57.11 32.67
C ARG E 1886 -3.44 -56.51 31.35
N ASP E 1887 -3.16 -55.21 31.19
CA ASP E 1887 -3.52 -54.46 29.99
C ASP E 1887 -5.01 -54.55 29.71
N ILE E 1888 -5.79 -53.99 30.63
CA ILE E 1888 -7.24 -53.91 30.51
C ILE E 1888 -7.62 -52.45 30.40
N ARG E 1889 -8.32 -52.10 29.31
CA ARG E 1889 -8.71 -50.71 29.06
C ARG E 1889 -10.12 -50.48 29.60
N TYR E 1890 -10.19 -50.27 30.91
CA TYR E 1890 -11.48 -49.98 31.54
C TYR E 1890 -12.08 -48.67 31.07
N GLN E 1891 -11.26 -47.75 30.57
CA GLN E 1891 -11.78 -46.47 30.11
C GLN E 1891 -12.50 -46.60 28.77
N ALA E 1892 -12.13 -47.58 27.97
CA ALA E 1892 -12.65 -47.71 26.61
C ALA E 1892 -14.06 -48.30 26.56
N VAL E 1893 -14.59 -48.77 27.67
CA VAL E 1893 -15.91 -49.38 27.70
C VAL E 1893 -16.96 -48.30 27.87
N ASP E 1894 -18.10 -48.49 27.22
CA ASP E 1894 -19.24 -47.60 27.35
C ASP E 1894 -20.51 -48.41 27.50
N ALA E 1895 -21.61 -47.73 27.82
CA ALA E 1895 -22.89 -48.37 28.05
C ALA E 1895 -23.83 -48.06 26.89
N VAL E 1896 -24.46 -49.11 26.34
CA VAL E 1896 -25.42 -48.96 25.26
C VAL E 1896 -26.83 -48.93 25.86
N SER E 1897 -27.01 -49.62 26.97
CA SER E 1897 -28.30 -49.61 27.64
C SER E 1897 -28.13 -49.40 29.13
N ASN E 1898 -29.22 -49.52 29.89
CA ASN E 1898 -29.14 -49.32 31.33
C ASN E 1898 -28.32 -50.42 31.98
N VAL E 1899 -27.45 -50.02 32.90
CA VAL E 1899 -26.62 -50.94 33.67
C VAL E 1899 -27.03 -50.84 35.13
N TRP E 1900 -27.31 -51.98 35.74
CA TRP E 1900 -27.86 -52.01 37.09
C TRP E 1900 -27.03 -52.91 37.99
N PHE E 1901 -26.99 -52.55 39.27
CA PHE E 1901 -26.37 -53.37 40.30
C PHE E 1901 -27.29 -53.41 41.51
N ILE E 1902 -27.39 -54.58 42.13
CA ILE E 1902 -28.25 -54.80 43.28
C ILE E 1902 -27.41 -55.35 44.41
N HIS E 1903 -27.44 -54.67 45.56
CA HIS E 1903 -26.70 -55.10 46.74
C HIS E 1903 -27.61 -54.95 47.95
N LYS E 1904 -27.89 -56.06 48.62
CA LYS E 1904 -28.72 -56.12 49.83
C LYS E 1904 -29.96 -55.24 49.70
N GLY E 1905 -30.52 -55.18 48.50
CA GLY E 1905 -31.80 -54.54 48.29
C GLY E 1905 -31.79 -53.09 47.86
N VAL E 1906 -30.63 -52.54 47.50
CA VAL E 1906 -30.56 -51.18 46.96
C VAL E 1906 -30.18 -51.27 45.49
N LYS E 1907 -30.88 -50.50 44.65
CA LYS E 1907 -30.65 -50.48 43.22
C LYS E 1907 -29.59 -49.43 42.89
N LEU E 1908 -28.62 -49.81 42.07
CA LEU E 1908 -27.52 -48.93 41.70
C LEU E 1908 -27.54 -48.69 40.20
N TYR E 1909 -27.44 -47.44 39.80
CA TYR E 1909 -27.41 -47.04 38.40
C TYR E 1909 -25.97 -46.71 38.03
N LEU E 1910 -25.29 -47.64 37.37
CA LEU E 1910 -23.86 -47.53 37.10
C LEU E 1910 -23.53 -46.76 35.84
N ASN E 1911 -24.54 -46.28 35.11
CA ASN E 1911 -24.26 -45.51 33.90
C ASN E 1911 -23.41 -44.27 34.17
N PRO E 1912 -23.65 -43.47 35.21
CA PRO E 1912 -22.73 -42.35 35.48
C PRO E 1912 -21.31 -42.79 35.72
N ILE E 1913 -21.10 -43.91 36.40
CA ILE E 1913 -19.75 -44.39 36.67
C ILE E 1913 -19.07 -44.82 35.37
N ILE E 1914 -19.79 -45.57 34.53
CA ILE E 1914 -19.22 -46.02 33.27
C ILE E 1914 -18.89 -44.84 32.37
N SER E 1915 -19.81 -43.89 32.26
CA SER E 1915 -19.59 -42.73 31.41
C SER E 1915 -18.48 -41.83 31.93
N SER E 1916 -18.15 -41.93 33.22
CA SER E 1916 -17.06 -41.14 33.81
C SER E 1916 -15.72 -41.87 33.75
N GLY E 1917 -15.67 -43.05 33.14
CA GLY E 1917 -14.42 -43.80 33.08
C GLY E 1917 -13.91 -44.22 34.43
N LEU E 1918 -14.81 -44.66 35.32
CA LEU E 1918 -14.45 -45.05 36.67
C LEU E 1918 -14.84 -46.48 36.99
N LEU E 1919 -15.07 -47.30 35.96
CA LEU E 1919 -15.52 -48.66 36.20
C LEU E 1919 -14.46 -49.48 36.93
N GLU E 1920 -13.18 -49.28 36.59
CA GLU E 1920 -12.12 -50.03 37.24
C GLU E 1920 -12.08 -49.74 38.73
N ASN E 1921 -12.17 -48.46 39.11
CA ASN E 1921 -12.05 -48.09 40.51
C ASN E 1921 -13.21 -48.65 41.32
N PHE E 1922 -14.43 -48.65 40.76
CA PHE E 1922 -15.55 -49.29 41.43
C PHE E 1922 -15.35 -50.79 41.53
N MET E 1923 -14.83 -51.40 40.47
CA MET E 1923 -14.70 -52.86 40.44
C MET E 1923 -13.60 -53.33 41.38
N LYS E 1924 -12.44 -52.67 41.35
CA LYS E 1924 -11.30 -53.04 42.16
C LYS E 1924 -11.26 -52.34 43.51
N ASN E 1925 -12.31 -51.58 43.85
CA ASN E 1925 -12.38 -50.83 45.10
C ASN E 1925 -11.23 -49.83 45.20
N LEU E 1926 -11.23 -48.86 44.28
CA LEU E 1926 -10.25 -47.80 44.28
C LEU E 1926 -10.93 -46.44 44.44
N PRO E 1927 -10.33 -45.51 45.19
CA PRO E 1927 -10.99 -44.22 45.44
C PRO E 1927 -11.04 -43.35 44.18
N ALA E 1928 -12.02 -42.46 44.16
CA ALA E 1928 -12.20 -41.50 43.09
C ALA E 1928 -13.12 -40.39 43.57
N ALA E 1929 -13.44 -39.45 42.67
CA ALA E 1929 -14.29 -38.31 43.01
C ALA E 1929 -15.40 -38.19 41.98
N ILE E 1930 -16.61 -37.92 42.47
CA ILE E 1930 -17.78 -37.73 41.61
C ILE E 1930 -18.56 -36.51 42.07
N PRO E 1931 -19.15 -35.73 41.15
CA PRO E 1931 -19.93 -34.58 41.58
C PRO E 1931 -21.20 -35.00 42.29
N PRO E 1932 -21.75 -34.16 43.16
CA PRO E 1932 -22.98 -34.54 43.88
C PRO E 1932 -24.15 -34.84 42.97
N ALA E 1933 -24.26 -34.15 41.82
CA ALA E 1933 -25.33 -34.45 40.89
C ALA E 1933 -25.21 -35.87 40.34
N ALA E 1934 -23.98 -36.28 40.00
CA ALA E 1934 -23.76 -37.65 39.54
C ALA E 1934 -24.11 -38.65 40.64
N TYR E 1935 -23.73 -38.35 41.88
CA TYR E 1935 -24.06 -39.24 42.98
C TYR E 1935 -25.58 -39.36 43.15
N SER E 1936 -26.29 -38.24 43.01
CA SER E 1936 -27.75 -38.30 43.09
C SER E 1936 -28.32 -39.16 41.97
N LEU E 1937 -27.81 -38.98 40.75
CA LEU E 1937 -28.26 -39.82 39.64
C LEU E 1937 -27.87 -41.27 39.78
N ILE E 1938 -26.89 -41.58 40.64
CA ILE E 1938 -26.48 -42.96 40.85
C ILE E 1938 -27.59 -43.78 41.48
N MET E 1939 -28.28 -43.23 42.49
CA MET E 1939 -29.23 -43.99 43.27
C MET E 1939 -30.63 -43.39 43.23
N ASN E 1940 -30.95 -42.62 42.19
CA ASN E 1940 -32.27 -42.01 42.10
C ASN E 1940 -32.96 -42.22 40.75
N ARG E 1941 -32.28 -42.78 39.74
CA ARG E 1941 -32.98 -43.12 38.51
C ARG E 1941 -34.02 -44.21 38.76
N ALA E 1942 -33.70 -45.20 39.60
CA ALA E 1942 -34.65 -46.19 40.06
C ALA E 1942 -35.09 -45.82 41.46
N LYS E 1943 -36.39 -45.58 41.65
CA LYS E 1943 -36.96 -45.13 42.90
C LYS E 1943 -36.36 -43.78 43.31
N ILE E 1944 -36.75 -43.27 44.48
CA ILE E 1944 -36.22 -42.02 45.00
C ILE E 1944 -35.70 -42.29 46.41
N SER E 1945 -34.47 -41.85 46.68
CA SER E 1945 -33.86 -41.97 47.99
C SER E 1945 -33.56 -40.58 48.53
N VAL E 1946 -34.08 -40.28 49.72
CA VAL E 1946 -33.95 -38.96 50.31
C VAL E 1946 -33.32 -39.09 51.69
N ASP E 1947 -32.60 -38.04 52.11
CA ASP E 1947 -31.94 -38.04 53.39
C ASP E 1947 -32.51 -36.96 54.29
N LEU E 1948 -33.84 -36.83 54.32
CA LEU E 1948 -34.51 -35.82 55.13
C LEU E 1948 -34.68 -36.24 56.58
N PHE E 1949 -34.11 -37.37 56.99
CA PHE E 1949 -34.28 -37.85 58.36
C PHE E 1949 -33.72 -36.86 59.37
N MET E 1950 -32.56 -36.28 59.08
CA MET E 1950 -31.92 -35.36 60.01
C MET E 1950 -32.78 -34.10 60.19
N PHE E 1951 -33.31 -33.56 59.09
CA PHE E 1951 -34.17 -32.39 59.21
C PHE E 1951 -35.42 -32.70 60.02
N ASN E 1952 -35.99 -33.90 59.83
CA ASN E 1952 -37.14 -34.29 60.63
C ASN E 1952 -36.77 -34.39 62.11
N ASP E 1953 -35.58 -34.92 62.42
CA ASP E 1953 -35.11 -34.94 63.79
C ASP E 1953 -35.01 -33.53 64.35
N LEU E 1954 -34.58 -32.59 63.52
CA LEU E 1954 -34.55 -31.19 63.95
C LEU E 1954 -35.95 -30.68 64.25
N LEU E 1955 -36.93 -31.05 63.41
CA LEU E 1955 -38.26 -30.49 63.52
C LEU E 1955 -38.93 -30.85 64.85
N LYS E 1956 -38.62 -32.01 65.42
CA LYS E 1956 -39.38 -32.46 66.58
C LYS E 1956 -39.05 -31.65 67.84
N LEU E 1957 -37.81 -31.19 67.98
CA LEU E 1957 -37.46 -30.43 69.19
C LEU E 1957 -38.21 -29.12 69.25
N ILE E 1958 -38.27 -28.39 68.13
CA ILE E 1958 -38.94 -27.10 68.12
C ILE E 1958 -40.45 -27.28 68.25
N ASN E 1959 -41.02 -28.23 67.50
CA ASN E 1959 -42.45 -28.52 67.55
C ASN E 1959 -42.68 -29.96 67.14
N PRO E 1960 -42.98 -30.84 68.10
CA PRO E 1960 -43.35 -32.21 67.74
C PRO E 1960 -44.72 -32.24 67.08
N ARG E 1961 -45.10 -33.44 66.63
CA ARG E 1961 -46.37 -33.71 65.98
C ARG E 1961 -46.54 -32.93 64.67
N ASN E 1962 -45.47 -32.30 64.18
CA ASN E 1962 -45.52 -31.58 62.91
C ASN E 1962 -44.41 -32.03 61.96
N THR E 1963 -43.68 -33.07 62.30
CA THR E 1963 -42.61 -33.56 61.44
C THR E 1963 -43.20 -34.30 60.23
N LEU E 1964 -42.38 -34.47 59.20
CA LEU E 1964 -42.80 -35.19 58.02
C LEU E 1964 -43.02 -36.66 58.35
N ASP E 1965 -44.14 -37.21 57.88
CA ASP E 1965 -44.44 -38.63 58.04
C ASP E 1965 -43.58 -39.41 57.05
N LEU E 1966 -42.35 -39.70 57.49
CA LEU E 1966 -41.38 -40.35 56.61
C LEU E 1966 -41.86 -41.74 56.20
N SER E 1967 -42.38 -42.52 57.15
CA SER E 1967 -42.87 -43.86 56.89
C SER E 1967 -41.77 -44.72 56.26
N GLY E 1968 -41.77 -44.80 54.93
CA GLY E 1968 -40.74 -45.55 54.25
C GLY E 1968 -39.37 -44.91 54.39
N LEU E 1969 -38.34 -45.75 54.30
CA LEU E 1969 -36.97 -45.29 54.42
C LEU E 1969 -36.26 -45.29 53.07
N GLU E 2056 -19.25 -54.33 48.95
CA GLU E 2056 -19.72 -53.20 49.77
C GLU E 2056 -19.74 -51.91 48.94
N PRO E 2057 -20.68 -51.81 48.00
CA PRO E 2057 -20.69 -50.65 47.11
C PRO E 2057 -21.47 -49.46 47.65
N VAL E 2058 -22.41 -49.72 48.56
CA VAL E 2058 -23.30 -48.67 49.04
C VAL E 2058 -22.49 -47.56 49.70
N ARG E 2059 -21.55 -47.92 50.57
CA ARG E 2059 -20.67 -46.94 51.16
C ARG E 2059 -19.59 -46.47 50.20
N LEU E 2060 -19.20 -47.29 49.22
CA LEU E 2060 -18.19 -46.89 48.26
C LEU E 2060 -18.65 -45.68 47.45
N ILE E 2061 -19.89 -45.73 46.94
CA ILE E 2061 -20.38 -44.61 46.13
C ILE E 2061 -20.50 -43.34 46.97
N LYS E 2062 -20.96 -43.48 48.21
CA LYS E 2062 -21.09 -42.31 49.08
C LYS E 2062 -19.73 -41.71 49.39
N SER E 2063 -18.72 -42.56 49.65
CA SER E 2063 -17.38 -42.05 49.88
C SER E 2063 -16.76 -41.46 48.63
N TRP E 2064 -17.24 -41.85 47.45
CA TRP E 2064 -16.74 -41.28 46.21
C TRP E 2064 -17.16 -39.81 46.03
N VAL E 2065 -18.14 -39.34 46.79
CA VAL E 2065 -18.64 -37.98 46.62
C VAL E 2065 -17.61 -37.00 47.14
N SER E 2066 -17.25 -36.03 46.31
CA SER E 2066 -16.32 -34.97 46.68
C SER E 2066 -17.01 -33.63 46.57
N ARG E 2067 -16.56 -32.68 47.39
CA ARG E 2067 -17.14 -31.34 47.39
C ARG E 2067 -16.95 -30.67 46.04
N GLY E 2068 -15.69 -30.42 45.67
CA GLY E 2068 -15.34 -29.94 44.35
C GLY E 2068 -16.14 -28.76 43.84
N LEU E 2069 -16.86 -28.97 42.74
CA LEU E 2069 -17.63 -27.89 42.12
C LEU E 2069 -18.78 -27.42 43.01
N SER E 2070 -19.30 -28.30 43.87
CA SER E 2070 -20.42 -27.95 44.73
C SER E 2070 -20.03 -26.80 45.66
N ILE E 2071 -20.91 -25.80 45.74
CA ILE E 2071 -20.64 -24.60 46.52
C ILE E 2071 -20.79 -24.91 48.00
N GLU E 2072 -19.82 -24.49 48.80
CA GLU E 2072 -19.91 -24.62 50.25
C GLU E 2072 -20.86 -23.57 50.82
N LYS E 2073 -21.57 -23.95 51.87
CA LYS E 2073 -22.54 -23.08 52.52
C LYS E 2073 -22.04 -22.63 53.87
N VAL E 2074 -22.34 -21.38 54.22
CA VAL E 2074 -21.96 -20.80 55.50
C VAL E 2074 -23.20 -20.82 56.38
N TYR E 2075 -23.24 -21.75 57.33
CA TYR E 2075 -24.42 -21.93 58.17
C TYR E 2075 -24.42 -20.95 59.34
N SER E 2076 -25.61 -20.51 59.71
CA SER E 2076 -25.82 -19.67 60.90
C SER E 2076 -26.80 -20.37 61.83
N PRO E 2077 -26.34 -20.94 62.95
CA PRO E 2077 -27.25 -21.79 63.75
C PRO E 2077 -28.50 -21.08 64.25
N VAL E 2078 -28.37 -19.82 64.67
CA VAL E 2078 -29.55 -19.12 65.17
C VAL E 2078 -30.53 -18.83 64.05
N ASN E 2079 -30.03 -18.43 62.88
CA ASN E 2079 -30.90 -18.27 61.73
C ASN E 2079 -31.49 -19.61 61.30
N ILE E 2080 -30.73 -20.69 61.39
CA ILE E 2080 -31.24 -22.00 61.03
C ILE E 2080 -32.43 -22.37 61.92
N ILE E 2081 -32.26 -22.20 63.24
CA ILE E 2081 -33.34 -22.58 64.13
C ILE E 2081 -34.54 -21.64 63.97
N LEU E 2082 -34.29 -20.35 63.73
CA LEU E 2082 -35.39 -19.41 63.51
C LEU E 2082 -36.19 -19.80 62.26
N MET E 2083 -35.48 -20.09 61.16
CA MET E 2083 -36.18 -20.44 59.93
C MET E 2083 -36.93 -21.76 60.07
N SER E 2084 -36.31 -22.75 60.73
CA SER E 2084 -36.98 -24.03 60.92
C SER E 2084 -38.24 -23.86 61.75
N ARG E 2085 -38.17 -23.05 62.80
CA ARG E 2085 -39.40 -22.79 63.60
C ARG E 2085 -40.42 -22.15 62.67
N TYR E 2086 -40.01 -21.16 61.88
CA TYR E 2086 -40.95 -20.44 61.03
C TYR E 2086 -41.69 -21.41 60.11
N ILE E 2087 -40.95 -22.28 59.43
CA ILE E 2087 -41.60 -23.26 58.55
C ILE E 2087 -42.49 -24.20 59.35
N SER E 2088 -42.05 -24.62 60.54
CA SER E 2088 -42.86 -25.52 61.35
C SER E 2088 -44.18 -24.88 61.75
N LYS E 2089 -44.13 -23.62 62.15
CA LYS E 2089 -45.36 -22.94 62.57
C LYS E 2089 -46.30 -22.70 61.40
N THR E 2090 -45.77 -22.21 60.28
CA THR E 2090 -46.66 -21.75 59.21
C THR E 2090 -47.33 -22.91 58.48
N PHE E 2091 -46.58 -23.94 58.13
CA PHE E 2091 -47.08 -24.99 57.26
C PHE E 2091 -47.37 -26.26 58.07
N ASN E 2092 -48.41 -26.98 57.65
CA ASN E 2092 -48.78 -28.25 58.28
C ASN E 2092 -48.05 -29.36 57.53
N LEU E 2093 -46.93 -29.82 58.10
CA LEU E 2093 -46.09 -30.82 57.44
C LEU E 2093 -46.53 -32.24 57.72
N SER E 2094 -47.46 -32.47 58.65
CA SER E 2094 -47.89 -33.80 59.05
C SER E 2094 -49.18 -34.24 58.38
N THR E 2095 -49.42 -33.79 57.14
CA THR E 2095 -50.64 -34.15 56.42
C THR E 2095 -50.34 -35.02 55.20
N LYS E 2096 -49.47 -34.57 54.31
CA LYS E 2096 -49.16 -35.31 53.10
C LYS E 2096 -47.97 -36.23 53.36
N GLN E 2097 -48.09 -37.48 52.91
CA GLN E 2097 -47.01 -38.44 53.09
C GLN E 2097 -45.88 -38.14 52.12
N VAL E 2098 -44.65 -38.09 52.63
CA VAL E 2098 -43.51 -37.78 51.79
C VAL E 2098 -43.24 -38.88 50.78
N SER E 2099 -43.81 -40.07 50.98
CA SER E 2099 -43.54 -41.18 50.07
C SER E 2099 -44.03 -40.87 48.66
N LEU E 2100 -45.22 -40.31 48.53
CA LEU E 2100 -45.80 -40.03 47.22
C LEU E 2100 -45.66 -38.57 46.81
N LEU E 2101 -44.91 -37.78 47.57
CA LEU E 2101 -44.66 -36.40 47.15
C LEU E 2101 -43.79 -36.39 45.90
N ASP E 2102 -43.91 -35.31 45.14
CA ASP E 2102 -43.26 -35.23 43.84
C ASP E 2102 -41.75 -35.31 43.99
N PRO E 2103 -41.08 -36.24 43.32
CA PRO E 2103 -39.61 -36.28 43.36
C PRO E 2103 -38.96 -35.06 42.74
N TYR E 2104 -39.70 -34.27 41.97
CA TYR E 2104 -39.15 -33.06 41.39
C TYR E 2104 -38.65 -32.11 42.47
N ASP E 2105 -39.40 -31.97 43.55
CA ASP E 2105 -39.19 -30.94 44.56
C ASP E 2105 -38.47 -31.43 45.81
N LEU E 2106 -38.54 -32.72 46.10
CA LEU E 2106 -37.87 -33.23 47.30
C LEU E 2106 -36.36 -33.09 47.18
N THR E 2107 -35.81 -33.27 45.98
CA THR E 2107 -34.38 -33.05 45.79
C THR E 2107 -33.99 -31.61 46.07
N GLU E 2108 -34.80 -30.66 45.59
CA GLU E 2108 -34.52 -29.26 45.85
C GLU E 2108 -34.65 -28.94 47.33
N LEU E 2109 -35.64 -29.54 48.01
CA LEU E 2109 -35.78 -29.33 49.44
C LEU E 2109 -34.56 -29.86 50.19
N GLU E 2110 -34.08 -31.05 49.81
CA GLU E 2110 -32.87 -31.58 50.41
C GLU E 2110 -31.69 -30.65 50.19
N SER E 2111 -31.55 -30.13 48.95
CA SER E 2111 -30.45 -29.23 48.65
C SER E 2111 -30.52 -27.98 49.51
N ILE E 2112 -31.72 -27.41 49.68
CA ILE E 2112 -31.85 -26.22 50.51
C ILE E 2112 -31.53 -26.52 51.96
N VAL E 2113 -32.00 -27.64 52.49
CA VAL E 2113 -31.89 -27.90 53.92
C VAL E 2113 -30.73 -28.85 54.26
N ARG E 2114 -29.91 -29.21 53.29
CA ARG E 2114 -28.76 -30.07 53.58
C ARG E 2114 -27.81 -29.38 54.54
N GLY E 2115 -27.36 -30.13 55.55
CA GLY E 2115 -26.41 -29.60 56.51
C GLY E 2115 -26.98 -28.61 57.49
N TRP E 2116 -28.31 -28.49 57.58
CA TRP E 2116 -28.91 -27.47 58.43
C TRP E 2116 -28.84 -27.84 59.90
N GLY E 2117 -29.49 -28.93 60.29
CA GLY E 2117 -29.59 -29.27 61.69
C GLY E 2117 -28.40 -29.99 62.27
N GLU E 2118 -27.41 -30.33 61.44
CA GLU E 2118 -26.22 -30.99 61.94
C GLU E 2118 -25.51 -30.16 63.01
N CYS E 2119 -25.65 -28.84 62.95
CA CYS E 2119 -24.96 -27.95 63.87
C CYS E 2119 -25.84 -27.46 65.02
N VAL E 2120 -27.08 -27.96 65.11
CA VAL E 2120 -27.99 -27.48 66.15
C VAL E 2120 -28.55 -28.65 66.94
N ILE E 2121 -28.34 -29.87 66.46
CA ILE E 2121 -28.89 -31.04 67.15
C ILE E 2121 -28.26 -31.20 68.53
N ASP E 2122 -26.94 -31.13 68.60
CA ASP E 2122 -26.26 -31.28 69.88
C ASP E 2122 -26.44 -30.06 70.76
N GLN E 2123 -26.28 -28.86 70.21
CA GLN E 2123 -26.52 -27.62 70.94
C GLN E 2123 -27.81 -27.02 70.41
N PHE E 2124 -28.90 -27.25 71.13
CA PHE E 2124 -30.22 -26.77 70.73
C PHE E 2124 -30.79 -25.77 71.73
N GLU E 2125 -30.85 -26.14 73.01
CA GLU E 2125 -31.51 -25.29 74.00
C GLU E 2125 -30.80 -23.95 74.14
N SER E 2126 -29.47 -23.94 74.13
CA SER E 2126 -28.74 -22.69 74.20
C SER E 2126 -29.08 -21.79 73.01
N LEU E 2127 -29.01 -22.35 71.80
CA LEU E 2127 -29.35 -21.56 70.61
C LEU E 2127 -30.84 -21.27 70.54
N ASP E 2128 -31.68 -22.14 71.11
CA ASP E 2128 -33.11 -21.84 71.14
C ASP E 2128 -33.38 -20.60 71.99
N ARG E 2129 -32.78 -20.53 73.18
CA ARG E 2129 -32.90 -19.34 74.01
C ARG E 2129 -32.26 -18.14 73.32
N GLU E 2130 -31.16 -18.39 72.60
CA GLU E 2130 -30.49 -17.34 71.85
C GLU E 2130 -31.45 -16.71 70.85
N ALA E 2131 -32.07 -17.53 70.00
CA ALA E 2131 -33.00 -17.02 69.00
C ALA E 2131 -34.22 -16.37 69.64
N GLN E 2132 -34.74 -16.97 70.72
CA GLN E 2132 -35.89 -16.39 71.39
C GLN E 2132 -35.57 -15.00 71.94
N ASN E 2133 -34.38 -14.83 72.50
CA ASN E 2133 -34.01 -13.53 73.01
C ASN E 2133 -33.80 -12.51 71.90
N MET E 2134 -33.11 -12.88 70.81
CA MET E 2134 -33.00 -11.94 69.68
C MET E 2134 -34.35 -11.61 69.04
N VAL E 2135 -35.34 -12.49 69.14
CA VAL E 2135 -36.62 -12.13 68.55
C VAL E 2135 -37.44 -11.27 69.50
N VAL E 2136 -37.33 -11.50 70.81
CA VAL E 2136 -38.13 -10.71 71.75
C VAL E 2136 -37.55 -9.31 71.94
N ASN E 2137 -36.21 -9.21 72.07
CA ASN E 2137 -35.62 -7.91 72.39
C ASN E 2137 -35.81 -6.92 71.24
N LYS E 2138 -35.59 -7.36 70.01
CA LYS E 2138 -35.84 -6.54 68.84
C LYS E 2138 -36.56 -7.38 67.79
N GLY E 2139 -37.70 -6.88 67.32
CA GLY E 2139 -38.47 -7.62 66.33
C GLY E 2139 -37.69 -7.78 65.03
N ILE E 2140 -37.67 -9.02 64.53
CA ILE E 2140 -37.01 -9.35 63.27
C ILE E 2140 -38.04 -10.01 62.37
N CYS E 2141 -38.28 -9.41 61.20
CA CYS E 2141 -39.22 -10.00 60.26
C CYS E 2141 -38.69 -11.34 59.75
N PRO E 2142 -39.55 -12.33 59.56
CA PRO E 2142 -39.06 -13.65 59.14
C PRO E 2142 -38.75 -13.71 57.66
N GLU E 2143 -38.07 -12.67 57.16
CA GLU E 2143 -37.63 -12.64 55.74
C GLU E 2143 -36.14 -12.29 55.70
N ASP E 2144 -35.68 -11.41 56.60
CA ASP E 2144 -34.28 -11.01 56.62
C ASP E 2144 -33.40 -12.02 57.33
N VAL E 2145 -33.98 -13.09 57.86
CA VAL E 2145 -33.21 -14.16 58.50
C VAL E 2145 -32.67 -15.08 57.42
N ILE E 2146 -31.35 -15.16 57.33
CA ILE E 2146 -30.69 -15.95 56.29
C ILE E 2146 -29.99 -17.14 56.93
N PRO E 2147 -30.59 -18.34 56.87
CA PRO E 2147 -29.94 -19.51 57.48
C PRO E 2147 -28.57 -19.82 56.91
N ASP E 2148 -28.39 -19.64 55.61
CA ASP E 2148 -27.09 -19.84 54.98
C ASP E 2148 -27.02 -19.03 53.70
N SER E 2149 -25.80 -18.79 53.23
CA SER E 2149 -25.60 -17.90 52.09
C SER E 2149 -26.24 -18.43 50.81
N LEU E 2150 -26.50 -19.72 50.73
CA LEU E 2150 -27.13 -20.32 49.56
C LEU E 2150 -28.64 -20.47 49.72
N PHE E 2151 -29.25 -19.69 50.60
CA PHE E 2151 -30.68 -19.76 50.86
C PHE E 2151 -31.38 -18.58 50.21
N SER E 2152 -32.41 -18.86 49.42
CA SER E 2152 -33.24 -17.84 48.80
C SER E 2152 -34.64 -17.93 49.37
N PHE E 2153 -35.16 -16.81 49.84
CA PHE E 2153 -36.46 -16.80 50.52
C PHE E 2153 -37.54 -17.13 49.49
N ARG E 2154 -37.57 -16.37 48.39
CA ARG E 2154 -38.62 -16.57 47.36
C ARG E 2154 -38.71 -18.06 47.01
N HIS E 2155 -37.62 -18.61 46.45
CA HIS E 2155 -37.64 -20.00 46.02
C HIS E 2155 -38.04 -21.03 47.07
N THR E 2156 -37.53 -20.89 48.28
CA THR E 2156 -37.86 -21.83 49.34
C THR E 2156 -39.35 -21.80 49.66
N MET E 2157 -39.92 -20.60 49.76
CA MET E 2157 -41.34 -20.52 50.10
C MET E 2157 -42.25 -21.02 48.99
N VAL E 2158 -41.92 -20.76 47.71
CA VAL E 2158 -42.76 -21.31 46.66
C VAL E 2158 -42.61 -22.83 46.60
N LEU E 2159 -41.40 -23.35 46.83
CA LEU E 2159 -41.22 -24.81 46.84
C LEU E 2159 -42.02 -25.45 47.95
N LEU E 2160 -42.00 -24.86 49.15
CA LEU E 2160 -42.75 -25.42 50.27
C LEU E 2160 -44.27 -25.39 50.14
N ARG E 2161 -44.80 -24.31 49.55
CA ARG E 2161 -46.27 -24.22 49.35
C ARG E 2161 -46.69 -25.23 48.29
N ARG E 2162 -45.88 -25.38 47.23
CA ARG E 2162 -46.21 -26.31 46.16
C ARG E 2162 -46.17 -27.70 46.76
N LEU E 2163 -45.17 -27.98 47.61
CA LEU E 2163 -45.05 -29.30 48.21
C LEU E 2163 -46.19 -29.59 49.17
N PHE E 2164 -46.54 -28.63 50.03
CA PHE E 2164 -47.61 -28.81 51.01
C PHE E 2164 -48.71 -27.79 50.75
N PRO E 2165 -49.79 -28.17 50.08
CA PRO E 2165 -50.88 -27.22 49.83
C PRO E 2165 -51.54 -26.76 51.12
N GLN E 2166 -52.04 -25.53 51.11
CA GLN E 2166 -52.69 -24.94 52.26
C GLN E 2166 -53.92 -24.16 51.80
N ASP E 2167 -54.80 -23.89 52.76
CA ASP E 2167 -56.03 -23.15 52.47
C ASP E 2167 -55.75 -21.65 52.38
N SER E 2168 -56.31 -21.01 51.35
CA SER E 2168 -56.12 -19.59 51.14
C SER E 2168 -57.21 -18.73 51.77
N ILE E 2169 -58.35 -19.32 52.13
CA ILE E 2169 -59.42 -18.55 52.75
C ILE E 2169 -58.97 -18.01 54.10
N SER E 2170 -58.20 -18.79 54.84
CA SER E 2170 -57.68 -18.31 56.13
C SER E 2170 -56.76 -17.11 55.93
N SER E 2171 -55.91 -17.16 54.90
CA SER E 2171 -55.01 -16.04 54.63
C SER E 2171 -55.74 -14.82 54.07
N PHE E 2172 -56.89 -15.02 53.42
CA PHE E 2172 -57.62 -13.91 52.83
C PHE E 2172 -58.87 -13.50 53.59
N TYR E 2173 -59.48 -14.41 54.35
CA TYR E 2173 -60.68 -14.09 55.11
C TYR E 2173 -60.50 -14.45 56.58
N MET F 23 42.73 -108.17 -26.79
CA MET F 23 42.21 -109.06 -25.76
C MET F 23 40.69 -109.09 -25.78
N ASP F 24 40.10 -109.60 -24.69
CA ASP F 24 38.65 -109.62 -24.57
C ASP F 24 38.09 -108.20 -24.56
N LYS F 25 38.79 -107.28 -23.90
CA LYS F 25 38.39 -105.87 -23.94
C LYS F 25 38.40 -105.35 -25.36
N TYR F 26 39.42 -105.71 -26.15
CA TYR F 26 39.46 -105.32 -27.54
C TYR F 26 38.28 -105.90 -28.32
N ARG F 27 37.94 -107.16 -28.04
CA ARG F 27 36.80 -107.78 -28.71
C ARG F 27 35.52 -107.01 -28.40
N GLU F 28 35.30 -106.68 -27.13
CA GLU F 28 34.10 -105.93 -26.75
C GLU F 28 34.08 -104.56 -27.40
N ILE F 29 35.24 -103.88 -27.42
CA ILE F 29 35.30 -102.55 -28.03
C ILE F 29 35.00 -102.63 -29.51
N HIS F 30 35.57 -103.61 -30.20
CA HIS F 30 35.33 -103.76 -31.64
C HIS F 30 33.87 -104.07 -31.91
N ASN F 31 33.26 -104.93 -31.10
CA ASN F 31 31.84 -105.22 -31.27
C ASN F 31 30.99 -103.98 -31.05
N LYS F 32 31.34 -103.18 -30.05
CA LYS F 32 30.58 -101.96 -29.77
C LYS F 32 30.76 -100.91 -30.87
N LEU F 33 31.93 -100.89 -31.51
CA LEU F 33 32.23 -99.84 -32.47
C LEU F 33 31.83 -100.19 -33.90
N LYS F 34 31.83 -101.48 -34.25
CA LYS F 34 31.49 -101.88 -35.62
C LYS F 34 30.04 -101.62 -35.97
N GLU F 35 29.18 -101.33 -35.01
CA GLU F 35 27.77 -101.07 -35.25
C GLU F 35 27.44 -99.58 -35.28
N PHE F 36 28.45 -98.72 -35.35
CA PHE F 36 28.25 -97.28 -35.37
C PHE F 36 28.49 -96.73 -36.77
N SER F 37 27.54 -95.92 -37.25
CA SER F 37 27.69 -95.31 -38.55
C SER F 37 28.80 -94.26 -38.53
N PRO F 38 29.44 -94.00 -39.66
CA PRO F 38 30.52 -92.99 -39.69
C PRO F 38 30.00 -91.60 -39.35
N GLY F 39 30.83 -90.84 -38.64
CA GLY F 39 30.50 -89.46 -38.33
C GLY F 39 29.25 -89.28 -37.51
N THR F 40 29.04 -90.14 -36.51
CA THR F 40 27.81 -90.09 -35.72
C THR F 40 28.09 -90.29 -34.24
N LEU F 41 29.25 -89.83 -33.76
CA LEU F 41 29.62 -89.96 -32.35
C LEU F 41 29.87 -88.59 -31.77
N THR F 42 29.21 -88.30 -30.65
CA THR F 42 29.38 -87.03 -29.95
C THR F 42 30.71 -87.03 -29.20
N ALA F 43 31.07 -85.86 -28.69
CA ALA F 43 32.43 -85.65 -28.18
C ALA F 43 32.75 -86.53 -26.97
N VAL F 44 31.80 -86.66 -26.05
CA VAL F 44 32.10 -87.31 -24.77
C VAL F 44 32.36 -88.81 -24.96
N GLU F 45 31.51 -89.49 -25.74
CA GLU F 45 31.76 -90.90 -26.01
C GLU F 45 33.03 -91.08 -26.81
N CYS F 46 33.32 -90.15 -27.72
CA CYS F 46 34.57 -90.20 -28.46
C CYS F 46 35.76 -90.18 -27.50
N ILE F 47 35.80 -89.21 -26.61
CA ILE F 47 36.99 -89.03 -25.77
C ILE F 47 37.13 -90.16 -24.76
N ASP F 48 36.02 -90.60 -24.15
CA ASP F 48 36.17 -91.69 -23.20
C ASP F 48 36.45 -93.02 -23.91
N TYR F 49 36.03 -93.16 -25.17
CA TYR F 49 36.43 -94.33 -25.95
C TYR F 49 37.93 -94.30 -26.25
N LEU F 50 38.46 -93.13 -26.61
CA LEU F 50 39.91 -93.04 -26.79
C LEU F 50 40.64 -93.40 -25.52
N ASP F 51 40.13 -92.93 -24.37
CA ASP F 51 40.73 -93.29 -23.10
C ASP F 51 40.70 -94.81 -22.89
N ARG F 52 39.57 -95.44 -23.25
CA ARG F 52 39.47 -96.89 -23.11
C ARG F 52 40.48 -97.60 -24.00
N LEU F 53 40.67 -97.11 -25.23
CA LEU F 53 41.65 -97.75 -26.12
C LEU F 53 43.07 -97.56 -25.60
N TYR F 54 43.38 -96.38 -25.06
CA TYR F 54 44.70 -96.19 -24.45
C TYR F 54 44.90 -97.13 -23.27
N ALA F 55 43.87 -97.30 -22.45
CA ALA F 55 43.96 -98.24 -21.34
C ALA F 55 44.15 -99.67 -21.84
N VAL F 56 43.46 -100.04 -22.92
CA VAL F 56 43.60 -101.37 -23.47
C VAL F 56 45.01 -101.60 -23.99
N ARG F 57 45.58 -100.62 -24.68
CA ARG F 57 46.94 -100.75 -25.18
C ARG F 57 47.93 -100.87 -24.02
N HIS F 58 47.76 -100.05 -22.98
CA HIS F 58 48.64 -100.16 -21.82
C HIS F 58 48.49 -101.53 -21.15
N ASP F 59 47.26 -102.04 -21.08
CA ASP F 59 47.01 -103.33 -20.46
C ASP F 59 47.65 -104.47 -21.25
N ILE F 60 47.56 -104.43 -22.58
CA ILE F 60 48.15 -105.50 -23.37
C ILE F 60 49.69 -105.43 -23.31
N VAL F 61 50.25 -104.22 -23.26
CA VAL F 61 51.70 -104.12 -23.08
C VAL F 61 52.10 -104.65 -21.70
N ASP F 62 51.29 -104.36 -20.68
CA ASP F 62 51.55 -104.89 -19.34
C ASP F 62 51.47 -106.40 -19.32
N GLN F 63 50.51 -106.96 -20.06
CA GLN F 63 50.43 -108.42 -20.17
C GLN F 63 51.65 -108.99 -20.89
N MET F 64 52.15 -108.27 -21.90
CA MET F 64 53.35 -108.71 -22.59
C MET F 64 54.54 -108.76 -21.64
N ILE F 65 54.75 -107.70 -20.87
CA ILE F 65 55.89 -107.71 -19.95
C ILE F 65 55.66 -108.70 -18.81
N LYS F 66 54.39 -108.91 -18.43
CA LYS F 66 54.05 -109.93 -17.44
C LYS F 66 54.46 -111.32 -17.91
N HIS F 67 54.16 -111.64 -19.17
CA HIS F 67 54.57 -112.91 -19.74
C HIS F 67 56.08 -112.99 -19.91
N ASP F 68 56.71 -111.87 -20.25
CA ASP F 68 58.16 -111.85 -20.41
C ASP F 68 58.87 -112.15 -19.09
N TRP F 69 58.41 -111.54 -18.01
CA TRP F 69 58.99 -111.78 -16.69
C TRP F 69 58.35 -112.96 -15.96
N SER F 70 57.24 -113.49 -16.47
CA SER F 70 56.53 -114.60 -15.85
C SER F 70 56.17 -114.31 -14.40
N ASP F 71 55.88 -113.04 -14.10
CA ASP F 71 55.50 -112.62 -12.76
C ASP F 71 53.98 -112.53 -12.72
N ASN F 72 53.35 -113.52 -12.09
CA ASN F 72 51.89 -113.59 -12.05
C ASN F 72 51.33 -112.64 -11.00
N LYS F 73 51.67 -111.36 -11.09
CA LYS F 73 51.15 -110.34 -10.19
C LYS F 73 50.07 -109.56 -10.96
N ASP F 74 48.86 -110.13 -10.96
CA ASP F 74 47.76 -109.54 -11.72
C ASP F 74 47.37 -108.18 -11.16
N SER F 75 47.33 -108.05 -9.84
CA SER F 75 46.97 -106.81 -9.18
C SER F 75 48.23 -106.04 -8.80
N GLU F 76 48.30 -104.77 -9.18
CA GLU F 76 49.44 -103.93 -8.84
C GLU F 76 49.48 -103.70 -7.34
N GLU F 77 50.69 -103.72 -6.78
CA GLU F 77 50.90 -103.56 -5.35
C GLU F 77 51.68 -102.28 -5.08
N ALA F 78 51.41 -101.68 -3.92
CA ALA F 78 52.08 -100.45 -3.53
C ALA F 78 53.55 -100.70 -3.23
N ILE F 79 54.32 -99.61 -3.23
CA ILE F 79 55.75 -99.71 -2.96
C ILE F 79 55.98 -100.27 -1.56
N GLY F 80 55.20 -99.79 -0.58
CA GLY F 80 55.27 -100.38 0.75
C GLY F 80 54.92 -101.85 0.76
N LYS F 81 53.91 -102.23 -0.04
CA LYS F 81 53.54 -103.63 -0.13
C LYS F 81 54.67 -104.45 -0.76
N VAL F 82 55.32 -103.90 -1.78
CA VAL F 82 56.45 -104.60 -2.40
C VAL F 82 57.59 -104.78 -1.40
N LEU F 83 57.88 -103.74 -0.62
CA LEU F 83 58.91 -103.84 0.41
C LEU F 83 58.54 -104.88 1.46
N LEU F 84 57.26 -104.93 1.84
CA LEU F 84 56.80 -105.96 2.78
C LEU F 84 57.01 -107.34 2.19
N PHE F 85 56.72 -107.52 0.90
CA PHE F 85 57.00 -108.78 0.24
C PHE F 85 58.49 -109.06 0.15
N ALA F 86 59.34 -108.04 0.27
CA ALA F 86 60.78 -108.20 0.24
C ALA F 86 61.38 -108.40 1.63
N GLY F 87 60.55 -108.49 2.67
CA GLY F 87 61.03 -108.69 4.01
C GLY F 87 61.41 -107.44 4.76
N VAL F 88 61.14 -106.25 4.21
CA VAL F 88 61.47 -105.01 4.90
C VAL F 88 60.58 -104.86 6.13
N PRO F 89 61.13 -104.61 7.31
CA PRO F 89 60.30 -104.45 8.50
C PRO F 89 59.36 -103.25 8.38
N SER F 90 58.20 -103.37 9.01
CA SER F 90 57.18 -102.33 8.90
C SER F 90 57.51 -101.10 9.74
N ASN F 91 58.26 -101.27 10.83
CA ASN F 91 58.55 -100.15 11.72
C ASN F 91 59.40 -99.09 11.02
N ILE F 92 60.43 -99.51 10.29
CA ILE F 92 61.29 -98.54 9.61
C ILE F 92 60.53 -97.85 8.48
N ILE F 93 59.66 -98.59 7.78
CA ILE F 93 58.84 -97.98 6.74
C ILE F 93 57.91 -96.93 7.34
N THR F 94 57.29 -97.26 8.48
CA THR F 94 56.40 -96.30 9.13
C THR F 94 57.17 -95.06 9.58
N ALA F 95 58.37 -95.26 10.11
CA ALA F 95 59.20 -94.12 10.51
C ALA F 95 59.57 -93.26 9.30
N LEU F 96 59.91 -93.89 8.18
CA LEU F 96 60.25 -93.16 6.96
C LEU F 96 59.05 -92.48 6.34
N GLU F 97 57.84 -92.95 6.64
CA GLU F 97 56.64 -92.33 6.09
C GLU F 97 56.54 -90.86 6.49
N LYS F 98 57.02 -90.51 7.69
CA LYS F 98 56.99 -89.12 8.13
C LYS F 98 57.98 -88.25 7.37
N LYS F 99 58.97 -88.85 6.73
CA LYS F 99 59.95 -88.07 5.98
C LYS F 99 59.32 -87.47 4.72
N ILE F 100 59.86 -86.34 4.30
CA ILE F 100 59.37 -85.60 3.14
C ILE F 100 60.50 -85.54 2.12
N ILE F 101 60.17 -85.79 0.85
CA ILE F 101 61.15 -85.71 -0.22
C ILE F 101 61.53 -84.25 -0.42
N PRO F 102 62.81 -83.88 -0.25
CA PRO F 102 63.19 -82.47 -0.42
C PRO F 102 63.38 -82.06 -1.86
N ASN F 103 63.66 -82.99 -2.77
CA ASN F 103 63.85 -82.69 -4.17
C ASN F 103 62.56 -82.81 -4.98
N HIS F 104 61.45 -83.16 -4.35
CA HIS F 104 60.18 -83.24 -5.05
C HIS F 104 59.75 -81.85 -5.51
N PRO F 105 59.40 -81.67 -6.78
CA PRO F 105 58.95 -80.34 -7.23
C PRO F 105 57.71 -79.84 -6.49
N THR F 106 56.81 -80.74 -6.11
CA THR F 106 55.65 -80.38 -5.31
C THR F 106 55.86 -80.63 -3.82
N GLY F 107 57.03 -81.10 -3.42
CA GLY F 107 57.28 -81.39 -2.02
C GLY F 107 56.40 -82.48 -1.45
N LYS F 108 56.11 -83.51 -2.24
CA LYS F 108 55.25 -84.60 -1.80
C LYS F 108 55.94 -85.41 -0.71
N SER F 109 55.16 -85.88 0.25
CA SER F 109 55.69 -86.70 1.33
C SER F 109 56.02 -88.10 0.83
N LEU F 110 56.81 -88.82 1.63
CA LEU F 110 57.15 -90.19 1.29
C LEU F 110 55.95 -91.13 1.43
N LYS F 111 55.01 -90.80 2.31
CA LYS F 111 53.85 -91.66 2.52
C LYS F 111 53.02 -91.78 1.25
N ALA F 112 52.79 -90.66 0.55
CA ALA F 112 52.03 -90.71 -0.69
C ALA F 112 52.76 -91.52 -1.76
N PHE F 113 54.09 -91.38 -1.84
CA PHE F 113 54.86 -92.17 -2.79
C PHE F 113 54.82 -93.65 -2.45
N PHE F 114 54.72 -93.99 -1.17
CA PHE F 114 54.56 -95.40 -0.79
C PHE F 114 53.15 -95.90 -1.09
N LYS F 115 52.17 -95.00 -1.07
CA LYS F 115 50.79 -95.40 -1.34
C LYS F 115 50.62 -95.89 -2.78
N MET F 116 51.28 -95.22 -3.73
CA MET F 116 51.07 -95.50 -5.14
C MET F 116 51.58 -96.89 -5.51
N THR F 117 50.94 -97.48 -6.52
CA THR F 117 51.28 -98.82 -7.00
C THR F 117 51.91 -98.72 -8.38
N PRO F 118 53.15 -99.16 -8.56
CA PRO F 118 53.74 -99.17 -9.90
C PRO F 118 53.07 -100.20 -10.80
N ASP F 119 53.40 -100.12 -12.09
CA ASP F 119 52.80 -101.04 -13.06
C ASP F 119 53.17 -102.49 -12.76
N ASN F 120 54.43 -102.75 -12.44
CA ASN F 120 54.88 -104.08 -12.09
C ASN F 120 56.10 -103.99 -11.20
N TYR F 121 56.41 -105.10 -10.53
CA TYR F 121 57.55 -105.15 -9.64
C TYR F 121 58.17 -106.54 -9.72
N LYS F 122 59.44 -106.60 -9.34
CA LYS F 122 60.19 -107.86 -9.30
C LYS F 122 61.09 -107.85 -8.08
N ILE F 123 61.12 -108.98 -7.36
CA ILE F 123 61.93 -109.13 -6.16
C ILE F 123 62.87 -110.30 -6.36
N SER F 124 64.17 -110.06 -6.19
CA SER F 124 65.19 -111.10 -6.34
C SER F 124 66.21 -110.89 -5.22
N GLY F 125 66.01 -111.59 -4.10
CA GLY F 125 66.90 -111.42 -2.96
C GLY F 125 66.76 -110.02 -2.40
N THR F 126 67.87 -109.29 -2.36
CA THR F 126 67.89 -107.91 -1.88
C THR F 126 67.70 -106.90 -3.00
N THR F 127 67.44 -107.35 -4.23
CA THR F 127 67.26 -106.47 -5.37
C THR F 127 65.78 -106.37 -5.71
N ILE F 128 65.30 -105.14 -5.86
CA ILE F 128 63.91 -104.86 -6.23
C ILE F 128 63.93 -104.08 -7.53
N GLU F 129 63.18 -104.56 -8.52
CA GLU F 129 63.12 -103.95 -9.84
C GLU F 129 61.75 -103.33 -10.04
N PHE F 130 61.72 -102.03 -10.34
CA PHE F 130 60.50 -101.31 -10.67
C PHE F 130 60.59 -100.81 -12.09
N VAL F 131 59.55 -101.06 -12.88
CA VAL F 131 59.51 -100.69 -14.28
C VAL F 131 58.20 -99.98 -14.56
N GLU F 132 58.28 -98.82 -15.21
CA GLU F 132 57.12 -98.07 -15.65
C GLU F 132 57.08 -98.07 -17.17
N VAL F 133 55.93 -98.46 -17.72
CA VAL F 133 55.76 -98.63 -19.15
C VAL F 133 54.68 -97.65 -19.64
N THR F 134 55.01 -96.90 -20.68
CA THR F 134 54.05 -96.03 -21.35
C THR F 134 54.18 -96.20 -22.85
N VAL F 135 53.05 -96.08 -23.54
CA VAL F 135 53.01 -96.21 -25.00
C VAL F 135 52.65 -94.84 -25.57
N THR F 136 53.59 -94.23 -26.28
CA THR F 136 53.39 -92.91 -26.86
C THR F 136 54.40 -92.71 -27.98
N ALA F 137 54.08 -91.75 -28.86
CA ALA F 137 54.98 -91.43 -29.96
C ALA F 137 56.28 -90.83 -29.46
N ASP F 138 56.20 -89.93 -28.49
CA ASP F 138 57.39 -89.26 -27.94
C ASP F 138 58.01 -90.16 -26.89
N VAL F 139 59.01 -90.95 -27.30
CA VAL F 139 59.66 -91.85 -26.37
C VAL F 139 60.42 -91.07 -25.30
N ASP F 140 61.20 -90.06 -25.72
CA ASP F 140 62.04 -89.33 -24.79
C ASP F 140 61.21 -88.56 -23.76
N LYS F 141 60.16 -87.89 -24.21
CA LYS F 141 59.35 -87.07 -23.29
C LYS F 141 58.67 -87.95 -22.24
N GLY F 142 58.04 -89.04 -22.68
CA GLY F 142 57.40 -89.94 -21.73
C GLY F 142 58.39 -90.60 -20.79
N ILE F 143 59.55 -90.99 -21.31
CA ILE F 143 60.58 -91.60 -20.47
C ILE F 143 61.03 -90.61 -19.40
N ARG F 144 61.27 -89.36 -19.79
CA ARG F 144 61.71 -88.37 -18.81
C ARG F 144 60.60 -88.02 -17.82
N GLU F 145 59.34 -88.06 -18.26
CA GLU F 145 58.23 -87.84 -17.33
C GLU F 145 58.16 -88.94 -16.29
N LYS F 146 58.25 -90.20 -16.73
CA LYS F 146 58.26 -91.31 -15.78
C LYS F 146 59.47 -91.21 -14.86
N LYS F 147 60.61 -90.77 -15.38
CA LYS F 147 61.79 -90.61 -14.55
C LYS F 147 61.57 -89.58 -13.46
N LEU F 148 61.12 -88.38 -13.83
CA LEU F 148 60.90 -87.34 -12.83
C LEU F 148 59.74 -87.67 -11.90
N LYS F 149 58.88 -88.62 -12.29
CA LYS F 149 57.79 -89.03 -11.40
C LYS F 149 58.24 -90.09 -10.40
N TYR F 150 59.13 -90.99 -10.81
CA TYR F 150 59.46 -92.16 -10.01
C TYR F 150 60.84 -92.09 -9.36
N GLU F 151 61.88 -91.77 -10.15
CA GLU F 151 63.25 -91.97 -9.69
C GLU F 151 63.61 -91.09 -8.51
N ALA F 152 62.96 -89.93 -8.35
CA ALA F 152 63.26 -89.09 -7.19
C ALA F 152 62.90 -89.81 -5.89
N GLY F 153 61.66 -90.31 -5.80
CA GLY F 153 61.27 -91.06 -4.63
C GLY F 153 62.03 -92.37 -4.51
N LEU F 154 62.35 -93.00 -5.64
CA LEU F 154 63.11 -94.24 -5.59
C LEU F 154 64.50 -94.02 -4.99
N THR F 155 65.18 -92.95 -5.41
CA THR F 155 66.48 -92.63 -4.86
C THR F 155 66.39 -92.19 -3.41
N TYR F 156 65.33 -91.47 -3.03
CA TYR F 156 65.16 -91.11 -1.62
C TYR F 156 65.01 -92.36 -0.76
N ILE F 157 64.20 -93.31 -1.22
CA ILE F 157 64.02 -94.56 -0.47
C ILE F 157 65.32 -95.35 -0.43
N GLU F 158 66.07 -95.36 -1.54
CA GLU F 158 67.35 -96.07 -1.57
C GLU F 158 68.33 -95.46 -0.56
N GLN F 159 68.40 -94.14 -0.51
CA GLN F 159 69.27 -93.49 0.46
C GLN F 159 68.83 -93.78 1.89
N GLU F 160 67.51 -93.76 2.13
CA GLU F 160 67.01 -94.04 3.47
C GLU F 160 67.36 -95.46 3.91
N LEU F 161 67.18 -96.44 3.02
CA LEU F 161 67.50 -97.82 3.38
C LEU F 161 69.01 -98.03 3.50
N HIS F 162 69.82 -97.32 2.70
CA HIS F 162 71.26 -97.40 2.86
C HIS F 162 71.69 -96.85 4.21
N LYS F 163 71.09 -95.73 4.63
CA LYS F 163 71.40 -95.19 5.96
C LYS F 163 70.94 -96.13 7.06
N PHE F 164 69.79 -96.78 6.87
CA PHE F 164 69.33 -97.76 7.85
C PHE F 164 70.29 -98.94 7.95
N PHE F 165 70.78 -99.43 6.81
CA PHE F 165 71.74 -100.52 6.81
C PHE F 165 73.05 -100.10 7.48
N LEU F 166 73.50 -98.87 7.23
CA LEU F 166 74.70 -98.38 7.88
C LEU F 166 74.50 -98.30 9.39
N LYS F 167 73.32 -97.86 9.82
CA LYS F 167 73.01 -97.85 11.25
C LYS F 167 72.78 -99.26 11.80
N GLY F 168 72.44 -100.22 10.94
CA GLY F 168 72.30 -101.60 11.37
C GLY F 168 70.88 -102.10 11.53
N GLU F 169 69.88 -101.39 11.02
CA GLU F 169 68.50 -101.86 11.16
C GLU F 169 68.18 -103.01 10.24
N ILE F 170 68.99 -103.23 9.20
CA ILE F 170 68.77 -104.35 8.27
C ILE F 170 70.08 -105.13 8.15
N PRO F 171 70.04 -106.46 8.02
CA PRO F 171 71.29 -107.20 7.89
C PRO F 171 71.95 -107.04 6.52
N GLN F 172 71.16 -106.90 5.45
CA GLN F 172 71.69 -106.79 4.11
C GLN F 172 71.11 -105.56 3.43
N PRO F 173 71.93 -104.76 2.75
CA PRO F 173 71.40 -103.59 2.04
C PRO F 173 70.57 -104.02 0.84
N TYR F 174 69.61 -103.16 0.49
CA TYR F 174 68.70 -103.41 -0.61
C TYR F 174 69.14 -102.63 -1.85
N LYS F 175 68.94 -103.23 -3.01
CA LYS F 175 69.29 -102.63 -4.29
C LYS F 175 68.03 -102.35 -5.08
N ILE F 176 67.92 -101.13 -5.60
CA ILE F 176 66.75 -100.70 -6.37
C ILE F 176 67.20 -100.32 -7.77
N THR F 177 66.40 -100.69 -8.77
CA THR F 177 66.68 -100.38 -10.17
C THR F 177 65.41 -99.88 -10.82
N PHE F 178 65.53 -98.76 -11.54
CA PHE F 178 64.41 -98.17 -12.26
C PHE F 178 64.68 -98.23 -13.76
N ASN F 179 63.75 -98.83 -14.50
CA ASN F 179 63.87 -98.95 -15.95
C ASN F 179 62.54 -98.55 -16.57
N VAL F 180 62.58 -97.56 -17.47
CA VAL F 180 61.41 -97.07 -18.16
C VAL F 180 61.58 -97.32 -19.65
N VAL F 181 60.58 -97.93 -20.26
CA VAL F 181 60.58 -98.23 -21.69
C VAL F 181 59.33 -97.64 -22.31
N ALA F 182 59.52 -96.84 -23.36
CA ALA F 182 58.42 -96.21 -24.07
C ALA F 182 58.27 -96.86 -25.43
N VAL F 183 57.06 -97.32 -25.74
CA VAL F 183 56.75 -97.97 -27.00
C VAL F 183 56.08 -96.87 -27.80
N ARG F 184 56.70 -96.57 -28.96
CA ARG F 184 56.17 -95.55 -29.90
C ARG F 184 55.04 -96.16 -30.72
N THR F 185 54.13 -95.32 -31.24
CA THR F 185 52.98 -95.84 -31.96
C THR F 185 53.15 -96.80 -33.14
N ASP F 186 54.36 -96.90 -33.70
CA ASP F 186 54.61 -97.83 -34.79
C ASP F 186 55.16 -99.18 -34.32
N GLY F 187 55.75 -99.23 -33.12
CA GLY F 187 56.27 -100.47 -32.61
C GLY F 187 57.54 -100.95 -33.27
N SER F 188 58.33 -100.02 -33.82
CA SER F 188 59.58 -100.41 -34.52
C SER F 188 60.72 -100.57 -33.50
N ASN F 189 60.66 -99.85 -32.38
CA ASN F 189 61.72 -99.88 -31.38
C ASN F 189 61.39 -100.76 -30.19
N ILE F 190 60.23 -101.40 -30.16
CA ILE F 190 59.87 -102.24 -29.02
C ILE F 190 60.77 -103.47 -28.95
N THR F 191 61.13 -104.04 -30.10
CA THR F 191 62.05 -105.17 -30.11
C THR F 191 63.44 -104.75 -29.64
N THR F 192 63.89 -103.56 -30.07
CA THR F 192 65.18 -103.07 -29.60
C THR F 192 65.19 -102.84 -28.10
N GLN F 193 64.13 -102.22 -27.57
CA GLN F 193 64.04 -102.02 -26.13
C GLN F 193 63.78 -103.34 -25.41
N TRP F 194 62.92 -104.18 -25.95
CA TRP F 194 62.56 -105.47 -25.35
C TRP F 194 62.77 -106.57 -26.37
N PRO F 195 63.93 -107.23 -26.36
CA PRO F 195 64.14 -108.36 -27.27
C PRO F 195 63.31 -109.57 -26.87
N SER F 196 62.00 -109.47 -27.04
CA SER F 196 61.07 -110.51 -26.63
C SER F 196 60.88 -111.54 -27.75
N ARG F 197 60.23 -112.64 -27.40
CA ARG F 197 59.92 -113.70 -28.35
C ARG F 197 58.51 -113.58 -28.94
N ARG F 198 57.58 -112.98 -28.21
CA ARG F 198 56.20 -112.80 -28.68
C ARG F 198 55.99 -111.42 -29.28
N ASN F 199 57.02 -110.85 -29.92
CA ASN F 199 56.94 -109.50 -30.45
C ASN F 199 55.93 -109.41 -31.59
N ASP F 200 55.82 -110.47 -32.41
CA ASP F 200 54.97 -110.40 -33.59
C ASP F 200 53.50 -110.20 -33.22
N GLY F 201 53.00 -111.01 -32.29
CA GLY F 201 51.61 -110.86 -31.88
C GLY F 201 51.34 -109.52 -31.23
N VAL F 202 52.29 -109.04 -30.42
CA VAL F 202 52.12 -107.76 -29.74
C VAL F 202 52.09 -106.61 -30.74
N VAL F 203 52.99 -106.61 -31.71
CA VAL F 203 53.01 -105.53 -32.69
C VAL F 203 51.77 -105.59 -33.57
N GLN F 204 51.31 -106.80 -33.90
CA GLN F 204 50.06 -106.92 -34.65
C GLN F 204 48.89 -106.34 -33.86
N TYR F 205 48.78 -106.71 -32.57
CA TYR F 205 47.69 -106.22 -31.75
C TYR F 205 47.73 -104.71 -31.61
N MET F 206 48.91 -104.14 -31.40
CA MET F 206 49.00 -102.70 -31.25
C MET F 206 48.73 -101.94 -32.55
N ARG F 207 49.02 -102.58 -33.67
CA ARG F 207 48.67 -101.95 -34.97
C ARG F 207 47.14 -101.94 -35.09
N LEU F 208 46.48 -103.02 -34.66
CA LEU F 208 45.03 -103.07 -34.73
C LEU F 208 44.45 -101.97 -33.83
N VAL F 209 44.97 -101.84 -32.61
CA VAL F 209 44.40 -100.86 -31.70
C VAL F 209 44.70 -99.44 -32.16
N GLN F 210 45.88 -99.22 -32.75
CA GLN F 210 46.21 -97.90 -33.29
C GLN F 210 45.32 -97.57 -34.50
N ALA F 211 45.06 -98.56 -35.34
CA ALA F 211 44.13 -98.36 -36.44
C ALA F 211 42.75 -98.00 -35.91
N GLU F 212 42.29 -98.70 -34.87
CA GLU F 212 40.99 -98.38 -34.28
C GLU F 212 40.99 -96.97 -33.72
N ILE F 213 42.09 -96.55 -33.09
CA ILE F 213 42.21 -95.20 -32.56
C ILE F 213 42.07 -94.18 -33.70
N SER F 214 42.77 -94.42 -34.81
CA SER F 214 42.70 -93.49 -35.93
C SER F 214 41.29 -93.42 -36.50
N TYR F 215 40.65 -94.59 -36.62
CA TYR F 215 39.27 -94.64 -37.19
C TYR F 215 38.31 -93.88 -36.29
N VAL F 216 38.38 -94.08 -34.98
CA VAL F 216 37.43 -93.45 -34.07
C VAL F 216 37.70 -91.95 -33.99
N ARG F 217 38.97 -91.53 -34.04
CA ARG F 217 39.27 -90.11 -33.96
C ARG F 217 39.16 -89.39 -35.29
N GLU F 218 38.95 -90.11 -36.40
CA GLU F 218 38.88 -89.47 -37.70
C GLU F 218 37.65 -89.81 -38.51
N HIS F 219 36.96 -90.92 -38.24
CA HIS F 219 35.82 -91.33 -39.04
C HIS F 219 34.50 -91.30 -38.28
N LEU F 220 34.42 -91.97 -37.14
CA LEU F 220 33.14 -92.05 -36.44
C LEU F 220 32.74 -90.74 -35.78
N ILE F 221 33.66 -89.78 -35.67
CA ILE F 221 33.34 -88.50 -35.06
C ILE F 221 32.58 -87.63 -36.05
N LYS F 222 31.52 -86.99 -35.57
CA LYS F 222 30.70 -86.13 -36.41
C LYS F 222 31.52 -84.96 -36.95
N THR F 223 31.13 -84.47 -38.14
CA THR F 223 31.93 -83.47 -38.81
C THR F 223 31.77 -82.09 -38.18
N GLU F 224 30.62 -81.81 -37.59
CA GLU F 224 30.40 -80.50 -36.98
C GLU F 224 30.90 -80.41 -35.55
N GLU F 225 31.36 -81.51 -34.96
CA GLU F 225 31.89 -81.52 -33.60
C GLU F 225 33.37 -81.88 -33.57
N ARG F 226 34.09 -81.72 -34.68
CA ARG F 226 35.52 -82.00 -34.68
C ARG F 226 36.26 -81.05 -33.74
N ALA F 227 35.91 -79.76 -33.78
CA ALA F 227 36.62 -78.76 -33.00
C ALA F 227 36.46 -79.02 -31.51
N ALA F 228 35.26 -79.42 -31.08
CA ALA F 228 35.05 -79.74 -29.67
C ALA F 228 35.94 -80.92 -29.26
N LEU F 229 36.05 -81.91 -30.13
CA LEU F 229 36.91 -83.05 -29.83
C LEU F 229 38.37 -82.61 -29.71
N GLU F 230 38.82 -81.72 -30.59
CA GLU F 230 40.19 -81.22 -30.49
C GLU F 230 40.40 -80.48 -29.18
N ALA F 231 39.41 -79.68 -28.79
CA ALA F 231 39.51 -78.93 -27.54
C ALA F 231 39.63 -79.85 -26.33
N MET F 232 38.75 -80.85 -26.25
CA MET F 232 38.81 -81.78 -25.13
C MET F 232 40.11 -82.60 -25.16
N PHE F 233 40.57 -82.99 -26.34
CA PHE F 233 41.82 -83.74 -26.43
C PHE F 233 42.99 -82.91 -25.93
N ASN F 234 43.07 -81.65 -26.35
CA ASN F 234 44.16 -80.79 -25.90
C ASN F 234 44.05 -80.48 -24.41
N LEU F 235 42.84 -80.37 -23.88
CA LEU F 235 42.66 -80.14 -22.46
C LEU F 235 42.91 -81.37 -21.60
N LYS F 236 42.85 -82.56 -22.20
CA LYS F 236 43.03 -83.80 -21.46
C LYS F 236 44.43 -84.37 -21.52
N PHE F 237 45.21 -84.03 -22.54
CA PHE F 237 46.54 -84.60 -22.72
C PHE F 237 47.62 -83.57 -23.00
N ASN F 238 47.28 -82.34 -23.37
CA ASN F 238 48.28 -81.32 -23.67
C ASN F 238 48.08 -80.08 -22.81
N PRO F 246 51.61 -76.46 -16.52
CA PRO F 246 52.99 -76.76 -16.89
C PRO F 246 53.99 -76.01 -16.02
N TYR F 247 53.66 -74.76 -15.67
CA TYR F 247 54.56 -73.94 -14.87
C TYR F 247 54.68 -74.48 -13.45
N TYR F 248 55.86 -74.29 -12.87
CA TYR F 248 56.19 -74.79 -11.54
C TYR F 248 56.64 -73.61 -10.68
N ILE F 249 56.07 -73.49 -9.49
CA ILE F 249 56.37 -72.34 -8.62
C ILE F 249 57.82 -72.43 -8.15
N PRO F 250 58.61 -71.38 -8.28
CA PRO F 250 60.04 -71.49 -7.99
C PRO F 250 60.35 -71.70 -6.52
N ASP F 251 61.64 -71.71 -6.19
CA ASP F 251 62.06 -72.09 -4.84
C ASP F 251 61.87 -70.96 -3.84
N TYR F 252 62.36 -69.77 -4.16
CA TYR F 252 62.38 -68.64 -3.24
C TYR F 252 63.16 -68.99 -1.97
N LYS F 253 63.08 -68.14 -0.95
CA LYS F 253 63.92 -68.31 0.23
C LYS F 253 63.13 -68.71 1.46
N GLY F 254 62.12 -67.95 1.85
CA GLY F 254 61.41 -68.22 3.07
C GLY F 254 62.19 -67.77 4.30
N MET F 255 61.75 -68.25 5.45
CA MET F 255 62.35 -67.85 6.72
C MET F 255 62.30 -69.01 7.67
N GLU F 256 63.23 -69.02 8.62
CA GLU F 256 63.27 -70.09 9.60
C GLU F 256 62.80 -69.59 10.96
N PRO F 257 62.12 -70.43 11.73
CA PRO F 257 61.60 -69.98 13.03
C PRO F 257 62.71 -69.68 14.01
N ILE F 258 62.38 -68.81 14.97
CA ILE F 258 63.28 -68.45 16.06
C ILE F 258 62.58 -68.77 17.37
N GLY F 259 63.37 -69.05 18.40
CA GLY F 259 62.82 -69.32 19.70
C GLY F 259 62.23 -68.09 20.35
N ALA F 260 60.90 -68.02 20.43
CA ALA F 260 60.21 -66.92 21.06
C ALA F 260 59.51 -67.45 22.31
N ASN F 261 59.97 -67.00 23.48
CA ASN F 261 59.45 -67.48 24.75
C ASN F 261 58.33 -66.55 25.21
N ILE F 262 57.13 -67.09 25.35
CA ILE F 262 56.01 -66.31 25.85
C ILE F 262 56.30 -65.81 27.27
N GLU F 263 56.97 -66.63 28.07
CA GLU F 263 57.30 -66.22 29.43
C GLU F 263 58.25 -65.03 29.43
N ASP F 264 59.06 -64.87 28.38
CA ASP F 264 59.87 -63.66 28.26
C ASP F 264 58.99 -62.43 28.12
N LEU F 265 57.93 -62.53 27.30
CA LEU F 265 56.99 -61.44 27.18
C LEU F 265 56.29 -61.18 28.51
N VAL F 266 55.98 -62.25 29.25
CA VAL F 266 55.32 -62.09 30.54
C VAL F 266 56.23 -61.35 31.52
N ASP F 267 57.53 -61.70 31.52
CA ASP F 267 58.47 -60.98 32.37
C ASP F 267 58.59 -59.52 31.98
N TYR F 268 58.67 -59.25 30.67
CA TYR F 268 58.72 -57.86 30.23
C TYR F 268 57.48 -57.10 30.65
N SER F 269 56.31 -57.73 30.55
CA SER F 269 55.08 -57.07 30.94
C SER F 269 55.02 -56.85 32.45
N LYS F 270 55.57 -57.78 33.24
CA LYS F 270 55.65 -57.57 34.67
C LYS F 270 56.49 -56.34 34.99
N ASP F 271 57.65 -56.24 34.35
CA ASP F 271 58.50 -55.07 34.56
C ASP F 271 57.78 -53.79 34.13
N TRP F 272 57.07 -53.85 33.01
CA TRP F 272 56.40 -52.66 32.49
C TRP F 272 55.26 -52.21 33.41
N LEU F 273 54.43 -53.15 33.85
CA LEU F 273 53.30 -52.82 34.71
C LEU F 273 53.74 -52.49 36.13
N SER F 274 54.97 -52.84 36.51
CA SER F 274 55.43 -52.52 37.86
C SER F 274 55.51 -51.02 38.10
N ARG F 275 55.83 -50.24 37.06
CA ARG F 275 55.94 -48.80 37.21
C ARG F 275 54.58 -48.15 36.92
N ALA F 276 54.58 -46.83 36.78
CA ALA F 276 53.36 -46.07 36.57
C ALA F 276 53.30 -45.55 35.14
N ARG F 277 52.16 -45.72 34.49
CA ARG F 277 51.96 -45.30 33.11
C ARG F 277 50.73 -44.42 33.02
N ASN F 278 50.66 -43.61 31.98
CA ASN F 278 49.60 -42.62 31.82
C ASN F 278 48.60 -43.09 30.77
N PHE F 279 47.32 -43.10 31.16
CA PHE F 279 46.25 -43.43 30.23
C PHE F 279 46.19 -42.39 29.13
N SER F 280 46.03 -42.86 27.90
CA SER F 280 46.11 -41.99 26.73
C SER F 280 44.80 -41.34 26.34
N PHE F 281 43.72 -41.60 27.06
CA PHE F 281 42.43 -41.00 26.78
C PHE F 281 41.99 -40.13 27.95
N PHE F 282 41.29 -39.05 27.62
CA PHE F 282 40.89 -38.06 28.60
C PHE F 282 39.41 -38.20 28.90
N GLU F 283 39.06 -38.19 30.19
CA GLU F 283 37.66 -38.32 30.57
C GLU F 283 36.88 -37.09 30.16
N VAL F 284 35.75 -37.30 29.50
CA VAL F 284 34.87 -36.19 29.15
C VAL F 284 34.19 -35.69 30.42
N LYS F 285 34.18 -34.39 30.60
CA LYS F 285 33.64 -33.84 31.84
C LYS F 285 32.61 -32.75 31.62
N GLY F 286 32.79 -31.92 30.60
CA GLY F 286 31.94 -30.75 30.42
C GLY F 286 32.68 -29.49 30.81
N THR F 287 33.43 -29.56 31.90
CA THR F 287 34.41 -28.53 32.20
C THR F 287 35.66 -28.69 31.36
N ALA F 288 36.04 -29.94 31.08
CA ALA F 288 37.24 -30.21 30.30
C ALA F 288 37.09 -29.75 28.87
N VAL F 289 35.92 -29.96 28.26
CA VAL F 289 35.72 -29.53 26.88
C VAL F 289 35.72 -28.01 26.80
N PHE F 290 35.11 -27.33 27.77
CA PHE F 290 35.14 -25.87 27.79
C PHE F 290 36.57 -25.35 27.95
N GLU F 291 37.34 -25.97 28.84
CA GLU F 291 38.73 -25.55 29.02
C GLU F 291 39.53 -25.78 27.75
N CYS F 292 39.31 -26.92 27.07
CA CYS F 292 40.03 -27.19 25.83
C CYS F 292 39.67 -26.18 24.75
N PHE F 293 38.39 -25.85 24.62
CA PHE F 293 37.98 -24.86 23.64
C PHE F 293 38.61 -23.51 23.93
N ASN F 294 38.60 -23.08 25.19
CA ASN F 294 39.19 -21.78 25.54
C ASN F 294 40.70 -21.75 25.30
N SER F 295 41.40 -22.83 25.69
CA SER F 295 42.84 -22.88 25.47
C SER F 295 43.18 -22.85 23.99
N ASN F 296 42.42 -23.59 23.18
CA ASN F 296 42.69 -23.58 21.75
C ASN F 296 42.30 -22.25 21.12
N GLU F 297 41.32 -21.57 21.72
CA GLU F 297 40.98 -20.20 21.24
C GLU F 297 42.20 -19.31 21.45
N ALA F 298 42.80 -19.36 22.65
CA ALA F 298 43.97 -18.55 22.94
C ALA F 298 45.12 -18.87 21.99
N ASN F 299 45.36 -20.17 21.76
CA ASN F 299 46.42 -20.56 20.85
C ASN F 299 46.16 -20.06 19.43
N HIS F 300 44.91 -20.17 18.98
CA HIS F 300 44.56 -19.71 17.64
C HIS F 300 44.77 -18.21 17.51
N CYS F 301 44.38 -17.44 18.53
CA CYS F 301 44.59 -16.00 18.47
C CYS F 301 46.07 -15.67 18.46
N GLN F 302 46.88 -16.42 19.20
CA GLN F 302 48.32 -16.19 19.17
C GLN F 302 48.91 -16.50 17.81
N ARG F 303 48.45 -17.57 17.17
CA ARG F 303 49.10 -18.06 15.95
C ARG F 303 48.86 -17.12 14.77
N TYR F 304 47.65 -16.62 14.63
CA TYR F 304 47.35 -15.84 13.44
C TYR F 304 47.30 -14.35 13.78
N PRO F 305 47.61 -13.48 12.82
CA PRO F 305 47.30 -12.07 12.99
C PRO F 305 45.79 -11.87 13.03
N MET F 306 45.34 -10.94 13.87
CA MET F 306 43.92 -10.61 13.93
C MET F 306 43.50 -9.78 12.72
N SER F 307 42.22 -9.85 12.41
CA SER F 307 41.60 -9.04 11.38
C SER F 307 40.29 -8.48 11.91
N ARG F 308 39.90 -7.32 11.40
CA ARG F 308 38.68 -6.65 11.84
C ARG F 308 37.62 -6.59 10.76
N LYS F 309 37.83 -7.23 9.62
CA LYS F 309 36.89 -7.20 8.50
C LYS F 309 36.45 -8.61 8.17
N PRO F 310 35.32 -9.08 8.71
CA PRO F 310 34.82 -10.40 8.33
C PRO F 310 34.48 -10.45 6.85
N ARG F 311 35.16 -11.34 6.13
CA ARG F 311 35.03 -11.40 4.69
C ARG F 311 33.66 -11.95 4.30
N ASN F 312 33.33 -11.79 3.02
CA ASN F 312 32.01 -12.14 2.53
C ASN F 312 31.81 -13.64 2.48
N PHE F 313 30.56 -14.07 2.64
CA PHE F 313 30.23 -15.47 2.47
C PHE F 313 29.07 -15.64 1.50
N LEU F 314 28.10 -14.72 1.53
CA LEU F 314 26.97 -14.77 0.60
C LEU F 314 27.47 -14.45 -0.79
N LEU F 315 27.50 -15.46 -1.65
CA LEU F 315 28.06 -15.30 -2.98
C LEU F 315 27.11 -14.58 -3.93
N ILE F 316 25.81 -14.72 -3.72
CA ILE F 316 24.79 -14.03 -4.50
C ILE F 316 23.83 -13.42 -3.50
N GLN F 317 23.93 -12.12 -3.29
CA GLN F 317 23.01 -11.42 -2.42
C GLN F 317 21.75 -11.07 -3.19
N CYS F 318 20.60 -11.28 -2.57
CA CYS F 318 19.34 -11.06 -3.25
C CYS F 318 18.25 -10.87 -2.20
N SER F 319 17.06 -10.53 -2.66
CA SER F 319 15.94 -10.28 -1.76
C SER F 319 14.64 -10.56 -2.48
N LEU F 320 13.68 -11.10 -1.74
CA LEU F 320 12.33 -11.31 -2.24
C LEU F 320 11.33 -10.88 -1.17
N ILE F 321 10.16 -10.44 -1.63
CA ILE F 321 9.07 -10.09 -0.73
C ILE F 321 7.82 -10.86 -1.13
N THR F 322 7.71 -11.22 -2.40
CA THR F 322 6.56 -11.92 -2.93
C THR F 322 6.98 -13.26 -3.50
N SER F 323 6.02 -13.97 -4.07
CA SER F 323 6.32 -15.21 -4.76
C SER F 323 7.18 -14.94 -5.98
N TYR F 324 7.91 -15.96 -6.43
CA TYR F 324 8.79 -15.86 -7.58
C TYR F 324 8.25 -16.71 -8.71
N LYS F 325 8.09 -16.11 -9.88
CA LYS F 325 7.72 -16.81 -11.09
C LYS F 325 8.98 -17.10 -11.90
N PRO F 326 9.18 -18.33 -12.36
CA PRO F 326 10.39 -18.63 -13.14
C PRO F 326 10.52 -17.72 -14.35
N ALA F 327 11.74 -17.24 -14.57
CA ALA F 327 11.98 -16.21 -15.56
C ALA F 327 11.96 -16.78 -16.97
N THR F 328 11.21 -16.14 -17.85
CA THR F 328 11.18 -16.46 -19.27
C THR F 328 11.89 -15.36 -20.05
N THR F 329 11.99 -15.53 -21.37
CA THR F 329 12.68 -14.54 -22.18
C THR F 329 11.91 -13.24 -22.26
N LEU F 330 10.58 -13.31 -22.41
CA LEU F 330 9.78 -12.09 -22.46
C LEU F 330 9.85 -11.35 -21.13
N SER F 331 9.68 -12.08 -20.03
CA SER F 331 9.83 -11.47 -18.72
C SER F 331 11.24 -10.95 -18.52
N ASP F 332 12.24 -11.62 -19.09
CA ASP F 332 13.61 -11.13 -18.99
C ASP F 332 13.76 -9.78 -19.67
N GLN F 333 13.19 -9.64 -20.87
CA GLN F 333 13.28 -8.35 -21.57
C GLN F 333 12.57 -7.26 -20.78
N ILE F 334 11.36 -7.55 -20.31
CA ILE F 334 10.60 -6.55 -19.55
C ILE F 334 11.35 -6.14 -18.30
N ASP F 335 11.88 -7.12 -17.57
CA ASP F 335 12.58 -6.84 -16.33
C ASP F 335 13.90 -6.13 -16.56
N SER F 336 14.61 -6.42 -17.65
CA SER F 336 15.83 -5.69 -17.95
C SER F 336 15.52 -4.22 -18.26
N ARG F 337 14.45 -3.96 -19.02
CA ARG F 337 14.04 -2.58 -19.26
C ARG F 337 13.73 -1.86 -17.96
N ARG F 338 12.90 -2.46 -17.11
CA ARG F 338 12.54 -1.83 -15.85
C ARG F 338 13.75 -1.65 -14.95
N ALA F 339 14.68 -2.60 -14.95
CA ALA F 339 15.86 -2.53 -14.10
C ALA F 339 16.79 -1.41 -14.56
N CYS F 340 16.98 -1.26 -15.87
CA CYS F 340 17.79 -0.14 -16.35
C CYS F 340 17.13 1.20 -16.03
N SER F 341 15.81 1.26 -16.13
CA SER F 341 15.11 2.49 -15.73
C SER F 341 15.33 2.79 -14.26
N TYR F 342 15.29 1.76 -13.40
CA TYR F 342 15.53 1.96 -11.98
C TYR F 342 16.97 2.38 -11.71
N ILE F 343 17.93 1.80 -12.44
CA ILE F 343 19.33 2.13 -12.21
C ILE F 343 19.64 3.56 -12.64
N LEU F 344 19.03 4.01 -13.73
CA LEU F 344 19.31 5.35 -14.23
C LEU F 344 18.88 6.45 -13.27
N ASN F 345 18.04 6.14 -12.28
CA ASN F 345 17.61 7.12 -11.29
C ASN F 345 18.66 7.35 -10.21
N LEU F 346 19.41 6.31 -9.85
CA LEU F 346 20.34 6.40 -8.73
C LEU F 346 21.61 7.17 -9.14
N ILE F 347 22.38 7.56 -8.13
CA ILE F 347 23.65 8.25 -8.32
C ILE F 347 24.77 7.36 -7.79
N PRO F 348 25.69 6.90 -8.64
CA PRO F 348 26.76 6.02 -8.17
C PRO F 348 27.70 6.72 -7.20
N ASP F 349 28.27 5.94 -6.29
CA ASP F 349 29.21 6.44 -5.31
C ASP F 349 30.57 5.76 -5.35
N THR F 350 30.66 4.55 -5.89
CA THR F 350 31.87 3.75 -5.91
C THR F 350 32.14 3.29 -7.33
N PRO F 351 33.38 2.92 -7.65
CA PRO F 351 33.70 2.53 -9.04
C PRO F 351 32.83 1.40 -9.55
N ALA F 352 32.52 0.41 -8.71
CA ALA F 352 31.62 -0.66 -9.14
C ALA F 352 30.24 -0.09 -9.47
N SER F 353 29.75 0.83 -8.64
CA SER F 353 28.47 1.46 -8.93
C SER F 353 28.54 2.27 -10.22
N TYR F 354 29.68 2.92 -10.47
CA TYR F 354 29.83 3.68 -11.71
C TYR F 354 29.76 2.75 -12.92
N LEU F 355 30.45 1.62 -12.87
CA LEU F 355 30.37 0.65 -13.96
C LEU F 355 28.95 0.13 -14.10
N ILE F 356 28.25 -0.06 -12.98
CA ILE F 356 26.87 -0.51 -13.01
C ILE F 356 26.03 0.47 -13.81
N HIS F 357 26.16 1.76 -13.49
CA HIS F 357 25.41 2.79 -14.18
C HIS F 357 25.76 2.86 -15.65
N ASP F 358 27.05 2.74 -15.97
CA ASP F 358 27.47 2.81 -17.37
C ASP F 358 26.88 1.67 -18.17
N MET F 359 26.89 0.45 -17.62
CA MET F 359 26.37 -0.68 -18.35
C MET F 359 24.85 -0.59 -18.51
N ALA F 360 24.16 -0.10 -17.48
CA ALA F 360 22.73 0.10 -17.62
C ALA F 360 22.42 1.12 -18.71
N TYR F 361 23.19 2.21 -18.76
CA TYR F 361 23.02 3.21 -19.80
C TYR F 361 23.26 2.60 -21.18
N ARG F 362 24.32 1.80 -21.32
CA ARG F 362 24.62 1.17 -22.59
C ARG F 362 23.49 0.23 -23.01
N TYR F 363 22.92 -0.50 -22.06
CA TYR F 363 21.80 -1.36 -22.38
C TYR F 363 20.59 -0.56 -22.84
N ILE F 364 20.29 0.54 -22.15
CA ILE F 364 19.12 1.33 -22.54
C ILE F 364 19.34 2.03 -23.87
N ASN F 365 20.59 2.16 -24.33
CA ASN F 365 20.88 2.84 -25.58
C ASN F 365 21.18 1.86 -26.72
N LEU F 366 20.43 0.76 -26.78
CA LEU F 366 20.60 -0.23 -27.83
C LEU F 366 19.46 -0.15 -28.83
N THR F 367 19.79 -0.30 -30.11
CA THR F 367 18.80 -0.15 -31.18
C THR F 367 17.85 -1.34 -31.20
N ARG F 368 16.73 -1.15 -31.91
CA ARG F 368 15.69 -2.17 -31.92
C ARG F 368 16.16 -3.47 -32.55
N GLU F 369 16.90 -3.39 -33.66
CA GLU F 369 17.45 -4.59 -34.25
C GLU F 369 18.43 -5.26 -33.30
N ASP F 370 19.23 -4.46 -32.59
CA ASP F 370 20.14 -5.01 -31.59
C ASP F 370 19.38 -5.73 -30.50
N MET F 371 18.27 -5.15 -30.03
CA MET F 371 17.51 -5.81 -28.98
C MET F 371 16.83 -7.07 -29.49
N ILE F 372 16.39 -7.06 -30.74
CA ILE F 372 15.75 -8.25 -31.30
C ILE F 372 16.77 -9.39 -31.40
N ASN F 373 17.97 -9.10 -31.89
CA ASN F 373 18.98 -10.13 -31.98
C ASN F 373 19.55 -10.50 -30.62
N TYR F 374 19.45 -9.61 -29.64
CA TYR F 374 19.95 -9.89 -28.29
C TYR F 374 19.18 -11.03 -27.65
N TYR F 375 17.86 -11.06 -27.85
CA TYR F 375 17.01 -12.09 -27.29
C TYR F 375 16.62 -13.14 -28.32
N ALA F 376 17.37 -13.26 -29.39
CA ALA F 376 16.94 -14.23 -30.38
C ALA F 376 17.81 -15.47 -30.33
N PRO F 377 17.25 -16.64 -30.69
CA PRO F 377 18.06 -17.85 -30.72
C PRO F 377 19.08 -17.78 -31.84
N ARG F 378 20.14 -18.59 -31.70
CA ARG F 378 21.22 -18.58 -32.68
C ARG F 378 20.72 -18.98 -34.07
N ILE F 379 19.64 -19.77 -34.14
CA ILE F 379 19.10 -20.16 -35.44
C ILE F 379 18.68 -18.92 -36.23
N GLN F 380 18.03 -17.97 -35.57
CA GLN F 380 17.61 -16.73 -36.22
C GLN F 380 18.58 -15.58 -35.95
N PHE F 381 19.66 -15.81 -35.21
CA PHE F 381 20.55 -14.73 -34.85
C PHE F 381 21.37 -14.27 -36.03
N LYS F 382 21.54 -12.96 -36.16
CA LYS F 382 22.37 -12.36 -37.20
C LYS F 382 23.30 -11.35 -36.57
N GLN F 383 24.52 -11.27 -37.10
CA GLN F 383 25.53 -10.38 -36.54
C GLN F 383 25.09 -8.92 -36.67
N THR F 384 25.27 -8.15 -35.60
CA THR F 384 24.96 -6.73 -35.63
C THR F 384 26.15 -5.90 -35.17
N GLN F 385 25.94 -4.60 -34.99
CA GLN F 385 27.04 -3.71 -34.63
C GLN F 385 27.40 -3.81 -33.14
N ASN F 386 26.44 -4.13 -32.29
CA ASN F 386 26.69 -4.20 -30.86
C ASN F 386 26.47 -5.60 -30.29
N VAL F 387 25.35 -6.24 -30.60
CA VAL F 387 25.07 -7.56 -30.09
C VAL F 387 25.85 -8.58 -30.92
N ARG F 388 27.06 -8.89 -30.47
CA ARG F 388 27.88 -9.84 -31.21
C ARG F 388 27.35 -11.26 -31.11
N GLU F 389 26.90 -11.65 -29.92
CA GLU F 389 26.34 -12.97 -29.66
C GLU F 389 25.06 -12.82 -28.85
N PRO F 390 24.15 -13.79 -28.92
CA PRO F 390 22.87 -13.64 -28.23
C PRO F 390 23.07 -13.48 -26.73
N GLY F 391 22.29 -12.57 -26.15
CA GLY F 391 22.38 -12.32 -24.72
C GLY F 391 23.60 -11.55 -24.28
N THR F 392 24.38 -10.99 -25.21
CA THR F 392 25.55 -10.21 -24.87
C THR F 392 25.52 -8.91 -25.67
N PHE F 393 26.30 -7.94 -25.22
CA PHE F 393 26.52 -6.73 -26.00
C PHE F 393 27.95 -6.27 -25.83
N LYS F 394 28.45 -5.58 -26.85
CA LYS F 394 29.80 -5.04 -26.83
C LYS F 394 29.81 -3.68 -26.14
N LEU F 395 30.93 -3.36 -25.51
CA LEU F 395 31.06 -2.11 -24.78
C LEU F 395 32.50 -1.64 -24.86
N THR F 396 32.76 -0.64 -25.69
CA THR F 396 34.09 -0.07 -25.83
C THR F 396 34.38 0.92 -24.70
N SER F 397 35.63 1.38 -24.65
CA SER F 397 36.06 2.25 -23.56
C SER F 397 35.47 3.65 -23.63
N SER F 398 34.81 4.01 -24.73
CA SER F 398 34.29 5.37 -24.87
C SER F 398 33.18 5.65 -23.87
N MET F 399 32.30 4.68 -23.62
CA MET F 399 31.15 4.93 -22.76
C MET F 399 31.55 4.96 -21.29
N LEU F 400 32.50 4.12 -20.88
CA LEU F 400 32.91 4.10 -19.48
C LEU F 400 33.56 5.41 -19.07
N ARG F 401 33.33 5.80 -17.82
CA ARG F 401 33.92 7.00 -17.26
C ARG F 401 35.27 6.66 -16.63
N ALA F 402 35.83 7.61 -15.88
CA ALA F 402 37.15 7.40 -15.28
C ALA F 402 37.10 6.34 -14.18
N GLU F 403 36.08 6.39 -13.33
CA GLU F 403 36.00 5.44 -12.21
C GLU F 403 35.81 4.02 -12.71
N SER F 404 34.91 3.81 -13.68
CA SER F 404 34.70 2.48 -14.22
C SER F 404 35.95 1.97 -14.91
N LYS F 405 36.64 2.83 -15.66
CA LYS F 405 37.88 2.42 -16.30
C LYS F 405 38.93 2.04 -15.28
N ALA F 406 39.04 2.80 -14.19
CA ALA F 406 40.01 2.48 -13.15
C ALA F 406 39.69 1.15 -12.50
N MET F 407 38.41 0.89 -12.23
CA MET F 407 38.04 -0.38 -11.62
C MET F 407 38.30 -1.55 -12.56
N LEU F 408 38.03 -1.35 -13.85
CA LEU F 408 38.34 -2.40 -14.82
C LEU F 408 39.84 -2.66 -14.91
N ASP F 409 40.65 -1.60 -14.84
CA ASP F 409 42.08 -1.78 -14.81
C ASP F 409 42.52 -2.56 -13.58
N LEU F 410 41.91 -2.26 -12.43
CA LEU F 410 42.21 -3.02 -11.23
C LEU F 410 41.85 -4.48 -11.39
N LEU F 411 40.69 -4.76 -11.99
CA LEU F 411 40.26 -6.14 -12.18
C LEU F 411 41.18 -6.88 -13.13
N ASN F 412 41.62 -6.23 -14.20
CA ASN F 412 42.41 -6.92 -15.23
C ASN F 412 43.73 -7.41 -14.69
N ASN F 413 44.37 -6.62 -13.83
CA ASN F 413 45.65 -7.02 -13.23
C ASN F 413 45.47 -8.20 -12.28
N GLN F 423 49.39 -11.37 5.85
CA GLN F 423 48.40 -11.62 4.82
C GLN F 423 47.31 -12.57 5.31
N ILE F 424 47.73 -13.69 5.88
CA ILE F 424 46.79 -14.65 6.46
C ILE F 424 46.36 -14.15 7.82
N GLU F 425 45.06 -14.01 8.02
CA GLU F 425 44.55 -13.47 9.27
C GLU F 425 43.15 -14.02 9.53
N SER F 426 42.87 -14.30 10.80
CA SER F 426 41.59 -14.86 11.22
C SER F 426 40.85 -13.84 12.07
N LEU F 427 39.54 -14.04 12.15
CA LEU F 427 38.74 -13.23 13.06
C LEU F 427 39.10 -13.56 14.50
N ASN F 428 38.91 -12.60 15.39
CA ASN F 428 39.23 -12.85 16.79
C ASN F 428 38.12 -13.73 17.34
N ILE F 429 38.32 -15.06 17.23
CA ILE F 429 37.30 -16.01 17.65
C ILE F 429 37.03 -15.96 19.14
N ALA F 430 37.98 -15.45 19.94
CA ALA F 430 37.83 -15.45 21.39
C ALA F 430 37.10 -14.23 21.93
N SER F 431 36.83 -13.22 21.10
CA SER F 431 36.18 -12.02 21.59
C SER F 431 34.68 -12.21 21.67
N HIS F 432 34.08 -11.57 22.69
CA HIS F 432 32.63 -11.57 22.84
C HIS F 432 31.93 -10.79 21.74
N ILE F 433 32.50 -9.66 21.31
CA ILE F 433 31.87 -8.84 20.29
C ILE F 433 31.81 -9.56 18.95
N VAL F 434 32.89 -10.23 18.56
CA VAL F 434 32.92 -10.90 17.25
C VAL F 434 31.89 -12.02 17.21
N GLN F 435 31.87 -12.86 18.26
CA GLN F 435 30.92 -13.96 18.31
C GLN F 435 29.48 -13.45 18.35
N SER F 436 29.21 -12.41 19.14
CA SER F 436 27.86 -11.85 19.22
C SER F 436 27.40 -11.23 17.91
N GLU F 437 28.27 -10.47 17.24
CA GLU F 437 27.90 -9.89 15.96
C GLU F 437 27.66 -10.96 14.91
N SER F 438 28.50 -11.99 14.89
CA SER F 438 28.33 -13.07 13.92
C SER F 438 27.03 -13.81 14.16
N VAL F 439 26.74 -14.15 15.42
CA VAL F 439 25.51 -14.90 15.69
C VAL F 439 24.29 -14.04 15.38
N SER F 440 24.35 -12.74 15.65
CA SER F 440 23.22 -11.87 15.33
C SER F 440 23.00 -11.76 13.82
N LEU F 441 24.08 -11.61 13.05
CA LEU F 441 23.93 -11.49 11.59
C LEU F 441 23.37 -12.75 10.98
N ILE F 442 23.94 -13.91 11.34
CA ILE F 442 23.46 -15.14 10.72
C ILE F 442 22.06 -15.49 11.24
N THR F 443 21.75 -15.14 12.48
CA THR F 443 20.39 -15.33 12.98
C THR F 443 19.39 -14.49 12.21
N LYS F 444 19.75 -13.25 11.89
CA LYS F 444 18.87 -12.42 11.08
C LYS F 444 18.69 -12.99 9.68
N ILE F 445 19.77 -13.48 9.07
CA ILE F 445 19.64 -14.08 7.74
C ILE F 445 18.72 -15.29 7.79
N LEU F 446 18.90 -16.17 8.78
CA LEU F 446 18.07 -17.35 8.88
C LEU F 446 16.62 -16.98 9.17
N SER F 447 16.39 -15.95 9.99
CA SER F 447 15.02 -15.51 10.27
C SER F 447 14.36 -14.97 9.02
N ASP F 448 15.09 -14.18 8.22
CA ASP F 448 14.56 -13.72 6.94
C ASP F 448 14.37 -14.85 5.94
N LEU F 449 15.03 -15.99 6.15
CA LEU F 449 14.90 -17.12 5.25
C LEU F 449 13.73 -18.04 5.59
N GLU F 450 12.96 -17.75 6.64
CA GLU F 450 11.80 -18.56 6.99
C GLU F 450 10.48 -17.81 6.93
N LEU F 451 10.49 -16.49 6.75
CA LEU F 451 9.24 -15.76 6.63
C LEU F 451 8.44 -16.26 5.45
N ASN F 452 7.18 -16.62 5.71
CA ASN F 452 6.32 -17.08 4.64
C ASN F 452 6.04 -15.95 3.67
N ILE F 453 5.85 -16.32 2.42
CA ILE F 453 5.77 -15.37 1.32
C ILE F 453 4.31 -15.05 1.05
N THR F 454 4.02 -13.77 0.86
CA THR F 454 2.67 -13.31 0.53
C THR F 454 2.15 -13.97 -0.74
N THR F 471 0.02 -43.92 -8.57
CA THR F 471 0.39 -45.22 -8.00
C THR F 471 0.01 -45.33 -6.53
N VAL F 472 0.36 -46.45 -5.92
CA VAL F 472 0.01 -46.69 -4.52
C VAL F 472 0.78 -45.74 -3.61
N LEU F 473 2.04 -45.44 -3.95
CA LEU F 473 2.86 -44.61 -3.09
C LEU F 473 2.32 -43.19 -2.98
N ASP F 474 1.60 -42.73 -4.01
CA ASP F 474 1.15 -41.35 -4.04
C ASP F 474 0.21 -41.03 -2.88
N LYS F 475 -0.57 -42.01 -2.42
CA LYS F 475 -1.49 -41.75 -1.31
C LYS F 475 -0.74 -41.39 -0.04
N PHE F 476 0.22 -42.25 0.37
CA PHE F 476 1.01 -41.95 1.55
C PHE F 476 1.87 -40.73 1.35
N PHE F 477 2.37 -40.51 0.13
CA PHE F 477 3.18 -39.33 -0.14
C PHE F 477 2.36 -38.06 0.10
N GLN F 478 1.19 -37.95 -0.52
CA GLN F 478 0.35 -36.77 -0.35
C GLN F 478 -0.10 -36.62 1.10
N ASN F 479 -0.31 -37.71 1.81
CA ASN F 479 -0.76 -37.58 3.19
C ASN F 479 0.34 -37.14 4.13
N GLU F 480 1.57 -37.64 3.93
CA GLU F 480 2.64 -37.36 4.93
C GLU F 480 3.69 -36.39 4.44
N THR F 481 4.33 -36.66 3.30
CA THR F 481 5.43 -35.81 2.90
C THR F 481 4.95 -34.54 2.23
N GLN F 482 4.09 -34.68 1.22
CA GLN F 482 3.56 -33.52 0.52
C GLN F 482 2.78 -32.60 1.45
N LYS F 483 2.34 -33.11 2.60
CA LYS F 483 1.55 -32.32 3.54
C LYS F 483 2.39 -31.73 4.66
N TYR F 484 3.45 -32.41 5.12
CA TYR F 484 4.22 -31.90 6.25
C TYR F 484 5.54 -31.25 5.85
N LEU F 485 6.07 -31.53 4.66
CA LEU F 485 7.33 -30.93 4.24
C LEU F 485 7.15 -30.01 3.04
N ILE F 486 6.62 -30.53 1.93
CA ILE F 486 6.51 -29.72 0.72
C ILE F 486 5.51 -28.59 0.93
N ASP F 487 4.38 -28.88 1.55
CA ASP F 487 3.38 -27.84 1.74
C ASP F 487 3.84 -26.78 2.73
N VAL F 488 4.62 -27.18 3.73
CA VAL F 488 5.15 -26.20 4.68
C VAL F 488 6.21 -25.33 4.01
N LEU F 489 7.10 -25.94 3.24
CA LEU F 489 8.23 -25.21 2.68
C LEU F 489 7.90 -24.48 1.39
N LYS F 490 6.74 -24.74 0.78
CA LYS F 490 6.40 -24.08 -0.47
C LYS F 490 6.13 -22.59 -0.28
N LYS F 491 5.87 -22.15 0.94
CA LYS F 491 5.57 -20.75 1.19
C LYS F 491 6.73 -19.96 1.77
N THR F 492 7.85 -20.62 2.09
CA THR F 492 8.94 -19.95 2.75
C THR F 492 9.67 -19.01 1.79
N THR F 493 10.45 -18.10 2.37
CA THR F 493 11.30 -17.24 1.57
C THR F 493 12.43 -18.01 0.93
N ALA F 494 12.94 -19.02 1.62
CA ALA F 494 14.08 -19.78 1.11
C ALA F 494 13.73 -20.50 -0.18
N TRP F 495 12.51 -21.01 -0.29
CA TRP F 495 12.08 -21.71 -1.50
C TRP F 495 12.18 -20.80 -2.73
N HIS F 496 11.59 -19.62 -2.65
CA HIS F 496 11.57 -18.73 -3.80
C HIS F 496 12.93 -18.10 -4.04
N ILE F 497 13.70 -17.83 -2.98
CA ILE F 497 15.06 -17.33 -3.17
C ILE F 497 15.91 -18.38 -3.85
N GLY F 498 15.67 -19.66 -3.54
CA GLY F 498 16.40 -20.71 -4.23
C GLY F 498 16.05 -20.81 -5.69
N HIS F 499 14.78 -20.65 -6.03
CA HIS F 499 14.41 -20.62 -7.44
C HIS F 499 15.06 -19.44 -8.16
N LEU F 500 15.10 -18.28 -7.50
CA LEU F 500 15.78 -17.12 -8.09
C LEU F 500 17.26 -17.40 -8.28
N ILE F 501 17.89 -18.06 -7.31
CA ILE F 501 19.30 -18.42 -7.42
C ILE F 501 19.53 -19.34 -8.61
N ARG F 502 18.60 -20.27 -8.82
CA ARG F 502 18.71 -21.14 -9.99
C ARG F 502 18.67 -20.34 -11.27
N ASP F 503 17.76 -19.36 -11.35
CA ASP F 503 17.70 -18.51 -12.54
C ASP F 503 19.00 -17.75 -12.76
N ILE F 504 19.53 -17.14 -11.70
CA ILE F 504 20.76 -16.35 -11.83
C ILE F 504 21.91 -17.23 -12.29
N THR F 505 22.05 -18.41 -11.68
CA THR F 505 23.13 -19.30 -12.07
C THR F 505 22.97 -19.78 -13.49
N GLU F 506 21.73 -19.99 -13.94
CA GLU F 506 21.53 -20.36 -15.34
C GLU F 506 22.00 -19.25 -16.27
N SER F 507 21.73 -18.00 -15.92
CA SER F 507 22.21 -16.89 -16.74
C SER F 507 23.74 -16.87 -16.77
N LEU F 508 24.38 -17.06 -15.63
CA LEU F 508 25.84 -17.08 -15.60
C LEU F 508 26.40 -18.21 -16.44
N ILE F 509 25.80 -19.39 -16.33
CA ILE F 509 26.25 -20.54 -17.10
C ILE F 509 26.11 -20.25 -18.59
N ALA F 510 24.98 -19.66 -18.99
CA ALA F 510 24.78 -19.34 -20.39
C ALA F 510 25.84 -18.37 -20.89
N HIS F 511 26.16 -17.35 -20.10
CA HIS F 511 27.19 -16.42 -20.50
C HIS F 511 28.60 -17.00 -20.42
N SER F 512 28.77 -18.16 -19.82
CA SER F 512 30.11 -18.71 -19.61
C SER F 512 30.73 -19.39 -20.84
N GLY F 513 30.12 -19.30 -22.02
CA GLY F 513 30.64 -19.98 -23.19
C GLY F 513 31.92 -19.36 -23.72
N LEU F 514 32.44 -19.94 -24.80
CA LEU F 514 33.67 -19.39 -25.40
C LEU F 514 33.39 -18.05 -26.06
N LYS F 515 32.34 -17.98 -26.87
CA LYS F 515 32.07 -16.81 -27.69
C LYS F 515 31.28 -15.75 -26.95
N ARG F 516 30.79 -16.04 -25.75
CA ARG F 516 30.03 -15.08 -24.97
C ARG F 516 30.78 -14.56 -23.77
N SER F 517 31.86 -15.23 -23.34
CA SER F 517 32.56 -14.81 -22.13
C SER F 517 33.18 -13.44 -22.30
N LYS F 518 33.76 -13.17 -23.47
CA LYS F 518 34.48 -11.92 -23.67
C LYS F 518 33.58 -10.70 -23.74
N TYR F 519 32.27 -10.87 -23.83
CA TYR F 519 31.34 -9.76 -23.97
C TYR F 519 30.54 -9.58 -22.69
N TRP F 520 30.02 -8.37 -22.51
CA TRP F 520 29.23 -8.03 -21.34
C TRP F 520 27.82 -8.57 -21.48
N SER F 521 27.07 -8.52 -20.37
CA SER F 521 25.69 -8.95 -20.39
C SER F 521 24.95 -8.29 -19.23
N LEU F 522 23.63 -8.33 -19.32
CA LEU F 522 22.77 -7.78 -18.28
C LEU F 522 21.47 -8.55 -18.27
N HIS F 523 21.03 -8.93 -17.08
CA HIS F 523 19.76 -9.63 -16.90
C HIS F 523 19.10 -9.13 -15.64
N SER F 524 17.78 -9.30 -15.58
CA SER F 524 17.03 -8.90 -14.40
C SER F 524 15.96 -9.95 -14.11
N TYR F 525 15.58 -10.04 -12.84
CA TYR F 525 14.63 -11.04 -12.39
C TYR F 525 13.71 -10.43 -11.34
N ASN F 526 12.54 -11.02 -11.18
CA ASN F 526 11.56 -10.61 -10.19
C ASN F 526 11.18 -9.15 -10.37
N ASN F 527 10.58 -8.86 -11.52
CA ASN F 527 10.00 -7.55 -11.82
C ASN F 527 11.04 -6.43 -11.75
N GLY F 528 12.30 -6.75 -12.02
CA GLY F 528 13.34 -5.76 -11.98
C GLY F 528 13.83 -5.38 -10.60
N ASN F 529 13.44 -6.12 -9.57
CA ASN F 529 13.92 -5.83 -8.22
C ASN F 529 15.29 -6.43 -7.95
N VAL F 530 15.73 -7.39 -8.74
CA VAL F 530 17.06 -7.98 -8.63
C VAL F 530 17.68 -8.01 -10.02
N ILE F 531 18.87 -7.45 -10.15
CA ILE F 531 19.52 -7.29 -11.44
C ILE F 531 20.89 -7.94 -11.39
N LEU F 532 21.23 -8.71 -12.42
CA LEU F 532 22.52 -9.37 -12.52
C LEU F 532 23.31 -8.78 -13.67
N PHE F 533 24.52 -8.32 -13.37
CA PHE F 533 25.41 -7.72 -14.36
C PHE F 533 26.61 -8.63 -14.52
N ILE F 534 26.89 -9.04 -15.76
CA ILE F 534 27.94 -10.01 -16.03
C ILE F 534 29.07 -9.30 -16.75
N LEU F 535 30.17 -9.09 -16.03
CA LEU F 535 31.35 -8.50 -16.61
C LEU F 535 32.04 -9.51 -17.52
N PRO F 536 32.86 -9.04 -18.47
CA PRO F 536 33.60 -9.99 -19.31
C PRO F 536 34.64 -10.73 -18.50
N SER F 537 34.96 -11.94 -18.93
CA SER F 537 35.89 -12.79 -18.20
C SER F 537 36.36 -13.90 -19.11
N LYS F 538 37.38 -14.62 -18.64
CA LYS F 538 37.87 -15.79 -19.36
C LYS F 538 36.79 -16.87 -19.41
N SER F 539 36.79 -17.63 -20.51
CA SER F 539 35.76 -18.64 -20.69
C SER F 539 35.85 -19.71 -19.61
N LEU F 540 34.69 -20.07 -19.05
CA LEU F 540 34.66 -21.03 -17.95
C LEU F 540 35.03 -22.43 -18.37
N GLU F 541 35.08 -22.73 -19.67
CA GLU F 541 35.48 -24.07 -20.08
C GLU F 541 36.99 -24.28 -20.13
N VAL F 542 37.76 -23.21 -20.05
CA VAL F 542 39.19 -23.33 -19.79
C VAL F 542 39.38 -23.51 -18.30
N ALA F 543 40.09 -24.56 -17.91
CA ALA F 543 40.25 -24.86 -16.50
C ALA F 543 40.94 -23.72 -15.77
N GLY F 544 40.52 -23.48 -14.53
CA GLY F 544 41.07 -22.41 -13.74
C GLY F 544 40.55 -21.03 -14.07
N SER F 545 39.52 -20.93 -14.89
CA SER F 545 38.94 -19.64 -15.23
C SER F 545 37.86 -19.25 -14.24
N PHE F 546 37.55 -17.96 -14.21
CA PHE F 546 36.53 -17.41 -13.35
C PHE F 546 35.58 -16.57 -14.17
N ILE F 547 34.33 -16.49 -13.72
CA ILE F 547 33.34 -15.61 -14.31
C ILE F 547 33.00 -14.54 -13.29
N ARG F 548 33.15 -13.28 -13.68
CA ARG F 548 33.01 -12.15 -12.78
C ARG F 548 31.68 -11.46 -13.03
N PHE F 549 30.91 -11.27 -11.97
CA PHE F 549 29.58 -10.67 -12.08
C PHE F 549 29.36 -9.75 -10.90
N ILE F 550 28.23 -9.05 -10.92
CA ILE F 550 27.88 -8.10 -9.87
C ILE F 550 26.37 -7.95 -9.88
N THR F 551 25.77 -7.94 -8.70
CA THR F 551 24.33 -7.90 -8.54
C THR F 551 23.89 -6.60 -7.90
N VAL F 552 22.74 -6.09 -8.32
CA VAL F 552 22.08 -4.97 -7.68
C VAL F 552 20.65 -5.40 -7.36
N PHE F 553 20.22 -5.15 -6.14
CA PHE F 553 18.94 -5.65 -5.67
C PHE F 553 18.32 -4.64 -4.72
N ARG F 554 17.00 -4.76 -4.55
CA ARG F 554 16.31 -3.88 -3.58
C ARG F 554 16.53 -4.44 -2.19
N ILE F 555 16.97 -3.60 -1.26
CA ILE F 555 17.28 -4.04 0.09
C ILE F 555 16.00 -4.48 0.78
N GLY F 556 16.02 -5.67 1.34
CA GLY F 556 14.87 -6.22 2.02
C GLY F 556 15.20 -7.56 2.63
N PRO F 557 14.23 -8.19 3.29
CA PRO F 557 14.48 -9.50 3.90
C PRO F 557 14.92 -10.52 2.87
N GLY F 558 15.90 -11.31 3.24
CA GLY F 558 16.46 -12.31 2.36
C GLY F 558 17.95 -12.48 2.64
N LEU F 559 18.66 -12.93 1.62
CA LEU F 559 20.10 -13.18 1.72
C LEU F 559 20.86 -11.87 1.55
N VAL F 560 20.79 -11.05 2.59
CA VAL F 560 21.39 -9.71 2.57
C VAL F 560 22.40 -9.61 3.69
N ASP F 561 23.63 -9.26 3.34
CA ASP F 561 24.67 -8.89 4.30
C ASP F 561 25.08 -7.47 3.99
N LYS F 562 24.65 -6.52 4.84
CA LYS F 562 24.89 -5.11 4.54
C LYS F 562 26.37 -4.77 4.52
N ASP F 563 27.13 -5.28 5.49
CA ASP F 563 28.49 -4.81 5.68
C ASP F 563 29.43 -5.29 4.60
N ASN F 564 29.04 -6.25 3.78
CA ASN F 564 29.90 -6.77 2.72
C ASN F 564 29.43 -6.35 1.33
N LEU F 565 28.44 -5.47 1.24
CA LEU F 565 28.08 -4.86 -0.03
C LEU F 565 29.09 -3.78 -0.40
N ASP F 566 29.17 -3.48 -1.70
CA ASP F 566 30.04 -2.40 -2.13
C ASP F 566 29.54 -1.05 -1.61
N THR F 567 28.26 -0.77 -1.83
CA THR F 567 27.62 0.42 -1.28
C THR F 567 26.12 0.23 -1.37
N ILE F 568 25.38 1.07 -0.68
CA ILE F 568 23.93 1.06 -0.68
C ILE F 568 23.46 2.37 -1.28
N LEU F 569 22.89 2.31 -2.47
CA LEU F 569 22.45 3.51 -3.17
C LEU F 569 21.07 3.93 -2.65
N ILE F 570 21.04 4.98 -1.85
CA ILE F 570 19.80 5.46 -1.26
C ILE F 570 18.92 6.06 -2.35
N ASP F 571 17.61 6.06 -2.12
CA ASP F 571 16.66 6.64 -3.05
C ASP F 571 15.46 7.14 -2.25
N GLY F 572 14.34 7.35 -2.93
CA GLY F 572 13.14 7.88 -2.31
C GLY F 572 12.36 6.83 -1.53
N ASP F 573 12.84 6.53 -0.32
CA ASP F 573 12.28 5.53 0.59
C ASP F 573 12.60 4.10 0.15
N SER F 574 13.57 3.95 -0.74
CA SER F 574 14.04 2.63 -1.16
C SER F 574 15.56 2.66 -1.23
N GLN F 575 16.19 1.61 -0.72
CA GLN F 575 17.63 1.48 -0.74
C GLN F 575 18.01 0.32 -1.66
N TRP F 576 18.92 0.58 -2.59
CA TRP F 576 19.38 -0.43 -3.55
C TRP F 576 20.81 -0.78 -3.20
N GLY F 577 21.04 -2.04 -2.85
CA GLY F 577 22.37 -2.51 -2.51
C GLY F 577 23.04 -3.08 -3.74
N VAL F 578 24.32 -2.76 -3.91
CA VAL F 578 25.12 -3.27 -5.02
C VAL F 578 26.31 -4.03 -4.44
N SER F 579 26.48 -5.27 -4.87
CA SER F 579 27.54 -6.12 -4.37
C SER F 579 28.88 -5.74 -5.00
N LYS F 580 29.94 -6.42 -4.58
CA LYS F 580 31.23 -6.25 -5.20
C LYS F 580 31.39 -7.23 -6.34
N VAL F 581 32.43 -7.02 -7.15
CA VAL F 581 32.65 -7.90 -8.29
C VAL F 581 33.05 -9.27 -7.76
N MET F 582 32.15 -10.23 -7.84
CA MET F 582 32.37 -11.55 -7.30
C MET F 582 32.62 -12.55 -8.43
N SER F 583 33.71 -13.30 -8.31
CA SER F 583 34.10 -14.26 -9.33
C SER F 583 34.01 -15.67 -8.76
N ILE F 584 33.36 -16.57 -9.49
CA ILE F 584 33.19 -17.95 -9.06
C ILE F 584 33.63 -18.87 -10.18
N ASP F 585 34.06 -20.06 -9.81
CA ASP F 585 34.52 -21.05 -10.77
C ASP F 585 33.36 -21.94 -11.19
N LEU F 586 33.65 -22.89 -12.08
CA LEU F 586 32.60 -23.76 -12.60
C LEU F 586 32.02 -24.65 -11.51
N ASN F 587 32.87 -25.19 -10.64
CA ASN F 587 32.38 -26.07 -9.58
C ASN F 587 31.42 -25.33 -8.66
N ARG F 588 31.81 -24.14 -8.20
CA ARG F 588 30.96 -23.37 -7.33
C ARG F 588 29.69 -22.92 -8.04
N LEU F 589 29.79 -22.62 -9.33
CA LEU F 589 28.61 -22.21 -10.09
C LEU F 589 27.60 -23.35 -10.16
N LEU F 590 28.06 -24.55 -10.51
CA LEU F 590 27.13 -25.68 -10.57
C LEU F 590 26.61 -26.05 -9.19
N ALA F 591 27.40 -25.84 -8.14
CA ALA F 591 26.92 -26.08 -6.79
C ALA F 591 25.81 -25.09 -6.43
N LEU F 592 25.96 -23.83 -6.82
CA LEU F 592 24.93 -22.84 -6.57
C LEU F 592 23.68 -23.12 -7.39
N ASN F 593 23.84 -23.73 -8.56
CA ASN F 593 22.69 -23.97 -9.42
C ASN F 593 21.70 -24.93 -8.76
N ILE F 594 22.19 -25.89 -7.98
CA ILE F 594 21.33 -26.93 -7.41
C ILE F 594 21.22 -26.76 -5.91
N ALA F 595 21.34 -25.51 -5.43
CA ALA F 595 21.25 -25.28 -3.99
C ALA F 595 19.87 -25.62 -3.46
N PHE F 596 18.82 -25.27 -4.21
CA PHE F 596 17.47 -25.53 -3.72
C PHE F 596 17.20 -27.02 -3.61
N GLU F 597 17.59 -27.79 -4.63
CA GLU F 597 17.35 -29.23 -4.61
C GLU F 597 18.15 -29.88 -3.49
N LYS F 598 19.41 -29.48 -3.32
CA LYS F 598 20.22 -30.05 -2.25
C LYS F 598 19.64 -29.74 -0.88
N ALA F 599 19.19 -28.50 -0.67
CA ALA F 599 18.59 -28.13 0.60
C ALA F 599 17.31 -28.92 0.84
N LEU F 600 16.49 -29.09 -0.18
CA LEU F 600 15.25 -29.86 -0.01
C LEU F 600 15.54 -31.32 0.29
N ILE F 601 16.53 -31.90 -0.38
CA ILE F 601 16.87 -33.30 -0.13
C ILE F 601 17.40 -33.48 1.29
N ALA F 602 18.27 -32.58 1.74
CA ALA F 602 18.77 -32.65 3.10
C ALA F 602 17.65 -32.46 4.12
N THR F 603 16.72 -31.55 3.84
CA THR F 603 15.59 -31.36 4.74
C THR F 603 14.71 -32.59 4.82
N ALA F 604 14.44 -33.23 3.69
CA ALA F 604 13.64 -34.45 3.70
C ALA F 604 14.35 -35.57 4.44
N THR F 605 15.67 -35.64 4.29
CA THR F 605 16.44 -36.62 5.06
C THR F 605 16.30 -36.37 6.56
N TRP F 606 16.43 -35.11 6.97
CA TRP F 606 16.23 -34.78 8.38
C TRP F 606 14.82 -35.11 8.82
N PHE F 607 13.84 -34.90 7.95
CA PHE F 607 12.45 -35.24 8.24
C PHE F 607 12.32 -36.72 8.54
N GLN F 608 12.86 -37.57 7.68
CA GLN F 608 12.80 -39.00 7.91
C GLN F 608 13.49 -39.37 9.21
N TYR F 609 14.68 -38.83 9.45
CA TYR F 609 15.43 -39.19 10.64
C TYR F 609 14.70 -38.74 11.91
N TYR F 610 14.07 -37.57 11.87
CA TYR F 610 13.30 -37.12 13.02
C TYR F 610 12.12 -38.04 13.30
N THR F 611 11.40 -38.45 12.26
CA THR F 611 10.30 -39.38 12.48
C THR F 611 10.79 -40.72 13.01
N GLU F 612 11.93 -41.19 12.50
CA GLU F 612 12.50 -42.43 13.02
C GLU F 612 12.88 -42.29 14.49
N ASP F 613 13.40 -41.14 14.88
CA ASP F 613 13.80 -40.93 16.26
C ASP F 613 12.59 -40.84 17.19
N GLN F 614 11.72 -39.87 16.94
CA GLN F 614 10.61 -39.60 17.84
C GLN F 614 9.40 -40.48 17.55
N GLY F 615 8.97 -40.52 16.30
CA GLY F 615 7.76 -41.24 15.95
C GLY F 615 6.58 -40.37 15.60
N GLN F 616 6.81 -39.08 15.34
CA GLN F 616 5.74 -38.15 15.03
C GLN F 616 6.28 -37.08 14.10
N PHE F 617 5.40 -36.50 13.30
CA PHE F 617 5.82 -35.52 12.32
C PHE F 617 6.25 -34.23 13.01
N PRO F 618 7.36 -33.63 12.60
CA PRO F 618 7.80 -32.39 13.22
C PRO F 618 6.87 -31.23 12.88
N LEU F 619 6.82 -30.27 13.79
CA LEU F 619 6.03 -29.07 13.56
C LEU F 619 6.66 -28.22 12.47
N GLN F 620 5.86 -27.33 11.89
CA GLN F 620 6.34 -26.55 10.76
C GLN F 620 7.53 -25.67 11.15
N TYR F 621 7.66 -25.33 12.43
CA TYR F 621 8.75 -24.46 12.84
C TYR F 621 10.10 -25.13 12.67
N ALA F 622 10.24 -26.37 13.16
CA ALA F 622 11.49 -27.09 12.99
C ALA F 622 11.80 -27.33 11.53
N ILE F 623 10.77 -27.65 10.75
CA ILE F 623 10.97 -27.90 9.32
C ILE F 623 11.53 -26.65 8.64
N ARG F 624 10.93 -25.50 8.92
CA ARG F 624 11.39 -24.27 8.27
C ARG F 624 12.78 -23.88 8.76
N SER F 625 13.06 -24.10 10.04
CA SER F 625 14.39 -23.78 10.56
C SER F 625 15.47 -24.62 9.89
N VAL F 626 15.23 -25.92 9.78
CA VAL F 626 16.26 -26.77 9.15
C VAL F 626 16.34 -26.50 7.66
N PHE F 627 15.24 -26.14 7.01
CA PHE F 627 15.35 -25.78 5.59
C PHE F 627 16.18 -24.52 5.41
N ALA F 628 15.96 -23.52 6.26
CA ALA F 628 16.78 -22.32 6.19
C ALA F 628 18.25 -22.64 6.44
N ASN F 629 18.53 -23.48 7.44
CA ASN F 629 19.91 -23.84 7.73
C ASN F 629 20.55 -24.57 6.56
N HIS F 630 19.86 -25.55 6.00
CA HIS F 630 20.43 -26.31 4.89
C HIS F 630 20.60 -25.46 3.66
N PHE F 631 19.66 -24.55 3.39
CA PHE F 631 19.80 -23.66 2.25
C PHE F 631 21.00 -22.73 2.42
N LEU F 632 21.19 -22.18 3.62
CA LEU F 632 22.33 -21.30 3.83
C LEU F 632 23.64 -22.07 3.73
N LEU F 633 23.66 -23.32 4.18
CA LEU F 633 24.89 -24.10 4.07
C LEU F 633 25.17 -24.51 2.64
N ALA F 634 24.12 -24.80 1.87
CA ALA F 634 24.32 -25.13 0.46
C ALA F 634 24.76 -23.93 -0.34
N ILE F 635 24.32 -22.74 0.06
CA ILE F 635 24.71 -21.52 -0.66
C ILE F 635 26.20 -21.26 -0.52
N CYS F 636 26.71 -21.32 0.71
CA CYS F 636 28.08 -20.91 1.00
C CYS F 636 28.96 -22.15 1.04
N GLN F 637 29.53 -22.50 -0.11
CA GLN F 637 30.47 -23.61 -0.21
C GLN F 637 31.86 -23.07 0.09
N LYS F 638 32.39 -23.43 1.26
CA LYS F 638 33.73 -23.04 1.66
C LYS F 638 34.41 -24.20 2.35
N MET F 639 35.74 -24.29 2.19
CA MET F 639 36.46 -25.45 2.71
C MET F 639 36.45 -25.50 4.22
N LYS F 640 36.49 -24.35 4.88
CA LYS F 640 36.53 -24.35 6.35
C LYS F 640 35.29 -25.00 6.93
N LEU F 641 34.11 -24.71 6.37
CA LEU F 641 32.89 -25.31 6.88
C LEU F 641 32.86 -26.80 6.63
N CYS F 642 33.35 -27.24 5.47
CA CYS F 642 33.40 -28.67 5.18
C CYS F 642 34.27 -29.39 6.19
N ALA F 643 35.47 -28.85 6.46
CA ALA F 643 36.34 -29.46 7.45
C ALA F 643 35.69 -29.45 8.83
N ILE F 644 35.01 -28.36 9.18
CA ILE F 644 34.38 -28.23 10.49
C ILE F 644 33.33 -29.32 10.69
N PHE F 645 32.47 -29.52 9.70
CA PHE F 645 31.45 -30.55 9.83
C PHE F 645 32.06 -31.95 9.81
N ASP F 646 33.10 -32.15 9.02
CA ASP F 646 33.78 -33.44 8.99
C ASP F 646 34.34 -33.79 10.36
N ASN F 647 34.97 -32.84 11.04
CA ASN F 647 35.49 -33.12 12.37
C ASN F 647 34.36 -33.28 13.37
N LEU F 648 33.27 -32.52 13.21
CA LEU F 648 32.17 -32.61 14.17
C LEU F 648 31.52 -33.99 14.14
N ARG F 649 31.50 -34.61 12.96
CA ARG F 649 31.05 -36.01 12.82
C ARG F 649 31.71 -36.93 13.84
N TYR F 650 33.00 -36.76 14.06
CA TYR F 650 33.73 -37.58 15.03
C TYR F 650 33.84 -36.93 16.39
N LEU F 651 33.51 -35.64 16.49
CA LEU F 651 33.55 -34.97 17.78
C LEU F 651 32.36 -35.35 18.64
N ILE F 652 31.18 -35.52 18.04
CA ILE F 652 29.99 -35.86 18.83
C ILE F 652 30.15 -37.16 19.60
N PRO F 653 30.52 -38.29 18.98
CA PRO F 653 30.73 -39.50 19.78
C PRO F 653 31.86 -39.39 20.76
N ALA F 654 32.81 -38.49 20.52
CA ALA F 654 33.99 -38.39 21.42
C ALA F 654 33.58 -37.73 22.74
N VAL F 655 32.51 -36.94 22.73
CA VAL F 655 32.01 -36.33 23.97
C VAL F 655 30.80 -37.05 24.50
N THR F 656 30.17 -37.92 23.72
CA THR F 656 29.11 -38.77 24.25
C THR F 656 29.64 -39.90 25.13
N SER F 657 30.79 -40.47 24.79
CA SER F 657 31.32 -41.62 25.51
C SER F 657 31.87 -41.19 26.87
N LEU F 658 32.45 -42.15 27.59
CA LEU F 658 32.99 -41.86 28.92
C LEU F 658 34.37 -41.23 28.84
N TYR F 659 35.34 -41.97 28.31
CA TYR F 659 36.64 -41.42 27.97
C TYR F 659 36.78 -41.43 26.45
N SER F 660 37.65 -40.56 25.96
CA SER F 660 37.88 -40.49 24.52
C SER F 660 39.12 -39.63 24.27
N GLY F 661 39.37 -39.29 23.02
CA GLY F 661 40.48 -38.44 22.67
C GLY F 661 40.00 -37.10 22.17
N PHE F 662 39.01 -36.52 22.83
CA PHE F 662 38.40 -35.29 22.34
C PHE F 662 39.34 -34.09 22.28
N PRO F 663 40.37 -33.93 23.12
CA PRO F 663 41.24 -32.74 22.97
C PRO F 663 41.87 -32.61 21.60
N SER F 664 42.30 -33.71 20.99
CA SER F 664 42.89 -33.65 19.66
C SER F 664 41.85 -33.25 18.62
N LEU F 665 40.63 -33.79 18.73
CA LEU F 665 39.59 -33.43 17.79
C LEU F 665 39.20 -31.96 17.93
N ILE F 666 39.21 -31.43 19.16
CA ILE F 666 38.96 -30.01 19.35
C ILE F 666 40.07 -29.19 18.71
N GLU F 667 41.32 -29.59 18.91
CA GLU F 667 42.44 -28.86 18.32
C GLU F 667 42.35 -28.85 16.80
N LYS F 668 41.79 -29.91 16.21
CA LYS F 668 41.63 -29.94 14.76
C LYS F 668 40.73 -28.82 14.25
N LEU F 669 39.89 -28.23 15.11
CA LEU F 669 38.97 -27.20 14.65
C LEU F 669 39.67 -25.89 14.37
N PHE F 670 40.80 -25.63 15.01
CA PHE F 670 41.49 -24.35 14.91
C PHE F 670 42.72 -24.42 14.01
N GLU F 671 42.65 -25.19 12.93
CA GLU F 671 43.78 -25.31 12.02
C GLU F 671 43.80 -24.24 10.94
N ARG F 672 42.63 -23.84 10.44
CA ARG F 672 42.58 -22.80 9.43
C ARG F 672 41.92 -21.55 9.99
N PRO F 673 42.22 -20.37 9.45
CA PRO F 673 41.64 -19.14 9.97
C PRO F 673 40.13 -19.08 9.78
N PHE F 674 39.46 -18.43 10.74
CA PHE F 674 38.05 -18.12 10.61
C PHE F 674 37.93 -16.78 9.89
N LYS F 675 37.36 -16.81 8.69
CA LYS F 675 37.35 -15.65 7.83
C LYS F 675 36.03 -14.87 7.84
N SER F 676 34.90 -15.56 7.87
CA SER F 676 33.60 -14.92 7.73
C SER F 676 32.75 -15.12 8.97
N SER F 677 31.57 -14.51 8.97
CA SER F 677 30.67 -14.59 10.10
C SER F 677 29.95 -15.93 10.17
N LEU F 678 29.73 -16.58 9.03
CA LEU F 678 29.11 -17.90 9.06
C LEU F 678 29.98 -18.89 9.80
N GLU F 679 31.29 -18.83 9.58
CA GLU F 679 32.20 -19.74 10.26
C GLU F 679 32.20 -19.50 11.76
N VAL F 680 32.16 -18.24 12.19
CA VAL F 680 32.11 -17.95 13.62
C VAL F 680 30.80 -18.42 14.21
N TYR F 681 29.70 -18.24 13.49
CA TYR F 681 28.40 -18.72 13.96
C TYR F 681 28.41 -20.24 14.13
N ILE F 682 28.95 -20.95 13.15
CA ILE F 682 28.99 -22.41 13.22
C ILE F 682 29.91 -22.87 14.34
N TYR F 683 31.03 -22.18 14.52
CA TYR F 683 31.95 -22.52 15.64
C TYR F 683 31.22 -22.33 16.96
N TYR F 684 30.54 -21.20 17.13
CA TYR F 684 29.84 -20.94 18.38
C TYR F 684 28.81 -22.04 18.66
N ASN F 685 28.04 -22.41 17.65
CA ASN F 685 27.06 -23.48 17.81
C ASN F 685 27.72 -24.79 18.19
N ILE F 686 28.84 -25.13 17.54
CA ILE F 686 29.54 -26.37 17.83
C ILE F 686 30.07 -26.37 19.26
N LYS F 687 30.64 -25.25 19.71
CA LYS F 687 31.17 -25.19 21.07
C LYS F 687 30.07 -25.38 22.09
N SER F 688 28.93 -24.70 21.90
CA SER F 688 27.81 -24.86 22.82
C SER F 688 27.29 -26.29 22.83
N LEU F 689 27.13 -26.88 21.64
CA LEU F 689 26.63 -28.25 21.54
C LEU F 689 27.57 -29.24 22.19
N LEU F 690 28.88 -29.10 21.96
CA LEU F 690 29.83 -30.04 22.53
C LEU F 690 29.89 -29.93 24.05
N VAL F 691 29.88 -28.71 24.58
CA VAL F 691 29.89 -28.57 26.03
C VAL F 691 28.62 -29.16 26.63
N ALA F 692 27.47 -28.92 25.99
CA ALA F 692 26.22 -29.47 26.50
C ALA F 692 26.25 -31.00 26.48
N LEU F 693 26.77 -31.59 25.40
CA LEU F 693 26.85 -33.04 25.31
C LEU F 693 27.77 -33.62 26.36
N ALA F 694 28.91 -32.98 26.61
CA ALA F 694 29.84 -33.48 27.61
C ALA F 694 29.31 -33.31 29.03
N GLN F 695 28.46 -32.31 29.27
CA GLN F 695 27.90 -32.10 30.59
C GLN F 695 26.98 -33.23 31.04
N ASN F 696 26.40 -33.97 30.10
CA ASN F 696 25.48 -35.05 30.47
C ASN F 696 26.18 -36.21 31.17
N ASN F 697 27.51 -36.22 31.16
CA ASN F 697 28.27 -37.38 31.71
C ASN F 697 28.52 -37.21 33.21
N LYS F 698 28.03 -36.12 33.83
CA LYS F 698 28.14 -35.96 35.28
C LYS F 698 27.00 -36.64 36.02
N ALA F 699 25.95 -37.05 35.32
CA ALA F 699 24.78 -37.67 35.94
C ALA F 699 24.64 -39.13 35.51
N ARG F 700 25.77 -39.83 35.44
CA ARG F 700 25.76 -41.25 34.99
C ARG F 700 25.48 -42.17 36.17
N PHE F 701 24.41 -42.97 36.09
CA PHE F 701 24.02 -43.89 37.15
C PHE F 701 23.76 -45.25 36.56
N TYR F 702 23.91 -46.28 37.38
CA TYR F 702 23.80 -47.67 36.92
C TYR F 702 22.37 -48.15 37.06
N SER F 703 21.86 -48.78 35.99
CA SER F 703 20.49 -49.26 35.95
C SER F 703 20.46 -50.74 35.57
N LYS F 704 19.29 -51.27 35.23
CA LYS F 704 19.15 -52.64 34.77
C LYS F 704 18.35 -52.65 33.47
N VAL F 705 18.96 -53.16 32.40
CA VAL F 705 18.32 -53.23 31.10
C VAL F 705 18.57 -54.61 30.51
N LYS F 706 17.71 -55.01 29.57
CA LYS F 706 17.80 -56.30 28.92
C LYS F 706 18.35 -56.10 27.51
N LEU F 707 19.62 -56.46 27.31
CA LEU F 707 20.23 -56.50 25.99
C LEU F 707 20.24 -57.94 25.50
N LEU F 708 19.84 -58.13 24.24
CA LEU F 708 19.74 -59.46 23.66
C LEU F 708 18.79 -60.32 24.47
N GLY F 709 19.30 -61.10 25.40
CA GLY F 709 18.45 -61.90 26.26
C GLY F 709 18.92 -61.95 27.70
N LEU F 710 19.76 -61.00 28.09
CA LEU F 710 20.35 -60.97 29.42
C LEU F 710 20.13 -59.59 30.03
N THR F 711 19.78 -59.57 31.32
CA THR F 711 19.57 -58.31 32.03
C THR F 711 20.88 -57.88 32.67
N VAL F 712 21.42 -56.75 32.22
CA VAL F 712 22.76 -56.32 32.58
C VAL F 712 22.72 -54.91 33.12
N ASP F 713 23.75 -54.56 33.89
CA ASP F 713 23.86 -53.26 34.53
C ASP F 713 24.52 -52.29 33.55
N GLN F 714 23.73 -51.43 32.93
CA GLN F 714 24.24 -50.42 32.03
C GLN F 714 24.48 -49.12 32.78
N SER F 715 25.14 -48.17 32.10
CA SER F 715 25.47 -46.87 32.66
C SER F 715 24.87 -45.80 31.76
N THR F 716 23.72 -45.25 32.17
CA THR F 716 23.00 -44.26 31.37
C THR F 716 23.46 -42.87 31.78
N VAL F 717 22.78 -41.83 31.32
CA VAL F 717 23.07 -40.46 31.74
C VAL F 717 21.86 -39.86 32.43
N VAL F 722 20.81 -33.31 27.83
CA VAL F 722 19.98 -33.81 26.75
C VAL F 722 20.79 -33.90 25.46
N TYR F 723 20.11 -34.02 24.33
CA TYR F 723 20.73 -34.10 23.02
C TYR F 723 20.13 -33.00 22.16
N PRO F 724 20.61 -31.76 22.31
CA PRO F 724 20.01 -30.64 21.58
C PRO F 724 20.31 -30.72 20.10
N SER F 725 19.31 -30.36 19.29
CA SER F 725 19.50 -30.33 17.86
C SER F 725 20.46 -29.23 17.47
N PHE F 726 21.13 -29.43 16.34
CA PHE F 726 22.09 -28.46 15.84
C PHE F 726 21.44 -27.32 15.07
N MET F 727 20.24 -27.54 14.52
CA MET F 727 19.65 -26.56 13.62
C MET F 727 18.16 -26.37 13.88
N SER F 728 17.72 -26.51 15.13
CA SER F 728 16.31 -26.29 15.45
C SER F 728 16.20 -26.07 16.96
N ARG F 729 14.95 -26.16 17.47
CA ARG F 729 14.70 -25.97 18.92
C ARG F 729 14.21 -27.28 19.52
N ILE F 730 14.35 -28.39 18.79
CA ILE F 730 13.90 -29.69 19.27
C ILE F 730 15.02 -30.37 20.04
N VAL F 731 14.67 -31.40 20.80
CA VAL F 731 15.64 -32.26 21.46
C VAL F 731 15.41 -33.68 20.97
N TYR F 732 16.51 -34.39 20.71
CA TYR F 732 16.46 -35.76 20.23
C TYR F 732 16.45 -36.74 21.39
N LYS F 733 16.17 -37.99 21.07
CA LYS F 733 16.18 -39.07 22.05
C LYS F 733 17.46 -39.89 22.01
N HIS F 734 18.02 -40.10 20.83
CA HIS F 734 19.30 -40.77 20.66
C HIS F 734 20.28 -39.80 19.99
N TYR F 735 21.52 -39.80 20.47
CA TYR F 735 22.51 -38.92 19.88
C TYR F 735 22.87 -39.32 18.47
N ARG F 736 22.53 -40.54 18.06
CA ARG F 736 22.78 -40.95 16.68
C ARG F 736 22.02 -40.05 15.70
N SER F 737 20.89 -39.50 16.13
CA SER F 737 20.17 -38.55 15.29
C SER F 737 20.96 -37.25 15.18
N LEU F 738 21.64 -36.85 16.25
CA LEU F 738 22.51 -35.69 16.19
C LEU F 738 23.65 -35.92 15.21
N ILE F 739 24.25 -37.11 15.25
CA ILE F 739 25.32 -37.44 14.32
C ILE F 739 24.81 -37.43 12.89
N SER F 740 23.59 -37.92 12.68
CA SER F 740 23.01 -37.94 11.35
C SER F 740 22.76 -36.54 10.84
N GLU F 741 22.29 -35.65 11.72
CA GLU F 741 22.13 -34.25 11.36
C GLU F 741 23.44 -33.65 10.90
N VAL F 742 24.50 -33.89 11.68
CA VAL F 742 25.81 -33.34 11.33
C VAL F 742 26.32 -33.93 10.02
N THR F 743 26.12 -35.22 9.80
CA THR F 743 26.57 -35.86 8.57
C THR F 743 25.83 -35.28 7.37
N THR F 744 24.52 -35.09 7.49
CA THR F 744 23.74 -34.48 6.42
C THR F 744 24.28 -33.10 6.10
N CYS F 745 24.61 -32.32 7.12
CA CYS F 745 25.23 -31.02 6.86
C CYS F 745 26.60 -31.14 6.20
N PHE F 746 27.37 -32.16 6.57
CA PHE F 746 28.69 -32.35 5.97
C PHE F 746 28.60 -32.66 4.48
N PHE F 747 27.61 -33.44 4.08
CA PHE F 747 27.51 -33.83 2.69
C PHE F 747 26.85 -32.78 1.81
N LEU F 748 26.43 -31.65 2.37
CA LEU F 748 25.95 -30.55 1.55
C LEU F 748 27.08 -29.78 0.89
N PHE F 749 28.33 -30.18 1.10
CA PHE F 749 29.48 -29.50 0.55
C PHE F 749 30.09 -30.36 -0.56
N GLU F 750 30.25 -29.76 -1.73
CA GLU F 750 30.60 -30.51 -2.93
C GLU F 750 32.02 -31.04 -2.85
N LYS F 751 32.21 -32.24 -3.41
CA LYS F 751 33.51 -32.91 -3.36
C LYS F 751 34.59 -32.20 -4.17
N GLY F 752 34.23 -31.21 -4.97
CA GLY F 752 35.22 -30.45 -5.73
C GLY F 752 36.20 -29.72 -4.84
N LEU F 753 35.68 -29.04 -3.80
CA LEU F 753 36.57 -28.40 -2.85
C LEU F 753 37.25 -29.40 -1.93
N HIS F 754 36.80 -30.64 -1.90
CA HIS F 754 37.46 -31.72 -1.16
C HIS F 754 38.78 -32.15 -1.79
N GLY F 755 39.08 -31.70 -3.01
CA GLY F 755 40.31 -32.07 -3.67
C GLY F 755 41.12 -30.88 -4.11
N ASN F 756 41.07 -29.80 -3.32
CA ASN F 756 41.85 -28.61 -3.63
C ASN F 756 43.33 -28.90 -3.45
N MET F 757 44.15 -28.09 -4.13
CA MET F 757 45.60 -28.23 -4.00
C MET F 757 46.04 -28.12 -2.55
N ASN F 758 45.33 -27.33 -1.75
CA ASN F 758 45.63 -27.24 -0.32
C ASN F 758 45.42 -28.57 0.36
N GLU F 759 44.54 -29.41 -0.19
CA GLU F 759 44.31 -30.73 0.37
C GLU F 759 45.14 -31.82 -0.31
N GLU F 760 45.88 -31.49 -1.37
CA GLU F 760 46.79 -32.44 -1.99
C GLU F 760 48.20 -32.26 -1.46
N ALA F 761 48.61 -31.01 -1.26
CA ALA F 761 49.88 -30.75 -0.59
C ALA F 761 49.92 -31.42 0.77
N LYS F 762 48.76 -31.52 1.44
CA LYS F 762 48.71 -32.14 2.75
C LYS F 762 49.11 -33.60 2.68
N ILE F 763 48.51 -34.37 1.76
CA ILE F 763 48.83 -35.79 1.68
C ILE F 763 50.25 -36.00 1.17
N HIS F 764 50.70 -35.18 0.21
CA HIS F 764 52.08 -35.26 -0.23
C HIS F 764 53.04 -35.08 0.94
N LEU F 765 52.81 -34.03 1.74
CA LEU F 765 53.69 -33.75 2.88
C LEU F 765 53.58 -34.84 3.93
N GLU F 766 52.39 -35.42 4.10
CA GLU F 766 52.22 -36.50 5.07
C GLU F 766 53.08 -37.70 4.70
N THR F 767 52.98 -38.14 3.44
CA THR F 767 53.78 -39.28 3.00
C THR F 767 55.26 -38.97 3.09
N VAL F 768 55.66 -37.76 2.69
CA VAL F 768 57.07 -37.40 2.71
C VAL F 768 57.59 -37.34 4.15
N GLU F 769 56.81 -36.77 5.06
CA GLU F 769 57.22 -36.68 6.46
C GLU F 769 57.39 -38.07 7.06
N TRP F 770 56.46 -38.99 6.77
CA TRP F 770 56.60 -40.32 7.34
C TRP F 770 57.78 -41.06 6.73
N ALA F 771 58.05 -40.84 5.44
CA ALA F 771 59.24 -41.42 4.83
C ALA F 771 60.51 -40.90 5.48
N LEU F 772 60.54 -39.61 5.77
CA LEU F 772 61.73 -39.02 6.41
C LEU F 772 61.91 -39.55 7.83
N LYS F 773 60.81 -39.73 8.56
CA LYS F 773 60.91 -40.33 9.89
C LYS F 773 61.45 -41.75 9.80
N PHE F 774 60.99 -42.51 8.79
CA PHE F 774 61.52 -43.85 8.59
C PHE F 774 63.01 -43.81 8.29
N ARG F 775 63.44 -42.85 7.48
CA ARG F 775 64.87 -42.71 7.20
C ARG F 775 65.65 -42.38 8.46
N GLU F 776 65.12 -41.51 9.30
CA GLU F 776 65.79 -41.15 10.54
C GLU F 776 65.96 -42.37 11.44
N LYS F 777 64.88 -43.15 11.60
CA LYS F 777 64.99 -44.38 12.38
C LYS F 777 65.99 -45.33 11.75
N GLU F 778 66.01 -45.39 10.42
CA GLU F 778 66.93 -46.28 9.70
C GLU F 778 68.38 -45.90 9.99
N GLU F 779 68.69 -44.61 9.93
CA GLU F 779 70.08 -44.19 10.11
C GLU F 779 70.49 -44.22 11.58
N LYS F 780 69.56 -44.03 12.51
CA LYS F 780 69.89 -44.12 13.92
C LYS F 780 70.09 -45.57 14.36
N TYR F 781 69.22 -46.47 13.91
CA TYR F 781 69.21 -47.84 14.37
C TYR F 781 69.78 -48.84 13.37
N GLY F 782 70.22 -48.40 12.20
CA GLY F 782 70.71 -49.31 11.19
C GLY F 782 69.58 -49.87 10.33
N GLU F 783 69.84 -50.02 9.03
CA GLU F 783 68.78 -50.43 8.11
C GLU F 783 68.27 -51.83 8.42
N SER F 784 69.18 -52.76 8.72
CA SER F 784 68.77 -54.14 8.93
C SER F 784 67.85 -54.28 10.12
N LEU F 785 68.11 -53.51 11.18
CA LEU F 785 67.28 -53.63 12.37
C LEU F 785 65.88 -53.09 12.13
N VAL F 786 65.76 -51.96 11.43
CA VAL F 786 64.44 -51.41 11.14
C VAL F 786 63.67 -52.33 10.21
N GLU F 787 64.32 -52.82 9.15
CA GLU F 787 63.62 -53.62 8.16
C GLU F 787 63.26 -55.00 8.71
N ASN F 788 64.13 -55.58 9.54
CA ASN F 788 63.89 -56.92 10.05
C ASN F 788 63.26 -56.92 11.44
N GLY F 789 63.40 -55.85 12.19
CA GLY F 789 62.76 -55.79 13.50
C GLY F 789 63.67 -56.26 14.62
N TYR F 790 63.49 -55.65 15.79
CA TYR F 790 64.35 -55.93 16.92
C TYR F 790 63.90 -57.20 17.65
N MET F 791 64.73 -57.63 18.59
CA MET F 791 64.44 -58.78 19.42
C MET F 791 63.90 -58.30 20.76
N MET F 792 63.66 -59.25 21.67
CA MET F 792 63.15 -58.87 22.98
C MET F 792 64.22 -58.20 23.82
N TRP F 793 65.43 -58.75 23.84
CA TRP F 793 66.46 -58.21 24.72
C TRP F 793 66.84 -56.79 24.33
N GLU F 794 66.84 -56.50 23.02
CA GLU F 794 67.09 -55.12 22.59
C GLU F 794 66.05 -54.18 23.16
N LEU F 795 64.79 -54.59 23.13
CA LEU F 795 63.73 -53.74 23.68
C LEU F 795 63.88 -53.56 25.18
N ARG F 796 64.17 -54.64 25.90
CA ARG F 796 64.30 -54.54 27.35
C ARG F 796 65.52 -53.72 27.74
N ALA F 797 66.56 -53.70 26.91
CA ALA F 797 67.74 -52.90 27.21
C ALA F 797 67.64 -51.48 26.68
N ASN F 798 66.69 -51.18 25.80
CA ASN F 798 66.54 -49.84 25.25
C ASN F 798 65.25 -49.17 25.68
N ALA F 799 64.10 -49.81 25.45
CA ALA F 799 62.77 -49.34 25.81
C ALA F 799 62.33 -48.12 25.01
N GLU F 800 63.21 -47.55 24.18
CA GLU F 800 62.81 -46.54 23.22
C GLU F 800 62.55 -47.12 21.84
N LEU F 801 62.79 -48.41 21.66
CA LEU F 801 62.52 -49.08 20.39
C LEU F 801 61.05 -49.35 20.18
N ALA F 802 60.25 -49.37 21.25
CA ALA F 802 58.82 -49.60 21.10
C ALA F 802 58.18 -48.36 20.50
N GLU F 803 58.05 -48.32 19.17
CA GLU F 803 57.59 -47.14 18.48
C GLU F 803 56.98 -47.57 17.16
N GLN F 804 56.18 -46.69 16.58
CA GLN F 804 55.64 -46.95 15.25
C GLN F 804 56.78 -47.03 14.24
N GLN F 805 56.58 -47.86 13.23
CA GLN F 805 57.56 -48.19 12.19
C GLN F 805 58.69 -49.07 12.71
N LEU F 806 58.53 -49.66 13.89
CA LEU F 806 59.49 -50.63 14.43
C LEU F 806 58.71 -51.76 15.08
N TYR F 807 59.03 -52.99 14.72
CA TYR F 807 58.30 -54.14 15.21
C TYR F 807 59.26 -55.14 15.84
N CYS F 808 58.77 -55.88 16.83
CA CYS F 808 59.57 -56.83 17.59
C CYS F 808 59.39 -58.22 17.01
N GLN F 809 60.49 -58.85 16.61
CA GLN F 809 60.40 -60.17 15.99
C GLN F 809 59.78 -61.18 16.93
N ASP F 810 60.16 -61.16 18.20
CA ASP F 810 59.59 -62.08 19.16
C ASP F 810 58.08 -61.89 19.27
N ALA F 811 57.62 -60.64 19.25
CA ALA F 811 56.20 -60.38 19.36
C ALA F 811 55.44 -60.93 18.16
N ILE F 812 55.98 -60.75 16.96
CA ILE F 812 55.32 -61.27 15.77
C ILE F 812 55.27 -62.80 15.82
N GLU F 813 56.37 -63.43 16.22
CA GLU F 813 56.39 -64.88 16.34
C GLU F 813 55.36 -65.37 17.35
N LEU F 814 55.29 -64.70 18.50
CA LEU F 814 54.34 -65.12 19.53
C LEU F 814 52.91 -64.93 19.06
N ALA F 815 52.61 -63.82 18.38
CA ALA F 815 51.26 -63.60 17.89
C ALA F 815 50.89 -64.65 16.84
N ALA F 816 51.84 -65.00 15.98
CA ALA F 816 51.59 -66.07 15.02
C ALA F 816 51.29 -67.38 15.74
N ILE F 817 52.00 -67.67 16.83
CA ILE F 817 51.73 -68.87 17.60
C ILE F 817 50.33 -68.82 18.21
N GLU F 818 49.95 -67.67 18.77
CA GLU F 818 48.65 -67.56 19.41
C GLU F 818 47.53 -67.72 18.40
N LEU F 819 47.70 -67.22 17.18
CA LEU F 819 46.69 -67.41 16.16
C LEU F 819 46.73 -68.83 15.60
N ASN F 820 47.91 -69.46 15.57
CA ASN F 820 48.00 -70.85 15.15
C ASN F 820 47.26 -71.76 16.10
N LYS F 821 47.25 -71.43 17.40
CA LYS F 821 46.51 -72.23 18.35
C LYS F 821 45.03 -72.29 18.03
N VAL F 822 44.53 -71.33 17.24
CA VAL F 822 43.15 -71.33 16.77
C VAL F 822 43.04 -71.93 15.38
N LEU F 823 43.98 -71.60 14.50
CA LEU F 823 43.91 -72.08 13.12
C LEU F 823 44.24 -73.56 13.00
N ALA F 824 44.83 -74.17 14.04
CA ALA F 824 45.21 -75.57 13.95
C ALA F 824 44.02 -76.50 13.86
N THR F 825 42.84 -76.06 14.29
CA THR F 825 41.63 -76.86 14.19
C THR F 825 40.94 -76.70 12.85
N LYS F 826 41.55 -75.99 11.91
CA LYS F 826 40.94 -75.72 10.62
C LYS F 826 41.93 -75.88 9.48
N SER F 827 42.91 -76.78 9.64
CA SER F 827 43.96 -76.90 8.60
C SER F 827 43.35 -77.27 7.25
N SER F 828 42.47 -78.27 7.23
CA SER F 828 41.94 -78.74 5.96
C SER F 828 41.20 -77.63 5.22
N VAL F 829 40.34 -76.90 5.92
CA VAL F 829 39.58 -75.84 5.27
C VAL F 829 40.49 -74.66 4.91
N VAL F 830 41.52 -74.40 5.70
CA VAL F 830 42.47 -73.35 5.34
C VAL F 830 43.17 -73.70 4.03
N ALA F 831 43.63 -74.94 3.92
CA ALA F 831 44.28 -75.37 2.69
C ALA F 831 43.32 -75.31 1.51
N ASN F 832 42.08 -75.75 1.70
CA ASN F 832 41.13 -75.73 0.61
C ASN F 832 40.85 -74.30 0.16
N SER F 833 40.68 -73.38 1.10
CA SER F 833 40.41 -71.99 0.75
C SER F 833 41.61 -71.38 0.04
N ILE F 834 42.82 -71.67 0.49
CA ILE F 834 44.01 -71.14 -0.16
C ILE F 834 44.10 -71.66 -1.59
N LEU F 835 43.83 -72.95 -1.79
CA LEU F 835 43.93 -73.53 -3.12
C LEU F 835 42.81 -73.09 -4.05
N SER F 836 41.66 -72.68 -3.49
CA SER F 836 40.55 -72.24 -4.33
C SER F 836 40.66 -70.78 -4.75
N LYS F 837 41.84 -70.18 -4.68
CA LYS F 837 42.03 -68.79 -5.06
C LYS F 837 42.48 -68.64 -6.52
N ASN F 838 42.49 -69.72 -7.28
CA ASN F 838 42.83 -69.69 -8.70
C ASN F 838 44.24 -69.14 -8.91
N TRP F 839 45.21 -69.92 -8.44
CA TRP F 839 46.61 -69.58 -8.65
C TRP F 839 47.12 -69.96 -10.04
N GLU F 840 46.33 -70.71 -10.80
CA GLU F 840 46.73 -71.08 -12.16
C GLU F 840 45.85 -70.44 -13.23
N GLU F 841 44.79 -69.73 -12.84
CA GLU F 841 43.96 -69.04 -13.81
C GLU F 841 44.72 -67.88 -14.44
N PRO F 842 44.47 -67.58 -15.71
CA PRO F 842 45.13 -66.44 -16.35
C PRO F 842 44.83 -65.14 -15.62
N TYR F 843 45.83 -64.28 -15.50
CA TYR F 843 45.69 -63.06 -14.72
C TYR F 843 44.70 -62.10 -15.37
N PHE F 844 44.86 -61.83 -16.65
CA PHE F 844 44.09 -60.77 -17.30
C PHE F 844 42.69 -61.21 -17.70
N SER F 845 42.32 -62.45 -17.43
CA SER F 845 40.98 -62.94 -17.73
C SER F 845 40.01 -62.69 -16.58
N GLN F 846 40.40 -61.93 -15.57
CA GLN F 846 39.56 -61.64 -14.43
C GLN F 846 38.99 -60.24 -14.53
N THR F 847 37.69 -60.12 -14.23
CA THR F 847 37.03 -58.82 -14.31
C THR F 847 37.64 -57.81 -13.35
N ARG F 848 38.35 -58.26 -12.32
CA ARG F 848 39.01 -57.35 -11.41
C ARG F 848 40.34 -56.84 -11.94
N ASN F 849 40.87 -57.44 -13.00
CA ASN F 849 42.11 -57.01 -13.60
C ASN F 849 41.93 -56.32 -14.93
N ILE F 850 40.70 -56.09 -15.37
CA ILE F 850 40.42 -55.31 -16.57
C ILE F 850 39.40 -54.25 -16.24
N SER F 851 39.39 -53.80 -14.99
CA SER F 851 38.35 -52.89 -14.50
C SER F 851 38.65 -51.47 -14.96
N LEU F 852 37.94 -50.50 -14.38
CA LEU F 852 38.09 -49.09 -14.71
C LEU F 852 38.83 -48.31 -13.62
N LYS F 853 39.44 -49.00 -12.67
CA LYS F 853 40.10 -48.32 -11.56
C LYS F 853 41.42 -47.69 -12.00
N GLY F 854 41.78 -46.61 -11.33
CA GLY F 854 43.00 -45.90 -11.68
C GLY F 854 44.24 -46.74 -11.44
N MET F 855 45.25 -46.50 -12.26
CA MET F 855 46.42 -47.36 -12.28
C MET F 855 47.55 -46.68 -13.05
N SER F 856 48.71 -46.55 -12.43
CA SER F 856 49.79 -45.76 -13.02
C SER F 856 50.48 -46.53 -14.13
N GLY F 857 50.85 -45.80 -15.19
CA GLY F 857 51.46 -46.41 -16.35
C GLY F 857 52.97 -46.45 -16.30
N GLN F 858 53.63 -45.77 -17.23
CA GLN F 858 55.08 -45.71 -17.27
C GLN F 858 55.55 -44.29 -16.98
N VAL F 859 56.83 -44.17 -16.66
CA VAL F 859 57.46 -42.88 -16.47
C VAL F 859 57.74 -42.26 -17.84
N GLN F 860 57.34 -41.00 -18.01
CA GLN F 860 57.49 -40.31 -19.28
C GLN F 860 58.88 -39.70 -19.38
N GLU F 861 59.13 -39.00 -20.50
CA GLU F 861 60.44 -38.42 -20.74
C GLU F 861 60.77 -37.37 -19.68
N ASP F 862 59.81 -36.51 -19.36
CA ASP F 862 60.05 -35.51 -18.32
C ASP F 862 60.24 -36.17 -16.96
N GLY F 863 59.64 -37.33 -16.73
CA GLY F 863 59.78 -38.07 -15.50
C GLY F 863 58.50 -38.26 -14.72
N HIS F 864 57.46 -37.47 -14.99
CA HIS F 864 56.20 -37.61 -14.27
C HIS F 864 55.54 -38.94 -14.62
N LEU F 865 55.10 -39.66 -13.59
CA LEU F 865 54.38 -40.91 -13.81
C LEU F 865 53.03 -40.63 -14.45
N SER F 866 52.64 -41.50 -15.38
CA SER F 866 51.42 -41.32 -16.16
C SER F 866 50.28 -42.04 -15.47
N SER F 867 49.29 -41.27 -15.02
CA SER F 867 48.08 -41.86 -14.45
C SER F 867 47.21 -42.42 -15.55
N SER F 868 46.73 -43.64 -15.35
CA SER F 868 46.00 -44.35 -16.39
C SER F 868 44.96 -45.23 -15.70
N VAL F 869 44.43 -46.19 -16.45
CA VAL F 869 43.37 -47.07 -15.97
C VAL F 869 43.81 -48.51 -16.21
N THR F 870 43.26 -49.43 -15.41
CA THR F 870 43.71 -50.82 -15.44
C THR F 870 43.54 -51.46 -16.80
N ILE F 871 42.44 -51.17 -17.50
CA ILE F 871 42.19 -51.81 -18.79
C ILE F 871 43.28 -51.45 -19.78
N ILE F 872 43.69 -50.18 -19.81
CA ILE F 872 44.77 -49.77 -20.72
C ILE F 872 46.06 -50.49 -20.39
N GLU F 873 46.38 -50.63 -19.10
CA GLU F 873 47.60 -51.32 -18.73
C GLU F 873 47.56 -52.79 -19.13
N ALA F 874 46.40 -53.43 -18.97
CA ALA F 874 46.27 -54.82 -19.39
C ALA F 874 46.46 -54.95 -20.89
N ILE F 875 45.87 -54.04 -21.66
CA ILE F 875 46.04 -54.07 -23.12
C ILE F 875 47.50 -53.85 -23.48
N ARG F 876 48.16 -52.92 -22.80
CA ARG F 876 49.56 -52.65 -23.08
C ARG F 876 50.42 -53.87 -22.82
N TYR F 877 50.18 -54.55 -21.70
CA TYR F 877 51.01 -55.74 -21.38
C TYR F 877 50.74 -56.79 -22.42
N LEU F 878 49.47 -57.04 -22.72
CA LEU F 878 49.14 -58.12 -23.65
C LEU F 878 49.72 -57.88 -25.03
N SER F 879 49.65 -56.63 -25.51
CA SER F 879 50.21 -56.32 -26.82
C SER F 879 51.73 -56.45 -26.81
N ASN F 880 52.38 -55.82 -25.83
CA ASN F 880 53.84 -55.82 -25.81
C ASN F 880 54.40 -57.21 -25.57
N SER F 881 53.81 -57.95 -24.64
CA SER F 881 54.28 -59.30 -24.34
C SER F 881 53.62 -60.28 -25.31
N ARG F 882 53.77 -61.58 -25.04
CA ARG F 882 53.36 -62.60 -25.99
C ARG F 882 52.13 -63.39 -25.56
N HIS F 883 51.88 -63.56 -24.26
CA HIS F 883 50.74 -64.34 -23.82
C HIS F 883 50.33 -63.88 -22.42
N ASN F 884 49.08 -64.16 -22.06
CA ASN F 884 48.59 -63.79 -20.74
C ASN F 884 48.90 -64.90 -19.75
N PRO F 885 49.72 -64.64 -18.73
CA PRO F 885 50.15 -65.68 -17.82
C PRO F 885 49.26 -65.75 -16.59
N SER F 886 49.47 -66.81 -15.80
CA SER F 886 48.82 -66.89 -14.50
C SER F 886 49.48 -65.88 -13.55
N LEU F 887 48.89 -65.76 -12.36
CA LEU F 887 49.34 -64.73 -11.43
C LEU F 887 50.80 -64.94 -11.03
N LEU F 888 51.18 -66.19 -10.72
CA LEU F 888 52.56 -66.44 -10.32
C LEU F 888 53.53 -66.21 -11.46
N LYS F 889 53.16 -66.63 -12.68
CA LYS F 889 54.00 -66.36 -13.83
C LYS F 889 54.20 -64.87 -14.05
N LEU F 890 53.10 -64.11 -13.96
CA LEU F 890 53.21 -62.66 -14.13
C LEU F 890 54.08 -62.05 -13.05
N TYR F 891 53.97 -62.55 -11.82
CA TYR F 891 54.83 -62.05 -10.76
C TYR F 891 56.29 -62.33 -11.07
N GLU F 892 56.59 -63.53 -11.56
CA GLU F 892 57.99 -63.87 -11.84
C GLU F 892 58.53 -63.05 -13.00
N GLU F 893 57.69 -62.70 -13.98
CA GLU F 893 58.15 -61.88 -15.12
C GLU F 893 58.37 -60.43 -14.69
N THR F 894 57.73 -60.01 -13.60
CA THR F 894 57.80 -58.64 -13.15
C THR F 894 58.49 -58.50 -11.80
N ARG F 895 59.21 -59.52 -11.36
CA ARG F 895 59.82 -59.48 -10.03
C ARG F 895 60.89 -58.40 -9.93
N GLU F 896 61.68 -58.22 -11.00
CA GLU F 896 62.82 -57.31 -10.93
C GLU F 896 62.42 -55.84 -11.01
N GLN F 897 61.23 -55.53 -11.50
CA GLN F 897 60.81 -54.14 -11.64
C GLN F 897 60.62 -53.51 -10.28
N LYS F 898 60.94 -52.22 -10.17
CA LYS F 898 60.76 -51.48 -8.94
C LYS F 898 59.34 -50.94 -8.86
N ALA F 899 58.72 -51.09 -7.69
CA ALA F 899 57.39 -50.54 -7.49
C ALA F 899 57.43 -49.03 -7.54
N MET F 900 56.37 -48.43 -8.05
CA MET F 900 56.25 -46.98 -8.11
C MET F 900 54.79 -46.59 -7.87
N ALA F 901 54.59 -45.46 -7.21
CA ALA F 901 53.24 -45.03 -6.86
C ALA F 901 53.16 -43.52 -6.91
N ARG F 902 51.96 -43.01 -7.18
CA ARG F 902 51.72 -41.58 -7.28
C ARG F 902 50.28 -41.31 -6.89
N ILE F 903 49.99 -40.06 -6.60
CA ILE F 903 48.66 -39.64 -6.14
C ILE F 903 47.77 -39.44 -7.35
N VAL F 904 46.50 -39.85 -7.22
CA VAL F 904 45.53 -39.76 -8.30
C VAL F 904 45.44 -38.32 -8.79
N ARG F 905 45.05 -38.15 -10.05
CA ARG F 905 45.08 -36.83 -10.68
C ARG F 905 44.14 -35.84 -9.99
N LYS F 906 42.83 -36.09 -10.12
CA LYS F 906 41.84 -35.29 -9.43
C LYS F 906 40.92 -36.21 -8.64
N TYR F 907 40.61 -37.36 -9.24
CA TYR F 907 39.76 -38.39 -8.66
C TYR F 907 40.09 -38.68 -7.20
N GLY F 915 40.87 -44.80 -2.35
CA GLY F 915 42.22 -44.50 -1.93
C GLY F 915 42.77 -43.24 -2.58
N PHE F 916 43.98 -42.86 -2.21
CA PHE F 916 44.64 -41.69 -2.78
C PHE F 916 45.80 -42.02 -3.68
N PHE F 917 46.30 -43.25 -3.67
CA PHE F 917 47.51 -43.62 -4.38
C PHE F 917 47.17 -44.66 -5.45
N ILE F 918 47.64 -44.42 -6.66
CA ILE F 918 47.64 -45.44 -7.69
C ILE F 918 49.05 -46.01 -7.78
N THR F 919 49.17 -47.17 -8.41
CA THR F 919 50.44 -47.86 -8.44
C THR F 919 50.52 -48.69 -9.71
N THR F 920 51.74 -49.05 -10.08
CA THR F 920 52.02 -49.68 -11.37
C THR F 920 51.51 -51.12 -11.36
N LEU F 921 51.78 -51.85 -12.45
CA LEU F 921 51.24 -53.19 -12.64
C LEU F 921 51.93 -54.25 -11.79
N PRO F 922 53.26 -54.31 -11.75
CA PRO F 922 53.90 -55.31 -10.88
C PRO F 922 53.51 -55.17 -9.42
N THR F 923 53.37 -53.93 -8.94
CA THR F 923 52.97 -53.73 -7.55
C THR F 923 51.56 -54.24 -7.31
N ARG F 924 50.65 -53.97 -8.23
CA ARG F 924 49.30 -54.48 -8.10
C ARG F 924 49.30 -56.00 -8.12
N CYS F 925 50.15 -56.60 -8.94
CA CYS F 925 50.24 -58.06 -8.98
C CYS F 925 50.71 -58.62 -7.64
N ARG F 926 51.75 -58.02 -7.06
CA ARG F 926 52.25 -58.49 -5.77
C ARG F 926 51.20 -58.34 -4.69
N LEU F 927 50.53 -57.18 -4.66
CA LEU F 927 49.50 -56.96 -3.65
C LEU F 927 48.35 -57.94 -3.82
N GLU F 928 48.01 -58.28 -5.07
CA GLU F 928 46.96 -59.27 -5.28
C GLU F 928 47.38 -60.64 -4.80
N ILE F 929 48.66 -61.00 -4.99
CA ILE F 929 49.14 -62.28 -4.45
C ILE F 929 48.96 -62.32 -2.94
N ILE F 930 49.48 -61.29 -2.26
CA ILE F 930 49.44 -61.29 -0.79
C ILE F 930 48.01 -61.25 -0.30
N GLU F 931 47.17 -60.40 -0.90
CA GLU F 931 45.79 -60.25 -0.48
C GLU F 931 45.00 -61.52 -0.72
N ASP F 932 45.20 -62.20 -1.85
CA ASP F 932 44.48 -63.44 -2.08
C ASP F 932 44.86 -64.48 -1.05
N TYR F 933 46.16 -64.64 -0.81
CA TYR F 933 46.59 -65.63 0.18
C TYR F 933 46.00 -65.33 1.55
N TYR F 934 46.04 -64.07 1.97
CA TYR F 934 45.59 -63.76 3.31
C TYR F 934 44.08 -63.74 3.45
N ASP F 935 43.35 -63.32 2.42
CA ASP F 935 41.90 -63.41 2.49
C ASP F 935 41.46 -64.87 2.56
N ALA F 936 42.12 -65.75 1.80
CA ALA F 936 41.82 -67.16 1.94
C ALA F 936 42.08 -67.65 3.35
N ILE F 937 43.26 -67.31 3.90
CA ILE F 937 43.61 -67.81 5.23
C ILE F 937 42.76 -67.18 6.33
N ALA F 938 42.12 -66.04 6.07
CA ALA F 938 41.37 -65.32 7.09
C ALA F 938 39.86 -65.42 6.94
N LYS F 939 39.36 -65.97 5.85
CA LYS F 939 37.93 -66.20 5.74
C LYS F 939 37.46 -67.27 6.71
N ASN F 940 38.37 -68.11 7.20
CA ASN F 940 38.00 -69.25 8.01
C ASN F 940 37.79 -68.91 9.48
N ILE F 941 38.22 -67.73 9.93
CA ILE F 941 37.94 -67.30 11.30
C ILE F 941 36.90 -66.18 11.31
N SER F 942 36.09 -66.08 10.26
CA SER F 942 35.09 -65.03 10.17
C SER F 942 33.93 -65.23 11.14
N GLU F 943 33.81 -66.41 11.74
CA GLU F 943 32.72 -66.65 12.68
C GLU F 943 33.10 -66.32 14.11
N GLU F 944 34.36 -66.02 14.38
CA GLU F 944 34.82 -65.70 15.72
C GLU F 944 35.41 -64.31 15.86
N TYR F 945 36.30 -63.91 14.95
CA TYR F 945 37.05 -62.67 15.11
C TYR F 945 36.79 -61.66 14.00
N ILE F 946 36.99 -62.02 12.75
CA ILE F 946 36.74 -61.11 11.65
C ILE F 946 35.26 -61.10 11.35
N SER F 947 34.83 -60.12 10.55
CA SER F 947 33.44 -60.02 10.13
C SER F 947 33.41 -59.48 8.70
N TYR F 948 32.59 -60.09 7.85
CA TYR F 948 32.59 -59.82 6.41
C TYR F 948 31.27 -59.17 6.04
N GLY F 949 31.25 -57.84 6.03
CA GLY F 949 30.02 -57.08 5.87
C GLY F 949 29.14 -57.45 4.70
N GLY F 950 27.85 -57.64 4.98
CA GLY F 950 26.87 -57.96 3.95
C GLY F 950 26.08 -59.23 4.21
N GLU F 951 26.76 -60.26 4.71
CA GLU F 951 26.13 -61.52 5.06
C GLU F 951 25.77 -61.49 6.54
N LYS F 952 25.50 -62.66 7.14
CA LYS F 952 25.39 -62.79 8.59
C LYS F 952 26.79 -62.71 9.16
N LYS F 953 27.28 -61.47 9.30
CA LYS F 953 28.67 -61.21 9.67
C LYS F 953 28.84 -60.63 11.07
N ILE F 954 27.80 -60.02 11.63
CA ILE F 954 27.90 -59.45 12.96
C ILE F 954 28.09 -60.55 14.01
N LEU F 955 28.01 -61.81 13.60
CA LEU F 955 28.06 -62.95 14.51
C LEU F 955 29.30 -62.92 15.38
N ALA F 956 30.42 -62.43 14.86
CA ALA F 956 31.62 -62.31 15.69
C ALA F 956 31.42 -61.29 16.80
N ILE F 957 30.93 -60.10 16.45
CA ILE F 957 30.73 -59.06 17.44
C ILE F 957 29.57 -59.40 18.37
N GLN F 958 28.50 -59.98 17.82
CA GLN F 958 27.40 -60.40 18.68
C GLN F 958 27.83 -61.48 19.64
N GLY F 959 28.65 -62.43 19.18
CA GLY F 959 29.16 -63.45 20.07
C GLY F 959 30.06 -62.88 21.15
N ALA F 960 30.92 -61.94 20.78
CA ALA F 960 31.75 -61.28 21.78
C ALA F 960 30.90 -60.58 22.82
N LEU F 961 29.87 -59.86 22.37
CA LEU F 961 28.98 -59.17 23.30
C LEU F 961 28.25 -60.14 24.22
N GLU F 962 27.75 -61.25 23.65
CA GLU F 962 27.03 -62.22 24.47
C GLU F 962 27.94 -62.84 25.50
N LYS F 963 29.16 -63.20 25.12
CA LYS F 963 30.09 -63.77 26.08
C LYS F 963 30.46 -62.76 27.15
N ALA F 964 30.61 -61.48 26.77
CA ALA F 964 30.89 -60.44 27.75
C ALA F 964 29.76 -60.30 28.75
N LEU F 965 28.52 -60.25 28.27
CA LEU F 965 27.37 -60.10 29.17
C LEU F 965 27.23 -61.32 30.07
N ARG F 966 27.42 -62.51 29.52
CA ARG F 966 27.35 -63.72 30.33
C ARG F 966 28.41 -63.72 31.42
N TRP F 967 29.62 -63.30 31.09
CA TRP F 967 30.66 -63.20 32.12
C TRP F 967 30.31 -62.16 33.16
N ALA F 968 29.74 -61.03 32.74
CA ALA F 968 29.42 -59.97 33.68
C ALA F 968 28.31 -60.39 34.63
N SER F 969 27.39 -61.24 34.18
CA SER F 969 26.28 -61.64 35.02
C SER F 969 26.77 -62.34 36.28
N GLY F 970 27.74 -63.24 36.14
CA GLY F 970 28.24 -63.97 37.29
C GLY F 970 29.06 -63.08 38.21
N GLU F 971 29.52 -63.69 39.30
CA GLU F 971 30.32 -63.00 40.30
C GLU F 971 31.65 -63.72 40.47
N SER F 972 32.66 -62.95 40.85
CA SER F 972 34.02 -63.46 41.01
C SER F 972 34.45 -63.38 42.47
N PHE F 973 35.07 -64.45 42.95
CA PHE F 973 35.60 -64.51 44.31
C PHE F 973 37.08 -64.85 44.22
N ILE F 974 37.92 -64.03 44.84
CA ILE F 974 39.34 -64.29 44.85
C ILE F 974 39.68 -65.12 46.07
N GLU F 975 40.80 -65.83 46.01
CA GLU F 975 41.20 -66.78 47.05
C GLU F 975 42.45 -66.24 47.74
N LEU F 976 42.30 -65.87 49.00
CA LEU F 976 43.44 -65.45 49.82
C LEU F 976 44.16 -66.71 50.29
N SER F 977 45.38 -66.57 50.81
CA SER F 977 46.20 -67.74 51.13
C SER F 977 45.54 -68.63 52.18
N ASN F 978 44.91 -68.03 53.19
CA ASN F 978 44.36 -68.82 54.29
C ASN F 978 42.94 -69.28 54.01
N HIS F 979 42.73 -69.87 52.84
CA HIS F 979 41.46 -70.50 52.47
C HIS F 979 40.27 -69.57 52.72
N LYS F 980 40.41 -68.32 52.29
CA LYS F 980 39.38 -67.32 52.44
C LYS F 980 38.95 -66.78 51.09
N PHE F 981 37.75 -66.21 51.05
CA PHE F 981 37.17 -65.68 49.83
C PHE F 981 36.87 -64.19 50.00
N ILE F 982 37.18 -63.41 48.97
CA ILE F 982 36.85 -61.99 48.91
C ILE F 982 35.89 -61.80 47.75
N ARG F 983 34.72 -61.26 48.02
CA ARG F 983 33.76 -61.01 46.97
C ARG F 983 34.26 -59.89 46.05
N MET F 984 33.87 -59.97 44.78
CA MET F 984 34.22 -58.99 43.78
C MET F 984 33.04 -58.76 42.86
N LYS F 985 32.95 -57.54 42.31
CA LYS F 985 31.92 -57.18 41.36
C LYS F 985 32.52 -57.12 39.97
N ARG F 986 31.94 -57.86 39.04
CA ARG F 986 32.41 -57.86 37.66
C ARG F 986 31.75 -56.74 36.89
N LYS F 987 32.56 -55.92 36.23
CA LYS F 987 32.07 -54.84 35.39
C LYS F 987 32.82 -54.83 34.07
N LEU F 988 32.17 -54.32 33.03
CA LEU F 988 32.73 -54.27 31.70
C LEU F 988 32.94 -52.83 31.27
N MET F 989 33.88 -52.63 30.36
CA MET F 989 33.94 -51.37 29.63
C MET F 989 34.55 -51.62 28.26
N TYR F 990 33.89 -51.09 27.23
CA TYR F 990 34.19 -51.40 25.85
C TYR F 990 35.01 -50.27 25.22
N VAL F 991 35.87 -50.65 24.29
CA VAL F 991 36.70 -49.71 23.54
C VAL F 991 36.44 -49.94 22.06
N SER F 992 36.10 -48.88 21.34
CA SER F 992 35.96 -48.92 19.89
C SER F 992 37.14 -48.21 19.26
N ALA F 993 37.77 -48.83 18.28
CA ALA F 993 38.91 -48.22 17.62
C ALA F 993 39.00 -48.72 16.20
N ASP F 994 39.66 -47.94 15.34
CA ASP F 994 40.01 -48.37 13.99
C ASP F 994 41.48 -48.81 13.95
N ALA F 995 41.72 -49.97 14.54
CA ALA F 995 43.09 -50.43 14.70
C ALA F 995 43.74 -50.82 13.38
N THR F 996 42.99 -51.50 12.53
CA THR F 996 43.54 -52.03 11.28
C THR F 996 43.44 -51.05 10.13
N LYS F 997 42.90 -49.86 10.36
CA LYS F 997 42.90 -48.83 9.33
C LYS F 997 44.33 -48.49 8.94
N TRP F 998 44.57 -48.40 7.63
CA TRP F 998 45.92 -48.16 7.15
C TRP F 998 46.42 -46.80 7.64
N SER F 999 47.59 -46.79 8.27
CA SER F 999 48.20 -45.54 8.69
C SER F 999 49.49 -45.33 7.93
N PRO F 1000 49.83 -44.08 7.60
CA PRO F 1000 51.01 -43.84 6.76
C PRO F 1000 52.30 -44.31 7.38
N GLY F 1001 52.41 -44.31 8.69
CA GLY F 1001 53.60 -44.83 9.33
C GLY F 1001 53.45 -46.28 9.73
N ASP F 1002 53.93 -47.18 8.89
CA ASP F 1002 53.79 -48.61 9.15
C ASP F 1002 54.86 -49.36 8.37
N ASN F 1003 55.38 -50.41 8.99
CA ASN F 1003 56.41 -51.25 8.38
C ASN F 1003 55.72 -52.48 7.81
N SER F 1004 55.58 -52.53 6.47
CA SER F 1004 55.01 -53.71 5.86
C SER F 1004 55.87 -54.94 6.07
N ALA F 1005 57.15 -54.76 6.37
CA ALA F 1005 58.04 -55.89 6.58
C ALA F 1005 57.63 -56.72 7.78
N LYS F 1006 56.82 -56.18 8.68
CA LYS F 1006 56.37 -56.95 9.83
C LYS F 1006 55.51 -58.14 9.42
N PHE F 1007 55.02 -58.15 8.18
CA PHE F 1007 54.17 -59.24 7.74
C PHE F 1007 54.97 -60.45 7.30
N ARG F 1008 56.26 -60.28 7.01
CA ARG F 1008 57.06 -61.37 6.45
C ARG F 1008 57.22 -62.50 7.47
N ARG F 1009 57.65 -62.17 8.68
CA ARG F 1009 57.79 -63.22 9.69
C ARG F 1009 56.43 -63.80 10.05
N PHE F 1010 55.40 -62.96 10.01
CA PHE F 1010 54.05 -63.44 10.31
C PHE F 1010 53.64 -64.53 9.35
N THR F 1011 53.81 -64.30 8.05
CA THR F 1011 53.47 -65.35 7.10
C THR F 1011 54.50 -66.48 7.09
N SER F 1012 55.72 -66.24 7.55
CA SER F 1012 56.66 -67.33 7.75
C SER F 1012 56.21 -68.29 8.84
N MET F 1013 55.51 -67.79 9.84
CA MET F 1013 55.11 -68.62 10.97
C MET F 1013 53.64 -69.00 10.99
N LEU F 1014 52.77 -68.33 10.23
CA LEU F 1014 51.36 -68.68 10.27
C LEU F 1014 51.14 -70.08 9.73
N HIS F 1015 50.25 -70.82 10.38
CA HIS F 1015 49.96 -72.19 9.99
C HIS F 1015 48.91 -72.23 8.90
N ASN F 1016 49.22 -72.92 7.80
CA ASN F 1016 48.27 -73.19 6.74
C ASN F 1016 48.28 -74.68 6.46
N GLY F 1017 47.17 -75.18 5.93
CA GLY F 1017 47.06 -76.61 5.69
C GLY F 1017 47.95 -77.13 4.58
N LEU F 1018 48.63 -76.25 3.85
CA LEU F 1018 49.44 -76.68 2.73
C LEU F 1018 50.61 -77.53 3.20
N PRO F 1019 50.97 -78.60 2.48
CA PRO F 1019 52.05 -79.47 2.93
C PRO F 1019 53.43 -78.87 2.69
N ASN F 1020 53.59 -78.10 1.63
CA ASN F 1020 54.87 -77.49 1.30
C ASN F 1020 54.85 -76.01 1.71
N ASN F 1021 55.90 -75.30 1.34
CA ASN F 1021 56.02 -73.87 1.64
C ASN F 1021 56.17 -73.02 0.38
N LYS F 1022 55.77 -73.55 -0.78
CA LYS F 1022 55.95 -72.81 -2.03
C LYS F 1022 55.10 -71.54 -2.03
N LEU F 1023 53.81 -71.67 -1.73
CA LEU F 1023 52.93 -70.50 -1.74
C LEU F 1023 53.30 -69.52 -0.63
N LYS F 1024 53.60 -70.04 0.56
CA LYS F 1024 53.97 -69.15 1.66
C LYS F 1024 55.24 -68.38 1.34
N ASN F 1025 56.24 -69.06 0.77
CA ASN F 1025 57.47 -68.36 0.41
C ASN F 1025 57.25 -67.38 -0.73
N CYS F 1026 56.35 -67.70 -1.66
CA CYS F 1026 56.04 -66.74 -2.71
C CYS F 1026 55.41 -65.49 -2.14
N VAL F 1027 54.51 -65.65 -1.16
CA VAL F 1027 53.93 -64.50 -0.48
C VAL F 1027 55.00 -63.68 0.23
N ILE F 1028 55.93 -64.36 0.89
CA ILE F 1028 57.02 -63.65 1.55
C ILE F 1028 57.84 -62.86 0.54
N ASP F 1029 58.11 -63.46 -0.63
CA ASP F 1029 58.89 -62.78 -1.65
C ASP F 1029 58.15 -61.57 -2.22
N ALA F 1030 56.83 -61.70 -2.40
CA ALA F 1030 56.04 -60.55 -2.82
C ALA F 1030 56.11 -59.43 -1.79
N LEU F 1031 56.00 -59.79 -0.50
CA LEU F 1031 56.12 -58.79 0.55
C LEU F 1031 57.47 -58.11 0.50
N LYS F 1032 58.53 -58.89 0.25
CA LYS F 1032 59.86 -58.32 0.16
C LYS F 1032 59.95 -57.32 -0.99
N GLN F 1033 59.35 -57.67 -2.13
CA GLN F 1033 59.46 -56.80 -3.30
C GLN F 1033 58.63 -55.53 -3.16
N VAL F 1034 57.50 -55.60 -2.43
CA VAL F 1034 56.67 -54.41 -2.23
C VAL F 1034 57.22 -53.49 -1.15
N TYR F 1035 58.37 -53.82 -0.57
CA TYR F 1035 58.90 -53.06 0.56
C TYR F 1035 59.28 -51.64 0.15
N LYS F 1036 60.05 -51.50 -0.92
CA LYS F 1036 60.54 -50.20 -1.36
C LYS F 1036 59.75 -49.71 -2.57
N THR F 1037 59.19 -48.52 -2.45
CA THR F 1037 58.34 -47.95 -3.49
C THR F 1037 58.89 -46.60 -3.91
N ASP F 1038 58.72 -46.27 -5.18
CA ASP F 1038 59.20 -45.01 -5.75
C ASP F 1038 58.04 -44.04 -5.82
N PHE F 1039 57.95 -43.15 -4.81
CA PHE F 1039 56.89 -42.15 -4.81
C PHE F 1039 57.18 -41.08 -5.86
N PHE F 1040 56.13 -40.66 -6.55
CA PHE F 1040 56.24 -39.68 -7.63
C PHE F 1040 55.39 -38.46 -7.30
N MET F 1041 55.98 -37.28 -7.47
CA MET F 1041 55.26 -36.04 -7.23
C MET F 1041 54.33 -35.74 -8.39
N SER F 1042 53.08 -35.39 -8.07
CA SER F 1042 52.10 -35.10 -9.10
C SER F 1042 52.47 -33.84 -9.88
N ARG F 1043 52.03 -33.79 -11.14
CA ARG F 1043 52.42 -32.69 -12.02
C ARG F 1043 51.94 -31.35 -11.48
N LYS F 1044 50.72 -31.30 -10.95
CA LYS F 1044 50.18 -30.04 -10.44
C LYS F 1044 51.05 -29.48 -9.33
N LEU F 1045 51.48 -30.34 -8.40
CA LEU F 1045 52.33 -29.87 -7.31
C LEU F 1045 53.68 -29.40 -7.83
N ARG F 1046 54.24 -30.10 -8.82
CA ARG F 1046 55.52 -29.69 -9.37
C ARG F 1046 55.42 -28.33 -10.02
N ASN F 1047 54.35 -28.09 -10.77
CA ASN F 1047 54.16 -26.78 -11.40
C ASN F 1047 53.94 -25.70 -10.35
N TYR F 1048 53.14 -25.99 -9.33
CA TYR F 1048 52.81 -24.99 -8.31
C TYR F 1048 54.02 -24.62 -7.48
N ILE F 1049 54.86 -25.61 -7.16
CA ILE F 1049 56.01 -25.38 -6.29
C ILE F 1049 57.06 -24.49 -6.93
N ASP F 1050 57.02 -24.31 -8.26
CA ASP F 1050 57.95 -23.40 -8.90
C ASP F 1050 57.67 -21.95 -8.56
N SER F 1051 56.54 -21.66 -7.92
CA SER F 1051 56.17 -20.32 -7.51
C SER F 1051 55.71 -20.34 -6.06
N MET F 1052 55.84 -19.17 -5.41
CA MET F 1052 55.45 -18.98 -4.01
C MET F 1052 56.16 -20.02 -3.12
N GLU F 1053 57.47 -19.80 -2.98
CA GLU F 1053 58.28 -20.57 -2.05
C GLU F 1053 58.59 -19.78 -0.78
N SER F 1054 57.64 -18.93 -0.35
CA SER F 1054 57.85 -18.17 0.88
C SER F 1054 57.96 -19.10 2.08
N LEU F 1055 57.13 -20.13 2.13
CA LEU F 1055 57.17 -21.10 3.22
C LEU F 1055 58.33 -22.07 3.01
N ASP F 1056 59.55 -21.55 3.08
CA ASP F 1056 60.77 -22.29 2.77
C ASP F 1056 61.05 -23.52 3.62
N PRO F 1057 60.83 -23.54 4.94
CA PRO F 1057 61.30 -24.69 5.73
C PRO F 1057 60.74 -26.04 5.26
N HIS F 1058 59.42 -26.21 5.36
CA HIS F 1058 58.83 -27.51 5.08
C HIS F 1058 58.86 -27.81 3.58
N ILE F 1059 58.66 -26.80 2.74
CA ILE F 1059 58.72 -27.01 1.31
C ILE F 1059 60.12 -27.41 0.89
N LYS F 1060 61.13 -26.79 1.48
CA LYS F 1060 62.51 -27.15 1.20
C LYS F 1060 62.81 -28.58 1.62
N GLN F 1061 62.32 -28.99 2.80
CA GLN F 1061 62.51 -30.38 3.21
C GLN F 1061 61.82 -31.33 2.22
N PHE F 1062 60.59 -30.98 1.82
CA PHE F 1062 59.84 -31.82 0.89
C PHE F 1062 60.57 -31.97 -0.44
N LEU F 1063 61.11 -30.86 -0.96
CA LEU F 1063 61.87 -30.94 -2.21
C LEU F 1063 63.18 -31.70 -2.01
N ASP F 1064 63.79 -31.60 -0.83
CA ASP F 1064 64.99 -32.38 -0.54
C ASP F 1064 64.70 -33.86 -0.54
N PHE F 1065 63.46 -34.25 -0.19
CA PHE F 1065 63.12 -35.66 -0.24
C PHE F 1065 63.25 -36.22 -1.65
N PHE F 1066 63.03 -35.40 -2.67
CA PHE F 1066 63.16 -35.84 -4.06
C PHE F 1066 64.56 -35.54 -4.56
N PRO F 1067 65.39 -36.55 -4.85
CA PRO F 1067 66.74 -36.29 -5.34
C PRO F 1067 66.75 -35.56 -6.68
N ASP F 1068 66.07 -36.12 -7.67
CA ASP F 1068 66.01 -35.52 -8.99
C ASP F 1068 64.84 -34.58 -9.16
N GLY F 1069 64.05 -34.35 -8.11
CA GLY F 1069 62.90 -33.49 -8.20
C GLY F 1069 61.71 -34.09 -8.90
N HIS F 1070 61.70 -35.41 -9.11
CA HIS F 1070 60.56 -36.05 -9.77
C HIS F 1070 60.10 -37.31 -9.05
N HIS F 1071 61.02 -37.99 -8.37
CA HIS F 1071 60.66 -39.23 -7.70
C HIS F 1071 61.66 -39.53 -6.59
N GLY F 1072 61.15 -40.04 -5.48
CA GLY F 1072 61.98 -40.45 -4.36
C GLY F 1072 61.69 -41.89 -3.97
N GLU F 1073 62.36 -42.32 -2.90
CA GLU F 1073 62.25 -43.69 -2.42
C GLU F 1073 61.45 -43.71 -1.13
N VAL F 1074 60.43 -44.54 -1.08
CA VAL F 1074 59.59 -44.73 0.10
C VAL F 1074 59.74 -46.18 0.54
N LYS F 1075 59.96 -46.39 1.83
CA LYS F 1075 60.20 -47.72 2.38
C LYS F 1075 59.22 -47.99 3.51
N GLY F 1076 58.92 -49.27 3.70
CA GLY F 1076 58.04 -49.67 4.80
C GLY F 1076 56.58 -49.40 4.51
N ASN F 1077 56.22 -48.14 4.37
CA ASN F 1077 54.85 -47.78 4.02
C ASN F 1077 54.48 -48.40 2.67
N TRP F 1078 53.33 -49.07 2.62
CA TRP F 1078 52.88 -49.70 1.39
C TRP F 1078 51.84 -48.87 0.66
N LEU F 1079 51.62 -47.63 1.09
CA LEU F 1079 50.91 -46.62 0.30
C LEU F 1079 49.49 -47.07 -0.07
N GLN F 1080 48.70 -47.31 0.98
CA GLN F 1080 47.27 -47.59 0.84
C GLN F 1080 46.99 -48.80 -0.02
N GLY F 1081 47.96 -49.69 -0.18
CA GLY F 1081 47.71 -50.90 -0.92
C GLY F 1081 46.68 -51.77 -0.23
N ASN F 1082 45.97 -52.58 -1.01
CA ASN F 1082 44.91 -53.39 -0.44
C ASN F 1082 45.48 -54.56 0.35
N LEU F 1083 45.76 -54.32 1.62
CA LEU F 1083 46.17 -55.37 2.56
C LEU F 1083 45.23 -55.40 3.75
N ASN F 1084 43.92 -55.26 3.48
CA ASN F 1084 42.96 -55.14 4.56
C ASN F 1084 42.90 -56.42 5.38
N LYS F 1085 42.72 -57.56 4.71
CA LYS F 1085 42.56 -58.81 5.45
C LYS F 1085 43.84 -59.21 6.15
N CYS F 1086 44.99 -58.99 5.49
CA CYS F 1086 46.27 -59.29 6.12
C CYS F 1086 46.47 -58.46 7.38
N SER F 1087 46.20 -57.16 7.30
CA SER F 1087 46.38 -56.30 8.46
C SER F 1087 45.40 -56.64 9.57
N SER F 1088 44.15 -56.94 9.23
CA SER F 1088 43.18 -57.30 10.24
C SER F 1088 43.54 -58.61 10.93
N LEU F 1089 44.02 -59.59 10.15
CA LEU F 1089 44.48 -60.84 10.75
C LEU F 1089 45.67 -60.62 11.66
N PHE F 1090 46.57 -59.72 11.26
CA PHE F 1090 47.69 -59.37 12.13
C PHE F 1090 47.21 -58.77 13.44
N GLY F 1091 46.23 -57.87 13.36
CA GLY F 1091 45.70 -57.26 14.57
C GLY F 1091 45.04 -58.28 15.48
N VAL F 1092 44.30 -59.21 14.89
CA VAL F 1092 43.69 -60.27 15.69
C VAL F 1092 44.76 -61.10 16.38
N ALA F 1093 45.84 -61.40 15.67
CA ALA F 1093 46.93 -62.16 16.26
C ALA F 1093 47.51 -61.42 17.46
N MET F 1094 47.77 -60.12 17.30
CA MET F 1094 48.37 -59.37 18.41
C MET F 1094 47.42 -59.25 19.58
N SER F 1095 46.12 -59.13 19.32
CA SER F 1095 45.16 -59.05 20.41
C SER F 1095 45.08 -60.36 21.17
N LEU F 1096 45.11 -61.49 20.46
CA LEU F 1096 45.16 -62.78 21.14
C LEU F 1096 46.44 -62.92 21.94
N LEU F 1097 47.55 -62.36 21.43
CA LEU F 1097 48.80 -62.37 22.18
C LEU F 1097 48.66 -61.60 23.48
N PHE F 1098 48.04 -60.43 23.44
CA PHE F 1098 47.83 -59.68 24.67
C PHE F 1098 46.94 -60.45 25.63
N LYS F 1099 45.89 -61.09 25.12
CA LYS F 1099 45.01 -61.87 25.97
C LYS F 1099 45.77 -62.95 26.70
N GLN F 1100 46.63 -63.68 25.97
CA GLN F 1100 47.42 -64.72 26.60
C GLN F 1100 48.37 -64.12 27.64
N VAL F 1101 49.01 -63.00 27.31
CA VAL F 1101 49.97 -62.41 28.24
C VAL F 1101 49.28 -61.95 29.51
N TRP F 1102 48.11 -61.32 29.39
CA TRP F 1102 47.39 -60.88 30.58
C TRP F 1102 46.93 -62.05 31.41
N THR F 1103 46.41 -63.10 30.78
CA THR F 1103 46.00 -64.27 31.54
C THR F 1103 47.18 -64.88 32.29
N ASN F 1104 48.36 -64.90 31.66
CA ASN F 1104 49.55 -65.35 32.35
C ASN F 1104 49.94 -64.42 33.49
N LEU F 1105 49.71 -63.12 33.32
CA LEU F 1105 50.17 -62.14 34.30
C LEU F 1105 49.46 -62.31 35.64
N PHE F 1106 48.15 -62.50 35.63
CA PHE F 1106 47.33 -62.57 36.83
C PHE F 1106 46.50 -63.85 36.82
N PRO F 1107 47.14 -65.00 37.07
CA PRO F 1107 46.37 -66.25 37.10
C PRO F 1107 45.31 -66.26 38.20
N GLU F 1108 45.58 -65.57 39.31
CA GLU F 1108 44.62 -65.54 40.41
C GLU F 1108 43.39 -64.72 40.05
N LEU F 1109 43.59 -63.58 39.38
CA LEU F 1109 42.48 -62.70 39.07
C LEU F 1109 41.59 -63.28 37.97
N ASP F 1110 40.28 -63.08 38.14
CA ASP F 1110 39.30 -63.61 37.15
C ASP F 1110 38.91 -62.49 36.18
N CYS F 1111 39.81 -62.12 35.29
CA CYS F 1111 39.57 -61.05 34.33
C CYS F 1111 38.92 -61.61 33.07
N PHE F 1112 38.81 -60.77 32.06
CA PHE F 1112 38.03 -61.10 30.86
C PHE F 1112 38.46 -60.19 29.74
N PHE F 1113 38.50 -60.72 28.52
CA PHE F 1113 38.86 -59.94 27.36
C PHE F 1113 38.33 -60.63 26.11
N GLU F 1114 37.49 -59.95 25.35
CA GLU F 1114 37.00 -60.46 24.08
C GLU F 1114 36.87 -59.31 23.10
N PHE F 1115 37.25 -59.58 21.85
CA PHE F 1115 37.23 -58.57 20.80
C PHE F 1115 36.65 -59.18 19.54
N ALA F 1116 36.33 -58.33 18.58
CA ALA F 1116 35.80 -58.79 17.31
C ALA F 1116 35.98 -57.68 16.28
N HIS F 1117 36.85 -57.90 15.30
CA HIS F 1117 37.06 -56.91 14.26
C HIS F 1117 35.91 -56.93 13.26
N HIS F 1118 35.71 -55.80 12.60
CA HIS F 1118 34.79 -55.71 11.48
C HIS F 1118 35.34 -54.70 10.50
N SER F 1119 35.87 -55.17 9.39
CA SER F 1119 36.46 -54.32 8.35
C SER F 1119 37.60 -53.54 9.00
N ASP F 1120 37.54 -52.21 9.06
CA ASP F 1120 38.60 -51.41 9.65
C ASP F 1120 38.34 -51.08 11.11
N ASP F 1121 37.25 -51.57 11.70
CA ASP F 1121 36.89 -51.26 13.07
C ASP F 1121 37.37 -52.35 14.01
N ALA F 1122 36.98 -52.21 15.28
CA ALA F 1122 37.28 -53.18 16.32
C ALA F 1122 36.32 -52.92 17.47
N LEU F 1123 36.30 -53.85 18.43
CA LEU F 1123 35.56 -53.63 19.65
C LEU F 1123 36.21 -54.48 20.74
N PHE F 1124 37.04 -53.86 21.56
CA PHE F 1124 37.69 -54.55 22.65
C PHE F 1124 36.84 -54.41 23.90
N ILE F 1125 36.42 -55.53 24.46
CA ILE F 1125 35.65 -55.55 25.70
C ILE F 1125 36.57 -56.01 26.82
N TYR F 1126 36.69 -55.20 27.86
CA TYR F 1126 37.54 -55.51 29.00
C TYR F 1126 36.66 -55.79 30.21
N GLY F 1127 36.82 -56.96 30.80
CA GLY F 1127 36.14 -57.26 32.04
C GLY F 1127 37.09 -57.10 33.20
N TYR F 1128 36.67 -56.40 34.25
CA TYR F 1128 37.55 -56.10 35.36
C TYR F 1128 36.81 -56.30 36.67
N LEU F 1129 37.58 -56.34 37.75
CA LEU F 1129 37.06 -56.60 39.09
C LEU F 1129 37.21 -55.37 39.97
N GLU F 1130 36.15 -55.03 40.67
CA GLU F 1130 36.18 -53.90 41.58
C GLU F 1130 35.76 -54.34 42.96
N PRO F 1131 36.29 -53.70 44.01
CA PRO F 1131 35.90 -54.07 45.37
C PRO F 1131 34.41 -53.83 45.60
N VAL F 1132 33.80 -54.73 46.37
CA VAL F 1132 32.37 -54.66 46.61
C VAL F 1132 32.05 -53.92 47.90
N ASP F 1133 32.82 -54.17 48.96
CA ASP F 1133 32.58 -53.56 50.25
C ASP F 1133 33.23 -52.19 50.42
N ASP F 1134 33.98 -51.76 49.39
CA ASP F 1134 34.71 -50.46 49.45
C ASP F 1134 35.71 -50.50 50.60
N GLY F 1135 35.92 -51.68 51.21
CA GLY F 1135 36.87 -51.83 52.29
C GLY F 1135 38.29 -51.99 51.80
N THR F 1136 39.19 -52.06 52.77
CA THR F 1136 40.62 -52.16 52.50
C THR F 1136 41.08 -53.60 52.29
N ASP F 1137 40.17 -54.57 52.38
CA ASP F 1137 40.56 -55.97 52.18
C ASP F 1137 41.16 -56.19 50.81
N TRP F 1138 40.54 -55.61 49.78
CA TRP F 1138 41.15 -55.65 48.45
C TRP F 1138 42.47 -54.91 48.43
N PHE F 1139 42.53 -53.73 49.01
CA PHE F 1139 43.78 -52.98 49.08
C PHE F 1139 44.82 -53.74 49.89
N LEU F 1140 44.40 -54.35 51.01
CA LEU F 1140 45.33 -55.13 51.82
C LEU F 1140 45.90 -56.30 51.02
N PHE F 1141 45.04 -57.00 50.28
CA PHE F 1141 45.50 -58.11 49.47
C PHE F 1141 46.47 -57.65 48.40
N VAL F 1142 46.18 -56.51 47.77
CA VAL F 1142 47.07 -55.98 46.74
C VAL F 1142 48.41 -55.62 47.35
N SER F 1143 48.41 -54.97 48.52
CA SER F 1143 49.66 -54.61 49.16
C SER F 1143 50.47 -55.84 49.56
N GLN F 1144 49.78 -56.88 50.05
CA GLN F 1144 50.47 -58.12 50.39
C GLN F 1144 51.09 -58.75 49.15
N GLN F 1145 50.36 -58.76 48.04
CA GLN F 1145 50.91 -59.30 46.80
C GLN F 1145 52.12 -58.50 46.34
N ILE F 1146 52.04 -57.17 46.45
CA ILE F 1146 53.14 -56.31 46.02
C ILE F 1146 54.39 -56.58 46.85
N GLN F 1147 54.22 -56.62 48.17
CA GLN F 1147 55.38 -56.85 49.04
C GLN F 1147 55.89 -58.27 48.96
N ALA F 1148 55.05 -59.21 48.52
CA ALA F 1148 55.50 -60.60 48.38
C ALA F 1148 56.46 -60.78 47.21
N GLY F 1149 56.54 -59.79 46.32
CA GLY F 1149 57.44 -59.88 45.18
C GLY F 1149 56.76 -59.59 43.87
N HIS F 1150 55.44 -59.76 43.83
CA HIS F 1150 54.66 -59.53 42.61
C HIS F 1150 54.57 -58.02 42.39
N LEU F 1151 55.61 -57.49 41.76
CA LEU F 1151 55.69 -56.05 41.55
C LEU F 1151 54.58 -55.53 40.64
N HIS F 1152 54.17 -56.33 39.65
CA HIS F 1152 53.22 -55.85 38.67
C HIS F 1152 51.83 -55.59 39.25
N TRP F 1153 51.55 -56.05 40.46
CA TRP F 1153 50.24 -55.79 41.06
C TRP F 1153 50.05 -54.33 41.43
N PHE F 1154 51.10 -53.51 41.35
CA PHE F 1154 50.96 -52.08 41.63
C PHE F 1154 49.92 -51.45 40.73
N SER F 1155 49.74 -51.99 39.53
CA SER F 1155 48.83 -51.42 38.53
C SER F 1155 47.48 -52.13 38.50
N VAL F 1156 47.02 -52.64 39.64
CA VAL F 1156 45.75 -53.36 39.66
C VAL F 1156 44.80 -52.89 40.75
N ASN F 1157 45.28 -52.28 41.84
CA ASN F 1157 44.40 -51.98 42.96
C ASN F 1157 43.29 -51.01 42.58
N THR F 1158 43.62 -49.96 41.82
CA THR F 1158 42.66 -48.93 41.46
C THR F 1158 42.52 -48.89 39.94
N GLU F 1159 41.30 -49.07 39.45
CA GLU F 1159 40.98 -48.95 38.04
C GLU F 1159 41.88 -49.85 37.20
N MET F 1160 41.73 -51.14 37.41
CA MET F 1160 42.57 -52.10 36.71
C MET F 1160 42.32 -52.11 35.21
N TRP F 1161 41.13 -51.70 34.76
CA TRP F 1161 40.85 -51.70 33.33
C TRP F 1161 41.77 -50.74 32.59
N LYS F 1162 42.20 -49.66 33.24
CA LYS F 1162 43.18 -48.79 32.63
C LYS F 1162 44.48 -49.52 32.37
N SER F 1163 44.93 -50.34 33.33
CA SER F 1163 46.14 -51.11 33.12
C SER F 1163 45.95 -52.18 32.05
N MET F 1164 44.77 -52.79 32.01
CA MET F 1164 44.47 -53.75 30.96
C MET F 1164 44.62 -53.10 29.60
N PHE F 1165 43.99 -51.94 29.41
CA PHE F 1165 44.06 -51.27 28.11
C PHE F 1165 45.47 -50.79 27.82
N ASN F 1166 46.19 -50.30 28.82
CA ASN F 1166 47.55 -49.83 28.59
C ASN F 1166 48.45 -50.96 28.13
N LEU F 1167 48.36 -52.12 28.78
CA LEU F 1167 49.14 -53.26 28.36
C LEU F 1167 48.73 -53.71 26.97
N HIS F 1168 47.43 -53.71 26.68
CA HIS F 1168 46.96 -54.10 25.36
C HIS F 1168 47.53 -53.18 24.28
N GLU F 1169 47.45 -51.88 24.50
CA GLU F 1169 47.96 -50.92 23.53
C GLU F 1169 49.46 -51.02 23.37
N HIS F 1170 50.18 -51.26 24.47
CA HIS F 1170 51.63 -51.44 24.37
C HIS F 1170 51.97 -52.68 23.57
N ILE F 1171 51.26 -53.78 23.80
CA ILE F 1171 51.55 -55.01 23.07
C ILE F 1171 51.26 -54.81 21.59
N LEU F 1172 50.18 -54.11 21.27
CA LEU F 1172 49.91 -53.78 19.87
C LEU F 1172 51.04 -52.93 19.29
N LEU F 1173 51.53 -51.95 20.06
CA LEU F 1173 52.63 -51.12 19.58
C LEU F 1173 53.87 -51.95 19.32
N LEU F 1174 54.07 -53.03 20.06
CA LEU F 1174 55.17 -53.94 19.78
C LEU F 1174 55.08 -54.54 18.40
N GLY F 1175 53.90 -54.53 17.79
CA GLY F 1175 53.74 -55.00 16.43
C GLY F 1175 53.44 -53.89 15.46
N SER F 1176 53.85 -52.67 15.82
CA SER F 1176 53.76 -51.45 15.02
C SER F 1176 52.34 -50.93 14.86
N ILE F 1177 51.34 -51.60 15.41
CA ILE F 1177 49.98 -51.09 15.38
C ILE F 1177 49.84 -50.00 16.42
N LYS F 1178 49.20 -48.90 16.07
CA LYS F 1178 49.02 -47.77 16.99
C LYS F 1178 47.55 -47.43 17.09
N ILE F 1179 46.99 -47.54 18.30
CA ILE F 1179 45.64 -47.07 18.55
C ILE F 1179 45.65 -45.55 18.49
N SER F 1180 44.83 -44.98 17.61
CA SER F 1180 44.86 -43.55 17.39
C SER F 1180 44.40 -42.81 18.64
N PRO F 1181 45.12 -41.79 19.09
CA PRO F 1181 44.66 -41.02 20.25
C PRO F 1181 43.36 -40.29 20.00
N LYS F 1182 42.94 -40.16 18.75
CA LYS F 1182 41.66 -39.56 18.38
C LYS F 1182 40.77 -40.63 17.75
N LYS F 1183 39.48 -40.33 17.70
CA LYS F 1183 38.49 -41.15 17.01
C LYS F 1183 38.35 -42.54 17.62
N THR F 1184 38.80 -42.73 18.85
CA THR F 1184 38.55 -43.95 19.60
C THR F 1184 37.80 -43.59 20.87
N THR F 1185 36.68 -44.26 21.11
CA THR F 1185 35.82 -43.96 22.23
C THR F 1185 35.72 -45.19 23.12
N VAL F 1186 35.77 -44.97 24.42
CA VAL F 1186 35.64 -46.04 25.42
C VAL F 1186 34.50 -45.70 26.36
N SER F 1187 33.56 -46.63 26.51
CA SER F 1187 32.33 -46.42 27.25
C SER F 1187 31.96 -47.69 27.99
N PRO F 1188 31.26 -47.58 29.13
CA PRO F 1188 30.78 -48.79 29.82
C PRO F 1188 29.63 -49.46 29.08
N THR F 1189 29.03 -50.47 29.68
CA THR F 1189 27.86 -51.08 29.07
C THR F 1189 26.80 -50.02 28.86
N ASN F 1190 26.48 -49.73 27.61
CA ASN F 1190 25.52 -48.69 27.29
C ASN F 1190 24.78 -49.10 26.03
N ALA F 1191 23.45 -49.04 26.10
CA ALA F 1191 22.65 -49.48 24.96
C ALA F 1191 22.91 -48.62 23.74
N GLU F 1192 23.06 -47.31 23.93
CA GLU F 1192 23.24 -46.40 22.80
C GLU F 1192 24.60 -46.59 22.14
N PHE F 1193 25.65 -46.75 22.93
CA PHE F 1193 26.98 -46.98 22.38
C PHE F 1193 27.01 -48.25 21.54
N LEU F 1194 26.46 -49.34 22.09
CA LEU F 1194 26.45 -50.60 21.36
C LEU F 1194 25.59 -50.51 20.11
N SER F 1195 24.43 -49.86 20.21
CA SER F 1195 23.55 -49.74 19.05
C SER F 1195 24.20 -48.92 17.95
N THR F 1196 24.90 -47.83 18.31
CA THR F 1196 25.56 -47.05 17.27
C THR F 1196 26.72 -47.83 16.67
N PHE F 1197 27.44 -48.63 17.46
CA PHE F 1197 28.49 -49.46 16.88
C PHE F 1197 27.91 -50.47 15.90
N PHE F 1198 26.79 -51.11 16.26
CA PHE F 1198 26.23 -52.13 15.40
C PHE F 1198 25.62 -51.54 14.14
N GLU F 1199 25.00 -50.36 14.26
CA GLU F 1199 24.51 -49.69 13.07
C GLU F 1199 25.66 -49.29 12.17
N GLY F 1200 26.74 -48.74 12.73
CA GLY F 1200 27.90 -48.43 11.91
C GLY F 1200 28.45 -49.67 11.22
N CYS F 1201 28.40 -50.82 11.89
CA CYS F 1201 28.80 -52.06 11.24
C CYS F 1201 27.86 -52.41 10.10
N ALA F 1202 26.56 -52.19 10.29
CA ALA F 1202 25.58 -52.60 9.28
C ALA F 1202 25.65 -51.74 8.02
N VAL F 1203 25.69 -50.42 8.19
CA VAL F 1203 25.66 -49.48 7.06
C VAL F 1203 27.04 -48.89 6.88
N SER F 1204 27.50 -48.84 5.64
CA SER F 1204 28.80 -48.26 5.31
C SER F 1204 28.70 -46.85 4.75
N ILE F 1205 27.67 -46.55 3.97
CA ILE F 1205 27.53 -45.24 3.34
C ILE F 1205 26.20 -44.64 3.75
N PRO F 1206 26.15 -43.36 4.12
CA PRO F 1206 24.86 -42.70 4.34
C PRO F 1206 24.15 -42.48 3.02
N PHE F 1207 22.84 -42.78 3.02
CA PHE F 1207 22.08 -42.65 1.78
C PHE F 1207 22.01 -41.22 1.28
N VAL F 1208 22.17 -40.25 2.17
CA VAL F 1208 22.12 -38.86 1.76
C VAL F 1208 23.28 -38.53 0.84
N LYS F 1209 24.40 -39.26 0.96
CA LYS F 1209 25.52 -39.03 0.06
C LYS F 1209 25.11 -39.29 -1.38
N ILE F 1210 24.48 -40.44 -1.65
CA ILE F 1210 24.06 -40.76 -3.01
C ILE F 1210 22.90 -39.87 -3.44
N LEU F 1211 21.97 -39.59 -2.51
CA LEU F 1211 20.87 -38.70 -2.84
C LEU F 1211 21.38 -37.35 -3.33
N LEU F 1212 22.37 -36.80 -2.63
CA LEU F 1212 22.91 -35.50 -3.00
C LEU F 1212 23.82 -35.60 -4.23
N GLY F 1213 24.46 -36.74 -4.44
CA GLY F 1213 25.27 -36.90 -5.62
C GLY F 1213 24.50 -37.13 -6.90
N SER F 1214 23.24 -37.55 -6.80
CA SER F 1214 22.44 -37.77 -7.99
C SER F 1214 22.24 -36.48 -8.78
N LEU F 1215 22.02 -35.37 -8.08
CA LEU F 1215 21.85 -34.10 -8.76
C LEU F 1215 23.17 -33.60 -9.36
N SER F 1216 24.24 -33.66 -8.57
CA SER F 1216 25.48 -32.96 -8.93
C SER F 1216 26.10 -33.54 -10.18
N ASP F 1217 26.23 -34.85 -10.26
CA ASP F 1217 26.96 -35.46 -11.36
C ASP F 1217 26.25 -35.16 -12.67
N LEU F 1218 27.03 -34.77 -13.68
CA LEU F 1218 26.48 -34.37 -14.98
C LEU F 1218 27.04 -35.32 -16.03
N PRO F 1219 26.32 -36.37 -16.39
CA PRO F 1219 26.79 -37.26 -17.46
C PRO F 1219 26.78 -36.55 -18.80
N GLY F 1220 25.66 -35.93 -19.15
CA GLY F 1220 25.52 -35.28 -20.44
C GLY F 1220 25.64 -36.26 -21.59
N LEU F 1221 24.90 -37.36 -21.53
CA LEU F 1221 24.92 -38.39 -22.56
C LEU F 1221 23.61 -38.48 -23.33
N GLY F 1222 22.67 -37.58 -23.07
CA GLY F 1222 21.36 -37.65 -23.68
C GLY F 1222 20.26 -37.76 -22.65
N TYR F 1223 19.05 -37.50 -23.11
CA TYR F 1223 17.89 -37.50 -22.23
C TYR F 1223 17.72 -38.85 -21.55
N PHE F 1224 17.71 -39.92 -22.33
CA PHE F 1224 17.47 -41.25 -21.77
C PHE F 1224 18.58 -41.65 -20.81
N ASP F 1225 19.84 -41.44 -21.20
CA ASP F 1225 20.94 -41.89 -20.36
C ASP F 1225 21.02 -41.08 -19.08
N ASP F 1226 20.78 -39.77 -19.15
CA ASP F 1226 20.78 -38.95 -17.94
C ASP F 1226 19.65 -39.34 -17.01
N LEU F 1227 18.46 -39.59 -17.55
CA LEU F 1227 17.36 -40.05 -16.70
C LEU F 1227 17.70 -41.39 -16.06
N ALA F 1228 18.29 -42.30 -16.83
CA ALA F 1228 18.66 -43.59 -16.28
C ALA F 1228 19.68 -43.45 -15.17
N ALA F 1229 20.68 -42.60 -15.36
CA ALA F 1229 21.71 -42.42 -14.33
C ALA F 1229 21.11 -41.86 -13.05
N ALA F 1230 20.28 -40.83 -13.17
CA ALA F 1230 19.66 -40.23 -11.98
C ALA F 1230 18.78 -41.24 -11.26
N GLN F 1231 17.97 -41.99 -12.01
CA GLN F 1231 17.06 -42.93 -11.37
C GLN F 1231 17.83 -44.09 -10.73
N SER F 1232 18.92 -44.52 -11.35
CA SER F 1232 19.72 -45.59 -10.76
C SER F 1232 20.37 -45.11 -9.46
N ARG F 1233 20.83 -43.87 -9.42
CA ARG F 1233 21.39 -43.35 -8.18
C ARG F 1233 20.33 -43.26 -7.09
N CYS F 1234 19.11 -42.85 -7.44
CA CYS F 1234 18.05 -42.81 -6.44
C CYS F 1234 17.69 -44.22 -5.95
N VAL F 1235 17.70 -45.20 -6.85
CA VAL F 1235 17.45 -46.58 -6.43
C VAL F 1235 18.54 -47.07 -5.49
N LYS F 1236 19.79 -46.75 -5.79
CA LYS F 1236 20.89 -47.12 -4.89
C LYS F 1236 20.69 -46.48 -3.52
N ALA F 1237 20.26 -45.22 -3.49
CA ALA F 1237 19.97 -44.57 -2.22
C ALA F 1237 18.85 -45.29 -1.48
N LEU F 1238 17.84 -45.76 -2.20
CA LEU F 1238 16.78 -46.54 -1.56
C LEU F 1238 17.33 -47.83 -0.96
N ASP F 1239 18.27 -48.47 -1.66
CA ASP F 1239 18.93 -49.65 -1.09
C ASP F 1239 19.65 -49.31 0.20
N LEU F 1240 20.31 -48.16 0.25
CA LEU F 1240 21.16 -47.87 1.40
C LEU F 1240 20.42 -47.34 2.61
N GLY F 1241 19.11 -47.18 2.55
CA GLY F 1241 18.36 -46.86 3.75
C GLY F 1241 17.34 -45.77 3.62
N ALA F 1242 17.28 -45.12 2.45
CA ALA F 1242 16.35 -44.02 2.28
C ALA F 1242 14.91 -44.51 2.32
N SER F 1243 14.05 -43.74 2.97
CA SER F 1243 12.64 -44.08 2.98
C SER F 1243 12.07 -43.95 1.57
N PRO F 1244 11.10 -44.78 1.22
CA PRO F 1244 10.55 -44.70 -0.14
C PRO F 1244 9.99 -43.33 -0.49
N GLN F 1245 9.45 -42.59 0.48
CA GLN F 1245 8.97 -41.25 0.20
C GLN F 1245 10.12 -40.30 -0.11
N VAL F 1246 11.21 -40.38 0.66
CA VAL F 1246 12.37 -39.54 0.39
C VAL F 1246 12.96 -39.88 -0.98
N ALA F 1247 13.07 -41.17 -1.30
CA ALA F 1247 13.56 -41.56 -2.60
C ALA F 1247 12.65 -41.09 -3.71
N GLN F 1248 11.33 -41.12 -3.48
CA GLN F 1248 10.39 -40.63 -4.48
C GLN F 1248 10.57 -39.13 -4.71
N LEU F 1249 10.75 -38.37 -3.63
CA LEU F 1249 10.98 -36.94 -3.77
C LEU F 1249 12.26 -36.66 -4.54
N ALA F 1250 13.32 -37.40 -4.24
CA ALA F 1250 14.58 -37.21 -4.96
C ALA F 1250 14.42 -37.57 -6.42
N VAL F 1251 13.67 -38.63 -6.73
CA VAL F 1251 13.44 -39.01 -8.12
C VAL F 1251 12.70 -37.90 -8.85
N ALA F 1252 11.69 -37.31 -8.20
CA ALA F 1252 10.98 -36.21 -8.83
C ALA F 1252 11.92 -35.04 -9.10
N LEU F 1253 12.76 -34.70 -8.14
CA LEU F 1253 13.68 -33.57 -8.34
C LEU F 1253 14.64 -33.83 -9.48
N CYS F 1254 15.21 -35.03 -9.53
CA CYS F 1254 16.16 -35.36 -10.60
C CYS F 1254 15.47 -35.37 -11.96
N THR F 1255 14.27 -35.95 -12.05
CA THR F 1255 13.56 -36.01 -13.32
C THR F 1255 13.25 -34.61 -13.81
N SER F 1256 12.76 -33.74 -12.93
CA SER F 1256 12.47 -32.39 -13.34
C SER F 1256 13.74 -31.66 -13.77
N LYS F 1257 14.84 -31.91 -13.06
CA LYS F 1257 16.09 -31.23 -13.40
C LYS F 1257 16.57 -31.60 -14.79
N VAL F 1258 16.56 -32.91 -15.11
CA VAL F 1258 17.04 -33.31 -16.43
C VAL F 1258 16.06 -32.87 -17.52
N GLU F 1259 14.76 -32.88 -17.22
CA GLU F 1259 13.78 -32.35 -18.16
C GLU F 1259 14.10 -30.89 -18.50
N ARG F 1260 14.37 -30.08 -17.49
CA ARG F 1260 14.74 -28.68 -17.75
C ARG F 1260 16.05 -28.59 -18.51
N LEU F 1261 17.01 -29.46 -18.18
CA LEU F 1261 18.32 -29.40 -18.83
C LEU F 1261 18.21 -29.65 -20.33
N TYR F 1262 17.39 -30.61 -20.73
CA TYR F 1262 17.22 -30.91 -22.14
C TYR F 1262 16.01 -30.22 -22.75
N GLY F 1263 15.23 -29.51 -21.96
CA GLY F 1263 14.07 -28.81 -22.50
C GLY F 1263 12.94 -29.71 -22.91
N THR F 1264 12.88 -30.93 -22.40
CA THR F 1264 11.83 -31.87 -22.79
C THR F 1264 10.67 -31.85 -21.80
N ALA F 1265 9.98 -30.73 -21.73
CA ALA F 1265 8.82 -30.57 -20.89
C ALA F 1265 7.84 -29.63 -21.58
N PRO F 1266 6.55 -29.74 -21.28
CA PRO F 1266 5.58 -28.84 -21.91
C PRO F 1266 5.93 -27.39 -21.68
N GLY F 1267 5.82 -26.59 -22.74
CA GLY F 1267 6.20 -25.20 -22.71
C GLY F 1267 7.63 -24.92 -23.12
N MET F 1268 8.45 -25.95 -23.35
CA MET F 1268 9.81 -25.75 -23.84
C MET F 1268 9.90 -26.21 -25.28
N VAL F 1269 10.94 -25.72 -25.97
CA VAL F 1269 11.05 -25.86 -27.40
C VAL F 1269 11.35 -27.29 -27.85
N ASN F 1270 11.74 -28.17 -26.93
CA ASN F 1270 11.99 -29.57 -27.26
C ASN F 1270 10.86 -30.48 -26.84
N HIS F 1271 9.71 -29.92 -26.48
CA HIS F 1271 8.60 -30.73 -26.03
C HIS F 1271 8.13 -31.64 -27.17
N PRO F 1272 8.14 -32.96 -26.99
CA PRO F 1272 7.80 -33.84 -28.11
C PRO F 1272 6.39 -33.68 -28.63
N ALA F 1273 5.44 -33.33 -27.75
CA ALA F 1273 4.03 -33.35 -28.13
C ALA F 1273 3.72 -32.41 -29.28
N ALA F 1274 4.51 -31.36 -29.48
CA ALA F 1274 4.26 -30.45 -30.59
C ALA F 1274 4.46 -31.14 -31.93
N TYR F 1275 5.49 -31.97 -32.05
CA TYR F 1275 5.85 -32.58 -33.32
C TYR F 1275 5.44 -34.04 -33.41
N LEU F 1276 4.67 -34.55 -32.46
CA LEU F 1276 4.24 -35.94 -32.47
C LEU F 1276 2.75 -36.02 -32.25
N GLN F 1277 2.10 -36.97 -32.94
CA GLN F 1277 0.65 -37.14 -32.84
C GLN F 1277 0.30 -38.17 -31.77
N VAL F 1278 0.73 -37.88 -30.54
CA VAL F 1278 0.52 -38.78 -29.42
C VAL F 1278 0.69 -37.99 -28.13
N LYS F 1279 0.03 -38.46 -27.08
CA LYS F 1279 0.09 -37.78 -25.79
C LYS F 1279 1.51 -37.84 -25.24
N HIS F 1280 1.87 -36.83 -24.43
CA HIS F 1280 3.21 -36.76 -23.88
C HIS F 1280 3.52 -37.98 -23.01
N THR F 1281 2.53 -38.44 -22.25
CA THR F 1281 2.72 -39.61 -21.40
C THR F 1281 2.91 -40.88 -22.21
N ASP F 1282 2.60 -40.86 -23.50
CA ASP F 1282 2.63 -42.06 -24.35
C ASP F 1282 3.71 -41.96 -25.41
N THR F 1283 4.90 -41.50 -25.03
CA THR F 1283 5.99 -41.36 -25.97
C THR F 1283 7.20 -42.16 -25.48
N PRO F 1284 7.99 -42.75 -26.37
CA PRO F 1284 9.22 -43.41 -25.94
C PRO F 1284 10.17 -42.41 -25.28
N ILE F 1285 10.85 -42.89 -24.25
CA ILE F 1285 11.80 -42.07 -23.49
C ILE F 1285 13.05 -41.73 -24.31
N PRO F 1286 13.51 -42.56 -25.25
CA PRO F 1286 14.62 -42.10 -26.08
C PRO F 1286 14.31 -40.81 -26.82
N LEU F 1287 13.11 -40.65 -27.34
CA LEU F 1287 12.68 -39.35 -27.83
C LEU F 1287 12.23 -38.52 -26.63
N GLY F 1288 11.64 -37.37 -26.89
CA GLY F 1288 11.06 -36.65 -25.77
C GLY F 1288 9.99 -37.49 -25.12
N GLY F 1289 10.09 -37.76 -23.83
CA GLY F 1289 9.13 -38.61 -23.16
C GLY F 1289 8.83 -38.10 -21.78
N ASN F 1290 8.10 -38.90 -21.02
CA ASN F 1290 7.82 -38.59 -19.62
C ASN F 1290 8.47 -39.68 -18.76
N GLY F 1291 9.56 -39.31 -18.08
CA GLY F 1291 10.24 -40.25 -17.22
C GLY F 1291 9.73 -40.21 -15.79
N ALA F 1292 8.43 -40.34 -15.62
CA ALA F 1292 7.80 -40.29 -14.30
C ALA F 1292 7.36 -41.70 -13.93
N MET F 1293 8.14 -42.34 -13.06
CA MET F 1293 7.80 -43.66 -12.54
C MET F 1293 7.99 -43.67 -11.04
N SER F 1294 7.23 -44.54 -10.37
CA SER F 1294 7.35 -44.69 -8.93
C SER F 1294 8.69 -45.29 -8.57
N ILE F 1295 9.20 -44.92 -7.39
CA ILE F 1295 10.49 -45.44 -6.96
C ILE F 1295 10.42 -46.94 -6.74
N MET F 1296 9.27 -47.46 -6.31
CA MET F 1296 9.14 -48.90 -6.14
C MET F 1296 9.29 -49.63 -7.47
N GLU F 1297 8.69 -49.10 -8.53
CA GLU F 1297 8.83 -49.68 -9.86
C GLU F 1297 10.27 -49.65 -10.33
N LEU F 1298 10.95 -48.52 -10.12
CA LEU F 1298 12.35 -48.41 -10.55
C LEU F 1298 13.23 -49.36 -9.77
N ALA F 1299 12.98 -49.52 -8.48
CA ALA F 1299 13.81 -50.39 -7.66
C ALA F 1299 13.62 -51.85 -8.03
N THR F 1300 12.36 -52.28 -8.13
CA THR F 1300 12.10 -53.70 -8.36
C THR F 1300 12.20 -54.07 -9.83
N ALA F 1301 11.37 -53.46 -10.68
CA ALA F 1301 11.28 -53.87 -12.07
C ALA F 1301 12.58 -53.64 -12.83
N GLY F 1302 12.98 -52.38 -12.98
CA GLY F 1302 14.16 -52.08 -13.77
C GLY F 1302 14.33 -50.58 -13.93
N ILE F 1303 15.18 -50.21 -14.88
CA ILE F 1303 15.54 -48.81 -15.09
C ILE F 1303 14.76 -48.20 -16.25
N GLY F 1304 14.69 -48.90 -17.38
CA GLY F 1304 13.98 -48.37 -18.53
C GLY F 1304 12.55 -48.88 -18.60
N MET F 1305 11.96 -49.15 -17.44
CA MET F 1305 10.69 -49.87 -17.39
C MET F 1305 9.56 -49.11 -18.06
N SER F 1306 9.63 -47.78 -18.08
CA SER F 1306 8.55 -47.00 -18.68
C SER F 1306 8.39 -47.33 -20.16
N ASP F 1307 9.51 -47.45 -20.87
CA ASP F 1307 9.46 -47.83 -22.28
C ASP F 1307 8.87 -49.22 -22.47
N LYS F 1308 9.27 -50.17 -21.63
CA LYS F 1308 8.76 -51.53 -21.77
C LYS F 1308 7.26 -51.59 -21.52
N ASN F 1309 6.79 -50.87 -20.50
CA ASN F 1309 5.35 -50.82 -20.25
C ASN F 1309 4.61 -50.18 -21.41
N LEU F 1310 5.17 -49.09 -21.96
CA LEU F 1310 4.53 -48.45 -23.10
C LEU F 1310 4.46 -49.38 -24.30
N LEU F 1311 5.53 -50.13 -24.55
CA LEU F 1311 5.55 -51.04 -25.68
C LEU F 1311 4.52 -52.15 -25.49
N LYS F 1312 4.44 -52.72 -24.28
CA LYS F 1312 3.45 -53.76 -24.04
C LYS F 1312 2.04 -53.22 -24.21
N ARG F 1313 1.77 -52.03 -23.67
CA ARG F 1313 0.44 -51.45 -23.82
C ARG F 1313 0.10 -51.21 -25.27
N ALA F 1314 1.05 -50.67 -26.05
CA ALA F 1314 0.79 -50.41 -27.46
C ALA F 1314 0.55 -51.70 -28.22
N LEU F 1315 1.33 -52.74 -27.94
CA LEU F 1315 1.15 -54.00 -28.64
C LEU F 1315 -0.20 -54.64 -28.31
N LEU F 1316 -0.58 -54.62 -27.04
CA LEU F 1316 -1.85 -55.23 -26.67
C LEU F 1316 -3.05 -54.34 -26.98
N GLY F 1317 -2.83 -53.08 -27.31
CA GLY F 1317 -3.89 -52.24 -27.81
C GLY F 1317 -4.07 -52.42 -29.31
N TYR F 1318 -2.96 -52.55 -30.03
CA TYR F 1318 -3.04 -52.84 -31.45
C TYR F 1318 -3.66 -54.20 -31.70
N SER F 1319 -3.30 -55.20 -30.89
CA SER F 1319 -4.02 -56.45 -30.90
C SER F 1319 -5.37 -56.25 -30.23
N HIS F 1320 -6.34 -57.09 -30.63
CA HIS F 1320 -7.70 -57.07 -30.09
C HIS F 1320 -8.47 -55.84 -30.58
N LYS F 1321 -7.76 -54.90 -31.18
CA LYS F 1321 -8.39 -53.72 -31.80
C LYS F 1321 -7.38 -53.11 -32.74
N ARG F 1322 -7.63 -53.20 -34.05
CA ARG F 1322 -6.67 -52.69 -35.01
C ARG F 1322 -6.69 -51.16 -35.00
N GLN F 1323 -6.17 -50.58 -33.93
CA GLN F 1323 -6.20 -49.13 -33.74
C GLN F 1323 -5.15 -48.45 -34.60
N LYS F 1324 -5.24 -47.13 -34.67
CA LYS F 1324 -4.28 -46.31 -35.39
C LYS F 1324 -3.21 -45.71 -34.48
N SER F 1325 -3.61 -45.21 -33.30
CA SER F 1325 -2.63 -44.60 -32.40
C SER F 1325 -1.60 -45.62 -31.93
N MET F 1326 -2.04 -46.84 -31.63
CA MET F 1326 -1.09 -47.89 -31.26
C MET F 1326 -0.13 -48.18 -32.40
N LEU F 1327 -0.63 -48.17 -33.64
CA LEU F 1327 0.25 -48.33 -34.78
C LEU F 1327 1.25 -47.19 -34.86
N TYR F 1328 0.81 -45.97 -34.52
CA TYR F 1328 1.71 -44.82 -34.52
C TYR F 1328 2.83 -45.02 -33.50
N ILE F 1329 2.49 -45.49 -32.30
CA ILE F 1329 3.50 -45.69 -31.27
C ILE F 1329 4.47 -46.80 -31.68
N LEU F 1330 3.94 -47.88 -32.26
CA LEU F 1330 4.81 -48.94 -32.74
C LEU F 1330 5.73 -48.44 -33.85
N GLY F 1331 5.23 -47.51 -34.68
CA GLY F 1331 6.08 -46.91 -35.69
C GLY F 1331 7.20 -46.08 -35.07
N LEU F 1332 6.88 -45.36 -34.00
CA LEU F 1332 7.93 -44.65 -33.27
C LEU F 1332 8.98 -45.63 -32.76
N PHE F 1333 8.54 -46.75 -32.19
CA PHE F 1333 9.48 -47.74 -31.67
C PHE F 1333 10.36 -48.29 -32.79
N LYS F 1334 9.76 -48.58 -33.95
CA LYS F 1334 10.55 -49.09 -35.07
C LYS F 1334 11.52 -48.03 -35.57
N PHE F 1335 11.12 -46.76 -35.57
CA PHE F 1335 12.04 -45.70 -35.93
C PHE F 1335 13.24 -45.69 -34.99
N LEU F 1336 12.98 -45.87 -33.69
CA LEU F 1336 14.07 -45.95 -32.73
C LEU F 1336 14.99 -47.13 -33.03
N MET F 1337 14.40 -48.29 -33.34
CA MET F 1337 15.22 -49.47 -33.64
C MET F 1337 16.09 -49.24 -34.86
N LYS F 1338 15.55 -48.58 -35.88
CA LYS F 1338 16.37 -48.20 -37.02
C LYS F 1338 17.49 -47.27 -36.60
N LEU F 1339 17.18 -46.29 -35.74
CA LEU F 1339 18.19 -45.36 -35.27
C LEU F 1339 19.31 -46.06 -34.51
N SER F 1340 18.99 -47.17 -33.83
CA SER F 1340 20.00 -47.90 -33.09
C SER F 1340 21.05 -48.50 -34.01
N ASP F 1341 20.73 -48.68 -35.29
CA ASP F 1341 21.69 -49.16 -36.27
C ASP F 1341 22.59 -48.00 -36.70
N GLU F 1342 23.28 -48.17 -37.82
CA GLU F 1342 24.23 -47.21 -38.40
C GLU F 1342 25.49 -47.07 -37.56
N THR F 1343 25.54 -47.71 -36.39
CA THR F 1343 26.76 -47.83 -35.61
C THR F 1343 26.90 -49.30 -35.25
N PHE F 1344 27.84 -49.64 -34.38
CA PHE F 1344 27.99 -51.03 -33.97
C PHE F 1344 27.43 -51.28 -32.57
N GLN F 1345 27.98 -50.60 -31.56
CA GLN F 1345 27.45 -50.68 -30.19
C GLN F 1345 27.28 -52.14 -29.76
N HIS F 1346 28.42 -52.80 -29.57
CA HIS F 1346 28.47 -54.27 -29.56
C HIS F 1346 27.44 -54.88 -28.61
N GLU F 1347 27.18 -54.22 -27.48
CA GLU F 1347 26.11 -54.70 -26.55
C GLU F 1347 26.36 -56.14 -26.12
N ARG F 1348 27.40 -56.38 -25.32
CA ARG F 1348 27.68 -57.70 -24.77
C ARG F 1348 26.58 -58.14 -23.82
N LEU F 1349 26.67 -59.37 -23.30
CA LEU F 1349 25.62 -59.90 -22.44
C LEU F 1349 25.49 -59.05 -21.18
N GLY F 1350 24.25 -58.91 -20.71
CA GLY F 1350 23.94 -58.03 -19.61
C GLY F 1350 23.54 -56.64 -20.03
N GLN F 1351 23.85 -56.25 -21.27
CA GLN F 1351 23.43 -54.97 -21.83
C GLN F 1351 23.00 -55.28 -23.26
N PHE F 1352 21.72 -55.61 -23.45
CA PHE F 1352 21.24 -56.05 -24.74
C PHE F 1352 20.21 -55.12 -25.37
N SER F 1353 19.82 -54.06 -24.68
CA SER F 1353 19.00 -53.00 -25.27
C SER F 1353 17.62 -53.50 -25.69
N PHE F 1354 17.47 -53.82 -26.98
CA PHE F 1354 16.26 -54.24 -27.68
C PHE F 1354 15.31 -53.08 -27.94
N ILE F 1355 15.60 -51.89 -27.43
CA ILE F 1355 14.83 -50.69 -27.75
C ILE F 1355 15.81 -49.66 -28.26
N GLY F 1356 15.60 -49.17 -29.48
CA GLY F 1356 16.53 -48.23 -30.06
C GLY F 1356 16.58 -46.94 -29.26
N LYS F 1357 17.70 -46.24 -29.39
CA LYS F 1357 17.90 -45.00 -28.67
C LYS F 1357 18.61 -44.00 -29.57
N VAL F 1358 18.26 -42.72 -29.39
CA VAL F 1358 18.89 -41.66 -30.17
C VAL F 1358 20.32 -41.44 -29.68
N GLN F 1359 21.18 -41.04 -30.61
CA GLN F 1359 22.58 -40.76 -30.31
C GLN F 1359 22.79 -39.25 -30.19
N TRP F 1360 23.67 -38.85 -29.29
CA TRP F 1360 23.99 -37.45 -29.08
C TRP F 1360 25.49 -37.22 -29.19
N LYS F 1361 25.85 -36.01 -29.57
CA LYS F 1361 27.27 -35.67 -29.73
C LYS F 1361 27.93 -35.46 -28.38
N ILE F 1362 29.11 -36.06 -28.21
CA ILE F 1362 29.86 -35.95 -26.96
C ILE F 1362 31.15 -35.19 -27.17
N SER F 1367 38.49 -43.25 -27.93
CA SER F 1367 39.20 -42.36 -28.84
C SER F 1367 40.65 -42.17 -28.41
N GLU F 1368 40.89 -41.25 -27.48
CA GLU F 1368 42.23 -40.97 -27.00
C GLU F 1368 42.64 -41.82 -25.81
N PHE F 1369 42.07 -43.02 -25.68
CA PHE F 1369 42.41 -43.91 -24.57
C PHE F 1369 43.62 -44.78 -24.94
N GLU F 1370 44.69 -44.09 -25.34
CA GLU F 1370 45.92 -44.75 -25.77
C GLU F 1370 45.63 -45.86 -26.77
N PHE F 1371 45.76 -47.12 -26.33
CA PHE F 1371 45.51 -48.26 -27.20
C PHE F 1371 44.00 -48.44 -27.38
N ALA F 1372 43.36 -47.40 -27.93
CA ALA F 1372 41.94 -47.41 -28.19
C ALA F 1372 41.60 -47.53 -29.67
N ASP F 1373 42.60 -47.46 -30.54
CA ASP F 1373 42.35 -47.51 -31.98
C ASP F 1373 43.32 -48.43 -32.70
N MET F 1374 43.89 -49.43 -32.03
CA MET F 1374 44.73 -50.38 -32.73
C MET F 1374 43.96 -51.13 -33.81
N TYR F 1375 42.66 -51.30 -33.62
CA TYR F 1375 41.81 -52.08 -34.52
C TYR F 1375 40.70 -51.18 -35.03
N THR F 1376 40.49 -51.19 -36.34
CA THR F 1376 39.47 -50.35 -36.94
C THR F 1376 38.09 -50.77 -36.48
N SER F 1377 37.17 -49.80 -36.45
CA SER F 1377 35.81 -50.09 -36.01
C SER F 1377 35.14 -51.12 -36.90
N LYS F 1378 35.42 -51.02 -38.19
CA LYS F 1378 34.86 -52.06 -39.09
C LYS F 1378 35.41 -53.41 -38.61
N PHE F 1379 36.72 -53.51 -38.45
CA PHE F 1379 37.32 -54.78 -38.06
C PHE F 1379 36.69 -55.31 -36.79
N LEU F 1380 36.45 -54.43 -35.81
CA LEU F 1380 35.80 -54.88 -34.58
C LEU F 1380 34.41 -55.42 -34.87
N GLU F 1381 33.65 -54.73 -35.73
CA GLU F 1381 32.32 -55.21 -36.08
C GLU F 1381 32.40 -56.59 -36.72
N LEU F 1382 33.29 -56.76 -37.68
CA LEU F 1382 33.40 -58.05 -38.37
C LEU F 1382 33.85 -59.15 -37.42
N TRP F 1383 34.81 -58.87 -36.54
CA TRP F 1383 35.31 -59.88 -35.62
C TRP F 1383 34.25 -60.26 -34.60
N SER F 1384 33.48 -59.29 -34.13
CA SER F 1384 32.39 -59.59 -33.22
C SER F 1384 31.33 -60.44 -33.91
N SER F 1385 31.06 -60.15 -35.19
CA SER F 1385 30.13 -60.97 -35.94
C SER F 1385 30.64 -62.40 -36.08
N GLN F 1386 31.93 -62.56 -36.34
CA GLN F 1386 32.49 -63.91 -36.52
C GLN F 1386 32.50 -64.68 -35.21
N HIS F 1387 33.01 -64.07 -34.15
CA HIS F 1387 33.11 -64.72 -32.83
C HIS F 1387 31.96 -64.21 -31.98
N VAL F 1388 30.94 -65.05 -31.80
CA VAL F 1388 29.76 -64.62 -31.06
C VAL F 1388 29.71 -65.21 -29.65
N THR F 1389 30.43 -66.29 -29.38
CA THR F 1389 30.48 -66.80 -28.02
C THR F 1389 31.11 -65.79 -27.07
N TYR F 1390 32.05 -64.99 -27.57
CA TYR F 1390 32.69 -63.97 -26.75
C TYR F 1390 31.74 -62.85 -26.39
N ASP F 1391 30.48 -62.89 -26.86
CA ASP F 1391 29.45 -62.03 -26.34
C ASP F 1391 28.98 -62.47 -24.96
N TYR F 1392 29.31 -63.68 -24.54
CA TYR F 1392 28.90 -64.21 -23.26
C TYR F 1392 30.07 -64.52 -22.35
N ILE F 1393 31.03 -65.31 -22.83
CA ILE F 1393 32.21 -65.64 -22.05
C ILE F 1393 33.34 -64.72 -22.48
N ILE F 1394 34.41 -64.71 -21.69
CA ILE F 1394 35.57 -63.88 -21.95
C ILE F 1394 36.73 -64.80 -22.36
N PRO F 1395 37.45 -64.49 -23.43
CA PRO F 1395 38.48 -65.41 -23.91
C PRO F 1395 39.64 -65.54 -22.94
N LYS F 1396 40.38 -66.63 -23.09
CA LYS F 1396 41.54 -66.90 -22.25
C LYS F 1396 42.86 -66.81 -23.00
N GLY F 1397 42.84 -66.72 -24.32
CA GLY F 1397 44.06 -66.61 -25.11
C GLY F 1397 44.33 -65.14 -25.46
N ARG F 1398 45.60 -64.75 -25.43
CA ARG F 1398 45.94 -63.32 -25.63
C ARG F 1398 45.44 -62.80 -26.97
N ASP F 1399 45.55 -63.60 -28.04
CA ASP F 1399 45.22 -63.06 -29.35
C ASP F 1399 43.77 -62.60 -29.41
N ASN F 1400 42.86 -63.40 -28.88
CA ASN F 1400 41.47 -62.99 -28.82
C ASN F 1400 41.21 -62.03 -27.66
N LEU F 1401 41.93 -62.19 -26.55
CA LEU F 1401 41.69 -61.35 -25.38
C LEU F 1401 42.05 -59.89 -25.66
N LEU F 1402 43.14 -59.67 -26.40
CA LEU F 1402 43.53 -58.30 -26.72
C LEU F 1402 42.47 -57.60 -27.54
N ILE F 1403 41.93 -58.29 -28.54
CA ILE F 1403 40.86 -57.72 -29.34
C ILE F 1403 39.61 -57.51 -28.49
N TYR F 1404 39.33 -58.44 -27.58
CA TYR F 1404 38.18 -58.29 -26.70
C TYR F 1404 38.31 -57.06 -25.83
N LEU F 1405 39.49 -56.82 -25.27
CA LEU F 1405 39.69 -55.66 -24.42
C LEU F 1405 39.65 -54.37 -25.23
N VAL F 1406 40.19 -54.40 -26.46
CA VAL F 1406 40.11 -53.22 -27.31
C VAL F 1406 38.66 -52.89 -27.63
N ARG F 1407 37.86 -53.91 -27.92
CA ARG F 1407 36.43 -53.71 -28.12
C ARG F 1407 35.78 -53.14 -26.88
N LYS F 1408 36.18 -53.63 -25.70
CA LYS F 1408 35.63 -53.11 -24.45
C LYS F 1408 35.99 -51.64 -24.27
N LEU F 1409 37.17 -51.24 -24.72
CA LEU F 1409 37.59 -49.85 -24.57
C LEU F 1409 36.69 -48.90 -25.36
N ASN F 1410 36.26 -49.31 -26.55
CA ASN F 1410 35.49 -48.44 -27.43
C ASN F 1410 34.04 -48.28 -27.00
N ASP F 1411 33.61 -48.99 -25.98
CA ASP F 1411 32.22 -48.89 -25.53
C ASP F 1411 31.95 -47.47 -25.03
N PRO F 1412 30.96 -46.76 -25.60
CA PRO F 1412 30.74 -45.36 -25.20
C PRO F 1412 30.41 -45.18 -23.72
N SER F 1413 29.72 -46.13 -23.10
CA SER F 1413 29.44 -46.02 -21.68
C SER F 1413 30.73 -46.03 -20.87
N ILE F 1414 31.67 -46.91 -21.23
CA ILE F 1414 32.97 -46.92 -20.59
C ILE F 1414 33.71 -45.62 -20.87
N VAL F 1415 33.55 -45.08 -22.08
CA VAL F 1415 34.17 -43.80 -22.42
C VAL F 1415 33.68 -42.71 -21.48
N THR F 1416 32.38 -42.69 -21.21
CA THR F 1416 31.85 -41.72 -20.25
C THR F 1416 32.38 -41.97 -18.86
N ALA F 1417 32.42 -43.23 -18.42
CA ALA F 1417 32.85 -43.53 -17.07
C ALA F 1417 34.33 -43.20 -16.86
N MET F 1418 35.12 -43.21 -17.93
CA MET F 1418 36.54 -42.92 -17.80
C MET F 1418 36.78 -41.46 -17.42
N THR F 1419 36.07 -40.53 -18.03
CA THR F 1419 36.19 -39.11 -17.70
C THR F 1419 34.80 -38.52 -17.49
N MET F 1420 34.56 -38.02 -16.29
CA MET F 1420 33.28 -37.41 -15.94
C MET F 1420 33.42 -35.99 -15.42
N GLN F 1421 34.45 -35.71 -14.63
CA GLN F 1421 34.70 -34.37 -14.11
C GLN F 1421 35.55 -33.62 -15.12
N SER F 1422 34.96 -32.61 -15.76
CA SER F 1422 35.64 -31.85 -16.80
C SER F 1422 34.76 -30.67 -17.17
N PRO F 1423 35.33 -29.66 -17.84
CA PRO F 1423 34.51 -28.58 -18.40
C PRO F 1423 34.09 -28.79 -19.85
N LEU F 1424 34.60 -29.81 -20.53
CA LEU F 1424 34.16 -30.05 -21.91
C LEU F 1424 32.73 -30.53 -21.97
N GLN F 1425 32.20 -31.09 -20.87
CA GLN F 1425 30.80 -31.43 -20.82
C GLN F 1425 29.92 -30.20 -20.67
N LEU F 1426 30.49 -29.09 -20.22
CA LEU F 1426 29.75 -27.83 -20.23
C LEU F 1426 29.42 -27.42 -21.66
N ARG F 1427 30.28 -27.75 -22.62
CA ARG F 1427 29.97 -27.52 -24.03
C ARG F 1427 28.65 -28.19 -24.39
N PHE F 1428 28.50 -29.46 -24.05
CA PHE F 1428 27.28 -30.18 -24.40
C PHE F 1428 26.10 -29.67 -23.59
N ARG F 1429 26.33 -29.24 -22.35
CA ARG F 1429 25.23 -28.66 -21.58
C ARG F 1429 24.67 -27.43 -22.28
N MET F 1430 25.54 -26.50 -22.69
CA MET F 1430 25.06 -25.32 -23.40
C MET F 1430 24.49 -25.68 -24.76
N GLN F 1431 25.09 -26.64 -25.48
CA GLN F 1431 24.56 -26.99 -26.79
C GLN F 1431 23.15 -27.57 -26.68
N ALA F 1432 22.92 -28.43 -25.68
CA ALA F 1432 21.58 -28.97 -25.47
C ALA F 1432 20.61 -27.88 -25.06
N LYS F 1433 21.04 -26.96 -24.19
CA LYS F 1433 20.17 -25.85 -23.80
C LYS F 1433 19.88 -24.92 -24.97
N GLN F 1434 20.79 -24.84 -25.94
CA GLN F 1434 20.63 -24.04 -27.13
C GLN F 1434 20.05 -24.82 -28.31
N HIS F 1435 19.92 -26.14 -28.18
CA HIS F 1435 19.27 -26.98 -29.19
C HIS F 1435 19.95 -26.83 -30.55
N MET F 1436 21.21 -27.25 -30.59
CA MET F 1436 21.99 -27.24 -31.82
C MET F 1436 21.94 -28.61 -32.47
N LYS F 1437 22.76 -28.80 -33.50
CA LYS F 1437 22.86 -30.08 -34.20
C LYS F 1437 23.66 -31.05 -33.34
N VAL F 1438 22.96 -31.70 -32.41
CA VAL F 1438 23.58 -32.60 -31.46
C VAL F 1438 23.20 -34.05 -31.72
N CYS F 1439 21.94 -34.31 -32.05
CA CYS F 1439 21.50 -35.67 -32.31
C CYS F 1439 21.94 -36.11 -33.70
N ARG F 1440 21.91 -37.43 -33.93
CA ARG F 1440 22.31 -38.01 -35.20
C ARG F 1440 21.10 -38.56 -35.93
N LEU F 1441 20.74 -37.93 -37.04
CA LEU F 1441 19.69 -38.42 -37.91
C LEU F 1441 20.35 -39.29 -38.97
N ASP F 1442 19.65 -39.56 -40.08
CA ASP F 1442 20.06 -40.56 -41.06
C ASP F 1442 21.57 -40.63 -41.22
N GLY F 1443 22.22 -39.51 -41.51
CA GLY F 1443 23.65 -39.56 -41.67
C GLY F 1443 24.43 -38.34 -41.21
N GLU F 1444 23.76 -37.37 -40.58
CA GLU F 1444 24.41 -36.14 -40.18
C GLU F 1444 23.90 -35.69 -38.82
N TRP F 1445 24.61 -34.72 -38.24
CA TRP F 1445 24.21 -34.17 -36.96
C TRP F 1445 23.09 -33.16 -37.15
N VAL F 1446 21.95 -33.39 -36.49
CA VAL F 1446 20.77 -32.54 -36.63
C VAL F 1446 20.25 -32.18 -35.24
N THR F 1447 19.32 -31.24 -35.22
CA THR F 1447 18.68 -30.82 -33.99
C THR F 1447 17.74 -31.91 -33.48
N PHE F 1448 17.49 -31.91 -32.18
CA PHE F 1448 16.52 -32.83 -31.61
C PHE F 1448 15.13 -32.62 -32.21
N ARG F 1449 14.78 -31.38 -32.53
CA ARG F 1449 13.50 -31.12 -33.20
C ARG F 1449 13.46 -31.77 -34.57
N GLU F 1450 14.59 -31.75 -35.28
CA GLU F 1450 14.65 -32.46 -36.56
C GLU F 1450 14.43 -33.96 -36.37
N VAL F 1451 15.01 -34.53 -35.32
CA VAL F 1451 14.81 -35.94 -35.04
C VAL F 1451 13.34 -36.22 -34.75
N LEU F 1452 12.70 -35.34 -33.98
CA LEU F 1452 11.28 -35.53 -33.69
C LEU F 1452 10.43 -35.47 -34.96
N ALA F 1453 10.75 -34.51 -35.85
CA ALA F 1453 10.00 -34.41 -37.10
C ALA F 1453 10.19 -35.64 -37.97
N ALA F 1454 11.43 -36.14 -38.05
CA ALA F 1454 11.70 -37.34 -38.82
C ALA F 1454 10.97 -38.54 -38.22
N ALA F 1455 10.92 -38.63 -36.90
CA ALA F 1455 10.18 -39.70 -36.24
C ALA F 1455 8.71 -39.64 -36.59
N ASN F 1456 8.12 -38.43 -36.57
CA ASN F 1456 6.72 -38.30 -36.94
C ASN F 1456 6.50 -38.73 -38.38
N SER F 1457 7.40 -38.31 -39.28
CA SER F 1457 7.26 -38.67 -40.69
C SER F 1457 7.33 -40.18 -40.89
N PHE F 1458 8.24 -40.84 -40.16
CA PHE F 1458 8.34 -42.29 -40.28
C PHE F 1458 7.12 -42.99 -39.70
N ALA F 1459 6.64 -42.52 -38.55
CA ALA F 1459 5.59 -43.23 -37.85
C ALA F 1459 4.21 -43.02 -38.47
N GLU F 1460 3.97 -41.88 -39.11
CA GLU F 1460 2.66 -41.64 -39.70
C GLU F 1460 2.35 -42.64 -40.79
N ASN F 1461 3.36 -43.01 -41.59
CA ASN F 1461 3.19 -43.93 -42.70
C ASN F 1461 3.62 -45.35 -42.38
N TYR F 1462 3.81 -45.67 -41.10
CA TYR F 1462 4.27 -47.00 -40.74
C TYR F 1462 3.24 -48.05 -41.10
N SER F 1463 3.71 -49.14 -41.70
CA SER F 1463 2.86 -50.26 -42.08
C SER F 1463 3.27 -51.48 -41.27
N ALA F 1464 2.28 -52.19 -40.75
CA ALA F 1464 2.55 -53.36 -39.92
C ALA F 1464 3.29 -54.42 -40.73
N THR F 1465 4.21 -55.11 -40.06
CA THR F 1465 5.01 -56.16 -40.68
C THR F 1465 4.97 -57.40 -39.79
N SER F 1466 4.90 -58.57 -40.42
CA SER F 1466 4.84 -59.81 -39.66
C SER F 1466 6.12 -60.02 -38.85
N GLN F 1467 7.27 -59.71 -39.43
CA GLN F 1467 8.52 -59.85 -38.70
C GLN F 1467 8.58 -58.90 -37.51
N ASP F 1468 8.17 -57.65 -37.73
CA ASP F 1468 8.19 -56.67 -36.64
C ASP F 1468 7.19 -57.05 -35.55
N MET F 1469 6.00 -57.52 -35.95
CA MET F 1469 5.02 -57.96 -34.97
C MET F 1469 5.54 -59.16 -34.18
N ASP F 1470 6.22 -60.08 -34.87
CA ASP F 1470 6.82 -61.22 -34.18
C ASP F 1470 7.88 -60.77 -33.19
N LEU F 1471 8.72 -59.81 -33.59
CA LEU F 1471 9.75 -59.32 -32.68
C LEU F 1471 9.13 -58.66 -31.45
N PHE F 1472 8.11 -57.82 -31.66
CA PHE F 1472 7.48 -57.16 -30.53
C PHE F 1472 6.78 -58.15 -29.61
N GLN F 1473 6.12 -59.15 -30.19
CA GLN F 1473 5.51 -60.20 -29.38
C GLN F 1473 6.56 -60.95 -28.58
N THR F 1474 7.67 -61.29 -29.21
CA THR F 1474 8.74 -62.00 -28.51
C THR F 1474 9.28 -61.17 -27.36
N LEU F 1475 9.53 -59.89 -27.61
CA LEU F 1475 9.98 -59.02 -26.52
C LEU F 1475 8.98 -59.02 -25.38
N THR F 1476 7.76 -58.55 -25.65
CA THR F 1476 6.79 -58.33 -24.59
C THR F 1476 6.33 -59.62 -23.91
N SER F 1477 6.59 -60.79 -24.50
CA SER F 1477 6.15 -62.03 -23.89
C SER F 1477 7.29 -62.84 -23.27
N CYS F 1478 8.52 -62.68 -23.72
CA CYS F 1478 9.64 -63.46 -23.23
C CYS F 1478 10.75 -62.59 -22.66
N THR F 1479 11.15 -61.54 -23.37
CA THR F 1479 12.35 -60.79 -22.99
C THR F 1479 12.11 -59.99 -21.72
N PHE F 1480 11.01 -59.26 -21.66
CA PHE F 1480 10.72 -58.39 -20.53
C PHE F 1480 9.82 -59.07 -19.50
N SER F 1481 9.85 -60.40 -19.45
CA SER F 1481 8.91 -61.13 -18.60
C SER F 1481 9.12 -60.82 -17.12
N LYS F 1482 10.38 -60.76 -16.68
CA LYS F 1482 10.66 -60.49 -15.28
C LYS F 1482 10.18 -59.10 -14.88
N GLU F 1483 10.39 -58.11 -15.74
CA GLU F 1483 9.96 -56.75 -15.44
C GLU F 1483 8.45 -56.68 -15.27
N TYR F 1484 7.71 -57.31 -16.19
CA TYR F 1484 6.26 -57.29 -16.07
C TYR F 1484 5.79 -58.10 -14.87
N ALA F 1485 6.53 -59.16 -14.51
CA ALA F 1485 6.19 -59.89 -13.29
C ALA F 1485 6.31 -59.00 -12.06
N TRP F 1486 7.38 -58.21 -11.99
CA TRP F 1486 7.52 -57.28 -10.87
C TRP F 1486 6.44 -56.22 -10.89
N LYS F 1487 6.08 -55.74 -12.09
CA LYS F 1487 4.99 -54.78 -12.21
C LYS F 1487 3.68 -55.35 -11.68
N ASP F 1488 3.37 -56.59 -12.05
CA ASP F 1488 2.14 -57.21 -11.59
C ASP F 1488 2.17 -57.46 -10.09
N PHE F 1489 3.35 -57.81 -9.56
CA PHE F 1489 3.53 -57.90 -8.12
C PHE F 1489 3.13 -56.60 -7.46
N LEU F 1490 3.69 -55.49 -7.94
CA LEU F 1490 3.40 -54.20 -7.33
C LEU F 1490 1.93 -53.84 -7.45
N ASN F 1491 1.32 -54.13 -8.59
CA ASN F 1491 -0.08 -53.77 -8.80
C ASN F 1491 -1.01 -54.56 -7.89
N GLY F 1492 -0.80 -55.87 -7.80
CA GLY F 1492 -1.72 -56.72 -7.06
C GLY F 1492 -1.35 -56.93 -5.61
N ILE F 1493 -1.17 -55.84 -4.87
CA ILE F 1493 -0.87 -55.89 -3.45
C ILE F 1493 -1.71 -54.84 -2.74
N HIS F 1494 -2.38 -55.24 -1.67
CA HIS F 1494 -3.23 -54.34 -0.90
C HIS F 1494 -2.56 -54.04 0.44
N CYS F 1495 -2.49 -52.77 0.80
CA CYS F 1495 -1.87 -52.32 2.03
C CYS F 1495 -2.89 -51.57 2.86
N ASP F 1496 -3.09 -52.00 4.10
CA ASP F 1496 -4.02 -51.35 5.02
C ASP F 1496 -3.24 -50.72 6.17
N VAL F 1497 -3.68 -49.54 6.58
CA VAL F 1497 -2.98 -48.74 7.57
C VAL F 1497 -3.57 -48.98 8.95
N ILE F 1498 -2.69 -49.05 9.95
CA ILE F 1498 -3.08 -49.13 11.35
C ILE F 1498 -2.53 -47.90 12.05
N PRO F 1499 -3.32 -47.20 12.87
CA PRO F 1499 -2.78 -46.03 13.58
C PRO F 1499 -1.72 -46.35 14.62
N THR F 1500 -1.42 -47.63 14.84
CA THR F 1500 -0.34 -48.00 15.76
C THR F 1500 0.99 -47.50 15.21
N LYS F 1501 1.80 -46.93 16.09
CA LYS F 1501 3.07 -46.33 15.67
C LYS F 1501 4.05 -47.40 15.22
N GLN F 1502 4.77 -47.10 14.14
CA GLN F 1502 5.78 -48.02 13.65
C GLN F 1502 6.89 -48.19 14.68
N VAL F 1503 7.30 -49.44 14.89
CA VAL F 1503 8.31 -49.76 15.89
C VAL F 1503 9.67 -49.81 15.20
N GLN F 1504 10.66 -49.13 15.79
CA GLN F 1504 12.00 -49.06 15.22
C GLN F 1504 12.82 -50.23 15.72
N ARG F 1505 13.27 -51.08 14.80
CA ARG F 1505 14.19 -52.15 15.10
C ARG F 1505 15.59 -51.75 14.65
N ALA F 1506 16.53 -52.68 14.73
CA ALA F 1506 17.89 -52.42 14.30
C ALA F 1506 17.99 -52.54 12.78
N LYS F 1507 19.08 -52.00 12.23
CA LYS F 1507 19.35 -52.07 10.81
C LYS F 1507 20.27 -53.24 10.52
N VAL F 1508 19.96 -54.00 9.48
CA VAL F 1508 20.77 -55.12 9.03
C VAL F 1508 20.91 -55.02 7.51
N ALA F 1509 21.60 -56.00 6.93
CA ALA F 1509 21.84 -56.01 5.50
C ALA F 1509 21.39 -57.35 4.91
N ARG F 1510 20.76 -57.28 3.74
CA ARG F 1510 20.27 -58.47 3.05
C ARG F 1510 20.55 -58.33 1.57
N THR F 1511 20.44 -59.45 0.86
CA THR F 1511 20.74 -59.50 -0.57
C THR F 1511 19.44 -59.57 -1.37
N PHE F 1512 19.31 -58.69 -2.35
CA PHE F 1512 18.08 -58.57 -3.14
C PHE F 1512 18.15 -59.51 -4.34
N THR F 1513 18.09 -60.80 -4.03
CA THR F 1513 18.15 -61.82 -5.06
C THR F 1513 16.86 -61.89 -5.87
N ILE F 1521 19.62 -78.41 -14.79
CA ILE F 1521 20.69 -77.64 -15.42
C ILE F 1521 21.78 -77.38 -14.40
N GLN F 1522 23.03 -77.63 -14.80
CA GLN F 1522 24.15 -77.57 -13.88
C GLN F 1522 25.23 -76.59 -14.28
N ASN F 1523 25.23 -76.09 -15.51
CA ASN F 1523 26.23 -75.14 -15.97
C ASN F 1523 25.61 -73.77 -16.16
N SER F 1524 26.42 -72.73 -15.94
CA SER F 1524 25.93 -71.36 -16.02
C SER F 1524 25.44 -71.06 -17.44
N ILE F 1525 24.36 -70.26 -17.51
CA ILE F 1525 23.78 -69.93 -18.81
C ILE F 1525 24.77 -69.27 -19.75
N PRO F 1526 25.61 -68.31 -19.32
CA PRO F 1526 26.62 -67.78 -20.25
C PRO F 1526 27.49 -68.86 -20.86
N ALA F 1527 27.91 -69.83 -20.05
CA ALA F 1527 28.72 -70.92 -20.58
C ALA F 1527 27.93 -71.77 -21.59
N VAL F 1528 26.66 -72.01 -21.30
CA VAL F 1528 25.83 -72.82 -22.20
C VAL F 1528 25.68 -72.13 -23.54
N ILE F 1529 25.35 -70.83 -23.53
CA ILE F 1529 25.17 -70.12 -24.79
C ILE F 1529 26.50 -70.01 -25.52
N GLY F 1530 27.60 -69.80 -24.79
CA GLY F 1530 28.89 -69.76 -25.44
C GLY F 1530 29.24 -71.06 -26.12
N TYR F 1531 28.94 -72.19 -25.48
CA TYR F 1531 29.14 -73.47 -26.13
C TYR F 1531 28.22 -73.61 -27.34
N LYS F 1532 27.02 -73.03 -27.26
CA LYS F 1532 26.12 -73.05 -28.40
C LYS F 1532 26.72 -72.35 -29.60
N PHE F 1533 27.35 -71.19 -29.38
CA PHE F 1533 27.96 -70.43 -30.47
C PHE F 1533 29.43 -70.78 -30.69
N ALA F 1534 30.02 -71.62 -29.86
CA ALA F 1534 31.43 -71.95 -30.03
C ALA F 1534 31.60 -72.85 -31.25
N VAL F 1535 32.38 -72.39 -32.23
CA VAL F 1535 32.57 -73.14 -33.46
C VAL F 1535 34.03 -73.43 -33.77
N THR F 1536 34.98 -72.64 -33.26
CA THR F 1536 36.38 -72.91 -33.51
C THR F 1536 37.00 -73.66 -32.33
N VAL F 1537 38.22 -74.15 -32.55
CA VAL F 1537 38.93 -74.84 -31.48
C VAL F 1537 39.26 -73.87 -30.34
N GLU F 1538 39.59 -72.63 -30.68
CA GLU F 1538 39.93 -71.65 -29.65
C GLU F 1538 38.71 -71.29 -28.81
N GLU F 1539 37.58 -70.99 -29.46
CA GLU F 1539 36.36 -70.69 -28.73
C GLU F 1539 35.93 -71.89 -27.89
N MET F 1540 36.07 -73.09 -28.44
CA MET F 1540 35.74 -74.28 -27.68
C MET F 1540 36.62 -74.39 -26.43
N SER F 1541 37.92 -74.18 -26.59
CA SER F 1541 38.81 -74.25 -25.45
C SER F 1541 38.45 -73.23 -24.39
N ASP F 1542 38.12 -72.01 -24.81
CA ASP F 1542 37.73 -70.98 -23.86
C ASP F 1542 36.46 -71.36 -23.12
N VAL F 1543 35.47 -71.91 -23.84
CA VAL F 1543 34.21 -72.22 -23.15
C VAL F 1543 34.37 -73.42 -22.22
N LEU F 1544 35.24 -74.38 -22.56
CA LEU F 1544 35.54 -75.43 -21.59
C LEU F 1544 36.26 -74.87 -20.37
N ASP F 1545 37.19 -73.93 -20.58
CA ASP F 1545 37.92 -73.37 -19.45
C ASP F 1545 37.00 -72.58 -18.53
N THR F 1546 36.05 -71.83 -19.09
CA THR F 1546 35.15 -71.03 -18.27
C THR F 1546 34.12 -71.88 -17.54
N ALA F 1547 33.77 -73.04 -18.10
CA ALA F 1547 32.69 -73.84 -17.54
C ALA F 1547 33.13 -74.53 -16.25
N LYS F 1548 32.14 -75.01 -15.51
CA LYS F 1548 32.36 -75.75 -14.26
C LYS F 1548 32.25 -77.26 -14.45
N PHE F 1549 31.15 -77.71 -15.05
CA PHE F 1549 31.00 -79.12 -15.41
C PHE F 1549 30.99 -79.23 -16.93
N PRO F 1550 32.18 -79.26 -17.55
CA PRO F 1550 32.25 -79.16 -19.02
C PRO F 1550 31.52 -80.28 -19.75
N ASP F 1551 31.52 -81.50 -19.20
CA ASP F 1551 30.97 -82.63 -19.92
C ASP F 1551 29.47 -82.53 -20.11
N SER F 1552 28.79 -81.80 -19.23
CA SER F 1552 27.33 -81.71 -19.30
C SER F 1552 26.86 -80.56 -20.16
N LEU F 1553 27.77 -79.84 -20.81
CA LEU F 1553 27.40 -78.65 -21.56
C LEU F 1553 26.48 -78.97 -22.73
N SER F 1554 26.79 -80.05 -23.46
CA SER F 1554 25.95 -80.43 -24.60
C SER F 1554 24.55 -80.81 -24.15
N VAL F 1555 24.45 -81.55 -23.06
CA VAL F 1555 23.15 -81.92 -22.51
C VAL F 1555 22.38 -80.67 -22.09
N ASP F 1556 23.09 -79.72 -21.47
CA ASP F 1556 22.44 -78.47 -21.07
C ASP F 1556 21.95 -77.71 -22.28
N LEU F 1557 22.73 -77.71 -23.36
CA LEU F 1557 22.30 -77.05 -24.59
C LEU F 1557 21.03 -77.69 -25.13
N LYS F 1558 20.98 -79.02 -25.16
CA LYS F 1558 19.80 -79.68 -25.68
C LYS F 1558 18.58 -79.41 -24.79
N THR F 1559 18.79 -79.36 -23.48
CA THR F 1559 17.69 -79.03 -22.57
C THR F 1559 17.20 -77.61 -22.80
N MET F 1560 18.12 -76.68 -23.03
CA MET F 1560 17.70 -75.32 -23.41
C MET F 1560 16.92 -75.33 -24.71
N LYS F 1561 17.36 -76.13 -25.68
CA LYS F 1561 16.69 -76.18 -26.97
C LYS F 1561 15.25 -76.67 -26.83
N ASP F 1562 15.04 -77.72 -26.02
CA ASP F 1562 13.72 -78.29 -25.91
C ASP F 1562 12.81 -77.59 -24.90
N GLY F 1563 13.35 -77.07 -23.80
CA GLY F 1563 12.51 -76.47 -22.78
C GLY F 1563 11.87 -75.18 -23.23
N VAL F 1564 12.66 -74.30 -23.84
CA VAL F 1564 12.09 -73.05 -24.35
C VAL F 1564 11.10 -73.35 -25.46
N TYR F 1565 11.35 -74.44 -26.19
CA TYR F 1565 10.43 -74.85 -27.29
C TYR F 1565 9.12 -75.31 -26.68
N ARG F 1566 9.20 -75.97 -25.53
CA ARG F 1566 8.00 -76.45 -24.86
C ARG F 1566 7.11 -75.31 -24.39
N GLU F 1567 7.69 -74.31 -23.73
CA GLU F 1567 6.89 -73.20 -23.21
C GLU F 1567 6.44 -72.26 -24.33
N LEU F 1568 7.33 -71.95 -25.25
CA LEU F 1568 7.04 -71.01 -26.34
C LEU F 1568 7.53 -71.58 -27.66
N GLY F 1569 6.80 -71.29 -28.73
CA GLY F 1569 7.04 -71.95 -30.00
C GLY F 1569 8.39 -71.67 -30.63
N LEU F 1570 9.04 -70.57 -30.26
CA LEU F 1570 10.29 -70.18 -30.91
C LEU F 1570 11.40 -71.15 -30.54
N ASP F 1571 12.22 -71.50 -31.53
CA ASP F 1571 13.40 -72.31 -31.34
C ASP F 1571 14.63 -71.43 -31.30
N ILE F 1572 15.60 -71.84 -30.48
CA ILE F 1572 16.81 -71.05 -30.32
C ILE F 1572 17.90 -71.42 -31.30
N SER F 1573 17.69 -72.49 -32.09
CA SER F 1573 18.64 -72.79 -33.16
C SER F 1573 18.72 -71.66 -34.16
N LEU F 1574 17.61 -70.96 -34.38
CA LEU F 1574 17.62 -69.76 -35.19
C LEU F 1574 18.48 -68.71 -34.51
N PRO F 1575 19.49 -68.16 -35.19
CA PRO F 1575 20.42 -67.25 -34.51
C PRO F 1575 19.77 -65.99 -33.97
N ASP F 1576 18.70 -65.51 -34.61
CA ASP F 1576 18.13 -64.22 -34.24
C ASP F 1576 17.61 -64.22 -32.80
N VAL F 1577 16.96 -65.30 -32.38
CA VAL F 1577 16.36 -65.33 -31.06
C VAL F 1577 17.42 -65.59 -29.99
N MET F 1578 18.21 -66.63 -30.16
CA MET F 1578 19.20 -66.98 -29.14
C MET F 1578 20.32 -65.96 -29.05
N LYS F 1579 20.60 -65.22 -30.12
CA LYS F 1579 21.75 -64.32 -30.09
C LYS F 1579 21.59 -63.26 -29.01
N ARG F 1580 20.44 -62.62 -28.93
CA ARG F 1580 20.17 -61.72 -27.81
C ARG F 1580 18.79 -61.86 -27.17
N ILE F 1581 17.75 -62.20 -27.93
CA ILE F 1581 16.38 -61.99 -27.45
C ILE F 1581 16.06 -62.92 -26.28
N ALA F 1582 16.44 -64.18 -26.38
CA ALA F 1582 16.14 -65.15 -25.34
C ALA F 1582 17.06 -65.04 -24.11
N PRO F 1583 18.39 -64.87 -24.27
CA PRO F 1583 19.26 -64.92 -23.08
C PRO F 1583 19.01 -63.84 -22.05
N MET F 1584 18.05 -62.95 -22.29
CA MET F 1584 17.71 -61.96 -21.26
C MET F 1584 17.23 -62.63 -19.99
N LEU F 1585 16.66 -63.83 -20.09
CA LEU F 1585 16.24 -64.60 -18.92
C LEU F 1585 17.43 -65.39 -18.38
N TYR F 1586 18.30 -64.67 -17.68
CA TYR F 1586 19.45 -65.26 -17.01
C TYR F 1586 19.57 -64.64 -15.62
N LYS F 1587 20.22 -65.36 -14.71
CA LYS F 1587 20.41 -64.88 -13.35
C LYS F 1587 21.66 -64.02 -13.29
N SER F 1588 21.50 -62.73 -13.00
CA SER F 1588 22.62 -61.82 -12.93
C SER F 1588 23.44 -62.07 -11.67
N SER F 1589 24.66 -61.52 -11.67
CA SER F 1589 25.59 -61.71 -10.57
C SER F 1589 25.97 -60.38 -9.91
N LYS F 1590 25.14 -59.35 -10.08
CA LYS F 1590 25.45 -58.07 -9.47
C LYS F 1590 25.41 -58.15 -7.94
N SER F 1591 24.47 -58.92 -7.39
CA SER F 1591 24.36 -59.15 -5.96
C SER F 1591 24.15 -57.83 -5.21
N ARG F 1592 22.99 -57.22 -5.45
CA ARG F 1592 22.61 -56.01 -4.73
C ARG F 1592 22.48 -56.31 -3.24
N VAL F 1593 22.90 -55.36 -2.42
CA VAL F 1593 22.78 -55.45 -0.97
C VAL F 1593 21.87 -54.34 -0.50
N VAL F 1594 20.83 -54.69 0.25
CA VAL F 1594 19.82 -53.74 0.69
C VAL F 1594 19.83 -53.69 2.21
N ILE F 1595 19.91 -52.49 2.76
CA ILE F 1595 19.92 -52.29 4.20
C ILE F 1595 18.48 -52.28 4.71
N VAL F 1596 17.97 -53.46 5.05
CA VAL F 1596 16.63 -53.58 5.60
C VAL F 1596 16.70 -53.50 7.12
N GLN F 1597 15.54 -53.27 7.74
CA GLN F 1597 15.43 -53.14 9.18
C GLN F 1597 14.50 -54.22 9.71
N GLY F 1598 14.97 -54.97 10.70
CA GLY F 1598 14.18 -56.03 11.29
C GLY F 1598 14.71 -57.41 10.98
N ASN F 1599 13.80 -58.37 10.81
CA ASN F 1599 14.17 -59.75 10.50
C ASN F 1599 13.74 -60.12 9.08
N VAL F 1600 13.90 -59.18 8.15
CA VAL F 1600 13.49 -59.42 6.77
C VAL F 1600 14.34 -60.54 6.19
N GLU F 1601 13.68 -61.47 5.49
CA GLU F 1601 14.37 -62.59 4.88
C GLU F 1601 15.24 -62.11 3.72
N GLY F 1602 16.10 -62.99 3.25
CA GLY F 1602 17.06 -62.66 2.21
C GLY F 1602 16.55 -62.77 0.79
N THR F 1603 15.25 -62.90 0.59
CA THR F 1603 14.70 -63.02 -0.76
C THR F 1603 14.14 -61.68 -1.22
N ALA F 1604 14.06 -61.53 -2.55
CA ALA F 1604 13.59 -60.27 -3.13
C ALA F 1604 12.15 -59.98 -2.72
N GLU F 1605 11.33 -61.03 -2.65
CA GLU F 1605 9.95 -60.87 -2.15
C GLU F 1605 9.95 -60.17 -0.80
N ALA F 1606 10.78 -60.63 0.13
CA ALA F 1606 10.78 -60.06 1.48
C ALA F 1606 11.25 -58.61 1.48
N ILE F 1607 12.25 -58.29 0.66
CA ILE F 1607 12.73 -56.91 0.60
C ILE F 1607 11.64 -56.00 0.06
N CYS F 1608 10.93 -56.44 -0.98
CA CYS F 1608 9.83 -55.62 -1.49
C CYS F 1608 8.73 -55.48 -0.45
N ARG F 1609 8.46 -56.54 0.31
CA ARG F 1609 7.51 -56.44 1.41
C ARG F 1609 7.95 -55.40 2.42
N TYR F 1610 9.25 -55.37 2.73
CA TYR F 1610 9.76 -54.40 3.70
C TYR F 1610 9.61 -52.99 3.17
N TRP F 1611 9.89 -52.77 1.89
CA TRP F 1611 9.70 -51.43 1.33
C TRP F 1611 8.23 -51.02 1.39
N LEU F 1612 7.32 -51.92 1.03
CA LEU F 1612 5.90 -51.61 1.09
C LEU F 1612 5.46 -51.36 2.53
N LYS F 1613 6.11 -52.00 3.49
CA LYS F 1613 5.78 -51.76 4.89
C LYS F 1613 6.32 -50.42 5.37
N SER F 1614 7.50 -50.04 4.91
CA SER F 1614 8.11 -48.75 5.22
C SER F 1614 7.55 -47.62 4.36
N MET F 1615 6.54 -47.93 3.54
CA MET F 1615 5.86 -46.94 2.71
C MET F 1615 5.47 -45.72 3.53
N SER F 1616 4.98 -45.96 4.74
CA SER F 1616 4.61 -44.85 5.64
C SER F 1616 5.75 -44.61 6.62
N LEU F 1617 5.75 -43.46 7.28
CA LEU F 1617 6.84 -43.10 8.17
C LEU F 1617 6.48 -43.27 9.64
N VAL F 1618 5.24 -43.05 10.03
CA VAL F 1618 4.85 -43.11 11.43
C VAL F 1618 3.85 -44.24 11.66
N LYS F 1619 3.04 -44.54 10.66
CA LYS F 1619 1.95 -45.49 10.81
C LYS F 1619 2.39 -46.89 10.38
N THR F 1620 1.78 -47.89 10.99
CA THR F 1620 2.08 -49.28 10.66
C THR F 1620 1.27 -49.70 9.44
N ILE F 1621 1.92 -50.44 8.55
CA ILE F 1621 1.30 -50.91 7.33
C ILE F 1621 1.42 -52.43 7.28
N ARG F 1622 0.32 -53.10 6.96
CA ARG F 1622 0.30 -54.54 6.76
C ARG F 1622 -0.02 -54.84 5.31
N VAL F 1623 0.62 -55.87 4.78
CA VAL F 1623 0.38 -56.32 3.41
C VAL F 1623 -0.80 -57.29 3.45
N LYS F 1624 -1.93 -56.87 2.90
CA LYS F 1624 -3.12 -57.72 2.92
C LYS F 1624 -2.88 -59.07 2.26
N PRO F 1625 -2.27 -59.17 1.07
CA PRO F 1625 -1.84 -60.48 0.59
C PRO F 1625 -0.54 -60.94 1.26
N HIS F 1626 -0.62 -61.14 2.59
CA HIS F 1626 0.55 -61.51 3.36
C HIS F 1626 1.10 -62.88 2.98
N LYS F 1627 0.34 -63.68 2.23
CA LYS F 1627 0.87 -64.91 1.68
C LYS F 1627 1.89 -64.60 0.58
N GLU F 1628 2.48 -65.64 0.03
CA GLU F 1628 3.43 -65.48 -1.07
C GLU F 1628 2.75 -64.89 -2.30
N GLY F 1643 10.40 -86.35 -20.68
CA GLY F 1643 11.24 -87.53 -20.67
C GLY F 1643 10.59 -88.70 -19.96
N GLN F 1644 9.79 -88.40 -18.94
CA GLN F 1644 9.10 -89.46 -18.20
C GLN F 1644 8.09 -90.17 -19.09
N GLN F 1645 7.41 -89.43 -19.97
CA GLN F 1645 6.41 -90.04 -20.84
C GLN F 1645 7.04 -91.05 -21.79
N LYS F 1646 8.20 -90.72 -22.37
CA LYS F 1646 8.87 -91.65 -23.28
C LYS F 1646 9.30 -92.91 -22.56
N ASP F 1647 9.85 -92.77 -21.34
CA ASP F 1647 10.24 -93.94 -20.56
C ASP F 1647 9.02 -94.79 -20.23
N LEU F 1648 7.90 -94.15 -19.88
CA LEU F 1648 6.67 -94.88 -19.61
C LEU F 1648 6.20 -95.66 -20.83
N ALA F 1649 6.25 -95.02 -22.01
CA ALA F 1649 5.83 -95.70 -23.23
C ALA F 1649 6.74 -96.89 -23.54
N ALA F 1650 8.05 -96.71 -23.39
CA ALA F 1650 8.98 -97.81 -23.64
C ALA F 1650 8.74 -98.96 -22.67
N LEU F 1651 8.52 -98.64 -21.39
CA LEU F 1651 8.26 -99.68 -20.40
C LEU F 1651 6.97 -100.43 -20.73
N LYS F 1652 5.92 -99.70 -21.14
CA LYS F 1652 4.66 -100.34 -21.48
C LYS F 1652 4.82 -101.25 -22.70
N LEU F 1653 5.57 -100.79 -23.70
CA LEU F 1653 5.82 -101.63 -24.88
C LEU F 1653 6.57 -102.90 -24.49
N CYS F 1654 7.58 -102.76 -23.63
CA CYS F 1654 8.32 -103.94 -23.18
C CYS F 1654 7.41 -104.89 -22.41
N ILE F 1655 6.54 -104.35 -21.55
CA ILE F 1655 5.60 -105.17 -20.80
C ILE F 1655 4.72 -105.97 -21.74
N GLU F 1656 4.14 -105.29 -22.73
CA GLU F 1656 3.24 -105.96 -23.65
C GLU F 1656 3.95 -107.03 -24.47
N VAL F 1657 5.14 -106.71 -24.99
CA VAL F 1657 5.84 -107.67 -25.83
C VAL F 1657 6.28 -108.89 -25.02
N TRP F 1658 6.74 -108.69 -23.78
CA TRP F 1658 7.14 -109.82 -22.96
C TRP F 1658 5.92 -110.65 -22.55
N ARG F 1659 4.80 -110.00 -22.26
CA ARG F 1659 3.59 -110.75 -21.91
C ARG F 1659 3.14 -111.63 -23.08
N TRP F 1660 3.14 -111.09 -24.30
CA TRP F 1660 2.77 -111.91 -25.44
C TRP F 1660 3.80 -113.02 -25.68
N CYS F 1661 5.09 -112.70 -25.54
CA CYS F 1661 6.12 -113.72 -25.74
C CYS F 1661 5.99 -114.85 -24.74
N LYS F 1662 5.53 -114.55 -23.53
CA LYS F 1662 5.29 -115.59 -22.54
C LYS F 1662 4.01 -116.38 -22.85
N ALA F 1663 2.98 -115.69 -23.34
CA ALA F 1663 1.78 -116.40 -23.76
C ALA F 1663 2.08 -117.38 -24.88
N ASN F 1664 2.86 -116.96 -25.86
CA ASN F 1664 3.34 -117.82 -26.92
C ASN F 1664 4.71 -118.38 -26.55
N SER F 1665 5.42 -118.95 -27.52
CA SER F 1665 6.80 -119.39 -27.34
C SER F 1665 7.68 -118.54 -28.24
N ALA F 1666 8.46 -117.65 -27.64
CA ALA F 1666 9.24 -116.68 -28.39
C ALA F 1666 10.64 -116.55 -27.79
N PRO F 1667 11.63 -116.19 -28.61
CA PRO F 1667 12.98 -115.93 -28.08
C PRO F 1667 13.07 -114.58 -27.39
N TYR F 1668 12.75 -114.55 -26.09
CA TYR F 1668 12.69 -113.30 -25.34
C TYR F 1668 13.99 -112.49 -25.48
N ARG F 1669 15.11 -113.13 -25.18
CA ARG F 1669 16.39 -112.41 -25.18
C ARG F 1669 16.78 -111.98 -26.58
N ASP F 1670 16.58 -112.85 -27.58
CA ASP F 1670 16.91 -112.48 -28.95
C ASP F 1670 16.04 -111.33 -29.43
N TRP F 1671 14.75 -111.36 -29.12
CA TRP F 1671 13.85 -110.29 -29.54
C TRP F 1671 14.17 -108.98 -28.85
N PHE F 1672 14.53 -109.03 -27.56
CA PHE F 1672 14.92 -107.83 -26.85
C PHE F 1672 16.20 -107.21 -27.39
N GLN F 1673 17.02 -107.99 -28.08
CA GLN F 1673 18.20 -107.48 -28.75
C GLN F 1673 17.94 -107.07 -30.20
N ALA F 1674 16.71 -107.24 -30.68
CA ALA F 1674 16.35 -106.89 -32.04
C ALA F 1674 15.32 -105.79 -32.12
N LEU F 1675 14.34 -105.77 -31.22
CA LEU F 1675 13.32 -104.74 -31.24
C LEU F 1675 13.91 -103.38 -30.86
N TRP F 1676 13.38 -102.35 -31.48
CA TRP F 1676 13.88 -100.99 -31.31
C TRP F 1676 12.73 -100.04 -31.01
N PHE F 1677 12.94 -99.15 -30.04
CA PHE F 1677 11.96 -98.14 -29.66
C PHE F 1677 12.63 -96.78 -29.68
N GLU F 1678 12.02 -95.83 -30.39
CA GLU F 1678 12.55 -94.48 -30.51
C GLU F 1678 13.99 -94.50 -31.02
N ASP F 1679 14.94 -94.20 -30.15
CA ASP F 1679 16.36 -94.26 -30.48
C ASP F 1679 17.12 -95.18 -29.54
N LYS F 1680 16.43 -96.11 -28.89
CA LYS F 1680 17.05 -97.03 -27.94
C LYS F 1680 16.52 -98.43 -28.16
N THR F 1681 17.42 -99.40 -28.22
CA THR F 1681 16.99 -100.78 -28.38
C THR F 1681 16.36 -101.31 -27.08
N PHE F 1682 15.65 -102.43 -27.21
CA PHE F 1682 14.93 -102.97 -26.06
C PHE F 1682 15.88 -103.43 -24.96
N SER F 1683 17.02 -104.01 -25.33
CA SER F 1683 18.01 -104.37 -24.32
C SER F 1683 18.54 -103.15 -23.59
N GLU F 1684 18.84 -102.08 -24.34
CA GLU F 1684 19.26 -100.84 -23.71
C GLU F 1684 18.14 -100.24 -22.86
N TRP F 1685 16.90 -100.37 -23.31
CA TRP F 1685 15.77 -99.90 -22.51
C TRP F 1685 15.69 -100.65 -21.19
N LEU F 1686 15.86 -101.97 -21.22
CA LEU F 1686 15.85 -102.76 -19.99
C LEU F 1686 17.01 -102.37 -19.08
N ASP F 1687 18.19 -102.15 -19.67
CA ASP F 1687 19.34 -101.73 -18.87
C ASP F 1687 19.08 -100.39 -18.20
N ARG F 1688 18.49 -99.44 -18.93
CA ARG F 1688 18.15 -98.15 -18.35
C ARG F 1688 17.11 -98.29 -17.25
N PHE F 1689 16.10 -99.14 -17.46
CA PHE F 1689 15.10 -99.37 -16.43
C PHE F 1689 15.73 -99.96 -15.17
N CYS F 1690 16.69 -100.88 -15.34
CA CYS F 1690 17.39 -101.42 -14.19
C CYS F 1690 18.22 -100.34 -13.50
N ARG F 1691 18.84 -99.45 -14.26
CA ARG F 1691 19.77 -98.48 -13.69
C ARG F 1691 19.03 -97.36 -12.97
N VAL F 1692 18.22 -96.60 -13.70
CA VAL F 1692 17.49 -95.48 -13.09
C VAL F 1692 16.32 -95.93 -12.23
N GLY F 1693 15.91 -97.19 -12.34
CA GLY F 1693 14.71 -97.64 -11.68
C GLY F 1693 13.50 -97.54 -12.60
N VAL F 1694 12.32 -97.62 -11.98
CA VAL F 1694 11.08 -97.57 -12.73
C VAL F 1694 10.22 -96.43 -12.17
N PRO F 1695 9.72 -95.53 -13.02
CA PRO F 1695 8.86 -94.46 -12.52
C PRO F 1695 7.60 -95.03 -11.91
N PRO F 1696 7.07 -94.38 -10.88
CA PRO F 1696 5.90 -94.95 -10.19
C PRO F 1696 4.61 -94.78 -10.96
N ILE F 1697 4.14 -95.87 -11.57
CA ILE F 1697 2.84 -95.92 -12.23
C ILE F 1697 2.13 -97.18 -11.76
N ASP F 1698 0.93 -97.01 -11.22
CA ASP F 1698 0.28 -98.10 -10.50
C ASP F 1698 0.06 -99.37 -11.32
N PRO F 1699 -0.53 -99.33 -12.52
CA PRO F 1699 -0.91 -100.59 -13.18
C PRO F 1699 0.26 -101.46 -13.60
N GLU F 1700 1.51 -100.99 -13.54
CA GLU F 1700 2.61 -101.83 -13.98
C GLU F 1700 3.85 -101.76 -13.11
N ILE F 1701 3.78 -101.22 -11.88
CA ILE F 1701 4.93 -101.26 -10.99
C ILE F 1701 5.28 -102.71 -10.65
N GLN F 1702 4.27 -103.49 -10.29
CA GLN F 1702 4.49 -104.91 -10.01
C GLN F 1702 4.97 -105.64 -11.25
N CYS F 1703 4.42 -105.29 -12.41
CA CYS F 1703 4.86 -105.91 -13.66
C CYS F 1703 6.33 -105.62 -13.93
N ALA F 1704 6.77 -104.38 -13.73
CA ALA F 1704 8.16 -104.03 -13.94
C ALA F 1704 9.06 -104.76 -12.94
N ALA F 1705 8.59 -104.92 -11.70
CA ALA F 1705 9.33 -105.73 -10.75
C ALA F 1705 9.47 -107.17 -11.24
N LEU F 1706 8.41 -107.71 -11.84
CA LEU F 1706 8.48 -109.05 -12.43
C LEU F 1706 9.48 -109.10 -13.57
N MET F 1707 9.53 -108.05 -14.41
CA MET F 1707 10.57 -107.96 -15.43
C MET F 1707 11.97 -108.03 -14.82
N ILE F 1708 12.23 -107.19 -13.83
CA ILE F 1708 13.58 -107.16 -13.26
C ILE F 1708 13.94 -108.51 -12.64
N ALA F 1709 12.96 -109.16 -12.02
CA ALA F 1709 13.20 -110.49 -11.46
C ALA F 1709 13.47 -111.52 -12.56
N ASP F 1710 12.70 -111.49 -13.64
CA ASP F 1710 12.74 -112.58 -14.61
C ASP F 1710 13.85 -112.40 -15.64
N ILE F 1711 13.79 -111.33 -16.44
CA ILE F 1711 14.72 -111.24 -17.57
C ILE F 1711 16.09 -110.79 -17.11
N LYS F 1712 16.16 -109.83 -16.20
CA LYS F 1712 17.46 -109.40 -15.69
C LYS F 1712 18.04 -110.40 -14.70
N GLY F 1713 17.20 -111.11 -13.95
CA GLY F 1713 17.62 -112.15 -13.07
C GLY F 1713 17.76 -111.76 -11.61
N ASP F 1714 17.67 -110.47 -11.29
CA ASP F 1714 17.80 -109.99 -9.92
C ASP F 1714 16.42 -109.66 -9.35
N TYR F 1715 16.12 -110.24 -8.20
CA TYR F 1715 14.82 -110.00 -7.53
C TYR F 1715 14.91 -108.84 -6.55
N SER F 1716 15.39 -107.69 -7.04
CA SER F 1716 15.55 -106.51 -6.21
C SER F 1716 14.32 -105.62 -6.24
N VAL F 1717 13.79 -105.35 -7.44
CA VAL F 1717 12.61 -104.51 -7.55
C VAL F 1717 11.38 -105.21 -6.99
N LEU F 1718 11.31 -106.54 -7.12
CA LEU F 1718 10.22 -107.27 -6.46
C LEU F 1718 10.28 -107.11 -4.95
N GLN F 1719 11.49 -107.19 -4.37
CA GLN F 1719 11.64 -106.98 -2.94
C GLN F 1719 11.27 -105.56 -2.55
N LEU F 1720 11.68 -104.58 -3.36
CA LEU F 1720 11.32 -103.20 -3.08
C LEU F 1720 9.82 -102.98 -3.12
N GLN F 1721 9.15 -103.56 -4.11
CA GLN F 1721 7.69 -103.46 -4.20
C GLN F 1721 7.02 -104.10 -3.00
N ALA F 1722 7.51 -105.28 -2.58
CA ALA F 1722 6.97 -105.92 -1.39
C ALA F 1722 7.16 -105.04 -0.16
N ASN F 1723 8.32 -104.38 -0.06
CA ASN F 1723 8.58 -103.52 1.07
C ASN F 1723 7.66 -102.30 1.08
N ARG F 1724 7.43 -101.71 -0.10
CA ARG F 1724 6.76 -100.40 -0.14
C ARG F 1724 5.25 -100.49 -0.30
N ARG F 1725 4.76 -101.25 -1.28
CA ARG F 1725 3.34 -101.22 -1.61
C ARG F 1725 2.83 -102.62 -1.94
N ALA F 1726 3.26 -103.63 -1.19
CA ALA F 1726 2.77 -104.99 -1.42
C ALA F 1726 2.90 -105.79 -0.12
N TYR F 1727 1.81 -105.91 0.61
CA TYR F 1727 1.73 -106.80 1.77
C TYR F 1727 0.55 -107.74 1.71
N SER F 1728 -0.59 -107.28 1.21
CA SER F 1728 -1.80 -108.09 1.00
C SER F 1728 -2.17 -108.80 2.31
N GLY F 1729 -2.84 -109.94 2.21
CA GLY F 1729 -3.24 -110.69 3.39
C GLY F 1729 -4.42 -110.04 4.11
N LYS F 1730 -4.81 -110.68 5.20
CA LYS F 1730 -5.90 -110.20 6.05
C LYS F 1730 -5.48 -110.39 7.51
N GLN F 1731 -5.10 -109.29 8.15
CA GLN F 1731 -4.64 -109.32 9.54
C GLN F 1731 -5.86 -109.15 10.45
N TYR F 1732 -6.26 -110.23 11.11
CA TYR F 1732 -7.40 -110.22 12.01
C TYR F 1732 -6.97 -109.78 13.41
N ASP F 1733 -7.86 -109.07 14.09
CA ASP F 1733 -7.60 -108.65 15.46
C ASP F 1733 -7.54 -109.86 16.39
N ALA F 1734 -6.58 -109.86 17.31
CA ALA F 1734 -6.45 -110.96 18.25
C ALA F 1734 -7.65 -111.05 19.17
N TYR F 1735 -8.18 -109.92 19.61
CA TYR F 1735 -9.29 -109.90 20.55
C TYR F 1735 -10.64 -110.10 19.88
N CYS F 1736 -10.69 -110.14 18.54
CA CYS F 1736 -11.93 -110.36 17.81
C CYS F 1736 -12.03 -111.83 17.42
N VAL F 1737 -13.09 -112.49 17.87
CA VAL F 1737 -13.33 -113.90 17.59
C VAL F 1737 -14.66 -114.03 16.87
N GLN F 1738 -14.67 -114.76 15.76
CA GLN F 1738 -15.86 -114.96 14.95
C GLN F 1738 -16.25 -116.43 14.99
N THR F 1739 -17.54 -116.68 15.20
CA THR F 1739 -18.09 -118.03 15.23
C THR F 1739 -18.93 -118.26 13.97
N TYR F 1740 -18.68 -119.37 13.29
CA TYR F 1740 -19.38 -119.71 12.06
C TYR F 1740 -20.62 -120.53 12.36
N ASN F 1741 -21.79 -119.96 12.08
CA ASN F 1741 -23.06 -120.66 12.26
C ASN F 1741 -23.44 -121.34 10.95
N GLU F 1742 -23.52 -122.67 10.97
CA GLU F 1742 -23.82 -123.42 9.76
C GLU F 1742 -25.27 -123.26 9.32
N VAL F 1743 -26.16 -122.91 10.25
CA VAL F 1743 -27.57 -122.71 9.88
C VAL F 1743 -27.71 -121.53 8.93
N THR F 1744 -27.04 -120.43 9.24
CA THR F 1744 -27.05 -119.24 8.39
C THR F 1744 -25.86 -119.18 7.45
N LYS F 1745 -24.89 -120.08 7.61
CA LYS F 1745 -23.68 -120.11 6.78
C LYS F 1745 -22.98 -118.75 6.81
N LEU F 1746 -22.93 -118.15 7.99
CA LEU F 1746 -22.35 -116.82 8.17
C LEU F 1746 -21.63 -116.77 9.50
N TYR F 1747 -20.67 -115.84 9.60
CA TYR F 1747 -19.94 -115.63 10.83
C TYR F 1747 -20.71 -114.68 11.76
N GLU F 1748 -20.35 -114.73 13.03
CA GLU F 1748 -20.94 -113.86 14.04
C GLU F 1748 -19.87 -113.41 15.02
N GLY F 1749 -20.05 -112.23 15.59
CA GLY F 1749 -19.10 -111.68 16.54
C GLY F 1749 -18.33 -110.52 15.95
N ASP F 1750 -17.86 -109.63 16.82
CA ASP F 1750 -17.18 -108.42 16.39
C ASP F 1750 -15.91 -108.76 15.61
N LEU F 1751 -15.66 -107.99 14.56
CA LEU F 1751 -14.52 -108.20 13.67
C LEU F 1751 -13.76 -106.90 13.47
N ARG F 1752 -12.43 -106.99 13.53
CA ARG F 1752 -11.56 -105.85 13.26
C ARG F 1752 -10.38 -106.37 12.44
N VAL F 1753 -10.27 -105.89 11.20
CA VAL F 1753 -9.29 -106.39 10.25
C VAL F 1753 -8.47 -105.21 9.75
N THR F 1754 -7.15 -105.36 9.75
CA THR F 1754 -6.22 -104.35 9.26
C THR F 1754 -5.55 -104.88 8.00
N PHE F 1755 -6.08 -104.50 6.83
CA PHE F 1755 -5.48 -104.88 5.57
C PHE F 1755 -4.18 -104.10 5.36
N ASN F 1756 -3.07 -104.82 5.19
CA ASN F 1756 -1.79 -104.21 4.91
C ASN F 1756 -1.41 -104.46 3.45
N PHE F 1757 -1.04 -103.39 2.75
CA PHE F 1757 -0.61 -103.47 1.36
C PHE F 1757 0.64 -102.63 1.15
N GLY F 1758 1.61 -102.81 2.04
CA GLY F 1758 2.87 -102.08 1.95
C GLY F 1758 2.93 -100.96 2.98
N LEU F 1759 3.28 -99.76 2.53
CA LEU F 1759 3.33 -98.61 3.42
C LEU F 1759 1.94 -98.14 3.84
N ASP F 1760 0.88 -98.66 3.24
CA ASP F 1760 -0.49 -98.26 3.54
C ASP F 1760 -1.23 -99.39 4.24
N CYS F 1761 -2.10 -99.02 5.16
CA CYS F 1761 -2.92 -99.98 5.89
C CYS F 1761 -4.37 -99.53 5.87
N ALA F 1762 -5.28 -100.50 5.88
CA ALA F 1762 -6.71 -100.23 5.87
C ALA F 1762 -7.34 -100.93 7.07
N ARG F 1763 -8.03 -100.17 7.92
CA ARG F 1763 -8.66 -100.68 9.12
C ARG F 1763 -10.16 -100.78 8.90
N LEU F 1764 -10.72 -101.97 9.14
CA LEU F 1764 -12.16 -102.21 8.99
C LEU F 1764 -12.69 -102.77 10.30
N GLU F 1765 -13.73 -102.11 10.83
CA GLU F 1765 -14.39 -102.54 12.05
C GLU F 1765 -15.87 -102.78 11.77
N ILE F 1766 -16.40 -103.89 12.27
CA ILE F 1766 -17.79 -104.26 12.07
C ILE F 1766 -18.48 -104.28 13.42
N PHE F 1767 -19.51 -103.46 13.58
CA PHE F 1767 -20.32 -103.42 14.79
C PHE F 1767 -21.60 -104.22 14.53
N TRP F 1768 -21.62 -105.46 15.01
CA TRP F 1768 -22.75 -106.35 14.73
C TRP F 1768 -24.01 -105.94 15.48
N ASP F 1769 -23.85 -105.29 16.64
CA ASP F 1769 -25.03 -104.81 17.36
C ASP F 1769 -25.80 -103.78 16.55
N LYS F 1770 -25.08 -102.86 15.91
CA LYS F 1770 -25.69 -101.85 15.05
C LYS F 1770 -25.72 -102.27 13.59
N LYS F 1771 -25.13 -103.41 13.24
CA LYS F 1771 -25.05 -103.89 11.86
C LYS F 1771 -24.43 -102.83 10.95
N ALA F 1772 -23.36 -102.20 11.43
CA ALA F 1772 -22.68 -101.14 10.71
C ALA F 1772 -21.20 -101.47 10.58
N TYR F 1773 -20.57 -100.88 9.56
CA TYR F 1773 -19.16 -101.09 9.28
C TYR F 1773 -18.47 -99.74 9.10
N ILE F 1774 -17.24 -99.65 9.60
CA ILE F 1774 -16.42 -98.45 9.48
C ILE F 1774 -15.10 -98.85 8.84
N LEU F 1775 -14.76 -98.21 7.72
CA LEU F 1775 -13.54 -98.52 6.98
C LEU F 1775 -12.71 -97.24 6.81
N GLU F 1776 -11.43 -97.33 7.15
CA GLU F 1776 -10.49 -96.23 6.99
C GLU F 1776 -9.25 -96.74 6.28
N THR F 1777 -8.76 -95.95 5.33
CA THR F 1777 -7.60 -96.36 4.55
C THR F 1777 -6.90 -95.11 4.00
N SER F 1778 -5.67 -95.30 3.52
CA SER F 1778 -4.87 -94.22 2.98
C SER F 1778 -4.42 -94.49 1.54
N ILE F 1779 -5.14 -95.32 0.80
CA ILE F 1779 -4.74 -95.70 -0.55
C ILE F 1779 -5.56 -94.90 -1.55
N THR F 1780 -4.88 -94.28 -2.51
CA THR F 1780 -5.52 -93.46 -3.53
C THR F 1780 -5.32 -93.97 -4.95
N GLN F 1781 -4.45 -94.94 -5.16
CA GLN F 1781 -4.21 -95.47 -6.50
C GLN F 1781 -5.43 -96.28 -6.96
N LYS F 1782 -5.44 -96.63 -8.26
CA LYS F 1782 -6.66 -97.16 -8.87
C LYS F 1782 -6.88 -98.63 -8.53
N HIS F 1783 -5.98 -99.51 -9.00
CA HIS F 1783 -6.24 -100.93 -8.82
C HIS F 1783 -5.95 -101.38 -7.40
N VAL F 1784 -5.04 -100.71 -6.70
CA VAL F 1784 -4.82 -101.02 -5.29
C VAL F 1784 -6.10 -100.76 -4.49
N LEU F 1785 -6.66 -99.55 -4.63
CA LEU F 1785 -7.89 -99.23 -3.92
C LEU F 1785 -9.03 -100.13 -4.36
N LYS F 1786 -9.04 -100.51 -5.64
CA LYS F 1786 -10.03 -101.49 -6.11
C LYS F 1786 -9.91 -102.79 -5.33
N ILE F 1787 -8.68 -103.27 -5.11
CA ILE F 1787 -8.48 -104.47 -4.30
C ILE F 1787 -8.94 -104.24 -2.87
N MET F 1788 -8.72 -103.05 -2.33
CA MET F 1788 -9.27 -102.71 -1.01
C MET F 1788 -10.78 -102.93 -0.93
N MET F 1789 -11.58 -102.22 -1.74
CA MET F 1789 -13.00 -102.48 -1.47
C MET F 1789 -13.44 -103.86 -1.98
N ASP F 1790 -12.68 -104.50 -2.87
CA ASP F 1790 -13.00 -105.88 -3.22
C ASP F 1790 -12.86 -106.79 -2.00
N GLU F 1791 -11.75 -106.68 -1.28
CA GLU F 1791 -11.55 -107.48 -0.08
C GLU F 1791 -12.56 -107.11 1.01
N VAL F 1792 -12.87 -105.82 1.14
CA VAL F 1792 -13.83 -105.39 2.15
C VAL F 1792 -15.22 -105.95 1.82
N SER F 1793 -15.61 -105.91 0.56
CA SER F 1793 -16.90 -106.46 0.15
C SER F 1793 -16.95 -107.97 0.36
N LYS F 1794 -15.84 -108.66 0.08
CA LYS F 1794 -15.80 -110.10 0.33
C LYS F 1794 -15.95 -110.38 1.83
N GLU F 1795 -15.28 -109.61 2.67
CA GLU F 1795 -15.39 -109.80 4.11
C GLU F 1795 -16.82 -109.52 4.58
N LEU F 1796 -17.44 -108.47 4.07
CA LEU F 1796 -18.81 -108.15 4.45
C LEU F 1796 -19.78 -109.24 4.00
N ILE F 1797 -19.61 -109.75 2.78
CA ILE F 1797 -20.47 -110.82 2.29
C ILE F 1797 -20.32 -112.06 3.15
N LYS F 1798 -19.08 -112.41 3.51
CA LYS F 1798 -18.87 -113.51 4.44
C LYS F 1798 -19.48 -113.20 5.81
N CYS F 1799 -19.61 -111.91 6.15
CA CYS F 1799 -20.19 -111.49 7.41
C CYS F 1799 -21.70 -111.29 7.33
N GLY F 1800 -22.29 -111.30 6.13
CA GLY F 1800 -23.73 -111.29 5.98
C GLY F 1800 -24.36 -109.98 5.59
N MET F 1801 -23.59 -108.92 5.36
CA MET F 1801 -24.12 -107.66 4.91
C MET F 1801 -23.30 -107.15 3.72
N ARG F 1802 -23.78 -106.07 3.12
CA ARG F 1802 -23.18 -105.51 1.91
C ARG F 1802 -22.79 -104.05 2.14
N PHE F 1803 -22.23 -103.45 1.11
CA PHE F 1803 -21.79 -102.06 1.18
C PHE F 1803 -22.99 -101.12 1.23
N ASN F 1804 -22.74 -99.93 1.79
CA ASN F 1804 -23.74 -98.86 1.83
C ASN F 1804 -23.43 -97.91 0.68
N THR F 1805 -24.22 -98.00 -0.39
CA THR F 1805 -24.01 -97.22 -1.60
C THR F 1805 -25.17 -96.26 -1.80
N GLU F 1806 -24.84 -95.02 -2.12
CA GLU F 1806 -25.83 -93.97 -2.35
C GLU F 1806 -25.60 -93.34 -3.71
N GLN F 1807 -26.66 -93.22 -4.50
CA GLN F 1807 -26.61 -92.55 -5.79
C GLN F 1807 -26.95 -91.08 -5.58
N VAL F 1808 -25.96 -90.22 -5.73
CA VAL F 1808 -26.14 -88.78 -5.51
C VAL F 1808 -25.60 -88.03 -6.72
N GLN F 1809 -26.15 -86.84 -6.94
CA GLN F 1809 -25.74 -85.99 -8.06
C GLN F 1809 -24.50 -85.16 -7.74
N GLY F 1810 -24.02 -85.19 -6.50
CA GLY F 1810 -22.84 -84.43 -6.13
C GLY F 1810 -22.61 -84.40 -4.63
N VAL F 1811 -21.35 -84.51 -4.22
CA VAL F 1811 -20.97 -84.50 -2.82
C VAL F 1811 -20.00 -83.35 -2.58
N ARG F 1812 -20.31 -82.52 -1.59
CA ARG F 1812 -19.45 -81.41 -1.22
C ARG F 1812 -18.30 -81.83 -0.32
N HIS F 1813 -18.32 -83.05 0.21
CA HIS F 1813 -17.33 -83.52 1.17
C HIS F 1813 -16.36 -84.49 0.51
N MET F 1814 -15.34 -84.86 1.28
CA MET F 1814 -14.25 -85.71 0.79
C MET F 1814 -14.66 -87.16 1.03
N VAL F 1815 -15.17 -87.81 -0.03
CA VAL F 1815 -15.71 -89.16 0.08
C VAL F 1815 -15.16 -90.02 -1.05
N LEU F 1816 -15.60 -91.27 -1.07
CA LEU F 1816 -15.24 -92.23 -2.11
C LEU F 1816 -16.42 -92.44 -3.04
N PHE F 1817 -16.17 -92.36 -4.35
CA PHE F 1817 -17.21 -92.53 -5.35
C PHE F 1817 -16.73 -93.48 -6.43
N LYS F 1818 -17.68 -94.24 -6.99
CA LYS F 1818 -17.38 -95.18 -8.07
C LYS F 1818 -17.76 -94.56 -9.40
N THR F 1819 -16.85 -94.64 -10.37
CA THR F 1819 -17.07 -94.11 -11.71
C THR F 1819 -16.90 -95.24 -12.72
N GLU F 1820 -17.01 -94.89 -14.00
CA GLU F 1820 -16.80 -95.88 -15.05
C GLU F 1820 -15.37 -96.40 -15.04
N SER F 1821 -14.40 -95.50 -14.79
CA SER F 1821 -13.00 -95.91 -14.75
C SER F 1821 -12.65 -96.68 -13.48
N GLY F 1822 -13.49 -96.61 -12.46
CA GLY F 1822 -13.23 -97.32 -11.23
C GLY F 1822 -13.68 -96.50 -10.03
N PHE F 1823 -12.89 -96.55 -8.97
CA PHE F 1823 -13.19 -95.87 -7.71
C PHE F 1823 -12.16 -94.79 -7.45
N GLU F 1824 -12.64 -93.62 -7.03
CA GLU F 1824 -11.77 -92.47 -6.79
C GLU F 1824 -12.20 -91.76 -5.51
N TRP F 1825 -11.21 -91.16 -4.84
CA TRP F 1825 -11.45 -90.38 -3.64
C TRP F 1825 -11.57 -88.90 -4.02
N GLY F 1826 -12.54 -88.23 -3.45
CA GLY F 1826 -12.67 -86.80 -3.67
C GLY F 1826 -14.13 -86.37 -3.62
N LYS F 1827 -14.41 -85.29 -4.33
CA LYS F 1827 -15.76 -84.70 -4.39
C LYS F 1827 -16.33 -84.91 -5.78
N PRO F 1828 -17.23 -85.88 -5.96
CA PRO F 1828 -17.79 -86.13 -7.30
C PRO F 1828 -18.82 -85.07 -7.67
N ASN F 1829 -18.62 -84.42 -8.82
CA ASN F 1829 -19.56 -83.45 -9.35
C ASN F 1829 -20.51 -84.04 -10.37
N ILE F 1830 -20.41 -85.34 -10.65
CA ILE F 1830 -21.26 -86.00 -11.63
C ILE F 1830 -22.15 -87.00 -10.89
N PRO F 1831 -23.42 -87.15 -11.27
CA PRO F 1831 -24.27 -88.16 -10.62
C PRO F 1831 -23.71 -89.56 -10.76
N CYS F 1832 -23.34 -90.18 -9.65
CA CYS F 1832 -22.75 -91.50 -9.64
C CYS F 1832 -23.01 -92.14 -8.29
N ILE F 1833 -22.32 -93.24 -8.01
CA ILE F 1833 -22.51 -94.00 -6.78
C ILE F 1833 -21.39 -93.63 -5.80
N VAL F 1834 -21.78 -93.30 -4.57
CA VAL F 1834 -20.84 -92.94 -3.52
C VAL F 1834 -20.96 -93.96 -2.39
N TYR F 1835 -19.82 -94.54 -2.00
CA TYR F 1835 -19.79 -95.54 -0.94
C TYR F 1835 -19.78 -94.86 0.41
N LYS F 1836 -20.70 -95.24 1.28
CA LYS F 1836 -20.81 -94.64 2.60
C LYS F 1836 -19.83 -95.29 3.58
N ASN F 1837 -19.67 -94.64 4.73
CA ASN F 1837 -18.81 -95.12 5.81
C ASN F 1837 -17.37 -95.35 5.32
N CYS F 1838 -16.89 -94.45 4.47
CA CYS F 1838 -15.53 -94.51 3.95
C CYS F 1838 -14.77 -93.30 4.45
N VAL F 1839 -13.62 -93.54 5.07
CA VAL F 1839 -12.78 -92.50 5.63
C VAL F 1839 -11.40 -92.60 5.01
N LEU F 1840 -10.88 -91.47 4.53
CA LEU F 1840 -9.54 -91.41 3.95
C LEU F 1840 -8.60 -90.88 5.03
N ARG F 1841 -7.98 -91.79 5.76
CA ARG F 1841 -7.09 -91.47 6.87
C ARG F 1841 -5.64 -91.56 6.38
N THR F 1842 -5.08 -90.42 6.00
CA THR F 1842 -3.70 -90.39 5.55
C THR F 1842 -2.70 -90.64 6.68
N SER F 1843 -3.13 -90.47 7.94
CA SER F 1843 -2.26 -90.70 9.07
C SER F 1843 -1.94 -92.17 9.30
N LEU F 1844 -2.63 -93.08 8.61
CA LEU F 1844 -2.38 -94.50 8.75
C LEU F 1844 -1.02 -94.92 8.22
N ARG F 1845 -0.36 -94.07 7.44
CA ARG F 1845 0.94 -94.39 6.88
C ARG F 1845 2.03 -94.30 7.94
N HIS F 1852 13.44 -105.07 5.49
CA HIS F 1852 12.39 -106.06 5.29
C HIS F 1852 12.84 -107.14 4.32
N LYS F 1853 12.61 -108.41 4.69
CA LYS F 1853 13.01 -109.55 3.88
C LYS F 1853 11.78 -110.37 3.54
N PHE F 1854 11.66 -110.77 2.28
CA PHE F 1854 10.53 -111.55 1.81
C PHE F 1854 11.03 -112.66 0.89
N MET F 1855 10.24 -113.73 0.80
CA MET F 1855 10.51 -114.81 -0.13
C MET F 1855 9.40 -114.83 -1.18
N ILE F 1856 9.76 -115.18 -2.41
CA ILE F 1856 8.86 -115.08 -3.55
C ILE F 1856 8.77 -116.44 -4.22
N THR F 1857 7.54 -116.89 -4.48
CA THR F 1857 7.28 -118.10 -5.24
C THR F 1857 6.76 -117.72 -6.61
N ILE F 1858 7.37 -118.25 -7.66
CA ILE F 1858 7.07 -117.89 -9.04
C ILE F 1858 6.19 -118.98 -9.65
N LYS F 1859 5.09 -118.57 -10.27
CA LYS F 1859 4.15 -119.49 -10.88
C LYS F 1859 3.76 -118.97 -12.25
N ASP F 1860 3.15 -119.86 -13.05
CA ASP F 1860 2.73 -119.56 -14.42
C ASP F 1860 3.91 -119.10 -15.26
N ASP F 1861 5.05 -119.75 -15.08
CA ASP F 1861 6.28 -119.47 -15.83
C ASP F 1861 6.76 -118.03 -15.66
N GLY F 1862 6.37 -117.37 -14.57
CA GLY F 1862 6.71 -115.99 -14.33
C GLY F 1862 5.60 -114.99 -14.51
N LEU F 1863 4.38 -115.44 -14.83
CA LEU F 1863 3.27 -114.51 -14.99
C LEU F 1863 2.75 -114.00 -13.65
N ARG F 1864 2.87 -114.79 -12.59
CA ARG F 1864 2.39 -114.39 -11.27
C ARG F 1864 3.45 -114.76 -10.23
N ALA F 1865 3.43 -114.01 -9.13
CA ALA F 1865 4.36 -114.24 -8.03
C ALA F 1865 3.62 -114.06 -6.71
N ILE F 1866 3.90 -114.93 -5.75
CA ILE F 1866 3.30 -114.88 -4.42
C ILE F 1866 4.43 -114.73 -3.41
N ALA F 1867 4.30 -113.75 -2.51
CA ALA F 1867 5.32 -113.47 -1.52
C ALA F 1867 4.76 -113.58 -0.11
N GLN F 1868 5.69 -113.57 0.86
CA GLN F 1868 5.35 -113.61 2.27
C GLN F 1868 6.55 -113.13 3.06
N HIS F 1869 6.30 -112.74 4.31
CA HIS F 1869 7.38 -112.24 5.17
C HIS F 1869 8.35 -113.36 5.52
N ASP F 1870 7.86 -114.41 6.19
CA ASP F 1870 8.67 -115.56 6.51
C ASP F 1870 7.98 -116.84 6.04
N GLU F 1871 8.52 -118.00 6.43
CA GLU F 1871 7.94 -119.27 5.99
C GLU F 1871 6.52 -119.45 6.52
N ASP F 1872 6.27 -119.04 7.75
CA ASP F 1872 4.98 -119.19 8.38
C ASP F 1872 3.97 -118.11 7.99
N SER F 1873 4.40 -117.09 7.25
CA SER F 1873 3.50 -116.04 6.84
C SER F 1873 2.48 -116.57 5.83
N PRO F 1874 1.26 -116.04 5.83
CA PRO F 1874 0.28 -116.46 4.83
C PRO F 1874 0.71 -116.09 3.43
N ARG F 1875 0.33 -116.93 2.47
CA ARG F 1875 0.67 -116.71 1.07
C ARG F 1875 -0.32 -115.75 0.44
N PHE F 1876 0.20 -114.70 -0.19
CA PHE F 1876 -0.62 -113.69 -0.84
C PHE F 1876 -0.01 -113.36 -2.21
N LEU F 1877 -0.88 -112.93 -3.13
CA LEU F 1877 -0.46 -112.62 -4.49
C LEU F 1877 0.38 -111.35 -4.49
N LEU F 1878 1.69 -111.51 -4.58
CA LEU F 1878 2.59 -110.36 -4.62
C LEU F 1878 2.38 -109.57 -5.92
N ALA F 1879 2.41 -110.24 -7.06
CA ALA F 1879 2.32 -109.57 -8.34
C ALA F 1879 1.79 -110.55 -9.38
N HIS F 1880 1.28 -109.98 -10.47
CA HIS F 1880 0.78 -110.78 -11.58
C HIS F 1880 0.82 -109.92 -12.83
N ALA F 1881 1.03 -110.58 -13.98
CA ALA F 1881 1.08 -109.90 -15.26
C ALA F 1881 -0.25 -109.91 -15.99
N PHE F 1882 -1.30 -110.44 -15.38
CA PHE F 1882 -2.62 -110.54 -16.01
C PHE F 1882 -3.38 -109.21 -15.86
N HIS F 1883 -2.75 -108.15 -16.33
CA HIS F 1883 -3.31 -106.80 -16.27
C HIS F 1883 -3.74 -106.35 -17.65
N THR F 1884 -4.55 -105.30 -17.68
CA THR F 1884 -5.01 -104.67 -18.91
C THR F 1884 -4.38 -103.28 -19.00
N ILE F 1885 -3.63 -103.05 -20.07
CA ILE F 1885 -2.94 -101.78 -20.29
C ILE F 1885 -3.27 -101.29 -21.69
N ARG F 1886 -3.58 -100.00 -21.80
CA ARG F 1886 -3.91 -99.37 -23.07
C ARG F 1886 -2.81 -98.37 -23.44
N ASP F 1887 -3.01 -97.70 -24.57
CA ASP F 1887 -2.08 -96.70 -25.09
C ASP F 1887 -0.69 -97.31 -25.31
N ILE F 1888 -0.65 -98.33 -26.18
CA ILE F 1888 0.57 -99.03 -26.55
C ILE F 1888 0.86 -98.71 -28.01
N ARG F 1889 2.05 -98.16 -28.27
CA ARG F 1889 2.42 -97.72 -29.61
C ARG F 1889 3.16 -98.86 -30.31
N TYR F 1890 2.40 -99.74 -30.96
CA TYR F 1890 3.01 -100.83 -31.72
C TYR F 1890 3.66 -100.33 -33.01
N GLN F 1891 3.20 -99.19 -33.54
CA GLN F 1891 3.77 -98.66 -34.77
C GLN F 1891 5.19 -98.13 -34.57
N ALA F 1892 5.55 -97.73 -33.35
CA ALA F 1892 6.87 -97.19 -33.08
C ALA F 1892 7.94 -98.28 -32.95
N VAL F 1893 7.55 -99.56 -32.95
CA VAL F 1893 8.53 -100.63 -32.83
C VAL F 1893 9.29 -100.77 -34.14
N ASP F 1894 10.62 -100.83 -34.04
CA ASP F 1894 11.49 -100.96 -35.19
C ASP F 1894 12.29 -102.25 -35.10
N ALA F 1895 12.56 -102.84 -36.27
CA ALA F 1895 13.32 -104.08 -36.37
C ALA F 1895 14.71 -103.76 -36.90
N VAL F 1896 15.74 -104.19 -36.18
CA VAL F 1896 17.13 -103.97 -36.56
C VAL F 1896 17.75 -105.22 -37.15
N SER F 1897 17.66 -106.34 -36.45
CA SER F 1897 18.17 -107.61 -36.91
C SER F 1897 17.01 -108.54 -37.25
N ASN F 1898 17.35 -109.78 -37.61
CA ASN F 1898 16.34 -110.75 -37.98
C ASN F 1898 15.48 -111.13 -36.77
N VAL F 1899 14.17 -111.22 -36.99
CA VAL F 1899 13.23 -111.63 -35.97
C VAL F 1899 12.59 -112.93 -36.42
N TRP F 1900 12.65 -113.95 -35.58
CA TRP F 1900 12.16 -115.28 -35.92
C TRP F 1900 11.13 -115.74 -34.90
N PHE F 1901 10.12 -116.47 -35.39
CA PHE F 1901 9.10 -117.06 -34.54
C PHE F 1901 8.90 -118.51 -34.95
N ILE F 1902 8.58 -119.34 -33.95
CA ILE F 1902 8.38 -120.77 -34.15
C ILE F 1902 6.98 -121.12 -33.65
N HIS F 1903 6.24 -121.85 -34.49
CA HIS F 1903 4.89 -122.29 -34.12
C HIS F 1903 4.64 -123.65 -34.75
N LYS F 1904 4.66 -124.70 -33.93
CA LYS F 1904 4.42 -126.07 -34.38
C LYS F 1904 5.38 -126.46 -35.50
N GLY F 1905 6.65 -126.05 -35.36
CA GLY F 1905 7.66 -126.35 -36.35
C GLY F 1905 7.67 -125.44 -37.55
N VAL F 1906 6.83 -124.41 -37.59
CA VAL F 1906 6.77 -123.47 -38.71
C VAL F 1906 7.58 -122.24 -38.35
N LYS F 1907 8.52 -121.89 -39.23
CA LYS F 1907 9.39 -120.73 -39.02
C LYS F 1907 8.78 -119.52 -39.72
N LEU F 1908 8.69 -118.41 -39.00
CA LEU F 1908 8.08 -117.19 -39.51
C LEU F 1908 9.05 -116.02 -39.35
N TYR F 1909 9.09 -115.17 -40.37
CA TYR F 1909 9.92 -113.96 -40.35
C TYR F 1909 9.02 -112.77 -40.09
N LEU F 1910 9.14 -112.19 -38.90
CA LEU F 1910 8.28 -111.10 -38.48
C LEU F 1910 8.84 -109.72 -38.79
N ASN F 1911 10.04 -109.65 -39.37
CA ASN F 1911 10.63 -108.36 -39.71
C ASN F 1911 9.78 -107.56 -40.70
N PRO F 1912 9.25 -108.14 -41.79
CA PRO F 1912 8.36 -107.35 -42.65
C PRO F 1912 7.12 -106.84 -41.94
N ILE F 1913 6.60 -107.60 -40.98
CA ILE F 1913 5.45 -107.14 -40.21
C ILE F 1913 5.81 -105.89 -39.42
N ILE F 1914 6.98 -105.90 -38.78
CA ILE F 1914 7.44 -104.74 -38.03
C ILE F 1914 7.64 -103.55 -38.95
N SER F 1915 8.25 -103.81 -40.12
CA SER F 1915 8.48 -102.72 -41.07
C SER F 1915 7.17 -102.19 -41.65
N SER F 1916 6.17 -103.04 -41.78
CA SER F 1916 4.88 -102.63 -42.33
C SER F 1916 3.98 -101.98 -41.29
N GLY F 1917 4.41 -101.89 -40.04
CA GLY F 1917 3.58 -101.34 -39.00
C GLY F 1917 2.34 -102.15 -38.70
N LEU F 1918 2.42 -103.48 -38.85
CA LEU F 1918 1.31 -104.37 -38.57
C LEU F 1918 1.57 -105.23 -37.34
N LEU F 1919 2.39 -104.73 -36.42
CA LEU F 1919 2.69 -105.49 -35.21
C LEU F 1919 1.45 -105.72 -34.37
N GLU F 1920 0.60 -104.69 -34.24
CA GLU F 1920 -0.61 -104.85 -33.45
C GLU F 1920 -1.61 -105.78 -34.13
N ASN F 1921 -1.65 -105.78 -35.46
CA ASN F 1921 -2.60 -106.64 -36.18
C ASN F 1921 -2.33 -108.11 -35.87
N PHE F 1922 -1.07 -108.52 -35.90
CA PHE F 1922 -0.69 -109.87 -35.49
C PHE F 1922 -0.70 -110.03 -33.98
N MET F 1923 -0.60 -108.93 -33.24
CA MET F 1923 -0.53 -108.99 -31.78
C MET F 1923 -1.84 -109.53 -31.19
N LYS F 1924 -2.98 -109.05 -31.71
CA LYS F 1924 -4.28 -109.38 -31.14
C LYS F 1924 -5.19 -110.08 -32.14
N ASN F 1925 -4.63 -110.72 -33.16
CA ASN F 1925 -5.40 -111.46 -34.17
C ASN F 1925 -6.41 -110.53 -34.85
N LEU F 1926 -5.88 -109.54 -35.56
CA LEU F 1926 -6.72 -108.56 -36.22
C LEU F 1926 -6.49 -108.59 -37.73
N PRO F 1927 -7.52 -108.28 -38.52
CA PRO F 1927 -7.36 -108.34 -39.98
C PRO F 1927 -6.41 -107.28 -40.51
N ALA F 1928 -5.80 -107.60 -41.64
CA ALA F 1928 -4.87 -106.69 -42.31
C ALA F 1928 -4.79 -107.08 -43.77
N ALA F 1929 -4.04 -106.30 -44.55
CA ALA F 1929 -3.82 -106.57 -45.96
C ALA F 1929 -2.33 -106.48 -46.26
N ILE F 1930 -1.81 -107.51 -46.92
CA ILE F 1930 -0.38 -107.57 -47.25
C ILE F 1930 -0.21 -107.93 -48.72
N PRO F 1931 0.85 -107.47 -49.38
CA PRO F 1931 1.09 -107.92 -50.75
C PRO F 1931 1.48 -109.39 -50.78
N PRO F 1932 1.21 -110.08 -51.88
CA PRO F 1932 1.56 -111.52 -51.95
C PRO F 1932 3.05 -111.78 -51.78
N ALA F 1933 3.91 -110.90 -52.30
CA ALA F 1933 5.34 -111.12 -52.19
C ALA F 1933 5.81 -111.10 -50.74
N ALA F 1934 5.27 -110.17 -49.94
CA ALA F 1934 5.65 -110.07 -48.53
C ALA F 1934 5.33 -111.36 -47.80
N TYR F 1935 4.12 -111.89 -48.00
CA TYR F 1935 3.77 -113.19 -47.46
C TYR F 1935 4.74 -114.26 -47.97
N SER F 1936 5.11 -114.18 -49.25
CA SER F 1936 5.97 -115.19 -49.84
C SER F 1936 7.32 -115.26 -49.14
N LEU F 1937 7.88 -114.11 -48.80
CA LEU F 1937 9.20 -114.07 -48.11
C LEU F 1937 9.00 -114.30 -46.62
N ILE F 1938 7.77 -114.10 -46.11
CA ILE F 1938 7.56 -114.21 -44.67
C ILE F 1938 7.45 -115.66 -44.25
N MET F 1939 6.61 -116.45 -44.92
CA MET F 1939 6.51 -117.86 -44.55
C MET F 1939 7.80 -118.62 -44.84
N ASN F 1940 8.44 -118.35 -45.97
CA ASN F 1940 9.60 -119.14 -46.36
C ASN F 1940 10.88 -118.37 -46.05
N ARG F 1941 11.15 -117.20 -46.62
CA ARG F 1941 12.40 -116.48 -46.22
C ARG F 1941 13.59 -117.44 -46.18
N ALA F 1942 13.60 -118.41 -47.09
CA ALA F 1942 14.72 -119.36 -47.22
C ALA F 1942 14.86 -119.58 -48.73
N LYS F 1943 13.72 -119.65 -49.41
CA LYS F 1943 13.74 -119.73 -50.86
C LYS F 1943 13.84 -118.33 -51.43
N ILE F 1944 14.84 -118.10 -52.28
CA ILE F 1944 15.05 -116.77 -52.84
C ILE F 1944 13.88 -116.39 -53.74
N SER F 1945 13.61 -115.10 -53.83
CA SER F 1945 12.53 -114.62 -54.67
C SER F 1945 12.92 -114.74 -56.15
N VAL F 1946 11.93 -114.58 -57.02
CA VAL F 1946 12.17 -114.58 -58.45
C VAL F 1946 13.05 -113.40 -58.85
N ASP F 1947 13.04 -112.33 -58.06
CA ASP F 1947 13.89 -111.18 -58.36
C ASP F 1947 15.38 -111.54 -58.28
N LEU F 1948 15.76 -112.31 -57.27
CA LEU F 1948 17.17 -112.70 -57.15
C LEU F 1948 17.59 -113.57 -58.33
N PHE F 1949 16.74 -114.51 -58.73
CA PHE F 1949 17.05 -115.36 -59.87
C PHE F 1949 17.14 -114.54 -61.16
N MET F 1950 16.22 -113.58 -61.35
CA MET F 1950 16.27 -112.74 -62.53
C MET F 1950 17.53 -111.89 -62.55
N PHE F 1951 17.93 -111.37 -61.39
CA PHE F 1951 19.16 -110.59 -61.31
C PHE F 1951 20.38 -111.45 -61.63
N ASN F 1952 20.40 -112.68 -61.14
CA ASN F 1952 21.50 -113.58 -61.47
C ASN F 1952 21.54 -113.87 -62.97
N ASP F 1953 20.37 -114.08 -63.58
CA ASP F 1953 20.33 -114.31 -65.03
C ASP F 1953 20.81 -113.08 -65.80
N LEU F 1954 20.42 -111.89 -65.35
CA LEU F 1954 20.87 -110.66 -66.01
C LEU F 1954 22.38 -110.49 -65.87
N LEU F 1955 22.92 -110.79 -64.70
CA LEU F 1955 24.37 -110.73 -64.52
C LEU F 1955 25.09 -111.72 -65.43
N LYS F 1956 24.54 -112.93 -65.56
CA LYS F 1956 25.12 -113.91 -66.47
C LYS F 1956 25.07 -113.41 -67.91
N LEU F 1957 23.95 -112.78 -68.30
CA LEU F 1957 23.82 -112.22 -69.64
C LEU F 1957 24.87 -111.13 -69.88
N ILE F 1958 25.08 -110.26 -68.89
CA ILE F 1958 26.05 -109.19 -69.05
C ILE F 1958 27.47 -109.73 -68.94
N ASN F 1959 27.77 -110.44 -67.85
CA ASN F 1959 29.10 -110.99 -67.65
C ASN F 1959 29.03 -112.25 -66.79
N PRO F 1960 29.25 -113.42 -67.37
CA PRO F 1960 29.23 -114.66 -66.56
C PRO F 1960 30.45 -114.75 -65.65
N ARG F 1961 30.49 -115.80 -64.84
CA ARG F 1961 31.56 -116.10 -63.88
C ARG F 1961 31.61 -115.12 -62.72
N ASN F 1962 30.77 -114.08 -62.71
CA ASN F 1962 30.70 -113.14 -61.61
C ASN F 1962 29.33 -113.10 -60.96
N THR F 1963 28.46 -114.06 -61.27
CA THR F 1963 27.12 -114.09 -60.73
C THR F 1963 27.12 -114.74 -59.34
N LEU F 1964 26.01 -114.53 -58.63
CA LEU F 1964 25.85 -115.12 -57.30
C LEU F 1964 25.71 -116.63 -57.40
N ASP F 1965 26.36 -117.34 -56.48
CA ASP F 1965 26.28 -118.79 -56.41
C ASP F 1965 24.96 -119.15 -55.74
N LEU F 1966 23.90 -119.23 -56.55
CA LEU F 1966 22.57 -119.49 -56.04
C LEU F 1966 22.44 -120.95 -55.64
N SER F 1967 21.90 -121.19 -54.45
CA SER F 1967 21.67 -122.55 -53.95
C SER F 1967 20.30 -122.77 -53.37
N GLY F 1968 19.56 -121.72 -53.03
CA GLY F 1968 18.23 -121.86 -52.48
C GLY F 1968 17.18 -122.08 -53.56
N LEU F 1969 15.94 -122.21 -53.10
CA LEU F 1969 14.81 -122.43 -53.99
C LEU F 1969 14.20 -121.10 -54.43
N GLU F 1970 13.22 -121.19 -55.32
CA GLU F 1970 12.52 -120.02 -55.81
C GLU F 1970 11.35 -119.67 -54.91
N THR F 1971 10.97 -118.39 -54.93
CA THR F 1971 9.88 -117.86 -54.12
C THR F 1971 10.07 -118.18 -52.63
N GLY F 2050 -5.59 -108.14 -22.30
CA GLY F 2050 -4.53 -108.49 -21.38
C GLY F 2050 -3.70 -109.67 -21.83
N ILE F 2051 -4.34 -110.83 -21.93
CA ILE F 2051 -3.69 -112.07 -22.33
C ILE F 2051 -4.33 -112.55 -23.62
N VAL F 2052 -3.51 -112.76 -24.64
CA VAL F 2052 -3.96 -113.26 -25.94
C VAL F 2052 -3.10 -114.44 -26.33
N LYS F 2053 -3.71 -115.43 -26.99
CA LYS F 2053 -3.02 -116.63 -27.43
C LYS F 2053 -3.31 -116.86 -28.91
N ILE F 2054 -2.28 -117.18 -29.67
CA ILE F 2054 -2.39 -117.43 -31.11
C ILE F 2054 -2.13 -118.90 -31.37
N LEU F 2055 -3.08 -119.56 -32.03
CA LEU F 2055 -2.96 -120.98 -32.34
C LEU F 2055 -2.87 -121.28 -33.82
N GLU F 2056 -3.31 -120.37 -34.69
CA GLU F 2056 -3.27 -120.56 -36.14
C GLU F 2056 -2.64 -119.34 -36.80
N PRO F 2057 -1.33 -119.16 -36.64
CA PRO F 2057 -0.69 -117.98 -37.24
C PRO F 2057 -0.56 -118.07 -38.75
N VAL F 2058 -0.42 -119.27 -39.30
CA VAL F 2058 -0.30 -119.42 -40.76
C VAL F 2058 -1.59 -118.97 -41.44
N ARG F 2059 -2.73 -119.44 -40.95
CA ARG F 2059 -4.01 -118.98 -41.48
C ARG F 2059 -4.23 -117.51 -41.17
N LEU F 2060 -3.74 -117.03 -40.03
CA LEU F 2060 -3.84 -115.62 -39.70
C LEU F 2060 -3.16 -114.75 -40.75
N ILE F 2061 -1.95 -115.14 -41.15
CA ILE F 2061 -1.23 -114.39 -42.18
C ILE F 2061 -1.89 -114.57 -43.55
N LYS F 2062 -2.33 -115.80 -43.85
CA LYS F 2062 -2.96 -116.05 -45.15
C LYS F 2062 -4.24 -115.25 -45.32
N SER F 2063 -4.95 -114.97 -44.23
CA SER F 2063 -6.12 -114.11 -44.30
C SER F 2063 -5.75 -112.71 -44.74
N TRP F 2064 -4.53 -112.27 -44.44
CA TRP F 2064 -4.07 -110.94 -44.83
C TRP F 2064 -3.65 -110.87 -46.28
N VAL F 2065 -3.46 -112.00 -46.94
CA VAL F 2065 -2.94 -112.01 -48.31
C VAL F 2065 -3.96 -111.42 -49.25
N SER F 2066 -3.53 -110.44 -50.05
CA SER F 2066 -4.39 -109.81 -51.05
C SER F 2066 -3.49 -109.24 -52.14
N ARG F 2067 -4.11 -108.98 -53.29
CA ARG F 2067 -3.39 -108.50 -54.47
C ARG F 2067 -3.83 -107.07 -54.81
N GLY F 2068 -2.97 -106.39 -55.56
CA GLY F 2068 -3.21 -105.04 -55.99
C GLY F 2068 -2.50 -103.97 -55.17
N LEU F 2069 -2.08 -104.31 -53.96
CA LEU F 2069 -1.35 -103.36 -53.10
C LEU F 2069 0.15 -103.48 -53.29
N SER F 2070 0.59 -103.40 -54.54
CA SER F 2070 2.01 -103.48 -54.88
C SER F 2070 2.54 -102.09 -55.22
N ILE F 2071 3.65 -101.71 -54.61
CA ILE F 2071 4.24 -100.38 -54.80
C ILE F 2071 5.15 -100.48 -56.01
N GLU F 2072 4.56 -100.27 -57.19
CA GLU F 2072 5.34 -100.26 -58.43
C GLU F 2072 6.19 -99.00 -58.52
N LYS F 2073 7.34 -99.13 -59.18
CA LYS F 2073 8.26 -98.02 -59.37
C LYS F 2073 8.56 -97.85 -60.86
N VAL F 2074 8.85 -96.62 -61.25
CA VAL F 2074 9.17 -96.31 -62.65
C VAL F 2074 10.59 -96.78 -62.92
N TYR F 2075 10.74 -97.77 -63.79
CA TYR F 2075 12.05 -98.31 -64.12
C TYR F 2075 12.60 -97.62 -65.35
N SER F 2076 13.92 -97.40 -65.34
CA SER F 2076 14.62 -96.90 -66.51
C SER F 2076 15.40 -98.07 -67.12
N PRO F 2077 14.98 -98.59 -68.27
CA PRO F 2077 15.60 -99.83 -68.79
C PRO F 2077 17.10 -99.71 -69.02
N VAL F 2078 17.57 -98.57 -69.54
CA VAL F 2078 19.01 -98.41 -69.76
C VAL F 2078 19.75 -98.27 -68.44
N ASN F 2079 19.21 -97.44 -67.53
CA ASN F 2079 19.91 -97.16 -66.28
C ASN F 2079 20.06 -98.43 -65.45
N ILE F 2080 19.07 -99.32 -65.50
CA ILE F 2080 19.16 -100.57 -64.74
C ILE F 2080 20.38 -101.36 -65.17
N ILE F 2081 20.61 -101.48 -66.48
CA ILE F 2081 21.75 -102.26 -66.93
C ILE F 2081 23.06 -101.49 -66.72
N LEU F 2082 23.02 -100.16 -66.70
CA LEU F 2082 24.23 -99.42 -66.31
C LEU F 2082 24.66 -99.75 -64.90
N MET F 2083 23.73 -99.71 -63.94
CA MET F 2083 24.10 -100.10 -62.58
C MET F 2083 24.44 -101.59 -62.48
N SER F 2084 23.80 -102.44 -63.30
CA SER F 2084 24.15 -103.84 -63.29
C SER F 2084 25.61 -104.05 -63.72
N ARG F 2085 26.02 -103.35 -64.80
CA ARG F 2085 27.40 -103.42 -65.25
C ARG F 2085 28.35 -102.85 -64.20
N TYR F 2086 27.95 -101.74 -63.56
CA TYR F 2086 28.76 -101.15 -62.51
C TYR F 2086 29.02 -102.17 -61.39
N ILE F 2087 27.95 -102.80 -60.90
CA ILE F 2087 28.09 -103.75 -59.81
C ILE F 2087 28.91 -104.95 -60.23
N SER F 2088 28.67 -105.47 -61.44
CA SER F 2088 29.41 -106.63 -61.91
C SER F 2088 30.89 -106.34 -62.04
N LYS F 2089 31.24 -105.16 -62.58
CA LYS F 2089 32.64 -104.83 -62.77
C LYS F 2089 33.34 -104.57 -61.45
N THR F 2090 32.73 -103.76 -60.59
CA THR F 2090 33.41 -103.34 -59.37
C THR F 2090 33.43 -104.42 -58.30
N PHE F 2091 32.35 -105.19 -58.18
CA PHE F 2091 32.18 -106.13 -57.08
C PHE F 2091 32.17 -107.56 -57.59
N ASN F 2092 32.83 -108.45 -56.84
CA ASN F 2092 32.85 -109.87 -57.16
C ASN F 2092 31.73 -110.55 -56.37
N LEU F 2093 30.67 -110.95 -57.08
CA LEU F 2093 29.50 -111.56 -56.45
C LEU F 2093 29.60 -113.07 -56.40
N SER F 2094 30.70 -113.66 -56.86
CA SER F 2094 30.90 -115.10 -56.83
C SER F 2094 31.87 -115.51 -55.74
N THR F 2095 31.91 -114.75 -54.63
CA THR F 2095 32.80 -115.03 -53.51
C THR F 2095 32.07 -115.63 -52.32
N LYS F 2096 30.98 -115.01 -51.88
CA LYS F 2096 30.22 -115.48 -50.74
C LYS F 2096 28.89 -116.05 -51.22
N GLN F 2097 28.54 -117.23 -50.73
CA GLN F 2097 27.29 -117.87 -51.11
C GLN F 2097 26.10 -117.07 -50.61
N VAL F 2098 25.05 -116.97 -51.44
CA VAL F 2098 23.85 -116.28 -51.02
C VAL F 2098 23.13 -117.04 -49.91
N SER F 2099 23.40 -118.34 -49.78
CA SER F 2099 22.71 -119.14 -48.77
C SER F 2099 23.07 -118.70 -47.35
N LEU F 2100 24.34 -118.41 -47.11
CA LEU F 2100 24.80 -118.03 -45.77
C LEU F 2100 24.65 -116.54 -45.51
N LEU F 2101 24.15 -115.77 -46.48
CA LEU F 2101 24.00 -114.35 -46.30
C LEU F 2101 22.88 -114.04 -45.30
N ASP F 2102 22.96 -112.86 -44.71
CA ASP F 2102 21.97 -112.44 -43.72
C ASP F 2102 20.61 -112.25 -44.39
N PRO F 2103 19.56 -112.90 -43.90
CA PRO F 2103 18.23 -112.64 -44.47
C PRO F 2103 17.79 -111.20 -44.35
N TYR F 2104 18.21 -110.49 -43.30
CA TYR F 2104 17.86 -109.09 -43.15
C TYR F 2104 18.42 -108.26 -44.30
N ASP F 2105 19.68 -108.49 -44.66
CA ASP F 2105 20.27 -107.79 -45.79
C ASP F 2105 19.79 -108.34 -47.11
N LEU F 2106 19.52 -109.65 -47.18
CA LEU F 2106 19.04 -110.25 -48.42
C LEU F 2106 17.67 -109.70 -48.81
N THR F 2107 16.81 -109.47 -47.81
CA THR F 2107 15.51 -108.89 -48.10
C THR F 2107 15.65 -107.49 -48.69
N GLU F 2108 16.53 -106.68 -48.13
CA GLU F 2108 16.76 -105.33 -48.66
C GLU F 2108 17.33 -105.39 -50.07
N LEU F 2109 18.28 -106.31 -50.30
CA LEU F 2109 18.87 -106.44 -51.63
C LEU F 2109 17.82 -106.85 -52.65
N GLU F 2110 16.94 -107.79 -52.30
CA GLU F 2110 15.87 -108.19 -53.20
C GLU F 2110 14.90 -107.05 -53.45
N SER F 2111 14.59 -106.27 -52.41
CA SER F 2111 13.66 -105.16 -52.56
C SER F 2111 14.23 -104.09 -53.50
N ILE F 2112 15.51 -103.76 -53.35
CA ILE F 2112 16.10 -102.72 -54.19
C ILE F 2112 16.37 -103.22 -55.60
N VAL F 2113 16.39 -104.54 -55.82
CA VAL F 2113 16.61 -105.11 -57.14
C VAL F 2113 15.30 -105.57 -57.78
N ARG F 2114 14.17 -105.40 -57.10
CA ARG F 2114 12.89 -105.89 -57.61
C ARG F 2114 12.54 -105.23 -58.93
N GLY F 2115 12.08 -106.04 -59.89
CA GLY F 2115 11.59 -105.54 -61.16
C GLY F 2115 12.61 -104.91 -62.06
N TRP F 2116 13.91 -105.13 -61.80
CA TRP F 2116 14.94 -104.51 -62.62
C TRP F 2116 14.97 -105.13 -64.02
N GLY F 2117 14.95 -106.45 -64.10
CA GLY F 2117 15.06 -107.13 -65.38
C GLY F 2117 13.76 -107.31 -66.14
N GLU F 2118 12.62 -106.98 -65.54
CA GLU F 2118 11.35 -107.15 -66.22
C GLU F 2118 11.25 -106.27 -67.46
N CYS F 2119 12.10 -105.24 -67.57
CA CYS F 2119 12.16 -104.41 -68.75
C CYS F 2119 13.41 -104.64 -69.59
N VAL F 2120 14.40 -105.38 -69.08
CA VAL F 2120 15.64 -105.58 -69.80
C VAL F 2120 15.93 -107.05 -70.12
N ILE F 2121 15.32 -108.00 -69.40
CA ILE F 2121 15.53 -109.41 -69.75
C ILE F 2121 14.86 -109.75 -71.07
N ASP F 2122 13.64 -109.26 -71.28
CA ASP F 2122 12.93 -109.51 -72.53
C ASP F 2122 13.67 -108.88 -73.71
N GLN F 2123 14.15 -107.66 -73.55
CA GLN F 2123 14.91 -106.95 -74.58
C GLN F 2123 16.26 -106.58 -73.99
N PHE F 2124 17.28 -107.38 -74.31
CA PHE F 2124 18.62 -107.20 -73.74
C PHE F 2124 19.62 -106.66 -74.73
N GLU F 2125 19.70 -107.24 -75.93
CA GLU F 2125 20.71 -106.81 -76.90
C GLU F 2125 20.48 -105.38 -77.36
N SER F 2126 19.23 -105.01 -77.65
CA SER F 2126 18.95 -103.64 -78.09
C SER F 2126 19.24 -102.64 -76.98
N LEU F 2127 18.83 -102.95 -75.75
CA LEU F 2127 19.10 -102.06 -74.63
C LEU F 2127 20.60 -101.94 -74.36
N ASP F 2128 21.33 -103.06 -74.46
CA ASP F 2128 22.77 -103.01 -74.29
C ASP F 2128 23.43 -102.16 -75.37
N ARG F 2129 22.96 -102.28 -76.61
CA ARG F 2129 23.49 -101.47 -77.69
C ARG F 2129 23.22 -99.99 -77.45
N GLU F 2130 22.01 -99.65 -77.01
CA GLU F 2130 21.68 -98.26 -76.72
C GLU F 2130 22.54 -97.71 -75.59
N ALA F 2131 22.75 -98.51 -74.54
CA ALA F 2131 23.60 -98.08 -73.44
C ALA F 2131 25.03 -97.89 -73.89
N GLN F 2132 25.53 -98.78 -74.75
CA GLN F 2132 26.88 -98.63 -75.28
C GLN F 2132 27.00 -97.35 -76.11
N ASN F 2133 26.00 -97.07 -76.95
CA ASN F 2133 26.02 -95.84 -77.73
C ASN F 2133 26.03 -94.62 -76.82
N MET F 2134 25.23 -94.64 -75.75
CA MET F 2134 25.16 -93.46 -74.86
C MET F 2134 26.48 -93.31 -74.10
N VAL F 2135 27.09 -94.42 -73.71
CA VAL F 2135 28.29 -94.32 -72.86
C VAL F 2135 29.53 -94.01 -73.69
N VAL F 2136 29.55 -94.38 -74.97
CA VAL F 2136 30.72 -94.12 -75.80
C VAL F 2136 30.61 -92.78 -76.51
N ASN F 2137 29.42 -92.44 -77.03
CA ASN F 2137 29.24 -91.17 -77.71
C ASN F 2137 29.42 -89.98 -76.78
N LYS F 2138 29.18 -90.16 -75.48
CA LYS F 2138 29.36 -89.08 -74.52
C LYS F 2138 29.62 -89.68 -73.15
N GLY F 2139 30.25 -88.88 -72.30
CA GLY F 2139 30.55 -89.34 -70.94
C GLY F 2139 29.31 -89.28 -70.06
N ILE F 2140 29.15 -90.32 -69.24
CA ILE F 2140 28.02 -90.45 -68.33
C ILE F 2140 28.56 -90.69 -66.93
N CYS F 2141 28.03 -89.96 -65.95
CA CYS F 2141 28.47 -90.14 -64.57
C CYS F 2141 27.97 -91.48 -64.04
N PRO F 2142 28.84 -92.33 -63.49
CA PRO F 2142 28.40 -93.62 -62.96
C PRO F 2142 27.65 -93.53 -61.63
N GLU F 2143 27.42 -92.33 -61.11
CA GLU F 2143 26.71 -92.14 -59.85
C GLU F 2143 25.41 -91.36 -60.01
N ASP F 2144 25.38 -90.37 -60.90
CA ASP F 2144 24.18 -89.58 -61.10
C ASP F 2144 23.06 -90.38 -61.75
N VAL F 2145 23.38 -91.52 -62.36
CA VAL F 2145 22.37 -92.32 -63.04
C VAL F 2145 21.48 -93.00 -62.01
N ILE F 2146 20.17 -92.93 -62.23
CA ILE F 2146 19.17 -93.51 -61.33
C ILE F 2146 18.44 -94.62 -62.08
N PRO F 2147 18.53 -95.88 -61.63
CA PRO F 2147 17.78 -96.94 -62.32
C PRO F 2147 16.27 -96.83 -62.12
N ASP F 2148 15.82 -96.56 -60.90
CA ASP F 2148 14.40 -96.37 -60.63
C ASP F 2148 14.25 -95.43 -59.45
N SER F 2149 13.04 -94.88 -59.30
CA SER F 2149 12.79 -93.86 -58.29
C SER F 2149 13.07 -94.36 -56.88
N LEU F 2150 12.85 -95.65 -56.63
CA LEU F 2150 13.07 -96.20 -55.30
C LEU F 2150 14.56 -96.38 -54.98
N PHE F 2151 15.42 -96.37 -56.00
CA PHE F 2151 16.84 -96.62 -55.79
C PHE F 2151 17.46 -95.53 -54.93
N SER F 2152 18.30 -95.94 -53.98
CA SER F 2152 19.10 -95.05 -53.15
C SER F 2152 20.56 -95.45 -53.29
N PHE F 2153 21.39 -94.51 -53.76
CA PHE F 2153 22.77 -94.82 -54.06
C PHE F 2153 23.54 -95.23 -52.81
N ARG F 2154 23.82 -94.27 -51.93
CA ARG F 2154 24.63 -94.57 -50.73
C ARG F 2154 24.20 -95.90 -50.13
N HIS F 2155 22.92 -96.01 -49.74
CA HIS F 2155 22.48 -97.24 -49.08
C HIS F 2155 22.87 -98.47 -49.89
N THR F 2156 22.68 -98.41 -51.21
CA THR F 2156 23.02 -99.56 -52.06
C THR F 2156 24.51 -99.89 -51.96
N MET F 2157 25.37 -98.88 -52.08
CA MET F 2157 26.80 -99.14 -52.02
C MET F 2157 27.22 -99.64 -50.64
N VAL F 2158 26.69 -99.05 -49.56
CA VAL F 2158 27.14 -99.49 -48.24
C VAL F 2158 26.65 -100.91 -47.96
N LEU F 2159 25.43 -101.25 -48.38
CA LEU F 2159 24.94 -102.61 -48.22
C LEU F 2159 25.76 -103.59 -49.04
N LEU F 2160 26.13 -103.21 -50.26
CA LEU F 2160 26.95 -104.08 -51.09
C LEU F 2160 28.31 -104.31 -50.47
N ARG F 2161 28.93 -103.26 -49.92
CA ARG F 2161 30.25 -103.42 -49.30
C ARG F 2161 30.15 -104.26 -48.04
N ARG F 2162 29.09 -104.07 -47.25
CA ARG F 2162 28.91 -104.89 -46.05
C ARG F 2162 28.72 -106.35 -46.41
N LEU F 2163 27.93 -106.62 -47.46
CA LEU F 2163 27.70 -108.00 -47.87
C LEU F 2163 28.93 -108.59 -48.56
N PHE F 2164 29.67 -107.76 -49.31
CA PHE F 2164 30.85 -108.20 -50.04
C PHE F 2164 32.03 -107.30 -49.68
N PRO F 2165 32.68 -107.57 -48.55
CA PRO F 2165 33.84 -106.75 -48.16
C PRO F 2165 34.95 -106.83 -49.20
N GLN F 2166 35.63 -105.69 -49.40
CA GLN F 2166 36.71 -105.58 -50.37
C GLN F 2166 37.87 -104.82 -49.73
N ASP F 2167 39.08 -105.12 -50.19
CA ASP F 2167 40.29 -104.55 -49.59
C ASP F 2167 40.44 -103.08 -49.97
N SER F 2168 40.50 -102.21 -48.98
CA SER F 2168 40.58 -100.77 -49.24
C SER F 2168 41.97 -100.34 -49.71
N ILE F 2169 42.98 -101.19 -49.55
CA ILE F 2169 44.32 -100.85 -50.02
C ILE F 2169 44.33 -100.70 -51.53
N SER F 2170 43.56 -101.54 -52.24
CA SER F 2170 43.47 -101.42 -53.69
C SER F 2170 42.86 -100.09 -54.10
N SER F 2171 41.82 -99.64 -53.39
CA SER F 2171 41.21 -98.36 -53.70
C SER F 2171 42.13 -97.20 -53.34
N PHE F 2172 42.93 -97.34 -52.28
CA PHE F 2172 43.81 -96.27 -51.83
C PHE F 2172 45.19 -96.37 -52.46
N TYR F 2173 45.90 -97.48 -52.23
CA TYR F 2173 47.25 -97.64 -52.74
C TYR F 2173 47.22 -98.09 -54.21
#